data_6ZVK
#
_entry.id   6ZVK
#
_cell.length_a   1.00
_cell.length_b   1.00
_cell.length_c   1.00
_cell.angle_alpha   90.00
_cell.angle_beta   90.00
_cell.angle_gamma   90.00
#
_symmetry.space_group_name_H-M   'P 1'
#
loop_
_entity.id
_entity.type
_entity.pdbx_description
1 polymer 'Ribosomal protein L14'
2 polymer '28S RIBOSOMAL RNA'
3 polymer '5S RIBOSOMAL RNA'
4 polymer '5.8S RIBOSOMAL RNA'
5 polymer '60S RIBOSOMAL PROTEIN EL38'
6 polymer '60S RIBOSOMAL PROTEIN UL13'
7 polymer uL22
8 polymer '60S RIBOSOMAL PROTEIN EL18'
9 polymer '60S RIBOSOMAL PROTEIN EL19'
10 polymer uL3
11 polymer '60S RIBOSOMAL PROTEIN EL20'
12 polymer eL21
13 polymer 'Ribosomal protein L22'
14 polymer eL14
15 polymer 'Ribosomal protein L24'
16 polymer '60S RIBOSOMAL PROTEIN UL23'
17 polymer 'Ribosomal protein L26'
18 polymer uL15
19 polymer '60S ribosomal protein L29'
20 polymer 'Ribosomal protein L30'
21 polymer uL4
22 polymer eL31
23 polymer eL32
24 polymer eL33
25 polymer eL34
26 polymer '60S RIBOSOMAL PROTEIN UL2'
27 polymer uL29
28 polymer '60S ribosomal protein L36'
29 polymer 'Ribosomal protein L37'
30 polymer 'ribosomal protein eL39'
31 polymer '60S RIBOSOMAL PROTEIN EL40'
32 polymer eL42
33 polymer '60S ribosomal protein L5'
34 polymer 'ribosomal protein eL43'
35 polymer '60S RIBOSOMAL PROTEIN EL28'
36 polymer '60S acidic ribosomal protein P0'
37 polymer 'Ribosomal protein L10 (Predicted)'
38 polymer 'Uncharacterized protein'
39 polymer 'Ribosomal_L6e_N domain-containing protein'
40 polymer '60S ribosomal protein L6'
41 polymer uL30
42 polymer '60S RIBOSOMAL PROTEIN EL8'
43 polymer '60S RIBOSOMAL PROTEIN UL6'
44 polymer 'Ribosomal protein L10 (Predicted)'
45 polymer 'Ribosomal protein L11'
46 polymer '60S ribosomal protein L13'
47 polymer 'Ribosomal protein L15'
48 polymer '60S ribosomal protein L27'
49 polymer 'Ribosomal protein'
50 polymer 'INTERNAL RIBOSOME ENTRY SITE'
51 polymer 'Ribosomal_S10 domain-containing protein'
52 polymer '40S RIBOSOMAL PROTEIN ES30'
53 polymer 'Ribosomal protein S11'
54 polymer 'ribosomal protein eS28'
55 polymer '18S RIBOSOMAL RNA'
56 polymer '40S RIBOSOMAL PROTEIN ES7'
57 polymer '40S RIBOSOMAL PROTEIN US11'
58 polymer 'ribosomal protein uS19'
59 polymer '40S RIBOSOMAL PROTEIN US9'
60 polymer '40S RIBOSOMAL PROTEIN ES17'
61 polymer '40S RIBOSOMAL PROTEIN ES21'
62 polymer 'ribosomal protein uS13'
63 polymer '40S RIBOSOMAL PROTEIN ES19'
64 polymer 'Ribosomal protein S15a'
65 polymer '40S ribosomal protein S24'
66 polymer '40S ribosomal protein S27'
67 polymer 'ribosomal protein eS25'
68 polymer '40S RIBOSOMAL PROTEIN ES26'
69 polymer '40S RIBOSOMAL PROTEIN ES31'
70 polymer 'ribosomal protein RACK1'
71 polymer 'Ribosomal protein S23'
72 polymer '40S_SA_C domain-containing protein'
73 polymer '40S ribosomal protein S3a'
74 polymer 'S5 DRBM domain-containing protein'
75 polymer '60s ribosomal protein l41'
76 polymer 'Ribosomal protein S3'
77 polymer '40S ribosomal protein S4'
78 polymer 'Ribosomal protein S5'
79 polymer '40S ribosomal protein S6'
80 polymer '40S ribosomal protein S8'
81 polymer 'Ribosomal protein S9 (Predicted)'
82 polymer '40S ribosomal protein S12'
83 polymer 'ribosomal protein uS15'
84 polymer 'S10_plectin domain-containing protein'
85 polymer 'ribosomal protein uS14'
86 non-polymer 'ZINC ION'
#
loop_
_entity_poly.entity_id
_entity_poly.type
_entity_poly.pdbx_seq_one_letter_code
_entity_poly.pdbx_strand_id
1 'polypeptide(L)'
;VFRRFVEVGRVAYVSFGPHAGKLVAIVDVIDQNRALVDGPCTRVRRQAMPFKCMQLTDFILKFPHSARQKYVRKAWEKAD
INTKWAATRWAKKIEARERKAKMTDFDRYKVMKAKKMRNRIIKNEVKKLQRAALLKAS
;
Z2
2 'polyribonucleotide'
;CGCGACCUCAGAUCAGACGUGGCGACCCGCUGAAUUUAAGCAUAUUAGUCAGCGGAGGAGAAGAAACUAACCAGGAUUCC
CUCAGUAACGGCGAGUGAACAGGGAAGAGCCCAGCGCCGAAUCCCCGCCCCGCGGCGGGGCGCGGGACAUGUGGCGUACG
GAAGACCCGCUCCCCGGCGCCGCUCGUGGGGGGCCCAAGUCCUUCUGAUCGAGGCCCAGCCCGUGGACGGUGUGAGGCCG
GUAGCGGCCCCCGGCGCGCCGGGCCCGGGUCUUCCCGGAGUCGGGUUGCUUGGGAAUGCAGCCCAAAGCGGGUGGUAAAC
UCCAUCUAAGGCUAAAUACCGGCACGAGACCGAUAGUCAACAAGUACCGUAAGGGAAAGUUGAAAAGAACUUUGAAGAGA
GAGUUCAAGAGGGCGUGAAACCGUUAAGAGGUAAACGGGUGGGGUCCGCGCAGUCCGCCCGGAGGAUUCAACCCGGCGGC
GGGUCCGGCCGUGUCGGCGGCCCGGCGGAUCUUUCCCGCCCCCCGUGGGGUCGGCGGGGGACCGUCCCCCGACCGGCGAC
CGGCCGCCGCCGGGCGCAUUUCCACCGCGGCGGUGCGCCGCGACCGGCUCCGGGACGGCUGGGAAGGCCCGGCGGGGAAG
GUGGCUCGGGGGGCCCCGCGGGACCGAAACCCCCCCCGAGUGUUACAGCCCCCCCGGCAGCAGCACUCGCCGAAUCCCGG
GGCCGAGGGAGCGAGACCCGUCGCCGCGCUCUCCCCCCUCCCGGCGCCCACCCGGGGCGCGCCGGCGUCUCCUCGUGGGG
GGGCCGGGCCACCCCUCCCACGGCGCGACCGCUCUCCCACCCCUCGUCGGGGGGCGGGGCGGACUGUCCCCAGUGCGCCC
CGGGCGGGUCGCGCCGUCGGGCCCGGGGGAGGUUCUCUCGGGGCCACGCGCGCGUCCCCCGAAGAGGGGGACGGCGGAGC
GAGCGCACGGGGUCGGCGGCGACGUCGGCUACCCACCCGACCCGUCUUGAAACACGGACCAAGGAGUCUAACACGUGCGC
GAGUCGGGGGCUCGCACGAAAGCCGCCGUGGCGCAAUGAAGGUGAAGGCCGGCGCGCUCGCCGGCCGAGGUGGGAUCCCG
AGGCCUCUCCAGUCCGCCGAGGGCGCACCACCGGCCCGUCUCGCCCGCCGCGCCGGGGAGGUGGAGCACGAGCGCACGUG
UUAGGACCCGAAAGAUGGUGAACUAUGCCUGGGCAGGGCGAAGCCAGAGGAAACUCUGGUGGAGGUCCGUAGCGGUCCUG
ACGUGCAAAUCGGUCGUCCGACCUGGGUAUAGGGGCGAAAGACUAAUCGAACCAUCUAGUAGCUGGUUCCCUCCGAAGUU
UCCCUCAGGAUAGCUGGCGCUCUCGCAGACCCGACGCACCCCCGCCACGCAGUUUUAUCCGGUAAAGCGAAUGAUUAGAG
GUCUUGGGGCCGAAACGAUCUCAACCUAUUCUCAAACUUUAAAUGGGUAAGAAGCCCGGCUCGCUGGCGUGAGCCGGGCG
UGGAAUGGAGUGCCUAGUGGGCCACUUUUGGUAAGCAGAACUGGCGCUGCGGGAUGAACCGAACGCCGGGUUAAGGCGCC
CGAUGCCGACGCUCAUCAGACCCCAGAAAAGGUGUUGGUUGAUAUAGACAGCAGGACGGUGGCCAUGGAAGUCGGAAUCC
GCUAAGGAGUGUGUAACAACUCACCUGCCGAAUCAACUAGCCCUGAAAAUGGAUGGCGCUGGAGCGUCGGGCCCAUACCC
GGCCGUCGCCGGCAGUCGAGAGUGGACGGGAGCGGCGGGGGCGGCGCGCGCGCGCGCCCGCCCCCGGAGCCCCGCGGACG
CUACGCCGCGACGAGUAGGAGGGCCGCUGCGGUGAGCCUUGAAGCCUAGGGCGCGGGCCCGGGUGGAGCCGCCGCAGGUG
CAGAUCUUGGUGGUAGUAGCAAAUAUUCAAACGAGAACUUUGAAGGCCGAAGUGGAGAAGGGUUCCAUGUGAACAGCAGU
UGAACAUGGGUCAGUCGGUCCUGAGAGAUGGGCGAGCGCCGUUCCGAAGGGACGGGCGAUGGCCUCCGUUGCCCUCGGCC
GAUCGAAAGGGAGUCGGGUUCAGAUCCCCGAAUCCGGAGUGGCGGAGAUGGGCGCCGCGAGGCGUCCAGUGCGGUAACGC
GACCGAUCCCGGAGAAGCCGGCGGGAGCCCCGGGGAGAGUUCUCUUUUCUUUGUGAAGGGCAGGGCGCCCUGGAAUGGGU
UCGCCCCGAGAGAGGGGCCCGUGCCUUGGAAAGCGUCGCGGUUCCGGCGGCGUCCGGUGAGCUCUCGCUGGCCCUUGAAA
AUCCGGGGGAGAGGGUGUAAAUCUCGCGCCGGGCCGUACCCAUAUCCGCAGCAGGUCUCCAAGGUGAACAGCCUCUGGCA
UGUUGGAACAAUGUAGGUAAGGGAAGUCGGCAAGCCGGAUCCGUAACUUCGGGAUAAGGAUUGGCUCUAAGGGCUGGGUC
GGUCGUCGGCCGGCGCCUAGCAGCCGACUUAGAACUGGUGCGGACCAGGGGAAUCCGACUGUUUAAUUAAAACAAAGCAU
CGCGAAGGCCCGCGGCGGGUGUUGACGCGAUGUGAUUUCUGCCCAGUGCUCUGAAUGUCAAAGUGAAGAAAUUCAAUGAA
GCGCGGGUAAACGGCGGGAGUAACUAUGACUCUCUUAAGGUAGCCAAAUGCCUCGUCAUCUAAUUAGUGACGCGCAUGAA
UGGAUGAACGAGAUUCCCACUGUCCCUACCUACUAUCCAGCGAAACCACAGCCAAGGGAACGGGCUUGGCGGAAUCAGCG
GGGAAAGAAGACCCUGUUGAGCUUGACUCUAGUCUGGCACGGUGAAGAGACAUGAGAGGUGUAGAAUAAGUGGGAGGCCC
CCGGCGCCCCCCCGGUGUCCCCGCGAGGGGCCCGGGGCGGGGUCCGCCGGCCCUGCGGGCCGCCGGUGAAAUACCACUAC
UCUGAUCGUUUUUUCACUGACCCGGUGAGGCGGGGGGGCGAGCCCCGAGGGGCUCUCGCUUCUGGCGCCAAGCGCCCGGC
CGCGCGCCGGCCGGGCGCGACCCGCUCCGGGGACAGUGCCAGGUGGGGAGUUUGACUGGGGCGGUACACCUGUCAAACGG
UAACGCAGGUGUCCUAAGGCGAGCUCAGGGAGGACAGAAACCUCCCGUGGAGCAGAAGGGCAAAAGCUCGCUUGAUCUUG
AUUUUCAGUACGAAUACAGACCGUGAAAGCGGGGCCUCACGAUCCUUCUGACCUUUUGGGUUUUAAGCAGGAGGUGUCAG
AAAAGUUACCACAGGGAUAACUGGCUUGUGGCGGCCAAGCGUUCAUAGCGACGUCGCUUUUUGAUCCUUCGAUGUCGGCU
CUUCCUAUCAUUGUGAAGCAGAAUUCACCAAGCGUUGGAUUGUUCACCCACUAAUAGGGAACGUGAGCUGGGUUUAGACC
GUCGUGAGACAGGUUAGUUUUACCCUACUGAUGAUGUGUUGUUGCCAUGGUAAUCCUGCUCAGUACGAGAGGAACCGCAG
GUUCAGACAUUUGGUGUAUGUGCUUGGCUGAGGAGCCAAUGGGGCGAAGCUACCAUCUGUGGGAUUAUGACUGAACGCCU
CUAAGUCAGAAUCCCGCCCAGGCGGAACGAUACGGCAGCGCCGCGGAGCCUCGGUUGGCCUCGGAUAGCCGGUCCCCCGC
CUGUCCCCGCCGGCGCCGCGCGCCGGGACCGGGGUCCGGUGCGGAGUGCCCUUCGUCCUGGGAAACGGGGCGCGGCCGGA
GAGGCGGCCGCCCCCUCGCCCGUCACGCACCGGCCGUUCGUGGGGAACCUGGCGCUAAACCAUUCGUAGACGACCUGCUU
CUGGGUCGGGGUUUCGUACGUAGCAGAGCAGCUCCCUCGCUGCGAUCUAUUGAAAGUCAGCCCUCGACACAAGGGUUUGU
;
e2
3 'polyribonucleotide'
;GUCUACGGCCAUACCACCCUGAACGCGCCCGAUCUCGUCUGAUCUCGGAAGCUAAGCAGGGUCGGGCCUGGUUAGUACUU
GGAUGGGAGACCGCCUGGGAAUACCGGGUGCUGUAGGCUU
;
d2
4 'polyribonucleotide'
;CGACUCUUAGCGGUGGAUCACUCGGCUCGUGCGUCGAUGAAGAACGCAGCUAGCUGCGAGAAUUAAUGUGAAUUGCAGGA
CACAUUGAUCAUCGACACUUCGAACGCACUUGCGGCCCCGGGUUCCUCCCGGGGCUACGCCUGUCUGAGCGUCGCU
;
h2
5 'polypeptide(L)' PRKIEEIKDFLLTARRKDAKSVNIKKNKDNVKFKVRCSRYLYTLVITDKEKAEKLKQSLPPGLAVKELK p2
6 'polypeptide(L)'
;QVLVLDGRGHLLGRLAAIVAKQVLLGRKVVVVRCEGINISGNFYRNKLKYLAFLRKRMNTNPSRGPYHFRAPSRIFWRTV
RGMLPHKTKRGQAALDRLKVFDGIPPPYDKKKRMVVPAALKVVRLKPTRKFAYLGRLAHEVGWKYQAVTATLEEKRKEKA
KIHYRKKKQLMRLRKQAEKNVEKKISKFTDVLKTHGLLV
;
w2
7 'polypeptide(L)'
;VRYSLDPENPTKSCKSRGSNLRVHFKNTRETAQAIKGMHIRKATKYLKDVTLKKQCVPFRRYNGGVGRCAQAKQWGWTQG
RWPKKSAEFLLHMLKNAESNAELKGLDVDSLVIEHIQVNKAPKMRRRTYRAHGRINPYMSSPCHIEMILTEKE
;
H2
8 'polypeptide(L)'
;GVDIRHNKDRKVRRKEPKSQDIYLRLLVKLYRFLARRTNSTFNQVVLKRLFMSRTNRPPLSLSRMIRKMKLPGRENKTAV
VVGTITDDVRVQEVPKLKVCALRVTSRARSRILRAGGKILTFDQLALDSPKGCGTVLLSGPRKGREVYRHFGKAPGTPHS
HTKPYVRSKGRKFERARGRRASRGYKN
;
S2
9 'polypeptide(L)'
;SMLRLQKRLASSVLRCGKKKVWLDPNETNEIANANSRQQIRKLIKDGLIIRKPVTVHSRARCRKNTLARRKGRHMGIGKR
KGTANARMPEKVTWMRRMRILRRLLRRYRESKKIDRHMYHSLYLKVKGNVFKNKRILMEHIHKLKADKARKKLLADQAEA
RRSKTKEARKRREERLQAKK
;
32
10 'polypeptide(L)'
;SHRKFSAPRHGSLGFLPRKRSSRHRGKVKSFPKDDPSKPVHLTAFLGYKAGMTHIVREVDRPGSKVNKKEVVEAVTIVET
PPMVVVGIVGYVETPRGLRTFKTVFAEHISDECKRRFYKNWHKSKKKAFTKYCKKWQDDAGKRQLDKDFSSMKKYCQVIR
VLAHTQMRLLPLRQKKAHLMEIQVNGGTVAEKLDWARERLEQQVPVSQVFGQDEMIDVIGVTKGKGYKGVTSRWHTKKLP
RKTHRGLRKVACIGAWHPARVAFSVARAGQKGYHHRTEINKKIYKIGQGYLIKDGKLIKNNASTDYDLSDKSINPLGGFV
HYGEVTNDFVMLKGCVVGTKKRVLTLRKSLLVQTKRRALEKIDLKFIDTTSKFGHGRFQTVEEKKAFMGPLKKD
;
52
11 'polypeptide(L)'
;KASGTLREYKVVGRCLPTPKCHTPPLYRMRIFAPNHVVAKSRFWYFVSQLKKMKKSSGEIVYCGQVFEKSPLRVKNFGIW
LRYDSRSGTHNMYREYRDLTTAGAVTQCYRDMGARHRARAHSIQIMKVEEIAASKCRRPAVKQFHDSKIKFPLPHRVLRR
QHKPRFTTKRPNTFF
;
62
12 'polypeptide(L)'
;TNTKGKRRGTRYMFSRPFRKHGVVPLATYMRIYKKGDIVDIKGMGTVQKGMPHKCYHGKTGRVYNVTQHAVGIVVNKQVK
GKILAKRINVRIEHIKHSKSRDSFLKRVKENDQKKKEAKEKGTWVQLKRQPAPPREAHFVRTNGKEPELLEPIPYEFMA
;
72
13 'polypeptide(L)'
;QVLKFTLDCTHPVEDGIMDAANFEQFLQERIKVNGKAGNLGGGVVTIERSKSKITVTSEVPFSKRYLKYLTKKYLKKNNL
RDWLRVVANSKESYELRYF
;
82
14 'polypeptide(L)'
;SGAKFRISLGLPVGAVINCADNTGAKNLYIISVKGIKGRLNRLPAAGVGDMVMATVKKGKPELRKKVHPAVVIRQRKSYR
RKDGVFLYFEDNAGVIVNNKGEMKGSAITGPVAKECADLWPRIASNAGSIA
;
k2
15 'polypeptide(L)' MKVELCSFSGYKIYPGHGRRYARTDGKVFQFLNAKCESAFLSKRNPRQINWTVLYRRKHKKGQ l2
16 'polypeptide(L)'
;KKIRTSPTFRRPKTLRLRRQPKYPRKSAPRRNKLDHYAIIKFPLTTESAMKKIEDNNTLVFIVDVKANKHQIKQAVKKLY
DIDVAKVNTLIRPDGEKKAYVRLAPDYDALDVANKIGII
;
m2
17 'polypeptide(L)'
;MKFNPFVTSDRSKNRKRHFNAPSHIRRKIMSSPLSKELRQKYNVRSMPIRKDDEVQVVRGHYKGQQIGKVVQVYRKKYVI
YIERVQREKANGTTVHVGIHPSKVVITRLKLDKDRKKILERKAKSRQVGKEKGK
;
o2
18 'polypeptide(L)'
;PSRLRKTRKLRGHVSHGHGRIGKHRKHPGGRGNAGGMHHHRINFDKYHPGYFGKVGMRHYHLKRNQSFCPTVNLDKLWTL
VSEQTRVNAAKNKTGAAPIIDVVRSGYYKVLGKGKLPKQPVIVKAKFFSRRAEEKIKGVGGACVLVA
;
q2
19 'polypeptide(L)' AKSKNHTTHNQSRKWHRNGIKKPRSQRYESLKGVDPKFLRNMRFAKKHNKKGLKKMQANNAKAMAARAEAIKALV r2
20 'polypeptide(L)'
;SINSRLQLVMKSGKYVLGYKQSLKMIRQGKAKLVILANNCPALRKSEIEYYAMLAKTGVHHYSGNNIELGTACGKYYRVC
TLSIIDPGDSDIIR
;
13
21 'polypeptide(L)'
;ACARPLISVYSEKGESSGKNVTLPAVFKAPIRPDIVNFVHTNLRKNNRQPYAVSELAGHQTSAESWGTGRAVARIPRVRG
GGTHRSGQGAFGNMCRGGRMFAPTKTWRRWHRRVNTTQKRYAICSALAASALPALVMSKGHRIEEVPELPLVVEDKVEGY
KKTKEAVLLLKKLKAWNDIKKVYASQRMRAGKGKMRNRRRIQRRGPCVIYNEDNGIVKAFRNIPGITLLNVTKLNILKLA
PGGHVGRFCIWTESAFRKLDDLYGTWRKAASLKSNYNLPMHKMLNTDLSRILKSPEIQRALRAPRKKIHRRVLKKNPLKN
LRIMLKLNPYAKTMRRNTILRQARNHKLRVERAAAALAAKSD
;
t2
22 'polypeptide(L)'
;NEVVTREYTINIHKRIHGVGFKKRAPRALKEIRKFAMKEMGTPDVRIDTRLNKAVWAKGIRNVPYRIRVRLSRKRNEDED
SPNKLYTLVTYVPVTTFKNLQTVNVDE
;
u2
23 'polypeptide(L)'
;AALRPLVKPKIVKKRTKKFIRHQSDRYVKIKRNWRKPRGIDNRVRRRFKGQILMPNIGYGSNKKTKHMLPSGFRKFLVHN
VKELEVLLMCNKSYCAEIAHNVSSKNRKAIVERAAQLAIRVTNPNARL
;
v2
24 'polypeptide(L)'
;SGRLWCKAIFAGYKRGLRNQREHTALLKIEGVYARDETEFYLGKRCAYVYKAKNNTVTPGGKPNKTRVIWGKVTRAHGNS
GMVRAKFRSNLPAKAIGHRIRVMLYPSRI
;
x2
25 'polypeptide(L)'
;VQRLTYRRRLSYNTASNKTRLSRTPGNRIVYLYTKKVGKAPKSACGVCPGRLRGVRAVRPKVLMRLSKTKKHVSRAYGGS
MCAKCVRDRIKRAFLIEEQKIVVKVLKAQAQSQK
;
y2
26 'polypeptide(L)'
;GRVIRGQRKGAGSVFRAHVKHRKGAARLRAVDFAERHGYIKGIVKDIIHDPGRGAPLAKVVFRDPYRFKKRTELFIAAEG
IHTGQFVYCGKKAQLNIGNVLPVGTMPEGTIVCCLEEKPGDRGKLARASGNYATVISHNPETKKTRVKLPSGSKKVISSA
NRAVVGVVAGGGRIDKPILKAGRAYHKYKAKRNCWPRVRGVAMNPVEHPFGGGNHQHIGKPSTIRRDAPAGRKVGLIAAR
RTGR
;
92
27 'polypeptide(L)'
;AKIKARDLRGKKKEELLKQLDDLKVELSQLRVAKVTGGAASKLSKIRVVRKSIARVLTVINQTQKENLRKFYKGKKYKPL
DLRPKKTRAMRRRLNKHEESLKTKKQQRKERLYPLRKYAVKA
;
A2
28 'polypeptide(L)'
;ALRYPMAVGLNKGHKVTKNVSKPRHSRRRGRLTKHTKFVRDMIREVCGFAPYERRAMELLKVSKDKRALKFIKKRVGTHI
RAKRKREELSSVLAAMRKAAAK
;
B2
29 'polypeptide(L)'
;TKGTSSFGKRRNKTHTLCRRCGSKAYHLQKSTCGKCGYPAKRKRKYNWSAKAKRRNTTGTGRMRHLKIVYRRFRHGFREG
TTPKPK
;
C2
30 'polypeptide(L)' SSHKTFRIKRFLAKKQKQNRPIPQWIRMKTGNKIRYNSKRRHWRRTKLGL D2
31 'polypeptide(L)' IIEPSLRQLAQKYNCDKMICRKCYARLHPRAVNCRKKKCGHTNNLRPKKKVK E2
32 'polypeptide(L)'
;VNVPKTRRTFCKKCGKHQPHKVTQYKKGKDSLYAQGKRRYDRKQSGYGGQTKPIFRKKAKTTKKIVLRLECVEPNCRSKR
MLAIKRCKHFELGGDKKRKGQVIQ
;
F2
33 'polypeptide(L)'
;FVKVVKNKAYFKRYQVKFRRRREGKTDYYARKRLVIQDKNKYNTPKYRMIVRVTNRDIICQIAYARIEGDMIVCAAYAHE
LPKYGVKVGLTNYAAAYCTGLLLARRLLNRFGMDKIYEGQVEVTGDEYNVESIDGQPGAFTCYLDAGLARTTTGNKVFGA
LKGAVDGGLSIPHSTKRFPGYDSESKEFNAEVHRKHIMGQNVADYMRYLMEEDEDAYKKQFSQYIKNNVTPDMMEEMYKK
AHAAIRENPVYEKKPKREVKKKRWNRPKMSLAQKKDRVAQKKASFLRAQERA
;
G2
34 'polypeptide(L)'
;AKRTKKVGIVGKYGTRYGASLRKMVKKIEISQHAKYTCSFCGKTKMKRRAVGIWHCGSCMKTVAGGAWTYNTTSAVTVKS
AIRRLKELKDQ
;
I2
35 'polypeptide(L)'
;SAHLQWMVVRNCSSFLIKRNKQTYSTEPNNLKARNSFRYNGLIHRKTVGVEPAADGKGVVVVMKRRSGQRKPATSYVRTT
INKNARATLSSIRHMIRKNKYHPDLRMAAIRRASAILRSQKPVMV
;
J2
36 'polypeptide(L)'
;DRATWKSNYFLKIIQLLDDYPKCFIVGADNVGSKQMQQIRMSLRGKAVVLMGKNTMMRKAIRGHLENNPALEKLLPHIRG
NVGFVFTKEDLTEIRDMLLANKVPAAARAGAIAPCEVTVPAQNTGLGPEKTSFFQALGITTKISRGTIEILSDVQLIKTG
DKVGASEATLLNMLNISPFSFGLIIQQVFDNGSIYNPE
;
K2
37 'polypeptide(L)'
;GRRPARCYRYCKNKPYPKSRFCRGVPDAKIRIFDLGRKKAKVDEFPLCGHMVSDEYEQLSSEALEAARICANKYMVKSCG
KDGFHIRVRLHPFHVIRINKML
;
L2
38 'polypeptide(L)'
;MPPKFDPNEIKVVYLRCTGGEVGATSALAPKIGPLGLSPKKVGDDIAKGTGDWKGLRITVKLTIQNRQAQIEVVPSASAL
IIKALKEPPRDRKKQKNIKHSGNITFDEIVNIARQMRHRSLARELSGTIKEILGTAQSVGCNVDGRHPHDIIDDINSGAV
ECP
;
M2
39 'polypeptide(L)' PHCSRNPVLVRGIGRYSRSAMYSRKALYKRKYAAP R2
40 'polypeptide(L)'
;VLATVTKPVGGDKNGGTRVVKLRKMPRYYPTEDVPRKLLSHGKKPFSQHVRKLRASITPGTILIILTGRHRGKRVVFLKQ
LSSGLLLVTGPLSLNRVPLRRTHQKFVIATSTKIDISGVKIPKHLTDAYFKKKKLRKPRHQEGEIFDTEKEKYEITEQRK
VDQKAVDSQILPKIKAVPQLQGYLRSVFALTNGVYPHKLVF
;
T2
41 'polypeptide(L)'
;NFAELKIKRLRKKFAQKMLRKARRKLIYEKAKHYHKEYRQMYRTEIRMARMARKAGNFYVPAEPKLAFVIRIRGINGVSP
KVRKVLQLLRLRQIFNGTFVKLNKASINMLRIVEPYIAWGYPNLKSVNELIYKRGYGKINKKRIALTDNTLIARSLGKYN
IICMEDLIHEIYTVGKHFKEANNFLWPFKLSSPRGGMKKKTTHFVEGGDAGNREDQINRLIRRMN
;
U2
42 'polypeptide(L)'
;KVVNPLFEKRPKNFGIGQDIQPKRDLTRFVKWPRYIRLQRQRAILYKRLKVPPAINQFTQALDRQTATQLLKLAHKYRPE
TKQEKKQRLLARAEKKAAGKGDVPTKRPPVLRAGVNTVTTLVENKKAQLVVIAHDVDPIELVVFLPALCRKMGVPYCIIK
GKARLGRLVHRKTCTTVAFTQVNSEDKGALAKLVEAIRTNYNDRYDEIRRHWGGNVLGPKSVARIAKLEKAKAKELATKL
G
;
V2
43 'polypeptide(L)'
;MKTILSNQTVDIPENVDISLKGRTVIVKGPRGTLRRDFNHINVELSLLGKKKKRLRVDKWWGNRKELATVRTICSHVQNM
IKGVTLGFRYKMRSVYAHFPINVVIQENGSLVEIRNFLGEKYIRRVRMRPGVACSVSQAQKDELVLEGNDIELVSNSAAL
IQQATTVKNKDIRKFLDGIYVSEKGTVQQA
;
W2
44 'polypeptide(L)'
;TGMRGAFGKPQGTVARVHIGQVIMSIRTKLQNKEHVVEALRRAKFKFPGRQKIHISKKWGFTKFNADEFEDMVAEKRLIP
DGCGVKYIPNRGPLDKWRALHS
;
X2
45 'polypeptide(L)'
;ENPMRELRIRKLCLNICVGESGDRLTRAAKVLEQLTGQTPVFSKARYTVRSFGIRRNEKIAVHCTVRGAKAEEILEKGLK
VREYELRKNNFSDTGNFGFGIQEHIDLGIKYDPSIGIYGLDFYVVLGRPGFSIADKKRRTGCIGAKHRISKEEAMRWFQQ
KYDGIILPG
;
Y2
46 'polypeptide(L)'
;APSRNGMILKPHFHKDWQRRVATWFNQPARKIRRRKARQARARRIAPRPAAGPIRPIVRCPTVRYHTKVRAGRGFSLEEL
RVAGIHKKVARTIGISVDPRRRNKSTESLQANVQRLKEYRSKLVLFPRKPSAPKKGDSSAEELKLATQLTGPVMPIRNVF
KKEKARVITEEEKNFKAFASLRMARANARLFGIRAKRAKEAAEQDVEKKK
;
a7
47 'polypeptide(L)'
;GAYKYIQELWRKKQSDVMRFLLRVRCWQYRQLSALHRAPRPTRPDKARRLGYKAKQGYVIYRIRVRRGGRKRPVPKGATY
GKPVHHGVNQLKFARSLQSVAEERAGRHCGALRVLNSYWVGEDSTYKFFEVILIDPFHKAIRRNPDTQWITKPVHKHREM
RGLTSAGRKSRGLGKGHKFHHTIGGSRRAAWRRRNTLQLHRYR
;
12
48 'polypeptide(L)'
;GKFMKPGKVVLVLAGRYSGRKAVIVKNIDDGTSDRPYSHALVAGIDRYPRKVTAAMGKKKIAKRSKIKSFVKVYNYNHLM
PTRYSVDIPLDKTVVNKDVFRDPALKRKARREAKVKFEERYKTGKNKWFFQKLRF
;
22
49 'polypeptide(L)'
;MSSKVSRDTLYEAVREVLHGNQRKRRKFLETVELQISLKNYDPQKDKRFSGTVRLKSTPRPKFSVCVLGDQQHCDEAKAV
DIPHMDIEALKKLNKNKKLVKKLAKKYDAFLASESLIKQIPRILGPGLNKAGKFPSLLTHNENMVAKVDEVKSTIKFQMK
KVLCLAVAVGHVKMTDDELVYNIHLAVNFLVSLLKKNWQNVRALYIKSTMGKPQRLY
;
42
50 'polyribonucleotide'
;AAAACAUGUGAUCUUAUCACUUUUAUAGUUUAUGAAAUCUUUAUUAUUGUUAUUGCUAUGUUUUAAAUUUCUUUUUCAAA
AUUCAUCCUGUUCCAGCAAUGGUUUUAAAGGAACUUGUAUAUGAAAACCGCCACUAUUACAUCAACAACAUCA
;
E1
51 'polypeptide(L)'
;AIHRIRITLTSRNVKSLEKVCADLIRGAKEKNLKVKGPVRMPTKTLRITTRKTPCGEGSKTWDRFQMRIHKRLIDLHSPS
EIVKQITSISIEPGVEVEVTIADA
;
I3
52 'polypeptide(L)' VHGSLARAGKVRGQTPKVAKQEKKKKKTGRAKRRMQYNRRFVN s3
53 'polypeptide(L)'
;ADIQTERAYQKQPTIFQNKKRVLLGETGKEKLPRYYKNIGLGFKTPKEAIEGTYIDKKCPFTGNVSIRGRILSGVVTKMK
MQRTIVIRRDYLHYIRKYNRFEKRHKNMSVHLSPCFRDVQIGDIVTVGECRPLSKTVRFNVLKVTKAAGTKKQ
;
G3
54 'polypeptide(L)' RVQPIKLARVTKVLGRTGSQGQCTQVRVEFMDDTSRSIIRNVKGPVREGDVLTLLESEREARRL f3
55 'polyribonucleotide'
;UACCUGGUUGAUCCUGCCAGUAGCAUAUGCUUGUCUCAAAGAUUAAGCCAUGCAUGUCUAAGUACGCACGGCCGGUACAG
UGAAACUGCGAAUGGCUCAUUAAAUCAGUUAUGGUUCCUUUGGUCGCUCGCUCCUCUCCCACUUGGAUAACUGUGGUAAU
UCUAGAGCUAAUACAUGCCGACGGGCGCUGACCCCCUUCGCGGGGGGGAUGCGUGCAUUUAUCAGAUCAAAACCAACCCG
GUCAGCCCCUCUCCGGCCCCGGCCGGGGGGCGGGCGCCGGCGGCUUUGGUGACUCUAGAUAACCUCGGGCCGAUCGCACG
CCCCCCGUGGCGGCGACGACCCAUUCGAACGUCUGCCCUAUCAACUUUCGAUGGUAGUCGCCGUGCCUACCAUGGUGACC
ACGGGUGACGGGGAAUCAGGGUUCGAUUCCGGAGAGGGAGCCUGAGAAACGGCUACCACAUCCAAGGAAGGCAGCAGGCG
CGCAAAUUACCCACUCCCGACCCGGGGAGGUAGUGACGAAAAAUAACAAUACAGGACUCUUUCGAGGCCCUGUAAUUGGA
AUGAGUCCACUUUAAAUCCUUUAACGAGGAUCCAUUGGAGGGCAAGUCUGGUGCCAGCAGCCGCGGUAAUUCCAGCUCCA
AUAGCGUAUAUUAAAGUUGCUGCAGUUAAAAAGCUCGUAGUUGGAUCUUGGGAGCGGGCGGGCGGUCCGCCGCGAGGCGA
GCCACCGCCCGUCCCCGCCCCUUGCCUCUCGGCGCCCCCUCGAUGCUCUUAGCUGAGUGUCCCGCGGGGCCCGAAGCGUU
UACUUUGAAAAAAUUAGAGUGUUCAAAGCAGGCCCGAGCCGCCUGGAUACCGCAGCUAGGAAUAAUGGAAUAGGACCGCG
GUUCUAUUUUGUUGGUUUUCGGAACUGAGGCCAUGAUUAAGAGGGACGGCCGGGGGCAUUCGUAUUGCGCCGCUAGAGGU
GAAAUUCUUGGACCGGCGCAAGACGGACCAGAGCGAAAGCAUUUGCCAAGAAUGUUUUCAUUAAUCAAGAACGAAAGUCG
GAGGUUCGAAGACGAUCAGAUACCGUCGUAGUUCCGACCAUAAACGAUGCCGACCGGCGAUGCGGCGGCGUUAUUCCCAU
GACCCGCCGGGCAGCUUCCGGGAAACCAAAGUCUUUGGGUUCCGGGGGGAGUAUGGUUGCAAAGCUGAAACUUAAAGGAA
UUGACGGAAGGGCACCACCAGGAGUGGAGCCUGCGGCUUAAUUUGACUCAACACGGGAAACCUCACCCGGCCCGGACACG
GACAGGAUUGACAGAUUGAUAGCUCUUUCUCGAUUCCGUGGGUGGUGGUGCAUGGCCGUUCUUAGUUGGUGGAGCGAUUU
GUCUGGUUAAUUCCGAUAACGAACGAGACUCUGGCAUGCUAACUAGUUACGCGACCCCCGAGCGGUCGGCGUCCCCCAAC
UUCUUAGAGGGACAAGUGGCGUUCAGCCACCCGAGAUUGAGCAAUAACAGGUCUGUGAUGCCCUUAGAUGUCCGGGGCUG
CACGCGCGCUACACUGACUGGCUCAGCGUGUGCCUACCCUACGCCGGCAGGCGCGGGUAACCCGUUGAACCCCAUUCGUG
AUGGGGAUCGGGGAUUGCAAUUAUUCCCCAUGAACGAGGAAUUCCCAGUAAGUGCGGGUCAUAAGCUUGCGUUGAUUAAG
UCCCUGCCCUUUGUACACACCGCCCGUCGCUACUACCGAUUGGAUGGUUUAGUGAGGCCCUCGGAUCGGCCCCGCCGGGG
UCGGCCCACGGCCCUGGCGGAGCGCUGAGAAGACGGUCGAACUUGACUAUCUAGAGGAAGUAAAAGUCGUAACAAGGUUU
CCGUAGGUGAACCUGCGGAAGGAUCAUUA
;
K3
56 'polypeptide(L)'
;SAKIVKPNGEKPDEFESGISQALLELEMNSDLKAQLRELNITAAKEIEVGGGRKAIIIFVPVPQLKSFQKIQVRLVRELE
KKFSGKHVVFIAQRRILPKPTRKSRTKNKQKRPRSRTLTAVHDAILEDLVFPSEIVGKRIRVKLDGSRLIKVHLDKAQQN
NVEHKVETFSGVYKKLTGKDVNFEFPEFQ
;
P3
57 'polypeptide(L)'
;SLGPQVAEGENVFGVCHIFASFNDTFVHVTDLSGKETICRVTGGMKVKADRDESSPYAAMLAAQDVAQRCKELGITALHI
KLRATGGNRTKTPGPGAQSALRALARSGMKIGRIEDVTPIPSDSTRRKGGRRGRRL
;
a5
58 'polypeptide(L)'
;VEQKKKRTFRKFTYRGVDLDQLLDMSYEQLMQLYSARQRRRLSRGLRRKQHSLLKRLRKAKKEAPPMEKPEVVKTHLRDM
IILPEMVGSMVGVYNGKTFNQVEIKPEMIGHYLGEFSITYKPVKHGR
;
A3
59 'polypeptide(L)'
;PLQSVQVFGRKKTATAVAHCKRGNGLIKVNGRPLEMIEPRTLQYKLLEPVLLLGKERFAGVDIRVRVKGGGHVAQIYAIR
QSISKALVAYYQKYVDEASKKEIKDILIQYDRTLLVADPRRCESKKFGGPGARARYQKSYR
;
B3
60 'polypeptide(L)'
;MGRVRTKTVKKAARVIIEKYYTRLGNDFHTNKRVCEEIAIIPSKKLRNKIAGYVTHLMKRIQRGPVRGISIKLQEEERER
RDNYVPEVSALDQEIIEVDPDTKEMLKLLDFGSLSNLQVTQPTVGMNFK
;
C3
61 'polypeptide(L)'
;MQSNAGEFVDLYVPRKCSASNRIIGAKDHASIPMNVAEVDKVTGRFNGQSKTYAICGAIRRMGESDDSILRLAKSHGIVS
QNF
;
D3
62 'polypeptide(L)'
;PEKFQHILRVLNTNIDGRRKIAFAITAIKGVGRRYAHVVLRKADIDLTKRAGELTEDEVERVITIMQNPRQYKIPDWFLN
RQKDVKDGKYSQVLANGLDNKLREDLERLKKIRAHRGLRHFWGLRVRGQHTKTTGRR
;
G5
63 'polypeptide(L)'
;VTVKDVNQQEFVRALAAFLKKSGKLKVPEWVDTVKLAKHKELAPYDENWFYTRAASTARHLYLRGGAGVGSMTKIYGGRQ
RNGVMPSHFSRGSKSVARRVLQALEGLKMVEKDQDWGRKLTPQGQRDLDRIAGQVAAAKKK
;
H5
64 'polypeptide(L)'
;VRMNVLADALKSINNAEKRGKRQVLIRPCSKVIVRFLTVMMKHGYIGEFEIIDDHRAGKIVVNLTGRLNKCGVISPRFDV
QLKDLEKWQNNLLPSRQFGFIVLTTSAGIMDHEEARRKHTGGKILGFFF
;
J5
65 'polypeptide(L)'
;DTVTIRTRKFMTNRLLQRKQMVIDVLHPGKATVPKTEIREKLAKMYKTTPDVIFVFGFRTHFGGGKTTGFGMIYDSLDYA
KKNEPKHRLARHGLYEKKKTSRKQRKERKNRMKKVRGTAKANVGAG
;
I5
66 'polypeptide(L)'
;PLAKDLLHPSPEEEKRKHKKKRLVQSPNSYFMDVKCPGCYKITTVFSHAQTVVLCVGCSTVLCQPTGGKARLTEGCSFRR
KQH
;
L3
67 'polypeptide(L)' RDKLNNLVLFDKATYDKLCKEVPNYKLITPAVVSERLKIRGSLARAALQELLSKGLIKLVSKHRAQVIYTRNTKG M3
68 'polypeptide(L)'
;TKKRRNNGRAKKGRGHVQPIRCTNCARCVPKDKAIKKFVIRNIVEAAAVRDISEASVFDAYVLPKLYVKLHYCVSCAIHS
KVVRNRSREARKDRTPPP
;
O3
69 'polypeptide(L)' KSYTTPKKNKHKRKKVKLAVLKYYKVDENGKISRLRRECPSEECGAGVFMASHFDRHYCGKCCLTYCFN Q3
70 'polypeptide(L)'
;TEQMTLRGTLKGHNGWVTQIATTPQFPDMILSASRDKTIIMWKLTRDETNYGIPQRALRGHSHFVSDVVISSDGQFALSG
SWDGTLRLWDLTTGTTTRRFVGHTKDVLSVAFSSDNRQIVSGSRDKTIKLWNTLGVCKYTVQDESHSEWVSCVRFSPNSS
NPIIVSCGWDKLVKVWNLANCKLKTNHIGHTGYLNTVTVSPDGSLCASGGKDGQAMLWDLNEGKHLYTLDGGDIINALCF
SPNRYWLCAATGPSIKIWDLEGKIIVDELKQEVISTSSKAEPPQCTSLAWSADGQTLFAGYTDNLVRVWQVTI
;
a3
71 'polypeptide(L)'
;GKCRGLRTARKLRSHRRDQKWHDKQYKKAHLGTALKANPFGGASHAKGIVLEKVGVEAKQPNSAIRKCVRVQLIKNGKKI
TAFVPNDGCLNFIEENDEVLVAGFGRKGHAVGDIPGVRFKVVKVANVSLLALYKGKKERPR
;
T3
72 'polypeptide(L)'
;SGALDVLQMKEEDVLKFLAAGTHLGGTNLDFQMEQYIYKRKSDGIYIINLKRTWEKLLLAARAIVAIENPADVSVISSRN
TGQRAVLKFAAATGATPIAGRFTPGTFTNQIQTAFREPRLLVVTDPRADHQPLTEASYVNLPTIALCNTDSPLRYVDIAI
PCNNKGAHSVGLMWWMLAREVLRMRGTISREHPWEVMPDLYFYRDPEE
;
U3
73 'polypeptide(L)'
;VVDPFSKKDWYDVKAPAMFNIRNIGKTLVTRTQGTKIASDGLKGRVFEVSLADLQNDEVAFRKFKLITEDVQGKNCLTNF
HGMDLTRDKMCSMVKKWQTMIEAHVDVKTTDGYLLRLFCVGFTKKRNNQIRKTSYAQHQQVRQIRKKMMEIMTREVQTND
LKEVVNKLIPDSIGKDIEKACQSIYPLHDVFVRKVKMLKKPKFELGKLMELHG
;
V3
74 'polypeptide(L)'
;EWMPVTKLGRLMKDVKIKSLEEIYLFSLPIKESEIIDFFLGASLKDEVLKIMPVQKQTRAGQRTRFKAFVAIGDYNGHVG
LGVKCSKEVATAIRGAIILAKLSIVPVRRGYWGNKIGKPHTVPCKVTGRCGSVLVRLIPAPRGTGIVSAPVPKKLLMMAG
IDDCYTSARGCTATLGNFAKATFDAISKTYSYLTPDLWKETVFTKSPYQEFTDHLVKT
;
W3
75 'polypeptide(L)' RAKWRKKRMRRLKRKRRKMRQRS X3
76 'polypeptide(L)'
;MAVQISKKRKFVADGIFKAELNEFLTRELAEDGYSGVEVRVTPTRTEIIILATRTQNVLGEKGRRIRELTAVVQKRFGFP
EGSVELYAEKVATRGLCAIAQAESLRYKLLGGLAVRRACYGVLRFIMESGAKGCEVVVSGKLRGQRAKSMKFVDGLMIHS
GDPVNYYVDTAVRHVLLRQGVLGIKVKIMLPWDPSGKIGPKKPLPDHVSIVEPKDEILPTTPISEQK
;
Y3
77 'polypeptide(L)'
;ARGPKKHLKRVAAPKHWMLDKLTSVFAPRPSTGPHKLRECLPLIIFLRNKLKYALTGDEVKKICMQRFIKIDGKVRADIT
YPAGFMDVISIDKTGENFRLIYDTKGRFAVHRITPEEAKYKLCKVRKIFVGTKGIPHLVTHDARTIRYPDPLIKMNDTIQ
IDLETGKITDFIKFDTGNLCMVTGGANLGRIGVITNRERHPGSFDVVHVKDANGNSFATRLSNIFVIGKGNKPWISLPRG
KGIRLTIAEERDKRLAAKQSSG
;
j3
78 'polypeptide(L)'
;TPDIKLFGKWSTDDVQINDISLQDYIAVKEKYAKYLPHSAGRYAAKRFRKAQCPIVERLTNSMMMHGRNNGKKLMTVRIV
KHAFEIIHLLTGENPLQVLVNAIINSGPREDSTRIGRAGTVRRQAVDVSPLRRVNQAIWLLCTGAREAAFRNIKTIAECL
ADELINAAKGSSNSYAIKKKDELERVAKSNR
;
N3
79 'polypeptide(L)'
;MKLNISFPATGCQKLIEVDDERKLRTFYEKRMATEVAADALGEEWKGYVVRISGGNDKQGFPMKQGVLTHGRVRLLLSKG
HSCYRPRRTGERKRKSVRGCIVDANLSVLNLVIVKKGEKDIPGLTDTTVPRRLGPKRASRIRKLFNLSKEDDVRQYVVRK
PLNKEGKKPRTKAPKIQRLVTPRVLQHKRRRIALKKQRTKKNKEEAAEYAKLLAKRMKEAKEKRQEQIAKRRRLSSL
;
b3
80 'polypeptide(L)'
;GISRDNWHKRRKTGGKRKPYHKKRKYELGRPAANTKIGPRRIHTVRVRGGNKKYRALRLDVGNFSWGSECCTRKTRIIDV
VYNASNNELVRTKTLVKNCIVLIDSTPYRQWYESHYALPLGRKKGAKLTPEEEEILNKKRSKKIQKKYDERKKNAKISSL
LEEQFQQGKLLACIASRPGQCGRADGYVLEGKELEFYLRKIKARKG
;
c3
81 'polypeptide(L)'
;PVARSWVCRKTYVTPRRPFEKSRLDQELKLIGEYGLRNKREVWRVKFTLAKIRKAARELLTLDEKDPRRLFEGNALLRRL
VRIGVLDEGKMKLDYILGLKIEDFLERRLQTQVFKLGLAKSIHHARVLIRQRHIRVRKQVVNIPSFIVRLDSQKHIDFSL
RSPYGGGRPGRVKRKNAKKGQGGAG
;
d3
82 'polypeptide(L)'
;GGVMDVNTALQEVLKTALIHDGLARGIREAAKALDKRQAHLCVLASNCDEPMYVKLVEALCAEHQINLIKVDDNKKLGEW
VGLCKIDREGKPRKVVGCSCVVVKDYGKESQAKDVIEEYFKCKK
;
e3
83 'polypeptide(L)'
;GRMHAPGKGLSQSALPYRRSVPTWLKLTSDDVKEQIYKLAKKGLTPSQIGVILRDSHGVAQVRFVTGNKILRILKSKGLA
PDLPEDLYHLIKKAVAVRKHLERNRKDKDAKFRLILIESRIHRLARYYKTKRVLPPNWKYESSTASALVA
;
F3
84 'polypeptide(L)'
;MLMPKKNRIAIYELLFKEGVMVAKKDVHMPKHPELADKNVPNLHVMKAMQSLKSRGYVKEQFAWRHFYWYLTNEGIQYLR
DYLHLPPEIVPATLRRSR
;
E3
85 'polypeptide(L)' QQLYWSHPRKFGQGSRSCRVCSNRHGLIRKYGLNMCRQCFRQYAKDIGFIKLD H3
#
# COMPACT_ATOMS: atom_id res chain seq x y z
N VAL A 1 -92.67 57.99 18.03
CA VAL A 1 -91.69 58.49 18.98
C VAL A 1 -92.26 58.44 20.39
N PHE A 2 -91.38 58.61 21.38
CA PHE A 2 -91.75 58.33 22.76
C PHE A 2 -92.73 59.35 23.29
N ARG A 3 -93.77 58.86 23.97
CA ARG A 3 -94.79 59.72 24.56
C ARG A 3 -95.20 59.26 25.95
N ARG A 4 -94.46 58.32 26.54
CA ARG A 4 -94.67 57.94 27.93
C ARG A 4 -93.31 57.79 28.58
N PHE A 5 -93.04 58.62 29.58
CA PHE A 5 -91.73 58.68 30.21
C PHE A 5 -91.81 58.08 31.61
N VAL A 6 -90.63 57.80 32.16
CA VAL A 6 -90.47 57.36 33.54
C VAL A 6 -89.84 58.51 34.30
N GLU A 7 -90.57 59.09 35.23
CA GLU A 7 -90.08 60.19 36.03
C GLU A 7 -90.69 60.12 37.42
N VAL A 8 -90.21 60.99 38.30
CA VAL A 8 -90.65 60.98 39.69
C VAL A 8 -92.12 61.40 39.72
N GLY A 9 -92.98 60.45 40.06
CA GLY A 9 -94.40 60.73 40.14
C GLY A 9 -95.23 59.94 39.16
N ARG A 10 -94.59 59.07 38.39
CA ARG A 10 -95.33 58.24 37.45
C ARG A 10 -96.15 57.19 38.20
N VAL A 11 -97.11 56.61 37.51
CA VAL A 11 -97.92 55.52 38.02
C VAL A 11 -97.78 54.35 37.06
N ALA A 12 -97.10 53.30 37.51
CA ALA A 12 -96.80 52.15 36.67
C ALA A 12 -97.75 51.00 37.01
N TYR A 13 -97.92 50.10 36.06
CA TYR A 13 -98.75 48.92 36.24
C TYR A 13 -97.86 47.69 36.35
N VAL A 14 -98.01 46.94 37.44
CA VAL A 14 -97.19 45.77 37.69
C VAL A 14 -97.76 44.59 36.91
N SER A 15 -96.91 43.94 36.11
CA SER A 15 -97.36 42.82 35.32
C SER A 15 -96.77 41.49 35.73
N PHE A 16 -95.53 41.45 36.20
CA PHE A 16 -94.86 40.21 36.54
C PHE A 16 -94.43 40.22 38.00
N GLY A 17 -94.68 39.10 38.68
CA GLY A 17 -94.27 38.96 40.06
C GLY A 17 -95.43 38.72 40.99
N PRO A 18 -95.19 38.86 42.29
CA PRO A 18 -96.27 38.67 43.26
C PRO A 18 -97.29 39.79 43.24
N HIS A 19 -96.94 40.96 42.72
CA HIS A 19 -97.80 42.14 42.79
C HIS A 19 -98.47 42.44 41.46
N ALA A 20 -98.72 41.42 40.65
CA ALA A 20 -99.33 41.66 39.35
C ALA A 20 -100.80 42.02 39.49
N GLY A 21 -101.27 42.92 38.64
CA GLY A 21 -102.63 43.39 38.68
C GLY A 21 -102.87 44.60 39.54
N LYS A 22 -101.87 45.10 40.25
CA LYS A 22 -102.00 46.28 41.07
C LYS A 22 -101.21 47.43 40.48
N LEU A 23 -101.82 48.61 40.44
CA LEU A 23 -101.08 49.81 40.09
C LEU A 23 -100.11 50.17 41.20
N VAL A 24 -99.03 50.84 40.83
CA VAL A 24 -98.01 51.25 41.78
C VAL A 24 -97.45 52.58 41.32
N ALA A 25 -97.04 53.41 42.26
CA ALA A 25 -96.51 54.73 41.96
C ALA A 25 -95.00 54.74 42.07
N ILE A 26 -94.34 55.33 41.09
CA ILE A 26 -92.88 55.42 41.08
C ILE A 26 -92.47 56.60 41.94
N VAL A 27 -91.57 56.37 42.89
CA VAL A 27 -91.09 57.44 43.75
C VAL A 27 -89.73 57.90 43.29
N ASP A 28 -88.74 57.02 43.30
CA ASP A 28 -87.38 57.40 42.97
C ASP A 28 -86.69 56.31 42.17
N VAL A 29 -85.70 56.73 41.39
CA VAL A 29 -84.96 55.83 40.52
C VAL A 29 -83.59 55.58 41.14
N ILE A 30 -83.18 54.32 41.20
CA ILE A 30 -81.90 53.98 41.80
C ILE A 30 -80.87 53.58 40.75
N ASP A 31 -81.27 52.86 39.71
CA ASP A 31 -80.37 52.44 38.66
C ASP A 31 -81.17 52.26 37.37
N GLN A 32 -80.53 51.64 36.38
CA GLN A 32 -81.20 51.36 35.12
C GLN A 32 -82.48 50.57 35.32
N ASN A 33 -82.41 49.51 36.13
CA ASN A 33 -83.44 48.48 36.12
C ASN A 33 -84.36 48.51 37.32
N ARG A 34 -83.86 48.81 38.51
CA ARG A 34 -84.73 48.85 39.68
C ARG A 34 -85.21 50.28 39.89
N ALA A 35 -86.41 50.40 40.45
CA ALA A 35 -86.98 51.71 40.73
C ALA A 35 -87.71 51.65 42.05
N LEU A 36 -87.40 52.58 42.95
CA LEU A 36 -88.01 52.59 44.27
C LEU A 36 -89.44 53.10 44.13
N VAL A 37 -90.40 52.20 44.27
CA VAL A 37 -91.80 52.52 44.02
C VAL A 37 -92.64 52.26 45.26
N ASP A 38 -93.94 52.51 45.17
CA ASP A 38 -94.84 52.44 46.30
C ASP A 38 -96.26 52.54 45.79
N GLY A 39 -97.17 51.86 46.48
CA GLY A 39 -98.58 52.12 46.32
C GLY A 39 -99.25 52.23 47.68
N PRO A 40 -99.72 53.42 48.01
CA PRO A 40 -100.40 53.60 49.30
C PRO A 40 -101.82 53.04 49.29
N CYS A 41 -102.57 53.29 48.23
CA CYS A 41 -103.96 52.88 48.17
C CYS A 41 -104.19 51.56 47.43
N THR A 42 -103.17 51.05 46.75
CA THR A 42 -103.25 49.76 46.08
C THR A 42 -102.74 48.64 46.95
N ARG A 43 -102.65 48.87 48.26
CA ARG A 43 -102.11 47.92 49.25
C ARG A 43 -100.82 47.26 48.76
N VAL A 44 -99.81 48.11 48.56
CA VAL A 44 -98.47 47.67 48.17
C VAL A 44 -97.47 48.36 49.10
N ARG A 45 -96.30 47.75 49.27
CA ARG A 45 -95.29 48.26 50.19
C ARG A 45 -94.19 48.99 49.46
N ARG A 46 -93.51 49.89 50.19
CA ARG A 46 -92.40 50.64 49.63
C ARG A 46 -91.20 49.72 49.45
N GLN A 47 -90.92 49.35 48.20
CA GLN A 47 -89.88 48.39 47.91
C GLN A 47 -89.45 48.59 46.46
N ALA A 48 -88.18 48.35 46.20
CA ALA A 48 -87.72 48.38 44.83
C ALA A 48 -88.26 47.18 44.07
N MET A 49 -88.50 47.37 42.77
CA MET A 49 -88.86 46.23 41.94
C MET A 49 -88.53 46.55 40.50
N PRO A 50 -88.07 45.58 39.71
CA PRO A 50 -87.31 45.91 38.50
C PRO A 50 -88.18 46.54 37.43
N PHE A 51 -87.54 47.33 36.57
CA PHE A 51 -88.24 47.97 35.46
C PHE A 51 -88.82 46.96 34.48
N LYS A 52 -88.32 45.73 34.48
CA LYS A 52 -88.92 44.70 33.64
C LYS A 52 -90.35 44.37 34.05
N CYS A 53 -90.72 44.63 35.29
CA CYS A 53 -92.01 44.20 35.80
C CYS A 53 -93.11 45.24 35.66
N MET A 54 -92.80 46.43 35.15
CA MET A 54 -93.80 47.50 35.10
C MET A 54 -94.18 47.84 33.67
N GLN A 55 -95.48 48.00 33.44
CA GLN A 55 -96.03 48.55 32.21
C GLN A 55 -96.48 49.97 32.54
N LEU A 56 -95.96 50.95 31.81
CA LEU A 56 -96.20 52.34 32.15
C LEU A 56 -97.64 52.75 31.88
N THR A 57 -98.08 53.80 32.55
CA THR A 57 -99.42 54.35 32.39
C THR A 57 -99.33 55.87 32.25
N ASP A 58 -100.32 56.44 31.58
CA ASP A 58 -100.30 57.85 31.20
C ASP A 58 -100.27 58.82 32.37
N PHE A 59 -100.65 58.39 33.56
CA PHE A 59 -100.94 59.32 34.65
C PHE A 59 -99.67 59.77 35.35
N ILE A 60 -99.76 60.93 36.00
CA ILE A 60 -98.63 61.53 36.71
C ILE A 60 -99.13 62.05 38.06
N LEU A 61 -98.36 61.76 39.11
CA LEU A 61 -98.59 62.35 40.42
C LEU A 61 -97.64 63.52 40.62
N LYS A 62 -97.56 64.04 41.85
CA LYS A 62 -96.64 65.10 42.18
C LYS A 62 -95.90 64.78 43.47
N PHE A 63 -94.59 64.58 43.37
CA PHE A 63 -93.71 64.28 44.48
C PHE A 63 -92.51 65.21 44.42
N PRO A 64 -91.95 65.61 45.55
CA PRO A 64 -90.76 66.47 45.50
C PRO A 64 -89.53 65.79 44.93
N HIS A 65 -88.99 64.84 45.68
CA HIS A 65 -87.90 63.98 45.21
C HIS A 65 -88.16 62.56 45.68
N SER A 66 -88.61 62.46 46.93
CA SER A 66 -88.93 61.23 47.64
C SER A 66 -89.53 61.65 48.98
N ALA A 67 -90.56 60.94 49.42
CA ALA A 67 -91.29 61.37 50.60
C ALA A 67 -91.81 60.16 51.36
N ARG A 68 -92.41 60.42 52.51
CA ARG A 68 -93.07 59.38 53.28
C ARG A 68 -94.30 58.89 52.52
N GLN A 69 -95.02 57.93 53.11
CA GLN A 69 -96.28 57.53 52.51
C GLN A 69 -97.40 58.51 52.83
N LYS A 70 -97.26 59.31 53.88
CA LYS A 70 -98.30 60.28 54.23
C LYS A 70 -98.54 61.26 53.08
N TYR A 71 -97.49 61.63 52.35
CA TYR A 71 -97.64 62.61 51.29
C TYR A 71 -97.74 61.98 49.91
N VAL A 72 -97.52 60.67 49.79
CA VAL A 72 -97.85 60.00 48.53
C VAL A 72 -99.34 59.70 48.48
N ARG A 73 -99.92 59.30 49.62
CA ARG A 73 -101.35 59.01 49.66
C ARG A 73 -102.18 60.23 49.33
N LYS A 74 -101.78 61.40 49.86
CA LYS A 74 -102.57 62.61 49.64
C LYS A 74 -102.61 62.99 48.18
N ALA A 75 -101.45 63.09 47.53
CA ALA A 75 -101.43 63.43 46.11
C ALA A 75 -102.00 62.32 45.24
N TRP A 76 -102.04 61.08 45.74
CA TRP A 76 -102.66 60.00 44.99
C TRP A 76 -104.19 60.16 44.98
N GLU A 77 -104.78 60.41 46.14
CA GLU A 77 -106.23 60.46 46.23
C GLU A 77 -106.79 61.85 45.98
N LYS A 78 -105.95 62.87 45.81
CA LYS A 78 -106.45 64.14 45.33
C LYS A 78 -106.64 64.12 43.82
N ALA A 79 -106.01 63.17 43.15
CA ALA A 79 -106.18 62.99 41.71
C ALA A 79 -107.07 61.81 41.35
N ASP A 80 -107.49 61.01 42.33
CA ASP A 80 -108.39 59.88 42.13
C ASP A 80 -107.84 58.88 41.10
N ILE A 81 -106.65 58.36 41.39
CA ILE A 81 -106.12 57.31 40.54
C ILE A 81 -106.96 56.05 40.65
N ASN A 82 -107.48 55.75 41.84
CA ASN A 82 -108.27 54.54 42.02
C ASN A 82 -109.52 54.52 41.15
N THR A 83 -110.02 55.69 40.76
CA THR A 83 -111.17 55.78 39.88
C THR A 83 -110.79 56.16 38.46
N LYS A 84 -109.80 57.03 38.27
CA LYS A 84 -109.37 57.36 36.91
C LYS A 84 -108.87 56.11 36.19
N TRP A 85 -108.20 55.20 36.89
CA TRP A 85 -107.74 53.97 36.27
C TRP A 85 -108.91 53.09 35.83
N ALA A 86 -109.96 53.02 36.66
CA ALA A 86 -111.10 52.17 36.33
C ALA A 86 -111.92 52.74 35.18
N ALA A 87 -111.76 54.02 34.85
CA ALA A 87 -112.49 54.61 33.74
C ALA A 87 -111.75 54.51 32.42
N THR A 88 -110.50 54.07 32.43
CA THR A 88 -109.73 53.96 31.20
C THR A 88 -110.22 52.81 30.35
N ARG A 89 -109.90 52.86 29.06
CA ARG A 89 -110.18 51.73 28.20
C ARG A 89 -109.29 50.54 28.52
N TRP A 90 -108.14 50.78 29.15
CA TRP A 90 -107.22 49.70 29.49
C TRP A 90 -107.82 48.77 30.53
N ALA A 91 -108.31 49.33 31.63
CA ALA A 91 -108.78 48.50 32.74
C ALA A 91 -109.91 47.58 32.30
N LYS A 92 -110.83 48.11 31.49
CA LYS A 92 -111.95 47.30 31.03
C LYS A 92 -111.50 46.10 30.21
N LYS A 93 -110.30 46.15 29.64
CA LYS A 93 -109.76 44.95 28.98
C LYS A 93 -109.29 43.93 30.00
N ILE A 94 -108.70 44.39 31.11
CA ILE A 94 -108.23 43.46 32.13
C ILE A 94 -109.42 42.78 32.80
N GLU A 95 -110.47 43.54 33.12
CA GLU A 95 -111.65 42.94 33.73
C GLU A 95 -112.40 42.07 32.75
N ALA A 96 -112.22 42.28 31.45
CA ALA A 96 -112.84 41.39 30.47
C ALA A 96 -112.17 40.02 30.49
N ARG A 97 -110.84 39.98 30.48
CA ARG A 97 -110.15 38.70 30.63
C ARG A 97 -110.32 38.12 32.02
N GLU A 98 -110.73 38.93 32.99
CA GLU A 98 -110.93 38.47 34.35
C GLU A 98 -112.38 38.07 34.61
N ARG A 99 -113.28 38.35 33.68
CA ARG A 99 -114.60 37.72 33.71
C ARG A 99 -114.62 36.46 32.87
N LYS A 100 -114.00 36.50 31.69
CA LYS A 100 -113.99 35.34 30.81
C LYS A 100 -113.33 34.14 31.50
N ALA A 101 -112.39 34.40 32.40
CA ALA A 101 -111.76 33.32 33.15
C ALA A 101 -112.62 32.84 34.31
N LYS A 102 -113.74 33.51 34.58
CA LYS A 102 -114.66 33.12 35.64
C LYS A 102 -115.88 32.38 35.13
N MET A 103 -115.99 32.17 33.82
CA MET A 103 -117.21 31.62 33.25
C MET A 103 -117.48 30.22 33.78
N THR A 104 -118.55 30.09 34.56
CA THR A 104 -119.05 28.79 34.96
C THR A 104 -119.68 28.11 33.75
N ASP A 105 -119.87 26.78 33.84
CA ASP A 105 -120.23 26.02 32.66
C ASP A 105 -121.61 26.41 32.14
N PHE A 106 -122.61 26.43 33.02
CA PHE A 106 -123.95 26.83 32.58
C PHE A 106 -123.92 28.23 32.00
N ASP A 107 -123.08 29.11 32.55
CA ASP A 107 -122.89 30.42 31.97
C ASP A 107 -122.38 30.32 30.53
N ARG A 108 -121.33 29.53 30.32
CA ARG A 108 -120.80 29.37 28.97
C ARG A 108 -121.87 28.91 28.01
N TYR A 109 -122.81 28.09 28.48
CA TYR A 109 -123.91 27.68 27.61
C TYR A 109 -124.77 28.86 27.22
N LYS A 110 -125.03 29.77 28.16
CA LYS A 110 -125.79 30.97 27.83
C LYS A 110 -125.15 31.73 26.68
N VAL A 111 -123.83 31.84 26.70
CA VAL A 111 -123.13 32.55 25.62
C VAL A 111 -123.24 31.77 24.31
N MET A 112 -123.22 30.44 24.38
CA MET A 112 -123.29 29.64 23.16
C MET A 112 -124.59 29.90 22.41
N LYS A 113 -125.72 29.97 23.12
CA LYS A 113 -126.96 30.34 22.47
C LYS A 113 -126.97 31.82 22.10
N ALA A 114 -126.54 32.69 23.02
CA ALA A 114 -126.59 34.12 22.76
C ALA A 114 -125.74 34.49 21.55
N LYS A 115 -124.48 34.06 21.53
CA LYS A 115 -123.64 34.31 20.37
C LYS A 115 -124.14 33.61 19.13
N LYS A 116 -125.04 32.63 19.29
CA LYS A 116 -125.62 31.95 18.13
C LYS A 116 -126.70 32.79 17.48
N MET A 117 -127.60 33.36 18.29
CA MET A 117 -128.64 34.21 17.73
C MET A 117 -128.08 35.52 17.22
N ARG A 118 -127.14 36.13 17.97
CA ARG A 118 -126.61 37.42 17.58
C ARG A 118 -125.86 37.36 16.25
N ASN A 119 -125.40 36.18 15.85
CA ASN A 119 -124.69 36.06 14.58
C ASN A 119 -125.60 35.82 13.40
N ARG A 120 -126.78 35.21 13.59
CA ARG A 120 -127.75 35.17 12.51
C ARG A 120 -128.25 36.56 12.16
N ILE A 121 -128.47 37.40 13.17
CA ILE A 121 -129.00 38.73 12.95
C ILE A 121 -128.08 39.53 12.05
N ILE A 122 -126.78 39.53 12.37
CA ILE A 122 -125.83 40.26 11.55
C ILE A 122 -125.74 39.64 10.16
N LYS A 123 -125.85 38.32 10.07
CA LYS A 123 -125.72 37.67 8.77
C LYS A 123 -126.78 38.15 7.80
N ASN A 124 -128.04 38.23 8.26
CA ASN A 124 -129.08 38.74 7.38
C ASN A 124 -128.92 40.23 7.14
N GLU A 125 -128.72 41.00 8.21
CA GLU A 125 -128.66 42.44 8.05
C GLU A 125 -127.43 42.89 7.26
N VAL A 126 -126.42 42.02 7.11
CA VAL A 126 -125.34 42.35 6.19
C VAL A 126 -125.79 42.16 4.75
N LYS A 127 -126.56 41.10 4.48
CA LYS A 127 -127.01 40.85 3.12
C LYS A 127 -127.92 41.96 2.62
N LYS A 128 -128.79 42.49 3.48
CA LYS A 128 -129.58 43.65 3.11
C LYS A 128 -128.70 44.89 2.92
N LEU A 129 -127.64 45.01 3.72
CA LEU A 129 -126.66 46.05 3.47
C LEU A 129 -125.68 45.69 2.37
N GLN A 130 -125.62 44.41 1.97
CA GLN A 130 -124.80 44.02 0.84
C GLN A 130 -125.50 44.35 -0.48
N ARG A 131 -126.82 44.17 -0.54
CA ARG A 131 -127.53 44.43 -1.78
C ARG A 131 -127.54 45.92 -2.13
N ALA A 132 -127.82 46.77 -1.14
CA ALA A 132 -127.91 48.20 -1.41
C ALA A 132 -126.57 48.78 -1.85
N ALA A 133 -125.47 48.32 -1.23
CA ALA A 133 -124.15 48.85 -1.56
C ALA A 133 -123.79 48.55 -3.01
N LEU A 134 -124.10 47.33 -3.49
CA LEU A 134 -123.95 47.04 -4.90
C LEU A 134 -124.94 47.86 -5.73
N LEU A 135 -126.16 48.02 -5.23
CA LEU A 135 -127.18 48.73 -6.00
C LEU A 135 -126.80 50.19 -6.23
N LYS A 136 -126.25 50.84 -5.22
CA LYS A 136 -125.86 52.24 -5.35
C LYS A 136 -124.54 52.41 -6.12
N ALA A 137 -123.76 51.35 -6.25
CA ALA A 137 -122.59 51.38 -7.12
C ALA A 137 -122.97 51.41 -8.59
N SER A 138 -124.23 51.15 -8.90
CA SER A 138 -124.71 51.18 -10.29
C SER A 138 -125.73 52.31 -10.47
N PRO E 1 -26.28 -77.28 -57.74
CA PRO E 1 -26.40 -77.88 -59.08
C PRO E 1 -25.05 -78.27 -59.64
N ARG E 2 -25.06 -78.93 -60.80
CA ARG E 2 -23.82 -79.32 -61.46
C ARG E 2 -24.05 -79.27 -62.95
N LYS E 3 -23.08 -78.73 -63.69
CA LYS E 3 -23.13 -78.76 -65.13
C LYS E 3 -22.34 -79.96 -65.64
N ILE E 4 -22.98 -80.74 -66.52
CA ILE E 4 -22.39 -81.94 -67.09
C ILE E 4 -22.33 -81.78 -68.60
N GLU E 5 -21.14 -82.00 -69.18
CA GLU E 5 -20.85 -81.56 -70.53
C GLU E 5 -20.60 -82.70 -71.52
N GLU E 6 -21.29 -83.81 -71.35
CA GLU E 6 -21.23 -84.92 -72.30
C GLU E 6 -22.44 -85.80 -72.09
N ILE E 7 -22.41 -87.01 -72.63
CA ILE E 7 -23.52 -87.95 -72.53
C ILE E 7 -23.21 -89.08 -71.55
N LYS E 8 -22.02 -89.68 -71.64
CA LYS E 8 -21.73 -90.89 -70.86
C LYS E 8 -21.88 -90.63 -69.37
N ASP E 9 -21.61 -89.41 -68.93
CA ASP E 9 -21.87 -89.06 -67.55
C ASP E 9 -23.35 -89.14 -67.21
N PHE E 10 -24.21 -88.68 -68.11
CA PHE E 10 -25.62 -88.52 -67.76
C PHE E 10 -26.28 -89.84 -67.42
N LEU E 11 -25.68 -90.97 -67.81
CA LEU E 11 -26.16 -92.25 -67.34
C LEU E 11 -25.49 -92.66 -66.04
N LEU E 12 -24.16 -92.54 -65.96
CA LEU E 12 -23.46 -92.80 -64.71
C LEU E 12 -23.92 -91.87 -63.60
N THR E 13 -24.58 -90.77 -63.94
CA THR E 13 -25.25 -89.92 -62.97
C THR E 13 -26.75 -90.18 -62.92
N ALA E 14 -27.24 -91.18 -63.63
CA ALA E 14 -28.66 -91.55 -63.57
C ALA E 14 -28.90 -93.04 -63.59
N ARG E 15 -27.86 -93.86 -63.54
CA ARG E 15 -28.03 -95.30 -63.34
C ARG E 15 -27.93 -95.68 -61.87
N ARG E 16 -27.72 -94.71 -60.99
CA ARG E 16 -27.48 -95.00 -59.58
C ARG E 16 -28.75 -95.51 -58.90
N LYS E 17 -28.56 -96.40 -57.93
CA LYS E 17 -29.66 -97.04 -57.23
C LYS E 17 -30.44 -96.08 -56.33
N ASP E 18 -29.93 -94.86 -56.10
CA ASP E 18 -30.60 -93.89 -55.27
C ASP E 18 -31.29 -92.78 -56.05
N ALA E 19 -31.04 -92.66 -57.36
CA ALA E 19 -31.58 -91.56 -58.13
C ALA E 19 -33.10 -91.56 -58.06
N LYS E 20 -33.68 -90.36 -58.14
CA LYS E 20 -35.08 -90.15 -57.80
C LYS E 20 -35.96 -89.88 -59.01
N SER E 21 -35.65 -88.85 -59.80
CA SER E 21 -36.48 -88.51 -60.93
C SER E 21 -35.64 -87.80 -61.99
N VAL E 22 -36.19 -87.74 -63.20
CA VAL E 22 -35.60 -87.01 -64.30
C VAL E 22 -36.60 -85.98 -64.81
N ASN E 23 -36.14 -84.75 -64.98
CA ASN E 23 -36.94 -83.69 -65.57
C ASN E 23 -36.32 -83.32 -66.91
N ILE E 24 -37.09 -83.43 -67.97
CA ILE E 24 -36.64 -83.10 -69.31
C ILE E 24 -37.51 -81.93 -69.80
N LYS E 25 -37.04 -80.71 -69.55
CA LYS E 25 -37.80 -79.52 -69.87
C LYS E 25 -37.34 -78.96 -71.21
N LYS E 26 -38.30 -78.55 -72.03
CA LYS E 26 -38.00 -78.06 -73.37
C LYS E 26 -37.90 -76.54 -73.33
N ASN E 27 -36.72 -76.04 -73.00
CA ASN E 27 -36.46 -74.62 -73.16
C ASN E 27 -36.63 -74.23 -74.62
N LYS E 28 -36.72 -72.92 -74.87
CA LYS E 28 -37.23 -72.45 -76.16
C LYS E 28 -36.43 -73.03 -77.33
N ASP E 29 -35.14 -73.31 -77.12
CA ASP E 29 -34.39 -73.88 -78.23
C ASP E 29 -33.42 -75.00 -77.88
N ASN E 30 -33.01 -75.22 -76.62
CA ASN E 30 -31.97 -76.24 -76.54
C ASN E 30 -32.48 -77.61 -76.17
N VAL E 31 -32.45 -77.95 -74.88
CA VAL E 31 -33.16 -78.99 -74.12
C VAL E 31 -32.52 -78.88 -72.74
N LYS E 32 -33.21 -79.27 -71.66
CA LYS E 32 -32.53 -79.39 -70.38
C LYS E 32 -32.96 -80.67 -69.67
N PHE E 33 -31.99 -81.53 -69.38
CA PHE E 33 -32.18 -82.72 -68.55
C PHE E 33 -31.76 -82.40 -67.12
N LYS E 34 -32.59 -82.80 -66.16
CA LYS E 34 -32.30 -82.56 -64.75
C LYS E 34 -32.67 -83.81 -63.95
N VAL E 35 -31.70 -84.70 -63.76
CA VAL E 35 -31.88 -85.83 -62.88
C VAL E 35 -31.59 -85.39 -61.46
N ARG E 36 -32.56 -85.59 -60.57
CA ARG E 36 -32.42 -85.19 -59.17
C ARG E 36 -31.80 -86.33 -58.39
N CYS E 37 -30.70 -86.06 -57.71
CA CYS E 37 -30.06 -87.03 -56.84
C CYS E 37 -30.01 -86.49 -55.42
N SER E 38 -29.38 -87.26 -54.52
CA SER E 38 -29.42 -86.92 -53.11
C SER E 38 -28.63 -85.67 -52.76
N ARG E 39 -27.82 -85.14 -53.67
CA ARG E 39 -27.01 -83.99 -53.31
C ARG E 39 -27.04 -82.89 -54.36
N TYR E 40 -27.34 -83.24 -55.61
CA TYR E 40 -27.26 -82.25 -56.69
C TYR E 40 -28.39 -82.45 -57.68
N LEU E 41 -28.67 -81.39 -58.43
CA LEU E 41 -29.60 -81.44 -59.55
C LEU E 41 -28.77 -81.45 -60.83
N TYR E 42 -28.39 -82.66 -61.25
CA TYR E 42 -27.41 -82.83 -62.32
C TYR E 42 -28.01 -82.40 -63.65
N THR E 43 -27.70 -81.18 -64.09
CA THR E 43 -28.28 -80.62 -65.29
C THR E 43 -27.37 -80.85 -66.48
N LEU E 44 -27.94 -81.37 -67.56
CA LEU E 44 -27.25 -81.54 -68.82
C LEU E 44 -27.89 -80.64 -69.84
N VAL E 45 -27.12 -79.74 -70.42
CA VAL E 45 -27.58 -78.91 -71.53
C VAL E 45 -27.24 -79.65 -72.81
N ILE E 46 -28.27 -79.95 -73.61
CA ILE E 46 -28.09 -80.42 -74.96
C ILE E 46 -28.93 -79.54 -75.88
N THR E 47 -28.32 -79.03 -76.93
CA THR E 47 -28.94 -78.01 -77.77
C THR E 47 -29.60 -78.59 -79.01
N ASP E 48 -29.64 -79.90 -79.16
CA ASP E 48 -30.12 -80.53 -80.38
C ASP E 48 -31.48 -81.16 -80.12
N LYS E 49 -32.52 -80.63 -80.76
CA LYS E 49 -33.85 -81.25 -80.65
C LYS E 49 -33.86 -82.66 -81.24
N GLU E 50 -33.22 -82.85 -82.39
CA GLU E 50 -33.20 -84.17 -83.00
C GLU E 50 -32.24 -85.12 -82.31
N LYS E 51 -31.76 -84.75 -81.11
CA LYS E 51 -30.99 -85.65 -80.25
C LYS E 51 -31.66 -85.93 -78.92
N ALA E 52 -32.65 -85.13 -78.54
CA ALA E 52 -33.36 -85.37 -77.28
C ALA E 52 -34.24 -86.60 -77.37
N GLU E 53 -34.86 -86.84 -78.54
CA GLU E 53 -35.67 -88.03 -78.72
C GLU E 53 -34.82 -89.29 -78.68
N LYS E 54 -33.55 -89.19 -79.08
CA LYS E 54 -32.61 -90.28 -78.88
C LYS E 54 -32.37 -90.50 -77.40
N LEU E 55 -32.33 -89.42 -76.62
CA LEU E 55 -32.04 -89.52 -75.19
C LEU E 55 -33.30 -89.63 -74.36
N LYS E 56 -34.47 -89.47 -74.96
CA LYS E 56 -35.70 -89.61 -74.20
C LYS E 56 -36.00 -91.08 -73.91
N GLN E 57 -35.82 -91.94 -74.91
CA GLN E 57 -36.06 -93.37 -74.72
C GLN E 57 -34.96 -94.02 -73.89
N SER E 58 -33.72 -93.58 -74.06
CA SER E 58 -32.57 -94.24 -73.47
C SER E 58 -32.41 -93.99 -71.97
N LEU E 59 -33.41 -93.43 -71.32
CA LEU E 59 -33.38 -93.29 -69.88
C LEU E 59 -33.36 -94.67 -69.24
N PRO E 60 -32.64 -94.87 -68.14
CA PRO E 60 -32.32 -96.23 -67.69
C PRO E 60 -33.55 -97.07 -67.43
N PRO E 61 -34.47 -96.65 -66.53
CA PRO E 61 -35.71 -97.43 -66.41
C PRO E 61 -36.72 -96.96 -67.42
N GLY E 62 -37.95 -97.47 -67.35
CA GLY E 62 -39.01 -96.84 -68.13
C GLY E 62 -39.37 -95.45 -67.66
N LEU E 63 -38.87 -95.03 -66.49
CA LEU E 63 -39.25 -93.75 -65.91
C LEU E 63 -38.78 -92.60 -66.80
N ALA E 64 -39.74 -91.91 -67.42
CA ALA E 64 -39.49 -90.68 -68.15
C ALA E 64 -40.19 -89.50 -67.50
N VAL E 65 -40.59 -89.65 -66.24
CA VAL E 65 -41.42 -88.70 -65.53
C VAL E 65 -40.81 -88.48 -64.15
N LYS E 66 -41.10 -87.33 -63.55
CA LYS E 66 -41.98 -86.30 -64.10
C LYS E 66 -41.24 -85.21 -64.86
N GLU E 67 -41.69 -84.96 -66.08
CA GLU E 67 -41.22 -83.83 -66.86
C GLU E 67 -42.20 -82.68 -66.72
N LEU E 68 -41.70 -81.47 -66.93
CA LEU E 68 -42.55 -80.31 -67.16
C LEU E 68 -42.12 -79.67 -68.47
N LYS E 69 -43.11 -79.35 -69.30
CA LYS E 69 -42.88 -78.91 -70.68
C LYS E 69 -42.13 -79.99 -71.45
N GLN F 1 -103.76 21.28 13.46
CA GLN F 1 -103.94 20.86 12.07
C GLN F 1 -102.62 20.68 11.36
N VAL F 2 -102.23 21.72 10.63
CA VAL F 2 -100.98 21.76 9.87
C VAL F 2 -100.41 23.15 10.01
N LEU F 3 -99.32 23.29 10.75
CA LEU F 3 -98.67 24.58 10.86
C LEU F 3 -98.18 25.05 9.49
N VAL F 4 -98.22 26.36 9.28
CA VAL F 4 -97.64 26.96 8.08
C VAL F 4 -96.80 28.14 8.57
N LEU F 5 -95.51 27.91 8.78
CA LEU F 5 -94.65 28.90 9.41
C LEU F 5 -94.16 29.91 8.38
N ASP F 6 -94.28 31.19 8.72
CA ASP F 6 -93.81 32.25 7.85
C ASP F 6 -92.37 32.59 8.23
N GLY F 7 -91.46 32.43 7.29
CA GLY F 7 -90.05 32.54 7.62
C GLY F 7 -89.41 33.88 7.30
N ARG F 8 -90.17 34.95 7.44
CA ARG F 8 -89.66 36.28 7.15
C ARG F 8 -89.35 36.98 8.46
N GLY F 9 -88.07 37.29 8.68
CA GLY F 9 -87.63 37.90 9.91
C GLY F 9 -87.24 36.94 11.00
N HIS F 10 -87.08 35.66 10.69
CA HIS F 10 -86.65 34.65 11.66
C HIS F 10 -85.16 34.40 11.55
N LEU F 11 -84.59 33.89 12.63
CA LEU F 11 -83.21 33.45 12.65
C LEU F 11 -83.14 31.97 12.30
N LEU F 12 -82.10 31.59 11.56
CA LEU F 12 -81.97 30.24 11.03
C LEU F 12 -82.02 29.19 12.12
N GLY F 13 -81.05 29.21 13.03
CA GLY F 13 -80.94 28.15 14.01
C GLY F 13 -82.13 28.10 14.96
N ARG F 14 -82.51 29.25 15.50
CA ARG F 14 -83.56 29.25 16.53
C ARG F 14 -84.90 28.81 15.97
N LEU F 15 -85.16 29.02 14.68
CA LEU F 15 -86.39 28.51 14.10
C LEU F 15 -86.30 27.01 13.85
N ALA F 16 -85.14 26.53 13.40
CA ALA F 16 -84.98 25.11 13.14
C ALA F 16 -85.09 24.29 14.43
N ALA F 17 -84.51 24.80 15.52
CA ALA F 17 -84.55 24.07 16.78
C ALA F 17 -85.96 23.95 17.32
N ILE F 18 -86.90 24.73 16.77
CA ILE F 18 -88.29 24.63 17.21
C ILE F 18 -89.05 23.69 16.29
N VAL F 19 -88.80 23.76 14.98
CA VAL F 19 -89.45 22.84 14.05
C VAL F 19 -88.97 21.42 14.29
N ALA F 20 -87.71 21.25 14.65
CA ALA F 20 -87.16 19.92 14.85
C ALA F 20 -87.89 19.19 15.97
N LYS F 21 -88.24 19.90 17.04
CA LYS F 21 -88.97 19.25 18.12
C LYS F 21 -90.39 18.92 17.69
N GLN F 22 -91.05 19.85 17.00
CA GLN F 22 -92.45 19.63 16.59
C GLN F 22 -92.56 18.41 15.69
N VAL F 23 -91.63 18.27 14.75
CA VAL F 23 -91.69 17.17 13.79
C VAL F 23 -91.51 15.83 14.50
N LEU F 24 -90.57 15.75 15.44
CA LEU F 24 -90.38 14.51 16.19
C LEU F 24 -91.59 14.20 17.06
N LEU F 25 -92.40 15.21 17.37
CA LEU F 25 -93.61 14.97 18.15
C LEU F 25 -94.81 14.61 17.30
N GLY F 26 -94.71 14.72 15.98
CA GLY F 26 -95.71 14.19 15.08
C GLY F 26 -96.51 15.19 14.28
N ARG F 27 -96.29 16.49 14.46
CA ARG F 27 -97.10 17.48 13.78
C ARG F 27 -96.48 17.86 12.44
N LYS F 28 -97.32 17.99 11.41
CA LYS F 28 -96.85 18.24 10.05
C LYS F 28 -96.63 19.73 9.85
N VAL F 29 -95.38 20.16 9.88
CA VAL F 29 -95.01 21.56 9.76
C VAL F 29 -94.59 21.82 8.32
N VAL F 30 -95.03 22.95 7.78
CA VAL F 30 -94.65 23.38 6.43
C VAL F 30 -94.21 24.84 6.50
N VAL F 31 -93.01 25.12 6.01
CA VAL F 31 -92.42 26.45 6.09
C VAL F 31 -92.52 27.13 4.74
N VAL F 32 -92.71 28.44 4.74
CA VAL F 32 -92.79 29.21 3.50
C VAL F 32 -91.90 30.44 3.61
N ARG F 33 -91.55 30.98 2.44
CA ARG F 33 -90.66 32.12 2.32
C ARG F 33 -89.43 31.97 3.18
N CYS F 34 -88.65 30.92 2.90
CA CYS F 34 -87.37 30.78 3.56
C CYS F 34 -86.37 31.82 3.05
N GLU F 35 -86.54 32.30 1.83
CA GLU F 35 -85.56 33.22 1.30
C GLU F 35 -85.50 34.55 2.05
N GLY F 36 -86.39 34.78 3.00
CA GLY F 36 -86.30 35.91 3.91
C GLY F 36 -85.76 35.59 5.27
N ILE F 37 -85.25 34.36 5.47
CA ILE F 37 -84.76 33.96 6.80
C ILE F 37 -83.43 34.64 7.09
N ASN F 38 -83.41 35.43 8.17
CA ASN F 38 -82.20 36.13 8.54
C ASN F 38 -81.23 35.19 9.25
N ILE F 39 -80.05 35.70 9.55
CA ILE F 39 -79.01 34.98 10.26
C ILE F 39 -78.25 36.00 11.10
N SER F 40 -77.67 35.55 12.20
CA SER F 40 -76.85 36.45 13.00
C SER F 40 -75.51 36.70 12.33
N GLY F 41 -74.82 37.75 12.77
CA GLY F 41 -73.49 38.05 12.29
C GLY F 41 -73.46 38.90 11.04
N ASN F 42 -72.25 39.08 10.52
CA ASN F 42 -72.07 39.89 9.32
C ASN F 42 -72.68 39.20 8.12
N PHE F 43 -72.53 39.85 6.96
CA PHE F 43 -72.81 39.15 5.72
C PHE F 43 -71.52 38.62 5.09
N TYR F 44 -70.46 39.43 5.07
CA TYR F 44 -69.19 38.98 4.55
C TYR F 44 -68.67 37.79 5.34
N ARG F 45 -69.04 37.71 6.61
CA ARG F 45 -68.58 36.61 7.46
C ARG F 45 -69.29 35.32 7.09
N ASN F 46 -70.62 35.37 6.91
CA ASN F 46 -71.36 34.15 6.66
C ASN F 46 -71.15 33.63 5.25
N LYS F 47 -70.97 34.51 4.27
CA LYS F 47 -70.57 34.06 2.95
C LYS F 47 -69.23 33.32 3.02
N LEU F 48 -68.34 33.76 3.89
CA LEU F 48 -67.13 32.99 4.14
C LEU F 48 -67.45 31.66 4.81
N LYS F 49 -68.51 31.64 5.62
CA LYS F 49 -68.84 30.41 6.34
C LYS F 49 -69.71 29.51 5.48
N TYR F 50 -70.02 29.93 4.25
CA TYR F 50 -70.60 29.00 3.29
C TYR F 50 -69.60 28.62 2.22
N LEU F 51 -68.81 29.57 1.74
CA LEU F 51 -67.69 29.22 0.88
C LEU F 51 -66.63 28.40 1.62
N ALA F 52 -66.83 28.17 2.92
CA ALA F 52 -66.04 27.19 3.65
C ALA F 52 -66.74 25.85 3.71
N PHE F 53 -67.96 25.78 3.17
CA PHE F 53 -68.64 24.49 3.08
C PHE F 53 -68.57 23.95 1.66
N LEU F 54 -68.52 24.83 0.67
CA LEU F 54 -68.35 24.36 -0.71
C LEU F 54 -67.01 23.68 -0.89
N ARG F 55 -66.04 24.02 -0.05
CA ARG F 55 -64.72 23.43 -0.17
C ARG F 55 -64.70 22.01 0.37
N LYS F 56 -65.53 21.72 1.35
CA LYS F 56 -65.43 20.46 2.08
C LYS F 56 -66.07 19.33 1.30
N ARG F 57 -65.57 19.07 0.10
CA ARG F 57 -66.05 18.02 -0.79
C ARG F 57 -64.85 17.36 -1.42
N MET F 58 -64.80 16.03 -1.35
CA MET F 58 -63.74 15.34 -2.07
C MET F 58 -64.20 15.39 -3.52
N ASN F 59 -63.66 16.36 -4.26
CA ASN F 59 -64.40 16.99 -5.36
C ASN F 59 -64.95 16.02 -6.40
N THR F 60 -64.08 15.35 -7.16
CA THR F 60 -64.64 14.63 -8.30
C THR F 60 -65.55 13.47 -7.88
N ASN F 61 -65.86 13.33 -6.60
CA ASN F 61 -66.88 12.37 -6.28
C ASN F 61 -68.06 13.02 -5.57
N PRO F 62 -69.27 12.47 -5.76
CA PRO F 62 -70.39 12.76 -4.85
C PRO F 62 -70.45 11.78 -3.69
N SER F 63 -69.91 10.58 -3.85
CA SER F 63 -69.87 9.63 -2.75
C SER F 63 -69.00 10.16 -1.61
N ARG F 64 -67.70 10.32 -1.86
CA ARG F 64 -66.72 10.80 -0.88
C ARG F 64 -66.83 12.30 -0.62
N GLY F 65 -67.90 12.95 -1.10
CA GLY F 65 -68.18 14.34 -0.81
C GLY F 65 -69.62 14.56 -0.42
N PRO F 66 -69.90 15.64 0.30
CA PRO F 66 -71.28 15.94 0.68
C PRO F 66 -71.99 16.67 -0.45
N TYR F 67 -73.25 16.98 -0.20
CA TYR F 67 -74.10 17.66 -1.16
C TYR F 67 -74.28 19.10 -0.71
N HIS F 68 -73.91 20.04 -1.58
CA HIS F 68 -73.98 21.46 -1.26
C HIS F 68 -75.25 22.03 -1.85
N PHE F 69 -76.40 21.64 -1.31
CA PHE F 69 -77.66 22.19 -1.78
C PHE F 69 -77.68 23.70 -1.57
N ARG F 70 -78.10 24.43 -2.59
CA ARG F 70 -77.97 25.88 -2.58
C ARG F 70 -79.27 26.64 -2.41
N ALA F 71 -80.36 26.18 -3.00
CA ALA F 71 -81.61 26.90 -2.89
C ALA F 71 -82.01 27.06 -1.42
N PRO F 72 -82.46 28.24 -1.01
CA PRO F 72 -82.73 28.47 0.41
C PRO F 72 -83.74 27.51 1.00
N SER F 73 -84.60 26.91 0.19
CA SER F 73 -85.45 25.85 0.72
C SER F 73 -84.60 24.70 1.23
N ARG F 74 -83.59 24.30 0.45
CA ARG F 74 -82.76 23.18 0.85
C ARG F 74 -81.76 23.56 1.93
N ILE F 75 -81.28 24.81 1.96
CA ILE F 75 -80.35 25.21 3.00
C ILE F 75 -80.98 25.08 4.37
N PHE F 76 -82.22 25.55 4.51
CA PHE F 76 -82.89 25.42 5.80
C PHE F 76 -83.29 23.99 6.08
N TRP F 77 -83.81 23.28 5.07
CA TRP F 77 -84.18 21.89 5.31
C TRP F 77 -82.97 21.04 5.66
N ARG F 78 -81.77 21.46 5.23
CA ARG F 78 -80.58 20.74 5.63
C ARG F 78 -80.21 21.06 7.08
N THR F 79 -80.29 22.33 7.47
CA THR F 79 -79.93 22.66 8.85
C THR F 79 -80.99 22.24 9.84
N VAL F 80 -82.08 21.65 9.38
CA VAL F 80 -82.96 20.91 10.28
C VAL F 80 -82.54 19.45 10.38
N ARG F 81 -82.13 18.86 9.25
CA ARG F 81 -81.71 17.46 9.26
C ARG F 81 -80.60 17.23 10.26
N GLY F 82 -79.76 18.23 10.49
CA GLY F 82 -78.74 18.10 11.52
C GLY F 82 -79.33 17.92 12.91
N MET F 83 -80.47 18.56 13.17
CA MET F 83 -81.05 18.58 14.51
C MET F 83 -81.98 17.41 14.78
N LEU F 84 -82.18 16.54 13.80
CA LEU F 84 -82.93 15.32 14.00
C LEU F 84 -82.01 14.11 13.86
N PRO F 85 -82.36 13.00 14.47
CA PRO F 85 -81.78 11.74 14.00
C PRO F 85 -82.31 11.47 12.61
N HIS F 86 -81.47 10.89 11.77
CA HIS F 86 -81.91 10.46 10.46
C HIS F 86 -81.32 9.12 10.03
N LYS F 87 -80.54 8.48 10.88
CA LYS F 87 -80.11 7.12 10.64
C LYS F 87 -81.11 6.10 11.15
N THR F 88 -82.04 6.53 11.99
CA THR F 88 -83.07 5.65 12.53
C THR F 88 -84.19 5.50 11.50
N LYS F 89 -85.34 4.97 11.92
CA LYS F 89 -86.52 4.95 11.09
C LYS F 89 -87.60 5.90 11.57
N ARG F 90 -87.51 6.39 12.81
CA ARG F 90 -88.32 7.55 13.18
C ARG F 90 -87.63 8.82 12.74
N GLY F 91 -86.35 8.72 12.39
CA GLY F 91 -85.65 9.88 11.87
C GLY F 91 -86.09 10.24 10.46
N GLN F 92 -86.33 9.22 9.63
CA GLN F 92 -86.68 9.48 8.24
C GLN F 92 -88.19 9.48 8.05
N ALA F 93 -88.94 8.94 9.01
CA ALA F 93 -90.39 9.06 8.96
C ALA F 93 -90.86 10.30 9.68
N ALA F 94 -89.94 11.11 10.21
CA ALA F 94 -90.27 12.41 10.75
C ALA F 94 -89.84 13.51 9.78
N LEU F 95 -88.61 13.42 9.28
CA LEU F 95 -88.08 14.45 8.40
C LEU F 95 -89.00 14.69 7.21
N ASP F 96 -89.70 13.65 6.75
CA ASP F 96 -90.60 13.83 5.61
C ASP F 96 -91.97 14.32 6.02
N ARG F 97 -92.09 14.91 7.21
CA ARG F 97 -93.26 15.72 7.52
C ARG F 97 -92.97 17.19 7.27
N LEU F 98 -91.79 17.64 7.61
CA LEU F 98 -91.37 19.00 7.29
C LEU F 98 -91.28 19.17 5.78
N LYS F 99 -91.93 20.20 5.26
CA LYS F 99 -91.90 20.53 3.84
C LYS F 99 -91.50 22.00 3.71
N VAL F 100 -90.48 22.26 2.90
CA VAL F 100 -89.84 23.57 2.86
C VAL F 100 -89.96 24.12 1.45
N PHE F 101 -90.41 25.36 1.34
CA PHE F 101 -90.66 25.99 0.05
C PHE F 101 -89.98 27.35 0.01
N ASP F 102 -89.74 27.82 -1.22
CA ASP F 102 -89.20 29.13 -1.48
C ASP F 102 -90.31 30.02 -2.01
N GLY F 103 -90.40 31.23 -1.50
CA GLY F 103 -91.60 31.94 -1.86
C GLY F 103 -92.80 31.25 -1.24
N ILE F 104 -93.94 31.33 -1.91
CA ILE F 104 -95.15 30.73 -1.38
C ILE F 104 -95.91 30.05 -2.52
N PRO F 105 -95.93 28.72 -2.57
CA PRO F 105 -96.67 28.03 -3.61
C PRO F 105 -98.16 28.19 -3.43
N PRO F 106 -98.95 28.02 -4.48
CA PRO F 106 -100.37 28.33 -4.43
C PRO F 106 -101.14 27.53 -3.39
N PRO F 107 -100.81 26.25 -3.13
CA PRO F 107 -101.58 25.53 -2.10
C PRO F 107 -101.52 26.20 -0.73
N TYR F 108 -100.39 26.77 -0.36
CA TYR F 108 -100.26 27.47 0.92
C TYR F 108 -100.40 28.98 0.79
N ASP F 109 -100.76 29.47 -0.40
CA ASP F 109 -100.93 30.91 -0.58
C ASP F 109 -102.12 31.42 0.22
N LYS F 110 -103.27 30.77 0.08
CA LYS F 110 -104.48 31.19 0.77
C LYS F 110 -104.60 30.54 2.15
N LYS F 111 -103.55 30.63 2.95
CA LYS F 111 -103.55 30.06 4.29
C LYS F 111 -102.93 31.04 5.26
N LYS F 112 -103.57 31.24 6.40
CA LYS F 112 -102.95 32.04 7.45
C LYS F 112 -101.67 31.37 7.91
N ARG F 113 -100.61 32.16 8.06
CA ARG F 113 -99.28 31.65 8.34
C ARG F 113 -98.79 32.20 9.67
N MET F 114 -98.33 31.30 10.54
CA MET F 114 -98.03 31.64 11.92
C MET F 114 -96.54 31.89 12.11
N VAL F 115 -96.20 33.05 12.68
CA VAL F 115 -94.82 33.37 13.01
C VAL F 115 -94.43 32.59 14.26
N VAL F 116 -93.14 32.58 14.59
CA VAL F 116 -92.64 31.94 15.78
C VAL F 116 -91.83 32.97 16.56
N PRO F 117 -92.44 33.66 17.52
CA PRO F 117 -91.77 34.79 18.17
C PRO F 117 -90.51 34.41 18.93
N ALA F 118 -90.33 33.15 19.31
CA ALA F 118 -89.13 32.79 20.06
C ALA F 118 -87.86 32.98 19.25
N ALA F 119 -87.95 32.93 17.93
CA ALA F 119 -86.79 33.04 17.07
C ALA F 119 -86.73 34.34 16.28
N LEU F 120 -87.76 35.18 16.39
CA LEU F 120 -87.87 36.36 15.56
C LEU F 120 -86.69 37.29 15.77
N LYS F 121 -86.25 37.95 14.70
CA LYS F 121 -85.04 38.77 14.80
C LYS F 121 -85.25 39.98 15.69
N VAL F 122 -86.39 40.66 15.53
CA VAL F 122 -86.66 41.86 16.29
C VAL F 122 -86.80 41.59 17.78
N VAL F 123 -86.72 40.33 18.17
CA VAL F 123 -86.79 39.94 19.58
C VAL F 123 -85.48 39.38 20.07
N ARG F 124 -84.78 38.60 19.24
CA ARG F 124 -83.58 37.89 19.66
C ARG F 124 -82.29 38.50 19.16
N LEU F 125 -82.33 39.69 18.58
CA LEU F 125 -81.12 40.39 18.17
C LEU F 125 -81.17 41.83 18.64
N LYS F 126 -80.06 42.31 19.16
CA LYS F 126 -80.00 43.69 19.62
C LYS F 126 -80.25 44.62 18.45
N PRO F 127 -80.73 45.84 18.70
CA PRO F 127 -81.04 46.77 17.60
C PRO F 127 -79.83 47.16 16.77
N THR F 128 -78.62 47.04 17.29
CA THR F 128 -77.43 47.48 16.56
C THR F 128 -76.64 46.35 15.91
N ARG F 129 -76.80 45.11 16.36
CA ARG F 129 -76.07 44.02 15.75
C ARG F 129 -76.51 43.84 14.30
N LYS F 130 -75.58 43.35 13.49
CA LYS F 130 -75.82 43.18 12.06
C LYS F 130 -76.32 41.78 11.76
N PHE F 131 -76.81 41.59 10.54
CA PHE F 131 -77.50 40.36 10.17
C PHE F 131 -77.39 40.18 8.67
N ALA F 132 -77.68 38.96 8.22
CA ALA F 132 -77.48 38.57 6.84
C ALA F 132 -78.73 37.89 6.29
N TYR F 133 -79.32 38.48 5.26
CA TYR F 133 -80.49 37.89 4.61
C TYR F 133 -80.09 36.58 3.95
N LEU F 134 -80.93 35.56 4.07
CA LEU F 134 -80.61 34.29 3.42
C LEU F 134 -80.71 34.39 1.91
N GLY F 135 -81.57 35.28 1.40
CA GLY F 135 -81.70 35.42 -0.03
C GLY F 135 -80.40 35.85 -0.70
N ARG F 136 -79.83 36.96 -0.23
CA ARG F 136 -78.61 37.46 -0.84
C ARG F 136 -77.44 36.51 -0.61
N LEU F 137 -77.38 35.88 0.56
CA LEU F 137 -76.33 34.90 0.80
C LEU F 137 -76.45 33.72 -0.15
N ALA F 138 -77.68 33.23 -0.37
CA ALA F 138 -77.84 32.07 -1.22
C ALA F 138 -77.72 32.44 -2.69
N HIS F 139 -78.20 33.62 -3.08
CA HIS F 139 -78.08 34.03 -4.47
C HIS F 139 -76.64 34.32 -4.86
N GLU F 140 -75.80 34.61 -3.88
CA GLU F 140 -74.40 34.87 -4.20
C GLU F 140 -73.65 33.58 -4.47
N VAL F 141 -73.99 32.51 -3.74
CA VAL F 141 -73.21 31.28 -3.78
C VAL F 141 -73.80 30.32 -4.79
N GLY F 142 -74.62 30.81 -5.71
CA GLY F 142 -74.98 29.99 -6.84
C GLY F 142 -76.43 29.66 -7.01
N TRP F 143 -77.31 30.30 -6.24
CA TRP F 143 -78.73 30.16 -6.49
C TRP F 143 -79.07 30.85 -7.81
N LYS F 144 -79.86 30.18 -8.64
CA LYS F 144 -80.14 30.66 -9.98
C LYS F 144 -81.54 31.22 -10.14
N TYR F 145 -82.25 31.49 -9.05
CA TYR F 145 -83.63 31.96 -9.11
C TYR F 145 -83.88 33.07 -8.10
N GLN F 146 -82.96 34.02 -8.02
CA GLN F 146 -83.23 35.20 -7.21
C GLN F 146 -84.22 36.11 -7.90
N ALA F 147 -84.26 36.07 -9.23
CA ALA F 147 -85.16 36.96 -9.96
C ALA F 147 -86.51 36.31 -10.22
N VAL F 148 -86.51 35.03 -10.62
CA VAL F 148 -87.75 34.37 -10.99
C VAL F 148 -88.72 34.35 -9.82
N THR F 149 -88.21 34.10 -8.62
CA THR F 149 -89.07 34.15 -7.44
C THR F 149 -89.50 35.58 -7.14
N ALA F 150 -88.58 36.54 -7.33
CA ALA F 150 -88.86 37.92 -6.95
C ALA F 150 -90.02 38.49 -7.73
N THR F 151 -90.08 38.23 -9.05
CA THR F 151 -91.19 38.75 -9.84
C THR F 151 -92.49 38.10 -9.42
N LEU F 152 -92.46 36.80 -9.12
CA LEU F 152 -93.68 36.11 -8.72
C LEU F 152 -94.22 36.66 -7.42
N GLU F 153 -93.34 37.01 -6.48
CA GLU F 153 -93.80 37.60 -5.23
C GLU F 153 -94.50 38.93 -5.45
N GLU F 154 -93.96 39.76 -6.35
CA GLU F 154 -94.67 40.98 -6.73
C GLU F 154 -96.08 40.66 -7.21
N LYS F 155 -96.23 39.55 -7.93
CA LYS F 155 -97.55 39.15 -8.41
C LYS F 155 -98.47 38.81 -7.25
N ARG F 156 -97.95 38.13 -6.23
CA ARG F 156 -98.79 37.69 -5.13
C ARG F 156 -99.14 38.84 -4.19
N LYS F 157 -98.15 39.66 -3.84
CA LYS F 157 -98.41 40.71 -2.86
C LYS F 157 -99.51 41.65 -3.34
N GLU F 158 -99.57 41.90 -4.64
CA GLU F 158 -100.69 42.67 -5.19
C GLU F 158 -101.98 41.87 -5.14
N LYS F 159 -101.92 40.58 -5.46
CA LYS F 159 -103.13 39.75 -5.45
C LYS F 159 -103.65 39.54 -4.04
N ALA F 160 -102.78 39.63 -3.05
CA ALA F 160 -103.25 39.61 -1.66
C ALA F 160 -103.94 40.92 -1.31
N LYS F 161 -103.34 42.04 -1.70
CA LYS F 161 -103.92 43.34 -1.38
C LYS F 161 -105.34 43.47 -1.93
N ILE F 162 -105.59 42.90 -3.10
CA ILE F 162 -106.95 42.90 -3.64
C ILE F 162 -107.89 42.17 -2.69
N HIS F 163 -107.44 41.03 -2.16
CA HIS F 163 -108.28 40.33 -1.20
C HIS F 163 -108.48 41.16 0.05
N TYR F 164 -107.41 41.77 0.57
CA TYR F 164 -107.54 42.54 1.80
C TYR F 164 -108.41 43.77 1.60
N ARG F 165 -108.25 44.46 0.46
CA ARG F 165 -109.17 45.56 0.14
C ARG F 165 -110.60 45.09 0.23
N LYS F 166 -110.87 43.88 -0.26
CA LYS F 166 -112.19 43.30 -0.07
C LYS F 166 -112.46 43.01 1.40
N LYS F 167 -111.47 42.48 2.12
CA LYS F 167 -111.70 42.10 3.50
C LYS F 167 -111.99 43.31 4.38
N LYS F 168 -111.27 44.41 4.16
CA LYS F 168 -111.55 45.62 4.94
C LYS F 168 -112.96 46.13 4.66
N GLN F 169 -113.35 46.15 3.39
CA GLN F 169 -114.65 46.72 3.03
C GLN F 169 -115.79 45.95 3.69
N LEU F 170 -115.65 44.64 3.85
CA LEU F 170 -116.67 43.87 4.54
C LEU F 170 -116.83 44.31 5.98
N MET F 171 -115.73 44.35 6.74
CA MET F 171 -115.85 44.58 8.17
C MET F 171 -116.53 45.91 8.48
N ARG F 172 -116.40 46.88 7.57
CA ARG F 172 -117.15 48.13 7.73
C ARG F 172 -118.64 47.86 7.73
N LEU F 173 -119.11 46.95 6.86
CA LEU F 173 -120.52 46.63 6.83
C LEU F 173 -120.98 45.99 8.13
N ARG F 174 -120.20 45.03 8.64
CA ARG F 174 -120.56 44.42 9.92
C ARG F 174 -120.47 45.43 11.05
N LYS F 175 -119.47 46.31 11.01
CA LYS F 175 -119.40 47.39 12.00
C LYS F 175 -120.61 48.31 11.90
N GLN F 176 -121.02 48.62 10.67
CA GLN F 176 -122.18 49.47 10.49
C GLN F 176 -123.48 48.72 10.74
N ALA F 177 -123.50 47.42 10.45
CA ALA F 177 -124.73 46.64 10.63
C ALA F 177 -125.16 46.62 12.08
N GLU F 178 -124.21 46.71 13.02
CA GLU F 178 -124.58 46.77 14.43
C GLU F 178 -125.39 48.02 14.72
N LYS F 179 -124.97 49.16 14.18
CA LYS F 179 -125.69 50.40 14.43
C LYS F 179 -127.08 50.38 13.83
N ASN F 180 -127.29 49.61 12.75
CA ASN F 180 -128.62 49.51 12.17
C ASN F 180 -129.54 48.64 13.03
N VAL F 181 -129.04 47.51 13.51
CA VAL F 181 -129.88 46.54 14.20
C VAL F 181 -129.56 46.51 15.69
N GLU F 182 -128.96 47.57 16.22
CA GLU F 182 -128.75 47.69 17.66
C GLU F 182 -130.07 47.75 18.43
N LYS F 183 -131.12 48.26 17.80
CA LYS F 183 -132.43 48.37 18.45
C LYS F 183 -133.04 47.01 18.76
N LYS F 184 -132.61 45.94 18.08
CA LYS F 184 -133.19 44.63 18.36
C LYS F 184 -132.16 43.52 18.48
N ILE F 185 -130.98 43.81 19.02
CA ILE F 185 -130.10 42.79 19.58
C ILE F 185 -129.69 43.26 20.96
N SER F 186 -130.53 44.10 21.57
CA SER F 186 -130.17 44.74 22.84
C SER F 186 -129.96 43.72 23.95
N LYS F 187 -130.83 42.71 24.06
CA LYS F 187 -130.73 41.83 25.21
C LYS F 187 -129.71 40.71 25.01
N PHE F 188 -129.18 40.54 23.81
CA PHE F 188 -128.06 39.63 23.61
C PHE F 188 -126.74 40.31 23.95
N THR F 189 -126.41 41.42 23.28
CA THR F 189 -125.12 42.06 23.49
C THR F 189 -124.94 42.44 24.95
N ASP F 190 -126.04 42.58 25.70
CA ASP F 190 -125.93 42.75 27.14
C ASP F 190 -125.26 41.56 27.81
N VAL F 191 -125.70 40.35 27.47
CA VAL F 191 -125.24 39.17 28.21
C VAL F 191 -123.86 38.75 27.73
N LEU F 192 -123.44 39.23 26.56
CA LEU F 192 -122.10 38.89 26.10
C LEU F 192 -121.03 39.66 26.87
N LYS F 193 -121.28 40.93 27.21
CA LYS F 193 -120.29 41.67 27.97
C LYS F 193 -120.48 41.58 29.47
N THR F 194 -121.57 40.98 29.95
CA THR F 194 -121.58 40.54 31.34
C THR F 194 -120.56 39.43 31.55
N HIS F 195 -120.44 38.53 30.58
CA HIS F 195 -119.53 37.39 30.67
C HIS F 195 -118.12 37.74 30.23
N GLY F 196 -117.86 38.98 29.87
CA GLY F 196 -116.51 39.45 29.62
C GLY F 196 -116.15 39.65 28.17
N LEU F 197 -117.09 39.37 27.25
CA LEU F 197 -116.81 39.59 25.81
C LEU F 197 -117.00 41.08 25.48
N LEU F 198 -116.41 41.52 24.35
CA LEU F 198 -116.84 42.73 23.67
C LEU F 198 -116.65 43.98 24.53
N VAL F 199 -115.59 44.01 25.33
CA VAL F 199 -115.31 45.17 26.15
C VAL F 199 -113.86 45.57 26.02
N VAL G 1 -89.66 -43.49 -5.14
CA VAL G 1 -90.99 -43.47 -5.73
C VAL G 1 -91.84 -42.46 -4.94
N ARG G 2 -91.24 -41.92 -3.88
CA ARG G 2 -91.93 -40.98 -3.01
C ARG G 2 -91.40 -39.59 -3.30
N TYR G 3 -92.29 -38.68 -3.68
CA TYR G 3 -91.92 -37.37 -4.19
C TYR G 3 -92.10 -36.30 -3.11
N SER G 4 -91.55 -35.13 -3.38
CA SER G 4 -92.00 -33.93 -2.68
C SER G 4 -93.29 -33.45 -3.33
N LEU G 5 -94.14 -32.82 -2.52
CA LEU G 5 -95.35 -32.17 -3.01
C LEU G 5 -96.23 -33.17 -3.77
N ASP G 6 -96.80 -34.09 -3.01
CA ASP G 6 -97.72 -35.06 -3.58
C ASP G 6 -98.86 -34.30 -4.27
N PRO G 7 -99.25 -34.70 -5.48
CA PRO G 7 -100.31 -33.98 -6.19
C PRO G 7 -101.57 -33.83 -5.36
N GLU G 8 -102.21 -32.67 -5.50
CA GLU G 8 -103.43 -32.37 -4.76
C GLU G 8 -104.56 -33.29 -5.18
N ASN G 9 -104.60 -33.69 -6.45
CA ASN G 9 -105.65 -34.53 -7.02
C ASN G 9 -105.04 -35.70 -7.80
N PRO G 10 -104.62 -36.75 -7.10
CA PRO G 10 -103.76 -37.76 -7.73
C PRO G 10 -104.39 -38.49 -8.91
N THR G 11 -105.71 -38.49 -9.04
CA THR G 11 -106.31 -39.13 -10.20
C THR G 11 -106.11 -38.35 -11.48
N LYS G 12 -105.61 -37.12 -11.40
CA LYS G 12 -105.40 -36.30 -12.59
C LYS G 12 -103.96 -35.80 -12.66
N SER G 13 -102.99 -36.68 -12.45
CA SER G 13 -101.60 -36.29 -12.53
C SER G 13 -100.76 -37.47 -13.01
N CYS G 14 -99.89 -37.18 -13.98
CA CYS G 14 -98.91 -38.13 -14.45
C CYS G 14 -97.53 -37.65 -14.03
N LYS G 15 -96.74 -38.56 -13.48
CA LYS G 15 -95.46 -38.24 -12.88
C LYS G 15 -94.34 -38.86 -13.68
N SER G 16 -93.19 -38.20 -13.68
CA SER G 16 -92.02 -38.73 -14.36
C SER G 16 -90.78 -38.16 -13.70
N ARG G 17 -89.73 -38.97 -13.61
CA ARG G 17 -88.49 -38.53 -13.00
C ARG G 17 -87.32 -39.24 -13.66
N GLY G 18 -86.16 -38.60 -13.59
CA GLY G 18 -84.93 -39.24 -13.97
C GLY G 18 -83.94 -39.15 -12.84
N SER G 19 -83.18 -40.22 -12.59
CA SER G 19 -82.24 -40.25 -11.50
C SER G 19 -80.82 -40.37 -12.04
N ASN G 20 -79.92 -39.58 -11.47
CA ASN G 20 -78.49 -39.66 -11.74
C ASN G 20 -78.16 -39.35 -13.19
N LEU G 21 -78.95 -38.47 -13.81
CA LEU G 21 -78.70 -38.02 -15.18
C LEU G 21 -77.48 -37.13 -15.22
N ARG G 22 -76.67 -37.27 -16.26
CA ARG G 22 -75.37 -36.59 -16.30
C ARG G 22 -75.48 -35.32 -17.13
N VAL G 23 -76.09 -34.30 -16.52
CA VAL G 23 -76.06 -32.93 -17.03
C VAL G 23 -75.81 -32.01 -15.85
N HIS G 24 -75.32 -30.82 -16.15
CA HIS G 24 -74.91 -29.90 -15.10
C HIS G 24 -76.08 -29.60 -14.18
N PHE G 25 -75.79 -29.45 -12.89
CA PHE G 25 -76.84 -29.06 -11.96
C PHE G 25 -77.13 -27.58 -12.07
N LYS G 26 -76.09 -26.76 -12.07
CA LYS G 26 -76.30 -25.32 -12.07
C LYS G 26 -77.01 -24.87 -13.34
N ASN G 27 -77.04 -25.72 -14.37
CA ASN G 27 -77.79 -25.39 -15.58
C ASN G 27 -79.23 -25.88 -15.50
N THR G 28 -79.40 -27.19 -15.28
CA THR G 28 -80.74 -27.78 -15.32
C THR G 28 -81.71 -27.06 -14.39
N ARG G 29 -81.22 -26.60 -13.24
CA ARG G 29 -82.09 -25.85 -12.34
C ARG G 29 -82.64 -24.62 -13.05
N GLU G 30 -81.78 -23.88 -13.73
CA GLU G 30 -82.22 -22.64 -14.37
C GLU G 30 -83.23 -22.91 -15.47
N THR G 31 -83.01 -23.95 -16.27
CA THR G 31 -83.98 -24.31 -17.29
C THR G 31 -85.28 -24.80 -16.66
N ALA G 32 -85.17 -25.65 -15.63
CA ALA G 32 -86.37 -26.16 -14.99
C ALA G 32 -87.20 -25.04 -14.38
N GLN G 33 -86.54 -24.05 -13.78
CA GLN G 33 -87.27 -22.93 -13.19
C GLN G 33 -88.03 -22.16 -14.25
N ALA G 34 -87.39 -21.88 -15.38
CA ALA G 34 -88.08 -21.15 -16.44
C ALA G 34 -89.24 -21.94 -17.00
N ILE G 35 -89.03 -23.23 -17.30
CA ILE G 35 -90.07 -24.04 -17.92
C ILE G 35 -91.22 -24.33 -16.98
N LYS G 36 -91.04 -24.10 -15.67
CA LYS G 36 -92.09 -24.42 -14.71
C LYS G 36 -93.32 -23.57 -14.96
N GLY G 37 -94.49 -24.16 -14.77
CA GLY G 37 -95.73 -23.42 -14.85
C GLY G 37 -96.29 -23.23 -16.24
N MET G 38 -95.67 -23.80 -17.26
CA MET G 38 -96.19 -23.68 -18.61
C MET G 38 -97.19 -24.78 -18.93
N HIS G 39 -97.88 -24.61 -20.06
CA HIS G 39 -98.59 -25.71 -20.67
C HIS G 39 -97.60 -26.63 -21.38
N ILE G 40 -97.88 -27.93 -21.36
CA ILE G 40 -96.88 -28.89 -21.83
C ILE G 40 -96.58 -28.66 -23.31
N ARG G 41 -97.59 -28.37 -24.12
CA ARG G 41 -97.33 -28.06 -25.52
C ARG G 41 -96.48 -26.81 -25.64
N LYS G 42 -96.79 -25.79 -24.86
CA LYS G 42 -96.00 -24.56 -24.87
C LYS G 42 -94.60 -24.81 -24.32
N ALA G 43 -94.40 -25.93 -23.63
CA ALA G 43 -93.07 -26.23 -23.11
C ALA G 43 -92.23 -26.96 -24.14
N THR G 44 -92.76 -28.00 -24.77
CA THR G 44 -92.02 -28.70 -25.81
C THR G 44 -91.71 -27.78 -26.97
N LYS G 45 -92.64 -26.90 -27.33
CA LYS G 45 -92.37 -25.95 -28.40
C LYS G 45 -91.38 -24.90 -27.94
N TYR G 46 -91.26 -24.68 -26.62
CA TYR G 46 -90.24 -23.78 -26.11
C TYR G 46 -88.87 -24.45 -26.12
N LEU G 47 -88.78 -25.67 -25.60
CA LEU G 47 -87.49 -26.33 -25.47
C LEU G 47 -86.82 -26.51 -26.83
N LYS G 48 -87.58 -26.93 -27.85
CA LYS G 48 -87.01 -27.06 -29.18
C LYS G 48 -86.47 -25.73 -29.68
N ASP G 49 -86.96 -24.63 -29.12
CA ASP G 49 -86.44 -23.33 -29.53
C ASP G 49 -85.19 -22.95 -28.75
N VAL G 50 -85.00 -23.54 -27.57
CA VAL G 50 -83.76 -23.33 -26.84
C VAL G 50 -82.61 -23.99 -27.57
N THR G 51 -82.84 -25.18 -28.12
CA THR G 51 -81.82 -25.87 -28.90
C THR G 51 -81.41 -25.04 -30.12
N LEU G 52 -82.38 -24.52 -30.85
CA LEU G 52 -82.09 -23.73 -32.04
C LEU G 52 -81.52 -22.36 -31.72
N LYS G 53 -81.24 -22.05 -30.46
CA LYS G 53 -80.74 -20.74 -30.04
C LYS G 53 -81.64 -19.63 -30.55
N LYS G 54 -82.89 -19.66 -30.12
CA LYS G 54 -83.85 -18.63 -30.45
C LYS G 54 -84.56 -18.03 -29.25
N GLN G 55 -84.61 -18.72 -28.12
CA GLN G 55 -85.17 -18.18 -26.89
C GLN G 55 -84.25 -18.57 -25.75
N CYS G 56 -83.92 -17.61 -24.90
CA CYS G 56 -82.89 -17.80 -23.90
C CYS G 56 -83.42 -18.66 -22.76
N VAL G 57 -82.61 -18.78 -21.72
CA VAL G 57 -83.03 -19.35 -20.44
C VAL G 57 -82.42 -18.45 -19.37
N PRO G 58 -83.21 -17.64 -18.69
CA PRO G 58 -82.63 -16.54 -17.91
C PRO G 58 -81.95 -17.08 -16.66
N PHE G 59 -80.63 -16.90 -16.58
CA PHE G 59 -79.87 -17.43 -15.47
C PHE G 59 -80.05 -16.49 -14.29
N ARG G 60 -80.81 -16.94 -13.29
CA ARG G 60 -81.27 -16.08 -12.21
C ARG G 60 -80.47 -16.26 -10.93
N ARG G 61 -80.32 -17.48 -10.45
CA ARG G 61 -79.57 -17.73 -9.23
C ARG G 61 -78.11 -18.08 -9.48
N TYR G 62 -77.78 -18.50 -10.69
CA TYR G 62 -76.46 -19.01 -11.00
C TYR G 62 -75.82 -18.18 -12.11
N ASN G 63 -75.89 -16.86 -11.97
CA ASN G 63 -75.57 -15.96 -13.06
C ASN G 63 -74.13 -15.45 -13.03
N GLY G 64 -73.37 -15.75 -11.99
CA GLY G 64 -72.03 -15.19 -11.90
C GLY G 64 -71.17 -15.55 -13.08
N GLY G 65 -70.65 -14.54 -13.78
CA GLY G 65 -69.81 -14.77 -14.93
C GLY G 65 -70.53 -15.07 -16.22
N VAL G 66 -71.84 -15.28 -16.19
CA VAL G 66 -72.58 -15.57 -17.41
C VAL G 66 -72.74 -14.29 -18.20
N GLY G 67 -72.25 -14.30 -19.44
CA GLY G 67 -72.34 -13.12 -20.27
C GLY G 67 -73.77 -12.82 -20.68
N ARG G 68 -74.00 -11.57 -21.06
CA ARG G 68 -75.35 -11.10 -21.29
C ARG G 68 -75.88 -11.62 -22.62
N CYS G 69 -77.13 -11.26 -22.93
CA CYS G 69 -77.75 -11.58 -24.20
C CYS G 69 -79.01 -10.75 -24.32
N ALA G 70 -79.46 -10.54 -25.56
CA ALA G 70 -80.57 -9.63 -25.80
C ALA G 70 -81.92 -10.27 -25.56
N GLN G 71 -81.99 -11.59 -25.42
CA GLN G 71 -83.26 -12.28 -25.34
C GLN G 71 -83.74 -12.50 -23.92
N ALA G 72 -83.03 -11.97 -22.92
CA ALA G 72 -83.54 -12.05 -21.57
C ALA G 72 -84.61 -11.03 -21.29
N LYS G 73 -84.77 -10.03 -22.16
CA LYS G 73 -85.80 -9.01 -21.96
C LYS G 73 -87.19 -9.60 -21.94
N GLN G 74 -87.39 -10.78 -22.54
CA GLN G 74 -88.69 -11.43 -22.41
C GLN G 74 -88.93 -11.85 -20.96
N TRP G 75 -87.88 -12.28 -20.27
CA TRP G 75 -88.01 -12.76 -18.90
C TRP G 75 -87.69 -11.70 -17.86
N GLY G 76 -87.48 -10.45 -18.28
CA GLY G 76 -87.28 -9.38 -17.32
C GLY G 76 -85.91 -9.37 -16.67
N TRP G 77 -84.96 -10.07 -17.24
CA TRP G 77 -83.62 -10.19 -16.68
C TRP G 77 -82.62 -9.60 -17.66
N THR G 78 -81.33 -9.81 -17.40
CA THR G 78 -80.28 -9.28 -18.25
C THR G 78 -79.32 -10.33 -18.77
N GLN G 79 -79.20 -11.49 -18.12
CA GLN G 79 -78.25 -12.52 -18.52
C GLN G 79 -78.98 -13.79 -18.91
N GLY G 80 -78.58 -14.37 -20.03
CA GLY G 80 -79.20 -15.61 -20.47
C GLY G 80 -78.20 -16.49 -21.20
N ARG G 81 -78.57 -17.76 -21.31
CA ARG G 81 -77.84 -18.73 -22.12
C ARG G 81 -78.85 -19.73 -22.67
N TRP G 82 -78.43 -20.47 -23.70
CA TRP G 82 -79.27 -21.45 -24.37
C TRP G 82 -78.71 -22.84 -24.12
N PRO G 83 -78.91 -23.39 -22.93
CA PRO G 83 -78.22 -24.63 -22.59
C PRO G 83 -78.81 -25.82 -23.33
N LYS G 84 -78.06 -26.30 -24.33
CA LYS G 84 -78.60 -27.34 -25.20
C LYS G 84 -78.78 -28.65 -24.45
N LYS G 85 -77.84 -29.03 -23.60
CA LYS G 85 -77.96 -30.32 -22.93
C LYS G 85 -79.13 -30.33 -21.96
N SER G 86 -79.22 -29.31 -21.09
CA SER G 86 -80.38 -29.22 -20.21
C SER G 86 -81.65 -29.07 -21.02
N ALA G 87 -81.56 -28.60 -22.25
CA ALA G 87 -82.75 -28.57 -23.10
C ALA G 87 -83.21 -29.98 -23.43
N GLU G 88 -82.29 -30.83 -23.91
CA GLU G 88 -82.69 -32.18 -24.28
C GLU G 88 -83.04 -33.02 -23.07
N PHE G 89 -82.18 -33.02 -22.05
CA PHE G 89 -82.29 -34.05 -21.02
C PHE G 89 -83.58 -33.92 -20.22
N LEU G 90 -84.16 -32.73 -20.18
CA LEU G 90 -85.51 -32.62 -19.63
C LEU G 90 -86.55 -32.45 -20.72
N LEU G 91 -86.22 -32.78 -21.97
CA LEU G 91 -87.20 -32.93 -23.03
C LEU G 91 -87.51 -34.37 -23.33
N HIS G 92 -86.50 -35.26 -23.28
CA HIS G 92 -86.79 -36.69 -23.32
C HIS G 92 -87.71 -37.09 -22.17
N MET G 93 -87.65 -36.34 -21.08
CA MET G 93 -88.42 -36.69 -19.90
C MET G 93 -89.88 -36.29 -20.07
N LEU G 94 -90.15 -35.20 -20.78
CA LEU G 94 -91.54 -34.85 -21.07
C LEU G 94 -92.19 -35.89 -21.97
N LYS G 95 -91.45 -36.40 -22.94
CA LYS G 95 -91.95 -37.49 -23.77
C LYS G 95 -92.31 -38.70 -22.93
N ASN G 96 -91.64 -38.87 -21.79
CA ASN G 96 -92.05 -39.87 -20.82
C ASN G 96 -93.33 -39.47 -20.12
N ALA G 97 -93.34 -38.28 -19.51
CA ALA G 97 -94.51 -37.86 -18.74
C ALA G 97 -95.74 -37.78 -19.63
N GLU G 98 -95.57 -37.28 -20.85
CA GLU G 98 -96.67 -37.31 -21.81
C GLU G 98 -97.10 -38.74 -22.12
N SER G 99 -96.18 -39.70 -21.96
CA SER G 99 -96.53 -41.09 -22.25
C SER G 99 -97.26 -41.73 -21.08
N ASN G 100 -96.97 -41.31 -19.85
CA ASN G 100 -97.77 -41.78 -18.73
C ASN G 100 -99.21 -41.29 -18.84
N ALA G 101 -99.39 -40.04 -19.27
CA ALA G 101 -100.73 -39.46 -19.32
C ALA G 101 -101.66 -40.28 -20.21
N GLU G 102 -101.19 -40.65 -21.41
CA GLU G 102 -102.05 -41.42 -22.29
C GLU G 102 -102.37 -42.79 -21.70
N LEU G 103 -101.49 -43.31 -20.84
CA LEU G 103 -101.73 -44.62 -20.27
C LEU G 103 -102.84 -44.58 -19.22
N LYS G 104 -102.88 -43.50 -18.43
CA LYS G 104 -103.96 -43.35 -17.46
C LYS G 104 -105.26 -42.95 -18.13
N GLY G 105 -105.19 -42.06 -19.13
CA GLY G 105 -106.38 -41.54 -19.75
C GLY G 105 -106.53 -40.05 -19.63
N LEU G 106 -105.42 -39.32 -19.56
CA LEU G 106 -105.43 -37.87 -19.48
C LEU G 106 -105.38 -37.25 -20.88
N ASP G 107 -105.82 -35.99 -20.97
CA ASP G 107 -105.80 -35.26 -22.23
C ASP G 107 -104.41 -34.66 -22.42
N VAL G 108 -103.58 -35.31 -23.23
CA VAL G 108 -102.18 -34.93 -23.38
C VAL G 108 -102.00 -33.52 -23.92
N ASP G 109 -103.07 -32.86 -24.34
CA ASP G 109 -103.00 -31.47 -24.78
C ASP G 109 -103.61 -30.51 -23.77
N SER G 110 -103.94 -31.00 -22.57
CA SER G 110 -104.51 -30.15 -21.53
C SER G 110 -103.67 -30.17 -20.25
N LEU G 111 -102.40 -30.58 -20.36
CA LEU G 111 -101.56 -30.79 -19.19
C LEU G 111 -100.72 -29.56 -18.89
N VAL G 112 -100.26 -29.48 -17.65
CA VAL G 112 -99.49 -28.34 -17.15
C VAL G 112 -98.36 -28.86 -16.26
N ILE G 113 -97.18 -28.26 -16.39
CA ILE G 113 -96.05 -28.59 -15.54
C ILE G 113 -96.20 -27.82 -14.23
N GLU G 114 -96.83 -28.42 -13.24
CA GLU G 114 -97.10 -27.69 -12.01
C GLU G 114 -95.97 -27.78 -11.01
N HIS G 115 -95.03 -28.69 -11.20
CA HIS G 115 -93.92 -28.82 -10.26
C HIS G 115 -92.78 -29.56 -10.92
N ILE G 116 -91.64 -28.90 -11.02
CA ILE G 116 -90.43 -29.51 -11.55
C ILE G 116 -89.27 -29.09 -10.65
N GLN G 117 -88.42 -30.05 -10.32
CA GLN G 117 -87.41 -29.85 -9.30
C GLN G 117 -86.11 -30.49 -9.76
N VAL G 118 -85.00 -29.95 -9.27
CA VAL G 118 -83.68 -30.49 -9.56
C VAL G 118 -82.95 -30.66 -8.24
N ASN G 119 -82.38 -31.84 -8.02
CA ASN G 119 -81.62 -32.12 -6.82
C ASN G 119 -80.22 -32.55 -7.23
N LYS G 120 -79.26 -32.36 -6.34
CA LYS G 120 -77.91 -32.78 -6.65
C LYS G 120 -77.83 -34.30 -6.73
N ALA G 121 -76.65 -34.80 -7.05
CA ALA G 121 -76.42 -36.22 -7.27
C ALA G 121 -75.01 -36.58 -6.85
N PRO G 122 -74.71 -37.87 -6.75
CA PRO G 122 -73.33 -38.26 -6.41
C PRO G 122 -72.30 -37.75 -7.41
N LYS G 123 -71.43 -36.84 -6.97
CA LYS G 123 -70.45 -36.28 -7.89
C LYS G 123 -69.37 -37.30 -8.20
N MET G 124 -69.17 -37.59 -9.48
CA MET G 124 -68.20 -38.58 -9.89
C MET G 124 -66.78 -38.05 -9.69
N ARG G 125 -65.79 -38.87 -10.02
CA ARG G 125 -64.39 -38.48 -9.87
C ARG G 125 -63.66 -38.63 -11.18
N ARG G 126 -62.92 -37.60 -11.55
CA ARG G 126 -61.96 -37.63 -12.65
C ARG G 126 -60.78 -36.76 -12.23
N ARG G 127 -59.62 -37.00 -12.82
CA ARG G 127 -58.42 -36.29 -12.39
C ARG G 127 -57.91 -35.38 -13.49
N THR G 128 -57.40 -34.22 -13.08
CA THR G 128 -56.72 -33.30 -13.97
C THR G 128 -55.35 -32.98 -13.40
N TYR G 129 -54.37 -32.89 -14.29
CA TYR G 129 -52.98 -32.81 -13.88
C TYR G 129 -52.53 -31.36 -13.93
N ARG G 130 -51.81 -30.94 -12.90
CA ARG G 130 -51.57 -29.53 -12.68
C ARG G 130 -50.09 -29.29 -12.45
N ALA G 131 -49.70 -28.01 -12.48
CA ALA G 131 -48.30 -27.62 -12.42
C ALA G 131 -47.63 -28.11 -11.15
N HIS G 132 -46.30 -28.09 -11.12
CA HIS G 132 -45.49 -28.52 -9.99
C HIS G 132 -45.83 -29.91 -9.49
N GLY G 133 -46.44 -30.75 -10.32
CA GLY G 133 -46.70 -32.11 -9.92
C GLY G 133 -48.01 -32.34 -9.22
N ARG G 134 -48.66 -31.29 -8.73
CA ARG G 134 -49.93 -31.46 -8.06
C ARG G 134 -50.96 -32.06 -8.99
N ILE G 135 -51.89 -32.82 -8.42
CA ILE G 135 -52.91 -33.50 -9.19
C ILE G 135 -54.27 -33.22 -8.54
N ASN G 136 -54.95 -32.19 -9.02
CA ASN G 136 -56.18 -31.71 -8.42
C ASN G 136 -57.40 -32.39 -9.06
N PRO G 137 -58.51 -32.51 -8.33
CA PRO G 137 -59.62 -33.30 -8.84
C PRO G 137 -60.38 -32.58 -9.94
N TYR G 138 -61.06 -33.38 -10.74
CA TYR G 138 -61.88 -32.91 -11.87
C TYR G 138 -63.24 -33.57 -11.73
N MET G 139 -64.10 -32.96 -10.92
CA MET G 139 -65.36 -33.58 -10.55
C MET G 139 -66.38 -33.47 -11.66
N SER G 140 -67.44 -34.25 -11.52
CA SER G 140 -68.61 -34.14 -12.37
C SER G 140 -69.81 -33.75 -11.52
N SER G 141 -70.84 -33.20 -12.14
CA SER G 141 -72.03 -32.75 -11.42
C SER G 141 -73.30 -33.29 -12.07
N PRO G 142 -73.60 -34.56 -11.88
CA PRO G 142 -74.90 -35.08 -12.31
C PRO G 142 -76.02 -34.52 -11.46
N CYS G 143 -77.24 -34.62 -11.97
CA CYS G 143 -78.40 -34.09 -11.27
C CYS G 143 -79.58 -35.04 -11.37
N HIS G 144 -80.23 -35.30 -10.22
CA HIS G 144 -81.55 -35.90 -10.21
C HIS G 144 -82.58 -34.90 -10.73
N ILE G 145 -83.70 -35.40 -11.21
CA ILE G 145 -84.77 -34.54 -11.70
C ILE G 145 -86.10 -35.15 -11.29
N GLU G 146 -87.13 -34.33 -11.18
CA GLU G 146 -88.47 -34.83 -10.92
C GLU G 146 -89.48 -33.79 -11.40
N MET G 147 -90.57 -34.28 -11.99
CA MET G 147 -91.64 -33.39 -12.42
C MET G 147 -92.96 -34.10 -12.29
N ILE G 148 -94.03 -33.32 -12.15
CA ILE G 148 -95.36 -33.85 -11.90
C ILE G 148 -96.35 -33.05 -12.72
N LEU G 149 -96.79 -33.62 -13.84
CA LEU G 149 -97.76 -32.93 -14.67
C LEU G 149 -99.12 -32.87 -13.99
N THR G 150 -100.04 -32.10 -14.56
CA THR G 150 -101.37 -31.97 -14.02
C THR G 150 -102.28 -31.43 -15.12
N GLU G 151 -103.56 -31.77 -15.03
CA GLU G 151 -104.57 -31.23 -15.94
C GLU G 151 -105.12 -29.94 -15.34
N LYS G 152 -105.30 -28.93 -16.19
CA LYS G 152 -105.89 -27.67 -15.76
C LYS G 152 -106.42 -26.98 -17.03
N GLU G 153 -106.79 -25.70 -16.88
CA GLU G 153 -107.31 -24.91 -18.00
C GLU G 153 -106.36 -23.78 -18.39
N GLY H 1 -71.75 0.71 48.88
CA GLY H 1 -71.73 -0.47 49.71
C GLY H 1 -70.92 -0.28 50.98
N VAL H 2 -70.73 -1.35 51.73
CA VAL H 2 -69.93 -1.30 52.94
C VAL H 2 -68.52 -1.73 52.57
N ASP H 3 -67.56 -1.37 53.42
CA ASP H 3 -66.16 -1.65 53.16
C ASP H 3 -65.56 -2.64 54.15
N ILE H 4 -66.31 -3.69 54.47
CA ILE H 4 -65.79 -4.74 55.33
C ILE H 4 -64.96 -5.73 54.52
N ARG H 5 -64.15 -6.52 55.21
CA ARG H 5 -63.41 -7.60 54.60
C ARG H 5 -64.05 -8.93 54.99
N HIS H 6 -64.05 -9.86 54.03
CA HIS H 6 -64.83 -11.10 54.14
C HIS H 6 -64.00 -12.33 54.46
N ASN H 7 -62.71 -12.17 54.80
CA ASN H 7 -61.90 -13.35 55.10
C ASN H 7 -62.54 -14.18 56.21
N LYS H 8 -62.93 -13.53 57.29
CA LYS H 8 -63.40 -14.18 58.50
C LYS H 8 -64.91 -14.32 58.55
N ASP H 9 -65.62 -13.94 57.48
CA ASP H 9 -67.07 -14.07 57.49
C ASP H 9 -67.49 -15.51 57.70
N ARG H 10 -66.84 -16.44 57.00
CA ARG H 10 -67.07 -17.86 57.19
C ARG H 10 -66.23 -18.36 58.36
N LYS H 11 -66.79 -19.32 59.10
CA LYS H 11 -66.16 -19.85 60.29
C LYS H 11 -66.00 -21.35 60.15
N VAL H 12 -64.79 -21.85 60.42
CA VAL H 12 -64.49 -23.26 60.19
C VAL H 12 -65.01 -24.17 61.29
N ARG H 13 -65.47 -23.61 62.40
CA ARG H 13 -66.23 -24.34 63.41
C ARG H 13 -67.67 -23.82 63.35
N ARG H 14 -68.50 -24.55 62.61
CA ARG H 14 -69.80 -24.06 62.16
C ARG H 14 -70.79 -24.10 63.32
N LYS H 15 -72.08 -24.00 62.99
CA LYS H 15 -73.11 -24.37 63.95
C LYS H 15 -72.98 -25.85 64.32
N GLU H 16 -72.57 -26.69 63.36
CA GLU H 16 -72.43 -28.13 63.58
C GLU H 16 -71.41 -28.76 62.64
N PRO H 17 -70.29 -29.24 63.16
CA PRO H 17 -69.45 -30.14 62.38
C PRO H 17 -69.89 -31.61 62.35
N LYS H 18 -69.00 -32.44 61.82
CA LYS H 18 -69.24 -33.77 61.31
C LYS H 18 -69.65 -34.77 62.41
N SER H 19 -70.01 -35.96 61.94
CA SER H 19 -70.05 -37.22 62.69
C SER H 19 -70.21 -38.31 61.64
N GLN H 20 -69.89 -39.56 62.00
CA GLN H 20 -69.68 -40.56 60.95
C GLN H 20 -70.63 -41.76 60.95
N ASP H 21 -70.70 -42.54 62.01
CA ASP H 21 -71.32 -43.86 61.96
C ASP H 21 -72.55 -43.91 62.86
N ILE H 22 -73.42 -44.89 62.59
CA ILE H 22 -74.77 -44.82 63.13
C ILE H 22 -74.74 -44.79 64.66
N TYR H 23 -73.87 -45.59 65.28
CA TYR H 23 -73.83 -45.58 66.73
C TYR H 23 -73.38 -44.23 67.25
N LEU H 24 -72.36 -43.64 66.63
CA LEU H 24 -71.98 -42.29 67.02
C LEU H 24 -73.05 -41.27 66.67
N ARG H 25 -73.74 -41.46 65.55
CA ARG H 25 -74.79 -40.51 65.18
C ARG H 25 -75.88 -40.46 66.23
N LEU H 26 -76.25 -41.62 66.79
CA LEU H 26 -77.26 -41.63 67.84
C LEU H 26 -76.77 -40.87 69.06
N LEU H 27 -75.52 -41.07 69.45
CA LEU H 27 -74.95 -40.33 70.57
C LEU H 27 -75.09 -38.82 70.36
N VAL H 28 -74.66 -38.33 69.20
CA VAL H 28 -74.74 -36.90 68.94
C VAL H 28 -76.19 -36.46 68.87
N LYS H 29 -77.08 -37.30 68.34
CA LYS H 29 -78.51 -36.98 68.37
C LYS H 29 -79.00 -36.84 69.80
N LEU H 30 -78.36 -37.51 70.75
CA LEU H 30 -78.73 -37.37 72.15
C LEU H 30 -78.07 -36.13 72.76
N TYR H 31 -76.75 -36.10 72.76
CA TYR H 31 -76.03 -35.03 73.46
C TYR H 31 -76.16 -33.69 72.77
N ARG H 32 -76.89 -33.60 71.67
CA ARG H 32 -77.32 -32.31 71.17
C ARG H 32 -78.61 -31.86 71.83
N PHE H 33 -79.54 -32.80 72.06
CA PHE H 33 -80.78 -32.47 72.73
C PHE H 33 -80.55 -32.15 74.20
N LEU H 34 -79.46 -32.68 74.76
CA LEU H 34 -79.12 -32.37 76.14
C LEU H 34 -78.28 -31.09 76.22
N ALA H 35 -77.55 -30.78 75.16
CA ALA H 35 -76.71 -29.59 75.21
C ALA H 35 -77.54 -28.32 75.07
N ARG H 36 -78.52 -28.32 74.18
CA ARG H 36 -79.24 -27.10 73.87
C ARG H 36 -80.41 -26.84 74.79
N ARG H 37 -80.93 -27.84 75.48
CA ARG H 37 -82.07 -27.62 76.34
C ARG H 37 -81.73 -27.51 77.82
N THR H 38 -80.77 -28.28 78.30
CA THR H 38 -80.20 -28.03 79.62
C THR H 38 -79.43 -26.70 79.59
N ASN H 39 -79.19 -26.15 80.77
CA ASN H 39 -78.40 -24.93 80.92
C ASN H 39 -77.01 -25.23 81.46
N SER H 40 -76.45 -26.36 81.09
CA SER H 40 -75.15 -26.73 81.61
C SER H 40 -74.08 -26.46 80.58
N THR H 41 -72.85 -26.83 80.90
CA THR H 41 -71.74 -26.69 79.99
C THR H 41 -70.96 -27.98 79.80
N PHE H 42 -71.03 -28.91 80.75
CA PHE H 42 -70.43 -30.22 80.54
C PHE H 42 -71.05 -30.91 79.34
N ASN H 43 -72.34 -30.71 79.11
CA ASN H 43 -72.95 -31.29 77.93
C ASN H 43 -72.47 -30.60 76.66
N GLN H 44 -72.32 -29.27 76.70
CA GLN H 44 -71.81 -28.55 75.54
C GLN H 44 -70.38 -28.92 75.24
N VAL H 45 -69.55 -29.09 76.27
CA VAL H 45 -68.16 -29.46 76.03
C VAL H 45 -68.06 -30.89 75.50
N VAL H 46 -68.89 -31.80 76.03
CA VAL H 46 -68.90 -33.15 75.48
C VAL H 46 -69.45 -33.15 74.07
N LEU H 47 -70.47 -32.33 73.80
CA LEU H 47 -71.00 -32.26 72.46
C LEU H 47 -69.94 -31.83 71.46
N LYS H 48 -69.25 -30.73 71.75
CA LYS H 48 -68.21 -30.25 70.84
C LYS H 48 -66.96 -31.13 70.87
N ARG H 49 -66.96 -32.19 71.67
CA ARG H 49 -65.88 -33.17 71.63
C ARG H 49 -66.29 -34.49 71.01
N LEU H 50 -67.56 -34.66 70.67
CA LEU H 50 -67.94 -35.82 69.89
C LEU H 50 -67.80 -35.57 68.41
N PHE H 51 -67.61 -34.32 68.00
CA PHE H 51 -67.40 -34.01 66.60
C PHE H 51 -65.96 -34.17 66.17
N MET H 52 -65.01 -34.07 67.10
CA MET H 52 -63.62 -33.87 66.72
C MET H 52 -63.08 -35.06 65.92
N SER H 53 -61.93 -34.81 65.31
CA SER H 53 -61.27 -35.80 64.47
C SER H 53 -60.49 -36.77 65.34
N ARG H 54 -60.39 -38.02 64.87
CA ARG H 54 -59.66 -39.06 65.60
C ARG H 54 -58.25 -38.62 65.95
N THR H 55 -57.74 -37.59 65.28
CA THR H 55 -56.45 -37.01 65.60
C THR H 55 -56.54 -36.02 66.76
N ASN H 56 -57.75 -35.62 67.16
CA ASN H 56 -57.93 -34.69 68.26
C ASN H 56 -58.61 -35.31 69.46
N ARG H 57 -58.77 -36.64 69.48
CA ARG H 57 -59.25 -37.37 70.65
C ARG H 57 -58.24 -38.47 70.94
N PRO H 58 -57.01 -38.10 71.31
CA PRO H 58 -55.97 -39.10 71.48
C PRO H 58 -56.28 -39.98 72.68
N PRO H 59 -55.76 -41.20 72.71
CA PRO H 59 -56.12 -42.14 73.77
C PRO H 59 -55.62 -41.67 75.12
N LEU H 60 -56.39 -41.97 76.15
CA LEU H 60 -56.02 -41.64 77.52
C LEU H 60 -55.44 -42.88 78.19
N SER H 61 -54.18 -42.79 78.59
CA SER H 61 -53.53 -43.91 79.25
C SER H 61 -54.25 -44.22 80.55
N LEU H 62 -54.23 -45.49 80.95
CA LEU H 62 -54.78 -45.82 82.26
C LEU H 62 -53.95 -45.16 83.36
N SER H 63 -52.65 -45.06 83.16
CA SER H 63 -51.79 -44.42 84.16
C SER H 63 -52.10 -42.94 84.28
N ARG H 64 -52.30 -42.25 83.16
CA ARG H 64 -52.59 -40.82 83.23
C ARG H 64 -53.86 -40.55 84.01
N MET H 65 -54.88 -41.38 83.81
CA MET H 65 -56.15 -41.18 84.49
C MET H 65 -55.99 -41.31 86.00
N ILE H 66 -55.25 -42.33 86.44
CA ILE H 66 -55.06 -42.54 87.88
C ILE H 66 -54.43 -41.31 88.51
N ARG H 67 -53.39 -40.77 87.88
CA ARG H 67 -52.69 -39.63 88.45
C ARG H 67 -53.49 -38.35 88.39
N LYS H 68 -54.64 -38.33 87.70
CA LYS H 68 -55.54 -37.20 87.74
C LYS H 68 -56.77 -37.44 88.60
N MET H 69 -57.12 -38.69 88.84
CA MET H 69 -58.17 -39.01 89.80
C MET H 69 -57.62 -39.30 91.19
N LYS H 70 -56.31 -39.22 91.36
CA LYS H 70 -55.71 -39.40 92.69
C LYS H 70 -55.66 -38.08 93.45
N LEU H 71 -55.74 -36.95 92.75
CA LEU H 71 -55.53 -35.65 93.36
C LEU H 71 -56.58 -35.42 94.46
N PRO H 72 -56.27 -34.57 95.44
CA PRO H 72 -57.19 -34.42 96.58
C PRO H 72 -58.53 -33.83 96.16
N GLY H 73 -59.57 -34.27 96.84
CA GLY H 73 -60.90 -33.81 96.54
C GLY H 73 -61.46 -34.33 95.23
N ARG H 74 -61.00 -35.48 94.76
CA ARG H 74 -61.47 -36.03 93.49
C ARG H 74 -61.70 -37.53 93.59
N GLU H 75 -62.34 -38.00 94.66
CA GLU H 75 -62.75 -39.39 94.77
C GLU H 75 -64.26 -39.46 94.95
N ASN H 76 -64.87 -40.41 94.26
CA ASN H 76 -66.32 -40.46 94.18
C ASN H 76 -66.91 -39.80 92.96
N LYS H 77 -66.09 -39.42 91.99
CA LYS H 77 -66.54 -38.78 90.75
C LYS H 77 -66.24 -39.68 89.57
N THR H 78 -67.12 -39.64 88.57
CA THR H 78 -67.01 -40.50 87.39
C THR H 78 -66.21 -39.80 86.32
N ALA H 79 -65.01 -40.29 86.04
CA ALA H 79 -64.20 -39.68 84.99
C ALA H 79 -64.92 -39.78 83.65
N VAL H 80 -64.69 -38.79 82.80
CA VAL H 80 -65.33 -38.73 81.49
C VAL H 80 -64.26 -38.45 80.45
N VAL H 81 -64.00 -39.43 79.59
CA VAL H 81 -63.03 -39.30 78.51
C VAL H 81 -63.80 -39.47 77.22
N VAL H 82 -63.76 -38.46 76.36
CA VAL H 82 -64.50 -38.55 75.12
C VAL H 82 -63.80 -39.45 74.10
N GLY H 83 -62.50 -39.66 74.25
CA GLY H 83 -61.78 -40.52 73.33
C GLY H 83 -61.83 -41.98 73.72
N THR H 84 -60.69 -42.64 73.71
CA THR H 84 -60.57 -44.03 74.11
C THR H 84 -59.61 -44.13 75.28
N ILE H 85 -59.55 -45.32 75.89
CA ILE H 85 -58.84 -45.53 77.15
C ILE H 85 -58.00 -46.79 77.04
N THR H 86 -56.71 -46.63 76.79
CA THR H 86 -55.83 -47.78 76.61
C THR H 86 -55.41 -48.33 77.95
N ASP H 87 -54.99 -49.60 77.94
CA ASP H 87 -54.34 -50.16 79.11
C ASP H 87 -52.93 -49.59 79.26
N ASP H 88 -52.29 -49.89 80.38
CA ASP H 88 -50.93 -49.41 80.59
C ASP H 88 -50.23 -50.40 81.50
N VAL H 89 -49.24 -51.10 80.94
CA VAL H 89 -48.57 -52.18 81.65
C VAL H 89 -47.61 -51.64 82.70
N ARG H 90 -47.44 -50.32 82.73
CA ARG H 90 -46.52 -49.71 83.69
C ARG H 90 -47.17 -49.38 85.02
N VAL H 91 -48.47 -49.62 85.17
CA VAL H 91 -49.13 -49.46 86.46
C VAL H 91 -49.28 -50.82 87.10
N GLN H 92 -48.52 -51.06 88.17
CA GLN H 92 -48.61 -52.30 88.93
C GLN H 92 -49.59 -52.21 90.08
N GLU H 93 -50.14 -51.04 90.36
CA GLU H 93 -50.98 -50.82 91.53
C GLU H 93 -52.46 -50.86 91.16
N VAL H 94 -53.27 -51.21 92.16
CA VAL H 94 -54.70 -51.42 91.96
C VAL H 94 -55.40 -50.06 91.95
N PRO H 95 -56.18 -49.75 90.93
CA PRO H 95 -57.05 -48.59 90.97
C PRO H 95 -58.40 -48.97 91.59
N LYS H 96 -59.28 -47.97 91.68
CA LYS H 96 -60.68 -48.19 92.05
C LYS H 96 -61.59 -47.29 91.22
N LEU H 97 -61.35 -47.22 89.91
CA LEU H 97 -61.93 -46.18 89.07
C LEU H 97 -63.44 -46.32 88.93
N LYS H 98 -64.02 -45.34 88.24
CA LYS H 98 -65.40 -45.38 87.79
C LYS H 98 -65.45 -44.52 86.54
N VAL H 99 -65.53 -45.14 85.37
CA VAL H 99 -65.16 -44.50 84.12
C VAL H 99 -66.34 -44.51 83.16
N CYS H 100 -66.39 -43.49 82.30
CA CYS H 100 -67.30 -43.46 81.17
C CYS H 100 -66.55 -42.97 79.94
N ALA H 101 -66.43 -43.82 78.93
CA ALA H 101 -65.68 -43.46 77.73
C ALA H 101 -66.19 -44.25 76.55
N LEU H 102 -65.83 -43.78 75.35
CA LEU H 102 -66.31 -44.41 74.13
C LEU H 102 -65.82 -45.85 74.02
N ARG H 103 -64.51 -46.03 73.89
CA ARG H 103 -63.92 -47.34 73.64
C ARG H 103 -62.85 -47.61 74.67
N VAL H 104 -63.00 -48.68 75.43
CA VAL H 104 -62.02 -49.11 76.42
C VAL H 104 -61.41 -50.41 75.95
N THR H 105 -60.07 -50.45 75.91
CA THR H 105 -59.31 -51.57 75.30
C THR H 105 -59.49 -52.85 76.12
N SER H 106 -59.43 -54.01 75.46
CA SER H 106 -59.72 -55.30 76.09
C SER H 106 -58.94 -55.45 77.38
N ARG H 107 -57.64 -55.18 77.35
CA ARG H 107 -56.84 -55.32 78.55
C ARG H 107 -57.26 -54.31 79.62
N ALA H 108 -57.57 -53.08 79.22
CA ALA H 108 -58.01 -52.09 80.19
C ALA H 108 -59.38 -52.45 80.75
N ARG H 109 -60.27 -53.00 79.93
CA ARG H 109 -61.55 -53.46 80.45
C ARG H 109 -61.36 -54.64 81.38
N SER H 110 -60.34 -55.46 81.13
CA SER H 110 -60.08 -56.61 81.99
C SER H 110 -59.58 -56.18 83.36
N ARG H 111 -58.99 -55.00 83.45
CA ARG H 111 -58.37 -54.59 84.71
C ARG H 111 -59.32 -53.74 85.54
N ILE H 112 -59.96 -52.74 84.92
CA ILE H 112 -60.83 -51.84 85.67
C ILE H 112 -61.97 -52.63 86.32
N LEU H 113 -62.64 -53.46 85.52
CA LEU H 113 -63.75 -54.25 86.06
C LEU H 113 -63.27 -55.24 87.12
N ARG H 114 -62.03 -55.71 86.97
CA ARG H 114 -61.47 -56.72 87.91
C ARG H 114 -61.42 -56.14 89.33
N ALA H 115 -60.94 -54.90 89.45
CA ALA H 115 -60.64 -54.31 90.76
C ALA H 115 -61.89 -54.00 91.56
N GLY H 116 -63.06 -54.09 90.94
CA GLY H 116 -64.30 -53.72 91.58
C GLY H 116 -64.88 -52.44 91.05
N GLY H 117 -64.14 -51.71 90.23
CA GLY H 117 -64.65 -50.50 89.64
C GLY H 117 -65.79 -50.79 88.68
N LYS H 118 -66.33 -49.72 88.12
CA LYS H 118 -67.45 -49.81 87.22
C LYS H 118 -67.14 -49.02 85.96
N ILE H 119 -67.67 -49.47 84.83
CA ILE H 119 -67.37 -48.86 83.54
C ILE H 119 -68.68 -48.49 82.86
N LEU H 120 -68.73 -47.28 82.31
CA LEU H 120 -69.97 -46.71 81.80
C LEU H 120 -69.81 -46.28 80.35
N THR H 121 -70.93 -46.21 79.64
CA THR H 121 -70.97 -45.73 78.27
C THR H 121 -71.79 -44.46 78.19
N PHE H 122 -71.65 -43.76 77.06
CA PHE H 122 -72.18 -42.40 76.98
C PHE H 122 -73.71 -42.36 76.87
N ASP H 123 -74.38 -43.51 76.92
CA ASP H 123 -75.83 -43.48 77.04
C ASP H 123 -76.29 -43.89 78.42
N GLN H 124 -75.43 -44.57 79.18
CA GLN H 124 -75.70 -44.77 80.59
C GLN H 124 -75.48 -43.49 81.36
N LEU H 125 -74.57 -42.63 80.88
CA LEU H 125 -74.25 -41.42 81.60
C LEU H 125 -75.39 -40.42 81.54
N ALA H 126 -76.02 -40.29 80.37
CA ALA H 126 -77.10 -39.31 80.24
C ALA H 126 -78.24 -39.60 81.20
N LEU H 127 -78.52 -40.87 81.46
CA LEU H 127 -79.52 -41.22 82.46
C LEU H 127 -79.01 -40.87 83.87
N ASP H 128 -77.77 -41.24 84.18
CA ASP H 128 -77.28 -41.09 85.54
C ASP H 128 -77.06 -39.63 85.89
N SER H 129 -76.36 -38.89 85.04
CA SER H 129 -75.96 -37.51 85.31
C SER H 129 -76.24 -36.63 84.10
N PRO H 130 -77.49 -36.23 83.89
CA PRO H 130 -77.80 -35.44 82.69
C PRO H 130 -77.13 -34.08 82.66
N LYS H 131 -77.33 -33.25 83.68
CA LYS H 131 -76.74 -31.92 83.72
C LYS H 131 -75.22 -31.95 83.79
N GLY H 132 -74.64 -33.11 84.11
CA GLY H 132 -73.20 -33.24 84.12
C GLY H 132 -72.60 -33.00 85.49
N CYS H 133 -73.28 -33.46 86.53
CA CYS H 133 -72.84 -33.24 87.89
C CYS H 133 -72.07 -34.45 88.40
N GLY H 134 -70.94 -34.19 89.04
CA GLY H 134 -70.14 -35.24 89.63
C GLY H 134 -69.10 -35.85 88.73
N THR H 135 -68.74 -35.21 87.63
CA THR H 135 -67.85 -35.81 86.66
C THR H 135 -66.54 -35.04 86.57
N VAL H 136 -65.44 -35.78 86.59
CA VAL H 136 -64.12 -35.25 86.31
C VAL H 136 -63.92 -35.42 84.81
N LEU H 137 -63.59 -34.32 84.12
CA LEU H 137 -63.41 -34.39 82.69
C LEU H 137 -61.92 -34.39 82.36
N LEU H 138 -61.53 -35.22 81.40
CA LEU H 138 -60.12 -35.40 81.06
C LEU H 138 -59.95 -35.33 79.56
N SER H 139 -58.72 -35.50 79.10
CA SER H 139 -58.42 -35.58 77.68
C SER H 139 -57.04 -36.18 77.50
N GLY H 140 -56.87 -36.96 76.44
CA GLY H 140 -55.60 -37.54 76.14
C GLY H 140 -54.64 -36.48 75.67
N PRO H 141 -53.35 -36.76 75.71
CA PRO H 141 -52.37 -35.74 75.32
C PRO H 141 -52.49 -35.37 73.85
N ARG H 142 -52.97 -34.17 73.59
CA ARG H 142 -53.34 -33.76 72.23
C ARG H 142 -52.13 -33.52 71.35
N LYS H 143 -51.03 -33.02 71.92
CA LYS H 143 -49.79 -32.83 71.18
C LYS H 143 -48.78 -33.91 71.50
N GLY H 144 -49.24 -35.14 71.69
CA GLY H 144 -48.38 -36.26 71.93
C GLY H 144 -48.03 -37.08 70.72
N ARG H 145 -48.58 -36.76 69.55
CA ARG H 145 -48.27 -37.52 68.35
C ARG H 145 -46.81 -37.32 67.96
N GLU H 146 -46.29 -38.25 67.15
CA GLU H 146 -44.90 -38.16 66.74
C GLU H 146 -44.66 -36.94 65.87
N VAL H 147 -45.67 -36.51 65.10
CA VAL H 147 -45.43 -35.51 64.08
C VAL H 147 -45.06 -34.18 64.70
N TYR H 148 -45.53 -33.90 65.92
CA TYR H 148 -45.30 -32.57 66.48
C TYR H 148 -43.84 -32.31 66.77
N ARG H 149 -42.99 -33.32 66.71
CA ARG H 149 -41.56 -33.09 66.74
C ARG H 149 -41.04 -32.56 65.42
N HIS H 150 -41.90 -32.38 64.43
CA HIS H 150 -41.54 -31.78 63.15
C HIS H 150 -42.01 -30.34 63.00
N PHE H 151 -43.17 -30.00 63.52
CA PHE H 151 -43.67 -28.63 63.38
C PHE H 151 -42.90 -27.70 64.28
N GLY H 152 -42.82 -26.45 63.87
CA GLY H 152 -42.14 -25.42 64.61
C GLY H 152 -41.22 -24.65 63.71
N LYS H 153 -40.27 -23.95 64.33
CA LYS H 153 -39.22 -23.30 63.56
C LYS H 153 -38.51 -24.33 62.71
N ALA H 154 -38.33 -24.01 61.44
CA ALA H 154 -37.80 -24.99 60.50
C ALA H 154 -36.39 -25.39 60.91
N PRO H 155 -36.03 -26.67 60.76
CA PRO H 155 -34.71 -27.11 61.20
C PRO H 155 -33.62 -26.42 60.42
N GLY H 156 -32.48 -26.21 61.07
CA GLY H 156 -31.38 -25.53 60.43
C GLY H 156 -31.36 -24.03 60.64
N THR H 157 -32.14 -23.52 61.57
CA THR H 157 -32.10 -22.15 62.01
C THR H 157 -31.52 -22.12 63.42
N PRO H 158 -30.89 -21.00 63.85
CA PRO H 158 -29.97 -21.04 64.99
C PRO H 158 -30.37 -21.91 66.18
N HIS H 159 -31.55 -21.72 66.75
CA HIS H 159 -31.92 -22.41 67.98
C HIS H 159 -33.05 -23.41 67.79
N SER H 160 -33.41 -23.72 66.55
CA SER H 160 -34.47 -24.69 66.32
C SER H 160 -34.07 -26.05 66.85
N HIS H 161 -34.98 -26.69 67.58
CA HIS H 161 -34.79 -28.02 68.13
C HIS H 161 -35.79 -28.99 67.52
N THR H 162 -35.98 -28.91 66.21
CA THR H 162 -37.02 -29.67 65.52
C THR H 162 -36.42 -30.82 64.73
N LYS H 163 -37.11 -31.96 64.79
CA LYS H 163 -36.64 -33.17 64.14
C LYS H 163 -36.86 -33.08 62.63
N PRO H 164 -35.82 -33.13 61.81
CA PRO H 164 -36.03 -33.06 60.37
C PRO H 164 -36.33 -34.41 59.76
N TYR H 165 -37.10 -34.39 58.68
CA TYR H 165 -37.40 -35.61 57.96
C TYR H 165 -36.11 -36.19 57.38
N VAL H 166 -36.01 -37.52 57.34
CA VAL H 166 -34.80 -38.18 56.90
C VAL H 166 -35.14 -39.62 56.51
N ARG H 167 -34.31 -40.21 55.65
CA ARG H 167 -34.54 -41.59 55.23
C ARG H 167 -34.33 -42.56 56.39
N SER H 168 -33.33 -42.31 57.23
CA SER H 168 -33.05 -43.15 58.39
C SER H 168 -32.09 -42.38 59.28
N LYS H 169 -31.87 -42.90 60.49
CA LYS H 169 -30.86 -42.36 61.39
C LYS H 169 -29.58 -43.16 61.24
N GLY H 170 -28.46 -42.46 61.17
CA GLY H 170 -27.19 -43.16 61.03
C GLY H 170 -26.03 -42.21 60.90
N ARG H 171 -24.88 -42.80 60.63
CA ARG H 171 -23.62 -42.05 60.58
C ARG H 171 -23.70 -40.85 59.65
N LYS H 172 -24.13 -41.09 58.41
CA LYS H 172 -23.81 -40.19 57.30
C LYS H 172 -24.96 -39.28 56.91
N PHE H 173 -26.19 -39.59 57.30
CA PHE H 173 -27.33 -38.77 56.92
C PHE H 173 -27.44 -37.50 57.77
N GLU H 174 -27.04 -37.58 59.03
CA GLU H 174 -27.33 -36.49 59.95
C GLU H 174 -26.34 -35.35 59.83
N ARG H 175 -25.07 -35.59 60.12
CA ARG H 175 -24.14 -34.54 60.46
C ARG H 175 -23.09 -34.40 59.37
N ALA H 176 -23.33 -33.49 58.44
CA ALA H 176 -22.33 -33.27 57.40
C ALA H 176 -21.83 -31.83 57.40
N ARG H 177 -22.74 -30.87 57.38
CA ARG H 177 -22.41 -29.46 57.56
C ARG H 177 -23.71 -28.74 57.85
N GLY H 178 -23.71 -27.94 58.91
CA GLY H 178 -24.95 -27.55 59.54
C GLY H 178 -25.28 -28.35 60.76
N ARG H 179 -24.43 -29.30 61.12
CA ARG H 179 -24.60 -30.03 62.36
C ARG H 179 -23.30 -30.22 63.11
N ARG H 180 -22.17 -29.69 62.62
CA ARG H 180 -20.90 -29.82 63.32
C ARG H 180 -19.94 -28.78 62.80
N ALA H 181 -19.43 -27.94 63.71
CA ALA H 181 -18.72 -26.71 63.33
C ALA H 181 -17.41 -26.96 62.61
N SER H 182 -16.91 -28.20 62.60
CA SER H 182 -15.70 -28.49 61.84
C SER H 182 -15.93 -28.43 60.34
N ARG H 183 -17.19 -28.33 59.91
CA ARG H 183 -17.55 -28.38 58.51
C ARG H 183 -18.06 -27.04 57.98
N GLY H 184 -17.75 -25.94 58.66
CA GLY H 184 -17.97 -24.62 58.12
C GLY H 184 -19.28 -23.97 58.48
N TYR H 185 -20.17 -24.66 59.17
CA TYR H 185 -21.54 -24.18 59.31
C TYR H 185 -22.21 -24.94 60.44
N LYS H 186 -22.64 -24.23 61.49
CA LYS H 186 -23.47 -24.83 62.52
C LYS H 186 -24.37 -23.78 63.13
N ASN H 187 -25.64 -24.13 63.31
CA ASN H 187 -26.62 -23.23 63.90
C ASN H 187 -26.95 -23.62 65.33
N SER I 1 -69.44 -48.38 -42.19
CA SER I 1 -68.65 -49.55 -41.83
C SER I 1 -67.16 -49.23 -41.90
N MET I 2 -66.35 -50.02 -41.19
CA MET I 2 -64.92 -49.79 -41.10
C MET I 2 -64.23 -50.57 -42.21
N LEU I 3 -63.95 -49.89 -43.32
CA LEU I 3 -63.22 -50.48 -44.42
C LEU I 3 -61.71 -50.39 -44.22
N ARG I 4 -61.25 -50.19 -42.99
CA ARG I 4 -59.83 -50.07 -42.73
C ARG I 4 -59.11 -51.40 -42.90
N LEU I 5 -59.69 -52.48 -42.37
CA LEU I 5 -59.08 -53.80 -42.52
C LEU I 5 -58.88 -54.13 -43.98
N GLN I 6 -59.89 -53.90 -44.81
CA GLN I 6 -59.76 -54.21 -46.23
C GLN I 6 -58.69 -53.35 -46.88
N LYS I 7 -58.48 -52.14 -46.36
CA LYS I 7 -57.50 -51.26 -46.98
C LYS I 7 -56.08 -51.75 -46.71
N ARG I 8 -55.80 -52.21 -45.49
CA ARG I 8 -54.47 -52.70 -45.20
C ARG I 8 -54.15 -53.96 -45.99
N LEU I 9 -55.10 -54.88 -46.10
CA LEU I 9 -54.88 -56.09 -46.89
C LEU I 9 -54.71 -55.76 -48.37
N ALA I 10 -55.41 -54.73 -48.86
CA ALA I 10 -55.27 -54.35 -50.25
C ALA I 10 -53.93 -53.68 -50.51
N SER I 11 -53.23 -53.29 -49.45
CA SER I 11 -51.89 -52.74 -49.63
C SER I 11 -50.84 -53.84 -49.65
N SER I 12 -50.96 -54.80 -48.74
CA SER I 12 -50.00 -55.90 -48.70
C SER I 12 -50.08 -56.74 -49.96
N VAL I 13 -51.29 -57.06 -50.41
CA VAL I 13 -51.43 -57.89 -51.60
C VAL I 13 -50.87 -57.20 -52.83
N LEU I 14 -51.19 -55.91 -53.00
CA LEU I 14 -50.74 -55.17 -54.17
C LEU I 14 -49.30 -54.70 -54.06
N ARG I 15 -48.70 -54.74 -52.87
CA ARG I 15 -47.35 -54.26 -52.64
C ARG I 15 -47.24 -52.78 -53.03
N CYS I 16 -48.00 -51.97 -52.29
CA CYS I 16 -47.99 -50.53 -52.46
C CYS I 16 -48.55 -49.91 -51.19
N GLY I 17 -48.09 -48.70 -50.89
CA GLY I 17 -48.60 -48.01 -49.71
C GLY I 17 -50.09 -47.77 -49.83
N LYS I 18 -50.77 -47.79 -48.69
CA LYS I 18 -52.22 -47.69 -48.71
C LYS I 18 -52.72 -46.34 -49.17
N LYS I 19 -51.84 -45.41 -49.54
CA LYS I 19 -52.30 -44.22 -50.23
C LYS I 19 -52.85 -44.57 -51.60
N LYS I 20 -52.25 -45.55 -52.27
CA LYS I 20 -52.58 -45.82 -53.66
C LYS I 20 -53.80 -46.71 -53.81
N VAL I 21 -54.10 -47.55 -52.80
CA VAL I 21 -55.27 -48.43 -52.91
C VAL I 21 -56.52 -47.59 -53.05
N TRP I 22 -57.41 -48.02 -53.96
CA TRP I 22 -58.65 -47.31 -54.26
C TRP I 22 -59.82 -48.26 -54.09
N LEU I 23 -60.32 -48.38 -52.86
CA LEU I 23 -61.54 -49.13 -52.63
C LEU I 23 -62.69 -48.42 -53.33
N ASP I 24 -63.48 -49.17 -54.09
CA ASP I 24 -64.50 -48.53 -54.91
C ASP I 24 -65.52 -47.82 -54.03
N PRO I 25 -65.96 -46.63 -54.40
CA PRO I 25 -66.83 -45.85 -53.50
C PRO I 25 -68.31 -46.18 -53.63
N ASN I 26 -68.75 -46.64 -54.81
CA ASN I 26 -70.15 -47.00 -55.01
C ASN I 26 -70.46 -48.41 -54.53
N GLU I 27 -69.45 -49.22 -54.26
CA GLU I 27 -69.61 -50.63 -53.94
C GLU I 27 -69.01 -50.93 -52.58
N THR I 28 -69.30 -50.08 -51.59
CA THR I 28 -68.79 -50.32 -50.26
C THR I 28 -69.48 -51.47 -49.58
N ASN I 29 -70.55 -51.99 -50.16
CA ASN I 29 -71.23 -53.11 -49.54
C ASN I 29 -70.49 -54.42 -49.78
N GLU I 30 -70.15 -54.69 -51.04
CA GLU I 30 -69.54 -55.98 -51.36
C GLU I 30 -68.14 -56.11 -50.78
N ILE I 31 -67.42 -55.00 -50.63
CA ILE I 31 -66.12 -55.05 -49.99
C ILE I 31 -66.26 -55.36 -48.51
N ALA I 32 -67.32 -54.86 -47.87
CA ALA I 32 -67.43 -54.94 -46.42
C ALA I 32 -67.42 -56.37 -45.91
N ASN I 33 -67.90 -57.33 -46.70
CA ASN I 33 -67.86 -58.73 -46.31
C ASN I 33 -66.80 -59.51 -47.08
N ALA I 34 -65.73 -58.85 -47.49
CA ALA I 34 -64.56 -59.51 -48.03
C ALA I 34 -63.39 -59.14 -47.12
N ASN I 35 -63.09 -60.02 -46.16
CA ASN I 35 -62.13 -59.70 -45.13
C ASN I 35 -61.09 -60.81 -44.96
N SER I 36 -60.69 -61.44 -46.05
CA SER I 36 -59.58 -62.38 -46.03
C SER I 36 -58.85 -62.30 -47.36
N ARG I 37 -57.54 -62.47 -47.31
CA ARG I 37 -56.74 -62.28 -48.51
C ARG I 37 -56.99 -63.36 -49.56
N GLN I 38 -57.89 -64.29 -49.32
CA GLN I 38 -58.34 -65.21 -50.36
C GLN I 38 -59.48 -64.62 -51.18
N GLN I 39 -60.02 -63.47 -50.77
CA GLN I 39 -61.07 -62.77 -51.49
C GLN I 39 -60.61 -61.44 -52.04
N ILE I 40 -59.82 -60.69 -51.27
CA ILE I 40 -59.29 -59.43 -51.79
C ILE I 40 -58.37 -59.69 -52.97
N ARG I 41 -57.59 -60.76 -52.94
CA ARG I 41 -56.83 -61.13 -54.12
C ARG I 41 -57.75 -61.46 -55.27
N LYS I 42 -58.94 -61.99 -54.98
CA LYS I 42 -59.97 -62.16 -55.99
C LYS I 42 -60.64 -60.83 -56.30
N LEU I 43 -60.82 -59.98 -55.28
CA LEU I 43 -61.62 -58.79 -55.45
C LEU I 43 -60.90 -57.78 -56.35
N ILE I 44 -59.58 -57.91 -56.48
CA ILE I 44 -58.83 -57.07 -57.41
C ILE I 44 -59.08 -57.50 -58.85
N LYS I 45 -59.02 -58.80 -59.13
CA LYS I 45 -59.06 -59.27 -60.51
C LYS I 45 -60.37 -58.89 -61.18
N ASP I 46 -61.43 -58.66 -60.39
CA ASP I 46 -62.69 -58.18 -60.93
C ASP I 46 -62.76 -56.66 -60.98
N GLY I 47 -61.68 -55.97 -60.66
CA GLY I 47 -61.61 -54.53 -60.80
C GLY I 47 -62.35 -53.74 -59.74
N LEU I 48 -63.02 -54.41 -58.80
CA LEU I 48 -63.77 -53.70 -57.79
C LEU I 48 -62.86 -52.86 -56.89
N ILE I 49 -61.56 -53.17 -56.83
CA ILE I 49 -60.56 -52.24 -56.34
C ILE I 49 -59.40 -52.31 -57.31
N ILE I 50 -58.58 -51.27 -57.31
CA ILE I 50 -57.41 -51.18 -58.17
C ILE I 50 -56.30 -50.45 -57.41
N ARG I 51 -55.16 -50.30 -58.06
CA ARG I 51 -54.03 -49.55 -57.54
C ARG I 51 -53.94 -48.24 -58.31
N LYS I 52 -54.07 -47.12 -57.60
CA LYS I 52 -53.96 -45.83 -58.27
C LYS I 52 -52.52 -45.59 -58.70
N PRO I 53 -52.32 -44.91 -59.83
CA PRO I 53 -50.97 -44.66 -60.29
C PRO I 53 -50.28 -43.56 -59.48
N VAL I 54 -48.96 -43.53 -59.60
CA VAL I 54 -48.17 -42.55 -58.88
C VAL I 54 -48.48 -41.15 -59.42
N THR I 55 -48.57 -40.18 -58.52
CA THR I 55 -48.73 -38.80 -58.94
C THR I 55 -47.52 -38.37 -59.77
N VAL I 56 -47.79 -37.65 -60.85
CA VAL I 56 -46.72 -37.30 -61.77
C VAL I 56 -45.72 -36.39 -61.09
N HIS I 57 -44.45 -36.57 -61.44
CA HIS I 57 -43.38 -35.66 -61.04
C HIS I 57 -42.50 -35.48 -62.27
N SER I 58 -42.79 -34.46 -63.05
CA SER I 58 -42.11 -34.26 -64.33
C SER I 58 -40.82 -33.49 -64.15
N ARG I 59 -39.74 -34.02 -64.73
CA ARG I 59 -38.45 -33.35 -64.76
C ARG I 59 -38.28 -32.50 -66.02
N ALA I 60 -39.36 -32.28 -66.76
CA ALA I 60 -39.25 -31.52 -68.01
C ALA I 60 -38.80 -30.09 -67.77
N ARG I 61 -39.34 -29.44 -66.75
CA ARG I 61 -38.89 -28.09 -66.43
C ARG I 61 -37.45 -28.04 -65.96
N CYS I 62 -36.88 -29.19 -65.57
CA CYS I 62 -35.50 -29.20 -65.17
C CYS I 62 -34.55 -29.51 -66.32
N ARG I 63 -35.01 -30.27 -67.33
CA ARG I 63 -34.19 -30.49 -68.51
C ARG I 63 -33.99 -29.19 -69.28
N LYS I 64 -35.08 -28.45 -69.52
CA LYS I 64 -34.98 -27.21 -70.29
C LYS I 64 -33.99 -26.25 -69.64
N ASN I 65 -33.85 -26.32 -68.31
CA ASN I 65 -32.83 -25.52 -67.66
C ASN I 65 -31.44 -26.10 -67.88
N THR I 66 -31.28 -27.41 -67.73
CA THR I 66 -29.94 -27.98 -67.82
C THR I 66 -29.40 -27.87 -69.23
N LEU I 67 -30.27 -27.97 -70.24
CA LEU I 67 -29.81 -27.76 -71.61
C LEU I 67 -29.41 -26.32 -71.85
N ALA I 68 -29.75 -25.42 -70.92
CA ALA I 68 -29.30 -24.03 -71.03
C ALA I 68 -28.08 -23.77 -70.15
N ARG I 69 -27.90 -24.56 -69.10
CA ARG I 69 -26.69 -24.42 -68.29
C ARG I 69 -25.48 -24.94 -69.03
N ARG I 70 -25.66 -25.93 -69.90
CA ARG I 70 -24.52 -26.44 -70.67
C ARG I 70 -23.96 -25.36 -71.59
N LYS I 71 -24.81 -24.49 -72.10
CA LYS I 71 -24.39 -23.53 -73.11
C LYS I 71 -23.79 -22.27 -72.48
N GLY I 72 -24.20 -21.91 -71.27
CA GLY I 72 -23.64 -20.73 -70.62
C GLY I 72 -24.63 -19.92 -69.83
N ARG I 73 -25.91 -20.25 -69.93
CA ARG I 73 -26.93 -19.47 -69.24
C ARG I 73 -26.97 -19.83 -67.76
N HIS I 74 -27.71 -19.01 -67.00
CA HIS I 74 -27.96 -19.23 -65.59
C HIS I 74 -26.69 -19.57 -64.80
N MET I 75 -25.53 -19.12 -65.27
CA MET I 75 -24.31 -19.53 -64.62
C MET I 75 -23.29 -18.39 -64.60
N GLY I 76 -23.76 -17.16 -64.50
CA GLY I 76 -22.88 -16.01 -64.46
C GLY I 76 -22.23 -15.84 -63.11
N ILE I 77 -22.07 -14.57 -62.69
CA ILE I 77 -21.57 -14.29 -61.35
C ILE I 77 -22.71 -14.18 -60.36
N GLY I 78 -23.93 -13.95 -60.82
CA GLY I 78 -25.05 -13.84 -59.92
C GLY I 78 -25.66 -15.15 -59.50
N LYS I 79 -25.15 -16.27 -60.01
CA LYS I 79 -25.67 -17.57 -59.64
C LYS I 79 -24.65 -18.42 -58.89
N ARG I 80 -23.56 -17.82 -58.41
CA ARG I 80 -22.53 -18.55 -57.67
C ARG I 80 -22.57 -18.17 -56.21
N LYS I 81 -22.63 -19.18 -55.34
CA LYS I 81 -22.42 -18.98 -53.92
C LYS I 81 -21.21 -19.71 -53.38
N GLY I 82 -20.77 -20.77 -54.05
CA GLY I 82 -19.63 -21.50 -53.59
C GLY I 82 -18.31 -20.87 -53.98
N THR I 83 -17.29 -21.17 -53.19
CA THR I 83 -15.97 -20.63 -53.44
C THR I 83 -15.47 -21.15 -54.79
N ALA I 84 -14.47 -20.47 -55.35
CA ALA I 84 -13.92 -20.87 -56.65
C ALA I 84 -13.42 -22.31 -56.62
N ASN I 85 -12.87 -22.75 -55.47
CA ASN I 85 -12.49 -24.15 -55.32
C ASN I 85 -13.71 -25.06 -55.34
N ALA I 86 -14.78 -24.67 -54.64
CA ALA I 86 -15.90 -25.58 -54.44
C ALA I 86 -16.56 -25.95 -55.75
N ARG I 87 -16.72 -24.98 -56.67
CA ARG I 87 -17.40 -25.28 -57.93
C ARG I 87 -16.60 -26.27 -58.76
N MET I 88 -15.28 -26.09 -58.84
CA MET I 88 -14.38 -27.00 -59.53
C MET I 88 -13.03 -26.96 -58.84
N PRO I 89 -12.63 -28.02 -58.16
CA PRO I 89 -11.47 -27.93 -57.26
C PRO I 89 -10.18 -27.70 -58.01
N GLU I 90 -9.19 -27.15 -57.32
CA GLU I 90 -7.88 -26.96 -57.94
C GLU I 90 -7.08 -28.25 -57.97
N LYS I 91 -7.30 -29.13 -57.00
CA LYS I 91 -6.59 -30.40 -57.01
C LYS I 91 -7.00 -31.25 -58.20
N VAL I 92 -8.29 -31.25 -58.54
CA VAL I 92 -8.74 -32.05 -59.67
C VAL I 92 -8.32 -31.43 -60.99
N THR I 93 -8.44 -30.11 -61.12
CA THR I 93 -8.10 -29.47 -62.38
C THR I 93 -6.61 -29.65 -62.71
N TRP I 94 -5.76 -29.52 -61.70
CA TRP I 94 -4.37 -29.96 -61.87
C TRP I 94 -4.29 -31.44 -62.19
N MET I 95 -4.89 -32.27 -61.34
CA MET I 95 -4.76 -33.72 -61.46
C MET I 95 -5.11 -34.20 -62.86
N ARG I 96 -6.25 -33.76 -63.40
CA ARG I 96 -6.61 -34.20 -64.73
C ARG I 96 -5.67 -33.66 -65.80
N ARG I 97 -4.86 -32.66 -65.45
CA ARG I 97 -3.93 -32.13 -66.45
C ARG I 97 -2.63 -32.92 -66.45
N MET I 98 -2.23 -33.47 -65.30
CA MET I 98 -1.03 -34.30 -65.28
C MET I 98 -1.28 -35.61 -66.02
N ARG I 99 -2.50 -36.13 -65.94
CA ARG I 99 -2.82 -37.36 -66.65
C ARG I 99 -2.99 -37.17 -68.14
N ILE I 100 -2.92 -35.93 -68.62
CA ILE I 100 -3.00 -35.69 -70.05
C ILE I 100 -1.62 -35.39 -70.61
N LEU I 101 -0.83 -34.62 -69.87
CA LEU I 101 0.52 -34.31 -70.34
C LEU I 101 1.49 -35.44 -70.05
N ARG I 102 1.12 -36.37 -69.17
CA ARG I 102 1.93 -37.57 -69.01
C ARG I 102 1.53 -38.63 -70.01
N ARG I 103 0.22 -38.80 -70.24
CA ARG I 103 -0.26 -39.80 -71.17
C ARG I 103 0.28 -39.52 -72.57
N LEU I 104 0.11 -38.29 -73.04
CA LEU I 104 0.70 -37.91 -74.32
C LEU I 104 2.21 -38.10 -74.31
N LEU I 105 2.84 -37.83 -73.18
CA LEU I 105 4.30 -37.91 -73.14
C LEU I 105 4.77 -39.34 -73.35
N ARG I 106 4.06 -40.31 -72.79
CA ARG I 106 4.50 -41.69 -72.96
C ARG I 106 3.85 -42.35 -74.17
N ARG I 107 2.92 -41.67 -74.84
CA ARG I 107 2.47 -42.15 -76.14
C ARG I 107 3.43 -41.73 -77.23
N TYR I 108 4.30 -40.77 -76.93
CA TYR I 108 5.30 -40.37 -77.89
C TYR I 108 6.56 -41.20 -77.75
N ARG I 109 6.99 -41.46 -76.51
CA ARG I 109 8.24 -42.16 -76.28
C ARG I 109 8.24 -43.54 -76.95
N GLU I 110 7.14 -44.28 -76.80
CA GLU I 110 7.08 -45.59 -77.45
C GLU I 110 6.87 -45.45 -78.95
N SER I 111 6.20 -44.38 -79.39
CA SER I 111 6.00 -44.17 -80.81
C SER I 111 7.25 -43.68 -81.51
N LYS I 112 8.30 -43.38 -80.75
CA LYS I 112 9.60 -42.96 -81.28
C LYS I 112 9.48 -41.68 -82.10
N LYS I 113 8.96 -40.65 -81.44
CA LYS I 113 9.13 -39.27 -81.89
C LYS I 113 10.07 -38.49 -81.00
N ILE I 114 10.08 -38.81 -79.72
CA ILE I 114 11.12 -38.38 -78.79
C ILE I 114 11.80 -39.65 -78.32
N ASP I 115 12.79 -39.51 -77.45
CA ASP I 115 13.60 -40.66 -77.07
C ASP I 115 13.61 -40.75 -75.56
N ARG I 116 14.41 -41.65 -74.98
CA ARG I 116 14.48 -41.77 -73.53
C ARG I 116 14.84 -40.44 -72.88
N HIS I 117 15.91 -39.82 -73.35
CA HIS I 117 16.47 -38.65 -72.66
C HIS I 117 15.47 -37.50 -72.62
N MET I 118 14.79 -37.22 -73.73
CA MET I 118 13.86 -36.10 -73.74
C MET I 118 12.63 -36.39 -72.90
N TYR I 119 12.22 -37.65 -72.82
CA TYR I 119 11.04 -37.99 -72.05
C TYR I 119 11.27 -37.76 -70.56
N HIS I 120 12.52 -37.73 -70.13
CA HIS I 120 12.79 -37.43 -68.73
C HIS I 120 12.64 -35.94 -68.45
N SER I 121 13.40 -35.11 -69.18
CA SER I 121 13.36 -33.68 -68.94
C SER I 121 11.95 -33.12 -69.13
N LEU I 122 11.26 -33.56 -70.18
CA LEU I 122 9.87 -33.16 -70.34
C LEU I 122 9.01 -33.66 -69.19
N TYR I 123 9.44 -34.71 -68.50
CA TYR I 123 8.65 -35.22 -67.38
C TYR I 123 8.82 -34.35 -66.15
N LEU I 124 10.04 -33.87 -65.91
CA LEU I 124 10.24 -32.97 -64.78
C LEU I 124 9.72 -31.58 -65.06
N LYS I 125 9.86 -31.11 -66.30
CA LYS I 125 9.38 -29.78 -66.64
C LYS I 125 7.86 -29.68 -66.52
N VAL I 126 7.14 -30.69 -67.02
CA VAL I 126 5.69 -30.65 -66.92
C VAL I 126 5.27 -30.74 -65.46
N LYS I 127 6.12 -31.32 -64.61
CA LYS I 127 5.80 -31.42 -63.19
C LYS I 127 5.90 -30.06 -62.51
N GLY I 128 6.60 -29.13 -63.13
CA GLY I 128 6.67 -27.77 -62.62
C GLY I 128 5.86 -26.84 -63.50
N ASN I 129 4.88 -27.41 -64.20
CA ASN I 129 3.93 -26.73 -65.08
C ASN I 129 4.55 -25.56 -65.84
N VAL I 130 5.61 -25.87 -66.59
CA VAL I 130 6.02 -24.97 -67.67
C VAL I 130 5.20 -25.22 -68.93
N PHE I 131 4.42 -26.29 -68.97
CA PHE I 131 3.48 -26.56 -70.05
C PHE I 131 2.09 -26.64 -69.44
N LYS I 132 1.18 -25.78 -69.88
CA LYS I 132 -0.10 -25.61 -69.22
C LYS I 132 -1.27 -26.23 -69.93
N ASN I 133 -1.06 -26.87 -71.08
CA ASN I 133 -2.10 -27.68 -71.71
C ASN I 133 -1.41 -28.63 -72.67
N LYS I 134 -2.20 -29.29 -73.52
CA LYS I 134 -1.61 -30.26 -74.43
C LYS I 134 -1.02 -29.61 -75.67
N ARG I 135 -1.70 -28.62 -76.27
CA ARG I 135 -1.18 -28.02 -77.49
C ARG I 135 0.20 -27.42 -77.28
N ILE I 136 0.42 -26.79 -76.12
CA ILE I 136 1.70 -26.13 -75.87
C ILE I 136 2.76 -27.15 -75.51
N LEU I 137 2.38 -28.42 -75.34
CA LEU I 137 3.38 -29.49 -75.29
C LEU I 137 3.62 -30.08 -76.67
N MET I 138 2.53 -30.33 -77.41
CA MET I 138 2.67 -30.80 -78.78
C MET I 138 3.50 -29.84 -79.61
N GLU I 139 3.42 -28.55 -79.29
CA GLU I 139 4.22 -27.57 -80.01
C GLU I 139 5.64 -27.52 -79.49
N HIS I 140 5.82 -27.53 -78.17
CA HIS I 140 7.15 -27.39 -77.62
C HIS I 140 8.02 -28.60 -77.93
N ILE I 141 7.38 -29.72 -78.29
CA ILE I 141 8.13 -30.81 -78.90
C ILE I 141 8.57 -30.43 -80.31
N HIS I 142 7.70 -29.74 -81.05
CA HIS I 142 8.02 -29.43 -82.44
C HIS I 142 9.08 -28.35 -82.54
N LYS I 143 9.45 -27.75 -81.42
CA LYS I 143 10.56 -26.80 -81.43
C LYS I 143 11.87 -27.49 -81.06
N LEU I 144 11.85 -28.29 -80.00
CA LEU I 144 13.05 -29.03 -79.62
C LEU I 144 13.42 -30.03 -80.70
N LYS I 145 12.51 -30.96 -81.00
CA LYS I 145 12.82 -32.04 -81.93
C LYS I 145 13.33 -31.50 -83.26
N ALA I 146 12.80 -30.34 -83.68
CA ALA I 146 13.25 -29.77 -84.95
C ALA I 146 14.66 -29.20 -84.85
N ASP I 147 14.94 -28.46 -83.77
CA ASP I 147 16.25 -27.84 -83.67
C ASP I 147 17.30 -28.83 -83.15
N LYS I 148 16.85 -29.96 -82.61
CA LYS I 148 17.79 -31.05 -82.39
C LYS I 148 18.28 -31.61 -83.72
N ALA I 149 17.38 -31.73 -84.69
CA ALA I 149 17.75 -32.27 -86.00
C ALA I 149 18.78 -31.40 -86.70
N ARG I 150 18.50 -30.10 -86.81
CA ARG I 150 19.40 -29.22 -87.53
C ARG I 150 20.79 -29.22 -86.89
N LYS I 151 20.86 -29.30 -85.56
CA LYS I 151 22.15 -29.42 -84.92
C LYS I 151 22.84 -30.71 -85.32
N LYS I 152 22.07 -31.79 -85.45
CA LYS I 152 22.64 -33.06 -85.91
C LYS I 152 23.17 -32.94 -87.32
N LEU I 153 22.40 -32.32 -88.22
CA LEU I 153 22.85 -32.18 -89.60
C LEU I 153 24.12 -31.35 -89.68
N LEU I 154 24.30 -30.41 -88.76
CA LEU I 154 25.55 -29.65 -88.71
C LEU I 154 26.56 -30.32 -87.80
N ALA I 155 26.21 -31.48 -87.24
CA ALA I 155 27.16 -32.24 -86.44
C ALA I 155 27.65 -33.47 -87.22
N ASP I 156 26.76 -34.11 -87.97
CA ASP I 156 27.18 -35.25 -88.78
C ASP I 156 27.73 -34.80 -90.12
N GLN I 157 27.72 -33.49 -90.37
CA GLN I 157 28.44 -32.94 -91.51
C GLN I 157 29.84 -32.49 -91.09
N ALA I 158 30.00 -32.12 -89.83
CA ALA I 158 31.29 -31.61 -89.36
C ALA I 158 32.31 -32.74 -89.21
N GLU I 159 31.89 -33.88 -88.64
CA GLU I 159 32.84 -34.95 -88.38
C GLU I 159 33.04 -35.82 -89.61
N ALA I 160 32.02 -35.92 -90.48
CA ALA I 160 32.18 -36.68 -91.70
C ALA I 160 33.29 -36.09 -92.56
N ARG I 161 33.32 -34.77 -92.69
CA ARG I 161 34.37 -34.11 -93.45
C ARG I 161 35.68 -34.10 -92.70
N ARG I 162 35.63 -33.93 -91.37
CA ARG I 162 36.86 -33.81 -90.60
C ARG I 162 37.66 -35.09 -90.62
N SER I 163 36.99 -36.25 -90.56
CA SER I 163 37.76 -37.49 -90.58
C SER I 163 38.07 -37.98 -91.97
N LYS I 164 37.15 -37.82 -92.93
CA LYS I 164 37.41 -38.33 -94.27
C LYS I 164 38.77 -37.85 -94.77
N THR I 165 39.04 -36.55 -94.61
CA THR I 165 40.35 -36.01 -94.98
C THR I 165 41.42 -36.42 -93.99
N LYS I 166 41.04 -36.91 -92.80
CA LYS I 166 42.05 -37.38 -91.86
C LYS I 166 42.52 -38.80 -92.19
N GLU I 167 41.61 -39.73 -92.50
CA GLU I 167 42.10 -41.01 -93.04
C GLU I 167 42.60 -40.87 -94.47
N ALA I 168 41.97 -40.03 -95.29
CA ALA I 168 42.56 -39.71 -96.59
C ALA I 168 43.92 -39.04 -96.41
N ARG I 169 44.16 -38.43 -95.26
CA ARG I 169 45.53 -38.08 -94.89
C ARG I 169 46.32 -39.34 -94.53
N LYS I 170 45.69 -40.27 -93.82
CA LYS I 170 46.41 -41.48 -93.43
C LYS I 170 46.71 -42.36 -94.64
N ARG I 171 45.83 -42.35 -95.64
CA ARG I 171 46.09 -43.15 -96.84
C ARG I 171 47.18 -42.52 -97.69
N ARG I 172 47.12 -41.21 -97.91
CA ARG I 172 48.08 -40.56 -98.79
C ARG I 172 49.51 -40.69 -98.26
N GLU I 173 49.66 -40.77 -96.94
CA GLU I 173 50.98 -40.95 -96.36
C GLU I 173 51.44 -42.40 -96.50
N GLU I 174 50.50 -43.35 -96.47
CA GLU I 174 50.88 -44.75 -96.63
C GLU I 174 51.25 -45.07 -98.06
N ARG I 175 50.63 -44.40 -99.03
CA ARG I 175 51.07 -44.56 -100.42
C ARG I 175 52.41 -43.86 -100.65
N LEU I 176 52.83 -43.03 -99.69
CA LEU I 176 54.16 -42.44 -99.76
C LEU I 176 55.21 -43.37 -99.19
N GLN I 177 54.92 -44.02 -98.06
CA GLN I 177 55.91 -44.87 -97.42
C GLN I 177 56.18 -46.13 -98.24
N ALA I 178 55.28 -46.50 -99.15
CA ALA I 178 55.54 -47.65 -100.01
C ALA I 178 56.47 -47.27 -101.16
N LYS I 179 56.34 -46.05 -101.68
CA LYS I 179 57.07 -45.65 -102.88
C LYS I 179 58.34 -44.86 -102.57
N LYS I 180 58.67 -44.68 -101.28
CA LYS I 180 59.95 -44.10 -100.87
C LYS I 180 60.24 -42.74 -101.52
N SER J 1 -43.19 11.60 -1.41
CA SER J 1 -42.41 12.74 -1.88
C SER J 1 -43.23 13.62 -2.79
N HIS J 2 -42.59 14.62 -3.37
CA HIS J 2 -43.23 15.45 -4.39
C HIS J 2 -42.86 14.94 -5.78
N ARG J 3 -43.66 15.31 -6.76
CA ARG J 3 -43.31 14.97 -8.13
C ARG J 3 -41.97 15.61 -8.48
N LYS J 4 -41.07 14.82 -9.06
CA LYS J 4 -39.71 15.29 -9.25
C LYS J 4 -39.67 16.47 -10.21
N PHE J 5 -40.29 16.32 -11.37
CA PHE J 5 -40.35 17.36 -12.38
C PHE J 5 -41.81 17.75 -12.57
N SER J 6 -42.07 19.06 -12.61
CA SER J 6 -43.44 19.48 -12.81
C SER J 6 -43.91 19.14 -14.21
N ALA J 7 -45.23 19.09 -14.39
CA ALA J 7 -45.79 18.72 -15.67
C ALA J 7 -47.25 19.15 -15.72
N PRO J 8 -47.73 19.56 -16.89
CA PRO J 8 -49.15 19.80 -17.06
C PRO J 8 -49.92 18.49 -17.15
N ARG J 9 -51.21 18.58 -16.86
CA ARG J 9 -52.06 17.41 -16.75
C ARG J 9 -52.41 16.84 -18.12
N HIS J 10 -52.92 15.60 -18.12
CA HIS J 10 -53.46 14.99 -19.33
C HIS J 10 -54.97 15.04 -19.30
N GLY J 11 -55.56 15.41 -20.43
CA GLY J 11 -57.01 15.45 -20.53
C GLY J 11 -57.60 16.56 -19.68
N SER J 12 -58.92 16.67 -19.74
CA SER J 12 -59.64 17.71 -19.03
C SER J 12 -60.74 17.08 -18.19
N LEU J 13 -60.81 17.50 -16.93
CA LEU J 13 -61.84 17.00 -16.02
C LEU J 13 -63.18 17.67 -16.25
N GLY J 14 -63.23 18.75 -17.02
CA GLY J 14 -64.51 19.38 -17.29
C GLY J 14 -65.41 18.59 -18.21
N PHE J 15 -64.92 17.50 -18.76
CA PHE J 15 -65.67 16.63 -19.66
C PHE J 15 -65.79 15.22 -19.08
N LEU J 16 -66.08 15.07 -17.79
CA LEU J 16 -65.68 13.78 -17.24
C LEU J 16 -66.81 12.87 -16.75
N PRO J 17 -67.90 12.76 -17.46
CA PRO J 17 -68.54 11.45 -17.59
C PRO J 17 -68.22 10.79 -18.93
N ARG J 18 -66.95 10.48 -19.20
CA ARG J 18 -66.55 10.15 -20.56
C ARG J 18 -67.18 8.81 -20.96
N LYS J 19 -68.29 8.90 -21.68
CA LYS J 19 -69.15 7.75 -21.93
C LYS J 19 -70.00 8.05 -23.16
N ARG J 20 -70.73 7.04 -23.63
CA ARG J 20 -71.62 7.24 -24.77
C ARG J 20 -72.71 8.24 -24.43
N SER J 21 -73.06 9.07 -25.41
CA SER J 21 -74.19 9.96 -25.26
C SER J 21 -75.50 9.18 -25.22
N SER J 22 -76.44 9.68 -24.44
CA SER J 22 -77.78 9.13 -24.47
C SER J 22 -78.54 9.51 -25.73
N ARG J 23 -78.18 10.63 -26.34
CA ARG J 23 -78.86 11.14 -27.53
C ARG J 23 -78.31 10.43 -28.75
N HIS J 24 -78.68 10.91 -29.94
CA HIS J 24 -77.91 10.61 -31.13
C HIS J 24 -77.64 11.89 -31.91
N ARG J 25 -78.48 12.90 -31.72
CA ARG J 25 -78.30 14.21 -32.29
C ARG J 25 -78.00 15.22 -31.20
N GLY J 26 -77.46 16.35 -31.61
CA GLY J 26 -77.15 17.41 -30.66
C GLY J 26 -78.39 17.92 -29.95
N LYS J 27 -78.21 18.25 -28.68
CA LYS J 27 -79.27 18.78 -27.84
C LYS J 27 -78.77 20.11 -27.30
N VAL J 28 -79.11 21.20 -28.01
CA VAL J 28 -78.67 22.52 -27.60
C VAL J 28 -79.14 22.78 -26.18
N LYS J 29 -78.17 22.95 -25.28
CA LYS J 29 -78.47 23.00 -23.85
C LYS J 29 -78.87 24.38 -23.36
N SER J 30 -78.61 25.43 -24.14
CA SER J 30 -78.99 26.78 -23.73
C SER J 30 -79.10 27.66 -24.96
N PHE J 31 -80.31 28.08 -25.28
CA PHE J 31 -80.56 28.90 -26.43
C PHE J 31 -80.09 30.33 -26.21
N PRO J 32 -79.79 31.07 -27.27
CA PRO J 32 -79.33 32.46 -27.08
C PRO J 32 -80.43 33.30 -26.46
N LYS J 33 -80.02 34.33 -25.72
CA LYS J 33 -80.98 35.16 -25.03
C LYS J 33 -81.65 36.11 -26.02
N ASP J 34 -82.95 36.32 -25.82
CA ASP J 34 -83.72 37.15 -26.74
C ASP J 34 -83.65 38.61 -26.34
N ASP J 35 -83.27 39.46 -27.29
CA ASP J 35 -83.34 40.91 -27.11
C ASP J 35 -84.64 41.39 -27.73
N PRO J 36 -85.68 41.67 -26.94
CA PRO J 36 -87.02 41.85 -27.52
C PRO J 36 -87.16 43.07 -28.42
N SER J 37 -86.09 43.82 -28.67
CA SER J 37 -86.15 44.85 -29.68
C SER J 37 -86.16 44.25 -31.08
N LYS J 38 -85.45 43.16 -31.28
CA LYS J 38 -85.33 42.55 -32.59
C LYS J 38 -86.65 41.94 -33.03
N PRO J 39 -86.95 41.94 -34.32
CA PRO J 39 -88.11 41.20 -34.82
C PRO J 39 -87.91 39.70 -34.67
N VAL J 40 -89.03 38.98 -34.54
CA VAL J 40 -88.98 37.56 -34.25
C VAL J 40 -88.23 36.81 -35.34
N HIS J 41 -87.51 35.77 -34.93
CA HIS J 41 -86.74 34.94 -35.86
C HIS J 41 -86.33 33.66 -35.14
N LEU J 42 -86.11 32.61 -35.92
CA LEU J 42 -85.63 31.36 -35.35
C LEU J 42 -84.21 31.51 -34.85
N THR J 43 -83.70 30.46 -34.20
CA THR J 43 -82.36 30.48 -33.63
C THR J 43 -81.47 29.34 -34.12
N ALA J 44 -82.03 28.15 -34.31
CA ALA J 44 -81.22 26.97 -34.57
C ALA J 44 -81.77 26.22 -35.78
N PHE J 45 -80.90 25.38 -36.35
CA PHE J 45 -81.26 24.61 -37.53
C PHE J 45 -80.74 23.19 -37.34
N LEU J 46 -81.02 22.34 -38.33
CA LEU J 46 -80.74 20.91 -38.25
C LEU J 46 -80.21 20.46 -39.59
N GLY J 47 -78.92 20.12 -39.66
CA GLY J 47 -78.27 19.75 -40.89
C GLY J 47 -77.58 18.40 -40.80
N TYR J 48 -77.13 17.94 -41.96
CA TYR J 48 -76.46 16.65 -42.10
C TYR J 48 -75.09 16.89 -42.71
N LYS J 49 -74.07 16.23 -42.16
CA LYS J 49 -72.70 16.49 -42.58
C LYS J 49 -72.32 15.58 -43.73
N ALA J 50 -71.94 16.18 -44.86
CA ALA J 50 -71.69 15.43 -46.08
C ALA J 50 -70.24 15.00 -46.22
N GLY J 51 -69.31 15.94 -46.17
CA GLY J 51 -67.91 15.59 -46.32
C GLY J 51 -67.03 16.78 -46.07
N MET J 52 -66.00 16.94 -46.90
CA MET J 52 -65.07 18.05 -46.77
C MET J 52 -64.48 18.34 -48.13
N THR J 53 -63.99 19.57 -48.31
CA THR J 53 -63.43 19.98 -49.59
C THR J 53 -62.63 21.25 -49.37
N HIS J 54 -61.90 21.66 -50.40
CA HIS J 54 -61.09 22.86 -50.32
C HIS J 54 -61.91 24.12 -50.57
N ILE J 55 -61.21 25.25 -50.46
CA ILE J 55 -61.71 26.54 -50.88
C ILE J 55 -60.49 27.42 -51.11
N VAL J 56 -60.66 28.46 -51.92
CA VAL J 56 -59.59 29.43 -52.14
C VAL J 56 -60.21 30.82 -52.11
N ARG J 57 -59.60 31.72 -51.34
CA ARG J 57 -60.14 33.06 -51.20
C ARG J 57 -59.00 34.05 -51.01
N GLU J 58 -59.30 35.32 -51.22
CA GLU J 58 -58.37 36.36 -50.78
C GLU J 58 -58.52 36.54 -49.27
N VAL J 59 -57.74 37.47 -48.73
CA VAL J 59 -57.87 37.84 -47.33
C VAL J 59 -57.35 39.26 -47.17
N ASP J 60 -58.05 40.05 -46.37
CA ASP J 60 -57.76 41.47 -46.22
C ASP J 60 -57.63 41.85 -44.75
N ARG J 61 -56.90 41.06 -43.99
CA ARG J 61 -56.58 41.45 -42.63
C ARG J 61 -55.42 42.43 -42.66
N PRO J 62 -55.60 43.67 -42.22
CA PRO J 62 -54.52 44.65 -42.33
C PRO J 62 -53.39 44.34 -41.36
N GLY J 63 -52.18 44.30 -41.88
CA GLY J 63 -51.01 44.01 -41.10
C GLY J 63 -50.53 42.57 -41.17
N SER J 64 -51.38 41.64 -41.59
CA SER J 64 -50.96 40.26 -41.67
C SER J 64 -49.96 40.06 -42.80
N LYS J 65 -49.05 39.13 -42.59
CA LYS J 65 -48.10 38.73 -43.62
C LYS J 65 -48.78 37.95 -44.74
N VAL J 66 -50.09 37.77 -44.64
CA VAL J 66 -50.89 37.05 -45.63
C VAL J 66 -51.86 37.97 -46.35
N ASN J 67 -51.77 39.29 -46.13
CA ASN J 67 -52.74 40.21 -46.68
C ASN J 67 -52.74 40.19 -48.21
N LYS J 68 -53.94 40.28 -48.77
CA LYS J 68 -54.17 40.34 -50.22
C LYS J 68 -53.39 39.25 -50.95
N LYS J 69 -53.57 38.01 -50.50
CA LYS J 69 -53.00 36.85 -51.15
C LYS J 69 -54.02 35.73 -51.12
N GLU J 70 -53.77 34.69 -51.91
CA GLU J 70 -54.63 33.52 -51.85
C GLU J 70 -54.40 32.78 -50.54
N VAL J 71 -55.43 32.08 -50.06
CA VAL J 71 -55.30 31.10 -49.00
C VAL J 71 -56.23 29.95 -49.33
N VAL J 72 -55.82 28.75 -48.97
CA VAL J 72 -56.65 27.56 -49.11
C VAL J 72 -57.05 27.09 -47.72
N GLU J 73 -58.31 26.68 -47.57
CA GLU J 73 -58.89 26.51 -46.25
C GLU J 73 -59.85 25.34 -46.26
N ALA J 74 -59.54 24.30 -45.49
CA ALA J 74 -60.40 23.12 -45.46
C ALA J 74 -61.77 23.45 -44.90
N VAL J 75 -62.81 23.00 -45.60
CA VAL J 75 -64.22 23.32 -45.21
C VAL J 75 -65.02 22.01 -45.15
N THR J 76 -66.23 22.07 -44.58
CA THR J 76 -67.19 20.98 -44.64
C THR J 76 -68.30 21.35 -45.61
N ILE J 77 -69.27 20.45 -45.74
CA ILE J 77 -70.49 20.68 -46.50
C ILE J 77 -71.64 20.07 -45.73
N VAL J 78 -72.46 20.90 -45.10
CA VAL J 78 -73.54 20.43 -44.26
C VAL J 78 -74.83 20.59 -45.05
N GLU J 79 -75.32 19.49 -45.62
CA GLU J 79 -76.52 19.55 -46.44
C GLU J 79 -77.74 19.76 -45.56
N THR J 80 -78.52 20.78 -45.88
CA THR J 80 -79.59 21.27 -45.00
C THR J 80 -80.88 21.45 -45.77
N PRO J 81 -81.68 20.40 -45.93
CA PRO J 81 -82.98 20.57 -46.56
C PRO J 81 -83.91 21.34 -45.65
N PRO J 82 -84.88 22.05 -46.20
CA PRO J 82 -85.78 22.85 -45.36
C PRO J 82 -86.63 21.98 -44.45
N MET J 83 -86.75 22.38 -43.18
CA MET J 83 -87.54 21.59 -42.26
C MET J 83 -89.03 21.86 -42.44
N VAL J 84 -89.82 21.29 -41.55
CA VAL J 84 -91.27 21.45 -41.55
C VAL J 84 -91.72 21.63 -40.11
N VAL J 85 -92.39 22.75 -39.84
CA VAL J 85 -92.96 23.02 -38.52
C VAL J 85 -94.21 22.19 -38.33
N VAL J 86 -94.35 21.53 -37.18
CA VAL J 86 -95.57 20.78 -36.88
C VAL J 86 -96.18 21.13 -35.54
N GLY J 87 -95.44 21.62 -34.55
CA GLY J 87 -95.99 21.76 -33.22
C GLY J 87 -95.43 22.97 -32.49
N ILE J 88 -96.19 23.42 -31.50
CA ILE J 88 -95.85 24.57 -30.69
C ILE J 88 -95.82 24.12 -29.23
N VAL J 89 -94.95 24.73 -28.44
CA VAL J 89 -94.84 24.43 -27.02
C VAL J 89 -94.63 25.73 -26.26
N GLY J 90 -95.28 25.85 -25.11
CA GLY J 90 -95.16 27.04 -24.28
C GLY J 90 -94.52 26.72 -22.93
N TYR J 91 -93.60 27.59 -22.52
CA TYR J 91 -92.83 27.37 -21.30
C TYR J 91 -93.15 28.46 -20.29
N VAL J 92 -93.25 28.07 -19.02
CA VAL J 92 -93.57 29.00 -17.95
C VAL J 92 -92.43 28.94 -16.92
N GLU J 93 -92.07 30.08 -16.36
CA GLU J 93 -91.00 30.13 -15.38
C GLU J 93 -91.52 29.74 -14.00
N THR J 94 -90.86 28.78 -13.39
CA THR J 94 -91.19 28.31 -12.05
C THR J 94 -89.95 28.41 -11.18
N PRO J 95 -90.11 28.84 -9.92
CA PRO J 95 -88.95 28.87 -9.01
C PRO J 95 -88.12 27.60 -9.04
N ARG J 96 -88.75 26.45 -9.27
CA ARG J 96 -88.00 25.22 -9.47
C ARG J 96 -87.18 25.27 -10.74
N GLY J 97 -87.81 25.64 -11.87
CA GLY J 97 -87.11 25.72 -13.13
C GLY J 97 -88.03 26.15 -14.27
N LEU J 98 -87.83 25.61 -15.46
CA LEU J 98 -88.72 25.83 -16.59
C LEU J 98 -89.66 24.65 -16.73
N ARG J 99 -90.91 24.93 -17.04
CA ARG J 99 -91.92 23.88 -17.18
C ARG J 99 -92.56 23.96 -18.55
N THR J 100 -92.82 22.80 -19.14
CA THR J 100 -93.71 22.74 -20.28
C THR J 100 -95.10 23.14 -19.83
N PHE J 101 -95.77 24.01 -20.59
CA PHE J 101 -97.09 24.48 -20.20
C PHE J 101 -98.20 23.82 -21.01
N LYS J 102 -98.17 23.96 -22.32
CA LYS J 102 -99.14 23.32 -23.21
C LYS J 102 -98.45 23.04 -24.53
N THR J 103 -99.03 22.13 -25.29
CA THR J 103 -98.51 21.78 -26.61
C THR J 103 -99.66 21.72 -27.60
N VAL J 104 -99.40 22.23 -28.80
CA VAL J 104 -100.37 22.23 -29.89
C VAL J 104 -99.69 21.66 -31.13
N PHE J 105 -100.34 20.71 -31.78
CA PHE J 105 -99.78 20.04 -32.94
C PHE J 105 -100.60 20.36 -34.18
N ALA J 106 -99.94 20.38 -35.33
CA ALA J 106 -100.61 20.79 -36.56
C ALA J 106 -101.63 19.75 -36.99
N GLU J 107 -102.58 20.19 -37.82
CA GLU J 107 -103.64 19.31 -38.30
C GLU J 107 -103.08 18.21 -39.19
N HIS J 108 -102.31 18.57 -40.20
CA HIS J 108 -101.69 17.61 -41.09
C HIS J 108 -100.26 17.36 -40.61
N ILE J 109 -99.97 16.11 -40.28
CA ILE J 109 -98.62 15.70 -39.90
C ILE J 109 -98.07 14.86 -41.03
N SER J 110 -96.95 15.28 -41.60
CA SER J 110 -96.35 14.52 -42.69
C SER J 110 -96.08 13.10 -42.23
N ASP J 111 -96.37 12.13 -43.10
CA ASP J 111 -96.19 10.74 -42.72
C ASP J 111 -94.71 10.44 -42.52
N GLU J 112 -93.84 11.33 -42.98
CA GLU J 112 -92.44 11.28 -42.58
C GLU J 112 -92.31 11.43 -41.07
N CYS J 113 -93.02 12.40 -40.49
CA CYS J 113 -92.90 12.66 -39.06
C CYS J 113 -93.52 11.55 -38.23
N LYS J 114 -94.67 11.01 -38.65
CA LYS J 114 -95.33 9.96 -37.88
C LYS J 114 -94.42 8.78 -37.67
N ARG J 115 -93.45 8.58 -38.56
CA ARG J 115 -92.47 7.52 -38.39
C ARG J 115 -91.77 7.62 -37.06
N ARG J 116 -91.62 8.84 -36.52
CA ARG J 116 -90.71 9.04 -35.42
C ARG J 116 -91.24 8.39 -34.15
N PHE J 117 -92.52 8.57 -33.86
CA PHE J 117 -93.04 8.10 -32.58
C PHE J 117 -93.18 6.61 -32.51
N TYR J 118 -92.65 5.83 -33.44
CA TYR J 118 -92.84 4.39 -33.47
C TYR J 118 -91.51 3.67 -33.47
N LYS J 119 -91.58 2.35 -33.27
CA LYS J 119 -90.42 1.49 -33.36
C LYS J 119 -90.53 0.43 -34.44
N ASN J 120 -91.70 0.25 -35.04
CA ASN J 120 -91.85 -0.70 -36.13
C ASN J 120 -92.90 -0.16 -37.10
N TRP J 121 -92.43 0.34 -38.23
CA TRP J 121 -93.33 0.79 -39.28
C TRP J 121 -93.86 -0.36 -40.12
N HIS J 122 -93.16 -1.50 -40.12
CA HIS J 122 -93.69 -2.70 -40.74
C HIS J 122 -94.77 -3.37 -39.90
N LYS J 123 -94.67 -3.26 -38.58
CA LYS J 123 -95.57 -4.00 -37.70
C LYS J 123 -96.83 -3.22 -37.34
N SER J 124 -96.71 -1.93 -37.07
CA SER J 124 -97.79 -1.19 -36.45
C SER J 124 -98.82 -0.69 -37.45
N LYS J 125 -100.03 -0.47 -36.94
CA LYS J 125 -101.15 0.02 -37.73
C LYS J 125 -101.09 1.53 -37.96
N LYS J 126 -100.05 2.20 -37.46
CA LYS J 126 -99.80 3.61 -37.75
C LYS J 126 -100.97 4.51 -37.36
N LYS J 127 -101.67 4.16 -36.27
CA LYS J 127 -102.70 5.02 -35.70
C LYS J 127 -102.04 5.94 -34.68
N ALA J 128 -101.49 7.05 -35.15
CA ALA J 128 -100.93 8.04 -34.25
C ALA J 128 -101.50 9.39 -34.64
N PHE J 129 -101.86 10.20 -33.65
CA PHE J 129 -102.43 11.52 -33.85
C PHE J 129 -103.71 11.51 -34.67
N THR J 130 -104.27 10.33 -34.95
CA THR J 130 -105.51 10.30 -35.72
C THR J 130 -106.65 10.95 -34.95
N LYS J 131 -106.82 10.58 -33.69
CA LYS J 131 -107.85 11.25 -32.89
C LYS J 131 -107.54 12.71 -32.62
N TYR J 132 -106.33 13.16 -32.91
CA TYR J 132 -105.98 14.56 -32.72
C TYR J 132 -106.21 15.40 -33.97
N CYS J 133 -106.35 14.80 -35.14
CA CYS J 133 -106.61 15.62 -36.32
C CYS J 133 -108.02 16.18 -36.33
N LYS J 134 -108.87 15.74 -35.41
CA LYS J 134 -110.26 16.18 -35.40
C LYS J 134 -110.44 17.58 -34.84
N LYS J 135 -109.69 17.95 -33.81
CA LYS J 135 -109.94 19.23 -33.15
C LYS J 135 -109.83 20.40 -34.10
N TRP J 136 -109.03 20.28 -35.17
CA TRP J 136 -109.00 21.30 -36.20
C TRP J 136 -110.03 21.09 -37.28
N GLN J 137 -110.83 20.03 -37.20
CA GLN J 137 -111.81 19.72 -38.25
C GLN J 137 -113.23 20.15 -37.90
N ASP J 138 -113.65 19.98 -36.65
CA ASP J 138 -114.94 20.47 -36.21
C ASP J 138 -114.77 21.82 -35.51
N ASP J 139 -115.90 22.51 -35.34
CA ASP J 139 -115.85 23.85 -34.73
C ASP J 139 -115.55 23.79 -33.25
N ALA J 140 -116.08 22.78 -32.55
CA ALA J 140 -116.00 22.75 -31.09
C ALA J 140 -114.56 22.74 -30.61
N GLY J 141 -113.70 21.96 -31.26
CA GLY J 141 -112.29 21.94 -30.88
C GLY J 141 -111.63 23.28 -31.07
N LYS J 142 -111.96 23.98 -32.16
CA LYS J 142 -111.39 25.30 -32.42
C LYS J 142 -111.65 26.25 -31.26
N ARG J 143 -112.87 26.20 -30.69
CA ARG J 143 -113.17 27.00 -29.52
C ARG J 143 -112.31 26.59 -28.33
N GLN J 144 -112.04 25.29 -28.21
CA GLN J 144 -111.11 24.82 -27.19
C GLN J 144 -109.66 25.14 -27.59
N LEU J 145 -109.34 24.97 -28.86
CA LEU J 145 -107.96 25.15 -29.30
C LEU J 145 -107.52 26.61 -29.20
N ASP J 146 -108.33 27.53 -29.73
CA ASP J 146 -107.96 28.94 -29.67
C ASP J 146 -107.80 29.41 -28.23
N LYS J 147 -108.50 28.76 -27.30
CA LYS J 147 -108.29 29.06 -25.89
C LYS J 147 -106.88 28.67 -25.47
N ASP J 148 -106.37 27.56 -26.02
CA ASP J 148 -105.02 27.13 -25.68
C ASP J 148 -104.00 28.17 -26.09
N PHE J 149 -104.11 28.70 -27.30
CA PHE J 149 -103.17 29.71 -27.76
C PHE J 149 -103.28 30.99 -26.94
N SER J 150 -104.52 31.40 -26.62
CA SER J 150 -104.70 32.61 -25.82
C SER J 150 -104.06 32.46 -24.45
N SER J 151 -104.23 31.30 -23.82
CA SER J 151 -103.56 31.06 -22.54
C SER J 151 -102.05 31.15 -22.69
N MET J 152 -101.51 30.61 -23.78
CA MET J 152 -100.07 30.65 -23.99
C MET J 152 -99.59 32.09 -24.16
N LYS J 153 -100.47 32.98 -24.61
CA LYS J 153 -100.09 34.38 -24.72
C LYS J 153 -99.90 35.01 -23.34
N LYS J 154 -100.82 34.72 -22.41
CA LYS J 154 -100.82 35.42 -21.13
C LYS J 154 -99.74 34.91 -20.20
N TYR J 155 -99.43 33.61 -20.27
CA TYR J 155 -98.64 32.94 -19.24
C TYR J 155 -97.24 32.53 -19.69
N CYS J 156 -97.13 31.94 -20.87
CA CYS J 156 -95.86 31.37 -21.31
C CYS J 156 -94.86 32.45 -21.64
N GLN J 157 -93.66 32.33 -21.08
CA GLN J 157 -92.63 33.34 -21.29
C GLN J 157 -91.81 33.08 -22.55
N VAL J 158 -91.32 31.86 -22.73
CA VAL J 158 -90.48 31.51 -23.85
C VAL J 158 -91.15 30.41 -24.65
N ILE J 159 -91.23 30.59 -25.96
CA ILE J 159 -91.98 29.70 -26.84
C ILE J 159 -91.01 29.05 -27.82
N ARG J 160 -91.21 27.76 -28.06
CA ARG J 160 -90.40 27.00 -29.00
C ARG J 160 -91.32 26.24 -29.94
N VAL J 161 -90.78 25.87 -31.10
CA VAL J 161 -91.54 25.26 -32.17
C VAL J 161 -90.90 23.93 -32.55
N LEU J 162 -91.72 22.91 -32.75
CA LEU J 162 -91.24 21.56 -33.04
C LEU J 162 -91.10 21.38 -34.55
N ALA J 163 -89.89 21.51 -35.05
CA ALA J 163 -89.63 21.43 -36.48
C ALA J 163 -88.87 20.16 -36.82
N HIS J 164 -89.38 19.41 -37.79
CA HIS J 164 -88.75 18.17 -38.23
C HIS J 164 -88.17 18.35 -39.62
N THR J 165 -87.17 17.54 -39.93
CA THR J 165 -86.46 17.66 -41.20
C THR J 165 -87.15 16.85 -42.29
N GLN J 166 -86.79 17.15 -43.53
CA GLN J 166 -87.14 16.31 -44.65
C GLN J 166 -86.29 15.05 -44.62
N MET J 167 -86.82 13.98 -45.18
CA MET J 167 -86.02 12.79 -45.45
C MET J 167 -86.25 12.22 -46.83
N ARG J 168 -87.34 12.57 -47.50
CA ARG J 168 -87.58 12.14 -48.87
C ARG J 168 -86.69 12.87 -49.86
N LEU J 169 -85.67 13.57 -49.37
CA LEU J 169 -84.69 14.24 -50.22
C LEU J 169 -83.26 13.79 -49.95
N LEU J 170 -82.92 13.49 -48.70
CA LEU J 170 -81.56 13.11 -48.38
C LEU J 170 -81.25 11.73 -48.94
N PRO J 171 -80.02 11.49 -49.42
CA PRO J 171 -79.67 10.18 -49.98
C PRO J 171 -79.09 9.24 -48.93
N LEU J 172 -79.82 9.09 -47.83
CA LEU J 172 -79.45 8.20 -46.75
C LEU J 172 -80.17 6.86 -46.90
N ARG J 173 -80.07 6.03 -45.86
CA ARG J 173 -80.96 4.90 -45.72
C ARG J 173 -82.19 5.23 -44.89
N GLN J 174 -82.28 6.44 -44.37
CA GLN J 174 -83.22 6.75 -43.31
C GLN J 174 -84.52 7.31 -43.86
N LYS J 175 -85.63 6.90 -43.24
CA LYS J 175 -86.95 7.44 -43.51
C LYS J 175 -87.59 7.97 -42.23
N LYS J 176 -86.80 8.31 -41.23
CA LYS J 176 -87.30 8.73 -39.91
C LYS J 176 -86.87 10.17 -39.66
N ALA J 177 -87.82 11.09 -39.76
CA ALA J 177 -87.52 12.50 -39.58
C ALA J 177 -87.05 12.78 -38.16
N HIS J 178 -86.24 13.81 -38.02
CA HIS J 178 -85.71 14.23 -36.72
C HIS J 178 -86.51 15.43 -36.23
N LEU J 179 -87.18 15.27 -35.10
CA LEU J 179 -87.89 16.38 -34.50
C LEU J 179 -86.97 17.17 -33.58
N MET J 180 -87.16 18.48 -33.54
CA MET J 180 -86.34 19.34 -32.73
C MET J 180 -87.17 20.52 -32.26
N GLU J 181 -86.90 20.99 -31.05
CA GLU J 181 -87.45 22.25 -30.58
C GLU J 181 -86.55 23.37 -31.07
N ILE J 182 -87.16 24.41 -31.63
CA ILE J 182 -86.44 25.60 -32.03
C ILE J 182 -87.09 26.78 -31.33
N GLN J 183 -86.27 27.59 -30.66
CA GLN J 183 -86.81 28.74 -29.96
C GLN J 183 -87.08 29.87 -30.94
N VAL J 184 -87.94 30.79 -30.54
CA VAL J 184 -88.20 32.00 -31.31
C VAL J 184 -87.81 33.18 -30.43
N ASN J 185 -86.90 34.01 -30.93
CA ASN J 185 -86.42 35.18 -30.22
C ASN J 185 -86.91 36.43 -30.93
N GLY J 186 -87.66 37.27 -30.23
CA GLY J 186 -88.19 38.47 -30.85
C GLY J 186 -89.01 39.34 -29.94
N GLY J 187 -90.01 40.00 -30.50
CA GLY J 187 -90.82 40.96 -29.77
C GLY J 187 -91.73 40.35 -28.74
N THR J 188 -92.85 41.01 -28.46
CA THR J 188 -93.75 40.55 -27.42
C THR J 188 -94.28 39.15 -27.74
N VAL J 189 -94.67 38.45 -26.68
CA VAL J 189 -95.03 37.04 -26.79
C VAL J 189 -96.17 36.85 -27.77
N ALA J 190 -97.16 37.73 -27.74
CA ALA J 190 -98.32 37.57 -28.62
C ALA J 190 -97.91 37.54 -30.08
N GLU J 191 -97.05 38.47 -30.49
CA GLU J 191 -96.59 38.45 -31.88
C GLU J 191 -95.63 37.31 -32.13
N LYS J 192 -94.91 36.86 -31.08
CA LYS J 192 -94.09 35.67 -31.22
C LYS J 192 -94.95 34.44 -31.51
N LEU J 193 -96.10 34.35 -30.83
CA LEU J 193 -96.99 33.23 -31.07
C LEU J 193 -97.72 33.36 -32.40
N ASP J 194 -98.20 34.57 -32.72
CA ASP J 194 -98.86 34.77 -34.00
C ASP J 194 -97.92 34.48 -35.15
N TRP J 195 -96.61 34.59 -34.92
CA TRP J 195 -95.63 34.19 -35.93
C TRP J 195 -95.60 32.68 -36.09
N ALA J 196 -95.61 31.94 -34.99
CA ALA J 196 -95.53 30.48 -35.09
C ALA J 196 -96.82 29.88 -35.63
N ARG J 197 -97.97 30.38 -35.19
CA ARG J 197 -99.24 29.90 -35.74
C ARG J 197 -99.34 30.20 -37.23
N GLU J 198 -98.60 31.20 -37.71
CA GLU J 198 -98.55 31.48 -39.13
C GLU J 198 -97.59 30.53 -39.84
N ARG J 199 -96.38 30.39 -39.32
CA ARG J 199 -95.39 29.51 -39.94
C ARG J 199 -95.78 28.04 -39.85
N LEU J 200 -96.80 27.71 -39.07
CA LEU J 200 -97.19 26.32 -38.87
C LEU J 200 -97.35 25.61 -40.20
N GLU J 201 -96.96 24.33 -40.23
CA GLU J 201 -97.19 23.40 -41.32
C GLU J 201 -96.43 23.76 -42.58
N GLN J 202 -95.54 24.75 -42.53
CA GLN J 202 -94.88 25.27 -43.71
C GLN J 202 -93.41 24.88 -43.74
N GLN J 203 -92.76 25.20 -44.85
CA GLN J 203 -91.34 24.97 -45.01
C GLN J 203 -90.55 26.16 -44.49
N VAL J 204 -89.35 25.88 -43.97
CA VAL J 204 -88.45 26.90 -43.46
C VAL J 204 -87.10 26.72 -44.14
N PRO J 205 -86.68 27.63 -45.00
CA PRO J 205 -85.37 27.51 -45.64
C PRO J 205 -84.27 27.93 -44.67
N VAL J 206 -83.03 27.58 -45.04
CA VAL J 206 -81.88 27.90 -44.20
C VAL J 206 -81.64 29.41 -44.16
N SER J 207 -81.85 30.08 -45.29
CA SER J 207 -81.54 31.51 -45.37
C SER J 207 -82.34 32.32 -44.36
N GLN J 208 -83.62 31.99 -44.16
CA GLN J 208 -84.46 32.71 -43.23
C GLN J 208 -83.96 32.61 -41.79
N VAL J 209 -83.10 31.64 -41.49
CA VAL J 209 -82.58 31.44 -40.15
C VAL J 209 -81.22 32.10 -39.97
N PHE J 210 -80.31 31.91 -40.93
CA PHE J 210 -78.92 32.32 -40.81
C PHE J 210 -78.60 33.41 -41.81
N GLY J 211 -77.31 33.75 -41.87
CA GLY J 211 -76.76 34.61 -42.88
C GLY J 211 -75.51 34.04 -43.49
N GLN J 212 -74.67 34.94 -44.02
CA GLN J 212 -73.37 34.55 -44.52
C GLN J 212 -72.30 35.25 -43.70
N ASP J 213 -71.22 34.53 -43.44
CA ASP J 213 -70.11 35.01 -42.62
C ASP J 213 -70.57 35.35 -41.20
N GLU J 214 -71.60 34.65 -40.74
CA GLU J 214 -71.96 34.66 -39.33
C GLU J 214 -71.18 33.58 -38.62
N MET J 215 -71.15 33.67 -37.29
CA MET J 215 -70.63 32.59 -36.48
C MET J 215 -71.76 31.70 -36.02
N ILE J 216 -71.64 30.40 -36.29
CA ILE J 216 -72.63 29.43 -35.85
C ILE J 216 -71.92 28.35 -35.08
N ASP J 217 -72.68 27.65 -34.25
CA ASP J 217 -72.13 26.71 -33.28
C ASP J 217 -72.64 25.32 -33.63
N VAL J 218 -71.72 24.38 -33.79
CA VAL J 218 -72.03 23.06 -34.32
C VAL J 218 -72.09 22.08 -33.17
N ILE J 219 -73.25 21.49 -32.94
CA ILE J 219 -73.49 20.58 -31.83
C ILE J 219 -73.91 19.24 -32.39
N GLY J 220 -73.23 18.18 -31.97
CA GLY J 220 -73.57 16.86 -32.45
C GLY J 220 -72.72 15.79 -31.83
N VAL J 221 -73.19 14.55 -31.84
CA VAL J 221 -72.50 13.47 -31.13
C VAL J 221 -71.27 13.08 -31.92
N THR J 222 -70.12 13.06 -31.24
CA THR J 222 -68.84 12.80 -31.86
C THR J 222 -68.82 11.43 -32.53
N LYS J 223 -67.79 11.19 -33.33
CA LYS J 223 -67.54 9.86 -33.85
C LYS J 223 -67.26 8.89 -32.70
N GLY J 224 -67.22 7.61 -33.03
CA GLY J 224 -66.99 6.63 -31.99
C GLY J 224 -65.88 5.65 -32.31
N LYS J 225 -64.87 5.57 -31.45
CA LYS J 225 -63.77 4.63 -31.65
C LYS J 225 -63.82 3.44 -30.70
N GLY J 226 -64.87 3.30 -29.91
CA GLY J 226 -64.99 2.08 -29.13
C GLY J 226 -64.09 2.05 -27.90
N TYR J 227 -64.13 0.89 -27.24
CA TYR J 227 -63.42 0.66 -25.99
C TYR J 227 -61.92 0.77 -26.21
N LYS J 228 -61.29 1.83 -25.73
CA LYS J 228 -59.90 2.09 -26.01
C LYS J 228 -59.09 2.13 -24.73
N GLY J 229 -57.81 1.77 -24.84
CA GLY J 229 -56.92 1.75 -23.70
C GLY J 229 -56.69 3.14 -23.15
N VAL J 230 -55.66 3.25 -22.31
CA VAL J 230 -55.43 4.55 -21.70
C VAL J 230 -54.47 5.40 -22.52
N THR J 231 -53.64 4.79 -23.36
CA THR J 231 -52.74 5.59 -24.20
C THR J 231 -53.49 6.24 -25.34
N SER J 232 -54.46 5.54 -25.92
CA SER J 232 -55.28 6.16 -26.95
C SER J 232 -56.35 7.06 -26.39
N ARG J 233 -56.75 6.88 -25.13
CA ARG J 233 -57.81 7.70 -24.55
C ARG J 233 -57.27 9.03 -24.04
N TRP J 234 -56.38 8.99 -23.08
CA TRP J 234 -55.89 10.19 -22.42
C TRP J 234 -54.52 10.63 -22.90
N HIS J 235 -53.94 9.91 -23.84
CA HIS J 235 -52.64 10.26 -24.42
C HIS J 235 -51.53 10.29 -23.38
N THR J 236 -51.64 9.44 -22.36
CA THR J 236 -50.58 9.29 -21.38
C THR J 236 -49.36 8.62 -22.00
N LYS J 237 -48.20 8.88 -21.41
CA LYS J 237 -46.95 8.36 -21.94
C LYS J 237 -46.96 6.84 -21.95
N LYS J 238 -46.31 6.26 -22.94
CA LYS J 238 -46.04 4.83 -22.93
C LYS J 238 -44.82 4.55 -22.06
N LEU J 239 -44.90 3.50 -21.28
CA LEU J 239 -43.78 3.10 -20.43
C LEU J 239 -42.62 2.65 -21.31
N PRO J 240 -41.44 2.37 -20.73
CA PRO J 240 -40.36 1.80 -21.54
C PRO J 240 -40.75 0.46 -22.15
N ARG J 241 -39.89 -0.10 -23.00
CA ARG J 241 -40.25 -1.30 -23.73
C ARG J 241 -40.11 -2.57 -22.89
N LYS J 242 -39.37 -2.53 -21.78
CA LYS J 242 -38.95 -3.75 -21.12
C LYS J 242 -39.87 -4.17 -19.99
N THR J 243 -41.01 -3.53 -19.82
CA THR J 243 -41.87 -3.78 -18.66
C THR J 243 -42.55 -5.13 -18.76
N HIS J 244 -42.29 -6.01 -17.80
CA HIS J 244 -42.95 -7.32 -17.73
C HIS J 244 -44.37 -7.17 -17.19
N ARG J 245 -45.19 -6.48 -17.97
CA ARG J 245 -46.65 -6.59 -18.08
C ARG J 245 -47.02 -5.66 -19.22
N GLY J 246 -48.30 -5.38 -19.37
CA GLY J 246 -48.69 -4.41 -20.37
C GLY J 246 -47.91 -3.12 -20.31
N LEU J 247 -47.40 -2.68 -21.47
CA LEU J 247 -46.52 -1.53 -21.58
C LEU J 247 -47.19 -0.34 -22.26
N ARG J 248 -48.51 -0.28 -22.24
CA ARG J 248 -49.31 0.78 -22.83
C ARG J 248 -50.36 1.28 -21.84
N LYS J 249 -49.92 1.57 -20.62
CA LYS J 249 -50.81 1.99 -19.57
C LYS J 249 -50.10 2.98 -18.66
N VAL J 250 -50.86 3.59 -17.75
CA VAL J 250 -50.28 4.42 -16.70
C VAL J 250 -49.78 3.50 -15.61
N ALA J 251 -48.96 4.01 -14.70
CA ALA J 251 -48.35 3.13 -13.72
C ALA J 251 -48.80 3.41 -12.30
N CYS J 252 -48.61 4.61 -11.78
CA CYS J 252 -48.97 4.90 -10.40
C CYS J 252 -50.30 5.62 -10.40
N ILE J 253 -51.33 4.95 -9.91
CA ILE J 253 -52.66 5.54 -9.86
C ILE J 253 -53.05 5.95 -8.44
N GLY J 254 -52.07 6.20 -7.58
CA GLY J 254 -52.39 6.70 -6.25
C GLY J 254 -51.29 6.63 -5.23
N ALA J 255 -51.67 6.29 -4.00
CA ALA J 255 -50.77 6.18 -2.87
C ALA J 255 -51.46 5.29 -1.84
N TRP J 256 -50.77 5.00 -0.74
CA TRP J 256 -51.54 4.40 0.35
C TRP J 256 -52.56 5.40 0.85
N HIS J 257 -53.46 4.92 1.73
CA HIS J 257 -54.59 5.74 2.14
C HIS J 257 -55.29 6.24 0.90
N PRO J 258 -56.11 5.40 0.24
CA PRO J 258 -56.39 5.61 -1.18
C PRO J 258 -57.10 6.93 -1.42
N ALA J 259 -56.47 8.00 -0.94
CA ALA J 259 -56.87 9.36 -1.22
C ALA J 259 -56.60 9.74 -2.66
N ARG J 260 -55.92 8.88 -3.40
CA ARG J 260 -55.64 9.12 -4.82
C ARG J 260 -56.04 7.96 -5.71
N VAL J 261 -56.87 7.02 -5.22
CA VAL J 261 -57.47 6.05 -6.13
C VAL J 261 -58.24 6.80 -7.20
N ALA J 262 -57.99 6.45 -8.45
CA ALA J 262 -58.22 7.44 -9.49
C ALA J 262 -59.71 7.68 -9.68
N PHE J 263 -60.27 8.57 -8.87
CA PHE J 263 -61.48 9.25 -9.28
C PHE J 263 -61.17 10.57 -9.97
N SER J 264 -59.92 10.77 -10.40
CA SER J 264 -59.63 11.77 -11.40
C SER J 264 -59.54 11.19 -12.81
N VAL J 265 -58.44 10.51 -13.14
CA VAL J 265 -58.17 10.10 -14.52
C VAL J 265 -57.33 8.84 -14.67
N ALA J 266 -56.97 8.56 -15.94
CA ALA J 266 -56.08 7.49 -16.37
C ALA J 266 -56.75 6.12 -16.29
N ARG J 267 -57.99 6.07 -16.77
CA ARG J 267 -58.78 4.84 -16.74
C ARG J 267 -59.24 4.48 -18.14
N ALA J 268 -59.19 3.19 -18.46
CA ALA J 268 -59.50 2.71 -19.80
C ALA J 268 -61.00 2.52 -19.95
N GLY J 269 -61.66 3.50 -20.57
CA GLY J 269 -63.08 3.40 -20.84
C GLY J 269 -63.40 3.72 -22.28
N GLN J 270 -64.67 3.99 -22.57
CA GLN J 270 -65.05 4.37 -23.93
C GLN J 270 -64.22 5.56 -24.39
N LYS J 271 -64.08 5.68 -25.71
CA LYS J 271 -63.55 6.89 -26.33
C LYS J 271 -64.42 7.23 -27.51
N GLY J 272 -64.71 8.50 -27.69
CA GLY J 272 -65.58 8.92 -28.77
C GLY J 272 -67.04 8.72 -28.42
N TYR J 273 -67.88 9.05 -29.41
CA TYR J 273 -69.33 9.01 -29.26
C TYR J 273 -69.78 9.78 -28.03
N HIS J 274 -69.15 10.91 -27.76
CA HIS J 274 -69.60 11.82 -26.74
C HIS J 274 -70.22 13.05 -27.39
N HIS J 275 -71.24 13.59 -26.73
CA HIS J 275 -71.86 14.82 -27.18
C HIS J 275 -70.85 15.96 -27.03
N ARG J 276 -70.84 16.89 -27.98
CA ARG J 276 -69.88 17.99 -27.97
C ARG J 276 -70.52 19.25 -28.52
N THR J 277 -69.94 20.39 -28.16
CA THR J 277 -70.43 21.70 -28.60
C THR J 277 -69.24 22.56 -28.97
N GLU J 278 -68.88 22.58 -30.25
CA GLU J 278 -67.85 23.49 -30.70
C GLU J 278 -68.47 24.85 -30.99
N ILE J 279 -67.59 25.86 -31.10
CA ILE J 279 -68.03 27.25 -31.17
C ILE J 279 -67.30 28.00 -32.27
N ASN J 280 -67.97 29.02 -32.82
CA ASN J 280 -67.38 29.96 -33.76
C ASN J 280 -66.87 29.29 -35.04
N LYS J 281 -67.67 28.37 -35.57
CA LYS J 281 -67.42 27.87 -36.91
C LYS J 281 -68.06 28.83 -37.91
N LYS J 282 -67.23 29.62 -38.60
CA LYS J 282 -67.75 30.58 -39.55
C LYS J 282 -68.47 29.87 -40.70
N ILE J 283 -69.39 30.56 -41.33
CA ILE J 283 -70.03 30.11 -42.56
C ILE J 283 -69.36 30.80 -43.73
N TYR J 284 -69.21 30.08 -44.84
CA TYR J 284 -68.57 30.64 -46.02
C TYR J 284 -69.51 30.84 -47.19
N LYS J 285 -70.50 29.97 -47.38
CA LYS J 285 -71.39 30.09 -48.52
C LYS J 285 -72.61 29.20 -48.33
N ILE J 286 -73.80 29.76 -48.51
CA ILE J 286 -75.04 29.01 -48.44
C ILE J 286 -75.63 28.98 -49.85
N GLY J 287 -75.47 27.84 -50.52
CA GLY J 287 -75.90 27.73 -51.90
C GLY J 287 -77.40 27.53 -52.04
N GLN J 288 -77.77 26.99 -53.18
CA GLN J 288 -79.14 26.63 -53.49
C GLN J 288 -79.19 25.16 -53.86
N GLY J 289 -80.39 24.66 -54.14
CA GLY J 289 -80.56 23.30 -54.55
C GLY J 289 -80.58 23.14 -56.06
N TYR J 290 -80.91 21.93 -56.49
CA TYR J 290 -81.19 21.71 -57.90
C TYR J 290 -82.63 22.09 -58.21
N LEU J 291 -82.79 22.96 -59.20
CA LEU J 291 -84.09 23.45 -59.62
C LEU J 291 -84.18 23.35 -61.13
N ILE J 292 -85.41 23.23 -61.63
CA ILE J 292 -85.67 23.27 -63.06
C ILE J 292 -86.75 24.30 -63.29
N LYS J 293 -86.38 25.42 -63.91
CA LYS J 293 -87.37 26.37 -64.40
C LYS J 293 -87.78 25.98 -65.82
N ASP J 294 -86.83 26.01 -66.74
CA ASP J 294 -86.96 25.38 -68.05
C ASP J 294 -85.95 24.27 -68.26
N GLY J 295 -84.67 24.57 -68.07
CA GLY J 295 -83.62 23.58 -68.06
C GLY J 295 -83.05 23.42 -66.66
N LYS J 296 -82.13 22.48 -66.54
CA LYS J 296 -81.54 22.18 -65.23
C LYS J 296 -80.63 23.31 -64.76
N LEU J 297 -80.66 23.59 -63.46
CA LEU J 297 -79.79 24.57 -62.84
C LEU J 297 -78.88 23.85 -61.86
N ILE J 298 -77.58 23.84 -62.15
CA ILE J 298 -76.59 23.31 -61.22
C ILE J 298 -75.43 24.27 -60.98
N LYS J 299 -75.17 25.24 -61.86
CA LYS J 299 -74.04 26.14 -61.68
C LYS J 299 -74.22 27.06 -60.47
N ASN J 300 -75.43 27.12 -59.90
CA ASN J 300 -75.67 27.93 -58.71
C ASN J 300 -75.07 27.32 -57.45
N ASN J 301 -74.24 26.28 -57.59
CA ASN J 301 -73.64 25.67 -56.41
C ASN J 301 -72.17 26.06 -56.24
N ALA J 302 -71.36 25.97 -57.29
CA ALA J 302 -69.92 26.00 -57.09
C ALA J 302 -69.19 26.91 -58.06
N SER J 303 -69.62 28.16 -58.21
CA SER J 303 -68.88 29.16 -58.98
C SER J 303 -69.33 30.54 -58.55
N THR J 304 -68.40 31.35 -58.01
CA THR J 304 -68.85 32.58 -57.39
C THR J 304 -68.78 33.82 -58.29
N ASP J 305 -67.58 34.27 -58.64
CA ASP J 305 -67.46 35.27 -59.70
C ASP J 305 -66.18 35.01 -60.49
N TYR J 306 -65.17 34.49 -59.81
CA TYR J 306 -63.83 34.33 -60.37
C TYR J 306 -63.60 32.93 -60.91
N ASP J 307 -64.62 32.09 -60.91
CA ASP J 307 -64.49 30.66 -61.17
C ASP J 307 -65.59 30.18 -62.08
N LEU J 308 -66.10 31.06 -62.95
CA LEU J 308 -67.31 30.80 -63.72
C LEU J 308 -67.22 29.48 -64.47
N SER J 309 -68.19 28.61 -64.22
CA SER J 309 -68.26 27.29 -64.81
C SER J 309 -69.68 26.78 -64.66
N ASP J 310 -69.87 25.50 -64.95
CA ASP J 310 -71.15 24.85 -64.72
C ASP J 310 -70.95 23.74 -63.69
N LYS J 311 -70.07 23.99 -62.74
CA LYS J 311 -69.72 23.00 -61.73
C LYS J 311 -70.87 22.83 -60.73
N SER J 312 -70.70 21.81 -59.89
CA SER J 312 -71.55 21.62 -58.72
C SER J 312 -70.66 21.10 -57.61
N ILE J 313 -71.13 21.24 -56.36
CA ILE J 313 -70.32 20.85 -55.22
C ILE J 313 -70.37 19.36 -54.94
N ASN J 314 -70.99 18.57 -55.81
CA ASN J 314 -70.89 17.13 -55.71
C ASN J 314 -69.65 16.68 -56.47
N PRO J 315 -68.56 16.35 -55.78
CA PRO J 315 -67.33 15.98 -56.48
C PRO J 315 -67.53 14.73 -57.31
N LEU J 316 -66.69 14.60 -58.33
CA LEU J 316 -66.76 13.46 -59.25
C LEU J 316 -66.92 12.16 -58.47
N GLY J 317 -67.92 11.38 -58.84
CA GLY J 317 -68.18 10.18 -58.08
C GLY J 317 -68.78 10.42 -56.72
N GLY J 318 -69.28 11.62 -56.46
CA GLY J 318 -70.04 11.88 -55.25
C GLY J 318 -69.23 11.84 -53.98
N PHE J 319 -69.75 12.47 -52.93
CA PHE J 319 -69.10 12.40 -51.63
C PHE J 319 -69.02 10.96 -51.17
N VAL J 320 -67.84 10.55 -50.69
CA VAL J 320 -67.68 9.19 -50.22
C VAL J 320 -68.60 8.94 -49.05
N HIS J 321 -69.20 7.75 -49.02
CA HIS J 321 -70.01 7.25 -47.92
C HIS J 321 -71.20 8.14 -47.60
N TYR J 322 -71.50 9.14 -48.42
CA TYR J 322 -72.70 9.94 -48.19
C TYR J 322 -73.69 9.88 -49.34
N GLY J 323 -73.25 10.16 -50.55
CA GLY J 323 -74.17 10.30 -51.67
C GLY J 323 -73.94 11.62 -52.35
N GLU J 324 -74.97 12.16 -52.99
CA GLU J 324 -74.86 13.43 -53.68
C GLU J 324 -75.72 14.48 -52.98
N VAL J 325 -75.17 15.68 -52.85
CA VAL J 325 -75.89 16.81 -52.27
C VAL J 325 -76.79 17.39 -53.35
N THR J 326 -78.10 17.37 -53.11
CA THR J 326 -79.07 17.88 -54.08
C THR J 326 -80.02 18.90 -53.44
N ASN J 327 -79.64 19.48 -52.30
CA ASN J 327 -80.49 20.43 -51.61
C ASN J 327 -79.63 21.53 -51.03
N ASP J 328 -80.28 22.52 -50.43
CA ASP J 328 -79.57 23.66 -49.86
C ASP J 328 -78.56 23.20 -48.84
N PHE J 329 -77.35 23.72 -48.94
CA PHE J 329 -76.25 23.32 -48.06
C PHE J 329 -75.58 24.56 -47.50
N VAL J 330 -75.01 24.43 -46.30
CA VAL J 330 -74.29 25.51 -45.64
C VAL J 330 -72.84 25.10 -45.45
N MET J 331 -71.94 25.83 -46.10
CA MET J 331 -70.54 25.46 -46.22
C MET J 331 -69.78 26.09 -45.06
N LEU J 332 -69.53 25.29 -44.03
CA LEU J 332 -68.80 25.78 -42.87
C LEU J 332 -67.32 25.92 -43.19
N LYS J 333 -66.53 26.21 -42.16
CA LYS J 333 -65.08 26.26 -42.27
C LYS J 333 -64.47 25.56 -41.07
N GLY J 334 -63.64 24.57 -41.33
CA GLY J 334 -63.00 23.80 -40.27
C GLY J 334 -63.70 22.46 -40.03
N CYS J 335 -63.10 21.69 -39.14
CA CYS J 335 -63.62 20.36 -38.86
C CYS J 335 -64.79 20.41 -37.89
N VAL J 336 -65.96 20.02 -38.36
CA VAL J 336 -67.12 19.86 -37.51
C VAL J 336 -67.04 18.50 -36.85
N VAL J 337 -67.84 18.31 -35.82
CA VAL J 337 -67.78 17.10 -35.01
C VAL J 337 -68.81 16.10 -35.53
N GLY J 338 -68.35 14.92 -35.94
CA GLY J 338 -69.25 13.87 -36.36
C GLY J 338 -68.86 13.17 -37.64
N THR J 339 -69.26 11.90 -37.75
CA THR J 339 -69.02 11.11 -38.94
C THR J 339 -69.96 11.53 -40.06
N LYS J 340 -69.61 11.17 -41.29
CA LYS J 340 -70.47 11.48 -42.42
C LYS J 340 -71.79 10.74 -42.28
N LYS J 341 -72.85 11.35 -42.78
CA LYS J 341 -74.25 10.94 -42.64
C LYS J 341 -74.81 11.26 -41.26
N ARG J 342 -74.20 12.16 -40.51
CA ARG J 342 -74.60 12.38 -39.13
C ARG J 342 -75.44 13.63 -39.00
N VAL J 343 -76.59 13.51 -38.36
CA VAL J 343 -77.40 14.67 -38.02
C VAL J 343 -76.59 15.59 -37.14
N LEU J 344 -76.70 16.89 -37.38
CA LEU J 344 -75.75 17.86 -36.84
C LEU J 344 -76.50 19.16 -36.61
N THR J 345 -76.57 19.61 -35.36
CA THR J 345 -77.36 20.77 -35.00
C THR J 345 -76.55 22.05 -35.14
N LEU J 346 -77.09 23.02 -35.85
CA LEU J 346 -76.51 24.35 -35.92
C LEU J 346 -77.32 25.29 -35.04
N ARG J 347 -76.64 26.19 -34.35
CA ARG J 347 -77.30 27.11 -33.43
C ARG J 347 -76.66 28.47 -33.51
N LYS J 348 -77.48 29.51 -33.64
CA LYS J 348 -76.96 30.87 -33.63
C LYS J 348 -76.27 31.14 -32.29
N SER J 349 -75.29 32.03 -32.33
CA SER J 349 -74.29 32.09 -31.27
C SER J 349 -74.74 32.96 -30.10
N LEU J 350 -74.33 32.55 -28.90
CA LEU J 350 -74.51 33.34 -27.69
C LEU J 350 -73.41 34.39 -27.53
N LEU J 351 -72.16 33.97 -27.66
CA LEU J 351 -71.01 34.86 -27.47
C LEU J 351 -70.99 35.88 -28.59
N VAL J 352 -71.34 37.13 -28.27
CA VAL J 352 -71.28 38.20 -29.25
C VAL J 352 -69.86 38.33 -29.78
N GLN J 353 -69.72 38.41 -31.10
CA GLN J 353 -68.42 38.55 -31.73
C GLN J 353 -68.23 39.96 -32.25
N THR J 354 -67.06 40.53 -31.97
CA THR J 354 -66.72 41.86 -32.42
C THR J 354 -65.28 41.99 -32.94
N LYS J 355 -64.49 40.93 -32.90
CA LYS J 355 -63.10 41.02 -33.29
C LYS J 355 -62.97 41.22 -34.79
N ARG J 356 -61.75 41.51 -35.24
CA ARG J 356 -61.48 41.54 -36.67
C ARG J 356 -61.76 40.20 -37.32
N ARG J 357 -61.32 39.11 -36.69
CA ARG J 357 -61.40 37.79 -37.31
C ARG J 357 -62.83 37.33 -37.53
N ALA J 358 -63.77 37.76 -36.69
CA ALA J 358 -65.15 37.30 -36.77
C ALA J 358 -66.07 38.21 -37.55
N LEU J 359 -65.62 39.43 -37.88
CA LEU J 359 -66.40 40.35 -38.71
C LEU J 359 -65.85 40.42 -40.13
N GLU J 360 -65.43 39.29 -40.67
CA GLU J 360 -64.82 39.25 -41.98
C GLU J 360 -65.87 39.07 -43.07
N LYS J 361 -65.67 39.76 -44.19
CA LYS J 361 -66.52 39.61 -45.37
C LYS J 361 -65.77 38.77 -46.39
N ILE J 362 -66.33 37.63 -46.76
CA ILE J 362 -65.61 36.59 -47.50
C ILE J 362 -66.25 36.40 -48.87
N ASP J 363 -65.44 36.50 -49.92
CA ASP J 363 -65.85 36.16 -51.28
C ASP J 363 -64.88 35.11 -51.81
N LEU J 364 -65.39 33.93 -52.10
CA LEU J 364 -64.56 32.78 -52.46
C LEU J 364 -63.93 33.00 -53.84
N LYS J 365 -63.09 32.04 -54.24
CA LYS J 365 -62.52 32.08 -55.57
C LYS J 365 -62.53 30.72 -56.26
N PHE J 366 -62.55 29.64 -55.48
CA PHE J 366 -62.40 28.31 -56.07
C PHE J 366 -62.98 27.27 -55.12
N ILE J 367 -64.18 26.78 -55.41
CA ILE J 367 -64.76 25.69 -54.64
C ILE J 367 -64.29 24.40 -55.31
N ASP J 368 -63.28 23.77 -54.71
CA ASP J 368 -62.68 22.57 -55.31
C ASP J 368 -63.70 21.44 -55.37
N THR J 369 -63.70 20.70 -56.47
CA THR J 369 -64.65 19.61 -56.64
C THR J 369 -64.04 18.34 -57.23
N THR J 370 -62.72 18.17 -57.16
CA THR J 370 -62.14 16.93 -57.63
C THR J 370 -62.52 15.79 -56.69
N SER J 371 -62.44 14.57 -57.21
CA SER J 371 -62.95 13.42 -56.48
C SER J 371 -62.20 13.20 -55.18
N LYS J 372 -62.93 12.81 -54.14
CA LYS J 372 -62.35 12.48 -52.85
C LYS J 372 -62.07 11.00 -52.70
N PHE J 373 -62.36 10.21 -53.73
CA PHE J 373 -62.27 8.75 -53.69
C PHE J 373 -60.93 8.28 -54.24
N GLY J 374 -59.87 9.01 -53.94
CA GLY J 374 -58.56 8.75 -54.47
C GLY J 374 -57.89 10.07 -54.75
N HIS J 375 -56.60 10.05 -55.07
CA HIS J 375 -55.93 11.31 -55.33
C HIS J 375 -56.49 11.87 -56.62
N GLY J 376 -57.45 12.77 -56.50
CA GLY J 376 -58.13 13.29 -57.66
C GLY J 376 -57.27 14.27 -58.42
N ARG J 377 -57.54 14.37 -59.72
CA ARG J 377 -56.77 15.25 -60.56
C ARG J 377 -57.60 15.94 -61.64
N PHE J 378 -58.93 15.84 -61.59
CA PHE J 378 -59.78 16.36 -62.66
C PHE J 378 -61.01 16.99 -62.05
N GLN J 379 -61.14 18.31 -62.19
CA GLN J 379 -62.22 19.02 -61.51
C GLN J 379 -63.59 18.57 -61.99
N THR J 380 -63.79 18.49 -63.30
CA THR J 380 -65.11 18.19 -63.84
C THR J 380 -64.98 17.18 -64.97
N VAL J 381 -66.04 16.41 -65.16
CA VAL J 381 -66.03 15.37 -66.19
C VAL J 381 -65.78 15.97 -67.57
N GLU J 382 -66.47 17.08 -67.86
CA GLU J 382 -66.26 17.75 -69.15
C GLU J 382 -64.80 18.16 -69.32
N GLU J 383 -64.12 18.44 -68.21
CA GLU J 383 -62.68 18.68 -68.28
C GLU J 383 -61.91 17.38 -68.39
N LYS J 384 -62.39 16.33 -67.71
CA LYS J 384 -61.67 15.07 -67.70
C LYS J 384 -61.60 14.45 -69.09
N LYS J 385 -62.70 14.50 -69.84
CA LYS J 385 -62.70 13.87 -71.15
C LYS J 385 -61.87 14.67 -72.15
N ALA J 386 -61.69 15.97 -71.90
CA ALA J 386 -60.94 16.80 -72.84
C ALA J 386 -59.45 16.56 -72.73
N PHE J 387 -58.95 16.28 -71.53
CA PHE J 387 -57.54 15.98 -71.35
C PHE J 387 -57.23 14.55 -71.79
N MET J 388 -58.15 13.62 -71.56
CA MET J 388 -57.95 12.23 -71.97
C MET J 388 -58.17 12.07 -73.47
N GLY J 389 -59.40 12.33 -73.92
CA GLY J 389 -59.76 12.12 -75.29
C GLY J 389 -60.69 10.93 -75.45
N PRO J 390 -60.79 10.39 -76.67
CA PRO J 390 -61.58 9.18 -76.86
C PRO J 390 -60.91 7.98 -76.22
N LEU J 391 -61.73 6.97 -75.92
CA LEU J 391 -61.23 5.75 -75.31
C LEU J 391 -61.56 4.56 -76.20
N LYS J 392 -61.23 3.36 -75.70
CA LYS J 392 -61.73 2.15 -76.34
C LYS J 392 -63.19 1.90 -75.97
N LYS J 393 -63.69 2.53 -74.91
CA LYS J 393 -65.09 2.40 -74.57
C LYS J 393 -65.97 3.35 -75.36
N ASP J 394 -65.47 3.80 -76.51
CA ASP J 394 -66.26 4.52 -77.48
C ASP J 394 -65.89 4.06 -78.90
N LYS K 1 -65.72 30.45 48.18
CA LYS K 1 -66.92 31.03 48.77
C LYS K 1 -67.93 31.34 47.69
N ALA K 2 -69.20 31.07 47.98
CA ALA K 2 -70.26 31.27 47.01
C ALA K 2 -71.33 32.15 47.64
N SER K 3 -71.67 33.22 46.95
CA SER K 3 -72.60 34.21 47.48
C SER K 3 -74.03 33.84 47.14
N GLY K 4 -74.95 34.39 47.92
CA GLY K 4 -76.36 34.44 47.57
C GLY K 4 -76.71 35.89 47.37
N THR K 5 -77.37 36.48 48.36
CA THR K 5 -77.38 37.93 48.53
C THR K 5 -76.80 38.19 49.92
N LEU K 6 -75.59 38.73 49.95
CA LEU K 6 -74.82 38.77 51.19
C LEU K 6 -75.56 39.54 52.27
N ARG K 7 -75.16 39.28 53.51
CA ARG K 7 -75.66 39.98 54.67
C ARG K 7 -74.48 40.41 55.52
N GLU K 8 -74.59 41.57 56.15
CA GLU K 8 -73.47 42.17 56.85
C GLU K 8 -73.51 41.72 58.30
N TYR K 9 -72.45 41.07 58.76
CA TYR K 9 -72.40 40.45 60.07
C TYR K 9 -71.41 41.19 60.96
N LYS K 10 -71.77 41.30 62.24
CA LYS K 10 -70.95 41.97 63.23
C LYS K 10 -70.42 40.94 64.20
N VAL K 11 -69.10 40.92 64.38
CA VAL K 11 -68.42 39.85 65.09
C VAL K 11 -67.38 40.46 66.02
N VAL K 12 -67.38 40.04 67.28
CA VAL K 12 -66.36 40.42 68.25
C VAL K 12 -65.77 39.16 68.86
N GLY K 13 -64.46 39.02 68.78
CA GLY K 13 -63.79 37.84 69.29
C GLY K 13 -62.48 38.20 69.92
N ARG K 14 -62.26 37.65 71.11
CA ARG K 14 -61.14 38.04 71.95
C ARG K 14 -60.17 36.89 72.10
N CYS K 15 -58.91 37.23 72.30
CA CYS K 15 -57.93 36.21 72.66
C CYS K 15 -58.36 35.54 73.94
N LEU K 16 -58.18 34.24 74.01
CA LEU K 16 -58.67 33.50 75.16
C LEU K 16 -57.81 33.83 76.37
N PRO K 17 -58.39 34.07 77.54
CA PRO K 17 -57.60 34.58 78.68
C PRO K 17 -56.52 33.62 79.12
N THR K 18 -55.38 34.19 79.50
CA THR K 18 -54.21 33.47 79.97
C THR K 18 -53.64 34.23 81.15
N PRO K 19 -52.78 33.60 81.99
CA PRO K 19 -52.43 34.24 83.27
C PRO K 19 -51.62 35.52 83.11
N LYS K 20 -51.42 35.97 81.87
CA LYS K 20 -50.95 37.32 81.59
C LYS K 20 -52.08 38.22 81.11
N CYS K 21 -53.35 37.78 81.26
CA CYS K 21 -54.48 38.58 80.72
C CYS K 21 -55.82 38.09 81.28
N HIS K 22 -56.35 38.76 82.30
CA HIS K 22 -57.66 38.40 82.88
C HIS K 22 -58.77 38.56 81.83
N THR K 23 -58.73 39.65 81.06
CA THR K 23 -59.77 39.92 80.03
C THR K 23 -59.18 40.81 78.94
N PRO K 24 -58.42 40.22 77.92
CA PRO K 24 -57.56 40.87 76.93
C PRO K 24 -58.40 41.55 75.86
N PRO K 25 -57.84 42.54 75.17
CA PRO K 25 -58.65 43.45 74.36
C PRO K 25 -59.53 42.69 73.37
N LEU K 26 -60.79 43.14 73.27
CA LEU K 26 -61.73 42.54 72.34
C LEU K 26 -61.58 43.18 70.97
N TYR K 27 -61.57 42.35 69.94
CA TYR K 27 -61.39 42.81 68.57
C TYR K 27 -62.69 42.60 67.82
N ARG K 28 -63.14 43.63 67.13
CA ARG K 28 -64.41 43.62 66.41
C ARG K 28 -64.16 43.74 64.92
N MET K 29 -64.99 43.06 64.13
CA MET K 29 -64.97 43.23 62.68
C MET K 29 -66.39 43.38 62.18
N ARG K 30 -66.51 43.97 60.99
CA ARG K 30 -67.79 44.11 60.31
C ARG K 30 -67.65 43.37 58.99
N ILE K 31 -68.15 42.15 58.95
CA ILE K 31 -67.83 41.20 57.89
C ILE K 31 -69.08 40.94 57.06
N PHE K 32 -68.88 40.72 55.76
CA PHE K 32 -69.95 40.33 54.86
C PHE K 32 -69.81 38.87 54.51
N ALA K 33 -70.88 38.10 54.72
CA ALA K 33 -70.85 36.66 54.48
C ALA K 33 -72.27 36.16 54.38
N PRO K 34 -72.54 35.18 53.52
CA PRO K 34 -73.92 34.73 53.30
C PRO K 34 -74.61 34.17 54.53
N ASN K 35 -73.90 33.46 55.40
CA ASN K 35 -74.53 32.91 56.61
C ASN K 35 -73.49 32.82 57.71
N HIS K 36 -73.98 32.67 58.94
CA HIS K 36 -73.15 32.99 60.10
C HIS K 36 -71.87 32.20 60.15
N VAL K 37 -71.89 30.93 59.71
CA VAL K 37 -70.67 30.12 59.79
C VAL K 37 -69.58 30.70 58.90
N VAL K 38 -69.93 31.11 57.70
CA VAL K 38 -68.93 31.73 56.83
C VAL K 38 -68.47 33.06 57.41
N ALA K 39 -69.37 33.79 58.08
CA ALA K 39 -68.94 35.00 58.76
C ALA K 39 -67.97 34.69 59.89
N LYS K 40 -68.22 33.61 60.63
CA LYS K 40 -67.30 33.24 61.71
C LYS K 40 -65.98 32.72 61.15
N SER K 41 -65.92 32.46 59.85
CA SER K 41 -64.70 31.91 59.29
C SER K 41 -63.88 32.99 58.59
N ARG K 42 -64.53 33.97 57.97
CA ARG K 42 -63.78 35.10 57.45
C ARG K 42 -63.23 35.97 58.58
N PHE K 43 -63.87 35.94 59.74
CA PHE K 43 -63.27 36.55 60.91
C PHE K 43 -61.94 35.89 61.24
N TRP K 44 -61.92 34.56 61.32
CA TRP K 44 -60.72 33.87 61.73
C TRP K 44 -59.67 33.90 60.63
N TYR K 45 -59.98 34.50 59.49
CA TYR K 45 -58.95 34.82 58.53
C TYR K 45 -58.43 36.24 58.74
N PHE K 46 -59.34 37.22 58.72
CA PHE K 46 -58.91 38.62 58.77
C PHE K 46 -58.21 38.92 60.09
N VAL K 47 -58.58 38.23 61.17
CA VAL K 47 -57.87 38.42 62.43
C VAL K 47 -56.51 37.75 62.37
N SER K 48 -56.45 36.53 61.83
CA SER K 48 -55.18 35.84 61.72
C SER K 48 -54.18 36.66 60.93
N GLN K 49 -54.64 37.30 59.86
CA GLN K 49 -53.73 38.08 59.03
C GLN K 49 -53.18 39.28 59.77
N LEU K 50 -54.01 39.95 60.57
CA LEU K 50 -53.62 41.21 61.20
C LEU K 50 -52.98 41.00 62.57
N LYS K 51 -53.71 40.40 63.50
CA LYS K 51 -53.22 40.17 64.85
C LYS K 51 -52.73 38.74 64.98
N LYS K 52 -51.70 38.56 65.81
CA LYS K 52 -51.12 37.23 65.99
C LYS K 52 -52.08 36.37 66.80
N MET K 53 -53.21 36.02 66.19
CA MET K 53 -54.31 35.33 66.84
C MET K 53 -54.82 34.25 65.90
N LYS K 54 -55.11 33.08 66.44
CA LYS K 54 -55.48 31.95 65.62
C LYS K 54 -56.87 31.46 65.99
N LYS K 55 -57.39 30.61 65.10
CA LYS K 55 -58.71 30.03 65.27
C LYS K 55 -58.80 29.11 66.47
N SER K 56 -57.66 28.71 67.04
CA SER K 56 -57.63 27.74 68.13
C SER K 56 -57.30 28.37 69.48
N SER K 57 -56.81 29.61 69.50
CA SER K 57 -56.53 30.30 70.74
C SER K 57 -57.51 31.43 71.00
N GLY K 58 -58.48 31.65 70.13
CA GLY K 58 -59.47 32.68 70.31
C GLY K 58 -60.78 32.11 70.82
N GLU K 59 -61.82 32.92 70.71
CA GLU K 59 -63.18 32.49 71.03
C GLU K 59 -64.13 33.55 70.50
N ILE K 60 -65.20 33.11 69.86
CA ILE K 60 -66.18 34.01 69.29
C ILE K 60 -67.10 34.45 70.42
N VAL K 61 -67.41 35.73 70.46
CA VAL K 61 -68.12 36.30 71.60
C VAL K 61 -69.50 36.81 71.23
N TYR K 62 -69.69 37.26 69.99
CA TYR K 62 -71.01 37.69 69.55
C TYR K 62 -71.06 37.65 68.04
N CYS K 63 -72.09 36.99 67.51
CA CYS K 63 -72.26 36.82 66.07
C CYS K 63 -73.74 36.93 65.74
N GLY K 64 -74.11 38.01 65.06
CA GLY K 64 -75.48 38.20 64.64
C GLY K 64 -75.55 39.25 63.57
N GLN K 65 -76.64 39.23 62.80
CA GLN K 65 -76.80 40.17 61.72
C GLN K 65 -76.86 41.59 62.28
N VAL K 66 -76.39 42.53 61.49
CA VAL K 66 -76.54 43.95 61.80
C VAL K 66 -77.56 44.51 60.80
N PHE K 67 -78.82 44.56 61.24
CA PHE K 67 -79.90 44.91 60.34
C PHE K 67 -79.66 46.29 59.75
N GLU K 68 -79.82 46.40 58.44
CA GLU K 68 -79.51 47.64 57.75
C GLU K 68 -80.50 48.73 58.14
N LYS K 69 -79.96 49.91 58.46
CA LYS K 69 -80.79 51.04 58.85
C LYS K 69 -81.32 51.76 57.62
N SER K 70 -82.57 52.19 57.70
CA SER K 70 -83.22 52.93 56.63
C SER K 70 -83.15 52.16 55.32
N PRO K 71 -83.88 51.05 55.18
CA PRO K 71 -83.81 50.28 53.94
C PRO K 71 -84.69 50.84 52.85
N LEU K 72 -85.13 52.08 53.00
CA LEU K 72 -85.97 52.73 52.00
C LEU K 72 -85.39 54.03 51.46
N ARG K 73 -84.35 54.58 52.09
CA ARG K 73 -83.71 55.80 51.61
C ARG K 73 -82.57 55.40 50.70
N VAL K 74 -82.59 55.91 49.48
CA VAL K 74 -81.62 55.48 48.47
C VAL K 74 -80.28 56.11 48.77
N LYS K 75 -79.29 55.29 49.10
CA LYS K 75 -77.98 55.76 49.53
C LYS K 75 -76.97 55.58 48.42
N ASN K 76 -75.93 56.41 48.45
CA ASN K 76 -74.80 56.30 47.52
C ASN K 76 -73.64 55.70 48.31
N PHE K 77 -73.29 54.45 48.02
CA PHE K 77 -72.23 53.76 48.74
C PHE K 77 -70.94 53.77 47.93
N GLY K 78 -69.87 54.25 48.54
CA GLY K 78 -68.54 54.07 47.99
C GLY K 78 -67.83 52.97 48.77
N ILE K 79 -67.09 52.14 48.04
CA ILE K 79 -66.54 50.91 48.60
C ILE K 79 -65.07 50.81 48.25
N TRP K 80 -64.28 50.27 49.18
CA TRP K 80 -62.84 50.13 49.03
C TRP K 80 -62.49 48.65 48.89
N LEU K 81 -61.77 48.30 47.84
CA LEU K 81 -61.48 46.90 47.55
C LEU K 81 -59.98 46.63 47.62
N ARG K 82 -59.63 45.36 47.44
CA ARG K 82 -58.23 44.95 47.31
C ARG K 82 -58.25 43.54 46.72
N TYR K 83 -57.71 43.38 45.52
CA TYR K 83 -57.85 42.09 44.86
C TYR K 83 -56.56 41.74 44.11
N ASP K 84 -56.42 40.46 43.79
CA ASP K 84 -55.22 39.93 43.16
C ASP K 84 -55.54 39.58 41.72
N SER K 85 -54.76 40.12 40.79
CA SER K 85 -55.08 40.12 39.36
C SER K 85 -54.29 39.08 38.60
N ARG K 86 -54.01 37.93 39.20
CA ARG K 86 -53.15 36.89 38.64
C ARG K 86 -51.77 37.45 38.32
N SER K 87 -51.52 38.71 38.68
CA SER K 87 -50.22 39.32 38.50
C SER K 87 -49.81 40.26 39.63
N GLY K 88 -50.59 40.39 40.69
CA GLY K 88 -50.26 41.28 41.79
C GLY K 88 -51.48 41.97 42.40
N THR K 89 -51.38 42.24 43.69
CA THR K 89 -52.48 42.82 44.44
C THR K 89 -52.70 44.29 44.08
N HIS K 90 -53.95 44.72 44.03
CA HIS K 90 -54.30 46.07 43.60
C HIS K 90 -55.27 46.71 44.59
N ASN K 91 -55.22 48.04 44.66
CA ASN K 91 -56.11 48.85 45.48
C ASN K 91 -57.16 49.50 44.59
N MET K 92 -58.43 49.47 45.03
CA MET K 92 -59.49 50.08 44.26
C MET K 92 -60.48 50.79 45.17
N TYR K 93 -61.24 51.70 44.57
CA TYR K 93 -62.31 52.44 45.24
C TYR K 93 -63.47 52.57 44.27
N ARG K 94 -64.52 51.79 44.49
CA ARG K 94 -65.69 51.82 43.64
C ARG K 94 -66.86 52.46 44.37
N GLU K 95 -67.81 53.00 43.59
CA GLU K 95 -68.97 53.66 44.13
C GLU K 95 -70.22 52.97 43.64
N TYR K 96 -71.18 52.79 44.55
CA TYR K 96 -72.36 52.00 44.25
C TYR K 96 -73.58 52.67 44.82
N ARG K 97 -74.75 52.14 44.46
CA ARG K 97 -76.02 52.79 44.75
C ARG K 97 -77.09 51.73 44.93
N ASP K 98 -77.56 51.55 46.16
CA ASP K 98 -78.68 50.67 46.46
C ASP K 98 -79.14 50.96 47.88
N LEU K 99 -80.22 50.29 48.28
CA LEU K 99 -80.86 50.61 49.55
C LEU K 99 -80.04 50.12 50.74
N THR K 100 -79.84 48.82 50.85
CA THR K 100 -79.18 48.25 52.01
C THR K 100 -77.67 48.15 51.78
N THR K 101 -76.91 48.18 52.87
CA THR K 101 -75.46 48.15 52.76
C THR K 101 -75.00 46.86 52.09
N ALA K 102 -75.59 45.73 52.46
CA ALA K 102 -75.23 44.46 51.82
C ALA K 102 -75.54 44.49 50.35
N GLY K 103 -76.67 45.09 49.96
CA GLY K 103 -77.03 45.15 48.56
C GLY K 103 -76.08 45.99 47.74
N ALA K 104 -75.19 46.72 48.42
CA ALA K 104 -74.11 47.39 47.71
C ALA K 104 -72.93 46.44 47.49
N VAL K 105 -72.47 45.79 48.56
CA VAL K 105 -71.32 44.90 48.44
C VAL K 105 -71.65 43.72 47.54
N THR K 106 -72.83 43.12 47.74
CA THR K 106 -73.22 42.02 46.86
C THR K 106 -73.11 42.41 45.41
N GLN K 107 -73.48 43.64 45.09
CA GLN K 107 -73.29 44.15 43.74
C GLN K 107 -71.82 44.14 43.37
N CYS K 108 -70.93 44.51 44.31
CA CYS K 108 -69.51 44.60 44.01
C CYS K 108 -68.94 43.24 43.63
N TYR K 109 -69.40 42.16 44.26
CA TYR K 109 -68.89 40.84 43.90
C TYR K 109 -69.45 40.39 42.57
N ARG K 110 -70.73 40.64 42.31
CA ARG K 110 -71.28 40.33 40.99
C ARG K 110 -70.66 41.21 39.92
N ASP K 111 -70.02 42.31 40.33
CA ASP K 111 -69.44 43.23 39.36
C ASP K 111 -67.94 43.04 39.19
N MET K 112 -67.19 42.91 40.28
CA MET K 112 -65.79 42.52 40.15
C MET K 112 -65.67 41.14 39.54
N GLY K 113 -66.71 40.33 39.66
CA GLY K 113 -66.73 39.09 38.92
C GLY K 113 -66.77 39.31 37.43
N ALA K 114 -67.47 40.36 36.99
CA ALA K 114 -67.70 40.55 35.57
C ALA K 114 -66.60 41.37 34.92
N ARG K 115 -66.27 42.53 35.49
CA ARG K 115 -65.34 43.44 34.85
C ARG K 115 -63.88 43.16 35.15
N HIS K 116 -63.58 42.24 36.08
CA HIS K 116 -62.19 41.93 36.36
C HIS K 116 -61.91 40.46 36.63
N ARG K 117 -62.91 39.59 36.55
CA ARG K 117 -62.72 38.15 36.68
C ARG K 117 -61.90 37.79 37.91
N ALA K 118 -62.29 38.34 39.05
CA ALA K 118 -61.75 37.94 40.35
C ALA K 118 -62.85 37.19 41.09
N ARG K 119 -62.60 35.93 41.42
CA ARG K 119 -63.74 35.04 41.57
C ARG K 119 -64.55 35.30 42.83
N ALA K 120 -64.08 34.90 43.99
CA ALA K 120 -64.74 35.31 45.22
C ALA K 120 -63.75 35.46 46.36
N HIS K 121 -62.57 34.85 46.20
CA HIS K 121 -61.66 34.64 47.31
C HIS K 121 -60.44 35.52 47.26
N SER K 122 -60.20 36.21 46.16
CA SER K 122 -59.09 37.14 46.07
C SER K 122 -59.51 38.57 46.35
N ILE K 123 -60.57 38.78 47.12
CA ILE K 123 -61.14 40.10 47.34
C ILE K 123 -61.34 40.32 48.84
N GLN K 124 -60.86 41.45 49.33
CA GLN K 124 -60.99 41.83 50.73
C GLN K 124 -61.56 43.24 50.82
N ILE K 125 -62.68 43.37 51.51
CA ILE K 125 -63.30 44.68 51.73
C ILE K 125 -62.50 45.43 52.80
N MET K 126 -62.26 46.73 52.56
CA MET K 126 -61.69 47.57 53.61
C MET K 126 -62.75 48.43 54.29
N LYS K 127 -63.45 49.27 53.54
CA LYS K 127 -64.52 50.08 54.10
C LYS K 127 -65.70 50.09 53.15
N VAL K 128 -66.90 50.06 53.71
CA VAL K 128 -68.13 50.28 52.97
C VAL K 128 -68.81 51.46 53.64
N GLU K 129 -68.73 52.63 53.02
CA GLU K 129 -69.11 53.89 53.65
C GLU K 129 -70.15 54.60 52.81
N GLU K 130 -71.24 55.01 53.46
CA GLU K 130 -72.24 55.85 52.79
C GLU K 130 -71.64 57.20 52.50
N ILE K 131 -71.78 57.66 51.26
CA ILE K 131 -71.32 58.99 50.86
C ILE K 131 -72.49 59.75 50.26
N ALA K 132 -72.65 61.01 50.67
CA ALA K 132 -73.73 61.82 50.15
C ALA K 132 -73.41 62.27 48.72
N ALA K 133 -74.37 62.96 48.11
CA ALA K 133 -74.26 63.30 46.70
C ALA K 133 -73.03 64.15 46.41
N SER K 134 -72.63 65.00 47.35
CA SER K 134 -71.57 65.95 47.07
C SER K 134 -70.22 65.30 46.84
N LYS K 135 -70.03 64.05 47.27
CA LYS K 135 -68.70 63.48 47.38
C LYS K 135 -68.40 62.38 46.36
N CYS K 136 -69.40 61.91 45.61
CA CYS K 136 -69.17 60.83 44.66
C CYS K 136 -68.25 61.29 43.54
N ARG K 137 -67.59 60.33 42.90
CA ARG K 137 -66.73 60.60 41.75
C ARG K 137 -67.22 59.95 40.46
N ARG K 138 -67.55 58.68 40.50
CA ARG K 138 -67.78 57.93 39.27
C ARG K 138 -69.01 58.46 38.54
N PRO K 139 -68.92 58.74 37.24
CA PRO K 139 -70.10 59.24 36.52
C PRO K 139 -71.24 58.23 36.45
N ALA K 140 -70.96 56.95 36.66
CA ALA K 140 -72.01 55.94 36.59
C ALA K 140 -72.98 56.05 37.76
N VAL K 141 -72.66 56.84 38.78
CA VAL K 141 -73.59 57.09 39.87
C VAL K 141 -73.80 58.59 39.99
N LYS K 142 -72.82 59.37 39.54
CA LYS K 142 -73.03 60.81 39.45
C LYS K 142 -74.06 61.15 38.37
N GLN K 143 -74.44 60.18 37.57
CA GLN K 143 -75.48 60.37 36.57
C GLN K 143 -76.82 60.71 37.17
N PHE K 144 -77.01 60.49 38.48
CA PHE K 144 -78.30 60.63 39.12
C PHE K 144 -78.22 61.69 40.22
N HIS K 145 -78.79 62.86 39.95
CA HIS K 145 -79.36 63.70 41.00
C HIS K 145 -80.77 64.05 40.53
N ASP K 146 -81.76 63.51 41.23
CA ASP K 146 -83.10 63.36 40.68
C ASP K 146 -83.96 64.60 40.89
N SER K 147 -83.44 65.76 40.49
CA SER K 147 -84.29 66.94 40.47
C SER K 147 -85.36 66.77 39.40
N LYS K 148 -84.95 66.43 38.18
CA LYS K 148 -85.87 66.35 37.05
C LYS K 148 -85.54 65.17 36.14
N ILE K 149 -85.04 64.07 36.69
CA ILE K 149 -84.60 62.98 35.83
C ILE K 149 -85.80 62.29 35.20
N LYS K 150 -85.62 61.83 33.97
CA LYS K 150 -86.67 61.11 33.27
C LYS K 150 -86.06 60.38 32.08
N PHE K 151 -86.59 59.20 31.79
CA PHE K 151 -86.17 58.47 30.60
C PHE K 151 -87.27 57.49 30.22
N PRO K 152 -87.42 57.20 28.93
CA PRO K 152 -88.38 56.18 28.50
C PRO K 152 -87.71 54.82 28.34
N LEU K 153 -88.55 53.79 28.31
CA LEU K 153 -88.03 52.45 28.06
C LEU K 153 -88.05 52.20 26.56
N PRO K 154 -86.91 52.31 25.89
CA PRO K 154 -86.92 52.46 24.44
C PRO K 154 -87.29 51.21 23.65
N HIS K 155 -86.70 50.07 23.99
CA HIS K 155 -86.81 48.86 23.17
C HIS K 155 -87.16 47.71 24.12
N ARG K 156 -88.46 47.50 24.32
CA ARG K 156 -88.96 46.51 25.26
C ARG K 156 -89.20 45.19 24.52
N VAL K 157 -88.61 44.11 25.03
CA VAL K 157 -88.59 42.83 24.36
C VAL K 157 -89.00 41.73 25.33
N LEU K 158 -89.81 40.79 24.85
CA LEU K 158 -90.13 39.59 25.60
C LEU K 158 -90.29 38.43 24.62
N ARG K 159 -89.51 37.37 24.86
CA ARG K 159 -89.43 36.20 23.98
C ARG K 159 -90.53 35.22 24.37
N ARG K 160 -91.77 35.63 24.13
CA ARG K 160 -92.96 34.89 24.56
C ARG K 160 -92.84 33.41 24.18
N GLN K 161 -92.91 32.54 25.17
CA GLN K 161 -93.04 31.11 24.92
C GLN K 161 -94.21 30.57 25.71
N HIS K 162 -94.42 31.09 26.93
CA HIS K 162 -95.69 30.82 27.62
C HIS K 162 -96.84 31.39 26.82
N LYS K 163 -96.69 32.59 26.31
CA LYS K 163 -97.53 32.97 25.20
C LYS K 163 -97.06 32.21 23.96
N PRO K 164 -97.99 31.76 23.12
CA PRO K 164 -97.75 30.53 22.35
C PRO K 164 -96.51 30.59 21.47
N ARG K 165 -95.85 29.44 21.34
CA ARG K 165 -94.71 29.33 20.45
C ARG K 165 -95.09 29.68 19.02
N PHE K 166 -96.32 29.39 18.63
CA PHE K 166 -96.81 29.69 17.29
C PHE K 166 -97.96 30.68 17.42
N THR K 167 -97.83 31.83 16.77
CA THR K 167 -98.81 32.90 16.86
C THR K 167 -98.89 33.62 15.54
N THR K 168 -99.90 34.46 15.41
CA THR K 168 -100.19 35.09 14.13
C THR K 168 -99.58 36.48 14.01
N LYS K 169 -99.24 37.11 15.12
CA LYS K 169 -98.77 38.49 15.11
C LYS K 169 -97.28 38.60 15.39
N ARG K 170 -96.67 39.62 14.83
CA ARG K 170 -95.36 40.04 15.28
C ARG K 170 -95.54 41.09 16.36
N PRO K 171 -95.02 40.85 17.56
CA PRO K 171 -95.38 41.71 18.70
C PRO K 171 -94.85 43.12 18.57
N ASN K 172 -95.53 44.04 19.25
CA ASN K 172 -95.16 45.46 19.23
C ASN K 172 -94.09 45.71 20.28
N THR K 173 -92.91 46.17 19.84
CA THR K 173 -91.83 46.50 20.74
C THR K 173 -91.71 47.99 21.03
N PHE K 174 -92.67 48.80 20.59
CA PHE K 174 -92.70 50.20 20.98
C PHE K 174 -93.47 50.42 22.26
N PHE K 175 -94.06 49.37 22.83
CA PHE K 175 -94.92 49.53 23.98
C PHE K 175 -94.27 48.96 25.20
N THR L 1 -26.73 7.06 45.40
CA THR L 1 -27.05 5.73 45.87
C THR L 1 -25.85 5.20 46.65
N ASN L 2 -26.09 4.36 47.66
CA ASN L 2 -25.00 3.73 48.41
C ASN L 2 -25.43 2.35 48.90
N THR L 3 -24.63 1.82 49.83
CA THR L 3 -24.57 0.40 50.10
C THR L 3 -24.54 0.16 51.60
N LYS L 4 -24.48 -1.11 51.98
CA LYS L 4 -24.58 -1.53 53.37
C LYS L 4 -23.34 -1.12 54.14
N GLY L 5 -23.44 -1.19 55.47
CA GLY L 5 -22.35 -0.81 56.34
C GLY L 5 -22.87 -0.63 57.74
N LYS L 6 -21.99 -0.68 58.74
CA LYS L 6 -22.47 -0.60 60.11
C LYS L 6 -22.90 0.81 60.47
N ARG L 7 -22.13 1.81 60.06
CA ARG L 7 -22.46 3.21 60.28
C ARG L 7 -22.46 3.90 58.93
N ARG L 8 -23.59 3.84 58.24
CA ARG L 8 -23.79 4.55 56.99
C ARG L 8 -24.85 5.61 57.21
N GLY L 9 -24.55 6.84 56.80
CA GLY L 9 -25.49 7.92 57.00
C GLY L 9 -25.58 8.42 58.42
N THR L 10 -24.70 7.97 59.30
CA THR L 10 -24.61 8.51 60.66
C THR L 10 -23.51 9.57 60.72
N ARG L 11 -23.62 10.54 59.82
CA ARG L 11 -22.76 11.71 59.89
C ARG L 11 -23.26 12.70 60.93
N TYR L 12 -24.57 12.80 61.09
CA TYR L 12 -25.18 13.67 62.07
C TYR L 12 -25.77 12.94 63.27
N MET L 13 -26.05 11.64 63.13
CA MET L 13 -26.63 10.89 64.23
C MET L 13 -25.75 10.94 65.47
N PHE L 14 -24.46 10.69 65.31
CA PHE L 14 -23.52 10.50 66.41
C PHE L 14 -22.55 11.66 66.49
N SER L 15 -23.05 12.88 66.32
CA SER L 15 -22.21 14.02 66.02
C SER L 15 -21.98 14.96 67.21
N ARG L 16 -22.31 14.55 68.43
CA ARG L 16 -21.93 15.32 69.61
C ARG L 16 -22.34 16.78 69.52
N PRO L 17 -23.61 17.11 69.86
CA PRO L 17 -24.17 18.44 69.54
C PRO L 17 -23.20 19.59 69.70
N PHE L 18 -23.30 20.59 68.84
CA PHE L 18 -22.16 21.38 68.39
C PHE L 18 -21.85 22.55 69.31
N ARG L 19 -22.09 22.36 70.61
CA ARG L 19 -21.42 23.16 71.62
C ARG L 19 -20.96 22.29 72.79
N LYS L 20 -20.74 21.00 72.56
CA LYS L 20 -20.38 20.08 73.65
C LYS L 20 -19.47 19.00 73.09
N HIS L 21 -18.17 19.22 73.20
CA HIS L 21 -17.17 18.21 72.91
C HIS L 21 -16.30 18.02 74.14
N GLY L 22 -15.82 16.81 74.33
CA GLY L 22 -14.98 16.50 75.47
C GLY L 22 -15.56 15.35 76.27
N VAL L 23 -14.92 15.08 77.41
CA VAL L 23 -15.33 13.95 78.25
C VAL L 23 -16.80 14.06 78.60
N VAL L 24 -17.48 12.91 78.60
CA VAL L 24 -18.89 12.89 78.99
C VAL L 24 -19.01 13.27 80.46
N PRO L 25 -19.89 14.20 80.81
CA PRO L 25 -20.02 14.60 82.22
C PRO L 25 -20.36 13.39 83.07
N LEU L 26 -19.75 13.34 84.25
CA LEU L 26 -19.75 12.11 85.04
C LEU L 26 -21.05 11.85 85.77
N ALA L 27 -22.12 12.61 85.51
CA ALA L 27 -23.40 12.24 86.10
C ALA L 27 -24.09 11.19 85.26
N THR L 28 -23.46 10.79 84.16
CA THR L 28 -23.97 9.66 83.38
C THR L 28 -23.66 8.34 84.06
N TYR L 29 -22.53 8.27 84.76
CA TYR L 29 -22.07 6.98 85.26
C TYR L 29 -22.74 6.60 86.58
N MET L 30 -22.93 7.56 87.49
CA MET L 30 -23.50 7.17 88.77
C MET L 30 -24.98 6.86 88.67
N ARG L 31 -25.57 6.98 87.49
CA ARG L 31 -26.98 6.66 87.33
C ARG L 31 -27.15 5.15 87.31
N ILE L 32 -27.75 4.59 88.35
CA ILE L 32 -27.85 3.15 88.53
C ILE L 32 -29.06 2.62 87.78
N TYR L 33 -28.84 1.59 86.96
CA TYR L 33 -29.90 0.95 86.21
C TYR L 33 -30.25 -0.37 86.87
N LYS L 34 -31.50 -0.78 86.71
CA LYS L 34 -32.00 -1.96 87.40
C LYS L 34 -32.92 -2.71 86.46
N LYS L 35 -33.08 -4.01 86.71
CA LYS L 35 -33.92 -4.83 85.85
C LYS L 35 -35.34 -4.28 85.82
N GLY L 36 -35.92 -4.28 84.62
CA GLY L 36 -37.33 -3.98 84.46
C GLY L 36 -37.70 -2.52 84.30
N ASP L 37 -36.74 -1.60 84.28
CA ASP L 37 -37.05 -0.20 84.08
C ASP L 37 -36.73 0.20 82.64
N ILE L 38 -37.27 1.35 82.24
CA ILE L 38 -37.34 1.74 80.84
C ILE L 38 -36.21 2.71 80.54
N VAL L 39 -35.48 2.44 79.46
CA VAL L 39 -34.41 3.31 79.00
C VAL L 39 -34.72 3.72 77.57
N ASP L 40 -34.20 4.86 77.16
CA ASP L 40 -34.32 5.31 75.78
C ASP L 40 -32.92 5.38 75.18
N ILE L 41 -32.74 4.73 74.05
CA ILE L 41 -31.42 4.57 73.47
C ILE L 41 -31.07 5.82 72.68
N LYS L 42 -29.87 6.34 72.90
CA LYS L 42 -29.39 7.54 72.21
C LYS L 42 -27.91 7.36 71.95
N GLY L 43 -27.52 7.39 70.68
CA GLY L 43 -26.14 7.16 70.33
C GLY L 43 -25.26 8.33 70.72
N MET L 44 -24.01 8.03 71.05
CA MET L 44 -23.01 9.03 71.38
C MET L 44 -21.73 8.72 70.62
N GLY L 45 -21.07 9.76 70.13
CA GLY L 45 -19.91 9.58 69.30
C GLY L 45 -18.57 9.66 69.99
N THR L 46 -18.56 9.79 71.32
CA THR L 46 -17.32 9.88 72.06
C THR L 46 -16.86 8.52 72.58
N VAL L 47 -17.64 7.47 72.35
CA VAL L 47 -17.47 6.20 73.04
C VAL L 47 -16.96 5.11 72.10
N GLN L 48 -17.65 4.90 70.99
CA GLN L 48 -17.20 4.03 69.91
C GLN L 48 -17.26 2.55 70.28
N LYS L 49 -17.55 2.23 71.53
CA LYS L 49 -17.67 0.84 71.97
C LYS L 49 -19.11 0.55 72.33
N GLY L 50 -19.64 -0.55 71.81
CA GLY L 50 -21.00 -0.92 72.11
C GLY L 50 -22.03 0.07 71.67
N MET L 51 -21.71 0.92 70.70
CA MET L 51 -22.68 1.88 70.21
C MET L 51 -23.90 1.13 69.69
N PRO L 52 -25.10 1.59 70.00
CA PRO L 52 -26.28 1.03 69.35
C PRO L 52 -26.23 1.28 67.86
N HIS L 53 -26.68 0.29 67.10
CA HIS L 53 -26.73 0.45 65.65
C HIS L 53 -27.64 1.62 65.28
N LYS L 54 -27.41 2.18 64.09
CA LYS L 54 -28.13 3.39 63.69
C LYS L 54 -29.64 3.18 63.73
N CYS L 55 -30.11 1.96 63.51
CA CYS L 55 -31.53 1.72 63.50
C CYS L 55 -32.15 1.95 64.87
N TYR L 56 -31.35 1.83 65.94
CA TYR L 56 -31.86 1.89 67.29
C TYR L 56 -31.67 3.25 67.96
N HIS L 57 -31.41 4.29 67.19
CA HIS L 57 -31.18 5.62 67.75
C HIS L 57 -32.52 6.29 68.00
N GLY L 58 -33.16 5.95 69.12
CA GLY L 58 -34.43 6.52 69.50
C GLY L 58 -35.43 5.53 70.07
N LYS L 59 -35.36 4.28 69.64
CA LYS L 59 -36.25 3.25 70.15
C LYS L 59 -35.96 2.97 71.62
N THR L 60 -37.01 2.71 72.39
CA THR L 60 -36.90 2.54 73.83
C THR L 60 -37.33 1.13 74.21
N GLY L 61 -36.77 0.63 75.31
CA GLY L 61 -37.10 -0.68 75.79
C GLY L 61 -36.90 -0.80 77.28
N ARG L 62 -36.65 -2.00 77.77
CA ARG L 62 -36.42 -2.20 79.19
C ARG L 62 -35.24 -3.14 79.38
N VAL L 63 -34.40 -2.82 80.35
CA VAL L 63 -33.15 -3.54 80.56
C VAL L 63 -33.39 -4.82 81.36
N TYR L 64 -32.95 -5.94 80.79
CA TYR L 64 -33.08 -7.25 81.41
C TYR L 64 -31.77 -7.83 81.86
N ASN L 65 -30.65 -7.35 81.33
CA ASN L 65 -29.31 -7.78 81.70
C ASN L 65 -28.50 -6.57 82.11
N VAL L 66 -28.07 -6.53 83.36
CA VAL L 66 -27.21 -5.47 83.85
C VAL L 66 -25.84 -6.06 84.14
N THR L 67 -24.85 -5.61 83.40
CA THR L 67 -23.49 -6.09 83.46
C THR L 67 -22.62 -4.98 84.06
N GLN L 68 -21.30 -5.19 84.08
CA GLN L 68 -20.42 -4.22 84.70
C GLN L 68 -20.48 -2.87 84.01
N HIS L 69 -20.30 -2.84 82.70
CA HIS L 69 -20.19 -1.59 81.96
C HIS L 69 -21.32 -1.39 80.95
N ALA L 70 -22.32 -2.25 80.97
CA ALA L 70 -23.30 -2.25 79.89
C ALA L 70 -24.59 -2.88 80.40
N VAL L 71 -25.66 -2.63 79.66
CA VAL L 71 -26.98 -3.10 80.03
C VAL L 71 -27.70 -3.58 78.78
N GLY L 72 -27.98 -4.88 78.72
CA GLY L 72 -28.75 -5.45 77.63
C GLY L 72 -30.14 -4.83 77.64
N ILE L 73 -30.74 -4.74 76.47
CA ILE L 73 -32.02 -4.06 76.30
C ILE L 73 -32.91 -4.91 75.41
N VAL L 74 -34.20 -4.91 75.69
CA VAL L 74 -35.19 -5.47 74.77
C VAL L 74 -35.82 -4.34 74.00
N VAL L 75 -35.67 -4.34 72.68
CA VAL L 75 -36.11 -3.24 71.84
C VAL L 75 -37.08 -3.80 70.80
N ASN L 76 -37.93 -2.93 70.28
CA ASN L 76 -38.88 -3.30 69.23
C ASN L 76 -38.44 -2.69 67.91
N LYS L 77 -37.76 -3.46 67.09
CA LYS L 77 -37.38 -3.07 65.73
C LYS L 77 -38.14 -3.94 64.75
N GLN L 78 -38.72 -3.32 63.73
CA GLN L 78 -39.60 -4.04 62.83
C GLN L 78 -38.88 -4.31 61.52
N VAL L 79 -38.81 -5.59 61.18
CA VAL L 79 -38.65 -6.03 59.79
C VAL L 79 -40.06 -6.06 59.24
N LYS L 80 -40.18 -6.24 57.92
CA LYS L 80 -41.40 -5.91 57.20
C LYS L 80 -42.70 -6.25 57.94
N GLY L 81 -42.94 -7.53 58.22
CA GLY L 81 -44.24 -7.88 58.77
C GLY L 81 -44.20 -8.13 60.25
N LYS L 82 -43.00 -8.17 60.79
CA LYS L 82 -42.78 -8.72 62.12
C LYS L 82 -42.10 -7.68 62.98
N ILE L 83 -42.82 -7.17 63.96
CA ILE L 83 -42.21 -6.29 64.95
C ILE L 83 -41.50 -7.15 65.98
N LEU L 84 -40.22 -7.41 65.73
CA LEU L 84 -39.44 -8.29 66.58
C LEU L 84 -39.14 -7.64 67.92
N ALA L 85 -38.77 -8.45 68.89
CA ALA L 85 -38.24 -7.94 70.16
C ALA L 85 -36.77 -8.33 70.21
N LYS L 86 -35.90 -7.42 69.82
CA LYS L 86 -34.50 -7.73 69.62
C LYS L 86 -33.67 -7.29 70.82
N ARG L 87 -32.85 -8.20 71.32
CA ARG L 87 -31.97 -7.92 72.45
C ARG L 87 -30.66 -7.36 71.93
N ILE L 88 -30.24 -6.21 72.47
CA ILE L 88 -28.96 -5.62 72.13
C ILE L 88 -28.21 -5.30 73.41
N ASN L 89 -26.93 -5.02 73.26
CA ASN L 89 -26.07 -4.67 74.39
C ASN L 89 -25.39 -3.34 74.11
N VAL L 90 -25.57 -2.37 75.00
CA VAL L 90 -25.04 -1.02 74.83
C VAL L 90 -24.33 -0.61 76.10
N ARG L 91 -23.33 0.26 75.97
CA ARG L 91 -22.67 0.81 77.15
C ARG L 91 -23.60 1.82 77.82
N ILE L 92 -23.42 2.01 79.13
CA ILE L 92 -24.32 2.85 79.90
C ILE L 92 -24.27 4.29 79.41
N GLU L 93 -23.10 4.75 78.97
CA GLU L 93 -22.98 6.17 78.66
C GLU L 93 -23.58 6.54 77.32
N HIS L 94 -24.32 5.64 76.67
CA HIS L 94 -25.17 6.03 75.55
C HIS L 94 -26.60 6.30 76.02
N ILE L 95 -27.22 5.32 76.66
CA ILE L 95 -28.64 5.40 76.99
C ILE L 95 -28.84 6.16 78.29
N LYS L 96 -30.08 6.57 78.53
CA LYS L 96 -30.43 7.31 79.74
C LYS L 96 -31.82 6.91 80.17
N HIS L 97 -32.16 7.23 81.41
CA HIS L 97 -33.46 6.84 81.92
C HIS L 97 -34.58 7.57 81.18
N SER L 98 -35.75 6.93 81.14
CA SER L 98 -36.91 7.46 80.45
C SER L 98 -37.82 8.16 81.44
N LYS L 99 -38.23 9.37 81.11
CA LYS L 99 -39.20 10.09 81.94
C LYS L 99 -40.64 9.76 81.57
N SER L 100 -40.86 8.88 80.59
CA SER L 100 -42.22 8.49 80.24
C SER L 100 -42.89 7.75 81.39
N ARG L 101 -42.35 6.59 81.76
CA ARG L 101 -42.96 5.75 82.78
C ARG L 101 -43.01 6.45 84.13
N ASP L 102 -42.00 7.26 84.44
CA ASP L 102 -41.97 7.93 85.74
C ASP L 102 -43.12 8.92 85.88
N SER L 103 -43.61 9.46 84.76
CA SER L 103 -44.82 10.26 84.83
C SER L 103 -46.06 9.41 85.12
N PHE L 104 -45.93 8.09 85.10
CA PHE L 104 -47.02 7.20 85.48
C PHE L 104 -46.85 6.70 86.90
N LEU L 105 -45.64 6.27 87.28
CA LEU L 105 -45.41 5.86 88.66
C LEU L 105 -45.57 7.04 89.62
N LYS L 106 -45.58 8.25 89.10
CA LYS L 106 -45.89 9.40 89.94
C LYS L 106 -47.38 9.45 90.26
N ARG L 107 -48.22 9.16 89.26
CA ARG L 107 -49.65 9.29 89.50
C ARG L 107 -50.26 8.02 90.08
N VAL L 108 -49.56 6.88 89.99
CA VAL L 108 -50.02 5.69 90.68
C VAL L 108 -50.06 5.91 92.17
N LYS L 109 -49.00 6.55 92.71
CA LYS L 109 -48.93 6.81 94.14
C LYS L 109 -50.06 7.72 94.60
N GLU L 110 -50.33 8.79 93.85
CA GLU L 110 -51.30 9.76 94.32
C GLU L 110 -52.73 9.23 94.21
N ASN L 111 -53.02 8.48 93.15
CA ASN L 111 -54.36 7.95 92.98
C ASN L 111 -54.72 6.99 94.11
N ASP L 112 -53.78 6.13 94.50
CA ASP L 112 -54.02 5.27 95.65
C ASP L 112 -54.07 6.08 96.94
N GLN L 113 -53.33 7.19 96.99
CA GLN L 113 -53.37 8.04 98.18
C GLN L 113 -54.72 8.73 98.31
N LYS L 114 -55.21 9.31 97.23
CA LYS L 114 -56.50 9.99 97.27
C LYS L 114 -57.62 9.00 97.57
N LYS L 115 -57.58 7.83 96.95
CA LYS L 115 -58.61 6.82 97.20
C LYS L 115 -58.61 6.38 98.65
N LYS L 116 -57.42 6.18 99.23
CA LYS L 116 -57.34 5.78 100.64
C LYS L 116 -57.68 6.93 101.57
N GLU L 117 -57.46 8.18 101.14
CA GLU L 117 -57.87 9.33 101.92
C GLU L 117 -59.36 9.57 101.79
N ALA L 118 -59.96 9.09 100.70
CA ALA L 118 -61.39 9.26 100.47
C ALA L 118 -62.21 8.04 100.89
N LYS L 119 -61.63 7.12 101.66
CA LYS L 119 -62.38 6.02 102.25
C LYS L 119 -63.17 6.47 103.47
N GLU L 120 -63.16 7.77 103.74
CA GLU L 120 -63.90 8.35 104.84
C GLU L 120 -64.84 9.47 104.40
N LYS L 121 -64.83 9.74 103.10
CA LYS L 121 -65.80 10.66 102.43
C LYS L 121 -66.94 9.83 101.85
N GLY L 122 -66.67 8.59 101.43
CA GLY L 122 -67.74 7.70 100.93
C GLY L 122 -68.09 7.91 99.46
N THR L 123 -67.37 8.78 98.75
CA THR L 123 -67.61 8.96 97.30
C THR L 123 -66.35 8.51 96.52
N TRP L 124 -66.46 8.31 95.21
CA TRP L 124 -65.28 7.93 94.46
C TRP L 124 -64.85 9.10 93.61
N VAL L 125 -63.77 9.77 94.04
CA VAL L 125 -63.16 10.74 93.18
C VAL L 125 -62.80 10.12 91.83
N GLN L 126 -62.80 10.94 90.79
CA GLN L 126 -62.93 10.44 89.43
C GLN L 126 -61.62 9.87 88.88
N LEU L 127 -61.76 8.95 87.92
CA LEU L 127 -60.62 8.26 87.33
C LEU L 127 -59.79 9.24 86.52
N LYS L 128 -58.76 8.70 85.89
CA LYS L 128 -57.75 9.53 85.24
C LYS L 128 -58.32 10.31 84.06
N ARG L 129 -58.21 11.62 84.11
CA ARG L 129 -58.05 12.46 82.93
C ARG L 129 -59.11 12.19 81.88
N GLN L 130 -60.34 12.55 82.19
CA GLN L 130 -61.29 12.70 81.11
C GLN L 130 -60.71 13.69 80.10
N PRO L 131 -60.83 13.44 78.80
CA PRO L 131 -60.19 14.32 77.82
C PRO L 131 -60.70 15.74 77.94
N ALA L 132 -59.98 16.66 77.30
CA ALA L 132 -60.19 18.08 77.55
C ALA L 132 -61.63 18.47 77.23
N PRO L 133 -62.37 18.97 78.20
CA PRO L 133 -63.80 19.26 77.99
C PRO L 133 -63.99 20.44 77.05
N PRO L 134 -65.23 20.72 76.66
CA PRO L 134 -65.51 22.01 76.01
C PRO L 134 -65.29 23.18 76.96
N ARG L 135 -65.44 24.41 76.50
CA ARG L 135 -64.86 25.55 77.19
C ARG L 135 -65.76 26.15 78.28
N GLU L 136 -66.86 25.50 78.65
CA GLU L 136 -67.57 25.89 79.86
C GLU L 136 -68.08 27.33 79.84
N ALA L 137 -69.17 27.58 79.13
CA ALA L 137 -69.74 28.91 78.93
C ALA L 137 -69.66 29.78 80.17
N HIS L 138 -69.40 31.06 79.94
CA HIS L 138 -69.22 32.05 80.99
C HIS L 138 -69.70 33.40 80.45
N PHE L 139 -69.33 34.47 81.13
CA PHE L 139 -69.52 35.84 80.66
C PHE L 139 -68.18 36.43 80.25
N VAL L 140 -68.23 37.62 79.67
CA VAL L 140 -67.04 38.44 79.49
C VAL L 140 -67.38 39.86 79.91
N ARG L 141 -66.61 40.39 80.85
CA ARG L 141 -66.79 41.79 81.22
C ARG L 141 -66.18 42.68 80.16
N THR L 142 -66.94 43.69 79.75
CA THR L 142 -66.41 44.67 78.83
C THR L 142 -66.88 46.09 79.17
N ASN L 143 -67.44 46.29 80.36
CA ASN L 143 -68.12 47.54 80.66
C ASN L 143 -67.14 48.72 80.63
N GLY L 144 -67.59 49.83 80.07
CA GLY L 144 -66.81 51.04 80.03
C GLY L 144 -65.99 51.23 78.77
N LYS L 145 -65.71 50.18 78.00
CA LYS L 145 -64.87 50.28 76.83
C LYS L 145 -65.68 49.91 75.61
N GLU L 146 -65.03 49.97 74.45
CA GLU L 146 -65.61 49.51 73.20
C GLU L 146 -64.56 48.73 72.41
N PRO L 147 -64.96 47.65 71.75
CA PRO L 147 -64.00 46.89 70.95
C PRO L 147 -63.43 47.73 69.82
N GLU L 148 -62.17 47.46 69.48
CA GLU L 148 -61.57 48.13 68.34
C GLU L 148 -62.17 47.63 67.04
N LEU L 149 -62.15 48.47 66.03
CA LEU L 149 -62.69 48.14 64.71
C LEU L 149 -61.54 47.74 63.80
N LEU L 150 -61.28 46.44 63.70
CA LEU L 150 -60.22 45.97 62.83
C LEU L 150 -60.65 46.06 61.37
N GLU L 151 -59.67 46.21 60.49
CA GLU L 151 -59.92 46.25 59.05
C GLU L 151 -58.63 45.93 58.33
N PRO L 152 -58.72 45.41 57.10
CA PRO L 152 -57.49 45.07 56.36
C PRO L 152 -56.69 46.32 55.99
N ILE L 153 -55.39 46.12 55.80
CA ILE L 153 -54.46 47.18 55.44
C ILE L 153 -54.30 47.22 53.92
N PRO L 154 -53.97 48.36 53.32
CA PRO L 154 -53.85 48.43 51.87
C PRO L 154 -52.57 47.78 51.38
N TYR L 155 -52.50 47.56 50.07
CA TYR L 155 -51.39 46.81 49.50
C TYR L 155 -50.21 47.74 49.27
N GLU L 156 -49.07 47.40 49.84
CA GLU L 156 -47.83 48.13 49.64
C GLU L 156 -46.78 47.18 49.07
N PHE L 157 -46.39 47.41 47.83
CA PHE L 157 -45.39 46.58 47.17
C PHE L 157 -44.01 47.05 47.59
N MET L 158 -43.33 46.24 48.39
CA MET L 158 -41.96 46.51 48.79
C MET L 158 -41.01 46.01 47.71
N ALA L 159 -39.74 46.35 47.88
CA ALA L 159 -38.70 45.92 46.94
C ALA L 159 -38.58 44.41 46.95
N GLN M 1 -34.91 -53.93 -96.15
CA GLN M 1 -35.23 -53.60 -94.77
C GLN M 1 -36.54 -52.85 -94.69
N VAL M 2 -37.52 -53.44 -94.00
CA VAL M 2 -38.85 -52.86 -93.85
C VAL M 2 -39.22 -52.90 -92.37
N LEU M 3 -39.41 -51.73 -91.78
CA LEU M 3 -39.95 -51.59 -90.43
C LEU M 3 -41.42 -51.24 -90.57
N LYS M 4 -42.26 -52.26 -90.69
CA LYS M 4 -43.67 -52.11 -91.04
C LYS M 4 -44.49 -52.14 -89.75
N PHE M 5 -45.46 -51.25 -89.65
CA PHE M 5 -46.40 -51.22 -88.54
C PHE M 5 -47.82 -51.34 -89.06
N THR M 6 -48.77 -51.44 -88.13
CA THR M 6 -50.15 -51.76 -88.47
C THR M 6 -51.07 -51.17 -87.41
N LEU M 7 -52.29 -50.85 -87.84
CA LEU M 7 -53.29 -50.26 -86.95
C LEU M 7 -54.66 -50.59 -87.50
N ASP M 8 -55.34 -51.57 -86.91
CA ASP M 8 -56.66 -51.98 -87.39
C ASP M 8 -57.76 -51.52 -86.45
N CYS M 9 -58.84 -51.02 -87.04
CA CYS M 9 -60.06 -50.65 -86.33
C CYS M 9 -61.24 -51.10 -87.18
N THR M 10 -61.68 -52.34 -86.95
CA THR M 10 -62.62 -52.96 -87.87
C THR M 10 -64.05 -52.51 -87.60
N HIS M 11 -64.60 -52.88 -86.46
CA HIS M 11 -66.01 -52.60 -86.24
C HIS M 11 -66.30 -51.13 -85.90
N PRO M 12 -65.44 -50.41 -85.18
CA PRO M 12 -65.76 -48.98 -84.96
C PRO M 12 -65.95 -48.21 -86.25
N VAL M 13 -65.15 -48.48 -87.28
CA VAL M 13 -65.42 -47.89 -88.58
C VAL M 13 -66.68 -48.48 -89.19
N GLU M 14 -66.90 -49.77 -88.98
CA GLU M 14 -68.11 -50.40 -89.49
C GLU M 14 -69.32 -50.12 -88.63
N ASP M 15 -69.14 -49.49 -87.47
CA ASP M 15 -70.25 -48.87 -86.75
C ASP M 15 -70.45 -47.42 -87.14
N GLY M 16 -69.60 -46.88 -88.01
CA GLY M 16 -69.77 -45.55 -88.55
C GLY M 16 -69.27 -44.42 -87.68
N ILE M 17 -68.78 -44.71 -86.48
CA ILE M 17 -68.39 -43.64 -85.55
C ILE M 17 -67.23 -42.82 -86.11
N MET M 18 -66.23 -43.47 -86.70
CA MET M 18 -65.07 -42.77 -87.21
C MET M 18 -64.90 -43.05 -88.69
N ASP M 19 -63.89 -42.42 -89.29
CA ASP M 19 -63.62 -42.51 -90.72
C ASP M 19 -62.15 -42.83 -90.93
N ALA M 20 -61.87 -43.92 -91.64
CA ALA M 20 -60.48 -44.30 -91.89
C ALA M 20 -59.90 -43.55 -93.08
N ALA M 21 -60.73 -42.81 -93.83
CA ALA M 21 -60.20 -41.97 -94.89
C ALA M 21 -59.71 -40.64 -94.34
N ASN M 22 -60.46 -40.06 -93.41
CA ASN M 22 -59.96 -38.89 -92.70
C ASN M 22 -58.69 -39.24 -91.94
N PHE M 23 -58.66 -40.44 -91.33
CA PHE M 23 -57.50 -40.88 -90.57
C PHE M 23 -56.22 -40.75 -91.37
N GLU M 24 -56.22 -41.22 -92.62
CA GLU M 24 -55.03 -41.08 -93.46
C GLU M 24 -54.65 -39.62 -93.65
N GLN M 25 -55.63 -38.76 -93.93
CA GLN M 25 -55.33 -37.36 -94.09
C GLN M 25 -54.69 -36.80 -92.83
N PHE M 26 -55.11 -37.29 -91.66
CA PHE M 26 -54.55 -36.81 -90.41
C PHE M 26 -53.11 -37.29 -90.22
N LEU M 27 -52.85 -38.56 -90.52
CA LEU M 27 -51.49 -39.07 -90.33
C LEU M 27 -50.53 -38.52 -91.37
N GLN M 28 -50.94 -38.50 -92.64
CA GLN M 28 -50.05 -38.01 -93.69
C GLN M 28 -49.69 -36.55 -93.46
N GLU M 29 -50.53 -35.81 -92.76
CA GLU M 29 -50.21 -34.42 -92.41
C GLU M 29 -49.20 -34.34 -91.27
N ARG M 30 -49.31 -35.23 -90.29
CA ARG M 30 -48.66 -35.00 -89.00
C ARG M 30 -47.33 -35.71 -88.84
N ILE M 31 -47.15 -36.89 -89.45
CA ILE M 31 -46.01 -37.73 -89.11
C ILE M 31 -44.70 -36.98 -89.37
N LYS M 32 -43.88 -36.91 -88.34
CA LYS M 32 -42.63 -36.16 -88.37
C LYS M 32 -41.46 -37.13 -88.49
N VAL M 33 -41.02 -37.40 -89.71
CA VAL M 33 -39.74 -38.07 -89.92
C VAL M 33 -38.71 -36.97 -90.15
N ASN M 34 -37.54 -37.13 -89.54
CA ASN M 34 -36.44 -36.17 -89.64
C ASN M 34 -36.81 -34.81 -89.08
N GLY M 35 -37.99 -34.66 -88.49
CA GLY M 35 -38.47 -33.36 -88.05
C GLY M 35 -39.25 -32.60 -89.09
N LYS M 36 -39.76 -33.27 -90.12
CA LYS M 36 -40.52 -32.66 -91.20
C LYS M 36 -41.96 -33.14 -91.17
N ALA M 37 -42.88 -32.26 -91.57
CA ALA M 37 -44.31 -32.56 -91.55
C ALA M 37 -44.88 -32.49 -92.96
N GLY M 38 -45.11 -33.65 -93.58
CA GLY M 38 -45.70 -33.68 -94.90
C GLY M 38 -45.07 -34.69 -95.83
N ASN M 39 -45.70 -34.93 -96.99
CA ASN M 39 -45.24 -35.88 -97.99
C ASN M 39 -45.15 -37.31 -97.42
N LEU M 40 -46.33 -37.84 -97.10
CA LEU M 40 -46.50 -39.14 -96.46
C LEU M 40 -45.87 -39.16 -95.08
N GLY M 41 -45.58 -37.99 -94.52
CA GLY M 41 -44.70 -37.85 -93.38
C GLY M 41 -43.27 -37.51 -93.75
N GLY M 42 -42.87 -37.77 -94.99
CA GLY M 42 -41.51 -37.58 -95.43
C GLY M 42 -41.16 -38.60 -96.50
N GLY M 43 -39.99 -38.45 -97.13
CA GLY M 43 -39.64 -39.34 -98.22
C GLY M 43 -39.39 -40.78 -97.82
N VAL M 44 -38.89 -41.00 -96.61
CA VAL M 44 -38.43 -42.33 -96.20
C VAL M 44 -39.52 -43.19 -95.58
N VAL M 45 -40.77 -42.74 -95.58
CA VAL M 45 -41.88 -43.56 -95.12
C VAL M 45 -42.93 -43.61 -96.20
N THR M 46 -44.03 -44.32 -95.94
CA THR M 46 -45.09 -44.47 -96.92
C THR M 46 -46.30 -45.06 -96.22
N ILE M 47 -47.50 -44.65 -96.66
CA ILE M 47 -48.74 -45.06 -96.01
C ILE M 47 -49.59 -45.85 -97.01
N GLU M 48 -50.29 -46.86 -96.49
CA GLU M 48 -51.13 -47.76 -97.26
C GLU M 48 -52.58 -47.63 -96.79
N ARG M 49 -53.44 -48.52 -97.30
CA ARG M 49 -54.84 -48.55 -96.90
C ARG M 49 -55.38 -49.95 -97.18
N SER M 50 -56.24 -50.46 -96.30
CA SER M 50 -56.80 -51.80 -96.48
C SER M 50 -58.29 -51.83 -96.14
N LYS M 51 -58.96 -50.69 -96.26
CA LYS M 51 -60.40 -50.51 -96.09
C LYS M 51 -60.83 -50.63 -94.63
N SER M 52 -59.98 -51.20 -93.78
CA SER M 52 -60.13 -51.05 -92.35
C SER M 52 -58.78 -50.81 -91.69
N LYS M 53 -57.76 -51.47 -92.22
CA LYS M 53 -56.46 -51.59 -91.58
C LYS M 53 -55.49 -50.63 -92.23
N ILE M 54 -55.10 -49.58 -91.51
CA ILE M 54 -54.18 -48.58 -92.03
C ILE M 54 -52.75 -49.05 -91.75
N THR M 55 -51.96 -49.14 -92.82
CA THR M 55 -50.63 -49.73 -92.74
C THR M 55 -49.58 -48.65 -92.95
N VAL M 56 -48.47 -48.78 -92.24
CA VAL M 56 -47.39 -47.80 -92.26
C VAL M 56 -46.09 -48.51 -92.62
N THR M 57 -45.35 -47.94 -93.55
CA THR M 57 -44.09 -48.51 -94.03
C THR M 57 -42.96 -47.52 -93.78
N SER M 58 -41.83 -48.02 -93.27
CA SER M 58 -40.70 -47.17 -92.95
C SER M 58 -39.43 -47.71 -93.60
N GLU M 59 -38.50 -46.80 -93.89
CA GLU M 59 -37.19 -47.15 -94.41
C GLU M 59 -36.05 -46.58 -93.57
N VAL M 60 -36.37 -45.94 -92.44
CA VAL M 60 -35.39 -45.45 -91.48
C VAL M 60 -35.88 -45.90 -90.11
N PRO M 61 -35.17 -45.63 -89.02
CA PRO M 61 -35.73 -45.91 -87.70
C PRO M 61 -37.06 -45.20 -87.52
N PHE M 62 -38.00 -45.89 -86.86
CA PHE M 62 -39.35 -45.37 -86.69
C PHE M 62 -39.94 -46.01 -85.46
N SER M 63 -40.41 -45.20 -84.52
CA SER M 63 -40.86 -45.67 -83.23
C SER M 63 -42.34 -46.05 -83.31
N LYS M 64 -42.65 -47.29 -82.91
CA LYS M 64 -44.03 -47.76 -83.02
C LYS M 64 -44.97 -46.95 -82.15
N ARG M 65 -44.58 -46.67 -80.90
CA ARG M 65 -45.50 -45.94 -80.05
C ARG M 65 -45.64 -44.48 -80.45
N TYR M 66 -44.97 -44.04 -81.52
CA TYR M 66 -45.31 -42.75 -82.11
C TYR M 66 -46.73 -42.76 -82.66
N LEU M 67 -47.10 -43.84 -83.37
CA LEU M 67 -48.45 -43.94 -83.88
C LEU M 67 -49.46 -43.99 -82.75
N LYS M 68 -49.07 -44.55 -81.59
CA LYS M 68 -49.99 -44.56 -80.46
C LYS M 68 -50.15 -43.16 -79.88
N TYR M 69 -49.27 -42.23 -80.27
CA TYR M 69 -49.42 -40.84 -79.84
C TYR M 69 -50.35 -40.08 -80.79
N LEU M 70 -50.10 -40.19 -82.09
CA LEU M 70 -50.96 -39.54 -83.07
C LEU M 70 -52.40 -40.05 -82.97
N THR M 71 -52.58 -41.37 -82.96
CA THR M 71 -53.93 -41.91 -82.94
C THR M 71 -54.63 -41.61 -81.62
N LYS M 72 -53.86 -41.33 -80.56
CA LYS M 72 -54.48 -40.79 -79.36
C LYS M 72 -54.84 -39.32 -79.56
N LYS M 73 -53.97 -38.56 -80.20
CA LYS M 73 -54.28 -37.16 -80.49
C LYS M 73 -55.48 -37.07 -81.43
N TYR M 74 -55.65 -38.05 -82.30
CA TYR M 74 -56.83 -38.10 -83.18
C TYR M 74 -58.11 -38.21 -82.36
N LEU M 75 -58.16 -39.18 -81.46
CA LEU M 75 -59.41 -39.49 -80.77
C LEU M 75 -59.87 -38.31 -79.93
N LYS M 76 -58.96 -37.68 -79.22
CA LYS M 76 -59.34 -36.50 -78.46
C LYS M 76 -59.68 -35.33 -79.39
N LYS M 77 -59.13 -35.32 -80.60
CA LYS M 77 -59.43 -34.24 -81.54
C LYS M 77 -60.91 -34.26 -81.91
N ASN M 78 -61.42 -35.40 -82.33
CA ASN M 78 -62.83 -35.54 -82.66
C ASN M 78 -63.67 -35.97 -81.46
N ASN M 79 -63.06 -36.07 -80.28
CA ASN M 79 -63.76 -36.35 -79.03
C ASN M 79 -64.52 -37.67 -79.10
N LEU M 80 -63.76 -38.75 -79.28
CA LEU M 80 -64.27 -40.11 -79.20
C LEU M 80 -63.69 -40.84 -78.00
N ARG M 81 -62.93 -40.16 -77.15
CA ARG M 81 -62.05 -40.79 -76.18
C ARG M 81 -62.77 -41.27 -74.94
N ASP M 82 -64.10 -41.39 -74.99
CA ASP M 82 -64.81 -41.96 -73.85
C ASP M 82 -65.10 -43.43 -74.01
N TRP M 83 -65.23 -43.91 -75.25
CA TRP M 83 -65.50 -45.32 -75.51
C TRP M 83 -64.55 -45.87 -76.57
N LEU M 84 -63.38 -45.27 -76.72
CA LEU M 84 -62.35 -45.82 -77.59
C LEU M 84 -61.02 -45.77 -76.87
N ARG M 85 -60.31 -46.90 -76.87
CA ARG M 85 -58.98 -47.00 -76.30
C ARG M 85 -58.08 -47.70 -77.29
N VAL M 86 -56.82 -47.28 -77.34
CA VAL M 86 -55.83 -47.89 -78.22
C VAL M 86 -55.07 -48.94 -77.41
N VAL M 87 -55.18 -50.20 -77.82
CA VAL M 87 -54.48 -51.29 -77.16
C VAL M 87 -53.62 -52.00 -78.20
N ALA M 88 -52.44 -52.43 -77.78
CA ALA M 88 -51.55 -53.19 -78.64
C ALA M 88 -51.87 -54.66 -78.43
N ASN M 89 -52.85 -55.16 -79.17
CA ASN M 89 -53.19 -56.58 -79.09
C ASN M 89 -52.04 -57.45 -79.56
N SER M 90 -51.35 -57.03 -80.62
CA SER M 90 -50.18 -57.72 -81.13
C SER M 90 -49.09 -56.71 -81.42
N LYS M 91 -47.84 -57.08 -81.10
CA LYS M 91 -46.70 -56.25 -81.48
C LYS M 91 -46.68 -56.11 -83.00
N GLU M 92 -46.30 -54.92 -83.46
CA GLU M 92 -46.43 -54.49 -84.84
C GLU M 92 -47.91 -54.34 -85.21
N SER M 93 -48.74 -53.85 -84.28
CA SER M 93 -50.14 -53.56 -84.53
C SER M 93 -50.71 -52.85 -83.31
N TYR M 94 -51.80 -52.11 -83.53
CA TYR M 94 -52.65 -51.61 -82.47
C TYR M 94 -54.09 -51.92 -82.82
N GLU M 95 -55.00 -51.56 -81.93
CA GLU M 95 -56.41 -51.86 -82.14
C GLU M 95 -57.25 -50.94 -81.28
N LEU M 96 -58.19 -50.25 -81.92
CA LEU M 96 -59.14 -49.42 -81.21
C LEU M 96 -60.29 -50.28 -80.74
N ARG M 97 -60.52 -50.29 -79.44
CA ARG M 97 -61.52 -51.15 -78.82
C ARG M 97 -62.32 -50.35 -77.80
N TYR M 98 -63.62 -50.63 -77.74
CA TYR M 98 -64.47 -49.99 -76.75
C TYR M 98 -64.16 -50.53 -75.36
N PHE M 99 -64.45 -49.73 -74.35
CA PHE M 99 -64.24 -50.15 -72.98
C PHE M 99 -65.14 -51.34 -72.65
N SER N 1 -47.13 42.05 -40.81
CA SER N 1 -46.31 42.42 -39.65
C SER N 1 -45.36 41.31 -39.27
N GLY N 2 -45.22 41.07 -37.97
CA GLY N 2 -44.26 40.11 -37.47
C GLY N 2 -44.71 38.66 -37.54
N ALA N 3 -45.61 38.35 -38.46
CA ALA N 3 -46.15 37.00 -38.57
C ALA N 3 -45.06 36.00 -38.93
N LYS N 4 -45.09 34.84 -38.29
CA LYS N 4 -44.19 33.74 -38.59
C LYS N 4 -44.96 32.42 -38.55
N PHE N 5 -46.09 32.37 -39.27
CA PHE N 5 -47.06 31.28 -39.16
C PHE N 5 -46.36 29.92 -38.98
N ARG N 6 -46.89 29.12 -38.06
CA ARG N 6 -46.31 27.83 -37.72
C ARG N 6 -45.91 27.03 -38.95
N ILE N 7 -44.66 26.58 -38.96
CA ILE N 7 -44.16 25.67 -39.98
C ILE N 7 -43.61 24.44 -39.27
N SER N 8 -43.85 23.26 -39.85
CA SER N 8 -43.59 22.02 -39.13
C SER N 8 -42.14 21.93 -38.69
N LEU N 9 -41.92 21.99 -37.38
CA LEU N 9 -40.57 21.91 -36.83
C LEU N 9 -40.01 20.53 -37.09
N GLY N 10 -38.85 20.45 -37.73
CA GLY N 10 -38.35 19.17 -38.16
C GLY N 10 -36.92 18.84 -37.80
N LEU N 11 -36.26 19.71 -37.04
CA LEU N 11 -34.89 19.48 -36.59
C LEU N 11 -34.84 19.53 -35.07
N PRO N 12 -34.98 18.39 -34.41
CA PRO N 12 -34.81 18.36 -32.96
C PRO N 12 -33.34 18.48 -32.57
N VAL N 13 -33.12 18.81 -31.30
CA VAL N 13 -31.78 18.90 -30.75
C VAL N 13 -31.00 17.64 -31.08
N GLY N 14 -29.79 17.80 -31.59
CA GLY N 14 -29.02 16.70 -32.13
C GLY N 14 -28.92 16.70 -33.64
N ALA N 15 -29.75 17.47 -34.33
CA ALA N 15 -29.67 17.53 -35.78
C ALA N 15 -28.34 18.10 -36.22
N VAL N 16 -27.71 17.44 -37.20
CA VAL N 16 -26.47 17.92 -37.79
C VAL N 16 -26.81 18.40 -39.19
N ILE N 17 -26.68 19.70 -39.41
CA ILE N 17 -27.16 20.35 -40.62
C ILE N 17 -25.97 20.96 -41.35
N ASN N 18 -25.90 20.72 -42.66
CA ASN N 18 -24.81 21.24 -43.46
C ASN N 18 -24.75 22.76 -43.35
N CYS N 19 -23.56 23.28 -43.07
CA CYS N 19 -23.38 24.72 -43.16
C CYS N 19 -23.43 25.15 -44.62
N ALA N 20 -23.89 26.37 -44.87
CA ALA N 20 -24.18 26.79 -46.23
C ALA N 20 -23.46 28.06 -46.64
N ASP N 21 -22.56 28.58 -45.82
CA ASP N 21 -21.85 29.80 -46.17
C ASP N 21 -20.35 29.51 -46.24
N ASN N 22 -19.57 30.58 -46.41
CA ASN N 22 -18.15 30.47 -46.63
C ASN N 22 -17.31 30.61 -45.36
N THR N 23 -17.92 30.54 -44.18
CA THR N 23 -17.14 30.63 -42.95
C THR N 23 -16.15 29.48 -42.82
N GLY N 24 -16.36 28.40 -43.57
CA GLY N 24 -15.46 27.27 -43.53
C GLY N 24 -15.97 26.10 -42.72
N ALA N 25 -17.12 26.23 -42.08
CA ALA N 25 -17.69 25.10 -41.36
C ALA N 25 -18.31 24.11 -42.33
N LYS N 26 -18.59 22.92 -41.84
CA LYS N 26 -19.26 21.90 -42.63
C LYS N 26 -20.40 21.21 -41.90
N ASN N 27 -20.49 21.33 -40.58
CA ASN N 27 -21.57 20.74 -39.82
C ASN N 27 -21.90 21.62 -38.63
N LEU N 28 -23.16 21.98 -38.51
CA LEU N 28 -23.68 22.62 -37.30
C LEU N 28 -24.33 21.54 -36.46
N TYR N 29 -24.02 21.54 -35.17
CA TYR N 29 -24.59 20.56 -34.25
C TYR N 29 -25.53 21.32 -33.32
N ILE N 30 -26.83 21.31 -33.64
CA ILE N 30 -27.79 22.01 -32.81
C ILE N 30 -27.70 21.53 -31.37
N ILE N 31 -27.72 22.47 -30.43
CA ILE N 31 -27.77 22.16 -29.02
C ILE N 31 -29.11 22.55 -28.40
N SER N 32 -29.69 23.66 -28.83
CA SER N 32 -30.96 24.10 -28.27
C SER N 32 -31.53 25.19 -29.15
N VAL N 33 -32.80 25.02 -29.52
CA VAL N 33 -33.50 26.08 -30.20
C VAL N 33 -33.62 27.29 -29.27
N LYS N 34 -33.80 28.46 -29.87
CA LYS N 34 -33.85 29.70 -29.12
C LYS N 34 -35.25 30.27 -29.21
N GLY N 35 -35.93 30.34 -28.07
CA GLY N 35 -37.29 30.80 -28.00
C GLY N 35 -38.33 29.76 -27.67
N ILE N 36 -37.92 28.54 -27.28
CA ILE N 36 -38.85 27.47 -27.00
C ILE N 36 -38.88 27.21 -25.50
N LYS N 37 -40.09 27.18 -24.94
CA LYS N 37 -40.27 27.00 -23.51
C LYS N 37 -40.46 25.55 -23.12
N GLY N 38 -41.06 24.75 -23.99
CA GLY N 38 -41.01 23.31 -23.85
C GLY N 38 -41.94 22.75 -22.79
N ARG N 39 -41.92 21.43 -22.72
CA ARG N 39 -42.73 20.67 -21.78
C ARG N 39 -41.86 19.57 -21.20
N LEU N 40 -42.30 18.99 -20.10
CA LEU N 40 -41.65 17.81 -19.54
C LEU N 40 -41.34 16.79 -20.61
N ASN N 41 -40.05 16.49 -20.78
CA ASN N 41 -39.57 15.37 -21.58
C ASN N 41 -39.93 15.53 -23.06
N ARG N 42 -39.55 16.68 -23.63
CA ARG N 42 -39.75 16.95 -25.05
C ARG N 42 -38.56 17.69 -25.61
N LEU N 43 -37.90 17.11 -26.61
CA LEU N 43 -36.75 17.75 -27.22
C LEU N 43 -37.20 19.02 -27.93
N PRO N 44 -36.48 20.14 -27.75
CA PRO N 44 -36.80 21.33 -28.54
C PRO N 44 -36.59 21.07 -30.02
N ALA N 45 -37.43 21.68 -30.85
CA ALA N 45 -37.36 21.50 -32.29
C ALA N 45 -37.18 22.84 -32.98
N ALA N 46 -36.35 22.86 -34.02
CA ALA N 46 -36.01 24.08 -34.75
C ALA N 46 -36.54 23.99 -36.16
N GLY N 47 -37.43 24.88 -36.51
CA GLY N 47 -38.07 24.86 -37.81
C GLY N 47 -37.18 25.46 -38.88
N VAL N 48 -37.79 26.20 -39.79
CA VAL N 48 -37.07 26.97 -40.79
C VAL N 48 -37.20 28.45 -40.42
N GLY N 49 -36.05 29.13 -40.37
CA GLY N 49 -36.03 30.51 -39.95
C GLY N 49 -36.07 30.73 -38.46
N ASP N 50 -35.49 29.84 -37.67
CA ASP N 50 -35.52 29.95 -36.21
C ASP N 50 -34.10 29.98 -35.68
N MET N 51 -33.74 31.05 -34.98
CA MET N 51 -32.42 31.14 -34.39
C MET N 51 -32.18 29.94 -33.49
N VAL N 52 -31.02 29.32 -33.65
CA VAL N 52 -30.75 28.08 -32.93
C VAL N 52 -29.26 27.93 -32.68
N MET N 53 -28.89 27.72 -31.42
CA MET N 53 -27.49 27.68 -31.05
C MET N 53 -26.85 26.41 -31.58
N ALA N 54 -25.58 26.50 -31.96
CA ALA N 54 -24.96 25.40 -32.68
C ALA N 54 -23.45 25.46 -32.55
N THR N 55 -22.83 24.28 -32.51
CA THR N 55 -21.40 24.13 -32.28
C THR N 55 -20.78 23.38 -33.44
N VAL N 56 -19.97 24.08 -34.24
CA VAL N 56 -19.41 23.50 -35.45
C VAL N 56 -18.54 22.30 -35.08
N LYS N 57 -18.85 21.15 -35.65
CA LYS N 57 -18.16 19.91 -35.33
C LYS N 57 -17.12 19.50 -36.37
N LYS N 58 -17.02 20.20 -37.50
CA LYS N 58 -16.07 19.81 -38.52
C LYS N 58 -15.81 21.01 -39.42
N GLY N 59 -14.61 21.56 -39.37
CA GLY N 59 -14.28 22.67 -40.25
C GLY N 59 -13.04 23.44 -39.84
N LYS N 60 -13.13 24.76 -39.86
CA LYS N 60 -12.02 25.58 -39.39
C LYS N 60 -11.74 25.29 -37.92
N PRO N 61 -10.50 25.04 -37.55
CA PRO N 61 -10.18 24.90 -36.12
C PRO N 61 -10.49 26.14 -35.30
N GLU N 62 -10.52 27.32 -35.92
CA GLU N 62 -10.94 28.52 -35.19
C GLU N 62 -12.38 28.39 -34.73
N LEU N 63 -13.26 27.93 -35.61
CA LEU N 63 -14.68 27.90 -35.31
C LEU N 63 -15.03 26.78 -34.33
N ARG N 64 -14.39 25.62 -34.48
CA ARG N 64 -14.81 24.45 -33.71
C ARG N 64 -14.63 24.68 -32.22
N LYS N 65 -15.39 23.93 -31.42
CA LYS N 65 -15.25 23.89 -29.96
C LYS N 65 -15.67 25.21 -29.32
N LYS N 66 -16.78 25.76 -29.79
CA LYS N 66 -17.46 26.84 -29.09
C LYS N 66 -18.85 26.99 -29.69
N VAL N 67 -19.71 27.69 -28.97
CA VAL N 67 -21.12 27.76 -29.30
C VAL N 67 -21.38 29.03 -30.12
N HIS N 68 -21.90 28.84 -31.34
CA HIS N 68 -22.21 29.93 -32.25
C HIS N 68 -23.70 29.93 -32.57
N PRO N 69 -24.35 31.10 -32.55
CA PRO N 69 -25.74 31.15 -32.99
C PRO N 69 -25.85 30.84 -34.46
N ALA N 70 -26.95 30.19 -34.84
CA ALA N 70 -27.14 29.77 -36.22
C ALA N 70 -28.60 29.97 -36.60
N VAL N 71 -28.85 29.92 -37.90
CA VAL N 71 -30.19 30.05 -38.45
C VAL N 71 -30.38 28.92 -39.45
N VAL N 72 -31.52 28.26 -39.38
CA VAL N 72 -31.80 27.12 -40.25
C VAL N 72 -32.43 27.63 -41.53
N ILE N 73 -31.80 27.35 -42.66
CA ILE N 73 -32.23 27.85 -43.97
C ILE N 73 -33.16 26.85 -44.64
N ARG N 74 -32.65 25.67 -44.96
CA ARG N 74 -33.40 24.64 -45.65
C ARG N 74 -33.61 23.45 -44.72
N GLN N 75 -34.86 23.03 -44.57
CA GLN N 75 -35.18 21.87 -43.76
C GLN N 75 -35.82 20.81 -44.65
N ARG N 76 -35.62 19.55 -44.27
CA ARG N 76 -36.07 18.42 -45.07
C ARG N 76 -37.49 18.00 -44.77
N LYS N 77 -38.08 18.47 -43.67
CA LYS N 77 -39.44 18.12 -43.31
C LYS N 77 -40.40 18.99 -44.11
N SER N 78 -41.32 18.36 -44.84
CA SER N 78 -42.25 19.09 -45.70
C SER N 78 -43.13 20.01 -44.89
N TYR N 79 -42.93 21.31 -45.02
CA TYR N 79 -43.72 22.29 -44.30
C TYR N 79 -44.67 22.99 -45.26
N ARG N 80 -45.77 23.50 -44.71
CA ARG N 80 -46.85 24.08 -45.51
C ARG N 80 -46.75 25.59 -45.52
N ARG N 81 -46.89 26.18 -46.69
CA ARG N 81 -47.11 27.62 -46.78
C ARG N 81 -48.49 27.95 -46.22
N LYS N 82 -48.85 29.22 -46.22
CA LYS N 82 -50.28 29.49 -46.05
C LYS N 82 -50.99 29.64 -47.37
N ASP N 83 -50.72 28.75 -48.33
CA ASP N 83 -51.59 28.58 -49.48
C ASP N 83 -51.65 27.14 -49.97
N GLY N 84 -51.19 26.18 -49.17
CA GLY N 84 -51.41 24.79 -49.49
C GLY N 84 -50.38 24.13 -50.38
N VAL N 85 -49.18 24.66 -50.48
CA VAL N 85 -48.09 23.99 -51.18
C VAL N 85 -47.03 23.59 -50.16
N PHE N 86 -46.70 22.30 -50.14
CA PHE N 86 -45.80 21.75 -49.14
C PHE N 86 -44.39 21.72 -49.71
N LEU N 87 -43.63 22.79 -49.45
CA LEU N 87 -42.28 22.93 -49.96
C LEU N 87 -41.30 22.22 -49.03
N TYR N 88 -40.42 21.40 -49.59
CA TYR N 88 -39.40 20.74 -48.78
C TYR N 88 -38.14 20.58 -49.60
N PHE N 89 -37.01 21.08 -49.10
CA PHE N 89 -35.79 21.10 -49.86
C PHE N 89 -35.08 19.75 -49.77
N GLU N 90 -33.84 19.70 -50.26
CA GLU N 90 -33.17 18.41 -50.41
C GLU N 90 -32.35 18.03 -49.19
N ASP N 91 -31.89 19.01 -48.41
CA ASP N 91 -31.09 18.69 -47.24
C ASP N 91 -31.31 19.72 -46.16
N ASN N 92 -30.94 19.34 -44.93
CA ASN N 92 -30.89 20.31 -43.86
C ASN N 92 -29.79 21.32 -44.16
N ALA N 93 -29.93 22.52 -43.61
CA ALA N 93 -28.91 23.53 -43.86
C ALA N 93 -28.95 24.55 -42.74
N GLY N 94 -28.02 25.51 -42.83
CA GLY N 94 -27.91 26.52 -41.81
C GLY N 94 -26.90 27.56 -42.21
N VAL N 95 -26.64 28.48 -41.29
CA VAL N 95 -25.65 29.52 -41.50
C VAL N 95 -25.31 30.13 -40.15
N ILE N 96 -24.02 30.41 -39.94
CA ILE N 96 -23.61 31.05 -38.70
C ILE N 96 -24.06 32.51 -38.71
N VAL N 97 -24.34 33.05 -37.54
CA VAL N 97 -24.86 34.41 -37.45
C VAL N 97 -24.50 34.98 -36.09
N ASN N 98 -24.48 36.30 -35.99
CA ASN N 98 -24.35 36.96 -34.70
C ASN N 98 -25.71 37.06 -34.04
N ASN N 99 -25.70 37.14 -32.71
CA ASN N 99 -26.95 37.29 -31.99
C ASN N 99 -27.61 38.63 -32.24
N LYS N 100 -26.92 39.55 -32.92
CA LYS N 100 -27.54 40.76 -33.43
C LYS N 100 -28.30 40.53 -34.72
N GLY N 101 -28.22 39.34 -35.29
CA GLY N 101 -29.03 38.97 -36.44
C GLY N 101 -28.40 39.21 -37.79
N GLU N 102 -27.09 39.10 -37.92
CA GLU N 102 -26.43 39.39 -39.19
C GLU N 102 -25.29 38.41 -39.42
N MET N 103 -25.08 38.07 -40.68
CA MET N 103 -24.25 36.94 -41.07
C MET N 103 -22.80 37.14 -40.64
N LYS N 104 -22.08 36.02 -40.56
CA LYS N 104 -20.63 36.01 -40.40
C LYS N 104 -19.90 35.87 -41.72
N GLY N 105 -20.33 34.97 -42.58
CA GLY N 105 -19.78 34.84 -43.91
C GLY N 105 -20.37 35.86 -44.86
N SER N 106 -20.04 35.70 -46.14
CA SER N 106 -20.60 36.60 -47.14
C SER N 106 -20.96 35.90 -48.44
N ALA N 107 -21.23 34.59 -48.42
CA ALA N 107 -21.60 33.89 -49.64
C ALA N 107 -22.36 32.63 -49.26
N ILE N 108 -23.67 32.63 -49.49
CA ILE N 108 -24.52 31.47 -49.20
C ILE N 108 -24.71 30.70 -50.49
N THR N 109 -24.41 29.40 -50.45
CA THR N 109 -24.70 28.53 -51.57
C THR N 109 -26.07 27.91 -51.43
N GLY N 110 -26.68 27.56 -52.55
CA GLY N 110 -27.97 26.93 -52.55
C GLY N 110 -29.10 27.90 -52.33
N PRO N 111 -30.33 27.43 -52.42
CA PRO N 111 -31.48 28.31 -52.20
C PRO N 111 -31.68 28.61 -50.73
N VAL N 112 -32.64 29.48 -50.47
CA VAL N 112 -33.04 29.88 -49.13
C VAL N 112 -34.55 29.83 -49.07
N ALA N 113 -35.09 29.25 -48.00
CA ALA N 113 -36.53 29.20 -47.85
C ALA N 113 -37.08 30.61 -47.72
N LYS N 114 -38.25 30.85 -48.32
CA LYS N 114 -38.82 32.19 -48.26
C LYS N 114 -39.15 32.59 -46.84
N GLU N 115 -39.33 31.63 -45.95
CA GLU N 115 -39.59 31.96 -44.56
C GLU N 115 -38.42 32.70 -43.92
N CYS N 116 -37.19 32.26 -44.21
CA CYS N 116 -36.03 32.97 -43.67
C CYS N 116 -35.92 34.37 -44.26
N ALA N 117 -35.97 34.48 -45.59
CA ALA N 117 -35.70 35.76 -46.24
C ALA N 117 -36.65 36.84 -45.76
N ASP N 118 -37.83 36.46 -45.30
CA ASP N 118 -38.74 37.44 -44.72
C ASP N 118 -38.32 37.84 -43.31
N LEU N 119 -37.62 36.96 -42.59
CA LEU N 119 -37.33 37.20 -41.18
C LEU N 119 -36.01 37.90 -40.96
N TRP N 120 -34.91 37.32 -41.45
CA TRP N 120 -33.59 37.92 -41.29
C TRP N 120 -33.21 38.63 -42.58
N PRO N 121 -33.43 39.93 -42.70
CA PRO N 121 -33.11 40.60 -43.96
C PRO N 121 -31.64 40.53 -44.31
N ARG N 122 -30.76 40.43 -43.32
CA ARG N 122 -29.33 40.30 -43.60
C ARG N 122 -29.04 39.04 -44.41
N ILE N 123 -29.68 37.93 -44.05
CA ILE N 123 -29.54 36.71 -44.85
C ILE N 123 -30.13 36.90 -46.23
N ALA N 124 -31.28 37.55 -46.32
CA ALA N 124 -31.92 37.75 -47.62
C ALA N 124 -31.12 38.66 -48.53
N SER N 125 -30.12 39.37 -47.99
CA SER N 125 -29.26 40.18 -48.84
C SER N 125 -28.31 39.30 -49.66
N ASN N 126 -27.75 38.27 -49.03
CA ASN N 126 -26.75 37.42 -49.66
C ASN N 126 -27.33 36.17 -50.32
N ALA N 127 -28.65 35.98 -50.23
CA ALA N 127 -29.23 34.74 -50.74
C ALA N 127 -29.07 34.66 -52.24
N GLY N 128 -28.61 33.49 -52.72
CA GLY N 128 -28.47 33.30 -54.15
C GLY N 128 -29.81 33.26 -54.87
N SER N 129 -30.79 32.58 -54.28
CA SER N 129 -32.13 32.49 -54.87
C SER N 129 -33.09 32.07 -53.78
N ILE N 130 -34.07 32.92 -53.48
CA ILE N 130 -35.02 32.66 -52.40
C ILE N 130 -36.09 31.72 -52.95
N ALA N 131 -35.88 30.42 -52.77
CA ALA N 131 -36.81 29.42 -53.30
C ALA N 131 -38.02 29.26 -52.40
N MET O 1 -55.43 32.20 -57.87
CA MET O 1 -54.85 30.86 -57.97
C MET O 1 -54.14 30.65 -59.30
N LYS O 2 -53.03 29.94 -59.27
CA LYS O 2 -52.26 29.62 -60.46
C LYS O 2 -51.99 28.12 -60.49
N VAL O 3 -52.15 27.52 -61.66
CA VAL O 3 -51.99 26.08 -61.84
C VAL O 3 -50.60 25.82 -62.40
N GLU O 4 -49.92 24.83 -61.84
CA GLU O 4 -48.52 24.54 -62.15
C GLU O 4 -48.39 23.12 -62.66
N LEU O 5 -47.87 22.97 -63.87
CA LEU O 5 -47.73 21.65 -64.48
C LEU O 5 -46.75 20.80 -63.69
N CYS O 6 -47.03 19.51 -63.60
CA CYS O 6 -46.13 18.61 -62.88
C CYS O 6 -44.80 18.50 -63.62
N SER O 7 -43.76 18.15 -62.87
CA SER O 7 -42.43 18.00 -63.45
C SER O 7 -42.13 16.59 -63.89
N PHE O 8 -42.95 15.62 -63.48
CA PHE O 8 -42.83 14.25 -63.97
C PHE O 8 -43.98 13.83 -64.85
N SER O 9 -45.03 14.62 -64.94
CA SER O 9 -46.15 14.36 -65.83
C SER O 9 -46.60 15.67 -66.42
N GLY O 10 -47.78 15.65 -67.04
CA GLY O 10 -48.34 16.87 -67.57
C GLY O 10 -49.64 17.24 -66.89
N TYR O 11 -50.11 16.39 -65.98
CA TYR O 11 -51.39 16.64 -65.33
C TYR O 11 -51.34 17.94 -64.56
N LYS O 12 -52.40 18.74 -64.70
CA LYS O 12 -52.45 20.02 -64.01
C LYS O 12 -52.62 19.82 -62.51
N ILE O 13 -51.92 20.64 -61.73
CA ILE O 13 -51.92 20.56 -60.27
C ILE O 13 -52.74 21.72 -59.74
N TYR O 14 -53.93 21.43 -59.24
CA TYR O 14 -54.77 22.48 -58.67
C TYR O 14 -54.23 22.90 -57.31
N PRO O 15 -54.56 24.12 -56.86
CA PRO O 15 -53.77 24.72 -55.78
C PRO O 15 -53.73 23.92 -54.50
N GLY O 16 -54.79 23.16 -54.19
CA GLY O 16 -54.80 22.43 -52.94
C GLY O 16 -53.98 21.17 -52.94
N HIS O 17 -53.66 20.62 -54.10
CA HIS O 17 -53.05 19.31 -54.20
C HIS O 17 -51.53 19.40 -54.24
N GLY O 18 -50.91 18.23 -54.37
CA GLY O 18 -49.51 18.16 -54.72
C GLY O 18 -48.59 18.61 -53.61
N ARG O 19 -47.29 18.52 -53.92
CA ARG O 19 -46.24 18.97 -53.03
C ARG O 19 -45.06 19.39 -53.90
N ARG O 20 -44.26 20.32 -53.37
CA ARG O 20 -43.23 20.97 -54.16
C ARG O 20 -41.87 20.68 -53.56
N TYR O 21 -40.92 20.30 -54.39
CA TYR O 21 -39.60 19.86 -53.95
C TYR O 21 -38.54 20.66 -54.68
N ALA O 22 -37.59 21.23 -53.93
CA ALA O 22 -36.61 22.17 -54.46
C ALA O 22 -35.21 21.66 -54.16
N ARG O 23 -34.51 21.22 -55.20
CA ARG O 23 -33.18 20.66 -55.02
C ARG O 23 -32.18 21.75 -54.58
N THR O 24 -30.99 21.31 -54.18
CA THR O 24 -29.99 22.22 -53.64
C THR O 24 -29.06 22.76 -54.72
N ASP O 25 -29.66 23.17 -55.83
CA ASP O 25 -28.96 23.95 -56.84
C ASP O 25 -29.87 24.99 -57.45
N GLY O 26 -31.09 25.15 -56.94
CA GLY O 26 -31.93 26.26 -57.28
C GLY O 26 -33.03 25.98 -58.28
N LYS O 27 -33.71 24.85 -58.15
CA LYS O 27 -34.83 24.53 -59.03
C LYS O 27 -35.96 23.92 -58.23
N VAL O 28 -37.15 24.49 -58.35
CA VAL O 28 -38.34 23.92 -57.75
C VAL O 28 -39.07 23.08 -58.78
N PHE O 29 -39.69 21.99 -58.34
CA PHE O 29 -40.49 21.14 -59.21
C PHE O 29 -41.79 20.80 -58.51
N GLN O 30 -42.85 20.67 -59.29
CA GLN O 30 -44.14 20.30 -58.74
C GLN O 30 -44.39 18.82 -58.95
N PHE O 31 -45.05 18.20 -57.98
CA PHE O 31 -45.41 16.80 -58.08
C PHE O 31 -46.87 16.62 -57.70
N LEU O 32 -47.62 15.89 -58.52
CA LEU O 32 -49.06 15.80 -58.33
C LEU O 32 -49.45 14.84 -57.22
N ASN O 33 -48.62 13.84 -56.93
CA ASN O 33 -48.98 12.82 -55.94
C ASN O 33 -47.70 12.19 -55.44
N ALA O 34 -47.82 11.03 -54.81
CA ALA O 34 -46.63 10.31 -54.42
C ALA O 34 -46.14 9.36 -55.49
N LYS O 35 -47.01 8.93 -56.41
CA LYS O 35 -46.57 8.09 -57.53
C LYS O 35 -45.59 8.84 -58.41
N CYS O 36 -45.92 10.09 -58.74
CA CYS O 36 -44.99 10.93 -59.48
C CYS O 36 -43.89 11.46 -58.58
N GLU O 37 -44.02 11.25 -57.27
CA GLU O 37 -42.98 11.70 -56.35
C GLU O 37 -41.77 10.79 -56.40
N SER O 38 -41.96 9.52 -56.05
CA SER O 38 -40.82 8.63 -55.95
C SER O 38 -40.51 7.94 -57.28
N ALA O 39 -41.12 8.40 -58.37
CA ALA O 39 -40.61 8.05 -59.68
C ALA O 39 -39.46 8.96 -60.07
N PHE O 40 -39.63 10.27 -59.85
CA PHE O 40 -38.54 11.20 -60.13
C PHE O 40 -37.38 10.99 -59.18
N LEU O 41 -37.66 10.78 -57.90
CA LEU O 41 -36.57 10.62 -56.94
C LEU O 41 -35.81 9.32 -57.14
N SER O 42 -36.31 8.42 -57.98
CA SER O 42 -35.54 7.28 -58.45
C SER O 42 -35.06 7.47 -59.89
N LYS O 43 -35.32 8.64 -60.47
CA LYS O 43 -34.71 9.06 -61.74
C LYS O 43 -35.24 8.27 -62.94
N ARG O 44 -36.35 7.58 -62.75
CA ARG O 44 -36.95 6.84 -63.85
C ARG O 44 -37.35 7.81 -64.96
N ASN O 45 -36.97 7.49 -66.19
CA ASN O 45 -37.00 8.49 -67.26
C ASN O 45 -38.44 8.82 -67.60
N PRO O 46 -38.85 10.08 -67.42
CA PRO O 46 -40.28 10.42 -67.50
C PRO O 46 -40.91 10.20 -68.86
N ARG O 47 -40.15 9.73 -69.84
CA ARG O 47 -40.69 9.46 -71.16
C ARG O 47 -40.67 7.98 -71.52
N GLN O 48 -40.15 7.12 -70.65
CA GLN O 48 -40.28 5.68 -70.81
C GLN O 48 -41.41 5.11 -69.98
N ILE O 49 -42.22 5.97 -69.36
CA ILE O 49 -43.27 5.54 -68.45
C ILE O 49 -44.60 5.71 -69.17
N ASN O 50 -45.35 4.64 -69.27
CA ASN O 50 -46.45 4.52 -70.21
C ASN O 50 -47.64 5.39 -69.87
N TRP O 51 -47.66 6.31 -68.91
CA TRP O 51 -48.85 7.11 -68.67
C TRP O 51 -48.61 8.60 -68.64
N THR O 52 -47.36 9.05 -68.63
CA THR O 52 -47.11 10.49 -68.57
C THR O 52 -47.58 11.15 -69.86
N VAL O 53 -47.71 12.47 -69.80
CA VAL O 53 -48.02 13.23 -71.00
C VAL O 53 -46.85 13.21 -71.96
N LEU O 54 -45.62 13.26 -71.45
CA LEU O 54 -44.46 13.28 -72.33
C LEU O 54 -44.38 12.02 -73.17
N TYR O 55 -44.60 10.86 -72.55
CA TYR O 55 -44.57 9.61 -73.31
C TYR O 55 -45.68 9.55 -74.33
N ARG O 56 -46.90 9.96 -73.94
CA ARG O 56 -48.02 9.90 -74.86
C ARG O 56 -47.86 10.90 -75.98
N ARG O 57 -47.07 11.94 -75.77
CA ARG O 57 -46.80 12.90 -76.83
C ARG O 57 -45.62 12.47 -77.69
N LYS O 58 -44.70 11.70 -77.11
CA LYS O 58 -43.52 11.28 -77.86
C LYS O 58 -43.87 10.27 -78.95
N HIS O 59 -44.64 9.24 -78.60
CA HIS O 59 -45.13 8.28 -79.58
C HIS O 59 -46.29 8.82 -80.42
N LYS O 60 -46.75 10.03 -80.16
CA LYS O 60 -47.89 10.61 -80.87
C LYS O 60 -49.11 9.68 -80.75
N LYS O 61 -49.53 9.49 -79.50
CA LYS O 61 -50.59 8.55 -79.18
C LYS O 61 -51.88 9.31 -78.92
N GLY O 62 -52.88 9.07 -79.77
CA GLY O 62 -54.09 9.86 -79.78
C GLY O 62 -54.11 10.93 -80.84
N GLN O 63 -52.96 11.30 -81.38
CA GLN O 63 -52.85 12.37 -82.37
C GLN O 63 -52.87 11.80 -83.78
N LYS P 1 12.65 -95.82 -15.14
CA LYS P 1 13.25 -95.25 -13.94
C LYS P 1 12.18 -94.63 -13.04
N LYS P 2 11.87 -93.37 -13.30
CA LYS P 2 10.87 -92.62 -12.53
C LYS P 2 11.20 -92.66 -11.04
N ILE P 3 12.49 -92.54 -10.72
CA ILE P 3 12.87 -92.31 -9.33
C ILE P 3 13.09 -90.81 -9.11
N ARG P 4 14.06 -90.22 -9.79
CA ARG P 4 14.30 -88.78 -9.71
C ARG P 4 14.96 -88.34 -11.02
N THR P 5 14.16 -87.79 -11.93
CA THR P 5 14.70 -87.13 -13.10
C THR P 5 14.19 -85.71 -13.25
N SER P 6 13.03 -85.39 -12.68
CA SER P 6 12.47 -84.06 -12.70
C SER P 6 12.65 -83.43 -11.33
N PRO P 7 12.67 -82.11 -11.24
CA PRO P 7 12.93 -81.45 -9.96
C PRO P 7 11.70 -81.25 -9.09
N THR P 8 10.53 -81.75 -9.50
CA THR P 8 9.29 -81.58 -8.75
C THR P 8 8.87 -82.92 -8.14
N PHE P 9 8.16 -82.84 -7.02
CA PHE P 9 7.51 -84.00 -6.44
C PHE P 9 6.01 -83.80 -6.55
N ARG P 10 5.34 -84.75 -7.18
CA ARG P 10 3.89 -84.70 -7.33
C ARG P 10 3.26 -85.85 -6.55
N ARG P 11 1.95 -85.77 -6.38
CA ARG P 11 1.24 -86.78 -5.61
C ARG P 11 1.34 -88.12 -6.34
N PRO P 12 1.79 -89.18 -5.67
CA PRO P 12 1.81 -90.50 -6.30
C PRO P 12 0.41 -91.08 -6.37
N LYS P 13 -0.08 -91.28 -7.60
CA LYS P 13 -1.45 -91.78 -7.76
C LYS P 13 -1.59 -93.16 -7.14
N THR P 14 -2.73 -93.40 -6.51
CA THR P 14 -3.00 -94.63 -5.78
C THR P 14 -4.19 -95.35 -6.41
N LEU P 15 -4.65 -96.40 -5.73
CA LEU P 15 -5.77 -97.19 -6.21
C LEU P 15 -7.09 -96.60 -5.73
N ARG P 16 -8.13 -96.81 -6.53
CA ARG P 16 -9.47 -96.32 -6.23
C ARG P 16 -10.47 -97.44 -6.35
N LEU P 17 -11.51 -97.38 -5.53
CA LEU P 17 -12.56 -98.39 -5.55
C LEU P 17 -13.90 -97.70 -5.81
N ARG P 18 -14.86 -98.50 -6.25
CA ARG P 18 -16.20 -98.01 -6.51
C ARG P 18 -17.16 -98.49 -5.42
N ARG P 19 -18.26 -97.77 -5.27
CA ARG P 19 -19.21 -98.04 -4.21
C ARG P 19 -19.72 -99.46 -4.31
N GLN P 20 -19.77 -100.16 -3.18
CA GLN P 20 -20.41 -101.48 -3.07
C GLN P 20 -21.30 -101.48 -1.84
N PRO P 21 -22.34 -100.66 -1.83
CA PRO P 21 -23.07 -100.41 -0.58
C PRO P 21 -23.75 -101.67 -0.08
N LYS P 22 -23.86 -101.77 1.24
CA LYS P 22 -24.48 -102.92 1.87
C LYS P 22 -26.00 -102.80 1.90
N TYR P 23 -26.56 -101.76 1.29
CA TYR P 23 -27.98 -101.61 1.06
C TYR P 23 -28.18 -100.53 0.01
N PRO P 24 -29.28 -100.55 -0.72
CA PRO P 24 -29.55 -99.43 -1.65
C PRO P 24 -29.91 -98.18 -0.86
N ARG P 25 -29.37 -97.04 -1.31
CA ARG P 25 -29.63 -95.79 -0.60
C ARG P 25 -31.13 -95.53 -0.49
N LYS P 26 -31.89 -95.81 -1.55
CA LYS P 26 -33.34 -95.72 -1.51
C LYS P 26 -33.94 -97.06 -1.90
N SER P 27 -35.23 -97.21 -1.61
CA SER P 27 -35.87 -98.52 -1.61
C SER P 27 -35.91 -99.13 -3.01
N ALA P 28 -36.58 -98.46 -3.94
CA ALA P 28 -36.84 -99.02 -5.25
C ALA P 28 -36.77 -97.88 -6.27
N PRO P 29 -36.51 -98.19 -7.54
CA PRO P 29 -36.46 -97.13 -8.54
C PRO P 29 -37.80 -96.41 -8.62
N ARG P 30 -37.74 -95.09 -8.74
CA ARG P 30 -38.94 -94.28 -8.83
C ARG P 30 -39.46 -94.28 -10.24
N ARG P 31 -40.66 -94.82 -10.44
CA ARG P 31 -41.24 -94.90 -11.76
C ARG P 31 -41.35 -93.51 -12.39
N ASN P 32 -41.53 -93.49 -13.70
CA ASN P 32 -41.64 -92.22 -14.41
C ASN P 32 -42.89 -91.49 -13.96
N LYS P 33 -42.80 -90.17 -13.93
CA LYS P 33 -43.99 -89.31 -13.89
C LYS P 33 -44.29 -88.70 -15.24
N LEU P 34 -43.58 -89.12 -16.29
CA LEU P 34 -43.66 -88.53 -17.61
C LEU P 34 -43.67 -89.65 -18.65
N ASP P 35 -44.86 -90.09 -19.03
CA ASP P 35 -45.03 -91.19 -19.97
C ASP P 35 -45.85 -90.73 -21.18
N HIS P 36 -46.21 -91.70 -22.01
CA HIS P 36 -46.95 -91.40 -23.23
C HIS P 36 -48.22 -90.60 -22.95
N TYR P 37 -48.98 -91.00 -21.95
CA TYR P 37 -50.30 -90.45 -21.69
C TYR P 37 -50.24 -89.13 -20.95
N ALA P 38 -49.04 -88.64 -20.64
CA ALA P 38 -48.87 -87.37 -19.95
C ALA P 38 -48.11 -86.34 -20.76
N ILE P 39 -47.39 -86.74 -21.80
CA ILE P 39 -46.60 -85.80 -22.59
C ILE P 39 -47.34 -85.38 -23.85
N ILE P 40 -48.55 -85.90 -24.08
CA ILE P 40 -49.44 -85.42 -25.14
C ILE P 40 -50.77 -85.13 -24.47
N LYS P 41 -50.95 -83.90 -24.01
CA LYS P 41 -52.14 -83.59 -23.22
C LYS P 41 -53.41 -83.80 -24.03
N PHE P 42 -53.60 -83.00 -25.07
CA PHE P 42 -54.81 -83.12 -25.90
C PHE P 42 -54.54 -82.44 -27.22
N PRO P 43 -55.20 -82.88 -28.29
CA PRO P 43 -55.09 -82.17 -29.56
C PRO P 43 -55.72 -80.79 -29.48
N LEU P 44 -55.25 -79.89 -30.33
CA LEU P 44 -55.77 -78.54 -30.42
C LEU P 44 -56.59 -78.39 -31.69
N THR P 45 -57.66 -77.60 -31.59
CA THR P 45 -58.53 -77.35 -32.74
C THR P 45 -59.00 -75.90 -32.73
N THR P 46 -58.51 -75.12 -33.68
CA THR P 46 -58.87 -73.73 -33.87
C THR P 46 -58.96 -73.48 -35.37
N GLU P 47 -59.00 -72.21 -35.76
CA GLU P 47 -59.02 -71.92 -37.19
C GLU P 47 -57.61 -71.98 -37.78
N SER P 48 -56.58 -71.89 -36.94
CA SER P 48 -55.23 -72.12 -37.43
C SER P 48 -54.91 -73.60 -37.51
N ALA P 49 -55.18 -74.34 -36.43
CA ALA P 49 -54.79 -75.74 -36.39
C ALA P 49 -55.60 -76.58 -37.38
N MET P 50 -56.71 -76.05 -37.89
CA MET P 50 -57.49 -76.79 -38.87
C MET P 50 -56.94 -76.60 -40.28
N LYS P 51 -56.42 -75.41 -40.58
CA LYS P 51 -55.67 -75.25 -41.81
C LYS P 51 -54.40 -76.08 -41.77
N LYS P 52 -53.76 -76.15 -40.61
CA LYS P 52 -52.54 -76.90 -40.46
C LYS P 52 -52.78 -78.39 -40.65
N ILE P 53 -53.98 -78.87 -40.31
CA ILE P 53 -54.21 -80.30 -40.28
C ILE P 53 -54.75 -80.79 -41.61
N GLU P 54 -55.29 -79.89 -42.43
CA GLU P 54 -55.87 -80.29 -43.70
C GLU P 54 -54.99 -79.95 -44.90
N ASP P 55 -54.00 -79.09 -44.73
CA ASP P 55 -53.21 -78.63 -45.86
C ASP P 55 -51.74 -79.02 -45.79
N ASN P 56 -51.08 -78.72 -44.68
CA ASN P 56 -49.66 -79.03 -44.52
C ASN P 56 -49.41 -80.49 -44.17
N ASN P 57 -50.47 -81.29 -44.04
CA ASN P 57 -50.35 -82.68 -43.64
C ASN P 57 -49.60 -82.79 -42.31
N THR P 58 -50.10 -82.08 -41.31
CA THR P 58 -49.51 -82.11 -39.98
C THR P 58 -50.64 -82.19 -38.95
N LEU P 59 -50.25 -82.35 -37.69
CA LEU P 59 -51.17 -82.25 -36.57
C LEU P 59 -50.74 -81.09 -35.69
N VAL P 60 -51.49 -80.87 -34.62
CA VAL P 60 -51.13 -79.93 -33.57
C VAL P 60 -51.47 -80.58 -32.23
N PHE P 61 -50.59 -80.41 -31.25
CA PHE P 61 -50.82 -80.96 -29.93
C PHE P 61 -50.39 -79.96 -28.88
N ILE P 62 -50.74 -80.24 -27.62
CA ILE P 62 -50.26 -79.47 -26.49
C ILE P 62 -49.54 -80.43 -25.55
N VAL P 63 -48.33 -80.07 -25.16
CA VAL P 63 -47.37 -81.01 -24.59
C VAL P 63 -46.82 -80.44 -23.30
N ASP P 64 -46.56 -81.31 -22.32
CA ASP P 64 -45.97 -80.89 -21.06
C ASP P 64 -44.73 -80.04 -21.31
N VAL P 65 -44.43 -79.16 -20.35
CA VAL P 65 -43.42 -78.14 -20.57
C VAL P 65 -42.04 -78.77 -20.75
N LYS P 66 -41.68 -79.75 -19.92
CA LYS P 66 -40.37 -80.38 -20.03
C LYS P 66 -40.50 -81.60 -20.94
N ALA P 67 -40.34 -81.37 -22.25
CA ALA P 67 -40.41 -82.45 -23.21
C ALA P 67 -39.63 -82.06 -24.46
N ASN P 68 -38.61 -82.85 -24.77
CA ASN P 68 -37.79 -82.64 -25.95
C ASN P 68 -38.64 -82.78 -27.21
N LYS P 69 -38.05 -82.40 -28.35
CA LYS P 69 -38.65 -82.79 -29.62
C LYS P 69 -38.39 -84.27 -29.90
N HIS P 70 -37.32 -84.81 -29.32
CA HIS P 70 -37.06 -86.24 -29.46
C HIS P 70 -38.07 -87.06 -28.68
N GLN P 71 -38.63 -86.49 -27.61
CA GLN P 71 -39.57 -87.24 -26.79
C GLN P 71 -40.98 -87.18 -27.36
N ILE P 72 -41.34 -86.07 -27.98
CA ILE P 72 -42.70 -85.96 -28.53
C ILE P 72 -42.88 -86.92 -29.69
N LYS P 73 -41.83 -87.11 -30.49
CA LYS P 73 -41.90 -88.06 -31.59
C LYS P 73 -42.29 -89.45 -31.11
N GLN P 74 -41.64 -89.92 -30.05
CA GLN P 74 -41.90 -91.27 -29.55
C GLN P 74 -43.32 -91.42 -29.04
N ALA P 75 -43.82 -90.39 -28.34
CA ALA P 75 -45.15 -90.51 -27.74
C ALA P 75 -46.23 -90.66 -28.81
N VAL P 76 -46.25 -89.75 -29.79
CA VAL P 76 -47.26 -89.82 -30.84
C VAL P 76 -47.08 -91.09 -31.66
N LYS P 77 -45.83 -91.47 -31.92
CA LYS P 77 -45.59 -92.70 -32.67
C LYS P 77 -46.14 -93.91 -31.92
N LYS P 78 -45.95 -93.96 -30.60
CA LYS P 78 -46.40 -95.11 -29.84
C LYS P 78 -47.89 -95.01 -29.50
N LEU P 79 -48.42 -93.80 -29.38
CA LEU P 79 -49.82 -93.65 -29.01
C LEU P 79 -50.75 -94.14 -30.11
N TYR P 80 -50.66 -93.52 -31.29
CA TYR P 80 -51.60 -93.78 -32.37
C TYR P 80 -51.04 -94.72 -33.43
N ASP P 81 -49.88 -95.33 -33.19
CA ASP P 81 -49.24 -96.27 -34.13
C ASP P 81 -49.12 -95.63 -35.52
N ILE P 82 -48.34 -94.56 -35.55
CA ILE P 82 -48.29 -93.63 -36.66
C ILE P 82 -46.82 -93.38 -36.97
N ASP P 83 -46.54 -92.48 -37.91
CA ASP P 83 -45.16 -92.08 -38.20
C ASP P 83 -45.07 -90.57 -38.18
N VAL P 84 -43.88 -90.07 -37.81
CA VAL P 84 -43.63 -88.64 -37.69
C VAL P 84 -42.41 -88.29 -38.51
N ALA P 85 -42.49 -87.21 -39.27
CA ALA P 85 -41.33 -86.78 -40.06
C ALA P 85 -40.48 -85.78 -39.28
N LYS P 86 -41.10 -84.73 -38.75
CA LYS P 86 -40.38 -83.73 -37.98
C LYS P 86 -41.38 -83.03 -37.07
N VAL P 87 -40.85 -82.36 -36.04
CA VAL P 87 -41.66 -81.74 -35.01
C VAL P 87 -41.16 -80.33 -34.77
N ASN P 88 -42.08 -79.39 -34.58
CA ASN P 88 -41.73 -78.00 -34.27
C ASN P 88 -42.52 -77.59 -33.03
N THR P 89 -41.84 -77.05 -32.03
CA THR P 89 -42.43 -76.82 -30.72
C THR P 89 -42.13 -75.41 -30.25
N LEU P 90 -43.09 -74.50 -30.40
CA LEU P 90 -43.05 -73.22 -29.74
C LEU P 90 -43.61 -73.39 -28.33
N ILE P 91 -43.49 -72.33 -27.53
CA ILE P 91 -44.01 -72.32 -26.17
C ILE P 91 -44.87 -71.07 -26.02
N ARG P 92 -46.18 -71.26 -25.83
CA ARG P 92 -47.12 -70.17 -25.86
C ARG P 92 -46.91 -69.23 -24.68
N PRO P 93 -47.46 -68.01 -24.74
CA PRO P 93 -47.33 -67.09 -23.60
C PRO P 93 -47.87 -67.65 -22.30
N ASP P 94 -48.97 -68.39 -22.34
CA ASP P 94 -49.51 -68.97 -21.11
C ASP P 94 -48.51 -69.89 -20.43
N GLY P 95 -47.63 -70.53 -21.18
CA GLY P 95 -46.66 -71.45 -20.63
C GLY P 95 -46.83 -72.89 -21.05
N GLU P 96 -47.68 -73.18 -22.04
CA GLU P 96 -47.86 -74.53 -22.55
C GLU P 96 -47.09 -74.70 -23.84
N LYS P 97 -46.34 -75.79 -23.95
CA LYS P 97 -45.45 -76.00 -25.09
C LYS P 97 -46.27 -76.57 -26.24
N LYS P 98 -46.74 -75.69 -27.11
CA LYS P 98 -47.46 -76.14 -28.30
C LYS P 98 -46.50 -76.84 -29.25
N ALA P 99 -46.96 -77.93 -29.84
CA ALA P 99 -46.10 -78.75 -30.70
C ALA P 99 -46.78 -78.98 -32.04
N TYR P 100 -46.05 -78.74 -33.12
CA TYR P 100 -46.51 -78.99 -34.48
C TYR P 100 -45.86 -80.28 -34.97
N VAL P 101 -46.67 -81.31 -35.20
CA VAL P 101 -46.17 -82.62 -35.58
C VAL P 101 -46.40 -82.78 -37.08
N ARG P 102 -45.36 -82.57 -37.87
CA ARG P 102 -45.46 -82.85 -39.30
C ARG P 102 -45.61 -84.34 -39.50
N LEU P 103 -46.53 -84.73 -40.36
CA LEU P 103 -46.87 -86.13 -40.49
C LEU P 103 -46.13 -86.75 -41.67
N ALA P 104 -45.81 -88.03 -41.52
CA ALA P 104 -45.07 -88.71 -42.56
C ALA P 104 -45.90 -88.80 -43.84
N PRO P 105 -45.26 -88.74 -45.00
CA PRO P 105 -46.03 -88.78 -46.26
C PRO P 105 -46.83 -90.06 -46.46
N ASP P 106 -46.45 -91.15 -45.79
CA ASP P 106 -47.17 -92.41 -45.94
C ASP P 106 -48.55 -92.39 -45.31
N TYR P 107 -48.88 -91.34 -44.54
CA TYR P 107 -50.14 -91.28 -43.81
C TYR P 107 -50.92 -90.04 -44.18
N ASP P 108 -52.21 -90.05 -43.85
CA ASP P 108 -53.19 -89.06 -44.27
C ASP P 108 -53.67 -88.32 -43.02
N ALA P 109 -53.27 -87.06 -42.89
CA ALA P 109 -53.49 -86.33 -41.65
C ALA P 109 -54.97 -86.19 -41.32
N LEU P 110 -55.85 -86.28 -42.30
CA LEU P 110 -57.28 -86.30 -42.00
C LEU P 110 -57.68 -87.61 -41.35
N ASP P 111 -57.25 -88.74 -41.90
CA ASP P 111 -57.72 -90.02 -41.40
C ASP P 111 -57.22 -90.27 -39.99
N VAL P 112 -56.04 -89.75 -39.63
CA VAL P 112 -55.61 -89.81 -38.25
C VAL P 112 -56.42 -88.85 -37.40
N ALA P 113 -56.83 -87.72 -37.97
CA ALA P 113 -57.56 -86.72 -37.20
C ALA P 113 -58.90 -87.26 -36.71
N ASN P 114 -59.61 -87.99 -37.56
CA ASN P 114 -60.90 -88.53 -37.15
C ASN P 114 -60.76 -89.51 -36.00
N LYS P 115 -59.68 -90.31 -36.01
CA LYS P 115 -59.48 -91.29 -34.94
C LYS P 115 -59.33 -90.61 -33.59
N ILE P 116 -58.43 -89.63 -33.49
CA ILE P 116 -58.14 -88.99 -32.20
C ILE P 116 -59.28 -88.11 -31.73
N GLY P 117 -60.36 -87.99 -32.49
CA GLY P 117 -61.57 -87.34 -32.05
C GLY P 117 -61.80 -85.96 -32.62
N ILE P 118 -60.74 -85.20 -32.89
CA ILE P 118 -60.94 -83.86 -33.42
C ILE P 118 -61.46 -83.96 -34.85
N ILE P 119 -62.40 -83.09 -35.17
CA ILE P 119 -63.10 -83.11 -36.45
C ILE P 119 -62.12 -83.04 -37.62
N MET Q 1 -74.88 -73.15 35.12
CA MET Q 1 -74.06 -74.12 35.84
C MET Q 1 -73.45 -75.18 34.92
N LYS Q 2 -72.31 -74.84 34.33
CA LYS Q 2 -71.45 -75.83 33.70
C LYS Q 2 -70.23 -75.99 34.60
N PHE Q 3 -70.17 -77.10 35.32
CA PHE Q 3 -69.07 -77.30 36.24
C PHE Q 3 -67.84 -77.87 35.56
N ASN Q 4 -67.99 -78.45 34.38
CA ASN Q 4 -66.87 -78.94 33.61
C ASN Q 4 -66.09 -77.76 33.05
N PRO Q 5 -64.83 -77.58 33.41
CA PRO Q 5 -64.09 -76.42 32.89
C PRO Q 5 -63.47 -76.68 31.54
N PHE Q 6 -64.20 -77.32 30.62
CA PHE Q 6 -63.73 -77.53 29.27
C PHE Q 6 -64.80 -77.34 28.21
N VAL Q 7 -66.04 -77.07 28.59
CA VAL Q 7 -67.08 -76.70 27.65
C VAL Q 7 -67.22 -75.19 27.67
N THR Q 8 -67.58 -74.63 26.53
CA THR Q 8 -67.25 -73.24 26.25
C THR Q 8 -68.04 -72.24 27.09
N SER Q 9 -69.36 -72.41 27.15
CA SER Q 9 -70.25 -71.49 27.90
C SER Q 9 -70.02 -70.05 27.50
N ASP Q 10 -69.87 -69.80 26.21
CA ASP Q 10 -69.43 -68.51 25.73
C ASP Q 10 -70.14 -68.24 24.42
N ARG Q 11 -70.22 -66.97 24.02
CA ARG Q 11 -71.01 -66.62 22.85
C ARG Q 11 -70.16 -66.53 21.59
N SER Q 12 -68.95 -66.01 21.71
CA SER Q 12 -68.10 -65.90 20.52
C SER Q 12 -67.75 -67.27 19.97
N LYS Q 13 -67.61 -68.26 20.85
CA LYS Q 13 -67.12 -69.56 20.42
C LYS Q 13 -68.26 -70.52 20.12
N ASN Q 14 -69.42 -70.34 20.75
CA ASN Q 14 -70.55 -71.21 20.43
C ASN Q 14 -71.20 -70.82 19.12
N ARG Q 15 -71.27 -69.53 18.82
CA ARG Q 15 -71.74 -69.13 17.49
C ARG Q 15 -70.75 -69.58 16.43
N LYS Q 16 -69.46 -69.49 16.70
CA LYS Q 16 -68.47 -69.97 15.74
C LYS Q 16 -68.61 -71.46 15.49
N ARG Q 17 -68.63 -72.26 16.55
CA ARG Q 17 -68.71 -73.70 16.40
C ARG Q 17 -70.08 -74.13 15.89
N HIS Q 18 -71.04 -73.20 15.85
CA HIS Q 18 -72.31 -73.51 15.23
C HIS Q 18 -72.31 -73.18 13.75
N PHE Q 19 -71.66 -72.08 13.37
CA PHE Q 19 -71.68 -71.61 12.00
C PHE Q 19 -70.51 -72.11 11.17
N ASN Q 20 -69.58 -72.86 11.77
CA ASN Q 20 -68.50 -73.50 11.03
C ASN Q 20 -68.46 -75.00 11.22
N ALA Q 21 -69.51 -75.58 11.81
CA ALA Q 21 -69.50 -77.01 12.09
C ALA Q 21 -69.52 -77.81 10.79
N PRO Q 22 -68.80 -78.91 10.71
CA PRO Q 22 -68.76 -79.71 9.49
C PRO Q 22 -70.11 -80.35 9.22
N SER Q 23 -70.16 -81.08 8.10
CA SER Q 23 -71.44 -81.64 7.66
C SER Q 23 -71.93 -82.72 8.62
N HIS Q 24 -71.07 -83.68 8.97
CA HIS Q 24 -71.53 -84.81 9.76
C HIS Q 24 -71.92 -84.44 11.18
N ILE Q 25 -71.64 -83.21 11.62
CA ILE Q 25 -72.12 -82.73 12.90
C ILE Q 25 -73.41 -81.98 12.65
N ARG Q 26 -73.53 -81.32 11.50
CA ARG Q 26 -74.76 -80.64 11.17
C ARG Q 26 -75.92 -81.61 11.00
N ARG Q 27 -75.63 -82.91 10.95
CA ARG Q 27 -76.70 -83.89 11.08
C ARG Q 27 -77.32 -83.85 12.46
N LYS Q 28 -76.48 -83.88 13.50
CA LYS Q 28 -77.00 -83.88 14.87
C LYS Q 28 -77.52 -82.51 15.27
N ILE Q 29 -76.93 -81.44 14.74
CA ILE Q 29 -77.34 -80.10 15.16
C ILE Q 29 -78.75 -79.78 14.68
N MET Q 30 -79.18 -80.36 13.56
CA MET Q 30 -80.57 -80.26 13.13
C MET Q 30 -81.22 -81.63 13.29
N SER Q 31 -81.92 -81.80 14.39
CA SER Q 31 -82.76 -82.97 14.62
C SER Q 31 -84.14 -82.50 15.05
N SER Q 32 -85.11 -83.38 14.91
CA SER Q 32 -86.51 -83.05 15.10
C SER Q 32 -87.15 -84.06 16.02
N PRO Q 33 -88.25 -83.71 16.68
CA PRO Q 33 -88.90 -84.64 17.60
C PRO Q 33 -89.73 -85.68 16.85
N LEU Q 34 -90.13 -86.70 17.59
CA LEU Q 34 -91.01 -87.74 17.09
C LEU Q 34 -92.41 -87.54 17.63
N SER Q 35 -93.40 -88.05 16.91
CA SER Q 35 -94.78 -87.85 17.29
C SER Q 35 -95.09 -88.54 18.62
N LYS Q 36 -96.21 -88.15 19.21
CA LYS Q 36 -96.67 -88.81 20.44
C LYS Q 36 -96.90 -90.30 20.22
N GLU Q 37 -97.10 -90.71 18.97
CA GLU Q 37 -97.27 -92.13 18.68
C GLU Q 37 -95.94 -92.85 18.70
N LEU Q 38 -94.94 -92.32 18.00
CA LEU Q 38 -93.65 -92.96 17.93
C LEU Q 38 -92.89 -92.84 19.24
N ARG Q 39 -93.05 -91.71 19.94
CA ARG Q 39 -92.25 -91.45 21.14
C ARG Q 39 -92.51 -92.52 22.19
N GLN Q 40 -93.77 -92.91 22.38
CA GLN Q 40 -94.07 -94.01 23.29
C GLN Q 40 -93.72 -95.36 22.67
N LYS Q 41 -93.78 -95.46 21.35
CA LYS Q 41 -93.47 -96.73 20.69
C LYS Q 41 -91.98 -97.03 20.78
N TYR Q 42 -91.14 -96.18 20.20
CA TYR Q 42 -89.71 -96.41 20.18
C TYR Q 42 -89.00 -96.02 21.47
N ASN Q 43 -89.67 -95.29 22.36
CA ASN Q 43 -89.06 -94.81 23.60
C ASN Q 43 -87.86 -93.91 23.30
N VAL Q 44 -88.00 -93.05 22.30
CA VAL Q 44 -86.95 -92.10 21.90
C VAL Q 44 -87.58 -90.73 21.68
N ARG Q 45 -86.77 -89.69 21.77
CA ARG Q 45 -87.25 -88.31 21.73
C ARG Q 45 -86.98 -87.62 20.41
N SER Q 46 -85.73 -87.64 19.91
CA SER Q 46 -85.36 -86.91 18.71
C SER Q 46 -84.51 -87.81 17.82
N MET Q 47 -84.51 -87.48 16.53
CA MET Q 47 -83.69 -88.20 15.56
C MET Q 47 -83.12 -87.22 14.56
N PRO Q 48 -81.91 -87.46 14.06
CA PRO Q 48 -81.41 -86.68 12.94
C PRO Q 48 -82.33 -86.80 11.74
N ILE Q 49 -82.38 -85.75 10.95
CA ILE Q 49 -83.35 -85.67 9.86
C ILE Q 49 -82.77 -86.31 8.61
N ARG Q 50 -83.65 -86.85 7.78
CA ARG Q 50 -83.28 -87.76 6.70
C ARG Q 50 -83.81 -87.23 5.38
N LYS Q 51 -83.43 -87.89 4.29
CA LYS Q 51 -83.90 -87.48 2.96
C LYS Q 51 -85.36 -87.84 2.75
N ASP Q 52 -85.80 -88.98 3.27
CA ASP Q 52 -87.16 -89.46 3.06
C ASP Q 52 -87.82 -89.68 4.42
N ASP Q 53 -88.53 -88.67 4.89
CA ASP Q 53 -89.37 -88.80 6.06
C ASP Q 53 -90.66 -88.03 5.84
N GLU Q 54 -91.70 -88.42 6.56
CA GLU Q 54 -92.95 -87.68 6.53
C GLU Q 54 -93.01 -86.79 7.76
N VAL Q 55 -92.93 -85.48 7.55
CA VAL Q 55 -92.94 -84.53 8.66
C VAL Q 55 -94.24 -83.75 8.63
N GLN Q 56 -94.45 -82.95 9.68
CA GLN Q 56 -95.67 -82.18 9.87
C GLN Q 56 -95.29 -80.87 10.54
N VAL Q 57 -95.35 -79.77 9.80
CA VAL Q 57 -94.91 -78.49 10.33
C VAL Q 57 -95.77 -78.09 11.52
N VAL Q 58 -95.15 -77.50 12.53
CA VAL Q 58 -95.88 -77.21 13.77
C VAL Q 58 -95.67 -75.75 14.17
N ARG Q 59 -94.85 -75.01 13.42
CA ARG Q 59 -94.65 -73.59 13.67
C ARG Q 59 -94.40 -72.86 12.37
N GLY Q 60 -94.94 -71.64 12.29
CA GLY Q 60 -94.68 -70.78 11.15
C GLY Q 60 -95.92 -70.24 10.46
N HIS Q 61 -95.81 -70.00 9.16
CA HIS Q 61 -96.97 -69.69 8.32
C HIS Q 61 -97.45 -70.88 7.54
N TYR Q 62 -96.63 -71.92 7.42
CA TYR Q 62 -97.03 -73.20 6.86
C TYR Q 62 -97.42 -74.20 7.93
N LYS Q 63 -97.98 -73.69 9.03
CA LYS Q 63 -98.39 -74.51 10.16
C LYS Q 63 -99.62 -75.33 9.80
N GLY Q 64 -99.82 -76.40 10.55
CA GLY Q 64 -101.06 -77.14 10.47
C GLY Q 64 -100.84 -78.62 10.69
N GLN Q 65 -101.94 -79.35 10.75
CA GLN Q 65 -101.91 -80.81 10.75
C GLN Q 65 -101.92 -81.24 9.30
N GLN Q 66 -100.75 -81.67 8.81
CA GLN Q 66 -100.62 -82.06 7.42
C GLN Q 66 -99.36 -82.90 7.30
N ILE Q 67 -99.50 -84.06 6.68
CA ILE Q 67 -98.41 -85.02 6.56
C ILE Q 67 -97.76 -84.79 5.19
N GLY Q 68 -96.68 -84.01 5.19
CA GLY Q 68 -95.89 -83.79 4.01
C GLY Q 68 -94.66 -84.68 4.02
N LYS Q 69 -93.92 -84.65 2.92
CA LYS Q 69 -92.71 -85.44 2.78
C LYS Q 69 -91.49 -84.53 2.66
N VAL Q 70 -90.38 -84.97 3.25
CA VAL Q 70 -89.11 -84.30 3.05
C VAL Q 70 -88.56 -84.70 1.69
N VAL Q 71 -88.07 -83.73 0.93
CA VAL Q 71 -87.57 -84.00 -0.40
C VAL Q 71 -86.05 -83.86 -0.49
N GLN Q 72 -85.44 -82.94 0.25
CA GLN Q 72 -83.98 -82.88 0.36
C GLN Q 72 -83.62 -81.99 1.54
N VAL Q 73 -82.49 -82.30 2.15
CA VAL Q 73 -82.01 -81.59 3.32
C VAL Q 73 -80.79 -80.78 2.92
N TYR Q 74 -80.79 -79.50 3.25
CA TYR Q 74 -79.79 -78.55 2.81
C TYR Q 74 -78.94 -78.16 4.01
N ARG Q 75 -77.91 -78.95 4.30
CA ARG Q 75 -77.14 -78.73 5.51
C ARG Q 75 -76.28 -77.48 5.47
N LYS Q 76 -76.14 -76.81 4.34
CA LYS Q 76 -75.35 -75.59 4.34
C LYS Q 76 -76.17 -74.38 4.75
N LYS Q 77 -77.49 -74.51 4.83
CA LYS Q 77 -78.34 -73.39 5.24
C LYS Q 77 -79.27 -73.75 6.38
N TYR Q 78 -79.13 -74.92 6.98
CA TYR Q 78 -79.94 -75.34 8.12
C TYR Q 78 -81.42 -75.26 7.81
N VAL Q 79 -81.81 -75.86 6.67
CA VAL Q 79 -83.20 -75.90 6.26
C VAL Q 79 -83.48 -77.27 5.64
N ILE Q 80 -84.76 -77.63 5.61
CA ILE Q 80 -85.22 -78.80 4.87
C ILE Q 80 -86.31 -78.33 3.92
N TYR Q 81 -86.56 -79.13 2.90
CA TYR Q 81 -87.55 -78.81 1.88
C TYR Q 81 -88.62 -79.87 1.88
N ILE Q 82 -89.85 -79.47 2.16
CA ILE Q 82 -90.96 -80.39 2.31
C ILE Q 82 -91.73 -80.41 0.98
N GLU Q 83 -92.56 -81.44 0.80
CA GLU Q 83 -93.34 -81.58 -0.42
C GLU Q 83 -94.08 -80.31 -0.80
N ARG Q 84 -94.99 -79.85 0.05
CA ARG Q 84 -96.01 -78.89 -0.35
C ARG Q 84 -95.81 -77.51 0.25
N VAL Q 85 -94.64 -77.21 0.82
CA VAL Q 85 -94.37 -75.86 1.33
C VAL Q 85 -93.72 -75.10 0.18
N GLN Q 86 -94.56 -74.46 -0.63
CA GLN Q 86 -94.12 -73.83 -1.86
C GLN Q 86 -94.77 -72.45 -1.99
N ARG Q 87 -94.24 -71.67 -2.92
CA ARG Q 87 -94.81 -70.39 -3.27
C ARG Q 87 -94.32 -69.99 -4.65
N GLU Q 88 -95.14 -69.22 -5.35
CA GLU Q 88 -94.81 -68.77 -6.69
C GLU Q 88 -93.72 -67.70 -6.62
N LYS Q 89 -92.78 -67.78 -7.55
CA LYS Q 89 -91.60 -66.91 -7.56
C LYS Q 89 -91.88 -65.55 -8.18
N ALA Q 90 -93.13 -65.11 -8.23
CA ALA Q 90 -93.55 -63.90 -8.93
C ALA Q 90 -93.18 -63.96 -10.41
N ASN Q 91 -93.07 -65.18 -10.93
CA ASN Q 91 -92.71 -65.43 -12.33
C ASN Q 91 -93.68 -66.37 -13.02
N GLY Q 92 -94.21 -67.36 -12.30
CA GLY Q 92 -95.01 -68.41 -12.88
C GLY Q 92 -94.58 -69.81 -12.47
N THR Q 93 -93.50 -69.95 -11.72
CA THR Q 93 -92.99 -71.24 -11.29
C THR Q 93 -93.24 -71.44 -9.80
N THR Q 94 -92.81 -72.59 -9.29
CA THR Q 94 -92.97 -72.96 -7.89
C THR Q 94 -91.62 -73.19 -7.26
N VAL Q 95 -91.46 -72.72 -6.03
CA VAL Q 95 -90.18 -72.74 -5.33
C VAL Q 95 -90.38 -73.25 -3.92
N HIS Q 96 -89.55 -74.18 -3.49
CA HIS Q 96 -89.60 -74.66 -2.13
C HIS Q 96 -89.09 -73.61 -1.16
N VAL Q 97 -89.66 -73.61 0.04
CA VAL Q 97 -89.27 -72.67 1.09
C VAL Q 97 -88.79 -73.48 2.28
N GLY Q 98 -87.64 -73.09 2.83
CA GLY Q 98 -86.98 -73.91 3.82
C GLY Q 98 -87.59 -73.75 5.21
N ILE Q 99 -87.63 -74.86 5.93
CA ILE Q 99 -88.08 -74.92 7.32
C ILE Q 99 -86.92 -75.42 8.16
N HIS Q 100 -86.60 -74.70 9.23
CA HIS Q 100 -85.54 -75.19 10.11
C HIS Q 100 -86.04 -76.42 10.83
N PRO Q 101 -85.33 -77.54 10.78
CA PRO Q 101 -85.87 -78.83 11.23
C PRO Q 101 -85.75 -79.06 12.72
N SER Q 102 -86.09 -78.06 13.51
CA SER Q 102 -86.43 -78.25 14.90
C SER Q 102 -87.90 -77.98 15.14
N LYS Q 103 -88.60 -77.48 14.13
CA LYS Q 103 -90.01 -77.11 14.22
C LYS Q 103 -90.90 -78.03 13.38
N VAL Q 104 -90.49 -79.29 13.23
CA VAL Q 104 -91.26 -80.25 12.45
C VAL Q 104 -91.39 -81.53 13.27
N VAL Q 105 -92.59 -82.07 13.31
CA VAL Q 105 -92.87 -83.29 14.05
C VAL Q 105 -92.84 -84.44 13.06
N ILE Q 106 -91.89 -85.34 13.23
CA ILE Q 106 -91.81 -86.52 12.38
C ILE Q 106 -93.02 -87.38 12.68
N THR Q 107 -93.97 -87.44 11.75
CA THR Q 107 -95.16 -88.24 11.98
C THR Q 107 -94.94 -89.71 11.65
N ARG Q 108 -93.98 -90.01 10.78
CA ARG Q 108 -93.67 -91.40 10.45
C ARG Q 108 -92.32 -91.46 9.76
N LEU Q 109 -91.43 -92.29 10.30
CA LEU Q 109 -90.26 -92.70 9.54
C LEU Q 109 -90.71 -93.69 8.48
N LYS Q 110 -90.16 -93.58 7.27
CA LYS Q 110 -90.70 -94.31 6.14
C LYS Q 110 -90.15 -95.73 6.08
N LEU Q 111 -90.48 -96.42 5.00
CA LEU Q 111 -90.00 -97.79 4.76
C LEU Q 111 -88.87 -97.71 3.74
N ASP Q 112 -87.68 -97.41 4.23
CA ASP Q 112 -86.44 -97.62 3.51
C ASP Q 112 -85.75 -98.85 4.09
N LYS Q 113 -84.68 -99.29 3.42
CA LYS Q 113 -83.87 -100.33 4.02
C LYS Q 113 -82.77 -99.70 4.89
N ASP Q 114 -82.36 -98.47 4.55
CA ASP Q 114 -81.58 -97.67 5.48
C ASP Q 114 -82.39 -97.39 6.73
N ARG Q 115 -83.63 -96.92 6.57
CA ARG Q 115 -84.54 -96.78 7.70
C ARG Q 115 -84.99 -98.14 8.22
N LYS Q 116 -84.39 -99.21 7.69
CA LYS Q 116 -84.53 -100.54 8.30
C LYS Q 116 -83.24 -100.96 9.00
N LYS Q 117 -82.09 -100.56 8.44
CA LYS Q 117 -80.83 -100.98 9.05
C LYS Q 117 -80.26 -99.90 9.98
N ILE Q 118 -79.97 -98.72 9.44
CA ILE Q 118 -79.33 -97.68 10.25
C ILE Q 118 -80.27 -97.13 11.30
N LEU Q 119 -81.53 -96.90 10.94
CA LEU Q 119 -82.50 -96.47 11.94
C LEU Q 119 -82.61 -97.48 13.07
N GLU Q 120 -82.67 -98.77 12.74
CA GLU Q 120 -82.75 -99.77 13.79
C GLU Q 120 -81.40 -99.95 14.47
N ARG Q 121 -80.35 -99.29 13.97
CA ARG Q 121 -79.10 -99.26 14.69
C ARG Q 121 -79.06 -98.07 15.67
N LYS Q 122 -79.75 -96.98 15.34
CA LYS Q 122 -79.75 -95.83 16.23
C LYS Q 122 -80.96 -95.85 17.16
N ALA Q 123 -82.14 -96.19 16.63
CA ALA Q 123 -83.32 -96.26 17.49
C ALA Q 123 -83.15 -97.31 18.57
N LYS Q 124 -82.22 -98.24 18.39
CA LYS Q 124 -81.85 -99.14 19.48
C LYS Q 124 -80.84 -98.48 20.42
N SER Q 125 -79.79 -97.88 19.86
CA SER Q 125 -78.75 -97.30 20.71
C SER Q 125 -79.29 -96.14 21.53
N ARG Q 126 -80.27 -95.42 20.99
CA ARG Q 126 -80.86 -94.32 21.73
C ARG Q 126 -81.60 -94.82 22.97
N GLN Q 127 -82.30 -95.94 22.86
CA GLN Q 127 -83.14 -96.38 23.96
C GLN Q 127 -82.36 -97.15 25.02
N VAL Q 128 -81.28 -97.83 24.64
CA VAL Q 128 -80.43 -98.46 25.66
C VAL Q 128 -79.84 -97.41 26.58
N GLY Q 129 -79.39 -96.29 26.02
CA GLY Q 129 -78.91 -95.20 26.86
C GLY Q 129 -80.00 -94.63 27.74
N LYS Q 130 -81.23 -94.61 27.24
CA LYS Q 130 -82.34 -94.05 28.00
C LYS Q 130 -82.78 -94.97 29.13
N GLU Q 131 -82.85 -96.28 28.87
CA GLU Q 131 -83.28 -97.22 29.90
C GLU Q 131 -82.36 -97.21 31.10
N LYS Q 132 -81.06 -97.34 30.87
CA LYS Q 132 -80.11 -97.40 31.98
C LYS Q 132 -80.12 -96.14 32.81
N GLY Q 133 -80.60 -95.02 32.26
CA GLY Q 133 -80.73 -93.81 33.05
C GLY Q 133 -81.77 -93.93 34.14
N LYS Q 134 -82.92 -94.49 33.81
CA LYS Q 134 -84.02 -94.61 34.78
C LYS Q 134 -83.70 -95.63 35.86
N PRO R 1 -60.42 -43.40 42.94
CA PRO R 1 -61.73 -43.08 42.39
C PRO R 1 -61.70 -41.80 41.60
N SER R 2 -61.66 -41.88 40.28
CA SER R 2 -61.51 -40.67 39.48
C SER R 2 -62.72 -39.76 39.55
N ARG R 3 -63.84 -40.20 40.09
CA ARG R 3 -64.99 -39.33 40.25
C ARG R 3 -64.91 -38.46 41.49
N LEU R 4 -63.83 -38.56 42.26
CA LEU R 4 -63.59 -37.70 43.40
C LEU R 4 -62.41 -36.76 43.20
N ARG R 5 -61.52 -37.06 42.27
CA ARG R 5 -60.39 -36.20 41.98
C ARG R 5 -60.86 -34.80 41.68
N LYS R 6 -59.95 -33.83 41.77
CA LYS R 6 -60.38 -32.47 41.44
C LYS R 6 -60.27 -32.16 39.96
N THR R 7 -59.57 -32.98 39.18
CA THR R 7 -59.57 -32.73 37.74
C THR R 7 -60.97 -32.88 37.17
N ARG R 8 -61.81 -33.71 37.77
CA ARG R 8 -63.16 -33.86 37.27
C ARG R 8 -63.98 -32.60 37.47
N LYS R 9 -63.68 -31.79 38.48
CA LYS R 9 -64.30 -30.50 38.66
C LYS R 9 -63.50 -29.38 38.01
N LEU R 10 -62.46 -29.72 37.26
CA LEU R 10 -61.62 -28.71 36.65
C LEU R 10 -61.78 -28.65 35.14
N ARG R 11 -62.81 -29.29 34.58
CA ARG R 11 -63.12 -29.07 33.18
C ARG R 11 -63.68 -27.66 32.99
N GLY R 12 -63.46 -27.13 31.80
CA GLY R 12 -63.97 -25.82 31.47
C GLY R 12 -63.06 -24.69 31.85
N HIS R 13 -62.07 -24.94 32.70
CA HIS R 13 -61.08 -23.93 33.06
C HIS R 13 -59.89 -24.08 32.12
N VAL R 14 -59.46 -22.96 31.54
CA VAL R 14 -58.59 -23.01 30.37
C VAL R 14 -57.25 -23.65 30.69
N SER R 15 -56.86 -23.71 31.95
CA SER R 15 -55.63 -24.39 32.32
C SER R 15 -55.77 -25.34 33.49
N HIS R 16 -56.81 -25.19 34.31
CA HIS R 16 -57.15 -26.09 35.41
C HIS R 16 -55.92 -26.46 36.25
N GLY R 17 -55.42 -25.43 36.90
CA GLY R 17 -54.22 -25.53 37.70
C GLY R 17 -53.00 -25.19 36.87
N HIS R 18 -51.95 -24.74 37.56
CA HIS R 18 -50.70 -24.33 36.94
C HIS R 18 -50.85 -23.07 36.10
N GLY R 19 -51.96 -22.36 36.27
CA GLY R 19 -52.13 -21.00 35.81
C GLY R 19 -51.89 -20.78 34.33
N ARG R 20 -51.77 -19.49 34.00
CA ARG R 20 -51.50 -19.12 32.62
C ARG R 20 -50.45 -18.03 32.45
N ILE R 21 -50.06 -17.30 33.49
CA ILE R 21 -49.05 -16.27 33.31
C ILE R 21 -47.70 -16.90 33.01
N GLY R 22 -47.32 -17.91 33.80
CA GLY R 22 -46.28 -18.81 33.35
C GLY R 22 -46.82 -20.21 33.35
N LYS R 23 -47.06 -20.76 32.17
CA LYS R 23 -47.62 -22.11 32.07
C LYS R 23 -46.52 -23.08 32.45
N HIS R 24 -46.56 -23.60 33.67
CA HIS R 24 -45.43 -24.40 34.15
C HIS R 24 -45.15 -25.57 33.21
N ARG R 25 -43.93 -25.62 32.71
CA ARG R 25 -43.56 -26.43 31.57
C ARG R 25 -43.10 -27.80 32.06
N LYS R 26 -42.49 -28.58 31.16
CA LYS R 26 -42.25 -29.99 31.46
C LYS R 26 -41.45 -30.15 32.73
N HIS R 27 -40.30 -29.50 32.83
CA HIS R 27 -39.63 -29.51 34.13
C HIS R 27 -38.66 -28.34 34.28
N PRO R 28 -39.09 -27.27 34.95
CA PRO R 28 -38.22 -26.11 35.15
C PRO R 28 -37.40 -26.23 36.43
N GLY R 29 -36.09 -26.06 36.33
CA GLY R 29 -35.26 -26.12 37.50
C GLY R 29 -34.87 -27.53 37.88
N GLY R 30 -34.35 -28.29 36.93
CA GLY R 30 -33.67 -29.54 37.23
C GLY R 30 -34.56 -30.69 37.65
N ARG R 31 -34.16 -31.91 37.32
CA ARG R 31 -34.93 -33.10 37.64
C ARG R 31 -34.38 -33.73 38.91
N GLY R 32 -35.23 -33.85 39.91
CA GLY R 32 -34.85 -34.51 41.15
C GLY R 32 -34.23 -33.54 42.12
N ASN R 33 -33.07 -33.90 42.64
CA ASN R 33 -32.35 -33.09 43.61
C ASN R 33 -31.39 -32.12 42.96
N ALA R 34 -31.62 -31.78 41.70
CA ALA R 34 -30.67 -30.95 40.97
C ALA R 34 -30.45 -29.63 41.68
N GLY R 35 -29.35 -28.98 41.36
CA GLY R 35 -28.95 -27.85 42.17
C GLY R 35 -28.72 -28.35 43.58
N GLY R 36 -29.29 -27.66 44.55
CA GLY R 36 -29.18 -28.06 45.92
C GLY R 36 -27.87 -27.69 46.57
N MET R 37 -26.90 -27.24 45.80
CA MET R 37 -25.69 -26.65 46.35
C MET R 37 -25.44 -25.26 45.84
N HIS R 38 -25.99 -24.88 44.69
CA HIS R 38 -25.76 -23.55 44.17
C HIS R 38 -26.97 -22.84 43.57
N HIS R 39 -28.13 -23.47 43.43
CA HIS R 39 -29.31 -22.67 43.18
C HIS R 39 -30.57 -23.14 43.90
N HIS R 40 -30.53 -24.27 44.59
CA HIS R 40 -31.52 -24.64 45.60
C HIS R 40 -30.93 -24.57 47.00
N ARG R 41 -29.94 -23.72 47.19
CA ARG R 41 -29.22 -23.69 48.46
C ARG R 41 -30.14 -23.36 49.61
N ILE R 42 -31.09 -22.45 49.40
CA ILE R 42 -31.91 -21.96 50.50
C ILE R 42 -32.82 -23.06 51.04
N ASN R 43 -33.35 -23.90 50.15
CA ASN R 43 -34.18 -24.99 50.62
C ASN R 43 -33.36 -26.04 51.36
N PHE R 44 -32.13 -26.28 50.92
CA PHE R 44 -31.33 -27.33 51.54
C PHE R 44 -30.68 -26.88 52.84
N ASP R 45 -30.65 -25.58 53.14
CA ASP R 45 -30.07 -25.10 54.39
C ASP R 45 -31.09 -24.76 55.46
N LYS R 46 -32.37 -24.98 55.25
CA LYS R 46 -33.30 -24.80 56.34
C LYS R 46 -34.39 -25.87 56.36
N TYR R 47 -34.22 -26.97 55.63
CA TYR R 47 -35.06 -28.13 55.84
C TYR R 47 -34.28 -29.43 55.87
N HIS R 48 -32.98 -29.39 55.63
CA HIS R 48 -32.11 -30.54 55.84
C HIS R 48 -30.77 -29.98 56.25
N PRO R 49 -30.60 -29.67 57.52
CA PRO R 49 -29.46 -28.84 57.93
C PRO R 49 -28.12 -29.44 57.58
N GLY R 50 -27.95 -30.75 57.73
CA GLY R 50 -26.69 -31.33 57.36
C GLY R 50 -26.84 -32.37 56.27
N TYR R 51 -26.40 -32.04 55.07
CA TYR R 51 -26.58 -32.93 53.94
C TYR R 51 -25.33 -33.13 53.10
N PHE R 52 -24.41 -32.18 53.05
CA PHE R 52 -23.23 -32.27 52.21
C PHE R 52 -21.99 -32.42 53.07
N GLY R 53 -21.25 -33.51 52.84
CA GLY R 53 -20.05 -33.78 53.61
C GLY R 53 -20.06 -35.19 54.14
N LYS R 54 -19.23 -35.47 55.14
CA LYS R 54 -19.26 -36.79 55.75
C LYS R 54 -18.64 -36.73 57.13
N VAL R 55 -18.92 -37.77 57.90
CA VAL R 55 -18.21 -38.06 59.15
C VAL R 55 -17.62 -39.46 59.02
N GLY R 56 -16.33 -39.57 59.29
CA GLY R 56 -15.55 -40.70 58.82
C GLY R 56 -15.75 -41.98 59.59
N MET R 57 -14.68 -42.77 59.67
CA MET R 57 -14.68 -44.07 60.35
C MET R 57 -15.71 -45.00 59.73
N ARG R 58 -15.40 -45.39 58.49
CA ARG R 58 -16.20 -46.38 57.78
C ARG R 58 -15.99 -47.77 58.36
N HIS R 59 -17.06 -48.57 58.33
CA HIS R 59 -16.97 -50.00 58.59
C HIS R 59 -17.36 -50.71 57.29
N TYR R 60 -16.57 -51.70 56.90
CA TYR R 60 -16.58 -52.14 55.51
C TYR R 60 -17.59 -53.25 55.25
N HIS R 61 -17.71 -54.21 56.13
CA HIS R 61 -18.61 -55.34 55.96
C HIS R 61 -19.51 -55.45 57.17
N LEU R 62 -20.17 -54.35 57.50
CA LEU R 62 -21.00 -54.28 58.68
C LEU R 62 -21.99 -55.42 58.74
N LYS R 63 -21.81 -56.32 59.71
CA LYS R 63 -22.71 -57.43 59.94
C LYS R 63 -23.58 -57.04 61.12
N ARG R 64 -24.78 -56.52 60.83
CA ARG R 64 -25.59 -55.92 61.88
C ARG R 64 -26.09 -56.96 62.88
N ASN R 65 -25.96 -58.25 62.57
CA ASN R 65 -26.35 -59.28 63.53
C ASN R 65 -25.49 -59.29 64.78
N GLN R 66 -24.17 -59.12 64.66
CA GLN R 66 -23.31 -59.20 65.83
C GLN R 66 -23.52 -58.04 66.79
N SER R 67 -24.24 -56.99 66.37
CA SER R 67 -24.55 -55.86 67.22
C SER R 67 -25.98 -55.89 67.73
N PHE R 68 -26.62 -57.05 67.69
CA PHE R 68 -27.99 -57.18 68.17
C PHE R 68 -28.00 -57.15 69.69
N CYS R 69 -28.72 -56.18 70.26
CA CYS R 69 -28.76 -56.01 71.70
C CYS R 69 -29.99 -55.21 72.10
N PRO R 70 -31.19 -55.78 71.99
CA PRO R 70 -32.39 -55.04 72.38
C PRO R 70 -32.48 -54.87 73.88
N THR R 71 -33.16 -53.80 74.29
CA THR R 71 -33.17 -53.34 75.67
C THR R 71 -34.59 -53.33 76.21
N VAL R 72 -34.73 -53.69 77.49
CA VAL R 72 -36.02 -53.64 78.17
C VAL R 72 -35.88 -52.86 79.46
N ASN R 73 -36.71 -51.84 79.62
CA ASN R 73 -36.64 -50.99 80.80
C ASN R 73 -37.16 -51.74 82.02
N LEU R 74 -36.90 -51.18 83.20
CA LEU R 74 -37.40 -51.81 84.42
C LEU R 74 -38.89 -51.62 84.60
N ASP R 75 -39.49 -50.58 84.00
CA ASP R 75 -40.92 -50.37 84.17
C ASP R 75 -41.71 -51.58 83.72
N LYS R 76 -41.47 -52.02 82.48
CA LYS R 76 -42.08 -53.24 81.95
C LYS R 76 -41.06 -54.37 82.07
N LEU R 77 -40.67 -54.64 83.31
CA LEU R 77 -39.85 -55.80 83.62
C LEU R 77 -40.65 -56.93 84.23
N TRP R 78 -41.81 -56.64 84.81
CA TRP R 78 -42.73 -57.65 85.30
C TRP R 78 -43.70 -58.14 84.23
N THR R 79 -43.68 -57.54 83.04
CA THR R 79 -44.51 -58.01 81.96
C THR R 79 -44.02 -59.31 81.37
N LEU R 80 -42.73 -59.59 81.46
CA LEU R 80 -42.18 -60.81 80.91
C LEU R 80 -42.65 -62.06 81.64
N VAL R 81 -43.22 -61.94 82.84
CA VAL R 81 -43.67 -63.09 83.61
C VAL R 81 -45.19 -63.08 83.67
N SER R 82 -45.74 -64.22 84.08
CA SER R 82 -47.18 -64.37 84.13
C SER R 82 -47.76 -63.66 85.34
N GLU R 83 -49.05 -63.86 85.56
CA GLU R 83 -49.71 -63.16 86.66
C GLU R 83 -49.76 -64.02 87.92
N GLN R 84 -49.80 -65.34 87.78
CA GLN R 84 -49.68 -66.19 88.96
C GLN R 84 -48.34 -65.98 89.65
N THR R 85 -47.32 -65.53 88.90
CA THR R 85 -46.01 -65.35 89.49
C THR R 85 -45.95 -64.06 90.32
N ARG R 86 -46.20 -62.92 89.68
CA ARG R 86 -46.00 -61.64 90.36
C ARG R 86 -46.88 -61.52 91.60
N VAL R 87 -48.13 -61.97 91.50
CA VAL R 87 -49.07 -61.82 92.62
C VAL R 87 -48.51 -62.50 93.87
N ASN R 88 -47.94 -63.68 93.70
CA ASN R 88 -47.42 -64.41 94.85
C ASN R 88 -46.26 -63.66 95.48
N ALA R 89 -46.45 -63.24 96.73
CA ALA R 89 -45.40 -62.63 97.53
C ALA R 89 -44.94 -63.64 98.58
N ALA R 90 -45.90 -64.29 99.24
CA ALA R 90 -45.62 -65.42 100.11
C ALA R 90 -46.60 -66.56 99.85
N LYS R 91 -46.95 -66.79 98.59
CA LYS R 91 -48.01 -67.71 98.21
C LYS R 91 -47.53 -68.67 97.12
N ASN R 92 -48.12 -69.88 97.14
CA ASN R 92 -47.89 -70.90 96.10
C ASN R 92 -46.41 -71.19 95.90
N LYS R 93 -45.68 -71.33 97.01
CA LYS R 93 -44.27 -71.74 97.00
C LYS R 93 -43.39 -70.76 96.23
N THR R 94 -43.88 -69.54 96.03
CA THR R 94 -43.03 -68.42 95.64
C THR R 94 -42.51 -67.79 96.93
N GLY R 95 -41.25 -68.11 97.26
CA GLY R 95 -40.71 -67.78 98.56
C GLY R 95 -40.15 -66.37 98.60
N ALA R 96 -38.88 -66.25 98.98
CA ALA R 96 -38.28 -64.93 99.07
C ALA R 96 -38.32 -64.19 97.74
N ALA R 97 -38.08 -64.89 96.63
CA ALA R 97 -37.96 -64.19 95.35
C ALA R 97 -38.28 -65.10 94.19
N PRO R 98 -38.89 -64.57 93.13
CA PRO R 98 -38.96 -65.29 91.86
C PRO R 98 -37.76 -65.00 90.96
N ILE R 99 -37.72 -65.59 89.78
CA ILE R 99 -36.62 -65.42 88.84
C ILE R 99 -37.18 -64.95 87.51
N ILE R 100 -36.52 -63.95 86.93
CA ILE R 100 -36.94 -63.37 85.65
C ILE R 100 -35.79 -63.53 84.66
N ASP R 101 -35.98 -64.39 83.67
CA ASP R 101 -35.12 -64.34 82.49
C ASP R 101 -35.46 -63.11 81.66
N VAL R 102 -34.43 -62.51 81.07
CA VAL R 102 -34.64 -61.52 80.03
C VAL R 102 -34.09 -62.00 78.69
N VAL R 103 -33.02 -62.80 78.69
CA VAL R 103 -32.51 -63.36 77.44
C VAL R 103 -33.56 -64.24 76.78
N ARG R 104 -34.46 -64.83 77.58
CA ARG R 104 -35.53 -65.62 77.00
C ARG R 104 -36.53 -64.77 76.24
N SER R 105 -36.94 -63.64 76.82
CA SER R 105 -37.95 -62.80 76.20
C SER R 105 -37.50 -62.16 74.90
N GLY R 106 -36.21 -62.20 74.61
CA GLY R 106 -35.67 -61.58 73.42
C GLY R 106 -34.77 -60.39 73.68
N TYR R 107 -34.81 -59.80 74.86
CA TYR R 107 -33.99 -58.66 75.22
C TYR R 107 -32.73 -59.11 75.93
N TYR R 108 -31.66 -58.32 75.81
CA TYR R 108 -30.42 -58.62 76.51
C TYR R 108 -30.09 -57.56 77.56
N LYS R 109 -29.96 -56.31 77.17
CA LYS R 109 -29.65 -55.27 78.14
C LYS R 109 -30.86 -55.00 79.02
N VAL R 110 -30.62 -54.75 80.29
CA VAL R 110 -31.65 -54.28 81.20
C VAL R 110 -31.32 -52.83 81.51
N LEU R 111 -32.08 -51.91 80.93
CA LEU R 111 -31.91 -50.50 81.19
C LEU R 111 -32.80 -50.07 82.35
N GLY R 112 -32.32 -49.11 83.13
CA GLY R 112 -33.03 -48.64 84.30
C GLY R 112 -33.90 -47.46 83.95
N LYS R 113 -35.20 -47.59 84.23
CA LYS R 113 -36.13 -46.48 84.07
C LYS R 113 -37.39 -46.80 84.82
N GLY R 114 -37.76 -45.94 85.76
CA GLY R 114 -39.02 -46.07 86.46
C GLY R 114 -38.92 -46.89 87.74
N LYS R 115 -39.96 -46.75 88.55
CA LYS R 115 -40.04 -47.46 89.81
C LYS R 115 -40.26 -48.95 89.57
N LEU R 116 -39.77 -49.77 90.49
CA LEU R 116 -39.98 -51.20 90.45
C LEU R 116 -40.65 -51.64 91.74
N PRO R 117 -41.76 -52.37 91.68
CA PRO R 117 -42.48 -52.73 92.90
C PRO R 117 -41.60 -53.50 93.87
N LYS R 118 -41.80 -53.24 95.16
CA LYS R 118 -40.92 -53.77 96.18
C LYS R 118 -41.11 -55.27 96.38
N GLN R 119 -40.45 -56.08 95.54
CA GLN R 119 -40.43 -57.53 95.63
C GLN R 119 -39.01 -57.99 95.28
N PRO R 120 -38.47 -58.96 96.00
CA PRO R 120 -37.13 -59.46 95.67
C PRO R 120 -37.16 -60.23 94.35
N VAL R 121 -36.16 -59.99 93.51
CA VAL R 121 -36.12 -60.56 92.16
C VAL R 121 -34.68 -61.02 91.88
N ILE R 122 -34.54 -61.90 90.88
CA ILE R 122 -33.23 -62.28 90.36
C ILE R 122 -33.29 -62.05 88.85
N VAL R 123 -32.84 -60.88 88.41
CA VAL R 123 -32.93 -60.52 86.99
C VAL R 123 -31.72 -61.09 86.28
N LYS R 124 -31.95 -62.04 85.38
CA LYS R 124 -30.88 -62.65 84.60
C LYS R 124 -30.89 -62.08 83.19
N ALA R 125 -29.77 -61.51 82.77
CA ALA R 125 -29.67 -60.89 81.46
C ALA R 125 -28.20 -60.71 81.11
N LYS R 126 -27.93 -60.70 79.81
CA LYS R 126 -26.56 -60.73 79.32
C LYS R 126 -25.79 -59.46 79.63
N PHE R 127 -26.47 -58.34 79.86
CA PHE R 127 -25.81 -57.08 80.19
C PHE R 127 -26.58 -56.43 81.34
N PHE R 128 -26.22 -55.20 81.67
CA PHE R 128 -26.94 -54.46 82.71
C PHE R 128 -26.65 -52.98 82.53
N SER R 129 -27.00 -52.18 83.56
CA SER R 129 -26.64 -50.77 83.60
C SER R 129 -26.48 -50.35 85.06
N ARG R 130 -25.75 -49.26 85.26
CA ARG R 130 -25.40 -48.84 86.62
C ARG R 130 -26.65 -48.50 87.44
N ARG R 131 -27.49 -47.63 86.91
CA ARG R 131 -28.77 -47.40 87.57
C ARG R 131 -29.62 -48.65 87.60
N ALA R 132 -29.68 -49.39 86.49
CA ALA R 132 -30.52 -50.58 86.45
C ALA R 132 -30.02 -51.67 87.37
N GLU R 133 -28.75 -51.65 87.77
CA GLU R 133 -28.26 -52.56 88.79
C GLU R 133 -28.45 -52.00 90.19
N GLU R 134 -28.44 -50.68 90.33
CA GLU R 134 -28.71 -50.08 91.63
C GLU R 134 -30.16 -50.25 92.03
N LYS R 135 -31.08 -49.99 91.10
CA LYS R 135 -32.49 -50.03 91.45
C LYS R 135 -32.94 -51.43 91.83
N ILE R 136 -32.48 -52.45 91.11
CA ILE R 136 -32.86 -53.81 91.44
C ILE R 136 -32.33 -54.18 92.83
N LYS R 137 -31.10 -53.80 93.12
CA LYS R 137 -30.55 -54.04 94.46
C LYS R 137 -31.37 -53.30 95.51
N GLY R 138 -31.76 -52.05 95.22
CA GLY R 138 -32.46 -51.27 96.20
C GLY R 138 -33.82 -51.83 96.56
N VAL R 139 -34.37 -52.68 95.69
CA VAL R 139 -35.65 -53.32 95.99
C VAL R 139 -35.46 -54.49 96.93
N GLY R 140 -34.30 -55.15 96.86
CA GLY R 140 -34.01 -56.27 97.72
C GLY R 140 -33.53 -57.46 96.94
N GLY R 141 -33.64 -57.41 95.61
CA GLY R 141 -33.24 -58.49 94.75
C GLY R 141 -31.78 -58.39 94.34
N ALA R 142 -31.37 -59.34 93.50
CA ALA R 142 -29.98 -59.46 93.09
C ALA R 142 -29.88 -59.46 91.57
N CYS R 143 -28.73 -59.03 91.08
CA CYS R 143 -28.45 -58.95 89.65
C CYS R 143 -27.51 -60.08 89.27
N VAL R 144 -27.95 -60.95 88.37
CA VAL R 144 -27.21 -62.14 87.98
C VAL R 144 -27.01 -62.13 86.47
N LEU R 145 -25.77 -62.36 86.04
CA LEU R 145 -25.42 -62.42 84.63
C LEU R 145 -25.59 -63.83 84.08
N VAL R 146 -25.71 -63.92 82.77
CA VAL R 146 -25.75 -65.19 82.06
C VAL R 146 -25.36 -64.91 80.63
N ALA R 147 -24.91 -65.94 79.93
CA ALA R 147 -24.48 -65.77 78.56
C ALA R 147 -24.89 -66.94 77.68
N ALA S 1 -30.99 -10.18 28.67
CA ALA S 1 -31.35 -9.13 27.71
C ALA S 1 -31.93 -7.92 28.43
N LYS S 2 -32.01 -6.80 27.70
CA LYS S 2 -32.43 -5.54 28.29
C LYS S 2 -33.84 -5.66 28.86
N SER S 3 -34.07 -5.04 30.00
CA SER S 3 -35.37 -5.13 30.65
C SER S 3 -35.50 -4.02 31.67
N LYS S 4 -36.70 -3.94 32.25
CA LYS S 4 -37.04 -2.95 33.25
C LYS S 4 -36.59 -3.39 34.64
N ASN S 5 -36.36 -2.42 35.50
CA ASN S 5 -36.01 -2.65 36.89
C ASN S 5 -37.28 -2.59 37.74
N HIS S 6 -37.12 -2.67 39.04
CA HIS S 6 -38.23 -2.98 39.92
C HIS S 6 -39.08 -1.73 40.16
N THR S 7 -40.01 -1.87 41.12
CA THR S 7 -40.64 -0.78 41.86
C THR S 7 -41.24 -1.44 43.08
N THR S 8 -41.44 -0.68 44.15
CA THR S 8 -41.83 -1.28 45.43
C THR S 8 -42.94 -0.45 46.08
N HIS S 9 -44.19 -0.75 45.76
CA HIS S 9 -45.25 0.07 46.30
C HIS S 9 -46.47 -0.68 46.81
N ASN S 10 -46.62 -1.97 46.59
CA ASN S 10 -47.57 -2.75 47.38
C ASN S 10 -46.96 -3.30 48.65
N GLN S 11 -45.80 -2.80 49.05
CA GLN S 11 -45.16 -3.34 50.24
C GLN S 11 -45.96 -3.03 51.49
N SER S 12 -46.91 -2.09 51.42
CA SER S 12 -47.67 -1.73 52.62
C SER S 12 -49.03 -2.40 52.71
N ARG S 13 -49.65 -2.76 51.59
CA ARG S 13 -50.92 -3.46 51.71
C ARG S 13 -50.71 -4.89 52.19
N LYS S 14 -49.97 -5.69 51.43
CA LYS S 14 -49.59 -7.03 51.91
C LYS S 14 -49.11 -6.97 53.34
N TRP S 15 -48.38 -5.91 53.65
CA TRP S 15 -47.83 -5.66 54.98
C TRP S 15 -48.93 -5.82 56.02
N HIS S 16 -50.01 -5.04 55.87
CA HIS S 16 -51.14 -4.98 56.80
C HIS S 16 -52.37 -5.78 56.40
N ARG S 17 -52.36 -6.56 55.31
CA ARG S 17 -53.54 -7.38 55.04
C ARG S 17 -53.80 -8.34 56.19
N ASN S 18 -52.74 -8.95 56.70
CA ASN S 18 -52.73 -9.64 57.98
C ASN S 18 -51.63 -8.99 58.79
N GLY S 19 -51.22 -9.59 59.89
CA GLY S 19 -50.01 -9.13 60.54
C GLY S 19 -50.24 -8.32 61.78
N ILE S 20 -50.04 -8.97 62.93
CA ILE S 20 -50.14 -8.34 64.24
C ILE S 20 -48.75 -7.90 64.65
N LYS S 21 -48.64 -6.63 65.04
CA LYS S 21 -47.36 -5.97 65.17
C LYS S 21 -46.82 -6.00 66.59
N LYS S 22 -47.17 -7.01 67.37
CA LYS S 22 -46.65 -7.14 68.72
C LYS S 22 -45.97 -8.49 68.89
N PRO S 23 -44.97 -8.57 69.76
CA PRO S 23 -44.22 -9.80 69.93
C PRO S 23 -44.78 -10.71 71.01
N ARG S 24 -46.04 -10.49 71.40
CA ARG S 24 -46.69 -11.24 72.48
C ARG S 24 -45.92 -11.09 73.80
N SER S 25 -45.93 -9.84 74.28
CA SER S 25 -45.39 -9.53 75.60
C SER S 25 -45.91 -10.52 76.62
N GLN S 26 -45.03 -10.97 77.51
CA GLN S 26 -45.32 -12.16 78.30
C GLN S 26 -44.58 -12.10 79.63
N ARG S 27 -45.23 -12.62 80.68
CA ARG S 27 -44.51 -12.85 81.93
C ARG S 27 -43.62 -14.07 81.83
N TYR S 28 -42.60 -14.09 82.68
CA TYR S 28 -41.59 -15.16 82.69
C TYR S 28 -40.89 -15.24 81.34
N GLU S 29 -40.16 -14.17 81.03
CA GLU S 29 -39.29 -14.19 79.87
C GLU S 29 -38.03 -14.98 80.18
N SER S 30 -37.57 -15.74 79.20
CA SER S 30 -36.52 -16.72 79.43
C SER S 30 -35.22 -16.04 79.81
N LEU S 31 -34.43 -16.73 80.63
CA LEU S 31 -33.13 -16.24 81.07
C LEU S 31 -32.08 -16.68 80.05
N LYS S 32 -32.03 -16.00 78.92
CA LYS S 32 -31.06 -16.33 77.88
C LYS S 32 -30.21 -15.11 77.60
N GLY S 33 -29.01 -15.09 78.16
CA GLY S 33 -28.09 -13.99 77.99
C GLY S 33 -27.61 -13.37 79.28
N VAL S 34 -28.20 -13.71 80.41
CA VAL S 34 -27.82 -13.09 81.67
C VAL S 34 -26.37 -13.45 82.00
N ASP S 35 -25.76 -12.63 82.86
CA ASP S 35 -24.38 -12.87 83.26
C ASP S 35 -24.25 -14.24 83.88
N PRO S 36 -23.41 -15.13 83.36
CA PRO S 36 -23.28 -16.45 83.97
C PRO S 36 -22.84 -16.42 85.42
N LYS S 37 -21.93 -15.51 85.80
CA LYS S 37 -21.56 -15.42 87.20
C LYS S 37 -22.75 -15.04 88.06
N PHE S 38 -23.54 -14.06 87.61
CA PHE S 38 -24.77 -13.73 88.32
C PHE S 38 -25.73 -14.89 88.33
N LEU S 39 -25.86 -15.59 87.19
CA LEU S 39 -26.89 -16.60 87.07
C LEU S 39 -26.56 -17.82 87.91
N ARG S 40 -25.28 -18.18 88.02
CA ARG S 40 -24.90 -19.30 88.87
C ARG S 40 -25.47 -19.14 90.27
N ASN S 41 -25.37 -17.93 90.82
CA ASN S 41 -25.87 -17.70 92.16
C ASN S 41 -27.38 -17.93 92.23
N MET S 42 -28.12 -17.30 91.33
CA MET S 42 -29.57 -17.42 91.37
C MET S 42 -29.99 -18.86 91.11
N ARG S 43 -29.09 -19.68 90.55
CA ARG S 43 -29.35 -21.11 90.48
C ARG S 43 -29.07 -21.79 91.81
N PHE S 44 -28.25 -21.16 92.65
CA PHE S 44 -27.99 -21.73 93.97
C PHE S 44 -29.07 -21.32 94.96
N ALA S 45 -29.48 -20.06 94.95
CA ALA S 45 -30.53 -19.61 95.85
C ALA S 45 -31.79 -20.44 95.65
N LYS S 46 -32.12 -20.75 94.40
CA LYS S 46 -33.20 -21.68 94.13
C LYS S 46 -32.87 -23.07 94.67
N LYS S 47 -31.61 -23.50 94.52
CA LYS S 47 -31.24 -24.86 94.87
C LYS S 47 -31.43 -25.13 96.35
N HIS S 48 -31.25 -24.11 97.19
CA HIS S 48 -31.34 -24.27 98.64
C HIS S 48 -32.67 -23.82 99.20
N ASN S 49 -33.67 -23.63 98.34
CA ASN S 49 -35.07 -23.67 98.75
C ASN S 49 -35.81 -24.87 98.21
N LYS S 50 -35.29 -25.49 97.13
CA LYS S 50 -35.85 -26.70 96.53
C LYS S 50 -35.27 -27.98 97.12
N LYS S 51 -34.31 -27.87 98.04
CA LYS S 51 -33.66 -29.03 98.65
C LYS S 51 -34.05 -29.12 100.11
N GLY S 52 -34.69 -30.23 100.48
CA GLY S 52 -34.99 -30.51 101.87
C GLY S 52 -36.35 -29.99 102.30
N LEU S 53 -36.69 -30.28 103.56
CA LEU S 53 -37.95 -29.84 104.15
C LEU S 53 -37.76 -29.18 105.52
N LYS S 54 -36.66 -29.50 106.22
CA LYS S 54 -36.56 -29.07 107.62
C LYS S 54 -35.85 -27.73 107.76
N LYS S 55 -34.92 -27.42 106.85
CA LYS S 55 -34.09 -26.23 107.07
C LYS S 55 -34.86 -24.95 106.79
N MET S 56 -35.43 -24.82 105.58
CA MET S 56 -35.92 -23.51 105.17
C MET S 56 -37.28 -23.18 105.78
N GLN S 57 -38.32 -23.92 105.37
CA GLN S 57 -39.67 -23.47 105.67
C GLN S 57 -40.06 -23.69 107.12
N ALA S 58 -39.27 -24.43 107.90
CA ALA S 58 -39.49 -24.44 109.34
C ALA S 58 -39.38 -23.03 109.88
N ASN S 59 -38.54 -22.20 109.28
CA ASN S 59 -38.57 -20.77 109.56
C ASN S 59 -39.75 -20.11 108.88
N ASN S 60 -40.11 -20.55 107.68
CA ASN S 60 -41.29 -19.99 107.04
C ASN S 60 -42.53 -20.36 107.83
N ALA S 61 -42.63 -21.60 108.30
CA ALA S 61 -43.85 -22.05 108.97
C ALA S 61 -44.11 -21.24 110.23
N LYS S 62 -43.09 -20.97 111.04
CA LYS S 62 -43.30 -20.20 112.27
C LYS S 62 -43.75 -18.79 111.96
N ALA S 63 -43.10 -18.12 111.02
CA ALA S 63 -43.40 -16.72 110.76
C ALA S 63 -44.80 -16.55 110.21
N MET S 64 -45.27 -17.52 109.41
CA MET S 64 -46.62 -17.42 108.84
C MET S 64 -47.66 -17.44 109.95
N ALA S 65 -47.49 -18.33 110.93
CA ALA S 65 -48.47 -18.44 112.01
C ALA S 65 -48.59 -17.13 112.77
N ALA S 66 -47.47 -16.44 113.00
CA ALA S 66 -47.53 -15.10 113.57
C ALA S 66 -48.27 -14.15 112.66
N ARG S 67 -48.06 -14.26 111.34
CA ARG S 67 -48.88 -13.51 110.39
C ARG S 67 -50.34 -13.95 110.48
N ALA S 68 -50.57 -15.22 110.79
CA ALA S 68 -51.95 -15.69 110.96
C ALA S 68 -52.56 -15.16 112.25
N GLU S 69 -51.81 -15.22 113.35
CA GLU S 69 -52.35 -14.82 114.64
C GLU S 69 -52.50 -13.31 114.75
N ALA S 70 -51.51 -12.56 114.26
CA ALA S 70 -51.52 -11.11 114.45
C ALA S 70 -52.69 -10.44 113.74
N ILE S 71 -52.98 -10.84 112.51
CA ILE S 71 -53.97 -10.13 111.72
C ILE S 71 -55.38 -10.38 112.24
N LYS S 72 -55.63 -11.55 112.86
CA LYS S 72 -56.99 -11.92 113.23
C LYS S 72 -57.54 -11.07 114.36
N ALA S 73 -56.68 -10.61 115.26
CA ALA S 73 -57.14 -9.84 116.42
C ALA S 73 -57.84 -8.55 116.00
N LEU S 74 -57.53 -8.05 114.80
CA LEU S 74 -58.13 -6.79 114.35
C LEU S 74 -59.61 -6.97 114.04
N VAL S 75 -60.01 -8.15 113.59
CA VAL S 75 -61.40 -8.43 113.29
C VAL S 75 -62.11 -8.94 114.53
N SER T 1 47.93 -46.89 -52.24
CA SER T 1 46.54 -47.16 -51.89
C SER T 1 45.92 -48.18 -52.84
N ILE T 2 44.62 -48.40 -52.68
CA ILE T 2 43.89 -49.33 -53.53
C ILE T 2 42.87 -48.55 -54.34
N ASN T 3 42.38 -47.44 -53.78
CA ASN T 3 41.42 -46.60 -54.50
C ASN T 3 41.99 -46.14 -55.84
N SER T 4 43.24 -45.66 -55.83
CA SER T 4 43.87 -45.26 -57.09
C SER T 4 44.10 -46.45 -58.00
N ARG T 5 44.51 -47.59 -57.43
CA ARG T 5 44.75 -48.77 -58.25
C ARG T 5 43.44 -49.39 -58.72
N LEU T 6 42.36 -49.19 -57.95
CA LEU T 6 41.05 -49.62 -58.40
C LEU T 6 40.51 -48.71 -59.49
N GLN T 7 40.91 -47.43 -59.46
CA GLN T 7 40.46 -46.47 -60.46
C GLN T 7 40.99 -46.83 -61.85
N LEU T 8 42.29 -47.08 -61.96
CA LEU T 8 42.90 -47.31 -63.26
C LEU T 8 42.44 -48.63 -63.86
N VAL T 9 42.13 -49.61 -63.03
CA VAL T 9 41.59 -50.87 -63.52
C VAL T 9 40.27 -50.63 -64.23
N MET T 10 39.42 -49.78 -63.64
CA MET T 10 38.08 -49.59 -64.18
C MET T 10 38.12 -48.85 -65.52
N LYS T 11 38.94 -47.82 -65.63
CA LYS T 11 39.02 -47.08 -66.89
C LYS T 11 39.57 -47.95 -68.01
N SER T 12 40.36 -48.97 -67.68
CA SER T 12 41.02 -49.81 -68.69
C SER T 12 40.46 -51.23 -68.73
N GLY T 13 40.46 -51.92 -67.61
CA GLY T 13 40.17 -53.34 -67.59
C GLY T 13 38.72 -53.66 -67.81
N LYS T 14 38.37 -54.92 -67.53
CA LYS T 14 37.01 -55.43 -67.67
C LYS T 14 36.46 -55.77 -66.28
N TYR T 15 35.48 -55.01 -65.85
CA TYR T 15 34.92 -55.12 -64.51
C TYR T 15 33.49 -55.60 -64.59
N VAL T 16 33.01 -56.19 -63.50
CA VAL T 16 31.60 -56.53 -63.34
C VAL T 16 31.17 -56.17 -61.94
N LEU T 17 30.09 -55.41 -61.82
CA LEU T 17 29.60 -54.92 -60.54
C LEU T 17 28.36 -55.71 -60.13
N GLY T 18 28.31 -56.13 -58.88
CA GLY T 18 27.10 -56.74 -58.40
C GLY T 18 27.25 -58.11 -57.77
N TYR T 19 26.12 -58.73 -57.44
CA TYR T 19 26.13 -60.02 -56.78
C TYR T 19 25.65 -61.14 -57.72
N LYS T 20 24.72 -60.85 -58.61
CA LYS T 20 24.37 -61.83 -59.62
C LYS T 20 25.42 -61.93 -60.71
N GLN T 21 26.02 -60.81 -61.10
CA GLN T 21 27.06 -60.86 -62.12
C GLN T 21 28.35 -61.44 -61.58
N SER T 22 28.62 -61.21 -60.29
CA SER T 22 29.83 -61.74 -59.65
C SER T 22 29.86 -63.27 -59.82
N LEU T 23 28.76 -63.94 -59.47
CA LEU T 23 28.75 -65.39 -59.41
C LEU T 23 28.82 -66.02 -60.79
N LYS T 24 28.20 -65.39 -61.79
CA LYS T 24 28.32 -65.91 -63.15
C LYS T 24 29.76 -65.87 -63.62
N MET T 25 30.53 -64.90 -63.17
CA MET T 25 31.95 -64.86 -63.52
C MET T 25 32.74 -65.90 -62.75
N ILE T 26 32.47 -66.05 -61.46
CA ILE T 26 33.20 -67.04 -60.66
C ILE T 26 32.90 -68.44 -61.17
N ARG T 27 31.62 -68.76 -61.34
CA ARG T 27 31.24 -70.11 -61.76
C ARG T 27 31.88 -70.46 -63.10
N GLN T 28 32.11 -69.47 -63.95
CA GLN T 28 32.80 -69.72 -65.20
C GLN T 28 34.31 -69.55 -65.08
N GLY T 29 34.81 -69.26 -63.87
CA GLY T 29 36.24 -69.22 -63.66
C GLY T 29 36.96 -68.04 -64.27
N LYS T 30 36.24 -67.03 -64.75
CA LYS T 30 36.90 -65.91 -65.41
C LYS T 30 37.48 -64.91 -64.41
N ALA T 31 36.73 -64.60 -63.36
CA ALA T 31 37.12 -63.52 -62.46
C ALA T 31 38.38 -63.87 -61.69
N LYS T 32 39.15 -62.83 -61.36
CA LYS T 32 40.43 -63.01 -60.69
C LYS T 32 40.50 -62.38 -59.31
N LEU T 33 39.81 -61.27 -59.08
CA LEU T 33 39.76 -60.65 -57.76
C LEU T 33 38.31 -60.44 -57.40
N VAL T 34 37.93 -60.80 -56.18
CA VAL T 34 36.57 -60.61 -55.71
C VAL T 34 36.62 -59.70 -54.49
N ILE T 35 36.30 -58.43 -54.69
CA ILE T 35 36.31 -57.46 -53.61
C ILE T 35 34.93 -57.49 -52.96
N LEU T 36 34.85 -57.14 -51.69
CA LEU T 36 33.58 -57.13 -50.97
C LEU T 36 33.42 -55.80 -50.26
N ALA T 37 32.18 -55.31 -50.17
CA ALA T 37 31.89 -54.22 -49.27
C ALA T 37 31.86 -54.73 -47.83
N ASN T 38 32.29 -53.88 -46.90
CA ASN T 38 32.47 -54.36 -45.54
C ASN T 38 31.16 -54.51 -44.78
N ASN T 39 30.03 -54.09 -45.34
CA ASN T 39 28.74 -54.30 -44.68
C ASN T 39 27.79 -55.15 -45.50
N CYS T 40 28.30 -55.94 -46.43
CA CYS T 40 27.43 -56.90 -47.11
C CYS T 40 26.93 -57.90 -46.09
N PRO T 41 25.73 -58.44 -46.29
CA PRO T 41 25.16 -59.36 -45.31
C PRO T 41 26.13 -60.47 -44.96
N ALA T 42 26.25 -60.74 -43.66
CA ALA T 42 27.31 -61.61 -43.17
C ALA T 42 27.16 -63.03 -43.72
N LEU T 43 25.98 -63.36 -44.24
CA LEU T 43 25.84 -64.60 -44.98
C LEU T 43 26.56 -64.51 -46.33
N ARG T 44 26.34 -63.41 -47.06
CA ARG T 44 26.91 -63.27 -48.39
C ARG T 44 28.43 -63.27 -48.33
N LYS T 45 29.00 -62.63 -47.31
CA LYS T 45 30.46 -62.57 -47.19
C LYS T 45 31.06 -63.96 -47.06
N SER T 46 30.33 -64.89 -46.43
CA SER T 46 30.84 -66.24 -46.29
C SER T 46 30.47 -67.10 -47.50
N GLU T 47 29.43 -66.70 -48.24
CA GLU T 47 29.06 -67.44 -49.44
C GLU T 47 30.02 -67.14 -50.58
N ILE T 48 30.38 -65.87 -50.75
CA ILE T 48 31.29 -65.48 -51.83
C ILE T 48 32.66 -66.08 -51.60
N GLU T 49 33.15 -66.04 -50.37
CA GLU T 49 34.48 -66.61 -50.10
C GLU T 49 34.51 -68.11 -50.33
N TYR T 50 33.40 -68.80 -50.10
CA TYR T 50 33.37 -70.24 -50.32
C TYR T 50 33.46 -70.58 -51.80
N TYR T 51 32.91 -69.73 -52.66
CA TYR T 51 33.04 -69.95 -54.09
C TYR T 51 34.49 -69.79 -54.52
N ALA T 52 35.19 -68.81 -53.97
CA ALA T 52 36.56 -68.53 -54.40
C ALA T 52 37.50 -69.70 -54.08
N MET T 53 37.33 -70.32 -52.92
CA MET T 53 38.19 -71.45 -52.57
C MET T 53 38.06 -72.57 -53.58
N LEU T 54 36.88 -72.71 -54.20
CA LEU T 54 36.74 -73.70 -55.25
C LEU T 54 37.44 -73.25 -56.52
N ALA T 55 37.29 -71.99 -56.92
CA ALA T 55 37.82 -71.51 -58.18
C ALA T 55 39.22 -70.92 -58.06
N LYS T 56 39.80 -70.90 -56.86
CA LYS T 56 41.18 -70.48 -56.64
C LYS T 56 41.43 -69.06 -57.15
N THR T 57 40.71 -68.12 -56.55
CA THR T 57 40.87 -66.70 -56.83
C THR T 57 41.16 -65.97 -55.52
N GLY T 58 41.38 -64.68 -55.62
CA GLY T 58 41.64 -63.87 -54.45
C GLY T 58 40.41 -63.08 -54.03
N VAL T 59 40.28 -62.93 -52.71
CA VAL T 59 39.20 -62.15 -52.12
C VAL T 59 39.82 -61.01 -51.33
N HIS T 60 39.24 -59.81 -51.47
CA HIS T 60 39.78 -58.63 -50.82
C HIS T 60 38.66 -57.87 -50.14
N HIS T 61 38.72 -57.79 -48.82
CA HIS T 61 37.72 -57.07 -48.04
C HIS T 61 38.04 -55.58 -48.11
N TYR T 62 37.20 -54.84 -48.83
CA TYR T 62 37.39 -53.39 -48.91
C TYR T 62 37.07 -52.75 -47.57
N SER T 63 37.65 -51.58 -47.34
CA SER T 63 37.44 -50.82 -46.11
C SER T 63 36.44 -49.71 -46.38
N GLY T 64 35.20 -49.90 -45.92
CA GLY T 64 34.18 -48.89 -46.09
C GLY T 64 32.85 -49.46 -46.51
N ASN T 65 31.78 -48.69 -46.26
CA ASN T 65 30.42 -49.10 -46.62
C ASN T 65 30.32 -49.41 -48.11
N ASN T 66 29.25 -50.09 -48.51
CA ASN T 66 29.02 -50.30 -49.93
C ASN T 66 28.87 -48.97 -50.65
N ILE T 67 28.49 -47.91 -49.93
CA ILE T 67 28.49 -46.58 -50.53
C ILE T 67 29.90 -46.18 -50.92
N GLU T 68 30.79 -46.08 -49.94
CA GLU T 68 32.14 -45.57 -50.21
C GLU T 68 32.87 -46.45 -51.21
N LEU T 69 32.54 -47.74 -51.27
CA LEU T 69 33.14 -48.57 -52.32
C LEU T 69 32.58 -48.17 -53.67
N GLY T 70 31.27 -47.91 -53.74
CA GLY T 70 30.69 -47.45 -54.98
C GLY T 70 31.32 -46.16 -55.46
N THR T 71 31.59 -45.23 -54.54
CA THR T 71 32.25 -43.99 -54.91
C THR T 71 33.65 -44.25 -55.43
N ALA T 72 34.45 -44.98 -54.66
CA ALA T 72 35.84 -45.22 -55.05
C ALA T 72 35.93 -45.96 -56.38
N CYS T 73 34.87 -46.68 -56.75
CA CYS T 73 34.80 -47.25 -58.08
C CYS T 73 34.46 -46.22 -59.13
N GLY T 74 33.66 -45.21 -58.80
CA GLY T 74 33.39 -44.14 -59.74
C GLY T 74 31.92 -43.95 -60.03
N LYS T 75 31.13 -45.01 -59.88
CA LYS T 75 29.71 -44.90 -60.13
C LYS T 75 29.01 -44.16 -58.98
N TYR T 76 27.76 -43.78 -59.21
CA TYR T 76 27.01 -42.97 -58.26
C TYR T 76 26.05 -43.77 -57.39
N TYR T 77 26.19 -45.09 -57.33
CA TYR T 77 25.28 -45.92 -56.57
C TYR T 77 26.06 -46.79 -55.58
N ARG T 78 25.35 -47.72 -54.98
CA ARG T 78 25.91 -48.62 -53.98
C ARG T 78 26.26 -49.94 -54.63
N VAL T 79 27.52 -50.35 -54.51
CA VAL T 79 27.96 -51.66 -54.96
C VAL T 79 28.50 -52.41 -53.75
N CYS T 80 28.11 -53.67 -53.62
CA CYS T 80 28.58 -54.51 -52.54
C CYS T 80 29.75 -55.39 -52.96
N THR T 81 29.59 -56.15 -54.05
CA THR T 81 30.65 -57.00 -54.54
C THR T 81 30.91 -56.68 -55.99
N LEU T 82 32.16 -56.81 -56.41
CA LEU T 82 32.49 -56.72 -57.83
C LEU T 82 33.66 -57.64 -58.10
N SER T 83 33.75 -58.06 -59.36
CA SER T 83 34.83 -58.94 -59.83
C SER T 83 35.65 -58.22 -60.90
N ILE T 84 36.97 -58.38 -60.83
CA ILE T 84 37.86 -57.85 -61.85
C ILE T 84 38.15 -58.99 -62.82
N ILE T 85 37.46 -58.98 -63.97
CA ILE T 85 37.65 -60.06 -64.95
C ILE T 85 39.08 -60.05 -65.46
N ASP T 86 39.59 -58.87 -65.80
CA ASP T 86 40.96 -58.73 -66.25
C ASP T 86 41.44 -57.36 -65.81
N PRO T 87 42.62 -57.27 -65.21
CA PRO T 87 43.16 -55.97 -64.83
C PRO T 87 43.41 -55.13 -66.07
N GLY T 88 43.62 -53.84 -65.85
CA GLY T 88 44.02 -53.00 -66.95
C GLY T 88 45.53 -52.86 -66.98
N ASP T 89 45.99 -51.62 -66.90
CA ASP T 89 47.41 -51.35 -66.84
C ASP T 89 48.04 -51.77 -65.52
N SER T 90 47.40 -51.41 -64.41
CA SER T 90 47.99 -51.53 -63.09
C SER T 90 47.75 -52.92 -62.52
N ASP T 91 48.80 -53.54 -61.99
CA ASP T 91 48.66 -54.80 -61.30
C ASP T 91 48.01 -54.53 -59.95
N ILE T 92 46.68 -54.62 -59.90
CA ILE T 92 45.97 -54.72 -58.64
C ILE T 92 45.94 -56.16 -58.14
N ILE T 93 46.07 -57.13 -59.03
CA ILE T 93 45.95 -58.53 -58.68
C ILE T 93 47.16 -58.98 -57.88
N ARG T 94 47.06 -60.15 -57.27
CA ARG T 94 48.13 -60.70 -56.45
C ARG T 94 48.51 -62.08 -56.96
N ALA U 1 -77.12 -56.78 72.64
CA ALA U 1 -77.82 -56.51 73.88
C ALA U 1 -77.55 -57.59 74.92
N CYS U 2 -78.61 -58.14 75.48
CA CYS U 2 -78.50 -59.11 76.56
C CYS U 2 -79.74 -59.97 76.62
N ALA U 3 -79.67 -61.02 77.45
CA ALA U 3 -80.81 -61.90 77.70
C ALA U 3 -81.34 -62.50 76.40
N ARG U 4 -80.49 -63.33 75.79
CA ARG U 4 -80.79 -63.93 74.50
C ARG U 4 -82.10 -64.69 74.56
N PRO U 5 -83.06 -64.41 73.69
CA PRO U 5 -84.34 -65.12 73.73
C PRO U 5 -84.21 -66.56 73.28
N LEU U 6 -85.31 -67.30 73.24
CA LEU U 6 -85.29 -68.70 72.85
C LEU U 6 -85.83 -68.83 71.44
N ILE U 7 -85.01 -69.34 70.54
CA ILE U 7 -85.43 -69.62 69.18
C ILE U 7 -86.00 -71.03 69.10
N SER U 8 -87.04 -71.20 68.31
CA SER U 8 -87.76 -72.45 68.20
C SER U 8 -87.48 -73.07 66.84
N VAL U 9 -87.13 -74.36 66.84
CA VAL U 9 -86.63 -75.02 65.64
C VAL U 9 -87.79 -75.61 64.86
N TYR U 10 -87.76 -75.47 63.54
CA TYR U 10 -88.81 -75.97 62.67
C TYR U 10 -88.36 -77.25 61.99
N SER U 11 -89.32 -78.13 61.74
CA SER U 11 -89.04 -79.45 61.20
C SER U 11 -89.00 -79.38 59.67
N GLU U 12 -88.98 -80.56 59.04
CA GLU U 12 -88.95 -80.66 57.58
C GLU U 12 -90.29 -80.39 56.94
N LYS U 13 -91.35 -80.22 57.73
CA LYS U 13 -92.69 -80.00 57.21
C LYS U 13 -93.34 -78.79 57.89
N GLY U 14 -92.54 -77.78 58.22
CA GLY U 14 -93.08 -76.74 59.07
C GLY U 14 -93.36 -77.32 60.45
N GLU U 15 -94.34 -76.74 61.14
CA GLU U 15 -94.86 -77.32 62.37
C GLU U 15 -93.74 -77.46 63.42
N SER U 16 -93.35 -76.32 63.96
CA SER U 16 -92.19 -76.17 64.83
C SER U 16 -91.97 -77.38 65.72
N SER U 17 -90.76 -77.92 65.68
CA SER U 17 -90.37 -79.03 66.52
C SER U 17 -90.28 -78.57 67.98
N GLY U 18 -90.26 -79.55 68.89
CA GLY U 18 -90.15 -79.22 70.29
C GLY U 18 -88.83 -78.56 70.65
N LYS U 19 -87.73 -79.09 70.14
CA LYS U 19 -86.41 -78.65 70.56
C LYS U 19 -86.20 -77.18 70.25
N ASN U 20 -85.48 -76.50 71.15
CA ASN U 20 -85.20 -75.08 71.03
C ASN U 20 -83.71 -74.84 71.18
N VAL U 21 -83.24 -73.72 70.64
CA VAL U 21 -81.85 -73.33 70.75
C VAL U 21 -81.78 -71.86 71.12
N THR U 22 -80.89 -71.53 72.06
CA THR U 22 -80.70 -70.14 72.45
C THR U 22 -80.07 -69.35 71.33
N LEU U 23 -80.52 -68.12 71.16
CA LEU U 23 -80.02 -67.28 70.08
C LEU U 23 -78.53 -67.00 70.30
N PRO U 24 -77.67 -67.31 69.32
CA PRO U 24 -76.24 -67.10 69.51
C PRO U 24 -75.88 -65.63 69.66
N ALA U 25 -74.77 -65.39 70.35
CA ALA U 25 -74.41 -64.03 70.73
C ALA U 25 -74.08 -63.15 69.54
N VAL U 26 -73.82 -63.73 68.37
CA VAL U 26 -73.45 -62.92 67.21
C VAL U 26 -74.54 -61.94 66.85
N PHE U 27 -75.80 -62.38 66.92
CA PHE U 27 -76.93 -61.58 66.44
C PHE U 27 -77.18 -60.34 67.25
N LYS U 28 -76.36 -60.04 68.25
CA LYS U 28 -76.50 -58.83 69.05
C LYS U 28 -75.37 -57.84 68.84
N ALA U 29 -74.39 -58.18 68.02
CA ALA U 29 -73.23 -57.34 67.81
C ALA U 29 -73.61 -56.04 67.09
N PRO U 30 -72.77 -55.02 67.19
CA PRO U 30 -73.08 -53.75 66.52
C PRO U 30 -73.27 -53.90 65.03
N ILE U 31 -74.14 -53.08 64.46
CA ILE U 31 -74.51 -53.22 63.05
C ILE U 31 -73.52 -52.46 62.18
N ARG U 32 -73.49 -51.12 62.31
CA ARG U 32 -72.50 -50.28 61.65
C ARG U 32 -72.32 -50.56 60.17
N PRO U 33 -73.25 -50.11 59.32
CA PRO U 33 -73.12 -50.36 57.88
C PRO U 33 -71.82 -49.88 57.27
N ASP U 34 -71.20 -48.83 57.79
CA ASP U 34 -70.01 -48.30 57.12
C ASP U 34 -68.83 -49.26 57.21
N ILE U 35 -68.95 -50.33 57.99
CA ILE U 35 -67.97 -51.41 57.94
C ILE U 35 -68.36 -52.45 56.90
N VAL U 36 -69.61 -52.89 56.93
CA VAL U 36 -70.05 -53.90 55.97
C VAL U 36 -70.13 -53.29 54.59
N ASN U 37 -69.82 -52.01 54.45
CA ASN U 37 -69.70 -51.41 53.14
C ASN U 37 -68.25 -51.25 52.73
N PHE U 38 -67.41 -50.77 53.64
CA PHE U 38 -65.99 -50.59 53.32
C PHE U 38 -65.27 -51.93 53.29
N VAL U 39 -65.67 -52.89 54.12
CA VAL U 39 -65.09 -54.22 54.02
C VAL U 39 -65.64 -54.94 52.80
N HIS U 40 -66.73 -54.42 52.21
CA HIS U 40 -67.24 -55.07 51.02
C HIS U 40 -66.58 -54.53 49.77
N THR U 41 -66.67 -53.23 49.51
CA THR U 41 -66.17 -52.72 48.23
C THR U 41 -64.68 -52.84 48.10
N ASN U 42 -64.01 -53.45 49.06
CA ASN U 42 -62.66 -53.98 48.84
C ASN U 42 -62.73 -55.45 48.44
N LEU U 43 -63.32 -56.30 49.27
CA LEU U 43 -63.41 -57.72 48.97
C LEU U 43 -64.26 -58.03 47.76
N ARG U 44 -64.82 -57.03 47.08
CA ARG U 44 -65.37 -57.22 45.75
C ARG U 44 -64.38 -56.83 44.67
N LYS U 45 -63.26 -56.22 45.04
CA LYS U 45 -62.23 -55.87 44.07
C LYS U 45 -61.16 -56.95 43.94
N ASN U 46 -61.25 -58.04 44.70
CA ASN U 46 -60.18 -59.03 44.68
C ASN U 46 -60.42 -60.17 43.71
N ASN U 47 -61.49 -60.14 42.92
CA ASN U 47 -61.70 -61.13 41.88
C ASN U 47 -61.50 -60.57 40.48
N ARG U 48 -61.00 -59.34 40.38
CA ARG U 48 -60.84 -58.70 39.09
C ARG U 48 -59.76 -59.39 38.26
N GLN U 49 -60.08 -59.69 37.09
CA GLN U 49 -58.95 -60.06 36.24
C GLN U 49 -58.32 -58.80 35.66
N PRO U 50 -57.05 -58.86 35.29
CA PRO U 50 -56.42 -57.71 34.66
C PRO U 50 -57.05 -57.40 33.32
N TYR U 51 -57.00 -56.13 32.94
CA TYR U 51 -57.39 -55.68 31.62
C TYR U 51 -56.50 -54.52 31.24
N ALA U 52 -56.01 -54.55 30.00
CA ALA U 52 -55.05 -53.56 29.57
C ALA U 52 -55.07 -53.46 28.05
N VAL U 53 -54.47 -52.39 27.55
CA VAL U 53 -54.37 -52.15 26.13
C VAL U 53 -53.00 -52.63 25.69
N SER U 54 -52.77 -52.63 24.37
CA SER U 54 -51.67 -53.35 23.76
C SER U 54 -50.31 -53.03 24.35
N GLU U 55 -49.36 -53.90 24.08
CA GLU U 55 -48.11 -54.01 24.81
C GLU U 55 -46.99 -53.20 24.18
N LEU U 56 -47.26 -52.52 23.07
CA LEU U 56 -46.19 -51.97 22.25
C LEU U 56 -45.41 -50.90 22.98
N ALA U 57 -44.09 -51.04 22.98
CA ALA U 57 -43.15 -50.06 23.53
C ALA U 57 -42.27 -49.42 22.47
N GLY U 58 -42.10 -50.07 21.33
CA GLY U 58 -41.39 -49.49 20.21
C GLY U 58 -42.30 -48.66 19.33
N HIS U 59 -41.84 -48.44 18.10
CA HIS U 59 -42.62 -47.65 17.16
C HIS U 59 -43.83 -48.43 16.69
N GLN U 60 -45.03 -47.90 16.92
CA GLN U 60 -46.23 -48.51 16.36
C GLN U 60 -46.12 -48.61 14.84
N THR U 61 -45.84 -47.48 14.19
CA THR U 61 -45.63 -47.38 12.75
C THR U 61 -44.57 -46.29 12.55
N SER U 62 -43.48 -46.63 11.87
CA SER U 62 -42.30 -45.77 11.87
C SER U 62 -42.59 -44.47 11.14
N ALA U 63 -42.91 -43.44 11.89
CA ALA U 63 -43.30 -42.15 11.34
C ALA U 63 -42.17 -41.13 11.51
N GLU U 64 -42.40 -39.95 10.95
CA GLU U 64 -41.43 -38.87 10.92
C GLU U 64 -42.19 -37.57 11.05
N SER U 65 -41.56 -36.56 11.64
CA SER U 65 -42.20 -35.27 11.81
C SER U 65 -41.80 -34.32 10.70
N TRP U 66 -42.80 -33.71 10.05
CA TRP U 66 -42.56 -32.54 9.22
C TRP U 66 -42.47 -31.35 10.18
N GLY U 67 -42.53 -30.14 9.64
CA GLY U 67 -42.43 -29.00 10.54
C GLY U 67 -42.68 -27.66 9.91
N THR U 68 -41.82 -26.71 10.23
CA THR U 68 -41.87 -25.39 9.66
C THR U 68 -41.80 -25.41 8.15
N GLY U 69 -42.73 -24.72 7.50
CA GLY U 69 -42.67 -24.49 6.07
C GLY U 69 -43.40 -25.49 5.21
N ARG U 70 -44.18 -26.38 5.81
CA ARG U 70 -44.89 -27.43 5.11
C ARG U 70 -46.31 -27.47 5.68
N ALA U 71 -47.05 -26.39 5.48
CA ALA U 71 -48.03 -25.81 6.41
C ALA U 71 -48.66 -26.76 7.44
N VAL U 72 -48.83 -28.04 7.13
CA VAL U 72 -49.50 -28.96 8.04
C VAL U 72 -48.83 -28.94 9.42
N ALA U 73 -49.54 -29.41 10.43
CA ALA U 73 -49.44 -28.87 11.79
C ALA U 73 -48.52 -29.64 12.74
N ARG U 74 -47.35 -30.11 12.30
CA ARG U 74 -46.31 -30.60 13.21
C ARG U 74 -46.81 -31.78 14.06
N ILE U 75 -47.16 -32.86 13.39
CA ILE U 75 -47.51 -34.11 14.04
C ILE U 75 -46.54 -35.14 13.45
N PRO U 76 -46.23 -36.24 14.13
CA PRO U 76 -45.42 -37.27 13.46
C PRO U 76 -46.25 -37.96 12.39
N ARG U 77 -45.82 -37.84 11.15
CA ARG U 77 -46.60 -38.26 9.99
C ARG U 77 -45.95 -39.48 9.37
N VAL U 78 -46.75 -40.52 9.09
CA VAL U 78 -46.21 -41.74 8.51
C VAL U 78 -45.55 -41.44 7.17
N ARG U 79 -44.64 -42.33 6.77
CA ARG U 79 -43.62 -41.97 5.79
C ARG U 79 -44.02 -42.21 4.34
N GLY U 80 -44.33 -43.43 3.96
CA GLY U 80 -44.41 -43.75 2.55
C GLY U 80 -45.69 -43.27 1.88
N GLY U 81 -45.63 -43.15 0.56
CA GLY U 81 -46.77 -42.79 -0.24
C GLY U 81 -47.37 -44.00 -0.95
N GLY U 82 -48.51 -43.76 -1.60
CA GLY U 82 -49.23 -44.82 -2.27
C GLY U 82 -50.51 -45.25 -1.61
N THR U 83 -50.95 -44.56 -0.56
CA THR U 83 -52.23 -44.80 0.10
C THR U 83 -52.85 -43.44 0.38
N HIS U 84 -53.88 -43.39 1.24
CA HIS U 84 -54.64 -42.16 1.39
C HIS U 84 -54.55 -41.56 2.80
N ARG U 85 -54.90 -42.31 3.85
CA ARG U 85 -54.60 -41.82 5.20
C ARG U 85 -53.11 -41.94 5.47
N SER U 86 -52.55 -43.12 5.20
CA SER U 86 -51.12 -43.32 5.30
C SER U 86 -50.45 -42.67 4.11
N GLY U 87 -49.34 -42.00 4.38
CA GLY U 87 -48.89 -40.86 3.62
C GLY U 87 -48.90 -39.58 4.42
N GLN U 88 -49.65 -39.53 5.53
CA GLN U 88 -49.83 -38.28 6.24
C GLN U 88 -50.50 -38.53 7.60
N GLY U 89 -49.94 -37.91 8.64
CA GLY U 89 -50.61 -37.83 9.94
C GLY U 89 -50.27 -38.94 10.92
N ALA U 90 -51.04 -38.96 12.00
CA ALA U 90 -51.32 -40.16 12.78
C ALA U 90 -50.08 -40.79 13.43
N PHE U 91 -49.56 -40.11 14.45
CA PHE U 91 -48.74 -40.84 15.43
C PHE U 91 -48.94 -40.41 16.87
N GLY U 92 -49.76 -39.42 17.17
CA GLY U 92 -49.80 -38.86 18.50
C GLY U 92 -50.80 -39.50 19.43
N ASN U 93 -51.43 -38.70 20.29
CA ASN U 93 -52.47 -39.18 21.18
C ASN U 93 -53.85 -38.68 20.79
N MET U 94 -53.95 -37.67 19.93
CA MET U 94 -55.24 -37.23 19.42
C MET U 94 -55.52 -37.69 18.02
N CYS U 95 -54.50 -38.13 17.28
CA CYS U 95 -54.68 -38.50 15.89
C CYS U 95 -55.43 -39.82 15.78
N ARG U 96 -55.56 -40.29 14.55
CA ARG U 96 -56.14 -41.59 14.29
C ARG U 96 -55.07 -42.64 14.55
N GLY U 97 -55.28 -43.85 14.08
CA GLY U 97 -54.29 -44.89 14.15
C GLY U 97 -54.46 -45.83 15.31
N GLY U 98 -55.36 -45.54 16.24
CA GLY U 98 -55.55 -46.40 17.38
C GLY U 98 -54.67 -46.10 18.56
N ARG U 99 -54.21 -44.85 18.70
CA ARG U 99 -53.16 -44.48 19.64
C ARG U 99 -53.76 -43.81 20.87
N MET U 100 -53.20 -44.11 22.03
CA MET U 100 -53.78 -43.80 23.33
C MET U 100 -53.01 -42.73 24.08
N PHE U 101 -53.71 -42.12 25.03
CA PHE U 101 -53.09 -41.29 26.05
C PHE U 101 -52.92 -42.09 27.34
N ALA U 102 -51.70 -42.15 27.84
CA ALA U 102 -51.38 -42.89 29.05
C ALA U 102 -51.94 -44.31 28.97
N PRO U 103 -51.51 -45.10 28.00
CA PRO U 103 -52.17 -46.38 27.74
C PRO U 103 -52.20 -47.22 29.01
N THR U 104 -53.33 -47.90 29.21
CA THR U 104 -53.51 -48.65 30.45
C THR U 104 -52.35 -49.64 30.61
N LYS U 105 -52.06 -49.96 31.85
CA LYS U 105 -50.97 -50.88 32.14
C LYS U 105 -51.48 -51.97 33.07
N THR U 106 -50.90 -53.16 32.93
CA THR U 106 -51.36 -54.28 33.75
C THR U 106 -51.06 -54.06 35.22
N TRP U 107 -49.87 -53.54 35.54
CA TRP U 107 -49.42 -53.48 36.92
C TRP U 107 -50.08 -52.36 37.69
N ARG U 108 -51.40 -52.40 37.84
CA ARG U 108 -52.09 -51.45 38.70
C ARG U 108 -52.16 -52.05 40.10
N ARG U 109 -52.97 -51.44 40.96
CA ARG U 109 -53.37 -52.08 42.20
C ARG U 109 -54.80 -52.57 42.02
N TRP U 110 -54.93 -53.71 41.36
CA TRP U 110 -56.25 -54.33 41.23
C TRP U 110 -56.79 -54.72 42.59
N HIS U 111 -56.11 -55.64 43.26
CA HIS U 111 -56.58 -56.19 44.51
C HIS U 111 -56.27 -55.25 45.66
N ARG U 112 -57.09 -55.35 46.71
CA ARG U 112 -56.85 -54.65 47.96
C ARG U 112 -56.86 -55.66 49.09
N ARG U 113 -56.21 -55.31 50.19
CA ARG U 113 -56.18 -56.12 51.38
C ARG U 113 -56.89 -55.39 52.51
N VAL U 114 -57.47 -56.16 53.43
CA VAL U 114 -58.22 -55.61 54.55
C VAL U 114 -57.86 -56.40 55.80
N ASN U 115 -57.74 -55.69 56.92
CA ASN U 115 -57.34 -56.33 58.17
C ASN U 115 -58.29 -57.48 58.52
N THR U 116 -57.75 -58.50 59.17
CA THR U 116 -58.61 -59.61 59.59
C THR U 116 -59.61 -59.16 60.64
N THR U 117 -59.18 -58.32 61.57
CA THR U 117 -60.08 -57.89 62.63
C THR U 117 -61.23 -57.05 62.06
N GLN U 118 -61.00 -56.37 60.94
CA GLN U 118 -62.10 -55.68 60.27
C GLN U 118 -62.95 -56.65 59.47
N LYS U 119 -62.33 -57.63 58.82
CA LYS U 119 -63.09 -58.57 57.99
C LYS U 119 -64.06 -59.37 58.84
N ARG U 120 -63.62 -59.81 60.01
CA ARG U 120 -64.52 -60.53 60.90
C ARG U 120 -65.58 -59.61 61.47
N TYR U 121 -65.34 -58.30 61.48
CA TYR U 121 -66.32 -57.37 62.01
C TYR U 121 -67.56 -57.34 61.13
N ALA U 122 -67.37 -57.41 59.81
CA ALA U 122 -68.49 -57.32 58.89
C ALA U 122 -69.44 -58.50 59.03
N ILE U 123 -68.89 -59.69 59.22
CA ILE U 123 -69.74 -60.86 59.37
C ILE U 123 -70.48 -60.81 60.70
N CYS U 124 -69.83 -60.28 61.74
CA CYS U 124 -70.52 -60.10 63.02
C CYS U 124 -71.64 -59.09 62.90
N SER U 125 -71.52 -58.16 61.95
CA SER U 125 -72.63 -57.24 61.68
C SER U 125 -73.68 -57.89 60.81
N ALA U 126 -73.29 -58.28 59.59
CA ALA U 126 -74.27 -58.74 58.60
C ALA U 126 -75.08 -59.93 59.10
N LEU U 127 -74.52 -60.70 60.02
CA LEU U 127 -75.34 -61.71 60.69
C LEU U 127 -76.26 -61.09 61.72
N ALA U 128 -75.82 -60.01 62.37
CA ALA U 128 -76.65 -59.37 63.38
C ALA U 128 -77.72 -58.47 62.79
N ALA U 129 -77.59 -58.12 61.52
CA ALA U 129 -78.61 -57.34 60.84
C ALA U 129 -79.51 -58.19 59.96
N SER U 130 -79.28 -59.50 59.90
CA SER U 130 -80.14 -60.42 59.17
C SER U 130 -81.04 -61.20 60.11
N ALA U 131 -81.19 -60.74 61.35
CA ALA U 131 -82.15 -61.30 62.29
C ALA U 131 -83.11 -60.22 62.79
N LEU U 132 -83.32 -59.18 61.99
CA LEU U 132 -84.28 -58.12 62.29
C LEU U 132 -85.22 -58.02 61.10
N PRO U 133 -86.51 -58.29 61.26
CA PRO U 133 -87.41 -58.23 60.11
C PRO U 133 -87.45 -56.86 59.47
N ALA U 134 -87.23 -55.79 60.25
CA ALA U 134 -87.17 -54.46 59.68
C ALA U 134 -86.18 -54.41 58.52
N LEU U 135 -85.04 -55.06 58.67
CA LEU U 135 -84.03 -55.04 57.61
C LEU U 135 -84.28 -56.11 56.57
N VAL U 136 -84.89 -57.23 56.93
CA VAL U 136 -85.10 -58.28 55.94
C VAL U 136 -86.20 -57.89 54.96
N MET U 137 -87.29 -57.28 55.44
CA MET U 137 -88.24 -56.73 54.49
C MET U 137 -87.61 -55.60 53.68
N SER U 138 -86.58 -54.95 54.23
CA SER U 138 -85.94 -53.83 53.55
C SER U 138 -85.42 -54.24 52.19
N LYS U 139 -84.68 -55.34 52.12
CA LYS U 139 -84.09 -55.76 50.87
C LYS U 139 -85.05 -56.52 49.98
N GLY U 140 -86.35 -56.40 50.23
CA GLY U 140 -87.35 -56.91 49.31
C GLY U 140 -87.69 -58.37 49.45
N HIS U 141 -87.00 -59.13 50.29
CA HIS U 141 -87.32 -60.54 50.44
C HIS U 141 -88.74 -60.70 50.97
N ARG U 142 -89.51 -61.58 50.32
CA ARG U 142 -90.91 -61.80 50.69
C ARG U 142 -90.97 -62.61 51.97
N ILE U 143 -90.53 -61.98 53.05
CA ILE U 143 -90.35 -62.63 54.33
C ILE U 143 -91.57 -62.44 55.23
N GLU U 144 -92.67 -61.97 54.67
CA GLU U 144 -93.82 -61.53 55.46
C GLU U 144 -94.75 -62.67 55.85
N GLU U 145 -94.34 -63.92 55.67
CA GLU U 145 -95.20 -65.05 56.02
C GLU U 145 -94.46 -66.17 56.72
N VAL U 146 -93.14 -66.09 56.88
CA VAL U 146 -92.34 -67.12 57.53
C VAL U 146 -92.24 -66.81 59.01
N PRO U 147 -92.28 -67.80 59.91
CA PRO U 147 -92.14 -67.53 61.33
C PRO U 147 -90.68 -67.62 61.79
N GLU U 148 -90.40 -66.90 62.88
CA GLU U 148 -89.08 -66.94 63.52
C GLU U 148 -87.97 -66.54 62.53
N LEU U 149 -87.99 -65.26 62.19
CA LEU U 149 -87.03 -64.71 61.22
C LEU U 149 -85.61 -65.26 61.34
N PRO U 150 -84.99 -65.33 62.52
CA PRO U 150 -83.79 -66.19 62.58
C PRO U 150 -84.27 -67.61 62.51
N LEU U 151 -84.17 -68.20 61.33
CA LEU U 151 -84.94 -69.40 61.00
C LEU U 151 -84.02 -70.61 61.04
N VAL U 152 -84.48 -71.66 61.69
CA VAL U 152 -83.70 -72.88 61.85
C VAL U 152 -84.54 -74.07 61.42
N VAL U 153 -83.91 -74.99 60.69
CA VAL U 153 -84.56 -76.19 60.23
C VAL U 153 -83.92 -77.38 60.94
N GLU U 154 -84.60 -78.52 60.86
CA GLU U 154 -84.15 -79.73 61.51
C GLU U 154 -82.90 -80.26 60.82
N ASP U 155 -82.12 -81.07 61.55
CA ASP U 155 -80.89 -81.63 60.99
C ASP U 155 -81.18 -82.82 60.07
N LYS U 156 -82.12 -82.65 59.16
CA LYS U 156 -82.36 -83.59 58.09
C LYS U 156 -82.33 -82.94 56.73
N VAL U 157 -82.40 -81.62 56.67
CA VAL U 157 -82.31 -80.90 55.41
C VAL U 157 -81.00 -81.24 54.71
N GLU U 158 -79.92 -81.36 55.48
CA GLU U 158 -78.66 -81.84 54.92
C GLU U 158 -78.78 -83.26 54.39
N GLY U 159 -79.78 -84.01 54.85
CA GLY U 159 -79.99 -85.35 54.32
C GLY U 159 -80.73 -85.40 53.01
N TYR U 160 -81.25 -84.28 52.53
CA TYR U 160 -81.96 -84.25 51.26
C TYR U 160 -81.02 -84.54 50.11
N LYS U 161 -81.51 -85.27 49.11
CA LYS U 161 -80.70 -85.65 47.97
C LYS U 161 -81.34 -85.32 46.62
N LYS U 162 -82.58 -84.85 46.60
CA LYS U 162 -83.32 -84.65 45.37
C LYS U 162 -83.97 -83.28 45.40
N THR U 163 -83.93 -82.56 44.28
CA THR U 163 -84.36 -81.17 44.29
C THR U 163 -85.81 -81.00 44.67
N LYS U 164 -86.70 -81.86 44.16
CA LYS U 164 -88.12 -81.74 44.48
C LYS U 164 -88.32 -81.71 45.98
N GLU U 165 -87.55 -82.51 46.73
CA GLU U 165 -87.62 -82.47 48.18
C GLU U 165 -87.21 -81.10 48.71
N ALA U 166 -86.17 -80.51 48.14
CA ALA U 166 -85.73 -79.20 48.61
C ALA U 166 -86.79 -78.14 48.39
N VAL U 167 -87.46 -78.18 47.24
CA VAL U 167 -88.51 -77.20 46.97
C VAL U 167 -89.72 -77.45 47.87
N LEU U 168 -90.07 -78.72 48.08
CA LEU U 168 -91.20 -79.01 48.96
C LEU U 168 -90.95 -78.54 50.38
N LEU U 169 -89.69 -78.50 50.81
CA LEU U 169 -89.35 -77.87 52.07
C LEU U 169 -89.67 -76.38 52.05
N LEU U 170 -89.01 -75.63 51.16
CA LEU U 170 -89.23 -74.19 51.08
C LEU U 170 -90.69 -73.88 50.83
N LYS U 171 -91.39 -74.77 50.13
CA LYS U 171 -92.82 -74.56 49.90
C LYS U 171 -93.59 -74.63 51.21
N LYS U 172 -93.11 -75.44 52.16
CA LYS U 172 -93.86 -75.64 53.40
C LYS U 172 -93.52 -74.57 54.44
N LEU U 173 -92.27 -74.15 54.53
CA LEU U 173 -91.92 -73.08 55.46
C LEU U 173 -92.45 -71.73 55.03
N LYS U 174 -93.22 -71.67 53.95
CA LYS U 174 -93.86 -70.47 53.43
C LYS U 174 -92.85 -69.46 52.90
N ALA U 175 -91.56 -69.76 52.93
CA ALA U 175 -90.54 -68.88 52.41
C ALA U 175 -90.32 -69.06 50.91
N TRP U 176 -91.31 -69.61 50.21
CA TRP U 176 -91.16 -69.86 48.78
C TRP U 176 -91.31 -68.61 47.94
N ASN U 177 -92.18 -67.67 48.32
CA ASN U 177 -92.46 -66.54 47.45
C ASN U 177 -91.20 -65.77 47.08
N ASP U 178 -90.17 -65.82 47.92
CA ASP U 178 -88.92 -65.20 47.52
C ASP U 178 -88.38 -65.87 46.26
N ILE U 179 -88.45 -67.20 46.19
CA ILE U 179 -88.04 -67.89 44.97
C ILE U 179 -88.96 -67.54 43.82
N LYS U 180 -90.27 -67.46 44.09
CA LYS U 180 -91.20 -67.08 43.03
C LYS U 180 -90.96 -65.65 42.58
N LYS U 181 -90.55 -64.78 43.50
CA LYS U 181 -90.21 -63.41 43.13
C LYS U 181 -88.96 -63.36 42.27
N VAL U 182 -88.06 -64.32 42.47
CA VAL U 182 -86.85 -64.38 41.63
C VAL U 182 -87.22 -64.67 40.19
N TYR U 183 -88.18 -65.57 39.96
CA TYR U 183 -88.58 -65.86 38.60
C TYR U 183 -89.04 -64.61 37.87
N ALA U 184 -89.78 -63.74 38.56
CA ALA U 184 -90.31 -62.56 37.92
C ALA U 184 -89.24 -61.52 37.62
N SER U 185 -88.07 -61.62 38.26
CA SER U 185 -87.01 -60.67 38.00
C SER U 185 -86.04 -61.13 36.92
N GLN U 186 -86.15 -62.37 36.48
CA GLN U 186 -85.21 -62.88 35.49
C GLN U 186 -85.41 -62.15 34.17
N ARG U 187 -84.50 -61.25 33.86
CA ARG U 187 -84.62 -60.33 32.74
C ARG U 187 -83.29 -60.28 32.01
N MET U 188 -83.16 -59.35 31.09
CA MET U 188 -81.95 -59.20 30.32
C MET U 188 -81.22 -57.93 30.75
N ARG U 189 -79.90 -58.01 30.76
CA ARG U 189 -79.10 -56.87 31.18
C ARG U 189 -79.25 -55.73 30.18
N ALA U 190 -78.90 -54.53 30.61
CA ALA U 190 -78.89 -53.35 29.77
C ALA U 190 -77.46 -52.86 29.61
N GLY U 191 -76.98 -52.82 28.38
CA GLY U 191 -75.69 -52.25 28.10
C GLY U 191 -74.86 -53.14 27.22
N LYS U 192 -73.59 -52.78 27.07
CA LYS U 192 -72.66 -53.60 26.30
C LYS U 192 -72.14 -54.80 27.06
N GLY U 193 -72.41 -54.90 28.36
CA GLY U 193 -72.19 -56.15 29.03
C GLY U 193 -73.07 -57.26 28.55
N LYS U 194 -74.08 -56.92 27.75
CA LYS U 194 -74.95 -57.91 27.16
C LYS U 194 -74.18 -58.92 26.32
N MET U 195 -73.01 -58.55 25.83
CA MET U 195 -72.26 -59.38 24.90
C MET U 195 -70.86 -59.65 25.41
N ARG U 196 -70.75 -59.96 26.69
CA ARG U 196 -69.53 -60.46 27.29
C ARG U 196 -69.83 -61.58 28.27
N ASN U 197 -70.70 -62.51 27.86
CA ASN U 197 -71.03 -63.69 28.65
C ASN U 197 -71.81 -63.36 29.91
N ARG U 198 -72.43 -62.18 29.96
CA ARG U 198 -73.22 -61.72 31.09
C ARG U 198 -74.59 -61.26 30.64
N ARG U 199 -75.26 -62.10 29.85
CA ARG U 199 -76.57 -61.77 29.29
C ARG U 199 -77.60 -61.53 30.36
N ARG U 200 -77.91 -62.57 31.12
CA ARG U 200 -79.08 -62.58 31.99
C ARG U 200 -78.69 -62.14 33.40
N ILE U 201 -79.58 -61.39 34.04
CA ILE U 201 -79.40 -60.96 35.41
C ILE U 201 -80.68 -61.29 36.17
N GLN U 202 -80.62 -61.10 37.48
CA GLN U 202 -81.73 -61.42 38.36
C GLN U 202 -81.43 -60.82 39.73
N ARG U 203 -82.29 -61.13 40.69
CA ARG U 203 -82.07 -60.76 42.09
C ARG U 203 -81.56 -61.97 42.85
N ARG U 204 -81.48 -61.84 44.16
CA ARG U 204 -80.97 -62.91 45.00
C ARG U 204 -82.12 -63.69 45.63
N GLY U 205 -81.77 -64.68 46.45
CA GLY U 205 -82.76 -65.49 47.12
C GLY U 205 -82.32 -65.88 48.52
N PRO U 206 -83.13 -66.67 49.20
CA PRO U 206 -82.82 -67.04 50.58
C PRO U 206 -81.55 -67.87 50.68
N CYS U 207 -80.51 -67.29 51.25
CA CYS U 207 -79.30 -68.04 51.53
C CYS U 207 -79.59 -69.15 52.54
N VAL U 208 -79.08 -70.34 52.26
CA VAL U 208 -79.20 -71.50 53.14
C VAL U 208 -77.83 -71.83 53.70
N ILE U 209 -77.71 -71.83 55.02
CA ILE U 209 -76.42 -72.02 55.67
C ILE U 209 -76.46 -73.35 56.41
N TYR U 210 -75.49 -74.22 56.11
CA TYR U 210 -75.52 -75.60 56.54
C TYR U 210 -74.23 -75.97 57.27
N ASN U 211 -74.30 -77.06 58.02
CA ASN U 211 -73.14 -77.50 58.79
C ASN U 211 -72.18 -78.31 57.92
N GLU U 212 -72.64 -79.45 57.40
CA GLU U 212 -71.81 -80.27 56.53
C GLU U 212 -72.71 -81.01 55.54
N ASP U 213 -72.23 -81.12 54.31
CA ASP U 213 -73.01 -81.74 53.25
C ASP U 213 -73.17 -83.23 53.46
N ASN U 214 -74.43 -83.66 53.52
CA ASN U 214 -74.80 -85.06 53.31
C ASN U 214 -75.72 -85.20 52.11
N GLY U 215 -75.68 -84.23 51.20
CA GLY U 215 -76.56 -84.19 50.06
C GLY U 215 -77.17 -82.83 49.87
N ILE U 216 -76.82 -81.88 50.73
CA ILE U 216 -77.49 -80.58 50.75
C ILE U 216 -77.15 -79.75 49.51
N VAL U 217 -75.89 -79.74 49.08
CA VAL U 217 -75.52 -78.88 47.98
C VAL U 217 -76.24 -79.29 46.71
N LYS U 218 -76.29 -80.59 46.43
CA LYS U 218 -76.87 -81.03 45.17
C LYS U 218 -78.39 -80.92 45.17
N ALA U 219 -79.03 -81.08 46.33
CA ALA U 219 -80.48 -80.90 46.40
C ALA U 219 -80.87 -79.49 46.00
N PHE U 220 -80.17 -78.51 46.55
CA PHE U 220 -80.25 -77.12 46.14
C PHE U 220 -79.27 -76.92 44.98
N ARG U 221 -78.87 -75.67 44.74
CA ARG U 221 -77.97 -75.25 43.66
C ARG U 221 -78.57 -75.48 42.29
N ASN U 222 -79.85 -75.80 42.23
CA ASN U 222 -80.61 -75.70 40.99
C ASN U 222 -81.76 -74.72 41.09
N ILE U 223 -82.29 -74.47 42.27
CA ILE U 223 -83.31 -73.44 42.48
C ILE U 223 -82.66 -72.09 42.19
N PRO U 224 -83.23 -71.28 41.31
CA PRO U 224 -82.60 -69.99 41.00
C PRO U 224 -82.77 -69.00 42.14
N GLY U 225 -81.65 -68.59 42.72
CA GLY U 225 -81.64 -67.65 43.82
C GLY U 225 -80.99 -68.19 45.08
N ILE U 226 -81.03 -69.49 45.31
CA ILE U 226 -80.52 -70.07 46.55
C ILE U 226 -79.00 -70.10 46.51
N THR U 227 -78.38 -69.58 47.55
CA THR U 227 -76.93 -69.61 47.70
C THR U 227 -76.57 -70.24 49.04
N LEU U 228 -75.74 -71.27 49.01
CA LEU U 228 -75.40 -72.05 50.19
C LEU U 228 -74.05 -71.63 50.74
N LEU U 229 -73.87 -71.78 52.05
CA LEU U 229 -72.62 -71.46 52.71
C LEU U 229 -72.43 -72.36 53.91
N ASN U 230 -71.23 -72.93 54.05
CA ASN U 230 -70.86 -73.54 55.33
C ASN U 230 -70.72 -72.46 56.39
N VAL U 231 -71.08 -72.80 57.63
CA VAL U 231 -70.85 -71.85 58.72
C VAL U 231 -69.37 -71.57 58.87
N THR U 232 -68.52 -72.52 58.51
CA THR U 232 -67.09 -72.31 58.65
C THR U 232 -66.61 -71.21 57.71
N LYS U 233 -67.11 -71.17 56.47
CA LYS U 233 -66.56 -70.23 55.49
C LYS U 233 -67.14 -68.82 55.64
N LEU U 234 -68.44 -68.67 55.38
CA LEU U 234 -69.19 -67.44 55.65
C LEU U 234 -68.56 -66.22 54.95
N ASN U 235 -68.64 -66.24 53.63
CA ASN U 235 -68.26 -65.06 52.85
C ASN U 235 -69.07 -63.84 53.29
N ILE U 236 -68.43 -62.68 53.31
CA ILE U 236 -69.20 -61.44 53.40
C ILE U 236 -69.86 -61.12 52.06
N LEU U 237 -69.29 -61.60 50.96
CA LEU U 237 -69.83 -61.27 49.64
C LEU U 237 -71.20 -61.90 49.42
N LYS U 238 -71.37 -63.15 49.82
CA LYS U 238 -72.62 -63.86 49.62
C LYS U 238 -73.60 -63.68 50.76
N LEU U 239 -73.19 -63.02 51.84
CA LEU U 239 -74.00 -62.89 53.04
C LEU U 239 -74.59 -61.50 53.19
N ALA U 240 -73.97 -60.50 52.58
CA ALA U 240 -74.53 -59.18 52.38
C ALA U 240 -74.38 -58.87 50.90
N PRO U 241 -75.46 -58.86 50.14
CA PRO U 241 -75.34 -59.05 48.69
C PRO U 241 -74.65 -57.93 47.95
N GLY U 242 -74.05 -56.99 48.68
CA GLY U 242 -73.23 -55.98 48.04
C GLY U 242 -73.77 -54.60 48.20
N GLY U 243 -73.14 -53.81 49.06
CA GLY U 243 -73.64 -52.49 49.38
C GLY U 243 -74.91 -52.48 50.18
N HIS U 244 -75.16 -53.52 50.95
CA HIS U 244 -76.37 -53.63 51.75
C HIS U 244 -76.04 -54.52 52.94
N VAL U 245 -76.99 -54.66 53.85
CA VAL U 245 -76.67 -55.27 55.13
C VAL U 245 -77.57 -56.46 55.46
N GLY U 246 -78.79 -56.48 54.94
CA GLY U 246 -79.71 -57.50 55.38
C GLY U 246 -80.14 -58.52 54.36
N ARG U 247 -79.65 -59.74 54.45
CA ARG U 247 -80.04 -60.80 53.52
C ARG U 247 -80.69 -61.93 54.28
N PHE U 248 -81.79 -62.44 53.71
CA PHE U 248 -82.51 -63.55 54.32
C PHE U 248 -81.59 -64.77 54.37
N CYS U 249 -81.56 -65.45 55.51
CA CYS U 249 -80.76 -66.64 55.71
C CYS U 249 -81.61 -67.72 56.36
N ILE U 250 -81.34 -68.97 56.00
CA ILE U 250 -81.97 -70.13 56.60
C ILE U 250 -80.89 -71.03 57.18
N TRP U 251 -80.93 -71.27 58.47
CA TRP U 251 -79.92 -72.07 59.12
C TRP U 251 -80.46 -73.46 59.43
N THR U 252 -79.54 -74.36 59.78
CA THR U 252 -79.89 -75.70 60.23
C THR U 252 -79.51 -75.84 61.70
N GLU U 253 -80.19 -76.76 62.40
CA GLU U 253 -80.00 -76.91 63.83
C GLU U 253 -78.54 -77.05 64.20
N SER U 254 -77.77 -77.80 63.41
CA SER U 254 -76.35 -77.97 63.70
C SER U 254 -75.56 -76.73 63.32
N ALA U 255 -75.97 -76.05 62.26
CA ALA U 255 -75.26 -74.85 61.82
C ALA U 255 -75.60 -73.65 62.68
N PHE U 256 -76.66 -73.72 63.48
CA PHE U 256 -77.00 -72.64 64.38
C PHE U 256 -76.39 -72.84 65.75
N ARG U 257 -75.97 -74.07 66.06
CA ARG U 257 -75.37 -74.36 67.35
C ARG U 257 -73.87 -74.15 67.34
N LYS U 258 -73.25 -74.18 66.16
CA LYS U 258 -71.82 -73.94 66.04
C LYS U 258 -71.49 -72.46 65.99
N LEU U 259 -72.49 -71.59 65.90
CA LEU U 259 -72.19 -70.16 65.81
C LEU U 259 -71.63 -69.63 67.12
N ASP U 260 -71.97 -70.27 68.25
CA ASP U 260 -71.51 -69.75 69.52
C ASP U 260 -70.02 -70.04 69.72
N ASP U 261 -69.58 -71.25 69.36
CA ASP U 261 -68.15 -71.54 69.40
C ASP U 261 -67.39 -70.74 68.35
N LEU U 262 -67.99 -70.55 67.18
CA LEU U 262 -67.25 -70.04 66.04
C LEU U 262 -66.82 -68.59 66.24
N TYR U 263 -67.69 -67.78 66.85
CA TYR U 263 -67.38 -66.38 67.07
C TYR U 263 -67.27 -66.00 68.53
N GLY U 264 -67.73 -66.86 69.44
CA GLY U 264 -67.63 -66.57 70.85
C GLY U 264 -68.76 -65.69 71.34
N THR U 265 -68.66 -65.31 72.61
CA THR U 265 -69.57 -64.34 73.19
C THR U 265 -68.77 -63.33 73.99
N TRP U 266 -69.44 -62.45 74.72
CA TRP U 266 -68.70 -61.44 75.46
C TRP U 266 -68.18 -61.95 76.80
N ARG U 267 -68.64 -63.10 77.27
CA ARG U 267 -68.09 -63.68 78.49
C ARG U 267 -67.11 -64.82 78.22
N LYS U 268 -67.19 -65.45 77.05
CA LYS U 268 -66.31 -66.54 76.67
C LYS U 268 -65.59 -66.19 75.37
N ALA U 269 -64.29 -66.48 75.32
CA ALA U 269 -63.52 -66.20 74.12
C ALA U 269 -63.96 -67.11 72.99
N ALA U 270 -63.34 -66.92 71.83
CA ALA U 270 -63.62 -67.81 70.71
C ALA U 270 -63.09 -69.20 71.00
N SER U 271 -63.58 -70.18 70.24
CA SER U 271 -63.15 -71.56 70.43
C SER U 271 -62.70 -72.25 69.16
N LEU U 272 -62.94 -71.65 67.98
CA LEU U 272 -62.40 -72.17 66.74
C LEU U 272 -61.58 -71.10 66.03
N LYS U 273 -61.08 -70.14 66.79
CA LYS U 273 -60.24 -69.07 66.28
C LYS U 273 -59.16 -68.77 67.31
N SER U 274 -58.34 -67.77 67.01
CA SER U 274 -57.19 -67.43 67.85
C SER U 274 -57.46 -66.10 68.54
N ASN U 275 -58.09 -66.17 69.71
CA ASN U 275 -58.37 -65.01 70.55
C ASN U 275 -59.21 -63.98 69.77
N TYR U 276 -60.43 -64.39 69.49
CA TYR U 276 -61.44 -63.51 68.91
C TYR U 276 -62.57 -63.32 69.91
N ASN U 277 -63.04 -62.09 70.04
CA ASN U 277 -64.20 -61.77 70.84
C ASN U 277 -65.11 -60.82 70.08
N LEU U 278 -66.40 -60.89 70.37
CA LEU U 278 -67.34 -59.99 69.72
C LEU U 278 -66.98 -58.55 70.03
N PRO U 279 -67.12 -57.64 69.08
CA PRO U 279 -66.77 -56.24 69.34
C PRO U 279 -67.68 -55.62 70.38
N MET U 280 -67.13 -54.67 71.13
CA MET U 280 -67.89 -53.98 72.15
C MET U 280 -68.82 -52.96 71.50
N HIS U 281 -69.48 -52.16 72.33
CA HIS U 281 -70.45 -51.19 71.86
C HIS U 281 -69.96 -49.77 72.09
N LYS U 282 -70.70 -48.82 71.49
CA LYS U 282 -70.52 -47.40 71.78
C LYS U 282 -71.67 -46.81 72.57
N MET U 283 -72.83 -47.47 72.56
CA MET U 283 -73.92 -47.15 73.48
C MET U 283 -74.71 -48.43 73.71
N LEU U 284 -75.18 -48.61 74.94
CA LEU U 284 -75.97 -49.80 75.24
C LEU U 284 -77.42 -49.63 74.80
N ASN U 285 -78.12 -48.66 75.39
CA ASN U 285 -79.53 -48.47 75.10
C ASN U 285 -79.67 -47.60 73.86
N THR U 286 -80.51 -48.03 72.92
CA THR U 286 -80.58 -47.39 71.62
C THR U 286 -81.92 -46.74 71.29
N ASP U 287 -82.90 -46.83 72.18
CA ASP U 287 -84.17 -46.13 71.97
C ASP U 287 -84.05 -44.73 72.57
N LEU U 288 -83.96 -43.72 71.70
CA LEU U 288 -84.11 -42.36 72.19
C LEU U 288 -85.56 -42.07 72.55
N SER U 289 -86.49 -42.87 72.01
CA SER U 289 -87.90 -42.68 72.33
C SER U 289 -88.18 -43.04 73.79
N ARG U 290 -87.30 -43.81 74.41
CA ARG U 290 -87.51 -44.17 75.81
C ARG U 290 -86.58 -43.40 76.74
N ILE U 291 -85.38 -43.08 76.27
CA ILE U 291 -84.43 -42.33 77.11
C ILE U 291 -84.94 -40.92 77.37
N LEU U 292 -85.46 -40.26 76.34
CA LEU U 292 -85.74 -38.84 76.45
C LEU U 292 -87.01 -38.52 77.24
N LYS U 293 -87.89 -39.50 77.44
CA LYS U 293 -89.14 -39.28 78.17
C LYS U 293 -89.13 -40.00 79.51
N SER U 294 -87.96 -40.15 80.11
CA SER U 294 -87.88 -40.77 81.41
C SER U 294 -87.92 -39.71 82.50
N PRO U 295 -88.41 -40.05 83.70
CA PRO U 295 -88.42 -39.05 84.78
C PRO U 295 -87.03 -38.55 85.13
N GLU U 296 -86.02 -39.42 85.01
CA GLU U 296 -84.65 -39.08 85.37
C GLU U 296 -83.93 -38.26 84.31
N ILE U 297 -84.66 -37.69 83.35
CA ILE U 297 -84.12 -36.70 82.42
C ILE U 297 -84.91 -35.40 82.50
N GLN U 298 -86.23 -35.48 82.35
CA GLN U 298 -87.07 -34.29 82.30
C GLN U 298 -87.02 -33.52 83.61
N ARG U 299 -86.84 -34.20 84.74
CA ARG U 299 -86.84 -33.50 86.02
C ARG U 299 -85.71 -32.47 86.09
N ALA U 300 -84.64 -32.68 85.34
CA ALA U 300 -83.50 -31.77 85.31
C ALA U 300 -83.36 -31.07 83.97
N LEU U 301 -84.40 -31.06 83.14
CA LEU U 301 -84.35 -30.44 81.83
C LEU U 301 -85.30 -29.24 81.84
N ARG U 302 -84.82 -28.13 81.28
CA ARG U 302 -85.41 -26.83 81.58
C ARG U 302 -86.39 -26.38 80.50
N ALA U 303 -87.51 -25.84 80.96
CA ALA U 303 -88.73 -25.81 80.16
C ALA U 303 -88.50 -25.12 78.81
N PRO U 304 -89.05 -25.67 77.74
CA PRO U 304 -88.71 -25.20 76.40
C PRO U 304 -89.28 -23.83 76.10
N ARG U 305 -88.60 -23.12 75.19
CA ARG U 305 -88.93 -21.73 74.90
C ARG U 305 -89.28 -21.56 73.43
N LYS U 306 -89.48 -20.31 73.00
CA LYS U 306 -89.82 -19.99 71.61
C LYS U 306 -89.07 -18.72 71.21
N LYS U 307 -87.87 -18.89 70.64
CA LYS U 307 -87.15 -17.82 69.96
C LYS U 307 -87.41 -17.89 68.45
N ILE U 308 -88.56 -18.42 68.08
CA ILE U 308 -88.91 -18.77 66.71
C ILE U 308 -90.23 -18.08 66.35
N HIS U 309 -90.46 -16.92 66.97
CA HIS U 309 -91.65 -16.11 66.69
C HIS U 309 -91.26 -14.91 65.85
N ARG U 310 -92.15 -14.54 64.92
CA ARG U 310 -91.84 -13.62 63.84
C ARG U 310 -91.57 -12.21 64.37
N ARG U 311 -91.24 -11.32 63.44
CA ARG U 311 -90.90 -9.95 63.76
C ARG U 311 -91.87 -8.98 63.12
N VAL U 312 -92.28 -7.99 63.91
CA VAL U 312 -93.31 -7.05 63.53
C VAL U 312 -92.78 -6.05 62.51
N LEU U 313 -93.68 -5.59 61.63
CA LEU U 313 -93.37 -4.46 60.77
C LEU U 313 -93.31 -3.20 61.61
N LYS U 314 -92.27 -2.40 61.40
CA LYS U 314 -92.11 -1.18 62.18
C LYS U 314 -92.99 -0.07 61.61
N LYS U 315 -94.08 0.23 62.30
CA LYS U 315 -94.87 1.41 61.98
C LYS U 315 -94.14 2.63 62.49
N ASN U 316 -94.38 3.76 61.86
CA ASN U 316 -93.62 4.96 62.15
C ASN U 316 -94.24 5.70 63.33
N PRO U 317 -93.53 5.85 64.45
CA PRO U 317 -94.12 6.56 65.60
C PRO U 317 -94.50 7.98 65.30
N LEU U 318 -93.82 8.66 64.37
CA LEU U 318 -94.18 10.03 64.07
C LEU U 318 -95.62 10.13 63.60
N LYS U 319 -96.05 9.22 62.73
CA LYS U 319 -97.40 9.27 62.20
C LYS U 319 -98.40 8.66 63.16
N ASN U 320 -98.26 7.36 63.43
CA ASN U 320 -99.24 6.64 64.24
C ASN U 320 -99.25 7.18 65.66
N LEU U 321 -100.38 7.76 66.06
CA LEU U 321 -100.49 8.25 67.43
C LEU U 321 -100.35 7.11 68.43
N ARG U 322 -100.90 5.94 68.12
CA ARG U 322 -100.91 4.85 69.08
C ARG U 322 -99.69 3.96 68.98
N ILE U 323 -98.70 4.32 68.15
CA ILE U 323 -97.35 3.81 68.36
C ILE U 323 -96.58 4.74 69.28
N MET U 324 -96.78 6.05 69.13
CA MET U 324 -96.16 7.00 70.05
C MET U 324 -96.50 6.65 71.49
N LEU U 325 -97.73 6.21 71.73
CA LEU U 325 -98.15 5.84 73.07
C LEU U 325 -97.37 4.64 73.58
N LYS U 326 -97.25 3.60 72.75
CA LYS U 326 -96.59 2.38 73.20
C LYS U 326 -95.14 2.61 73.57
N LEU U 327 -94.53 3.69 73.07
CA LEU U 327 -93.16 4.03 73.45
C LEU U 327 -93.11 5.13 74.49
N ASN U 328 -93.99 6.11 74.40
CA ASN U 328 -93.85 7.37 75.14
C ASN U 328 -95.24 7.85 75.51
N PRO U 329 -95.84 7.26 76.55
CA PRO U 329 -97.25 7.55 76.85
C PRO U 329 -97.55 9.01 77.09
N TYR U 330 -96.53 9.84 77.30
CA TYR U 330 -96.75 11.25 77.60
C TYR U 330 -97.24 12.04 76.39
N ALA U 331 -97.00 11.55 75.17
CA ALA U 331 -97.31 12.35 73.99
C ALA U 331 -98.78 12.70 73.92
N LYS U 332 -99.66 11.74 74.25
CA LYS U 332 -101.09 12.04 74.23
C LYS U 332 -101.41 13.21 75.14
N THR U 333 -100.74 13.32 76.27
CA THR U 333 -100.97 14.45 77.17
C THR U 333 -100.18 15.67 76.71
N MET U 334 -99.18 15.47 75.86
CA MET U 334 -98.64 16.62 75.12
C MET U 334 -99.62 17.11 74.08
N ARG U 335 -100.17 16.19 73.27
CA ARG U 335 -100.89 16.56 72.07
C ARG U 335 -102.35 16.89 72.33
N ARG U 336 -102.88 16.58 73.50
CA ARG U 336 -104.16 17.17 73.88
C ARG U 336 -104.00 18.65 74.18
N ASN U 337 -102.98 19.01 74.95
CA ASN U 337 -102.48 20.36 74.88
C ASN U 337 -101.81 20.57 73.53
N THR U 338 -101.36 21.80 73.28
CA THR U 338 -100.81 22.17 71.98
C THR U 338 -101.87 22.02 70.88
N ILE U 339 -103.08 21.61 71.25
CA ILE U 339 -104.28 21.79 70.45
C ILE U 339 -105.25 22.73 71.16
N LEU U 340 -105.56 22.44 72.42
CA LEU U 340 -106.32 23.37 73.24
C LEU U 340 -105.68 24.74 73.24
N ARG U 341 -104.35 24.79 73.27
CA ARG U 341 -103.65 26.06 73.21
C ARG U 341 -103.88 26.74 71.86
N GLN U 342 -103.95 25.96 70.78
CA GLN U 342 -104.14 26.57 69.47
C GLN U 342 -105.59 27.04 69.31
N ALA U 343 -106.54 26.27 69.80
CA ALA U 343 -107.93 26.70 69.74
C ALA U 343 -108.18 27.90 70.64
N ARG U 344 -107.55 27.93 71.82
CA ARG U 344 -107.73 29.07 72.72
C ARG U 344 -107.07 30.32 72.19
N ASN U 345 -105.81 30.22 71.74
CA ASN U 345 -105.11 31.40 71.26
C ASN U 345 -105.76 31.96 70.00
N HIS U 346 -106.14 31.08 69.07
CA HIS U 346 -106.69 31.55 67.80
C HIS U 346 -107.96 32.36 68.02
N LYS U 347 -108.82 31.90 68.92
CA LYS U 347 -110.05 32.63 69.22
C LYS U 347 -109.73 34.01 69.76
N LEU U 348 -108.64 34.15 70.51
CA LEU U 348 -108.22 35.46 70.98
C LEU U 348 -107.63 36.29 69.84
N ARG U 349 -106.96 35.64 68.89
CA ARG U 349 -106.31 36.37 67.82
C ARG U 349 -107.33 36.90 66.82
N VAL U 350 -108.49 36.27 66.73
CA VAL U 350 -109.58 36.83 65.92
C VAL U 350 -110.15 38.08 66.58
N GLU U 351 -110.36 38.03 67.89
CA GLU U 351 -110.99 39.15 68.58
C GLU U 351 -110.09 40.38 68.59
N ARG U 352 -108.81 40.21 68.93
CA ARG U 352 -107.91 41.36 69.00
C ARG U 352 -107.80 42.04 67.64
N ALA U 353 -107.64 41.26 66.57
CA ALA U 353 -107.64 41.86 65.24
C ALA U 353 -109.03 42.36 64.86
N ALA U 354 -110.07 41.88 65.56
CA ALA U 354 -111.40 42.45 65.38
C ALA U 354 -111.60 43.70 66.24
N ALA U 355 -110.79 43.86 67.30
CA ALA U 355 -110.91 45.05 68.13
C ALA U 355 -110.50 46.30 67.35
N ALA U 356 -109.41 46.23 66.59
CA ALA U 356 -109.01 47.37 65.76
C ALA U 356 -110.02 47.59 64.63
N LEU U 357 -110.84 46.57 64.34
CA LEU U 357 -111.98 46.78 63.46
C LEU U 357 -113.11 47.49 64.19
N ALA U 358 -113.23 47.24 65.49
CA ALA U 358 -114.22 47.97 66.29
C ALA U 358 -113.75 49.38 66.60
N ALA U 359 -112.45 49.58 66.74
CA ALA U 359 -111.94 50.89 67.14
C ALA U 359 -111.91 51.86 65.98
N LYS U 360 -111.14 51.55 64.93
CA LYS U 360 -110.95 52.51 63.85
C LYS U 360 -112.24 52.77 63.08
N SER U 361 -113.17 51.81 63.06
CA SER U 361 -114.44 52.05 62.39
C SER U 361 -115.28 53.07 63.14
N ASP U 362 -115.23 53.05 64.47
CA ASP U 362 -116.08 53.90 65.30
C ASP U 362 -115.28 54.88 66.15
N ASN V 1 -94.01 -21.66 -59.19
CA ASN V 1 -94.03 -23.09 -58.97
C ASN V 1 -93.10 -23.43 -57.81
N GLU V 2 -92.73 -24.70 -57.66
CA GLU V 2 -91.84 -25.11 -56.58
C GLU V 2 -90.78 -26.10 -57.03
N VAL V 3 -90.46 -26.15 -58.31
CA VAL V 3 -89.32 -26.92 -58.80
C VAL V 3 -88.53 -25.99 -59.72
N VAL V 4 -88.70 -24.69 -59.52
CA VAL V 4 -88.07 -23.72 -60.41
C VAL V 4 -86.55 -23.76 -60.25
N THR V 5 -85.86 -23.69 -61.37
CA THR V 5 -84.40 -23.76 -61.44
C THR V 5 -83.87 -22.58 -62.25
N ARG V 6 -82.82 -21.94 -61.76
CA ARG V 6 -82.32 -20.77 -62.47
C ARG V 6 -80.88 -20.50 -62.08
N GLU V 7 -80.15 -19.88 -63.00
CA GLU V 7 -78.77 -19.47 -62.83
C GLU V 7 -78.66 -18.38 -61.78
N TYR V 8 -77.43 -18.16 -61.31
CA TYR V 8 -77.04 -16.95 -60.59
C TYR V 8 -75.55 -16.79 -60.76
N THR V 9 -75.07 -15.58 -60.49
CA THR V 9 -73.63 -15.30 -60.52
C THR V 9 -73.24 -14.83 -59.13
N ILE V 10 -72.96 -15.78 -58.25
CA ILE V 10 -72.61 -15.44 -56.88
C ILE V 10 -71.30 -14.69 -56.88
N ASN V 11 -71.29 -13.51 -56.26
CA ASN V 11 -70.09 -12.68 -56.16
C ASN V 11 -69.46 -12.99 -54.81
N ILE V 12 -68.40 -13.78 -54.80
CA ILE V 12 -67.80 -14.18 -53.54
C ILE V 12 -66.51 -13.41 -53.28
N HIS V 13 -66.41 -12.22 -53.84
CA HIS V 13 -65.37 -11.30 -53.39
C HIS V 13 -65.89 -10.24 -52.44
N LYS V 14 -67.20 -10.01 -52.41
CA LYS V 14 -67.78 -9.06 -51.47
C LYS V 14 -68.39 -9.73 -50.26
N ARG V 15 -68.50 -11.05 -50.25
CA ARG V 15 -68.89 -11.79 -49.06
C ARG V 15 -67.67 -12.28 -48.29
N ILE V 16 -66.47 -11.97 -48.76
CA ILE V 16 -65.25 -12.45 -48.15
C ILE V 16 -64.34 -11.34 -47.68
N HIS V 17 -64.48 -10.12 -48.21
CA HIS V 17 -63.59 -9.02 -47.91
C HIS V 17 -63.47 -8.80 -46.41
N GLY V 18 -62.29 -9.05 -45.88
CA GLY V 18 -62.02 -8.90 -44.47
C GLY V 18 -61.96 -10.18 -43.65
N VAL V 19 -61.39 -11.26 -44.18
CA VAL V 19 -61.21 -12.49 -43.42
C VAL V 19 -59.76 -12.95 -43.49
N GLY V 20 -59.38 -13.76 -42.52
CA GLY V 20 -58.03 -14.28 -42.46
C GLY V 20 -57.77 -15.25 -43.59
N PHE V 21 -56.51 -15.65 -43.70
CA PHE V 21 -56.07 -16.37 -44.88
C PHE V 21 -56.39 -17.85 -44.84
N LYS V 22 -56.23 -18.49 -43.70
CA LYS V 22 -56.54 -19.90 -43.62
C LYS V 22 -58.02 -20.17 -43.47
N LYS V 23 -58.83 -19.12 -43.35
CA LYS V 23 -60.29 -19.21 -43.22
C LYS V 23 -60.96 -18.38 -44.30
N ARG V 24 -60.50 -18.53 -45.54
CA ARG V 24 -61.05 -17.80 -46.66
C ARG V 24 -61.89 -18.68 -47.56
N ALA V 25 -61.33 -19.77 -48.07
CA ALA V 25 -62.14 -20.72 -48.82
C ALA V 25 -63.22 -21.39 -47.98
N PRO V 26 -62.95 -21.86 -46.75
CA PRO V 26 -64.05 -22.45 -45.97
C PRO V 26 -65.14 -21.47 -45.65
N ARG V 27 -64.84 -20.17 -45.67
CA ARG V 27 -65.87 -19.16 -45.49
C ARG V 27 -66.65 -18.94 -46.77
N ALA V 28 -66.03 -19.17 -47.92
CA ALA V 28 -66.76 -19.03 -49.17
C ALA V 28 -67.93 -19.98 -49.24
N LEU V 29 -67.77 -21.19 -48.71
CA LEU V 29 -68.86 -22.17 -48.72
C LEU V 29 -70.08 -21.66 -47.97
N LYS V 30 -69.87 -21.20 -46.73
CA LYS V 30 -70.99 -20.74 -45.94
C LYS V 30 -71.66 -19.52 -46.57
N GLU V 31 -70.90 -18.69 -47.29
CA GLU V 31 -71.51 -17.56 -47.95
C GLU V 31 -72.25 -17.97 -49.21
N ILE V 32 -72.04 -19.19 -49.68
CA ILE V 32 -72.90 -19.74 -50.72
C ILE V 32 -74.18 -20.29 -50.11
N ARG V 33 -74.06 -21.01 -48.99
CA ARG V 33 -75.23 -21.56 -48.34
C ARG V 33 -76.13 -20.45 -47.78
N LYS V 34 -75.53 -19.32 -47.40
CA LYS V 34 -76.34 -18.18 -47.00
C LYS V 34 -76.96 -17.51 -48.22
N PHE V 35 -76.58 -17.95 -49.42
CA PHE V 35 -77.15 -17.38 -50.64
C PHE V 35 -78.36 -18.19 -51.08
N ALA V 36 -78.22 -19.51 -51.14
CA ALA V 36 -79.36 -20.34 -51.53
C ALA V 36 -80.50 -20.19 -50.54
N MET V 37 -80.19 -20.17 -49.25
CA MET V 37 -81.24 -20.07 -48.24
C MET V 37 -81.97 -18.73 -48.31
N LYS V 38 -81.31 -17.68 -48.80
CA LYS V 38 -82.00 -16.40 -48.94
C LYS V 38 -82.77 -16.33 -50.24
N GLU V 39 -82.25 -16.93 -51.31
CA GLU V 39 -82.92 -16.84 -52.60
C GLU V 39 -84.12 -17.79 -52.66
N MET V 40 -83.86 -19.09 -52.58
CA MET V 40 -84.95 -20.05 -52.66
C MET V 40 -85.76 -20.08 -51.38
N GLY V 41 -85.08 -20.12 -50.24
CA GLY V 41 -85.73 -20.13 -48.95
C GLY V 41 -85.74 -21.48 -48.24
N THR V 42 -85.51 -22.56 -48.97
CA THR V 42 -85.46 -23.87 -48.34
C THR V 42 -84.21 -23.99 -47.48
N PRO V 43 -84.28 -24.77 -46.39
CA PRO V 43 -83.13 -24.86 -45.48
C PRO V 43 -82.18 -26.01 -45.76
N ASP V 44 -82.40 -26.81 -46.80
CA ASP V 44 -81.45 -27.85 -47.20
C ASP V 44 -80.76 -27.42 -48.48
N VAL V 45 -79.45 -27.22 -48.41
CA VAL V 45 -78.65 -26.84 -49.56
C VAL V 45 -77.55 -27.88 -49.71
N ARG V 46 -77.43 -28.46 -50.90
CA ARG V 46 -76.51 -29.56 -51.15
C ARG V 46 -75.53 -29.14 -52.23
N ILE V 47 -74.39 -28.58 -51.82
CA ILE V 47 -73.38 -28.14 -52.78
C ILE V 47 -72.78 -29.34 -53.47
N ASP V 48 -72.85 -29.36 -54.79
CA ASP V 48 -72.30 -30.44 -55.58
C ASP V 48 -70.78 -30.42 -55.53
N THR V 49 -70.19 -31.61 -55.40
CA THR V 49 -68.74 -31.70 -55.19
C THR V 49 -67.96 -31.05 -56.32
N ARG V 50 -68.54 -30.99 -57.52
CA ARG V 50 -67.86 -30.29 -58.61
C ARG V 50 -67.67 -28.82 -58.26
N LEU V 51 -68.62 -28.24 -57.52
CA LEU V 51 -68.44 -26.87 -57.05
C LEU V 51 -67.33 -26.77 -56.01
N ASN V 52 -67.28 -27.71 -55.07
CA ASN V 52 -66.25 -27.64 -54.03
C ASN V 52 -64.86 -27.66 -54.64
N LYS V 53 -64.69 -28.33 -55.79
CA LYS V 53 -63.44 -28.20 -56.52
C LYS V 53 -63.32 -26.82 -57.14
N ALA V 54 -64.43 -26.25 -57.59
CA ALA V 54 -64.37 -24.99 -58.31
C ALA V 54 -64.16 -23.80 -57.40
N VAL V 55 -64.37 -23.96 -56.10
CA VAL V 55 -64.11 -22.87 -55.16
C VAL V 55 -62.78 -23.04 -54.44
N TRP V 56 -62.21 -24.24 -54.43
CA TRP V 56 -60.88 -24.49 -53.92
C TRP V 56 -59.83 -24.51 -55.02
N ALA V 57 -60.22 -24.27 -56.26
CA ALA V 57 -59.32 -24.50 -57.39
C ALA V 57 -58.01 -23.73 -57.23
N LYS V 58 -58.10 -22.42 -56.99
CA LYS V 58 -56.89 -21.63 -56.80
C LYS V 58 -56.12 -22.11 -55.57
N GLY V 59 -56.71 -21.96 -54.40
CA GLY V 59 -56.07 -22.37 -53.17
C GLY V 59 -57.05 -22.23 -52.03
N ILE V 60 -56.57 -21.79 -50.87
CA ILE V 60 -57.47 -21.44 -49.78
C ILE V 60 -57.27 -19.96 -49.48
N ARG V 61 -56.09 -19.44 -49.80
CA ARG V 61 -55.82 -18.02 -49.60
C ARG V 61 -56.49 -17.17 -50.66
N ASN V 62 -56.77 -17.73 -51.83
CA ASN V 62 -57.38 -16.98 -52.91
C ASN V 62 -58.51 -17.79 -53.51
N VAL V 63 -59.68 -17.18 -53.65
CA VAL V 63 -60.80 -17.86 -54.27
C VAL V 63 -61.28 -17.01 -55.43
N PRO V 64 -61.77 -17.59 -56.51
CA PRO V 64 -62.19 -16.80 -57.67
C PRO V 64 -63.20 -15.74 -57.26
N TYR V 65 -63.04 -14.54 -57.81
CA TYR V 65 -63.85 -13.41 -57.36
C TYR V 65 -65.33 -13.64 -57.62
N ARG V 66 -65.67 -14.11 -58.82
CA ARG V 66 -67.04 -14.45 -59.16
C ARG V 66 -67.12 -15.93 -59.52
N ILE V 67 -68.10 -16.61 -58.97
CA ILE V 67 -68.36 -18.00 -59.31
C ILE V 67 -69.79 -18.08 -59.83
N ARG V 68 -70.00 -18.86 -60.89
CA ARG V 68 -71.30 -18.93 -61.55
C ARG V 68 -72.01 -20.18 -61.07
N VAL V 69 -73.22 -20.02 -60.54
CA VAL V 69 -73.90 -21.05 -59.77
C VAL V 69 -75.28 -21.29 -60.35
N ARG V 70 -75.65 -22.56 -60.50
CA ARG V 70 -76.97 -22.95 -60.96
C ARG V 70 -77.76 -23.53 -59.79
N LEU V 71 -78.74 -22.78 -59.31
CA LEU V 71 -79.53 -23.16 -58.15
C LEU V 71 -80.75 -23.94 -58.64
N SER V 72 -80.60 -25.25 -58.71
CA SER V 72 -81.67 -26.14 -59.15
C SER V 72 -82.42 -26.64 -57.94
N ARG V 73 -83.53 -26.01 -57.61
CA ARG V 73 -84.37 -26.56 -56.55
C ARG V 73 -84.95 -27.89 -57.00
N LYS V 74 -85.30 -28.71 -56.03
CA LYS V 74 -85.86 -30.02 -56.30
C LYS V 74 -86.93 -30.33 -55.26
N ARG V 75 -87.73 -31.34 -55.57
CA ARG V 75 -88.91 -31.67 -54.78
C ARG V 75 -88.68 -33.04 -54.16
N ASN V 76 -87.48 -33.26 -53.62
CA ASN V 76 -87.00 -34.60 -53.34
C ASN V 76 -87.11 -35.47 -54.59
N GLU V 77 -86.69 -34.91 -55.72
CA GLU V 77 -86.85 -35.58 -57.01
C GLU V 77 -86.26 -36.98 -57.00
N ASP V 78 -85.02 -37.11 -56.52
CA ASP V 78 -84.34 -38.39 -56.51
C ASP V 78 -84.03 -38.88 -55.09
N GLU V 79 -84.65 -38.29 -54.07
CA GLU V 79 -84.43 -38.65 -52.69
C GLU V 79 -85.78 -38.57 -51.96
N ASP V 80 -85.74 -38.78 -50.64
CA ASP V 80 -86.89 -38.49 -49.79
C ASP V 80 -86.39 -37.93 -48.46
N SER V 81 -86.93 -36.79 -48.08
CA SER V 81 -86.42 -35.99 -46.97
C SER V 81 -87.58 -35.53 -46.10
N PRO V 82 -87.31 -35.23 -44.82
CA PRO V 82 -88.35 -34.59 -43.99
C PRO V 82 -88.82 -33.26 -44.55
N ASN V 83 -87.92 -32.48 -45.15
CA ASN V 83 -88.31 -31.28 -45.88
C ASN V 83 -88.75 -31.68 -47.28
N LYS V 84 -89.83 -31.06 -47.76
CA LYS V 84 -90.30 -31.38 -49.10
C LYS V 84 -89.33 -30.90 -50.17
N LEU V 85 -88.65 -29.78 -49.91
CA LEU V 85 -87.83 -29.11 -50.91
C LEU V 85 -86.39 -29.00 -50.46
N TYR V 86 -85.48 -29.02 -51.43
CA TYR V 86 -84.07 -28.76 -51.18
C TYR V 86 -83.41 -28.42 -52.51
N THR V 87 -82.52 -27.43 -52.48
CA THR V 87 -81.89 -26.93 -53.69
C THR V 87 -80.52 -27.57 -53.87
N LEU V 88 -80.28 -28.13 -55.05
CA LEU V 88 -79.00 -28.74 -55.35
C LEU V 88 -78.17 -27.77 -56.17
N VAL V 89 -77.21 -27.12 -55.52
CA VAL V 89 -76.30 -26.19 -56.17
C VAL V 89 -75.48 -26.96 -57.19
N THR V 90 -74.98 -26.27 -58.20
CA THR V 90 -74.23 -26.92 -59.26
C THR V 90 -73.30 -25.89 -59.88
N TYR V 91 -72.33 -26.36 -60.65
CA TYR V 91 -71.35 -25.49 -61.30
C TYR V 91 -71.67 -25.32 -62.77
N VAL V 92 -71.57 -24.08 -63.25
CA VAL V 92 -71.75 -23.74 -64.66
C VAL V 92 -70.55 -22.93 -65.13
N PRO V 93 -69.46 -23.55 -65.56
CA PRO V 93 -68.26 -22.78 -65.87
C PRO V 93 -68.50 -21.86 -67.05
N VAL V 94 -67.82 -20.72 -67.02
CA VAL V 94 -67.97 -19.71 -68.07
C VAL V 94 -66.67 -18.93 -68.15
N THR V 95 -66.32 -18.52 -69.38
CA THR V 95 -65.05 -17.84 -69.58
C THR V 95 -65.16 -16.34 -69.37
N THR V 96 -66.37 -15.79 -69.39
CA THR V 96 -66.58 -14.36 -69.19
C THR V 96 -67.62 -14.16 -68.10
N PHE V 97 -67.57 -12.99 -67.48
CA PHE V 97 -68.55 -12.61 -66.46
C PHE V 97 -69.08 -11.20 -66.68
N LYS V 98 -69.21 -10.79 -67.93
CA LYS V 98 -69.68 -9.46 -68.27
C LYS V 98 -71.03 -9.56 -68.98
N ASN V 99 -72.01 -8.80 -68.48
CA ASN V 99 -73.34 -8.70 -69.07
C ASN V 99 -74.16 -9.95 -68.84
N LEU V 100 -73.77 -10.76 -67.86
CA LEU V 100 -74.54 -11.94 -67.49
C LEU V 100 -75.63 -11.54 -66.49
N GLN V 101 -76.84 -11.97 -66.76
CA GLN V 101 -77.96 -11.74 -65.86
C GLN V 101 -78.24 -13.01 -65.06
N THR V 102 -79.35 -13.00 -64.34
CA THR V 102 -79.76 -14.13 -63.49
C THR V 102 -80.85 -14.94 -64.17
N VAL V 103 -80.72 -15.14 -65.49
CA VAL V 103 -81.82 -15.66 -66.30
C VAL V 103 -82.30 -17.02 -65.79
N ASN V 104 -83.54 -17.33 -66.13
CA ASN V 104 -84.16 -18.61 -65.84
C ASN V 104 -83.73 -19.63 -66.90
N VAL V 105 -84.05 -20.91 -66.64
CA VAL V 105 -83.63 -22.00 -67.51
C VAL V 105 -84.73 -23.06 -67.54
N ASP V 106 -84.73 -23.86 -68.61
CA ASP V 106 -85.72 -24.92 -68.73
C ASP V 106 -85.51 -25.99 -67.66
N GLU V 107 -86.62 -26.45 -67.09
CA GLU V 107 -86.58 -27.48 -66.06
C GLU V 107 -86.43 -28.85 -66.71
N ALA W 1 -109.41 -35.72 36.11
CA ALA W 1 -109.28 -35.94 37.54
C ALA W 1 -109.03 -34.64 38.28
N ALA W 2 -109.16 -33.53 37.54
CA ALA W 2 -108.79 -32.23 38.05
C ALA W 2 -109.66 -31.82 39.23
N LEU W 3 -109.07 -31.80 40.42
CA LEU W 3 -109.67 -31.11 41.54
C LEU W 3 -109.30 -29.64 41.50
N ARG W 4 -109.94 -28.89 42.37
CA ARG W 4 -109.35 -27.65 42.82
C ARG W 4 -108.10 -28.03 43.61
N PRO W 5 -106.90 -27.63 43.20
CA PRO W 5 -105.71 -27.94 44.01
C PRO W 5 -105.83 -27.30 45.39
N LEU W 6 -104.91 -27.68 46.27
CA LEU W 6 -105.04 -27.31 47.68
C LEU W 6 -105.03 -25.79 47.84
N VAL W 7 -103.91 -25.16 47.51
CA VAL W 7 -103.78 -23.72 47.53
C VAL W 7 -103.22 -23.28 46.18
N LYS W 8 -103.73 -22.17 45.66
CA LYS W 8 -103.39 -21.72 44.31
C LYS W 8 -102.70 -20.37 44.43
N PRO W 9 -101.37 -20.33 44.53
CA PRO W 9 -100.67 -19.06 44.64
C PRO W 9 -100.33 -18.48 43.28
N LYS W 10 -99.91 -17.22 43.29
CA LYS W 10 -99.48 -16.54 42.08
C LYS W 10 -98.08 -17.03 41.72
N ILE W 11 -97.98 -17.81 40.66
CA ILE W 11 -96.70 -18.35 40.23
C ILE W 11 -95.99 -17.29 39.43
N VAL W 12 -95.21 -16.44 40.11
CA VAL W 12 -94.52 -15.34 39.46
C VAL W 12 -93.05 -15.70 39.29
N LYS W 13 -92.57 -15.57 38.06
CA LYS W 13 -91.23 -16.00 37.68
C LYS W 13 -90.35 -14.78 37.48
N LYS W 14 -89.15 -14.80 38.06
CA LYS W 14 -88.21 -13.75 37.76
C LYS W 14 -87.80 -13.80 36.30
N ARG W 15 -87.44 -14.99 35.82
CA ARG W 15 -87.16 -15.27 34.41
C ARG W 15 -86.92 -16.76 34.26
N THR W 16 -87.35 -17.31 33.13
CA THR W 16 -86.83 -18.59 32.63
C THR W 16 -86.68 -18.57 31.12
N LYS W 17 -86.93 -17.42 30.47
CA LYS W 17 -86.60 -17.26 29.06
C LYS W 17 -85.14 -17.62 28.87
N LYS W 18 -84.91 -18.69 28.11
CA LYS W 18 -83.69 -19.48 28.23
C LYS W 18 -82.44 -18.64 28.19
N PHE W 19 -81.41 -19.08 28.92
CA PHE W 19 -80.09 -18.48 28.85
C PHE W 19 -79.32 -19.18 27.75
N ILE W 20 -78.99 -18.46 26.69
CA ILE W 20 -78.23 -19.03 25.59
C ILE W 20 -76.78 -18.66 25.79
N ARG W 21 -75.87 -19.49 25.30
CA ARG W 21 -74.48 -19.17 25.53
C ARG W 21 -73.95 -18.27 24.43
N HIS W 22 -73.00 -17.43 24.81
CA HIS W 22 -72.39 -16.44 23.94
C HIS W 22 -71.88 -17.12 22.67
N GLN W 23 -71.86 -16.40 21.55
CA GLN W 23 -71.39 -16.95 20.28
C GLN W 23 -72.24 -18.14 19.84
N SER W 24 -73.48 -17.83 19.48
CA SER W 24 -74.20 -18.69 18.55
C SER W 24 -74.56 -17.88 17.30
N ASP W 25 -73.56 -17.17 16.76
CA ASP W 25 -73.70 -16.31 15.59
C ASP W 25 -74.24 -17.08 14.38
N ARG W 26 -73.39 -17.95 13.84
CA ARG W 26 -73.74 -18.87 12.78
C ARG W 26 -73.30 -20.27 13.17
N TYR W 27 -72.64 -20.39 14.32
CA TYR W 27 -72.03 -21.64 14.73
C TYR W 27 -73.12 -22.64 15.08
N VAL W 28 -73.28 -23.66 14.23
CA VAL W 28 -74.00 -24.85 14.69
C VAL W 28 -73.10 -25.69 15.58
N LYS W 29 -71.79 -25.45 15.54
CA LYS W 29 -70.83 -26.14 16.40
C LYS W 29 -70.86 -25.65 17.83
N ILE W 30 -71.77 -24.74 18.15
CA ILE W 30 -71.96 -24.26 19.52
C ILE W 30 -73.43 -24.46 19.87
N LYS W 31 -73.69 -25.17 20.96
CA LYS W 31 -75.04 -25.50 21.29
C LYS W 31 -75.72 -24.36 22.06
N ARG W 32 -77.06 -24.43 22.10
CA ARG W 32 -77.83 -23.48 22.89
C ARG W 32 -77.59 -23.65 24.39
N ASN W 33 -77.04 -24.79 24.82
CA ASN W 33 -76.75 -25.02 26.22
C ASN W 33 -75.74 -24.00 26.74
N TRP W 34 -75.75 -23.77 28.04
CA TRP W 34 -75.00 -22.67 28.63
C TRP W 34 -73.67 -23.15 29.20
N ARG W 35 -72.63 -22.35 28.99
CA ARG W 35 -71.30 -22.61 29.54
C ARG W 35 -70.64 -21.28 29.84
N LYS W 36 -70.38 -21.00 31.11
CA LYS W 36 -69.93 -19.68 31.55
C LYS W 36 -68.67 -19.27 30.80
N PRO W 37 -68.68 -18.16 30.06
CA PRO W 37 -67.51 -17.79 29.27
C PRO W 37 -66.33 -17.47 30.17
N ARG W 38 -65.28 -18.28 30.06
CA ARG W 38 -64.10 -18.16 30.90
C ARG W 38 -62.91 -17.62 30.12
N GLY W 39 -63.17 -16.68 29.21
CA GLY W 39 -62.11 -16.01 28.50
C GLY W 39 -61.50 -14.90 29.31
N ILE W 40 -60.56 -14.19 28.69
CA ILE W 40 -59.90 -13.06 29.34
C ILE W 40 -60.30 -11.73 28.74
N ASP W 41 -60.64 -11.66 27.45
CA ASP W 41 -61.13 -10.44 26.84
C ASP W 41 -62.65 -10.45 26.72
N ASN W 42 -63.31 -11.45 27.28
CA ASN W 42 -64.70 -11.73 26.91
C ASN W 42 -65.62 -10.61 27.35
N ARG W 43 -66.47 -10.17 26.45
CA ARG W 43 -67.37 -9.06 26.76
C ARG W 43 -68.53 -9.51 27.64
N VAL W 44 -68.82 -10.81 27.67
CA VAL W 44 -69.94 -11.28 28.47
C VAL W 44 -69.50 -11.58 29.89
N ARG W 45 -68.38 -12.29 30.05
CA ARG W 45 -67.85 -12.54 31.38
C ARG W 45 -67.62 -11.25 32.14
N ARG W 46 -67.33 -10.18 31.41
CA ARG W 46 -66.98 -8.92 32.04
C ARG W 46 -68.23 -8.12 32.42
N ARG W 47 -69.42 -8.63 32.11
CA ARG W 47 -70.70 -8.00 32.46
C ARG W 47 -70.86 -6.63 31.80
N PHE W 48 -70.77 -6.61 30.48
CA PHE W 48 -70.96 -5.37 29.76
C PHE W 48 -72.44 -5.02 29.63
N LYS W 49 -72.71 -3.73 29.44
CA LYS W 49 -74.07 -3.26 29.23
C LYS W 49 -74.48 -3.50 27.78
N GLY W 50 -75.52 -4.29 27.59
CA GLY W 50 -76.01 -4.57 26.26
C GLY W 50 -75.54 -5.88 25.66
N GLN W 51 -74.93 -6.75 26.45
CA GLN W 51 -74.57 -8.09 26.03
C GLN W 51 -75.66 -9.06 26.47
N ILE W 52 -75.38 -10.36 26.36
CA ILE W 52 -76.32 -11.33 26.90
C ILE W 52 -76.27 -11.28 28.43
N LEU W 53 -77.36 -11.72 29.05
CA LEU W 53 -77.38 -11.89 30.48
C LEU W 53 -76.60 -13.14 30.88
N MET W 54 -76.14 -13.14 32.11
CA MET W 54 -75.28 -14.20 32.61
C MET W 54 -75.83 -14.66 33.94
N PRO W 55 -76.14 -15.95 34.11
CA PRO W 55 -76.92 -16.37 35.30
C PRO W 55 -76.17 -16.11 36.59
N ASN W 56 -76.94 -15.76 37.61
CA ASN W 56 -76.44 -15.59 38.97
C ASN W 56 -77.58 -15.99 39.90
N ILE W 57 -77.26 -16.32 41.15
CA ILE W 57 -78.33 -16.78 42.01
C ILE W 57 -79.06 -15.56 42.55
N GLY W 58 -79.84 -14.95 41.68
CA GLY W 58 -80.74 -13.90 42.06
C GLY W 58 -81.96 -14.10 41.20
N TYR W 59 -81.88 -15.09 40.33
CA TYR W 59 -82.97 -15.46 39.46
C TYR W 59 -83.82 -16.55 40.06
N GLY W 60 -83.49 -17.01 41.26
CA GLY W 60 -84.20 -18.11 41.88
C GLY W 60 -85.68 -17.83 42.01
N SER W 61 -86.47 -18.86 42.28
CA SER W 61 -87.90 -18.67 42.44
C SER W 61 -88.25 -18.90 43.90
N ASN W 62 -89.51 -18.66 44.24
CA ASN W 62 -89.97 -18.84 45.61
C ASN W 62 -89.71 -20.26 46.09
N LYS W 63 -89.29 -20.39 47.34
CA LYS W 63 -89.16 -21.73 47.92
C LYS W 63 -90.49 -22.46 47.90
N LYS W 64 -91.60 -21.74 48.02
CA LYS W 64 -92.91 -22.34 48.14
C LYS W 64 -93.71 -22.25 46.85
N THR W 65 -93.06 -21.95 45.73
CA THR W 65 -93.69 -21.99 44.44
C THR W 65 -92.81 -22.68 43.39
N LYS W 66 -91.54 -22.92 43.71
CA LYS W 66 -90.63 -23.57 42.78
C LYS W 66 -91.16 -24.95 42.40
N HIS W 67 -90.99 -25.31 41.13
CA HIS W 67 -91.42 -26.57 40.55
C HIS W 67 -92.93 -26.72 40.50
N MET W 68 -93.68 -25.63 40.54
CA MET W 68 -95.13 -25.70 40.48
C MET W 68 -95.60 -25.57 39.04
N LEU W 69 -96.27 -26.60 38.54
CA LEU W 69 -96.84 -26.54 37.21
C LEU W 69 -97.82 -25.38 37.10
N PRO W 70 -98.12 -24.92 35.88
CA PRO W 70 -99.07 -23.82 35.75
C PRO W 70 -100.43 -24.13 36.33
N SER W 71 -100.88 -25.38 36.26
CA SER W 71 -102.22 -25.72 36.74
C SER W 71 -102.30 -25.72 38.26
N GLY W 72 -101.18 -25.87 38.96
CA GLY W 72 -101.18 -25.76 40.40
C GLY W 72 -100.55 -26.93 41.11
N PHE W 73 -100.33 -28.03 40.40
CA PHE W 73 -99.83 -29.25 40.99
C PHE W 73 -98.30 -29.29 40.91
N ARG W 74 -97.73 -30.45 41.22
CA ARG W 74 -96.32 -30.75 40.99
C ARG W 74 -96.22 -32.15 40.42
N LYS W 75 -95.16 -32.41 39.67
CA LYS W 75 -95.12 -33.63 38.90
C LYS W 75 -94.64 -34.82 39.72
N PHE W 76 -94.85 -36.00 39.16
CA PHE W 76 -94.30 -37.24 39.69
C PHE W 76 -94.37 -38.29 38.58
N LEU W 77 -93.22 -38.84 38.21
CA LEU W 77 -93.14 -39.72 37.05
C LEU W 77 -93.49 -41.13 37.48
N VAL W 78 -94.59 -41.65 36.94
CA VAL W 78 -95.19 -42.90 37.39
C VAL W 78 -95.05 -43.95 36.30
N HIS W 79 -94.48 -45.10 36.67
CA HIS W 79 -94.21 -46.17 35.71
C HIS W 79 -95.30 -47.24 35.65
N ASN W 80 -95.81 -47.72 36.78
CA ASN W 80 -96.86 -48.72 36.78
C ASN W 80 -97.98 -48.27 37.69
N VAL W 81 -98.94 -49.17 37.94
CA VAL W 81 -100.08 -48.83 38.79
C VAL W 81 -99.64 -48.68 40.23
N LYS W 82 -98.79 -49.58 40.71
CA LYS W 82 -98.41 -49.59 42.12
C LYS W 82 -97.41 -48.51 42.48
N GLU W 83 -97.06 -47.62 41.56
CA GLU W 83 -96.34 -46.40 41.90
C GLU W 83 -97.29 -45.21 41.92
N LEU W 84 -98.59 -45.47 41.83
CA LEU W 84 -99.60 -44.45 42.08
C LEU W 84 -100.01 -44.35 43.54
N GLU W 85 -100.32 -45.49 44.17
CA GLU W 85 -100.90 -45.48 45.51
C GLU W 85 -100.11 -44.66 46.51
N VAL W 86 -98.86 -44.30 46.19
CA VAL W 86 -98.15 -43.37 47.04
C VAL W 86 -98.85 -42.02 47.04
N LEU W 87 -99.42 -41.62 45.92
CA LEU W 87 -100.09 -40.34 45.84
C LEU W 87 -101.51 -40.37 46.38
N LEU W 88 -101.96 -41.49 46.93
CA LEU W 88 -103.33 -41.60 47.42
C LEU W 88 -103.59 -40.69 48.62
N MET W 89 -102.54 -40.21 49.29
CA MET W 89 -102.72 -39.26 50.38
C MET W 89 -102.32 -37.84 50.03
N CYS W 90 -101.21 -37.64 49.32
CA CYS W 90 -100.83 -36.32 48.85
C CYS W 90 -101.36 -36.16 47.42
N ASN W 91 -102.68 -36.21 47.28
CA ASN W 91 -103.32 -36.14 45.98
C ASN W 91 -103.85 -34.77 45.65
N LYS W 92 -103.91 -33.86 46.61
CA LYS W 92 -104.43 -32.52 46.37
C LYS W 92 -103.35 -31.53 45.99
N SER W 93 -102.09 -31.95 45.89
CA SER W 93 -101.05 -31.09 45.36
C SER W 93 -100.04 -31.79 44.48
N TYR W 94 -100.29 -33.02 44.04
CA TYR W 94 -99.32 -33.81 43.29
C TYR W 94 -100.00 -34.52 42.14
N CYS W 95 -99.47 -34.34 40.93
CA CYS W 95 -100.04 -34.93 39.73
C CYS W 95 -99.10 -35.99 39.19
N ALA W 96 -99.67 -37.12 38.79
CA ALA W 96 -98.89 -38.27 38.35
C ALA W 96 -98.78 -38.26 36.83
N GLU W 97 -97.69 -37.69 36.32
CA GLU W 97 -97.43 -37.67 34.89
C GLU W 97 -96.81 -38.99 34.48
N ILE W 98 -97.43 -39.66 33.51
CA ILE W 98 -97.02 -41.00 33.13
C ILE W 98 -95.79 -40.93 32.24
N ALA W 99 -95.01 -42.00 32.19
CA ALA W 99 -93.73 -41.98 31.48
C ALA W 99 -93.95 -42.23 30.00
N HIS W 100 -92.84 -42.25 29.26
CA HIS W 100 -92.85 -42.39 27.81
C HIS W 100 -92.77 -43.82 27.33
N ASN W 101 -92.36 -44.75 28.19
CA ASN W 101 -92.11 -46.10 27.74
C ASN W 101 -93.33 -47.02 27.87
N VAL W 102 -94.29 -46.66 28.72
CA VAL W 102 -95.43 -47.54 28.96
C VAL W 102 -96.21 -47.75 27.68
N SER W 103 -96.55 -49.00 27.40
CA SER W 103 -97.36 -49.33 26.24
C SER W 103 -98.76 -48.76 26.38
N SER W 104 -99.51 -48.77 25.29
CA SER W 104 -100.90 -48.32 25.35
C SER W 104 -101.84 -49.39 25.85
N LYS W 105 -101.33 -50.59 26.15
CA LYS W 105 -102.18 -51.60 26.76
C LYS W 105 -102.52 -51.22 28.19
N ASN W 106 -101.52 -50.80 28.96
CA ASN W 106 -101.73 -50.51 30.37
C ASN W 106 -101.62 -49.03 30.72
N ARG W 107 -101.51 -48.14 29.74
CA ARG W 107 -101.74 -46.75 30.05
C ARG W 107 -103.20 -46.51 30.39
N LYS W 108 -104.10 -47.28 29.77
CA LYS W 108 -105.50 -47.21 30.16
C LYS W 108 -105.71 -47.81 31.54
N ALA W 109 -104.83 -48.72 31.95
CA ALA W 109 -104.92 -49.25 33.31
C ALA W 109 -104.52 -48.18 34.34
N ILE W 110 -103.46 -47.43 34.06
CA ILE W 110 -103.04 -46.38 34.99
C ILE W 110 -104.05 -45.25 35.03
N VAL W 111 -104.49 -44.78 33.86
CA VAL W 111 -105.42 -43.66 33.82
C VAL W 111 -106.73 -44.02 34.50
N GLU W 112 -107.16 -45.28 34.37
CA GLU W 112 -108.39 -45.72 35.02
C GLU W 112 -108.30 -45.59 36.53
N ARG W 113 -107.15 -45.97 37.10
CA ARG W 113 -106.99 -45.88 38.55
C ARG W 113 -106.97 -44.44 39.01
N ALA W 114 -106.33 -43.55 38.25
CA ALA W 114 -106.24 -42.15 38.66
C ALA W 114 -107.62 -41.54 38.83
N ALA W 115 -108.59 -41.96 38.02
CA ALA W 115 -109.95 -41.49 38.19
C ALA W 115 -110.50 -41.92 39.55
N GLN W 116 -110.28 -43.18 39.93
CA GLN W 116 -110.80 -43.69 41.20
C GLN W 116 -110.22 -42.93 42.37
N LEU W 117 -108.90 -42.83 42.43
CA LEU W 117 -108.23 -42.22 43.57
C LEU W 117 -108.33 -40.71 43.58
N ALA W 118 -108.90 -40.11 42.54
CA ALA W 118 -108.91 -38.66 42.36
C ALA W 118 -107.50 -38.10 42.34
N ILE W 119 -106.61 -38.80 41.66
CA ILE W 119 -105.24 -38.36 41.44
C ILE W 119 -105.17 -37.70 40.08
N ARG W 120 -104.80 -36.42 40.06
CA ARG W 120 -104.70 -35.69 38.81
C ARG W 120 -103.56 -36.23 37.97
N VAL W 121 -103.82 -36.47 36.69
CA VAL W 121 -102.79 -36.86 35.73
C VAL W 121 -102.69 -35.76 34.68
N THR W 122 -101.51 -35.16 34.57
CA THR W 122 -101.32 -34.13 33.55
C THR W 122 -101.32 -34.69 32.15
N ASN W 123 -101.20 -36.00 32.01
CA ASN W 123 -101.05 -36.65 30.72
C ASN W 123 -102.10 -37.75 30.60
N PRO W 124 -103.37 -37.38 30.48
CA PRO W 124 -104.40 -38.39 30.23
C PRO W 124 -104.26 -38.93 28.83
N ASN W 125 -105.17 -39.78 28.37
CA ASN W 125 -104.96 -40.55 27.15
C ASN W 125 -104.35 -39.71 26.04
N ALA W 126 -103.15 -40.12 25.61
CA ALA W 126 -102.51 -39.58 24.44
C ALA W 126 -102.50 -40.57 23.28
N ARG W 127 -102.45 -41.87 23.58
CA ARG W 127 -102.53 -42.92 22.58
C ARG W 127 -103.92 -43.54 22.63
N LEU W 128 -104.24 -44.33 21.62
CA LEU W 128 -105.59 -44.88 21.52
C LEU W 128 -105.60 -46.41 21.45
N SER X 1 -122.29 14.01 20.00
CA SER X 1 -121.31 14.42 21.00
C SER X 1 -119.89 14.32 20.48
N GLY X 2 -119.01 15.16 21.04
CA GLY X 2 -117.61 15.16 20.69
C GLY X 2 -116.79 14.34 21.66
N ARG X 3 -115.47 14.48 21.52
CA ARG X 3 -114.55 13.72 22.36
C ARG X 3 -114.74 14.09 23.82
N LEU X 4 -114.78 13.07 24.69
CA LEU X 4 -114.80 13.27 26.13
C LEU X 4 -113.44 13.00 26.75
N TRP X 5 -112.39 12.92 25.95
CA TRP X 5 -111.06 12.63 26.44
C TRP X 5 -110.11 13.71 25.95
N CYS X 6 -109.25 14.18 26.84
CA CYS X 6 -108.26 15.16 26.45
C CYS X 6 -107.25 14.53 25.51
N LYS X 7 -106.67 15.35 24.64
CA LYS X 7 -105.62 14.87 23.75
C LYS X 7 -104.31 14.82 24.50
N ALA X 8 -103.37 14.04 23.98
CA ALA X 8 -102.02 13.97 24.50
C ALA X 8 -101.14 13.34 23.43
N ILE X 9 -99.83 13.46 23.60
CA ILE X 9 -98.87 12.97 22.63
C ILE X 9 -97.82 12.17 23.36
N PHE X 10 -97.76 10.87 23.10
CA PHE X 10 -96.64 10.06 23.54
C PHE X 10 -95.36 10.66 22.97
N ALA X 11 -94.34 10.77 23.81
CA ALA X 11 -93.11 11.45 23.39
C ALA X 11 -91.84 10.72 23.75
N GLY X 12 -91.91 9.45 24.13
CA GLY X 12 -90.71 8.71 24.46
C GLY X 12 -90.82 7.97 25.77
N TYR X 13 -89.72 7.38 26.22
CA TYR X 13 -89.66 6.73 27.52
C TYR X 13 -88.81 7.56 28.47
N LYS X 14 -88.97 7.29 29.75
CA LYS X 14 -88.04 7.85 30.73
C LYS X 14 -86.67 7.23 30.50
N ARG X 15 -85.69 8.06 30.16
CA ARG X 15 -84.39 7.54 29.76
C ARG X 15 -83.31 8.40 30.37
N GLY X 16 -82.25 7.77 30.86
CA GLY X 16 -81.20 8.56 31.44
C GLY X 16 -80.46 9.34 30.39
N LEU X 17 -79.59 8.70 29.64
CA LEU X 17 -79.31 9.09 28.26
C LEU X 17 -79.13 7.89 27.37
N ARG X 18 -78.74 6.76 27.93
CA ARG X 18 -78.54 5.51 27.22
C ARG X 18 -79.31 4.37 27.86
N ASN X 19 -79.42 4.34 29.18
CA ASN X 19 -80.22 3.35 29.88
C ASN X 19 -81.67 3.81 29.79
N GLN X 20 -82.34 3.41 28.71
CA GLN X 20 -83.72 3.82 28.52
C GLN X 20 -84.63 2.96 29.38
N ARG X 21 -85.05 3.47 30.53
CA ARG X 21 -85.97 2.75 31.40
C ARG X 21 -87.31 2.65 30.67
N GLU X 22 -87.66 1.45 30.23
CA GLU X 22 -88.76 1.25 29.29
C GLU X 22 -90.07 0.91 29.97
N HIS X 23 -90.32 1.43 31.17
CA HIS X 23 -91.56 1.13 31.89
C HIS X 23 -92.21 2.37 32.48
N THR X 24 -91.89 3.55 31.98
CA THR X 24 -92.49 4.79 32.46
C THR X 24 -92.41 5.81 31.33
N ALA X 25 -93.53 6.05 30.67
CA ALA X 25 -93.56 6.89 29.48
C ALA X 25 -93.46 8.36 29.84
N LEU X 26 -93.40 9.21 28.81
CA LEU X 26 -93.39 10.65 28.97
C LEU X 26 -94.40 11.27 28.02
N LEU X 27 -95.59 11.55 28.55
CA LEU X 27 -96.65 12.18 27.79
C LEU X 27 -96.33 13.65 27.60
N LYS X 28 -96.96 14.27 26.61
CA LYS X 28 -97.05 15.73 26.54
C LYS X 28 -98.50 16.07 26.25
N ILE X 29 -99.24 16.43 27.29
CA ILE X 29 -100.65 16.74 27.10
C ILE X 29 -100.77 18.03 26.31
N GLU X 30 -101.70 18.05 25.36
CA GLU X 30 -101.88 19.23 24.53
C GLU X 30 -102.54 20.30 25.39
N GLY X 31 -101.86 21.43 25.55
CA GLY X 31 -102.42 22.54 26.29
C GLY X 31 -101.66 22.89 27.54
N VAL X 32 -101.26 21.90 28.33
CA VAL X 32 -100.48 22.18 29.53
C VAL X 32 -99.04 22.43 29.13
N TYR X 33 -98.57 23.66 29.33
CA TYR X 33 -97.26 24.06 28.82
C TYR X 33 -96.41 24.68 29.91
N ALA X 34 -96.64 24.27 31.16
CA ALA X 34 -95.80 24.63 32.29
C ALA X 34 -96.26 23.82 33.47
N ARG X 35 -95.32 23.37 34.31
CA ARG X 35 -95.71 22.71 35.54
C ARG X 35 -96.52 23.66 36.41
N ASP X 36 -97.14 23.10 37.44
CA ASP X 36 -98.02 23.74 38.41
C ASP X 36 -99.40 24.00 37.83
N GLU X 37 -99.62 23.79 36.54
CA GLU X 37 -100.96 23.62 35.99
C GLU X 37 -101.17 22.19 35.56
N THR X 38 -100.27 21.29 35.96
CA THR X 38 -100.38 19.87 35.67
C THR X 38 -100.92 19.08 36.85
N GLU X 39 -101.34 19.73 37.92
CA GLU X 39 -101.90 19.02 39.06
C GLU X 39 -103.34 18.61 38.81
N PHE X 40 -103.93 19.01 37.70
CA PHE X 40 -105.28 18.55 37.39
C PHE X 40 -105.25 17.20 36.71
N TYR X 41 -104.32 16.99 35.78
CA TYR X 41 -104.36 15.79 34.97
C TYR X 41 -103.87 14.56 35.71
N LEU X 42 -102.98 14.71 36.67
CA LEU X 42 -102.30 13.54 37.23
C LEU X 42 -103.27 12.68 38.02
N GLY X 43 -103.24 11.38 37.74
CA GLY X 43 -104.11 10.42 38.37
C GLY X 43 -105.27 9.93 37.54
N LYS X 44 -105.34 10.33 36.27
CA LYS X 44 -106.49 10.00 35.43
C LYS X 44 -106.14 8.95 34.40
N ARG X 45 -107.01 7.95 34.28
CA ARG X 45 -106.72 6.79 33.44
C ARG X 45 -106.64 7.19 31.98
N CYS X 46 -105.50 6.90 31.36
CA CYS X 46 -105.28 7.19 29.96
C CYS X 46 -105.33 5.90 29.16
N ALA X 47 -105.27 6.04 27.84
CA ALA X 47 -105.43 4.89 26.96
C ALA X 47 -104.70 5.14 25.65
N TYR X 48 -104.25 4.06 25.02
CA TYR X 48 -103.61 4.11 23.72
C TYR X 48 -104.41 3.24 22.77
N VAL X 49 -105.06 3.85 21.78
CA VAL X 49 -106.02 3.17 20.93
C VAL X 49 -105.40 2.94 19.55
N TYR X 50 -105.50 1.71 19.06
CA TYR X 50 -104.93 1.36 17.76
C TYR X 50 -105.72 0.21 17.18
N LYS X 51 -105.60 0.03 15.87
CA LYS X 51 -106.30 -1.04 15.19
C LYS X 51 -105.34 -2.21 14.99
N ALA X 52 -105.82 -3.24 14.31
CA ALA X 52 -105.08 -4.50 14.17
C ALA X 52 -105.75 -5.29 13.05
N LYS X 53 -105.36 -6.56 12.93
CA LYS X 53 -105.88 -7.42 11.87
C LYS X 53 -107.04 -8.28 12.35
N ASN X 54 -106.82 -9.08 13.40
CA ASN X 54 -107.85 -9.96 13.90
C ASN X 54 -108.78 -9.22 14.86
N ASN X 55 -110.04 -9.62 14.85
CA ASN X 55 -111.04 -8.94 15.66
C ASN X 55 -110.87 -9.29 17.14
N THR X 56 -111.35 -8.39 17.99
CA THR X 56 -111.40 -8.61 19.43
C THR X 56 -112.72 -8.08 19.97
N VAL X 57 -113.17 -8.67 21.07
CA VAL X 57 -114.46 -8.32 21.67
C VAL X 57 -114.43 -6.87 22.17
N THR X 58 -115.60 -6.30 22.39
CA THR X 58 -115.73 -4.94 22.89
C THR X 58 -116.74 -4.93 24.03
N PRO X 59 -116.33 -4.57 25.23
CA PRO X 59 -117.30 -4.45 26.33
C PRO X 59 -118.43 -3.49 25.99
N GLY X 60 -119.64 -4.03 25.86
CA GLY X 60 -120.80 -3.25 25.55
C GLY X 60 -121.28 -3.37 24.12
N GLY X 61 -120.49 -3.95 23.23
CA GLY X 61 -120.87 -4.00 21.83
C GLY X 61 -120.43 -5.26 21.11
N LYS X 62 -120.39 -5.20 19.80
CA LYS X 62 -120.00 -6.30 18.94
C LYS X 62 -118.52 -6.21 18.59
N PRO X 63 -117.88 -7.35 18.34
CA PRO X 63 -116.44 -7.33 18.08
C PRO X 63 -116.09 -6.45 16.90
N ASN X 64 -114.96 -5.76 17.02
CA ASN X 64 -114.43 -4.92 15.95
C ASN X 64 -112.92 -5.12 15.95
N LYS X 65 -112.21 -4.25 15.23
CA LYS X 65 -110.77 -4.39 15.07
C LYS X 65 -109.97 -3.66 16.14
N THR X 66 -110.60 -2.85 16.97
CA THR X 66 -109.88 -1.95 17.86
C THR X 66 -109.35 -2.68 19.09
N ARG X 67 -108.14 -2.31 19.49
CA ARG X 67 -107.51 -2.82 20.71
C ARG X 67 -106.92 -1.64 21.46
N VAL X 68 -107.00 -1.68 22.78
CA VAL X 68 -106.52 -0.58 23.60
C VAL X 68 -105.65 -1.12 24.73
N ILE X 69 -104.66 -0.32 25.14
CA ILE X 69 -103.79 -0.66 26.26
C ILE X 69 -103.97 0.40 27.33
N TRP X 70 -104.55 0.00 28.45
CA TRP X 70 -104.92 0.97 29.48
C TRP X 70 -103.67 1.48 30.20
N GLY X 71 -103.88 2.44 31.09
CA GLY X 71 -102.78 3.04 31.80
C GLY X 71 -103.20 3.97 32.91
N LYS X 72 -102.36 4.95 33.21
CA LYS X 72 -102.57 5.86 34.34
C LYS X 72 -101.51 6.95 34.24
N VAL X 73 -101.74 8.07 34.92
CA VAL X 73 -100.80 9.18 34.94
C VAL X 73 -100.32 9.37 36.37
N THR X 74 -99.01 9.26 36.59
CA THR X 74 -98.46 9.12 37.93
C THR X 74 -98.04 10.45 38.55
N ARG X 75 -97.11 11.15 37.92
CA ARG X 75 -96.51 12.31 38.56
C ARG X 75 -95.93 13.24 37.50
N ALA X 76 -95.76 14.49 37.90
CA ALA X 76 -95.30 15.52 36.97
C ALA X 76 -93.88 15.27 36.52
N HIS X 77 -93.50 15.93 35.43
CA HIS X 77 -92.18 15.76 34.81
C HIS X 77 -91.68 17.10 34.31
N GLY X 78 -90.42 17.40 34.59
CA GLY X 78 -89.79 18.58 34.06
C GLY X 78 -90.50 19.86 34.47
N ASN X 79 -90.37 20.90 33.66
CA ASN X 79 -91.05 22.15 33.91
C ASN X 79 -91.94 22.59 32.76
N SER X 80 -91.83 22.00 31.58
CA SER X 80 -92.65 22.37 30.44
C SER X 80 -94.03 21.77 30.49
N GLY X 81 -94.31 20.88 31.45
CA GLY X 81 -95.62 20.30 31.59
C GLY X 81 -95.79 18.93 31.00
N MET X 82 -94.76 18.10 31.02
CA MET X 82 -94.92 16.72 30.63
C MET X 82 -95.20 15.87 31.86
N VAL X 83 -95.82 14.71 31.66
CA VAL X 83 -96.26 13.87 32.76
C VAL X 83 -95.88 12.43 32.48
N ARG X 84 -95.23 11.79 33.45
CA ARG X 84 -94.96 10.37 33.36
C ARG X 84 -96.26 9.58 33.47
N ALA X 85 -96.28 8.40 32.87
CA ALA X 85 -97.44 7.53 32.85
C ALA X 85 -96.99 6.10 32.96
N LYS X 86 -97.65 5.33 33.82
CA LYS X 86 -97.30 3.94 34.06
C LYS X 86 -98.36 3.04 33.43
N PHE X 87 -98.04 2.46 32.28
CA PHE X 87 -98.99 1.68 31.51
C PHE X 87 -99.02 0.24 32.00
N ARG X 88 -100.20 -0.37 31.94
CA ARG X 88 -100.36 -1.73 32.42
C ARG X 88 -99.45 -2.71 31.67
N SER X 89 -99.12 -2.39 30.42
CA SER X 89 -98.19 -3.19 29.63
C SER X 89 -97.41 -2.25 28.73
N ASN X 90 -96.09 -2.18 28.94
CA ASN X 90 -95.26 -1.12 28.37
C ASN X 90 -95.56 -0.90 26.90
N LEU X 91 -95.64 0.37 26.51
CA LEU X 91 -96.14 0.73 25.19
C LEU X 91 -95.18 0.25 24.10
N PRO X 92 -95.70 -0.08 22.91
CA PRO X 92 -94.95 -0.90 21.97
C PRO X 92 -93.85 -0.19 21.20
N ALA X 93 -93.52 1.04 21.56
CA ALA X 93 -92.40 1.76 20.94
C ALA X 93 -92.63 2.02 19.46
N LYS X 94 -93.79 1.59 18.95
CA LYS X 94 -94.22 2.01 17.63
C LYS X 94 -94.83 3.40 17.67
N ALA X 95 -95.64 3.67 18.69
CA ALA X 95 -96.28 4.96 18.86
C ALA X 95 -95.35 5.85 19.66
N ILE X 96 -94.42 6.53 18.97
CA ILE X 96 -93.54 7.49 19.59
C ILE X 96 -93.94 8.92 19.25
N GLY X 97 -94.95 9.10 18.41
CA GLY X 97 -95.47 10.43 18.19
C GLY X 97 -96.97 10.45 18.02
N HIS X 98 -97.62 9.33 18.23
CA HIS X 98 -99.03 9.19 17.91
C HIS X 98 -99.89 9.44 19.14
N ARG X 99 -101.20 9.35 18.95
CA ARG X 99 -102.16 9.82 19.94
C ARG X 99 -102.19 8.90 21.15
N ILE X 100 -102.43 9.49 22.32
CA ILE X 100 -102.70 8.77 23.55
C ILE X 100 -103.79 9.52 24.31
N ARG X 101 -104.99 8.96 24.33
CA ARG X 101 -106.09 9.64 24.96
C ARG X 101 -105.86 9.72 26.46
N VAL X 102 -106.17 10.87 27.06
CA VAL X 102 -106.19 11.04 28.50
C VAL X 102 -107.65 11.23 28.90
N MET X 103 -108.29 10.16 29.35
CA MET X 103 -109.67 10.27 29.79
C MET X 103 -109.78 11.25 30.96
N LEU X 104 -111.01 11.66 31.23
CA LEU X 104 -111.27 12.59 32.32
C LEU X 104 -111.75 11.89 33.58
N TYR X 105 -112.31 10.71 33.46
CA TYR X 105 -113.30 10.24 34.43
C TYR X 105 -112.83 9.87 35.84
N PRO X 106 -111.58 9.49 36.09
CA PRO X 106 -111.14 9.51 37.50
C PRO X 106 -110.97 10.94 37.97
N SER X 107 -111.92 11.44 38.75
CA SER X 107 -112.13 12.88 38.92
C SER X 107 -111.81 13.34 40.32
N ARG X 108 -111.38 14.60 40.43
CA ARG X 108 -111.03 15.24 41.70
C ARG X 108 -111.68 16.60 41.84
N ILE X 109 -112.85 16.80 41.24
CA ILE X 109 -113.56 18.06 41.37
C ILE X 109 -114.95 17.83 41.97
N VAL Y 1 -34.52 -44.85 -54.97
CA VAL Y 1 -35.24 -45.22 -53.76
C VAL Y 1 -34.68 -46.51 -53.19
N GLN Y 2 -34.51 -46.52 -51.87
CA GLN Y 2 -34.00 -47.67 -51.13
C GLN Y 2 -34.64 -47.66 -49.77
N ARG Y 3 -35.23 -48.78 -49.37
CA ARG Y 3 -35.78 -48.89 -48.02
C ARG Y 3 -35.31 -50.22 -47.45
N LEU Y 4 -34.14 -50.21 -46.84
CA LEU Y 4 -33.50 -51.44 -46.41
C LEU Y 4 -33.57 -51.58 -44.90
N THR Y 5 -33.35 -52.80 -44.44
CA THR Y 5 -33.39 -53.11 -43.02
C THR Y 5 -32.36 -54.21 -42.75
N TYR Y 6 -31.66 -54.11 -41.63
CA TYR Y 6 -30.96 -55.30 -41.13
C TYR Y 6 -31.93 -56.46 -40.99
N ARG Y 7 -31.60 -57.56 -41.66
CA ARG Y 7 -32.48 -58.72 -41.73
C ARG Y 7 -32.44 -59.52 -40.44
N ARG Y 8 -31.34 -59.46 -39.71
CA ARG Y 8 -31.23 -60.11 -38.41
C ARG Y 8 -31.68 -59.13 -37.34
N ARG Y 9 -31.46 -59.47 -36.07
CA ARG Y 9 -31.95 -58.66 -34.97
C ARG Y 9 -30.91 -57.71 -34.39
N LEU Y 10 -29.68 -57.74 -34.89
CA LEU Y 10 -28.69 -56.77 -34.47
C LEU Y 10 -28.87 -55.51 -35.30
N SER Y 11 -28.82 -54.36 -34.65
CA SER Y 11 -29.04 -53.09 -35.33
C SER Y 11 -27.93 -52.08 -35.12
N TYR Y 12 -26.73 -52.54 -34.78
CA TYR Y 12 -25.59 -51.68 -34.47
C TYR Y 12 -24.48 -51.97 -35.47
N ASN Y 13 -23.95 -50.94 -36.11
CA ASN Y 13 -23.06 -51.15 -37.24
C ASN Y 13 -21.68 -51.63 -36.76
N THR Y 14 -21.69 -52.79 -36.13
CA THR Y 14 -20.51 -53.32 -35.45
C THR Y 14 -19.57 -53.92 -36.49
N ALA Y 15 -18.55 -54.64 -36.03
CA ALA Y 15 -17.57 -55.22 -36.94
C ALA Y 15 -18.07 -56.54 -37.53
N SER Y 16 -18.78 -57.34 -36.75
CA SER Y 16 -19.36 -58.56 -37.27
C SER Y 16 -20.80 -58.33 -37.72
N ASN Y 17 -21.01 -57.27 -38.49
CA ASN Y 17 -22.31 -57.01 -39.10
C ASN Y 17 -22.20 -56.42 -40.50
N LYS Y 18 -21.00 -56.34 -41.06
CA LYS Y 18 -20.83 -55.71 -42.36
C LYS Y 18 -21.61 -56.48 -43.42
N THR Y 19 -22.04 -55.77 -44.46
CA THR Y 19 -23.02 -56.29 -45.40
C THR Y 19 -22.65 -55.94 -46.83
N ARG Y 20 -23.25 -56.69 -47.76
CA ARG Y 20 -23.26 -56.33 -49.17
C ARG Y 20 -24.67 -56.50 -49.69
N LEU Y 21 -25.00 -55.72 -50.72
CA LEU Y 21 -26.33 -55.74 -51.29
C LEU Y 21 -26.40 -56.70 -52.48
N SER Y 22 -27.62 -57.07 -52.83
CA SER Y 22 -27.85 -57.98 -53.95
C SER Y 22 -29.25 -57.75 -54.47
N ARG Y 23 -29.55 -58.37 -55.62
CA ARG Y 23 -30.82 -58.18 -56.29
C ARG Y 23 -31.47 -59.53 -56.53
N THR Y 24 -32.41 -59.90 -55.67
CA THR Y 24 -33.06 -61.19 -55.73
C THR Y 24 -33.88 -61.32 -57.00
N PRO Y 25 -34.18 -62.55 -57.43
CA PRO Y 25 -34.97 -62.72 -58.65
C PRO Y 25 -36.26 -61.93 -58.68
N GLY Y 26 -36.95 -61.82 -57.55
CA GLY Y 26 -38.21 -61.10 -57.53
C GLY Y 26 -38.04 -59.60 -57.65
N ASN Y 27 -36.85 -59.17 -58.03
CA ASN Y 27 -36.49 -57.75 -58.19
C ASN Y 27 -36.73 -56.98 -56.90
N ARG Y 28 -36.03 -57.40 -55.86
CA ARG Y 28 -36.05 -56.72 -54.56
C ARG Y 28 -34.62 -56.64 -54.06
N ILE Y 29 -34.08 -55.43 -53.99
CA ILE Y 29 -32.74 -55.25 -53.44
C ILE Y 29 -32.79 -55.54 -51.95
N VAL Y 30 -32.12 -56.61 -51.52
CA VAL Y 30 -32.09 -56.99 -50.12
C VAL Y 30 -30.65 -57.19 -49.67
N TYR Y 31 -30.43 -56.99 -48.38
CA TYR Y 31 -29.12 -57.23 -47.78
C TYR Y 31 -28.72 -58.69 -47.87
N LEU Y 32 -27.41 -58.92 -47.87
CA LEU Y 32 -26.83 -60.22 -47.59
C LEU Y 32 -25.64 -59.98 -46.68
N TYR Y 33 -25.54 -60.78 -45.63
CA TYR Y 33 -24.49 -60.59 -44.64
C TYR Y 33 -23.24 -61.34 -45.08
N THR Y 34 -22.13 -60.62 -45.18
CA THR Y 34 -20.90 -61.16 -45.76
C THR Y 34 -20.00 -61.72 -44.67
N LYS Y 35 -19.42 -62.88 -44.94
CA LYS Y 35 -18.42 -63.43 -44.06
C LYS Y 35 -17.11 -62.67 -44.24
N LYS Y 36 -16.47 -62.33 -43.13
CA LYS Y 36 -15.28 -61.49 -43.19
C LYS Y 36 -14.18 -62.18 -43.98
N VAL Y 37 -13.42 -61.38 -44.71
CA VAL Y 37 -12.35 -61.90 -45.56
C VAL Y 37 -11.06 -61.91 -44.74
N GLY Y 38 -10.58 -63.10 -44.42
CA GLY Y 38 -9.37 -63.23 -43.64
C GLY Y 38 -8.13 -63.02 -44.49
N LYS Y 39 -6.98 -63.18 -43.86
CA LYS Y 39 -5.69 -62.92 -44.49
C LYS Y 39 -4.87 -64.20 -44.53
N ALA Y 40 -4.08 -64.32 -45.59
CA ALA Y 40 -3.21 -65.46 -45.77
C ALA Y 40 -2.07 -65.41 -44.76
N PRO Y 41 -1.43 -66.55 -44.49
CA PRO Y 41 -0.37 -66.59 -43.48
C PRO Y 41 0.78 -65.64 -43.78
N LYS Y 42 1.66 -65.53 -42.80
CA LYS Y 42 2.91 -64.80 -42.91
C LYS Y 42 4.06 -65.78 -42.75
N SER Y 43 5.28 -65.27 -42.82
CA SER Y 43 6.44 -66.16 -42.71
C SER Y 43 6.66 -66.55 -41.26
N ALA Y 44 7.22 -67.73 -41.06
CA ALA Y 44 7.76 -68.04 -39.75
C ALA Y 44 9.07 -67.33 -39.48
N CYS Y 45 9.67 -66.72 -40.51
CA CYS Y 45 10.90 -65.97 -40.31
C CYS Y 45 10.68 -64.77 -39.41
N GLY Y 46 9.56 -64.07 -39.62
CA GLY Y 46 9.19 -62.94 -38.80
C GLY Y 46 9.67 -61.60 -39.31
N VAL Y 47 10.64 -61.58 -40.23
CA VAL Y 47 11.24 -60.33 -40.68
C VAL Y 47 10.91 -60.06 -42.15
N CYS Y 48 9.89 -60.70 -42.70
CA CYS Y 48 9.43 -60.43 -44.05
C CYS Y 48 7.97 -59.98 -43.98
N PRO Y 49 7.61 -58.87 -44.61
CA PRO Y 49 6.29 -58.27 -44.37
C PRO Y 49 5.17 -58.85 -45.21
N GLY Y 50 5.48 -59.39 -46.38
CA GLY Y 50 4.45 -59.87 -47.27
C GLY Y 50 3.86 -61.19 -46.85
N ARG Y 51 2.72 -61.51 -47.45
CA ARG Y 51 2.01 -62.74 -47.13
C ARG Y 51 2.45 -63.87 -48.03
N LEU Y 52 1.89 -65.04 -47.77
CA LEU Y 52 2.23 -66.24 -48.53
C LEU Y 52 1.40 -66.36 -49.79
N ARG Y 53 2.08 -66.60 -50.91
CA ARG Y 53 1.46 -67.16 -52.09
C ARG Y 53 1.56 -68.67 -52.07
N GLY Y 54 0.54 -69.31 -52.60
CA GLY Y 54 0.35 -70.73 -52.48
C GLY Y 54 -0.72 -71.13 -51.49
N VAL Y 55 -0.78 -70.49 -50.34
CA VAL Y 55 -1.72 -70.84 -49.28
C VAL Y 55 -2.99 -70.03 -49.47
N ARG Y 56 -4.11 -70.72 -49.62
CA ARG Y 56 -5.38 -70.03 -49.82
C ARG Y 56 -5.74 -69.23 -48.57
N ALA Y 57 -6.18 -68.00 -48.79
CA ALA Y 57 -6.47 -67.06 -47.71
C ALA Y 57 -7.95 -67.15 -47.35
N VAL Y 58 -8.24 -67.65 -46.16
CA VAL Y 58 -9.61 -67.78 -45.69
C VAL Y 58 -9.57 -67.73 -44.16
N ARG Y 59 -10.72 -67.52 -43.54
CA ARG Y 59 -10.81 -67.47 -42.09
C ARG Y 59 -10.25 -68.74 -41.47
N PRO Y 60 -9.86 -68.69 -40.19
CA PRO Y 60 -9.22 -69.86 -39.57
C PRO Y 60 -10.02 -71.15 -39.67
N LYS Y 61 -11.24 -71.16 -39.13
CA LYS Y 61 -11.98 -72.41 -38.98
C LYS Y 61 -12.41 -73.00 -40.31
N VAL Y 62 -12.31 -72.25 -41.41
CA VAL Y 62 -12.62 -72.81 -42.71
C VAL Y 62 -11.58 -73.84 -43.12
N LEU Y 63 -10.38 -73.76 -42.56
CA LEU Y 63 -9.30 -74.65 -42.98
C LEU Y 63 -9.56 -76.11 -42.61
N MET Y 64 -10.59 -76.40 -41.82
CA MET Y 64 -10.98 -77.78 -41.59
C MET Y 64 -11.46 -78.46 -42.86
N ARG Y 65 -11.78 -77.69 -43.90
CA ARG Y 65 -12.45 -78.22 -45.08
C ARG Y 65 -11.50 -78.43 -46.25
N LEU Y 66 -10.59 -77.48 -46.49
CA LEU Y 66 -9.81 -77.47 -47.70
C LEU Y 66 -8.84 -78.65 -47.75
N SER Y 67 -8.58 -79.11 -48.96
CA SER Y 67 -7.61 -80.18 -49.17
C SER Y 67 -6.20 -79.68 -48.92
N LYS Y 68 -5.30 -80.61 -48.59
CA LYS Y 68 -3.96 -80.21 -48.20
C LYS Y 68 -3.23 -79.46 -49.30
N THR Y 69 -3.61 -79.67 -50.55
CA THR Y 69 -2.92 -78.97 -51.63
C THR Y 69 -3.32 -77.49 -51.66
N LYS Y 70 -4.47 -77.14 -51.11
CA LYS Y 70 -4.91 -75.76 -51.06
C LYS Y 70 -4.38 -75.01 -49.85
N LYS Y 71 -3.68 -75.66 -48.94
CA LYS Y 71 -3.22 -75.02 -47.71
C LYS Y 71 -1.72 -74.97 -47.59
N HIS Y 72 -0.95 -75.36 -48.61
CA HIS Y 72 0.49 -75.28 -48.53
C HIS Y 72 1.07 -75.27 -49.93
N VAL Y 73 2.39 -75.33 -49.99
CA VAL Y 73 3.14 -75.42 -51.24
C VAL Y 73 4.11 -76.58 -51.14
N SER Y 74 4.23 -77.34 -52.22
CA SER Y 74 4.98 -78.60 -52.21
C SER Y 74 6.42 -78.41 -51.78
N ARG Y 75 6.96 -77.21 -51.97
CA ARG Y 75 8.26 -76.82 -51.46
C ARG Y 75 8.44 -77.28 -50.02
N ALA Y 76 9.65 -77.69 -49.67
CA ALA Y 76 9.97 -78.02 -48.28
C ALA Y 76 9.84 -76.77 -47.43
N TYR Y 77 9.45 -76.96 -46.17
CA TYR Y 77 9.02 -75.85 -45.32
C TYR Y 77 7.85 -75.12 -45.96
N GLY Y 78 6.98 -75.86 -46.64
CA GLY Y 78 5.90 -75.24 -47.37
C GLY Y 78 4.83 -74.69 -46.47
N GLY Y 79 4.25 -73.57 -46.88
CA GLY Y 79 3.12 -73.02 -46.17
C GLY Y 79 3.42 -72.59 -44.76
N SER Y 80 4.70 -72.50 -44.38
CA SER Y 80 5.05 -71.90 -43.11
C SER Y 80 6.21 -70.94 -43.17
N MET Y 81 7.10 -71.04 -44.16
CA MET Y 81 8.23 -70.13 -44.30
C MET Y 81 8.10 -69.46 -45.66
N CYS Y 82 7.98 -68.14 -45.66
CA CYS Y 82 7.17 -67.49 -46.70
C CYS Y 82 7.73 -67.76 -48.08
N ALA Y 83 6.87 -67.51 -49.07
CA ALA Y 83 7.24 -67.74 -50.46
C ALA Y 83 8.34 -66.78 -50.90
N LYS Y 84 8.37 -65.58 -50.32
CA LYS Y 84 9.59 -64.78 -50.42
C LYS Y 84 10.70 -65.44 -49.64
N CYS Y 85 10.41 -65.98 -48.45
CA CYS Y 85 11.42 -66.77 -47.75
C CYS Y 85 11.69 -68.09 -48.45
N VAL Y 86 10.68 -68.71 -49.07
CA VAL Y 86 10.91 -69.86 -49.94
C VAL Y 86 11.92 -69.42 -50.98
N ARG Y 87 11.87 -68.15 -51.35
CA ARG Y 87 12.93 -67.62 -52.19
C ARG Y 87 14.01 -66.92 -51.37
N ASP Y 88 13.76 -66.66 -50.09
CA ASP Y 88 14.80 -66.06 -49.27
C ASP Y 88 15.28 -66.99 -48.16
N ARG Y 89 14.40 -67.34 -47.21
CA ARG Y 89 14.91 -68.01 -46.02
C ARG Y 89 15.29 -69.45 -46.35
N ILE Y 90 14.59 -70.07 -47.29
CA ILE Y 90 15.01 -71.41 -47.73
C ILE Y 90 16.30 -71.32 -48.53
N LYS Y 91 16.48 -70.27 -49.32
CA LYS Y 91 17.85 -69.90 -49.66
C LYS Y 91 18.67 -69.67 -48.40
N ARG Y 92 18.26 -68.70 -47.59
CA ARG Y 92 19.12 -68.21 -46.53
C ARG Y 92 19.39 -69.29 -45.49
N ALA Y 93 18.54 -70.32 -45.41
CA ALA Y 93 18.86 -71.44 -44.55
C ALA Y 93 20.15 -72.11 -45.01
N PHE Y 94 20.14 -72.63 -46.24
CA PHE Y 94 21.21 -73.49 -46.71
C PHE Y 94 22.53 -72.76 -46.68
N LEU Y 95 22.55 -71.56 -47.24
CA LEU Y 95 23.75 -70.74 -47.27
C LEU Y 95 24.26 -70.47 -45.87
N ILE Y 96 23.36 -70.18 -44.91
CA ILE Y 96 23.76 -70.11 -43.51
C ILE Y 96 24.07 -71.48 -42.97
N GLU Y 97 23.28 -72.49 -43.35
CA GLU Y 97 23.31 -73.75 -42.62
C GLU Y 97 24.54 -74.56 -43.01
N GLU Y 98 24.72 -74.83 -44.30
CA GLU Y 98 25.84 -75.65 -44.72
C GLU Y 98 27.16 -75.02 -44.31
N GLN Y 99 27.36 -73.75 -44.65
CA GLN Y 99 28.66 -73.12 -44.43
C GLN Y 99 29.04 -73.09 -42.96
N LYS Y 100 28.11 -72.74 -42.07
CA LYS Y 100 28.48 -72.65 -40.67
C LYS Y 100 28.89 -74.00 -40.12
N ILE Y 101 28.26 -75.08 -40.61
CA ILE Y 101 28.75 -76.41 -40.26
C ILE Y 101 30.11 -76.66 -40.88
N VAL Y 102 30.37 -76.09 -42.05
CA VAL Y 102 31.67 -76.26 -42.69
C VAL Y 102 32.74 -75.51 -41.90
N VAL Y 103 32.41 -74.35 -41.35
CA VAL Y 103 33.41 -73.62 -40.57
C VAL Y 103 33.79 -74.39 -39.32
N LYS Y 104 32.81 -75.03 -38.67
CA LYS Y 104 33.13 -75.90 -37.55
C LYS Y 104 34.18 -76.93 -37.95
N VAL Y 105 34.10 -77.43 -39.18
CA VAL Y 105 35.12 -78.35 -39.67
C VAL Y 105 36.47 -77.65 -39.72
N LEU Y 106 36.49 -76.41 -40.24
CA LEU Y 106 37.76 -75.69 -40.36
C LEU Y 106 38.40 -75.46 -39.00
N LYS Y 107 37.59 -75.08 -38.01
CA LYS Y 107 38.14 -74.86 -36.67
C LYS Y 107 38.52 -76.17 -36.01
N ALA Y 108 37.81 -77.26 -36.34
CA ALA Y 108 38.23 -78.57 -35.86
C ALA Y 108 39.53 -79.01 -36.52
N GLN Y 109 39.97 -78.30 -37.57
CA GLN Y 109 41.22 -78.64 -38.24
C GLN Y 109 42.39 -77.88 -37.63
N ALA Y 110 42.32 -76.55 -37.65
CA ALA Y 110 43.44 -75.75 -37.18
C ALA Y 110 43.71 -75.97 -35.70
N GLN Y 111 42.67 -76.27 -34.92
CA GLN Y 111 42.88 -76.56 -33.50
C GLN Y 111 43.51 -77.93 -33.30
N SER Y 112 43.07 -78.94 -34.06
CA SER Y 112 43.56 -80.30 -33.87
C SER Y 112 44.97 -80.50 -34.42
N GLN Y 113 45.35 -79.76 -35.46
CA GLN Y 113 46.68 -79.94 -36.04
C GLN Y 113 47.77 -79.64 -35.02
N LYS Y 114 47.60 -78.58 -34.25
CA LYS Y 114 48.60 -78.16 -33.27
C LYS Y 114 48.58 -79.05 -32.03
N GLY Z 1 -13.20 -33.71 8.84
CA GLY Z 1 -13.16 -33.45 7.42
C GLY Z 1 -13.17 -34.72 6.61
N ARG Z 2 -12.82 -34.60 5.33
CA ARG Z 2 -12.68 -35.75 4.45
C ARG Z 2 -11.21 -35.97 4.12
N VAL Z 3 -10.93 -37.11 3.51
CA VAL Z 3 -9.55 -37.46 3.20
C VAL Z 3 -9.10 -36.70 1.97
N ILE Z 4 -7.89 -36.15 2.03
CA ILE Z 4 -7.38 -35.32 0.96
C ILE Z 4 -7.00 -36.19 -0.24
N ARG Z 5 -6.96 -35.57 -1.41
CA ARG Z 5 -6.44 -36.28 -2.57
C ARG Z 5 -4.97 -36.58 -2.35
N GLY Z 6 -4.58 -37.83 -2.55
CA GLY Z 6 -3.29 -38.28 -2.12
C GLY Z 6 -3.31 -39.00 -0.79
N GLN Z 7 -4.48 -39.04 -0.15
CA GLN Z 7 -4.71 -39.92 0.99
C GLN Z 7 -5.61 -41.08 0.63
N ARG Z 8 -6.31 -41.02 -0.50
CA ARG Z 8 -6.98 -42.19 -1.04
C ARG Z 8 -6.30 -42.71 -2.28
N LYS Z 9 -5.09 -42.22 -2.57
CA LYS Z 9 -4.27 -42.80 -3.63
C LYS Z 9 -3.61 -44.10 -3.19
N GLY Z 10 -4.01 -44.64 -2.06
CA GLY Z 10 -3.50 -45.91 -1.61
C GLY Z 10 -4.63 -46.89 -1.41
N ALA Z 11 -5.86 -46.42 -1.60
CA ALA Z 11 -7.01 -47.29 -1.36
C ALA Z 11 -7.08 -48.44 -2.35
N GLY Z 12 -6.43 -48.32 -3.49
CA GLY Z 12 -6.47 -49.39 -4.46
C GLY Z 12 -7.75 -49.36 -5.25
N SER Z 13 -7.94 -48.29 -6.01
CA SER Z 13 -9.19 -47.99 -6.70
C SER Z 13 -8.85 -47.25 -7.98
N VAL Z 14 -9.70 -46.30 -8.36
CA VAL Z 14 -9.52 -45.46 -9.54
C VAL Z 14 -8.05 -45.11 -9.77
N PHE Z 15 -7.28 -44.97 -8.69
CA PHE Z 15 -5.86 -44.65 -8.77
C PHE Z 15 -4.97 -45.87 -8.95
N ARG Z 16 -5.45 -46.93 -9.60
CA ARG Z 16 -4.58 -48.05 -9.89
C ARG Z 16 -3.63 -47.71 -11.03
N ALA Z 17 -2.92 -48.71 -11.51
CA ALA Z 17 -2.12 -48.54 -12.73
C ALA Z 17 -2.90 -49.02 -13.93
N HIS Z 18 -2.69 -48.37 -15.07
CA HIS Z 18 -3.33 -48.74 -16.33
C HIS Z 18 -2.43 -49.75 -17.04
N VAL Z 19 -2.68 -51.03 -16.80
CA VAL Z 19 -1.76 -52.07 -17.26
C VAL Z 19 -2.46 -53.09 -18.13
N LYS Z 20 -3.51 -52.69 -18.83
CA LYS Z 20 -4.13 -53.61 -19.77
C LYS Z 20 -3.20 -53.90 -20.94
N HIS Z 21 -2.61 -52.85 -21.52
CA HIS Z 21 -1.89 -52.98 -22.78
C HIS Z 21 -0.40 -53.19 -22.61
N ARG Z 22 0.12 -53.31 -21.39
CA ARG Z 22 1.56 -53.42 -21.23
C ARG Z 22 2.04 -54.79 -21.69
N LYS Z 23 3.16 -54.80 -22.42
CA LYS Z 23 3.64 -56.01 -23.05
C LYS Z 23 4.12 -57.05 -22.06
N GLY Z 24 4.76 -56.65 -20.99
CA GLY Z 24 5.26 -57.62 -20.02
C GLY Z 24 6.20 -56.96 -19.03
N ALA Z 25 6.67 -57.77 -18.10
CA ALA Z 25 7.62 -57.29 -17.11
C ALA Z 25 8.97 -57.02 -17.77
N ALA Z 26 9.96 -56.64 -16.96
CA ALA Z 26 11.31 -56.40 -17.47
C ALA Z 26 12.33 -57.02 -16.51
N ARG Z 27 12.66 -58.27 -16.75
CA ARG Z 27 13.57 -59.02 -15.88
C ARG Z 27 14.58 -59.75 -16.76
N LEU Z 28 15.80 -59.93 -16.25
CA LEU Z 28 16.86 -60.42 -17.12
C LEU Z 28 16.72 -61.92 -17.39
N ARG Z 29 17.04 -62.76 -16.40
CA ARG Z 29 16.72 -64.19 -16.41
C ARG Z 29 17.24 -64.85 -15.15
N ALA Z 30 16.60 -65.96 -14.75
CA ALA Z 30 16.96 -66.62 -13.51
C ALA Z 30 18.36 -67.18 -13.59
N VAL Z 31 19.10 -67.04 -12.51
CA VAL Z 31 20.47 -67.56 -12.45
C VAL Z 31 20.41 -69.09 -12.38
N ASP Z 32 21.15 -69.74 -13.26
CA ASP Z 32 21.21 -71.19 -13.31
C ASP Z 32 22.67 -71.60 -13.50
N PHE Z 33 22.91 -72.88 -13.80
CA PHE Z 33 24.28 -73.33 -13.92
C PHE Z 33 24.95 -72.78 -15.17
N ALA Z 34 24.24 -72.76 -16.29
CA ALA Z 34 24.85 -72.34 -17.55
C ALA Z 34 25.25 -70.89 -17.51
N GLU Z 35 24.53 -70.08 -16.74
CA GLU Z 35 24.87 -68.66 -16.62
C GLU Z 35 25.95 -68.42 -15.58
N ARG Z 36 26.03 -69.28 -14.57
CA ARG Z 36 26.96 -69.04 -13.48
C ARG Z 36 28.41 -69.23 -13.92
N HIS Z 37 28.70 -70.34 -14.59
CA HIS Z 37 30.07 -70.74 -14.89
C HIS Z 37 30.47 -70.57 -16.35
N GLY Z 38 29.52 -70.64 -17.27
CA GLY Z 38 29.86 -70.47 -18.67
C GLY Z 38 29.21 -69.24 -19.26
N TYR Z 39 28.60 -69.38 -20.44
CA TYR Z 39 27.87 -68.27 -21.03
C TYR Z 39 26.93 -68.83 -22.08
N ILE Z 40 25.71 -68.33 -22.10
CA ILE Z 40 24.68 -68.81 -23.00
C ILE Z 40 24.42 -67.73 -24.05
N LYS Z 41 24.06 -68.15 -25.24
CA LYS Z 41 23.97 -67.27 -26.40
C LYS Z 41 22.54 -67.18 -26.89
N GLY Z 42 22.05 -65.95 -27.05
CA GLY Z 42 20.67 -65.74 -27.48
C GLY Z 42 20.57 -64.67 -28.53
N ILE Z 43 19.48 -64.74 -29.28
CA ILE Z 43 19.20 -63.84 -30.39
C ILE Z 43 18.31 -62.72 -29.86
N VAL Z 44 18.37 -61.56 -30.50
CA VAL Z 44 17.44 -60.47 -30.25
C VAL Z 44 16.41 -60.55 -31.36
N LYS Z 45 15.24 -61.13 -31.06
CA LYS Z 45 14.29 -61.40 -32.12
C LYS Z 45 13.66 -60.11 -32.65
N ASP Z 46 12.91 -59.41 -31.82
CA ASP Z 46 12.28 -58.16 -32.23
C ASP Z 46 12.28 -57.17 -31.08
N ILE Z 47 12.61 -55.92 -31.38
CA ILE Z 47 12.52 -54.83 -30.42
C ILE Z 47 11.13 -54.21 -30.52
N ILE Z 48 10.50 -53.99 -29.37
CA ILE Z 48 9.11 -53.56 -29.29
C ILE Z 48 8.99 -52.41 -28.31
N HIS Z 49 7.87 -51.71 -28.38
CA HIS Z 49 7.60 -50.56 -27.51
C HIS Z 49 6.59 -50.97 -26.46
N ASP Z 50 6.94 -50.76 -25.19
CA ASP Z 50 6.12 -51.18 -24.06
C ASP Z 50 5.37 -49.97 -23.53
N PRO Z 51 4.06 -49.86 -23.74
CA PRO Z 51 3.37 -48.61 -23.43
C PRO Z 51 3.48 -48.24 -21.96
N GLY Z 52 3.64 -46.95 -21.72
CA GLY Z 52 3.95 -46.47 -20.38
C GLY Z 52 5.40 -46.57 -20.02
N ARG Z 53 6.30 -46.48 -21.00
CA ARG Z 53 7.73 -46.53 -20.73
C ARG Z 53 8.49 -46.02 -21.94
N GLY Z 54 9.40 -45.08 -21.72
CA GLY Z 54 10.25 -44.56 -22.77
C GLY Z 54 11.51 -45.35 -22.99
N ALA Z 55 11.59 -46.55 -22.46
CA ALA Z 55 12.73 -47.44 -22.68
C ALA Z 55 12.25 -48.70 -23.36
N PRO Z 56 12.35 -48.80 -24.69
CA PRO Z 56 11.73 -49.92 -25.39
C PRO Z 56 12.45 -51.23 -25.10
N LEU Z 57 11.67 -52.27 -24.86
CA LEU Z 57 12.19 -53.59 -24.48
C LEU Z 57 12.75 -54.31 -25.70
N ALA Z 58 13.10 -55.59 -25.50
CA ALA Z 58 13.69 -56.40 -26.55
C ALA Z 58 13.39 -57.87 -26.29
N LYS Z 59 12.83 -58.55 -27.28
CA LYS Z 59 12.46 -59.95 -27.14
C LYS Z 59 13.67 -60.81 -27.47
N VAL Z 60 14.42 -61.21 -26.46
CA VAL Z 60 15.59 -62.07 -26.63
C VAL Z 60 15.11 -63.52 -26.56
N VAL Z 61 15.68 -64.37 -27.40
CA VAL Z 61 15.28 -65.77 -27.51
C VAL Z 61 16.47 -66.64 -27.15
N PHE Z 62 16.32 -67.45 -26.10
CA PHE Z 62 17.38 -68.31 -25.60
C PHE Z 62 17.04 -69.78 -25.87
N ARG Z 63 17.87 -70.66 -25.35
CA ARG Z 63 17.67 -72.10 -25.49
C ARG Z 63 17.83 -72.76 -24.13
N ASP Z 64 16.78 -73.46 -23.68
CA ASP Z 64 16.89 -74.23 -22.46
C ASP Z 64 17.90 -75.36 -22.65
N PRO Z 65 18.93 -75.45 -21.82
CA PRO Z 65 19.96 -76.48 -22.00
C PRO Z 65 19.66 -77.79 -21.30
N TYR Z 66 18.53 -77.93 -20.61
CA TYR Z 66 18.18 -79.18 -19.97
C TYR Z 66 16.83 -79.74 -20.42
N ARG Z 67 16.16 -79.08 -21.36
CA ARG Z 67 15.00 -79.62 -22.05
C ARG Z 67 15.11 -79.19 -23.51
N PHE Z 68 14.02 -79.30 -24.27
CA PHE Z 68 14.01 -78.90 -25.67
C PHE Z 68 12.84 -77.95 -25.92
N LYS Z 69 13.12 -76.64 -25.87
CA LYS Z 69 12.20 -75.65 -26.42
C LYS Z 69 12.95 -74.33 -26.53
N LYS Z 70 12.20 -73.28 -26.85
CA LYS Z 70 12.74 -71.93 -27.04
C LYS Z 70 12.13 -71.02 -25.98
N ARG Z 71 12.98 -70.39 -25.18
CA ARG Z 71 12.52 -69.51 -24.14
C ARG Z 71 12.77 -68.06 -24.50
N THR Z 72 11.83 -67.20 -24.14
CA THR Z 72 11.87 -65.79 -24.49
C THR Z 72 11.84 -64.93 -23.25
N GLU Z 73 12.49 -63.77 -23.33
CA GLU Z 73 12.59 -62.82 -22.23
C GLU Z 73 12.26 -61.43 -22.74
N LEU Z 74 12.19 -60.49 -21.81
CA LEU Z 74 12.03 -59.08 -22.14
C LEU Z 74 13.09 -58.29 -21.39
N PHE Z 75 14.29 -58.22 -21.95
CA PHE Z 75 15.34 -57.37 -21.42
C PHE Z 75 15.01 -55.91 -21.68
N ILE Z 76 15.41 -55.04 -20.76
CA ILE Z 76 15.49 -53.63 -21.10
C ILE Z 76 16.59 -53.48 -22.14
N ALA Z 77 16.25 -52.89 -23.28
CA ALA Z 77 17.20 -52.86 -24.38
C ALA Z 77 18.23 -51.76 -24.15
N ALA Z 78 19.49 -52.14 -24.16
CA ALA Z 78 20.57 -51.16 -24.14
C ALA Z 78 20.57 -50.40 -25.45
N GLU Z 79 21.52 -49.49 -25.60
CA GLU Z 79 21.55 -48.65 -26.79
C GLU Z 79 22.59 -49.17 -27.77
N GLY Z 80 22.16 -49.39 -29.01
CA GLY Z 80 22.93 -50.06 -30.03
C GLY Z 80 22.40 -51.43 -30.38
N ILE Z 81 21.61 -52.03 -29.51
CA ILE Z 81 21.03 -53.35 -29.75
C ILE Z 81 20.05 -53.26 -30.91
N HIS Z 82 20.20 -54.17 -31.87
CA HIS Z 82 19.33 -54.26 -33.03
C HIS Z 82 18.99 -55.72 -33.29
N THR Z 83 17.85 -55.95 -33.93
CA THR Z 83 17.40 -57.32 -34.11
C THR Z 83 18.42 -58.14 -34.89
N GLY Z 84 18.32 -59.45 -34.72
CA GLY Z 84 19.32 -60.34 -35.31
C GLY Z 84 20.69 -60.16 -34.71
N GLN Z 85 20.79 -60.04 -33.40
CA GLN Z 85 22.05 -59.88 -32.73
C GLN Z 85 22.20 -60.96 -31.66
N PHE Z 86 23.42 -61.45 -31.49
CA PHE Z 86 23.68 -62.53 -30.55
C PHE Z 86 24.06 -61.93 -29.21
N VAL Z 87 23.10 -61.86 -28.30
CA VAL Z 87 23.36 -61.38 -26.94
C VAL Z 87 23.80 -62.54 -26.09
N TYR Z 88 24.93 -62.37 -25.40
CA TYR Z 88 25.45 -63.39 -24.49
C TYR Z 88 25.02 -63.08 -23.07
N CYS Z 89 25.19 -64.06 -22.19
CA CYS Z 89 24.62 -63.96 -20.85
C CYS Z 89 25.41 -64.87 -19.93
N GLY Z 90 26.20 -64.30 -19.03
CA GLY Z 90 26.85 -65.14 -18.05
C GLY Z 90 28.10 -64.49 -17.49
N LYS Z 91 28.98 -65.34 -16.97
CA LYS Z 91 30.22 -64.91 -16.31
C LYS Z 91 31.39 -64.80 -17.26
N LYS Z 92 31.45 -65.64 -18.29
CA LYS Z 92 32.56 -65.62 -19.23
C LYS Z 92 32.16 -65.07 -20.60
N ALA Z 93 31.34 -64.02 -20.62
CA ALA Z 93 30.97 -63.35 -21.85
C ALA Z 93 31.62 -61.97 -21.90
N GLN Z 94 32.38 -61.71 -22.95
CA GLN Z 94 33.28 -60.58 -22.98
C GLN Z 94 32.49 -59.27 -22.98
N LEU Z 95 33.24 -58.16 -22.83
CA LEU Z 95 32.65 -56.83 -22.75
C LEU Z 95 32.16 -56.39 -24.12
N ASN Z 96 30.90 -55.98 -24.20
CA ASN Z 96 30.30 -55.34 -25.36
C ASN Z 96 28.87 -54.97 -25.00
N ILE Z 97 28.31 -54.02 -25.74
CA ILE Z 97 27.06 -53.39 -25.35
C ILE Z 97 25.91 -54.39 -25.40
N GLY Z 98 24.99 -54.25 -24.45
CA GLY Z 98 23.83 -55.12 -24.38
C GLY Z 98 24.15 -56.56 -24.12
N ASN Z 99 25.02 -56.84 -23.15
CA ASN Z 99 25.49 -58.20 -22.93
C ASN Z 99 25.79 -58.34 -21.43
N VAL Z 100 24.88 -59.00 -20.71
CA VAL Z 100 24.94 -59.02 -19.25
C VAL Z 100 26.12 -59.83 -18.76
N LEU Z 101 26.79 -59.33 -17.73
CA LEU Z 101 27.84 -60.07 -17.03
C LEU Z 101 27.97 -59.51 -15.63
N PRO Z 102 28.29 -60.35 -14.64
CA PRO Z 102 28.13 -59.93 -13.24
C PRO Z 102 29.23 -58.98 -12.83
N VAL Z 103 28.84 -57.89 -12.15
CA VAL Z 103 29.83 -56.93 -11.69
C VAL Z 103 30.82 -57.63 -10.76
N GLY Z 104 32.10 -57.45 -11.05
CA GLY Z 104 33.14 -58.20 -10.38
C GLY Z 104 34.05 -58.82 -11.40
N THR Z 105 33.46 -59.27 -12.50
CA THR Z 105 34.22 -59.74 -13.66
C THR Z 105 34.17 -58.71 -14.78
N MET Z 106 33.97 -57.45 -14.43
CA MET Z 106 34.06 -56.37 -15.40
C MET Z 106 34.94 -55.26 -14.84
N PRO Z 107 35.72 -54.60 -15.69
CA PRO Z 107 36.77 -53.72 -15.20
C PRO Z 107 36.20 -52.47 -14.54
N GLU Z 108 37.08 -51.79 -13.81
CA GLU Z 108 36.66 -50.63 -13.05
C GLU Z 108 36.39 -49.46 -13.98
N GLY Z 109 35.18 -48.91 -13.92
CA GLY Z 109 34.77 -47.82 -14.77
C GLY Z 109 33.78 -48.19 -15.85
N THR Z 110 33.33 -49.44 -15.90
CA THR Z 110 32.43 -49.89 -16.95
C THR Z 110 30.99 -49.53 -16.63
N ILE Z 111 30.32 -48.90 -17.58
CA ILE Z 111 28.96 -48.41 -17.39
C ILE Z 111 27.98 -49.55 -17.59
N VAL Z 112 27.10 -49.76 -16.60
CA VAL Z 112 26.09 -50.80 -16.67
C VAL Z 112 24.72 -50.17 -16.50
N CYS Z 113 23.69 -50.96 -16.81
CA CYS Z 113 22.31 -50.58 -16.59
C CYS Z 113 21.53 -51.83 -16.18
N CYS Z 114 20.30 -51.61 -15.73
CA CYS Z 114 19.45 -52.70 -15.27
C CYS Z 114 20.18 -53.56 -14.24
N LEU Z 115 20.94 -52.90 -13.38
CA LEU Z 115 21.73 -53.59 -12.38
C LEU Z 115 20.85 -54.15 -11.28
N GLU Z 116 21.12 -55.37 -10.86
CA GLU Z 116 20.39 -56.01 -9.77
C GLU Z 116 20.72 -55.35 -8.43
N GLU Z 117 19.80 -55.46 -7.48
CA GLU Z 117 20.11 -55.06 -6.11
C GLU Z 117 20.84 -56.16 -5.37
N LYS Z 118 20.20 -57.31 -5.20
CA LYS Z 118 20.78 -58.43 -4.48
C LYS Z 118 20.75 -59.66 -5.37
N PRO Z 119 21.75 -60.54 -5.28
CA PRO Z 119 21.92 -61.58 -6.29
C PRO Z 119 20.68 -62.42 -6.53
N GLY Z 120 20.09 -62.28 -7.71
CA GLY Z 120 18.98 -63.12 -8.11
C GLY Z 120 17.64 -62.44 -8.31
N ASP Z 121 17.54 -61.11 -8.16
CA ASP Z 121 16.25 -60.44 -8.28
C ASP Z 121 16.00 -59.92 -9.69
N ARG Z 122 16.88 -60.25 -10.64
CA ARG Z 122 16.63 -60.06 -12.06
C ARG Z 122 16.36 -58.59 -12.42
N GLY Z 123 17.27 -57.72 -11.99
CA GLY Z 123 17.32 -56.37 -12.52
C GLY Z 123 16.48 -55.37 -11.76
N LYS Z 124 17.11 -54.44 -11.05
CA LYS Z 124 16.32 -53.45 -10.33
C LYS Z 124 16.81 -52.01 -10.44
N LEU Z 125 18.10 -51.75 -10.65
CA LEU Z 125 18.65 -50.41 -10.50
C LEU Z 125 19.08 -49.85 -11.85
N ALA Z 126 18.83 -48.55 -12.04
CA ALA Z 126 19.31 -47.81 -13.20
C ALA Z 126 18.77 -48.43 -14.50
N ARG Z 127 17.44 -48.36 -14.64
CA ARG Z 127 16.79 -48.91 -15.82
C ARG Z 127 15.70 -48.00 -16.37
N ALA Z 128 15.79 -46.70 -16.18
CA ALA Z 128 14.81 -45.77 -16.71
C ALA Z 128 15.07 -45.53 -18.19
N SER Z 129 14.48 -44.49 -18.76
CA SER Z 129 14.69 -44.17 -20.16
C SER Z 129 15.98 -43.39 -20.31
N GLY Z 130 17.09 -44.12 -20.31
CA GLY Z 130 18.38 -43.55 -20.58
C GLY Z 130 19.26 -43.27 -19.39
N ASN Z 131 19.23 -44.12 -18.37
CA ASN Z 131 20.07 -43.96 -17.20
C ASN Z 131 21.07 -45.11 -17.13
N TYR Z 132 22.09 -44.92 -16.29
CA TYR Z 132 23.20 -45.86 -16.27
C TYR Z 132 23.93 -45.78 -14.94
N ALA Z 133 24.21 -46.93 -14.36
CA ALA Z 133 25.00 -47.01 -13.14
C ALA Z 133 26.44 -47.32 -13.50
N THR Z 134 27.37 -46.60 -12.89
CA THR Z 134 28.79 -46.76 -13.16
C THR Z 134 29.43 -47.62 -12.08
N VAL Z 135 30.31 -48.52 -12.48
CA VAL Z 135 31.12 -49.26 -11.53
C VAL Z 135 32.33 -48.41 -11.20
N ILE Z 136 32.84 -48.54 -9.98
CA ILE Z 136 33.92 -47.68 -9.49
C ILE Z 136 35.16 -48.48 -9.11
N SER Z 137 35.03 -49.35 -8.11
CA SER Z 137 36.21 -49.98 -7.53
C SER Z 137 35.80 -51.23 -6.79
N HIS Z 138 36.29 -52.38 -7.24
CA HIS Z 138 35.95 -53.63 -6.58
C HIS Z 138 36.62 -53.73 -5.23
N ASN Z 139 36.44 -54.88 -4.59
CA ASN Z 139 37.11 -55.21 -3.33
C ASN Z 139 37.17 -56.72 -3.25
N PRO Z 140 38.14 -57.33 -3.92
CA PRO Z 140 38.12 -58.80 -4.10
C PRO Z 140 38.13 -59.59 -2.80
N GLU Z 141 38.21 -58.90 -1.66
CA GLU Z 141 37.97 -59.52 -0.37
C GLU Z 141 36.65 -59.00 0.19
N THR Z 142 35.86 -59.91 0.77
CA THR Z 142 34.49 -59.72 1.21
C THR Z 142 33.54 -59.63 0.02
N LYS Z 143 34.10 -59.61 -1.19
CA LYS Z 143 33.34 -59.74 -2.43
C LYS Z 143 32.25 -58.67 -2.53
N LYS Z 144 32.68 -57.41 -2.53
CA LYS Z 144 31.79 -56.28 -2.67
C LYS Z 144 32.23 -55.42 -3.84
N THR Z 145 31.43 -54.39 -4.13
CA THR Z 145 31.65 -53.51 -5.26
C THR Z 145 30.89 -52.22 -5.00
N ARG Z 146 31.37 -51.12 -5.57
CA ARG Z 146 30.77 -49.83 -5.36
C ARG Z 146 30.31 -49.26 -6.69
N VAL Z 147 29.02 -48.93 -6.80
CA VAL Z 147 28.42 -48.40 -8.01
C VAL Z 147 27.92 -46.99 -7.73
N LYS Z 148 27.96 -46.14 -8.75
CA LYS Z 148 27.43 -44.79 -8.65
C LYS Z 148 26.10 -44.72 -9.38
N LEU Z 149 25.02 -44.80 -8.62
CA LEU Z 149 23.68 -44.90 -9.17
C LEU Z 149 23.33 -43.60 -9.90
N PRO Z 150 22.22 -43.56 -10.64
CA PRO Z 150 21.92 -42.35 -11.43
C PRO Z 150 21.75 -41.10 -10.59
N SER Z 151 21.22 -41.21 -9.38
CA SER Z 151 21.05 -40.01 -8.56
C SER Z 151 22.38 -39.39 -8.18
N GLY Z 152 23.34 -40.22 -7.79
CA GLY Z 152 24.64 -39.72 -7.39
C GLY Z 152 25.12 -40.43 -6.15
N SER Z 153 24.20 -41.10 -5.46
CA SER Z 153 24.54 -41.79 -4.23
C SER Z 153 25.32 -43.06 -4.54
N LYS Z 154 26.49 -43.19 -3.93
CA LYS Z 154 27.37 -44.34 -4.15
C LYS Z 154 26.91 -45.46 -3.25
N LYS Z 155 26.71 -46.64 -3.82
CA LYS Z 155 26.18 -47.78 -3.11
C LYS Z 155 27.24 -48.87 -3.00
N VAL Z 156 27.24 -49.58 -1.88
CA VAL Z 156 28.12 -50.73 -1.70
C VAL Z 156 27.32 -51.99 -2.04
N ILE Z 157 27.32 -52.34 -3.32
CA ILE Z 157 26.48 -53.40 -3.85
C ILE Z 157 27.21 -54.72 -3.71
N SER Z 158 26.47 -55.77 -3.42
CA SER Z 158 27.07 -57.10 -3.41
C SER Z 158 27.55 -57.43 -4.81
N SER Z 159 28.65 -58.16 -4.90
CA SER Z 159 29.16 -58.57 -6.19
C SER Z 159 28.33 -59.74 -6.70
N ALA Z 160 28.78 -60.34 -7.80
CA ALA Z 160 28.17 -61.54 -8.36
C ALA Z 160 26.74 -61.33 -8.85
N ASN Z 161 26.24 -60.10 -8.84
CA ASN Z 161 24.92 -59.80 -9.37
C ASN Z 161 25.07 -59.03 -10.67
N ARG Z 162 24.19 -59.31 -11.61
CA ARG Z 162 24.46 -59.04 -13.01
C ARG Z 162 23.91 -57.69 -13.44
N ALA Z 163 24.38 -57.22 -14.59
CA ALA Z 163 23.95 -55.94 -15.13
C ALA Z 163 24.31 -55.81 -16.60
N VAL Z 164 23.32 -55.55 -17.45
CA VAL Z 164 23.54 -55.48 -18.89
C VAL Z 164 24.27 -54.20 -19.23
N VAL Z 165 25.34 -54.31 -20.04
CA VAL Z 165 26.23 -53.19 -20.30
C VAL Z 165 25.53 -52.13 -21.16
N GLY Z 166 26.03 -50.90 -21.09
CA GLY Z 166 25.58 -49.83 -21.95
C GLY Z 166 24.38 -49.08 -21.40
N VAL Z 167 24.25 -47.83 -21.84
CA VAL Z 167 23.11 -47.03 -21.39
C VAL Z 167 21.82 -47.62 -21.95
N VAL Z 168 20.71 -47.20 -21.38
CA VAL Z 168 19.41 -47.73 -21.76
C VAL Z 168 18.84 -46.91 -22.92
N ALA Z 169 18.44 -47.61 -23.98
CA ALA Z 169 17.93 -46.92 -25.16
C ALA Z 169 16.70 -46.10 -24.79
N GLY Z 170 16.45 -45.07 -25.59
CA GLY Z 170 15.41 -44.11 -25.28
C GLY Z 170 15.88 -42.87 -24.57
N GLY Z 171 17.19 -42.65 -24.49
CA GLY Z 171 17.72 -41.54 -23.73
C GLY Z 171 17.32 -40.20 -24.31
N GLY Z 172 17.58 -39.16 -23.53
CA GLY Z 172 17.30 -37.81 -23.96
C GLY Z 172 15.83 -37.55 -24.19
N ARG Z 173 14.96 -38.28 -23.50
CA ARG Z 173 13.53 -38.12 -23.72
C ARG Z 173 13.05 -36.74 -23.30
N ILE Z 174 13.40 -36.32 -22.09
CA ILE Z 174 12.89 -35.05 -21.56
C ILE Z 174 13.82 -33.96 -22.05
N ASP Z 175 13.67 -33.64 -23.32
CA ASP Z 175 14.27 -32.45 -23.91
C ASP Z 175 13.31 -31.79 -24.87
N LYS Z 176 12.14 -32.38 -25.12
CA LYS Z 176 11.13 -31.76 -25.93
C LYS Z 176 10.05 -31.20 -25.04
N PRO Z 177 9.82 -29.89 -25.03
CA PRO Z 177 8.67 -29.36 -24.31
C PRO Z 177 7.41 -30.03 -24.82
N ILE Z 178 6.59 -30.52 -23.89
CA ILE Z 178 5.35 -31.18 -24.27
C ILE Z 178 4.46 -30.22 -25.04
N LEU Z 179 4.47 -28.94 -24.64
CA LEU Z 179 3.87 -27.83 -25.36
C LEU Z 179 2.36 -27.79 -25.33
N LYS Z 180 1.71 -28.85 -24.88
CA LYS Z 180 0.26 -28.86 -24.96
C LYS Z 180 -0.31 -29.42 -23.68
N ALA Z 181 -1.51 -28.99 -23.33
CA ALA Z 181 -2.22 -29.66 -22.25
C ALA Z 181 -2.58 -31.08 -22.65
N GLY Z 182 -3.07 -31.25 -23.88
CA GLY Z 182 -3.48 -32.56 -24.33
C GLY Z 182 -2.33 -33.55 -24.43
N ARG Z 183 -1.19 -33.11 -24.97
CA ARG Z 183 -0.10 -34.03 -25.16
C ARG Z 183 0.41 -34.58 -23.83
N ALA Z 184 0.26 -33.83 -22.75
CA ALA Z 184 0.55 -34.39 -21.44
C ALA Z 184 -0.57 -35.31 -20.99
N TYR Z 185 -1.81 -35.01 -21.39
CA TYR Z 185 -2.94 -35.88 -21.08
C TYR Z 185 -2.74 -37.27 -21.66
N HIS Z 186 -2.47 -37.36 -22.97
CA HIS Z 186 -2.30 -38.67 -23.58
C HIS Z 186 -1.15 -39.43 -22.97
N LYS Z 187 -0.17 -38.71 -22.40
CA LYS Z 187 0.97 -39.36 -21.78
C LYS Z 187 0.59 -40.00 -20.46
N TYR Z 188 -0.20 -39.30 -19.65
CA TYR Z 188 -0.58 -39.81 -18.34
C TYR Z 188 -1.81 -40.69 -18.36
N LYS Z 189 -2.51 -40.76 -19.50
CA LYS Z 189 -3.60 -41.72 -19.62
C LYS Z 189 -3.07 -43.13 -19.81
N ALA Z 190 -1.91 -43.27 -20.43
CA ALA Z 190 -1.29 -44.57 -20.67
C ALA Z 190 -0.60 -45.14 -19.45
N LYS Z 191 -0.56 -44.38 -18.35
CA LYS Z 191 0.06 -44.84 -17.11
C LYS Z 191 -0.96 -44.74 -15.99
N ARG Z 192 -0.52 -44.89 -14.75
CA ARG Z 192 -1.43 -44.71 -13.63
C ARG Z 192 -2.13 -43.37 -13.70
N ASN Z 193 -3.45 -43.41 -13.54
CA ASN Z 193 -4.35 -42.40 -14.06
C ASN Z 193 -4.55 -41.30 -13.01
N CYS Z 194 -3.62 -40.34 -13.01
CA CYS Z 194 -3.54 -39.34 -11.96
C CYS Z 194 -3.13 -37.96 -12.46
N TRP Z 195 -3.48 -37.59 -13.69
CA TRP Z 195 -2.81 -36.41 -14.21
C TRP Z 195 -3.20 -35.08 -13.59
N PRO Z 196 -4.43 -34.55 -13.80
CA PRO Z 196 -4.63 -33.13 -13.53
C PRO Z 196 -4.67 -32.82 -12.05
N ARG Z 197 -3.59 -32.26 -11.52
CA ARG Z 197 -3.51 -31.93 -10.12
C ARG Z 197 -4.16 -30.59 -9.86
N VAL Z 198 -4.83 -30.46 -8.73
CA VAL Z 198 -5.40 -29.19 -8.31
C VAL Z 198 -4.77 -28.80 -6.99
N ARG Z 199 -4.17 -27.61 -6.96
CA ARG Z 199 -3.39 -27.18 -5.82
C ARG Z 199 -4.23 -27.18 -4.56
N GLY Z 200 -3.57 -27.44 -3.43
CA GLY Z 200 -4.29 -27.44 -2.17
C GLY Z 200 -4.86 -26.09 -1.83
N VAL Z 201 -4.18 -25.03 -2.24
CA VAL Z 201 -4.57 -23.67 -1.87
C VAL Z 201 -5.91 -23.32 -2.48
N ALA Z 202 -6.37 -24.13 -3.44
CA ALA Z 202 -7.64 -23.84 -4.09
C ALA Z 202 -8.82 -24.51 -3.41
N MET Z 203 -8.62 -25.70 -2.85
CA MET Z 203 -9.71 -26.44 -2.25
C MET Z 203 -10.12 -25.88 -0.90
N ASN Z 204 -11.42 -25.97 -0.62
CA ASN Z 204 -12.00 -25.39 0.57
C ASN Z 204 -11.45 -26.11 1.81
N PRO Z 205 -11.43 -25.43 2.97
CA PRO Z 205 -10.48 -25.82 4.02
C PRO Z 205 -10.64 -27.23 4.55
N VAL Z 206 -11.59 -28.00 4.03
CA VAL Z 206 -11.68 -29.40 4.46
C VAL Z 206 -10.47 -30.18 4.00
N GLU Z 207 -10.24 -30.24 2.70
CA GLU Z 207 -9.06 -30.90 2.16
C GLU Z 207 -7.87 -29.95 2.18
N HIS Z 208 -6.66 -30.50 2.36
CA HIS Z 208 -5.51 -29.59 2.45
C HIS Z 208 -5.64 -28.46 3.44
N PRO Z 209 -5.25 -28.70 4.67
CA PRO Z 209 -5.20 -27.63 5.68
C PRO Z 209 -4.67 -26.31 5.13
N PHE Z 210 -3.95 -26.38 4.01
CA PHE Z 210 -3.54 -25.17 3.30
C PHE Z 210 -4.72 -24.33 2.86
N GLY Z 211 -5.80 -24.97 2.44
CA GLY Z 211 -6.81 -24.31 1.65
C GLY Z 211 -7.60 -23.26 2.40
N GLY Z 212 -8.75 -22.91 1.82
CA GLY Z 212 -9.62 -21.92 2.41
C GLY Z 212 -9.08 -20.50 2.27
N GLY Z 213 -9.53 -19.65 3.17
CA GLY Z 213 -9.06 -18.28 3.24
C GLY Z 213 -9.74 -17.36 2.25
N ASN Z 214 -9.31 -16.10 2.29
CA ASN Z 214 -9.80 -15.10 1.35
C ASN Z 214 -8.68 -14.48 0.51
N HIS Z 215 -7.55 -15.14 0.37
CA HIS Z 215 -6.59 -14.68 -0.62
C HIS Z 215 -5.90 -15.80 -1.39
N GLN Z 216 -6.34 -17.05 -1.23
CA GLN Z 216 -5.59 -18.18 -1.76
C GLN Z 216 -4.14 -18.13 -1.29
N HIS Z 217 -3.98 -18.25 0.02
CA HIS Z 217 -2.66 -18.22 0.62
C HIS Z 217 -2.51 -19.41 1.57
N ILE Z 218 -1.29 -19.94 1.63
CA ILE Z 218 -1.05 -21.20 2.33
C ILE Z 218 -1.42 -21.06 3.79
N GLY Z 219 -0.90 -20.04 4.44
CA GLY Z 219 -1.25 -19.80 5.83
C GLY Z 219 -0.38 -20.56 6.81
N LYS Z 220 -0.03 -21.77 6.47
CA LYS Z 220 0.79 -22.60 7.34
C LYS Z 220 2.22 -22.69 6.81
N PRO Z 221 3.22 -22.83 7.67
CA PRO Z 221 4.57 -23.10 7.17
C PRO Z 221 4.60 -24.37 6.35
N SER Z 222 5.17 -24.27 5.14
CA SER Z 222 5.09 -25.38 4.19
C SER Z 222 5.80 -26.62 4.70
N THR Z 223 7.01 -26.47 5.23
CA THR Z 223 7.82 -27.62 5.56
C THR Z 223 7.19 -28.40 6.72
N ILE Z 224 7.13 -29.72 6.59
CA ILE Z 224 6.43 -30.58 7.52
C ILE Z 224 7.37 -31.68 8.03
N ARG Z 225 7.23 -32.03 9.31
CA ARG Z 225 7.91 -33.17 9.87
C ARG Z 225 7.54 -34.44 9.11
N ARG Z 226 8.25 -35.51 9.39
CA ARG Z 226 7.82 -36.82 8.96
C ARG Z 226 7.29 -37.66 10.11
N ASP Z 227 7.17 -37.09 11.30
CA ASP Z 227 6.32 -37.66 12.32
C ASP Z 227 4.90 -37.14 12.23
N ALA Z 228 4.65 -36.19 11.34
CA ALA Z 228 3.32 -35.62 11.22
C ALA Z 228 2.33 -36.69 10.78
N PRO Z 229 1.10 -36.64 11.24
CA PRO Z 229 0.17 -37.72 10.95
C PRO Z 229 -0.18 -37.78 9.47
N ALA Z 230 -0.58 -38.97 9.03
CA ALA Z 230 -0.92 -39.15 7.63
C ALA Z 230 -2.22 -38.42 7.33
N GLY Z 231 -2.11 -37.24 6.73
CA GLY Z 231 -3.26 -36.39 6.48
C GLY Z 231 -2.96 -34.92 6.65
N ARG Z 232 -1.95 -34.58 7.44
CA ARG Z 232 -1.39 -33.24 7.40
C ARG Z 232 -0.15 -33.19 6.53
N LYS Z 233 0.48 -34.34 6.29
CA LYS Z 233 1.82 -34.41 5.70
C LYS Z 233 1.70 -34.01 4.23
N VAL Z 234 1.59 -32.71 3.99
CA VAL Z 234 1.55 -32.15 2.66
C VAL Z 234 2.56 -31.00 2.59
N GLY Z 235 2.92 -30.65 1.37
CA GLY Z 235 3.92 -29.64 1.16
C GLY Z 235 5.31 -30.24 1.13
N LEU Z 236 6.29 -29.37 1.35
CA LEU Z 236 7.69 -29.77 1.27
C LEU Z 236 8.00 -30.68 2.46
N ILE Z 237 8.01 -31.99 2.22
CA ILE Z 237 8.18 -32.95 3.31
C ILE Z 237 9.60 -32.85 3.85
N ALA Z 238 9.73 -32.78 5.18
CA ALA Z 238 11.01 -32.95 5.86
C ALA Z 238 12.10 -32.10 5.24
N ALA Z 239 11.77 -30.85 4.92
CA ALA Z 239 12.65 -30.01 4.12
C ALA Z 239 13.99 -29.78 4.80
N ARG Z 240 15.06 -30.35 4.24
CA ARG Z 240 16.39 -30.06 4.73
C ARG Z 240 16.85 -28.66 4.34
N ARG Z 241 16.28 -28.12 3.27
CA ARG Z 241 16.45 -26.71 2.91
C ARG Z 241 15.26 -26.33 2.04
N THR Z 242 15.32 -25.14 1.47
CA THR Z 242 14.35 -24.70 0.49
C THR Z 242 14.98 -23.55 -0.29
N GLY Z 243 14.18 -22.86 -1.09
CA GLY Z 243 14.71 -21.75 -1.87
C GLY Z 243 15.64 -22.20 -2.97
N ARG Z 244 15.85 -21.37 -3.97
CA ARG Z 244 16.63 -21.79 -5.13
C ARG Z 244 18.07 -22.10 -4.77
N ALA AA 1 -67.07 -96.33 -14.63
CA ALA AA 1 -67.97 -96.29 -13.48
C ALA AA 1 -67.19 -96.26 -12.18
N LYS AA 2 -67.46 -97.22 -11.30
CA LYS AA 2 -66.87 -97.28 -9.97
C LYS AA 2 -66.02 -98.53 -9.86
N ILE AA 3 -64.78 -98.37 -9.38
CA ILE AA 3 -63.91 -99.49 -9.07
C ILE AA 3 -63.47 -99.36 -7.63
N LYS AA 4 -63.85 -100.32 -6.81
CA LYS AA 4 -63.46 -100.31 -5.40
C LYS AA 4 -61.97 -100.60 -5.26
N ALA AA 5 -61.43 -100.27 -4.11
CA ALA AA 5 -60.08 -100.69 -3.75
C ALA AA 5 -60.07 -102.05 -3.07
N ARG AA 6 -61.23 -102.64 -2.85
CA ARG AA 6 -61.37 -103.88 -2.11
C ARG AA 6 -61.46 -105.09 -3.01
N ASP AA 7 -61.18 -104.92 -4.31
CA ASP AA 7 -60.96 -106.02 -5.23
C ASP AA 7 -59.60 -105.93 -5.90
N LEU AA 8 -58.88 -104.83 -5.72
CA LEU AA 8 -57.60 -104.60 -6.37
C LEU AA 8 -56.42 -105.08 -5.55
N ARG AA 9 -56.63 -105.43 -4.28
CA ARG AA 9 -55.50 -105.69 -3.40
C ARG AA 9 -54.75 -106.96 -3.78
N GLY AA 10 -55.39 -107.85 -4.53
CA GLY AA 10 -54.81 -109.16 -4.74
C GLY AA 10 -54.40 -109.49 -6.16
N LYS AA 11 -54.85 -108.70 -7.14
CA LYS AA 11 -54.55 -109.03 -8.53
C LYS AA 11 -53.06 -108.87 -8.82
N LYS AA 12 -52.61 -109.59 -9.84
CA LYS AA 12 -51.19 -109.62 -10.16
C LYS AA 12 -50.70 -108.24 -10.60
N LYS AA 13 -49.44 -107.96 -10.27
CA LYS AA 13 -48.85 -106.67 -10.62
C LYS AA 13 -48.69 -106.51 -12.13
N GLU AA 14 -48.88 -107.60 -12.87
CA GLU AA 14 -48.92 -107.50 -14.33
C GLU AA 14 -50.34 -107.36 -14.85
N GLU AA 15 -51.33 -107.65 -13.98
CA GLU AA 15 -52.73 -107.46 -14.38
C GLU AA 15 -53.20 -106.04 -14.10
N LEU AA 16 -52.72 -105.43 -13.01
CA LEU AA 16 -53.08 -104.05 -12.74
C LEU AA 16 -52.65 -103.11 -13.86
N LEU AA 17 -51.39 -103.25 -14.29
CA LEU AA 17 -50.89 -102.36 -15.34
C LEU AA 17 -51.78 -102.41 -16.57
N LYS AA 18 -52.37 -103.57 -16.84
CA LYS AA 18 -53.31 -103.69 -17.95
C LYS AA 18 -54.48 -102.72 -17.78
N GLN AA 19 -55.05 -102.68 -16.57
CA GLN AA 19 -56.18 -101.78 -16.33
C GLN AA 19 -55.70 -100.35 -16.13
N LEU AA 20 -54.51 -100.17 -15.56
CA LEU AA 20 -53.98 -98.82 -15.35
C LEU AA 20 -53.77 -98.11 -16.68
N ASP AA 21 -53.23 -98.80 -17.68
CA ASP AA 21 -53.04 -98.19 -18.98
C ASP AA 21 -54.35 -98.08 -19.74
N ASP AA 22 -55.32 -98.93 -19.40
CA ASP AA 22 -56.64 -98.82 -20.00
C ASP AA 22 -57.29 -97.48 -19.65
N LEU AA 23 -57.25 -97.12 -18.36
CA LEU AA 23 -57.85 -95.86 -17.93
C LEU AA 23 -57.13 -94.67 -18.55
N LYS AA 24 -55.80 -94.70 -18.58
CA LYS AA 24 -55.05 -93.56 -19.10
C LYS AA 24 -55.39 -93.30 -20.55
N VAL AA 25 -55.76 -94.33 -21.30
CA VAL AA 25 -56.32 -94.12 -22.63
C VAL AA 25 -57.72 -93.52 -22.53
N GLU AA 26 -58.53 -94.02 -21.60
CA GLU AA 26 -59.88 -93.51 -21.44
C GLU AA 26 -59.86 -92.05 -21.00
N LEU AA 27 -58.94 -91.69 -20.11
CA LEU AA 27 -58.78 -90.29 -19.74
C LEU AA 27 -58.27 -89.47 -20.92
N SER AA 28 -57.37 -90.04 -21.72
CA SER AA 28 -56.90 -89.32 -22.90
C SER AA 28 -58.05 -89.01 -23.84
N GLN AA 29 -58.95 -89.96 -24.03
CA GLN AA 29 -60.07 -89.74 -24.93
C GLN AA 29 -61.00 -88.64 -24.42
N LEU AA 30 -61.28 -88.63 -23.12
CA LEU AA 30 -62.20 -87.64 -22.57
C LEU AA 30 -61.66 -86.23 -22.73
N ARG AA 31 -60.34 -86.06 -22.57
CA ARG AA 31 -59.77 -84.72 -22.66
C ARG AA 31 -60.06 -84.08 -24.00
N VAL AA 32 -60.07 -84.89 -25.07
CA VAL AA 32 -60.50 -84.39 -26.36
C VAL AA 32 -61.94 -83.89 -26.28
N ALA AA 33 -62.81 -84.65 -25.62
CA ALA AA 33 -64.23 -84.29 -25.58
C ALA AA 33 -64.45 -82.93 -24.92
N LYS AA 34 -63.50 -82.51 -24.08
CA LYS AA 34 -63.59 -81.17 -23.50
C LYS AA 34 -63.28 -80.10 -24.54
N VAL AA 35 -62.22 -80.30 -25.32
CA VAL AA 35 -61.77 -79.26 -26.24
C VAL AA 35 -62.74 -79.09 -27.40
N THR AA 36 -63.19 -80.20 -27.98
CA THR AA 36 -63.92 -80.17 -29.25
C THR AA 36 -65.42 -80.24 -29.07
N GLY AA 37 -65.97 -79.64 -28.02
CA GLY AA 37 -67.39 -79.65 -27.83
C GLY AA 37 -67.82 -80.59 -26.74
N GLY AA 38 -68.35 -81.74 -27.11
CA GLY AA 38 -68.85 -82.69 -26.14
C GLY AA 38 -70.06 -82.12 -25.42
N ALA AA 39 -70.38 -82.72 -24.28
CA ALA AA 39 -71.51 -82.29 -23.49
C ALA AA 39 -71.14 -82.32 -22.01
N ALA AA 40 -72.13 -82.01 -21.18
CA ALA AA 40 -71.92 -82.10 -19.74
C ALA AA 40 -71.84 -83.54 -19.25
N SER AA 41 -72.20 -84.51 -20.11
CA SER AA 41 -72.10 -85.91 -19.72
C SER AA 41 -70.66 -86.35 -19.58
N LYS AA 42 -69.84 -86.08 -20.61
CA LYS AA 42 -68.45 -86.51 -20.59
C LYS AA 42 -67.59 -85.62 -19.71
N LEU AA 43 -67.91 -84.33 -19.64
CA LEU AA 43 -67.07 -83.40 -18.89
C LEU AA 43 -67.05 -83.73 -17.40
N SER AA 44 -68.21 -84.02 -16.82
CA SER AA 44 -68.23 -84.39 -15.41
C SER AA 44 -67.51 -85.71 -15.18
N LYS AA 45 -67.53 -86.60 -16.17
CA LYS AA 45 -66.97 -87.93 -16.00
C LYS AA 45 -65.45 -87.92 -15.86
N ILE AA 46 -64.79 -86.83 -16.22
CA ILE AA 46 -63.34 -86.79 -16.11
C ILE AA 46 -62.91 -86.89 -14.66
N ARG AA 47 -63.75 -86.42 -13.74
CA ARG AA 47 -63.41 -86.50 -12.33
C ARG AA 47 -63.54 -87.93 -11.81
N VAL AA 48 -64.48 -88.69 -12.39
CA VAL AA 48 -64.62 -90.09 -12.00
C VAL AA 48 -63.38 -90.87 -12.37
N VAL AA 49 -62.84 -90.64 -13.58
CA VAL AA 49 -61.67 -91.36 -14.02
C VAL AA 49 -60.42 -90.87 -13.28
N ARG AA 50 -60.25 -89.56 -13.18
CA ARG AA 50 -59.00 -89.01 -12.64
C ARG AA 50 -58.75 -89.50 -11.22
N LYS AA 51 -59.80 -89.92 -10.52
CA LYS AA 51 -59.59 -90.50 -9.20
C LYS AA 51 -59.42 -92.01 -9.28
N SER AA 52 -59.96 -92.64 -10.32
CA SER AA 52 -59.71 -94.08 -10.48
C SER AA 52 -58.24 -94.36 -10.64
N ILE AA 53 -57.55 -93.54 -11.44
CA ILE AA 53 -56.11 -93.69 -11.61
C ILE AA 53 -55.40 -93.48 -10.28
N ALA AA 54 -55.99 -92.68 -9.40
CA ALA AA 54 -55.41 -92.54 -8.06
C ALA AA 54 -55.59 -93.82 -7.27
N ARG AA 55 -56.73 -94.49 -7.45
CA ARG AA 55 -56.96 -95.74 -6.72
C ARG AA 55 -56.02 -96.83 -7.18
N VAL AA 56 -55.88 -97.00 -8.50
CA VAL AA 56 -55.06 -98.09 -9.01
C VAL AA 56 -53.59 -97.85 -8.73
N LEU AA 57 -53.12 -96.62 -8.96
CA LEU AA 57 -51.71 -96.33 -8.72
C LEU AA 57 -51.34 -96.56 -7.27
N THR AA 58 -52.15 -96.08 -6.34
CA THR AA 58 -51.83 -96.22 -4.93
C THR AA 58 -51.79 -97.69 -4.53
N VAL AA 59 -52.73 -98.50 -5.01
CA VAL AA 59 -52.71 -99.92 -4.69
C VAL AA 59 -51.41 -100.55 -5.15
N ILE AA 60 -50.94 -100.18 -6.34
CA ILE AA 60 -49.66 -100.69 -6.82
C ILE AA 60 -48.54 -100.27 -5.89
N ASN AA 61 -48.46 -98.97 -5.59
CA ASN AA 61 -47.37 -98.48 -4.76
C ASN AA 61 -47.42 -99.10 -3.36
N GLN AA 62 -48.60 -99.53 -2.92
CA GLN AA 62 -48.70 -100.11 -1.58
C GLN AA 62 -48.23 -101.55 -1.57
N THR AA 63 -48.69 -102.37 -2.53
CA THR AA 63 -48.25 -103.75 -2.59
C THR AA 63 -46.79 -103.86 -3.01
N GLN AA 64 -46.26 -102.81 -3.62
CA GLN AA 64 -44.83 -102.77 -3.94
C GLN AA 64 -44.00 -102.53 -2.69
N LYS AA 65 -44.50 -101.69 -1.78
CA LYS AA 65 -43.72 -101.36 -0.59
C LYS AA 65 -43.99 -102.33 0.55
N GLU AA 66 -45.21 -102.87 0.63
CA GLU AA 66 -45.49 -103.87 1.66
C GLU AA 66 -44.68 -105.14 1.44
N ASN AA 67 -44.57 -105.59 0.19
CA ASN AA 67 -43.69 -106.71 -0.10
C ASN AA 67 -42.24 -106.39 0.22
N LEU AA 68 -41.78 -105.22 -0.20
CA LEU AA 68 -40.40 -104.85 0.05
C LEU AA 68 -40.12 -104.76 1.54
N ARG AA 69 -41.04 -104.17 2.31
CA ARG AA 69 -40.83 -104.03 3.74
C ARG AA 69 -40.96 -105.35 4.48
N LYS AA 70 -41.43 -106.40 3.81
CA LYS AA 70 -41.28 -107.75 4.33
C LYS AA 70 -39.90 -108.30 3.99
N PHE AA 71 -39.38 -107.91 2.83
CA PHE AA 71 -38.05 -108.37 2.40
C PHE AA 71 -36.95 -107.87 3.32
N TYR AA 72 -37.07 -106.65 3.82
CA TYR AA 72 -36.02 -106.01 4.59
C TYR AA 72 -36.20 -106.17 6.10
N LYS AA 73 -37.21 -106.91 6.55
CA LYS AA 73 -37.35 -107.17 7.97
C LYS AA 73 -36.58 -108.43 8.33
N GLY AA 74 -35.87 -108.36 9.45
CA GLY AA 74 -34.89 -109.36 9.81
C GLY AA 74 -33.48 -109.02 9.35
N LYS AA 75 -33.34 -108.09 8.42
CA LYS AA 75 -32.04 -107.57 8.01
C LYS AA 75 -31.65 -106.41 8.91
N LYS AA 76 -30.38 -106.01 8.80
CA LYS AA 76 -29.86 -104.97 9.67
C LYS AA 76 -29.56 -103.67 8.95
N TYR AA 77 -29.24 -103.71 7.66
CA TYR AA 77 -29.04 -102.50 6.87
C TYR AA 77 -30.19 -102.41 5.86
N LYS AA 78 -31.14 -101.53 6.14
CA LYS AA 78 -32.31 -101.36 5.31
C LYS AA 78 -32.36 -99.93 4.78
N PRO AA 79 -32.94 -99.72 3.60
CA PRO AA 79 -32.81 -98.42 2.94
C PRO AA 79 -33.43 -97.30 3.76
N LEU AA 80 -33.19 -96.07 3.30
CA LEU AA 80 -33.60 -94.93 4.10
C LEU AA 80 -35.12 -94.77 4.13
N ASP AA 81 -35.83 -95.30 3.15
CA ASP AA 81 -37.28 -95.27 3.22
C ASP AA 81 -37.79 -96.09 4.39
N LEU AA 82 -37.46 -97.38 4.39
CA LEU AA 82 -38.07 -98.34 5.30
C LEU AA 82 -37.70 -98.13 6.75
N ARG AA 83 -36.74 -97.27 7.04
CA ARG AA 83 -36.48 -96.88 8.41
C ARG AA 83 -37.56 -95.92 8.88
N PRO AA 84 -37.87 -95.91 10.18
CA PRO AA 84 -38.86 -94.97 10.68
C PRO AA 84 -38.40 -93.54 10.46
N LYS AA 85 -39.36 -92.65 10.24
CA LYS AA 85 -39.11 -91.22 10.22
C LYS AA 85 -39.93 -90.62 11.35
N LYS AA 86 -39.29 -90.39 12.49
CA LYS AA 86 -40.00 -89.80 13.62
C LYS AA 86 -39.80 -88.28 13.62
N THR AA 87 -38.57 -87.85 13.84
CA THR AA 87 -38.20 -86.43 13.81
C THR AA 87 -36.71 -86.36 13.52
N ARG AA 88 -36.13 -85.18 13.74
CA ARG AA 88 -34.68 -85.07 13.74
C ARG AA 88 -34.09 -85.70 14.98
N ALA AA 89 -34.73 -85.47 16.14
CA ALA AA 89 -34.13 -85.84 17.41
C ALA AA 89 -34.48 -87.26 17.84
N MET AA 90 -35.72 -87.70 17.65
CA MET AA 90 -36.06 -89.04 18.11
C MET AA 90 -35.32 -90.13 17.36
N ARG AA 91 -34.42 -89.78 16.45
CA ARG AA 91 -33.51 -90.76 15.87
C ARG AA 91 -32.11 -90.68 16.46
N ARG AA 92 -31.58 -89.49 16.68
CA ARG AA 92 -30.25 -89.31 17.23
C ARG AA 92 -30.24 -89.31 18.74
N ARG AA 93 -31.35 -89.03 19.41
CA ARG AA 93 -31.37 -88.84 20.85
C ARG AA 93 -31.64 -90.14 21.58
N LEU AA 94 -32.80 -90.73 21.35
CA LEU AA 94 -33.23 -91.88 22.13
C LEU AA 94 -32.35 -93.08 21.81
N ASN AA 95 -32.54 -94.16 22.56
CA ASN AA 95 -31.94 -95.43 22.17
C ASN AA 95 -32.69 -96.58 22.80
N LYS AA 96 -32.68 -97.72 22.11
CA LYS AA 96 -33.47 -98.88 22.49
C LYS AA 96 -33.05 -99.46 23.83
N HIS AA 97 -31.84 -100.00 23.88
CA HIS AA 97 -31.30 -100.65 25.06
C HIS AA 97 -29.83 -100.30 25.23
N GLU AA 98 -29.48 -99.06 24.89
CA GLU AA 98 -28.13 -98.55 25.00
C GLU AA 98 -28.00 -97.51 26.09
N GLU AA 99 -29.04 -96.70 26.27
CA GLU AA 99 -29.13 -95.70 27.31
C GLU AA 99 -30.06 -96.19 28.42
N SER AA 100 -29.98 -97.50 28.68
CA SER AA 100 -30.55 -98.17 29.83
C SER AA 100 -29.52 -99.08 30.49
N LEU AA 101 -28.25 -98.65 30.49
CA LEU AA 101 -27.13 -99.45 30.98
C LEU AA 101 -26.69 -98.96 32.35
N LYS AA 102 -26.28 -99.89 33.19
CA LYS AA 102 -25.83 -99.58 34.55
C LYS AA 102 -24.47 -100.22 34.78
N THR AA 103 -23.51 -99.39 35.18
CA THR AA 103 -22.16 -99.85 35.42
C THR AA 103 -22.14 -100.90 36.53
N LYS AA 104 -20.97 -101.53 36.69
CA LYS AA 104 -20.83 -102.47 37.80
C LYS AA 104 -20.97 -101.76 39.13
N LYS AA 105 -20.33 -100.60 39.28
CA LYS AA 105 -20.39 -99.88 40.54
C LYS AA 105 -21.80 -99.42 40.85
N GLN AA 106 -22.51 -98.90 39.85
CA GLN AA 106 -23.89 -98.46 40.07
C GLN AA 106 -24.81 -99.64 40.32
N GLN AA 107 -24.58 -100.76 39.64
CA GLN AA 107 -25.44 -101.92 39.82
C GLN AA 107 -25.29 -102.49 41.22
N ARG AA 108 -24.06 -102.59 41.71
CA ARG AA 108 -23.83 -103.22 43.00
C ARG AA 108 -24.42 -102.41 44.14
N LYS AA 109 -24.33 -101.08 44.06
CA LYS AA 109 -24.88 -100.24 45.12
C LYS AA 109 -26.39 -100.43 45.24
N GLU AA 110 -27.11 -100.29 44.14
CA GLU AA 110 -28.55 -100.56 44.15
C GLU AA 110 -28.83 -102.00 44.56
N ARG AA 111 -27.89 -102.91 44.28
CA ARG AA 111 -28.06 -104.30 44.68
C ARG AA 111 -27.85 -104.48 46.18
N LEU AA 112 -27.06 -103.59 46.80
CA LEU AA 112 -26.64 -103.80 48.17
C LEU AA 112 -27.40 -102.94 49.17
N TYR AA 113 -27.75 -101.71 48.81
CA TYR AA 113 -28.49 -100.79 49.67
C TYR AA 113 -29.81 -100.44 49.02
N PRO AA 114 -30.72 -101.41 48.88
CA PRO AA 114 -31.97 -101.14 48.20
C PRO AA 114 -32.86 -100.23 49.03
N LEU AA 115 -33.72 -99.50 48.34
CA LEU AA 115 -34.66 -98.61 49.01
C LEU AA 115 -35.92 -99.38 49.38
N ARG AA 116 -36.40 -99.18 50.60
CA ARG AA 116 -37.47 -100.00 51.14
C ARG AA 116 -38.42 -99.16 51.96
N LYS AA 117 -39.67 -99.61 52.02
CA LYS AA 117 -40.74 -98.86 52.66
C LYS AA 117 -40.49 -98.71 54.15
N TYR AA 118 -41.17 -97.74 54.75
CA TYR AA 118 -41.26 -97.61 56.20
C TYR AA 118 -42.44 -96.69 56.50
N ALA AA 119 -42.59 -96.33 57.77
CA ALA AA 119 -43.59 -95.38 58.25
C ALA AA 119 -43.35 -95.17 59.73
N VAL AA 120 -43.81 -94.04 60.26
CA VAL AA 120 -43.48 -93.62 61.61
C VAL AA 120 -44.76 -93.22 62.34
N LYS AA 121 -44.97 -93.80 63.53
CA LYS AA 121 -45.96 -93.26 64.45
C LYS AA 121 -45.57 -91.86 64.91
N ALA AA 122 -46.59 -91.01 65.09
CA ALA AA 122 -46.38 -89.68 65.64
C ALA AA 122 -46.20 -89.75 67.15
N ALA BA 1 -15.67 -63.40 94.97
CA ALA BA 1 -15.78 -64.56 94.10
C ALA BA 1 -17.12 -64.56 93.37
N LEU BA 2 -17.73 -65.74 93.27
CA LEU BA 2 -19.02 -65.92 92.60
C LEU BA 2 -18.99 -65.38 91.18
N ARG BA 3 -17.88 -65.60 90.49
CA ARG BA 3 -17.77 -65.20 89.10
C ARG BA 3 -18.84 -65.88 88.26
N TYR BA 4 -19.39 -65.15 87.30
CA TYR BA 4 -20.54 -65.60 86.54
C TYR BA 4 -20.17 -65.79 85.07
N PRO BA 5 -20.83 -66.72 84.38
CA PRO BA 5 -20.37 -67.06 83.02
C PRO BA 5 -20.64 -65.95 82.02
N MET BA 6 -19.57 -65.22 81.67
CA MET BA 6 -19.61 -64.32 80.53
C MET BA 6 -18.16 -64.12 80.08
N ALA BA 7 -17.76 -64.87 79.05
CA ALA BA 7 -16.42 -64.77 78.47
C ALA BA 7 -16.54 -65.17 77.00
N VAL BA 8 -16.71 -64.17 76.13
CA VAL BA 8 -16.94 -64.41 74.72
C VAL BA 8 -16.26 -63.30 73.92
N GLY BA 9 -16.13 -63.52 72.62
CA GLY BA 9 -15.38 -62.64 71.75
C GLY BA 9 -14.61 -63.46 70.73
N LEU BA 10 -14.17 -64.65 71.15
CA LEU BA 10 -13.79 -65.71 70.22
C LEU BA 10 -13.77 -67.00 71.02
N ASN BA 11 -14.71 -67.91 70.74
CA ASN BA 11 -14.76 -69.18 71.45
C ASN BA 11 -15.23 -70.31 70.55
N LYS BA 12 -14.66 -71.49 70.77
CA LYS BA 12 -15.33 -72.75 70.48
C LYS BA 12 -16.09 -73.29 71.69
N GLY BA 13 -16.41 -72.41 72.63
CA GLY BA 13 -17.23 -72.77 73.77
C GLY BA 13 -16.73 -72.19 75.07
N HIS BA 14 -17.59 -71.42 75.75
CA HIS BA 14 -17.33 -70.92 77.08
C HIS BA 14 -18.29 -71.49 78.11
N LYS BA 15 -19.28 -72.26 77.68
CA LYS BA 15 -20.28 -72.81 78.57
C LYS BA 15 -20.63 -74.25 78.25
N VAL BA 16 -20.03 -74.84 77.22
CA VAL BA 16 -20.34 -76.20 76.78
C VAL BA 16 -19.04 -76.99 76.69
N THR BA 17 -19.08 -78.23 77.17
CA THR BA 17 -17.88 -79.06 77.19
C THR BA 17 -17.49 -79.46 75.77
N LYS BA 18 -16.22 -79.30 75.45
CA LYS BA 18 -15.72 -79.54 74.09
C LYS BA 18 -15.60 -81.04 73.86
N ASN BA 19 -16.76 -81.68 73.69
CA ASN BA 19 -16.81 -83.09 73.33
C ASN BA 19 -16.34 -83.28 71.90
N VAL BA 20 -15.08 -83.67 71.75
CA VAL BA 20 -14.31 -83.66 70.51
C VAL BA 20 -14.80 -84.74 69.54
N SER BA 21 -14.26 -84.68 68.31
CA SER BA 21 -14.41 -85.74 67.31
C SER BA 21 -13.04 -86.02 66.71
N LYS BA 22 -13.03 -86.78 65.63
CA LYS BA 22 -11.77 -87.12 64.97
C LYS BA 22 -11.38 -86.02 63.97
N PRO BA 23 -10.11 -85.63 63.93
CA PRO BA 23 -9.68 -84.61 62.95
C PRO BA 23 -9.90 -85.11 61.54
N ARG BA 24 -10.71 -84.36 60.78
CA ARG BA 24 -11.22 -84.86 59.51
C ARG BA 24 -10.10 -85.08 58.51
N HIS BA 25 -10.32 -86.02 57.59
CA HIS BA 25 -9.24 -86.48 56.73
C HIS BA 25 -8.81 -85.44 55.73
N SER BA 26 -9.72 -84.58 55.26
CA SER BA 26 -9.33 -83.58 54.29
C SER BA 26 -8.25 -82.65 54.83
N ARG BA 27 -8.12 -82.54 56.15
CA ARG BA 27 -7.09 -81.68 56.72
C ARG BA 27 -5.70 -82.18 56.38
N ARG BA 28 -5.52 -83.49 56.31
CA ARG BA 28 -4.22 -84.08 55.97
C ARG BA 28 -3.98 -83.93 54.48
N ARG BA 29 -3.47 -82.78 54.07
CA ARG BA 29 -3.25 -82.52 52.66
C ARG BA 29 -1.82 -82.04 52.45
N GLY BA 30 -1.12 -82.70 51.53
CA GLY BA 30 0.25 -82.33 51.24
C GLY BA 30 1.24 -82.60 52.35
N ARG BA 31 1.15 -83.74 53.01
CA ARG BA 31 2.19 -84.21 53.93
C ARG BA 31 2.99 -85.27 53.19
N LEU BA 32 4.25 -84.95 52.86
CA LEU BA 32 5.11 -85.88 52.14
C LEU BA 32 5.13 -87.24 52.81
N THR BA 33 4.62 -88.24 52.10
CA THR BA 33 4.79 -89.62 52.53
C THR BA 33 6.18 -90.10 52.14
N LYS BA 34 6.49 -91.34 52.47
CA LYS BA 34 7.78 -91.89 52.07
C LYS BA 34 7.95 -91.83 50.56
N HIS BA 35 6.92 -92.21 49.81
CA HIS BA 35 7.07 -92.34 48.36
C HIS BA 35 7.11 -90.99 47.67
N THR BA 36 6.13 -90.14 47.94
CA THR BA 36 5.99 -88.93 47.12
C THR BA 36 7.13 -87.96 47.36
N LYS BA 37 7.85 -88.10 48.48
CA LYS BA 37 9.07 -87.31 48.65
C LYS BA 37 10.21 -87.89 47.81
N PHE BA 38 10.28 -89.21 47.70
CA PHE BA 38 11.36 -89.85 46.97
C PHE BA 38 11.38 -89.40 45.52
N VAL BA 39 10.24 -89.47 44.85
CA VAL BA 39 10.19 -89.05 43.44
C VAL BA 39 10.53 -87.58 43.30
N ARG BA 40 10.00 -86.74 44.20
CA ARG BA 40 10.16 -85.30 44.05
C ARG BA 40 11.59 -84.87 44.36
N ASP BA 41 12.37 -85.74 45.00
CA ASP BA 41 13.78 -85.45 45.18
C ASP BA 41 14.61 -86.03 44.05
N MET BA 42 14.24 -87.21 43.54
CA MET BA 42 14.99 -87.79 42.44
C MET BA 42 14.92 -86.90 41.20
N ILE BA 43 13.76 -86.30 40.94
CA ILE BA 43 13.61 -85.39 39.80
C ILE BA 43 14.53 -84.19 39.93
N ARG BA 44 14.92 -83.84 41.15
CA ARG BA 44 15.77 -82.66 41.34
C ARG BA 44 17.12 -82.84 40.65
N GLU BA 45 17.56 -84.08 40.43
CA GLU BA 45 18.81 -84.32 39.72
C GLU BA 45 18.61 -84.69 38.26
N VAL BA 46 17.38 -84.63 37.75
CA VAL BA 46 17.15 -84.87 36.34
C VAL BA 46 16.85 -83.58 35.59
N CYS BA 47 16.15 -82.65 36.22
CA CYS BA 47 15.87 -81.35 35.60
C CYS BA 47 16.76 -80.24 36.13
N GLY BA 48 17.20 -80.32 37.37
CA GLY BA 48 18.12 -79.33 37.90
C GLY BA 48 17.45 -78.10 38.47
N PHE BA 49 18.08 -76.94 38.31
CA PHE BA 49 17.66 -75.70 38.94
C PHE BA 49 17.23 -74.68 37.90
N ALA BA 50 16.12 -74.02 38.16
CA ALA BA 50 15.69 -72.92 37.32
C ALA BA 50 16.66 -71.75 37.44
N PRO BA 51 16.80 -70.95 36.38
CA PRO BA 51 17.85 -69.92 36.38
C PRO BA 51 17.70 -68.86 37.45
N TYR BA 52 16.52 -68.60 38.00
CA TYR BA 52 16.47 -67.62 39.09
C TYR BA 52 17.01 -68.23 40.37
N GLU BA 53 16.91 -69.56 40.50
CA GLU BA 53 17.45 -70.22 41.67
C GLU BA 53 18.97 -70.17 41.68
N ARG BA 54 19.59 -70.52 40.54
CA ARG BA 54 21.04 -70.63 40.53
C ARG BA 54 21.71 -69.28 40.72
N ARG BA 55 21.09 -68.21 40.22
CA ARG BA 55 21.58 -66.87 40.54
C ARG BA 55 21.43 -66.58 42.03
N ALA BA 56 20.30 -66.96 42.61
CA ALA BA 56 20.11 -66.73 44.05
C ALA BA 56 21.10 -67.53 44.87
N MET BA 57 21.38 -68.77 44.47
CA MET BA 57 22.39 -69.55 45.19
C MET BA 57 23.75 -68.88 45.14
N GLU BA 58 24.03 -68.15 44.05
CA GLU BA 58 25.29 -67.42 43.96
C GLU BA 58 25.38 -66.33 45.01
N LEU BA 59 24.27 -65.62 45.25
CA LEU BA 59 24.28 -64.62 46.31
C LEU BA 59 24.45 -65.25 47.68
N LEU BA 60 23.79 -66.39 47.93
CA LEU BA 60 23.98 -67.07 49.21
C LEU BA 60 25.41 -67.56 49.36
N LYS BA 61 25.99 -68.11 48.30
CA LYS BA 61 27.34 -68.64 48.38
C LYS BA 61 28.33 -67.55 48.76
N VAL BA 62 28.15 -66.34 48.21
CA VAL BA 62 28.96 -65.19 48.55
C VAL BA 62 28.50 -64.54 49.85
N SER BA 63 27.39 -65.01 50.42
CA SER BA 63 26.85 -64.49 51.67
C SER BA 63 26.48 -63.01 51.55
N LYS BA 64 25.48 -62.76 50.70
CA LYS BA 64 24.81 -61.47 50.59
C LYS BA 64 23.34 -61.71 50.85
N ASP BA 65 23.05 -62.38 51.96
CA ASP BA 65 21.75 -63.02 52.19
C ASP BA 65 20.59 -62.05 51.99
N LYS BA 66 20.66 -60.86 52.60
CA LYS BA 66 19.55 -59.93 52.47
C LYS BA 66 19.33 -59.50 51.03
N ARG BA 67 20.42 -59.38 50.25
CA ARG BA 67 20.26 -59.11 48.83
C ARG BA 67 19.59 -60.28 48.12
N ALA BA 68 19.92 -61.51 48.52
CA ALA BA 68 19.29 -62.67 47.92
C ALA BA 68 17.81 -62.72 48.26
N LEU BA 69 17.46 -62.41 49.51
CA LEU BA 69 16.06 -62.42 49.91
C LEU BA 69 15.27 -61.35 49.18
N LYS BA 70 15.89 -60.20 48.93
CA LYS BA 70 15.22 -59.17 48.14
C LYS BA 70 15.09 -59.60 46.69
N PHE BA 71 15.94 -60.52 46.25
CA PHE BA 71 15.86 -60.99 44.87
C PHE BA 71 14.72 -61.98 44.70
N ILE BA 72 14.77 -63.10 45.44
CA ILE BA 72 13.75 -64.15 45.31
C ILE BA 72 12.36 -63.56 45.55
N LYS BA 73 12.27 -62.56 46.41
CA LYS BA 73 10.98 -61.91 46.66
C LYS BA 73 10.40 -61.38 45.36
N LYS BA 74 11.26 -60.95 44.44
CA LYS BA 74 10.76 -60.45 43.16
C LYS BA 74 10.30 -61.58 42.25
N ARG BA 75 11.03 -62.70 42.24
CA ARG BA 75 10.71 -63.74 41.28
C ARG BA 75 9.52 -64.58 41.70
N VAL BA 76 9.63 -65.27 42.84
CA VAL BA 76 8.52 -66.12 43.28
C VAL BA 76 7.31 -65.28 43.64
N GLY BA 77 7.53 -64.16 44.32
CA GLY BA 77 6.48 -63.16 44.44
C GLY BA 77 6.14 -62.63 45.81
N THR BA 78 6.16 -63.46 46.84
CA THR BA 78 5.64 -63.06 48.14
C THR BA 78 6.63 -63.40 49.25
N HIS BA 79 6.67 -62.55 50.27
CA HIS BA 79 7.63 -62.71 51.35
C HIS BA 79 7.42 -64.02 52.11
N ILE BA 80 6.19 -64.51 52.15
CA ILE BA 80 5.92 -65.79 52.80
C ILE BA 80 6.63 -66.90 52.04
N ARG BA 81 6.69 -66.78 50.72
CA ARG BA 81 7.21 -67.87 49.89
C ARG BA 81 8.71 -67.72 49.66
N ALA BA 82 9.21 -66.50 49.61
CA ALA BA 82 10.65 -66.33 49.47
C ALA BA 82 11.39 -66.95 50.64
N LYS BA 83 11.00 -66.56 51.86
CA LYS BA 83 11.71 -67.03 53.04
C LYS BA 83 11.65 -68.55 53.15
N ARG BA 84 10.62 -69.17 52.57
CA ARG BA 84 10.60 -70.63 52.52
C ARG BA 84 11.55 -71.14 51.45
N LYS BA 85 11.61 -70.45 50.31
CA LYS BA 85 12.54 -70.86 49.26
C LYS BA 85 13.98 -70.54 49.65
N ARG BA 86 14.21 -69.38 50.24
CA ARG BA 86 15.57 -69.01 50.64
C ARG BA 86 16.15 -70.01 51.62
N GLU BA 87 15.36 -70.41 52.62
CA GLU BA 87 15.87 -71.38 53.57
C GLU BA 87 15.94 -72.78 52.97
N GLU BA 88 15.35 -73.00 51.80
CA GLU BA 88 15.46 -74.31 51.17
C GLU BA 88 16.57 -74.36 50.14
N LEU BA 89 16.86 -73.23 49.48
CA LEU BA 89 18.06 -73.17 48.66
C LEU BA 89 19.29 -73.43 49.51
N SER BA 90 19.43 -72.69 50.61
CA SER BA 90 20.31 -73.13 51.67
C SER BA 90 19.79 -74.47 52.19
N SER BA 91 20.71 -75.35 52.61
CA SER BA 91 20.47 -76.76 52.85
C SER BA 91 20.21 -77.53 51.56
N VAL BA 92 20.40 -76.87 50.42
CA VAL BA 92 20.82 -77.52 49.18
C VAL BA 92 22.22 -77.09 48.79
N LEU BA 93 22.54 -75.82 48.98
CA LEU BA 93 23.92 -75.38 48.96
C LEU BA 93 24.70 -75.99 50.11
N ALA BA 94 24.03 -76.24 51.24
CA ALA BA 94 24.72 -76.80 52.40
C ALA BA 94 24.95 -78.30 52.24
N ALA BA 95 24.05 -78.98 51.53
CA ALA BA 95 24.28 -80.39 51.25
C ALA BA 95 25.52 -80.58 50.40
N MET BA 96 25.75 -79.68 49.44
CA MET BA 96 26.93 -79.78 48.59
C MET BA 96 28.22 -79.64 49.41
N ARG BA 97 28.23 -78.74 50.39
CA ARG BA 97 29.40 -78.62 51.24
C ARG BA 97 29.59 -79.86 52.11
N LYS BA 98 28.50 -80.53 52.48
CA LYS BA 98 28.57 -81.80 53.19
C LYS BA 98 29.26 -82.87 52.35
N ALA BA 99 28.72 -83.16 51.17
CA ALA BA 99 29.28 -84.19 50.32
C ALA BA 99 30.67 -83.83 49.80
N ALA BA 100 31.02 -82.54 49.77
CA ALA BA 100 32.36 -82.14 49.37
C ALA BA 100 33.35 -82.17 50.52
N ALA BA 101 32.89 -82.33 51.76
CA ALA BA 101 33.80 -82.40 52.88
C ALA BA 101 34.50 -83.75 52.96
N LYS BA 102 33.81 -84.81 52.54
CA LYS BA 102 34.29 -86.17 52.73
C LYS BA 102 34.83 -86.76 51.42
N THR CA 1 -31.54 -31.94 -16.92
CA THR CA 1 -31.19 -31.42 -15.60
C THR CA 1 -31.06 -32.57 -14.62
N LYS CA 2 -31.69 -32.41 -13.45
CA LYS CA 2 -31.84 -33.49 -12.50
C LYS CA 2 -33.28 -33.79 -12.16
N GLY CA 3 -34.22 -32.95 -12.57
CA GLY CA 3 -35.62 -33.18 -12.33
C GLY CA 3 -36.21 -34.14 -13.34
N THR CA 4 -37.36 -33.80 -13.91
CA THR CA 4 -38.00 -34.71 -14.86
C THR CA 4 -37.17 -34.91 -16.11
N SER CA 5 -36.25 -34.00 -16.42
CA SER CA 5 -35.49 -34.13 -17.64
C SER CA 5 -34.45 -35.24 -17.55
N SER CA 6 -34.20 -35.78 -16.36
CA SER CA 6 -33.22 -36.83 -16.19
C SER CA 6 -33.83 -38.20 -15.91
N PHE CA 7 -35.15 -38.29 -15.84
CA PHE CA 7 -35.79 -39.58 -15.59
C PHE CA 7 -35.92 -40.43 -16.83
N GLY CA 8 -35.57 -39.90 -17.99
CA GLY CA 8 -35.66 -40.68 -19.21
C GLY CA 8 -34.52 -41.65 -19.42
N LYS CA 9 -33.41 -41.47 -18.71
CA LYS CA 9 -32.26 -42.33 -18.90
C LYS CA 9 -32.36 -43.63 -18.15
N ARG CA 10 -33.50 -43.93 -17.53
CA ARG CA 10 -33.64 -45.07 -16.64
C ARG CA 10 -34.10 -46.27 -17.45
N ARG CA 11 -33.15 -46.94 -18.11
CA ARG CA 11 -33.45 -48.13 -18.90
C ARG CA 11 -32.53 -49.29 -18.53
N ASN CA 12 -32.07 -49.34 -17.29
CA ASN CA 12 -31.31 -50.47 -16.78
C ASN CA 12 -31.96 -50.95 -15.50
N LYS CA 13 -31.66 -52.20 -15.13
CA LYS CA 13 -32.19 -52.79 -13.91
C LYS CA 13 -31.03 -53.31 -13.08
N THR CA 14 -30.81 -52.70 -11.91
CA THR CA 14 -29.77 -53.22 -11.03
C THR CA 14 -30.19 -54.50 -10.34
N HIS CA 15 -31.46 -54.61 -9.96
CA HIS CA 15 -31.95 -55.76 -9.22
C HIS CA 15 -32.70 -56.71 -10.16
N THR CA 16 -33.12 -57.83 -9.60
CA THR CA 16 -33.94 -58.83 -10.28
C THR CA 16 -34.36 -59.87 -9.25
N LEU CA 17 -35.15 -60.83 -9.68
CA LEU CA 17 -35.71 -61.81 -8.74
C LEU CA 17 -34.62 -62.66 -8.13
N CYS CA 18 -34.65 -62.80 -6.81
CA CYS CA 18 -33.76 -63.70 -6.10
C CYS CA 18 -34.22 -65.13 -6.29
N ARG CA 19 -33.37 -66.08 -5.89
CA ARG CA 19 -33.68 -67.49 -6.05
C ARG CA 19 -34.04 -68.17 -4.74
N ARG CA 20 -33.89 -67.48 -3.61
CA ARG CA 20 -34.21 -68.01 -2.30
C ARG CA 20 -35.37 -67.29 -1.63
N CYS CA 21 -35.29 -65.97 -1.51
CA CYS CA 21 -36.37 -65.18 -0.95
C CYS CA 21 -37.55 -65.04 -1.90
N GLY CA 22 -37.30 -64.99 -3.20
CA GLY CA 22 -38.33 -64.77 -4.19
C GLY CA 22 -38.64 -63.32 -4.46
N SER CA 23 -38.09 -62.39 -3.70
CA SER CA 23 -38.38 -60.98 -3.92
C SER CA 23 -37.49 -60.44 -5.02
N LYS CA 24 -37.63 -59.15 -5.30
CA LYS CA 24 -36.81 -58.46 -6.29
C LYS CA 24 -35.70 -57.73 -5.53
N ALA CA 25 -34.65 -58.46 -5.20
CA ALA CA 25 -33.55 -57.86 -4.48
C ALA CA 25 -32.17 -58.34 -4.92
N TYR CA 26 -32.08 -59.17 -5.95
CA TYR CA 26 -30.83 -59.85 -6.30
C TYR CA 26 -29.95 -58.87 -7.07
N HIS CA 27 -29.18 -58.07 -6.34
CA HIS CA 27 -28.35 -57.05 -6.94
C HIS CA 27 -27.41 -57.67 -7.97
N LEU CA 28 -27.60 -57.31 -9.24
CA LEU CA 28 -26.92 -57.98 -10.33
C LEU CA 28 -25.43 -57.64 -10.39
N GLN CA 29 -25.07 -56.37 -10.26
CA GLN CA 29 -23.68 -55.96 -10.45
C GLN CA 29 -22.73 -56.59 -9.44
N LYS CA 30 -23.25 -57.15 -8.34
CA LYS CA 30 -22.38 -57.78 -7.35
C LYS CA 30 -22.88 -59.11 -6.83
N SER CA 31 -24.04 -59.59 -7.28
CA SER CA 31 -24.55 -60.93 -6.96
C SER CA 31 -24.69 -61.14 -5.45
N THR CA 32 -25.58 -60.38 -4.83
CA THR CA 32 -25.92 -60.60 -3.43
C THR CA 32 -27.29 -60.02 -3.18
N CYS CA 33 -28.17 -60.83 -2.60
CA CYS CA 33 -29.55 -60.39 -2.43
C CYS CA 33 -29.62 -59.29 -1.37
N GLY CA 34 -30.77 -58.63 -1.32
CA GLY CA 34 -30.96 -57.57 -0.35
C GLY CA 34 -31.83 -58.01 0.80
N LYS CA 35 -32.93 -58.70 0.49
CA LYS CA 35 -33.91 -59.05 1.50
C LYS CA 35 -33.53 -60.28 2.32
N CYS CA 36 -32.72 -61.18 1.78
CA CYS CA 36 -32.27 -62.33 2.56
C CYS CA 36 -30.77 -62.51 2.47
N GLY CA 37 -30.19 -62.17 1.33
CA GLY CA 37 -28.76 -62.29 1.12
C GLY CA 37 -28.51 -63.65 0.53
N TYR CA 38 -28.32 -63.75 -0.77
CA TYR CA 38 -28.45 -65.09 -1.30
C TYR CA 38 -27.23 -65.96 -1.07
N PRO CA 39 -26.05 -65.64 -1.60
CA PRO CA 39 -24.97 -66.62 -1.55
C PRO CA 39 -24.56 -67.01 -0.15
N ALA CA 40 -24.87 -66.20 0.86
CA ALA CA 40 -24.58 -66.58 2.23
C ALA CA 40 -25.48 -67.72 2.66
N LYS CA 41 -25.07 -68.39 3.74
CA LYS CA 41 -25.80 -69.55 4.24
C LYS CA 41 -26.75 -69.21 5.37
N ARG CA 42 -26.94 -67.94 5.69
CA ARG CA 42 -27.79 -67.55 6.80
C ARG CA 42 -28.80 -66.50 6.35
N LYS CA 43 -30.08 -66.78 6.59
CA LYS CA 43 -31.13 -65.82 6.28
C LYS CA 43 -30.88 -64.53 7.04
N ARG CA 44 -31.01 -63.41 6.34
CA ARG CA 44 -30.75 -62.10 6.93
C ARG CA 44 -31.95 -61.67 7.76
N LYS CA 45 -31.79 -61.68 9.08
CA LYS CA 45 -32.84 -61.25 10.00
C LYS CA 45 -32.23 -60.28 10.99
N TYR CA 46 -32.87 -59.14 11.17
CA TYR CA 46 -32.35 -58.13 12.08
C TYR CA 46 -33.43 -57.75 13.08
N ASN CA 47 -32.99 -57.36 14.26
CA ASN CA 47 -33.91 -56.96 15.32
C ASN CA 47 -34.25 -55.48 15.28
N TRP CA 48 -33.71 -54.72 14.35
CA TRP CA 48 -34.10 -53.32 14.30
C TRP CA 48 -35.30 -53.07 13.43
N SER CA 49 -35.78 -54.07 12.70
CA SER CA 49 -37.00 -53.94 11.90
C SER CA 49 -37.91 -55.07 12.31
N ALA CA 50 -38.68 -54.85 13.38
CA ALA CA 50 -39.56 -55.91 13.85
C ALA CA 50 -40.68 -56.17 12.87
N LYS CA 51 -41.01 -55.21 12.01
CA LYS CA 51 -42.00 -55.45 10.98
C LYS CA 51 -41.39 -56.10 9.74
N ALA CA 52 -40.12 -56.49 9.80
CA ALA CA 52 -39.52 -57.29 8.75
C ALA CA 52 -39.30 -58.73 9.17
N LYS CA 53 -39.37 -59.02 10.47
CA LYS CA 53 -39.40 -60.40 10.92
C LYS CA 53 -40.82 -60.95 10.86
N ARG CA 54 -41.82 -60.07 10.85
CA ARG CA 54 -43.20 -60.55 10.80
C ARG CA 54 -43.59 -61.02 9.42
N ARG CA 55 -42.96 -60.49 8.37
CA ARG CA 55 -43.43 -60.75 7.03
C ARG CA 55 -43.13 -62.18 6.57
N ASN CA 56 -41.98 -62.75 6.95
CA ASN CA 56 -41.61 -64.01 6.32
C ASN CA 56 -41.02 -65.03 7.28
N THR CA 57 -41.43 -65.04 8.54
CA THR CA 57 -41.03 -66.13 9.41
C THR CA 57 -42.13 -67.17 9.47
N THR CA 58 -41.98 -68.13 10.38
CA THR CA 58 -42.83 -69.31 10.43
C THR CA 58 -44.29 -68.94 10.60
N GLY CA 59 -45.12 -69.44 9.70
CA GLY CA 59 -46.55 -69.16 9.77
C GLY CA 59 -47.06 -68.55 8.48
N THR CA 60 -46.24 -67.70 7.87
CA THR CA 60 -46.67 -66.97 6.67
C THR CA 60 -46.72 -67.85 5.44
N GLY CA 61 -46.07 -69.00 5.46
CA GLY CA 61 -45.98 -69.86 4.30
C GLY CA 61 -47.03 -70.94 4.28
N ARG CA 62 -46.75 -71.97 3.49
CA ARG CA 62 -47.68 -73.09 3.40
C ARG CA 62 -47.46 -74.14 4.48
N MET CA 63 -46.23 -74.28 4.97
CA MET CA 63 -45.87 -75.28 5.96
C MET CA 63 -46.24 -76.69 5.49
N ARG CA 64 -45.57 -77.13 4.43
CA ARG CA 64 -45.82 -78.48 3.96
C ARG CA 64 -45.41 -79.56 4.96
N HIS CA 65 -44.51 -79.26 5.88
CA HIS CA 65 -44.05 -80.29 6.80
C HIS CA 65 -44.29 -79.93 8.25
N LEU CA 66 -44.07 -78.69 8.64
CA LEU CA 66 -44.30 -78.30 10.02
C LEU CA 66 -45.77 -78.38 10.39
N LYS CA 67 -46.66 -78.47 9.41
CA LYS CA 67 -48.08 -78.60 9.71
C LYS CA 67 -48.41 -80.01 10.18
N ILE CA 68 -47.74 -81.02 9.64
CA ILE CA 68 -48.06 -82.40 9.98
C ILE CA 68 -47.17 -82.98 11.06
N VAL CA 69 -46.20 -82.23 11.57
CA VAL CA 69 -45.60 -82.60 12.83
C VAL CA 69 -46.58 -82.34 13.96
N TYR CA 70 -47.31 -81.22 13.87
CA TYR CA 70 -48.27 -80.88 14.91
C TYR CA 70 -49.42 -81.88 14.94
N ARG CA 71 -49.89 -82.33 13.78
CA ARG CA 71 -50.90 -83.39 13.76
C ARG CA 71 -50.34 -84.69 14.32
N ARG CA 72 -49.10 -85.02 13.97
CA ARG CA 72 -48.51 -86.27 14.43
C ARG CA 72 -48.33 -86.28 15.94
N PHE CA 73 -47.92 -85.14 16.51
CA PHE CA 73 -47.54 -85.14 17.92
C PHE CA 73 -48.72 -85.39 18.84
N ARG CA 74 -49.93 -84.95 18.45
CA ARG CA 74 -51.08 -85.09 19.35
C ARG CA 74 -51.32 -86.54 19.72
N HIS CA 75 -50.85 -87.48 18.90
CA HIS CA 75 -51.00 -88.90 19.17
C HIS CA 75 -49.72 -89.57 19.63
N GLY CA 76 -48.56 -88.95 19.41
CA GLY CA 76 -47.33 -89.48 19.95
C GLY CA 76 -46.43 -90.14 18.93
N PHE CA 77 -46.53 -89.72 17.66
CA PHE CA 77 -45.73 -90.27 16.57
C PHE CA 77 -45.95 -91.77 16.41
N ARG CA 78 -47.18 -92.12 16.07
CA ARG CA 78 -47.49 -93.50 15.73
C ARG CA 78 -46.76 -93.90 14.45
N GLU CA 79 -46.49 -95.19 14.31
CA GLU CA 79 -45.67 -95.68 13.20
C GLU CA 79 -46.08 -97.09 12.82
N GLY CA 80 -46.63 -97.24 11.62
CA GLY CA 80 -46.79 -98.54 11.01
C GLY CA 80 -47.95 -99.38 11.50
N THR CA 81 -48.84 -98.84 12.33
CA THR CA 81 -49.98 -99.59 12.83
C THR CA 81 -51.28 -98.99 12.27
N THR CA 82 -51.85 -99.65 11.27
CA THR CA 82 -53.13 -99.21 10.75
C THR CA 82 -54.23 -99.47 11.78
N PRO CA 83 -55.28 -98.65 11.78
CA PRO CA 83 -56.39 -98.91 12.69
C PRO CA 83 -57.00 -100.27 12.42
N LYS CA 84 -57.55 -100.86 13.46
CA LYS CA 84 -58.06 -102.22 13.40
C LYS CA 84 -59.03 -102.37 12.25
N PRO CA 85 -58.73 -103.21 11.26
CA PRO CA 85 -59.59 -103.31 10.08
C PRO CA 85 -60.96 -103.90 10.43
N LYS CA 86 -61.81 -103.95 9.42
CA LYS CA 86 -63.18 -104.40 9.60
C LYS CA 86 -63.37 -105.82 9.07
N SER DA 1 -38.89 -56.12 -24.39
CA SER DA 1 -37.87 -57.07 -24.81
C SER DA 1 -38.47 -58.21 -25.60
N SER DA 2 -37.75 -58.65 -26.63
CA SER DA 2 -38.01 -59.94 -27.24
C SER DA 2 -36.86 -60.90 -26.99
N HIS DA 3 -36.07 -60.63 -25.96
CA HIS DA 3 -34.98 -61.48 -25.51
C HIS DA 3 -35.21 -61.89 -24.06
N LYS DA 4 -36.43 -62.26 -23.74
CA LYS DA 4 -36.79 -62.55 -22.36
C LYS DA 4 -36.29 -63.93 -21.96
N THR DA 5 -35.81 -64.04 -20.72
CA THR DA 5 -35.35 -65.30 -20.19
C THR DA 5 -36.53 -66.26 -20.07
N PHE DA 6 -36.24 -67.56 -19.93
CA PHE DA 6 -37.32 -68.52 -19.73
C PHE DA 6 -38.08 -68.25 -18.44
N ARG DA 7 -37.37 -67.95 -17.36
CA ARG DA 7 -38.06 -67.71 -16.10
C ARG DA 7 -38.98 -66.51 -16.20
N ILE DA 8 -38.54 -65.43 -16.82
CA ILE DA 8 -39.38 -64.24 -16.93
C ILE DA 8 -40.64 -64.54 -17.73
N LYS DA 9 -40.50 -65.25 -18.85
CA LYS DA 9 -41.68 -65.60 -19.63
C LYS DA 9 -42.66 -66.43 -18.83
N ARG DA 10 -42.16 -67.27 -17.92
CA ARG DA 10 -43.04 -68.03 -17.05
C ARG DA 10 -43.73 -67.11 -16.05
N PHE DA 11 -43.01 -66.13 -15.52
CA PHE DA 11 -43.60 -65.21 -14.56
C PHE DA 11 -44.62 -64.29 -15.22
N LEU DA 12 -44.36 -63.89 -16.47
CA LEU DA 12 -45.34 -63.10 -17.21
C LEU DA 12 -46.46 -63.97 -17.76
N ALA DA 13 -46.52 -65.24 -17.36
CA ALA DA 13 -47.62 -66.09 -17.77
C ALA DA 13 -48.67 -66.18 -16.68
N LYS DA 14 -48.23 -66.33 -15.43
CA LYS DA 14 -49.20 -66.30 -14.34
C LYS DA 14 -49.89 -64.95 -14.27
N LYS DA 15 -49.16 -63.86 -14.52
CA LYS DA 15 -49.76 -62.53 -14.44
C LYS DA 15 -50.74 -62.29 -15.58
N GLN DA 16 -50.81 -63.19 -16.57
CA GLN DA 16 -51.87 -63.10 -17.55
C GLN DA 16 -53.05 -63.99 -17.19
N LYS DA 17 -52.76 -65.19 -16.68
CA LYS DA 17 -53.84 -66.11 -16.33
C LYS DA 17 -54.77 -65.52 -15.29
N GLN DA 18 -54.20 -64.77 -14.35
CA GLN DA 18 -54.98 -64.18 -13.28
C GLN DA 18 -55.32 -62.72 -13.53
N ASN DA 19 -55.58 -62.35 -14.78
CA ASN DA 19 -56.09 -61.03 -15.09
C ASN DA 19 -57.57 -61.07 -15.46
N ARG DA 20 -58.17 -62.26 -15.48
CA ARG DA 20 -59.56 -62.43 -15.87
C ARG DA 20 -60.51 -61.88 -14.81
N PRO DA 21 -61.72 -61.50 -15.21
CA PRO DA 21 -62.75 -61.15 -14.23
C PRO DA 21 -63.30 -62.41 -13.58
N ILE DA 22 -64.10 -62.22 -12.55
CA ILE DA 22 -64.67 -63.37 -11.83
C ILE DA 22 -65.63 -64.11 -12.76
N PRO DA 23 -65.78 -65.42 -12.61
CA PRO DA 23 -66.86 -66.11 -13.31
C PRO DA 23 -68.19 -65.59 -12.81
N GLN DA 24 -69.18 -65.57 -13.70
CA GLN DA 24 -70.45 -64.95 -13.35
C GLN DA 24 -71.16 -65.69 -12.23
N TRP DA 25 -71.12 -67.03 -12.26
CA TRP DA 25 -71.90 -67.80 -11.31
C TRP DA 25 -71.39 -67.72 -9.88
N ILE DA 26 -70.20 -67.17 -9.66
CA ILE DA 26 -69.68 -67.06 -8.30
C ILE DA 26 -70.65 -66.27 -7.43
N ARG DA 27 -71.21 -65.19 -7.97
CA ARG DA 27 -72.03 -64.28 -7.19
C ARG DA 27 -73.21 -64.95 -6.54
N MET DA 28 -73.66 -66.10 -7.03
CA MET DA 28 -74.88 -66.72 -6.54
C MET DA 28 -74.64 -67.76 -5.46
N LYS DA 29 -73.40 -67.97 -5.03
CA LYS DA 29 -73.14 -68.90 -3.93
C LYS DA 29 -73.86 -68.42 -2.67
N THR DA 30 -74.17 -69.37 -1.79
CA THR DA 30 -74.93 -69.03 -0.59
C THR DA 30 -74.17 -68.04 0.28
N GLY DA 31 -73.03 -68.44 0.81
CA GLY DA 31 -72.20 -67.46 1.45
C GLY DA 31 -71.22 -66.90 0.44
N ASN DA 32 -71.59 -65.79 -0.18
CA ASN DA 32 -70.73 -65.15 -1.17
C ASN DA 32 -70.68 -63.66 -0.90
N LYS DA 33 -69.47 -63.11 -0.97
CA LYS DA 33 -69.25 -61.72 -0.64
C LYS DA 33 -68.65 -60.91 -1.78
N ILE DA 34 -67.70 -61.49 -2.51
CA ILE DA 34 -67.06 -60.75 -3.60
C ILE DA 34 -68.09 -60.39 -4.67
N ARG DA 35 -67.83 -59.29 -5.36
CA ARG DA 35 -68.69 -58.92 -6.48
C ARG DA 35 -67.95 -58.34 -7.68
N TYR DA 36 -66.62 -58.21 -7.63
CA TYR DA 36 -65.82 -57.90 -8.80
C TYR DA 36 -64.35 -58.03 -8.40
N ASN DA 37 -63.55 -58.56 -9.32
CA ASN DA 37 -62.16 -58.83 -8.98
C ASN DA 37 -61.42 -57.53 -8.70
N SER DA 38 -60.55 -57.56 -7.69
CA SER DA 38 -59.85 -56.37 -7.24
C SER DA 38 -58.39 -56.33 -7.65
N LYS DA 39 -57.68 -57.46 -7.61
CA LYS DA 39 -56.27 -57.46 -7.99
C LYS DA 39 -56.07 -57.10 -9.46
N ARG DA 40 -57.12 -57.15 -10.26
CA ARG DA 40 -57.03 -57.00 -11.70
C ARG DA 40 -56.33 -55.69 -12.06
N ARG DA 41 -55.41 -55.75 -13.00
CA ARG DA 41 -54.56 -54.61 -13.34
C ARG DA 41 -54.56 -54.34 -14.83
N HIS DA 42 -54.13 -53.13 -15.18
CA HIS DA 42 -54.06 -52.66 -16.55
C HIS DA 42 -52.65 -52.17 -16.80
N TRP DA 43 -52.02 -52.65 -17.87
CA TRP DA 43 -50.59 -52.50 -18.09
C TRP DA 43 -50.10 -51.06 -18.17
N ARG DA 44 -51.01 -50.09 -18.15
CA ARG DA 44 -50.61 -48.69 -18.11
C ARG DA 44 -50.68 -48.08 -16.73
N ARG DA 45 -51.03 -48.86 -15.70
CA ARG DA 45 -51.15 -48.30 -14.35
C ARG DA 45 -50.51 -49.19 -13.29
N THR DA 46 -49.58 -50.06 -13.66
CA THR DA 46 -48.88 -50.90 -12.70
C THR DA 46 -47.71 -51.56 -13.40
N LYS DA 47 -46.59 -51.68 -12.70
CA LYS DA 47 -45.32 -52.00 -13.33
C LYS DA 47 -44.64 -53.23 -12.73
N LEU DA 48 -45.39 -54.27 -12.42
CA LEU DA 48 -44.91 -55.66 -12.39
C LEU DA 48 -43.54 -55.79 -11.72
N GLY DA 49 -43.54 -55.62 -10.41
CA GLY DA 49 -42.33 -55.86 -9.64
C GLY DA 49 -42.15 -54.82 -8.57
N LEU DA 50 -43.12 -53.92 -8.49
CA LEU DA 50 -42.98 -52.72 -7.70
C LEU DA 50 -44.07 -52.67 -6.65
N ILE EA 1 -45.47 71.50 -18.63
CA ILE EA 1 -44.99 72.55 -17.75
C ILE EA 1 -45.84 72.61 -16.49
N ILE EA 2 -45.18 72.53 -15.32
CA ILE EA 2 -45.86 72.53 -14.04
C ILE EA 2 -45.54 73.83 -13.31
N GLU EA 3 -46.51 74.30 -12.53
CA GLU EA 3 -46.49 75.61 -11.90
C GLU EA 3 -46.18 75.50 -10.42
N PRO EA 4 -45.91 76.62 -9.74
CA PRO EA 4 -45.61 76.51 -8.30
C PRO EA 4 -46.76 75.98 -7.47
N SER EA 5 -47.94 76.60 -7.56
CA SER EA 5 -49.05 76.18 -6.72
C SER EA 5 -49.48 74.76 -7.03
N LEU EA 6 -49.53 74.40 -8.31
CA LEU EA 6 -50.01 73.07 -8.69
C LEU EA 6 -49.16 71.97 -8.07
N ARG EA 7 -47.83 72.14 -8.11
CA ARG EA 7 -46.95 71.11 -7.57
C ARG EA 7 -47.21 70.88 -6.10
N GLN EA 8 -47.38 71.95 -5.31
CA GLN EA 8 -47.67 71.76 -3.90
C GLN EA 8 -49.07 71.23 -3.69
N LEU EA 9 -49.97 71.51 -4.63
CA LEU EA 9 -51.30 70.88 -4.57
C LEU EA 9 -51.19 69.38 -4.85
N ALA EA 10 -50.37 69.00 -5.83
CA ALA EA 10 -50.17 67.59 -6.10
C ALA EA 10 -49.44 66.90 -4.95
N GLN EA 11 -48.47 67.60 -4.34
CA GLN EA 11 -47.73 67.01 -3.23
C GLN EA 11 -48.63 66.72 -2.04
N LYS EA 12 -49.80 67.36 -1.97
CA LYS EA 12 -50.72 67.11 -0.87
C LYS EA 12 -51.27 65.70 -0.91
N TYR EA 13 -51.49 65.16 -2.11
CA TYR EA 13 -52.15 63.87 -2.27
C TYR EA 13 -51.18 62.71 -2.45
N ASN EA 14 -49.97 62.96 -2.93
CA ASN EA 14 -49.03 61.90 -3.23
C ASN EA 14 -47.79 61.91 -2.36
N CYS EA 15 -47.47 63.03 -1.72
CA CYS EA 15 -46.16 63.19 -1.10
C CYS EA 15 -46.18 63.50 0.39
N ASP EA 16 -47.25 64.06 0.94
CA ASP EA 16 -47.31 64.35 2.37
C ASP EA 16 -48.15 63.28 3.04
N LYS EA 17 -47.53 62.15 3.33
CA LYS EA 17 -48.21 61.03 3.95
C LYS EA 17 -47.37 60.48 5.09
N MET EA 18 -48.03 59.70 5.93
CA MET EA 18 -47.36 58.92 6.96
C MET EA 18 -47.48 57.45 6.63
N ILE EA 19 -46.40 56.70 6.82
CA ILE EA 19 -46.32 55.30 6.41
C ILE EA 19 -46.15 54.45 7.66
N CYS EA 20 -46.75 53.28 7.65
CA CYS EA 20 -46.67 52.36 8.79
C CYS EA 20 -45.58 51.33 8.57
N ARG EA 21 -44.63 51.28 9.49
CA ARG EA 21 -43.41 50.49 9.31
C ARG EA 21 -43.63 49.00 9.40
N LYS EA 22 -44.81 48.54 9.83
CA LYS EA 22 -45.06 47.12 9.95
C LYS EA 22 -45.87 46.54 8.79
N CYS EA 23 -46.66 47.36 8.09
CA CYS EA 23 -47.46 46.88 6.97
C CYS EA 23 -47.42 47.78 5.75
N TYR EA 24 -46.66 48.88 5.78
CA TYR EA 24 -46.47 49.74 4.61
C TYR EA 24 -47.79 50.35 4.13
N ALA EA 25 -48.68 50.70 5.06
CA ALA EA 25 -49.87 51.41 4.65
C ALA EA 25 -49.52 52.85 4.31
N ARG EA 26 -50.52 53.64 3.94
CA ARG EA 26 -50.32 55.04 3.59
C ARG EA 26 -51.35 55.87 4.36
N LEU EA 27 -50.96 56.35 5.53
CA LEU EA 27 -51.84 56.99 6.49
C LEU EA 27 -52.02 58.46 6.16
N HIS EA 28 -53.03 59.08 6.77
CA HIS EA 28 -53.20 60.52 6.60
C HIS EA 28 -52.20 61.26 7.49
N PRO EA 29 -51.75 62.44 7.07
CA PRO EA 29 -50.47 62.97 7.59
C PRO EA 29 -50.44 63.24 9.08
N ARG EA 30 -51.58 63.32 9.77
CA ARG EA 30 -51.60 63.56 11.20
C ARG EA 30 -52.10 62.36 11.99
N ALA EA 31 -51.66 61.16 11.64
CA ALA EA 31 -52.06 59.95 12.33
C ALA EA 31 -50.90 59.38 13.12
N VAL EA 32 -51.19 58.83 14.29
CA VAL EA 32 -50.20 58.19 15.13
C VAL EA 32 -50.53 56.72 15.36
N ASN EA 33 -51.59 56.21 14.75
CA ASN EA 33 -51.88 54.79 14.76
C ASN EA 33 -52.24 54.38 13.35
N CYS EA 34 -51.80 53.19 12.94
CA CYS EA 34 -52.12 52.73 11.60
C CYS EA 34 -53.64 52.52 11.48
N ARG EA 35 -54.06 52.16 10.28
CA ARG EA 35 -55.47 51.99 10.01
C ARG EA 35 -55.90 50.54 9.87
N LYS EA 36 -54.98 49.66 9.52
CA LYS EA 36 -55.33 48.31 9.15
C LYS EA 36 -55.17 47.36 10.32
N LYS EA 37 -56.03 46.35 10.37
CA LYS EA 37 -56.00 45.34 11.42
C LYS EA 37 -55.02 44.22 11.13
N LYS EA 38 -54.32 44.27 10.01
CA LYS EA 38 -53.34 43.25 9.66
C LYS EA 38 -51.95 43.58 10.19
N CYS EA 39 -51.81 44.63 10.98
CA CYS EA 39 -50.60 44.86 11.75
C CYS EA 39 -50.88 45.24 13.19
N GLY EA 40 -52.13 45.50 13.55
CA GLY EA 40 -52.48 45.75 14.93
C GLY EA 40 -52.37 47.21 15.32
N HIS EA 41 -52.83 48.11 14.45
CA HIS EA 41 -52.89 49.53 14.74
C HIS EA 41 -51.58 50.04 15.33
N THR EA 42 -50.46 49.50 14.87
CA THR EA 42 -49.17 49.82 15.48
C THR EA 42 -48.86 51.31 15.34
N ASN EA 43 -48.12 51.82 16.31
CA ASN EA 43 -47.74 53.24 16.30
C ASN EA 43 -46.25 53.43 16.03
N ASN EA 44 -45.70 52.62 15.12
CA ASN EA 44 -44.36 52.83 14.58
C ASN EA 44 -44.52 53.44 13.20
N LEU EA 45 -44.53 54.78 13.15
CA LEU EA 45 -44.79 55.50 11.92
C LEU EA 45 -43.59 56.36 11.56
N ARG EA 46 -43.38 56.56 10.27
CA ARG EA 46 -42.31 57.39 9.75
C ARG EA 46 -42.82 58.16 8.53
N PRO EA 47 -42.33 59.38 8.31
CA PRO EA 47 -42.79 60.15 7.17
C PRO EA 47 -42.41 59.49 5.85
N LYS EA 48 -43.28 59.62 4.86
CA LYS EA 48 -42.98 59.12 3.54
C LYS EA 48 -41.84 59.93 2.93
N LYS EA 49 -40.77 59.25 2.56
CA LYS EA 49 -39.53 59.94 2.23
C LYS EA 49 -39.70 60.82 1.00
N LYS EA 50 -39.40 62.11 1.15
CA LYS EA 50 -39.51 63.06 0.05
C LYS EA 50 -38.30 62.98 -0.86
N VAL EA 51 -38.53 63.28 -2.14
CA VAL EA 51 -37.53 63.06 -3.18
C VAL EA 51 -36.33 63.98 -2.97
N LYS EA 52 -35.24 63.64 -3.65
CA LYS EA 52 -34.03 64.47 -3.67
C LYS EA 52 -34.31 65.92 -4.06
N VAL FA 1 5.81 -6.98 57.34
CA VAL FA 1 5.35 -7.25 58.69
C VAL FA 1 6.36 -8.12 59.43
N ASN FA 2 7.03 -7.51 60.40
CA ASN FA 2 8.13 -8.13 61.12
C ASN FA 2 7.62 -8.69 62.44
N VAL FA 3 8.01 -9.92 62.77
CA VAL FA 3 7.65 -10.50 64.06
C VAL FA 3 8.91 -11.05 64.72
N PRO FA 4 9.00 -11.06 66.05
CA PRO FA 4 10.24 -11.46 66.71
C PRO FA 4 10.34 -12.96 66.89
N LYS FA 5 11.56 -13.41 67.16
CA LYS FA 5 11.89 -14.84 67.15
C LYS FA 5 11.42 -15.58 68.40
N THR FA 6 11.11 -14.88 69.49
CA THR FA 6 10.61 -15.52 70.69
C THR FA 6 9.39 -14.76 71.20
N ARG FA 7 8.36 -15.50 71.58
CA ARG FA 7 7.10 -14.87 71.93
C ARG FA 7 6.49 -15.65 73.10
N ARG FA 8 6.38 -15.00 74.25
CA ARG FA 8 5.95 -15.64 75.49
C ARG FA 8 4.44 -15.69 75.52
N THR FA 9 3.87 -16.84 75.17
CA THR FA 9 2.43 -16.99 75.03
C THR FA 9 1.92 -18.16 75.86
N PHE FA 10 0.67 -18.55 75.64
CA PHE FA 10 0.10 -19.69 76.34
C PHE FA 10 0.85 -20.97 75.96
N CYS FA 11 0.54 -22.04 76.68
CA CYS FA 11 1.14 -23.34 76.38
C CYS FA 11 0.19 -24.41 76.90
N LYS FA 12 -0.55 -25.03 75.98
CA LYS FA 12 -1.58 -26.00 76.34
C LYS FA 12 -1.00 -27.23 77.03
N LYS FA 13 0.30 -27.48 76.89
CA LYS FA 13 0.93 -28.62 77.53
C LYS FA 13 1.23 -28.33 78.98
N CYS FA 14 2.05 -27.30 79.23
CA CYS FA 14 2.45 -26.96 80.59
C CYS FA 14 1.30 -26.33 81.37
N GLY FA 15 0.43 -25.57 80.70
CA GLY FA 15 -0.68 -24.92 81.34
C GLY FA 15 -0.46 -23.46 81.66
N LYS FA 16 0.79 -23.04 81.86
CA LYS FA 16 1.14 -21.68 82.17
C LYS FA 16 1.45 -20.93 80.88
N HIS FA 17 1.92 -19.69 81.00
CA HIS FA 17 2.68 -19.09 79.93
C HIS FA 17 4.09 -19.67 79.92
N GLN FA 18 4.67 -19.78 78.74
CA GLN FA 18 6.02 -20.28 78.60
C GLN FA 18 6.72 -19.53 77.47
N PRO FA 19 8.03 -19.44 77.51
CA PRO FA 19 8.73 -18.80 76.39
C PRO FA 19 8.78 -19.71 75.18
N HIS FA 20 7.93 -19.41 74.20
CA HIS FA 20 7.84 -20.23 73.00
C HIS FA 20 8.84 -19.75 71.95
N LYS FA 21 9.10 -20.59 70.96
CA LYS FA 21 9.93 -20.23 69.84
C LYS FA 21 9.10 -20.23 68.56
N VAL FA 22 9.39 -19.28 67.67
CA VAL FA 22 8.54 -18.98 66.52
C VAL FA 22 9.25 -19.43 65.26
N THR FA 23 8.59 -20.28 64.48
CA THR FA 23 9.10 -20.68 63.17
C THR FA 23 7.96 -20.63 62.17
N GLN FA 24 8.25 -20.17 60.96
CA GLN FA 24 7.23 -20.08 59.94
C GLN FA 24 6.82 -21.49 59.51
N TYR FA 25 5.61 -21.61 58.97
CA TYR FA 25 5.03 -22.89 58.59
C TYR FA 25 4.93 -23.00 57.08
N LYS FA 26 5.27 -24.18 56.55
CA LYS FA 26 5.16 -24.47 55.14
C LYS FA 26 4.65 -25.90 54.98
N LYS FA 27 3.91 -26.14 53.89
CA LYS FA 27 3.22 -27.40 53.70
C LYS FA 27 4.19 -28.58 53.64
N GLY FA 28 3.73 -29.74 54.10
CA GLY FA 28 4.44 -30.98 53.91
C GLY FA 28 4.49 -31.35 52.44
N LYS FA 29 5.09 -32.50 52.15
CA LYS FA 29 5.29 -32.80 50.73
C LYS FA 29 4.01 -33.36 50.10
N ASP FA 30 3.68 -34.61 50.41
CA ASP FA 30 2.49 -35.40 50.08
C ASP FA 30 2.59 -36.72 50.81
N SER FA 31 1.46 -37.24 51.28
CA SER FA 31 1.46 -38.54 51.91
C SER FA 31 1.81 -39.60 50.90
N LEU FA 32 2.42 -40.68 51.39
CA LEU FA 32 2.56 -41.91 50.62
C LEU FA 32 1.23 -42.24 49.97
N TYR FA 33 0.23 -42.46 50.81
CA TYR FA 33 -1.12 -42.81 50.42
C TYR FA 33 -2.07 -42.06 51.32
N ALA FA 34 -3.22 -41.72 50.77
CA ALA FA 34 -4.22 -40.95 51.49
C ALA FA 34 -5.54 -41.11 50.74
N GLN FA 35 -6.60 -41.52 51.43
CA GLN FA 35 -7.78 -42.02 50.73
C GLN FA 35 -8.32 -41.03 49.71
N GLY FA 36 -7.83 -39.79 49.74
CA GLY FA 36 -8.09 -38.88 48.64
C GLY FA 36 -7.06 -39.00 47.54
N LYS FA 37 -5.81 -39.32 47.91
CA LYS FA 37 -4.74 -39.31 46.91
C LYS FA 37 -4.65 -40.64 46.18
N ARG FA 38 -5.02 -41.74 46.81
CA ARG FA 38 -5.02 -43.00 46.09
C ARG FA 38 -6.41 -43.38 45.59
N ARG FA 39 -7.41 -42.57 45.85
CA ARG FA 39 -8.68 -42.70 45.16
C ARG FA 39 -8.77 -41.68 44.03
N TYR FA 40 -7.73 -40.86 43.87
CA TYR FA 40 -7.63 -40.03 42.69
C TYR FA 40 -6.69 -40.65 41.68
N ASP FA 41 -5.88 -41.63 42.10
CA ASP FA 41 -5.10 -42.38 41.12
C ASP FA 41 -5.97 -43.35 40.36
N ARG FA 42 -6.74 -44.18 41.07
CA ARG FA 42 -7.56 -45.16 40.38
C ARG FA 42 -8.69 -44.50 39.59
N LYS FA 43 -8.92 -43.22 39.79
CA LYS FA 43 -9.88 -42.51 38.97
C LYS FA 43 -9.24 -41.79 37.79
N GLN FA 44 -8.00 -41.33 37.93
CA GLN FA 44 -7.26 -40.85 36.76
C GLN FA 44 -6.79 -42.01 35.89
N SER FA 45 -6.34 -43.09 36.52
CA SER FA 45 -5.86 -44.23 35.76
C SER FA 45 -6.95 -44.77 34.86
N GLY FA 46 -6.58 -45.07 33.63
CA GLY FA 46 -7.49 -45.63 32.66
C GLY FA 46 -7.72 -44.69 31.50
N TYR FA 47 -8.60 -45.12 30.61
CA TYR FA 47 -9.06 -44.25 29.54
C TYR FA 47 -10.14 -43.33 30.05
N GLY FA 48 -10.26 -42.18 29.42
CA GLY FA 48 -11.32 -41.28 29.77
C GLY FA 48 -10.89 -40.11 30.61
N GLY FA 49 -10.66 -38.99 29.94
CA GLY FA 49 -10.64 -37.69 30.55
C GLY FA 49 -9.63 -37.42 31.66
N GLN FA 50 -9.60 -36.15 32.03
CA GLN FA 50 -9.12 -35.70 33.33
C GLN FA 50 -10.36 -35.57 34.20
N THR FA 51 -10.34 -36.18 35.38
CA THR FA 51 -11.59 -36.44 36.09
C THR FA 51 -11.99 -35.36 37.09
N LYS FA 52 -11.17 -35.15 38.12
CA LYS FA 52 -11.51 -34.14 39.10
C LYS FA 52 -11.01 -32.78 38.63
N PRO FA 53 -11.71 -31.71 38.98
CA PRO FA 53 -11.45 -30.42 38.32
C PRO FA 53 -10.09 -29.85 38.69
N ILE FA 54 -9.55 -29.06 37.77
CA ILE FA 54 -8.26 -28.42 37.92
C ILE FA 54 -8.48 -26.92 37.97
N PHE FA 55 -7.80 -26.24 38.89
CA PHE FA 55 -8.12 -24.85 39.15
C PHE FA 55 -7.33 -23.94 38.22
N ARG FA 56 -8.02 -22.91 37.68
CA ARG FA 56 -7.41 -22.04 36.70
C ARG FA 56 -7.76 -20.57 36.86
N LYS FA 57 -8.49 -20.17 37.90
CA LYS FA 57 -8.98 -18.81 38.07
C LYS FA 57 -8.33 -18.15 39.28
N LYS FA 58 -7.02 -18.32 39.41
CA LYS FA 58 -6.29 -17.77 40.55
C LYS FA 58 -6.49 -16.27 40.64
N ALA FA 59 -6.70 -15.77 41.86
CA ALA FA 59 -6.92 -14.35 42.03
C ALA FA 59 -6.01 -13.70 43.07
N LYS FA 60 -5.76 -14.40 44.17
CA LYS FA 60 -5.10 -13.81 45.32
C LYS FA 60 -3.59 -13.86 45.17
N THR FA 61 -2.93 -12.78 45.61
CA THR FA 61 -1.49 -12.69 45.55
C THR FA 61 -0.82 -12.90 46.90
N THR FA 62 -1.54 -12.72 48.00
CA THR FA 62 -0.98 -12.75 49.34
C THR FA 62 -1.53 -13.94 50.11
N LYS FA 63 -0.65 -14.65 50.78
CA LYS FA 63 -1.01 -15.86 51.50
C LYS FA 63 -0.87 -15.62 53.00
N LYS FA 64 -1.91 -16.01 53.76
CA LYS FA 64 -1.88 -15.82 55.21
C LYS FA 64 -0.68 -16.52 55.82
N ILE FA 65 0.22 -15.73 56.40
CA ILE FA 65 1.37 -16.32 57.07
C ILE FA 65 0.92 -17.02 58.33
N VAL FA 66 1.75 -17.93 58.81
CA VAL FA 66 1.44 -18.76 59.97
C VAL FA 66 2.69 -18.83 60.84
N LEU FA 67 2.52 -18.81 62.16
CA LEU FA 67 3.62 -18.97 63.08
C LEU FA 67 3.44 -20.27 63.85
N ARG FA 68 4.47 -21.10 63.86
CA ARG FA 68 4.43 -22.39 64.55
C ARG FA 68 5.15 -22.25 65.87
N LEU FA 69 4.43 -21.78 66.88
CA LEU FA 69 5.00 -21.66 68.22
C LEU FA 69 5.44 -23.03 68.72
N GLU FA 70 6.55 -23.07 69.42
CA GLU FA 70 7.18 -24.31 69.84
C GLU FA 70 7.73 -24.13 71.25
N CYS FA 71 7.14 -24.85 72.22
CA CYS FA 71 7.53 -24.66 73.61
C CYS FA 71 9.00 -24.96 73.80
N VAL FA 72 9.63 -24.23 74.72
CA VAL FA 72 11.06 -24.36 74.95
C VAL FA 72 11.38 -25.03 76.28
N GLU FA 73 10.54 -24.88 77.28
CA GLU FA 73 10.75 -25.56 78.55
C GLU FA 73 10.81 -27.06 78.30
N PRO FA 74 11.89 -27.75 78.69
CA PRO FA 74 12.06 -29.15 78.29
C PRO FA 74 11.02 -30.07 78.92
N ASN FA 75 10.72 -31.15 78.19
CA ASN FA 75 9.74 -32.18 78.53
C ASN FA 75 8.30 -31.75 78.28
N CYS FA 76 8.07 -30.57 77.71
CA CYS FA 76 6.79 -30.28 77.06
C CYS FA 76 6.82 -30.71 75.60
N ARG FA 77 7.71 -30.11 74.82
CA ARG FA 77 7.87 -30.38 73.39
C ARG FA 77 6.51 -30.46 72.69
N SER FA 78 5.80 -29.34 72.72
CA SER FA 78 4.54 -29.21 72.02
C SER FA 78 4.63 -28.05 71.04
N LYS FA 79 3.82 -28.11 69.99
CA LYS FA 79 3.86 -27.12 68.94
C LYS FA 79 2.44 -26.70 68.58
N ARG FA 80 2.23 -25.39 68.49
CA ARG FA 80 0.94 -24.80 68.19
C ARG FA 80 1.00 -24.00 66.90
N MET FA 81 -0.04 -24.12 66.09
CA MET FA 81 -0.14 -23.36 64.85
C MET FA 81 -0.90 -22.08 65.14
N LEU FA 82 -0.34 -20.95 64.72
CA LEU FA 82 -0.95 -19.65 64.95
C LEU FA 82 -0.88 -18.83 63.67
N ALA FA 83 -1.98 -18.17 63.34
CA ALA FA 83 -2.11 -17.47 62.07
C ALA FA 83 -2.05 -15.97 62.26
N ILE FA 84 -1.86 -15.27 61.15
CA ILE FA 84 -1.67 -13.82 61.13
C ILE FA 84 -2.35 -13.26 59.89
N LYS FA 85 -2.88 -12.04 60.00
CA LYS FA 85 -3.58 -11.41 58.90
C LYS FA 85 -2.73 -11.39 57.63
N ARG FA 86 -3.39 -11.29 56.48
CA ARG FA 86 -2.72 -11.41 55.19
C ARG FA 86 -1.67 -10.32 55.02
N CYS FA 87 -0.42 -10.73 54.82
CA CYS FA 87 0.65 -9.77 54.58
C CYS FA 87 1.46 -10.23 53.39
N LYS FA 88 1.66 -9.35 52.42
CA LYS FA 88 2.34 -9.74 51.19
C LYS FA 88 3.81 -10.01 51.41
N HIS FA 89 4.46 -9.23 52.27
CA HIS FA 89 5.85 -9.45 52.64
C HIS FA 89 5.94 -9.94 54.07
N PHE FA 90 6.98 -10.72 54.35
CA PHE FA 90 7.18 -11.28 55.68
C PHE FA 90 8.67 -11.38 55.94
N GLU FA 91 9.07 -11.21 57.20
CA GLU FA 91 10.44 -11.51 57.60
C GLU FA 91 10.46 -11.78 59.08
N LEU FA 92 10.68 -13.03 59.46
CA LEU FA 92 10.74 -13.42 60.87
C LEU FA 92 12.12 -13.03 61.39
N GLY FA 93 12.39 -11.73 61.33
CA GLY FA 93 13.72 -11.25 61.67
C GLY FA 93 13.81 -10.75 63.09
N GLY FA 94 14.78 -9.89 63.35
CA GLY FA 94 14.96 -9.34 64.67
C GLY FA 94 15.22 -7.85 64.61
N ASP FA 95 15.09 -7.28 63.43
CA ASP FA 95 15.39 -5.86 63.26
C ASP FA 95 14.22 -5.02 63.73
N LYS FA 96 14.52 -4.05 64.59
CA LYS FA 96 13.55 -3.08 65.09
C LYS FA 96 13.45 -1.93 64.11
N LYS FA 97 12.59 -0.96 64.40
CA LYS FA 97 12.58 0.29 63.66
C LYS FA 97 12.71 1.46 64.60
N ARG FA 98 13.68 1.37 65.50
CA ARG FA 98 13.84 2.35 66.56
C ARG FA 98 14.08 3.75 65.99
N LYS FA 99 13.53 4.73 66.69
CA LYS FA 99 13.67 6.12 66.27
C LYS FA 99 15.12 6.59 66.40
N GLY FA 100 15.59 7.28 65.37
CA GLY FA 100 16.94 7.83 65.33
C GLY FA 100 17.09 8.79 64.18
N GLN FA 101 18.28 9.37 64.02
CA GLN FA 101 18.54 10.23 62.89
C GLN FA 101 18.50 9.44 61.60
N VAL FA 102 18.08 10.08 60.53
CA VAL FA 102 17.87 9.40 59.26
C VAL FA 102 19.11 9.56 58.38
N ILE FA 103 19.26 8.64 57.43
CA ILE FA 103 20.32 8.72 56.41
C ILE FA 103 19.63 8.66 55.05
N GLN FA 104 19.28 9.84 54.51
CA GLN FA 104 18.56 9.97 53.25
C GLN FA 104 18.41 11.43 52.85
N PHE GA 1 -0.56 44.96 59.45
CA PHE GA 1 -0.51 43.88 60.45
C PHE GA 1 -1.37 42.69 60.04
N VAL GA 2 -1.29 41.61 60.80
CA VAL GA 2 -1.95 40.35 60.49
C VAL GA 2 -3.19 40.19 61.34
N LYS GA 3 -4.09 39.31 60.88
CA LYS GA 3 -5.41 39.16 61.47
C LYS GA 3 -5.31 38.79 62.95
N VAL GA 4 -6.17 39.41 63.75
CA VAL GA 4 -6.23 39.11 65.18
C VAL GA 4 -6.84 37.74 65.38
N VAL GA 5 -6.26 36.98 66.33
CA VAL GA 5 -6.76 35.64 66.61
C VAL GA 5 -8.12 35.70 67.29
N LYS GA 6 -8.31 36.65 68.20
CA LYS GA 6 -9.52 36.72 69.02
C LYS GA 6 -10.52 37.65 68.36
N ASN GA 7 -11.39 37.09 67.53
CA ASN GA 7 -12.44 37.84 66.86
C ASN GA 7 -13.74 37.69 67.64
N LYS GA 8 -14.74 38.47 67.22
CA LYS GA 8 -16.10 38.23 67.67
C LYS GA 8 -16.53 36.81 67.36
N ALA GA 9 -15.98 36.23 66.28
CA ALA GA 9 -16.34 34.87 65.91
C ALA GA 9 -15.62 33.84 66.78
N TYR GA 10 -14.41 34.15 67.22
CA TYR GA 10 -13.64 33.17 67.99
C TYR GA 10 -14.37 32.80 69.28
N PHE GA 11 -14.90 33.79 69.97
CA PHE GA 11 -15.63 33.50 71.21
C PHE GA 11 -16.89 32.70 70.93
N LYS GA 12 -17.58 33.01 69.83
CA LYS GA 12 -18.77 32.25 69.46
C LYS GA 12 -18.45 30.78 69.28
N ARG GA 13 -17.24 30.47 68.80
CA ARG GA 13 -16.82 29.12 68.51
C ARG GA 13 -15.99 28.51 69.63
N TYR GA 14 -16.26 28.85 70.87
CA TYR GA 14 -15.37 28.40 71.93
C TYR GA 14 -16.06 27.26 72.68
N GLN GA 15 -15.28 26.58 73.53
CA GLN GA 15 -15.83 25.46 74.31
C GLN GA 15 -15.06 25.35 75.62
N VAL GA 16 -15.64 25.85 76.71
CA VAL GA 16 -14.99 25.84 78.02
C VAL GA 16 -14.80 24.41 78.49
N LYS GA 17 -13.68 24.16 79.17
CA LYS GA 17 -13.50 22.88 79.82
C LYS GA 17 -14.51 22.72 80.93
N PHE GA 18 -14.50 21.56 81.57
CA PHE GA 18 -15.25 21.40 82.80
C PHE GA 18 -14.63 22.29 83.88
N ARG GA 19 -15.50 22.92 84.68
CA ARG GA 19 -15.03 24.02 85.53
C ARG GA 19 -13.85 23.61 86.38
N ARG GA 20 -13.95 22.47 87.07
CA ARG GA 20 -12.89 22.09 87.98
C ARG GA 20 -11.57 21.86 87.25
N ARG GA 21 -11.62 21.41 86.00
CA ARG GA 21 -10.37 21.27 85.26
C ARG GA 21 -9.91 22.61 84.71
N ARG GA 22 -10.85 23.54 84.50
CA ARG GA 22 -10.46 24.88 84.07
C ARG GA 22 -9.58 25.54 85.12
N GLU GA 23 -9.95 25.39 86.39
CA GLU GA 23 -9.11 25.88 87.47
C GLU GA 23 -7.91 24.98 87.71
N GLY GA 24 -7.90 23.78 87.12
CA GLY GA 24 -6.73 22.94 87.13
C GLY GA 24 -6.61 21.98 88.29
N LYS GA 25 -7.63 21.87 89.14
CA LYS GA 25 -7.50 21.09 90.37
C LYS GA 25 -7.92 19.63 90.22
N THR GA 26 -8.82 19.33 89.30
CA THR GA 26 -9.37 17.98 89.14
C THR GA 26 -8.92 17.40 87.80
N ASP GA 27 -8.47 16.15 87.83
CA ASP GA 27 -8.08 15.42 86.63
C ASP GA 27 -9.25 14.54 86.22
N TYR GA 28 -9.89 14.87 85.12
CA TYR GA 28 -11.12 14.17 84.76
C TYR GA 28 -10.84 12.89 83.98
N TYR GA 29 -9.56 12.58 83.75
CA TYR GA 29 -9.21 11.27 83.20
C TYR GA 29 -8.98 10.26 84.33
N ALA GA 30 -8.35 10.71 85.42
CA ALA GA 30 -8.10 9.82 86.54
C ALA GA 30 -9.27 9.80 87.51
N ARG GA 31 -10.38 10.46 87.16
CA ARG GA 31 -11.57 10.34 87.98
C ARG GA 31 -12.55 9.35 87.38
N LYS GA 32 -12.62 9.29 86.05
CA LYS GA 32 -13.53 8.34 85.40
C LYS GA 32 -13.25 6.92 85.85
N ARG GA 33 -12.02 6.64 86.26
CA ARG GA 33 -11.59 5.31 86.61
C ARG GA 33 -11.45 5.09 88.11
N LEU GA 34 -11.22 6.14 88.87
CA LEU GA 34 -10.99 6.03 90.31
C LEU GA 34 -12.22 6.34 91.14
N VAL GA 35 -13.36 6.57 90.50
CA VAL GA 35 -14.61 6.91 91.19
C VAL GA 35 -15.73 5.97 90.83
N ILE GA 36 -15.89 5.65 89.55
CA ILE GA 36 -17.13 5.09 89.04
C ILE GA 36 -17.26 3.62 89.46
N GLN GA 37 -18.44 3.26 89.94
CA GLN GA 37 -18.71 1.87 90.28
C GLN GA 37 -19.08 1.09 89.00
N ASP GA 38 -19.03 -0.23 89.12
CA ASP GA 38 -19.58 -1.09 88.08
C ASP GA 38 -21.06 -1.27 88.31
N LYS GA 39 -21.78 -1.65 87.26
CA LYS GA 39 -23.23 -1.53 87.27
C LYS GA 39 -23.95 -2.75 87.84
N ASN GA 40 -23.25 -3.82 88.19
CA ASN GA 40 -23.89 -4.92 88.90
C ASN GA 40 -23.63 -4.87 90.39
N LYS GA 41 -23.00 -3.79 90.88
CA LYS GA 41 -22.76 -3.54 92.29
C LYS GA 41 -23.63 -2.37 92.76
N TYR GA 42 -24.91 -2.39 92.37
CA TYR GA 42 -25.70 -1.19 92.09
C TYR GA 42 -25.43 0.00 93.00
N ASN GA 43 -25.64 -0.13 94.30
CA ASN GA 43 -25.44 0.99 95.21
C ASN GA 43 -24.34 0.76 96.23
N THR GA 44 -23.54 -0.27 96.07
CA THR GA 44 -22.42 -0.47 96.97
C THR GA 44 -21.42 0.65 96.74
N PRO GA 45 -21.17 1.53 97.71
CA PRO GA 45 -20.35 2.71 97.45
C PRO GA 45 -18.90 2.35 97.24
N LYS GA 46 -18.20 3.21 96.51
CA LYS GA 46 -16.77 3.05 96.24
C LYS GA 46 -16.02 4.14 96.99
N TYR GA 47 -15.12 3.75 97.88
CA TYR GA 47 -14.45 4.70 98.78
C TYR GA 47 -13.07 5.04 98.25
N ARG GA 48 -12.71 6.31 98.36
CA ARG GA 48 -11.40 6.81 97.93
C ARG GA 48 -10.68 7.45 99.11
N MET GA 49 -9.35 7.44 99.06
CA MET GA 49 -8.55 8.15 100.05
C MET GA 49 -7.95 9.39 99.41
N ILE GA 50 -8.61 10.51 99.60
CA ILE GA 50 -8.14 11.76 99.01
C ILE GA 50 -7.05 12.34 99.89
N VAL GA 51 -5.80 12.26 99.44
CA VAL GA 51 -4.67 12.76 100.19
C VAL GA 51 -4.02 13.87 99.39
N ARG GA 52 -4.05 15.09 99.92
CA ARG GA 52 -3.52 16.25 99.25
C ARG GA 52 -2.50 16.92 100.15
N VAL GA 53 -1.48 17.50 99.54
CA VAL GA 53 -0.47 18.27 100.23
C VAL GA 53 -0.65 19.74 99.87
N THR GA 54 -0.57 20.60 100.86
CA THR GA 54 -0.57 22.04 100.65
C THR GA 54 0.68 22.63 101.28
N ASN GA 55 0.91 23.93 101.03
CA ASN GA 55 2.15 24.55 101.47
C ASN GA 55 2.32 24.47 102.98
N ARG GA 56 1.21 24.42 103.72
CA ARG GA 56 1.27 24.44 105.17
C ARG GA 56 0.25 23.53 105.83
N ASP GA 57 -0.28 22.55 105.12
CA ASP GA 57 -1.27 21.65 105.69
C ASP GA 57 -1.34 20.41 104.81
N ILE GA 58 -1.76 19.30 105.42
CA ILE GA 58 -1.95 18.04 104.73
C ILE GA 58 -3.40 17.64 104.93
N ILE GA 59 -4.07 17.26 103.85
CA ILE GA 59 -5.50 16.96 103.89
C ILE GA 59 -5.69 15.49 103.55
N CYS GA 60 -6.48 14.80 104.37
CA CYS GA 60 -6.87 13.42 104.10
C CYS GA 60 -8.37 13.30 104.24
N GLN GA 61 -9.00 12.62 103.30
CA GLN GA 61 -10.44 12.44 103.29
C GLN GA 61 -10.77 11.07 102.73
N ILE GA 62 -11.93 10.55 103.11
CA ILE GA 62 -12.47 9.33 102.55
C ILE GA 62 -13.86 9.63 102.04
N ALA GA 63 -14.09 9.38 100.75
CA ALA GA 63 -15.30 9.84 100.08
C ALA GA 63 -15.86 8.74 99.20
N TYR GA 64 -17.14 8.87 98.87
CA TYR GA 64 -17.79 8.06 97.85
C TYR GA 64 -18.78 8.93 97.11
N ALA GA 65 -18.71 8.90 95.78
CA ALA GA 65 -19.44 9.86 94.96
C ALA GA 65 -20.91 9.49 94.84
N ARG GA 66 -21.74 10.52 94.68
CA ARG GA 66 -23.15 10.36 94.40
C ARG GA 66 -23.52 11.16 93.16
N ILE GA 67 -24.69 10.85 92.60
CA ILE GA 67 -25.17 11.51 91.39
C ILE GA 67 -25.18 13.02 91.53
N GLU GA 68 -25.28 13.53 92.75
CA GLU GA 68 -25.13 14.95 93.02
C GLU GA 68 -24.07 15.11 94.11
N GLY GA 69 -22.90 15.60 93.73
CA GLY GA 69 -21.84 15.86 94.68
C GLY GA 69 -21.24 14.60 95.24
N ASP GA 70 -20.23 14.79 96.09
CA ASP GA 70 -19.56 13.69 96.77
C ASP GA 70 -20.10 13.53 98.19
N MET GA 71 -19.79 12.39 98.79
CA MET GA 71 -20.11 12.11 100.18
C MET GA 71 -18.83 11.84 100.93
N ILE GA 72 -18.61 12.57 102.03
CA ILE GA 72 -17.38 12.49 102.79
C ILE GA 72 -17.67 11.71 104.06
N VAL GA 73 -17.21 10.47 104.11
CA VAL GA 73 -17.43 9.64 105.29
C VAL GA 73 -16.60 10.14 106.47
N CYS GA 74 -15.33 10.44 106.22
CA CYS GA 74 -14.47 10.95 107.28
C CYS GA 74 -13.36 11.78 106.69
N ALA GA 75 -12.75 12.59 107.55
CA ALA GA 75 -11.62 13.43 107.16
C ALA GA 75 -10.74 13.63 108.37
N ALA GA 76 -9.45 13.80 108.13
CA ALA GA 76 -8.48 14.02 109.22
C ALA GA 76 -7.46 15.03 108.73
N TYR GA 77 -7.72 16.31 109.02
CA TYR GA 77 -6.76 17.33 108.66
C TYR GA 77 -5.50 17.17 109.49
N ALA GA 78 -4.39 17.68 108.97
CA ALA GA 78 -3.11 17.52 109.64
C ALA GA 78 -2.78 18.64 110.62
N HIS GA 79 -3.57 19.70 110.68
CA HIS GA 79 -3.27 20.80 111.58
C HIS GA 79 -3.92 20.65 112.95
N GLU GA 80 -4.60 19.55 113.22
CA GLU GA 80 -5.01 19.20 114.57
C GLU GA 80 -3.89 18.55 115.35
N LEU GA 81 -2.75 18.29 114.71
CA LEU GA 81 -1.66 17.61 115.39
C LEU GA 81 -1.07 18.36 116.58
N PRO GA 82 -1.16 19.69 116.68
CA PRO GA 82 -0.78 20.33 117.94
C PRO GA 82 -1.56 19.82 119.14
N LYS GA 83 -2.74 19.23 118.93
CA LYS GA 83 -3.50 18.66 120.03
C LYS GA 83 -2.77 17.49 120.68
N TYR GA 84 -2.10 16.67 119.88
CA TYR GA 84 -1.70 15.35 120.33
C TYR GA 84 -0.32 15.30 120.95
N GLY GA 85 0.59 16.18 120.56
CA GLY GA 85 1.94 16.12 121.09
C GLY GA 85 3.02 16.49 120.10
N VAL GA 86 2.64 16.70 118.84
CA VAL GA 86 3.56 17.17 117.82
C VAL GA 86 3.17 18.59 117.44
N LYS GA 87 4.16 19.46 117.31
CA LYS GA 87 3.90 20.86 117.01
C LYS GA 87 4.53 21.32 115.69
N VAL GA 88 5.79 21.01 115.48
CA VAL GA 88 6.59 21.63 114.42
C VAL GA 88 6.73 20.65 113.27
N GLY GA 89 6.33 21.08 112.08
CA GLY GA 89 6.40 20.24 110.90
C GLY GA 89 5.08 19.55 110.67
N LEU GA 90 4.31 20.03 109.71
CA LEU GA 90 3.11 19.34 109.29
C LEU GA 90 3.18 18.90 107.83
N THR GA 91 4.16 19.39 107.07
CA THR GA 91 4.39 18.95 105.70
C THR GA 91 5.48 17.89 105.65
N ASN GA 92 5.93 17.45 106.81
CA ASN GA 92 6.90 16.37 106.94
C ASN GA 92 6.29 15.08 106.41
N TYR GA 93 7.16 14.19 105.93
CA TYR GA 93 6.70 12.83 105.60
C TYR GA 93 6.08 12.18 106.82
N ALA GA 94 6.76 12.26 107.96
CA ALA GA 94 6.24 11.65 109.18
C ALA GA 94 4.90 12.27 109.56
N ALA GA 95 4.72 13.57 109.31
CA ALA GA 95 3.45 14.20 109.60
C ALA GA 95 2.33 13.56 108.81
N ALA GA 96 2.58 13.24 107.54
CA ALA GA 96 1.58 12.56 106.74
C ALA GA 96 1.21 11.22 107.36
N TYR GA 97 2.21 10.45 107.80
CA TYR GA 97 1.94 9.19 108.47
C TYR GA 97 1.11 9.40 109.72
N CYS GA 98 1.35 10.50 110.44
CA CYS GA 98 0.51 10.82 111.59
C CYS GA 98 -0.92 11.13 111.16
N THR GA 99 -1.08 11.68 109.96
CA THR GA 99 -2.41 11.91 109.44
C THR GA 99 -3.07 10.61 109.01
N GLY GA 100 -2.33 9.76 108.29
CA GLY GA 100 -2.90 8.51 107.80
C GLY GA 100 -3.21 7.54 108.92
N LEU GA 101 -2.53 7.69 110.05
CA LEU GA 101 -2.83 6.86 111.21
C LEU GA 101 -4.10 7.34 111.90
N LEU GA 102 -4.33 8.65 111.92
CA LEU GA 102 -5.51 9.17 112.59
C LEU GA 102 -6.76 8.94 111.75
N LEU GA 103 -6.67 9.14 110.43
CA LEU GA 103 -7.85 9.03 109.59
C LEU GA 103 -8.48 7.65 109.70
N ALA GA 104 -7.64 6.61 109.69
CA ALA GA 104 -8.18 5.27 109.89
C ALA GA 104 -8.83 5.14 111.25
N ARG GA 105 -8.14 5.59 112.31
CA ARG GA 105 -8.65 5.38 113.66
C ARG GA 105 -9.96 6.12 113.87
N ARG GA 106 -10.06 7.36 113.41
CA ARG GA 106 -11.32 8.08 113.54
C ARG GA 106 -12.42 7.41 112.73
N LEU GA 107 -12.10 6.99 111.50
CA LEU GA 107 -13.09 6.31 110.68
C LEU GA 107 -13.51 4.99 111.30
N LEU GA 108 -12.55 4.18 111.74
CA LEU GA 108 -12.89 2.89 112.34
C LEU GA 108 -13.64 3.06 113.65
N ASN GA 109 -13.28 4.06 114.45
CA ASN GA 109 -14.02 4.29 115.69
C ASN GA 109 -15.47 4.69 115.40
N ARG GA 110 -15.71 5.34 114.26
CA ARG GA 110 -17.09 5.61 113.85
C ARG GA 110 -17.86 4.33 113.64
N PHE GA 111 -17.25 3.36 112.97
CA PHE GA 111 -17.95 2.17 112.47
C PHE GA 111 -17.93 1.00 113.43
N GLY GA 112 -17.27 1.13 114.58
CA GLY GA 112 -17.26 0.06 115.56
C GLY GA 112 -16.15 -0.94 115.41
N MET GA 113 -15.37 -0.88 114.33
CA MET GA 113 -14.24 -1.77 114.14
C MET GA 113 -12.93 -1.17 114.64
N ASP GA 114 -12.99 -0.31 115.65
CA ASP GA 114 -11.76 0.24 116.22
C ASP GA 114 -11.03 -0.80 117.05
N LYS GA 115 -11.75 -1.55 117.88
CA LYS GA 115 -11.12 -2.54 118.75
C LYS GA 115 -10.42 -3.64 117.96
N ILE GA 116 -10.75 -3.80 116.68
CA ILE GA 116 -10.21 -4.84 115.83
C ILE GA 116 -9.53 -4.14 114.66
N TYR GA 117 -8.73 -4.91 113.91
CA TYR GA 117 -8.02 -4.39 112.74
C TYR GA 117 -7.07 -3.25 113.12
N GLU GA 118 -6.06 -3.60 113.92
CA GLU GA 118 -5.10 -2.62 114.39
C GLU GA 118 -3.76 -2.65 113.67
N GLY GA 119 -3.28 -3.82 113.28
CA GLY GA 119 -2.01 -3.88 112.59
C GLY GA 119 -0.83 -3.59 113.51
N GLN GA 120 0.33 -3.42 112.89
CA GLN GA 120 1.53 -3.03 113.60
C GLN GA 120 1.39 -1.63 114.18
N VAL GA 121 2.07 -1.41 115.32
CA VAL GA 121 2.16 -0.08 115.89
C VAL GA 121 3.10 0.78 115.05
N GLU GA 122 4.34 0.31 114.85
CA GLU GA 122 5.26 1.01 113.96
C GLU GA 122 6.32 0.04 113.43
N VAL GA 123 6.07 -0.51 112.25
CA VAL GA 123 6.99 -1.04 111.25
C VAL GA 123 6.11 -1.17 110.01
N THR GA 124 6.65 -0.87 108.82
CA THR GA 124 5.85 -0.98 107.60
C THR GA 124 6.65 -1.74 106.54
N GLY GA 125 6.33 -3.01 106.37
CA GLY GA 125 6.89 -3.81 105.30
C GLY GA 125 5.91 -4.82 104.75
N ASP GA 126 4.68 -4.84 105.27
CA ASP GA 126 3.73 -5.90 104.97
C ASP GA 126 2.33 -5.34 104.80
N GLU GA 127 1.50 -6.13 104.11
CA GLU GA 127 0.06 -5.92 104.02
C GLU GA 127 -0.63 -6.41 105.27
N TYR GA 128 -1.88 -6.00 105.44
CA TYR GA 128 -2.63 -6.31 106.65
C TYR GA 128 -4.00 -6.86 106.28
N ASN GA 129 -4.33 -8.00 106.85
CA ASN GA 129 -5.40 -8.87 106.37
C ASN GA 129 -6.74 -8.54 107.01
N VAL GA 130 -7.78 -9.19 106.50
CA VAL GA 130 -9.16 -8.83 106.78
C VAL GA 130 -9.96 -10.08 107.11
N GLU GA 131 -11.22 -9.86 107.50
CA GLU GA 131 -12.21 -10.91 107.66
C GLU GA 131 -13.56 -10.35 107.22
N SER GA 132 -14.34 -11.13 106.49
CA SER GA 132 -15.64 -10.71 105.98
C SER GA 132 -16.76 -11.59 106.54
N ILE GA 133 -17.73 -10.96 107.20
CA ILE GA 133 -18.95 -11.61 107.66
C ILE GA 133 -20.12 -10.86 107.05
N ASP GA 134 -21.02 -11.59 106.40
CA ASP GA 134 -22.03 -10.98 105.55
C ASP GA 134 -23.00 -10.13 106.38
N GLY GA 135 -23.12 -8.86 106.00
CA GLY GA 135 -24.00 -7.95 106.71
C GLY GA 135 -23.61 -7.69 108.15
N GLN GA 136 -22.33 -7.75 108.47
CA GLN GA 136 -21.83 -7.66 109.84
C GLN GA 136 -20.40 -7.16 109.80
N PRO GA 137 -19.86 -6.68 110.93
CA PRO GA 137 -18.54 -6.02 110.91
C PRO GA 137 -17.42 -6.89 110.33
N GLY GA 138 -16.58 -6.25 109.52
CA GLY GA 138 -15.42 -6.91 108.96
C GLY GA 138 -14.91 -6.33 107.65
N ALA GA 139 -13.59 -6.30 107.49
CA ALA GA 139 -12.93 -6.12 106.19
C ALA GA 139 -13.28 -4.77 105.54
N PHE GA 140 -12.85 -3.69 106.18
CA PHE GA 140 -12.98 -2.41 105.52
C PHE GA 140 -12.03 -2.31 104.33
N THR GA 141 -12.35 -1.39 103.41
CA THR GA 141 -11.55 -1.22 102.20
C THR GA 141 -11.69 0.22 101.71
N CYS GA 142 -10.80 0.59 100.80
CA CYS GA 142 -10.82 1.87 100.10
C CYS GA 142 -9.72 1.81 99.05
N TYR GA 143 -9.60 2.89 98.27
CA TYR GA 143 -8.55 3.00 97.27
C TYR GA 143 -7.91 4.37 97.38
N LEU GA 144 -6.63 4.45 97.04
CA LEU GA 144 -5.92 5.72 97.11
C LEU GA 144 -6.41 6.67 96.02
N ASP GA 145 -6.54 7.94 96.36
CA ASP GA 145 -6.99 8.98 95.44
C ASP GA 145 -5.96 10.11 95.47
N ALA GA 146 -4.92 9.96 94.66
CA ALA GA 146 -3.97 11.05 94.47
C ALA GA 146 -4.58 12.10 93.56
N GLY GA 147 -4.16 13.34 93.78
CA GLY GA 147 -4.67 14.44 92.97
C GLY GA 147 -3.94 14.46 91.65
N LEU GA 148 -3.40 15.61 91.26
CA LEU GA 148 -2.54 15.66 90.10
C LEU GA 148 -1.51 14.55 90.21
N ALA GA 149 -1.58 13.61 89.27
CA ALA GA 149 -1.07 12.26 89.50
C ALA GA 149 0.45 12.22 89.52
N ARG GA 150 1.05 12.83 90.53
CA ARG GA 150 2.50 12.76 90.73
C ARG GA 150 2.81 11.62 91.68
N THR GA 151 3.63 10.68 91.22
CA THR GA 151 3.89 9.48 92.01
C THR GA 151 5.31 8.99 91.75
N THR GA 152 6.23 9.40 92.63
CA THR GA 152 7.60 8.93 92.60
C THR GA 152 8.00 8.51 94.00
N THR GA 153 8.83 7.47 94.08
CA THR GA 153 9.21 6.90 95.36
C THR GA 153 9.62 7.98 96.35
N GLY GA 154 9.05 7.92 97.54
CA GLY GA 154 9.32 8.88 98.58
C GLY GA 154 8.30 9.99 98.71
N ASN GA 155 7.31 10.06 97.82
CA ASN GA 155 6.36 11.16 97.84
C ASN GA 155 5.59 11.22 99.16
N LYS GA 156 5.31 12.43 99.63
CA LYS GA 156 4.66 12.62 100.92
C LYS GA 156 3.33 11.89 100.99
N VAL GA 157 2.59 11.86 99.88
CA VAL GA 157 1.29 11.20 99.89
C VAL GA 157 1.42 9.75 100.30
N PHE GA 158 2.59 9.15 100.06
CA PHE GA 158 2.82 7.78 100.50
C PHE GA 158 3.20 7.71 101.96
N GLY GA 159 3.28 8.86 102.63
CA GLY GA 159 3.31 8.85 104.08
C GLY GA 159 1.96 8.52 104.67
N ALA GA 160 0.89 9.07 104.09
CA ALA GA 160 -0.45 8.73 104.55
C ALA GA 160 -0.77 7.27 104.28
N LEU GA 161 -0.34 6.75 103.13
CA LEU GA 161 -0.66 5.38 102.76
C LEU GA 161 -0.18 4.40 103.81
N LYS GA 162 1.10 4.47 104.19
CA LYS GA 162 1.60 3.57 105.22
C LYS GA 162 0.91 3.83 106.54
N GLY GA 163 0.45 5.06 106.76
CA GLY GA 163 -0.38 5.34 107.92
C GLY GA 163 -1.73 4.68 107.82
N ALA GA 164 -2.36 4.76 106.64
CA ALA GA 164 -3.67 4.17 106.46
C ALA GA 164 -3.64 2.67 106.71
N VAL GA 165 -2.72 1.97 106.06
CA VAL GA 165 -2.70 0.51 106.15
C VAL GA 165 -2.46 0.09 107.59
N ASP GA 166 -1.46 0.70 108.23
CA ASP GA 166 -1.22 0.42 109.65
C ASP GA 166 -2.36 0.91 110.52
N GLY GA 167 -3.14 1.88 110.05
CA GLY GA 167 -4.28 2.34 110.83
C GLY GA 167 -5.37 1.29 110.96
N GLY GA 168 -5.56 0.51 109.90
CA GLY GA 168 -6.59 -0.52 109.91
C GLY GA 168 -7.26 -0.69 108.57
N LEU GA 169 -7.20 0.33 107.72
CA LEU GA 169 -7.73 0.21 106.38
C LEU GA 169 -6.91 -0.82 105.60
N SER GA 170 -7.57 -1.48 104.65
CA SER GA 170 -6.89 -2.38 103.73
C SER GA 170 -6.90 -1.72 102.36
N ILE GA 171 -5.72 -1.33 101.89
CA ILE GA 171 -5.57 -0.59 100.64
C ILE GA 171 -4.76 -1.46 99.69
N PRO GA 172 -5.27 -1.82 98.52
CA PRO GA 172 -4.45 -2.56 97.56
C PRO GA 172 -3.32 -1.69 97.06
N HIS GA 173 -2.09 -2.13 97.30
CA HIS GA 173 -0.92 -1.35 96.94
C HIS GA 173 0.25 -2.30 96.78
N SER GA 174 1.45 -1.72 96.71
CA SER GA 174 2.67 -2.50 96.66
C SER GA 174 3.78 -1.66 97.29
N THR GA 175 4.68 -2.33 97.99
CA THR GA 175 5.81 -1.64 98.63
C THR GA 175 6.90 -1.42 97.60
N LYS GA 176 6.51 -0.82 96.48
CA LYS GA 176 7.42 -0.43 95.42
C LYS GA 176 7.74 1.05 95.48
N ARG GA 177 7.11 1.79 96.38
CA ARG GA 177 7.28 3.24 96.46
C ARG GA 177 7.58 3.73 97.86
N PHE GA 178 7.70 2.85 98.85
CA PHE GA 178 8.11 3.30 100.16
C PHE GA 178 9.55 3.81 100.09
N PRO GA 179 9.82 5.03 100.57
CA PRO GA 179 11.16 5.60 100.42
C PRO GA 179 12.20 4.70 101.07
N GLY GA 180 13.36 4.62 100.43
CA GLY GA 180 14.36 3.63 100.75
C GLY GA 180 14.40 2.48 99.78
N TYR GA 181 13.32 2.26 99.05
CA TYR GA 181 13.35 1.41 97.88
C TYR GA 181 14.52 1.79 96.98
N ASP GA 182 15.46 0.88 96.81
CA ASP GA 182 16.56 1.11 95.89
C ASP GA 182 16.02 1.08 94.47
N SER GA 183 16.36 2.09 93.68
CA SER GA 183 15.74 2.25 92.37
C SER GA 183 16.24 1.24 91.35
N GLU GA 184 17.44 0.70 91.53
CA GLU GA 184 18.05 -0.16 90.54
C GLU GA 184 18.30 -1.57 91.04
N SER GA 185 18.11 -1.84 92.33
CA SER GA 185 18.22 -3.19 92.85
C SER GA 185 16.87 -3.84 93.10
N LYS GA 186 15.82 -3.06 93.33
CA LYS GA 186 14.46 -3.57 93.52
C LYS GA 186 14.41 -4.56 94.69
N GLU GA 187 14.65 -4.01 95.87
CA GLU GA 187 14.66 -4.80 97.10
C GLU GA 187 13.79 -4.13 98.16
N PHE GA 188 13.16 -4.97 98.98
CA PHE GA 188 12.56 -4.51 100.22
C PHE GA 188 13.67 -4.06 101.16
N ASN GA 189 13.54 -2.85 101.70
CA ASN GA 189 14.50 -2.37 102.68
C ASN GA 189 13.88 -2.17 104.05
N ALA GA 190 12.84 -1.33 104.16
CA ALA GA 190 12.06 -1.08 105.36
C ALA GA 190 12.85 -0.41 106.47
N GLU GA 191 14.15 -0.18 106.29
CA GLU GA 191 14.96 0.50 107.29
C GLU GA 191 15.16 1.97 106.97
N VAL GA 192 15.56 2.28 105.74
CA VAL GA 192 15.56 3.67 105.31
C VAL GA 192 14.16 4.25 105.42
N HIS GA 193 13.15 3.43 105.13
CA HIS GA 193 11.78 3.85 105.34
C HIS GA 193 11.49 4.10 106.81
N ARG GA 194 11.99 3.23 107.68
CA ARG GA 194 11.71 3.38 109.10
C ARG GA 194 12.24 4.70 109.64
N LYS GA 195 13.34 5.17 109.08
CA LYS GA 195 13.83 6.49 109.46
C LYS GA 195 12.95 7.58 108.87
N HIS GA 196 12.62 7.46 107.58
CA HIS GA 196 11.77 8.44 106.93
C HIS GA 196 10.40 8.53 107.61
N ILE GA 197 9.82 7.38 107.95
CA ILE GA 197 8.49 7.38 108.56
C ILE GA 197 8.53 8.05 109.93
N MET GA 198 9.67 8.02 110.61
CA MET GA 198 9.76 8.57 111.95
C MET GA 198 10.41 9.95 111.96
N GLY GA 199 10.65 10.54 110.80
CA GLY GA 199 11.24 11.87 110.76
C GLY GA 199 12.69 11.91 111.17
N GLN GA 200 13.35 10.76 111.24
CA GLN GA 200 14.74 10.73 111.70
C GLN GA 200 15.70 11.34 110.68
N ASN GA 201 15.25 11.62 109.46
CA ASN GA 201 16.12 12.34 108.54
C ASN GA 201 16.20 13.82 108.88
N VAL GA 202 15.08 14.41 109.31
CA VAL GA 202 15.12 15.80 109.74
C VAL GA 202 16.01 15.96 110.97
N ALA GA 203 15.89 15.05 111.93
CA ALA GA 203 16.77 15.09 113.09
C ALA GA 203 18.23 14.97 112.68
N ASP GA 204 18.51 14.18 111.65
CA ASP GA 204 19.85 14.15 111.09
C ASP GA 204 20.20 15.48 110.45
N TYR GA 205 19.23 16.12 109.79
CA TYR GA 205 19.48 17.39 109.13
C TYR GA 205 19.94 18.46 110.11
N MET GA 206 19.27 18.56 111.26
CA MET GA 206 19.69 19.54 112.25
C MET GA 206 21.01 19.17 112.90
N ARG GA 207 21.29 17.87 113.03
CA ARG GA 207 22.63 17.47 113.45
C ARG GA 207 23.64 17.74 112.36
N TYR GA 208 23.20 17.75 111.09
CA TYR GA 208 24.09 18.14 110.01
C TYR GA 208 24.41 19.63 110.06
N LEU GA 209 23.43 20.46 110.40
CA LEU GA 209 23.69 21.90 110.43
C LEU GA 209 24.49 22.29 111.67
N MET GA 210 24.36 21.52 112.75
CA MET GA 210 25.12 21.82 113.96
C MET GA 210 26.61 21.89 113.69
N GLU GA 211 27.15 20.86 113.04
CA GLU GA 211 28.59 20.81 112.79
C GLU GA 211 29.02 21.95 111.87
N GLU GA 212 28.27 22.18 110.80
CA GLU GA 212 28.75 23.06 109.74
C GLU GA 212 28.57 24.53 110.11
N ASP GA 213 27.32 24.98 110.27
CA ASP GA 213 27.07 26.39 110.52
C ASP GA 213 25.75 26.54 111.26
N GLU GA 214 25.79 27.24 112.39
CA GLU GA 214 24.55 27.59 113.08
C GLU GA 214 23.81 28.71 112.36
N ASP GA 215 24.55 29.59 111.67
CA ASP GA 215 23.91 30.72 111.01
C ASP GA 215 22.96 30.23 109.92
N ALA GA 216 23.35 29.21 109.17
CA ALA GA 216 22.41 28.58 108.25
C ALA GA 216 21.36 27.78 109.01
N TYR GA 217 21.72 27.23 110.17
CA TYR GA 217 20.77 26.47 110.97
C TYR GA 217 19.63 27.34 111.46
N LYS GA 218 19.94 28.55 111.92
CA LYS GA 218 18.90 29.44 112.40
C LYS GA 218 17.96 29.85 111.28
N LYS GA 219 18.51 30.08 110.09
CA LYS GA 219 17.67 30.49 108.96
C LYS GA 219 16.68 29.41 108.58
N GLN GA 220 17.04 28.14 108.77
CA GLN GA 220 16.17 27.06 108.32
C GLN GA 220 15.11 26.71 109.35
N PHE GA 221 15.52 26.51 110.60
CA PHE GA 221 14.67 25.90 111.61
C PHE GA 221 14.39 26.86 112.76
N SER GA 222 14.22 28.14 112.45
CA SER GA 222 14.06 29.14 113.50
C SER GA 222 12.88 28.83 114.42
N GLN GA 223 11.87 28.14 113.91
CA GLN GA 223 10.71 27.78 114.73
C GLN GA 223 10.71 26.32 115.17
N TYR GA 224 11.77 25.57 114.90
CA TYR GA 224 12.04 24.39 115.71
C TYR GA 224 12.52 24.80 117.10
N ILE GA 225 13.43 25.77 117.16
CA ILE GA 225 13.98 26.18 118.46
C ILE GA 225 12.92 26.87 119.31
N LYS GA 226 12.04 27.64 118.69
CA LYS GA 226 10.90 28.11 119.45
C LYS GA 226 10.07 26.91 119.88
N ASN GA 227 9.70 26.87 121.16
CA ASN GA 227 9.19 25.66 121.78
C ASN GA 227 10.13 24.49 121.47
N ASN GA 228 11.34 24.64 122.01
CA ASN GA 228 12.52 23.87 121.64
C ASN GA 228 12.26 22.39 121.42
N VAL GA 229 12.63 21.92 120.24
CA VAL GA 229 12.63 20.49 119.90
C VAL GA 229 13.98 20.18 119.29
N THR GA 230 14.82 19.45 120.02
CA THR GA 230 16.14 19.06 119.57
C THR GA 230 16.08 17.72 118.86
N PRO GA 231 17.08 17.39 118.04
CA PRO GA 231 17.01 16.13 117.27
C PRO GA 231 16.84 14.90 118.14
N ASP GA 232 17.45 14.88 119.33
CA ASP GA 232 17.47 13.67 120.14
C ASP GA 232 16.08 13.30 120.62
N MET GA 233 15.16 14.25 120.70
CA MET GA 233 13.80 13.95 121.09
C MET GA 233 12.86 13.75 119.90
N MET GA 234 13.36 13.85 118.66
CA MET GA 234 12.46 13.86 117.51
C MET GA 234 11.68 12.55 117.41
N GLU GA 235 12.37 11.42 117.42
CA GLU GA 235 11.64 10.16 117.32
C GLU GA 235 10.86 9.90 118.59
N GLU GA 236 11.34 10.39 119.73
CA GLU GA 236 10.61 10.23 120.97
C GLU GA 236 9.26 10.93 120.92
N MET GA 237 9.22 12.15 120.40
CA MET GA 237 7.96 12.88 120.30
C MET GA 237 6.97 12.12 119.42
N TYR GA 238 7.44 11.61 118.28
CA TYR GA 238 6.56 10.88 117.37
C TYR GA 238 6.07 9.59 118.00
N LYS GA 239 6.93 8.90 118.73
CA LYS GA 239 6.52 7.66 119.38
C LYS GA 239 5.40 7.92 120.38
N LYS GA 240 5.42 9.07 121.04
CA LYS GA 240 4.29 9.46 121.88
C LYS GA 240 3.06 9.72 121.03
N ALA GA 241 3.23 10.37 119.87
CA ALA GA 241 2.10 10.73 119.04
C ALA GA 241 1.33 9.51 118.56
N HIS GA 242 2.05 8.52 118.01
CA HIS GA 242 1.36 7.33 117.52
C HIS GA 242 0.62 6.63 118.65
N ALA GA 243 1.20 6.61 119.84
CA ALA GA 243 0.45 6.18 121.01
C ALA GA 243 -0.73 7.10 121.25
N ALA GA 244 -0.51 8.41 121.19
CA ALA GA 244 -1.55 9.37 121.54
C ALA GA 244 -2.73 9.29 120.59
N ILE GA 245 -2.46 9.05 119.30
CA ILE GA 245 -3.54 9.03 118.32
C ILE GA 245 -4.50 7.88 118.61
N ARG GA 246 -3.99 6.80 119.22
CA ARG GA 246 -4.81 5.59 119.35
C ARG GA 246 -5.89 5.77 120.42
N GLU GA 247 -5.55 6.34 121.58
CA GLU GA 247 -6.55 6.40 122.64
C GLU GA 247 -7.69 7.35 122.32
N ASN GA 248 -7.44 8.47 121.64
CA ASN GA 248 -8.47 9.48 121.37
C ASN GA 248 -8.52 9.79 119.88
N PRO GA 249 -9.12 8.90 119.08
CA PRO GA 249 -9.28 9.19 117.66
C PRO GA 249 -10.48 10.08 117.39
N VAL GA 250 -11.39 10.15 118.37
CA VAL GA 250 -12.66 10.84 118.15
C VAL GA 250 -12.41 12.33 117.89
N TYR GA 251 -13.40 12.98 117.29
CA TYR GA 251 -13.35 14.40 116.98
C TYR GA 251 -14.58 15.05 117.58
N GLU GA 252 -14.45 16.29 118.05
CA GLU GA 252 -15.51 16.93 118.81
C GLU GA 252 -16.14 18.14 118.11
N LYS GA 253 -15.55 18.64 117.03
CA LYS GA 253 -16.18 19.67 116.19
C LYS GA 253 -16.49 20.93 117.00
N LYS GA 254 -15.41 21.62 117.38
CA LYS GA 254 -15.51 22.87 118.13
C LYS GA 254 -16.61 23.76 117.58
N PRO GA 255 -17.35 24.49 118.44
CA PRO GA 255 -18.49 25.29 117.97
C PRO GA 255 -18.09 26.61 117.34
N LYS GA 256 -19.01 27.20 116.58
CA LYS GA 256 -18.75 28.35 115.73
C LYS GA 256 -19.25 29.64 116.36
N ARG GA 257 -18.85 30.75 115.74
CA ARG GA 257 -19.13 32.10 116.20
C ARG GA 257 -20.44 32.62 115.58
N GLU GA 258 -20.80 33.85 115.95
CA GLU GA 258 -22.06 34.44 115.53
C GLU GA 258 -21.83 35.64 114.64
N VAL GA 259 -22.52 35.67 113.50
CA VAL GA 259 -22.22 36.59 112.41
C VAL GA 259 -22.86 37.95 112.68
N LYS GA 260 -22.10 39.02 112.44
CA LYS GA 260 -22.61 40.38 112.45
C LYS GA 260 -22.84 40.91 111.03
N LYS GA 261 -22.83 40.01 110.05
CA LYS GA 261 -23.03 40.32 108.63
C LYS GA 261 -21.97 41.31 108.12
N LYS GA 262 -20.74 40.83 108.10
CA LYS GA 262 -19.64 41.64 107.62
C LYS GA 262 -19.48 41.50 106.11
N ARG GA 263 -18.94 42.56 105.50
CA ARG GA 263 -18.47 42.60 104.12
C ARG GA 263 -17.43 43.70 104.02
N TRP GA 264 -16.25 43.41 103.46
CA TRP GA 264 -15.19 44.41 103.41
C TRP GA 264 -14.77 44.84 102.00
N ASN GA 265 -15.22 44.17 100.93
CA ASN GA 265 -14.83 44.66 99.62
C ASN GA 265 -15.92 45.48 98.94
N ARG GA 266 -17.08 44.86 98.70
CA ARG GA 266 -18.20 45.54 98.06
C ARG GA 266 -19.42 44.63 98.12
N PRO GA 267 -20.61 45.20 98.09
CA PRO GA 267 -21.82 44.37 98.17
C PRO GA 267 -22.01 43.55 96.91
N LYS GA 268 -22.70 42.43 97.09
CA LYS GA 268 -23.09 41.57 95.99
C LYS GA 268 -24.05 42.34 95.11
N MET GA 269 -23.58 42.77 93.94
CA MET GA 269 -24.34 43.71 93.13
C MET GA 269 -25.30 42.96 92.22
N SER GA 270 -26.59 43.11 92.50
CA SER GA 270 -27.68 42.44 91.81
C SER GA 270 -28.21 43.31 90.66
N LEU GA 271 -29.39 42.96 90.14
CA LEU GA 271 -29.90 43.63 88.94
C LEU GA 271 -30.11 45.12 89.18
N ALA GA 272 -30.83 45.49 90.25
CA ALA GA 272 -31.14 46.89 90.49
C ALA GA 272 -29.87 47.70 90.72
N GLN GA 273 -29.01 47.22 91.62
CA GLN GA 273 -27.76 47.92 91.89
C GLN GA 273 -26.88 47.94 90.64
N LYS GA 274 -27.15 47.05 89.69
CA LYS GA 274 -26.56 47.17 88.37
C LYS GA 274 -27.41 48.06 87.48
N LYS GA 275 -28.72 47.80 87.40
CA LYS GA 275 -29.55 48.47 86.42
C LYS GA 275 -29.63 49.97 86.67
N ASP GA 276 -29.98 50.37 87.88
CA ASP GA 276 -30.16 51.79 88.15
C ASP GA 276 -28.84 52.53 88.26
N ARG GA 277 -27.87 51.95 88.95
CA ARG GA 277 -26.57 52.61 89.12
C ARG GA 277 -25.90 52.86 87.78
N VAL GA 278 -25.96 51.89 86.87
CA VAL GA 278 -25.24 52.02 85.61
C VAL GA 278 -26.03 52.90 84.64
N ALA GA 279 -27.36 52.89 84.74
CA ALA GA 279 -28.15 53.86 83.99
C ALA GA 279 -27.84 55.29 84.46
N GLN GA 280 -27.51 55.44 85.75
CA GLN GA 280 -26.91 56.69 86.19
C GLN GA 280 -25.54 56.88 85.57
N LYS GA 281 -24.69 55.86 85.69
CA LYS GA 281 -23.28 56.01 85.36
C LYS GA 281 -23.10 56.59 83.96
N LYS GA 282 -23.92 56.15 83.01
CA LYS GA 282 -23.93 56.80 81.70
C LYS GA 282 -24.35 58.25 81.83
N ALA GA 283 -25.51 58.49 82.46
CA ALA GA 283 -26.03 59.85 82.56
C ALA GA 283 -25.07 60.75 83.32
N SER GA 284 -24.16 60.15 84.09
CA SER GA 284 -23.10 60.95 84.69
C SER GA 284 -21.96 61.20 83.71
N PHE GA 285 -21.31 60.13 83.22
CA PHE GA 285 -20.27 60.32 82.22
C PHE GA 285 -20.76 61.09 81.00
N LEU GA 286 -22.06 60.98 80.69
CA LEU GA 286 -22.60 61.83 79.64
C LEU GA 286 -22.47 63.29 80.02
N ARG GA 287 -22.71 63.63 81.28
CA ARG GA 287 -22.73 65.03 81.68
C ARG GA 287 -21.35 65.67 81.55
N ALA GA 288 -20.29 64.91 81.79
CA ALA GA 288 -18.95 65.48 81.67
C ALA GA 288 -18.66 65.92 80.24
N GLN GA 289 -19.06 65.12 79.26
CA GLN GA 289 -18.72 65.41 77.87
C GLN GA 289 -19.49 66.59 77.29
N GLU GA 290 -20.67 66.89 77.83
CA GLU GA 290 -21.42 68.07 77.40
C GLU GA 290 -21.03 69.31 78.18
N ARG GA 291 -20.10 69.19 79.12
CA ARG GA 291 -19.67 70.30 79.96
C ARG GA 291 -18.22 70.70 79.68
N ALA GA 292 -17.67 70.26 78.55
CA ALA GA 292 -16.28 70.55 78.23
C ALA GA 292 -15.99 70.39 76.74
N ALA HA 1 13.33 -20.81 -46.28
CA ALA HA 1 12.78 -21.06 -47.61
C ALA HA 1 12.10 -19.82 -48.15
N LYS HA 2 10.96 -20.02 -48.81
CA LYS HA 2 10.17 -18.92 -49.34
C LYS HA 2 8.76 -18.85 -48.76
N ARG HA 3 8.22 -19.95 -48.24
CA ARG HA 3 6.89 -19.90 -47.66
C ARG HA 3 6.92 -19.27 -46.27
N THR HA 4 7.94 -19.56 -45.48
CA THR HA 4 8.05 -19.07 -44.11
C THR HA 4 9.50 -18.72 -43.81
N LYS HA 5 9.71 -17.55 -43.22
CA LYS HA 5 11.05 -17.03 -43.07
C LYS HA 5 11.82 -17.75 -41.97
N LYS HA 6 11.32 -17.68 -40.73
CA LYS HA 6 12.08 -18.27 -39.64
C LYS HA 6 11.22 -19.11 -38.70
N VAL HA 7 10.37 -19.99 -39.24
CA VAL HA 7 9.73 -20.97 -38.38
C VAL HA 7 10.16 -22.38 -38.80
N GLY HA 8 9.83 -22.78 -40.03
CA GLY HA 8 10.15 -24.12 -40.47
C GLY HA 8 9.07 -25.12 -40.13
N ILE HA 9 9.46 -26.24 -39.53
CA ILE HA 9 8.50 -27.28 -39.20
C ILE HA 9 7.50 -26.81 -38.16
N VAL HA 10 7.88 -25.85 -37.31
CA VAL HA 10 7.04 -25.49 -36.19
C VAL HA 10 6.11 -24.36 -36.61
N GLY HA 11 5.96 -24.16 -37.92
CA GLY HA 11 4.92 -23.27 -38.37
C GLY HA 11 3.54 -23.87 -38.31
N LYS HA 12 3.44 -25.17 -38.04
CA LYS HA 12 2.16 -25.81 -37.84
C LYS HA 12 1.57 -25.53 -36.48
N TYR HA 13 2.14 -24.59 -35.73
CA TYR HA 13 1.65 -24.23 -34.42
C TYR HA 13 1.07 -22.83 -34.35
N GLY HA 14 1.36 -21.98 -35.32
CA GLY HA 14 0.76 -20.67 -35.29
C GLY HA 14 1.31 -19.82 -34.16
N THR HA 15 0.47 -18.89 -33.71
CA THR HA 15 0.88 -17.88 -32.73
C THR HA 15 0.85 -18.40 -31.30
N ARG HA 16 0.87 -19.70 -31.08
CA ARG HA 16 0.70 -20.26 -29.75
C ARG HA 16 2.02 -20.75 -29.16
N TYR HA 17 1.99 -20.97 -27.86
CA TYR HA 17 3.09 -21.59 -27.10
C TYR HA 17 4.29 -20.67 -26.91
N GLY HA 18 4.28 -19.52 -27.56
CA GLY HA 18 5.39 -18.64 -27.30
C GLY HA 18 6.46 -18.70 -28.37
N ALA HA 19 7.54 -17.96 -28.15
CA ALA HA 19 8.66 -18.02 -29.09
C ALA HA 19 9.68 -19.06 -28.66
N SER HA 20 10.23 -18.91 -27.45
CA SER HA 20 11.39 -19.71 -27.07
C SER HA 20 11.04 -21.18 -26.95
N LEU HA 21 9.81 -21.51 -26.59
CA LEU HA 21 9.43 -22.92 -26.60
C LEU HA 21 9.43 -23.48 -28.01
N ARG HA 22 8.92 -22.71 -28.98
CA ARG HA 22 8.86 -23.22 -30.34
C ARG HA 22 10.25 -23.32 -30.96
N LYS HA 23 11.15 -22.40 -30.61
CA LYS HA 23 12.51 -22.49 -31.11
C LYS HA 23 13.20 -23.75 -30.60
N MET HA 24 12.99 -24.09 -29.33
CA MET HA 24 13.62 -25.29 -28.78
C MET HA 24 13.06 -26.56 -29.39
N VAL HA 25 11.81 -26.51 -29.86
CA VAL HA 25 11.20 -27.69 -30.45
C VAL HA 25 11.62 -27.85 -31.90
N LYS HA 26 11.94 -26.76 -32.59
CA LYS HA 26 12.28 -26.83 -34.01
C LYS HA 26 13.52 -27.70 -34.24
N LYS HA 27 14.36 -27.83 -33.22
CA LYS HA 27 15.53 -28.70 -33.39
C LYS HA 27 15.22 -30.15 -33.07
N ILE HA 28 14.00 -30.46 -32.63
CA ILE HA 28 13.64 -31.82 -32.29
C ILE HA 28 12.64 -32.41 -33.26
N GLU HA 29 11.70 -31.61 -33.75
CA GLU HA 29 10.81 -32.10 -34.80
C GLU HA 29 11.47 -32.08 -36.17
N ILE HA 30 12.77 -31.80 -36.25
CA ILE HA 30 13.51 -32.03 -37.48
C ILE HA 30 14.35 -33.29 -37.37
N SER HA 31 15.01 -33.48 -36.22
CA SER HA 31 15.82 -34.68 -36.04
C SER HA 31 14.97 -35.94 -36.12
N GLN HA 32 13.83 -35.95 -35.42
CA GLN HA 32 13.09 -37.19 -35.26
C GLN HA 32 12.42 -37.64 -36.55
N HIS HA 33 11.84 -36.71 -37.31
CA HIS HA 33 11.12 -37.11 -38.52
C HIS HA 33 12.07 -37.48 -39.64
N ALA HA 34 13.14 -36.71 -39.84
CA ALA HA 34 14.00 -36.87 -41.00
C ALA HA 34 14.63 -38.26 -41.01
N LYS HA 35 14.89 -38.76 -42.20
CA LYS HA 35 15.33 -40.12 -42.41
C LYS HA 35 16.85 -40.23 -42.35
N TYR HA 36 17.35 -41.08 -41.47
CA TYR HA 36 18.77 -41.34 -41.34
C TYR HA 36 19.17 -42.43 -42.34
N THR HA 37 20.46 -42.75 -42.41
CA THR HA 37 20.97 -43.77 -43.31
C THR HA 37 21.25 -45.03 -42.50
N CYS HA 38 20.51 -46.10 -42.80
CA CYS HA 38 20.72 -47.37 -42.12
C CYS HA 38 22.13 -47.85 -42.39
N SER HA 39 22.89 -48.11 -41.32
CA SER HA 39 24.28 -48.50 -41.49
C SER HA 39 24.44 -49.88 -42.10
N PHE HA 40 23.41 -50.71 -42.07
CA PHE HA 40 23.51 -52.06 -42.63
C PHE HA 40 23.21 -52.10 -44.12
N CYS HA 41 22.73 -51.02 -44.71
CA CYS HA 41 22.47 -51.00 -46.15
C CYS HA 41 22.97 -49.76 -46.85
N GLY HA 42 23.15 -48.62 -46.18
CA GLY HA 42 23.48 -47.41 -46.87
C GLY HA 42 22.30 -46.74 -47.53
N LYS HA 43 21.10 -47.29 -47.40
CA LYS HA 43 19.91 -46.75 -48.02
C LYS HA 43 19.21 -45.86 -47.01
N THR HA 44 19.05 -44.58 -47.32
CA THR HA 44 18.54 -43.61 -46.36
C THR HA 44 17.06 -43.91 -46.15
N LYS HA 45 16.80 -44.95 -45.35
CA LYS HA 45 15.44 -45.38 -45.08
C LYS HA 45 15.25 -45.76 -43.63
N MET HA 46 15.95 -45.09 -42.72
CA MET HA 46 15.85 -45.38 -41.29
C MET HA 46 15.01 -44.30 -40.62
N LYS HA 47 13.77 -44.65 -40.30
CA LYS HA 47 12.77 -43.71 -39.84
C LYS HA 47 12.29 -44.11 -38.44
N ARG HA 48 12.17 -43.13 -37.56
CA ARG HA 48 11.73 -43.40 -36.20
C ARG HA 48 10.37 -44.07 -36.19
N ARG HA 49 10.22 -45.12 -35.39
CA ARG HA 49 8.95 -45.81 -35.31
C ARG HA 49 8.14 -45.39 -34.09
N ALA HA 50 8.74 -45.45 -32.91
CA ALA HA 50 8.14 -44.93 -31.69
C ALA HA 50 9.26 -44.32 -30.87
N VAL HA 51 9.00 -44.03 -29.60
CA VAL HA 51 10.05 -43.44 -28.77
C VAL HA 51 11.18 -44.44 -28.63
N GLY HA 52 12.38 -44.01 -28.98
CA GLY HA 52 13.57 -44.81 -28.75
C GLY HA 52 13.65 -46.09 -29.52
N ILE HA 53 12.94 -46.23 -30.64
CA ILE HA 53 13.06 -47.41 -31.49
C ILE HA 53 13.02 -46.96 -32.95
N TRP HA 54 13.91 -47.52 -33.76
CA TRP HA 54 14.04 -47.12 -35.15
C TRP HA 54 13.94 -48.33 -36.06
N HIS HA 55 13.35 -48.13 -37.23
CA HIS HA 55 13.04 -49.20 -38.17
C HIS HA 55 13.68 -48.86 -39.50
N CYS HA 56 14.17 -49.87 -40.21
CA CYS HA 56 14.69 -49.63 -41.54
C CYS HA 56 13.57 -49.76 -42.57
N GLY HA 57 13.95 -49.71 -43.83
CA GLY HA 57 12.96 -49.79 -44.86
C GLY HA 57 13.21 -50.94 -45.81
N SER HA 58 14.46 -51.35 -45.91
CA SER HA 58 14.85 -52.39 -46.83
C SER HA 58 15.56 -53.57 -46.17
N CYS HA 59 16.40 -53.33 -45.16
CA CYS HA 59 16.96 -54.42 -44.38
C CYS HA 59 15.91 -55.06 -43.48
N MET HA 60 14.95 -54.28 -43.01
CA MET HA 60 13.98 -54.70 -42.01
C MET HA 60 14.68 -55.10 -40.71
N LYS HA 61 15.38 -54.12 -40.13
CA LYS HA 61 16.08 -54.28 -38.87
C LYS HA 61 15.73 -53.12 -37.96
N THR HA 62 15.18 -53.40 -36.78
CA THR HA 62 14.89 -52.37 -35.81
C THR HA 62 16.10 -52.14 -34.92
N VAL HA 63 16.44 -50.88 -34.68
CA VAL HA 63 17.59 -50.51 -33.89
C VAL HA 63 17.14 -49.60 -32.77
N ALA HA 64 17.44 -49.99 -31.53
CA ALA HA 64 16.98 -49.23 -30.37
C ALA HA 64 17.97 -48.10 -30.10
N GLY HA 65 17.77 -46.97 -30.75
CA GLY HA 65 18.64 -45.84 -30.54
C GLY HA 65 18.02 -44.78 -29.66
N GLY HA 66 18.49 -43.54 -29.79
CA GLY HA 66 18.02 -42.44 -28.97
C GLY HA 66 16.54 -42.17 -29.13
N ALA HA 67 16.03 -41.16 -28.44
CA ALA HA 67 14.60 -40.90 -28.43
C ALA HA 67 14.16 -39.91 -29.50
N TRP HA 68 15.05 -39.03 -29.93
CA TRP HA 68 14.78 -38.16 -31.07
C TRP HA 68 15.87 -38.19 -32.12
N THR HA 69 16.82 -39.12 -32.02
CA THR HA 69 17.98 -39.16 -32.88
C THR HA 69 18.53 -40.58 -32.87
N TYR HA 70 19.20 -40.96 -33.96
CA TYR HA 70 19.77 -42.30 -34.03
C TYR HA 70 20.80 -42.58 -32.95
N ASN HA 71 21.38 -41.56 -32.32
CA ASN HA 71 22.32 -41.81 -31.25
C ASN HA 71 22.59 -40.55 -30.43
N THR HA 72 22.58 -40.70 -29.12
CA THR HA 72 22.84 -39.60 -28.19
C THR HA 72 24.32 -39.65 -27.83
N THR HA 73 24.99 -38.50 -27.92
CA THR HA 73 26.43 -38.50 -27.97
C THR HA 73 27.06 -39.15 -26.74
N SER HA 74 26.33 -39.21 -25.63
CA SER HA 74 26.80 -40.04 -24.53
C SER HA 74 26.78 -41.51 -24.90
N ALA HA 75 25.72 -41.96 -25.58
CA ALA HA 75 25.63 -43.37 -25.92
C ALA HA 75 26.72 -43.78 -26.90
N VAL HA 76 27.28 -42.80 -27.62
CA VAL HA 76 28.41 -43.10 -28.50
C VAL HA 76 29.71 -43.18 -27.70
N THR HA 77 29.88 -42.29 -26.74
CA THR HA 77 31.10 -42.33 -25.95
C THR HA 77 31.10 -43.48 -24.96
N VAL HA 78 29.92 -43.99 -24.61
CA VAL HA 78 29.87 -45.23 -23.84
C VAL HA 78 30.31 -46.40 -24.71
N LYS HA 79 29.83 -46.44 -25.96
CA LYS HA 79 30.31 -47.44 -26.90
C LYS HA 79 31.81 -47.29 -27.13
N SER HA 80 32.31 -46.06 -27.04
CA SER HA 80 33.75 -45.84 -27.15
C SER HA 80 34.51 -46.55 -26.03
N ALA HA 81 34.25 -46.14 -24.78
CA ALA HA 81 35.04 -46.63 -23.67
C ALA HA 81 34.98 -48.14 -23.55
N ILE HA 82 33.79 -48.73 -23.72
CA ILE HA 82 33.65 -50.17 -23.57
C ILE HA 82 34.55 -50.91 -24.55
N ARG HA 83 34.81 -50.31 -25.71
CA ARG HA 83 35.82 -50.88 -26.59
C ARG HA 83 37.19 -50.81 -25.95
N ARG HA 84 37.57 -49.62 -25.45
CA ARG HA 84 38.89 -49.46 -24.84
C ARG HA 84 39.04 -50.33 -23.61
N LEU HA 85 38.00 -50.44 -22.79
CA LEU HA 85 38.09 -51.28 -21.61
C LEU HA 85 38.18 -52.76 -21.95
N LYS HA 86 37.86 -53.14 -23.19
CA LYS HA 86 37.86 -54.55 -23.54
C LYS HA 86 39.28 -55.08 -23.73
N GLU HA 87 40.21 -54.24 -24.18
CA GLU HA 87 41.60 -54.70 -24.26
C GLU HA 87 42.25 -54.79 -22.89
N LEU HA 88 42.02 -53.78 -22.04
CA LEU HA 88 42.65 -53.78 -20.73
C LEU HA 88 42.20 -54.97 -19.89
N LYS HA 89 40.93 -55.35 -19.99
CA LYS HA 89 40.44 -56.53 -19.29
C LYS HA 89 41.17 -57.78 -19.77
N ASP HA 90 41.66 -57.78 -21.01
CA ASP HA 90 42.39 -58.92 -21.56
C ASP HA 90 43.76 -58.55 -22.11
N GLN HA 91 44.35 -57.46 -21.61
CA GLN HA 91 45.75 -57.11 -21.89
C GLN HA 91 46.07 -56.92 -23.36
N SER IA 1 -84.77 -50.69 69.70
CA SER IA 1 -83.78 -50.19 68.76
C SER IA 1 -84.45 -49.57 67.55
N ALA IA 2 -85.68 -49.10 67.73
CA ALA IA 2 -86.44 -48.54 66.62
C ALA IA 2 -85.65 -47.47 65.89
N HIS IA 3 -84.95 -46.62 66.63
CA HIS IA 3 -84.09 -45.63 65.99
C HIS IA 3 -82.97 -46.29 65.21
N LEU IA 4 -82.36 -47.33 65.78
CA LEU IA 4 -81.18 -47.92 65.14
C LEU IA 4 -81.52 -48.48 63.77
N GLN IA 5 -82.55 -49.32 63.68
CA GLN IA 5 -82.93 -49.87 62.40
C GLN IA 5 -83.62 -48.85 61.51
N TRP IA 6 -83.64 -47.59 61.93
CA TRP IA 6 -83.97 -46.49 61.02
C TRP IA 6 -82.71 -45.83 60.48
N MET IA 7 -81.68 -45.72 61.30
CA MET IA 7 -80.41 -45.18 60.83
C MET IA 7 -79.85 -46.03 59.71
N VAL IA 8 -80.19 -47.31 59.67
CA VAL IA 8 -79.67 -48.19 58.64
C VAL IA 8 -80.42 -48.00 57.33
N VAL IA 9 -81.74 -47.77 57.40
CA VAL IA 9 -82.60 -47.77 56.23
C VAL IA 9 -83.09 -46.37 55.89
N ARG IA 10 -82.52 -45.33 56.49
CA ARG IA 10 -83.02 -43.98 56.22
C ARG IA 10 -82.80 -43.59 54.76
N ASN IA 11 -81.77 -44.12 54.13
CA ASN IA 11 -81.49 -43.82 52.74
C ASN IA 11 -81.13 -45.04 51.92
N CYS IA 12 -80.81 -46.17 52.54
CA CYS IA 12 -80.40 -47.35 51.81
C CYS IA 12 -81.57 -47.88 50.99
N SER IA 13 -81.31 -48.21 49.73
CA SER IA 13 -82.38 -48.43 48.76
C SER IA 13 -83.14 -49.69 49.14
N SER IA 14 -84.26 -49.49 49.84
CA SER IA 14 -85.12 -50.58 50.24
C SER IA 14 -86.51 -50.47 49.60
N PHE IA 15 -87.20 -49.37 49.89
CA PHE IA 15 -88.51 -49.07 49.33
C PHE IA 15 -88.58 -47.64 48.83
N LEU IA 16 -87.57 -46.82 49.10
CA LEU IA 16 -87.59 -45.44 48.67
C LEU IA 16 -87.53 -45.33 47.16
N ILE IA 17 -88.24 -44.35 46.63
CA ILE IA 17 -88.13 -43.92 45.25
C ILE IA 17 -87.97 -42.41 45.25
N LYS IA 18 -86.89 -41.92 44.66
CA LYS IA 18 -86.56 -40.50 44.67
C LYS IA 18 -86.63 -39.97 43.25
N ARG IA 19 -87.63 -39.14 42.96
CA ARG IA 19 -87.78 -38.58 41.64
C ARG IA 19 -88.44 -37.22 41.75
N ASN IA 20 -88.02 -36.31 40.88
CA ASN IA 20 -88.61 -34.98 40.79
C ASN IA 20 -88.55 -34.25 42.13
N LYS IA 21 -87.47 -34.48 42.86
CA LYS IA 21 -87.21 -33.81 44.13
C LYS IA 21 -88.32 -34.07 45.14
N GLN IA 22 -88.82 -35.31 45.15
CA GLN IA 22 -89.77 -35.75 46.15
C GLN IA 22 -89.35 -37.14 46.62
N THR IA 23 -89.47 -37.37 47.91
CA THR IA 23 -89.10 -38.64 48.52
C THR IA 23 -90.34 -39.39 48.92
N TYR IA 24 -90.42 -40.66 48.51
CA TYR IA 24 -91.59 -41.48 48.81
C TYR IA 24 -91.13 -42.85 49.27
N SER IA 25 -91.98 -43.47 50.09
CA SER IA 25 -91.71 -44.80 50.61
C SER IA 25 -92.93 -45.68 50.37
N THR IA 26 -92.69 -46.92 49.97
CA THR IA 26 -93.75 -47.85 49.60
C THR IA 26 -93.64 -49.08 50.51
N GLU IA 27 -94.26 -48.99 51.68
CA GLU IA 27 -94.28 -50.10 52.62
C GLU IA 27 -95.71 -50.56 52.81
N PRO IA 28 -95.91 -51.76 53.33
CA PRO IA 28 -97.11 -52.02 54.13
C PRO IA 28 -97.03 -51.21 55.40
N ASN IA 29 -98.19 -50.77 55.89
CA ASN IA 29 -98.26 -49.97 57.11
C ASN IA 29 -97.46 -48.67 56.99
N ASN IA 30 -97.89 -47.82 56.07
CA ASN IA 30 -97.31 -46.48 55.97
C ASN IA 30 -98.41 -45.56 55.48
N LEU IA 31 -99.06 -44.87 56.42
CA LEU IA 31 -100.32 -44.17 56.22
C LEU IA 31 -100.20 -42.93 55.35
N LYS IA 32 -99.01 -42.68 54.83
CA LYS IA 32 -98.76 -41.63 53.87
C LYS IA 32 -97.68 -42.18 52.96
N ALA IA 33 -97.02 -41.33 52.20
CA ALA IA 33 -95.82 -41.83 51.58
C ALA IA 33 -94.66 -40.87 51.81
N ARG IA 34 -94.95 -39.56 51.76
CA ARG IA 34 -93.89 -38.56 51.71
C ARG IA 34 -93.03 -38.58 52.96
N ASN IA 35 -93.63 -38.81 54.12
CA ASN IA 35 -92.91 -38.71 55.38
C ASN IA 35 -92.15 -40.00 55.66
N SER IA 36 -91.39 -39.99 56.74
CA SER IA 36 -90.62 -41.16 57.15
C SER IA 36 -90.28 -41.05 58.63
N PHE IA 37 -89.91 -42.19 59.22
CA PHE IA 37 -89.70 -42.37 60.67
C PHE IA 37 -90.83 -41.78 61.50
N ARG IA 38 -92.02 -41.73 60.97
CA ARG IA 38 -93.18 -41.68 61.83
C ARG IA 38 -94.30 -42.52 61.28
N TYR IA 39 -94.12 -43.10 60.09
CA TYR IA 39 -95.14 -43.85 59.43
C TYR IA 39 -94.64 -45.19 58.90
N ASN IA 40 -93.36 -45.49 59.06
CA ASN IA 40 -92.87 -46.81 58.67
C ASN IA 40 -93.49 -47.88 59.57
N GLY IA 41 -93.72 -49.05 58.98
CA GLY IA 41 -94.31 -50.14 59.72
C GLY IA 41 -93.31 -51.24 59.89
N LEU IA 42 -92.25 -51.18 59.08
CA LEU IA 42 -91.17 -52.15 59.22
C LEU IA 42 -90.35 -51.84 60.47
N ILE IA 43 -90.33 -50.60 60.91
CA ILE IA 43 -89.38 -50.12 61.91
C ILE IA 43 -89.93 -50.28 63.33
N HIS IA 44 -91.04 -49.61 63.61
CA HIS IA 44 -91.46 -49.36 64.98
C HIS IA 44 -91.97 -50.64 65.63
N ARG IA 45 -92.33 -50.51 66.91
CA ARG IA 45 -92.83 -51.61 67.72
C ARG IA 45 -94.33 -51.73 67.68
N LYS IA 46 -95.05 -50.64 67.43
CA LYS IA 46 -96.50 -50.64 67.34
C LYS IA 46 -96.90 -49.73 66.19
N THR IA 47 -97.32 -50.31 65.07
CA THR IA 47 -97.65 -49.54 63.88
C THR IA 47 -99.05 -49.90 63.41
N VAL IA 48 -99.82 -48.88 63.04
CA VAL IA 48 -101.19 -49.06 62.57
C VAL IA 48 -101.25 -48.65 61.12
N GLY IA 49 -101.97 -49.41 60.32
CA GLY IA 49 -102.10 -49.13 58.90
C GLY IA 49 -103.51 -49.40 58.43
N VAL IA 50 -103.91 -48.67 57.40
CA VAL IA 50 -105.27 -48.71 56.88
C VAL IA 50 -105.19 -48.90 55.37
N GLU IA 51 -105.73 -50.00 54.87
CA GLU IA 51 -105.59 -50.39 53.48
C GLU IA 51 -106.91 -50.95 52.99
N PRO IA 52 -107.16 -50.92 51.68
CA PRO IA 52 -108.47 -51.34 51.16
C PRO IA 52 -108.69 -52.83 51.35
N ALA IA 53 -109.94 -53.18 51.65
CA ALA IA 53 -110.29 -54.58 51.85
C ALA IA 53 -110.17 -55.35 50.54
N ALA IA 54 -109.80 -56.62 50.65
CA ALA IA 54 -109.61 -57.44 49.47
C ALA IA 54 -110.90 -57.61 48.69
N ASP IA 55 -112.01 -57.83 49.40
CA ASP IA 55 -113.28 -58.13 48.77
C ASP IA 55 -113.82 -57.00 47.91
N GLY IA 56 -113.12 -55.86 47.84
CA GLY IA 56 -113.49 -54.77 46.97
C GLY IA 56 -114.40 -53.75 47.59
N LYS IA 57 -115.08 -54.09 48.68
CA LYS IA 57 -115.96 -53.16 49.38
C LYS IA 57 -115.50 -53.05 50.83
N GLY IA 58 -115.24 -51.83 51.27
CA GLY IA 58 -114.86 -51.59 52.65
C GLY IA 58 -113.37 -51.41 52.81
N VAL IA 59 -112.95 -51.35 54.07
CA VAL IA 59 -111.58 -51.05 54.43
C VAL IA 59 -111.11 -52.02 55.49
N VAL IA 60 -109.80 -52.19 55.59
CA VAL IA 60 -109.16 -53.12 56.51
C VAL IA 60 -108.15 -52.37 57.35
N VAL IA 61 -108.17 -52.61 58.66
CA VAL IA 61 -107.27 -51.98 59.61
C VAL IA 61 -106.36 -53.04 60.19
N VAL IA 62 -105.07 -52.79 60.19
CA VAL IA 62 -104.08 -53.74 60.68
C VAL IA 62 -103.28 -53.10 61.79
N MET IA 63 -103.32 -53.73 62.96
CA MET IA 63 -102.53 -53.33 64.11
C MET IA 63 -101.37 -54.30 64.27
N LYS IA 64 -100.29 -53.86 64.89
CA LYS IA 64 -99.19 -54.75 65.16
C LYS IA 64 -99.31 -55.27 66.59
N ARG IA 65 -99.08 -56.57 66.74
CA ARG IA 65 -99.09 -57.15 68.07
C ARG IA 65 -97.82 -56.73 68.81
N ARG IA 66 -97.97 -56.41 70.10
CA ARG IA 66 -96.79 -56.07 70.89
C ARG IA 66 -96.18 -57.31 71.53
N SER IA 67 -96.97 -58.04 72.30
CA SER IA 67 -96.51 -59.32 72.82
C SER IA 67 -96.07 -60.21 71.66
N GLY IA 68 -95.18 -61.15 71.97
CA GLY IA 68 -94.69 -62.02 70.93
C GLY IA 68 -93.59 -61.35 70.14
N GLN IA 69 -92.50 -62.06 69.94
CA GLN IA 69 -91.32 -61.46 69.31
C GLN IA 69 -91.57 -61.35 67.81
N ARG IA 70 -90.49 -61.12 67.08
CA ARG IA 70 -90.61 -60.86 65.66
C ARG IA 70 -90.86 -62.16 64.89
N LYS IA 71 -92.06 -62.73 65.07
CA LYS IA 71 -92.57 -63.82 64.26
C LYS IA 71 -93.45 -63.19 63.18
N PRO IA 72 -92.92 -62.96 61.97
CA PRO IA 72 -93.71 -62.23 60.96
C PRO IA 72 -95.00 -62.93 60.56
N ALA IA 73 -95.10 -64.25 60.73
CA ALA IA 73 -96.31 -64.95 60.32
C ALA IA 73 -97.52 -64.46 61.10
N THR IA 74 -97.36 -64.25 62.41
CA THR IA 74 -98.45 -63.81 63.26
C THR IA 74 -98.10 -62.53 64.01
N SER IA 75 -97.29 -61.66 63.42
CA SER IA 75 -97.02 -60.38 64.05
C SER IA 75 -98.22 -59.44 63.93
N TYR IA 76 -98.84 -59.41 62.75
CA TYR IA 76 -99.83 -58.39 62.44
C TYR IA 76 -101.23 -58.96 62.64
N VAL IA 77 -102.07 -58.18 63.31
CA VAL IA 77 -103.48 -58.55 63.51
C VAL IA 77 -104.33 -57.74 62.54
N ARG IA 78 -105.19 -58.43 61.80
CA ARG IA 78 -105.98 -57.86 60.73
C ARG IA 78 -107.45 -57.87 61.13
N THR IA 79 -108.22 -56.96 60.55
CA THR IA 79 -109.65 -56.95 60.80
C THR IA 79 -110.37 -56.30 59.62
N THR IA 80 -111.67 -56.53 59.54
CA THR IA 80 -112.49 -55.99 58.47
C THR IA 80 -113.52 -55.04 59.04
N ILE IA 81 -113.65 -53.87 58.41
CA ILE IA 81 -114.65 -52.88 58.81
C ILE IA 81 -115.46 -52.53 57.57
N ASN IA 82 -116.73 -52.89 57.59
CA ASN IA 82 -117.66 -52.61 56.49
C ASN IA 82 -118.89 -51.94 57.08
N LYS IA 83 -118.80 -50.63 57.29
CA LYS IA 83 -119.89 -49.88 57.87
C LYS IA 83 -120.28 -48.76 56.93
N ASN IA 84 -121.19 -47.88 57.36
CA ASN IA 84 -121.31 -46.62 56.66
C ASN IA 84 -120.03 -45.82 56.86
N ALA IA 85 -119.86 -44.77 56.05
CA ALA IA 85 -118.60 -44.04 56.09
C ALA IA 85 -118.33 -43.47 57.49
N ARG IA 86 -119.32 -42.84 58.11
CA ARG IA 86 -119.09 -42.15 59.37
C ARG IA 86 -118.72 -43.12 60.49
N ALA IA 87 -119.45 -44.22 60.63
CA ALA IA 87 -119.12 -45.17 61.68
C ALA IA 87 -117.77 -45.81 61.45
N THR IA 88 -117.32 -45.88 60.20
CA THR IA 88 -115.99 -46.42 59.94
C THR IA 88 -114.92 -45.56 60.58
N LEU IA 89 -115.06 -44.24 60.48
CA LEU IA 89 -114.13 -43.36 61.18
C LEU IA 89 -114.20 -43.57 62.69
N SER IA 90 -115.41 -43.68 63.24
CA SER IA 90 -115.53 -43.86 64.68
C SER IA 90 -114.85 -45.14 65.15
N SER IA 91 -114.98 -46.22 64.37
CA SER IA 91 -114.28 -47.44 64.72
C SER IA 91 -112.77 -47.23 64.78
N ILE IA 92 -112.21 -46.63 63.72
CA ILE IA 92 -110.77 -46.42 63.67
C ILE IA 92 -110.35 -45.37 64.68
N ARG IA 93 -111.14 -44.30 64.83
CA ARG IA 93 -110.83 -43.29 65.82
C ARG IA 93 -110.86 -43.87 67.23
N HIS IA 94 -111.82 -44.74 67.50
CA HIS IA 94 -111.90 -45.36 68.82
C HIS IA 94 -110.69 -46.26 69.08
N MET IA 95 -110.30 -47.06 68.09
CA MET IA 95 -109.29 -48.08 68.33
C MET IA 95 -107.93 -47.46 68.64
N ILE IA 96 -107.54 -46.45 67.88
CA ILE IA 96 -106.20 -45.90 68.05
C ILE IA 96 -106.09 -45.12 69.36
N ARG IA 97 -107.10 -44.31 69.68
CA ARG IA 97 -106.99 -43.45 70.86
C ARG IA 97 -107.34 -44.21 72.14
N LYS IA 98 -108.51 -44.85 72.17
CA LYS IA 98 -108.98 -45.47 73.41
C LYS IA 98 -108.12 -46.64 73.84
N ASN IA 99 -107.28 -47.16 72.94
CA ASN IA 99 -106.25 -48.11 73.32
C ASN IA 99 -104.95 -47.44 73.67
N LYS IA 100 -104.88 -46.11 73.52
CA LYS IA 100 -103.65 -45.34 73.67
C LYS IA 100 -102.54 -45.87 72.76
N TYR IA 101 -102.92 -46.56 71.69
CA TYR IA 101 -102.02 -47.36 70.87
C TYR IA 101 -101.45 -46.49 69.76
N HIS IA 102 -100.27 -45.93 70.02
CA HIS IA 102 -99.51 -45.15 69.05
C HIS IA 102 -100.40 -44.05 68.51
N PRO IA 103 -100.78 -43.06 69.34
CA PRO IA 103 -101.74 -42.04 68.90
C PRO IA 103 -101.14 -40.99 67.98
N ASP IA 104 -99.87 -41.11 67.59
CA ASP IA 104 -99.31 -40.22 66.58
C ASP IA 104 -100.13 -40.24 65.32
N LEU IA 105 -100.69 -41.40 64.99
CA LEU IA 105 -101.30 -41.65 63.69
C LEU IA 105 -102.82 -41.62 63.73
N ARG IA 106 -103.41 -41.15 64.82
CA ARG IA 106 -104.86 -41.08 64.89
C ARG IA 106 -105.42 -40.25 63.76
N MET IA 107 -104.86 -39.06 63.53
CA MET IA 107 -105.41 -38.18 62.51
C MET IA 107 -105.02 -38.63 61.11
N ALA IA 108 -103.80 -39.12 60.93
CA ALA IA 108 -103.40 -39.60 59.61
C ALA IA 108 -104.21 -40.82 59.21
N ALA IA 109 -104.48 -41.73 60.15
CA ALA IA 109 -105.22 -42.94 59.81
C ALA IA 109 -106.63 -42.63 59.36
N ILE IA 110 -107.29 -41.67 60.02
CA ILE IA 110 -108.66 -41.34 59.66
C ILE IA 110 -108.72 -40.86 58.22
N ARG IA 111 -107.84 -39.95 57.84
CA ARG IA 111 -107.85 -39.43 56.48
C ARG IA 111 -107.49 -40.50 55.47
N ARG IA 112 -106.62 -41.43 55.84
CA ARG IA 112 -106.31 -42.54 54.95
C ARG IA 112 -107.54 -43.40 54.70
N ALA IA 113 -108.30 -43.69 55.75
CA ALA IA 113 -109.46 -44.55 55.61
C ALA IA 113 -110.58 -43.86 54.85
N SER IA 114 -110.64 -42.53 54.91
CA SER IA 114 -111.67 -41.80 54.18
C SER IA 114 -111.46 -41.96 52.67
N ALA IA 115 -110.24 -41.70 52.19
CA ALA IA 115 -109.99 -41.79 50.76
C ALA IA 115 -110.13 -43.23 50.26
N ILE IA 116 -109.79 -44.21 51.10
CA ILE IA 116 -110.00 -45.60 50.72
C ILE IA 116 -111.49 -45.89 50.57
N LEU IA 117 -112.30 -45.34 51.48
CA LEU IA 117 -113.75 -45.54 51.35
C LEU IA 117 -114.35 -44.61 50.31
N ARG IA 118 -113.68 -43.50 50.02
CA ARG IA 118 -114.19 -42.58 49.00
C ARG IA 118 -114.14 -43.21 47.61
N SER IA 119 -113.03 -43.90 47.30
CA SER IA 119 -112.86 -44.42 45.94
C SER IA 119 -113.66 -45.69 45.71
N GLN IA 120 -114.29 -46.23 46.76
CA GLN IA 120 -115.06 -47.46 46.62
C GLN IA 120 -116.50 -47.21 46.24
N LYS IA 121 -116.77 -46.10 45.58
CA LYS IA 121 -118.08 -45.78 45.04
C LYS IA 121 -117.83 -45.06 43.72
N PRO IA 122 -118.86 -44.69 42.97
CA PRO IA 122 -118.63 -43.74 41.88
C PRO IA 122 -118.00 -42.47 42.44
N VAL IA 123 -117.06 -41.90 41.68
CA VAL IA 123 -116.35 -40.72 42.14
C VAL IA 123 -117.35 -39.61 42.46
N MET IA 124 -117.10 -38.90 43.56
CA MET IA 124 -118.12 -38.03 44.13
C MET IA 124 -118.18 -36.64 43.51
N VAL IA 125 -117.06 -36.09 43.07
CA VAL IA 125 -117.06 -34.75 42.45
C VAL IA 125 -116.91 -34.85 40.93
N ASP JA 1 -52.18 76.66 32.95
CA ASP JA 1 -50.93 77.41 33.03
C ASP JA 1 -50.13 76.99 34.26
N ARG JA 2 -48.85 77.32 34.26
CA ARG JA 2 -47.93 76.90 35.29
C ARG JA 2 -48.16 77.70 36.57
N ALA JA 3 -47.25 77.56 37.53
CA ALA JA 3 -47.25 78.39 38.73
C ALA JA 3 -46.18 79.46 38.68
N THR JA 4 -44.92 79.06 38.47
CA THR JA 4 -43.84 80.05 38.34
C THR JA 4 -44.08 80.95 37.13
N TRP JA 5 -44.43 80.36 35.99
CA TRP JA 5 -44.84 81.13 34.83
C TRP JA 5 -46.01 82.05 35.18
N LYS JA 6 -46.91 81.59 36.03
CA LYS JA 6 -48.04 82.42 36.44
C LYS JA 6 -47.60 83.49 37.43
N SER JA 7 -46.74 83.15 38.38
CA SER JA 7 -46.24 84.16 39.30
C SER JA 7 -45.31 85.14 38.61
N ASN JA 8 -44.51 84.65 37.64
CA ASN JA 8 -43.71 85.56 36.83
C ASN JA 8 -44.60 86.49 36.01
N TYR JA 9 -45.66 85.93 35.41
CA TYR JA 9 -46.66 86.78 34.75
C TYR JA 9 -47.24 87.81 35.71
N PHE JA 10 -47.51 87.40 36.95
CA PHE JA 10 -47.89 88.40 37.96
C PHE JA 10 -46.78 89.40 38.16
N LEU JA 11 -45.53 88.92 38.22
CA LEU JA 11 -44.40 89.78 38.54
C LEU JA 11 -44.07 90.75 37.40
N LYS JA 12 -44.14 90.29 36.15
CA LYS JA 12 -43.67 91.12 35.05
C LYS JA 12 -44.61 92.31 34.79
N ILE JA 13 -45.91 92.06 34.71
CA ILE JA 13 -46.83 93.14 34.38
C ILE JA 13 -46.94 94.12 35.54
N ILE JA 14 -46.89 93.63 36.78
CA ILE JA 14 -47.12 94.52 37.92
C ILE JA 14 -45.95 95.50 38.06
N GLN JA 15 -44.75 95.09 37.67
CA GLN JA 15 -43.61 96.00 37.75
C GLN JA 15 -43.67 97.05 36.64
N LEU JA 16 -44.04 96.64 35.42
CA LEU JA 16 -43.96 97.54 34.28
C LEU JA 16 -44.93 98.71 34.41
N LEU JA 17 -46.08 98.47 35.05
CA LEU JA 17 -46.99 99.58 35.35
C LEU JA 17 -46.36 100.57 36.30
N ASP JA 18 -45.63 100.06 37.31
CA ASP JA 18 -44.93 100.95 38.23
C ASP JA 18 -43.69 101.56 37.57
N ASP JA 19 -43.00 100.78 36.72
CA ASP JA 19 -41.77 101.28 36.11
C ASP JA 19 -42.03 102.47 35.20
N TYR JA 20 -42.98 102.34 34.28
CA TYR JA 20 -43.21 103.55 33.51
C TYR JA 20 -44.48 104.24 33.98
N PRO JA 21 -44.49 105.59 33.98
CA PRO JA 21 -45.55 106.30 34.71
C PRO JA 21 -46.97 105.92 34.32
N LYS JA 22 -47.22 105.70 33.04
CA LYS JA 22 -48.56 105.35 32.58
C LYS JA 22 -48.45 104.34 31.45
N CYS JA 23 -49.60 103.75 31.12
CA CYS JA 23 -49.64 102.65 30.15
C CYS JA 23 -50.90 102.79 29.30
N PHE JA 24 -50.74 102.58 27.99
CA PHE JA 24 -51.78 102.89 27.02
C PHE JA 24 -52.46 101.62 26.54
N ILE JA 25 -53.74 101.72 26.21
CA ILE JA 25 -54.48 100.58 25.66
C ILE JA 25 -54.43 100.68 24.14
N VAL JA 26 -53.46 100.00 23.53
CA VAL JA 26 -53.23 100.06 22.09
C VAL JA 26 -53.59 98.72 21.47
N GLY JA 27 -54.35 98.76 20.37
CA GLY JA 27 -54.82 97.54 19.74
C GLY JA 27 -53.74 96.77 19.03
N ALA JA 28 -53.36 95.62 19.58
CA ALA JA 28 -52.24 94.82 19.10
C ALA JA 28 -52.70 93.70 18.18
N ASP JA 29 -53.68 94.02 17.32
CA ASP JA 29 -54.38 93.06 16.46
C ASP JA 29 -53.44 92.20 15.64
N ASN JA 30 -53.99 91.10 15.11
CA ASN JA 30 -53.28 90.02 14.44
C ASN JA 30 -52.16 90.53 13.53
N VAL JA 31 -50.95 90.03 13.77
CA VAL JA 31 -49.74 90.58 13.18
C VAL JA 31 -48.61 89.57 13.35
N GLY JA 32 -47.66 89.60 12.43
CA GLY JA 32 -46.67 88.55 12.33
C GLY JA 32 -45.70 88.52 13.49
N SER JA 33 -45.01 87.38 13.62
CA SER JA 33 -44.06 87.19 14.71
C SER JA 33 -42.91 88.18 14.62
N LYS JA 34 -42.26 88.25 13.46
CA LYS JA 34 -41.25 89.28 13.22
C LYS JA 34 -41.90 90.63 12.89
N GLN JA 35 -43.09 90.59 12.28
CA GLN JA 35 -43.79 91.83 11.97
C GLN JA 35 -44.20 92.55 13.24
N MET JA 36 -44.57 91.82 14.29
CA MET JA 36 -44.83 92.46 15.56
C MET JA 36 -43.56 92.62 16.39
N GLN JA 37 -42.47 91.94 16.03
CA GLN JA 37 -41.18 92.29 16.62
C GLN JA 37 -40.87 93.74 16.33
N GLN JA 38 -40.93 94.14 15.05
CA GLN JA 38 -40.70 95.54 14.68
C GLN JA 38 -41.65 96.47 15.42
N ILE JA 39 -42.86 95.99 15.73
CA ILE JA 39 -43.77 96.77 16.58
C ILE JA 39 -43.12 97.04 17.93
N ARG JA 40 -42.42 96.05 18.48
CA ARG JA 40 -41.66 96.27 19.70
C ARG JA 40 -40.33 96.97 19.40
N MET JA 41 -39.79 96.76 18.19
CA MET JA 41 -38.55 97.45 17.82
C MET JA 41 -38.81 98.92 17.52
N SER JA 42 -39.92 99.24 16.87
CA SER JA 42 -40.27 100.63 16.62
C SER JA 42 -40.59 101.36 17.92
N LEU JA 43 -41.47 100.79 18.74
CA LEU JA 43 -42.07 101.54 19.83
C LEU JA 43 -41.10 101.70 20.99
N ARG JA 44 -40.25 100.71 21.23
CA ARG JA 44 -39.19 100.88 22.22
C ARG JA 44 -38.10 101.76 21.63
N GLY JA 45 -37.98 102.98 22.14
CA GLY JA 45 -36.70 103.66 22.20
C GLY JA 45 -36.48 104.12 23.64
N LYS JA 46 -37.60 104.40 24.31
CA LYS JA 46 -37.62 104.78 25.72
C LYS JA 46 -38.85 104.17 26.41
N ALA JA 47 -39.32 103.02 25.94
CA ALA JA 47 -40.60 102.47 26.37
C ALA JA 47 -40.49 100.95 26.44
N VAL JA 48 -41.46 100.35 27.11
CA VAL JA 48 -41.55 98.89 27.22
C VAL JA 48 -42.90 98.46 26.66
N VAL JA 49 -42.89 97.48 25.77
CA VAL JA 49 -44.10 96.87 25.24
C VAL JA 49 -44.31 95.55 25.96
N LEU JA 50 -45.56 95.13 26.12
CA LEU JA 50 -45.85 93.86 26.76
C LEU JA 50 -47.16 93.28 26.25
N MET JA 51 -47.11 92.05 25.75
CA MET JA 51 -48.30 91.28 25.39
C MET JA 51 -48.55 90.22 26.44
N GLY JA 52 -49.75 90.21 27.00
CA GLY JA 52 -50.11 89.30 28.07
C GLY JA 52 -51.26 88.40 27.69
N LYS JA 53 -51.08 87.10 27.95
CA LYS JA 53 -52.15 86.14 27.85
C LYS JA 53 -52.94 85.99 29.14
N ASN JA 54 -52.23 86.01 30.27
CA ASN JA 54 -52.86 85.90 31.58
C ASN JA 54 -52.42 87.01 32.53
N THR JA 55 -51.43 87.83 32.15
CA THR JA 55 -51.15 89.07 32.87
C THR JA 55 -52.29 90.06 32.71
N MET JA 56 -52.84 90.17 31.50
CA MET JA 56 -53.89 91.11 31.18
C MET JA 56 -55.21 90.79 31.89
N MET JA 57 -55.35 89.59 32.45
CA MET JA 57 -56.59 89.19 33.09
C MET JA 57 -56.67 89.61 34.56
N ARG JA 58 -55.53 89.97 35.16
CA ARG JA 58 -55.51 90.40 36.55
C ARG JA 58 -56.25 91.72 36.74
N LYS JA 59 -56.55 92.42 35.63
CA LYS JA 59 -57.40 93.61 35.70
C LYS JA 59 -58.72 93.31 36.39
N ALA JA 60 -59.28 92.12 36.14
CA ALA JA 60 -60.52 91.74 36.80
C ALA JA 60 -60.32 91.60 38.30
N ILE JA 61 -59.34 90.80 38.72
CA ILE JA 61 -59.12 90.58 40.14
C ILE JA 61 -58.60 91.84 40.82
N ARG JA 62 -57.90 92.71 40.09
CA ARG JA 62 -57.51 94.00 40.65
C ARG JA 62 -58.68 94.95 40.74
N GLY JA 63 -59.53 95.00 39.71
CA GLY JA 63 -60.65 95.91 39.71
C GLY JA 63 -61.60 95.68 40.86
N HIS JA 64 -61.83 94.42 41.22
CA HIS JA 64 -62.65 94.13 42.39
C HIS JA 64 -62.00 94.70 43.66
N LEU JA 65 -60.68 94.61 43.74
CA LEU JA 65 -59.93 95.10 44.89
C LEU JA 65 -59.57 96.57 44.78
N GLU JA 66 -60.05 97.25 43.73
CA GLU JA 66 -60.05 98.71 43.63
C GLU JA 66 -58.65 99.30 43.78
N ASN JA 67 -57.67 98.65 43.18
CA ASN JA 67 -56.35 99.24 42.99
C ASN JA 67 -56.28 99.80 41.57
N ASN JA 68 -55.82 101.05 41.47
CA ASN JA 68 -55.96 101.82 40.23
C ASN JA 68 -57.42 101.71 39.81
N PRO JA 69 -58.30 102.42 40.52
CA PRO JA 69 -59.73 102.05 40.51
C PRO JA 69 -60.38 102.16 39.13
N ALA JA 70 -61.60 101.61 39.07
CA ALA JA 70 -62.53 101.76 37.96
C ALA JA 70 -62.15 100.95 36.73
N LEU JA 71 -61.40 99.86 36.91
CA LEU JA 71 -61.09 99.01 35.78
C LEU JA 71 -62.32 98.28 35.23
N GLU JA 72 -63.43 98.29 35.97
CA GLU JA 72 -64.67 97.72 35.45
C GLU JA 72 -65.19 98.50 34.25
N LYS JA 73 -64.82 99.77 34.12
CA LYS JA 73 -65.11 100.56 32.94
C LYS JA 73 -64.27 100.16 31.74
N LEU JA 74 -63.31 99.24 31.92
CA LEU JA 74 -62.37 98.87 30.89
C LEU JA 74 -62.19 97.36 30.73
N LEU JA 75 -62.91 96.54 31.51
CA LEU JA 75 -62.68 95.11 31.49
C LEU JA 75 -63.25 94.43 30.25
N PRO JA 76 -64.55 94.53 29.96
CA PRO JA 76 -65.09 93.83 28.78
C PRO JA 76 -64.89 94.57 27.47
N HIS JA 77 -64.10 95.62 27.44
CA HIS JA 77 -63.77 96.34 26.22
C HIS JA 77 -62.62 95.68 25.46
N ILE JA 78 -62.03 94.62 26.01
CA ILE JA 78 -60.80 94.05 25.48
C ILE JA 78 -61.18 92.85 24.62
N ARG JA 79 -62.42 92.84 24.12
CA ARG JA 79 -62.79 91.86 23.11
C ARG JA 79 -62.06 92.19 21.81
N GLY JA 80 -61.31 91.21 21.32
CA GLY JA 80 -60.24 91.51 20.38
C GLY JA 80 -58.94 91.79 21.10
N ASN JA 81 -57.84 91.64 20.37
CA ASN JA 81 -56.52 91.63 20.99
C ASN JA 81 -55.94 93.04 20.97
N VAL JA 82 -56.31 93.84 21.97
CA VAL JA 82 -55.66 95.12 22.23
C VAL JA 82 -54.67 94.90 23.35
N GLY JA 83 -53.77 95.86 23.52
CA GLY JA 83 -52.64 95.66 24.40
C GLY JA 83 -52.15 96.92 25.08
N PHE JA 84 -51.15 96.70 25.93
CA PHE JA 84 -50.55 97.73 26.76
C PHE JA 84 -49.14 98.06 26.27
N VAL JA 85 -48.77 99.34 26.39
CA VAL JA 85 -47.41 99.80 26.12
C VAL JA 85 -46.97 100.68 27.28
N PHE JA 86 -45.88 100.32 27.93
CA PHE JA 86 -45.36 101.05 29.07
C PHE JA 86 -44.36 102.08 28.54
N THR JA 87 -44.75 103.35 28.53
CA THR JA 87 -43.97 104.40 27.91
C THR JA 87 -43.91 105.61 28.83
N LYS JA 88 -42.90 106.45 28.62
CA LYS JA 88 -42.93 107.82 29.14
C LYS JA 88 -43.50 108.79 28.12
N GLU JA 89 -43.90 108.31 26.94
CA GLU JA 89 -44.46 109.15 25.90
C GLU JA 89 -45.88 109.59 26.27
N ASP JA 90 -46.54 110.25 25.33
CA ASP JA 90 -47.83 110.88 25.56
C ASP JA 90 -48.92 110.18 24.75
N LEU JA 91 -50.13 110.75 24.79
CA LEU JA 91 -51.31 110.13 24.20
C LEU JA 91 -51.31 110.23 22.68
N THR JA 92 -50.80 111.33 22.14
CA THR JA 92 -50.80 111.50 20.69
C THR JA 92 -49.63 110.78 20.02
N GLU JA 93 -48.49 110.68 20.71
CA GLU JA 93 -47.32 110.04 20.09
C GLU JA 93 -47.52 108.54 19.96
N ILE JA 94 -48.08 107.89 20.98
CA ILE JA 94 -48.34 106.45 20.91
C ILE JA 94 -49.30 106.15 19.77
N ARG JA 95 -50.35 106.96 19.64
CA ARG JA 95 -51.35 106.72 18.61
C ARG JA 95 -50.76 106.87 17.21
N ASP JA 96 -50.09 107.99 16.95
CA ASP JA 96 -49.69 108.31 15.57
C ASP JA 96 -48.53 107.46 15.10
N MET JA 97 -47.54 107.20 15.96
CA MET JA 97 -46.38 106.43 15.52
C MET JA 97 -46.74 104.96 15.30
N LEU JA 98 -47.79 104.47 15.97
CA LEU JA 98 -48.27 103.12 15.67
C LEU JA 98 -49.22 103.12 14.47
N LEU JA 99 -49.95 104.23 14.27
CA LEU JA 99 -50.67 104.39 13.02
C LEU JA 99 -49.71 104.50 11.84
N ALA JA 100 -48.61 105.22 12.02
CA ALA JA 100 -47.70 105.51 10.90
C ALA JA 100 -47.08 104.24 10.34
N ASN JA 101 -46.66 103.31 11.21
CA ASN JA 101 -45.99 102.09 10.75
C ASN JA 101 -46.89 101.28 9.82
N LYS JA 102 -48.11 100.98 10.28
CA LYS JA 102 -49.12 100.27 9.49
C LYS JA 102 -48.55 98.97 8.92
N VAL JA 103 -48.23 98.06 9.84
CA VAL JA 103 -47.49 96.84 9.50
C VAL JA 103 -48.28 96.02 8.47
N PRO JA 104 -47.68 95.70 7.31
CA PRO JA 104 -48.29 94.75 6.37
C PRO JA 104 -47.89 93.30 6.68
N ALA JA 105 -48.36 92.79 7.81
CA ALA JA 105 -47.96 91.47 8.29
C ALA JA 105 -48.44 90.37 7.36
N ALA JA 106 -47.77 89.23 7.44
CA ALA JA 106 -48.12 88.04 6.68
C ALA JA 106 -49.25 87.29 7.35
N ALA JA 107 -50.14 86.74 6.52
CA ALA JA 107 -51.40 86.18 6.96
C ALA JA 107 -51.24 84.69 7.30
N ARG JA 108 -52.38 84.01 7.45
CA ARG JA 108 -52.42 82.62 7.88
C ARG JA 108 -53.12 81.79 6.81
N ALA JA 109 -52.89 80.48 6.86
CA ALA JA 109 -53.47 79.55 5.90
C ALA JA 109 -54.78 79.00 6.43
N GLY JA 110 -55.82 79.05 5.59
CA GLY JA 110 -57.14 78.57 5.98
C GLY JA 110 -58.00 79.56 6.72
N ALA JA 111 -57.71 80.85 6.60
CA ALA JA 111 -58.41 81.88 7.35
C ALA JA 111 -59.66 82.33 6.61
N ILE JA 112 -60.24 83.44 7.06
CA ILE JA 112 -61.38 84.09 6.41
C ILE JA 112 -60.95 85.51 6.06
N ALA JA 113 -61.70 86.14 5.17
CA ALA JA 113 -61.35 87.47 4.66
C ALA JA 113 -62.51 88.44 4.80
N PRO JA 114 -62.73 89.01 5.99
CA PRO JA 114 -63.72 90.10 6.10
C PRO JA 114 -63.27 91.40 5.43
N CYS JA 115 -61.96 91.67 5.37
CA CYS JA 115 -61.46 92.91 4.78
C CYS JA 115 -60.93 92.65 3.38
N GLU JA 116 -61.10 93.66 2.52
CA GLU JA 116 -60.89 93.53 1.08
C GLU JA 116 -59.81 94.50 0.62
N VAL JA 117 -59.23 94.20 -0.54
CA VAL JA 117 -58.26 95.07 -1.19
C VAL JA 117 -58.64 95.21 -2.66
N THR JA 118 -58.69 96.46 -3.14
CA THR JA 118 -58.84 96.70 -4.57
C THR JA 118 -57.58 96.28 -5.31
N VAL JA 119 -57.76 95.76 -6.52
CA VAL JA 119 -56.65 95.17 -7.27
C VAL JA 119 -56.47 95.88 -8.60
N PRO JA 120 -55.78 97.02 -8.64
CA PRO JA 120 -55.66 97.78 -9.89
C PRO JA 120 -54.71 97.11 -10.89
N ALA JA 121 -54.69 97.67 -12.09
CA ALA JA 121 -53.96 97.15 -13.24
C ALA JA 121 -52.52 97.68 -13.34
N GLN JA 122 -51.92 98.12 -12.24
CA GLN JA 122 -50.63 98.78 -12.26
C GLN JA 122 -49.61 98.00 -11.44
N ASN JA 123 -48.45 98.62 -11.23
CA ASN JA 123 -47.34 98.01 -10.52
C ASN JA 123 -47.23 98.50 -9.10
N THR JA 124 -47.13 97.55 -8.16
CA THR JA 124 -46.96 97.84 -6.74
C THR JA 124 -45.70 97.22 -6.16
N GLY JA 125 -44.90 96.52 -6.98
CA GLY JA 125 -43.71 95.86 -6.49
C GLY JA 125 -43.75 94.34 -6.59
N LEU JA 126 -43.07 93.82 -7.60
CA LEU JA 126 -42.96 92.39 -7.86
C LEU JA 126 -41.62 92.16 -8.55
N GLY JA 127 -40.64 91.65 -7.82
CA GLY JA 127 -39.27 91.63 -8.28
C GLY JA 127 -38.98 90.55 -9.31
N PRO JA 128 -37.77 89.99 -9.25
CA PRO JA 128 -37.39 88.92 -10.19
C PRO JA 128 -38.14 87.63 -9.89
N GLU JA 129 -39.08 87.28 -10.75
CA GLU JA 129 -39.93 86.11 -10.56
C GLU JA 129 -40.68 85.85 -11.86
N LYS JA 130 -41.47 84.79 -11.87
CA LYS JA 130 -42.29 84.42 -13.01
C LYS JA 130 -43.76 84.59 -12.68
N THR JA 131 -44.56 84.97 -13.68
CA THR JA 131 -45.99 85.14 -13.48
C THR JA 131 -46.71 83.83 -13.25
N SER JA 132 -46.01 82.69 -13.38
CA SER JA 132 -46.67 81.38 -13.31
C SER JA 132 -47.45 81.19 -12.02
N PHE JA 133 -46.95 81.75 -10.92
CA PHE JA 133 -47.67 81.64 -9.65
C PHE JA 133 -49.03 82.34 -9.72
N PHE JA 134 -49.13 83.40 -10.52
CA PHE JA 134 -50.42 83.97 -10.86
C PHE JA 134 -51.11 83.16 -11.96
N GLN JA 135 -50.32 82.56 -12.87
CA GLN JA 135 -50.87 81.75 -13.94
C GLN JA 135 -51.48 80.46 -13.44
N ALA JA 136 -51.27 80.13 -12.15
CA ALA JA 136 -51.90 78.94 -11.59
C ALA JA 136 -53.41 79.06 -11.58
N LEU JA 137 -53.96 80.21 -11.20
CA LEU JA 137 -55.40 80.40 -11.08
C LEU JA 137 -56.00 81.17 -12.25
N GLY JA 138 -55.33 81.20 -13.40
CA GLY JA 138 -55.90 81.77 -14.59
C GLY JA 138 -55.56 83.22 -14.84
N ILE JA 139 -54.93 83.89 -13.88
CA ILE JA 139 -54.51 85.27 -14.07
C ILE JA 139 -53.21 85.28 -14.84
N THR JA 140 -53.21 85.96 -15.98
CA THR JA 140 -52.02 86.12 -16.81
C THR JA 140 -51.61 87.58 -16.77
N THR JA 141 -50.35 87.83 -16.39
CA THR JA 141 -49.84 89.19 -16.19
C THR JA 141 -48.57 89.39 -17.00
N LYS JA 142 -48.43 90.59 -17.56
CA LYS JA 142 -47.28 90.94 -18.36
C LYS JA 142 -46.23 91.63 -17.50
N ILE JA 143 -45.08 91.89 -18.10
CA ILE JA 143 -43.96 92.53 -17.42
C ILE JA 143 -43.68 93.85 -18.12
N SER JA 144 -43.94 94.95 -17.41
CA SER JA 144 -43.63 96.28 -17.93
C SER JA 144 -43.54 97.25 -16.76
N ARG JA 145 -42.90 98.39 -17.01
CA ARG JA 145 -42.68 99.42 -16.00
C ARG JA 145 -42.00 98.83 -14.77
N GLY JA 146 -40.97 98.01 -15.00
CA GLY JA 146 -40.22 97.43 -13.92
C GLY JA 146 -40.77 96.10 -13.44
N THR JA 147 -41.55 96.14 -12.38
CA THR JA 147 -42.12 94.94 -11.78
C THR JA 147 -43.17 94.32 -12.71
N ILE JA 148 -43.62 93.12 -12.33
CA ILE JA 148 -44.68 92.45 -13.08
C ILE JA 148 -45.99 93.23 -12.87
N GLU JA 149 -46.68 93.55 -13.95
CA GLU JA 149 -47.92 94.31 -13.84
C GLU JA 149 -49.12 93.38 -14.00
N ILE JA 150 -49.93 93.28 -12.95
CA ILE JA 150 -51.17 92.51 -12.99
C ILE JA 150 -52.20 93.35 -13.75
N LEU JA 151 -52.54 92.91 -14.96
CA LEU JA 151 -53.45 93.69 -15.80
C LEU JA 151 -54.90 93.62 -15.33
N SER JA 152 -55.24 92.68 -14.45
CA SER JA 152 -56.62 92.56 -13.98
C SER JA 152 -56.95 93.69 -13.00
N ASP JA 153 -58.17 94.21 -13.11
CA ASP JA 153 -58.61 95.33 -12.29
C ASP JA 153 -59.93 95.04 -11.58
N VAL JA 154 -60.56 93.89 -11.83
CA VAL JA 154 -61.85 93.54 -11.23
C VAL JA 154 -61.60 93.19 -9.76
N GLN JA 155 -62.66 93.24 -8.94
CA GLN JA 155 -62.54 92.96 -7.52
C GLN JA 155 -62.34 91.47 -7.29
N LEU JA 156 -61.10 91.00 -7.48
CA LEU JA 156 -60.75 89.62 -7.17
C LEU JA 156 -60.85 89.32 -5.68
N ILE JA 157 -60.88 90.34 -4.83
CA ILE JA 157 -60.80 90.18 -3.38
C ILE JA 157 -62.13 90.55 -2.79
N LYS JA 158 -62.83 89.58 -2.21
CA LYS JA 158 -64.18 89.77 -1.71
C LYS JA 158 -64.25 89.53 -0.21
N THR JA 159 -65.47 89.53 0.33
CA THR JA 159 -65.69 89.41 1.76
C THR JA 159 -65.91 87.95 2.14
N GLY JA 160 -65.13 87.47 3.09
CA GLY JA 160 -65.29 86.13 3.63
C GLY JA 160 -64.78 85.01 2.76
N ASP JA 161 -64.04 85.32 1.70
CA ASP JA 161 -63.57 84.29 0.79
C ASP JA 161 -62.48 83.44 1.45
N LYS JA 162 -62.37 82.20 0.98
CA LYS JA 162 -61.42 81.26 1.54
C LYS JA 162 -60.02 81.54 1.03
N VAL JA 163 -59.05 81.51 1.93
CA VAL JA 163 -57.65 81.76 1.61
C VAL JA 163 -56.87 80.46 1.77
N GLY JA 164 -56.23 80.02 0.69
CA GLY JA 164 -55.42 78.82 0.71
C GLY JA 164 -54.00 79.09 1.16
N ALA JA 165 -53.20 78.03 1.18
CA ALA JA 165 -51.82 78.15 1.62
C ALA JA 165 -51.03 79.10 0.72
N SER JA 166 -51.26 79.02 -0.59
CA SER JA 166 -50.55 79.89 -1.52
C SER JA 166 -51.23 81.25 -1.65
N GLU JA 167 -52.48 81.38 -1.17
CA GLU JA 167 -53.25 82.58 -1.43
C GLU JA 167 -52.76 83.76 -0.60
N ALA JA 168 -52.40 83.51 0.67
CA ALA JA 168 -51.83 84.58 1.48
C ALA JA 168 -50.43 84.94 1.01
N THR JA 169 -49.71 83.97 0.45
CA THR JA 169 -48.34 84.22 -0.01
C THR JA 169 -48.32 85.27 -1.13
N LEU JA 170 -49.28 85.19 -2.05
CA LEU JA 170 -49.34 86.15 -3.15
C LEU JA 170 -49.49 87.58 -2.62
N LEU JA 171 -50.35 87.76 -1.63
CA LEU JA 171 -50.59 89.09 -1.08
C LEU JA 171 -49.42 89.54 -0.22
N ASN JA 172 -48.54 88.62 0.17
CA ASN JA 172 -47.38 88.97 0.98
C ASN JA 172 -46.37 89.78 0.18
N MET JA 173 -46.04 89.32 -1.04
CA MET JA 173 -45.06 90.04 -1.85
C MET JA 173 -45.66 91.28 -2.51
N LEU JA 174 -46.94 91.23 -2.86
CA LEU JA 174 -47.68 92.45 -3.14
C LEU JA 174 -47.84 93.33 -1.90
N ASN JA 175 -47.56 92.77 -0.72
CA ASN JA 175 -47.58 93.50 0.55
C ASN JA 175 -48.95 94.13 0.82
N ILE JA 176 -50.01 93.38 0.53
CA ILE JA 176 -51.37 93.75 0.86
C ILE JA 176 -51.97 92.62 1.69
N SER JA 177 -53.02 92.94 2.44
CA SER JA 177 -53.54 91.98 3.42
C SER JA 177 -55.05 92.10 3.48
N PRO JA 178 -55.75 91.00 3.75
CA PRO JA 178 -57.19 91.07 4.08
C PRO JA 178 -57.48 91.29 5.55
N PHE JA 179 -56.49 91.74 6.34
CA PHE JA 179 -56.64 92.01 7.76
C PHE JA 179 -56.00 93.34 8.14
N SER JA 180 -56.15 94.35 7.29
CA SER JA 180 -55.41 95.59 7.44
C SER JA 180 -55.95 96.45 8.58
N PHE JA 181 -55.67 96.05 9.83
CA PHE JA 181 -56.11 96.80 11.00
C PHE JA 181 -55.05 97.68 11.63
N GLY JA 182 -53.78 97.28 11.60
CA GLY JA 182 -52.75 98.06 12.24
C GLY JA 182 -52.89 98.04 13.75
N LEU JA 183 -52.57 99.18 14.36
CA LEU JA 183 -52.59 99.34 15.81
C LEU JA 183 -53.53 100.50 16.15
N ILE JA 184 -54.54 100.23 16.97
CA ILE JA 184 -55.63 101.18 17.23
C ILE JA 184 -55.76 101.41 18.73
N ILE JA 185 -55.96 102.68 19.10
CA ILE JA 185 -56.08 103.11 20.49
C ILE JA 185 -57.34 103.94 20.64
N GLN JA 186 -58.11 103.69 21.71
CA GLN JA 186 -59.11 104.66 22.15
C GLN JA 186 -59.22 104.75 23.67
N GLN JA 187 -58.39 104.06 24.43
CA GLN JA 187 -58.56 104.01 25.88
C GLN JA 187 -57.24 104.29 26.58
N VAL JA 188 -57.28 105.11 27.63
CA VAL JA 188 -56.10 105.58 28.33
C VAL JA 188 -56.30 105.42 29.84
N PHE JA 189 -55.24 105.02 30.53
CA PHE JA 189 -55.17 105.02 31.98
C PHE JA 189 -54.09 106.01 32.42
N ASP JA 190 -54.48 106.99 33.24
CA ASP JA 190 -53.56 108.02 33.73
C ASP JA 190 -53.71 108.14 35.24
N ASN JA 191 -52.99 107.29 35.98
CA ASN JA 191 -52.86 107.37 37.44
C ASN JA 191 -54.21 107.55 38.12
N GLY JA 192 -55.11 106.60 37.86
CA GLY JA 192 -56.44 106.63 38.41
C GLY JA 192 -57.42 107.52 37.68
N SER JA 193 -56.93 108.49 36.91
CA SER JA 193 -57.78 109.37 36.11
C SER JA 193 -57.89 108.80 34.70
N ILE JA 194 -58.96 108.07 34.45
CA ILE JA 194 -59.18 107.37 33.19
C ILE JA 194 -59.41 108.42 32.10
N TYR JA 195 -58.79 108.21 30.94
CA TYR JA 195 -58.93 109.11 29.81
C TYR JA 195 -59.05 108.31 28.53
N ASN JA 196 -59.31 109.03 27.45
CA ASN JA 196 -59.20 108.60 26.06
C ASN JA 196 -58.15 109.45 25.36
N PRO JA 197 -57.62 108.99 24.23
CA PRO JA 197 -56.50 109.73 23.61
C PRO JA 197 -56.84 111.19 23.36
N GLU JA 198 -55.88 112.05 23.65
CA GLU JA 198 -56.04 113.49 23.58
C GLU JA 198 -55.33 114.04 22.35
N GLY KA 1 -22.85 25.43 20.21
CA GLY KA 1 -23.86 25.98 19.32
C GLY KA 1 -24.70 27.06 19.96
N ARG KA 2 -25.92 27.23 19.46
CA ARG KA 2 -26.82 28.27 19.97
C ARG KA 2 -27.25 28.02 21.42
N ARG KA 3 -27.74 26.81 21.74
CA ARG KA 3 -28.34 26.47 23.03
C ARG KA 3 -29.23 27.61 23.51
N PRO KA 4 -30.37 27.85 22.86
CA PRO KA 4 -31.19 29.00 23.24
C PRO KA 4 -31.70 28.84 24.66
N ALA KA 5 -31.90 29.97 25.33
CA ALA KA 5 -32.20 29.94 26.76
C ALA KA 5 -33.59 29.42 27.07
N ARG KA 6 -34.34 28.93 26.07
CA ARG KA 6 -35.62 28.30 26.37
C ARG KA 6 -35.43 27.04 27.19
N CYS KA 7 -34.28 26.38 27.03
CA CYS KA 7 -34.07 25.09 27.68
C CYS KA 7 -33.86 25.26 29.17
N TYR KA 8 -33.04 26.21 29.57
CA TYR KA 8 -32.61 26.37 30.97
C TYR KA 8 -33.35 27.49 31.66
N ARG KA 9 -34.63 27.67 31.34
CA ARG KA 9 -35.38 28.79 31.89
C ARG KA 9 -36.02 28.45 33.24
N TYR KA 10 -36.67 27.30 33.35
CA TYR KA 10 -37.24 26.95 34.64
C TYR KA 10 -36.13 26.55 35.61
N CYS KA 11 -36.50 26.37 36.87
CA CYS KA 11 -35.56 25.99 37.92
C CYS KA 11 -35.85 24.55 38.33
N LYS KA 12 -35.23 23.60 37.65
CA LYS KA 12 -35.62 22.20 37.79
C LYS KA 12 -34.46 21.29 38.16
N ASN KA 13 -33.49 21.79 38.92
CA ASN KA 13 -32.43 20.94 39.46
C ASN KA 13 -31.97 21.54 40.78
N LYS KA 14 -31.39 20.70 41.62
CA LYS KA 14 -30.87 21.19 42.88
C LYS KA 14 -29.65 22.07 42.61
N PRO KA 15 -29.38 23.04 43.49
CA PRO KA 15 -28.24 23.93 43.24
C PRO KA 15 -26.95 23.15 43.11
N TYR KA 16 -26.14 23.54 42.13
CA TYR KA 16 -24.95 22.77 41.75
C TYR KA 16 -23.77 23.72 41.55
N PRO KA 17 -23.41 24.45 42.59
CA PRO KA 17 -22.48 25.58 42.41
C PRO KA 17 -21.06 25.14 42.10
N LYS KA 18 -20.29 26.10 41.57
CA LYS KA 18 -18.87 25.85 41.29
C LYS KA 18 -18.13 25.55 42.58
N SER KA 19 -17.63 24.33 42.71
CA SER KA 19 -16.96 23.92 43.93
C SER KA 19 -15.87 22.92 43.58
N ARG KA 20 -15.38 22.21 44.60
CA ARG KA 20 -14.32 21.24 44.36
C ARG KA 20 -14.87 20.00 43.67
N PHE KA 21 -16.16 19.74 43.80
CA PHE KA 21 -16.76 18.57 43.19
C PHE KA 21 -17.25 18.81 41.77
N CYS KA 22 -17.16 20.05 41.27
CA CYS KA 22 -17.53 20.38 39.90
C CYS KA 22 -16.43 21.22 39.28
N ARG KA 23 -15.52 20.57 38.57
CA ARG KA 23 -14.39 21.25 37.97
C ARG KA 23 -14.63 21.46 36.48
N GLY KA 24 -13.88 22.37 35.89
CA GLY KA 24 -14.04 22.69 34.49
C GLY KA 24 -15.13 23.67 34.18
N VAL KA 25 -15.78 24.24 35.20
CA VAL KA 25 -16.78 25.27 34.93
C VAL KA 25 -16.11 26.45 34.26
N PRO KA 26 -16.68 27.01 33.20
CA PRO KA 26 -16.10 28.23 32.60
C PRO KA 26 -16.27 29.43 33.51
N ASP KA 27 -15.86 30.60 33.05
CA ASP KA 27 -16.12 31.84 33.76
C ASP KA 27 -17.37 32.50 33.20
N ALA KA 28 -18.17 33.08 34.08
CA ALA KA 28 -19.42 33.70 33.66
C ALA KA 28 -19.13 34.89 32.75
N LYS KA 29 -20.03 35.10 31.79
CA LYS KA 29 -19.84 36.18 30.82
C LYS KA 29 -20.03 37.56 31.43
N ILE KA 30 -20.42 37.65 32.70
CA ILE KA 30 -20.47 38.91 33.42
C ILE KA 30 -19.34 38.95 34.43
N ARG KA 31 -18.61 40.07 34.49
CA ARG KA 31 -17.52 40.21 35.43
C ARG KA 31 -17.52 41.51 36.22
N ILE KA 32 -18.11 42.58 35.71
CA ILE KA 32 -18.08 43.88 36.37
C ILE KA 32 -19.50 44.14 36.86
N PHE KA 33 -19.73 43.95 38.16
CA PHE KA 33 -21.06 44.08 38.72
C PHE KA 33 -21.43 45.51 39.11
N ASP KA 34 -20.48 46.42 39.11
CA ASP KA 34 -20.74 47.78 39.54
C ASP KA 34 -20.09 48.74 38.56
N LEU KA 35 -20.82 49.78 38.17
CA LEU KA 35 -20.29 50.74 37.22
C LEU KA 35 -21.04 52.05 37.36
N GLY KA 36 -20.43 53.12 36.86
CA GLY KA 36 -20.90 54.47 37.10
C GLY KA 36 -19.87 55.22 37.92
N ARG KA 37 -20.30 56.19 38.73
CA ARG KA 37 -19.43 56.82 39.70
C ARG KA 37 -19.53 56.05 41.01
N LYS KA 38 -18.59 55.14 41.23
CA LYS KA 38 -18.63 54.27 42.40
C LYS KA 38 -18.23 54.96 43.69
N LYS KA 39 -17.43 56.02 43.60
CA LYS KA 39 -16.93 56.68 44.80
C LYS KA 39 -17.96 57.60 45.45
N ALA KA 40 -19.13 57.75 44.85
CA ALA KA 40 -20.11 58.71 45.34
C ALA KA 40 -20.52 58.40 46.76
N LYS KA 41 -20.49 59.42 47.61
CA LYS KA 41 -20.90 59.27 49.00
C LYS KA 41 -22.41 59.10 49.10
N VAL KA 42 -22.87 58.62 50.26
CA VAL KA 42 -24.29 58.35 50.42
C VAL KA 42 -25.11 59.63 50.43
N ASP KA 43 -24.50 60.77 50.74
CA ASP KA 43 -25.20 62.04 50.60
C ASP KA 43 -25.69 62.29 49.19
N GLU KA 44 -25.05 61.68 48.19
CA GLU KA 44 -25.20 62.14 46.82
C GLU KA 44 -26.53 61.72 46.20
N PHE KA 45 -26.76 60.41 46.06
CA PHE KA 45 -27.84 59.92 45.22
C PHE KA 45 -28.93 59.27 46.07
N PRO KA 46 -30.01 59.98 46.39
CA PRO KA 46 -31.08 59.42 47.23
C PRO KA 46 -32.24 58.80 46.48
N LEU KA 47 -32.16 58.60 45.17
CA LEU KA 47 -33.23 57.98 44.40
C LEU KA 47 -32.76 56.63 43.89
N CYS KA 48 -33.10 55.58 44.62
CA CYS KA 48 -32.65 54.23 44.31
C CYS KA 48 -33.72 53.51 43.50
N GLY KA 49 -33.41 53.25 42.23
CA GLY KA 49 -34.32 52.55 41.35
C GLY KA 49 -34.06 51.06 41.41
N HIS KA 50 -35.14 50.29 41.44
CA HIS KA 50 -35.05 48.84 41.49
C HIS KA 50 -35.70 48.21 40.28
N MET KA 51 -35.26 46.99 39.98
CA MET KA 51 -35.92 46.08 39.10
C MET KA 51 -36.17 44.80 39.88
N VAL KA 52 -37.41 44.32 39.88
CA VAL KA 52 -37.78 43.17 40.71
C VAL KA 52 -38.37 42.09 39.82
N SER KA 53 -37.96 40.85 40.08
CA SER KA 53 -38.46 39.73 39.32
C SER KA 53 -39.88 39.39 39.73
N ASP KA 54 -40.54 38.60 38.90
CA ASP KA 54 -41.89 38.16 39.21
C ASP KA 54 -42.15 36.69 38.90
N GLU KA 55 -41.18 35.98 38.33
CA GLU KA 55 -41.32 34.56 38.06
C GLU KA 55 -40.13 33.84 38.67
N TYR KA 56 -40.39 32.74 39.36
CA TYR KA 56 -39.34 31.94 39.99
C TYR KA 56 -38.59 31.19 38.89
N GLU KA 57 -37.69 31.91 38.23
CA GLU KA 57 -37.03 31.38 37.04
C GLU KA 57 -35.52 31.45 37.15
N GLN KA 58 -34.83 31.19 36.05
CA GLN KA 58 -33.38 31.26 35.98
C GLN KA 58 -32.98 32.28 34.94
N LEU KA 59 -32.02 33.14 35.27
CA LEU KA 59 -31.51 34.14 34.34
C LEU KA 59 -30.09 33.79 33.96
N SER KA 60 -29.84 33.64 32.67
CA SER KA 60 -28.53 33.23 32.20
C SER KA 60 -27.54 34.37 32.39
N SER KA 61 -26.31 34.02 32.78
CA SER KA 61 -25.28 35.04 32.93
C SER KA 61 -24.92 35.66 31.59
N GLU KA 62 -25.32 35.03 30.48
CA GLU KA 62 -25.25 35.71 29.20
C GLU KA 62 -26.05 37.00 29.24
N ALA KA 63 -27.26 36.94 29.81
CA ALA KA 63 -28.16 38.08 29.79
C ALA KA 63 -27.64 39.21 30.66
N LEU KA 64 -27.15 38.89 31.86
CA LEU KA 64 -26.72 39.91 32.81
C LEU KA 64 -25.61 40.76 32.23
N GLU KA 65 -24.80 40.19 31.33
CA GLU KA 65 -23.81 40.99 30.62
C GLU KA 65 -24.47 42.03 29.73
N ALA KA 66 -25.55 41.64 29.04
CA ALA KA 66 -26.17 42.54 28.08
C ALA KA 66 -27.22 43.43 28.73
N ALA KA 67 -27.81 42.97 29.82
CA ALA KA 67 -28.72 43.84 30.57
C ALA KA 67 -27.96 44.96 31.25
N ARG KA 68 -26.77 44.65 31.78
CA ARG KA 68 -25.96 45.69 32.41
C ARG KA 68 -25.54 46.75 31.40
N ILE KA 69 -25.06 46.32 30.24
CA ILE KA 69 -24.65 47.28 29.23
C ILE KA 69 -25.83 48.09 28.74
N CYS KA 70 -26.95 47.43 28.46
CA CYS KA 70 -28.08 48.12 27.84
C CYS KA 70 -28.60 49.24 28.71
N ALA KA 71 -28.73 49.00 30.01
CA ALA KA 71 -29.20 50.07 30.91
C ALA KA 71 -28.10 51.08 31.16
N ASN KA 72 -26.85 50.64 31.26
CA ASN KA 72 -25.75 51.58 31.37
C ASN KA 72 -25.64 52.45 30.14
N LYS KA 73 -25.77 51.85 28.94
CA LYS KA 73 -25.57 52.60 27.71
C LYS KA 73 -26.56 53.74 27.58
N TYR KA 74 -27.74 53.61 28.21
CA TYR KA 74 -28.67 54.74 28.17
C TYR KA 74 -28.27 55.80 29.17
N MET KA 75 -28.10 55.42 30.45
CA MET KA 75 -27.88 56.43 31.48
C MET KA 75 -26.72 57.34 31.14
N VAL KA 76 -25.68 56.79 30.51
CA VAL KA 76 -24.52 57.61 30.12
C VAL KA 76 -24.96 58.73 29.19
N LYS KA 77 -25.90 58.45 28.29
CA LYS KA 77 -26.37 59.49 27.39
C LYS KA 77 -27.35 60.43 28.07
N SER KA 78 -27.95 60.01 29.18
CA SER KA 78 -28.96 60.83 29.83
C SER KA 78 -28.37 61.71 30.92
N CYS KA 79 -27.83 61.10 31.97
CA CYS KA 79 -27.35 61.87 33.11
C CYS KA 79 -25.97 62.48 32.81
N GLY KA 80 -25.00 61.62 32.52
CA GLY KA 80 -23.65 62.06 32.22
C GLY KA 80 -22.73 60.86 32.18
N LYS KA 81 -21.55 60.96 32.78
CA LYS KA 81 -20.72 59.79 32.98
C LYS KA 81 -20.36 59.58 34.44
N ASP KA 82 -20.74 60.50 35.32
CA ASP KA 82 -20.60 60.31 36.76
C ASP KA 82 -21.85 60.84 37.45
N GLY KA 83 -23.02 60.54 36.90
CA GLY KA 83 -24.26 61.05 37.44
C GLY KA 83 -25.17 60.00 38.02
N PHE KA 84 -24.79 58.73 37.91
CA PHE KA 84 -25.63 57.63 38.36
C PHE KA 84 -24.75 56.61 39.05
N HIS KA 85 -25.33 55.46 39.36
CA HIS KA 85 -24.59 54.36 39.99
C HIS KA 85 -25.42 53.10 39.85
N ILE KA 86 -24.85 52.05 39.29
CA ILE KA 86 -25.57 50.83 38.94
C ILE KA 86 -24.94 49.65 39.66
N ARG KA 87 -25.78 48.81 40.24
CA ARG KA 87 -25.33 47.59 40.91
C ARG KA 87 -26.21 46.45 40.49
N VAL KA 88 -25.61 45.40 39.94
CA VAL KA 88 -26.33 44.18 39.63
C VAL KA 88 -26.44 43.36 40.91
N ARG KA 89 -27.66 43.18 41.40
CA ARG KA 89 -27.89 42.52 42.68
C ARG KA 89 -28.09 41.02 42.53
N LEU KA 90 -27.46 40.42 41.53
CA LEU KA 90 -27.66 39.00 41.24
C LEU KA 90 -26.34 38.42 40.80
N HIS KA 91 -25.96 37.29 41.36
CA HIS KA 91 -24.73 36.75 40.85
C HIS KA 91 -24.96 35.37 40.26
N PRO KA 92 -24.36 35.07 39.11
CA PRO KA 92 -24.47 33.73 38.53
C PRO KA 92 -23.55 32.75 39.23
N PHE KA 93 -24.15 31.83 39.98
CA PHE KA 93 -23.43 30.81 40.72
C PHE KA 93 -23.73 29.40 40.26
N HIS KA 94 -24.98 29.11 39.93
CA HIS KA 94 -25.43 27.74 39.70
C HIS KA 94 -25.07 27.31 38.29
N VAL KA 95 -23.97 26.56 38.15
CA VAL KA 95 -23.56 26.09 36.84
C VAL KA 95 -24.57 25.09 36.32
N ILE KA 96 -24.75 25.05 35.00
CA ILE KA 96 -25.78 24.24 34.36
C ILE KA 96 -25.13 23.33 33.34
N ARG KA 97 -25.58 22.08 33.29
CA ARG KA 97 -24.89 21.04 32.54
C ARG KA 97 -25.44 20.91 31.13
N ILE KA 98 -24.62 20.33 30.24
CA ILE KA 98 -24.96 20.12 28.84
C ILE KA 98 -24.47 18.75 28.44
N ASN KA 99 -25.02 18.24 27.34
CA ASN KA 99 -24.66 16.91 26.88
C ASN KA 99 -24.71 16.88 25.35
N LYS KA 100 -23.67 16.36 24.72
CA LYS KA 100 -23.59 16.22 23.27
C LYS KA 100 -23.73 14.76 22.88
N MET KA 101 -24.80 14.45 22.14
CA MET KA 101 -25.32 13.08 22.08
C MET KA 101 -25.29 12.48 20.69
N LEU KA 102 -24.75 13.19 19.70
CA LEU KA 102 -24.77 12.77 18.29
C LEU KA 102 -24.32 11.33 18.03
N MET LA 1 -31.90 88.95 -12.62
CA MET LA 1 -30.53 88.58 -12.93
C MET LA 1 -30.21 87.07 -13.07
N PRO LA 2 -30.87 86.17 -12.32
CA PRO LA 2 -30.34 84.80 -12.18
C PRO LA 2 -30.14 84.11 -13.52
N PRO LA 3 -31.18 83.92 -14.37
CA PRO LA 3 -30.94 83.16 -15.60
C PRO LA 3 -30.07 83.89 -16.62
N LYS LA 4 -30.51 85.07 -17.04
CA LYS LA 4 -29.87 85.77 -18.16
C LYS LA 4 -29.87 87.28 -17.97
N PHE LA 5 -29.89 87.75 -16.72
CA PHE LA 5 -30.13 89.15 -16.39
C PHE LA 5 -31.48 89.62 -16.93
N ASP LA 6 -32.52 89.01 -16.36
CA ASP LA 6 -33.89 89.31 -16.76
C ASP LA 6 -34.23 90.77 -16.46
N PRO LA 7 -35.16 91.36 -17.23
CA PRO LA 7 -35.58 92.74 -16.92
C PRO LA 7 -36.42 92.78 -15.66
N ASN LA 8 -35.82 93.25 -14.57
CA ASN LA 8 -36.45 93.28 -13.25
C ASN LA 8 -35.74 94.35 -12.41
N GLU LA 9 -35.95 94.30 -11.10
CA GLU LA 9 -35.47 95.29 -10.15
C GLU LA 9 -34.43 94.72 -9.19
N ILE LA 10 -33.44 94.00 -9.71
CA ILE LA 10 -32.45 93.30 -8.89
C ILE LA 10 -31.74 94.23 -7.92
N LYS LA 11 -31.94 93.99 -6.63
CA LYS LA 11 -31.12 94.56 -5.55
C LYS LA 11 -30.79 93.46 -4.56
N VAL LA 12 -30.33 92.32 -5.08
CA VAL LA 12 -30.35 91.07 -4.34
C VAL LA 12 -29.37 91.12 -3.15
N VAL LA 13 -29.77 90.46 -2.07
CA VAL LA 13 -28.95 90.28 -0.88
C VAL LA 13 -28.99 88.79 -0.53
N TYR LA 14 -27.83 88.25 -0.13
CA TYR LA 14 -27.74 86.86 0.28
C TYR LA 14 -26.93 86.77 1.56
N LEU LA 15 -27.11 85.66 2.29
CA LEU LA 15 -26.42 85.43 3.56
C LEU LA 15 -25.20 84.55 3.28
N ARG LA 16 -24.03 85.17 3.16
CA ARG LA 16 -22.82 84.49 2.74
C ARG LA 16 -21.84 84.40 3.90
N CYS LA 17 -21.01 83.36 3.87
CA CYS LA 17 -20.11 83.02 4.96
C CYS LA 17 -18.64 83.13 4.51
N THR LA 18 -17.75 82.77 5.42
CA THR LA 18 -16.34 82.52 5.13
C THR LA 18 -15.66 83.69 4.44
N GLY LA 19 -15.53 84.79 5.18
CA GLY LA 19 -14.66 85.85 4.73
C GLY LA 19 -13.20 85.50 4.96
N GLY LA 20 -12.32 86.17 4.22
CA GLY LA 20 -10.90 85.90 4.37
C GLY LA 20 -10.49 84.59 3.73
N GLU LA 21 -10.22 83.57 4.55
CA GLU LA 21 -9.84 82.26 4.05
C GLU LA 21 -11.03 81.55 3.42
N VAL LA 22 -10.76 80.83 2.33
CA VAL LA 22 -11.82 80.29 1.48
C VAL LA 22 -12.71 79.30 2.23
N GLY LA 23 -12.16 78.59 3.22
CA GLY LA 23 -12.92 77.56 3.87
C GLY LA 23 -13.11 76.36 2.95
N ALA LA 24 -14.06 75.52 3.30
CA ALA LA 24 -14.43 74.37 2.47
C ALA LA 24 -15.66 74.61 1.63
N THR LA 25 -16.20 75.84 1.63
CA THR LA 25 -17.20 76.22 0.65
C THR LA 25 -16.59 76.53 -0.70
N SER LA 26 -15.25 76.69 -0.75
CA SER LA 26 -14.52 76.93 -1.99
C SER LA 26 -15.04 78.16 -2.73
N ALA LA 27 -15.57 79.12 -1.97
CA ALA LA 27 -16.05 80.37 -2.53
C ALA LA 27 -16.15 81.39 -1.40
N LEU LA 28 -15.90 82.65 -1.71
CA LEU LA 28 -15.98 83.71 -0.72
C LEU LA 28 -17.11 84.69 -0.99
N ALA LA 29 -17.09 85.37 -2.14
CA ALA LA 29 -18.01 86.47 -2.38
C ALA LA 29 -19.40 86.03 -2.84
N PRO LA 30 -19.53 85.29 -3.95
CA PRO LA 30 -20.85 85.12 -4.55
C PRO LA 30 -21.57 83.86 -4.07
N LYS LA 31 -22.90 83.92 -4.17
CA LYS LA 31 -23.76 82.77 -3.93
C LYS LA 31 -24.71 82.60 -5.11
N ILE LA 32 -25.10 83.70 -5.74
CA ILE LA 32 -25.93 83.67 -6.94
C ILE LA 32 -25.40 84.56 -8.05
N GLY LA 33 -24.24 85.18 -7.86
CA GLY LA 33 -23.72 86.17 -8.78
C GLY LA 33 -23.36 85.69 -10.18
N PRO LA 34 -22.40 84.76 -10.30
CA PRO LA 34 -21.77 84.52 -11.61
C PRO LA 34 -22.74 84.12 -12.72
N LEU LA 35 -23.83 83.41 -12.40
CA LEU LA 35 -24.81 83.09 -13.42
C LEU LA 35 -25.69 84.27 -13.78
N GLY LA 36 -25.63 85.35 -13.01
CA GLY LA 36 -26.43 86.53 -13.25
C GLY LA 36 -25.78 87.64 -14.05
N LEU LA 37 -24.63 87.36 -14.67
CA LEU LA 37 -23.84 88.30 -15.47
C LEU LA 37 -23.22 89.40 -14.62
N SER LA 38 -23.53 89.45 -13.32
CA SER LA 38 -22.90 90.40 -12.43
C SER LA 38 -21.62 89.76 -11.90
N PRO LA 39 -20.45 90.26 -12.27
CA PRO LA 39 -19.21 89.55 -11.94
C PRO LA 39 -18.98 89.46 -10.43
N LYS LA 40 -18.32 88.38 -10.03
CA LYS LA 40 -17.79 88.25 -8.68
C LYS LA 40 -16.40 88.89 -8.57
N LYS LA 41 -15.92 89.52 -9.64
CA LYS LA 41 -14.60 90.12 -9.63
C LYS LA 41 -14.49 91.18 -8.54
N VAL LA 42 -15.49 92.06 -8.44
CA VAL LA 42 -15.44 93.13 -7.45
C VAL LA 42 -15.79 92.60 -6.06
N GLY LA 43 -16.45 91.45 -5.99
CA GLY LA 43 -16.67 90.81 -4.69
C GLY LA 43 -15.42 90.16 -4.14
N ASP LA 44 -14.53 89.70 -5.03
CA ASP LA 44 -13.23 89.20 -4.59
C ASP LA 44 -12.37 90.34 -4.05
N ASP LA 45 -12.60 91.57 -4.51
CA ASP LA 45 -11.82 92.71 -4.07
C ASP LA 45 -12.04 92.98 -2.58
N ILE LA 46 -13.27 92.81 -2.10
CA ILE LA 46 -13.55 92.94 -0.68
C ILE LA 46 -13.12 91.68 0.07
N ALA LA 47 -13.08 90.54 -0.64
CA ALA LA 47 -12.76 89.27 0.01
C ALA LA 47 -11.37 89.30 0.63
N LYS LA 48 -10.40 89.88 -0.08
CA LYS LA 48 -9.05 90.05 0.47
C LYS LA 48 -9.07 90.97 1.68
N LYS LA 54 -6.56 88.64 9.60
CA LYS LA 54 -7.72 88.31 10.46
C LYS LA 54 -8.93 89.15 10.03
N GLY LA 55 -10.14 88.59 10.13
CA GLY LA 55 -10.32 87.23 10.67
C GLY LA 55 -10.04 86.17 9.62
N LEU LA 56 -9.17 85.22 9.95
CA LEU LA 56 -8.81 84.13 8.99
C LEU LA 56 -10.00 83.18 8.87
N ARG LA 57 -11.14 83.56 9.47
CA ARG LA 57 -12.18 82.57 9.72
C ARG LA 57 -13.53 83.08 9.19
N ILE LA 58 -14.57 82.32 9.48
CA ILE LA 58 -15.88 82.56 8.88
C ILE LA 58 -16.46 83.86 9.38
N THR LA 59 -17.30 84.49 8.55
CA THR LA 59 -18.17 85.58 8.95
C THR LA 59 -19.58 85.28 8.44
N VAL LA 60 -20.48 86.24 8.53
CA VAL LA 60 -21.72 86.21 7.76
C VAL LA 60 -21.78 87.52 6.98
N LYS LA 61 -21.98 87.41 5.66
CA LYS LA 61 -21.88 88.56 4.78
C LYS LA 61 -23.22 88.82 4.11
N LEU LA 62 -23.66 90.07 4.16
CA LEU LA 62 -24.76 90.54 3.34
C LEU LA 62 -24.16 91.31 2.17
N THR LA 63 -24.48 90.88 0.96
CA THR LA 63 -23.90 91.45 -0.26
C THR LA 63 -25.00 92.08 -1.09
N ILE LA 64 -24.71 93.24 -1.66
CA ILE LA 64 -25.72 94.05 -2.34
C ILE LA 64 -25.33 94.23 -3.80
N GLN LA 65 -26.28 93.99 -4.69
CA GLN LA 65 -26.07 93.97 -6.14
C GLN LA 65 -27.15 94.83 -6.81
N ASN LA 66 -26.87 96.13 -6.92
CA ASN LA 66 -27.80 97.06 -7.56
C ASN LA 66 -27.61 97.03 -9.07
N ARG LA 67 -27.95 95.87 -9.63
CA ARG LA 67 -28.10 95.59 -11.05
C ARG LA 67 -26.80 95.46 -11.84
N GLN LA 68 -25.68 95.99 -11.33
CA GLN LA 68 -24.42 95.82 -12.06
C GLN LA 68 -23.20 95.68 -11.15
N ALA LA 69 -23.32 96.06 -9.89
CA ALA LA 69 -22.18 96.26 -9.01
C ALA LA 69 -22.32 95.38 -7.77
N GLN LA 70 -21.31 94.54 -7.52
CA GLN LA 70 -21.27 93.75 -6.30
C GLN LA 70 -20.54 94.56 -5.23
N ILE LA 71 -21.28 95.38 -4.50
CA ILE LA 71 -20.75 96.18 -3.41
C ILE LA 71 -20.89 95.33 -2.16
N GLU LA 72 -19.87 94.52 -1.89
CA GLU LA 72 -19.89 93.66 -0.71
C GLU LA 72 -19.68 94.50 0.54
N VAL LA 73 -20.60 94.37 1.49
CA VAL LA 73 -20.54 95.10 2.75
C VAL LA 73 -20.46 94.10 3.88
N VAL LA 74 -19.39 94.20 4.66
CA VAL LA 74 -19.30 93.44 5.90
C VAL LA 74 -20.33 94.07 6.84
N PRO LA 75 -21.31 93.30 7.34
CA PRO LA 75 -22.35 93.90 8.17
C PRO LA 75 -21.77 94.45 9.46
N SER LA 76 -22.40 95.52 9.96
CA SER LA 76 -21.87 96.24 11.11
C SER LA 76 -22.18 95.52 12.41
N ALA LA 77 -22.58 94.24 12.32
CA ALA LA 77 -22.71 93.42 13.51
C ALA LA 77 -21.37 93.28 14.19
N SER LA 78 -21.35 93.51 15.50
CA SER LA 78 -20.09 93.59 16.23
C SER LA 78 -19.30 92.29 16.12
N ALA LA 79 -19.97 91.15 16.30
CA ALA LA 79 -19.28 89.86 16.30
C ALA LA 79 -18.50 89.65 15.02
N LEU LA 80 -19.01 90.19 13.90
CA LEU LA 80 -18.28 90.07 12.64
C LEU LA 80 -17.03 90.94 12.63
N ILE LA 81 -17.00 91.96 13.49
CA ILE LA 81 -15.85 92.87 13.50
C ILE LA 81 -14.97 92.63 14.72
N ILE LA 82 -15.55 92.16 15.83
CA ILE LA 82 -14.76 91.90 17.03
C ILE LA 82 -13.64 90.93 16.73
N LYS LA 83 -13.94 89.85 16.02
CA LYS LA 83 -12.97 88.80 15.79
C LYS LA 83 -11.86 89.24 14.85
N ALA LA 84 -12.18 90.06 13.84
CA ALA LA 84 -11.21 90.37 12.80
C ALA LA 84 -10.03 91.17 13.34
N LEU LA 85 -10.15 91.70 14.55
CA LEU LA 85 -9.10 92.52 15.15
C LEU LA 85 -8.55 91.85 16.40
N PRO LA 88 2.09 80.11 18.23
CA PRO LA 88 1.38 81.39 18.31
C PRO LA 88 0.35 81.54 17.17
N PRO LA 89 0.43 80.71 16.11
CA PRO LA 89 -0.51 80.80 14.98
C PRO LA 89 -1.91 80.39 15.40
N ARG LA 90 -2.94 81.09 14.89
CA ARG LA 90 -4.35 80.73 15.21
C ARG LA 90 -4.70 79.44 14.46
N ASP LA 91 -4.24 78.30 15.00
CA ASP LA 91 -4.36 77.01 14.31
C ASP LA 91 -5.72 76.38 14.60
N ARG LA 92 -5.90 75.13 14.19
CA ARG LA 92 -7.20 74.50 14.24
C ARG LA 92 -7.39 73.73 15.55
N LYS LA 93 -8.57 73.11 15.67
CA LYS LA 93 -8.94 72.27 16.81
C LYS LA 93 -8.82 73.04 18.13
N LYS LA 94 -9.15 74.33 18.06
CA LYS LA 94 -9.30 75.19 19.27
C LYS LA 94 -10.77 75.59 19.43
N GLN LA 95 -11.32 75.58 20.64
CA GLN LA 95 -10.70 75.06 21.91
C GLN LA 95 -9.65 76.04 22.43
N LYS LA 96 -9.96 77.34 22.42
CA LYS LA 96 -9.13 78.34 23.09
C LYS LA 96 -9.79 78.93 24.32
N ASN LA 97 -11.04 78.57 24.60
CA ASN LA 97 -11.75 78.94 25.84
C ASN LA 97 -11.75 80.46 26.05
N ILE LA 98 -12.48 81.16 25.18
CA ILE LA 98 -13.38 80.54 24.20
C ILE LA 98 -12.81 80.77 22.80
N LYS LA 99 -12.51 82.03 22.49
CA LYS LA 99 -11.74 82.34 21.28
C LYS LA 99 -10.72 83.44 21.52
N HIS LA 100 -10.65 84.02 22.71
CA HIS LA 100 -9.80 85.17 22.94
C HIS LA 100 -8.46 84.77 23.54
N SER LA 101 -7.60 85.78 23.69
CA SER LA 101 -6.38 85.69 24.47
C SER LA 101 -6.59 86.18 25.91
N GLY LA 102 -7.76 86.72 26.22
CA GLY LA 102 -8.07 87.23 27.53
C GLY LA 102 -7.81 88.70 27.73
N ASN LA 103 -7.15 89.38 26.80
CA ASN LA 103 -6.81 90.79 26.97
C ASN LA 103 -7.02 91.56 25.67
N ILE LA 104 -8.17 91.37 25.03
CA ILE LA 104 -8.52 92.13 23.84
C ILE LA 104 -9.62 93.16 24.13
N THR LA 105 -9.80 93.53 25.40
CA THR LA 105 -10.61 94.69 25.80
C THR LA 105 -12.05 94.56 25.28
N PHE LA 106 -12.74 93.55 25.84
CA PHE LA 106 -14.11 93.25 25.42
C PHE LA 106 -15.10 94.34 25.81
N ASP LA 107 -14.91 94.98 26.96
CA ASP LA 107 -15.88 95.95 27.46
C ASP LA 107 -15.91 97.24 26.64
N GLU LA 108 -14.95 97.46 25.75
CA GLU LA 108 -14.87 98.71 25.00
C GLU LA 108 -14.78 98.53 23.49
N ILE LA 109 -14.61 97.31 22.99
CA ILE LA 109 -14.95 97.04 21.60
C ILE LA 109 -16.45 97.25 21.40
N VAL LA 110 -17.25 96.91 22.42
CA VAL LA 110 -18.70 96.93 22.28
C VAL LA 110 -19.26 98.33 22.48
N ASN LA 111 -18.40 99.32 22.73
CA ASN LA 111 -18.87 100.71 22.73
C ASN LA 111 -19.20 101.17 21.31
N ILE LA 112 -18.35 100.83 20.34
CA ILE LA 112 -18.57 101.26 18.97
C ILE LA 112 -19.82 100.63 18.38
N ALA LA 113 -20.04 99.34 18.68
CA ALA LA 113 -21.19 98.63 18.13
C ALA LA 113 -22.51 99.24 18.58
N ARG LA 114 -22.60 99.62 19.86
CA ARG LA 114 -23.86 100.11 20.41
C ARG LA 114 -24.32 101.38 19.70
N GLN LA 115 -23.38 102.15 19.14
CA GLN LA 115 -23.71 103.44 18.55
C GLN LA 115 -23.98 103.35 17.05
N MET LA 116 -23.74 102.19 16.42
CA MET LA 116 -23.92 102.07 14.99
C MET LA 116 -24.89 100.95 14.58
N ARG LA 117 -25.19 100.01 15.46
CA ARG LA 117 -26.12 98.93 15.16
C ARG LA 117 -27.54 99.38 15.47
N HIS LA 118 -28.28 99.78 14.44
CA HIS LA 118 -29.63 100.33 14.62
C HIS LA 118 -30.60 99.69 13.64
N ARG LA 119 -30.52 98.37 13.45
CA ARG LA 119 -31.41 97.69 12.51
C ARG LA 119 -31.89 96.35 13.04
N SER LA 120 -32.04 96.21 14.36
CA SER LA 120 -32.45 94.94 14.94
C SER LA 120 -32.78 95.09 16.41
N LEU LA 121 -33.51 94.10 16.93
CA LEU LA 121 -33.48 93.76 18.35
C LEU LA 121 -33.88 94.90 19.28
N ALA LA 122 -35.19 95.11 19.40
CA ALA LA 122 -35.85 96.27 20.00
C ALA LA 122 -35.05 96.90 21.14
N ARG LA 123 -34.87 98.21 21.03
CA ARG LA 123 -33.94 98.95 21.87
C ARG LA 123 -34.71 99.91 22.77
N GLU LA 124 -34.50 99.80 24.07
CA GLU LA 124 -34.81 100.90 24.96
C GLU LA 124 -33.61 101.82 24.96
N LEU LA 125 -33.47 102.71 25.94
CA LEU LA 125 -32.21 103.42 26.08
C LEU LA 125 -31.06 102.42 26.05
N SER LA 126 -29.89 102.89 25.62
CA SER LA 126 -28.86 102.05 25.02
C SER LA 126 -28.38 100.93 25.95
N GLY LA 127 -28.94 100.85 27.15
CA GLY LA 127 -28.72 99.70 27.99
C GLY LA 127 -29.39 98.43 27.49
N THR LA 128 -30.21 98.50 26.44
CA THR LA 128 -30.81 97.33 25.82
C THR LA 128 -30.08 96.89 24.57
N ILE LA 129 -29.48 97.85 23.84
CA ILE LA 129 -28.58 97.49 22.74
C ILE LA 129 -27.32 96.83 23.28
N LYS LA 130 -26.86 97.25 24.46
CA LYS LA 130 -25.68 96.63 25.04
C LYS LA 130 -25.95 95.18 25.42
N GLU LA 131 -27.17 94.86 25.87
CA GLU LA 131 -27.53 93.47 26.08
C GLU LA 131 -27.48 92.70 24.76
N ILE LA 132 -27.98 93.31 23.68
CA ILE LA 132 -27.98 92.65 22.38
C ILE LA 132 -26.56 92.44 21.87
N LEU LA 133 -25.75 93.49 21.87
CA LEU LA 133 -24.45 93.43 21.24
C LEU LA 133 -23.38 92.76 22.10
N GLY LA 134 -23.64 92.59 23.39
CA GLY LA 134 -22.87 91.63 24.14
C GLY LA 134 -23.32 90.19 23.95
N THR LA 135 -24.59 89.99 23.59
CA THR LA 135 -25.13 88.68 23.25
C THR LA 135 -25.13 88.40 21.75
N ALA LA 136 -24.98 89.42 20.91
CA ALA LA 136 -24.67 89.18 19.51
C ALA LA 136 -23.25 88.68 19.34
N GLN LA 137 -22.43 88.77 20.38
CA GLN LA 137 -21.05 88.32 20.35
C GLN LA 137 -20.96 86.81 20.58
N SER LA 138 -19.92 86.21 19.98
CA SER LA 138 -19.56 84.83 20.30
C SER LA 138 -18.06 84.64 20.39
N VAL LA 139 -17.30 85.71 20.64
CA VAL LA 139 -15.87 85.58 20.85
C VAL LA 139 -15.58 85.06 22.26
N GLY LA 140 -15.97 85.84 23.26
CA GLY LA 140 -15.74 85.46 24.65
C GLY LA 140 -17.03 85.37 25.42
N CYS LA 141 -18.15 85.60 24.73
CA CYS LA 141 -19.49 85.41 25.29
C CYS LA 141 -19.69 86.26 26.54
N ASN LA 142 -19.76 87.58 26.33
CA ASN LA 142 -20.11 88.48 27.42
C ASN LA 142 -19.07 88.44 28.55
N VAL LA 143 -18.03 89.26 28.41
CA VAL LA 143 -16.68 89.14 28.97
C VAL LA 143 -16.65 88.48 30.34
N ASP LA 144 -15.49 87.90 30.68
CA ASP LA 144 -15.23 86.49 30.95
C ASP LA 144 -16.38 85.66 31.53
N GLY LA 145 -16.24 84.35 31.39
CA GLY LA 145 -17.25 83.43 30.91
C GLY LA 145 -18.64 83.41 31.50
N ARG LA 146 -18.95 84.31 32.43
CA ARG LA 146 -20.33 84.45 32.86
C ARG LA 146 -21.22 84.75 31.66
N HIS LA 147 -22.03 83.76 31.27
CA HIS LA 147 -23.05 83.93 30.23
C HIS LA 147 -24.21 84.75 30.77
N PRO LA 148 -25.05 85.30 29.89
CA PRO LA 148 -26.26 85.98 30.37
C PRO LA 148 -27.12 85.06 31.22
N HIS LA 149 -27.20 85.36 32.50
CA HIS LA 149 -27.91 84.52 33.46
C HIS LA 149 -28.93 85.28 34.28
N ASP LA 150 -28.59 86.52 34.69
CA ASP LA 150 -29.56 87.39 35.33
C ASP LA 150 -29.37 88.82 34.84
N ILE LA 151 -28.91 89.01 33.60
CA ILE LA 151 -28.70 90.34 33.03
C ILE LA 151 -29.86 90.76 32.13
N ILE LA 152 -31.02 90.13 32.30
CA ILE LA 152 -32.13 90.30 31.37
C ILE LA 152 -33.20 91.24 31.89
N ASP LA 153 -32.87 92.08 32.87
CA ASP LA 153 -33.78 93.11 33.37
C ASP LA 153 -33.18 94.50 33.30
N ASP LA 154 -31.90 94.63 32.93
CA ASP LA 154 -31.21 95.91 32.88
C ASP LA 154 -31.74 96.84 31.81
N ILE LA 155 -32.81 96.46 31.09
CA ILE LA 155 -33.39 97.34 30.09
C ILE LA 155 -34.08 98.54 30.72
N ASN LA 156 -34.12 98.62 32.05
CA ASN LA 156 -34.71 99.74 32.76
C ASN LA 156 -33.83 100.28 33.89
N SER LA 157 -32.78 99.56 34.29
CA SER LA 157 -31.97 99.83 35.47
C SER LA 157 -30.49 99.76 35.11
N GLY LA 158 -30.10 100.53 34.11
CA GLY LA 158 -28.80 100.41 33.48
C GLY LA 158 -28.92 100.72 32.01
N ALA LA 159 -30.14 101.01 31.58
CA ALA LA 159 -30.43 101.61 30.29
C ALA LA 159 -30.58 103.13 30.42
N VAL LA 160 -31.44 103.57 31.34
CA VAL LA 160 -31.52 104.99 31.67
C VAL LA 160 -30.26 105.47 32.38
N GLU LA 161 -29.42 104.55 32.84
CA GLU LA 161 -28.07 104.87 33.29
C GLU LA 161 -27.00 104.36 32.35
N CYS LA 162 -27.36 104.01 31.10
CA CYS LA 162 -26.33 103.61 30.14
C CYS LA 162 -25.58 104.83 29.61
N PRO LA 163 -26.23 105.85 29.01
CA PRO LA 163 -25.44 107.07 28.85
C PRO LA 163 -25.52 107.98 30.07
N PRO MA 1 -129.13 4.11 76.58
CA PRO MA 1 -128.06 4.83 75.90
C PRO MA 1 -128.55 5.65 74.72
N HIS MA 2 -128.39 6.98 74.81
CA HIS MA 2 -128.70 7.88 73.70
C HIS MA 2 -127.62 8.93 73.49
N CYS MA 3 -126.52 8.86 74.23
CA CYS MA 3 -125.49 9.90 74.22
C CYS MA 3 -124.17 9.26 74.69
N SER MA 4 -123.20 10.10 75.01
CA SER MA 4 -121.93 9.67 75.57
C SER MA 4 -121.39 10.79 76.45
N ARG MA 5 -120.14 10.65 76.86
CA ARG MA 5 -119.40 11.72 77.51
C ARG MA 5 -118.07 11.84 76.79
N ASN MA 6 -117.15 12.62 77.35
CA ASN MA 6 -115.77 12.70 76.83
C ASN MA 6 -115.76 13.01 75.34
N PRO MA 7 -116.06 14.25 74.95
CA PRO MA 7 -116.14 14.57 73.51
C PRO MA 7 -114.90 14.16 72.75
N VAL MA 8 -115.05 14.02 71.43
CA VAL MA 8 -113.95 13.69 70.54
C VAL MA 8 -113.37 14.98 69.98
N LEU MA 9 -112.04 15.05 69.91
CA LEU MA 9 -111.35 16.26 69.48
C LEU MA 9 -110.61 16.04 68.17
N VAL MA 10 -109.69 15.08 68.14
CA VAL MA 10 -109.13 14.52 66.91
C VAL MA 10 -109.00 13.03 67.15
N ARG MA 11 -108.69 12.29 66.08
CA ARG MA 11 -108.69 10.83 66.17
C ARG MA 11 -107.92 10.33 67.38
N GLY MA 12 -108.63 9.70 68.32
CA GLY MA 12 -108.02 9.06 69.46
C GLY MA 12 -107.76 9.96 70.65
N ILE MA 13 -108.01 11.25 70.54
CA ILE MA 13 -107.69 12.20 71.61
C ILE MA 13 -109.00 12.77 72.14
N GLY MA 14 -109.46 12.24 73.27
CA GLY MA 14 -110.63 12.81 73.92
C GLY MA 14 -110.33 14.16 74.53
N ARG MA 15 -111.34 15.03 74.54
CA ARG MA 15 -111.15 16.39 74.99
C ARG MA 15 -110.74 16.46 76.46
N TYR MA 16 -111.18 15.51 77.27
CA TYR MA 16 -110.89 15.51 78.68
C TYR MA 16 -109.83 14.46 79.01
N SER MA 17 -109.20 14.62 80.17
CA SER MA 17 -108.08 13.78 80.55
C SER MA 17 -108.49 12.79 81.63
N ARG MA 18 -107.51 11.96 82.05
CA ARG MA 18 -107.81 10.81 82.91
C ARG MA 18 -108.32 11.24 84.27
N SER MA 19 -107.67 12.23 84.89
CA SER MA 19 -108.22 12.75 86.14
C SER MA 19 -109.39 13.67 85.87
N ALA MA 20 -109.44 14.28 84.69
CA ALA MA 20 -110.61 15.05 84.30
C ALA MA 20 -111.83 14.16 84.14
N MET MA 21 -111.66 12.99 83.52
CA MET MA 21 -112.78 12.06 83.41
C MET MA 21 -113.15 11.43 84.74
N TYR MA 22 -112.18 11.11 85.58
CA TYR MA 22 -112.50 10.49 86.86
C TYR MA 22 -113.49 11.34 87.63
N SER MA 23 -113.28 12.66 87.64
CA SER MA 23 -114.23 13.56 88.28
C SER MA 23 -115.52 13.64 87.47
N ARG MA 24 -115.40 13.82 86.16
CA ARG MA 24 -116.60 13.97 85.33
C ARG MA 24 -117.46 12.73 85.35
N LYS MA 25 -116.85 11.55 85.22
CA LYS MA 25 -117.63 10.33 85.30
C LYS MA 25 -118.14 10.05 86.70
N ALA MA 26 -117.68 10.81 87.69
CA ALA MA 26 -118.02 10.56 89.08
C ALA MA 26 -117.68 9.12 89.48
N LEU MA 27 -116.49 8.68 89.07
CA LEU MA 27 -116.02 7.35 89.44
C LEU MA 27 -115.85 7.22 90.95
N TYR MA 28 -115.72 8.33 91.66
CA TYR MA 28 -115.67 8.30 93.11
C TYR MA 28 -117.07 8.00 93.65
N LYS MA 29 -117.21 8.07 94.97
CA LYS MA 29 -118.49 8.05 95.69
C LYS MA 29 -119.32 6.79 95.42
N ARG MA 30 -118.75 5.79 94.74
CA ARG MA 30 -119.45 4.54 94.54
C ARG MA 30 -118.54 3.34 94.74
N LYS MA 31 -117.50 3.51 95.55
CA LYS MA 31 -116.49 2.48 95.73
C LYS MA 31 -116.58 1.78 97.07
N TYR MA 32 -117.63 2.03 97.85
CA TYR MA 32 -117.73 1.47 99.20
C TYR MA 32 -117.64 -0.06 99.15
N ALA MA 33 -118.62 -0.69 98.52
CA ALA MA 33 -118.54 -2.11 98.19
C ALA MA 33 -119.12 -2.39 96.81
N ALA MA 34 -119.29 -1.37 95.96
CA ALA MA 34 -119.96 -1.48 94.69
C ALA MA 34 -118.95 -1.57 93.55
N PRO MA 35 -119.25 -2.36 92.50
CA PRO MA 35 -118.40 -2.49 91.32
C PRO MA 35 -118.41 -1.23 90.46
N VAL NA 1 -124.70 -32.84 76.98
CA VAL NA 1 -123.50 -32.04 77.15
C VAL NA 1 -122.25 -32.81 76.71
N LEU NA 2 -121.99 -33.93 77.35
CA LEU NA 2 -120.81 -34.69 76.96
C LEU NA 2 -121.12 -36.13 76.53
N ALA NA 3 -121.99 -36.84 77.27
CA ALA NA 3 -122.34 -38.20 76.85
C ALA NA 3 -123.08 -38.16 75.52
N THR NA 4 -124.17 -37.42 75.46
CA THR NA 4 -124.73 -36.93 74.21
C THR NA 4 -123.93 -35.69 73.80
N VAL NA 5 -124.43 -34.93 72.84
CA VAL NA 5 -123.92 -33.58 72.65
C VAL NA 5 -124.88 -32.55 73.21
N THR NA 6 -126.15 -32.57 72.78
CA THR NA 6 -127.06 -31.48 73.12
C THR NA 6 -128.21 -31.94 74.01
N LYS NA 7 -129.13 -32.77 73.50
CA LYS NA 7 -130.37 -33.06 74.22
C LYS NA 7 -130.99 -34.37 73.76
N PRO NA 8 -131.01 -35.40 74.60
CA PRO NA 8 -131.74 -36.62 74.23
C PRO NA 8 -133.22 -36.62 74.60
N VAL NA 9 -134.07 -36.47 73.59
CA VAL NA 9 -135.50 -36.81 73.64
C VAL NA 9 -135.93 -37.08 72.21
N GLY NA 10 -136.76 -38.10 72.03
CA GLY NA 10 -137.28 -38.36 70.70
C GLY NA 10 -136.68 -39.61 70.08
N GLY NA 11 -137.40 -40.23 69.15
CA GLY NA 11 -136.99 -41.49 68.58
C GLY NA 11 -137.25 -42.63 69.55
N ASP NA 12 -137.00 -43.85 69.06
CA ASP NA 12 -137.18 -45.06 69.86
C ASP NA 12 -138.54 -45.06 70.55
N LYS NA 13 -139.58 -45.11 69.71
CA LYS NA 13 -140.94 -45.16 70.23
C LYS NA 13 -141.15 -46.38 71.13
N ASN NA 14 -140.55 -47.51 70.77
CA ASN NA 14 -140.43 -48.66 71.64
C ASN NA 14 -139.02 -49.23 71.49
N GLY NA 15 -138.64 -50.10 72.42
CA GLY NA 15 -137.26 -50.57 72.46
C GLY NA 15 -136.54 -50.09 73.69
N GLY NA 16 -135.63 -49.13 73.52
CA GLY NA 16 -134.89 -48.60 74.66
C GLY NA 16 -135.11 -47.12 74.90
N THR NA 17 -134.02 -46.37 75.04
CA THR NA 17 -134.05 -44.97 75.42
C THR NA 17 -134.01 -44.06 74.20
N ARG NA 18 -134.31 -42.79 74.43
CA ARG NA 18 -134.41 -41.78 73.38
C ARG NA 18 -133.19 -40.86 73.46
N VAL NA 19 -132.23 -41.08 72.57
CA VAL NA 19 -131.03 -40.25 72.52
C VAL NA 19 -130.82 -39.80 71.08
N VAL NA 20 -130.59 -38.50 70.91
CA VAL NA 20 -130.35 -37.92 69.59
C VAL NA 20 -129.06 -37.11 69.66
N LYS NA 21 -128.45 -36.92 68.49
CA LYS NA 21 -127.18 -36.23 68.35
C LYS NA 21 -127.38 -34.94 67.57
N LEU NA 22 -126.40 -34.05 67.68
CA LEU NA 22 -126.31 -32.85 66.87
C LEU NA 22 -124.84 -32.55 66.62
N ARG NA 23 -124.54 -32.02 65.42
CA ARG NA 23 -123.18 -31.69 65.01
C ARG NA 23 -122.29 -32.94 65.06
N LYS NA 24 -122.65 -33.92 64.24
CA LYS NA 24 -122.02 -35.23 64.31
C LYS NA 24 -120.59 -35.17 63.76
N MET NA 25 -119.97 -36.34 63.64
CA MET NA 25 -118.63 -36.44 63.07
C MET NA 25 -118.63 -36.04 61.61
N PRO NA 26 -117.52 -35.53 61.10
CA PRO NA 26 -117.34 -35.41 59.65
C PRO NA 26 -117.40 -36.78 59.01
N ARG NA 27 -118.10 -36.86 57.88
CA ARG NA 27 -118.22 -38.10 57.12
C ARG NA 27 -117.05 -38.32 56.18
N TYR NA 28 -116.26 -37.28 55.92
CA TYR NA 28 -115.19 -37.35 54.94
C TYR NA 28 -114.14 -36.33 55.34
N TYR NA 29 -112.91 -36.78 55.57
CA TYR NA 29 -111.82 -35.91 55.92
C TYR NA 29 -110.91 -35.71 54.72
N PRO NA 30 -110.78 -34.50 54.19
CA PRO NA 30 -109.94 -34.31 52.99
C PRO NA 30 -108.48 -34.67 53.27
N THR NA 31 -107.78 -35.03 52.20
CA THR NA 31 -106.44 -35.58 52.35
C THR NA 31 -105.41 -34.54 52.77
N GLU NA 32 -105.73 -33.26 52.72
CA GLU NA 32 -104.86 -32.23 53.29
C GLU NA 32 -105.62 -30.92 53.44
N ASP NA 33 -105.64 -30.38 54.66
CA ASP NA 33 -106.44 -29.21 54.97
C ASP NA 33 -105.56 -28.00 55.24
N VAL NA 34 -106.12 -26.83 55.00
CA VAL NA 34 -105.44 -25.55 55.22
C VAL NA 34 -105.94 -24.95 56.53
N PRO NA 35 -105.14 -24.14 57.22
CA PRO NA 35 -105.48 -23.73 58.58
C PRO NA 35 -106.25 -22.41 58.65
N ARG NA 36 -106.69 -22.10 59.87
CA ARG NA 36 -106.93 -20.72 60.31
C ARG NA 36 -107.99 -20.01 59.45
N LYS NA 37 -109.25 -20.40 59.66
CA LYS NA 37 -110.39 -19.58 59.23
C LYS NA 37 -110.07 -18.10 59.39
N LEU NA 38 -110.27 -17.33 58.31
CA LEU NA 38 -109.32 -16.26 58.04
C LEU NA 38 -109.22 -15.22 59.15
N LEU NA 39 -110.11 -14.20 59.19
CA LEU NA 39 -110.66 -13.57 60.39
C LEU NA 39 -111.22 -12.18 60.07
N SER NA 40 -111.73 -11.47 61.09
CA SER NA 40 -112.07 -10.06 60.95
C SER NA 40 -110.82 -9.17 61.01
N HIS NA 41 -110.11 -9.18 62.14
CA HIS NA 41 -108.76 -8.64 62.30
C HIS NA 41 -108.66 -7.12 62.20
N GLY NA 42 -109.76 -6.41 61.97
CA GLY NA 42 -109.70 -4.98 61.80
C GLY NA 42 -109.77 -4.51 60.36
N LYS NA 43 -110.00 -5.46 59.44
CA LYS NA 43 -110.27 -5.15 58.01
C LYS NA 43 -111.77 -5.27 57.77
N LYS NA 44 -112.53 -4.19 58.02
CA LYS NA 44 -113.97 -4.32 58.08
C LYS NA 44 -114.56 -4.60 56.71
N PRO NA 45 -115.70 -5.26 56.64
CA PRO NA 45 -116.34 -5.50 55.34
C PRO NA 45 -117.02 -4.24 54.83
N PHE NA 46 -117.42 -4.30 53.56
CA PHE NA 46 -117.95 -3.12 52.88
C PHE NA 46 -119.17 -2.55 53.58
N SER NA 47 -119.93 -3.38 54.29
CA SER NA 47 -121.13 -2.88 54.96
C SER NA 47 -120.79 -1.76 55.93
N GLN NA 48 -119.58 -1.73 56.47
CA GLN NA 48 -119.24 -0.85 57.58
C GLN NA 48 -118.19 0.20 57.24
N HIS NA 49 -117.77 0.32 55.99
CA HIS NA 49 -116.83 1.36 55.63
C HIS NA 49 -117.45 2.74 55.85
N VAL NA 50 -116.63 3.77 55.70
CA VAL NA 50 -117.08 5.14 55.95
C VAL NA 50 -117.41 5.82 54.63
N ARG NA 51 -118.67 6.20 54.47
CA ARG NA 51 -119.14 6.79 53.23
C ARG NA 51 -118.56 8.21 53.11
N LYS NA 52 -118.49 8.74 51.89
CA LYS NA 52 -117.93 10.08 51.71
C LYS NA 52 -118.52 10.78 50.49
N LEU NA 53 -118.47 12.11 50.52
CA LEU NA 53 -118.76 13.00 49.40
C LEU NA 53 -117.69 14.06 49.31
N ARG NA 54 -117.39 14.49 48.08
CA ARG NA 54 -116.49 15.61 47.91
C ARG NA 54 -117.13 16.88 48.46
N ALA NA 55 -116.30 17.90 48.68
CA ALA NA 55 -116.77 19.12 49.30
C ALA NA 55 -117.67 19.95 48.41
N SER NA 56 -117.74 19.65 47.12
CA SER NA 56 -118.42 20.52 46.17
C SER NA 56 -119.73 19.93 45.64
N ILE NA 57 -120.17 18.79 46.20
CA ILE NA 57 -121.43 18.15 45.79
C ILE NA 57 -122.42 18.29 46.92
N THR NA 58 -123.59 18.84 46.61
CA THR NA 58 -124.68 19.05 47.53
C THR NA 58 -125.96 18.59 46.86
N PRO NA 59 -126.99 18.25 47.63
CA PRO NA 59 -128.26 17.86 47.01
C PRO NA 59 -128.77 18.92 46.06
N GLY NA 60 -129.26 18.47 44.91
CA GLY NA 60 -129.76 19.40 43.91
C GLY NA 60 -128.71 20.11 43.09
N THR NA 61 -127.57 19.47 42.84
CA THR NA 61 -126.54 20.05 41.99
C THR NA 61 -126.55 19.38 40.62
N ILE NA 62 -125.99 20.08 39.65
CA ILE NA 62 -125.90 19.60 38.27
C ILE NA 62 -124.54 18.96 38.09
N LEU NA 63 -124.51 17.84 37.39
CA LEU NA 63 -123.31 17.04 37.19
C LEU NA 63 -123.05 16.84 35.71
N ILE NA 64 -121.95 16.18 35.41
CA ILE NA 64 -121.66 15.67 34.07
C ILE NA 64 -121.23 14.23 34.24
N ILE NA 65 -122.01 13.31 33.71
CA ILE NA 65 -121.75 11.88 33.88
C ILE NA 65 -120.79 11.44 32.78
N LEU NA 66 -119.80 10.61 33.14
CA LEU NA 66 -118.63 10.43 32.28
C LEU NA 66 -118.36 9.02 31.79
N THR NA 67 -119.07 7.99 32.24
CA THR NA 67 -118.72 6.66 31.77
C THR NA 67 -119.88 5.71 31.51
N GLY NA 68 -121.13 6.17 31.55
CA GLY NA 68 -122.26 5.28 31.33
C GLY NA 68 -122.52 5.03 29.85
N ARG NA 69 -123.72 4.54 29.56
CA ARG NA 69 -124.18 4.49 28.17
C ARG NA 69 -124.15 5.87 27.55
N HIS NA 70 -124.72 6.83 28.27
CA HIS NA 70 -124.68 8.24 27.90
C HIS NA 70 -123.47 8.89 28.55
N ARG NA 71 -122.44 9.16 27.75
CA ARG NA 71 -121.15 9.63 28.24
C ARG NA 71 -121.11 11.15 28.12
N GLY NA 72 -121.76 11.84 29.05
CA GLY NA 72 -121.66 13.28 29.04
C GLY NA 72 -122.93 14.09 29.18
N LYS NA 73 -124.05 13.46 29.54
CA LYS NA 73 -125.25 14.22 29.82
C LYS NA 73 -125.09 15.04 31.09
N ARG NA 74 -125.88 16.10 31.21
CA ARG NA 74 -126.07 16.75 32.49
C ARG NA 74 -127.21 16.05 33.23
N VAL NA 75 -127.18 16.12 34.56
CA VAL NA 75 -128.17 15.45 35.39
C VAL NA 75 -128.45 16.28 36.62
N VAL NA 76 -129.36 15.79 37.47
CA VAL NA 76 -129.72 16.45 38.72
C VAL NA 76 -129.53 15.45 39.85
N PHE NA 77 -128.53 15.69 40.70
CA PHE NA 77 -128.19 14.78 41.79
C PHE NA 77 -129.09 15.05 42.98
N LEU NA 78 -129.61 13.98 43.58
CA LEU NA 78 -130.57 14.10 44.68
C LEU NA 78 -129.92 13.89 46.05
N LYS NA 79 -129.32 12.73 46.27
CA LYS NA 79 -128.76 12.39 47.58
C LYS NA 79 -127.88 11.17 47.41
N GLN NA 80 -127.12 10.85 48.46
CA GLN NA 80 -126.29 9.66 48.48
C GLN NA 80 -127.04 8.52 49.15
N LEU NA 81 -126.92 7.32 48.59
CA LEU NA 81 -127.58 6.16 49.16
C LEU NA 81 -126.83 5.66 50.38
N SER NA 82 -127.35 4.59 50.98
CA SER NA 82 -126.59 3.92 52.03
C SER NA 82 -125.33 3.27 51.49
N SER NA 83 -125.29 2.99 50.19
CA SER NA 83 -124.15 2.33 49.55
C SER NA 83 -123.25 3.30 48.82
N GLY NA 84 -123.22 4.56 49.25
CA GLY NA 84 -122.21 5.50 48.82
C GLY NA 84 -122.17 5.82 47.34
N LEU NA 85 -123.24 5.56 46.61
CA LEU NA 85 -123.33 5.93 45.20
C LEU NA 85 -124.40 7.00 45.03
N LEU NA 86 -124.08 8.01 44.23
CA LEU NA 86 -124.99 9.14 44.06
C LEU NA 86 -126.28 8.67 43.41
N LEU NA 87 -127.41 9.11 43.96
CA LEU NA 87 -128.67 8.95 43.27
C LEU NA 87 -128.80 10.02 42.20
N VAL NA 88 -128.94 9.60 40.95
CA VAL NA 88 -128.84 10.50 39.81
C VAL NA 88 -130.10 10.41 38.98
N THR NA 89 -130.67 11.58 38.66
CA THR NA 89 -131.81 11.63 37.77
C THR NA 89 -131.75 12.92 36.96
N GLY NA 90 -131.52 12.79 35.67
CA GLY NA 90 -131.81 13.85 34.74
C GLY NA 90 -133.15 13.57 34.12
N PRO NA 91 -134.19 14.28 34.56
CA PRO NA 91 -135.56 13.78 34.40
C PRO NA 91 -135.88 13.47 32.95
N LEU NA 92 -136.64 12.38 32.77
CA LEU NA 92 -136.97 11.85 31.45
C LEU NA 92 -137.26 12.94 30.43
N SER NA 93 -138.08 13.89 30.80
CA SER NA 93 -138.50 14.90 29.84
C SER NA 93 -137.43 15.89 29.54
N LEU NA 94 -136.18 15.68 29.93
CA LEU NA 94 -135.10 16.58 29.51
C LEU NA 94 -133.92 15.81 28.95
N ASN NA 95 -133.70 14.58 29.43
CA ASN NA 95 -132.57 13.78 28.96
C ASN NA 95 -132.91 12.32 28.70
N ARG NA 96 -134.08 11.83 29.11
CA ARG NA 96 -134.39 10.41 29.12
C ARG NA 96 -133.33 9.64 29.91
N VAL NA 97 -133.19 10.03 31.18
CA VAL NA 97 -132.37 9.33 32.15
C VAL NA 97 -133.21 9.09 33.40
N PRO NA 98 -133.44 7.86 33.81
CA PRO NA 98 -134.33 7.60 34.93
C PRO NA 98 -133.57 7.68 36.25
N LEU NA 99 -134.28 7.37 37.34
CA LEU NA 99 -133.62 7.20 38.62
C LEU NA 99 -132.55 6.13 38.50
N ARG NA 100 -131.35 6.48 38.94
CA ARG NA 100 -130.15 5.75 38.54
C ARG NA 100 -129.04 6.04 39.53
N ARG NA 101 -128.30 5.00 39.87
CA ARG NA 101 -127.11 5.16 40.70
C ARG NA 101 -125.94 5.57 39.82
N THR NA 102 -125.04 6.36 40.39
CA THR NA 102 -123.78 6.65 39.73
C THR NA 102 -122.72 6.81 40.80
N HIS NA 103 -121.47 6.59 40.43
CA HIS NA 103 -120.38 6.61 41.39
C HIS NA 103 -119.88 8.03 41.62
N GLN NA 104 -119.42 8.28 42.84
CA GLN NA 104 -118.81 9.56 43.18
C GLN NA 104 -117.73 9.94 42.19
N LYS NA 105 -116.82 9.02 41.89
CA LYS NA 105 -115.59 9.36 41.20
C LYS NA 105 -115.81 9.63 39.72
N PHE NA 106 -116.83 9.03 39.11
CA PHE NA 106 -117.02 9.09 37.67
C PHE NA 106 -117.82 10.31 37.23
N VAL NA 107 -118.02 11.28 38.10
CA VAL NA 107 -118.98 12.36 37.87
C VAL NA 107 -118.32 13.70 38.15
N ILE NA 108 -118.35 14.59 37.17
CA ILE NA 108 -117.81 15.93 37.34
C ILE NA 108 -118.88 16.81 37.97
N ALA NA 109 -118.52 17.50 39.05
CA ALA NA 109 -119.44 18.40 39.74
C ALA NA 109 -119.33 19.79 39.14
N THR NA 110 -120.48 20.45 38.95
CA THR NA 110 -120.55 21.76 38.33
C THR NA 110 -121.13 22.78 39.31
N SER NA 111 -120.66 24.02 39.19
CA SER NA 111 -121.11 25.11 40.06
C SER NA 111 -122.43 25.68 39.54
N THR NA 112 -123.47 24.86 39.61
CA THR NA 112 -124.81 25.29 39.21
C THR NA 112 -125.81 24.39 39.94
N LYS NA 113 -126.41 24.91 41.00
CA LYS NA 113 -127.28 24.13 41.86
C LYS NA 113 -128.68 24.69 41.85
N ILE NA 114 -129.64 23.83 42.18
CA ILE NA 114 -131.04 24.21 42.35
C ILE NA 114 -131.50 23.69 43.70
N ASP NA 115 -132.23 24.53 44.44
CA ASP NA 115 -132.75 24.11 45.73
C ASP NA 115 -133.67 22.91 45.56
N ILE NA 116 -133.66 22.02 46.54
CA ILE NA 116 -134.34 20.73 46.41
C ILE NA 116 -135.11 20.42 47.69
N SER NA 117 -136.36 19.96 47.52
CA SER NA 117 -137.13 19.42 48.63
C SER NA 117 -137.97 18.19 48.23
N GLY NA 118 -137.58 17.46 47.19
CA GLY NA 118 -138.30 16.26 46.80
C GLY NA 118 -137.50 14.99 47.05
N VAL NA 119 -136.86 14.93 48.22
CA VAL NA 119 -135.86 13.91 48.51
C VAL NA 119 -136.50 12.62 49.00
N LYS NA 120 -137.82 12.50 48.83
CA LYS NA 120 -138.58 11.41 49.42
C LYS NA 120 -138.37 10.12 48.63
N ILE NA 121 -139.22 9.12 48.87
CA ILE NA 121 -139.19 7.86 48.14
C ILE NA 121 -137.85 7.14 48.37
N PRO NA 122 -137.68 6.47 49.51
CA PRO NA 122 -136.41 5.74 49.77
C PRO NA 122 -136.08 4.71 48.70
N LYS NA 123 -134.85 4.18 48.79
CA LYS NA 123 -134.29 3.40 47.70
C LYS NA 123 -134.89 1.99 47.63
N HIS NA 124 -134.78 1.41 46.42
CA HIS NA 124 -134.92 -0.02 46.18
C HIS NA 124 -133.86 -0.56 45.23
N LEU NA 125 -133.05 0.30 44.61
CA LEU NA 125 -132.28 -0.07 43.43
C LEU NA 125 -131.36 -1.25 43.71
N THR NA 126 -131.07 -1.99 42.66
CA THR NA 126 -130.25 -3.20 42.71
C THR NA 126 -129.88 -3.63 41.30
N ASP NA 127 -129.38 -4.84 41.15
CA ASP NA 127 -129.35 -5.49 39.83
C ASP NA 127 -130.09 -6.81 39.91
N ALA NA 128 -129.97 -7.59 38.83
CA ALA NA 128 -130.89 -8.69 38.53
C ALA NA 128 -132.32 -8.17 38.43
N TYR NA 129 -132.44 -6.88 38.16
CA TYR NA 129 -133.69 -6.14 38.11
C TYR NA 129 -133.89 -5.49 36.75
N PHE NA 130 -132.83 -4.88 36.19
CA PHE NA 130 -132.71 -4.63 34.76
C PHE NA 130 -131.54 -5.35 34.11
N LYS NA 131 -130.81 -6.19 34.85
CA LYS NA 131 -129.69 -6.93 34.28
C LYS NA 131 -130.08 -7.57 32.96
N LYS NA 132 -129.10 -7.68 32.05
CA LYS NA 132 -129.33 -8.38 30.80
C LYS NA 132 -129.62 -9.84 31.14
N LYS NA 133 -130.89 -10.20 31.08
CA LYS NA 133 -131.34 -11.57 31.27
C LYS NA 133 -131.81 -12.15 29.94
N LYS NA 134 -131.04 -11.82 28.89
CA LYS NA 134 -131.24 -12.37 27.53
C LYS NA 134 -129.93 -13.02 27.07
N LEU NA 135 -128.80 -12.45 27.47
CA LEU NA 135 -127.50 -12.93 27.03
C LEU NA 135 -126.62 -13.42 28.18
N ARG NA 136 -126.71 -12.82 29.36
CA ARG NA 136 -125.81 -13.09 30.46
C ARG NA 136 -126.20 -14.42 31.12
N LYS NA 137 -125.47 -14.82 32.15
CA LYS NA 137 -125.78 -16.08 32.83
C LYS NA 137 -127.17 -16.11 33.44
N PRO NA 138 -127.60 -15.13 34.27
CA PRO NA 138 -128.86 -15.29 34.99
C PRO NA 138 -130.08 -15.13 34.11
N ARG NA 139 -130.72 -16.24 33.80
CA ARG NA 139 -132.11 -16.36 33.37
C ARG NA 139 -132.85 -17.35 34.24
N HIS NA 140 -132.22 -18.46 34.61
CA HIS NA 140 -132.60 -19.27 35.76
C HIS NA 140 -131.38 -19.80 36.53
N GLN NA 141 -130.20 -19.22 36.32
CA GLN NA 141 -128.93 -19.79 36.78
C GLN NA 141 -128.74 -21.21 36.24
N GLU NA 142 -128.86 -21.32 34.92
CA GLU NA 142 -128.78 -22.59 34.23
C GLU NA 142 -127.95 -22.45 32.96
N GLY NA 143 -127.42 -23.57 32.50
CA GLY NA 143 -126.42 -23.55 31.43
C GLY NA 143 -126.75 -24.33 30.18
N GLU NA 144 -128.00 -24.28 29.73
CA GLU NA 144 -128.33 -24.80 28.41
C GLU NA 144 -128.08 -23.70 27.37
N ILE NA 145 -128.35 -24.01 26.10
CA ILE NA 145 -128.10 -23.05 25.04
C ILE NA 145 -129.05 -21.87 25.18
N PHE NA 146 -128.47 -20.68 25.16
CA PHE NA 146 -129.15 -19.40 25.36
C PHE NA 146 -128.57 -18.40 24.37
N ASP NA 147 -128.79 -17.12 24.65
CA ASP NA 147 -128.15 -15.98 23.98
C ASP NA 147 -128.77 -15.72 22.61
N THR NA 148 -129.59 -16.66 22.15
CA THR NA 148 -130.58 -16.44 21.10
C THR NA 148 -131.89 -17.15 21.39
N GLU NA 149 -131.90 -18.11 22.31
CA GLU NA 149 -133.12 -18.89 22.59
C GLU NA 149 -134.19 -18.04 23.25
N LYS NA 150 -133.81 -17.30 24.29
CA LYS NA 150 -134.74 -16.44 25.01
C LYS NA 150 -134.15 -15.05 25.10
N GLU NA 151 -134.82 -14.06 24.52
CA GLU NA 151 -134.42 -12.67 24.59
C GLU NA 151 -135.42 -11.91 25.46
N LYS NA 152 -134.90 -11.19 26.45
CA LYS NA 152 -135.73 -10.47 27.40
C LYS NA 152 -134.84 -9.59 28.27
N TYR NA 153 -135.29 -8.38 28.55
CA TYR NA 153 -134.72 -7.56 29.63
C TYR NA 153 -135.86 -7.13 30.53
N GLU NA 154 -135.69 -7.37 31.83
CA GLU NA 154 -136.75 -7.08 32.78
C GLU NA 154 -137.09 -5.59 32.78
N ILE NA 155 -138.38 -5.30 32.79
CA ILE NA 155 -138.91 -3.94 32.72
C ILE NA 155 -139.99 -3.80 33.78
N THR NA 156 -140.02 -2.63 34.43
CA THR NA 156 -140.74 -2.48 35.69
C THR NA 156 -141.90 -1.50 35.54
N GLU NA 157 -142.76 -1.52 36.56
CA GLU NA 157 -143.85 -0.57 36.72
C GLU NA 157 -143.70 0.33 37.93
N GLN NA 158 -143.16 -0.19 39.03
CA GLN NA 158 -142.97 0.66 40.21
C GLN NA 158 -141.96 1.77 39.94
N ARG NA 159 -140.88 1.46 39.21
CA ARG NA 159 -139.95 2.51 38.83
C ARG NA 159 -140.62 3.60 38.03
N LYS NA 160 -141.62 3.24 37.22
CA LYS NA 160 -142.27 4.22 36.37
C LYS NA 160 -143.00 5.27 37.20
N VAL NA 161 -143.83 4.83 38.15
CA VAL NA 161 -144.52 5.78 39.01
C VAL NA 161 -143.51 6.47 39.92
N ASP NA 162 -142.48 5.75 40.37
CA ASP NA 162 -141.47 6.35 41.23
C ASP NA 162 -140.77 7.51 40.53
N GLN NA 163 -140.42 7.33 39.26
CA GLN NA 163 -139.78 8.41 38.52
C GLN NA 163 -140.74 9.59 38.34
N LYS NA 164 -141.99 9.31 38.00
CA LYS NA 164 -142.95 10.40 37.76
C LYS NA 164 -143.30 11.12 39.05
N ALA NA 165 -143.21 10.44 40.19
CA ALA NA 165 -143.53 11.09 41.46
C ALA NA 165 -142.35 11.85 42.04
N VAL NA 166 -141.18 11.79 41.42
CA VAL NA 166 -140.02 12.53 41.89
C VAL NA 166 -139.87 13.85 41.15
N ASP NA 167 -139.92 13.81 39.81
CA ASP NA 167 -139.79 15.04 39.04
C ASP NA 167 -141.01 15.94 39.17
N SER NA 168 -142.09 15.46 39.78
CA SER NA 168 -143.20 16.34 40.12
C SER NA 168 -142.75 17.43 41.07
N GLN NA 169 -141.93 17.07 42.06
CA GLN NA 169 -141.36 18.07 42.95
C GLN NA 169 -140.18 18.79 42.31
N ILE NA 170 -139.50 18.16 41.36
CA ILE NA 170 -138.25 18.70 40.84
C ILE NA 170 -138.49 19.65 39.68
N LEU NA 171 -139.24 19.19 38.67
CA LEU NA 171 -139.33 19.94 37.42
C LEU NA 171 -139.74 21.39 37.59
N PRO NA 172 -140.74 21.74 38.41
CA PRO NA 172 -140.99 23.17 38.64
C PRO NA 172 -139.78 23.91 39.19
N LYS NA 173 -138.98 23.28 40.03
CA LYS NA 173 -137.77 23.94 40.53
C LYS NA 173 -136.73 24.11 39.42
N ILE NA 174 -136.72 23.22 38.44
CA ILE NA 174 -135.78 23.36 37.32
C ILE NA 174 -136.18 24.54 36.43
N LYS NA 175 -137.48 24.67 36.16
CA LYS NA 175 -137.95 25.72 35.27
C LYS NA 175 -137.73 27.12 35.83
N ALA NA 176 -137.42 27.26 37.13
CA ALA NA 176 -137.33 28.57 37.74
C ALA NA 176 -136.26 29.42 37.09
N VAL NA 177 -135.08 28.84 36.83
CA VAL NA 177 -134.02 29.56 36.16
C VAL NA 177 -134.24 29.48 34.66
N PRO NA 178 -134.30 30.59 33.94
CA PRO NA 178 -134.56 30.53 32.50
C PRO NA 178 -133.39 29.91 31.76
N GLN NA 179 -133.71 29.34 30.59
CA GLN NA 179 -132.79 28.67 29.67
C GLN NA 179 -132.19 27.40 30.24
N LEU NA 180 -132.62 26.95 31.43
CA LEU NA 180 -131.94 25.83 32.08
C LEU NA 180 -132.25 24.50 31.41
N GLN NA 181 -133.51 24.24 31.09
CA GLN NA 181 -133.86 22.95 30.51
C GLN NA 181 -133.20 22.78 29.15
N GLY NA 182 -132.85 23.87 28.49
CA GLY NA 182 -132.00 23.77 27.32
C GLY NA 182 -130.62 23.25 27.68
N TYR NA 183 -130.07 23.73 28.80
CA TYR NA 183 -128.72 23.32 29.19
C TYR NA 183 -128.65 21.83 29.50
N LEU NA 184 -129.68 21.29 30.14
CA LEU NA 184 -129.65 19.87 30.44
C LEU NA 184 -129.84 19.01 29.19
N ARG NA 185 -130.63 19.49 28.22
CA ARG NA 185 -130.87 18.69 27.03
C ARG NA 185 -129.58 18.43 26.27
N SER NA 186 -128.72 19.44 26.15
CA SER NA 186 -127.49 19.27 25.38
C SER NA 186 -126.48 18.45 26.16
N VAL NA 187 -125.44 18.00 25.46
CA VAL NA 187 -124.48 17.05 26.00
C VAL NA 187 -123.10 17.70 26.01
N PHE NA 188 -122.32 17.37 27.04
CA PHE NA 188 -121.01 17.94 27.24
C PHE NA 188 -119.99 17.30 26.32
N ALA NA 189 -119.18 18.12 25.67
CA ALA NA 189 -118.21 17.62 24.70
C ALA NA 189 -117.11 18.64 24.50
N LEU NA 190 -115.86 18.20 24.60
CA LEU NA 190 -114.73 19.09 24.43
C LEU NA 190 -114.61 19.55 22.99
N THR NA 191 -113.86 20.62 22.78
CA THR NA 191 -113.73 21.25 21.48
C THR NA 191 -112.39 21.99 21.46
N ASN NA 192 -111.92 22.30 20.26
CA ASN NA 192 -110.67 23.04 20.12
C ASN NA 192 -110.71 24.30 20.96
N GLY NA 193 -109.64 24.52 21.72
CA GLY NA 193 -109.62 25.62 22.66
C GLY NA 193 -110.28 25.34 23.98
N VAL NA 194 -110.70 24.11 24.23
CA VAL NA 194 -111.20 23.70 25.53
C VAL NA 194 -110.08 22.92 26.21
N TYR NA 195 -109.61 23.43 27.35
CA TYR NA 195 -108.58 22.76 28.13
C TYR NA 195 -109.14 22.41 29.50
N PRO NA 196 -109.46 21.15 29.77
CA PRO NA 196 -110.10 20.81 31.05
C PRO NA 196 -109.26 21.14 32.27
N HIS NA 197 -108.07 21.70 32.11
CA HIS NA 197 -107.36 22.21 33.28
C HIS NA 197 -107.58 23.69 33.47
N LYS NA 198 -107.95 24.40 32.41
CA LYS NA 198 -108.02 25.85 32.44
C LYS NA 198 -109.44 26.39 32.55
N LEU NA 199 -110.44 25.57 32.28
CA LEU NA 199 -111.83 26.00 32.45
C LEU NA 199 -112.38 25.48 33.77
N VAL NA 200 -113.05 26.36 34.50
CA VAL NA 200 -113.60 26.03 35.82
C VAL NA 200 -115.07 25.67 35.65
N PHE NA 201 -115.47 24.57 36.25
CA PHE NA 201 -116.87 24.20 36.27
C PHE NA 201 -117.54 24.90 37.43
N ASN OA 1 -105.83 -29.34 93.91
CA ASN OA 1 -104.82 -29.25 92.86
C ASN OA 1 -105.30 -28.30 91.77
N PHE OA 2 -106.53 -28.49 91.29
CA PHE OA 2 -107.11 -27.55 90.34
C PHE OA 2 -107.26 -26.16 90.97
N ALA OA 3 -107.90 -26.10 92.14
CA ALA OA 3 -108.19 -24.79 92.74
C ALA OA 3 -106.91 -24.06 93.12
N GLU OA 4 -105.96 -24.75 93.73
CA GLU OA 4 -104.71 -24.11 94.11
C GLU OA 4 -103.93 -23.64 92.88
N LEU OA 5 -103.89 -24.46 91.83
CA LEU OA 5 -103.29 -24.01 90.58
C LEU OA 5 -104.14 -22.94 89.91
N LYS OA 6 -105.46 -22.95 90.14
CA LYS OA 6 -106.31 -21.90 89.60
C LYS OA 6 -105.87 -20.54 90.10
N ILE OA 7 -105.60 -20.44 91.40
CA ILE OA 7 -105.08 -19.20 91.96
C ILE OA 7 -103.75 -18.84 91.31
N LYS OA 8 -102.93 -19.84 91.01
CA LYS OA 8 -101.62 -19.59 90.41
C LYS OA 8 -101.76 -18.83 89.10
N ARG OA 9 -102.72 -19.22 88.27
CA ARG OA 9 -102.89 -18.54 86.99
C ARG OA 9 -103.31 -17.09 87.20
N LEU OA 10 -104.22 -16.86 88.15
CA LEU OA 10 -104.73 -15.50 88.36
C LEU OA 10 -103.68 -14.61 89.02
N ARG OA 11 -102.96 -15.14 90.01
CA ARG OA 11 -101.93 -14.32 90.65
C ARG OA 11 -100.86 -13.90 89.63
N LYS OA 12 -100.42 -14.84 88.79
CA LYS OA 12 -99.43 -14.49 87.77
C LYS OA 12 -100.00 -13.47 86.79
N LYS OA 13 -101.19 -13.74 86.24
CA LYS OA 13 -101.78 -12.78 85.31
C LYS OA 13 -102.05 -11.45 85.99
N PHE OA 14 -102.58 -11.47 87.22
CA PHE OA 14 -102.81 -10.20 87.89
C PHE OA 14 -101.52 -9.51 88.25
N ALA OA 15 -100.51 -10.26 88.72
CA ALA OA 15 -99.22 -9.64 89.00
C ALA OA 15 -98.63 -9.05 87.73
N GLN OA 16 -98.86 -9.71 86.59
CA GLN OA 16 -98.46 -9.13 85.31
C GLN OA 16 -99.19 -7.82 85.06
N LYS OA 17 -100.52 -7.83 85.14
CA LYS OA 17 -101.27 -6.58 85.00
C LYS OA 17 -100.92 -5.60 86.10
N MET OA 18 -100.76 -6.11 87.33
CA MET OA 18 -100.17 -5.35 88.42
C MET OA 18 -98.90 -4.62 88.00
N LEU OA 19 -97.92 -5.37 87.53
CA LEU OA 19 -96.62 -4.79 87.25
C LEU OA 19 -96.69 -3.84 86.06
N ARG OA 20 -97.46 -4.18 85.04
CA ARG OA 20 -97.58 -3.33 83.86
C ARG OA 20 -98.09 -1.95 84.22
N LYS OA 21 -99.20 -1.87 84.95
CA LYS OA 21 -99.76 -0.57 85.30
C LYS OA 21 -98.76 0.24 86.12
N ALA OA 22 -97.94 -0.42 86.92
CA ALA OA 22 -96.90 0.29 87.65
C ALA OA 22 -95.89 0.91 86.69
N ARG OA 23 -95.50 0.17 85.66
CA ARG OA 23 -94.55 0.69 84.67
C ARG OA 23 -95.10 1.93 84.00
N ARG OA 24 -96.34 1.87 83.53
CA ARG OA 24 -96.89 2.94 82.69
C ARG OA 24 -96.92 4.26 83.44
N LYS OA 25 -97.16 4.22 84.75
CA LYS OA 25 -96.99 5.43 85.54
C LYS OA 25 -95.53 5.88 85.54
N LEU OA 26 -94.61 4.93 85.63
CA LEU OA 26 -93.19 5.28 85.72
C LEU OA 26 -92.72 5.94 84.44
N ILE OA 27 -92.98 5.32 83.30
CA ILE OA 27 -92.54 5.89 82.03
C ILE OA 27 -93.23 7.22 81.80
N TYR OA 28 -94.49 7.33 82.23
CA TYR OA 28 -95.24 8.57 82.06
C TYR OA 28 -94.54 9.72 82.78
N GLU OA 29 -94.39 9.59 84.10
CA GLU OA 29 -93.88 10.70 84.90
C GLU OA 29 -92.47 11.10 84.48
N LYS OA 30 -91.72 10.16 83.88
CA LYS OA 30 -90.39 10.53 83.38
C LYS OA 30 -90.48 11.63 82.34
N ALA OA 31 -91.14 11.35 81.21
CA ALA OA 31 -91.20 12.35 80.14
C ALA OA 31 -91.81 13.65 80.64
N LYS OA 32 -92.77 13.58 81.56
CA LYS OA 32 -93.28 14.80 82.18
C LYS OA 32 -92.17 15.54 82.91
N HIS OA 33 -91.35 14.80 83.65
CA HIS OA 33 -90.20 15.41 84.30
C HIS OA 33 -89.23 15.98 83.27
N TYR OA 34 -89.01 15.26 82.18
CA TYR OA 34 -88.06 15.74 81.18
C TYR OA 34 -88.59 16.99 80.49
N HIS OA 35 -89.85 16.97 80.07
CA HIS OA 35 -90.41 18.11 79.34
C HIS OA 35 -90.30 19.38 80.17
N LYS OA 36 -90.37 19.26 81.49
CA LYS OA 36 -90.06 20.39 82.36
C LYS OA 36 -88.59 20.78 82.26
N GLU OA 37 -87.72 19.78 82.11
CA GLU OA 37 -86.28 20.06 82.10
C GLU OA 37 -85.84 20.66 80.78
N TYR OA 38 -86.37 20.16 79.66
CA TYR OA 38 -86.01 20.73 78.37
C TYR OA 38 -86.45 22.18 78.26
N ARG OA 39 -87.65 22.48 78.75
CA ARG OA 39 -88.15 23.86 78.74
C ARG OA 39 -87.25 24.76 79.57
N GLN OA 40 -86.98 24.37 80.82
CA GLN OA 40 -86.14 25.20 81.68
C GLN OA 40 -84.74 25.35 81.10
N MET OA 41 -84.20 24.29 80.51
CA MET OA 41 -82.87 24.37 79.92
C MET OA 41 -82.87 25.28 78.69
N TYR OA 42 -84.05 25.59 78.18
CA TYR OA 42 -84.14 26.53 77.07
C TYR OA 42 -84.17 27.97 77.58
N ARG OA 43 -85.13 28.28 78.44
CA ARG OA 43 -85.27 29.63 78.95
C ARG OA 43 -84.14 30.01 79.90
N THR OA 44 -83.31 29.06 80.31
CA THR OA 44 -82.09 29.43 81.02
C THR OA 44 -80.99 29.82 80.05
N GLU OA 45 -81.24 29.68 78.75
CA GLU OA 45 -80.32 30.23 77.75
C GLU OA 45 -80.78 31.61 77.32
N ILE OA 46 -82.08 31.78 77.17
CA ILE OA 46 -82.63 33.12 76.92
C ILE OA 46 -82.31 34.04 78.09
N ARG OA 47 -82.48 33.54 79.31
CA ARG OA 47 -82.22 34.35 80.49
C ARG OA 47 -80.83 34.93 80.48
N MET OA 48 -79.82 34.07 80.34
CA MET OA 48 -78.45 34.53 80.45
C MET OA 48 -78.10 35.51 79.33
N ALA OA 49 -78.71 35.34 78.16
CA ALA OA 49 -78.49 36.31 77.08
C ALA OA 49 -78.98 37.68 77.49
N ARG OA 50 -80.27 37.81 77.83
CA ARG OA 50 -80.88 39.12 78.08
C ARG OA 50 -80.20 39.84 79.23
N MET OA 51 -79.92 39.11 80.31
CA MET OA 51 -79.38 39.72 81.51
C MET OA 51 -77.99 40.30 81.28
N ALA OA 52 -77.26 39.75 80.30
CA ALA OA 52 -75.97 40.34 79.94
C ALA OA 52 -76.16 41.64 79.18
N ARG OA 53 -77.10 41.66 78.22
CA ARG OA 53 -77.22 42.80 77.31
C ARG OA 53 -77.53 44.09 78.07
N LYS OA 54 -78.42 44.02 79.06
CA LYS OA 54 -78.76 45.22 79.83
C LYS OA 54 -77.52 45.84 80.46
N ALA OA 55 -76.60 45.01 80.94
CA ALA OA 55 -75.40 45.52 81.60
C ALA OA 55 -74.26 45.76 80.63
N GLY OA 56 -74.46 45.50 79.34
CA GLY OA 56 -73.45 45.74 78.35
C GLY OA 56 -72.41 44.65 78.18
N ASN OA 57 -72.48 43.58 78.96
CA ASN OA 57 -71.59 42.45 78.83
C ASN OA 57 -72.10 41.47 77.79
N PHE OA 58 -71.19 40.67 77.26
CA PHE OA 58 -71.53 39.64 76.30
C PHE OA 58 -71.63 38.30 77.00
N TYR OA 59 -72.65 37.53 76.66
CA TYR OA 59 -72.79 36.16 77.12
C TYR OA 59 -72.31 35.23 76.02
N VAL OA 60 -71.19 34.55 76.27
CA VAL OA 60 -70.66 33.56 75.35
C VAL OA 60 -71.30 32.21 75.68
N PRO OA 61 -72.05 31.61 74.77
CA PRO OA 61 -72.74 30.37 75.11
C PRO OA 61 -71.78 29.21 75.27
N ALA OA 62 -72.31 28.02 75.51
CA ALA OA 62 -71.47 26.86 75.75
C ALA OA 62 -70.99 26.27 74.43
N GLU OA 63 -69.75 25.82 74.42
CA GLU OA 63 -69.33 24.95 73.34
C GLU OA 63 -70.17 23.68 73.48
N PRO OA 64 -70.76 23.18 72.40
CA PRO OA 64 -71.80 22.16 72.54
C PRO OA 64 -71.23 20.77 72.70
N LYS OA 65 -71.94 19.96 73.46
CA LYS OA 65 -71.47 18.65 73.86
C LYS OA 65 -71.82 17.53 72.89
N LEU OA 66 -72.45 17.84 71.77
CA LEU OA 66 -72.87 16.83 70.81
C LEU OA 66 -72.45 17.23 69.41
N ALA OA 67 -72.47 16.26 68.50
CA ALA OA 67 -72.20 16.52 67.09
C ALA OA 67 -72.67 15.33 66.28
N PHE OA 68 -73.56 15.55 65.33
CA PHE OA 68 -74.02 14.47 64.46
C PHE OA 68 -73.17 14.46 63.20
N VAL OA 69 -72.60 13.31 62.88
CA VAL OA 69 -71.62 13.16 61.81
C VAL OA 69 -72.22 12.29 60.72
N ILE OA 70 -72.37 12.85 59.53
CA ILE OA 70 -72.93 12.15 58.38
C ILE OA 70 -71.85 12.02 57.32
N ARG OA 71 -71.62 10.80 56.87
CA ARG OA 71 -70.61 10.54 55.84
C ARG OA 71 -71.18 10.85 54.47
N ILE OA 72 -70.40 11.53 53.63
CA ILE OA 72 -70.86 11.94 52.31
C ILE OA 72 -70.03 11.35 51.18
N ARG OA 73 -69.01 10.54 51.48
CA ARG OA 73 -68.14 10.02 50.43
C ARG OA 73 -68.04 8.50 50.54
N GLY OA 74 -68.23 7.82 49.42
CA GLY OA 74 -68.31 6.38 49.40
C GLY OA 74 -66.98 5.72 49.65
N ILE OA 75 -66.95 4.42 49.37
CA ILE OA 75 -65.79 3.60 49.69
C ILE OA 75 -64.59 4.02 48.84
N ASN OA 76 -64.83 4.30 47.57
CA ASN OA 76 -63.75 4.31 46.59
C ASN OA 76 -62.66 5.30 46.95
N GLY OA 77 -61.41 4.89 46.74
CA GLY OA 77 -60.28 5.78 46.88
C GLY OA 77 -60.05 6.34 48.25
N VAL OA 78 -60.46 5.62 49.30
CA VAL OA 78 -60.33 6.15 50.64
C VAL OA 78 -58.90 5.95 51.14
N SER OA 79 -58.35 6.98 51.77
CA SER OA 79 -56.98 6.95 52.25
C SER OA 79 -56.85 6.02 53.45
N PRO OA 80 -55.63 5.62 53.81
CA PRO OA 80 -55.47 4.68 54.93
C PRO OA 80 -55.84 5.27 56.28
N LYS OA 81 -55.30 6.45 56.58
CA LYS OA 81 -55.61 7.08 57.87
C LYS OA 81 -57.10 7.42 57.96
N VAL OA 82 -57.68 7.90 56.85
CA VAL OA 82 -59.09 8.25 56.87
C VAL OA 82 -59.95 7.03 57.11
N ARG OA 83 -59.70 5.93 56.39
CA ARG OA 83 -60.57 4.78 56.49
C ARG OA 83 -60.51 4.15 57.86
N LYS OA 84 -59.52 4.50 58.66
CA LYS OA 84 -59.47 3.99 60.03
C LYS OA 84 -60.18 4.92 60.99
N VAL OA 85 -60.10 6.23 60.77
CA VAL OA 85 -60.82 7.16 61.62
C VAL OA 85 -62.31 6.91 61.51
N LEU OA 86 -62.85 7.06 60.30
CA LEU OA 86 -64.29 6.92 60.15
C LEU OA 86 -64.74 5.48 60.14
N GLN OA 87 -63.90 4.54 60.56
CA GLN OA 87 -64.38 3.23 60.93
C GLN OA 87 -64.39 3.07 62.43
N LEU OA 88 -63.89 4.06 63.15
CA LEU OA 88 -64.01 4.11 64.60
C LEU OA 88 -65.25 4.89 65.02
N LEU OA 89 -65.70 5.81 64.18
CA LEU OA 89 -67.02 6.40 64.33
C LEU OA 89 -68.12 5.50 63.78
N ARG OA 90 -67.78 4.24 63.49
CA ARG OA 90 -68.66 3.28 62.81
C ARG OA 90 -69.49 3.92 61.70
N LEU OA 91 -68.80 4.61 60.80
CA LEU OA 91 -69.36 5.01 59.51
C LEU OA 91 -68.75 4.13 58.44
N ARG OA 92 -69.51 3.15 57.96
CA ARG OA 92 -68.94 2.23 56.99
C ARG OA 92 -69.80 2.14 55.73
N GLN OA 93 -70.54 3.19 55.40
CA GLN OA 93 -71.46 3.17 54.28
C GLN OA 93 -71.89 4.61 54.02
N ILE OA 94 -71.86 5.02 52.75
CA ILE OA 94 -72.11 6.43 52.45
C ILE OA 94 -73.50 6.82 52.93
N PHE OA 95 -73.60 8.02 53.49
CA PHE OA 95 -74.85 8.53 54.07
C PHE OA 95 -75.30 7.69 55.25
N ASN OA 96 -74.38 7.43 56.18
CA ASN OA 96 -74.68 6.87 57.49
C ASN OA 96 -74.27 7.87 58.55
N GLY OA 97 -74.86 7.77 59.73
CA GLY OA 97 -74.62 8.76 60.77
C GLY OA 97 -74.72 8.17 62.16
N THR OA 98 -73.96 8.77 63.07
CA THR OA 98 -74.00 8.44 64.48
C THR OA 98 -73.77 9.70 65.30
N PHE OA 99 -74.31 9.73 66.51
CA PHE OA 99 -74.03 10.80 67.43
C PHE OA 99 -72.68 10.61 68.09
N VAL OA 100 -71.88 11.66 68.08
CA VAL OA 100 -70.52 11.59 68.60
C VAL OA 100 -70.37 12.61 69.72
N LYS OA 101 -69.94 12.14 70.89
CA LYS OA 101 -69.60 13.05 71.97
C LYS OA 101 -68.43 13.92 71.54
N LEU OA 102 -68.46 15.19 71.94
CA LEU OA 102 -67.45 16.15 71.51
C LEU OA 102 -66.51 16.47 72.65
N ASN OA 103 -65.21 16.42 72.36
CA ASN OA 103 -64.16 16.77 73.30
C ASN OA 103 -62.84 16.72 72.54
N LYS OA 104 -61.77 17.16 73.19
CA LYS OA 104 -60.50 17.33 72.49
C LYS OA 104 -59.97 16.01 71.94
N ALA OA 105 -60.34 14.89 72.56
CA ALA OA 105 -59.93 13.60 72.02
C ALA OA 105 -60.61 13.33 70.68
N SER OA 106 -61.86 13.79 70.53
CA SER OA 106 -62.60 13.48 69.31
C SER OA 106 -62.50 14.60 68.28
N ILE OA 107 -62.33 15.85 68.70
CA ILE OA 107 -62.28 16.94 67.74
C ILE OA 107 -61.15 16.71 66.74
N ASN OA 108 -59.97 16.36 67.25
CA ASN OA 108 -58.87 16.05 66.34
C ASN OA 108 -59.19 14.85 65.46
N MET OA 109 -59.99 13.91 65.97
CA MET OA 109 -60.43 12.81 65.12
C MET OA 109 -61.31 13.33 63.99
N LEU OA 110 -62.16 14.30 64.27
CA LEU OA 110 -63.01 14.86 63.22
C LEU OA 110 -62.27 15.89 62.40
N ARG OA 111 -61.01 16.19 62.75
CA ARG OA 111 -60.20 17.01 61.87
C ARG OA 111 -59.52 16.17 60.81
N ILE OA 112 -59.24 14.91 61.11
CA ILE OA 112 -58.52 14.05 60.17
C ILE OA 112 -59.40 13.72 58.97
N VAL OA 113 -60.68 13.51 59.18
CA VAL OA 113 -61.57 13.10 58.09
C VAL OA 113 -62.51 14.23 57.75
N GLU OA 114 -62.08 15.46 57.96
CA GLU OA 114 -62.93 16.61 57.65
C GLU OA 114 -63.39 16.68 56.21
N PRO OA 115 -62.62 16.25 55.20
CA PRO OA 115 -63.17 16.20 53.83
C PRO OA 115 -64.15 15.07 53.57
N TYR OA 116 -64.49 14.24 54.56
CA TYR OA 116 -65.32 13.08 54.33
C TYR OA 116 -66.62 13.05 55.13
N ILE OA 117 -66.90 14.06 55.94
CA ILE OA 117 -68.10 14.06 56.77
C ILE OA 117 -68.67 15.46 56.84
N ALA OA 118 -70.00 15.56 56.86
CA ALA OA 118 -70.70 16.81 57.06
C ALA OA 118 -71.40 16.77 58.40
N TRP OA 119 -70.87 17.50 59.38
CA TRP OA 119 -71.30 17.33 60.75
C TRP OA 119 -71.59 18.66 61.42
N GLY OA 120 -72.66 18.70 62.20
CA GLY OA 120 -72.99 19.88 62.98
C GLY OA 120 -73.59 19.52 64.31
N TYR OA 121 -74.33 20.42 64.93
CA TYR OA 121 -74.94 20.17 66.24
C TYR OA 121 -76.42 19.89 66.08
N PRO OA 122 -76.90 18.71 66.44
CA PRO OA 122 -78.31 18.39 66.21
C PRO OA 122 -79.20 19.11 67.22
N ASN OA 123 -80.26 19.75 66.71
CA ASN OA 123 -81.26 20.32 67.59
C ASN OA 123 -82.14 19.22 68.14
N LEU OA 124 -82.84 19.53 69.22
CA LEU OA 124 -83.67 18.53 69.90
C LEU OA 124 -84.64 17.87 68.94
N LYS OA 125 -85.12 18.61 67.94
CA LYS OA 125 -86.04 18.02 66.97
C LYS OA 125 -85.39 16.86 66.23
N SER OA 126 -84.12 17.02 65.83
CA SER OA 126 -83.45 15.95 65.11
C SER OA 126 -83.25 14.72 65.98
N VAL OA 127 -82.66 14.91 67.16
CA VAL OA 127 -82.44 13.77 68.05
C VAL OA 127 -83.76 13.14 68.42
N ASN OA 128 -84.82 13.94 68.50
CA ASN OA 128 -86.16 13.38 68.61
C ASN OA 128 -86.50 12.57 67.37
N GLU OA 129 -86.21 13.12 66.19
CA GLU OA 129 -86.65 12.46 64.97
C GLU OA 129 -85.75 11.30 64.59
N LEU OA 130 -84.43 11.47 64.74
CA LEU OA 130 -83.50 10.42 64.36
C LEU OA 130 -83.72 9.16 65.19
N ILE OA 131 -84.23 9.30 66.41
CA ILE OA 131 -84.42 8.14 67.25
C ILE OA 131 -85.81 7.56 67.13
N TYR OA 132 -86.79 8.35 66.71
CA TYR OA 132 -88.13 7.81 66.60
C TYR OA 132 -88.39 7.13 65.27
N LYS OA 133 -87.74 7.58 64.20
CA LYS OA 133 -87.95 6.98 62.89
C LYS OA 133 -86.86 6.00 62.51
N ARG OA 134 -85.59 6.35 62.69
CA ARG OA 134 -84.46 5.51 62.30
C ARG OA 134 -83.80 4.83 63.48
N GLY OA 135 -84.53 4.57 64.56
CA GLY OA 135 -83.87 4.04 65.73
C GLY OA 135 -83.87 2.52 65.78
N TYR OA 136 -82.78 1.91 65.35
CA TYR OA 136 -82.61 0.46 65.43
C TYR OA 136 -81.53 0.18 66.46
N GLY OA 137 -81.79 -0.76 67.35
CA GLY OA 137 -80.85 -1.10 68.41
C GLY OA 137 -80.02 -2.32 68.08
N LYS OA 138 -78.80 -2.35 68.63
CA LYS OA 138 -77.86 -3.44 68.39
C LYS OA 138 -78.00 -4.45 69.51
N ILE OA 139 -78.97 -5.34 69.37
CA ILE OA 139 -79.23 -6.38 70.36
C ILE OA 139 -78.67 -7.70 69.85
N ASN OA 140 -77.66 -8.21 70.54
CA ASN OA 140 -77.01 -9.49 70.21
C ASN OA 140 -76.37 -9.45 68.82
N LYS OA 141 -75.82 -8.30 68.45
CA LYS OA 141 -75.27 -8.01 67.13
C LYS OA 141 -76.31 -8.14 66.02
N LYS OA 142 -77.59 -8.27 66.36
CA LYS OA 142 -78.67 -8.41 65.40
C LYS OA 142 -79.57 -7.20 65.55
N ARG OA 143 -79.39 -6.21 64.68
CA ARG OA 143 -80.19 -4.99 64.78
C ARG OA 143 -81.67 -5.34 64.65
N ILE OA 144 -82.49 -4.71 65.50
CA ILE OA 144 -83.93 -4.92 65.48
C ILE OA 144 -84.59 -3.57 65.71
N ALA OA 145 -85.80 -3.42 65.17
CA ALA OA 145 -86.48 -2.14 65.18
C ALA OA 145 -87.06 -1.86 66.56
N LEU OA 146 -86.73 -0.70 67.12
CA LEU OA 146 -87.24 -0.30 68.42
C LEU OA 146 -88.71 0.07 68.25
N THR OA 147 -89.58 -0.90 68.49
CA THR OA 147 -91.02 -0.68 68.52
C THR OA 147 -91.63 -0.98 69.88
N ASP OA 148 -90.81 -1.08 70.92
CA ASP OA 148 -91.34 -1.36 72.24
C ASP OA 148 -90.31 -0.94 73.28
N ASN OA 149 -90.79 -0.73 74.51
CA ASN OA 149 -89.91 -0.29 75.58
C ASN OA 149 -89.16 -1.45 76.23
N THR OA 150 -89.59 -2.69 76.00
CA THR OA 150 -88.84 -3.84 76.58
C THR OA 150 -87.44 -3.87 75.96
N LEU OA 151 -87.36 -3.68 74.64
CA LEU OA 151 -86.09 -3.83 73.94
C LEU OA 151 -85.04 -2.89 74.51
N ILE OA 152 -85.40 -1.62 74.73
CA ILE OA 152 -84.45 -0.69 75.33
C ILE OA 152 -84.12 -1.12 76.75
N ALA OA 153 -85.13 -1.50 77.52
CA ALA OA 153 -84.91 -1.80 78.93
C ALA OA 153 -84.06 -3.04 79.11
N ARG OA 154 -84.32 -4.08 78.33
CA ARG OA 154 -83.63 -5.35 78.52
C ARG OA 154 -82.15 -5.27 78.20
N SER OA 155 -81.70 -4.19 77.56
CA SER OA 155 -80.29 -4.01 77.24
C SER OA 155 -79.68 -2.77 77.86
N LEU OA 156 -80.48 -1.92 78.49
CA LEU OA 156 -79.97 -0.72 79.13
C LEU OA 156 -80.51 -0.55 80.55
N GLY OA 157 -81.02 -1.62 81.14
CA GLY OA 157 -81.61 -1.50 82.46
C GLY OA 157 -80.63 -1.18 83.56
N LYS OA 158 -79.34 -1.39 83.33
CA LYS OA 158 -78.36 -1.18 84.39
C LYS OA 158 -77.90 0.26 84.48
N TYR OA 159 -78.38 1.14 83.61
CA TYR OA 159 -78.03 2.56 83.66
C TYR OA 159 -79.23 3.45 83.97
N ASN OA 160 -80.39 2.86 84.27
CA ASN OA 160 -81.66 3.61 84.52
C ASN OA 160 -82.44 3.82 83.21
N ILE OA 161 -81.78 3.72 82.05
CA ILE OA 161 -82.45 3.97 80.79
C ILE OA 161 -83.44 2.85 80.57
N ILE OA 162 -84.74 3.18 80.52
CA ILE OA 162 -85.79 2.17 80.47
C ILE OA 162 -86.83 2.45 79.40
N CYS OA 163 -86.74 3.55 78.66
CA CYS OA 163 -87.81 3.92 77.76
C CYS OA 163 -87.26 4.64 76.55
N MET OA 164 -88.12 4.81 75.54
CA MET OA 164 -87.72 5.54 74.35
C MET OA 164 -87.39 6.99 74.70
N GLU OA 165 -88.15 7.60 75.61
CA GLU OA 165 -87.87 8.98 75.99
C GLU OA 165 -86.50 9.13 76.63
N ASP OA 166 -86.13 8.19 77.51
CA ASP OA 166 -84.83 8.30 78.18
C ASP OA 166 -83.70 8.15 77.19
N LEU OA 167 -83.84 7.25 76.21
CA LEU OA 167 -82.78 7.04 75.24
C LEU OA 167 -82.52 8.30 74.43
N ILE OA 168 -83.48 9.22 74.40
CA ILE OA 168 -83.28 10.50 73.74
C ILE OA 168 -82.58 11.48 74.66
N HIS OA 169 -82.87 11.42 75.96
CA HIS OA 169 -82.26 12.37 76.88
C HIS OA 169 -80.77 12.16 76.99
N GLU OA 170 -80.34 10.92 77.23
CA GLU OA 170 -78.92 10.67 77.45
C GLU OA 170 -78.10 11.07 76.25
N ILE OA 171 -78.60 10.77 75.05
CA ILE OA 171 -77.90 11.20 73.84
C ILE OA 171 -77.86 12.71 73.75
N TYR OA 172 -78.92 13.38 74.20
CA TYR OA 172 -79.02 14.82 74.01
C TYR OA 172 -78.15 15.57 75.01
N THR OA 173 -78.45 15.42 76.31
CA THR OA 173 -77.55 15.90 77.34
C THR OA 173 -76.67 14.72 77.74
N VAL OA 174 -75.49 14.65 77.14
CA VAL OA 174 -74.57 13.55 77.37
C VAL OA 174 -74.46 13.31 78.87
N GLY OA 175 -74.72 12.09 79.29
CA GLY OA 175 -74.85 11.76 80.69
C GLY OA 175 -73.69 10.92 81.17
N LYS OA 176 -73.85 10.39 82.38
CA LYS OA 176 -72.81 9.54 82.95
C LYS OA 176 -72.72 8.21 82.22
N HIS OA 177 -73.71 7.91 81.38
CA HIS OA 177 -73.72 6.62 80.64
C HIS OA 177 -74.01 6.88 79.17
N PHE OA 178 -73.28 7.83 78.55
CA PHE OA 178 -73.55 8.16 77.16
C PHE OA 178 -72.97 7.12 76.21
N LYS OA 179 -71.82 6.55 76.54
CA LYS OA 179 -71.14 5.64 75.62
C LYS OA 179 -72.03 4.47 75.22
N GLU OA 180 -72.63 3.80 76.20
CA GLU OA 180 -73.45 2.63 75.90
C GLU OA 180 -74.74 3.03 75.19
N ALA OA 181 -75.40 4.09 75.65
CA ALA OA 181 -76.62 4.53 74.98
C ALA OA 181 -76.33 5.02 73.57
N ASN OA 182 -75.08 5.37 73.29
CA ASN OA 182 -74.70 5.69 71.92
C ASN OA 182 -74.20 4.45 71.18
N ASN OA 183 -73.85 3.39 71.89
CA ASN OA 183 -73.42 2.17 71.24
C ASN OA 183 -74.61 1.26 70.96
N PHE OA 184 -75.62 1.31 71.83
CA PHE OA 184 -76.82 0.49 71.63
C PHE OA 184 -77.51 0.83 70.32
N LEU OA 185 -77.26 2.02 69.78
CA LEU OA 185 -77.90 2.47 68.55
C LEU OA 185 -77.07 2.03 67.35
N TRP OA 186 -77.59 1.08 66.59
CA TRP OA 186 -76.95 0.72 65.33
C TRP OA 186 -76.93 1.93 64.41
N PRO OA 187 -75.80 2.24 63.79
CA PRO OA 187 -75.68 3.48 63.02
C PRO OA 187 -76.84 3.68 62.07
N PHE OA 188 -77.31 4.92 62.00
CA PHE OA 188 -78.48 5.23 61.20
C PHE OA 188 -78.16 5.07 59.72
N LYS OA 189 -79.19 4.78 58.94
CA LYS OA 189 -79.08 4.78 57.49
C LYS OA 189 -80.05 5.81 56.95
N LEU OA 190 -79.49 6.90 56.43
CA LEU OA 190 -80.26 8.06 56.03
C LEU OA 190 -80.26 8.15 54.51
N SER OA 191 -81.45 8.38 53.93
CA SER OA 191 -81.60 8.44 52.50
C SER OA 191 -80.73 9.55 51.91
N SER OA 192 -80.61 9.53 50.59
CA SER OA 192 -79.92 10.62 49.93
C SER OA 192 -80.73 11.90 50.09
N PRO OA 193 -80.07 13.05 50.25
CA PRO OA 193 -80.79 14.28 50.62
C PRO OA 193 -81.51 14.86 49.42
N ARG OA 194 -82.82 15.00 49.52
CA ARG OA 194 -83.56 15.64 48.44
C ARG OA 194 -83.17 17.12 48.37
N GLY OA 195 -83.11 17.64 47.15
CA GLY OA 195 -82.72 19.01 46.93
C GLY OA 195 -81.27 19.21 46.58
N GLY OA 196 -80.46 18.16 46.60
CA GLY OA 196 -79.07 18.27 46.23
C GLY OA 196 -78.19 18.71 47.37
N MET OA 197 -76.91 18.90 47.05
CA MET OA 197 -75.92 19.36 48.03
C MET OA 197 -75.00 20.45 47.52
N LYS OA 198 -75.05 20.80 46.23
CA LYS OA 198 -74.39 21.94 45.64
C LYS OA 198 -72.88 21.81 45.52
N LYS OA 199 -72.27 20.87 46.26
CA LYS OA 199 -71.01 20.19 45.90
C LYS OA 199 -70.59 19.26 47.03
N LYS OA 200 -70.06 18.09 46.70
CA LYS OA 200 -69.58 17.16 47.72
C LYS OA 200 -68.11 17.30 48.01
N THR OA 201 -67.35 17.95 47.14
CA THR OA 201 -65.90 17.87 47.19
C THR OA 201 -65.26 19.14 47.76
N THR OA 202 -65.92 19.80 48.69
CA THR OA 202 -65.38 21.06 49.19
C THR OA 202 -65.97 21.35 50.56
N HIS OA 203 -65.23 22.12 51.35
CA HIS OA 203 -65.67 22.45 52.70
C HIS OA 203 -66.86 23.40 52.67
N PHE OA 204 -67.62 23.39 53.78
CA PHE OA 204 -68.85 24.17 53.82
C PHE OA 204 -68.58 25.66 53.88
N VAL OA 205 -67.41 26.07 54.36
CA VAL OA 205 -67.12 27.49 54.43
C VAL OA 205 -67.08 28.11 53.04
N GLU OA 206 -66.59 27.36 52.05
CA GLU OA 206 -66.58 27.89 50.70
C GLU OA 206 -67.91 27.71 49.98
N GLY OA 207 -69.01 27.49 50.68
CA GLY OA 207 -70.28 27.35 50.01
C GLY OA 207 -70.54 25.99 49.40
N GLY OA 208 -70.25 24.91 50.14
CA GLY OA 208 -70.55 23.56 49.70
C GLY OA 208 -71.00 22.78 50.92
N ASP OA 209 -71.09 21.46 50.80
CA ASP OA 209 -71.58 20.62 51.90
C ASP OA 209 -70.52 19.60 52.30
N ALA OA 210 -69.65 20.01 53.22
CA ALA OA 210 -68.71 19.15 53.93
C ALA OA 210 -68.04 19.98 55.02
N GLY OA 211 -67.80 19.39 56.17
CA GLY OA 211 -67.15 20.10 57.25
C GLY OA 211 -68.14 20.71 58.23
N ASN OA 212 -67.56 21.35 59.25
CA ASN OA 212 -68.37 21.91 60.34
C ASN OA 212 -69.39 22.91 59.82
N ARG OA 213 -70.66 22.70 60.17
CA ARG OA 213 -71.77 23.53 59.74
C ARG OA 213 -72.66 23.85 60.94
N GLU OA 214 -72.05 24.41 61.98
CA GLU OA 214 -72.45 24.25 63.38
C GLU OA 214 -73.93 24.04 63.61
N ASP OA 215 -74.78 24.91 63.08
CA ASP OA 215 -76.20 24.85 63.40
C ASP OA 215 -77.06 24.52 62.20
N GLN OA 216 -76.46 24.36 61.02
CA GLN OA 216 -77.21 24.08 59.81
C GLN OA 216 -77.40 22.60 59.55
N ILE OA 217 -76.77 21.73 60.36
CA ILE OA 217 -77.01 20.30 60.21
C ILE OA 217 -78.45 19.95 60.53
N ASN OA 218 -79.15 20.81 61.28
CA ASN OA 218 -80.58 20.59 61.48
C ASN OA 218 -81.31 20.57 60.15
N ARG OA 219 -80.88 21.41 59.21
CA ARG OA 219 -81.45 21.40 57.88
C ARG OA 219 -81.20 20.06 57.19
N LEU OA 220 -79.94 19.62 57.17
CA LEU OA 220 -79.58 18.43 56.41
C LEU OA 220 -80.10 17.16 57.08
N ILE OA 221 -80.66 17.26 58.27
CA ILE OA 221 -81.31 16.09 58.85
C ILE OA 221 -82.81 16.13 58.57
N ARG OA 222 -83.36 17.32 58.32
CA ARG OA 222 -84.73 17.40 57.83
C ARG OA 222 -84.86 16.72 56.48
N ARG OA 223 -83.88 16.94 55.61
CA ARG OA 223 -84.01 16.50 54.22
C ARG OA 223 -83.63 15.05 54.03
N MET OA 224 -83.12 14.37 55.05
CA MET OA 224 -82.68 12.99 54.93
C MET OA 224 -83.60 12.01 55.64
N ASN OA 225 -84.79 12.46 56.04
CA ASN OA 225 -85.83 11.55 56.51
C ASN OA 225 -87.14 11.82 55.77
N LYS PA 1 36.13 -108.44 -32.02
CA LYS PA 1 35.01 -108.06 -32.87
C LYS PA 1 35.46 -107.71 -34.28
N VAL PA 2 34.88 -108.40 -35.26
CA VAL PA 2 35.18 -108.12 -36.66
C VAL PA 2 34.58 -106.76 -37.03
N VAL PA 3 35.17 -106.13 -38.05
CA VAL PA 3 34.77 -104.79 -38.44
C VAL PA 3 33.34 -104.80 -38.95
N ASN PA 4 32.53 -103.84 -38.49
CA ASN PA 4 31.19 -103.66 -38.99
C ASN PA 4 31.18 -102.67 -40.13
N PRO PA 5 30.27 -102.76 -41.10
CA PRO PA 5 30.40 -101.96 -42.32
C PRO PA 5 30.31 -100.46 -42.12
N LEU PA 6 29.19 -99.96 -41.58
CA LEU PA 6 28.93 -98.53 -41.58
C LEU PA 6 28.27 -98.06 -40.29
N PHE PA 7 28.61 -98.72 -39.17
CA PHE PA 7 28.03 -98.40 -37.88
C PHE PA 7 28.85 -97.30 -37.23
N GLU PA 8 28.19 -96.20 -36.87
CA GLU PA 8 28.86 -94.97 -36.46
C GLU PA 8 28.88 -94.82 -34.95
N LYS PA 9 29.94 -94.17 -34.45
CA LYS PA 9 30.04 -93.87 -33.03
C LYS PA 9 29.11 -92.74 -32.64
N ARG PA 10 29.32 -91.54 -33.21
CA ARG PA 10 28.41 -90.41 -33.04
C ARG PA 10 28.27 -90.02 -31.58
N PRO PA 11 29.29 -89.44 -30.96
CA PRO PA 11 29.19 -89.09 -29.54
C PRO PA 11 28.41 -87.80 -29.35
N LYS PA 12 28.33 -87.38 -28.09
CA LYS PA 12 27.59 -86.17 -27.73
C LYS PA 12 28.44 -85.31 -26.81
N ASN PA 13 28.26 -84.00 -26.92
CA ASN PA 13 28.99 -83.03 -26.12
C ASN PA 13 28.04 -82.39 -25.13
N PHE PA 14 28.44 -82.38 -23.86
CA PHE PA 14 27.60 -81.91 -22.77
C PHE PA 14 28.19 -80.66 -22.17
N GLY PA 15 27.37 -79.62 -22.03
CA GLY PA 15 27.85 -78.41 -21.42
C GLY PA 15 27.10 -77.19 -21.90
N ILE PA 16 27.59 -76.03 -21.48
CA ILE PA 16 26.84 -74.78 -21.58
C ILE PA 16 26.75 -74.40 -23.05
N GLY PA 17 25.54 -74.53 -23.61
CA GLY PA 17 25.31 -74.21 -24.99
C GLY PA 17 25.45 -75.37 -25.94
N GLN PA 18 26.12 -76.44 -25.54
CA GLN PA 18 26.24 -77.64 -26.34
C GLN PA 18 24.95 -78.44 -26.20
N ASP PA 19 24.97 -79.71 -26.61
CA ASP PA 19 23.76 -80.53 -26.57
C ASP PA 19 23.14 -80.58 -25.18
N ILE PA 20 21.88 -81.01 -25.14
CA ILE PA 20 21.03 -80.83 -23.96
C ILE PA 20 21.41 -81.82 -22.88
N GLN PA 21 21.45 -81.34 -21.63
CA GLN PA 21 21.89 -82.15 -20.51
C GLN PA 21 21.03 -83.40 -20.36
N PRO PA 22 21.60 -84.49 -19.87
CA PRO PA 22 20.82 -85.71 -19.69
C PRO PA 22 19.89 -85.61 -18.49
N LYS PA 23 19.16 -86.69 -18.26
CA LYS PA 23 18.24 -86.79 -17.14
C LYS PA 23 18.91 -87.62 -16.05
N ARG PA 24 19.44 -86.96 -15.04
CA ARG PA 24 20.12 -87.62 -13.93
C ARG PA 24 19.47 -87.21 -12.61
N ASP PA 25 19.91 -87.85 -11.53
CA ASP PA 25 19.21 -87.75 -10.26
C ASP PA 25 19.31 -86.36 -9.65
N LEU PA 26 18.18 -85.86 -9.19
CA LEU PA 26 18.09 -84.60 -8.46
C LEU PA 26 17.64 -84.86 -7.02
N THR PA 27 18.15 -85.93 -6.42
CA THR PA 27 17.68 -86.33 -5.09
C THR PA 27 17.82 -85.22 -4.08
N ARG PA 28 18.81 -84.34 -4.24
CA ARG PA 28 19.04 -83.27 -3.28
C ARG PA 28 18.25 -82.01 -3.59
N PHE PA 29 17.74 -81.86 -4.80
CA PHE PA 29 17.19 -80.57 -5.24
C PHE PA 29 15.68 -80.57 -5.37
N VAL PA 30 15.02 -81.73 -5.32
CA VAL PA 30 13.59 -81.77 -5.62
C VAL PA 30 12.82 -81.13 -4.47
N LYS PA 31 11.86 -80.29 -4.82
CA LYS PA 31 11.03 -79.63 -3.82
C LYS PA 31 10.16 -80.71 -3.18
N TRP PA 32 10.55 -81.13 -2.00
CA TRP PA 32 9.90 -82.25 -1.35
C TRP PA 32 8.53 -81.85 -0.86
N PRO PA 33 7.65 -82.81 -0.63
CA PRO PA 33 6.41 -82.49 0.06
C PRO PA 33 6.77 -81.85 1.37
N ARG PA 34 6.08 -80.78 1.70
CA ARG PA 34 6.62 -79.96 2.77
C ARG PA 34 6.28 -80.56 4.14
N TYR PA 35 5.64 -81.73 4.16
CA TYR PA 35 5.43 -82.44 5.41
C TYR PA 35 6.69 -83.18 5.86
N ILE PA 36 7.66 -83.38 4.95
CA ILE PA 36 8.87 -84.05 5.40
C ILE PA 36 9.94 -83.04 5.76
N ARG PA 37 9.96 -81.90 5.07
CA ARG PA 37 10.93 -80.87 5.43
C ARG PA 37 10.73 -80.45 6.89
N LEU PA 38 9.55 -80.71 7.44
CA LEU PA 38 9.37 -80.69 8.89
C LEU PA 38 10.11 -81.85 9.54
N GLN PA 39 9.82 -83.07 9.09
CA GLN PA 39 10.42 -84.23 9.73
C GLN PA 39 11.88 -84.43 9.34
N ARG PA 40 12.35 -83.73 8.31
CA ARG PA 40 13.73 -83.89 7.89
C ARG PA 40 14.66 -82.99 8.69
N GLN PA 41 14.32 -81.70 8.79
CA GLN PA 41 15.17 -80.79 9.55
C GLN PA 41 15.15 -81.09 11.03
N ARG PA 42 14.08 -81.70 11.54
CA ARG PA 42 14.08 -82.14 12.94
C ARG PA 42 15.22 -83.10 13.21
N ALA PA 43 15.67 -83.82 12.18
CA ALA PA 43 16.87 -84.63 12.34
C ALA PA 43 18.12 -83.76 12.45
N ILE PA 44 18.06 -82.57 11.87
CA ILE PA 44 19.24 -81.70 11.88
C ILE PA 44 19.30 -80.87 13.16
N LEU PA 45 18.15 -80.45 13.67
CA LEU PA 45 18.14 -79.66 14.90
C LEU PA 45 18.74 -80.44 16.06
N TYR PA 46 18.35 -81.71 16.20
CA TYR PA 46 18.90 -82.53 17.27
C TYR PA 46 20.37 -82.81 17.09
N LYS PA 47 20.95 -82.44 15.95
CA LYS PA 47 22.40 -82.47 15.81
C LYS PA 47 23.01 -81.11 16.13
N ARG PA 48 22.23 -80.04 15.97
CA ARG PA 48 22.80 -78.70 16.12
C ARG PA 48 22.65 -78.20 17.55
N LEU PA 49 21.43 -78.23 18.09
CA LEU PA 49 21.20 -77.70 19.43
C LEU PA 49 21.92 -78.53 20.48
N LYS PA 50 22.27 -77.87 21.59
CA LYS PA 50 22.94 -78.57 22.68
C LYS PA 50 21.96 -79.49 23.40
N VAL PA 51 21.88 -80.74 22.95
CA VAL PA 51 20.96 -81.70 23.56
C VAL PA 51 21.44 -82.01 24.97
N PRO PA 52 20.57 -81.92 25.97
CA PRO PA 52 21.03 -82.06 27.36
C PRO PA 52 21.28 -83.52 27.70
N PRO PA 53 22.05 -83.81 28.75
CA PRO PA 53 22.43 -85.20 29.02
C PRO PA 53 21.25 -86.11 29.26
N ALA PA 54 20.17 -85.60 29.86
CA ALA PA 54 19.02 -86.45 30.12
C ALA PA 54 18.43 -87.01 28.83
N ILE PA 55 18.59 -86.30 27.72
CA ILE PA 55 18.09 -86.76 26.43
C ILE PA 55 19.19 -87.44 25.63
N ASN PA 56 20.38 -86.82 25.59
CA ASN PA 56 21.48 -87.32 24.78
C ASN PA 56 21.90 -88.72 25.19
N GLN PA 57 21.56 -89.15 26.40
CA GLN PA 57 21.90 -90.51 26.81
C GLN PA 57 21.11 -91.55 26.03
N PHE PA 58 20.21 -91.14 25.15
CA PHE PA 58 19.44 -92.08 24.37
C PHE PA 58 20.02 -92.35 22.99
N THR PA 59 21.15 -91.73 22.65
CA THR PA 59 21.83 -92.11 21.42
C THR PA 59 22.72 -93.33 21.65
N GLN PA 60 23.50 -93.30 22.72
CA GLN PA 60 24.41 -94.41 23.04
C GLN PA 60 23.59 -95.65 23.34
N ALA PA 61 23.63 -96.62 22.43
CA ALA PA 61 22.70 -97.74 22.42
C ALA PA 61 23.49 -99.04 22.49
N LEU PA 62 22.81 -100.09 22.94
CA LEU PA 62 23.41 -101.42 22.98
C LEU PA 62 23.82 -101.87 21.58
N ASP PA 63 24.99 -102.47 21.49
CA ASP PA 63 25.53 -102.90 20.21
C ASP PA 63 24.61 -103.96 19.58
N ARG PA 64 24.83 -104.19 18.28
CA ARG PA 64 24.07 -105.22 17.58
C ARG PA 64 24.35 -106.60 18.16
N GLN PA 65 25.62 -107.00 18.18
CA GLN PA 65 25.99 -108.34 18.61
C GLN PA 65 25.48 -108.65 20.01
N THR PA 66 25.41 -107.62 20.87
CA THR PA 66 24.80 -107.83 22.17
C THR PA 66 23.28 -107.85 22.07
N ALA PA 67 22.71 -107.09 21.14
CA ALA PA 67 21.26 -107.01 21.04
C ALA PA 67 20.64 -108.35 20.68
N THR PA 68 21.25 -109.07 19.73
CA THR PA 68 20.68 -110.35 19.32
C THR PA 68 20.73 -111.37 20.45
N GLN PA 69 21.74 -111.27 21.33
CA GLN PA 69 21.78 -112.15 22.49
C GLN PA 69 20.58 -111.95 23.38
N LEU PA 70 20.25 -110.68 23.68
CA LEU PA 70 19.09 -110.39 24.49
C LEU PA 70 17.80 -110.79 23.79
N LEU PA 71 17.66 -110.40 22.52
CA LEU PA 71 16.43 -110.73 21.79
C LEU PA 71 16.25 -112.24 21.69
N LYS PA 72 17.35 -112.99 21.71
CA LYS PA 72 17.25 -114.44 21.86
C LYS PA 72 16.56 -114.80 23.18
N LEU PA 73 17.02 -114.21 24.27
CA LEU PA 73 16.46 -114.52 25.57
C LEU PA 73 14.99 -114.13 25.64
N ALA PA 74 14.65 -112.96 25.12
CA ALA PA 74 13.25 -112.53 25.15
C ALA PA 74 12.37 -113.44 24.31
N HIS PA 75 12.93 -114.05 23.27
CA HIS PA 75 12.16 -114.98 22.44
C HIS PA 75 11.70 -116.19 23.23
N LYS PA 76 12.42 -116.57 24.28
CA LYS PA 76 11.98 -117.67 25.13
C LYS PA 76 10.86 -117.28 26.06
N TYR PA 77 10.76 -115.99 26.42
CA TYR PA 77 9.87 -115.53 27.48
C TYR PA 77 8.86 -114.51 26.97
N ARG PA 78 8.29 -114.72 25.79
CA ARG PA 78 7.25 -113.80 25.34
C ARG PA 78 5.93 -114.09 26.04
N PRO PA 79 5.08 -113.09 26.19
CA PRO PA 79 3.77 -113.32 26.81
C PRO PA 79 2.83 -114.08 25.88
N GLU PA 80 1.80 -114.66 26.46
CA GLU PA 80 0.84 -115.43 25.69
C GLU PA 80 0.05 -114.53 24.76
N THR PA 81 -0.45 -115.10 23.67
CA THR PA 81 -1.20 -114.35 22.69
C THR PA 81 -2.65 -114.82 22.62
N LYS PA 82 -3.46 -114.02 21.94
CA LYS PA 82 -4.76 -114.48 21.47
C LYS PA 82 -4.60 -115.77 20.68
N GLN PA 83 -5.70 -116.51 20.55
CA GLN PA 83 -5.76 -117.72 19.73
C GLN PA 83 -4.95 -118.87 20.31
N GLU PA 84 -4.18 -118.63 21.36
CA GLU PA 84 -3.63 -119.73 22.14
C GLU PA 84 -3.86 -119.53 23.64
N LYS PA 85 -3.93 -118.28 24.09
CA LYS PA 85 -4.57 -117.99 25.36
C LYS PA 85 -6.00 -118.50 25.26
N LYS PA 86 -6.62 -118.25 24.10
CA LYS PA 86 -7.98 -118.69 23.85
C LYS PA 86 -8.10 -120.20 23.93
N GLN PA 87 -7.25 -120.93 23.20
CA GLN PA 87 -7.35 -122.38 23.21
C GLN PA 87 -7.08 -122.95 24.59
N ARG PA 88 -6.06 -122.42 25.28
CA ARG PA 88 -5.85 -122.79 26.67
C ARG PA 88 -7.06 -122.41 27.51
N LEU PA 89 -7.72 -121.29 27.16
CA LEU PA 89 -8.98 -120.94 27.82
C LEU PA 89 -10.07 -121.95 27.46
N LEU PA 90 -10.09 -122.44 26.22
CA LEU PA 90 -10.95 -123.56 25.88
C LEU PA 90 -10.54 -124.80 26.66
N ALA PA 91 -9.22 -125.03 26.77
CA ALA PA 91 -8.72 -126.14 27.57
C ALA PA 91 -9.01 -125.92 29.06
N ARG PA 92 -8.91 -124.67 29.52
CA ARG PA 92 -9.18 -124.37 30.92
C ARG PA 92 -10.62 -124.69 31.28
N ALA PA 93 -11.58 -124.00 30.65
CA ALA PA 93 -12.96 -124.06 31.10
C ALA PA 93 -13.55 -125.47 30.95
N GLU PA 94 -13.28 -126.12 29.82
CA GLU PA 94 -13.94 -127.40 29.54
C GLU PA 94 -13.46 -128.52 30.45
N LYS PA 95 -12.36 -128.30 31.19
CA LYS PA 95 -11.87 -129.34 32.08
C LYS PA 95 -12.35 -129.18 33.52
N LYS PA 96 -13.08 -128.11 33.82
CA LYS PA 96 -13.48 -127.85 35.20
C LYS PA 96 -14.45 -128.92 35.71
N ALA PA 97 -15.38 -129.35 34.87
CA ALA PA 97 -16.42 -130.27 35.32
C ALA PA 97 -15.86 -131.66 35.62
N ALA PA 98 -14.89 -132.11 34.82
CA ALA PA 98 -14.44 -133.51 34.89
C ALA PA 98 -13.82 -133.83 36.26
N GLY PA 99 -13.03 -132.92 36.80
CA GLY PA 99 -12.43 -133.11 38.11
C GLY PA 99 -10.96 -133.51 38.10
N LYS PA 100 -10.45 -133.99 36.97
CA LYS PA 100 -9.02 -134.31 36.89
C LYS PA 100 -8.18 -133.05 36.94
N GLY PA 101 -8.41 -132.13 36.01
CA GLY PA 101 -7.76 -130.84 35.99
C GLY PA 101 -8.78 -129.72 36.08
N ASP PA 102 -8.27 -128.50 36.12
CA ASP PA 102 -9.11 -127.33 36.23
C ASP PA 102 -8.46 -126.16 35.50
N VAL PA 103 -9.05 -124.98 35.66
CA VAL PA 103 -8.68 -123.81 34.85
C VAL PA 103 -7.27 -123.30 35.19
N PRO PA 104 -7.00 -122.77 36.39
CA PRO PA 104 -5.73 -122.05 36.57
C PRO PA 104 -4.62 -122.96 37.08
N THR PA 105 -3.38 -122.55 36.82
CA THR PA 105 -2.19 -123.17 37.41
C THR PA 105 -1.19 -122.06 37.73
N LYS PA 106 0.03 -122.47 38.06
CA LYS PA 106 1.11 -121.53 38.32
C LYS PA 106 1.53 -120.81 37.05
N ARG PA 107 1.96 -119.56 37.20
CA ARG PA 107 2.37 -118.76 36.05
C ARG PA 107 3.88 -118.77 35.88
N PRO PA 108 4.40 -119.37 34.81
CA PRO PA 108 5.84 -119.30 34.55
C PRO PA 108 6.26 -117.87 34.25
N PRO PA 109 7.54 -117.54 34.39
CA PRO PA 109 7.95 -116.14 34.24
C PRO PA 109 7.68 -115.60 32.85
N VAL PA 110 7.22 -114.35 32.80
CA VAL PA 110 6.99 -113.64 31.55
C VAL PA 110 7.44 -112.20 31.74
N LEU PA 111 7.50 -111.48 30.62
CA LEU PA 111 7.95 -110.10 30.63
C LEU PA 111 6.87 -109.19 31.22
N ARG PA 112 7.13 -107.89 31.19
CA ARG PA 112 6.18 -106.88 31.60
C ARG PA 112 6.35 -105.66 30.72
N ALA PA 113 5.24 -105.13 30.19
CA ALA PA 113 5.31 -104.25 29.03
C ALA PA 113 5.37 -102.77 29.39
N GLY PA 114 4.32 -102.24 30.01
CA GLY PA 114 4.18 -100.80 30.08
C GLY PA 114 5.15 -100.16 31.05
N VAL PA 115 5.48 -98.88 30.78
CA VAL PA 115 6.30 -98.14 31.72
C VAL PA 115 5.58 -97.97 33.04
N ASN PA 116 4.26 -97.89 33.01
CA ASN PA 116 3.48 -97.79 34.23
C ASN PA 116 3.40 -99.12 34.98
N THR PA 117 3.77 -100.22 34.35
CA THR PA 117 3.95 -101.49 35.03
C THR PA 117 5.40 -101.75 35.42
N VAL PA 118 6.35 -101.34 34.57
CA VAL PA 118 7.76 -101.55 34.88
C VAL PA 118 8.14 -100.79 36.14
N THR PA 119 7.93 -99.48 36.15
CA THR PA 119 8.37 -98.69 37.30
C THR PA 119 7.78 -99.24 38.59
N THR PA 120 6.48 -99.52 38.61
CA THR PA 120 5.84 -100.01 39.82
C THR PA 120 6.48 -101.30 40.31
N LEU PA 121 7.19 -102.01 39.43
CA LEU PA 121 8.02 -103.11 39.87
C LEU PA 121 9.51 -102.79 39.83
N VAL PA 122 9.89 -101.52 39.73
CA VAL PA 122 11.29 -101.11 39.84
C VAL PA 122 11.61 -100.51 41.20
N GLU PA 123 10.80 -99.56 41.69
CA GLU PA 123 11.11 -99.02 43.01
C GLU PA 123 10.82 -100.02 44.11
N ASN PA 124 10.20 -101.14 43.79
CA ASN PA 124 10.17 -102.17 44.82
C ASN PA 124 11.38 -103.07 44.76
N LYS PA 125 12.32 -102.77 43.86
CA LYS PA 125 13.52 -103.57 43.65
C LYS PA 125 13.17 -105.00 43.23
N LYS PA 126 12.36 -105.10 42.18
CA LYS PA 126 11.91 -106.38 41.68
C LYS PA 126 12.27 -106.62 40.22
N ALA PA 127 12.90 -105.66 39.55
CA ALA PA 127 13.23 -105.79 38.15
C ALA PA 127 14.71 -106.08 37.98
N GLN PA 128 15.03 -107.11 37.20
CA GLN PA 128 16.42 -107.46 36.96
C GLN PA 128 16.99 -106.70 35.77
N LEU PA 129 16.43 -106.90 34.59
CA LEU PA 129 16.80 -106.14 33.41
C LEU PA 129 15.75 -105.07 33.16
N VAL PA 130 16.18 -103.93 32.62
CA VAL PA 130 15.27 -102.90 32.17
C VAL PA 130 15.73 -102.49 30.78
N VAL PA 131 14.86 -102.62 29.79
CA VAL PA 131 15.16 -102.29 28.41
C VAL PA 131 14.31 -101.10 28.02
N ILE PA 132 14.95 -100.07 27.47
CA ILE PA 132 14.28 -98.82 27.16
C ILE PA 132 14.37 -98.58 25.67
N ALA PA 133 13.24 -98.38 25.02
CA ALA PA 133 13.24 -98.01 23.62
C ALA PA 133 13.94 -96.66 23.47
N HIS PA 134 14.90 -96.60 22.55
CA HIS PA 134 15.76 -95.43 22.46
C HIS PA 134 15.07 -94.22 21.84
N ASP PA 135 13.86 -94.37 21.29
CA ASP PA 135 13.27 -93.27 20.54
C ASP PA 135 11.79 -93.08 20.84
N VAL PA 136 11.39 -93.18 22.11
CA VAL PA 136 9.97 -93.06 22.42
C VAL PA 136 9.45 -91.70 21.97
N ASP PA 137 8.16 -91.66 21.60
CA ASP PA 137 7.66 -90.53 20.80
C ASP PA 137 7.70 -89.21 21.57
N PRO PA 138 6.98 -89.01 22.69
CA PRO PA 138 7.43 -88.00 23.64
C PRO PA 138 8.52 -88.58 24.53
N ILE PA 139 9.76 -88.12 24.31
CA ILE PA 139 10.90 -88.69 25.02
C ILE PA 139 10.86 -88.36 26.50
N GLU PA 140 9.86 -87.61 26.93
CA GLU PA 140 9.64 -87.37 28.36
C GLU PA 140 9.10 -88.60 29.06
N LEU PA 141 8.63 -89.61 28.33
CA LEU PA 141 8.08 -90.79 28.98
C LEU PA 141 9.17 -91.63 29.65
N VAL PA 142 10.40 -91.57 29.17
CA VAL PA 142 11.45 -92.37 29.77
C VAL PA 142 12.69 -91.53 30.05
N VAL PA 143 12.55 -90.20 30.01
CA VAL PA 143 13.67 -89.33 30.32
C VAL PA 143 14.07 -89.40 31.78
N PHE PA 144 13.22 -89.99 32.62
CA PHE PA 144 13.49 -90.12 34.05
C PHE PA 144 13.87 -91.53 34.47
N LEU PA 145 13.75 -92.50 33.57
CA LEU PA 145 13.86 -93.89 33.99
C LEU PA 145 15.30 -94.35 34.23
N PRO PA 146 16.31 -93.92 33.47
CA PRO PA 146 17.68 -94.29 33.83
C PRO PA 146 18.07 -93.86 35.24
N ALA PA 147 17.94 -92.58 35.56
CA ALA PA 147 18.33 -92.11 36.88
C ALA PA 147 17.55 -92.80 37.99
N LEU PA 148 16.37 -93.33 37.67
CA LEU PA 148 15.66 -94.16 38.64
C LEU PA 148 16.32 -95.53 38.76
N CYS PA 149 16.77 -96.09 37.64
CA CYS PA 149 17.35 -97.42 37.68
C CYS PA 149 18.65 -97.44 38.47
N ARG PA 150 19.48 -96.41 38.33
CA ARG PA 150 20.72 -96.38 39.07
C ARG PA 150 20.49 -96.19 40.57
N LYS PA 151 19.56 -95.32 40.95
CA LYS PA 151 19.33 -95.08 42.37
C LYS PA 151 18.77 -96.30 43.09
N MET PA 152 18.10 -97.18 42.36
CA MET PA 152 17.55 -98.39 42.95
C MET PA 152 18.44 -99.61 42.79
N GLY PA 153 19.52 -99.51 42.02
CA GLY PA 153 20.39 -100.65 41.81
C GLY PA 153 19.81 -101.67 40.86
N VAL PA 154 19.60 -101.27 39.61
CA VAL PA 154 19.00 -102.14 38.61
C VAL PA 154 19.80 -102.05 37.32
N PRO PA 155 20.22 -103.17 36.74
CA PRO PA 155 20.86 -103.12 35.41
C PRO PA 155 19.85 -102.74 34.36
N TYR PA 156 20.20 -101.76 33.53
CA TYR PA 156 19.29 -101.31 32.48
C TYR PA 156 20.06 -101.15 31.18
N CYS PA 157 19.44 -101.54 30.07
CA CYS PA 157 20.05 -101.42 28.76
C CYS PA 157 19.08 -100.79 27.78
N ILE PA 158 19.63 -100.06 26.81
CA ILE PA 158 18.84 -99.36 25.80
C ILE PA 158 19.03 -100.08 24.46
N ILE PA 159 17.90 -100.53 23.91
CA ILE PA 159 17.89 -101.22 22.58
C ILE PA 159 17.40 -100.22 21.52
N LYS PA 160 17.68 -100.53 20.25
CA LYS PA 160 17.22 -99.74 19.12
C LYS PA 160 15.81 -100.18 18.76
N GLY PA 161 14.92 -99.20 18.61
CA GLY PA 161 13.60 -99.49 18.08
C GLY PA 161 12.58 -99.86 19.13
N LYS PA 162 11.49 -99.12 19.19
CA LYS PA 162 10.34 -99.51 19.99
C LYS PA 162 9.41 -100.44 19.22
N ALA PA 163 9.68 -100.65 17.93
CA ALA PA 163 8.82 -101.52 17.14
C ALA PA 163 9.18 -102.99 17.33
N ARG PA 164 10.46 -103.32 17.44
CA ARG PA 164 10.84 -104.70 17.68
C ARG PA 164 10.70 -105.08 19.14
N LEU PA 165 10.82 -104.13 20.06
CA LEU PA 165 10.35 -104.39 21.41
C LEU PA 165 8.85 -104.64 21.42
N GLY PA 166 8.15 -104.18 20.41
CA GLY PA 166 6.77 -104.55 20.19
C GLY PA 166 6.60 -105.88 19.52
N ARG PA 167 7.70 -106.53 19.12
CA ARG PA 167 7.63 -107.89 18.60
C ARG PA 167 8.03 -108.93 19.63
N LEU PA 168 8.82 -108.56 20.64
CA LEU PA 168 8.99 -109.42 21.80
C LEU PA 168 7.67 -109.65 22.49
N VAL PA 169 6.75 -108.71 22.33
CA VAL PA 169 5.35 -108.82 22.70
C VAL PA 169 4.61 -108.73 21.38
N HIS PA 170 3.28 -108.69 21.40
CA HIS PA 170 2.57 -108.79 20.13
C HIS PA 170 1.71 -107.57 19.84
N ARG PA 171 2.28 -106.37 19.99
CA ARG PA 171 1.58 -105.12 19.74
C ARG PA 171 2.40 -104.25 18.81
N LYS PA 172 1.81 -103.11 18.42
CA LYS PA 172 2.47 -102.22 17.47
C LYS PA 172 3.78 -101.68 18.03
N THR PA 173 3.80 -101.31 19.31
CA THR PA 173 5.03 -100.81 19.93
C THR PA 173 4.96 -101.01 21.44
N CYS PA 174 6.12 -101.08 22.05
CA CYS PA 174 6.24 -101.27 23.50
C CYS PA 174 7.43 -100.48 23.99
N THR PA 175 7.17 -99.48 24.84
CA THR PA 175 8.22 -98.57 25.26
C THR PA 175 9.32 -99.29 26.04
N THR PA 176 8.94 -100.23 26.89
CA THR PA 176 9.86 -100.78 27.88
C THR PA 176 9.57 -102.26 28.07
N VAL PA 177 10.55 -102.98 28.60
CA VAL PA 177 10.35 -104.36 29.03
C VAL PA 177 11.32 -104.62 30.18
N ALA PA 178 10.95 -105.55 31.06
CA ALA PA 178 11.74 -105.80 32.25
C ALA PA 178 11.60 -107.24 32.67
N PHE PA 179 12.73 -107.89 32.92
CA PHE PA 179 12.75 -109.24 33.44
C PHE PA 179 12.69 -109.18 34.96
N THR PA 180 11.69 -109.82 35.54
CA THR PA 180 11.63 -109.94 36.99
C THR PA 180 12.08 -111.29 37.50
N GLN PA 181 11.83 -112.37 36.75
CA GLN PA 181 12.32 -113.68 37.14
C GLN PA 181 12.57 -114.51 35.89
N VAL PA 182 13.41 -115.53 36.04
CA VAL PA 182 13.80 -116.43 34.96
C VAL PA 182 13.82 -117.85 35.53
N ASN PA 183 13.92 -118.83 34.65
CA ASN PA 183 14.07 -120.20 35.10
C ASN PA 183 15.54 -120.56 35.24
N SER PA 184 15.80 -121.67 35.93
CA SER PA 184 17.14 -121.99 36.38
C SER PA 184 18.10 -122.33 35.26
N GLU PA 185 17.61 -122.82 34.12
CA GLU PA 185 18.52 -123.16 33.03
C GLU PA 185 19.08 -121.90 32.37
N ASP PA 186 18.22 -120.91 32.11
CA ASP PA 186 18.66 -119.68 31.46
C ASP PA 186 19.39 -118.74 32.42
N LYS PA 187 19.32 -118.98 33.73
CA LYS PA 187 19.91 -118.05 34.68
C LYS PA 187 21.40 -117.86 34.42
N GLY PA 188 22.04 -118.85 33.80
CA GLY PA 188 23.39 -118.64 33.33
C GLY PA 188 23.46 -117.62 32.22
N ALA PA 189 22.50 -117.66 31.29
CA ALA PA 189 22.52 -116.77 30.13
C ALA PA 189 22.27 -115.33 30.53
N LEU PA 190 21.42 -115.11 31.55
CA LEU PA 190 21.13 -113.75 31.97
C LEU PA 190 22.37 -113.08 32.55
N ALA PA 191 23.06 -113.74 33.48
CA ALA PA 191 24.21 -113.14 34.12
C ALA PA 191 25.30 -112.80 33.11
N LYS PA 192 25.31 -113.49 31.97
CA LYS PA 192 26.26 -113.15 30.91
C LYS PA 192 25.96 -111.78 30.32
N LEU PA 193 24.69 -111.38 30.33
CA LEU PA 193 24.33 -110.06 29.79
C LEU PA 193 24.61 -108.96 30.81
N VAL PA 194 24.05 -109.10 32.02
CA VAL PA 194 24.12 -108.03 33.00
C VAL PA 194 25.57 -107.78 33.43
N GLU PA 195 26.45 -108.76 33.27
CA GLU PA 195 27.86 -108.56 33.59
C GLU PA 195 28.54 -107.64 32.58
N ALA PA 196 27.95 -107.47 31.40
CA ALA PA 196 28.49 -106.55 30.40
C ALA PA 196 27.59 -105.34 30.18
N ILE PA 197 26.29 -105.47 30.42
CA ILE PA 197 25.39 -104.34 30.31
C ILE PA 197 25.71 -103.28 31.36
N ARG PA 198 25.82 -103.69 32.61
CA ARG PA 198 26.02 -102.73 33.68
C ARG PA 198 27.44 -102.21 33.75
N THR PA 199 28.37 -102.80 32.99
CA THR PA 199 29.71 -102.22 32.91
C THR PA 199 29.76 -101.05 31.96
N ASN PA 200 28.73 -100.87 31.13
CA ASN PA 200 28.72 -99.81 30.15
C ASN PA 200 27.64 -98.78 30.43
N TYR PA 201 26.58 -99.15 31.13
CA TYR PA 201 25.48 -98.22 31.41
C TYR PA 201 25.41 -97.82 32.89
N ASN PA 202 25.26 -98.80 33.79
CA ASN PA 202 25.10 -98.45 35.20
C ASN PA 202 26.41 -97.97 35.82
N ASP PA 203 27.52 -98.65 35.54
CA ASP PA 203 28.78 -98.34 36.23
C ASP PA 203 29.30 -96.95 35.91
N ARG PA 204 29.29 -96.56 34.63
CA ARG PA 204 29.75 -95.25 34.23
C ARG PA 204 28.61 -94.25 34.09
N TYR PA 205 27.54 -94.44 34.88
CA TYR PA 205 26.43 -93.50 34.83
C TYR PA 205 26.89 -92.08 35.08
N ASP PA 206 27.90 -91.90 35.94
CA ASP PA 206 28.40 -90.56 36.21
C ASP PA 206 29.07 -89.97 34.99
N GLU PA 207 29.62 -90.82 34.11
CA GLU PA 207 30.17 -90.35 32.85
C GLU PA 207 29.07 -89.84 31.93
N ILE PA 208 27.93 -90.51 31.94
CA ILE PA 208 26.83 -90.14 31.06
C ILE PA 208 26.27 -88.78 31.44
N ARG PA 209 26.15 -88.52 32.75
CA ARG PA 209 25.53 -87.28 33.20
C ARG PA 209 26.30 -86.05 32.75
N ARG PA 210 27.63 -86.12 32.78
CA ARG PA 210 28.45 -84.98 32.40
C ARG PA 210 28.63 -84.85 30.89
N HIS PA 211 27.76 -85.47 30.11
CA HIS PA 211 27.89 -85.48 28.66
C HIS PA 211 26.86 -84.57 28.02
N TRP PA 212 27.26 -83.85 26.96
CA TRP PA 212 26.37 -82.97 26.23
C TRP PA 212 26.60 -83.16 24.74
N GLY PA 213 25.51 -83.20 23.98
CA GLY PA 213 25.56 -83.36 22.54
C GLY PA 213 25.21 -82.08 21.80
N GLY PA 214 25.32 -82.17 20.48
CA GLY PA 214 25.03 -81.04 19.62
C GLY PA 214 26.29 -80.33 19.14
N ASN PA 215 26.07 -79.18 18.52
CA ASN PA 215 27.11 -78.28 18.03
C ASN PA 215 27.85 -78.84 16.82
N VAL PA 216 27.33 -79.90 16.21
CA VAL PA 216 27.99 -80.51 15.05
C VAL PA 216 27.49 -79.76 13.83
N LEU PA 217 28.21 -78.69 13.48
CA LEU PA 217 27.78 -77.83 12.39
C LEU PA 217 27.76 -78.59 11.07
N GLY PA 218 27.08 -78.02 10.08
CA GLY PA 218 26.86 -78.67 8.81
C GLY PA 218 28.14 -78.85 8.02
N PRO PA 219 28.18 -79.87 7.17
CA PRO PA 219 29.38 -80.10 6.34
C PRO PA 219 29.75 -78.92 5.47
N LYS PA 220 28.77 -78.20 4.91
CA LYS PA 220 29.10 -76.99 4.19
C LYS PA 220 29.68 -75.94 5.12
N SER PA 221 29.14 -75.86 6.34
CA SER PA 221 29.58 -74.86 7.29
C SER PA 221 30.90 -75.25 7.95
N VAL PA 222 31.20 -76.54 8.03
CA VAL PA 222 32.38 -76.95 8.77
C VAL PA 222 33.59 -77.10 7.85
N ALA PA 223 33.37 -77.41 6.57
CA ALA PA 223 34.47 -77.42 5.62
C ALA PA 223 35.04 -76.03 5.42
N ARG PA 224 34.18 -75.01 5.46
CA ARG PA 224 34.66 -73.64 5.46
C ARG PA 224 35.50 -73.34 6.70
N ILE PA 225 35.06 -73.83 7.86
CA ILE PA 225 35.81 -73.60 9.09
C ILE PA 225 37.20 -74.20 8.99
N ALA PA 226 37.28 -75.43 8.47
CA ALA PA 226 38.58 -76.08 8.32
C ALA PA 226 39.45 -75.34 7.32
N LYS PA 227 38.88 -74.94 6.19
CA LYS PA 227 39.67 -74.28 5.15
C LYS PA 227 40.27 -72.97 5.66
N LEU PA 228 39.47 -72.15 6.35
CA LEU PA 228 39.98 -70.86 6.83
C LEU PA 228 40.98 -71.05 7.96
N GLU PA 229 40.66 -71.93 8.91
CA GLU PA 229 41.62 -72.26 9.96
C GLU PA 229 42.88 -72.86 9.37
N LYS PA 230 42.75 -73.61 8.27
CA LYS PA 230 43.93 -74.05 7.54
C LYS PA 230 44.72 -72.85 7.04
N ALA PA 231 44.02 -71.78 6.62
CA ALA PA 231 44.68 -70.58 6.09
C ALA PA 231 45.53 -69.90 7.14
N LYS PA 232 45.00 -69.78 8.36
CA LYS PA 232 45.79 -69.29 9.47
C LYS PA 232 46.87 -70.30 9.85
N ALA PA 233 46.72 -71.55 9.42
CA ALA PA 233 47.72 -72.58 9.69
C ALA PA 233 48.82 -72.57 8.64
N MET QA 1 -70.19 54.61 30.70
CA MET QA 1 -71.09 53.69 30.01
C MET QA 1 -72.54 54.11 30.25
N LYS QA 2 -73.42 53.79 29.31
CA LYS QA 2 -74.86 53.90 29.53
C LYS QA 2 -75.25 55.34 29.90
N THR QA 3 -75.04 56.23 28.95
CA THR QA 3 -75.39 57.63 29.16
C THR QA 3 -76.89 57.82 28.96
N ILE QA 4 -77.54 58.49 29.92
CA ILE QA 4 -78.99 58.58 29.93
C ILE QA 4 -79.52 59.45 28.81
N LEU QA 5 -78.77 60.47 28.41
CA LEU QA 5 -79.15 61.29 27.27
C LEU QA 5 -77.97 62.11 26.82
N SER QA 6 -77.78 62.17 25.51
CA SER QA 6 -76.95 63.19 24.88
C SER QA 6 -77.60 63.57 23.56
N ASN QA 7 -77.97 64.83 23.42
CA ASN QA 7 -78.80 65.27 22.32
C ASN QA 7 -78.03 66.25 21.45
N GLN QA 8 -78.75 66.84 20.50
CA GLN QA 8 -78.18 67.82 19.59
C GLN QA 8 -79.34 68.48 18.86
N THR QA 9 -79.18 69.75 18.55
CA THR QA 9 -80.22 70.54 17.90
C THR QA 9 -79.70 71.07 16.58
N VAL QA 10 -80.54 71.01 15.55
CA VAL QA 10 -80.20 71.50 14.23
C VAL QA 10 -81.07 72.72 13.98
N ASP QA 11 -80.52 73.91 14.16
CA ASP QA 11 -81.21 75.11 13.74
C ASP QA 11 -81.20 75.18 12.22
N ILE QA 12 -82.38 75.18 11.61
CA ILE QA 12 -82.45 75.20 10.15
C ILE QA 12 -82.93 76.58 9.70
N PRO QA 13 -82.51 77.04 8.53
CA PRO QA 13 -82.93 78.36 8.06
C PRO QA 13 -84.43 78.42 7.81
N GLU QA 14 -84.91 79.66 7.70
CA GLU QA 14 -86.33 79.95 7.52
C GLU QA 14 -86.78 79.81 6.07
N ASN QA 15 -85.85 79.70 5.13
CA ASN QA 15 -86.20 79.47 3.73
C ASN QA 15 -86.43 78.01 3.42
N VAL QA 16 -86.25 77.13 4.40
CA VAL QA 16 -86.26 75.69 4.18
C VAL QA 16 -87.37 75.06 5.01
N ASP QA 17 -88.05 74.10 4.41
CA ASP QA 17 -89.00 73.25 5.11
C ASP QA 17 -88.43 71.85 5.13
N ILE QA 18 -88.43 71.21 6.31
CA ILE QA 18 -87.97 69.84 6.42
C ILE QA 18 -89.08 69.02 7.03
N SER QA 19 -89.38 67.89 6.40
CA SER QA 19 -90.33 66.93 6.93
C SER QA 19 -89.61 65.61 7.12
N LEU QA 20 -90.15 64.78 8.01
CA LEU QA 20 -89.48 63.52 8.31
C LEU QA 20 -90.54 62.49 8.68
N LYS QA 21 -90.58 61.38 7.95
CA LYS QA 21 -91.45 60.27 8.28
C LYS QA 21 -90.68 59.33 9.19
N GLY QA 22 -90.65 59.71 10.46
CA GLY QA 22 -89.96 58.92 11.46
C GLY QA 22 -88.46 59.10 11.36
N ARG QA 23 -87.85 58.50 10.33
CA ARG QA 23 -86.41 58.59 10.16
C ARG QA 23 -86.01 58.73 8.69
N THR QA 24 -86.86 59.36 7.88
CA THR QA 24 -86.56 59.64 6.49
C THR QA 24 -86.70 61.15 6.30
N VAL QA 25 -85.64 61.89 6.62
CA VAL QA 25 -85.67 63.34 6.55
C VAL QA 25 -85.72 63.78 5.10
N ILE QA 26 -86.71 64.59 4.76
CA ILE QA 26 -86.84 65.15 3.42
C ILE QA 26 -86.72 66.68 3.53
N VAL QA 27 -85.67 67.22 2.93
CA VAL QA 27 -85.36 68.65 3.02
C VAL QA 27 -85.59 69.26 1.64
N LYS QA 28 -86.22 70.43 1.61
CA LYS QA 28 -86.53 71.10 0.36
C LYS QA 28 -86.19 72.58 0.48
N GLY QA 29 -85.46 73.08 -0.50
CA GLY QA 29 -85.03 74.47 -0.49
C GLY QA 29 -85.17 75.12 -1.84
N PRO QA 30 -84.40 76.17 -2.08
CA PRO QA 30 -84.49 76.87 -3.38
C PRO QA 30 -84.10 76.03 -4.57
N ARG QA 31 -83.33 74.95 -4.37
CA ARG QA 31 -82.76 74.19 -5.47
C ARG QA 31 -83.38 72.82 -5.68
N GLY QA 32 -84.23 72.36 -4.76
CA GLY QA 32 -84.84 71.05 -4.93
C GLY QA 32 -85.10 70.34 -3.62
N THR QA 33 -85.21 69.01 -3.66
CA THR QA 33 -85.49 68.22 -2.47
C THR QA 33 -84.43 67.15 -2.31
N LEU QA 34 -84.26 66.69 -1.07
CA LEU QA 34 -83.33 65.62 -0.76
C LEU QA 34 -83.98 64.68 0.24
N ARG QA 35 -83.88 63.37 -0.03
CA ARG QA 35 -84.38 62.36 0.89
C ARG QA 35 -83.24 61.49 1.38
N ARG QA 36 -83.14 61.33 2.69
CA ARG QA 36 -82.13 60.48 3.30
C ARG QA 36 -82.80 59.55 4.30
N ASP QA 37 -82.37 58.30 4.32
CA ASP QA 37 -82.96 57.30 5.20
C ASP QA 37 -81.95 56.95 6.29
N PHE QA 38 -82.30 57.27 7.53
CA PHE QA 38 -81.49 56.92 8.70
C PHE QA 38 -82.17 55.72 9.35
N ASN QA 39 -81.90 54.54 8.83
CA ASN QA 39 -82.43 53.31 9.39
C ASN QA 39 -81.29 52.47 9.93
N HIS QA 40 -81.59 51.62 10.89
CA HIS QA 40 -80.59 50.80 11.58
C HIS QA 40 -79.59 51.70 12.32
N ILE QA 41 -80.02 52.90 12.67
CA ILE QA 41 -79.16 53.85 13.36
C ILE QA 41 -79.68 54.25 14.73
N ASN QA 42 -80.97 54.04 15.04
CA ASN QA 42 -81.51 54.12 16.39
C ASN QA 42 -81.27 55.48 17.03
N VAL QA 43 -81.90 56.49 16.43
CA VAL QA 43 -82.01 57.81 17.05
C VAL QA 43 -83.44 58.29 16.83
N GLU QA 44 -84.02 58.88 17.87
CA GLU QA 44 -85.35 59.47 17.78
C GLU QA 44 -85.19 60.94 17.40
N LEU QA 45 -85.84 61.34 16.32
CA LEU QA 45 -85.72 62.69 15.81
C LEU QA 45 -87.00 63.45 16.10
N SER QA 46 -86.85 64.66 16.62
CA SER QA 46 -87.97 65.55 16.89
C SER QA 46 -87.77 66.86 16.16
N LEU QA 47 -88.84 67.65 16.10
CA LEU QA 47 -88.82 68.91 15.36
C LEU QA 47 -89.71 69.90 16.09
N LEU QA 48 -89.14 71.05 16.46
CA LEU QA 48 -89.81 72.00 17.35
C LEU QA 48 -90.04 73.33 16.64
N GLY QA 49 -91.12 74.00 17.01
CA GLY QA 49 -91.23 75.41 16.76
C GLY QA 49 -91.94 75.76 15.46
N LYS QA 50 -92.44 76.99 15.41
CA LYS QA 50 -93.09 77.52 14.21
C LYS QA 50 -92.10 77.63 13.06
N LYS QA 51 -92.63 77.51 11.83
CA LYS QA 51 -91.85 77.47 10.60
C LYS QA 51 -90.81 76.35 10.60
N LYS QA 52 -90.93 75.38 11.51
CA LYS QA 52 -89.90 74.37 11.75
C LYS QA 52 -88.56 75.04 12.03
N LYS QA 53 -88.52 75.76 13.15
CA LYS QA 53 -87.31 76.50 13.46
C LYS QA 53 -86.13 75.57 13.72
N ARG QA 54 -86.31 74.56 14.57
CA ARG QA 54 -85.20 73.72 14.97
C ARG QA 54 -85.55 72.24 14.88
N LEU QA 55 -84.61 71.46 14.36
CA LEU QA 55 -84.67 70.00 14.39
C LEU QA 55 -83.90 69.56 15.61
N ARG QA 56 -84.48 68.66 16.39
CA ARG QA 56 -83.82 68.12 17.57
C ARG QA 56 -83.72 66.61 17.44
N VAL QA 57 -82.49 66.11 17.42
CA VAL QA 57 -82.24 64.68 17.47
C VAL QA 57 -82.16 64.29 18.93
N ASP QA 58 -82.27 62.99 19.20
CA ASP QA 58 -82.24 62.49 20.57
C ASP QA 58 -81.64 61.10 20.58
N LYS QA 59 -81.12 60.71 21.73
CA LYS QA 59 -80.52 59.39 21.86
C LYS QA 59 -80.50 59.02 23.34
N TRP QA 60 -81.29 58.02 23.73
CA TRP QA 60 -81.36 57.56 25.10
C TRP QA 60 -80.58 56.26 25.27
N TRP QA 61 -79.95 56.12 26.43
CA TRP QA 61 -79.28 54.88 26.83
C TRP QA 61 -78.29 54.41 25.75
N GLY QA 62 -77.25 55.21 25.53
CA GLY QA 62 -76.31 54.87 24.49
C GLY QA 62 -74.86 54.79 24.93
N ASN QA 63 -74.22 53.64 24.71
CA ASN QA 63 -72.81 53.49 25.01
C ASN QA 63 -72.00 54.21 23.95
N ARG QA 64 -70.68 54.07 23.99
CA ARG QA 64 -69.81 55.01 23.28
C ARG QA 64 -69.99 54.91 21.77
N LYS QA 65 -69.71 53.75 21.19
CA LYS QA 65 -69.85 53.63 19.74
C LYS QA 65 -71.28 53.87 19.29
N GLU QA 66 -72.26 53.58 20.13
CA GLU QA 66 -73.65 53.84 19.79
C GLU QA 66 -74.05 55.28 20.07
N LEU QA 67 -73.19 56.05 20.72
CA LEU QA 67 -73.49 57.44 21.01
C LEU QA 67 -72.97 58.38 19.93
N ALA QA 68 -71.81 58.08 19.39
CA ALA QA 68 -71.20 59.01 18.45
C ALA QA 68 -71.96 59.17 17.17
N THR QA 69 -73.13 58.56 16.97
CA THR QA 69 -73.91 58.79 15.77
C THR QA 69 -74.94 59.89 15.93
N VAL QA 70 -75.15 60.42 17.14
CA VAL QA 70 -76.12 61.49 17.30
C VAL QA 70 -75.65 62.74 16.57
N ARG QA 71 -74.34 63.00 16.59
CA ARG QA 71 -73.82 64.14 15.85
C ARG QA 71 -73.73 63.85 14.36
N THR QA 72 -73.43 62.61 13.98
CA THR QA 72 -73.34 62.30 12.56
C THR QA 72 -74.67 62.51 11.87
N ILE QA 73 -75.77 62.15 12.53
CA ILE QA 73 -77.10 62.47 11.99
C ILE QA 73 -77.26 63.97 11.85
N CYS QA 74 -76.83 64.71 12.87
CA CYS QA 74 -76.84 66.17 12.79
C CYS QA 74 -75.97 66.67 11.67
N SER QA 75 -74.77 66.11 11.52
CA SER QA 75 -73.81 66.68 10.59
C SER QA 75 -74.23 66.49 9.14
N HIS QA 76 -74.85 65.35 8.81
CA HIS QA 76 -75.30 65.14 7.45
C HIS QA 76 -76.42 66.09 7.07
N VAL QA 77 -77.37 66.32 7.99
CA VAL QA 77 -78.47 67.23 7.71
C VAL QA 77 -77.95 68.61 7.35
N GLN QA 78 -76.94 69.08 8.08
CA GLN QA 78 -76.31 70.36 7.72
C GLN QA 78 -75.87 70.37 6.27
N ASN QA 79 -75.33 69.25 5.80
CA ASN QA 79 -74.94 69.14 4.40
C ASN QA 79 -76.17 69.01 3.52
N MET QA 80 -77.31 68.61 4.10
CA MET QA 80 -78.54 68.57 3.33
C MET QA 80 -79.26 69.91 3.40
N ILE QA 81 -79.01 70.68 4.45
CA ILE QA 81 -79.42 72.08 4.47
C ILE QA 81 -78.60 72.89 3.48
N LYS QA 82 -77.27 72.89 3.67
CA LYS QA 82 -76.42 73.70 2.83
C LYS QA 82 -76.51 73.30 1.37
N GLY QA 83 -76.51 72.00 1.09
CA GLY QA 83 -76.51 71.56 -0.29
C GLY QA 83 -77.73 72.00 -1.07
N VAL QA 84 -78.84 72.24 -0.38
CA VAL QA 84 -80.06 72.56 -1.10
C VAL QA 84 -80.27 74.07 -1.18
N THR QA 85 -79.81 74.83 -0.19
CA THR QA 85 -79.92 76.28 -0.28
C THR QA 85 -78.83 76.86 -1.16
N LEU QA 86 -77.57 76.60 -0.80
CA LEU QA 86 -76.46 77.14 -1.57
C LEU QA 86 -76.18 76.29 -2.81
N GLY QA 87 -75.90 75.01 -2.62
CA GLY QA 87 -75.50 74.16 -3.72
C GLY QA 87 -73.99 74.11 -3.84
N PHE QA 88 -73.44 72.91 -4.02
CA PHE QA 88 -72.00 72.71 -3.91
C PHE QA 88 -71.32 72.92 -5.25
N ARG QA 89 -70.13 73.50 -5.21
CA ARG QA 89 -69.22 73.47 -6.34
C ARG QA 89 -67.90 72.89 -5.85
N TYR QA 90 -67.39 71.88 -6.54
CA TYR QA 90 -66.11 71.29 -6.21
C TYR QA 90 -65.16 71.58 -7.35
N LYS QA 91 -64.30 72.58 -7.17
CA LYS QA 91 -63.33 72.95 -8.17
C LYS QA 91 -62.17 71.96 -8.12
N MET QA 92 -61.66 71.60 -9.29
CA MET QA 92 -60.60 70.60 -9.33
C MET QA 92 -59.73 70.84 -10.54
N ARG QA 93 -58.43 70.92 -10.31
CA ARG QA 93 -57.44 71.34 -11.29
C ARG QA 93 -56.72 70.14 -11.89
N SER QA 94 -56.35 70.26 -13.16
CA SER QA 94 -55.60 69.24 -13.86
C SER QA 94 -54.13 69.63 -13.90
N VAL QA 95 -53.29 68.84 -13.25
CA VAL QA 95 -51.84 69.03 -13.26
C VAL QA 95 -51.27 68.15 -14.36
N TYR QA 96 -50.48 68.74 -15.25
CA TYR QA 96 -49.81 67.99 -16.28
C TYR QA 96 -48.42 68.55 -16.50
N ALA QA 97 -47.44 67.64 -16.55
CA ALA QA 97 -46.08 68.02 -16.91
C ALA QA 97 -45.60 67.38 -18.19
N HIS QA 98 -46.16 66.24 -18.60
CA HIS QA 98 -45.76 65.62 -19.85
C HIS QA 98 -46.23 66.49 -21.00
N PHE QA 99 -47.54 66.53 -21.20
CA PHE QA 99 -48.21 67.19 -22.33
C PHE QA 99 -49.72 67.10 -22.07
N PRO QA 100 -50.53 67.88 -22.77
CA PRO QA 100 -51.79 68.34 -22.17
C PRO QA 100 -52.75 67.21 -21.84
N ILE QA 101 -53.47 67.40 -20.74
CA ILE QA 101 -54.67 66.60 -20.47
C ILE QA 101 -55.78 67.14 -21.35
N ASN QA 102 -56.41 66.26 -22.11
CA ASN QA 102 -57.42 66.68 -23.08
C ASN QA 102 -58.77 66.16 -22.60
N VAL QA 103 -59.42 66.92 -21.73
CA VAL QA 103 -60.70 66.57 -21.14
C VAL QA 103 -61.82 67.29 -21.89
N VAL QA 104 -62.82 66.54 -22.32
CA VAL QA 104 -63.97 67.10 -23.01
C VAL QA 104 -65.24 66.44 -22.46
N ILE QA 105 -66.24 67.26 -22.19
CA ILE QA 105 -67.47 66.78 -21.57
C ILE QA 105 -68.40 66.31 -22.67
N GLN QA 106 -68.40 65.01 -22.95
CA GLN QA 106 -69.09 64.45 -24.11
C GLN QA 106 -70.57 64.73 -24.09
N GLU QA 107 -71.19 64.84 -22.91
CA GLU QA 107 -72.63 64.97 -22.82
C GLU QA 107 -72.92 66.08 -21.81
N ASN QA 108 -74.18 66.21 -21.39
CA ASN QA 108 -74.57 67.22 -20.40
C ASN QA 108 -73.65 67.18 -19.19
N GLY QA 109 -73.64 66.08 -18.46
CA GLY QA 109 -72.90 66.01 -17.21
C GLY QA 109 -72.24 64.68 -16.98
N SER QA 110 -71.82 64.01 -18.05
CA SER QA 110 -71.29 62.66 -17.92
C SER QA 110 -70.36 62.38 -19.08
N LEU QA 111 -69.68 61.24 -19.01
CA LEU QA 111 -68.71 60.80 -20.01
C LEU QA 111 -67.60 61.85 -20.17
N VAL QA 112 -66.86 62.01 -19.08
CA VAL QA 112 -65.77 62.98 -19.02
C VAL QA 112 -64.51 62.31 -19.55
N GLU QA 113 -64.36 62.29 -20.87
CA GLU QA 113 -63.25 61.62 -21.54
C GLU QA 113 -61.95 62.35 -21.24
N ILE QA 114 -60.89 61.58 -21.03
CA ILE QA 114 -59.60 62.14 -20.60
C ILE QA 114 -58.54 61.55 -21.53
N ARG QA 115 -58.17 62.30 -22.57
CA ARG QA 115 -57.23 61.82 -23.57
C ARG QA 115 -55.81 62.31 -23.28
N ASN QA 116 -54.85 61.66 -23.95
CA ASN QA 116 -53.45 62.07 -23.98
C ASN QA 116 -52.85 62.19 -22.58
N PHE QA 117 -53.43 61.48 -21.61
CA PHE QA 117 -52.92 61.46 -20.26
C PHE QA 117 -51.62 60.69 -20.22
N LEU QA 118 -50.54 61.35 -19.77
CA LEU QA 118 -49.20 60.75 -19.75
C LEU QA 118 -48.74 60.28 -21.12
N GLY QA 119 -49.37 60.74 -22.19
CA GLY QA 119 -49.05 60.25 -23.51
C GLY QA 119 -49.82 59.01 -23.93
N GLU QA 120 -50.67 58.48 -23.06
CA GLU QA 120 -51.43 57.29 -23.40
C GLU QA 120 -52.40 57.56 -24.54
N LYS QA 121 -52.74 56.50 -25.27
CA LYS QA 121 -53.73 56.58 -26.33
C LYS QA 121 -55.10 56.12 -25.87
N TYR QA 122 -55.25 55.82 -24.58
CA TYR QA 122 -56.53 55.35 -24.04
C TYR QA 122 -57.39 56.55 -23.67
N ILE QA 123 -58.69 56.42 -23.90
CA ILE QA 123 -59.64 57.50 -23.64
C ILE QA 123 -60.40 57.15 -22.36
N ARG QA 124 -59.89 57.61 -21.23
CA ARG QA 124 -60.44 57.24 -19.94
C ARG QA 124 -61.76 57.98 -19.72
N ARG QA 125 -62.87 57.29 -19.91
CA ARG QA 125 -64.19 57.89 -19.77
C ARG QA 125 -64.77 57.53 -18.40
N VAL QA 126 -65.39 58.52 -17.76
CA VAL QA 126 -65.97 58.36 -16.43
C VAL QA 126 -67.37 58.94 -16.44
N ARG QA 127 -68.30 58.26 -15.78
CA ARG QA 127 -69.70 58.68 -15.72
C ARG QA 127 -70.01 59.17 -14.32
N MET QA 128 -70.47 60.41 -14.21
CA MET QA 128 -70.78 60.98 -12.92
C MET QA 128 -72.05 60.37 -12.35
N ARG QA 129 -72.22 60.54 -11.04
CA ARG QA 129 -73.41 60.09 -10.36
C ARG QA 129 -74.60 60.88 -10.88
N PRO QA 130 -75.81 60.33 -10.78
CA PRO QA 130 -77.00 61.07 -11.26
C PRO QA 130 -77.13 62.41 -10.54
N GLY QA 131 -77.50 63.43 -11.30
CA GLY QA 131 -77.74 64.73 -10.72
C GLY QA 131 -76.51 65.57 -10.47
N VAL QA 132 -75.33 65.10 -10.86
CA VAL QA 132 -74.10 65.87 -10.74
C VAL QA 132 -73.64 66.24 -12.13
N ALA QA 133 -73.56 67.54 -12.41
CA ALA QA 133 -73.27 68.03 -13.75
C ALA QA 133 -71.84 68.55 -13.82
N CYS QA 134 -71.11 68.14 -14.85
CA CYS QA 134 -69.72 68.52 -15.02
C CYS QA 134 -69.59 69.49 -16.18
N SER QA 135 -68.88 70.60 -15.93
CA SER QA 135 -68.62 71.57 -16.97
C SER QA 135 -67.15 71.97 -16.93
N VAL QA 136 -66.57 72.18 -18.11
CA VAL QA 136 -65.20 72.63 -18.24
C VAL QA 136 -65.16 74.14 -17.99
N SER QA 137 -64.32 74.56 -17.06
CA SER QA 137 -64.38 75.93 -16.55
C SER QA 137 -64.08 76.93 -17.65
N GLN QA 138 -65.04 77.83 -17.89
CA GLN QA 138 -64.78 79.01 -18.68
C GLN QA 138 -63.94 80.03 -17.92
N ALA QA 139 -63.91 79.94 -16.59
CA ALA QA 139 -63.17 80.86 -15.76
C ALA QA 139 -61.66 80.64 -15.79
N GLN QA 140 -61.20 79.39 -15.84
CA GLN QA 140 -59.78 79.12 -15.87
C GLN QA 140 -59.48 78.09 -16.96
N LYS QA 141 -58.21 78.05 -17.36
CA LYS QA 141 -57.83 77.27 -18.53
C LYS QA 141 -57.97 75.77 -18.28
N ASP QA 142 -57.60 75.29 -17.09
CA ASP QA 142 -57.68 73.86 -16.77
C ASP QA 142 -58.36 73.68 -15.41
N GLU QA 143 -59.69 73.67 -15.42
CA GLU QA 143 -60.47 73.23 -14.27
C GLU QA 143 -61.77 72.64 -14.77
N LEU QA 144 -62.22 71.59 -14.11
CA LEU QA 144 -63.60 71.13 -14.23
C LEU QA 144 -64.39 71.67 -13.04
N VAL QA 145 -65.70 71.69 -13.16
CA VAL QA 145 -66.58 72.13 -12.09
C VAL QA 145 -67.69 71.11 -11.95
N LEU QA 146 -67.90 70.62 -10.74
CA LEU QA 146 -68.98 69.70 -10.43
C LEU QA 146 -69.98 70.43 -9.54
N GLU QA 147 -71.17 70.67 -10.05
CA GLU QA 147 -72.24 71.25 -9.26
C GLU QA 147 -73.29 70.19 -8.96
N GLY QA 148 -73.76 70.17 -7.72
CA GLY QA 148 -74.83 69.26 -7.35
C GLY QA 148 -75.31 69.58 -5.97
N ASN QA 149 -76.51 69.08 -5.66
CA ASN QA 149 -77.18 69.37 -4.41
C ASN QA 149 -77.10 68.20 -3.44
N ASP QA 150 -75.99 67.47 -3.41
CA ASP QA 150 -75.78 66.39 -2.45
C ASP QA 150 -74.30 66.13 -2.34
N ILE QA 151 -73.77 66.18 -1.11
CA ILE QA 151 -72.33 66.09 -0.95
C ILE QA 151 -71.82 64.69 -1.30
N GLU QA 152 -72.55 63.64 -0.90
CA GLU QA 152 -72.05 62.30 -1.15
C GLU QA 152 -71.92 62.01 -2.64
N LEU QA 153 -72.91 62.43 -3.43
CA LEU QA 153 -72.80 62.21 -4.87
C LEU QA 153 -71.84 63.20 -5.54
N VAL QA 154 -71.79 64.44 -5.04
CA VAL QA 154 -70.84 65.40 -5.60
C VAL QA 154 -69.42 65.01 -5.27
N SER QA 155 -69.15 64.69 -4.01
CA SER QA 155 -67.78 64.45 -3.59
C SER QA 155 -67.27 63.12 -4.12
N ASN QA 156 -68.10 62.09 -4.11
CA ASN QA 156 -67.67 60.81 -4.66
C ASN QA 156 -67.36 60.93 -6.14
N SER QA 157 -68.25 61.57 -6.90
CA SER QA 157 -68.04 61.66 -8.35
C SER QA 157 -66.77 62.43 -8.68
N ALA QA 158 -66.28 63.23 -7.75
CA ALA QA 158 -64.98 63.87 -7.96
C ALA QA 158 -63.84 62.88 -7.73
N ALA QA 159 -63.97 62.03 -6.74
CA ALA QA 159 -62.91 61.07 -6.44
C ALA QA 159 -62.69 60.12 -7.61
N LEU QA 160 -63.73 59.83 -8.40
CA LEU QA 160 -63.55 58.94 -9.53
C LEU QA 160 -62.57 59.50 -10.54
N ILE QA 161 -62.90 60.64 -11.15
CA ILE QA 161 -62.04 61.20 -12.18
C ILE QA 161 -60.67 61.55 -11.61
N GLN QA 162 -60.58 61.84 -10.32
CA GLN QA 162 -59.26 61.95 -9.71
C GLN QA 162 -58.56 60.60 -9.67
N GLN QA 163 -59.27 59.57 -9.20
CA GLN QA 163 -58.67 58.25 -9.07
C GLN QA 163 -58.54 57.54 -10.42
N ALA QA 164 -59.38 57.90 -11.40
CA ALA QA 164 -59.32 57.25 -12.70
C ALA QA 164 -58.10 57.68 -13.50
N THR QA 165 -57.37 58.70 -13.05
CA THR QA 165 -56.12 59.10 -13.67
C THR QA 165 -55.02 58.85 -12.65
N THR QA 166 -54.49 57.63 -12.64
CA THR QA 166 -53.49 57.22 -11.69
C THR QA 166 -52.28 56.71 -12.45
N VAL QA 167 -51.11 57.23 -12.13
CA VAL QA 167 -49.86 56.74 -12.70
C VAL QA 167 -49.52 55.41 -12.06
N LYS QA 168 -49.06 54.48 -12.89
CA LYS QA 168 -48.80 53.11 -12.45
C LYS QA 168 -47.37 52.72 -12.81
N ASN QA 169 -46.72 52.02 -11.89
CA ASN QA 169 -45.37 51.48 -12.10
C ASN QA 169 -44.31 52.57 -12.23
N LYS QA 170 -44.55 53.74 -11.66
CA LYS QA 170 -43.59 54.83 -11.74
C LYS QA 170 -43.49 55.52 -10.39
N ASP QA 171 -42.40 56.25 -10.22
CA ASP QA 171 -42.16 56.97 -8.98
C ASP QA 171 -43.23 58.04 -8.81
N ILE QA 172 -44.13 57.82 -7.85
CA ILE QA 172 -45.27 58.73 -7.69
C ILE QA 172 -44.81 60.12 -7.31
N ARG QA 173 -43.79 60.21 -6.45
CA ARG QA 173 -43.25 61.50 -6.04
C ARG QA 173 -42.48 62.19 -7.15
N LYS QA 174 -42.43 61.61 -8.35
CA LYS QA 174 -41.78 62.25 -9.49
C LYS QA 174 -42.76 62.55 -10.62
N PHE QA 175 -43.66 61.61 -10.92
CA PHE QA 175 -44.65 61.82 -11.97
C PHE QA 175 -45.88 62.45 -11.33
N LEU QA 176 -45.77 63.73 -11.04
CA LEU QA 176 -46.83 64.50 -10.42
C LEU QA 176 -47.74 65.04 -11.52
N ASP QA 177 -48.76 64.26 -11.89
CA ASP QA 177 -49.78 64.78 -12.79
C ASP QA 177 -51.03 63.93 -12.67
N GLY QA 178 -52.12 64.45 -13.22
CA GLY QA 178 -53.43 63.87 -13.06
C GLY QA 178 -54.47 64.95 -12.89
N ILE QA 179 -55.53 64.66 -12.17
CA ILE QA 179 -56.57 65.63 -11.88
C ILE QA 179 -56.83 65.56 -10.37
N TYR QA 180 -56.63 66.67 -9.68
CA TYR QA 180 -56.70 66.68 -8.22
C TYR QA 180 -57.60 67.81 -7.73
N VAL QA 181 -58.49 67.49 -6.79
CA VAL QA 181 -59.42 68.46 -6.26
C VAL QA 181 -58.68 69.63 -5.62
N SER QA 182 -59.18 70.84 -5.84
CA SER QA 182 -58.58 72.04 -5.28
C SER QA 182 -59.49 72.75 -4.28
N GLU QA 183 -60.68 73.17 -4.71
CA GLU QA 183 -61.51 74.07 -3.94
C GLU QA 183 -62.88 73.44 -3.70
N LYS QA 184 -63.40 73.59 -2.49
CA LYS QA 184 -64.66 72.97 -2.07
C LYS QA 184 -65.59 74.05 -1.52
N GLY QA 185 -66.33 74.72 -2.39
CA GLY QA 185 -67.15 75.84 -1.98
C GLY QA 185 -68.64 75.60 -2.12
N THR QA 186 -69.39 76.66 -2.42
CA THR QA 186 -70.81 76.57 -2.72
C THR QA 186 -71.13 77.38 -3.98
N VAL QA 187 -72.35 77.21 -4.48
CA VAL QA 187 -72.74 77.89 -5.72
C VAL QA 187 -72.91 79.38 -5.48
N GLN QA 188 -73.66 79.76 -4.46
CA GLN QA 188 -73.68 81.14 -3.97
C GLN QA 188 -73.16 81.14 -2.54
N GLN QA 189 -72.13 81.94 -2.28
CA GLN QA 189 -71.34 81.79 -1.07
C GLN QA 189 -71.47 82.98 -0.12
N ALA QA 190 -71.24 84.20 -0.60
CA ALA QA 190 -71.23 85.37 0.27
C ALA QA 190 -72.01 86.53 -0.34
N THR RA 1 -23.17 8.55 21.72
CA THR RA 1 -22.64 7.51 22.59
C THR RA 1 -23.75 6.53 23.00
N GLY RA 2 -24.98 6.89 22.64
CA GLY RA 2 -26.13 6.02 22.85
C GLY RA 2 -26.84 6.19 24.17
N MET RA 3 -26.52 7.23 24.94
CA MET RA 3 -27.06 7.48 26.27
C MET RA 3 -26.72 6.38 27.27
N ARG RA 4 -25.79 5.49 26.93
CA ARG RA 4 -25.26 4.58 27.93
C ARG RA 4 -24.36 5.36 28.86
N GLY RA 5 -24.96 6.08 29.80
CA GLY RA 5 -24.23 6.90 30.74
C GLY RA 5 -24.26 8.35 30.31
N ALA RA 6 -25.20 9.12 30.87
CA ALA RA 6 -25.42 10.49 30.43
C ALA RA 6 -25.51 11.38 31.67
N PHE RA 7 -24.36 11.85 32.13
CA PHE RA 7 -24.28 12.95 33.08
C PHE RA 7 -23.60 14.09 32.36
N GLY RA 8 -24.24 15.24 32.32
CA GLY RA 8 -23.72 16.35 31.56
C GLY RA 8 -22.45 16.92 32.15
N LYS RA 9 -21.66 17.54 31.28
CA LYS RA 9 -20.48 18.25 31.72
C LYS RA 9 -20.73 19.75 31.58
N PRO RA 10 -20.21 20.57 32.51
CA PRO RA 10 -20.73 21.92 32.68
C PRO RA 10 -20.46 22.82 31.48
N GLN RA 11 -21.38 23.76 31.26
CA GLN RA 11 -21.12 24.90 30.40
C GLN RA 11 -22.05 26.03 30.80
N GLY RA 12 -21.54 27.25 30.73
CA GLY RA 12 -22.34 28.40 31.10
C GLY RA 12 -22.63 28.46 32.58
N THR RA 13 -23.19 29.57 33.04
CA THR RA 13 -23.50 29.72 34.45
C THR RA 13 -24.76 30.55 34.58
N VAL RA 14 -25.65 30.15 35.48
CA VAL RA 14 -26.97 30.74 35.58
C VAL RA 14 -27.18 31.20 37.02
N ALA RA 15 -28.07 32.17 37.20
CA ALA RA 15 -28.49 32.63 38.51
C ALA RA 15 -30.00 32.58 38.63
N ARG RA 16 -30.49 32.26 39.82
CA ARG RA 16 -31.91 32.07 40.06
C ARG RA 16 -32.51 33.27 40.77
N VAL RA 17 -33.79 33.51 40.52
CA VAL RA 17 -34.54 34.60 41.15
C VAL RA 17 -35.83 34.05 41.72
N HIS RA 18 -36.16 34.46 42.94
CA HIS RA 18 -37.45 34.11 43.51
C HIS RA 18 -38.42 35.27 43.30
N ILE RA 19 -39.71 34.98 43.45
CA ILE RA 19 -40.71 36.03 43.30
C ILE RA 19 -40.50 37.08 44.36
N GLY RA 20 -40.11 38.27 43.96
CA GLY RA 20 -39.76 39.34 44.87
C GLY RA 20 -38.29 39.65 44.96
N GLN RA 21 -37.44 38.81 44.37
CA GLN RA 21 -36.01 39.11 44.33
C GLN RA 21 -35.77 40.35 43.49
N VAL RA 22 -34.66 41.03 43.76
CA VAL RA 22 -34.34 42.29 43.11
C VAL RA 22 -33.17 42.04 42.17
N ILE RA 23 -33.41 42.16 40.87
CA ILE RA 23 -32.38 41.85 39.88
C ILE RA 23 -31.34 42.95 39.81
N MET RA 24 -31.76 44.16 39.46
CA MET RA 24 -30.84 45.23 39.13
C MET RA 24 -31.27 46.48 39.87
N SER RA 25 -30.30 47.30 40.24
CA SER RA 25 -30.60 48.46 41.08
C SER RA 25 -29.70 49.63 40.70
N ILE RA 26 -30.29 50.83 40.70
CA ILE RA 26 -29.65 52.04 40.19
C ILE RA 26 -29.82 53.17 41.19
N ARG RA 27 -28.75 53.92 41.42
CA ARG RA 27 -28.79 55.14 42.22
C ARG RA 27 -28.64 56.36 41.33
N THR RA 28 -29.26 57.46 41.73
CA THR RA 28 -29.27 58.69 40.92
C THR RA 28 -29.79 59.83 41.78
N LYS RA 29 -29.71 61.04 41.23
CA LYS RA 29 -30.30 62.20 41.88
C LYS RA 29 -31.83 62.12 41.80
N LEU RA 30 -32.48 62.86 42.70
CA LEU RA 30 -33.94 62.83 42.74
C LEU RA 30 -34.57 63.44 41.49
N GLN RA 31 -33.83 64.28 40.76
CA GLN RA 31 -34.36 64.89 39.55
C GLN RA 31 -34.35 63.96 38.35
N ASN RA 32 -33.74 62.78 38.46
CA ASN RA 32 -33.66 61.83 37.36
C ASN RA 32 -34.61 60.65 37.55
N LYS RA 33 -35.81 60.91 38.06
CA LYS RA 33 -36.79 59.83 38.21
C LYS RA 33 -37.07 59.16 36.88
N GLU RA 34 -37.36 59.94 35.85
CA GLU RA 34 -37.75 59.33 34.57
C GLU RA 34 -36.58 58.61 33.90
N HIS RA 35 -35.36 59.11 34.07
CA HIS RA 35 -34.23 58.46 33.42
C HIS RA 35 -34.02 57.05 33.96
N VAL RA 36 -34.31 56.84 35.24
CA VAL RA 36 -34.22 55.50 35.81
C VAL RA 36 -35.36 54.63 35.31
N VAL RA 37 -36.59 55.16 35.38
CA VAL RA 37 -37.77 54.30 35.24
C VAL RA 37 -37.84 53.70 33.85
N GLU RA 38 -37.31 54.40 32.85
CA GLU RA 38 -37.44 53.87 31.51
C GLU RA 38 -36.16 53.19 31.05
N ALA RA 39 -35.00 53.54 31.62
CA ALA RA 39 -33.81 52.78 31.28
C ALA RA 39 -33.94 51.34 31.72
N LEU RA 40 -34.63 51.11 32.85
CA LEU RA 40 -34.84 49.74 33.30
C LEU RA 40 -35.76 48.97 32.36
N ARG RA 41 -36.84 49.58 31.86
CA ARG RA 41 -37.65 48.87 30.86
C ARG RA 41 -36.86 48.65 29.58
N ARG RA 42 -35.89 49.53 29.29
CA ARG RA 42 -34.98 49.24 28.20
C ARG RA 42 -34.14 48.01 28.50
N ALA RA 43 -33.78 47.83 29.77
CA ALA RA 43 -33.05 46.62 30.16
C ALA RA 43 -33.98 45.42 30.25
N LYS RA 44 -35.25 45.65 30.55
CA LYS RA 44 -36.19 44.56 30.77
C LYS RA 44 -36.31 43.63 29.57
N PHE RA 45 -35.94 44.10 28.39
CA PHE RA 45 -36.13 43.32 27.18
C PHE RA 45 -35.08 42.23 27.01
N LYS RA 46 -33.97 42.29 27.75
CA LYS RA 46 -32.95 41.26 27.68
C LYS RA 46 -33.08 40.22 28.79
N PHE RA 47 -34.30 39.92 29.22
CA PHE RA 47 -34.57 38.98 30.29
C PHE RA 47 -35.79 38.14 29.97
N PRO RA 48 -35.75 36.84 30.21
CA PRO RA 48 -36.96 36.04 30.07
C PRO RA 48 -38.01 36.47 31.07
N GLY RA 49 -39.27 36.37 30.67
CA GLY RA 49 -40.34 36.72 31.57
C GLY RA 49 -40.50 38.22 31.73
N ARG RA 50 -41.30 38.59 32.74
CA ARG RA 50 -41.66 39.98 32.97
C ARG RA 50 -41.26 40.41 34.38
N GLN RA 51 -40.73 41.61 34.49
CA GLN RA 51 -40.26 42.17 35.75
C GLN RA 51 -40.92 43.51 36.01
N LYS RA 52 -41.45 43.70 37.21
CA LYS RA 52 -41.98 44.99 37.61
C LYS RA 52 -40.85 45.97 37.90
N ILE RA 53 -41.13 47.25 37.68
CA ILE RA 53 -40.19 48.32 37.94
C ILE RA 53 -40.86 49.35 38.84
N HIS RA 54 -40.22 49.65 39.97
CA HIS RA 54 -40.71 50.71 40.83
C HIS RA 54 -39.53 51.37 41.52
N ILE RA 55 -39.76 52.57 42.02
CA ILE RA 55 -38.72 53.35 42.68
C ILE RA 55 -38.82 53.13 44.18
N SER RA 56 -37.70 52.78 44.80
CA SER RA 56 -37.72 52.36 46.18
C SER RA 56 -37.99 53.52 47.12
N LYS RA 57 -38.38 53.16 48.35
CA LYS RA 57 -38.57 54.10 49.45
C LYS RA 57 -37.31 54.21 50.30
N LYS RA 58 -36.24 53.53 49.89
CA LYS RA 58 -35.04 53.38 50.69
C LYS RA 58 -33.98 54.34 50.17
N TRP RA 59 -33.49 55.22 51.05
CA TRP RA 59 -32.53 56.22 50.65
C TRP RA 59 -31.25 55.56 50.16
N GLY RA 60 -30.90 55.79 48.89
CA GLY RA 60 -29.68 55.24 48.34
C GLY RA 60 -29.71 53.73 48.38
N PHE RA 61 -28.54 53.14 48.62
CA PHE RA 61 -28.42 51.70 48.80
C PHE RA 61 -28.48 51.29 50.26
N THR RA 62 -28.80 52.22 51.14
CA THR RA 62 -28.71 51.96 52.57
C THR RA 62 -29.80 50.99 53.00
N LYS RA 63 -29.62 50.44 54.21
CA LYS RA 63 -30.69 49.65 54.82
C LYS RA 63 -31.84 50.54 55.24
N PHE RA 64 -31.58 51.81 55.45
CA PHE RA 64 -32.54 52.75 56.03
C PHE RA 64 -33.23 53.55 54.92
N ASN RA 65 -34.29 54.25 55.30
CA ASN RA 65 -35.37 54.52 54.36
C ASN RA 65 -35.63 56.01 54.14
N ALA RA 66 -36.81 56.33 53.62
CA ALA RA 66 -37.14 57.65 53.11
C ALA RA 66 -37.19 58.66 54.26
N ASP RA 67 -37.71 59.85 54.00
CA ASP RA 67 -37.20 61.04 54.64
C ASP RA 67 -37.49 61.07 56.14
N GLU RA 68 -36.97 60.04 56.81
CA GLU RA 68 -36.53 60.10 58.20
C GLU RA 68 -35.02 59.94 58.30
N PHE RA 69 -34.37 59.60 57.17
CA PHE RA 69 -32.94 59.33 57.17
C PHE RA 69 -32.12 60.56 57.54
N GLU RA 70 -32.53 61.74 57.08
CA GLU RA 70 -31.74 62.93 57.32
C GLU RA 70 -31.71 63.29 58.79
N ASP RA 71 -32.71 62.85 59.57
CA ASP RA 71 -32.70 63.12 61.00
C ASP RA 71 -31.56 62.38 61.69
N MET RA 72 -31.46 61.07 61.44
CA MET RA 72 -30.46 60.29 62.17
C MET RA 72 -29.05 60.76 61.87
N VAL RA 73 -28.77 61.09 60.61
CA VAL RA 73 -27.46 61.64 60.28
C VAL RA 73 -27.19 62.90 61.09
N ALA RA 74 -28.21 63.76 61.21
CA ALA RA 74 -28.08 64.91 62.10
C ALA RA 74 -28.06 64.47 63.56
N GLU RA 75 -28.88 63.48 63.92
CA GLU RA 75 -28.94 63.01 65.29
C GLU RA 75 -27.67 62.27 65.70
N LYS RA 76 -26.79 61.97 64.74
CA LYS RA 76 -25.53 61.26 64.99
C LYS RA 76 -25.77 59.83 65.46
N ARG RA 77 -26.48 59.08 64.62
CA ARG RA 77 -26.55 57.64 64.72
C ARG RA 77 -26.03 56.94 63.47
N LEU RA 78 -25.96 57.62 62.34
CA LEU RA 78 -25.31 57.11 61.15
C LEU RA 78 -24.20 58.07 60.71
N ILE RA 79 -23.21 57.51 60.02
CA ILE RA 79 -22.09 58.26 59.48
C ILE RA 79 -21.82 57.80 58.06
N PRO RA 80 -21.60 58.71 57.12
CA PRO RA 80 -21.41 58.30 55.73
C PRO RA 80 -20.01 57.74 55.50
N ASP RA 81 -19.96 56.52 54.97
CA ASP RA 81 -18.68 55.88 54.64
C ASP RA 81 -18.79 55.26 53.25
N GLY RA 82 -18.22 55.95 52.26
CA GLY RA 82 -18.22 55.44 50.91
C GLY RA 82 -19.63 55.19 50.40
N CYS RA 83 -19.84 54.02 49.82
CA CYS RA 83 -21.14 53.68 49.25
C CYS RA 83 -22.20 53.37 50.31
N GLY RA 84 -21.83 53.32 51.58
CA GLY RA 84 -22.77 52.95 52.61
C GLY RA 84 -22.67 53.78 53.88
N VAL RA 85 -23.54 53.48 54.83
CA VAL RA 85 -23.59 54.19 56.10
C VAL RA 85 -23.55 53.18 57.24
N LYS RA 86 -22.69 53.43 58.22
CA LYS RA 86 -22.61 52.57 59.39
C LYS RA 86 -23.68 52.96 60.38
N TYR RA 87 -24.34 51.95 60.94
CA TYR RA 87 -25.26 52.17 62.04
C TYR RA 87 -24.46 52.24 63.32
N ILE RA 88 -24.66 53.30 64.09
CA ILE RA 88 -23.99 53.43 65.38
C ILE RA 88 -25.00 53.09 66.47
N PRO RA 89 -25.05 51.85 66.92
CA PRO RA 89 -25.98 51.46 67.98
C PRO RA 89 -25.49 52.00 69.32
N ASN RA 90 -26.18 51.61 70.37
CA ASN RA 90 -25.82 52.06 71.70
C ASN RA 90 -25.27 50.95 72.58
N ARG RA 91 -25.37 49.69 72.16
CA ARG RA 91 -24.76 48.61 72.93
C ARG RA 91 -23.25 48.75 73.00
N GLY RA 92 -22.62 49.27 71.95
CA GLY RA 92 -21.20 49.50 71.97
C GLY RA 92 -20.88 50.53 73.04
N PRO RA 93 -19.65 50.53 73.53
CA PRO RA 93 -19.32 51.40 74.66
C PRO RA 93 -19.34 52.87 74.27
N LEU RA 94 -20.53 53.41 73.99
CA LEU RA 94 -20.63 54.78 73.52
C LEU RA 94 -20.08 55.77 74.54
N ASP RA 95 -20.03 55.40 75.82
CA ASP RA 95 -19.29 56.21 76.78
C ASP RA 95 -17.79 56.15 76.49
N LYS RA 96 -17.39 55.22 75.62
CA LYS RA 96 -16.05 55.29 75.05
C LYS RA 96 -16.09 55.68 73.58
N TRP RA 97 -17.29 55.92 73.03
CA TRP RA 97 -17.40 56.64 71.77
C TRP RA 97 -17.70 58.12 71.99
N ARG RA 98 -18.66 58.44 72.87
CA ARG RA 98 -18.87 59.86 73.17
C ARG RA 98 -17.62 60.47 73.79
N ALA RA 99 -16.99 59.77 74.73
CA ALA RA 99 -15.69 60.24 75.23
C ALA RA 99 -14.72 60.45 74.08
N LEU RA 100 -14.75 59.58 73.08
CA LEU RA 100 -13.96 59.79 71.87
C LEU RA 100 -14.56 60.93 71.05
N HIS RA 101 -15.85 60.90 70.79
CA HIS RA 101 -16.48 61.96 70.03
C HIS RA 101 -17.96 62.05 70.40
N SER RA 102 -18.40 63.25 70.75
CA SER RA 102 -19.78 63.48 71.14
C SER RA 102 -20.75 63.17 70.00
N GLU SA 1 9.33 50.78 93.07
CA GLU SA 1 8.81 49.46 93.40
C GLU SA 1 9.13 49.09 94.84
N ASN SA 2 8.56 47.99 95.28
CA ASN SA 2 8.65 47.48 96.63
C ASN SA 2 9.30 46.10 96.62
N PRO SA 3 9.61 45.50 97.78
CA PRO SA 3 10.45 44.29 97.77
C PRO SA 3 9.90 43.13 96.96
N MET SA 4 8.59 43.09 96.72
CA MET SA 4 7.98 41.96 96.03
C MET SA 4 8.01 42.09 94.52
N ARG SA 5 8.61 43.14 93.98
CA ARG SA 5 8.61 43.41 92.55
C ARG SA 5 9.99 43.44 91.92
N GLU SA 6 11.04 43.13 92.68
CA GLU SA 6 12.39 43.32 92.17
C GLU SA 6 12.65 42.38 91.01
N LEU SA 7 13.22 42.93 89.93
CA LEU SA 7 13.46 42.15 88.73
C LEU SA 7 14.67 41.25 88.89
N ARG SA 8 14.66 40.12 88.19
CA ARG SA 8 15.71 39.13 88.29
C ARG SA 8 15.86 38.41 86.96
N ILE SA 9 16.99 37.74 86.80
CA ILE SA 9 17.24 36.94 85.60
C ILE SA 9 16.64 35.56 85.87
N ARG SA 10 15.46 35.30 85.31
CA ARG SA 10 14.83 33.99 85.47
C ARG SA 10 15.73 32.89 84.96
N LYS SA 11 16.36 33.11 83.81
CA LYS SA 11 17.29 32.17 83.22
C LYS SA 11 18.07 32.90 82.14
N LEU SA 12 19.09 32.24 81.64
CA LEU SA 12 19.87 32.73 80.50
C LEU SA 12 20.21 31.55 79.62
N CYS SA 13 19.96 31.68 78.32
CA CYS SA 13 20.10 30.57 77.39
C CYS SA 13 21.17 30.86 76.36
N LEU SA 14 22.04 29.88 76.16
CA LEU SA 14 23.15 29.98 75.22
C LEU SA 14 23.03 28.86 74.20
N ASN SA 15 23.42 29.13 72.96
CA ASN SA 15 23.39 28.09 71.94
C ASN SA 15 24.41 28.40 70.86
N ILE SA 16 24.76 27.36 70.12
CA ILE SA 16 25.62 27.44 68.95
C ILE SA 16 24.95 26.66 67.83
N CYS SA 17 24.65 27.33 66.73
CA CYS SA 17 24.09 26.66 65.56
C CYS SA 17 25.24 26.41 64.61
N VAL SA 18 25.91 25.26 64.79
CA VAL SA 18 27.10 24.98 64.01
C VAL SA 18 26.75 24.63 62.57
N GLY SA 19 25.57 24.05 62.35
CA GLY SA 19 25.03 23.83 61.03
C GLY SA 19 25.08 22.40 60.54
N GLU SA 20 26.18 21.69 60.79
CA GLU SA 20 26.34 20.33 60.30
C GLU SA 20 26.89 19.47 61.43
N SER SA 21 26.36 18.27 61.57
CA SER SA 21 26.75 17.41 62.67
C SER SA 21 28.14 16.81 62.43
N GLY SA 22 28.51 15.89 63.30
CA GLY SA 22 29.77 15.21 63.16
C GLY SA 22 30.77 15.59 64.23
N ASP SA 23 31.80 16.33 63.84
CA ASP SA 23 32.86 16.72 64.76
C ASP SA 23 32.80 18.16 65.19
N ARG SA 24 32.48 19.09 64.28
CA ARG SA 24 32.47 20.49 64.64
C ARG SA 24 31.48 20.76 65.77
N LEU SA 25 30.33 20.07 65.76
CA LEU SA 25 29.39 20.20 66.87
C LEU SA 25 29.96 19.59 68.14
N THR SA 26 30.43 18.35 68.07
CA THR SA 26 30.86 17.69 69.30
C THR SA 26 32.13 18.32 69.86
N ARG SA 27 32.77 19.19 69.07
CA ARG SA 27 33.73 20.11 69.66
C ARG SA 27 33.00 21.28 70.34
N ALA SA 28 31.90 21.74 69.74
CA ALA SA 28 31.25 22.95 70.25
C ALA SA 28 30.75 22.75 71.68
N ALA SA 29 30.27 21.56 72.00
CA ALA SA 29 29.77 21.31 73.34
C ALA SA 29 30.84 21.54 74.39
N LYS SA 30 32.12 21.36 74.02
CA LYS SA 30 33.19 21.65 74.96
C LYS SA 30 33.18 23.12 75.37
N VAL SA 31 32.98 24.01 74.39
CA VAL SA 31 33.08 25.45 74.64
C VAL SA 31 32.06 25.87 75.71
N LEU SA 32 30.81 25.43 75.57
CA LEU SA 32 29.83 25.67 76.61
C LEU SA 32 30.24 25.00 77.91
N GLU SA 33 30.79 23.78 77.82
CA GLU SA 33 31.19 23.06 79.02
C GLU SA 33 32.30 23.81 79.76
N GLN SA 34 33.25 24.38 79.02
CA GLN SA 34 34.29 25.17 79.67
C GLN SA 34 33.72 26.42 80.33
N LEU SA 35 32.58 26.91 79.84
CA LEU SA 35 32.04 28.17 80.35
C LEU SA 35 31.26 27.96 81.64
N THR SA 36 30.18 27.19 81.58
CA THR SA 36 29.22 27.16 82.67
C THR SA 36 29.35 25.95 83.58
N GLY SA 37 30.09 24.93 83.19
CA GLY SA 37 30.27 23.76 84.03
C GLY SA 37 29.12 22.80 84.07
N GLN SA 38 28.14 22.94 83.17
CA GLN SA 38 27.01 22.02 83.11
C GLN SA 38 27.04 21.29 81.77
N THR SA 39 26.68 20.01 81.81
CA THR SA 39 26.70 19.18 80.62
C THR SA 39 25.63 19.63 79.64
N PRO SA 40 25.99 20.04 78.44
CA PRO SA 40 24.99 20.56 77.50
C PRO SA 40 24.28 19.44 76.76
N VAL SA 41 23.26 19.83 75.99
CA VAL SA 41 22.43 18.90 75.24
C VAL SA 41 22.43 19.32 73.78
N PHE SA 42 22.26 18.35 72.88
CA PHE SA 42 22.29 18.60 71.45
C PHE SA 42 20.86 18.69 70.93
N SER SA 43 20.60 19.69 70.10
CA SER SA 43 19.28 19.89 69.51
C SER SA 43 19.30 19.47 68.05
N LYS SA 44 18.39 18.58 67.68
CA LYS SA 44 18.33 18.04 66.34
C LYS SA 44 17.53 18.97 65.44
N ALA SA 45 17.19 18.50 64.24
CA ALA SA 45 16.52 19.33 63.26
C ALA SA 45 15.01 19.18 63.37
N ARG SA 46 14.31 20.31 63.20
CA ARG SA 46 12.86 20.28 63.10
C ARG SA 46 12.39 20.02 61.68
N TYR SA 47 13.14 20.47 60.69
CA TYR SA 47 12.79 20.28 59.30
C TYR SA 47 14.06 19.98 58.51
N THR SA 48 13.90 19.58 57.25
CA THR SA 48 15.02 19.31 56.36
C THR SA 48 14.97 20.28 55.20
N VAL SA 49 15.93 21.19 55.15
CA VAL SA 49 16.09 22.14 54.05
C VAL SA 49 17.45 21.85 53.45
N ARG SA 50 17.46 21.36 52.22
CA ARG SA 50 18.73 20.91 51.64
C ARG SA 50 19.66 22.05 51.27
N SER SA 51 19.18 23.29 51.26
CA SER SA 51 20.04 24.42 50.91
C SER SA 51 20.86 24.90 52.09
N PHE SA 52 21.06 24.05 53.10
CA PHE SA 52 21.87 24.38 54.26
C PHE SA 52 22.92 23.31 54.51
N GLY SA 53 22.59 22.07 54.15
CA GLY SA 53 23.36 20.93 54.57
C GLY SA 53 22.81 20.23 55.80
N ILE SA 54 21.49 20.22 55.97
CA ILE SA 54 20.86 19.64 57.14
C ILE SA 54 20.00 18.47 56.69
N ARG SA 55 19.75 17.56 57.64
CA ARG SA 55 18.92 16.39 57.39
C ARG SA 55 17.98 16.26 58.58
N ARG SA 56 16.85 15.59 58.35
CA ARG SA 56 15.89 15.43 59.44
C ARG SA 56 16.51 14.65 60.59
N ASN SA 57 16.44 15.24 61.78
CA ASN SA 57 17.00 14.71 63.02
C ASN SA 57 18.53 14.69 63.00
N GLU SA 58 19.16 15.39 62.06
CA GLU SA 58 20.60 15.61 62.13
C GLU SA 58 20.89 16.53 63.30
N LYS SA 59 21.87 16.18 64.11
CA LYS SA 59 22.18 16.96 65.30
C LYS SA 59 22.83 18.27 64.87
N ILE SA 60 22.04 19.34 64.85
CA ILE SA 60 22.49 20.62 64.30
C ILE SA 60 23.15 21.48 65.35
N ALA SA 61 22.53 21.66 66.50
CA ALA SA 61 22.98 22.68 67.44
C ALA SA 61 23.02 22.14 68.87
N VAL SA 62 23.82 22.82 69.69
CA VAL SA 62 23.94 22.55 71.11
C VAL SA 62 23.52 23.81 71.86
N HIS SA 63 22.68 23.64 72.89
CA HIS SA 63 22.15 24.77 73.64
C HIS SA 63 22.25 24.48 75.12
N CYS SA 64 22.04 25.52 75.94
CA CYS SA 64 22.18 25.40 77.38
C CYS SA 64 21.28 26.43 78.04
N THR SA 65 20.94 26.16 79.31
CA THR SA 65 20.07 27.03 80.09
C THR SA 65 20.67 27.23 81.47
N VAL SA 66 21.50 28.24 81.62
CA VAL SA 66 22.09 28.57 82.91
C VAL SA 66 21.04 29.28 83.73
N ARG SA 67 21.31 29.42 85.03
CA ARG SA 67 20.27 29.91 85.93
C ARG SA 67 20.89 30.52 87.18
N GLY SA 68 20.12 31.39 87.83
CA GLY SA 68 20.45 31.93 89.13
C GLY SA 68 21.76 32.71 89.20
N ALA SA 69 22.54 32.45 90.25
CA ALA SA 69 23.81 33.15 90.43
C ALA SA 69 24.75 32.86 89.27
N LYS SA 70 24.80 31.61 88.82
CA LYS SA 70 25.67 31.25 87.70
C LYS SA 70 25.38 32.11 86.48
N ALA SA 71 24.11 32.39 86.24
CA ALA SA 71 23.75 33.19 85.07
C ALA SA 71 24.33 34.60 85.15
N GLU SA 72 24.19 35.24 86.31
CA GLU SA 72 24.49 36.66 86.41
C GLU SA 72 25.96 36.93 86.10
N GLU SA 73 26.86 36.06 86.57
CA GLU SA 73 28.28 36.25 86.28
C GLU SA 73 28.58 35.98 84.81
N ILE SA 74 27.93 34.98 84.21
CA ILE SA 74 28.12 34.74 82.78
C ILE SA 74 27.69 35.96 81.98
N LEU SA 75 26.63 36.63 82.44
CA LEU SA 75 26.19 37.85 81.78
C LEU SA 75 27.21 38.97 82.02
N GLU SA 76 27.83 39.00 83.18
CA GLU SA 76 28.85 40.01 83.46
C GLU SA 76 30.01 39.90 82.48
N LYS SA 77 30.47 38.68 82.24
CA LYS SA 77 31.51 38.47 81.23
C LYS SA 77 30.95 38.62 79.83
N GLY SA 78 29.71 38.18 79.62
CA GLY SA 78 29.12 38.27 78.29
C GLY SA 78 28.89 39.70 77.85
N LEU SA 79 28.35 40.53 78.75
CA LEU SA 79 28.09 41.92 78.39
C LEU SA 79 29.39 42.69 78.15
N LYS SA 80 30.46 42.31 78.84
CA LYS SA 80 31.69 43.08 78.75
C LYS SA 80 32.26 43.06 77.34
N VAL SA 81 32.15 41.93 76.64
CA VAL SA 81 32.61 41.87 75.27
C VAL SA 81 31.84 42.86 74.41
N ARG SA 82 30.59 43.13 74.75
CA ARG SA 82 29.82 44.19 74.12
C ARG SA 82 29.96 45.52 74.87
N GLU SA 83 30.97 45.63 75.74
CA GLU SA 83 31.27 46.82 76.55
C GLU SA 83 30.03 47.53 77.04
N TYR SA 84 29.03 46.75 77.48
CA TYR SA 84 27.83 47.29 78.13
C TYR SA 84 27.00 48.16 77.20
N GLU SA 85 27.07 47.92 75.90
CA GLU SA 85 26.43 48.75 74.90
C GLU SA 85 25.42 47.92 74.12
N LEU SA 86 24.22 48.46 73.91
CA LEU SA 86 23.19 47.75 73.16
C LEU SA 86 22.40 48.78 72.37
N ARG SA 87 21.28 48.34 71.81
CA ARG SA 87 20.41 49.17 71.00
C ARG SA 87 18.96 48.94 71.41
N LYS SA 88 18.07 49.80 70.92
CA LYS SA 88 16.66 49.72 71.31
C LYS SA 88 15.90 48.65 70.57
N ASN SA 89 16.52 48.01 69.57
CA ASN SA 89 15.89 46.86 68.91
C ASN SA 89 16.35 45.53 69.49
N ASN SA 90 17.20 45.56 70.51
CA ASN SA 90 17.61 44.33 71.18
C ASN SA 90 16.70 43.94 72.33
N PHE SA 91 15.74 44.79 72.69
CA PHE SA 91 14.79 44.48 73.75
C PHE SA 91 13.45 44.15 73.11
N SER SA 92 13.06 42.87 73.20
CA SER SA 92 11.80 42.44 72.62
C SER SA 92 10.64 43.19 73.26
N ASP SA 93 9.51 43.17 72.59
CA ASP SA 93 8.32 43.80 73.15
C ASP SA 93 7.78 43.04 74.35
N THR SA 94 8.23 41.80 74.58
CA THR SA 94 7.82 41.02 75.73
C THR SA 94 8.89 40.97 76.82
N GLY SA 95 9.70 42.01 76.91
CA GLY SA 95 10.61 42.17 78.02
C GLY SA 95 11.75 41.17 78.11
N ASN SA 96 12.34 40.80 76.97
CA ASN SA 96 13.58 40.06 76.95
C ASN SA 96 14.58 40.82 76.07
N PHE SA 97 15.86 40.62 76.36
CA PHE SA 97 16.92 41.21 75.55
C PHE SA 97 18.01 40.18 75.30
N GLY SA 98 18.71 40.35 74.19
CA GLY SA 98 19.75 39.42 73.82
C GLY SA 98 20.82 40.07 72.96
N PHE SA 99 21.85 39.28 72.67
CA PHE SA 99 22.99 39.70 71.87
C PHE SA 99 23.81 38.46 71.56
N GLY SA 100 24.97 38.67 70.93
CA GLY SA 100 25.88 37.58 70.64
C GLY SA 100 27.31 38.06 70.67
N ILE SA 101 28.23 37.10 70.70
CA ILE SA 101 29.66 37.38 70.63
C ILE SA 101 30.28 36.49 69.57
N GLN SA 102 31.21 37.05 68.80
CA GLN SA 102 31.72 36.38 67.61
C GLN SA 102 32.76 35.31 67.93
N GLU SA 103 33.34 35.34 69.13
CA GLU SA 103 34.37 34.37 69.48
C GLU SA 103 34.17 33.85 70.90
N HIS SA 104 34.47 32.58 71.10
CA HIS SA 104 34.27 31.96 72.41
C HIS SA 104 35.30 32.41 73.43
N ILE SA 105 36.56 32.55 72.99
CA ILE SA 105 37.67 32.83 73.91
C ILE SA 105 37.48 34.11 74.68
N ASP SA 106 36.66 35.03 74.17
CA ASP SA 106 36.57 36.37 74.75
C ASP SA 106 35.91 36.38 76.13
N LEU SA 107 35.30 35.27 76.54
CA LEU SA 107 34.63 35.24 77.83
C LEU SA 107 35.57 34.92 78.98
N GLY SA 108 36.63 34.17 78.73
CA GLY SA 108 37.47 33.66 79.79
C GLY SA 108 37.91 32.25 79.46
N ILE SA 109 37.43 31.75 78.33
CA ILE SA 109 37.92 30.50 77.78
C ILE SA 109 39.40 30.65 77.45
N LYS SA 110 40.13 29.54 77.55
CA LYS SA 110 41.52 29.48 77.11
C LYS SA 110 41.57 28.84 75.73
N TYR SA 111 42.19 29.53 74.79
CA TYR SA 111 42.34 28.96 73.45
C TYR SA 111 43.33 27.81 73.47
N ASP SA 112 43.02 26.75 72.72
CA ASP SA 112 43.94 25.67 72.50
C ASP SA 112 44.08 25.42 71.01
N PRO SA 113 45.25 24.97 70.56
CA PRO SA 113 45.42 24.69 69.13
C PRO SA 113 44.52 23.57 68.62
N SER SA 114 43.98 22.75 69.51
CA SER SA 114 42.99 21.75 69.13
C SER SA 114 41.58 22.32 69.05
N ILE SA 115 41.34 23.49 69.62
CA ILE SA 115 40.03 24.12 69.64
C ILE SA 115 39.80 24.83 68.30
N GLY SA 116 38.56 24.77 67.83
CA GLY SA 116 38.17 25.50 66.63
C GLY SA 116 37.83 26.95 66.95
N ILE SA 117 37.24 27.60 65.97
CA ILE SA 117 36.84 29.00 66.09
C ILE SA 117 35.32 29.03 66.25
N TYR SA 118 34.87 29.29 67.49
CA TYR SA 118 33.46 29.26 67.83
C TYR SA 118 33.04 30.56 68.49
N GLY SA 119 31.85 31.04 68.13
CA GLY SA 119 31.12 32.00 68.92
C GLY SA 119 29.95 31.33 69.62
N LEU SA 120 29.10 32.17 70.21
CA LEU SA 120 27.89 31.66 70.84
C LEU SA 120 26.91 32.80 71.06
N ASP SA 121 25.68 32.42 71.40
CA ASP SA 121 24.53 33.31 71.41
C ASP SA 121 24.06 33.51 72.84
N PHE SA 122 23.76 34.77 73.19
CA PHE SA 122 23.23 35.10 74.51
C PHE SA 122 21.78 35.58 74.39
N TYR SA 123 21.01 35.36 75.44
CA TYR SA 123 19.63 35.82 75.49
C TYR SA 123 19.15 35.75 76.94
N VAL SA 124 18.63 36.87 77.45
CA VAL SA 124 18.34 37.02 78.85
C VAL SA 124 16.84 37.10 79.05
N VAL SA 125 16.34 36.31 79.99
CA VAL SA 125 14.93 36.31 80.35
C VAL SA 125 14.78 37.02 81.69
N LEU SA 126 14.14 38.17 81.68
CA LEU SA 126 13.80 38.84 82.93
C LEU SA 126 12.63 38.13 83.60
N GLY SA 127 12.33 38.52 84.82
CA GLY SA 127 11.23 37.92 85.53
C GLY SA 127 11.09 38.54 86.90
N ARG SA 128 9.92 38.33 87.48
CA ARG SA 128 9.58 38.83 88.79
C ARG SA 128 9.07 37.67 89.62
N PRO SA 129 9.16 37.74 90.95
CA PRO SA 129 8.64 36.65 91.76
C PRO SA 129 7.16 36.43 91.46
N GLY SA 130 6.78 35.18 91.36
CA GLY SA 130 5.45 34.83 90.94
C GLY SA 130 5.34 34.38 89.50
N PHE SA 131 6.37 34.61 88.68
CA PHE SA 131 6.30 34.16 87.30
C PHE SA 131 6.30 32.64 87.18
N SER SA 132 6.60 31.92 88.24
CA SER SA 132 6.50 30.47 88.20
C SER SA 132 5.06 29.98 88.26
N ILE SA 133 4.09 30.85 88.55
CA ILE SA 133 2.70 30.40 88.69
C ILE SA 133 2.10 30.03 87.35
N ALA SA 134 2.76 30.33 86.25
CA ALA SA 134 2.28 29.93 84.94
C ALA SA 134 2.80 28.58 84.51
N ASP SA 135 3.55 27.89 85.38
CA ASP SA 135 4.15 26.62 85.04
C ASP SA 135 3.71 25.52 86.01
N LYS SA 136 3.36 25.87 87.25
CA LYS SA 136 2.86 24.91 88.23
C LYS SA 136 1.84 23.96 87.62
N LYS SA 137 1.87 22.71 88.08
CA LYS SA 137 0.96 21.70 87.56
C LYS SA 137 -0.30 21.52 88.41
N ARG SA 138 -0.20 21.60 89.73
CA ARG SA 138 -1.37 21.31 90.56
C ARG SA 138 -2.49 22.32 90.34
N ARG SA 139 -2.16 23.60 90.25
CA ARG SA 139 -3.13 24.62 89.88
C ARG SA 139 -2.37 25.76 89.22
N THR SA 140 -2.82 26.18 88.05
CA THR SA 140 -2.06 27.08 87.21
C THR SA 140 -2.86 28.35 87.03
N GLY SA 141 -2.33 29.29 86.26
CA GLY SA 141 -3.06 30.50 85.95
C GLY SA 141 -2.23 31.39 85.06
N CYS SA 142 -2.77 32.56 84.78
CA CYS SA 142 -2.05 33.57 84.04
C CYS SA 142 -0.97 34.19 84.91
N ILE SA 143 -0.11 34.99 84.29
CA ILE SA 143 0.94 35.66 85.02
C ILE SA 143 0.47 36.98 85.62
N GLY SA 144 -0.36 37.72 84.90
CA GLY SA 144 -0.90 38.98 85.36
C GLY SA 144 -0.97 39.99 84.24
N ALA SA 145 -1.34 41.21 84.62
CA ALA SA 145 -1.38 42.32 83.67
C ALA SA 145 -0.53 43.50 84.07
N LYS SA 146 -0.50 43.88 85.34
CA LYS SA 146 0.39 44.91 85.84
C LYS SA 146 1.67 44.31 86.40
N HIS SA 147 1.76 43.00 86.47
CA HIS SA 147 2.97 42.33 86.92
C HIS SA 147 3.82 41.81 85.78
N ARG SA 148 3.42 42.05 84.54
CA ARG SA 148 4.22 41.64 83.40
C ARG SA 148 5.33 42.66 83.17
N ILE SA 149 6.09 42.46 82.09
CA ILE SA 149 7.22 43.30 81.75
C ILE SA 149 6.92 43.99 80.43
N SER SA 150 6.90 45.31 80.45
CA SER SA 150 6.72 46.10 79.23
C SER SA 150 8.04 46.18 78.48
N LYS SA 151 8.01 46.90 77.37
CA LYS SA 151 9.25 47.14 76.63
C LYS SA 151 10.20 48.01 77.45
N GLU SA 152 9.70 49.13 77.96
CA GLU SA 152 10.56 50.02 78.74
C GLU SA 152 11.00 49.37 80.04
N GLU SA 153 10.09 48.66 80.72
CA GLU SA 153 10.38 48.16 82.06
C GLU SA 153 11.62 47.27 82.06
N ALA SA 154 11.93 46.66 80.92
CA ALA SA 154 13.16 45.89 80.83
C ALA SA 154 14.38 46.80 80.76
N MET SA 155 14.29 47.86 79.97
CA MET SA 155 15.46 48.68 79.69
C MET SA 155 15.92 49.45 80.92
N ARG SA 156 14.97 50.02 81.68
CA ARG SA 156 15.36 50.86 82.79
C ARG SA 156 15.97 50.06 83.92
N TRP SA 157 15.62 48.77 84.02
CA TRP SA 157 16.32 47.91 84.97
C TRP SA 157 17.72 47.60 84.49
N PHE SA 158 17.86 47.24 83.21
CA PHE SA 158 19.18 46.91 82.68
C PHE SA 158 20.12 48.11 82.79
N GLN SA 159 19.62 49.30 82.44
CA GLN SA 159 20.48 50.47 82.41
C GLN SA 159 21.07 50.75 83.79
N GLN SA 160 20.24 50.72 84.83
CA GLN SA 160 20.72 51.04 86.17
C GLN SA 160 21.65 49.98 86.70
N LYS SA 161 21.41 48.71 86.37
CA LYS SA 161 22.10 47.62 87.06
C LYS SA 161 23.52 47.45 86.54
N TYR SA 162 23.68 47.30 85.23
CA TYR SA 162 24.98 47.08 84.64
C TYR SA 162 25.62 48.35 84.10
N ASP SA 163 25.02 49.51 84.38
CA ASP SA 163 25.56 50.83 84.06
C ASP SA 163 25.49 51.16 82.57
N GLY SA 164 25.07 50.21 81.74
CA GLY SA 164 25.15 50.36 80.30
C GLY SA 164 24.16 51.36 79.76
N ILE SA 165 24.24 51.58 78.45
CA ILE SA 165 23.33 52.46 77.73
C ILE SA 165 22.93 51.78 76.43
N ILE SA 166 21.97 52.37 75.74
CA ILE SA 166 21.43 51.81 74.51
C ILE SA 166 21.55 52.85 73.39
N LEU SA 167 22.15 52.45 72.27
CA LEU SA 167 22.37 53.34 71.15
C LEU SA 167 21.25 53.14 70.13
N PRO SA 168 20.44 54.15 69.82
CA PRO SA 168 19.29 53.93 68.94
C PRO SA 168 19.71 53.35 67.59
N GLY SA 169 18.90 52.42 67.10
CA GLY SA 169 19.13 51.79 65.81
C GLY SA 169 17.86 51.38 65.10
N ALA TA 1 -43.77 -26.94 46.93
CA ALA TA 1 -42.34 -26.65 46.85
C ALA TA 1 -41.58 -27.46 47.87
N PRO TA 2 -40.41 -27.96 47.49
CA PRO TA 2 -39.70 -28.92 48.35
C PRO TA 2 -39.53 -28.44 49.79
N SER TA 3 -40.23 -29.09 50.71
CA SER TA 3 -40.15 -28.81 52.14
C SER TA 3 -40.27 -30.08 52.96
N ARG TA 4 -39.81 -31.21 52.41
CA ARG TA 4 -40.22 -32.53 52.89
C ARG TA 4 -38.99 -33.42 52.98
N ASN TA 5 -39.21 -34.72 53.07
CA ASN TA 5 -38.12 -35.68 53.17
C ASN TA 5 -37.26 -35.59 51.93
N GLY TA 6 -35.95 -35.50 52.12
CA GLY TA 6 -35.03 -35.27 51.02
C GLY TA 6 -34.63 -36.54 50.31
N MET TA 7 -35.62 -37.33 49.91
CA MET TA 7 -35.40 -38.69 49.43
C MET TA 7 -35.16 -38.73 47.92
N ILE TA 8 -34.54 -39.83 47.48
CA ILE TA 8 -34.38 -40.13 46.07
C ILE TA 8 -34.67 -41.60 45.83
N LEU TA 9 -35.35 -41.89 44.73
CA LEU TA 9 -36.01 -43.17 44.52
C LEU TA 9 -35.50 -43.83 43.25
N LYS TA 10 -35.56 -45.16 43.25
CA LYS TA 10 -34.79 -46.03 42.36
C LYS TA 10 -35.30 -46.18 40.93
N PRO TA 11 -36.63 -46.17 40.66
CA PRO TA 11 -37.06 -46.31 39.27
C PRO TA 11 -36.53 -45.19 38.41
N HIS TA 12 -35.25 -45.26 38.05
CA HIS TA 12 -34.58 -44.16 37.38
C HIS TA 12 -33.77 -44.63 36.17
N PHE TA 13 -34.11 -45.78 35.60
CA PHE TA 13 -33.51 -46.22 34.35
C PHE TA 13 -34.29 -45.64 33.18
N HIS TA 14 -33.59 -44.93 32.29
CA HIS TA 14 -34.21 -44.38 31.08
C HIS TA 14 -34.38 -45.43 29.98
N LYS TA 15 -33.94 -46.66 30.22
CA LYS TA 15 -34.49 -47.82 29.55
C LYS TA 15 -35.50 -48.45 30.48
N ASP TA 16 -36.50 -49.11 29.90
CA ASP TA 16 -37.73 -49.41 30.60
C ASP TA 16 -37.48 -50.20 31.87
N TRP TA 17 -38.40 -50.06 32.83
CA TRP TA 17 -38.62 -51.12 33.81
C TRP TA 17 -39.13 -52.35 33.07
N GLN TA 18 -40.00 -52.11 32.09
CA GLN TA 18 -40.86 -53.15 31.52
C GLN TA 18 -40.07 -54.26 30.87
N ARG TA 19 -38.83 -54.00 30.47
CA ARG TA 19 -37.95 -55.08 30.08
C ARG TA 19 -37.81 -56.08 31.23
N ARG TA 20 -38.01 -55.61 32.46
CA ARG TA 20 -37.96 -56.42 33.66
C ARG TA 20 -39.37 -56.53 34.22
N VAL TA 21 -39.72 -57.70 34.76
CA VAL TA 21 -41.13 -58.05 34.92
C VAL TA 21 -41.82 -57.10 35.91
N ALA TA 22 -43.14 -57.09 35.84
CA ALA TA 22 -43.92 -56.27 36.75
C ALA TA 22 -45.23 -56.92 37.21
N THR TA 23 -45.43 -58.22 37.03
CA THR TA 23 -46.69 -58.84 37.39
C THR TA 23 -46.48 -60.02 38.32
N TRP TA 24 -47.53 -60.33 39.09
CA TRP TA 24 -47.52 -61.41 40.07
C TRP TA 24 -48.84 -62.17 40.12
N PHE TA 25 -49.57 -62.25 39.01
CA PHE TA 25 -50.90 -62.86 39.06
C PHE TA 25 -50.87 -64.37 39.12
N ASN TA 26 -49.69 -64.99 39.04
CA ASN TA 26 -49.62 -66.44 39.06
C ASN TA 26 -49.98 -67.01 40.42
N GLN TA 27 -49.59 -66.33 41.50
CA GLN TA 27 -49.48 -67.02 42.77
C GLN TA 27 -50.79 -67.59 43.32
N PRO TA 28 -51.99 -67.18 42.89
CA PRO TA 28 -53.16 -68.00 43.23
C PRO TA 28 -53.29 -69.22 42.33
N ALA TA 29 -52.75 -69.16 41.11
CA ALA TA 29 -52.73 -70.33 40.26
C ALA TA 29 -51.45 -71.13 40.40
N ARG TA 30 -50.45 -70.56 41.08
CA ARG TA 30 -49.25 -71.31 41.41
C ARG TA 30 -49.44 -72.10 42.69
N LYS TA 31 -50.03 -71.48 43.71
CA LYS TA 31 -50.24 -72.16 44.98
C LYS TA 31 -51.09 -73.41 44.77
N ILE TA 32 -51.86 -73.46 43.69
CA ILE TA 32 -52.69 -74.61 43.41
C ILE TA 32 -51.88 -75.71 42.74
N ARG TA 33 -50.97 -75.34 41.84
CA ARG TA 33 -50.14 -76.35 41.20
C ARG TA 33 -49.24 -77.04 42.21
N ARG TA 34 -48.57 -76.26 43.07
CA ARG TA 34 -47.69 -76.87 44.07
C ARG TA 34 -48.47 -77.83 44.95
N ARG TA 35 -49.68 -77.43 45.38
CA ARG TA 35 -50.48 -78.30 46.22
C ARG TA 35 -50.84 -79.59 45.49
N LYS TA 36 -50.86 -79.57 44.16
CA LYS TA 36 -51.08 -80.79 43.41
C LYS TA 36 -49.81 -81.63 43.36
N ALA TA 37 -48.64 -81.00 43.45
CA ALA TA 37 -47.40 -81.75 43.51
C ALA TA 37 -47.29 -82.51 44.82
N ARG TA 38 -47.55 -81.84 45.95
CA ARG TA 38 -47.52 -82.51 47.24
C ARG TA 38 -48.58 -83.60 47.31
N GLN TA 39 -49.76 -83.34 46.75
CA GLN TA 39 -50.87 -84.29 46.90
C GLN TA 39 -50.70 -85.47 45.96
N ALA TA 40 -49.80 -85.37 44.98
CA ALA TA 40 -49.48 -86.53 44.16
C ALA TA 40 -48.21 -87.20 44.66
N ARG TA 41 -47.25 -86.43 45.15
CA ARG TA 41 -46.08 -87.02 45.77
C ARG TA 41 -46.45 -87.82 47.01
N ALA TA 42 -47.34 -87.28 47.83
CA ALA TA 42 -47.72 -87.97 49.06
C ALA TA 42 -48.35 -89.33 48.77
N ARG TA 43 -49.18 -89.41 47.73
CA ARG TA 43 -49.80 -90.68 47.40
C ARG TA 43 -48.83 -91.63 46.72
N ARG TA 44 -47.76 -91.10 46.12
CA ARG TA 44 -46.84 -91.96 45.39
C ARG TA 44 -46.04 -92.84 46.34
N ILE TA 45 -45.23 -92.23 47.20
CA ILE TA 45 -44.58 -92.94 48.29
C ILE TA 45 -45.63 -93.15 49.38
N ALA TA 46 -46.20 -94.35 49.41
CA ALA TA 46 -47.43 -94.51 50.15
C ALA TA 46 -47.23 -94.40 51.67
N PRO TA 47 -46.52 -95.32 52.32
CA PRO TA 47 -46.59 -95.34 53.78
C PRO TA 47 -45.61 -94.40 54.47
N ARG TA 48 -44.47 -94.14 53.83
CA ARG TA 48 -43.43 -93.36 54.46
C ARG TA 48 -43.90 -91.92 54.66
N PRO TA 49 -43.34 -91.21 55.65
CA PRO TA 49 -43.86 -89.88 55.97
C PRO TA 49 -43.79 -88.95 54.78
N ALA TA 50 -44.80 -88.09 54.66
CA ALA TA 50 -44.92 -87.19 53.52
C ALA TA 50 -44.11 -85.92 53.69
N ALA TA 51 -43.44 -85.74 54.83
CA ALA TA 51 -42.67 -84.55 55.10
C ALA TA 51 -41.16 -84.80 54.95
N GLY TA 52 -40.79 -85.65 54.01
CA GLY TA 52 -39.40 -85.92 53.74
C GLY TA 52 -38.76 -86.74 54.84
N PRO TA 53 -37.43 -86.80 54.84
CA PRO TA 53 -36.72 -87.57 55.86
C PRO TA 53 -36.65 -86.82 57.19
N ILE TA 54 -36.36 -87.60 58.24
CA ILE TA 54 -36.11 -87.07 59.62
C ILE TA 54 -34.84 -86.21 59.59
N ARG TA 55 -34.84 -85.11 60.34
CA ARG TA 55 -33.75 -84.15 60.27
C ARG TA 55 -33.34 -83.72 61.66
N PRO TA 56 -32.08 -83.27 61.83
CA PRO TA 56 -31.56 -83.00 63.17
C PRO TA 56 -31.85 -81.58 63.62
N ILE TA 57 -31.47 -81.27 64.86
CA ILE TA 57 -31.65 -79.93 65.41
C ILE TA 57 -30.29 -79.27 65.55
N VAL TA 58 -30.22 -77.99 65.17
CA VAL TA 58 -28.97 -77.24 65.17
C VAL TA 58 -29.24 -75.86 65.75
N ARG TA 59 -28.17 -75.23 66.22
CA ARG TA 59 -28.24 -73.90 66.83
C ARG TA 59 -27.87 -72.85 65.80
N CYS TA 60 -28.71 -71.84 65.66
CA CYS TA 60 -28.51 -70.83 64.63
C CYS TA 60 -27.19 -70.11 64.88
N PRO TA 61 -26.36 -69.93 63.87
CA PRO TA 61 -25.09 -69.25 64.11
C PRO TA 61 -25.18 -67.74 63.99
N THR TA 62 -25.23 -67.03 65.11
CA THR TA 62 -24.81 -65.63 65.26
C THR TA 62 -25.15 -65.28 66.70
N VAL TA 63 -24.71 -64.11 67.14
CA VAL TA 63 -25.09 -63.65 68.46
C VAL TA 63 -26.56 -63.30 68.51
N ARG TA 64 -27.12 -62.85 67.39
CA ARG TA 64 -28.52 -62.45 67.36
C ARG TA 64 -29.45 -63.65 67.52
N TYR TA 65 -29.10 -64.79 66.94
CA TYR TA 65 -29.97 -65.97 66.92
C TYR TA 65 -29.17 -67.15 67.47
N HIS TA 66 -29.18 -67.39 68.76
CA HIS TA 66 -28.69 -68.69 69.22
C HIS TA 66 -29.44 -69.25 70.42
N THR TA 67 -30.46 -68.55 70.93
CA THR TA 67 -31.38 -69.20 71.85
C THR TA 67 -32.31 -70.15 71.10
N LYS TA 68 -32.65 -69.82 69.86
CA LYS TA 68 -33.49 -70.68 69.05
C LYS TA 68 -32.71 -71.90 68.59
N VAL TA 69 -33.44 -72.98 68.32
CA VAL TA 69 -32.87 -74.18 67.71
C VAL TA 69 -33.87 -74.71 66.69
N ARG TA 70 -33.38 -75.07 65.51
CA ARG TA 70 -34.22 -75.30 64.35
C ARG TA 70 -33.91 -76.65 63.74
N ALA TA 71 -34.72 -77.06 62.78
CA ALA TA 71 -34.43 -78.26 62.03
C ALA TA 71 -33.19 -78.07 61.18
N GLY TA 72 -32.34 -79.09 61.17
CA GLY TA 72 -31.04 -78.99 60.53
C GLY TA 72 -31.10 -79.32 59.05
N ARG TA 73 -30.02 -79.89 58.54
CA ARG TA 73 -29.95 -80.30 57.16
C ARG TA 73 -29.56 -81.75 57.00
N GLY TA 74 -28.91 -82.34 57.98
CA GLY TA 74 -28.61 -83.76 57.95
C GLY TA 74 -27.88 -84.16 59.23
N PHE TA 75 -28.00 -85.40 59.62
CA PHE TA 75 -27.21 -85.86 60.75
C PHE TA 75 -25.74 -85.95 60.34
N SER TA 76 -24.86 -85.72 61.30
CA SER TA 76 -23.44 -85.81 61.02
C SER TA 76 -22.99 -87.26 61.00
N LEU TA 77 -21.81 -87.49 60.47
CA LEU TA 77 -21.32 -88.85 60.37
C LEU TA 77 -21.06 -89.44 61.75
N GLU TA 78 -20.54 -88.62 62.68
CA GLU TA 78 -20.25 -89.11 64.01
C GLU TA 78 -21.53 -89.48 64.76
N GLU TA 79 -22.59 -88.71 64.57
CA GLU TA 79 -23.87 -89.06 65.18
C GLU TA 79 -24.37 -90.39 64.66
N LEU TA 80 -23.89 -90.81 63.50
CA LEU TA 80 -24.29 -92.10 62.96
C LEU TA 80 -23.37 -93.22 63.44
N ARG TA 81 -22.11 -92.89 63.70
CA ARG TA 81 -21.21 -93.88 64.30
C ARG TA 81 -21.67 -94.25 65.71
N VAL TA 82 -22.15 -93.27 66.47
CA VAL TA 82 -22.51 -93.52 67.86
C VAL TA 82 -23.78 -94.35 67.96
N ALA TA 83 -24.75 -94.08 67.08
CA ALA TA 83 -26.02 -94.79 67.11
C ALA TA 83 -25.98 -96.13 66.41
N GLY TA 84 -24.83 -96.52 65.85
CA GLY TA 84 -24.72 -97.80 65.20
C GLY TA 84 -25.38 -97.89 63.86
N ILE TA 85 -25.55 -96.75 63.17
CA ILE TA 85 -26.20 -96.71 61.86
C ILE TA 85 -25.14 -96.41 60.82
N HIS TA 86 -25.03 -97.28 59.82
CA HIS TA 86 -24.11 -97.06 58.72
C HIS TA 86 -24.51 -95.80 57.97
N LYS TA 87 -23.50 -95.06 57.48
CA LYS TA 87 -23.81 -93.83 56.76
C LYS TA 87 -24.45 -94.10 55.41
N LYS TA 88 -24.46 -95.35 54.96
CA LYS TA 88 -25.05 -95.71 53.67
C LYS TA 88 -26.47 -96.24 53.81
N VAL TA 89 -26.83 -96.78 54.97
CA VAL TA 89 -28.17 -97.33 55.14
C VAL TA 89 -29.10 -96.35 55.85
N ALA TA 90 -28.57 -95.25 56.37
CA ALA TA 90 -29.45 -94.23 56.94
C ALA TA 90 -30.23 -93.51 55.85
N ARG TA 91 -29.60 -93.31 54.69
CA ARG TA 91 -30.30 -92.65 53.59
C ARG TA 91 -31.45 -93.48 53.03
N THR TA 92 -31.46 -94.79 53.29
CA THR TA 92 -32.47 -95.67 52.73
C THR TA 92 -33.50 -96.15 53.74
N ILE TA 93 -33.49 -95.59 54.95
CA ILE TA 93 -34.62 -95.74 55.86
C ILE TA 93 -35.20 -94.40 56.27
N GLY TA 94 -34.64 -93.29 55.80
CA GLY TA 94 -35.21 -91.99 56.09
C GLY TA 94 -34.48 -91.19 57.14
N ILE TA 95 -33.16 -91.14 57.08
CA ILE TA 95 -32.35 -90.37 58.02
C ILE TA 95 -31.38 -89.52 57.22
N SER TA 96 -31.67 -88.23 57.10
CA SER TA 96 -30.83 -87.36 56.28
C SER TA 96 -29.42 -87.25 56.86
N VAL TA 97 -28.44 -87.29 55.96
CA VAL TA 97 -27.02 -87.20 56.32
C VAL TA 97 -26.40 -86.04 55.56
N ASP TA 98 -25.49 -85.32 56.20
CA ASP TA 98 -24.63 -84.36 55.52
C ASP TA 98 -23.19 -84.60 55.98
N PRO TA 99 -22.26 -84.89 55.08
CA PRO TA 99 -20.91 -85.25 55.52
C PRO TA 99 -20.17 -84.14 56.24
N ARG TA 100 -20.45 -82.88 55.92
CA ARG TA 100 -19.56 -81.80 56.32
C ARG TA 100 -19.73 -81.40 57.78
N ARG TA 101 -20.78 -81.85 58.45
CA ARG TA 101 -21.12 -81.30 59.75
C ARG TA 101 -20.28 -81.93 60.86
N ARG TA 102 -19.76 -81.09 61.75
CA ARG TA 102 -18.96 -81.51 62.89
C ARG TA 102 -19.69 -81.18 64.18
N ASN TA 103 -19.57 -82.04 65.17
CA ASN TA 103 -20.42 -81.99 66.36
C ASN TA 103 -19.66 -81.55 67.60
N LYS TA 104 -20.41 -80.86 68.48
CA LYS TA 104 -20.14 -80.82 69.90
C LYS TA 104 -21.34 -81.30 70.72
N SER TA 105 -22.18 -82.18 70.15
CA SER TA 105 -23.45 -82.57 70.76
C SER TA 105 -23.70 -84.07 70.66
N THR TA 106 -24.18 -84.65 71.76
CA THR TA 106 -24.90 -85.92 71.77
C THR TA 106 -26.37 -85.71 72.05
N GLU TA 107 -26.80 -84.47 72.17
CA GLU TA 107 -28.21 -84.18 72.44
C GLU TA 107 -29.08 -84.57 71.26
N SER TA 108 -28.62 -84.30 70.04
CA SER TA 108 -29.39 -84.62 68.85
C SER TA 108 -29.54 -86.13 68.68
N LEU TA 109 -28.54 -86.88 69.11
CA LEU TA 109 -28.53 -88.32 68.90
C LEU TA 109 -29.71 -89.01 69.56
N GLN TA 110 -29.77 -88.99 70.89
CA GLN TA 110 -30.75 -89.83 71.59
C GLN TA 110 -32.16 -89.31 71.35
N ALA TA 111 -32.32 -87.99 71.32
CA ALA TA 111 -33.64 -87.40 71.15
C ALA TA 111 -34.21 -87.74 69.78
N ASN TA 112 -33.38 -87.76 68.76
CA ASN TA 112 -33.91 -87.92 67.42
C ASN TA 112 -33.74 -89.34 66.88
N VAL TA 113 -32.57 -89.95 67.07
CA VAL TA 113 -32.36 -91.27 66.47
C VAL TA 113 -33.03 -92.35 67.30
N GLN TA 114 -32.74 -92.41 68.60
CA GLN TA 114 -33.39 -93.40 69.45
C GLN TA 114 -34.90 -93.36 69.30
N ARG TA 115 -35.46 -92.16 69.21
CA ARG TA 115 -36.89 -92.04 68.92
C ARG TA 115 -37.24 -92.73 67.61
N LEU TA 116 -36.52 -92.42 66.53
CA LEU TA 116 -36.87 -92.96 65.22
C LEU TA 116 -36.78 -94.48 65.23
N LYS TA 117 -35.73 -95.03 65.84
CA LYS TA 117 -35.66 -96.47 65.99
C LYS TA 117 -36.80 -97.00 66.84
N GLU TA 118 -37.13 -96.30 67.92
CA GLU TA 118 -38.27 -96.70 68.74
C GLU TA 118 -39.58 -96.56 67.99
N TYR TA 119 -39.77 -95.42 67.32
CA TYR TA 119 -41.03 -95.16 66.65
C TYR TA 119 -41.29 -96.18 65.54
N ARG TA 120 -40.24 -96.57 64.83
CA ARG TA 120 -40.36 -97.64 63.85
C ARG TA 120 -40.22 -99.03 64.46
N SER TA 121 -39.92 -99.12 65.76
CA SER TA 121 -39.92 -100.44 66.39
C SER TA 121 -41.31 -101.07 66.35
N LYS TA 122 -42.33 -100.29 66.64
CA LYS TA 122 -43.71 -100.75 66.55
C LYS TA 122 -44.30 -100.57 65.16
N LEU TA 123 -43.58 -99.92 64.24
CA LEU TA 123 -44.02 -99.89 62.84
C LEU TA 123 -42.81 -100.25 61.99
N VAL TA 124 -42.61 -101.56 61.81
CA VAL TA 124 -41.37 -102.09 61.29
C VAL TA 124 -41.24 -101.76 59.81
N LEU TA 125 -40.01 -101.86 59.30
CA LEU TA 125 -39.77 -101.58 57.86
C LEU TA 125 -40.40 -102.72 57.06
N PHE TA 126 -41.29 -102.40 56.11
CA PHE TA 126 -41.93 -103.46 55.36
C PHE TA 126 -40.88 -104.29 54.63
N PRO TA 127 -41.07 -105.60 54.53
CA PRO TA 127 -40.09 -106.44 53.86
C PRO TA 127 -40.02 -106.21 52.37
N ARG TA 128 -38.98 -106.69 51.72
CA ARG TA 128 -38.88 -106.61 50.26
C ARG TA 128 -39.77 -107.61 49.56
N LYS TA 129 -40.22 -108.64 50.26
CA LYS TA 129 -41.17 -109.64 49.78
C LYS TA 129 -42.28 -109.79 50.81
N PRO TA 130 -43.46 -110.24 50.37
CA PRO TA 130 -44.49 -110.62 51.36
C PRO TA 130 -44.05 -111.77 52.25
N SER TA 131 -43.04 -112.54 51.84
CA SER TA 131 -42.47 -113.58 52.68
C SER TA 131 -41.07 -113.87 52.13
N ALA TA 132 -40.04 -113.56 52.91
CA ALA TA 132 -38.67 -113.58 52.38
C ALA TA 132 -37.76 -114.51 53.17
N PRO TA 133 -37.13 -115.50 52.51
CA PRO TA 133 -36.09 -116.30 53.18
C PRO TA 133 -34.72 -115.62 53.15
N LYS TA 134 -33.66 -116.35 53.54
CA LYS TA 134 -32.30 -115.83 53.38
C LYS TA 134 -32.12 -114.55 54.19
N LYS TA 135 -31.92 -114.70 55.50
CA LYS TA 135 -32.49 -113.87 56.56
C LYS TA 135 -32.80 -112.43 56.19
N GLY TA 136 -34.05 -112.06 56.48
CA GLY TA 136 -34.56 -110.72 56.33
C GLY TA 136 -35.89 -110.65 57.06
N ASP TA 137 -36.66 -109.63 56.73
CA ASP TA 137 -38.02 -109.57 57.23
C ASP TA 137 -38.86 -110.65 56.56
N SER TA 138 -39.89 -111.10 57.25
CA SER TA 138 -40.87 -112.04 56.73
C SER TA 138 -42.25 -111.43 56.89
N SER TA 139 -43.28 -112.24 56.67
CA SER TA 139 -44.64 -111.71 56.80
C SER TA 139 -45.02 -111.36 58.22
N ALA TA 140 -44.23 -111.77 59.23
CA ALA TA 140 -44.55 -111.38 60.60
C ALA TA 140 -44.46 -109.87 60.78
N GLU TA 141 -43.40 -109.26 60.23
CA GLU TA 141 -43.30 -107.80 60.15
C GLU TA 141 -44.42 -107.19 59.31
N GLU TA 142 -45.00 -107.98 58.41
CA GLU TA 142 -46.13 -107.58 57.58
C GLU TA 142 -47.48 -107.86 58.23
N LEU TA 143 -47.54 -108.86 59.11
CA LEU TA 143 -48.80 -109.27 59.71
C LEU TA 143 -48.94 -108.78 61.16
N LYS TA 144 -47.83 -108.42 61.81
CA LYS TA 144 -47.91 -107.99 63.20
C LYS TA 144 -48.80 -106.76 63.33
N LEU TA 145 -48.61 -105.77 62.44
CA LEU TA 145 -49.53 -104.65 62.38
C LEU TA 145 -49.25 -103.86 61.10
N ALA TA 146 -50.32 -103.33 60.52
CA ALA TA 146 -50.25 -102.56 59.30
C ALA TA 146 -50.81 -101.17 59.53
N THR TA 147 -50.10 -100.17 59.01
CA THR TA 147 -50.64 -98.83 58.83
C THR TA 147 -50.45 -98.44 57.37
N GLN TA 148 -51.22 -97.43 56.95
CA GLN TA 148 -50.96 -96.81 55.65
C GLN TA 148 -51.10 -95.30 55.75
N LEU TA 149 -50.90 -94.74 56.94
CA LEU TA 149 -51.04 -93.31 57.16
C LEU TA 149 -49.67 -92.67 57.16
N THR TA 150 -49.45 -91.75 56.22
CA THR TA 150 -48.23 -90.97 56.20
C THR TA 150 -48.08 -90.23 57.52
N GLY TA 151 -46.90 -90.35 58.13
CA GLY TA 151 -46.65 -89.79 59.43
C GLY TA 151 -46.62 -88.28 59.43
N PRO TA 152 -46.13 -87.71 60.50
CA PRO TA 152 -46.10 -86.24 60.65
C PRO TA 152 -44.76 -85.67 60.21
N VAL TA 153 -44.71 -84.34 60.20
CA VAL TA 153 -43.43 -83.63 60.26
C VAL TA 153 -42.98 -83.64 61.71
N MET TA 154 -41.76 -84.10 61.95
CA MET TA 154 -41.33 -84.34 63.32
C MET TA 154 -41.22 -83.02 64.08
N PRO TA 155 -41.38 -83.05 65.41
CA PRO TA 155 -41.40 -81.79 66.17
C PRO TA 155 -40.07 -81.06 66.05
N ILE TA 156 -40.17 -79.75 65.81
CA ILE TA 156 -38.97 -78.92 65.67
C ILE TA 156 -38.34 -78.66 67.04
N ARG TA 157 -39.09 -78.01 67.92
CA ARG TA 157 -38.60 -77.56 69.22
C ARG TA 157 -39.73 -77.55 70.24
N ASN TA 158 -39.46 -78.17 71.40
CA ASN TA 158 -40.37 -78.14 72.55
C ASN TA 158 -39.61 -78.05 73.88
N VAL TA 159 -38.52 -77.28 73.92
CA VAL TA 159 -37.65 -77.17 75.09
C VAL TA 159 -37.83 -75.81 75.73
N PHE TA 160 -38.06 -75.79 77.04
CA PHE TA 160 -38.05 -74.57 77.85
C PHE TA 160 -37.63 -74.95 79.26
N LYS TA 161 -36.55 -74.35 79.74
CA LYS TA 161 -36.12 -74.61 81.10
C LYS TA 161 -37.15 -74.08 82.09
N LYS TA 162 -37.30 -74.78 83.21
CA LYS TA 162 -38.26 -74.42 84.24
C LYS TA 162 -37.53 -73.78 85.40
N GLU TA 163 -37.96 -72.58 85.79
CA GLU TA 163 -37.30 -71.80 86.82
C GLU TA 163 -38.11 -71.84 88.11
N LYS TA 164 -37.42 -72.05 89.22
CA LYS TA 164 -38.05 -72.20 90.53
C LYS TA 164 -37.66 -71.04 91.41
N ALA TA 165 -38.60 -70.56 92.21
CA ALA TA 165 -38.33 -69.42 93.08
C ALA TA 165 -37.27 -69.76 94.11
N ARG TA 166 -36.47 -68.78 94.46
CA ARG TA 166 -35.32 -68.97 95.32
C ARG TA 166 -35.48 -68.19 96.62
N VAL TA 167 -34.42 -68.21 97.43
CA VAL TA 167 -34.40 -67.65 98.78
C VAL TA 167 -33.27 -66.64 98.84
N ILE TA 168 -33.10 -65.87 97.77
CA ILE TA 168 -31.82 -65.34 97.31
C ILE TA 168 -30.88 -64.93 98.44
N THR TA 169 -29.64 -65.40 98.35
CA THR TA 169 -28.69 -65.38 99.45
C THR TA 169 -27.71 -64.22 99.33
N GLU TA 170 -26.97 -64.00 100.41
CA GLU TA 170 -26.06 -62.86 100.48
C GLU TA 170 -24.88 -63.04 99.53
N GLU TA 171 -24.70 -64.24 98.98
CA GLU TA 171 -23.63 -64.44 98.00
C GLU TA 171 -23.85 -63.58 96.76
N GLU TA 172 -25.10 -63.49 96.30
CA GLU TA 172 -25.40 -62.72 95.10
C GLU TA 172 -25.41 -61.23 95.36
N LYS TA 173 -25.95 -60.80 96.51
CA LYS TA 173 -26.13 -59.37 96.75
C LYS TA 173 -24.81 -58.62 96.81
N ASN TA 174 -23.69 -59.32 97.00
CA ASN TA 174 -22.40 -58.67 96.96
C ASN TA 174 -21.81 -58.61 95.56
N PHE TA 175 -22.54 -59.10 94.56
CA PHE TA 175 -22.07 -59.00 93.18
C PHE TA 175 -22.44 -57.63 92.63
N LYS TA 176 -21.46 -56.92 92.09
CA LYS TA 176 -21.67 -55.65 91.43
C LYS TA 176 -21.60 -55.90 89.93
N ALA TA 177 -22.77 -56.14 89.32
CA ALA TA 177 -22.79 -56.61 87.95
C ALA TA 177 -22.17 -55.60 86.99
N PHE TA 178 -22.49 -54.32 87.15
CA PHE TA 178 -21.94 -53.33 86.24
C PHE TA 178 -20.45 -53.13 86.47
N ALA TA 179 -20.01 -53.10 87.73
CA ALA TA 179 -18.58 -53.00 87.98
C ALA TA 179 -17.86 -54.24 87.46
N SER TA 180 -18.51 -55.40 87.54
CA SER TA 180 -17.88 -56.63 87.06
C SER TA 180 -17.79 -56.65 85.54
N LEU TA 181 -18.81 -56.13 84.85
CA LEU TA 181 -18.75 -56.09 83.39
C LEU TA 181 -17.65 -55.16 82.92
N ARG TA 182 -17.62 -53.94 83.45
CA ARG TA 182 -16.64 -52.96 82.99
C ARG TA 182 -15.23 -53.45 83.23
N MET TA 183 -14.97 -54.04 84.38
CA MET TA 183 -13.64 -54.59 84.66
C MET TA 183 -13.26 -55.62 83.60
N ALA TA 184 -14.14 -56.59 83.35
CA ALA TA 184 -13.81 -57.66 82.43
C ALA TA 184 -13.71 -57.15 81.00
N ARG TA 185 -14.48 -56.12 80.66
CA ARG TA 185 -14.39 -55.58 79.30
C ARG TA 185 -13.09 -54.82 79.09
N ALA TA 186 -12.70 -53.99 80.07
CA ALA TA 186 -11.47 -53.22 79.93
C ALA TA 186 -10.24 -54.08 80.18
N ASN TA 187 -10.36 -55.12 81.00
CA ASN TA 187 -9.26 -56.05 81.20
C ASN TA 187 -8.95 -56.81 79.91
N ALA TA 188 -9.99 -57.25 79.20
CA ALA TA 188 -9.77 -58.08 78.02
C ALA TA 188 -9.07 -57.31 76.91
N ARG TA 189 -9.55 -56.10 76.61
CA ARG TA 189 -8.92 -55.32 75.55
C ARG TA 189 -7.50 -54.92 75.91
N LEU TA 190 -7.18 -54.91 77.21
CA LEU TA 190 -5.86 -54.52 77.68
C LEU TA 190 -5.00 -55.72 78.05
N PHE TA 191 -5.36 -56.91 77.58
CA PHE TA 191 -4.56 -58.08 77.90
C PHE TA 191 -3.23 -58.07 77.14
N GLY TA 192 -3.25 -57.58 75.90
CA GLY TA 192 -2.04 -57.61 75.11
C GLY TA 192 -0.96 -56.72 75.67
N ILE TA 193 -1.25 -55.43 75.85
CA ILE TA 193 -0.19 -54.49 76.14
C ILE TA 193 0.39 -54.73 77.53
N ARG TA 194 -0.41 -55.25 78.46
CA ARG TA 194 0.13 -55.56 79.78
C ARG TA 194 1.18 -56.64 79.70
N ALA TA 195 1.09 -57.51 78.69
CA ALA TA 195 2.14 -58.51 78.49
C ALA TA 195 3.45 -57.86 78.10
N LYS TA 196 3.42 -56.98 77.11
CA LYS TA 196 4.66 -56.34 76.65
C LYS TA 196 5.28 -55.52 77.75
N ARG TA 197 4.47 -54.75 78.49
CA ARG TA 197 5.00 -53.98 79.60
C ARG TA 197 5.50 -54.89 80.73
N ALA TA 198 5.07 -56.16 80.72
CA ALA TA 198 5.64 -57.12 81.65
C ALA TA 198 6.84 -57.82 81.04
N LYS TA 199 6.87 -57.93 79.71
CA LYS TA 199 7.98 -58.61 79.06
C LYS TA 199 9.24 -57.75 79.05
N GLU TA 200 9.08 -56.45 78.78
CA GLU TA 200 10.24 -55.59 78.64
C GLU TA 200 10.98 -55.42 79.96
N ALA TA 201 10.26 -55.08 81.03
CA ALA TA 201 10.92 -54.86 82.32
C ALA TA 201 11.58 -56.13 82.82
N ALA TA 202 11.02 -57.29 82.51
CA ALA TA 202 11.64 -58.55 82.90
C ALA TA 202 13.00 -58.72 82.21
N GLU TA 203 13.10 -58.26 80.96
CA GLU TA 203 14.40 -58.27 80.28
C GLU TA 203 15.24 -57.07 80.68
N GLN TA 204 14.60 -55.94 80.97
CA GLN TA 204 15.36 -54.72 81.30
C GLN TA 204 15.91 -54.77 82.72
N ASP TA 205 15.33 -55.59 83.59
CA ASP TA 205 15.95 -55.78 84.90
C ASP TA 205 17.28 -56.48 84.79
N VAL TA 206 17.38 -57.48 83.91
CA VAL TA 206 18.58 -58.30 83.85
C VAL TA 206 19.67 -57.63 83.00
N GLU TA 207 19.28 -56.75 82.07
CA GLU TA 207 20.29 -56.00 81.33
C GLU TA 207 21.13 -55.16 82.28
N LYS TA 208 20.55 -54.78 83.42
CA LYS TA 208 21.33 -54.15 84.48
C LYS TA 208 22.43 -55.08 84.98
N LYS TA 209 22.14 -56.37 85.05
CA LYS TA 209 23.09 -57.39 85.49
C LYS TA 209 23.81 -58.03 84.32
N LYS TA 210 23.74 -57.46 83.13
CA LYS TA 210 24.50 -57.94 81.99
C LYS TA 210 25.59 -56.94 81.62
N GLY UA 1 3.69 -94.99 39.76
CA GLY UA 1 4.02 -95.30 38.38
C GLY UA 1 4.62 -94.12 37.68
N ALA UA 2 4.84 -94.25 36.37
CA ALA UA 2 5.53 -93.22 35.61
C ALA UA 2 4.79 -91.89 35.61
N TYR UA 3 3.46 -91.90 35.73
CA TYR UA 3 2.70 -90.67 35.62
C TYR UA 3 3.08 -89.68 36.72
N LYS UA 4 3.28 -90.17 37.95
CA LYS UA 4 3.76 -89.29 39.01
C LYS UA 4 5.12 -88.71 38.63
N TYR UA 5 6.00 -89.52 38.05
CA TYR UA 5 7.29 -89.00 37.59
C TYR UA 5 7.10 -87.97 36.48
N ILE UA 6 6.18 -88.26 35.54
CA ILE UA 6 5.89 -87.29 34.48
C ILE UA 6 5.32 -86.02 35.08
N GLN UA 7 4.38 -86.17 36.01
CA GLN UA 7 3.76 -85.02 36.66
C GLN UA 7 4.79 -84.16 37.36
N GLU UA 8 5.74 -84.79 38.05
CA GLU UA 8 6.74 -84.02 38.79
C GLU UA 8 7.78 -83.43 37.87
N LEU UA 9 7.81 -83.84 36.61
CA LEU UA 9 8.78 -83.30 35.67
C LEU UA 9 8.26 -82.02 35.03
N TRP UA 10 7.05 -82.04 34.50
CA TRP UA 10 6.51 -80.85 33.85
C TRP UA 10 6.27 -79.71 34.82
N ARG UA 11 6.30 -79.96 36.13
CA ARG UA 11 6.32 -78.86 37.07
C ARG UA 11 7.60 -78.06 36.94
N LYS UA 12 8.72 -78.75 36.74
CA LYS UA 12 10.01 -78.11 36.52
C LYS UA 12 10.11 -77.75 35.04
N LYS UA 13 9.47 -76.66 34.65
CA LYS UA 13 9.53 -76.22 33.27
C LYS UA 13 10.86 -75.51 33.03
N GLN UA 14 10.95 -74.74 31.96
CA GLN UA 14 12.20 -74.15 31.50
C GLN UA 14 13.15 -75.28 31.09
N SER UA 15 12.73 -76.04 30.05
CA SER UA 15 13.41 -77.16 29.39
C SER UA 15 13.76 -76.76 27.95
N ASP UA 16 14.29 -77.73 27.20
CA ASP UA 16 14.46 -77.60 25.76
C ASP UA 16 13.51 -78.48 24.96
N VAL UA 17 13.04 -79.60 25.52
CA VAL UA 17 12.00 -80.39 24.88
C VAL UA 17 10.83 -79.50 24.51
N MET UA 18 10.73 -78.34 25.15
CA MET UA 18 9.71 -77.36 24.81
C MET UA 18 10.20 -76.42 23.72
N ARG UA 19 11.51 -76.28 23.57
CA ARG UA 19 12.06 -75.45 22.52
C ARG UA 19 12.36 -76.26 21.26
N PHE UA 20 12.84 -77.51 21.43
CA PHE UA 20 12.97 -78.40 20.28
C PHE UA 20 11.64 -78.53 19.56
N LEU UA 21 10.54 -78.19 20.24
CA LEU UA 21 9.22 -78.65 19.86
C LEU UA 21 8.35 -77.54 19.29
N LEU UA 22 8.59 -76.29 19.68
CA LEU UA 22 7.83 -75.20 19.08
C LEU UA 22 8.02 -75.17 17.58
N ARG UA 23 9.26 -75.37 17.13
CA ARG UA 23 9.52 -75.39 15.70
C ARG UA 23 8.71 -76.47 15.01
N VAL UA 24 8.56 -77.63 15.66
CA VAL UA 24 7.65 -78.64 15.13
C VAL UA 24 6.24 -78.08 15.06
N ARG UA 25 5.85 -77.30 16.05
CA ARG UA 25 4.50 -76.74 16.07
C ARG UA 25 4.37 -75.53 15.16
N CYS UA 26 5.39 -74.66 15.15
CA CYS UA 26 5.26 -73.37 14.49
C CYS UA 26 5.26 -73.49 12.97
N TRP UA 27 5.95 -74.49 12.42
CA TRP UA 27 5.99 -74.65 10.98
C TRP UA 27 4.74 -75.35 10.45
N GLN UA 28 4.51 -76.59 10.87
CA GLN UA 28 3.53 -77.42 10.17
C GLN UA 28 2.10 -76.97 10.38
N TYR UA 29 1.86 -75.95 11.20
CA TYR UA 29 0.54 -75.32 11.11
C TYR UA 29 0.33 -74.53 9.84
N ARG UA 30 1.30 -74.54 8.92
CA ARG UA 30 1.16 -73.94 7.59
C ARG UA 30 1.15 -75.01 6.50
N GLN UA 31 1.92 -76.10 6.70
CA GLN UA 31 1.83 -77.27 5.84
C GLN UA 31 0.45 -77.88 5.91
N LEU UA 32 -0.17 -77.83 7.09
CA LEU UA 32 -1.59 -78.08 7.29
C LEU UA 32 -2.12 -76.82 7.94
N SER UA 33 -3.33 -76.87 8.48
CA SER UA 33 -3.90 -75.65 9.05
C SER UA 33 -3.26 -75.33 10.40
N ALA UA 34 -3.72 -74.26 11.02
CA ALA UA 34 -3.47 -74.02 12.43
C ALA UA 34 -4.39 -74.85 13.30
N LEU UA 35 -5.02 -75.85 12.70
CA LEU UA 35 -5.95 -76.75 13.39
C LEU UA 35 -5.85 -78.09 12.68
N HIS UA 36 -5.07 -79.02 13.23
CA HIS UA 36 -4.96 -80.32 12.60
C HIS UA 36 -5.04 -81.38 13.68
N ARG UA 37 -5.08 -82.64 13.26
CA ARG UA 37 -5.24 -83.74 14.19
C ARG UA 37 -3.90 -84.23 14.71
N ALA UA 38 -3.77 -84.29 15.93
CA ALA UA 38 -2.63 -85.07 16.38
C ALA UA 38 -3.03 -86.53 16.46
N PRO UA 39 -2.11 -87.45 16.24
CA PRO UA 39 -2.50 -88.86 16.27
C PRO UA 39 -2.63 -89.38 17.70
N ARG UA 40 -1.87 -88.79 18.61
CA ARG UA 40 -1.87 -89.17 20.01
C ARG UA 40 -1.34 -88.00 20.81
N PRO UA 41 -1.81 -87.81 22.04
CA PRO UA 41 -1.42 -86.61 22.79
C PRO UA 41 0.08 -86.54 22.98
N THR UA 42 0.63 -85.32 22.87
CA THR UA 42 2.02 -85.13 23.24
C THR UA 42 2.20 -84.99 24.74
N ARG UA 43 1.12 -84.87 25.49
CA ARG UA 43 1.15 -84.93 26.95
C ARG UA 43 0.23 -86.06 27.36
N PRO UA 44 0.76 -87.24 27.71
CA PRO UA 44 -0.13 -88.34 28.08
C PRO UA 44 -0.84 -88.11 29.39
N ASP UA 45 -0.12 -87.74 30.45
CA ASP UA 45 -0.75 -87.61 31.76
C ASP UA 45 -1.84 -86.55 31.75
N LYS UA 46 -1.51 -85.35 31.26
CA LYS UA 46 -2.44 -84.23 31.39
C LYS UA 46 -3.74 -84.50 30.65
N ALA UA 47 -3.66 -85.10 29.47
CA ALA UA 47 -4.87 -85.49 28.78
C ALA UA 47 -5.70 -86.42 29.66
N ARG UA 48 -5.05 -87.40 30.28
CA ARG UA 48 -5.78 -88.38 31.07
C ARG UA 48 -6.39 -87.74 32.31
N ARG UA 49 -5.67 -86.80 32.93
CA ARG UA 49 -6.20 -86.16 34.13
C ARG UA 49 -7.40 -85.28 33.80
N LEU UA 50 -7.57 -84.93 32.53
CA LEU UA 50 -8.65 -84.01 32.18
C LEU UA 50 -9.90 -84.73 31.68
N GLY UA 51 -9.87 -86.05 31.58
CA GLY UA 51 -11.04 -86.79 31.14
C GLY UA 51 -10.78 -87.71 29.97
N TYR UA 52 -9.75 -87.37 29.19
CA TYR UA 52 -9.33 -88.23 28.09
C TYR UA 52 -8.97 -89.62 28.57
N LYS UA 53 -9.44 -90.63 27.84
CA LYS UA 53 -8.96 -91.99 27.99
C LYS UA 53 -8.38 -92.42 26.65
N ALA UA 54 -7.96 -93.67 26.56
CA ALA UA 54 -7.24 -94.11 25.37
C ALA UA 54 -8.08 -94.96 24.43
N LYS UA 55 -9.39 -95.06 24.65
CA LYS UA 55 -10.20 -95.97 23.87
C LYS UA 55 -10.54 -95.36 22.51
N GLN UA 56 -11.32 -96.11 21.73
CA GLN UA 56 -11.79 -95.67 20.43
C GLN UA 56 -12.60 -94.38 20.56
N GLY UA 57 -12.86 -93.74 19.42
CA GLY UA 57 -13.81 -92.65 19.39
C GLY UA 57 -13.33 -91.33 19.95
N TYR UA 58 -12.11 -91.26 20.47
CA TYR UA 58 -11.56 -90.02 20.99
C TYR UA 58 -10.61 -89.39 19.99
N VAL UA 59 -10.68 -88.07 19.87
CA VAL UA 59 -9.88 -87.31 18.93
C VAL UA 59 -9.10 -86.28 19.73
N ILE UA 60 -7.99 -85.81 19.17
CA ILE UA 60 -7.18 -84.78 19.83
C ILE UA 60 -6.59 -83.84 18.77
N TYR UA 61 -7.12 -82.61 18.75
CA TYR UA 61 -6.64 -81.58 17.79
C TYR UA 61 -5.70 -80.60 18.51
N ARG UA 62 -4.67 -80.16 17.78
CA ARG UA 62 -3.78 -79.10 18.23
C ARG UA 62 -4.21 -77.81 17.55
N ILE UA 63 -4.33 -76.74 18.33
CA ILE UA 63 -4.82 -75.46 17.82
C ILE UA 63 -3.87 -74.36 18.26
N ARG UA 64 -3.64 -73.40 17.37
CA ARG UA 64 -2.68 -72.33 17.58
C ARG UA 64 -3.36 -70.98 17.52
N VAL UA 65 -3.31 -70.25 18.63
CA VAL UA 65 -3.90 -68.93 18.71
C VAL UA 65 -2.77 -67.91 18.76
N ARG UA 66 -3.08 -66.68 18.39
CA ARG UA 66 -2.10 -65.61 18.36
C ARG UA 66 -2.26 -64.73 19.58
N ARG UA 67 -1.14 -64.38 20.21
CA ARG UA 67 -1.17 -63.69 21.49
C ARG UA 67 -1.51 -62.23 21.30
N GLY UA 68 -1.67 -61.54 22.41
CA GLY UA 68 -1.88 -60.10 22.40
C GLY UA 68 -3.16 -59.71 23.13
N GLY UA 69 -3.45 -58.42 23.07
CA GLY UA 69 -4.71 -57.94 23.58
C GLY UA 69 -5.83 -58.16 22.60
N ARG UA 70 -6.72 -57.19 22.45
CA ARG UA 70 -7.73 -57.24 21.41
C ARG UA 70 -7.97 -55.81 20.95
N LYS UA 71 -7.28 -55.41 19.90
CA LYS UA 71 -7.47 -54.07 19.36
C LYS UA 71 -8.91 -53.91 18.92
N ARG UA 72 -9.52 -52.79 19.30
CA ARG UA 72 -10.93 -52.58 19.03
C ARG UA 72 -11.14 -52.29 17.55
N PRO UA 73 -11.96 -53.07 16.85
CA PRO UA 73 -12.09 -52.84 15.40
C PRO UA 73 -12.94 -51.63 15.06
N VAL UA 74 -12.27 -50.55 14.68
CA VAL UA 74 -12.95 -49.31 14.27
C VAL UA 74 -12.17 -48.66 13.15
N PRO UA 75 -12.86 -47.98 12.25
CA PRO UA 75 -12.17 -47.34 11.12
C PRO UA 75 -11.33 -46.18 11.60
N LYS UA 76 -10.03 -46.22 11.27
CA LYS UA 76 -9.11 -45.12 11.55
C LYS UA 76 -9.04 -44.77 13.02
N GLY UA 77 -9.57 -45.60 13.91
CA GLY UA 77 -9.55 -45.27 15.32
C GLY UA 77 -10.52 -44.19 15.74
N ALA UA 78 -11.43 -43.79 14.85
CA ALA UA 78 -12.40 -42.74 15.16
C ALA UA 78 -13.59 -43.37 15.86
N THR UA 79 -13.36 -43.80 17.10
CA THR UA 79 -14.42 -44.37 17.93
C THR UA 79 -15.26 -43.23 18.48
N TYR UA 80 -16.32 -42.89 17.76
CA TYR UA 80 -17.17 -41.79 18.17
C TYR UA 80 -17.77 -42.06 19.54
N GLY UA 81 -17.86 -41.01 20.35
CA GLY UA 81 -18.41 -41.15 21.68
C GLY UA 81 -17.71 -40.27 22.70
N LYS UA 82 -18.32 -40.10 23.86
CA LYS UA 82 -17.75 -39.30 24.95
C LYS UA 82 -16.40 -39.90 25.29
N PRO UA 83 -15.41 -39.11 25.65
CA PRO UA 83 -14.04 -39.61 25.58
C PRO UA 83 -13.67 -40.53 26.72
N VAL UA 84 -14.57 -41.45 27.09
CA VAL UA 84 -14.21 -42.59 27.91
C VAL UA 84 -14.16 -43.86 27.09
N HIS UA 85 -15.10 -44.06 26.20
CA HIS UA 85 -15.06 -45.16 25.28
C HIS UA 85 -14.17 -44.88 24.09
N HIS UA 86 -13.29 -43.89 24.20
CA HIS UA 86 -12.15 -43.80 23.32
C HIS UA 86 -11.19 -44.94 23.63
N GLY UA 87 -10.06 -44.97 22.94
CA GLY UA 87 -9.09 -45.98 23.27
C GLY UA 87 -9.22 -47.21 22.41
N VAL UA 88 -8.14 -47.55 21.71
CA VAL UA 88 -8.15 -48.67 20.77
C VAL UA 88 -7.05 -49.68 21.03
N ASN UA 89 -5.96 -49.31 21.68
CA ASN UA 89 -4.78 -50.17 21.75
C ASN UA 89 -4.77 -51.10 22.97
N GLN UA 90 -4.92 -50.53 24.16
CA GLN UA 90 -4.52 -51.23 25.37
C GLN UA 90 -5.59 -52.11 25.98
N LEU UA 91 -6.82 -52.10 25.47
CA LEU UA 91 -7.86 -52.86 26.13
C LEU UA 91 -7.77 -54.34 25.78
N LYS UA 92 -8.36 -55.18 26.62
CA LYS UA 92 -8.12 -56.61 26.62
C LYS UA 92 -9.40 -57.41 26.42
N PHE UA 93 -9.25 -58.59 25.82
CA PHE UA 93 -10.33 -59.52 25.59
C PHE UA 93 -10.80 -60.10 26.92
N ALA UA 94 -12.03 -60.63 26.94
CA ALA UA 94 -12.63 -61.11 28.18
C ALA UA 94 -12.79 -62.62 28.21
N ARG UA 95 -12.08 -63.35 27.36
CA ARG UA 95 -11.97 -64.79 27.47
C ARG UA 95 -10.52 -65.19 27.34
N SER UA 96 -10.13 -66.19 28.13
CA SER UA 96 -8.78 -66.71 28.05
C SER UA 96 -8.45 -67.10 26.63
N LEU UA 97 -7.17 -66.97 26.24
CA LEU UA 97 -6.78 -67.55 24.96
C LEU UA 97 -7.12 -69.02 24.90
N GLN UA 98 -6.93 -69.73 26.02
CA GLN UA 98 -7.31 -71.13 26.07
C GLN UA 98 -8.80 -71.30 25.77
N SER UA 99 -9.60 -70.28 26.03
CA SER UA 99 -11.01 -70.38 25.68
C SER UA 99 -11.23 -70.08 24.22
N VAL UA 100 -10.37 -69.26 23.61
CA VAL UA 100 -10.45 -69.05 22.17
C VAL UA 100 -10.11 -70.34 21.43
N ALA UA 101 -8.99 -70.97 21.81
CA ALA UA 101 -8.53 -72.15 21.10
C ALA UA 101 -9.52 -73.30 21.21
N GLU UA 102 -10.39 -73.27 22.22
CA GLU UA 102 -11.45 -74.27 22.29
C GLU UA 102 -12.53 -73.96 21.26
N GLU UA 103 -12.85 -72.69 21.04
CA GLU UA 103 -13.92 -72.34 20.13
C GLU UA 103 -13.61 -72.83 18.72
N ARG UA 104 -12.41 -72.54 18.23
CA ARG UA 104 -12.07 -72.88 16.85
C ARG UA 104 -12.03 -74.38 16.64
N ALA UA 105 -11.60 -75.14 17.64
CA ALA UA 105 -11.57 -76.59 17.51
C ALA UA 105 -12.98 -77.14 17.36
N GLY UA 106 -13.95 -76.50 18.00
CA GLY UA 106 -15.32 -76.99 17.92
C GLY UA 106 -16.07 -76.47 16.71
N ARG UA 107 -15.83 -75.22 16.34
CA ARG UA 107 -16.52 -74.64 15.20
C ARG UA 107 -16.14 -75.36 13.91
N HIS UA 108 -14.85 -75.58 13.71
CA HIS UA 108 -14.38 -76.32 12.54
C HIS UA 108 -14.98 -77.71 12.47
N CYS UA 109 -14.87 -78.47 13.56
CA CYS UA 109 -15.32 -79.85 13.58
C CYS UA 109 -16.64 -79.96 14.35
N GLY UA 110 -17.72 -79.58 13.68
CA GLY UA 110 -19.02 -79.93 14.17
C GLY UA 110 -19.22 -81.43 14.14
N ALA UA 111 -20.20 -81.89 14.92
CA ALA UA 111 -20.50 -83.30 15.15
C ALA UA 111 -19.54 -83.92 16.15
N LEU UA 112 -18.61 -83.14 16.70
CA LEU UA 112 -17.77 -83.57 17.80
C LEU UA 112 -18.00 -82.62 18.98
N ARG UA 113 -17.69 -83.09 20.17
CA ARG UA 113 -17.95 -82.35 21.39
C ARG UA 113 -16.64 -82.12 22.15
N VAL UA 114 -16.37 -80.85 22.47
CA VAL UA 114 -15.14 -80.52 23.20
C VAL UA 114 -15.19 -81.11 24.59
N LEU UA 115 -14.04 -81.38 25.16
CA LEU UA 115 -14.09 -81.93 26.51
C LEU UA 115 -13.23 -81.16 27.51
N ASN UA 116 -12.04 -80.74 27.12
CA ASN UA 116 -11.12 -79.84 27.84
C ASN UA 116 -9.98 -79.48 26.91
N SER UA 117 -9.01 -78.77 27.45
CA SER UA 117 -7.82 -78.44 26.67
C SER UA 117 -6.66 -78.17 27.63
N TYR UA 118 -5.45 -78.28 27.10
CA TYR UA 118 -4.26 -77.99 27.90
C TYR UA 118 -3.23 -77.30 27.03
N TRP UA 119 -2.10 -76.99 27.64
CA TRP UA 119 -1.08 -76.14 27.03
C TRP UA 119 0.13 -76.99 26.63
N VAL UA 120 0.67 -76.74 25.44
CA VAL UA 120 1.77 -77.54 24.91
C VAL UA 120 2.91 -76.71 24.37
N GLY UA 121 2.78 -75.40 24.26
CA GLY UA 121 3.88 -74.59 23.78
C GLY UA 121 3.49 -73.13 23.69
N GLU UA 122 4.51 -72.27 23.67
CA GLU UA 122 4.29 -70.83 23.74
C GLU UA 122 5.48 -70.12 23.09
N ASP UA 123 5.30 -69.66 21.86
CA ASP UA 123 6.27 -68.78 21.24
C ASP UA 123 6.00 -67.36 21.74
N SER UA 124 6.63 -66.36 21.13
CA SER UA 124 6.34 -64.98 21.49
C SER UA 124 5.05 -64.50 20.86
N THR UA 125 4.73 -64.97 19.66
CA THR UA 125 3.56 -64.50 18.94
C THR UA 125 2.59 -65.65 18.65
N TYR UA 126 2.54 -66.64 19.52
CA TYR UA 126 1.57 -67.72 19.41
C TYR UA 126 1.34 -68.33 20.79
N LYS UA 127 0.33 -69.17 20.88
CA LYS UA 127 0.10 -70.01 22.04
C LYS UA 127 -0.47 -71.33 21.56
N PHE UA 128 0.22 -72.42 21.86
CA PHE UA 128 -0.06 -73.70 21.24
C PHE UA 128 -0.84 -74.57 22.22
N PHE UA 129 -2.02 -75.01 21.81
CA PHE UA 129 -2.92 -75.76 22.68
C PHE UA 129 -3.31 -77.09 22.05
N GLU UA 130 -3.90 -77.96 22.87
CA GLU UA 130 -4.49 -79.21 22.42
C GLU UA 130 -5.89 -79.31 22.98
N VAL UA 131 -6.85 -79.65 22.11
CA VAL UA 131 -8.25 -79.73 22.49
C VAL UA 131 -8.69 -81.18 22.37
N ILE UA 132 -9.10 -81.76 23.48
CA ILE UA 132 -9.53 -83.15 23.53
C ILE UA 132 -10.97 -83.23 23.06
N LEU UA 133 -11.22 -84.02 22.04
CA LEU UA 133 -12.55 -84.11 21.44
C LEU UA 133 -13.09 -85.53 21.60
N ILE UA 134 -14.41 -85.62 21.71
CA ILE UA 134 -15.12 -86.89 21.75
C ILE UA 134 -16.01 -87.00 20.53
N ASP UA 135 -16.03 -88.18 19.91
CA ASP UA 135 -16.96 -88.41 18.82
C ASP UA 135 -18.22 -89.06 19.37
N PRO UA 136 -19.28 -88.29 19.58
CA PRO UA 136 -20.40 -88.76 20.41
C PRO UA 136 -21.34 -89.72 19.73
N PHE UA 137 -20.99 -90.30 18.59
CA PHE UA 137 -21.83 -91.29 17.95
C PHE UA 137 -21.13 -92.62 17.76
N HIS UA 138 -19.93 -92.78 18.30
CA HIS UA 138 -19.17 -94.01 18.18
C HIS UA 138 -19.57 -94.96 19.29
N LYS UA 139 -19.95 -96.18 18.93
CA LYS UA 139 -20.63 -97.05 19.88
C LYS UA 139 -19.71 -97.46 21.03
N ALA UA 140 -18.41 -97.22 20.93
CA ALA UA 140 -17.55 -97.37 22.10
C ALA UA 140 -17.77 -96.26 23.10
N ILE UA 141 -18.49 -95.21 22.72
CA ILE UA 141 -18.83 -94.13 23.63
C ILE UA 141 -20.33 -94.03 23.85
N ARG UA 142 -21.16 -94.48 22.91
CA ARG UA 142 -22.58 -94.54 23.16
C ARG UA 142 -22.93 -95.59 24.20
N ARG UA 143 -22.07 -96.60 24.35
CA ARG UA 143 -22.36 -97.76 25.18
C ARG UA 143 -21.58 -97.77 26.49
N ASN UA 144 -20.70 -96.80 26.70
CA ASN UA 144 -19.98 -96.66 27.96
C ASN UA 144 -20.82 -95.82 28.92
N PRO UA 145 -21.44 -96.41 29.94
CA PRO UA 145 -22.27 -95.62 30.85
C PRO UA 145 -21.51 -94.57 31.64
N ASP UA 146 -20.18 -94.65 31.69
CA ASP UA 146 -19.40 -93.61 32.33
C ASP UA 146 -19.43 -92.32 31.50
N THR UA 147 -18.87 -92.39 30.29
CA THR UA 147 -18.93 -91.27 29.35
C THR UA 147 -20.11 -91.52 28.43
N GLN UA 148 -21.29 -91.22 28.94
CA GLN UA 148 -22.51 -91.36 28.18
C GLN UA 148 -23.33 -90.08 28.20
N TRP UA 149 -23.02 -89.17 29.10
CA TRP UA 149 -23.73 -87.90 29.17
C TRP UA 149 -23.51 -87.05 27.93
N ILE UA 150 -22.33 -87.16 27.30
CA ILE UA 150 -22.03 -86.30 26.16
C ILE UA 150 -23.04 -86.50 25.05
N THR UA 151 -23.52 -87.73 24.88
CA THR UA 151 -24.45 -87.99 23.79
C THR UA 151 -25.74 -87.20 23.95
N LYS UA 152 -26.12 -86.87 25.18
CA LYS UA 152 -27.36 -86.15 25.40
C LYS UA 152 -27.29 -84.76 24.74
N PRO UA 153 -28.40 -84.26 24.20
CA PRO UA 153 -28.33 -83.07 23.37
C PRO UA 153 -27.98 -81.81 24.11
N VAL UA 154 -28.19 -81.76 25.43
CA VAL UA 154 -27.94 -80.54 26.19
C VAL UA 154 -26.49 -80.07 26.06
N HIS UA 155 -25.57 -80.98 25.75
CA HIS UA 155 -24.15 -80.67 25.66
C HIS UA 155 -23.70 -80.41 24.23
N LYS UA 156 -24.58 -79.86 23.40
CA LYS UA 156 -24.19 -79.52 22.03
C LYS UA 156 -23.29 -78.30 22.03
N HIS UA 157 -22.10 -78.43 21.45
CA HIS UA 157 -21.18 -77.32 21.27
C HIS UA 157 -20.88 -76.64 22.61
N ARG UA 158 -20.28 -77.41 23.52
CA ARG UA 158 -19.98 -76.89 24.85
C ARG UA 158 -19.04 -75.70 24.78
N GLU UA 159 -18.23 -75.64 23.72
CA GLU UA 159 -17.09 -74.74 23.72
C GLU UA 159 -17.51 -73.28 23.61
N MET UA 160 -18.72 -73.00 23.13
CA MET UA 160 -19.14 -71.63 22.88
C MET UA 160 -20.38 -71.20 23.63
N ARG UA 161 -20.74 -71.89 24.71
CA ARG UA 161 -21.61 -71.33 25.73
C ARG UA 161 -20.91 -71.14 27.06
N GLY UA 162 -19.68 -71.62 27.18
CA GLY UA 162 -18.88 -71.40 28.36
C GLY UA 162 -19.07 -72.46 29.42
N LEU UA 163 -18.99 -73.74 29.04
CA LEU UA 163 -19.19 -74.81 29.99
C LEU UA 163 -17.93 -75.58 30.33
N THR UA 164 -16.94 -75.61 29.45
CA THR UA 164 -15.72 -76.37 29.71
C THR UA 164 -14.95 -75.74 30.85
N SER UA 165 -13.95 -76.47 31.36
CA SER UA 165 -13.18 -75.97 32.50
C SER UA 165 -12.46 -74.68 32.16
N ALA UA 166 -11.88 -74.60 30.97
CA ALA UA 166 -11.10 -73.42 30.60
C ALA UA 166 -12.00 -72.23 30.32
N GLY UA 167 -13.10 -72.45 29.60
CA GLY UA 167 -14.01 -71.36 29.33
C GLY UA 167 -14.73 -70.88 30.57
N ARG UA 168 -15.11 -71.81 31.46
CA ARG UA 168 -15.96 -71.46 32.59
C ARG UA 168 -15.32 -70.41 33.47
N LYS UA 169 -14.00 -70.44 33.61
CA LYS UA 169 -13.35 -69.51 34.52
C LYS UA 169 -13.60 -68.07 34.15
N SER UA 170 -13.93 -67.80 32.89
CA SER UA 170 -14.18 -66.42 32.48
C SER UA 170 -15.43 -65.86 33.12
N ARG UA 171 -16.42 -66.70 33.42
CA ARG UA 171 -17.68 -66.20 33.93
C ARG UA 171 -17.55 -65.55 35.29
N GLY UA 172 -16.48 -65.82 36.02
CA GLY UA 172 -16.35 -65.30 37.36
C GLY UA 172 -17.38 -65.87 38.31
N LEU UA 173 -17.57 -67.19 38.25
CA LEU UA 173 -18.48 -67.85 39.17
C LEU UA 173 -17.75 -68.89 40.01
N GLY UA 174 -18.32 -69.14 41.18
CA GLY UA 174 -17.75 -70.02 42.17
C GLY UA 174 -18.58 -69.87 43.43
N LYS UA 175 -17.99 -70.12 44.60
CA LYS UA 175 -18.69 -69.91 45.85
C LYS UA 175 -17.80 -69.09 46.77
N GLY UA 176 -18.39 -68.10 47.42
CA GLY UA 176 -17.64 -67.31 48.38
C GLY UA 176 -18.24 -65.93 48.55
N HIS UA 177 -17.41 -65.03 49.06
CA HIS UA 177 -17.79 -63.63 49.20
C HIS UA 177 -17.26 -62.78 48.06
N LYS UA 178 -16.24 -63.22 47.35
CA LYS UA 178 -15.72 -62.48 46.22
C LYS UA 178 -16.42 -62.84 44.92
N PHE UA 179 -17.41 -63.71 44.96
CA PHE UA 179 -18.15 -64.08 43.77
C PHE UA 179 -19.62 -63.71 43.92
N HIS UA 180 -19.88 -62.49 44.39
CA HIS UA 180 -21.25 -61.99 44.49
C HIS UA 180 -21.83 -61.61 43.15
N HIS UA 181 -21.00 -61.47 42.12
CA HIS UA 181 -21.52 -61.12 40.81
C HIS UA 181 -22.47 -62.18 40.30
N THR UA 182 -22.07 -63.43 40.38
CA THR UA 182 -22.80 -64.53 39.78
C THR UA 182 -23.40 -65.34 40.92
N ILE UA 183 -24.56 -64.90 41.41
CA ILE UA 183 -25.24 -65.59 42.49
C ILE UA 183 -26.54 -66.23 42.03
N GLY UA 184 -27.02 -65.90 40.86
CA GLY UA 184 -28.13 -66.61 40.27
C GLY UA 184 -27.73 -67.62 39.23
N GLY UA 185 -26.44 -67.88 39.09
CA GLY UA 185 -25.94 -68.80 38.11
C GLY UA 185 -25.13 -68.17 37.01
N SER UA 186 -25.26 -66.87 36.79
CA SER UA 186 -24.56 -66.23 35.68
C SER UA 186 -24.55 -64.73 35.89
N ARG UA 187 -23.45 -64.09 35.51
CA ARG UA 187 -23.29 -62.67 35.76
C ARG UA 187 -24.34 -61.84 35.04
N ARG UA 188 -25.26 -62.49 34.34
CA ARG UA 188 -26.38 -61.77 33.76
C ARG UA 188 -27.73 -62.28 34.26
N ALA UA 189 -27.76 -63.46 34.88
CA ALA UA 189 -29.00 -63.89 35.53
C ALA UA 189 -29.15 -63.25 36.90
N ALA UA 190 -28.04 -63.10 37.62
CA ALA UA 190 -28.10 -62.42 38.90
C ALA UA 190 -28.03 -60.92 38.73
N TRP UA 191 -27.99 -60.45 37.49
CA TRP UA 191 -28.24 -59.04 37.24
C TRP UA 191 -29.72 -58.78 37.02
N ARG UA 192 -30.37 -59.65 36.24
CA ARG UA 192 -31.81 -59.50 36.07
C ARG UA 192 -32.51 -59.57 37.41
N ARG UA 193 -32.19 -60.57 38.21
CA ARG UA 193 -32.98 -60.85 39.40
C ARG UA 193 -32.89 -59.73 40.43
N ARG UA 194 -31.92 -58.82 40.30
CA ARG UA 194 -31.85 -57.71 41.23
C ARG UA 194 -32.26 -56.38 40.62
N ASN UA 195 -32.55 -56.33 39.32
CA ASN UA 195 -32.98 -55.11 38.69
C ASN UA 195 -34.41 -55.19 38.14
N THR UA 196 -35.26 -55.95 38.81
CA THR UA 196 -36.69 -55.96 38.51
C THR UA 196 -37.48 -55.42 39.68
N LEU UA 197 -38.38 -54.48 39.41
CA LEU UA 197 -39.47 -54.28 40.34
C LEU UA 197 -40.29 -55.55 40.42
N GLN UA 198 -40.80 -55.85 41.61
CA GLN UA 198 -41.73 -56.96 41.75
C GLN UA 198 -42.96 -56.45 42.49
N LEU UA 199 -44.11 -56.61 41.87
CA LEU UA 199 -45.35 -56.01 42.35
C LEU UA 199 -46.30 -57.12 42.74
N HIS UA 200 -46.35 -57.43 44.03
CA HIS UA 200 -47.26 -58.45 44.51
C HIS UA 200 -48.70 -58.06 44.18
N ARG UA 201 -49.60 -59.05 44.24
CA ARG UA 201 -51.00 -58.75 43.97
C ARG UA 201 -51.55 -57.79 45.02
N TYR UA 202 -51.27 -58.05 46.28
CA TYR UA 202 -51.56 -57.13 47.37
C TYR UA 202 -50.22 -56.53 47.77
N ARG UA 203 -49.99 -55.26 47.43
CA ARG UA 203 -48.71 -54.65 47.73
C ARG UA 203 -48.44 -54.63 49.23
N GLY VA 1 39.58 -72.17 -62.55
CA GLY VA 1 38.97 -73.36 -63.12
C GLY VA 1 37.53 -73.54 -62.71
N LYS VA 2 36.68 -73.87 -63.67
CA LYS VA 2 35.27 -74.12 -63.40
C LYS VA 2 35.16 -75.28 -62.41
N PHE VA 3 34.54 -75.04 -61.27
CA PHE VA 3 34.39 -76.08 -60.26
C PHE VA 3 33.19 -76.99 -60.51
N MET VA 4 32.35 -76.70 -61.51
CA MET VA 4 31.24 -77.57 -61.87
C MET VA 4 31.65 -78.62 -62.90
N LYS VA 5 32.65 -79.38 -62.53
CA LYS VA 5 32.97 -80.54 -63.34
C LYS VA 5 31.99 -81.67 -63.04
N PRO VA 6 31.66 -82.50 -64.02
CA PRO VA 6 30.61 -83.50 -63.80
C PRO VA 6 30.99 -84.61 -62.84
N GLY VA 7 31.46 -84.25 -61.65
CA GLY VA 7 31.66 -85.24 -60.60
C GLY VA 7 31.35 -84.68 -59.23
N LYS VA 8 30.97 -83.42 -59.17
CA LYS VA 8 30.84 -82.71 -57.91
C LYS VA 8 29.54 -83.08 -57.21
N VAL VA 9 29.47 -82.75 -55.93
CA VAL VA 9 28.24 -82.88 -55.14
C VAL VA 9 27.72 -81.49 -54.87
N VAL VA 10 26.47 -81.25 -55.25
CA VAL VA 10 25.86 -79.94 -55.11
C VAL VA 10 24.55 -80.10 -54.36
N LEU VA 11 24.35 -79.27 -53.35
CA LEU VA 11 23.03 -79.17 -52.77
C LEU VA 11 22.08 -78.60 -53.82
N VAL VA 12 20.82 -78.98 -53.70
CA VAL VA 12 19.78 -78.35 -54.49
C VAL VA 12 19.20 -77.24 -53.62
N LEU VA 13 19.11 -76.04 -54.17
CA LEU VA 13 18.82 -74.88 -53.35
C LEU VA 13 17.43 -74.32 -53.60
N ALA VA 14 16.68 -74.87 -54.55
CA ALA VA 14 15.34 -74.37 -54.83
C ALA VA 14 14.54 -75.45 -55.52
N GLY VA 15 13.23 -75.32 -55.45
CA GLY VA 15 12.34 -76.30 -56.04
C GLY VA 15 11.71 -77.19 -55.00
N ARG VA 16 11.12 -78.27 -55.49
CA ARG VA 16 10.47 -79.23 -54.60
C ARG VA 16 11.49 -80.05 -53.82
N TYR VA 17 12.77 -79.93 -54.12
CA TYR VA 17 13.77 -80.89 -53.65
C TYR VA 17 14.92 -80.27 -52.89
N SER VA 18 14.81 -79.02 -52.45
CA SER VA 18 16.01 -78.39 -51.90
C SER VA 18 16.31 -78.93 -50.51
N GLY VA 19 17.59 -78.87 -50.15
CA GLY VA 19 18.10 -79.55 -48.99
C GLY VA 19 18.51 -80.97 -49.27
N ARG VA 20 18.10 -81.51 -50.40
CA ARG VA 20 18.45 -82.85 -50.81
C ARG VA 20 19.70 -82.78 -51.65
N LYS VA 21 20.73 -83.50 -51.24
CA LYS VA 21 22.00 -83.45 -51.95
C LYS VA 21 21.91 -84.23 -53.25
N ALA VA 22 22.87 -83.98 -54.13
CA ALA VA 22 22.82 -84.56 -55.47
C ALA VA 22 24.21 -84.50 -56.08
N VAL VA 23 24.33 -85.12 -57.25
CA VAL VA 23 25.58 -85.16 -57.98
C VAL VA 23 25.30 -84.70 -59.40
N ILE VA 24 26.33 -84.17 -60.06
CA ILE VA 24 26.22 -83.69 -61.43
C ILE VA 24 26.80 -84.74 -62.36
N VAL VA 25 25.96 -85.32 -63.21
CA VAL VA 25 26.45 -86.26 -64.20
C VAL VA 25 27.02 -85.55 -65.42
N LYS VA 26 26.59 -84.33 -65.71
CA LYS VA 26 27.05 -83.62 -66.89
C LYS VA 26 26.72 -82.15 -66.74
N ASN VA 27 27.71 -81.28 -66.88
CA ASN VA 27 27.50 -79.84 -66.87
C ASN VA 27 27.25 -79.37 -68.29
N ILE VA 28 26.24 -78.51 -68.46
CA ILE VA 28 25.73 -78.10 -69.76
C ILE VA 28 25.97 -76.60 -69.92
N ASP VA 29 27.17 -76.14 -69.54
CA ASP VA 29 27.49 -74.73 -69.44
C ASP VA 29 27.09 -73.95 -70.69
N ASP VA 30 27.05 -72.63 -70.56
CA ASP VA 30 26.06 -71.73 -71.18
C ASP VA 30 25.50 -72.14 -72.54
N GLY VA 31 26.32 -72.45 -73.52
CA GLY VA 31 25.78 -72.68 -74.85
C GLY VA 31 24.81 -73.85 -74.91
N THR VA 32 23.50 -73.55 -74.99
CA THR VA 32 22.48 -74.59 -75.00
C THR VA 32 21.38 -74.40 -76.06
N SER VA 33 21.06 -73.16 -76.44
CA SER VA 33 20.17 -72.81 -77.55
C SER VA 33 18.70 -73.10 -77.28
N ASP VA 34 18.38 -73.77 -76.18
CA ASP VA 34 17.00 -73.96 -75.76
C ASP VA 34 16.71 -73.33 -74.40
N ARG VA 35 17.56 -73.60 -73.41
CA ARG VA 35 17.62 -72.89 -72.14
C ARG VA 35 18.84 -71.98 -72.22
N PRO VA 36 18.68 -70.72 -72.64
CA PRO VA 36 19.86 -69.90 -72.94
C PRO VA 36 20.81 -69.74 -71.76
N TYR VA 37 20.30 -69.77 -70.54
CA TYR VA 37 21.16 -69.73 -69.37
C TYR VA 37 21.87 -71.06 -69.18
N SER VA 38 22.89 -71.05 -68.33
CA SER VA 38 23.64 -72.26 -68.06
C SER VA 38 22.86 -73.16 -67.12
N HIS VA 39 22.85 -74.46 -67.41
CA HIS VA 39 22.14 -75.41 -66.59
C HIS VA 39 22.96 -76.69 -66.51
N ALA VA 40 22.63 -77.55 -65.54
CA ALA VA 40 23.46 -78.70 -65.25
C ALA VA 40 22.57 -79.87 -64.83
N LEU VA 41 22.55 -80.92 -65.63
CA LEU VA 41 21.82 -82.13 -65.25
C LEU VA 41 22.35 -82.65 -63.93
N VAL VA 42 21.47 -82.91 -62.99
CA VAL VA 42 21.87 -83.44 -61.70
C VAL VA 42 21.03 -84.67 -61.39
N ALA VA 43 21.59 -85.55 -60.58
CA ALA VA 43 20.87 -86.71 -60.08
C ALA VA 43 21.11 -86.78 -58.58
N GLY VA 44 20.04 -86.99 -57.82
CA GLY VA 44 20.15 -86.97 -56.38
C GLY VA 44 19.17 -87.88 -55.69
N ILE VA 45 18.85 -87.58 -54.43
CA ILE VA 45 18.00 -88.42 -53.61
C ILE VA 45 17.04 -87.54 -52.82
N ASP VA 46 15.78 -87.95 -52.73
CA ASP VA 46 14.77 -87.22 -51.99
C ASP VA 46 14.55 -87.77 -50.59
N ARG VA 47 14.52 -89.09 -50.45
CA ARG VA 47 14.40 -89.73 -49.15
C ARG VA 47 15.69 -90.47 -48.84
N TYR VA 48 16.13 -90.40 -47.62
CA TYR VA 48 17.43 -90.94 -47.28
C TYR VA 48 17.28 -92.25 -46.53
N PRO VA 49 18.33 -93.08 -46.51
CA PRO VA 49 18.33 -94.21 -45.58
C PRO VA 49 18.26 -93.70 -44.15
N ARG VA 50 17.49 -94.40 -43.33
CA ARG VA 50 17.29 -93.94 -41.97
C ARG VA 50 18.49 -94.29 -41.10
N LYS VA 51 18.50 -93.75 -39.89
CA LYS VA 51 19.54 -94.09 -38.93
C LYS VA 51 19.57 -95.60 -38.71
N VAL VA 52 20.77 -96.15 -38.69
CA VAL VA 52 20.98 -97.55 -39.05
C VAL VA 52 21.76 -98.30 -37.98
N THR VA 53 21.57 -97.90 -36.71
CA THR VA 53 22.38 -98.38 -35.60
C THR VA 53 22.43 -99.89 -35.44
N ALA VA 54 23.41 -100.38 -34.66
CA ALA VA 54 23.73 -101.79 -34.57
C ALA VA 54 22.90 -102.51 -33.51
N ALA VA 55 21.59 -102.46 -33.68
CA ALA VA 55 20.69 -103.27 -32.86
C ALA VA 55 19.54 -103.87 -33.64
N MET VA 56 19.42 -103.62 -34.94
CA MET VA 56 18.20 -103.91 -35.67
C MET VA 56 18.20 -105.29 -36.31
N GLY VA 57 19.34 -105.78 -36.76
CA GLY VA 57 19.40 -107.08 -37.38
C GLY VA 57 19.12 -107.04 -38.87
N LYS VA 58 19.49 -108.12 -39.55
CA LYS VA 58 19.60 -108.13 -41.00
C LYS VA 58 18.29 -107.79 -41.68
N LYS VA 59 17.18 -108.40 -41.23
CA LYS VA 59 15.93 -108.28 -41.96
C LYS VA 59 15.42 -106.84 -42.00
N LYS VA 60 15.38 -106.20 -40.84
CA LYS VA 60 14.85 -104.84 -40.75
C LYS VA 60 15.84 -103.80 -41.25
N ILE VA 61 17.15 -104.03 -41.05
CA ILE VA 61 18.12 -103.01 -41.39
C ILE VA 61 18.18 -102.79 -42.89
N ALA VA 62 18.04 -103.88 -43.67
CA ALA VA 62 18.07 -103.73 -45.12
C ALA VA 62 16.87 -102.93 -45.61
N LYS VA 63 15.68 -103.21 -45.06
CA LYS VA 63 14.51 -102.43 -45.41
C LYS VA 63 14.65 -100.98 -44.95
N ARG VA 64 15.16 -100.79 -43.74
CA ARG VA 64 15.28 -99.46 -43.17
C ARG VA 64 16.27 -98.59 -43.91
N SER VA 65 17.14 -99.20 -44.71
CA SER VA 65 18.18 -98.47 -45.43
C SER VA 65 17.92 -98.41 -46.92
N LYS VA 66 16.67 -98.25 -47.33
CA LYS VA 66 16.32 -98.13 -48.74
C LYS VA 66 16.15 -96.68 -49.12
N ILE VA 67 16.71 -96.31 -50.27
CA ILE VA 67 16.97 -94.92 -50.62
C ILE VA 67 16.21 -94.58 -51.90
N LYS VA 68 15.46 -93.48 -51.86
CA LYS VA 68 14.78 -92.96 -53.03
C LYS VA 68 15.70 -92.00 -53.79
N SER VA 69 15.33 -91.68 -55.02
CA SER VA 69 16.22 -90.94 -55.88
C SER VA 69 15.43 -90.07 -56.84
N PHE VA 70 16.11 -89.08 -57.42
CA PHE VA 70 15.51 -88.19 -58.40
C PHE VA 70 16.57 -87.72 -59.37
N VAL VA 71 16.11 -87.26 -60.52
CA VAL VA 71 16.98 -86.69 -61.55
C VAL VA 71 16.27 -85.48 -62.15
N LYS VA 72 17.00 -84.39 -62.37
CA LYS VA 72 16.40 -83.19 -62.91
C LYS VA 72 17.47 -82.34 -63.58
N VAL VA 73 17.03 -81.40 -64.40
CA VAL VA 73 17.90 -80.46 -65.08
C VAL VA 73 17.71 -79.09 -64.44
N TYR VA 74 18.70 -78.67 -63.65
CA TYR VA 74 18.58 -77.50 -62.80
C TYR VA 74 19.31 -76.33 -63.40
N ASN VA 75 18.79 -75.13 -63.13
CA ASN VA 75 19.53 -73.92 -63.40
C ASN VA 75 20.70 -73.86 -62.43
N TYR VA 76 21.69 -73.04 -62.75
CA TYR VA 76 22.86 -72.96 -61.89
C TYR VA 76 22.62 -72.10 -60.66
N ASN VA 77 21.79 -71.06 -60.77
CA ASN VA 77 21.55 -70.20 -59.61
C ASN VA 77 20.91 -70.96 -58.46
N HIS VA 78 20.37 -72.15 -58.71
CA HIS VA 78 19.79 -72.97 -57.67
C HIS VA 78 20.67 -74.14 -57.29
N LEU VA 79 21.98 -74.04 -57.46
CA LEU VA 79 22.93 -75.06 -57.03
C LEU VA 79 24.00 -74.45 -56.15
N MET VA 80 24.25 -75.06 -55.00
CA MET VA 80 25.32 -74.66 -54.10
C MET VA 80 26.51 -75.58 -54.27
N PRO VA 81 27.57 -75.14 -54.96
CA PRO VA 81 28.77 -75.97 -55.07
C PRO VA 81 29.37 -76.27 -53.71
N THR VA 82 29.92 -77.47 -53.58
CA THR VA 82 30.60 -77.90 -52.35
C THR VA 82 31.92 -78.55 -52.73
N ARG VA 83 32.74 -78.81 -51.71
CA ARG VA 83 34.06 -79.36 -51.93
C ARG VA 83 34.09 -80.89 -51.85
N TYR VA 84 32.98 -81.52 -51.53
CA TYR VA 84 32.93 -82.97 -51.55
C TYR VA 84 32.47 -83.47 -52.91
N SER VA 85 32.55 -84.78 -53.13
CA SER VA 85 32.29 -85.35 -54.45
C SER VA 85 31.74 -86.76 -54.31
N VAL VA 86 31.20 -87.26 -55.42
CA VAL VA 86 30.78 -88.65 -55.55
C VAL VA 86 31.25 -89.15 -56.91
N ASP VA 87 32.22 -90.05 -56.89
CA ASP VA 87 32.79 -90.66 -58.09
C ASP VA 87 32.15 -92.03 -58.31
N ILE VA 88 30.99 -92.04 -58.96
CA ILE VA 88 30.12 -93.21 -58.98
C ILE VA 88 30.06 -93.78 -60.39
N PRO VA 89 30.10 -95.11 -60.54
CA PRO VA 89 29.99 -95.73 -61.86
C PRO VA 89 28.52 -95.92 -62.23
N LEU VA 90 28.09 -95.28 -63.31
CA LEU VA 90 26.71 -95.40 -63.76
C LEU VA 90 26.68 -95.51 -65.28
N ASP VA 91 25.49 -95.40 -65.84
CA ASP VA 91 25.24 -95.60 -67.27
C ASP VA 91 24.79 -94.25 -67.82
N LYS VA 92 25.66 -93.62 -68.63
CA LYS VA 92 25.33 -92.34 -69.23
C LYS VA 92 24.59 -92.47 -70.55
N THR VA 93 24.35 -93.70 -71.02
CA THR VA 93 23.42 -93.86 -72.14
C THR VA 93 21.99 -93.70 -71.67
N VAL VA 94 21.69 -94.20 -70.47
CA VAL VA 94 20.32 -94.13 -69.95
C VAL VA 94 20.03 -92.73 -69.44
N VAL VA 95 20.86 -92.21 -68.56
CA VAL VA 95 20.58 -91.00 -67.79
C VAL VA 95 21.21 -89.82 -68.53
N ASN VA 96 20.44 -89.17 -69.39
CA ASN VA 96 20.95 -88.04 -70.15
C ASN VA 96 19.77 -87.16 -70.53
N LYS VA 97 20.08 -85.92 -70.94
CA LYS VA 97 19.07 -84.89 -71.14
C LYS VA 97 17.95 -85.31 -72.08
N ASP VA 98 18.11 -86.41 -72.82
CA ASP VA 98 17.00 -86.96 -73.59
C ASP VA 98 15.93 -87.54 -72.67
N VAL VA 99 16.30 -87.91 -71.44
CA VAL VA 99 15.42 -88.64 -70.53
C VAL VA 99 14.05 -87.96 -70.40
N PHE VA 100 13.99 -86.66 -70.62
CA PHE VA 100 12.73 -85.95 -70.49
C PHE VA 100 11.78 -86.35 -71.62
N ARG VA 101 10.61 -85.71 -71.66
CA ARG VA 101 9.59 -85.87 -72.68
C ARG VA 101 9.45 -87.33 -73.13
N ASP VA 102 9.50 -88.25 -72.17
CA ASP VA 102 9.34 -89.68 -72.41
C ASP VA 102 9.07 -90.38 -71.09
N PRO VA 103 7.90 -90.20 -70.47
CA PRO VA 103 7.70 -90.69 -69.10
C PRO VA 103 7.91 -92.18 -68.94
N ALA VA 104 7.93 -92.93 -70.05
CA ALA VA 104 8.35 -94.32 -69.98
C ALA VA 104 9.83 -94.45 -69.63
N LEU VA 105 10.65 -93.55 -70.15
CA LEU VA 105 12.10 -93.67 -70.03
C LEU VA 105 12.63 -92.98 -68.78
N LYS VA 106 11.91 -91.98 -68.27
CA LYS VA 106 12.39 -91.25 -67.10
C LYS VA 106 12.46 -92.16 -65.87
N ARG VA 107 11.48 -93.05 -65.71
CA ARG VA 107 11.50 -93.98 -64.58
C ARG VA 107 12.70 -94.91 -64.66
N LYS VA 108 13.17 -95.20 -65.88
CA LYS VA 108 14.34 -96.04 -66.04
C LYS VA 108 15.59 -95.38 -65.47
N ALA VA 109 15.74 -94.07 -65.70
CA ALA VA 109 16.91 -93.38 -65.19
C ALA VA 109 16.85 -93.19 -63.68
N ARG VA 110 15.69 -92.76 -63.17
CA ARG VA 110 15.56 -92.59 -61.73
C ARG VA 110 15.91 -93.88 -60.99
N ARG VA 111 15.43 -95.01 -61.49
CA ARG VA 111 15.69 -96.29 -60.84
C ARG VA 111 17.13 -96.75 -61.02
N GLU VA 112 17.78 -96.34 -62.11
CA GLU VA 112 19.17 -96.72 -62.29
C GLU VA 112 20.05 -96.04 -61.24
N ALA VA 113 19.80 -94.77 -60.97
CA ALA VA 113 20.59 -94.07 -59.96
C ALA VA 113 20.19 -94.49 -58.56
N LYS VA 114 19.04 -95.14 -58.41
CA LYS VA 114 18.66 -95.69 -57.11
C LYS VA 114 19.55 -96.86 -56.74
N VAL VA 115 19.74 -97.81 -57.66
CA VAL VA 115 20.51 -99.01 -57.33
C VAL VA 115 21.99 -98.69 -57.21
N LYS VA 116 22.53 -97.88 -58.12
CA LYS VA 116 23.95 -97.58 -58.07
C LYS VA 116 24.31 -96.69 -56.88
N PHE VA 117 23.33 -95.93 -56.36
CA PHE VA 117 23.60 -95.15 -55.16
C PHE VA 117 23.64 -96.02 -53.91
N GLU VA 118 22.69 -96.96 -53.78
CA GLU VA 118 22.63 -97.71 -52.54
C GLU VA 118 23.82 -98.66 -52.40
N GLU VA 119 24.32 -99.19 -53.51
CA GLU VA 119 25.53 -100.00 -53.44
C GLU VA 119 26.70 -99.18 -52.95
N ARG VA 120 26.76 -97.91 -53.36
CA ARG VA 120 27.77 -97.01 -52.82
C ARG VA 120 27.49 -96.67 -51.37
N TYR VA 121 26.22 -96.68 -50.96
CA TYR VA 121 25.89 -96.36 -49.58
C TYR VA 121 26.50 -97.37 -48.62
N LYS VA 122 26.45 -98.65 -48.98
CA LYS VA 122 27.13 -99.67 -48.18
C LYS VA 122 28.63 -99.46 -48.28
N THR VA 123 29.38 -100.35 -47.61
CA THR VA 123 30.84 -100.33 -47.60
C THR VA 123 31.37 -99.06 -46.92
N GLY VA 124 30.46 -98.26 -46.36
CA GLY VA 124 30.85 -97.15 -45.53
C GLY VA 124 31.45 -95.97 -46.25
N LYS VA 125 31.56 -96.01 -47.57
CA LYS VA 125 32.12 -94.89 -48.29
C LYS VA 125 31.10 -93.76 -48.41
N ASN VA 126 31.62 -92.54 -48.53
CA ASN VA 126 30.81 -91.35 -48.79
C ASN VA 126 29.67 -91.24 -47.79
N LYS VA 127 30.02 -91.02 -46.54
CA LYS VA 127 29.04 -90.95 -45.45
C LYS VA 127 28.70 -89.51 -45.08
N TRP VA 128 28.75 -88.65 -46.07
CA TRP VA 128 28.24 -87.27 -45.98
C TRP VA 128 27.16 -87.02 -47.01
N PHE VA 129 27.34 -87.53 -48.22
CA PHE VA 129 26.31 -87.44 -49.25
C PHE VA 129 25.03 -88.11 -48.82
N PHE VA 130 25.10 -89.11 -47.93
CA PHE VA 130 23.95 -89.92 -47.57
C PHE VA 130 23.38 -89.55 -46.21
N GLN VA 131 23.90 -88.50 -45.59
CA GLN VA 131 23.34 -87.97 -44.35
C GLN VA 131 22.40 -86.82 -44.67
N LYS VA 132 21.34 -86.69 -43.89
CA LYS VA 132 20.44 -85.55 -44.05
C LYS VA 132 21.22 -84.26 -43.83
N LEU VA 133 20.91 -83.26 -44.63
CA LEU VA 133 21.34 -81.90 -44.30
C LEU VA 133 20.29 -81.30 -43.38
N ARG VA 134 20.71 -80.84 -42.21
CA ARG VA 134 19.77 -80.39 -41.20
C ARG VA 134 19.72 -78.86 -41.18
N PHE VA 135 18.66 -78.32 -41.76
CA PHE VA 135 18.48 -76.89 -41.83
C PHE VA 135 17.19 -76.49 -41.14
N MET WA 1 53.13 -76.40 55.90
CA MET WA 1 53.48 -77.81 55.91
C MET WA 1 52.49 -78.61 56.74
N SER WA 2 51.95 -79.67 56.15
CA SER WA 2 51.07 -80.60 56.85
C SER WA 2 50.86 -81.83 55.96
N SER WA 3 50.01 -82.74 56.43
CA SER WA 3 49.68 -83.94 55.68
C SER WA 3 48.54 -83.68 54.71
N LYS WA 4 48.19 -84.71 53.96
CA LYS WA 4 47.07 -84.63 53.03
C LYS WA 4 45.80 -85.24 53.60
N VAL WA 5 45.94 -86.16 54.56
CA VAL WA 5 44.78 -86.68 55.27
C VAL WA 5 44.35 -85.72 56.38
N SER WA 6 45.23 -84.82 56.80
CA SER WA 6 44.94 -83.86 57.85
C SER WA 6 44.19 -82.64 57.35
N ARG WA 7 43.54 -82.71 56.19
CA ARG WA 7 42.70 -81.60 55.74
C ARG WA 7 41.43 -81.54 56.57
N ASP WA 8 41.05 -80.34 56.97
CA ASP WA 8 39.97 -80.09 57.91
C ASP WA 8 38.91 -79.24 57.22
N THR WA 9 37.93 -79.88 56.58
CA THR WA 9 37.00 -79.13 55.75
C THR WA 9 36.18 -78.12 56.60
N LEU WA 10 35.38 -78.56 57.58
CA LEU WA 10 34.72 -79.86 57.78
C LEU WA 10 33.44 -79.58 58.57
N TYR WA 11 32.28 -79.93 58.03
CA TYR WA 11 31.02 -79.61 58.69
C TYR WA 11 30.68 -80.66 59.72
N GLU WA 12 30.83 -80.32 60.99
CA GLU WA 12 30.29 -81.12 62.08
C GLU WA 12 28.82 -80.78 62.24
N ALA WA 13 28.00 -81.82 62.39
CA ALA WA 13 26.55 -81.69 62.24
C ALA WA 13 25.98 -80.71 63.26
N VAL WA 14 24.70 -80.37 63.09
CA VAL WA 14 24.06 -79.35 63.92
C VAL WA 14 24.12 -79.74 65.39
N ARG WA 15 24.24 -81.03 65.69
CA ARG WA 15 24.52 -81.48 67.04
C ARG WA 15 25.90 -82.09 67.20
N GLU WA 16 26.32 -82.97 66.29
CA GLU WA 16 27.59 -83.66 66.41
C GLU WA 16 28.74 -82.70 66.09
N VAL WA 17 29.68 -82.57 67.03
CA VAL WA 17 30.90 -81.79 66.86
C VAL WA 17 32.08 -82.71 67.21
N LEU WA 18 31.92 -83.99 66.92
CA LEU WA 18 32.72 -85.07 67.50
C LEU WA 18 34.18 -85.00 67.04
N HIS WA 19 34.47 -84.16 66.06
CA HIS WA 19 35.75 -84.14 65.36
C HIS WA 19 36.91 -83.56 66.19
N GLY WA 20 36.76 -83.38 67.49
CA GLY WA 20 37.88 -82.93 68.31
C GLY WA 20 38.46 -84.03 69.17
N ASN WA 21 37.62 -85.00 69.54
CA ASN WA 21 38.03 -86.11 70.41
C ASN WA 21 38.40 -87.35 69.61
N GLN WA 22 38.87 -87.18 68.38
CA GLN WA 22 39.19 -88.30 67.51
C GLN WA 22 40.58 -88.21 66.89
N ARG WA 23 41.29 -87.09 67.06
CA ARG WA 23 42.53 -86.85 66.34
C ARG WA 23 43.59 -86.34 67.31
N LYS WA 24 44.85 -86.62 67.00
CA LYS WA 24 45.95 -86.37 67.91
C LYS WA 24 47.25 -86.29 67.15
N ARG WA 25 48.11 -85.37 67.59
CA ARG WA 25 49.46 -85.20 67.05
C ARG WA 25 50.53 -85.43 68.10
N ARG WA 26 50.41 -84.81 69.26
CA ARG WA 26 51.38 -84.99 70.34
C ARG WA 26 51.27 -86.39 70.95
N LYS WA 27 52.39 -86.83 71.52
CA LYS WA 27 52.34 -87.92 72.50
C LYS WA 27 52.04 -87.41 73.89
N PHE WA 28 51.79 -86.12 74.03
CA PHE WA 28 51.28 -85.49 75.24
C PHE WA 28 49.92 -84.89 74.95
N LEU WA 29 49.24 -84.39 75.97
CA LEU WA 29 47.90 -83.84 75.85
C LEU WA 29 47.91 -82.56 75.02
N GLU WA 30 46.85 -82.38 74.22
CA GLU WA 30 46.65 -81.17 73.43
C GLU WA 30 45.42 -80.42 73.93
N THR WA 31 45.46 -79.09 73.81
CA THR WA 31 44.44 -78.22 74.39
C THR WA 31 43.50 -77.69 73.30
N VAL WA 32 42.29 -78.22 73.25
CA VAL WA 32 41.32 -77.85 72.22
C VAL WA 32 40.76 -76.48 72.55
N GLU WA 33 40.72 -75.60 71.55
CA GLU WA 33 40.26 -74.23 71.74
C GLU WA 33 39.32 -73.84 70.61
N LEU WA 34 39.00 -72.56 70.55
CA LEU WA 34 38.19 -72.00 69.47
C LEU WA 34 38.72 -70.62 69.11
N GLN WA 35 38.72 -70.32 67.81
CA GLN WA 35 39.05 -69.00 67.30
C GLN WA 35 37.87 -68.49 66.47
N ILE WA 36 37.61 -67.19 66.55
CA ILE WA 36 36.57 -66.56 65.74
C ILE WA 36 37.25 -65.82 64.59
N SER WA 37 37.34 -66.48 63.45
CA SER WA 37 37.84 -65.82 62.25
C SER WA 37 36.92 -64.68 61.88
N LEU WA 38 37.50 -63.54 61.49
CA LEU WA 38 36.74 -62.31 61.34
C LEU WA 38 37.09 -61.61 60.04
N LYS WA 39 36.08 -60.98 59.44
CA LYS WA 39 36.24 -60.02 58.35
C LYS WA 39 35.08 -59.05 58.41
N ASN WA 40 35.41 -57.74 58.36
CA ASN WA 40 34.42 -56.67 58.36
C ASN WA 40 33.63 -56.61 59.68
N TYR WA 41 34.32 -56.85 60.78
CA TYR WA 41 33.91 -56.38 62.10
C TYR WA 41 34.99 -55.45 62.61
N ASP WA 42 34.66 -54.17 62.74
CA ASP WA 42 35.69 -53.15 62.80
C ASP WA 42 36.40 -53.19 64.15
N PRO WA 43 37.63 -53.74 64.20
CA PRO WA 43 38.29 -53.95 65.48
C PRO WA 43 38.63 -52.66 66.20
N GLN WA 44 39.39 -51.80 65.51
CA GLN WA 44 40.00 -50.64 66.12
C GLN WA 44 39.35 -49.33 65.69
N LYS WA 45 38.06 -49.34 65.35
CA LYS WA 45 37.38 -48.09 65.04
C LYS WA 45 36.26 -47.77 66.03
N ASP WA 46 35.21 -48.59 66.11
CA ASP WA 46 34.09 -48.28 67.02
C ASP WA 46 33.45 -49.47 67.70
N LYS WA 47 33.69 -50.70 67.25
CA LYS WA 47 32.84 -51.83 67.62
C LYS WA 47 33.25 -52.44 68.95
N ARG WA 48 32.27 -52.63 69.84
CA ARG WA 48 32.46 -53.30 71.12
C ARG WA 48 31.58 -54.54 71.14
N PHE WA 49 32.21 -55.71 71.30
CA PHE WA 49 31.54 -57.00 71.21
C PHE WA 49 31.99 -57.85 72.39
N SER WA 50 31.03 -58.32 73.19
CA SER WA 50 31.39 -59.13 74.34
C SER WA 50 30.22 -60.03 74.73
N GLY WA 51 30.53 -61.17 75.32
CA GLY WA 51 29.51 -62.08 75.81
C GLY WA 51 30.13 -63.20 76.61
N THR WA 52 29.40 -63.62 77.63
CA THR WA 52 29.85 -64.65 78.54
C THR WA 52 28.95 -65.87 78.42
N VAL WA 53 29.46 -67.03 78.84
CA VAL WA 53 28.75 -68.28 78.69
C VAL WA 53 29.27 -69.27 79.73
N ARG WA 54 28.40 -70.17 80.16
CA ARG WA 54 28.79 -71.20 81.12
C ARG WA 54 29.65 -72.27 80.45
N LEU WA 55 30.44 -72.96 81.27
CA LEU WA 55 31.33 -74.02 80.79
C LEU WA 55 31.69 -74.94 81.95
N LYS WA 56 32.00 -76.20 81.61
CA LYS WA 56 32.34 -77.22 82.59
C LYS WA 56 33.62 -77.97 82.24
N SER WA 57 34.44 -77.42 81.35
CA SER WA 57 35.67 -78.10 80.95
C SER WA 57 36.77 -77.94 82.00
N THR WA 58 36.98 -76.70 82.49
CA THR WA 58 38.07 -76.34 83.39
C THR WA 58 39.41 -76.75 82.78
N PRO WA 59 39.88 -76.06 81.76
CA PRO WA 59 41.12 -76.46 81.09
C PRO WA 59 42.36 -76.14 81.92
N ARG WA 60 43.44 -76.86 81.62
CA ARG WA 60 44.76 -76.72 82.24
C ARG WA 60 45.22 -75.27 82.36
N PRO WA 61 44.94 -74.39 81.37
CA PRO WA 61 45.25 -72.97 81.57
C PRO WA 61 44.44 -72.31 82.69
N LYS WA 62 43.70 -73.10 83.46
CA LYS WA 62 42.74 -72.59 84.45
C LYS WA 62 43.27 -71.38 85.21
N PHE WA 63 42.43 -70.36 85.31
CA PHE WA 63 42.87 -69.08 85.85
C PHE WA 63 43.13 -69.18 87.36
N SER WA 64 42.20 -69.79 88.09
CA SER WA 64 42.31 -69.96 89.53
C SER WA 64 42.72 -68.65 90.21
N VAL WA 65 41.83 -67.67 90.10
CA VAL WA 65 42.08 -66.31 90.57
C VAL WA 65 41.70 -66.20 92.04
N CYS WA 66 42.57 -65.55 92.82
CA CYS WA 66 42.24 -65.17 94.19
C CYS WA 66 42.70 -63.76 94.55
N VAL WA 67 43.56 -63.13 93.77
CA VAL WA 67 44.13 -61.83 94.10
C VAL WA 67 43.43 -60.75 93.27
N LEU WA 68 42.89 -59.73 93.94
CA LEU WA 68 42.82 -59.65 95.39
C LEU WA 68 41.61 -58.79 95.77
N GLY WA 69 40.85 -59.22 96.78
CA GLY WA 69 39.64 -58.53 97.17
C GLY WA 69 39.67 -57.98 98.58
N ASP WA 70 38.53 -57.52 99.09
CA ASP WA 70 38.52 -56.79 100.35
C ASP WA 70 37.12 -56.81 100.94
N GLN WA 71 37.03 -57.10 102.24
CA GLN WA 71 35.82 -57.07 103.07
C GLN WA 71 34.87 -58.22 102.79
N GLN WA 72 35.06 -58.95 101.71
CA GLN WA 72 34.31 -60.18 101.50
C GLN WA 72 35.16 -61.32 100.97
N HIS WA 73 36.29 -61.04 100.32
CA HIS WA 73 37.19 -62.05 99.81
C HIS WA 73 38.11 -62.62 100.88
N CYS WA 74 38.22 -61.94 102.03
CA CYS WA 74 39.26 -62.24 103.00
C CYS WA 74 39.12 -63.65 103.55
N ASP WA 75 38.02 -63.92 104.26
CA ASP WA 75 37.88 -65.20 104.94
C ASP WA 75 37.53 -66.34 104.01
N GLU WA 76 37.59 -66.12 102.69
CA GLU WA 76 37.45 -67.17 101.70
C GLU WA 76 38.81 -67.69 101.23
N ALA WA 77 39.79 -66.81 101.08
CA ALA WA 77 41.12 -67.21 100.66
C ALA WA 77 41.98 -67.70 101.83
N LYS WA 78 41.46 -67.65 103.06
CA LYS WA 78 42.21 -68.19 104.18
C LYS WA 78 42.43 -69.69 104.03
N ALA WA 79 41.41 -70.41 103.55
CA ALA WA 79 41.60 -71.81 103.21
C ALA WA 79 42.57 -71.97 102.04
N VAL WA 80 42.55 -71.02 101.10
CA VAL WA 80 43.53 -70.96 100.03
C VAL WA 80 44.91 -70.61 100.56
N ASP WA 81 44.99 -70.24 101.84
CA ASP WA 81 46.25 -69.92 102.53
C ASP WA 81 46.91 -68.67 101.94
N ILE WA 82 46.10 -67.74 101.45
CA ILE WA 82 46.60 -66.45 101.00
C ILE WA 82 45.81 -65.32 101.66
N PRO WA 83 46.16 -64.94 102.89
CA PRO WA 83 45.56 -63.75 103.49
C PRO WA 83 45.93 -62.49 102.73
N HIS WA 84 45.11 -61.46 102.92
CA HIS WA 84 45.38 -60.15 102.33
C HIS WA 84 46.78 -59.70 102.74
N MET WA 85 47.68 -59.58 101.77
CA MET WA 85 49.11 -59.60 102.04
C MET WA 85 49.69 -58.19 102.07
N ASP WA 86 50.95 -58.09 102.50
CA ASP WA 86 51.59 -56.83 102.86
C ASP WA 86 51.46 -55.79 101.74
N ILE WA 87 51.01 -54.59 102.13
CA ILE WA 87 50.57 -53.61 101.14
C ILE WA 87 51.72 -53.17 100.25
N GLU WA 88 52.87 -52.83 100.84
CA GLU WA 88 54.02 -52.48 100.01
C GLU WA 88 54.68 -53.71 99.38
N ALA WA 89 54.43 -54.90 99.90
CA ALA WA 89 54.86 -56.12 99.23
C ALA WA 89 53.84 -56.65 98.25
N LEU WA 90 52.63 -56.07 98.23
CA LEU WA 90 51.69 -56.36 97.15
C LEU WA 90 52.19 -55.81 95.82
N LYS WA 91 53.05 -54.80 95.89
CA LYS WA 91 53.32 -53.94 94.74
C LYS WA 91 54.40 -54.44 93.80
N LYS WA 92 55.07 -55.55 94.14
CA LYS WA 92 56.12 -56.08 93.29
C LYS WA 92 55.70 -57.25 92.42
N LEU WA 93 54.41 -57.39 92.10
CA LEU WA 93 53.95 -58.40 91.14
C LEU WA 93 53.73 -57.75 89.78
N ASN WA 94 54.82 -57.23 89.22
CA ASN WA 94 54.79 -56.52 87.94
C ASN WA 94 55.98 -56.95 87.10
N LYS WA 95 55.86 -56.72 85.79
CA LYS WA 95 56.98 -56.99 84.88
C LYS WA 95 58.20 -56.13 85.22
N ASN WA 96 57.99 -54.84 85.48
CA ASN WA 96 59.11 -53.95 85.76
C ASN WA 96 59.66 -54.15 87.17
N LYS WA 97 58.97 -54.92 88.01
CA LYS WA 97 59.41 -55.24 89.36
C LYS WA 97 59.28 -56.74 89.61
N LYS WA 98 59.79 -57.54 88.68
CA LYS WA 98 59.67 -59.00 88.79
C LYS WA 98 60.52 -59.55 89.92
N LEU WA 99 59.90 -59.86 91.06
CA LEU WA 99 60.55 -60.60 92.12
C LEU WA 99 60.28 -62.09 92.05
N VAL WA 100 59.56 -62.55 91.02
CA VAL WA 100 59.17 -63.94 90.87
C VAL WA 100 59.95 -64.55 89.71
N LYS WA 101 60.56 -65.72 89.96
CA LYS WA 101 61.20 -66.49 88.91
C LYS WA 101 60.29 -67.57 88.36
N LYS WA 102 59.06 -67.65 88.85
CA LYS WA 102 58.03 -68.51 88.27
C LYS WA 102 56.75 -67.70 88.26
N LEU WA 103 56.01 -67.78 87.15
CA LEU WA 103 54.77 -67.02 86.96
C LEU WA 103 55.03 -65.50 87.07
N ALA WA 104 55.98 -65.02 86.26
CA ALA WA 104 55.99 -63.59 85.99
C ALA WA 104 54.71 -63.18 85.31
N LYS WA 105 54.20 -64.04 84.42
CA LYS WA 105 52.78 -64.07 84.12
C LYS WA 105 52.09 -64.66 85.34
N LYS WA 106 51.65 -63.79 86.25
CA LYS WA 106 51.21 -64.19 87.58
C LYS WA 106 49.78 -64.76 87.43
N TYR WA 107 49.02 -64.80 88.52
CA TYR WA 107 47.64 -65.27 88.48
C TYR WA 107 46.94 -64.81 87.22
N ASP WA 108 46.42 -65.77 86.46
CA ASP WA 108 45.97 -65.53 85.09
C ASP WA 108 44.96 -64.39 84.99
N ALA WA 109 44.42 -63.93 86.12
CA ALA WA 109 43.60 -62.74 86.15
C ALA WA 109 43.61 -62.20 87.58
N PHE WA 110 43.12 -60.98 87.74
CA PHE WA 110 43.06 -60.34 89.04
C PHE WA 110 41.62 -59.88 89.30
N LEU WA 111 41.41 -59.18 90.42
CA LEU WA 111 40.07 -58.72 90.77
C LEU WA 111 40.17 -57.52 91.71
N ALA WA 112 39.18 -56.63 91.62
CA ALA WA 112 39.04 -55.46 92.48
C ALA WA 112 38.01 -55.71 93.57
N SER WA 113 37.78 -54.71 94.40
CA SER WA 113 36.90 -54.85 95.55
C SER WA 113 36.41 -53.46 95.97
N GLU WA 114 35.87 -53.37 97.19
CA GLU WA 114 35.42 -52.09 97.73
C GLU WA 114 36.53 -51.05 97.73
N SER WA 115 37.59 -51.30 98.49
CA SER WA 115 38.70 -50.36 98.62
C SER WA 115 39.85 -50.64 97.66
N LEU WA 116 39.84 -51.78 96.97
CA LEU WA 116 40.97 -52.11 96.11
C LEU WA 116 40.84 -51.55 94.70
N ILE WA 117 39.67 -51.02 94.32
CA ILE WA 117 39.57 -50.28 93.07
C ILE WA 117 40.51 -49.08 93.15
N LYS WA 118 40.74 -48.62 94.38
CA LYS WA 118 41.41 -47.35 94.61
C LYS WA 118 42.89 -47.38 94.27
N GLN WA 119 43.56 -48.53 94.36
CA GLN WA 119 45.01 -48.53 94.34
C GLN WA 119 45.65 -49.62 93.50
N ILE WA 120 44.90 -50.34 92.65
CA ILE WA 120 45.52 -51.31 91.74
C ILE WA 120 46.54 -50.67 90.82
N PRO WA 121 46.28 -49.50 90.21
CA PRO WA 121 47.37 -48.83 89.46
C PRO WA 121 48.58 -48.53 90.32
N ARG WA 122 48.37 -48.28 91.61
CA ARG WA 122 49.50 -48.10 92.53
C ARG WA 122 50.20 -49.43 92.80
N ILE WA 123 49.42 -50.49 93.02
CA ILE WA 123 50.01 -51.75 93.47
C ILE WA 123 50.85 -52.38 92.38
N LEU WA 124 50.22 -52.80 91.29
CA LEU WA 124 50.88 -53.63 90.30
C LEU WA 124 51.44 -52.84 89.12
N GLY WA 125 51.40 -51.51 89.18
CA GLY WA 125 52.08 -50.67 88.21
C GLY WA 125 51.39 -50.59 86.88
N PRO WA 126 51.86 -49.68 86.01
CA PRO WA 126 51.32 -49.63 84.64
C PRO WA 126 51.57 -50.90 83.85
N GLY WA 127 52.61 -51.67 84.19
CA GLY WA 127 52.90 -52.89 83.47
C GLY WA 127 51.82 -53.94 83.63
N LEU WA 128 50.98 -53.79 84.66
CA LEU WA 128 49.85 -54.70 84.82
C LEU WA 128 48.86 -54.55 83.67
N ASN WA 129 48.54 -53.32 83.29
CA ASN WA 129 47.69 -53.10 82.12
C ASN WA 129 48.36 -53.63 80.86
N LYS WA 130 49.69 -53.53 80.79
CA LYS WA 130 50.43 -54.11 79.67
C LYS WA 130 50.42 -55.64 79.76
N ALA WA 131 50.49 -56.19 80.97
CA ALA WA 131 50.39 -57.63 81.14
C ALA WA 131 49.03 -58.14 80.69
N GLY WA 132 47.96 -57.39 81.01
CA GLY WA 132 46.61 -57.73 80.59
C GLY WA 132 45.73 -58.26 81.70
N LYS WA 133 46.31 -58.71 82.82
CA LYS WA 133 45.54 -59.24 83.94
C LYS WA 133 44.66 -58.19 84.61
N PHE WA 134 44.70 -56.94 84.12
CA PHE WA 134 44.18 -55.75 84.80
C PHE WA 134 42.81 -56.01 85.41
N PRO WA 135 42.72 -56.01 86.73
CA PRO WA 135 41.46 -56.37 87.39
C PRO WA 135 40.34 -55.37 87.15
N SER WA 136 39.37 -55.80 86.36
CA SER WA 136 38.15 -55.06 86.09
C SER WA 136 37.07 -56.09 85.75
N LEU WA 137 35.98 -55.62 85.14
CA LEU WA 137 35.00 -56.54 84.58
C LEU WA 137 35.63 -57.48 83.56
N LEU WA 138 36.71 -57.04 82.90
CA LEU WA 138 37.23 -57.74 81.73
C LEU WA 138 37.66 -59.18 82.03
N THR WA 139 37.91 -59.51 83.30
CA THR WA 139 38.13 -60.91 83.67
C THR WA 139 36.84 -61.64 84.00
N HIS WA 140 35.80 -60.92 84.42
CA HIS WA 140 34.49 -61.49 84.67
C HIS WA 140 34.55 -62.61 85.72
N ASN WA 141 35.01 -62.26 86.92
CA ASN WA 141 35.10 -63.22 88.01
C ASN WA 141 34.62 -62.57 89.29
N GLU WA 142 34.23 -63.40 90.26
CA GLU WA 142 33.56 -62.92 91.46
C GLU WA 142 34.43 -63.02 92.71
N ASN WA 143 34.89 -64.22 93.06
CA ASN WA 143 35.88 -64.48 94.10
C ASN WA 143 35.47 -63.98 95.49
N MET WA 144 34.26 -63.43 95.63
CA MET WA 144 33.87 -62.73 96.85
C MET WA 144 32.78 -63.46 97.62
N VAL WA 145 31.79 -64.01 96.94
CA VAL WA 145 30.86 -64.95 97.51
C VAL WA 145 31.07 -66.35 96.94
N ALA WA 146 31.12 -66.45 95.62
CA ALA WA 146 31.26 -67.73 94.93
C ALA WA 146 32.67 -67.81 94.36
N LYS WA 147 33.52 -68.58 95.02
CA LYS WA 147 34.76 -69.06 94.42
C LYS WA 147 34.51 -70.18 93.41
N VAL WA 148 33.34 -70.83 93.52
CA VAL WA 148 33.04 -72.01 92.72
C VAL WA 148 32.69 -71.63 91.28
N ASP WA 149 32.41 -70.36 91.01
CA ASP WA 149 32.10 -69.95 89.65
C ASP WA 149 33.36 -69.64 88.84
N GLU WA 150 34.51 -69.49 89.51
CA GLU WA 150 35.77 -69.38 88.79
C GLU WA 150 36.63 -70.62 88.94
N VAL WA 151 36.34 -71.47 89.92
CA VAL WA 151 37.02 -72.76 90.02
C VAL WA 151 36.62 -73.65 88.86
N LYS WA 152 35.34 -73.63 88.47
CA LYS WA 152 34.90 -74.36 87.29
C LYS WA 152 35.48 -73.80 86.00
N SER WA 153 36.10 -72.62 86.06
CA SER WA 153 36.86 -72.05 84.94
C SER WA 153 35.97 -71.84 83.71
N THR WA 154 34.77 -71.32 83.95
CA THR WA 154 33.88 -70.95 82.86
C THR WA 154 34.45 -69.78 82.07
N ILE WA 155 34.07 -69.69 80.80
CA ILE WA 155 34.74 -68.86 79.84
C ILE WA 155 33.99 -67.56 79.62
N LYS WA 156 34.73 -66.53 79.22
CA LYS WA 156 34.23 -65.18 79.00
C LYS WA 156 34.90 -64.61 77.76
N PHE WA 157 34.16 -64.46 76.68
CA PHE WA 157 34.71 -63.94 75.43
C PHE WA 157 34.30 -62.49 75.25
N GLN WA 158 35.17 -61.73 74.57
CA GLN WA 158 35.02 -60.30 74.42
C GLN WA 158 36.01 -59.85 73.36
N MET WA 159 35.57 -59.01 72.44
CA MET WA 159 36.39 -58.71 71.27
C MET WA 159 37.75 -58.18 71.66
N LYS WA 160 38.79 -58.84 71.20
CA LYS WA 160 40.15 -58.32 71.35
C LYS WA 160 40.39 -57.25 70.32
N LYS WA 161 41.12 -56.20 70.71
CA LYS WA 161 41.55 -55.17 69.77
C LYS WA 161 42.88 -55.59 69.12
N VAL WA 162 42.89 -56.79 68.55
CA VAL WA 162 44.01 -57.19 67.71
C VAL WA 162 43.55 -57.55 66.30
N LEU WA 163 42.87 -58.68 66.13
CA LEU WA 163 41.90 -58.88 65.05
C LEU WA 163 40.72 -59.75 65.44
N CYS WA 164 40.86 -60.64 66.42
CA CYS WA 164 39.86 -61.66 66.73
C CYS WA 164 39.99 -62.00 68.21
N LEU WA 165 39.30 -63.06 68.64
CA LEU WA 165 39.45 -63.57 69.99
C LEU WA 165 39.54 -65.08 69.94
N ALA WA 166 40.12 -65.65 71.00
CA ALA WA 166 40.22 -67.09 71.15
C ALA WA 166 39.66 -67.48 72.52
N VAL WA 167 39.03 -68.65 72.57
CA VAL WA 167 38.39 -69.12 73.80
C VAL WA 167 38.42 -70.64 73.81
N ALA WA 168 38.69 -71.22 74.97
CA ALA WA 168 38.96 -72.65 75.07
C ALA WA 168 37.79 -73.40 75.71
N VAL WA 169 37.62 -74.65 75.30
CA VAL WA 169 36.58 -75.53 75.82
C VAL WA 169 37.18 -76.80 76.45
N GLY WA 170 38.45 -76.74 76.85
CA GLY WA 170 39.06 -77.85 77.55
C GLY WA 170 40.20 -78.51 76.80
N HIS WA 171 40.11 -79.82 76.60
CA HIS WA 171 41.18 -80.59 75.98
C HIS WA 171 40.58 -81.72 75.16
N VAL WA 172 41.46 -82.57 74.62
CA VAL WA 172 41.02 -83.71 73.82
C VAL WA 172 40.79 -84.94 74.69
N LYS WA 173 41.60 -85.13 75.74
CA LYS WA 173 41.48 -86.31 76.60
C LYS WA 173 40.27 -86.16 77.53
N MET WA 174 39.10 -86.05 76.90
CA MET WA 174 37.84 -85.90 77.60
C MET WA 174 36.72 -86.06 76.57
N THR WA 175 35.70 -86.83 76.93
CA THR WA 175 34.69 -87.23 75.95
C THR WA 175 33.73 -86.07 75.66
N ASP WA 176 33.03 -86.18 74.52
CA ASP WA 176 32.15 -85.14 74.01
C ASP WA 176 30.88 -84.98 74.83
N ASP WA 177 30.77 -85.64 75.99
CA ASP WA 177 29.57 -85.54 76.79
C ASP WA 177 29.41 -84.16 77.42
N GLU WA 178 30.42 -83.29 77.31
CA GLU WA 178 30.36 -81.94 77.85
C GLU WA 178 30.63 -80.86 76.81
N LEU WA 179 31.33 -81.20 75.71
CA LEU WA 179 31.46 -80.27 74.60
C LEU WA 179 30.09 -79.96 74.00
N VAL WA 180 29.19 -80.93 74.06
CA VAL WA 180 27.93 -80.87 73.33
C VAL WA 180 27.00 -79.80 73.87
N TYR WA 181 27.21 -79.34 75.09
CA TYR WA 181 26.41 -78.26 75.66
C TYR WA 181 27.17 -76.94 75.76
N ASN WA 182 28.44 -76.98 76.17
CA ASN WA 182 29.19 -75.74 76.39
C ASN WA 182 29.50 -75.03 75.08
N ILE WA 183 30.02 -75.76 74.09
CA ILE WA 183 30.20 -75.16 72.77
C ILE WA 183 28.84 -74.77 72.18
N HIS WA 184 27.82 -75.59 72.40
CA HIS WA 184 26.52 -75.33 71.81
C HIS WA 184 25.69 -74.33 72.62
N LEU WA 185 26.21 -73.86 73.75
CA LEU WA 185 25.69 -72.63 74.35
C LEU WA 185 26.46 -71.42 73.86
N ALA WA 186 27.69 -71.63 73.38
CA ALA WA 186 28.50 -70.54 72.87
C ALA WA 186 28.19 -70.20 71.41
N VAL WA 187 27.65 -71.17 70.65
CA VAL WA 187 27.34 -70.91 69.25
C VAL WA 187 26.14 -69.96 69.14
N ASN WA 188 25.13 -70.16 69.98
CA ASN WA 188 23.93 -69.33 69.91
C ASN WA 188 24.24 -67.87 70.25
N PHE WA 189 25.01 -67.65 71.31
CA PHE WA 189 25.23 -66.32 71.83
C PHE WA 189 26.38 -65.59 71.13
N LEU WA 190 26.82 -66.07 69.98
CA LEU WA 190 27.80 -65.36 69.18
C LEU WA 190 27.17 -64.71 67.95
N VAL WA 191 26.03 -65.22 67.51
CA VAL WA 191 25.43 -64.78 66.25
C VAL WA 191 24.82 -63.39 66.41
N SER WA 192 23.88 -63.25 67.33
CA SER WA 192 23.08 -62.04 67.46
C SER WA 192 23.83 -60.89 68.11
N LEU WA 193 25.07 -61.08 68.55
CA LEU WA 193 25.84 -59.97 69.10
C LEU WA 193 26.60 -59.21 68.03
N LEU WA 194 26.46 -59.59 66.75
CA LEU WA 194 27.12 -58.91 65.64
C LEU WA 194 26.16 -57.86 65.06
N LYS WA 195 26.06 -56.75 65.80
CA LYS WA 195 24.98 -55.78 65.58
C LYS WA 195 25.27 -54.82 64.41
N LYS WA 196 26.32 -54.00 64.55
CA LYS WA 196 26.54 -52.94 63.56
C LYS WA 196 27.34 -53.45 62.37
N ASN WA 197 27.95 -54.61 62.48
CA ASN WA 197 28.68 -55.24 61.38
C ASN WA 197 27.87 -56.38 60.78
N TRP WA 198 28.51 -57.12 59.90
CA TRP WA 198 27.93 -58.30 59.26
C TRP WA 198 28.06 -59.52 60.16
N GLN WA 199 27.15 -60.47 59.97
CA GLN WA 199 27.10 -61.68 60.79
C GLN WA 199 28.33 -62.56 60.62
N ASN WA 200 29.16 -62.32 59.61
CA ASN WA 200 30.49 -62.92 59.50
C ASN WA 200 30.42 -64.45 59.42
N VAL WA 201 29.90 -64.92 58.28
CA VAL WA 201 29.82 -66.36 58.03
C VAL WA 201 31.19 -67.01 57.99
N ARG WA 202 32.27 -66.22 58.04
CA ARG WA 202 33.60 -66.77 58.16
C ARG WA 202 33.69 -67.59 59.43
N ALA WA 203 33.87 -68.91 59.28
CA ALA WA 203 33.47 -69.86 60.29
C ALA WA 203 34.37 -69.79 61.53
N LEU WA 204 34.00 -70.59 62.53
CA LEU WA 204 34.74 -70.71 63.77
C LEU WA 204 35.70 -71.89 63.66
N TYR WA 205 36.94 -71.69 64.10
CA TYR WA 205 38.02 -72.62 63.84
C TYR WA 205 38.54 -73.24 65.13
N ILE WA 206 38.30 -74.53 65.30
CA ILE WA 206 38.75 -75.27 66.47
C ILE WA 206 40.19 -75.72 66.27
N LYS WA 207 41.11 -75.07 66.99
CA LYS WA 207 42.52 -75.42 66.96
C LYS WA 207 43.01 -75.75 68.36
N SER WA 208 43.64 -76.91 68.47
CA SER WA 208 44.28 -77.35 69.69
C SER WA 208 45.72 -76.85 69.71
N THR WA 209 46.43 -77.17 70.79
CA THR WA 209 47.85 -76.87 70.84
C THR WA 209 48.63 -77.79 69.91
N MET WA 210 49.77 -77.30 69.43
CA MET WA 210 50.57 -77.95 68.38
C MET WA 210 49.72 -78.21 67.13
N GLY WA 211 48.87 -77.25 66.78
CA GLY WA 211 48.41 -77.17 65.42
C GLY WA 211 47.51 -78.25 64.88
N LYS WA 212 46.25 -78.33 65.32
CA LYS WA 212 45.22 -79.08 64.60
C LYS WA 212 43.97 -78.22 64.46
N PRO WA 213 44.02 -77.18 63.62
CA PRO WA 213 42.80 -76.42 63.33
C PRO WA 213 41.77 -77.26 62.61
N GLN WA 214 40.54 -76.76 62.60
CA GLN WA 214 39.46 -77.24 61.74
C GLN WA 214 38.59 -76.05 61.39
N ARG WA 215 37.80 -76.20 60.34
CA ARG WA 215 36.71 -75.27 60.08
C ARG WA 215 35.39 -75.92 60.47
N LEU WA 216 34.54 -75.15 61.13
CA LEU WA 216 33.24 -75.66 61.56
C LEU WA 216 32.17 -74.61 61.33
N TYR WA 217 31.51 -74.67 60.19
CA TYR WA 217 30.39 -73.79 59.90
C TYR WA 217 29.10 -74.55 60.20
N ALA YA 1 117.56 78.41 27.44
CA ALA YA 1 117.66 77.27 28.36
C ALA YA 1 117.15 75.99 27.71
N ILE YA 2 117.08 74.93 28.52
CA ILE YA 2 116.61 73.62 28.07
C ILE YA 2 115.26 73.37 28.72
N HIS YA 3 114.23 73.18 27.90
CA HIS YA 3 112.86 73.15 28.38
C HIS YA 3 112.22 71.79 28.13
N ARG YA 4 111.36 71.40 29.06
CA ARG YA 4 110.66 70.12 29.01
C ARG YA 4 109.45 70.28 28.08
N ILE YA 5 109.74 70.34 26.79
CA ILE YA 5 108.71 70.49 25.76
C ILE YA 5 108.09 69.14 25.49
N ARG YA 6 106.76 69.06 25.61
CA ARG YA 6 106.01 67.84 25.32
C ARG YA 6 105.18 68.07 24.08
N ILE YA 7 105.35 67.21 23.08
CA ILE YA 7 104.64 67.30 21.82
C ILE YA 7 103.56 66.23 21.83
N THR YA 8 102.35 66.61 21.43
CA THR YA 8 101.25 65.66 21.32
C THR YA 8 100.98 65.41 19.84
N LEU YA 9 101.37 64.24 19.36
CA LEU YA 9 101.04 63.79 18.02
C LEU YA 9 99.78 62.94 18.10
N THR YA 10 98.95 63.01 17.06
CA THR YA 10 97.68 62.31 17.10
C THR YA 10 97.13 62.19 15.68
N SER YA 11 96.64 61.00 15.33
CA SER YA 11 95.98 60.82 14.05
C SER YA 11 95.20 59.50 14.10
N ARG YA 12 94.29 59.36 13.14
CA ARG YA 12 93.44 58.18 13.06
C ARG YA 12 93.93 57.17 12.03
N ASN YA 13 95.16 57.32 11.54
CA ASN YA 13 95.77 56.35 10.64
C ASN YA 13 97.14 55.98 11.19
N VAL YA 14 97.33 54.69 11.50
CA VAL YA 14 98.54 54.26 12.18
C VAL YA 14 99.77 54.57 11.36
N LYS YA 15 99.77 54.16 10.08
CA LYS YA 15 100.97 54.30 9.26
C LYS YA 15 101.32 55.76 9.04
N SER YA 16 100.33 56.61 8.77
CA SER YA 16 100.62 58.03 8.60
C SER YA 16 101.14 58.65 9.89
N LEU YA 17 100.62 58.18 11.04
CA LEU YA 17 101.08 58.70 12.32
C LEU YA 17 102.53 58.32 12.58
N GLU YA 18 103.02 57.27 11.92
CA GLU YA 18 104.39 56.84 12.13
C GLU YA 18 105.39 57.86 11.57
N LYS YA 19 105.20 58.30 10.33
CA LYS YA 19 106.24 59.03 9.63
C LYS YA 19 106.57 60.34 10.34
N VAL YA 20 105.54 61.07 10.79
CA VAL YA 20 105.78 62.36 11.43
C VAL YA 20 106.63 62.18 12.69
N CYS YA 21 106.32 61.16 13.48
CA CYS YA 21 107.20 60.78 14.58
C CYS YA 21 108.52 60.24 14.05
N ALA YA 22 108.46 59.45 12.98
CA ALA YA 22 109.67 58.78 12.49
C ALA YA 22 110.72 59.78 12.03
N ASP YA 23 110.29 60.86 11.37
CA ASP YA 23 111.26 61.85 10.90
C ASP YA 23 111.63 62.83 12.01
N LEU YA 24 110.69 63.15 12.88
CA LEU YA 24 111.00 64.03 14.01
C LEU YA 24 112.01 63.38 14.94
N ILE YA 25 111.88 62.07 15.18
CA ILE YA 25 112.90 61.34 15.91
C ILE YA 25 114.17 61.21 15.07
N ARG YA 26 114.01 61.13 13.74
CA ARG YA 26 115.15 60.93 12.85
C ARG YA 26 116.20 62.03 13.03
N GLY YA 27 115.77 63.29 13.00
CA GLY YA 27 116.72 64.37 13.15
C GLY YA 27 117.30 64.44 14.55
N ALA YA 28 116.55 63.95 15.55
CA ALA YA 28 116.97 64.09 16.94
C ALA YA 28 118.32 63.42 17.19
N LYS YA 29 118.44 62.15 16.79
CA LYS YA 29 119.73 61.46 16.94
C LYS YA 29 120.80 62.13 16.09
N GLU YA 30 120.40 62.82 15.02
CA GLU YA 30 121.35 63.54 14.19
C GLU YA 30 121.84 64.81 14.87
N LYS YA 31 120.94 65.50 15.59
CA LYS YA 31 121.34 66.69 16.33
C LYS YA 31 122.22 66.39 17.52
N ASN YA 32 122.37 65.12 17.89
CA ASN YA 32 123.28 64.69 18.97
C ASN YA 32 122.83 65.26 20.32
N LEU YA 33 121.52 65.34 20.51
CA LEU YA 33 120.93 65.92 21.71
C LEU YA 33 119.98 64.93 22.36
N LYS YA 34 119.96 64.93 23.69
CA LYS YA 34 119.14 63.98 24.45
C LYS YA 34 117.66 64.16 24.08
N VAL YA 35 116.98 63.03 23.90
CA VAL YA 35 115.57 63.03 23.51
C VAL YA 35 114.86 61.97 24.35
N LYS YA 36 113.54 61.98 24.29
CA LYS YA 36 112.70 60.95 24.92
C LYS YA 36 111.80 60.36 23.85
N GLY YA 37 112.01 59.07 23.57
CA GLY YA 37 111.35 58.42 22.46
C GLY YA 37 109.85 58.36 22.60
N PRO YA 38 109.16 58.06 21.50
CA PRO YA 38 107.70 58.13 21.51
C PRO YA 38 107.10 57.06 22.41
N VAL YA 39 105.89 57.35 22.89
CA VAL YA 39 105.15 56.44 23.75
C VAL YA 39 103.90 56.01 23.01
N ARG YA 40 103.34 54.88 23.41
CA ARG YA 40 102.10 54.39 22.82
C ARG YA 40 101.00 54.57 23.85
N MET YA 41 100.34 55.73 23.82
CA MET YA 41 99.20 55.94 24.70
C MET YA 41 98.12 54.95 24.30
N PRO YA 42 97.40 54.37 25.27
CA PRO YA 42 96.46 53.30 24.92
C PRO YA 42 95.41 53.72 23.91
N THR YA 43 95.49 53.15 22.72
CA THR YA 43 94.57 53.46 21.63
C THR YA 43 93.12 53.49 22.11
N LYS YA 44 92.38 54.48 21.63
CA LYS YA 44 90.98 54.65 21.96
C LYS YA 44 90.13 54.22 20.78
N THR YA 45 88.95 53.68 21.07
CA THR YA 45 88.09 53.09 20.05
C THR YA 45 86.66 53.55 20.28
N LEU YA 46 86.12 54.27 19.29
CA LEU YA 46 84.82 54.92 19.42
C LEU YA 46 83.81 54.11 18.62
N ARG YA 47 83.25 53.07 19.23
CA ARG YA 47 82.36 52.14 18.55
C ARG YA 47 80.94 52.71 18.54
N ILE YA 48 80.41 52.92 17.34
CA ILE YA 48 79.01 53.31 17.15
C ILE YA 48 78.34 52.20 16.36
N THR YA 49 77.19 51.74 16.84
CA THR YA 49 76.42 50.69 16.18
C THR YA 49 74.99 51.16 16.03
N THR YA 50 74.52 51.26 14.79
CA THR YA 50 73.18 51.73 14.49
C THR YA 50 72.47 50.73 13.59
N ARG YA 51 71.15 50.76 13.62
CA ARG YA 51 70.35 49.81 12.86
C ARG YA 51 70.50 50.07 11.37
N LYS YA 52 70.60 48.98 10.60
CA LYS YA 52 70.90 49.07 9.18
C LYS YA 52 69.69 49.44 8.33
N THR YA 53 68.47 49.26 8.84
CA THR YA 53 67.27 49.53 8.05
C THR YA 53 66.80 50.95 8.31
N PRO YA 54 66.69 51.80 7.29
CA PRO YA 54 66.05 53.09 7.53
C PRO YA 54 64.54 52.94 7.72
N CYS YA 55 64.14 52.94 8.98
CA CYS YA 55 62.82 53.29 9.48
C CYS YA 55 61.67 52.43 8.97
N GLY YA 56 61.90 51.52 8.03
CA GLY YA 56 60.73 50.88 7.49
C GLY YA 56 60.43 49.44 7.89
N GLU YA 57 61.39 48.55 7.71
CA GLU YA 57 61.12 47.12 7.82
C GLU YA 57 62.39 46.31 7.61
N GLY YA 58 62.48 45.19 8.29
CA GLY YA 58 63.51 44.23 7.98
C GLY YA 58 63.82 43.36 9.19
N SER YA 59 64.47 42.24 8.91
CA SER YA 59 65.03 41.44 9.98
C SER YA 59 66.01 42.29 10.78
N LYS YA 60 66.10 42.02 12.07
CA LYS YA 60 66.76 42.98 12.95
C LYS YA 60 68.24 42.96 12.64
N THR YA 61 68.66 43.85 11.73
CA THR YA 61 70.02 43.85 11.20
C THR YA 61 70.68 45.15 11.58
N TRP YA 62 71.89 45.05 12.12
CA TRP YA 62 72.58 46.18 12.72
C TRP YA 62 73.96 46.33 12.10
N ASP YA 63 74.28 47.55 11.69
CA ASP YA 63 75.67 47.90 11.44
C ASP YA 63 76.43 47.94 12.74
N ARG YA 64 77.74 47.79 12.64
CA ARG YA 64 78.64 48.08 13.74
C ARG YA 64 79.77 48.94 13.17
N PHE YA 65 79.52 50.24 13.09
CA PHE YA 65 80.55 51.16 12.65
C PHE YA 65 81.64 51.24 13.70
N GLN YA 66 82.80 51.75 13.31
CA GLN YA 66 83.88 52.01 14.24
C GLN YA 66 84.54 53.35 13.91
N MET YA 67 85.41 53.79 14.80
CA MET YA 67 86.29 54.92 14.50
C MET YA 67 87.43 54.85 15.49
N ARG YA 68 88.64 54.59 15.02
CA ARG YA 68 89.79 54.46 15.89
C ARG YA 68 90.59 55.76 15.95
N ILE YA 69 91.46 55.84 16.94
CA ILE YA 69 92.29 57.01 17.18
C ILE YA 69 93.51 56.57 17.97
N HIS YA 70 94.64 57.20 17.68
CA HIS YA 70 95.91 56.84 18.29
C HIS YA 70 96.62 58.11 18.75
N LYS YA 71 97.78 57.93 19.37
CA LYS YA 71 98.54 59.05 19.90
C LYS YA 71 99.96 58.61 20.24
N ARG YA 72 100.89 59.53 20.06
CA ARG YA 72 102.29 59.37 20.48
C ARG YA 72 102.75 60.66 21.13
N LEU YA 73 103.52 60.53 22.21
CA LEU YA 73 104.00 61.68 22.98
C LEU YA 73 105.51 61.61 23.08
N ILE YA 74 106.17 62.76 22.96
CA ILE YA 74 107.62 62.84 22.97
C ILE YA 74 108.05 64.10 23.71
N ASP YA 75 109.24 64.06 24.30
CA ASP YA 75 109.88 65.25 24.83
C ASP YA 75 111.15 65.58 24.07
N LEU YA 76 111.41 66.87 23.91
CA LEU YA 76 112.64 67.36 23.32
C LEU YA 76 113.32 68.29 24.30
N HIS YA 77 114.65 68.22 24.36
CA HIS YA 77 115.44 68.97 25.34
C HIS YA 77 116.53 69.77 24.62
N SER YA 78 116.17 70.97 24.17
CA SER YA 78 117.00 71.85 23.38
C SER YA 78 116.27 73.19 23.23
N PRO YA 79 116.92 74.22 22.68
CA PRO YA 79 116.15 75.41 22.29
C PRO YA 79 115.00 75.04 21.37
N SER YA 80 113.84 75.65 21.63
CA SER YA 80 112.60 75.14 21.06
C SER YA 80 112.36 75.59 19.63
N GLU YA 81 113.21 76.46 19.07
CA GLU YA 81 113.01 76.85 17.68
C GLU YA 81 113.38 75.72 16.73
N ILE YA 82 114.37 74.90 17.10
CA ILE YA 82 114.79 73.81 16.24
C ILE YA 82 113.64 72.84 15.99
N VAL YA 83 112.82 72.61 17.01
CA VAL YA 83 111.67 71.72 16.86
C VAL YA 83 110.68 72.30 15.86
N LYS YA 84 110.41 73.61 15.94
CA LYS YA 84 109.45 74.23 15.03
C LYS YA 84 109.91 74.11 13.59
N GLN YA 85 111.21 73.95 13.36
CA GLN YA 85 111.69 73.69 12.01
C GLN YA 85 111.26 72.30 11.54
N ILE YA 86 111.51 71.28 12.37
CA ILE YA 86 111.27 69.91 11.95
C ILE YA 86 109.78 69.63 11.82
N THR YA 87 108.97 70.26 12.68
CA THR YA 87 107.54 70.00 12.69
C THR YA 87 106.79 70.83 11.66
N SER YA 88 107.45 71.80 11.02
CA SER YA 88 106.79 72.61 10.00
C SER YA 88 106.63 71.85 8.70
N ILE YA 89 107.59 70.98 8.37
CA ILE YA 89 107.58 70.28 7.10
C ILE YA 89 106.78 68.98 7.14
N SER YA 90 106.10 68.68 8.24
CA SER YA 90 105.48 67.38 8.44
C SER YA 90 103.96 67.45 8.56
N ILE YA 91 103.35 68.61 8.33
CA ILE YA 91 101.91 68.78 8.46
C ILE YA 91 101.19 68.20 7.25
N GLU YA 92 101.95 67.60 6.33
CA GLU YA 92 101.39 67.16 5.05
C GLU YA 92 100.27 66.14 5.20
N PRO YA 93 100.39 65.08 6.00
CA PRO YA 93 99.25 64.18 6.18
C PRO YA 93 98.19 64.78 7.08
N GLY YA 94 97.15 64.01 7.39
CA GLY YA 94 96.14 64.44 8.35
C GLY YA 94 96.48 64.07 9.78
N VAL YA 95 97.43 64.78 10.37
CA VAL YA 95 97.93 64.46 11.71
C VAL YA 95 97.89 65.72 12.57
N GLU YA 96 97.53 65.54 13.84
CA GLU YA 96 97.41 66.63 14.80
C GLU YA 96 98.71 66.80 15.56
N VAL YA 97 99.13 68.05 15.75
CA VAL YA 97 100.37 68.37 16.44
C VAL YA 97 100.11 69.55 17.37
N GLU YA 98 100.07 69.28 18.68
CA GLU YA 98 99.97 70.32 19.69
C GLU YA 98 101.19 70.22 20.61
N VAL YA 99 101.96 71.29 20.68
CA VAL YA 99 103.26 71.29 21.34
C VAL YA 99 103.19 72.21 22.55
N THR YA 100 103.52 71.67 23.73
CA THR YA 100 103.38 72.40 24.98
C THR YA 100 104.75 72.89 25.45
N ILE YA 101 104.74 73.77 26.45
CA ILE YA 101 105.94 74.34 27.02
C ILE YA 101 105.91 74.29 28.54
N ALA YA 102 104.84 73.74 29.12
CA ALA YA 102 104.64 73.78 30.57
C ALA YA 102 104.51 72.41 31.21
N ASP YA 103 104.84 71.34 30.49
CA ASP YA 103 104.71 69.97 30.99
C ASP YA 103 103.26 69.64 31.36
N ALA YA 104 102.36 69.87 30.41
CA ALA YA 104 100.96 69.57 30.62
C ALA YA 104 100.68 68.10 30.33
N VAL ZA 1 18.77 42.39 -18.19
CA VAL ZA 1 18.98 43.69 -17.54
C VAL ZA 1 18.94 43.52 -16.03
N HIS ZA 2 19.92 44.14 -15.36
CA HIS ZA 2 19.93 44.21 -13.90
C HIS ZA 2 19.52 45.59 -13.41
N GLY ZA 3 20.19 46.64 -13.88
CA GLY ZA 3 19.72 48.01 -13.70
C GLY ZA 3 20.04 48.85 -14.91
N SER ZA 4 20.41 48.21 -16.00
CA SER ZA 4 21.05 48.90 -17.11
C SER ZA 4 20.03 49.71 -17.90
N LEU ZA 5 20.47 50.22 -19.05
CA LEU ZA 5 19.66 50.93 -20.03
C LEU ZA 5 19.30 52.33 -19.53
N ALA ZA 6 19.64 52.64 -18.29
CA ALA ZA 6 19.39 53.98 -17.77
C ALA ZA 6 20.39 54.98 -18.32
N ARG ZA 7 21.65 54.56 -18.48
CA ARG ZA 7 22.69 55.41 -19.03
C ARG ZA 7 22.98 54.97 -20.45
N ALA ZA 8 22.95 55.92 -21.37
CA ALA ZA 8 23.22 55.64 -22.78
C ALA ZA 8 23.62 56.94 -23.44
N GLY ZA 9 24.84 56.99 -23.94
CA GLY ZA 9 25.42 58.26 -24.34
C GLY ZA 9 25.93 59.06 -23.16
N LYS ZA 10 26.39 58.38 -22.11
CA LYS ZA 10 26.90 59.10 -20.95
C LYS ZA 10 28.13 59.91 -21.30
N VAL ZA 11 28.95 59.41 -22.22
CA VAL ZA 11 30.13 60.17 -22.62
C VAL ZA 11 29.79 61.16 -23.72
N ARG ZA 12 29.13 60.70 -24.79
CA ARG ZA 12 28.67 61.62 -25.80
C ARG ZA 12 27.50 62.42 -25.25
N GLY ZA 13 27.77 63.60 -24.73
CA GLY ZA 13 26.73 64.38 -24.09
C GLY ZA 13 27.24 65.16 -22.90
N GLN ZA 14 28.40 64.79 -22.37
CA GLN ZA 14 29.05 65.59 -21.35
C GLN ZA 14 30.45 66.01 -21.74
N THR ZA 15 30.92 65.63 -22.92
CA THR ZA 15 32.16 66.16 -23.43
C THR ZA 15 31.98 67.62 -23.84
N PRO ZA 16 33.00 68.45 -23.70
CA PRO ZA 16 32.88 69.85 -24.16
C PRO ZA 16 32.59 69.91 -25.64
N LYS ZA 17 31.69 70.82 -26.02
CA LYS ZA 17 31.24 70.96 -27.41
C LYS ZA 17 32.02 72.09 -28.06
N VAL ZA 18 33.23 71.76 -28.50
CA VAL ZA 18 34.12 72.75 -29.10
C VAL ZA 18 33.81 72.90 -30.58
N ALA ZA 19 33.97 74.13 -31.10
CA ALA ZA 19 33.69 74.43 -32.49
C ALA ZA 19 34.95 74.39 -33.33
N LYS ZA 20 34.78 74.27 -34.63
CA LYS ZA 20 35.87 74.07 -35.58
C LYS ZA 20 36.19 75.37 -36.29
N GLN ZA 21 37.40 75.45 -36.85
CA GLN ZA 21 37.83 76.61 -37.62
C GLN ZA 21 38.05 76.20 -39.07
N GLU ZA 22 37.37 76.86 -39.99
CA GLU ZA 22 37.55 76.63 -41.43
C GLU ZA 22 38.34 77.80 -41.98
N LYS ZA 23 39.60 77.58 -42.30
CA LYS ZA 23 40.45 78.66 -42.81
C LYS ZA 23 40.90 78.41 -44.24
N LYS ZA 24 41.52 77.26 -44.52
CA LYS ZA 24 42.06 77.00 -45.85
C LYS ZA 24 41.27 75.91 -46.53
N LYS ZA 25 40.83 76.19 -47.75
CA LYS ZA 25 40.14 75.23 -48.60
C LYS ZA 25 41.22 74.38 -49.28
N LYS ZA 26 41.50 73.23 -48.67
CA LYS ZA 26 42.44 72.26 -49.24
C LYS ZA 26 41.65 71.29 -50.11
N LYS ZA 27 41.28 71.76 -51.29
CA LYS ZA 27 40.62 70.89 -52.24
C LYS ZA 27 41.63 69.89 -52.80
N THR ZA 28 41.16 68.66 -53.01
CA THR ZA 28 42.05 67.61 -53.47
C THR ZA 28 42.53 67.94 -54.86
N GLY ZA 29 41.62 67.99 -55.82
CA GLY ZA 29 41.97 68.20 -57.21
C GLY ZA 29 43.20 67.43 -57.62
N ARG ZA 30 44.22 68.14 -58.09
CA ARG ZA 30 45.46 67.53 -58.50
C ARG ZA 30 46.70 68.21 -57.95
N ALA ZA 31 46.61 69.48 -57.53
CA ALA ZA 31 47.73 70.08 -56.83
C ALA ZA 31 48.03 69.37 -55.52
N LYS ZA 32 47.06 68.61 -54.98
CA LYS ZA 32 47.34 67.73 -53.85
C LYS ZA 32 48.48 66.80 -54.18
N ARG ZA 33 48.32 65.96 -55.21
CA ARG ZA 33 49.40 65.07 -55.61
C ARG ZA 33 50.63 65.85 -56.02
N ARG ZA 34 50.48 67.08 -56.50
CA ARG ZA 34 51.65 67.89 -56.79
C ARG ZA 34 52.44 68.19 -55.53
N MET ZA 35 51.76 68.57 -54.45
CA MET ZA 35 52.46 68.85 -53.20
C MET ZA 35 52.65 67.59 -52.36
N GLN ZA 36 51.73 66.63 -52.43
CA GLN ZA 36 51.92 65.37 -51.72
C GLN ZA 36 53.11 64.61 -52.28
N TYR ZA 37 53.43 64.83 -53.56
CA TYR ZA 37 54.72 64.41 -54.08
C TYR ZA 37 55.82 65.32 -53.59
N ASN ZA 38 55.50 66.57 -53.26
CA ASN ZA 38 56.50 67.55 -52.85
C ASN ZA 38 56.63 67.70 -51.34
N ARG ZA 39 55.96 66.85 -50.56
CA ARG ZA 39 56.35 66.74 -49.16
C ARG ZA 39 57.50 65.75 -49.01
N ARG ZA 40 57.42 64.61 -49.70
CA ARG ZA 40 58.37 63.54 -49.56
C ARG ZA 40 59.68 63.83 -50.29
N PHE ZA 41 59.62 63.96 -51.60
CA PHE ZA 41 60.83 64.05 -52.42
C PHE ZA 41 61.14 65.49 -52.81
N VAL ZA 42 61.39 66.32 -51.80
CA VAL ZA 42 61.97 67.64 -52.01
C VAL ZA 42 63.20 67.79 -51.12
N ASN ZA 43 63.08 67.33 -49.88
CA ASN ZA 43 64.11 67.42 -48.86
C ASN ZA 43 65.47 66.94 -49.36
N ALA AB 1 1.48 -27.70 -86.55
CA ALA AB 1 2.29 -26.49 -86.52
C ALA AB 1 3.60 -26.71 -87.26
N ASP AB 2 4.70 -26.48 -86.53
CA ASP AB 2 6.05 -26.94 -86.85
C ASP AB 2 6.60 -26.46 -88.20
N ILE AB 3 5.82 -25.67 -88.95
CA ILE AB 3 6.32 -25.07 -90.18
C ILE AB 3 6.08 -23.56 -90.18
N GLN AB 4 4.84 -23.14 -89.96
CA GLN AB 4 4.46 -21.74 -90.07
C GLN AB 4 3.56 -21.38 -88.90
N THR AB 5 3.49 -20.09 -88.56
CA THR AB 5 2.65 -19.61 -87.48
C THR AB 5 2.02 -18.29 -87.92
N GLU AB 6 0.69 -18.29 -88.09
CA GLU AB 6 0.01 -17.13 -88.64
C GLU AB 6 -1.50 -17.23 -88.48
N ARG AB 7 -2.17 -16.08 -88.39
CA ARG AB 7 -3.62 -16.06 -88.52
C ARG AB 7 -4.03 -15.63 -89.92
N ALA AB 8 -3.47 -14.52 -90.40
CA ALA AB 8 -3.68 -14.06 -91.76
C ALA AB 8 -2.79 -14.88 -92.68
N TYR AB 9 -2.63 -14.44 -93.92
CA TYR AB 9 -1.75 -15.12 -94.87
C TYR AB 9 -0.55 -14.22 -95.15
N GLN AB 10 0.65 -14.76 -94.92
CA GLN AB 10 1.89 -14.02 -95.12
C GLN AB 10 2.50 -14.40 -96.46
N LYS AB 11 2.88 -13.40 -97.24
CA LYS AB 11 3.54 -13.61 -98.53
C LYS AB 11 4.28 -12.34 -98.90
N GLN AB 12 5.24 -12.48 -99.80
CA GLN AB 12 5.86 -11.30 -100.37
C GLN AB 12 4.85 -10.61 -101.26
N PRO AB 13 4.55 -9.32 -101.06
CA PRO AB 13 3.56 -8.67 -101.91
C PRO AB 13 3.97 -8.62 -103.37
N THR AB 14 5.24 -8.28 -103.63
CA THR AB 14 5.70 -8.08 -105.00
C THR AB 14 5.48 -9.32 -105.85
N ILE AB 15 5.68 -10.49 -105.28
CA ILE AB 15 5.48 -11.71 -106.04
C ILE AB 15 4.00 -12.04 -106.06
N PHE AB 16 3.57 -12.71 -107.13
CA PHE AB 16 2.17 -13.08 -107.33
C PHE AB 16 2.13 -14.60 -107.41
N GLN AB 17 1.74 -15.24 -106.29
CA GLN AB 17 1.78 -16.69 -106.21
C GLN AB 17 0.87 -17.36 -107.24
N ASN AB 18 -0.12 -16.64 -107.76
CA ASN AB 18 -1.18 -17.24 -108.56
C ASN AB 18 -1.00 -17.00 -110.05
N LYS AB 19 0.25 -16.91 -110.52
CA LYS AB 19 0.51 -16.89 -111.95
C LYS AB 19 0.11 -18.18 -112.62
N LYS AB 20 -0.14 -19.23 -111.83
CA LYS AB 20 -0.30 -20.59 -112.33
C LYS AB 20 -1.54 -20.68 -113.22
N ARG AB 21 -1.31 -20.72 -114.52
CA ARG AB 21 -2.37 -20.78 -115.52
C ARG AB 21 -2.23 -21.98 -116.44
N VAL AB 22 -1.02 -22.32 -116.83
CA VAL AB 22 -0.80 -23.43 -117.76
C VAL AB 22 -0.87 -24.76 -117.01
N LEU AB 23 -1.60 -25.71 -117.60
CA LEU AB 23 -1.58 -27.08 -117.09
C LEU AB 23 -0.29 -27.79 -117.50
N LEU AB 24 0.24 -27.37 -118.65
CA LEU AB 24 0.79 -28.21 -119.75
C LEU AB 24 1.65 -29.37 -119.20
N GLY AB 25 2.97 -29.25 -119.34
CA GLY AB 25 3.88 -30.31 -118.85
C GLY AB 25 3.82 -30.45 -117.34
N GLU AB 26 3.86 -29.33 -116.62
CA GLU AB 26 3.75 -29.37 -115.14
C GLU AB 26 2.77 -28.30 -114.66
N THR AB 27 1.75 -28.68 -113.88
CA THR AB 27 0.83 -27.68 -113.28
C THR AB 27 1.63 -26.80 -112.31
N GLY AB 28 2.51 -27.42 -111.52
CA GLY AB 28 3.32 -26.67 -110.53
C GLY AB 28 4.80 -26.85 -110.76
N LYS AB 29 5.56 -25.75 -110.80
CA LYS AB 29 7.02 -25.83 -111.04
C LYS AB 29 7.75 -24.81 -110.17
N GLU AB 30 8.79 -25.26 -109.46
CA GLU AB 30 9.75 -24.38 -108.70
C GLU AB 30 8.99 -23.24 -108.02
N LYS AB 31 8.01 -23.57 -107.18
CA LYS AB 31 6.78 -22.80 -107.09
C LYS AB 31 7.01 -21.57 -106.21
N LEU AB 32 6.01 -20.66 -106.23
CA LEU AB 32 6.02 -19.38 -105.52
C LEU AB 32 7.40 -18.72 -105.65
N PRO AB 33 7.72 -18.17 -106.82
CA PRO AB 33 9.08 -17.70 -107.08
C PRO AB 33 9.51 -16.65 -106.08
N ARG AB 34 10.82 -16.61 -105.81
CA ARG AB 34 11.35 -15.85 -104.69
C ARG AB 34 11.55 -14.39 -105.06
N TYR AB 35 11.38 -13.52 -104.06
CA TYR AB 35 11.68 -12.10 -104.17
C TYR AB 35 12.79 -11.72 -103.22
N TYR AB 36 13.76 -10.96 -103.71
CA TYR AB 36 14.82 -10.44 -102.85
C TYR AB 36 15.45 -9.23 -103.53
N LYS AB 37 15.72 -8.21 -102.73
CA LYS AB 37 16.45 -7.03 -103.20
C LYS AB 37 17.72 -6.89 -102.39
N ASN AB 38 18.83 -6.65 -103.06
CA ASN AB 38 20.11 -6.53 -102.38
C ASN AB 38 20.30 -5.11 -101.87
N ILE AB 39 20.77 -5.01 -100.63
CA ILE AB 39 21.18 -3.71 -100.13
C ILE AB 39 22.49 -3.31 -100.80
N GLY AB 40 22.72 -2.01 -100.89
CA GLY AB 40 23.96 -1.47 -101.39
C GLY AB 40 25.03 -1.51 -100.33
N LEU AB 41 26.06 -0.69 -100.53
CA LEU AB 41 27.17 -0.53 -99.62
C LEU AB 41 28.00 -1.81 -99.48
N GLY AB 42 27.77 -2.79 -100.34
CA GLY AB 42 28.62 -3.97 -100.41
C GLY AB 42 28.21 -5.13 -99.53
N PHE AB 43 27.14 -5.00 -98.74
CA PHE AB 43 26.76 -6.07 -97.84
C PHE AB 43 26.23 -7.27 -98.62
N LYS AB 44 26.84 -8.43 -98.39
CA LYS AB 44 26.53 -9.61 -99.18
C LYS AB 44 25.23 -10.25 -98.71
N THR AB 45 24.29 -10.42 -99.64
CA THR AB 45 23.02 -11.05 -99.33
C THR AB 45 23.26 -12.53 -99.04
N PRO AB 46 22.93 -13.01 -97.84
CA PRO AB 46 23.21 -14.42 -97.51
C PRO AB 46 22.47 -15.37 -98.44
N LYS AB 47 23.13 -16.49 -98.73
CA LYS AB 47 22.51 -17.50 -99.58
C LYS AB 47 21.24 -18.07 -98.95
N GLU AB 48 21.14 -18.01 -97.62
CA GLU AB 48 19.92 -18.48 -96.96
C GLU AB 48 18.72 -17.66 -97.38
N ALA AB 49 18.89 -16.33 -97.48
CA ALA AB 49 17.79 -15.46 -97.87
C ALA AB 49 17.42 -15.59 -99.34
N ILE AB 50 18.21 -16.31 -100.13
CA ILE AB 50 17.91 -16.51 -101.54
C ILE AB 50 17.08 -17.77 -101.75
N GLU AB 51 17.55 -18.90 -101.24
CA GLU AB 51 16.88 -20.18 -101.41
C GLU AB 51 15.92 -20.50 -100.28
N GLY AB 52 15.70 -19.56 -99.36
CA GLY AB 52 14.89 -19.83 -98.20
C GLY AB 52 13.40 -19.82 -98.49
N THR AB 53 12.66 -20.52 -97.64
CA THR AB 53 11.21 -20.64 -97.76
C THR AB 53 10.46 -19.72 -96.82
N TYR AB 54 11.14 -19.11 -95.85
CA TYR AB 54 10.50 -18.23 -94.89
C TYR AB 54 9.89 -17.02 -95.58
N ILE AB 55 8.96 -16.37 -94.88
CA ILE AB 55 8.36 -15.11 -95.32
C ILE AB 55 8.49 -14.10 -94.20
N ASP AB 56 9.02 -12.93 -94.51
CA ASP AB 56 9.18 -11.87 -93.52
C ASP AB 56 8.76 -10.53 -94.10
N LYS AB 57 8.32 -9.64 -93.21
CA LYS AB 57 7.82 -8.32 -93.58
C LYS AB 57 8.88 -7.24 -93.50
N LYS AB 58 9.85 -7.37 -92.60
CA LYS AB 58 10.83 -6.33 -92.35
C LYS AB 58 12.25 -6.78 -92.61
N CYS AB 59 12.45 -7.94 -93.23
CA CYS AB 59 13.79 -8.42 -93.49
C CYS AB 59 14.52 -7.46 -94.41
N PRO AB 60 15.76 -7.09 -94.10
CA PRO AB 60 16.46 -6.08 -94.91
C PRO AB 60 16.57 -6.43 -96.37
N PHE AB 61 16.83 -7.70 -96.69
CA PHE AB 61 17.03 -8.12 -98.07
C PHE AB 61 15.77 -8.64 -98.73
N THR AB 62 14.74 -9.01 -97.96
CA THR AB 62 13.55 -9.63 -98.53
C THR AB 62 12.30 -9.00 -97.96
N GLY AB 63 12.34 -7.72 -97.66
CA GLY AB 63 11.20 -7.00 -97.14
C GLY AB 63 11.07 -5.68 -97.84
N ASN AB 64 10.76 -4.64 -97.05
CA ASN AB 64 10.63 -3.30 -97.59
C ASN AB 64 11.42 -2.26 -96.81
N VAL AB 65 12.11 -2.66 -95.73
CA VAL AB 65 12.87 -1.71 -94.96
C VAL AB 65 14.04 -1.17 -95.78
N SER AB 66 14.40 0.09 -95.52
CA SER AB 66 15.33 0.83 -96.36
C SER AB 66 16.46 1.34 -95.48
N ILE AB 67 17.64 0.75 -95.61
CA ILE AB 67 18.73 1.02 -94.68
C ILE AB 67 19.58 2.16 -95.21
N ARG AB 68 19.92 3.09 -94.31
CA ARG AB 68 20.47 4.39 -94.67
C ARG AB 68 21.11 5.02 -93.44
N GLY AB 69 21.86 6.08 -93.66
CA GLY AB 69 22.22 6.99 -92.58
C GLY AB 69 23.32 6.57 -91.64
N ARG AB 70 23.04 5.64 -90.73
CA ARG AB 70 23.96 5.26 -89.67
C ARG AB 70 24.20 3.77 -89.74
N ILE AB 71 25.47 3.36 -89.65
CA ILE AB 71 25.83 1.95 -89.57
C ILE AB 71 26.76 1.78 -88.38
N LEU AB 72 26.38 0.90 -87.46
CA LEU AB 72 27.16 0.67 -86.24
C LEU AB 72 27.33 -0.82 -86.01
N SER AB 73 28.01 -1.19 -84.92
CA SER AB 73 28.20 -2.59 -84.58
C SER AB 73 27.69 -2.83 -83.16
N GLY AB 74 27.90 -4.04 -82.67
CA GLY AB 74 27.49 -4.37 -81.31
C GLY AB 74 27.97 -5.75 -80.95
N VAL AB 75 27.73 -6.12 -79.69
CA VAL AB 75 28.00 -7.47 -79.20
C VAL AB 75 26.69 -8.04 -78.69
N VAL AB 76 26.23 -9.12 -79.32
CA VAL AB 76 24.93 -9.68 -79.00
C VAL AB 76 24.96 -10.26 -77.60
N THR AB 77 23.85 -10.10 -76.85
CA THR AB 77 23.79 -10.59 -75.49
C THR AB 77 22.60 -11.51 -75.25
N LYS AB 78 21.46 -11.20 -75.84
CA LYS AB 78 20.24 -11.95 -75.58
C LYS AB 78 19.65 -12.46 -76.87
N MET AB 79 19.09 -13.66 -76.81
CA MET AB 79 18.35 -14.26 -77.93
C MET AB 79 16.88 -14.43 -77.56
N LYS AB 80 16.35 -13.44 -76.86
CA LYS AB 80 14.97 -13.39 -76.43
C LYS AB 80 14.06 -12.94 -77.57
N MET AB 81 12.94 -12.32 -77.24
CA MET AB 81 11.68 -12.32 -77.98
C MET AB 81 11.83 -12.42 -79.49
N GLN AB 82 10.98 -13.22 -80.12
CA GLN AB 82 11.20 -13.66 -81.49
C GLN AB 82 11.37 -12.49 -82.45
N ARG AB 83 12.30 -12.66 -83.38
CA ARG AB 83 12.59 -11.75 -84.49
C ARG AB 83 13.31 -10.48 -84.07
N THR AB 84 13.85 -10.42 -82.85
CA THR AB 84 14.71 -9.31 -82.46
C THR AB 84 15.58 -9.71 -81.28
N ILE AB 85 16.76 -9.09 -81.22
CA ILE AB 85 17.80 -9.44 -80.26
C ILE AB 85 18.28 -8.16 -79.60
N VAL AB 86 18.97 -8.32 -78.47
CA VAL AB 86 19.36 -7.20 -77.62
C VAL AB 86 20.87 -7.19 -77.51
N ILE AB 87 21.50 -6.09 -77.88
CA ILE AB 87 22.95 -6.05 -78.05
C ILE AB 87 23.56 -5.00 -77.13
N ARG AB 88 24.49 -5.43 -76.28
CA ARG AB 88 25.31 -4.46 -75.55
C ARG AB 88 26.28 -3.78 -76.50
N ARG AB 89 26.77 -2.63 -76.10
CA ARG AB 89 27.60 -1.82 -76.99
C ARG AB 89 28.55 -1.00 -76.12
N ASP AB 90 29.77 -1.49 -75.94
CA ASP AB 90 30.70 -0.85 -75.02
C ASP AB 90 31.44 0.28 -75.71
N TYR AB 91 31.78 1.29 -74.94
CA TYR AB 91 32.41 2.49 -75.49
C TYR AB 91 32.91 3.32 -74.31
N LEU AB 92 33.83 4.24 -74.60
CA LEU AB 92 34.46 5.06 -73.58
C LEU AB 92 33.99 6.50 -73.71
N HIS AB 93 33.66 7.11 -72.58
CA HIS AB 93 33.35 8.53 -72.51
C HIS AB 93 34.48 9.24 -71.79
N TYR AB 94 34.90 10.39 -72.32
CA TYR AB 94 36.04 11.13 -71.79
C TYR AB 94 35.55 12.22 -70.84
N ILE AB 95 36.03 12.18 -69.61
CA ILE AB 95 35.80 13.25 -68.64
C ILE AB 95 36.80 14.35 -68.90
N ARG AB 96 36.32 15.60 -68.94
CA ARG AB 96 37.22 16.70 -69.25
C ARG AB 96 38.15 17.02 -68.09
N LYS AB 97 37.62 17.07 -66.87
CA LYS AB 97 38.38 17.53 -65.72
C LYS AB 97 39.63 16.70 -65.55
N TYR AB 98 39.46 15.41 -65.24
CA TYR AB 98 40.58 14.50 -65.31
C TYR AB 98 40.97 14.28 -66.76
N ASN AB 99 42.20 13.83 -66.96
CA ASN AB 99 42.60 13.38 -68.29
C ASN AB 99 42.39 11.89 -68.44
N ARG AB 100 41.19 11.41 -68.10
CA ARG AB 100 40.96 9.98 -67.99
C ARG AB 100 39.57 9.62 -68.50
N PHE AB 101 39.45 8.41 -69.03
CA PHE AB 101 38.21 7.96 -69.62
C PHE AB 101 37.33 7.28 -68.58
N GLU AB 102 36.07 7.10 -68.92
CA GLU AB 102 35.09 6.49 -68.03
C GLU AB 102 34.22 5.57 -68.84
N LYS AB 103 34.28 4.27 -68.57
CA LYS AB 103 33.53 3.31 -69.37
C LYS AB 103 32.04 3.46 -69.15
N ARG AB 104 31.28 3.32 -70.23
CA ARG AB 104 29.84 3.29 -70.17
C ARG AB 104 29.37 2.18 -71.09
N HIS AB 105 28.06 2.07 -71.27
CA HIS AB 105 27.50 1.11 -72.22
C HIS AB 105 26.03 1.45 -72.40
N LYS AB 106 25.52 1.17 -73.59
CA LYS AB 106 24.12 1.40 -73.90
C LYS AB 106 23.66 0.27 -74.81
N ASN AB 107 22.66 -0.49 -74.37
CA ASN AB 107 22.21 -1.66 -75.09
C ASN AB 107 20.81 -1.46 -75.65
N MET AB 108 20.63 -1.90 -76.88
CA MET AB 108 19.50 -1.54 -77.72
C MET AB 108 19.00 -2.76 -78.46
N SER AB 109 17.73 -2.73 -78.83
CA SER AB 109 17.11 -3.83 -79.55
C SER AB 109 17.24 -3.61 -81.05
N VAL AB 110 17.38 -4.70 -81.79
CA VAL AB 110 17.48 -4.66 -83.24
C VAL AB 110 16.72 -5.84 -83.82
N HIS AB 111 16.11 -5.64 -84.98
CA HIS AB 111 15.38 -6.72 -85.64
C HIS AB 111 16.37 -7.75 -86.17
N LEU AB 112 15.86 -8.76 -86.86
CA LEU AB 112 16.69 -9.84 -87.33
C LEU AB 112 16.12 -10.38 -88.64
N SER AB 113 16.94 -11.11 -89.38
CA SER AB 113 16.48 -11.86 -90.53
C SER AB 113 16.06 -13.25 -90.06
N PRO AB 114 14.82 -13.64 -90.24
CA PRO AB 114 14.37 -14.91 -89.67
C PRO AB 114 14.93 -16.10 -90.42
N CYS AB 115 15.86 -15.84 -91.35
CA CYS AB 115 16.61 -16.92 -91.96
C CYS AB 115 17.40 -17.71 -90.93
N PHE AB 116 17.70 -17.10 -89.79
CA PHE AB 116 18.84 -17.47 -88.97
C PHE AB 116 18.43 -18.22 -87.71
N ARG AB 117 18.75 -19.50 -87.67
CA ARG AB 117 19.26 -20.13 -86.48
C ARG AB 117 20.76 -19.82 -86.46
N ASP AB 118 21.53 -20.48 -85.60
CA ASP AB 118 22.99 -20.41 -85.66
C ASP AB 118 23.48 -18.97 -85.56
N VAL AB 119 22.84 -18.20 -84.70
CA VAL AB 119 23.34 -16.87 -84.30
C VAL AB 119 23.52 -16.94 -82.79
N GLN AB 120 24.73 -17.30 -82.37
CA GLN AB 120 25.00 -17.46 -80.95
C GLN AB 120 25.02 -16.09 -80.28
N ILE AB 121 25.25 -16.08 -78.98
CA ILE AB 121 25.30 -14.83 -78.23
C ILE AB 121 26.75 -14.53 -77.92
N GLY AB 122 27.01 -13.28 -77.54
CA GLY AB 122 28.37 -12.85 -77.25
C GLY AB 122 29.21 -12.55 -78.47
N ASP AB 123 28.63 -12.55 -79.66
CA ASP AB 123 29.37 -12.40 -80.90
C ASP AB 123 29.05 -11.08 -81.59
N ILE AB 124 30.08 -10.50 -82.23
CA ILE AB 124 29.96 -9.21 -82.89
C ILE AB 124 28.91 -9.28 -83.99
N VAL AB 125 28.32 -8.13 -84.31
CA VAL AB 125 27.38 -8.00 -85.42
C VAL AB 125 27.46 -6.58 -85.94
N THR AB 126 27.19 -6.40 -87.22
CA THR AB 126 27.15 -5.09 -87.85
C THR AB 126 25.70 -4.73 -88.14
N VAL AB 127 25.29 -3.54 -87.69
CA VAL AB 127 23.88 -3.16 -87.63
C VAL AB 127 23.69 -1.86 -88.39
N GLY AB 128 22.57 -1.75 -89.10
CA GLY AB 128 22.27 -0.56 -89.88
C GLY AB 128 21.00 0.14 -89.46
N GLU AB 129 20.88 1.41 -89.81
CA GLU AB 129 19.74 2.24 -89.42
C GLU AB 129 18.53 1.92 -90.28
N CYS AB 130 17.35 2.27 -89.77
CA CYS AB 130 16.11 1.94 -90.46
C CYS AB 130 15.00 2.87 -89.98
N ARG AB 131 13.86 2.79 -90.66
CA ARG AB 131 12.67 3.48 -90.21
C ARG AB 131 12.17 2.85 -88.91
N PRO AB 132 11.42 3.59 -88.10
CA PRO AB 132 11.15 3.12 -86.74
C PRO AB 132 10.29 1.88 -86.70
N LEU AB 133 10.96 0.73 -86.80
CA LEU AB 133 10.30 -0.57 -86.89
C LEU AB 133 9.30 -0.82 -85.78
N SER AB 134 9.58 -0.30 -84.58
CA SER AB 134 8.71 -0.51 -83.43
C SER AB 134 8.95 0.62 -82.43
N LYS AB 135 8.48 0.42 -81.19
CA LYS AB 135 8.69 1.42 -80.16
C LYS AB 135 10.17 1.61 -79.87
N THR AB 136 10.92 0.52 -79.76
CA THR AB 136 12.34 0.60 -79.48
C THR AB 136 13.20 -0.11 -80.50
N VAL AB 137 12.64 -0.51 -81.64
CA VAL AB 137 13.38 -1.19 -82.69
C VAL AB 137 13.59 -0.19 -83.82
N ARG AB 138 14.80 0.38 -83.91
CA ARG AB 138 15.16 1.24 -85.03
C ARG AB 138 16.25 0.60 -85.87
N PHE AB 139 17.37 0.24 -85.27
CA PHE AB 139 18.47 -0.37 -86.00
C PHE AB 139 18.13 -1.81 -86.37
N ASN AB 140 18.64 -2.24 -87.53
CA ASN AB 140 18.35 -3.56 -88.06
C ASN AB 140 19.65 -4.27 -88.45
N VAL AB 141 19.62 -5.61 -88.39
CA VAL AB 141 20.83 -6.43 -88.50
C VAL AB 141 21.12 -6.76 -89.95
N LEU AB 142 22.38 -6.56 -90.36
CA LEU AB 142 22.79 -6.73 -91.74
C LEU AB 142 23.69 -7.93 -91.97
N LYS AB 143 24.63 -8.22 -91.07
CA LYS AB 143 25.45 -9.42 -91.18
C LYS AB 143 26.21 -9.72 -89.89
N VAL AB 144 26.13 -10.97 -89.43
CA VAL AB 144 26.77 -11.41 -88.19
C VAL AB 144 28.21 -11.80 -88.49
N THR AB 145 29.08 -11.74 -87.47
CA THR AB 145 30.50 -11.67 -87.75
C THR AB 145 31.39 -12.49 -86.81
N LYS AB 146 30.93 -13.62 -86.28
CA LYS AB 146 31.83 -14.41 -85.45
C LYS AB 146 31.40 -15.88 -85.43
N ALA AB 147 32.20 -16.74 -86.06
CA ALA AB 147 32.02 -18.18 -85.95
C ALA AB 147 33.32 -18.97 -85.79
N ALA AB 148 34.50 -18.38 -86.01
CA ALA AB 148 35.74 -19.14 -85.99
C ALA AB 148 36.19 -19.44 -84.56
N GLY AB 149 36.01 -18.49 -83.65
CA GLY AB 149 36.41 -18.68 -82.26
C GLY AB 149 35.43 -19.52 -81.47
N THR AB 150 34.77 -20.44 -82.14
CA THR AB 150 33.71 -21.26 -81.55
C THR AB 150 34.02 -22.72 -81.85
N LYS AB 151 33.02 -23.58 -81.65
CA LYS AB 151 33.21 -25.03 -81.57
C LYS AB 151 33.44 -25.68 -82.93
N LYS AB 152 33.28 -27.00 -82.97
CA LYS AB 152 33.62 -27.86 -84.09
C LYS AB 152 33.19 -27.33 -85.45
N GLN AB 153 33.93 -27.68 -86.49
CA GLN AB 153 33.64 -27.27 -87.86
C GLN AB 153 32.23 -27.69 -88.29
N ARG BB 1 64.63 -20.55 32.57
CA ARG BB 1 65.39 -19.38 32.11
C ARG BB 1 66.81 -19.41 32.65
N VAL BB 2 67.76 -19.70 31.76
CA VAL BB 2 69.18 -19.56 32.06
C VAL BB 2 69.53 -18.10 31.82
N GLN BB 3 70.63 -17.65 32.42
CA GLN BB 3 71.02 -16.24 32.37
C GLN BB 3 72.42 -16.12 31.80
N PRO BB 4 72.58 -16.27 30.49
CA PRO BB 4 73.88 -16.01 29.86
C PRO BB 4 74.06 -14.53 29.58
N ILE BB 5 74.92 -13.87 30.36
CA ILE BB 5 75.26 -12.47 30.18
C ILE BB 5 76.72 -12.44 29.76
N LYS BB 6 76.98 -12.11 28.49
CA LYS BB 6 78.29 -12.27 27.90
C LYS BB 6 78.99 -10.93 27.77
N LEU BB 7 80.24 -10.86 28.19
CA LEU BB 7 81.15 -9.73 27.91
C LEU BB 7 81.76 -9.93 26.55
N ALA BB 8 82.27 -8.84 25.96
CA ALA BB 8 82.58 -8.91 24.52
C ALA BB 8 83.36 -7.67 24.06
N ARG BB 9 84.15 -7.84 22.99
CA ARG BB 9 84.87 -6.71 22.39
C ARG BB 9 84.35 -6.47 20.99
N VAL BB 10 84.24 -5.20 20.60
CA VAL BB 10 84.10 -4.91 19.19
C VAL BB 10 85.44 -5.18 18.50
N THR BB 11 85.41 -5.31 17.18
CA THR BB 11 86.64 -5.34 16.40
C THR BB 11 86.77 -4.13 15.49
N LYS BB 12 85.75 -3.91 14.65
CA LYS BB 12 85.67 -2.68 13.90
C LYS BB 12 84.25 -2.16 13.96
N VAL BB 13 84.12 -0.85 13.88
CA VAL BB 13 82.81 -0.22 13.78
C VAL BB 13 82.39 -0.22 12.32
N LEU BB 14 81.17 -0.68 12.04
CA LEU BB 14 80.71 -0.84 10.67
C LEU BB 14 80.06 0.45 10.15
N GLY BB 15 78.98 0.87 10.80
CA GLY BB 15 78.27 2.07 10.39
C GLY BB 15 77.48 2.58 11.57
N ARG BB 16 76.88 3.76 11.38
CA ARG BB 16 76.19 4.40 12.48
C ARG BB 16 74.80 4.89 12.07
N THR BB 17 73.95 4.01 11.56
CA THR BB 17 72.63 4.43 11.13
C THR BB 17 71.54 3.59 11.79
N GLY BB 18 70.30 3.90 11.44
CA GLY BB 18 69.16 3.05 11.73
C GLY BB 18 67.87 3.77 12.14
N SER BB 19 67.97 4.88 12.87
CA SER BB 19 66.80 5.75 13.07
C SER BB 19 67.06 7.17 12.60
N GLN BB 20 68.04 7.83 13.21
CA GLN BB 20 68.43 9.20 12.92
C GLN BB 20 69.95 9.31 12.99
N GLY BB 21 70.65 8.21 12.76
CA GLY BB 21 72.04 8.11 13.09
C GLY BB 21 72.30 7.73 14.54
N GLN BB 22 71.26 7.34 15.27
CA GLN BB 22 71.45 7.08 16.69
C GLN BB 22 72.28 5.82 16.91
N CYS BB 23 71.84 4.69 16.36
CA CYS BB 23 72.42 3.39 16.70
C CYS BB 23 73.80 3.26 16.06
N THR BB 24 74.41 2.09 16.18
CA THR BB 24 75.73 1.84 15.59
C THR BB 24 75.95 0.33 15.50
N GLN BB 25 76.16 -0.18 14.30
CA GLN BB 25 76.55 -1.58 14.18
C GLN BB 25 78.04 -1.77 14.44
N VAL BB 26 78.36 -2.94 15.00
CA VAL BB 26 79.72 -3.42 15.16
C VAL BB 26 79.69 -4.93 14.92
N ARG BB 27 80.86 -5.56 14.96
CA ARG BB 27 80.92 -7.00 14.81
C ARG BB 27 81.65 -7.60 16.00
N VAL BB 28 81.12 -7.25 17.18
CA VAL BB 28 81.68 -7.54 18.49
C VAL BB 28 82.05 -9.00 18.67
N GLU BB 29 83.27 -9.26 19.15
CA GLU BB 29 83.74 -10.57 19.60
C GLU BB 29 83.73 -10.56 21.13
N PHE BB 30 84.03 -11.72 21.73
CA PHE BB 30 83.65 -11.93 23.13
C PHE BB 30 84.75 -11.70 24.17
N MET BB 31 86.01 -11.68 23.71
CA MET BB 31 87.22 -11.53 24.57
C MET BB 31 87.61 -12.87 25.22
N ASP BB 32 86.63 -13.61 25.76
CA ASP BB 32 86.95 -14.74 26.60
C ASP BB 32 86.75 -16.06 25.88
N ASP BB 33 85.87 -16.11 24.90
CA ASP BB 33 85.80 -17.21 23.96
C ASP BB 33 85.77 -16.55 22.58
N THR BB 34 86.85 -16.67 21.81
CA THR BB 34 86.87 -16.05 20.49
C THR BB 34 85.90 -16.84 19.61
N SER BB 35 84.63 -16.46 19.75
CA SER BB 35 83.51 -17.25 19.28
C SER BB 35 82.65 -16.34 18.40
N ARG BB 36 81.42 -16.77 18.14
CA ARG BB 36 80.49 -16.09 17.25
C ARG BB 36 80.64 -14.57 17.31
N SER BB 37 80.97 -13.98 16.16
CA SER BB 37 81.13 -12.52 16.06
C SER BB 37 79.76 -11.94 15.71
N ILE BB 38 78.96 -11.69 16.74
CA ILE BB 38 77.58 -11.28 16.54
C ILE BB 38 77.59 -9.80 16.15
N ILE BB 39 76.90 -9.45 15.07
CA ILE BB 39 76.88 -8.07 14.59
C ILE BB 39 75.63 -7.40 15.15
N ARG BB 40 75.80 -6.58 16.19
CA ARG BB 40 74.67 -5.97 16.86
C ARG BB 40 74.84 -4.46 16.91
N ASN BB 41 73.71 -3.77 16.99
CA ASN BB 41 73.70 -2.32 17.01
C ASN BB 41 73.64 -1.78 18.44
N VAL BB 42 74.43 -0.75 18.71
CA VAL BB 42 74.50 -0.14 20.02
C VAL BB 42 74.27 1.36 19.89
N LYS BB 43 73.79 1.97 20.97
CA LYS BB 43 73.44 3.38 20.99
C LYS BB 43 74.36 4.13 21.95
N GLY BB 44 75.17 5.02 21.41
CA GLY BB 44 76.13 5.75 22.21
C GLY BB 44 77.52 5.70 21.60
N PRO BB 45 78.45 6.44 22.19
CA PRO BB 45 79.82 6.43 21.67
C PRO BB 45 80.44 5.05 21.74
N VAL BB 46 81.29 4.73 20.77
CA VAL BB 46 81.89 3.41 20.64
C VAL BB 46 83.37 3.59 20.27
N ARG BB 47 84.25 3.37 21.23
CA ARG BB 47 85.68 3.51 20.97
C ARG BB 47 86.17 2.36 20.10
N GLU BB 48 87.44 2.44 19.69
CA GLU BB 48 88.05 1.39 18.87
C GLU BB 48 88.56 0.30 19.79
N GLY BB 49 88.03 -0.92 19.61
CA GLY BB 49 88.40 -2.02 20.47
C GLY BB 49 88.05 -1.82 21.93
N ASP BB 50 86.85 -1.34 22.22
CA ASP BB 50 86.43 -1.08 23.60
C ASP BB 50 85.55 -2.21 24.10
N VAL BB 51 85.50 -2.36 25.41
CA VAL BB 51 84.81 -3.50 26.00
C VAL BB 51 83.31 -3.27 25.82
N LEU BB 52 82.50 -4.30 26.06
CA LEU BB 52 81.06 -4.14 25.90
C LEU BB 52 80.32 -5.11 26.81
N THR BB 53 79.21 -4.65 27.36
CA THR BB 53 78.33 -5.49 28.16
C THR BB 53 77.08 -5.79 27.36
N LEU BB 54 76.52 -6.98 27.57
CA LEU BB 54 75.58 -7.56 26.63
C LEU BB 54 74.71 -8.58 27.35
N LEU BB 55 73.39 -8.45 27.23
CA LEU BB 55 72.49 -9.40 27.89
C LEU BB 55 72.32 -10.69 27.09
N GLU BB 56 71.72 -10.59 25.91
CA GLU BB 56 71.46 -11.76 25.08
C GLU BB 56 72.29 -11.66 23.82
N SER BB 57 72.99 -12.74 23.48
CA SER BB 57 73.90 -12.73 22.35
C SER BB 57 73.25 -13.17 21.04
N GLU BB 58 72.01 -13.62 21.08
CA GLU BB 58 71.38 -14.24 19.92
C GLU BB 58 70.41 -13.28 19.21
N ARG BB 59 70.94 -12.21 18.62
CA ARG BB 59 70.12 -11.42 17.70
C ARG BB 59 70.66 -11.41 16.27
N GLU BB 60 71.91 -10.98 16.08
CA GLU BB 60 72.51 -10.62 14.80
C GLU BB 60 71.99 -9.31 14.21
N ALA BB 61 70.85 -8.82 14.70
CA ALA BB 61 70.45 -7.41 14.61
C ALA BB 61 70.98 -6.68 13.38
N ARG BB 62 70.83 -7.24 12.19
CA ARG BB 62 71.53 -6.73 11.01
C ARG BB 62 70.52 -6.18 10.01
N ARG BB 63 70.59 -4.86 9.79
CA ARG BB 63 69.96 -4.19 8.65
C ARG BB 63 68.51 -4.66 8.45
N LEU BB 64 67.70 -4.42 9.48
CA LEU BB 64 66.30 -4.79 9.46
C LEU BB 64 65.42 -3.61 9.07
N SER DB 1 75.82 -30.03 -113.21
CA SER DB 1 75.48 -30.72 -111.97
C SER DB 1 74.47 -31.83 -112.21
N ALA DB 2 74.63 -32.93 -111.49
CA ALA DB 2 73.70 -34.05 -111.55
C ALA DB 2 72.68 -33.91 -110.42
N LYS DB 3 71.40 -33.97 -110.78
CA LYS DB 3 70.34 -33.57 -109.86
C LYS DB 3 69.97 -34.64 -108.84
N ILE DB 4 70.33 -35.90 -109.08
CA ILE DB 4 70.16 -36.90 -108.03
C ILE DB 4 71.21 -36.70 -106.93
N VAL DB 5 72.42 -36.31 -107.30
CA VAL DB 5 73.48 -36.10 -106.32
C VAL DB 5 73.64 -34.64 -105.94
N LYS DB 6 73.10 -33.72 -106.74
CA LYS DB 6 73.06 -32.30 -106.37
C LYS DB 6 72.00 -31.57 -107.18
N PRO DB 7 70.75 -31.52 -106.73
CA PRO DB 7 69.80 -30.59 -107.34
C PRO DB 7 70.18 -29.16 -107.01
N ASN DB 8 69.88 -28.26 -107.92
CA ASN DB 8 70.31 -26.86 -107.78
C ASN DB 8 69.27 -25.96 -108.42
N GLY DB 9 68.51 -25.25 -107.58
CA GLY DB 9 67.53 -24.31 -108.10
C GLY DB 9 68.11 -23.25 -109.00
N GLU DB 10 69.39 -22.89 -108.79
CA GLU DB 10 70.06 -21.96 -109.68
C GLU DB 10 70.25 -22.61 -111.05
N LYS DB 11 69.96 -21.85 -112.11
CA LYS DB 11 70.17 -22.38 -113.44
C LYS DB 11 71.65 -22.26 -113.84
N PRO DB 12 72.29 -21.06 -113.78
CA PRO DB 12 73.73 -21.00 -114.04
C PRO DB 12 74.51 -21.49 -112.82
N ASP DB 13 75.00 -22.72 -112.91
CA ASP DB 13 75.75 -23.36 -111.82
C ASP DB 13 77.22 -23.33 -112.19
N GLU DB 14 77.87 -22.20 -111.91
CA GLU DB 14 79.26 -22.00 -112.32
C GLU DB 14 80.18 -22.99 -111.62
N PHE DB 15 80.26 -22.91 -110.30
CA PHE DB 15 81.05 -23.88 -109.53
C PHE DB 15 80.22 -25.04 -109.03
N GLU DB 16 78.90 -24.99 -109.18
CA GLU DB 16 78.07 -26.05 -108.61
C GLU DB 16 78.24 -27.35 -109.38
N SER DB 17 78.35 -27.28 -110.71
CA SER DB 17 78.68 -28.47 -111.49
C SER DB 17 80.03 -29.04 -111.07
N GLY DB 18 81.00 -28.17 -110.83
CA GLY DB 18 82.29 -28.64 -110.34
C GLY DB 18 82.19 -29.30 -108.98
N ILE DB 19 81.46 -28.67 -108.05
CA ILE DB 19 81.33 -29.28 -106.72
C ILE DB 19 80.31 -30.42 -106.76
N SER DB 20 79.35 -30.38 -107.69
CA SER DB 20 78.54 -31.57 -107.92
C SER DB 20 79.40 -32.72 -108.41
N GLN DB 21 80.24 -32.46 -109.41
CA GLN DB 21 81.21 -33.46 -109.84
C GLN DB 21 82.07 -33.91 -108.67
N ALA DB 22 82.41 -32.98 -107.78
CA ALA DB 22 83.01 -33.38 -106.51
C ALA DB 22 82.06 -34.29 -105.74
N LEU DB 23 80.81 -33.85 -105.53
CA LEU DB 23 79.90 -34.60 -104.66
C LEU DB 23 79.41 -35.88 -105.32
N LEU DB 24 79.40 -35.96 -106.65
CA LEU DB 24 79.12 -37.26 -107.26
C LEU DB 24 80.35 -38.16 -107.26
N GLU DB 25 81.51 -37.61 -106.92
CA GLU DB 25 82.71 -38.41 -106.64
C GLU DB 25 83.16 -38.33 -105.19
N LEU DB 26 82.52 -37.50 -104.35
CA LEU DB 26 82.75 -37.60 -102.92
C LEU DB 26 81.95 -38.72 -102.26
N GLU DB 27 81.09 -39.38 -103.02
CA GLU DB 27 80.37 -40.55 -102.54
C GLU DB 27 81.16 -41.83 -102.77
N MET DB 28 82.49 -41.74 -102.85
CA MET DB 28 83.37 -42.88 -102.98
C MET DB 28 84.04 -43.29 -101.67
N ASN DB 29 84.14 -42.38 -100.70
CA ASN DB 29 84.78 -42.70 -99.44
C ASN DB 29 83.99 -43.78 -98.70
N SER DB 30 84.73 -44.70 -98.06
CA SER DB 30 84.10 -45.85 -97.39
C SER DB 30 83.10 -45.41 -96.33
N ASP DB 31 83.27 -44.22 -95.78
CA ASP DB 31 82.35 -43.72 -94.77
C ASP DB 31 81.07 -43.15 -95.37
N LEU DB 32 80.95 -43.08 -96.70
CA LEU DB 32 79.85 -42.34 -97.30
C LEU DB 32 79.03 -43.17 -98.29
N LYS DB 33 78.72 -44.42 -97.93
CA LYS DB 33 77.85 -45.27 -98.73
C LYS DB 33 76.40 -45.00 -98.36
N ALA DB 34 75.72 -44.21 -99.18
CA ALA DB 34 74.32 -43.80 -99.06
C ALA DB 34 74.07 -42.77 -97.96
N GLN DB 35 75.11 -42.05 -97.51
CA GLN DB 35 74.89 -40.85 -96.70
C GLN DB 35 74.75 -39.60 -97.56
N LEU DB 36 75.01 -39.69 -98.86
CA LEU DB 36 74.96 -38.54 -99.75
C LEU DB 36 74.06 -38.76 -100.96
N ARG DB 37 73.91 -40.00 -101.42
CA ARG DB 37 73.23 -40.28 -102.67
C ARG DB 37 71.72 -40.02 -102.61
N GLU DB 38 71.17 -39.77 -101.42
CA GLU DB 38 69.75 -39.41 -101.33
C GLU DB 38 69.49 -38.32 -100.30
N LEU DB 39 70.52 -37.57 -99.88
CA LEU DB 39 70.39 -36.40 -99.01
C LEU DB 39 71.24 -35.28 -99.62
N ASN DB 40 70.60 -34.45 -100.44
CA ASN DB 40 71.33 -33.60 -101.37
C ASN DB 40 70.88 -32.14 -101.23
N ILE DB 41 71.78 -31.23 -101.62
CA ILE DB 41 71.63 -29.80 -101.44
C ILE DB 41 70.65 -29.23 -102.48
N THR DB 42 70.22 -27.97 -102.30
CA THR DB 42 69.29 -27.33 -103.21
C THR DB 42 69.79 -26.03 -103.82
N ALA DB 43 70.71 -25.31 -103.19
CA ALA DB 43 71.28 -24.09 -103.75
C ALA DB 43 72.55 -23.78 -102.98
N ALA DB 44 73.36 -22.88 -103.54
CA ALA DB 44 74.60 -22.45 -102.88
C ALA DB 44 75.12 -21.20 -103.56
N LYS DB 45 76.05 -20.53 -102.87
CA LYS DB 45 76.65 -19.29 -103.35
C LYS DB 45 78.04 -19.16 -102.75
N GLU DB 46 78.62 -17.97 -102.85
CA GLU DB 46 79.91 -17.67 -102.26
C GLU DB 46 79.92 -16.24 -101.74
N ILE DB 47 81.01 -15.89 -101.07
CA ILE DB 47 81.13 -14.60 -100.38
C ILE DB 47 82.56 -14.09 -100.48
N GLU DB 48 82.74 -12.83 -100.08
CA GLU DB 48 84.06 -12.23 -99.90
C GLU DB 48 84.29 -11.96 -98.42
N VAL DB 49 85.43 -12.40 -97.92
CA VAL DB 49 85.75 -12.38 -96.49
C VAL DB 49 87.07 -11.66 -96.29
N GLY DB 50 87.17 -10.87 -95.22
CA GLY DB 50 88.44 -10.28 -94.88
C GLY DB 50 88.92 -9.26 -95.91
N GLY DB 51 90.20 -8.97 -95.84
CA GLY DB 51 90.81 -8.02 -96.75
C GLY DB 51 91.59 -8.69 -97.87
N GLY DB 52 91.90 -9.96 -97.70
CA GLY DB 52 92.58 -10.73 -98.72
C GLY DB 52 92.12 -12.17 -98.79
N ARG DB 53 90.94 -12.46 -98.24
CA ARG DB 53 90.44 -13.82 -98.15
C ARG DB 53 89.31 -14.04 -99.15
N LYS DB 54 88.74 -15.24 -99.12
CA LYS DB 54 87.72 -15.70 -100.05
C LYS DB 54 87.12 -16.98 -99.48
N ALA DB 55 85.80 -17.10 -99.55
CA ALA DB 55 85.15 -18.25 -98.93
C ALA DB 55 83.86 -18.57 -99.67
N ILE DB 56 83.32 -19.75 -99.36
CA ILE DB 56 82.11 -20.27 -99.99
C ILE DB 56 81.15 -20.71 -98.90
N ILE DB 57 79.87 -20.75 -99.24
CA ILE DB 57 78.84 -21.29 -98.36
C ILE DB 57 77.93 -22.18 -99.18
N ILE DB 58 77.30 -23.15 -98.51
CA ILE DB 58 76.29 -24.01 -99.13
C ILE DB 58 74.96 -23.69 -98.47
N PHE DB 59 73.88 -23.82 -99.23
CA PHE DB 59 72.55 -23.51 -98.74
C PHE DB 59 71.71 -24.77 -98.78
N VAL DB 60 71.77 -25.56 -97.71
CA VAL DB 60 71.02 -26.80 -97.59
C VAL DB 60 69.55 -26.50 -97.35
N PRO DB 61 68.63 -27.36 -97.78
CA PRO DB 61 67.20 -27.06 -97.66
C PRO DB 61 66.57 -27.43 -96.32
N VAL DB 62 67.39 -27.67 -95.29
CA VAL DB 62 66.98 -28.14 -93.97
C VAL DB 62 65.94 -29.26 -94.08
N PRO DB 63 66.10 -30.23 -94.99
CA PRO DB 63 65.05 -31.26 -95.14
C PRO DB 63 65.01 -32.19 -93.94
N GLN DB 64 66.16 -32.79 -93.64
CA GLN DB 64 66.43 -33.52 -92.41
C GLN DB 64 67.77 -33.09 -91.87
N LEU DB 65 68.01 -31.77 -91.82
CA LEU DB 65 69.31 -31.23 -91.44
C LEU DB 65 69.77 -31.76 -90.09
N LYS DB 66 68.85 -32.31 -89.30
CA LYS DB 66 69.27 -33.04 -88.11
C LYS DB 66 70.27 -34.15 -88.47
N SER DB 67 70.14 -34.72 -89.67
CA SER DB 67 71.02 -35.77 -90.13
C SER DB 67 72.14 -35.28 -91.04
N PHE DB 68 71.97 -34.13 -91.69
CA PHE DB 68 73.06 -33.57 -92.48
C PHE DB 68 74.25 -33.20 -91.60
N GLN DB 69 73.97 -32.78 -90.35
CA GLN DB 69 75.03 -32.35 -89.45
C GLN DB 69 75.96 -33.48 -89.06
N LYS DB 70 75.51 -34.74 -89.13
CA LYS DB 70 76.35 -35.86 -88.76
C LYS DB 70 77.46 -36.12 -89.76
N ILE DB 71 77.44 -35.45 -90.91
CA ILE DB 71 78.54 -35.51 -91.87
C ILE DB 71 79.08 -34.14 -92.22
N GLN DB 72 78.70 -33.09 -91.49
CA GLN DB 72 79.24 -31.77 -91.77
C GLN DB 72 80.66 -31.63 -91.25
N VAL DB 73 80.94 -32.23 -90.09
CA VAL DB 73 82.23 -32.03 -89.44
C VAL DB 73 83.36 -32.63 -90.28
N ARG DB 74 83.10 -33.76 -90.94
CA ARG DB 74 84.15 -34.47 -91.65
C ARG DB 74 84.13 -34.25 -93.16
N LEU DB 75 82.98 -33.93 -93.75
CA LEU DB 75 82.96 -33.61 -95.16
C LEU DB 75 83.75 -32.33 -95.44
N VAL DB 76 83.63 -31.34 -94.54
CA VAL DB 76 84.38 -30.10 -94.70
C VAL DB 76 85.87 -30.33 -94.64
N ARG DB 77 86.30 -31.39 -93.94
CA ARG DB 77 87.72 -31.64 -93.75
C ARG DB 77 88.44 -31.79 -95.09
N GLU DB 78 87.93 -32.67 -95.95
CA GLU DB 78 88.51 -32.85 -97.28
C GLU DB 78 88.11 -31.73 -98.24
N LEU DB 79 86.87 -31.24 -98.14
CA LEU DB 79 86.34 -30.33 -99.14
C LEU DB 79 87.16 -29.04 -99.22
N GLU DB 80 87.91 -28.71 -98.17
CA GLU DB 80 88.62 -27.44 -98.15
C GLU DB 80 89.90 -27.50 -98.96
N LYS DB 81 90.75 -28.49 -98.69
CA LYS DB 81 92.10 -28.53 -99.27
C LYS DB 81 92.07 -28.39 -100.78
N LYS DB 82 91.12 -29.07 -101.42
CA LYS DB 82 91.05 -29.10 -102.89
C LYS DB 82 90.83 -27.71 -103.47
N PHE DB 83 90.30 -26.78 -102.69
CA PHE DB 83 90.26 -25.38 -103.07
C PHE DB 83 91.31 -24.63 -102.28
N SER DB 84 91.82 -23.54 -102.85
CA SER DB 84 92.93 -22.82 -102.28
C SER DB 84 92.42 -21.91 -101.17
N GLY DB 85 92.64 -22.30 -99.92
CA GLY DB 85 92.26 -21.48 -98.79
C GLY DB 85 90.79 -21.14 -98.71
N LYS DB 86 89.93 -21.98 -99.28
CA LYS DB 86 88.49 -21.73 -99.29
C LYS DB 86 87.82 -22.41 -98.12
N HIS DB 87 86.97 -21.66 -97.41
CA HIS DB 87 86.21 -22.17 -96.29
C HIS DB 87 84.75 -22.30 -96.69
N VAL DB 88 84.17 -23.46 -96.43
CA VAL DB 88 82.75 -23.71 -96.68
C VAL DB 88 82.04 -23.88 -95.34
N VAL DB 89 80.97 -23.12 -95.16
CA VAL DB 89 80.16 -23.17 -93.96
C VAL DB 89 78.69 -23.27 -94.36
N PHE DB 90 78.00 -24.29 -93.84
CA PHE DB 90 76.65 -24.60 -94.27
C PHE DB 90 75.66 -23.60 -93.71
N ILE DB 91 74.59 -23.36 -94.47
CA ILE DB 91 73.46 -22.55 -94.03
C ILE DB 91 72.19 -23.23 -94.49
N ALA DB 92 71.20 -23.32 -93.61
CA ALA DB 92 69.89 -23.81 -94.01
C ALA DB 92 69.08 -22.64 -94.56
N GLN DB 93 68.56 -22.79 -95.78
CA GLN DB 93 67.80 -21.71 -96.39
C GLN DB 93 66.51 -21.47 -95.63
N ARG DB 94 65.98 -20.25 -95.76
CA ARG DB 94 64.83 -19.82 -94.99
C ARG DB 94 63.82 -19.15 -95.91
N ARG DB 95 62.57 -19.13 -95.49
CA ARG DB 95 61.52 -18.48 -96.27
C ARG DB 95 60.89 -17.37 -95.44
N ILE DB 96 61.75 -16.51 -94.87
CA ILE DB 96 61.31 -15.44 -93.98
C ILE DB 96 60.14 -14.67 -94.59
N LEU DB 97 59.11 -14.42 -93.77
CA LEU DB 97 57.86 -13.81 -94.20
C LEU DB 97 57.70 -12.40 -93.60
N PRO DB 98 56.90 -11.53 -94.24
CA PRO DB 98 56.80 -10.15 -93.77
C PRO DB 98 55.80 -9.93 -92.64
N LYS DB 99 55.55 -8.67 -92.30
CA LYS DB 99 54.62 -8.32 -91.24
C LYS DB 99 53.22 -8.86 -91.55
N PRO DB 100 52.53 -9.45 -90.57
CA PRO DB 100 51.31 -10.20 -90.85
C PRO DB 100 50.01 -9.39 -90.86
N THR DB 101 49.98 -8.21 -90.25
CA THR DB 101 48.80 -7.37 -90.22
C THR DB 101 48.82 -6.29 -91.30
N ARG DB 102 49.87 -6.25 -92.11
CA ARG DB 102 50.05 -5.21 -93.11
C ARG DB 102 50.12 -5.76 -94.52
N LYS DB 103 49.21 -6.65 -94.89
CA LYS DB 103 49.24 -7.28 -96.20
C LYS DB 103 47.97 -6.97 -97.00
N SER DB 104 47.99 -7.41 -98.26
CA SER DB 104 46.82 -7.31 -99.13
C SER DB 104 45.78 -8.38 -98.80
N ARG DB 105 46.23 -9.57 -98.44
CA ARG DB 105 45.31 -10.69 -98.21
C ARG DB 105 45.98 -11.63 -97.23
N THR DB 106 45.56 -11.58 -95.97
CA THR DB 106 46.11 -12.47 -94.97
C THR DB 106 45.65 -13.91 -95.18
N LYS DB 107 44.69 -14.14 -96.10
CA LYS DB 107 44.30 -15.50 -96.42
C LYS DB 107 45.49 -16.34 -96.81
N ASN DB 108 46.48 -15.72 -97.42
CA ASN DB 108 47.78 -16.36 -97.56
C ASN DB 108 48.34 -16.58 -96.16
N LYS DB 109 48.32 -17.82 -95.69
CA LYS DB 109 48.96 -18.18 -94.42
C LYS DB 109 48.36 -17.38 -93.26
N GLN DB 110 47.14 -17.78 -92.90
CA GLN DB 110 46.23 -17.02 -92.03
C GLN DB 110 46.94 -16.31 -90.89
N LYS DB 111 48.04 -16.89 -90.40
CA LYS DB 111 48.93 -16.19 -89.48
C LYS DB 111 50.37 -16.41 -89.90
N ARG DB 112 51.22 -15.46 -89.56
CA ARG DB 112 52.64 -15.61 -89.81
C ARG DB 112 53.26 -16.42 -88.69
N PRO DB 113 53.80 -17.61 -88.98
CA PRO DB 113 54.37 -18.42 -87.91
C PRO DB 113 55.55 -17.72 -87.28
N ARG DB 114 55.78 -18.00 -86.00
CA ARG DB 114 56.91 -17.40 -85.31
C ARG DB 114 58.22 -18.03 -85.73
N SER DB 115 58.22 -19.30 -86.13
CA SER DB 115 59.44 -19.92 -86.60
C SER DB 115 59.96 -19.24 -87.86
N ARG DB 116 59.08 -18.64 -88.65
CA ARG DB 116 59.44 -17.95 -89.87
C ARG DB 116 59.81 -16.49 -89.64
N THR DB 117 59.90 -16.06 -88.39
CA THR DB 117 60.16 -14.66 -88.08
C THR DB 117 61.53 -14.22 -88.56
N LEU DB 118 61.64 -12.95 -88.95
CA LEU DB 118 62.93 -12.38 -89.28
C LEU DB 118 63.90 -12.48 -88.11
N THR DB 119 63.47 -12.01 -86.95
CA THR DB 119 64.36 -12.00 -85.78
C THR DB 119 64.69 -13.41 -85.32
N ALA DB 120 63.71 -14.31 -85.37
CA ALA DB 120 63.94 -15.69 -84.95
C ALA DB 120 64.64 -16.53 -86.00
N VAL DB 121 65.24 -15.89 -87.01
CA VAL DB 121 66.02 -16.61 -88.00
C VAL DB 121 67.42 -16.00 -88.08
N HIS DB 122 67.54 -14.71 -87.77
CA HIS DB 122 68.85 -14.08 -87.81
C HIS DB 122 69.74 -14.57 -86.67
N ASP DB 123 69.17 -15.32 -85.72
CA ASP DB 123 70.00 -16.04 -84.78
C ASP DB 123 70.18 -17.49 -85.19
N ALA DB 124 69.28 -18.01 -86.03
CA ALA DB 124 69.51 -19.33 -86.60
C ALA DB 124 70.71 -19.32 -87.54
N ILE DB 125 70.81 -18.29 -88.39
CA ILE DB 125 72.00 -18.15 -89.23
C ILE DB 125 73.23 -17.91 -88.37
N LEU DB 126 73.07 -17.28 -87.21
CA LEU DB 126 74.17 -17.21 -86.25
C LEU DB 126 74.54 -18.59 -85.74
N GLU DB 127 73.53 -19.42 -85.44
CA GLU DB 127 73.81 -20.74 -84.90
C GLU DB 127 74.32 -21.70 -85.97
N ASP DB 128 73.68 -21.68 -87.14
CA ASP DB 128 74.07 -22.63 -88.18
C ASP DB 128 75.46 -22.36 -88.72
N LEU DB 129 76.01 -21.16 -88.53
CA LEU DB 129 77.41 -20.92 -88.84
C LEU DB 129 78.31 -21.72 -87.92
N VAL DB 130 77.96 -21.81 -86.65
CA VAL DB 130 78.86 -22.28 -85.60
C VAL DB 130 78.44 -23.65 -85.08
N PHE DB 131 77.84 -24.46 -85.95
CA PHE DB 131 77.43 -25.80 -85.55
C PHE DB 131 78.52 -26.64 -84.91
N PRO DB 132 79.77 -26.67 -85.39
CA PRO DB 132 80.79 -27.44 -84.65
C PRO DB 132 80.93 -26.97 -83.22
N SER DB 133 80.87 -25.67 -83.00
CA SER DB 133 80.82 -25.12 -81.64
C SER DB 133 79.38 -25.18 -81.16
N GLU DB 134 79.10 -24.53 -80.03
CA GLU DB 134 77.76 -24.59 -79.45
C GLU DB 134 77.60 -23.44 -78.47
N ILE DB 135 76.67 -22.54 -78.77
CA ILE DB 135 76.64 -21.23 -78.11
C ILE DB 135 76.28 -21.38 -76.64
N VAL DB 136 77.00 -20.65 -75.79
CA VAL DB 136 76.69 -20.59 -74.37
C VAL DB 136 76.40 -19.17 -73.89
N GLY DB 137 76.57 -18.16 -74.73
CA GLY DB 137 76.34 -16.80 -74.27
C GLY DB 137 76.19 -15.84 -75.43
N LYS DB 138 75.43 -14.78 -75.19
CA LYS DB 138 75.16 -13.75 -76.20
C LYS DB 138 74.95 -12.42 -75.49
N ARG DB 139 76.01 -11.64 -75.35
CA ARG DB 139 75.91 -10.36 -74.66
C ARG DB 139 75.98 -9.23 -75.69
N ILE DB 140 74.88 -8.99 -76.40
CA ILE DB 140 74.82 -7.89 -77.35
C ILE DB 140 75.10 -6.58 -76.63
N ARG DB 141 75.93 -5.74 -77.22
CA ARG DB 141 76.25 -4.44 -76.66
C ARG DB 141 76.05 -3.37 -77.71
N VAL DB 142 75.61 -2.20 -77.26
CA VAL DB 142 75.33 -1.08 -78.18
C VAL DB 142 76.61 -0.27 -78.27
N LYS DB 143 77.52 -0.70 -79.16
CA LYS DB 143 78.83 -0.10 -79.35
C LYS DB 143 78.81 1.29 -79.99
N LEU DB 144 77.76 1.64 -80.71
CA LEU DB 144 77.65 2.93 -81.37
C LEU DB 144 76.37 3.60 -80.88
N ASP DB 145 76.28 4.90 -81.14
CA ASP DB 145 75.03 5.59 -80.88
C ASP DB 145 73.86 5.00 -81.66
N GLY DB 146 74.13 4.15 -82.66
CA GLY DB 146 73.08 3.41 -83.33
C GLY DB 146 73.40 1.98 -83.76
N SER DB 147 74.60 1.49 -83.46
CA SER DB 147 75.06 0.19 -83.94
C SER DB 147 75.25 -0.79 -82.80
N ARG DB 148 75.04 -2.07 -83.11
CA ARG DB 148 75.10 -3.15 -82.14
C ARG DB 148 76.05 -4.23 -82.64
N LEU DB 149 77.20 -4.37 -81.99
CA LEU DB 149 77.97 -5.60 -82.10
C LEU DB 149 77.40 -6.64 -81.16
N ILE DB 150 77.38 -7.89 -81.63
CA ILE DB 150 76.78 -9.00 -80.91
C ILE DB 150 77.93 -9.91 -80.52
N LYS DB 151 78.45 -9.72 -79.30
CA LYS DB 151 79.54 -10.54 -78.79
C LYS DB 151 78.98 -11.88 -78.36
N VAL DB 152 79.52 -12.97 -78.93
CA VAL DB 152 78.98 -14.31 -78.77
C VAL DB 152 79.99 -15.19 -78.06
N HIS DB 153 79.52 -15.97 -77.09
CA HIS DB 153 80.35 -16.90 -76.34
C HIS DB 153 80.16 -18.31 -76.88
N LEU DB 154 81.24 -18.92 -77.35
CA LEU DB 154 81.17 -20.25 -77.93
C LEU DB 154 81.50 -21.31 -76.87
N ASP DB 155 81.68 -22.55 -77.31
CA ASP DB 155 81.75 -23.70 -76.41
C ASP DB 155 83.06 -23.72 -75.62
N LYS DB 156 83.24 -24.80 -74.85
CA LYS DB 156 84.33 -24.90 -73.88
C LYS DB 156 85.52 -25.71 -74.37
N ALA DB 157 85.27 -26.86 -75.01
CA ALA DB 157 86.32 -27.83 -75.32
C ALA DB 157 86.57 -27.94 -76.81
N GLN DB 158 85.84 -27.17 -77.62
CA GLN DB 158 85.92 -27.22 -79.07
C GLN DB 158 86.59 -25.92 -79.52
N GLN DB 159 87.92 -25.91 -79.45
CA GLN DB 159 88.69 -24.74 -79.85
C GLN DB 159 89.97 -25.10 -80.62
N ASN DB 160 89.91 -26.09 -81.50
CA ASN DB 160 90.99 -26.35 -82.46
C ASN DB 160 90.47 -26.58 -83.87
N ASN DB 161 89.21 -26.96 -84.01
CA ASN DB 161 88.58 -27.09 -85.30
C ASN DB 161 87.95 -25.80 -85.78
N VAL DB 162 87.74 -24.83 -84.90
CA VAL DB 162 87.02 -23.61 -85.27
C VAL DB 162 87.83 -22.34 -85.04
N GLU DB 163 88.84 -22.33 -84.18
CA GLU DB 163 89.58 -21.10 -83.92
C GLU DB 163 90.26 -20.53 -85.16
N HIS DB 164 90.61 -21.37 -86.14
CA HIS DB 164 91.30 -20.84 -87.31
C HIS DB 164 90.40 -19.89 -88.10
N LYS DB 165 89.08 -20.00 -87.94
CA LYS DB 165 88.13 -19.23 -88.72
C LYS DB 165 87.20 -18.39 -87.83
N VAL DB 166 87.73 -17.83 -86.74
CA VAL DB 166 86.89 -17.01 -85.86
C VAL DB 166 86.40 -15.76 -86.59
N GLU DB 167 87.28 -15.13 -87.37
CA GLU DB 167 86.86 -13.95 -88.11
C GLU DB 167 86.31 -14.29 -89.49
N THR DB 168 86.29 -15.58 -89.84
CA THR DB 168 85.57 -16.00 -91.04
C THR DB 168 84.06 -15.97 -90.79
N PHE DB 169 83.63 -16.39 -89.60
CA PHE DB 169 82.21 -16.43 -89.28
C PHE DB 169 81.61 -15.02 -89.27
N SER DB 170 82.32 -14.04 -88.72
CA SER DB 170 81.76 -12.71 -88.62
C SER DB 170 81.49 -12.13 -90.00
N GLY DB 171 82.37 -12.39 -90.96
CA GLY DB 171 82.20 -11.84 -92.29
C GLY DB 171 80.99 -12.40 -93.01
N VAL DB 172 80.79 -13.72 -92.95
CA VAL DB 172 79.63 -14.32 -93.60
C VAL DB 172 78.34 -13.87 -92.92
N TYR DB 173 78.37 -13.72 -91.59
CA TYR DB 173 77.18 -13.26 -90.89
C TYR DB 173 76.85 -11.82 -91.27
N LYS DB 174 77.89 -11.02 -91.54
CA LYS DB 174 77.68 -9.67 -92.06
C LYS DB 174 76.98 -9.69 -93.41
N LYS DB 175 77.50 -10.49 -94.35
CA LYS DB 175 76.91 -10.52 -95.68
C LYS DB 175 75.48 -11.01 -95.64
N LEU DB 176 75.21 -12.00 -94.79
CA LEU DB 176 73.87 -12.59 -94.75
C LEU DB 176 72.87 -11.66 -94.08
N THR DB 177 73.25 -11.04 -92.95
CA THR DB 177 72.32 -10.30 -92.13
C THR DB 177 72.67 -8.84 -91.90
N GLY DB 178 73.90 -8.42 -92.18
CA GLY DB 178 74.28 -7.03 -92.01
C GLY DB 178 74.70 -6.63 -90.63
N LYS DB 179 74.78 -7.58 -89.69
CA LYS DB 179 75.05 -7.26 -88.30
C LYS DB 179 76.50 -7.54 -87.95
N ASP DB 180 77.18 -6.50 -87.45
CA ASP DB 180 78.59 -6.59 -87.06
C ASP DB 180 78.68 -7.40 -85.78
N VAL DB 181 79.47 -8.47 -85.79
CA VAL DB 181 79.64 -9.31 -84.60
C VAL DB 181 81.12 -9.62 -84.41
N ASN DB 182 81.39 -10.33 -83.31
CA ASN DB 182 82.68 -10.94 -83.06
C ASN DB 182 82.45 -12.20 -82.24
N PHE DB 183 83.39 -13.13 -82.29
CA PHE DB 183 83.26 -14.40 -81.61
C PHE DB 183 84.38 -14.55 -80.58
N GLU DB 184 84.03 -15.05 -79.40
CA GLU DB 184 85.00 -15.21 -78.32
C GLU DB 184 84.66 -16.46 -77.52
N PHE DB 185 85.64 -16.93 -76.74
CA PHE DB 185 85.47 -18.09 -75.88
C PHE DB 185 85.42 -17.65 -74.42
N PRO DB 186 84.43 -18.10 -73.66
CA PRO DB 186 84.16 -17.51 -72.34
C PRO DB 186 84.81 -18.25 -71.19
N GLU DB 187 84.82 -17.61 -70.02
CA GLU DB 187 85.05 -18.31 -68.77
C GLU DB 187 83.85 -18.12 -67.83
N PHE DB 188 83.45 -19.22 -67.19
CA PHE DB 188 82.10 -19.42 -66.71
C PHE DB 188 81.92 -19.03 -65.26
N GLN DB 189 80.80 -19.48 -64.72
CA GLN DB 189 80.33 -19.15 -63.40
C GLN DB 189 81.17 -19.84 -62.33
N SER EB 1 58.68 -39.52 29.17
CA SER EB 1 60.10 -39.26 29.36
C SER EB 1 60.87 -40.57 29.53
N LEU EB 2 60.43 -41.60 28.80
CA LEU EB 2 61.03 -42.92 28.99
C LEU EB 2 62.47 -42.95 28.49
N GLY EB 3 62.66 -42.74 27.19
CA GLY EB 3 63.99 -42.83 26.61
C GLY EB 3 64.27 -44.22 26.06
N PRO EB 4 65.03 -44.27 24.99
CA PRO EB 4 65.38 -45.55 24.37
C PRO EB 4 66.63 -46.16 24.95
N GLN EB 5 67.09 -47.28 24.37
CA GLN EB 5 68.44 -47.75 24.65
C GLN EB 5 69.44 -46.66 24.31
N VAL EB 6 70.40 -46.43 25.20
CA VAL EB 6 71.37 -45.35 25.04
C VAL EB 6 72.76 -45.86 25.42
N ALA EB 7 73.76 -45.45 24.64
CA ALA EB 7 75.15 -45.75 24.93
C ALA EB 7 76.02 -44.50 24.90
N GLU EB 8 75.40 -43.33 25.07
CA GLU EB 8 76.06 -42.02 25.02
C GLU EB 8 76.61 -41.71 23.64
N GLY EB 9 76.44 -42.65 22.70
CA GLY EB 9 76.80 -42.42 21.32
C GLY EB 9 75.67 -42.76 20.38
N GLU EB 10 74.71 -43.55 20.87
CA GLU EB 10 73.56 -43.91 20.07
C GLU EB 10 72.72 -42.66 19.86
N ASN EB 11 72.78 -42.10 18.66
CA ASN EB 11 72.19 -40.81 18.35
C ASN EB 11 70.76 -41.05 17.86
N VAL EB 12 69.80 -40.84 18.74
CA VAL EB 12 68.40 -41.13 18.41
C VAL EB 12 67.81 -39.95 17.66
N PHE EB 13 67.39 -40.20 16.42
CA PHE EB 13 67.06 -39.16 15.46
C PHE EB 13 65.57 -38.85 15.48
N GLY EB 14 65.23 -37.65 15.01
CA GLY EB 14 63.85 -37.29 14.81
C GLY EB 14 63.76 -36.09 13.88
N VAL EB 15 62.82 -36.17 12.94
CA VAL EB 15 62.70 -35.19 11.86
C VAL EB 15 61.99 -33.96 12.40
N CYS EB 16 62.51 -32.79 12.06
CA CYS EB 16 62.00 -31.51 12.53
C CYS EB 16 61.28 -30.83 11.38
N HIS EB 17 59.95 -30.77 11.46
CA HIS EB 17 59.17 -30.08 10.44
C HIS EB 17 58.96 -28.64 10.85
N ILE EB 18 59.64 -27.71 10.18
CA ILE EB 18 59.60 -26.30 10.50
C ILE EB 18 58.75 -25.61 9.44
N PHE EB 19 57.61 -25.06 9.85
CA PHE EB 19 56.70 -24.37 8.93
C PHE EB 19 57.07 -22.89 8.95
N ALA EB 20 58.34 -22.61 8.70
CA ALA EB 20 58.88 -21.26 8.79
C ALA EB 20 58.25 -20.42 7.70
N SER EB 21 57.33 -19.53 8.09
CA SER EB 21 56.64 -18.69 7.14
C SER EB 21 56.45 -17.31 7.73
N PHE EB 22 55.85 -16.43 6.95
CA PHE EB 22 55.25 -15.24 7.53
C PHE EB 22 54.09 -15.67 8.41
N ASN EB 23 53.67 -14.77 9.29
CA ASN EB 23 52.53 -15.06 10.15
C ASN EB 23 52.75 -16.28 11.02
N ASP EB 24 53.55 -16.15 12.08
CA ASP EB 24 53.56 -17.18 13.12
C ASP EB 24 54.19 -18.50 12.67
N THR EB 25 55.50 -18.49 12.47
CA THR EB 25 56.26 -19.70 12.17
C THR EB 25 55.93 -20.82 13.15
N PHE EB 26 56.15 -22.05 12.70
CA PHE EB 26 56.00 -23.25 13.53
C PHE EB 26 57.36 -23.87 13.79
N VAL EB 27 57.46 -24.65 14.85
CA VAL EB 27 58.56 -25.57 15.09
C VAL EB 27 57.96 -26.88 15.56
N HIS EB 28 58.41 -27.99 14.99
CA HIS EB 28 57.71 -29.25 15.16
C HIS EB 28 58.67 -30.39 14.85
N VAL EB 29 58.91 -31.26 15.83
CA VAL EB 29 59.81 -32.40 15.68
C VAL EB 29 59.04 -33.68 15.95
N THR EB 30 59.18 -34.64 15.04
CA THR EB 30 58.49 -35.92 15.11
C THR EB 30 59.49 -37.04 14.87
N ASP EB 31 59.08 -38.26 15.23
CA ASP EB 31 59.92 -39.42 14.99
C ASP EB 31 60.10 -39.65 13.49
N LEU EB 32 60.94 -40.63 13.15
CA LEU EB 32 61.27 -40.88 11.75
C LEU EB 32 60.02 -41.18 10.93
N SER EB 33 59.07 -41.91 11.53
CA SER EB 33 57.84 -42.21 10.81
C SER EB 33 57.08 -40.93 10.47
N GLY EB 34 56.97 -40.03 11.42
CA GLY EB 34 56.14 -38.86 11.29
C GLY EB 34 54.79 -38.98 11.97
N LYS EB 35 54.28 -40.19 12.12
CA LYS EB 35 52.92 -40.38 12.65
C LYS EB 35 52.79 -39.92 14.10
N GLU EB 36 53.88 -39.92 14.86
CA GLU EB 36 53.84 -39.38 16.21
C GLU EB 36 54.39 -37.96 16.20
N THR EB 37 54.37 -37.31 17.35
CA THR EB 37 54.87 -35.94 17.47
C THR EB 37 55.58 -35.76 18.80
N ILE EB 38 56.43 -34.73 18.85
CA ILE EB 38 57.15 -34.33 20.05
C ILE EB 38 57.18 -32.82 20.07
N CYS EB 39 56.45 -32.20 21.01
CA CYS EB 39 56.65 -30.80 21.36
C CYS EB 39 56.46 -29.87 20.16
N ARG EB 40 55.21 -29.77 19.74
CA ARG EB 40 54.73 -28.99 18.59
C ARG EB 40 54.89 -27.44 18.75
N VAL EB 41 55.53 -26.88 19.78
CA VAL EB 41 55.33 -25.47 20.13
C VAL EB 41 55.60 -24.57 18.93
N THR EB 42 54.79 -23.51 18.80
CA THR EB 42 54.87 -22.57 17.69
C THR EB 42 55.37 -21.23 18.19
N GLY EB 43 55.39 -20.24 17.30
CA GLY EB 43 55.80 -18.90 17.66
C GLY EB 43 54.78 -18.08 18.40
N GLY EB 44 53.50 -18.44 18.32
CA GLY EB 44 52.47 -17.75 19.05
C GLY EB 44 52.23 -18.27 20.45
N MET EB 45 52.97 -19.30 20.86
CA MET EB 45 52.91 -19.82 22.21
C MET EB 45 53.97 -19.22 23.11
N LYS EB 46 54.76 -18.28 22.60
CA LYS EB 46 55.85 -17.67 23.33
C LYS EB 46 55.77 -16.15 23.39
N VAL EB 47 55.14 -15.51 22.41
CA VAL EB 47 55.05 -14.06 22.35
C VAL EB 47 53.61 -13.67 22.03
N LYS EB 48 53.00 -12.87 22.90
CA LYS EB 48 51.66 -12.36 22.68
C LYS EB 48 51.72 -11.16 21.74
N ALA EB 49 50.63 -10.39 21.66
CA ALA EB 49 50.55 -9.21 20.79
C ALA EB 49 50.74 -9.61 19.32
N ASP EB 50 49.75 -10.33 18.81
CA ASP EB 50 49.93 -11.23 17.67
C ASP EB 50 50.34 -10.58 16.36
N ARG EB 51 50.66 -9.29 16.36
CA ARG EB 51 51.31 -8.73 15.18
C ARG EB 51 52.72 -9.28 14.99
N ASP EB 52 53.40 -9.63 16.07
CA ASP EB 52 54.79 -10.07 16.00
C ASP EB 52 54.91 -11.56 16.31
N GLU EB 53 53.94 -12.35 15.84
CA GLU EB 53 54.04 -13.80 15.97
C GLU EB 53 55.22 -14.34 15.18
N SER EB 54 55.43 -13.83 13.96
CA SER EB 54 56.46 -14.33 13.08
C SER EB 54 57.80 -13.64 13.28
N SER EB 55 58.05 -13.07 14.45
CA SER EB 55 59.30 -12.36 14.66
C SER EB 55 60.48 -13.30 14.60
N PRO EB 56 61.66 -12.81 14.24
CA PRO EB 56 62.87 -13.64 14.39
C PRO EB 56 63.11 -14.05 15.83
N TYR EB 57 62.80 -13.16 16.78
CA TYR EB 57 62.96 -13.52 18.18
C TYR EB 57 61.89 -14.49 18.64
N ALA EB 58 60.63 -14.24 18.25
CA ALA EB 58 59.54 -15.09 18.70
C ALA EB 58 59.71 -16.51 18.21
N ALA EB 59 60.14 -16.68 16.95
CA ALA EB 59 60.37 -18.02 16.44
C ALA EB 59 61.53 -18.70 17.16
N MET EB 60 62.48 -17.93 17.66
CA MET EB 60 63.59 -18.53 18.39
C MET EB 60 63.12 -19.18 19.68
N LEU EB 61 62.22 -18.51 20.40
CA LEU EB 61 61.78 -19.04 21.69
C LEU EB 61 61.07 -20.38 21.53
N ALA EB 62 60.27 -20.53 20.48
CA ALA EB 62 59.67 -21.82 20.20
C ALA EB 62 60.73 -22.87 19.92
N ALA EB 63 61.77 -22.50 19.15
CA ALA EB 63 62.88 -23.41 18.93
C ALA EB 63 63.75 -23.52 20.17
N GLN EB 64 63.58 -22.59 21.12
CA GLN EB 64 64.29 -22.70 22.38
C GLN EB 64 63.63 -23.75 23.27
N ASP EB 65 62.30 -23.81 23.24
CA ASP EB 65 61.59 -24.77 24.09
C ASP EB 65 61.75 -26.20 23.59
N VAL EB 66 61.60 -26.42 22.28
CA VAL EB 66 61.76 -27.77 21.74
C VAL EB 66 63.14 -28.30 22.07
N ALA EB 67 64.12 -27.39 22.14
CA ALA EB 67 65.43 -27.80 22.61
C ALA EB 67 65.36 -28.38 24.02
N GLN EB 68 64.60 -27.73 24.91
CA GLN EB 68 64.59 -28.18 26.29
C GLN EB 68 63.77 -29.46 26.45
N ARG EB 69 62.63 -29.54 25.76
CA ARG EB 69 61.72 -30.66 25.98
C ARG EB 69 62.29 -31.96 25.41
N CYS EB 70 62.84 -31.91 24.19
CA CYS EB 70 63.33 -33.12 23.55
C CYS EB 70 64.53 -33.69 24.29
N LYS EB 71 65.34 -32.83 24.91
CA LYS EB 71 66.47 -33.31 25.71
C LYS EB 71 66.03 -34.14 26.89
N GLU EB 72 64.73 -34.33 27.10
CA GLU EB 72 64.26 -35.25 28.11
C GLU EB 72 64.05 -36.65 27.53
N LEU EB 73 63.58 -36.74 26.28
CA LEU EB 73 63.12 -38.00 25.71
C LEU EB 73 64.17 -38.69 24.85
N GLY EB 74 65.44 -38.51 25.15
CA GLY EB 74 66.46 -39.23 24.43
C GLY EB 74 66.75 -38.66 23.06
N ILE EB 75 65.74 -38.03 22.45
CA ILE EB 75 65.90 -37.46 21.11
C ILE EB 75 67.06 -36.49 21.12
N THR EB 76 68.04 -36.72 20.25
CA THR EB 76 69.32 -36.05 20.33
C THR EB 76 69.72 -35.32 19.06
N ALA EB 77 69.30 -35.79 17.89
CA ALA EB 77 69.69 -35.17 16.62
C ALA EB 77 68.49 -35.06 15.70
N LEU EB 78 68.51 -34.07 14.83
CA LEU EB 78 67.37 -33.72 14.00
C LEU EB 78 67.80 -33.51 12.56
N HIS EB 79 66.99 -34.00 11.62
CA HIS EB 79 67.07 -33.53 10.25
C HIS EB 79 66.03 -32.44 10.04
N ILE EB 80 66.51 -31.27 9.63
CA ILE EB 80 65.67 -30.09 9.55
C ILE EB 80 64.99 -30.10 8.19
N LYS EB 81 63.69 -30.38 8.16
CA LYS EB 81 62.91 -30.31 6.94
C LYS EB 81 62.18 -28.97 6.94
N LEU EB 82 62.79 -27.97 6.32
CA LEU EB 82 62.35 -26.59 6.40
C LEU EB 82 61.47 -26.27 5.20
N ARG EB 83 60.27 -25.75 5.46
CA ARG EB 83 59.30 -25.48 4.42
C ARG EB 83 58.74 -24.07 4.56
N ALA EB 84 58.13 -23.60 3.48
CA ALA EB 84 57.48 -22.31 3.44
C ALA EB 84 55.97 -22.51 3.38
N THR EB 85 55.23 -21.40 3.20
CA THR EB 85 53.78 -21.52 3.07
C THR EB 85 53.41 -22.31 1.83
N GLY EB 86 54.11 -22.05 0.73
CA GLY EB 86 54.03 -22.91 -0.43
C GLY EB 86 52.67 -22.91 -1.12
N GLY EB 87 52.65 -23.58 -2.26
CA GLY EB 87 51.43 -23.66 -3.06
C GLY EB 87 51.44 -22.59 -4.13
N ASN EB 88 50.35 -21.84 -4.21
CA ASN EB 88 50.28 -20.66 -5.06
C ASN EB 88 50.65 -19.39 -4.31
N ARG EB 89 51.12 -19.49 -3.08
CA ARG EB 89 51.57 -18.34 -2.30
C ARG EB 89 53.08 -18.15 -2.49
N THR EB 90 53.68 -17.34 -1.61
CA THR EB 90 55.02 -16.80 -1.85
C THR EB 90 56.10 -17.87 -1.96
N LYS EB 91 55.85 -19.06 -1.40
CA LYS EB 91 56.71 -20.24 -1.55
C LYS EB 91 58.21 -19.92 -1.36
N THR EB 92 58.50 -18.99 -0.44
CA THR EB 92 59.84 -18.82 0.07
C THR EB 92 59.81 -18.87 1.59
N PRO EB 93 60.84 -19.46 2.21
CA PRO EB 93 60.85 -19.52 3.68
C PRO EB 93 60.83 -18.13 4.29
N GLY EB 94 60.12 -18.01 5.40
CA GLY EB 94 59.76 -16.72 5.93
C GLY EB 94 60.88 -16.01 6.65
N PRO EB 95 60.55 -15.27 7.70
CA PRO EB 95 61.56 -14.56 8.47
C PRO EB 95 62.17 -15.40 9.57
N GLY EB 96 61.45 -16.41 10.02
CA GLY EB 96 61.86 -17.25 11.13
C GLY EB 96 62.54 -18.54 10.75
N ALA EB 97 62.86 -18.75 9.48
CA ALA EB 97 63.67 -19.91 9.11
C ALA EB 97 65.07 -19.81 9.71
N GLN EB 98 65.66 -18.62 9.65
CA GLN EB 98 66.99 -18.41 10.23
C GLN EB 98 67.02 -18.75 11.70
N SER EB 99 66.08 -18.20 12.47
CA SER EB 99 66.19 -18.24 13.92
C SER EB 99 66.01 -19.65 14.46
N ALA EB 100 65.06 -20.40 13.92
CA ALA EB 100 64.84 -21.76 14.40
C ALA EB 100 66.08 -22.62 14.19
N LEU EB 101 66.74 -22.47 13.05
CA LEU EB 101 67.95 -23.22 12.78
C LEU EB 101 69.06 -22.89 13.76
N ARG EB 102 69.25 -21.60 14.04
CA ARG EB 102 70.38 -21.20 14.87
C ARG EB 102 70.16 -21.57 16.33
N ALA EB 103 68.91 -21.53 16.80
CA ALA EB 103 68.65 -21.84 18.19
C ALA EB 103 68.87 -23.33 18.48
N LEU EB 104 68.35 -24.20 17.60
CA LEU EB 104 68.45 -25.63 17.84
C LEU EB 104 69.91 -26.08 17.88
N ALA EB 105 70.73 -25.58 16.96
CA ALA EB 105 72.12 -26.00 16.91
C ALA EB 105 72.88 -25.59 18.15
N ARG EB 106 72.72 -24.34 18.57
CA ARG EB 106 73.47 -23.86 19.73
C ARG EB 106 73.00 -24.53 21.02
N SER EB 107 71.70 -24.78 21.14
CA SER EB 107 71.13 -25.13 22.43
C SER EB 107 71.69 -26.43 22.99
N GLY EB 108 72.19 -27.32 22.13
CA GLY EB 108 72.70 -28.58 22.63
C GLY EB 108 72.26 -29.83 21.90
N MET EB 109 71.69 -29.68 20.71
CA MET EB 109 71.39 -30.83 19.86
C MET EB 109 72.26 -30.82 18.61
N LYS EB 110 71.90 -31.69 17.68
CA LYS EB 110 72.63 -31.89 16.44
C LYS EB 110 71.69 -31.63 15.28
N ILE EB 111 72.25 -31.50 14.08
CA ILE EB 111 71.48 -31.21 12.88
C ILE EB 111 71.93 -32.14 11.76
N GLY EB 112 70.96 -32.80 11.12
CA GLY EB 112 71.24 -33.78 10.10
C GLY EB 112 71.07 -33.32 8.67
N ARG EB 113 70.23 -34.01 7.91
CA ARG EB 113 70.00 -33.67 6.51
C ARG EB 113 68.88 -32.66 6.37
N ILE EB 114 69.09 -31.67 5.51
CA ILE EB 114 68.18 -30.54 5.37
C ILE EB 114 67.73 -30.46 3.91
N GLU EB 115 66.43 -30.60 3.67
CA GLU EB 115 65.87 -30.25 2.38
C GLU EB 115 64.64 -29.38 2.61
N ASP EB 116 63.91 -29.12 1.53
CA ASP EB 116 62.68 -28.34 1.58
C ASP EB 116 61.51 -29.20 1.13
N VAL EB 117 60.44 -29.17 1.91
CA VAL EB 117 59.22 -29.86 1.53
C VAL EB 117 58.12 -28.88 1.13
N THR EB 118 58.51 -27.67 0.77
CA THR EB 118 57.55 -26.63 0.40
C THR EB 118 56.71 -27.10 -0.78
N PRO EB 119 55.41 -27.12 -0.65
CA PRO EB 119 54.56 -27.67 -1.72
C PRO EB 119 54.57 -26.81 -2.96
N ILE EB 120 55.17 -27.33 -4.03
CA ILE EB 120 55.37 -26.62 -5.28
C ILE EB 120 54.38 -27.18 -6.30
N PRO EB 121 53.51 -26.37 -6.89
CA PRO EB 121 52.52 -26.91 -7.82
C PRO EB 121 53.16 -27.23 -9.15
N SER EB 122 52.51 -28.16 -9.87
CA SER EB 122 52.82 -28.30 -11.28
C SER EB 122 51.94 -27.38 -12.11
N ASP EB 123 50.70 -27.15 -11.65
CA ASP EB 123 49.94 -25.92 -11.80
C ASP EB 123 48.61 -26.10 -11.10
N SER EB 124 48.00 -24.98 -10.72
CA SER EB 124 47.06 -24.98 -9.62
C SER EB 124 45.92 -24.02 -9.87
N THR EB 125 44.98 -24.05 -8.94
CA THR EB 125 43.88 -23.11 -8.86
C THR EB 125 44.41 -21.68 -8.87
N ARG EB 126 43.56 -20.72 -9.23
CA ARG EB 126 44.01 -19.34 -9.34
C ARG EB 126 44.31 -18.75 -7.97
N ARG EB 127 44.97 -17.60 -7.96
CA ARG EB 127 45.48 -16.98 -6.76
C ARG EB 127 44.61 -15.83 -6.30
N LYS EB 128 44.49 -15.68 -4.98
CA LYS EB 128 43.64 -14.64 -4.42
C LYS EB 128 44.22 -13.26 -4.69
N GLY EB 129 43.38 -12.34 -5.17
CA GLY EB 129 43.81 -11.00 -5.50
C GLY EB 129 43.16 -10.45 -6.75
N GLY EB 130 42.87 -11.32 -7.71
CA GLY EB 130 42.02 -10.95 -8.83
C GLY EB 130 42.59 -9.94 -9.81
N ARG EB 131 43.67 -10.31 -10.49
CA ARG EB 131 44.19 -9.60 -11.66
C ARG EB 131 44.71 -8.22 -11.31
N ARG EB 132 44.48 -7.76 -10.09
CA ARG EB 132 45.14 -6.55 -9.61
C ARG EB 132 45.63 -6.68 -8.18
N GLY EB 133 45.16 -7.66 -7.44
CA GLY EB 133 45.83 -8.09 -6.24
C GLY EB 133 45.74 -7.08 -5.12
N ARG EB 134 46.57 -7.32 -4.11
CA ARG EB 134 46.68 -6.38 -3.01
C ARG EB 134 47.14 -5.03 -3.54
N ARG EB 135 46.62 -3.98 -2.92
CA ARG EB 135 46.98 -2.63 -3.36
C ARG EB 135 47.22 -1.68 -2.20
N LEU EB 136 47.38 -2.18 -0.98
CA LEU EB 136 47.69 -1.32 0.15
C LEU EB 136 49.11 -0.78 0.01
N VAL FB 1 25.31 58.71 57.12
CA VAL FB 1 25.32 60.21 57.13
C VAL FB 1 25.93 60.72 55.82
N GLU FB 2 25.23 61.63 55.14
CA GLU FB 2 25.71 62.19 53.85
C GLU FB 2 25.68 63.72 53.92
N GLN FB 3 25.50 64.25 55.14
CA GLN FB 3 25.01 65.61 55.39
C GLN FB 3 24.72 65.80 56.88
N LYS FB 4 25.80 65.75 57.67
CA LYS FB 4 25.70 65.46 59.10
C LYS FB 4 25.13 66.63 59.90
N LYS FB 5 25.30 67.87 59.42
CA LYS FB 5 24.63 69.07 59.91
C LYS FB 5 24.73 69.28 61.42
N LYS FB 6 25.61 68.57 62.11
CA LYS FB 6 25.58 68.55 63.57
C LYS FB 6 26.94 68.92 64.14
N ARG FB 7 27.03 68.85 65.47
CA ARG FB 7 28.24 69.27 66.18
C ARG FB 7 29.45 68.41 65.82
N THR FB 8 29.32 67.10 65.92
CA THR FB 8 30.37 66.16 65.56
C THR FB 8 30.09 65.63 64.16
N PHE FB 9 31.08 64.94 63.58
CA PHE FB 9 31.06 64.45 62.21
C PHE FB 9 31.08 65.58 61.19
N ARG FB 10 30.94 66.83 61.62
CA ARG FB 10 30.89 67.98 60.73
C ARG FB 10 32.01 68.93 61.13
N LYS FB 11 33.00 69.04 60.26
CA LYS FB 11 34.25 69.71 60.59
C LYS FB 11 35.03 69.94 59.31
N PHE FB 12 36.11 70.69 59.44
CA PHE FB 12 37.19 70.67 58.45
C PHE FB 12 38.49 70.79 59.23
N THR FB 13 39.05 69.64 59.62
CA THR FB 13 40.22 69.61 60.49
C THR FB 13 41.40 68.93 59.80
N TYR FB 14 41.64 69.26 58.54
CA TYR FB 14 42.81 68.73 57.85
C TYR FB 14 44.05 69.13 58.63
N ARG FB 15 44.88 68.15 58.96
CA ARG FB 15 46.04 68.26 59.84
C ARG FB 15 45.64 68.42 61.29
N GLY FB 16 44.35 68.55 61.59
CA GLY FB 16 43.86 68.88 62.91
C GLY FB 16 43.37 70.31 63.06
N VAL FB 17 43.66 71.18 62.10
CA VAL FB 17 43.33 72.59 62.19
C VAL FB 17 42.19 72.91 61.22
N ASP FB 18 41.53 74.04 61.46
CA ASP FB 18 40.31 74.40 60.76
C ASP FB 18 40.41 75.80 60.16
N LEU FB 19 39.58 76.06 59.15
CA LEU FB 19 39.63 77.33 58.44
C LEU FB 19 38.91 78.44 59.18
N ASP FB 20 37.91 78.10 60.00
CA ASP FB 20 37.26 79.13 60.80
C ASP FB 20 38.26 79.82 61.71
N GLN FB 21 39.16 79.05 62.31
CA GLN FB 21 40.22 79.65 63.12
C GLN FB 21 41.14 80.50 62.25
N LEU FB 22 41.66 79.94 61.17
CA LEU FB 22 42.46 80.68 60.20
C LEU FB 22 42.04 80.27 58.80
N LEU FB 23 41.42 81.19 58.06
CA LEU FB 23 41.05 80.94 56.68
C LEU FB 23 42.04 81.53 55.69
N ASP FB 24 42.74 82.59 56.06
CA ASP FB 24 43.81 83.16 55.26
C ASP FB 24 45.07 83.15 56.12
N MET FB 25 45.94 82.17 55.86
CA MET FB 25 47.12 81.95 56.69
C MET FB 25 48.33 82.65 56.09
N SER FB 26 49.45 82.54 56.79
CA SER FB 26 50.72 83.05 56.27
C SER FB 26 51.33 82.05 55.29
N TYR FB 27 52.38 82.49 54.60
CA TYR FB 27 53.05 81.66 53.61
C TYR FB 27 53.57 80.37 54.21
N GLU FB 28 54.46 80.48 55.21
CA GLU FB 28 55.09 79.29 55.80
C GLU FB 28 54.07 78.34 56.41
N GLN FB 29 53.07 78.87 57.10
CA GLN FB 29 52.13 78.00 57.80
C GLN FB 29 51.42 77.07 56.83
N LEU FB 30 50.99 77.60 55.67
CA LEU FB 30 50.41 76.73 54.64
C LEU FB 30 51.44 75.79 54.04
N MET FB 31 52.73 76.11 54.12
CA MET FB 31 53.73 75.20 53.58
C MET FB 31 53.82 73.93 54.40
N GLN FB 32 54.19 74.07 55.67
CA GLN FB 32 54.36 72.88 56.51
C GLN FB 32 53.03 72.20 56.77
N LEU FB 33 51.94 72.74 56.21
CA LEU FB 33 50.62 72.14 56.40
C LEU FB 33 50.23 71.27 55.22
N TYR FB 34 50.78 71.56 54.04
CA TYR FB 34 50.42 70.82 52.85
C TYR FB 34 51.10 69.45 52.84
N SER FB 35 50.92 68.74 51.72
CA SER FB 35 51.53 67.44 51.54
C SER FB 35 53.00 67.60 51.15
N ALA FB 36 53.62 66.49 50.74
CA ALA FB 36 55.02 66.52 50.36
C ALA FB 36 55.19 67.01 48.92
N ARG FB 37 54.14 66.89 48.10
CA ARG FB 37 54.25 67.31 46.71
C ARG FB 37 53.75 68.73 46.51
N GLN FB 38 52.70 69.14 47.23
CA GLN FB 38 52.20 70.50 47.08
C GLN FB 38 53.21 71.50 47.60
N ARG FB 39 54.02 71.12 48.59
CA ARG FB 39 55.10 71.98 49.04
C ARG FB 39 56.08 72.26 47.91
N ARG FB 40 56.41 71.23 47.12
CA ARG FB 40 57.33 71.41 46.01
C ARG FB 40 56.80 72.42 45.00
N ARG FB 41 55.50 72.33 44.70
CA ARG FB 41 54.88 73.30 43.80
C ARG FB 41 54.82 74.69 44.43
N LEU FB 42 54.39 74.77 45.68
CA LEU FB 42 54.23 76.05 46.34
C LEU FB 42 55.57 76.77 46.50
N SER FB 43 56.61 76.04 46.88
CA SER FB 43 57.88 76.65 47.22
C SER FB 43 58.56 77.34 46.05
N ARG FB 44 58.11 77.10 44.82
CA ARG FB 44 58.83 77.54 43.64
C ARG FB 44 58.07 78.54 42.77
N GLY FB 45 56.82 78.83 43.09
CA GLY FB 45 56.10 79.88 42.40
C GLY FB 45 54.65 79.48 42.18
N LEU FB 46 53.91 80.40 41.56
CA LEU FB 46 52.49 80.16 41.32
C LEU FB 46 52.03 80.53 39.92
N ARG FB 47 52.94 80.80 38.99
CA ARG FB 47 52.60 80.85 37.57
C ARG FB 47 51.53 81.87 37.24
N ARG FB 48 51.91 83.15 37.20
CA ARG FB 48 51.01 84.30 37.10
C ARG FB 48 49.84 84.11 36.15
N LYS FB 49 50.00 83.26 35.13
CA LYS FB 49 48.83 82.80 34.39
C LYS FB 49 47.76 82.26 35.33
N GLN FB 50 48.18 81.64 36.43
CA GLN FB 50 47.25 81.20 37.45
C GLN FB 50 46.79 82.35 38.33
N HIS FB 51 47.64 83.36 38.52
CA HIS FB 51 47.29 84.49 39.38
C HIS FB 51 46.05 85.21 38.87
N SER FB 52 45.97 85.41 37.55
CA SER FB 52 44.83 86.09 36.96
C SER FB 52 43.55 85.28 37.08
N LEU FB 53 43.66 84.00 37.47
CA LEU FB 53 42.47 83.20 37.71
C LEU FB 53 41.85 83.53 39.07
N LEU FB 54 42.68 83.62 40.11
CA LEU FB 54 42.19 83.97 41.43
C LEU FB 54 41.58 85.36 41.44
N LYS FB 55 42.23 86.32 40.78
CA LYS FB 55 41.68 87.67 40.68
C LYS FB 55 40.34 87.65 39.95
N ARG FB 56 40.27 86.91 38.84
CA ARG FB 56 38.99 86.70 38.17
C ARG FB 56 37.99 86.05 39.11
N LEU FB 57 38.46 85.14 39.96
CA LEU FB 57 37.59 84.57 40.98
C LEU FB 57 37.22 85.61 42.03
N ARG FB 58 38.18 86.45 42.41
CA ARG FB 58 37.91 87.44 43.46
C ARG FB 58 36.96 88.53 42.96
N LYS FB 59 37.08 88.90 41.69
CA LYS FB 59 36.15 89.90 41.13
C LYS FB 59 34.76 89.30 40.98
N ALA FB 60 34.67 88.07 40.49
CA ALA FB 60 33.36 87.43 40.33
C ALA FB 60 32.70 87.19 41.68
N LYS FB 61 33.48 86.77 42.68
CA LYS FB 61 32.92 86.61 44.01
C LYS FB 61 32.52 87.95 44.60
N LYS FB 62 33.25 89.01 44.25
CA LYS FB 62 32.92 90.35 44.73
C LYS FB 62 31.53 90.78 44.26
N GLU FB 63 31.34 90.82 42.94
CA GLU FB 63 30.09 91.33 42.37
C GLU FB 63 28.87 90.61 42.95
N ALA FB 64 28.99 89.32 43.21
CA ALA FB 64 27.86 88.55 43.69
C ALA FB 64 27.44 89.02 45.08
N PRO FB 65 26.20 88.79 45.47
CA PRO FB 65 25.77 89.17 46.82
C PRO FB 65 26.54 88.40 47.85
N PRO FB 66 26.70 88.95 49.07
CA PRO FB 66 27.45 88.25 50.10
C PRO FB 66 26.84 86.93 50.52
N MET FB 67 25.56 86.68 50.19
CA MET FB 67 24.91 85.42 50.53
C MET FB 67 24.85 84.45 49.36
N GLU FB 68 25.15 84.90 48.14
CA GLU FB 68 24.90 84.12 46.94
C GLU FB 68 26.22 83.60 46.35
N LYS FB 69 26.13 82.50 45.61
CA LYS FB 69 27.26 81.84 44.97
C LYS FB 69 27.67 82.58 43.71
N PRO FB 70 28.94 82.44 43.28
CA PRO FB 70 29.39 83.11 42.06
C PRO FB 70 28.56 82.71 40.85
N GLU FB 71 28.37 83.67 39.95
CA GLU FB 71 27.40 83.53 38.85
C GLU FB 71 27.74 82.38 37.92
N VAL FB 72 28.81 82.52 37.15
CA VAL FB 72 29.33 81.53 36.20
C VAL FB 72 30.79 81.86 35.91
N VAL FB 73 31.65 80.85 35.98
CA VAL FB 73 33.08 81.03 35.72
C VAL FB 73 33.50 79.99 34.69
N LYS FB 74 34.38 80.39 33.77
CA LYS FB 74 35.03 79.46 32.85
C LYS FB 74 36.53 79.66 32.93
N THR FB 75 37.26 78.58 33.18
CA THR FB 75 38.71 78.60 33.26
C THR FB 75 39.29 77.50 32.38
N HIS FB 76 40.63 77.52 32.26
CA HIS FB 76 41.35 76.60 31.39
C HIS FB 76 42.61 76.04 32.03
N LEU FB 77 42.53 75.63 33.29
CA LEU FB 77 43.66 75.04 33.98
C LEU FB 77 43.22 73.78 34.71
N ARG FB 78 44.10 72.77 34.70
CA ARG FB 78 43.88 71.53 35.44
C ARG FB 78 44.99 71.26 36.44
N ASP FB 79 45.88 72.23 36.67
CA ASP FB 79 47.08 72.03 37.45
C ASP FB 79 47.19 72.98 38.64
N MET FB 80 46.21 73.84 38.85
CA MET FB 80 46.26 74.79 39.96
C MET FB 80 45.95 74.09 41.28
N ILE FB 81 46.77 74.36 42.29
CA ILE FB 81 46.52 73.80 43.61
C ILE FB 81 45.29 74.47 44.20
N ILE FB 82 44.45 73.70 44.87
CA ILE FB 82 43.27 74.27 45.50
C ILE FB 82 43.62 74.84 46.87
N LEU FB 83 43.19 76.06 47.13
CA LEU FB 83 43.44 76.80 48.35
C LEU FB 83 42.14 76.99 49.13
N PRO FB 84 42.18 77.38 50.41
CA PRO FB 84 40.93 77.70 51.09
C PRO FB 84 40.34 79.03 50.69
N GLU FB 85 41.12 79.96 50.16
CA GLU FB 85 40.58 81.25 49.75
C GLU FB 85 39.58 81.11 48.61
N MET FB 86 39.66 80.01 47.87
CA MET FB 86 38.82 79.79 46.70
C MET FB 86 37.49 79.11 47.03
N VAL FB 87 37.33 78.61 48.25
CA VAL FB 87 36.19 77.76 48.60
C VAL FB 87 34.86 78.46 48.31
N GLY FB 88 33.85 77.68 47.93
CA GLY FB 88 32.51 78.17 47.70
C GLY FB 88 32.37 78.97 46.43
N SER FB 89 32.60 78.32 45.29
CA SER FB 89 32.49 78.99 43.99
C SER FB 89 32.22 77.94 42.94
N MET FB 90 31.56 78.36 41.87
CA MET FB 90 31.25 77.48 40.75
C MET FB 90 32.13 77.90 39.59
N VAL FB 91 33.22 77.16 39.38
CA VAL FB 91 34.30 77.51 38.47
C VAL FB 91 34.29 76.55 37.30
N GLY FB 92 34.59 77.07 36.11
CA GLY FB 92 34.60 76.26 34.91
C GLY FB 92 35.92 75.55 34.66
N VAL FB 93 35.91 74.24 34.84
CA VAL FB 93 37.06 73.40 34.53
C VAL FB 93 36.81 72.77 33.16
N TYR FB 94 37.88 72.68 32.36
CA TYR FB 94 37.78 72.06 31.04
C TYR FB 94 38.21 70.61 31.13
N ASN FB 95 37.40 69.72 30.57
CA ASN FB 95 37.69 68.30 30.56
C ASN FB 95 38.35 67.82 29.27
N GLY FB 96 38.03 68.45 28.14
CA GLY FB 96 38.55 68.01 26.87
C GLY FB 96 37.57 68.20 25.74
N LYS FB 97 36.29 68.34 26.07
CA LYS FB 97 35.30 68.78 25.10
C LYS FB 97 34.61 70.07 25.49
N THR FB 98 34.05 70.15 26.71
CA THR FB 98 33.28 71.30 27.15
C THR FB 98 33.59 71.59 28.61
N PHE FB 99 33.33 72.82 29.03
CA PHE FB 99 33.66 73.29 30.37
C PHE FB 99 32.72 72.64 31.36
N ASN FB 100 33.18 71.59 32.04
CA ASN FB 100 32.43 71.07 33.17
C ASN FB 100 32.60 71.97 34.39
N GLN FB 101 31.49 72.32 35.01
CA GLN FB 101 31.48 73.21 36.15
C GLN FB 101 31.41 72.42 37.44
N VAL FB 102 32.37 72.65 38.32
CA VAL FB 102 32.40 72.02 39.64
C VAL FB 102 32.37 73.11 40.69
N GLU FB 103 31.42 73.00 41.62
CA GLU FB 103 31.44 73.86 42.79
C GLU FB 103 32.60 73.43 43.69
N ILE FB 104 33.41 74.40 44.10
CA ILE FB 104 34.59 74.08 44.91
C ILE FB 104 34.11 73.84 46.34
N LYS FB 105 34.07 72.58 46.74
CA LYS FB 105 33.61 72.19 48.05
C LYS FB 105 34.57 72.73 49.12
N PRO FB 106 34.13 72.83 50.36
CA PRO FB 106 35.07 73.20 51.43
C PRO FB 106 36.03 72.11 51.86
N GLU FB 107 36.29 71.08 51.03
CA GLU FB 107 37.05 69.94 51.50
C GLU FB 107 38.29 69.59 50.66
N MET FB 108 38.50 70.19 49.49
CA MET FB 108 39.64 69.80 48.65
C MET FB 108 40.86 70.70 48.78
N ILE FB 109 41.22 71.15 49.98
CA ILE FB 109 42.45 71.90 50.15
C ILE FB 109 43.63 71.08 49.63
N GLY FB 110 44.50 71.73 48.86
CA GLY FB 110 45.74 71.11 48.41
C GLY FB 110 45.59 70.07 47.32
N HIS FB 111 44.83 70.36 46.26
CA HIS FB 111 44.66 69.42 45.16
C HIS FB 111 44.53 70.18 43.86
N TYR FB 112 44.38 69.43 42.78
CA TYR FB 112 44.39 69.98 41.43
C TYR FB 112 42.98 69.96 40.86
N LEU FB 113 42.59 71.10 40.27
CA LEU FB 113 41.20 71.25 39.83
C LEU FB 113 40.80 70.18 38.83
N GLY FB 114 41.73 69.77 37.98
CA GLY FB 114 41.37 68.94 36.84
C GLY FB 114 40.80 67.60 37.22
N GLU FB 115 41.34 66.99 38.29
CA GLU FB 115 40.95 65.64 38.65
C GLU FB 115 39.52 65.53 39.19
N PHE FB 116 38.79 66.65 39.26
CA PHE FB 116 37.37 66.61 39.57
C PHE FB 116 36.50 66.59 38.33
N SER FB 117 37.10 66.58 37.14
CA SER FB 117 36.37 66.41 35.89
C SER FB 117 37.21 65.51 35.00
N ILE FB 118 36.79 64.25 34.88
CA ILE FB 118 37.60 63.27 34.18
C ILE FB 118 37.67 63.60 32.69
N THR FB 119 38.87 63.56 32.14
CA THR FB 119 39.01 63.67 30.69
C THR FB 119 38.67 62.35 30.00
N TYR FB 120 38.87 61.23 30.70
CA TYR FB 120 38.41 59.95 30.19
C TYR FB 120 36.89 59.95 30.14
N LYS FB 121 36.35 59.22 29.18
CA LYS FB 121 34.95 58.87 29.24
C LYS FB 121 34.85 57.41 29.65
N PRO FB 122 34.24 57.07 30.78
CA PRO FB 122 34.18 55.67 31.19
C PRO FB 122 33.43 54.84 30.17
N VAL FB 123 33.83 53.58 30.05
CA VAL FB 123 33.43 52.74 28.92
C VAL FB 123 32.70 51.50 29.41
N LYS FB 124 31.82 50.98 28.56
CA LYS FB 124 31.19 49.69 28.78
C LYS FB 124 31.17 48.93 27.47
N HIS FB 125 31.39 47.62 27.54
CA HIS FB 125 31.55 46.77 26.37
C HIS FB 125 30.72 45.50 26.53
N GLY FB 126 30.42 44.87 25.40
CA GLY FB 126 29.73 43.60 25.44
C GLY FB 126 30.14 42.59 24.39
N ARG FB 127 31.10 42.94 23.53
CA ARG FB 127 31.42 42.10 22.38
C ARG FB 127 32.78 42.40 21.76
N PRO GB 1 124.55 36.18 45.55
CA PRO GB 1 124.18 36.82 44.28
C PRO GB 1 122.69 37.11 44.21
N LEU GB 2 122.32 38.31 43.78
CA LEU GB 2 120.93 38.70 43.71
C LEU GB 2 120.29 38.03 42.50
N GLN GB 3 119.19 37.32 42.72
CA GLN GB 3 118.55 36.48 41.70
C GLN GB 3 117.09 36.87 41.62
N SER GB 4 116.78 37.87 40.79
CA SER GB 4 115.42 38.38 40.66
C SER GB 4 114.75 37.71 39.48
N VAL GB 5 113.75 36.88 39.77
CA VAL GB 5 112.96 36.18 38.76
C VAL GB 5 111.54 36.71 38.82
N GLN GB 6 110.97 37.03 37.67
CA GLN GB 6 109.57 37.44 37.58
C GLN GB 6 108.92 36.68 36.42
N VAL GB 7 107.82 35.98 36.72
CA VAL GB 7 107.21 35.06 35.79
C VAL GB 7 105.70 35.25 35.82
N PHE GB 8 105.07 35.23 34.65
CA PHE GB 8 103.65 35.53 34.51
C PHE GB 8 102.86 34.30 34.11
N GLY GB 9 101.63 34.20 34.62
CA GLY GB 9 100.71 33.15 34.23
C GLY GB 9 99.35 33.73 33.86
N ARG GB 10 98.56 33.01 33.08
CA ARG GB 10 97.38 33.59 32.46
C ARG GB 10 96.14 32.73 32.67
N LYS GB 11 95.00 33.38 32.52
CA LYS GB 11 93.66 32.78 32.61
C LYS GB 11 92.77 33.59 31.68
N LYS GB 12 91.45 33.53 31.88
CA LYS GB 12 90.54 34.37 31.11
C LYS GB 12 91.03 35.81 31.07
N THR GB 13 91.17 36.45 32.24
CA THR GB 13 91.79 37.76 32.33
C THR GB 13 92.77 37.86 33.47
N ALA GB 14 92.89 36.84 34.31
CA ALA GB 14 93.71 36.89 35.51
C ALA GB 14 95.18 36.77 35.13
N THR GB 15 95.96 37.79 35.46
CA THR GB 15 97.41 37.77 35.28
C THR GB 15 98.06 37.72 36.66
N ALA GB 16 99.06 36.85 36.81
CA ALA GB 16 99.76 36.68 38.07
C ALA GB 16 101.26 36.84 37.83
N VAL GB 17 101.85 37.80 38.51
CA VAL GB 17 103.29 38.05 38.41
C VAL GB 17 103.95 37.27 39.53
N ALA GB 18 104.43 36.08 39.21
CA ALA GB 18 105.16 35.28 40.16
C ALA GB 18 106.51 35.92 40.47
N HIS GB 19 107.28 35.25 41.32
CA HIS GB 19 108.59 35.74 41.70
C HIS GB 19 109.30 34.66 42.50
N CYS GB 20 110.62 34.66 42.46
CA CYS GB 20 111.43 33.71 43.22
C CYS GB 20 112.78 34.35 43.53
N LYS GB 21 112.91 34.86 44.76
CA LYS GB 21 114.07 35.63 45.15
C LYS GB 21 114.87 34.84 46.17
N ARG GB 22 116.16 35.17 46.27
CA ARG GB 22 117.07 34.42 47.14
C ARG GB 22 116.66 34.60 48.60
N GLY GB 23 116.01 33.60 49.17
CA GLY GB 23 115.41 33.75 50.48
C GLY GB 23 115.66 32.61 51.45
N ASN GB 24 114.75 32.45 52.42
CA ASN GB 24 114.87 31.43 53.44
C ASN GB 24 114.02 30.20 53.17
N GLY GB 25 113.01 30.31 52.33
CA GLY GB 25 112.15 29.18 52.03
C GLY GB 25 110.67 29.43 52.24
N LEU GB 26 110.25 30.69 52.20
CA LEU GB 26 108.86 31.02 52.49
C LEU GB 26 108.13 31.47 51.22
N ILE GB 27 106.81 31.44 51.27
CA ILE GB 27 105.94 31.75 50.14
C ILE GB 27 104.85 32.68 50.62
N LYS GB 28 104.50 33.66 49.79
CA LYS GB 28 103.37 34.53 50.11
C LYS GB 28 102.80 35.16 48.84
N VAL GB 29 101.48 35.18 48.75
CA VAL GB 29 100.76 35.84 47.66
C VAL GB 29 99.97 36.99 48.24
N ASN GB 30 100.03 38.15 47.57
CA ASN GB 30 99.41 39.37 48.09
C ASN GB 30 99.87 39.64 49.53
N GLY GB 31 101.07 39.17 49.86
CA GLY GB 31 101.58 39.21 51.21
C GLY GB 31 101.05 38.11 52.09
N ARG GB 32 99.76 37.79 51.96
CA ARG GB 32 99.11 36.79 52.78
C ARG GB 32 99.71 35.41 52.52
N PRO GB 33 99.67 34.52 53.51
CA PRO GB 33 100.15 33.16 53.29
C PRO GB 33 99.20 32.37 52.39
N LEU GB 34 99.75 31.35 51.74
CA LEU GB 34 98.96 30.57 50.79
C LEU GB 34 97.77 29.92 51.45
N GLU GB 35 97.97 29.32 52.64
CA GLU GB 35 96.89 28.61 53.31
C GLU GB 35 95.80 29.53 53.82
N MET GB 36 96.01 30.85 53.74
CA MET GB 36 95.12 31.79 54.39
C MET GB 36 94.58 32.85 53.43
N ILE GB 37 94.78 32.65 52.12
CA ILE GB 37 94.43 33.67 51.12
C ILE GB 37 92.94 33.78 50.89
N GLU GB 38 92.15 32.90 51.49
CA GLU GB 38 90.69 33.00 51.59
C GLU GB 38 89.91 32.91 50.28
N PRO GB 39 90.09 31.86 49.48
CA PRO GB 39 88.95 31.35 48.72
C PRO GB 39 88.32 30.19 49.46
N ARG GB 40 89.04 29.69 50.47
CA ARG GB 40 88.58 28.79 51.52
C ARG GB 40 88.15 27.41 51.02
N THR GB 41 88.20 27.14 49.73
CA THR GB 41 87.75 25.83 49.25
C THR GB 41 88.71 25.17 48.27
N LEU GB 42 89.45 25.92 47.46
CA LEU GB 42 90.37 25.37 46.49
C LEU GB 42 91.78 25.36 47.07
N GLN GB 43 91.88 25.04 48.36
CA GLN GB 43 93.13 25.28 49.08
C GLN GB 43 94.25 24.39 48.55
N TYR GB 44 94.01 23.08 48.44
CA TYR GB 44 95.05 22.19 47.94
C TYR GB 44 95.40 22.48 46.49
N LYS GB 45 94.52 23.16 45.77
CA LYS GB 45 94.78 23.47 44.36
C LYS GB 45 96.00 24.36 44.21
N LEU GB 46 96.24 25.25 45.18
CA LEU GB 46 97.40 26.12 45.10
C LEU GB 46 98.57 25.61 45.94
N LEU GB 47 98.31 24.80 46.96
CA LEU GB 47 99.38 23.99 47.55
C LEU GB 47 99.81 22.87 46.63
N GLU GB 48 99.09 22.67 45.53
CA GLU GB 48 99.30 21.51 44.67
C GLU GB 48 100.73 21.36 44.18
N PRO GB 49 101.45 22.41 43.76
CA PRO GB 49 102.87 22.21 43.43
C PRO GB 49 103.70 21.68 44.59
N VAL GB 50 103.41 22.16 45.80
CA VAL GB 50 104.14 21.70 46.99
C VAL GB 50 104.01 20.19 47.14
N LEU GB 51 102.77 19.72 47.26
CA LEU GB 51 102.52 18.31 47.48
C LEU GB 51 103.08 17.45 46.34
N LEU GB 52 103.27 18.05 45.17
CA LEU GB 52 103.79 17.31 44.03
C LEU GB 52 105.31 17.35 43.96
N LEU GB 53 105.92 18.43 44.41
CA LEU GB 53 107.35 18.65 44.21
C LEU GB 53 108.19 18.38 45.45
N GLY GB 54 107.79 18.87 46.60
CA GLY GB 54 108.48 18.56 47.83
C GLY GB 54 109.02 19.80 48.53
N LYS GB 55 109.37 19.62 49.80
CA LYS GB 55 109.97 20.70 50.58
C LYS GB 55 111.43 20.91 50.20
N GLU GB 56 112.15 19.83 49.87
CA GLU GB 56 113.56 19.94 49.55
C GLU GB 56 113.77 20.83 48.32
N ARG GB 57 112.95 20.64 47.27
CA ARG GB 57 113.05 21.50 46.10
C ARG GB 57 112.73 22.95 46.46
N PHE GB 58 111.72 23.15 47.31
CA PHE GB 58 111.44 24.50 47.80
C PHE GB 58 112.49 24.89 48.83
N ALA GB 59 113.73 25.05 48.38
CA ALA GB 59 114.86 25.39 49.22
C ALA GB 59 114.86 26.89 49.52
N GLY GB 60 115.98 27.41 50.01
CA GLY GB 60 116.02 28.78 50.44
C GLY GB 60 115.90 29.78 49.30
N VAL GB 61 114.73 29.81 48.66
CA VAL GB 61 114.37 30.82 47.69
C VAL GB 61 112.94 31.26 47.95
N ASP GB 62 112.69 32.55 47.82
CA ASP GB 62 111.50 33.20 48.37
C ASP GB 62 110.60 33.73 47.26
N ILE GB 63 109.29 33.51 47.41
CA ILE GB 63 108.30 33.84 46.39
C ILE GB 63 107.41 34.95 46.93
N ARG GB 64 107.09 35.93 46.07
CA ARG GB 64 106.09 36.95 46.37
C ARG GB 64 105.27 37.18 45.09
N VAL GB 65 103.98 36.87 45.15
CA VAL GB 65 103.11 36.87 43.97
C VAL GB 65 102.09 37.98 44.11
N ARG GB 66 101.96 38.80 43.08
CA ARG GB 66 100.94 39.83 43.00
C ARG GB 66 99.98 39.49 41.87
N VAL GB 67 98.68 39.67 42.12
CA VAL GB 67 97.64 39.20 41.23
C VAL GB 67 96.68 40.33 40.91
N LYS GB 68 96.14 40.32 39.69
CA LYS GB 68 95.22 41.35 39.25
C LYS GB 68 94.41 40.82 38.07
N GLY GB 69 93.10 41.04 38.12
CA GLY GB 69 92.23 40.69 37.01
C GLY GB 69 91.42 39.43 37.28
N GLY GB 70 90.25 39.37 36.65
CA GLY GB 70 89.42 38.19 36.72
C GLY GB 70 88.76 38.00 38.08
N GLY GB 71 88.00 36.92 38.19
CA GLY GB 71 87.30 36.59 39.41
C GLY GB 71 88.17 35.82 40.39
N HIS GB 72 87.52 35.41 41.50
CA HIS GB 72 88.23 34.67 42.53
C HIS GB 72 88.89 33.42 41.97
N VAL GB 73 88.12 32.63 41.21
CA VAL GB 73 88.64 31.40 40.65
C VAL GB 73 89.72 31.69 39.62
N ALA GB 74 89.54 32.78 38.85
CA ALA GB 74 90.53 33.15 37.86
C ALA GB 74 91.89 33.39 38.51
N GLN GB 75 91.91 34.10 39.64
CA GLN GB 75 93.17 34.34 40.32
C GLN GB 75 93.82 33.04 40.78
N ILE GB 76 93.01 32.09 41.27
CA ILE GB 76 93.57 30.83 41.75
C ILE GB 76 94.24 30.08 40.61
N TYR GB 77 93.56 30.00 39.48
CA TYR GB 77 94.14 29.36 38.31
C TYR GB 77 95.30 30.17 37.74
N ALA GB 78 95.52 31.37 38.28
CA ALA GB 78 96.71 32.12 37.91
C ALA GB 78 97.85 31.81 38.87
N ILE GB 79 97.58 31.85 40.17
CA ILE GB 79 98.65 31.66 41.15
C ILE GB 79 99.16 30.23 41.10
N ARG GB 80 98.26 29.25 40.88
CA ARG GB 80 98.73 27.87 40.75
C ARG GB 80 99.58 27.69 39.50
N GLN GB 81 99.51 28.61 38.55
CA GLN GB 81 100.37 28.55 37.38
C GLN GB 81 101.62 29.40 37.55
N SER GB 82 101.45 30.64 38.02
CA SER GB 82 102.60 31.53 38.14
C SER GB 82 103.65 30.95 39.07
N ILE GB 83 103.22 30.45 40.23
CA ILE GB 83 104.16 29.84 41.17
C ILE GB 83 104.91 28.69 40.49
N SER GB 84 104.17 27.83 39.81
CA SER GB 84 104.82 26.71 39.12
C SER GB 84 105.78 27.21 38.04
N LYS GB 85 105.32 28.12 37.19
CA LYS GB 85 106.21 28.62 36.14
C LYS GB 85 107.32 29.50 36.71
N ALA GB 86 107.15 30.00 37.94
CA ALA GB 86 108.27 30.66 38.60
C ALA GB 86 109.40 29.67 38.86
N LEU GB 87 109.09 28.55 39.49
CA LEU GB 87 110.11 27.55 39.78
C LEU GB 87 110.62 26.89 38.51
N VAL GB 88 109.75 26.72 37.51
CA VAL GB 88 110.23 26.23 36.22
C VAL GB 88 111.24 27.20 35.64
N ALA GB 89 110.95 28.50 35.70
CA ALA GB 89 111.88 29.47 35.15
C ALA GB 89 113.09 29.68 36.05
N TYR GB 90 112.91 29.51 37.36
CA TYR GB 90 114.03 29.70 38.28
C TYR GB 90 115.12 28.67 38.04
N TYR GB 91 114.76 27.39 38.02
CA TYR GB 91 115.76 26.33 38.06
C TYR GB 91 116.66 26.34 36.83
N GLN GB 92 116.22 26.98 35.74
CA GLN GB 92 117.08 27.02 34.56
C GLN GB 92 118.23 27.98 34.77
N LYS GB 93 117.95 29.14 35.36
CA LYS GB 93 118.90 30.25 35.29
C LYS GB 93 120.10 30.05 36.23
N TYR GB 94 119.94 29.26 37.29
CA TYR GB 94 121.05 29.05 38.21
C TYR GB 94 121.25 27.61 38.62
N VAL GB 95 120.45 26.67 38.11
CA VAL GB 95 120.58 25.27 38.44
C VAL GB 95 120.55 24.48 37.13
N ASP GB 96 120.86 23.19 37.21
CA ASP GB 96 121.01 22.35 36.03
C ASP GB 96 119.70 22.22 35.27
N GLU GB 97 119.81 21.98 33.96
CA GLU GB 97 118.64 21.76 33.13
C GLU GB 97 117.88 20.49 33.54
N ALA GB 98 118.59 19.49 34.04
CA ALA GB 98 117.88 18.29 34.50
C ALA GB 98 116.94 18.63 35.65
N SER GB 99 117.33 19.59 36.48
CA SER GB 99 116.45 20.03 37.57
C SER GB 99 115.14 20.57 37.03
N LYS GB 100 115.16 21.09 35.79
CA LYS GB 100 113.91 21.38 35.10
C LYS GB 100 113.16 20.09 34.77
N LYS GB 101 113.86 19.11 34.18
CA LYS GB 101 113.18 17.96 33.61
C LYS GB 101 112.67 17.00 34.69
N GLU GB 102 113.42 16.85 35.79
CA GLU GB 102 112.92 16.04 36.90
C GLU GB 102 111.67 16.69 37.49
N ILE GB 103 111.53 18.00 37.32
CA ILE GB 103 110.36 18.71 37.86
C ILE GB 103 109.30 18.86 36.78
N LYS GB 104 109.70 19.30 35.59
CA LYS GB 104 108.73 19.56 34.53
C LYS GB 104 107.92 18.32 34.20
N ASP GB 105 108.60 17.18 34.00
CA ASP GB 105 107.90 15.96 33.63
C ASP GB 105 106.95 15.50 34.73
N ILE GB 106 107.38 15.63 35.99
CA ILE GB 106 106.47 15.34 37.09
C ILE GB 106 105.34 16.36 37.11
N LEU GB 107 105.63 17.60 36.70
CA LEU GB 107 104.58 18.62 36.62
C LEU GB 107 103.63 18.35 35.46
N ILE GB 108 104.17 18.05 34.28
CA ILE GB 108 103.31 17.87 33.10
C ILE GB 108 102.52 16.57 33.21
N GLN GB 109 103.14 15.48 33.68
CA GLN GB 109 102.42 14.22 33.80
C GLN GB 109 101.33 14.27 34.86
N TYR GB 110 101.27 15.34 35.66
CA TYR GB 110 100.14 15.49 36.55
C TYR GB 110 99.06 16.36 35.92
N ASP GB 111 99.41 17.59 35.58
CA ASP GB 111 98.47 18.51 34.94
C ASP GB 111 99.18 19.32 33.87
N ARG GB 112 98.56 19.41 32.69
CA ARG GB 112 99.15 20.20 31.61
C ARG GB 112 99.09 21.68 31.92
N THR GB 113 98.02 22.13 32.58
CA THR GB 113 97.78 23.56 32.72
C THR GB 113 98.83 24.23 33.61
N LEU GB 114 99.39 23.50 34.58
CA LEU GB 114 100.39 24.09 35.47
C LEU GB 114 101.61 24.58 34.71
N LEU GB 115 101.84 24.08 33.50
CA LEU GB 115 102.88 24.58 32.62
C LEU GB 115 102.36 25.44 31.48
N VAL GB 116 101.18 25.14 30.95
CA VAL GB 116 100.65 25.79 29.77
C VAL GB 116 99.41 26.58 30.15
N ALA GB 117 99.37 27.84 29.75
CA ALA GB 117 98.27 28.71 30.08
C ALA GB 117 96.99 28.28 29.36
N ASP GB 118 95.86 28.56 29.99
CA ASP GB 118 94.55 28.27 29.42
C ASP GB 118 94.28 29.26 28.28
N PRO GB 119 94.33 28.82 27.02
CA PRO GB 119 94.10 29.79 25.93
C PRO GB 119 92.64 30.21 25.82
N ARG GB 120 91.71 29.36 26.23
CA ARG GB 120 90.29 29.63 26.00
C ARG GB 120 89.85 30.90 26.73
N ARG GB 121 89.19 31.78 26.00
CA ARG GB 121 88.75 33.05 26.54
C ARG GB 121 87.39 33.39 25.96
N CYS GB 122 86.64 34.22 26.67
CA CYS GB 122 85.27 34.54 26.27
C CYS GB 122 85.24 35.16 24.88
N GLU GB 123 84.25 34.77 24.09
CA GLU GB 123 84.12 35.30 22.73
C GLU GB 123 83.00 36.34 22.67
N SER GB 124 83.04 37.13 21.60
CA SER GB 124 82.15 38.27 21.42
C SER GB 124 80.69 37.83 21.42
N LYS GB 125 79.80 38.83 21.50
CA LYS GB 125 78.36 38.61 21.47
C LYS GB 125 77.78 39.17 20.18
N LYS GB 126 76.81 38.45 19.63
CA LYS GB 126 76.13 38.87 18.41
C LYS GB 126 74.78 39.46 18.77
N PHE GB 127 74.36 40.48 18.02
CA PHE GB 127 72.99 40.91 18.15
C PHE GB 127 72.08 39.75 17.80
N GLY GB 128 71.06 39.56 18.61
CA GLY GB 128 70.27 38.35 18.52
C GLY GB 128 70.84 37.36 19.52
N GLY GB 129 70.16 37.20 20.65
CA GLY GB 129 70.64 36.33 21.69
C GLY GB 129 71.37 37.10 22.76
N PRO GB 130 71.01 36.84 24.01
CA PRO GB 130 71.70 37.52 25.12
C PRO GB 130 73.18 37.18 25.20
N GLY GB 131 73.59 36.07 24.61
CA GLY GB 131 74.97 35.65 24.63
C GLY GB 131 75.61 35.72 23.25
N ALA GB 132 76.63 34.88 23.05
CA ALA GB 132 77.30 34.83 21.77
C ALA GB 132 76.46 34.13 20.71
N ARG GB 133 75.79 33.04 21.08
CA ARG GB 133 75.16 32.18 20.11
C ARG GB 133 73.74 31.76 20.45
N ALA GB 134 73.20 32.18 21.58
CA ALA GB 134 71.77 32.02 21.82
C ALA GB 134 71.00 32.98 20.92
N ARG GB 135 69.67 32.91 20.99
CA ARG GB 135 68.85 33.76 20.15
C ARG GB 135 67.55 34.09 20.88
N TYR GB 136 67.02 35.28 20.62
CA TYR GB 136 65.66 35.57 21.02
C TYR GB 136 64.71 34.71 20.19
N GLN GB 137 63.62 34.26 20.80
CA GLN GB 137 62.72 33.35 20.13
C GLN GB 137 62.13 33.99 18.87
N LYS GB 138 61.46 33.16 18.08
CA LYS GB 138 60.78 33.61 16.88
C LYS GB 138 59.28 33.45 17.05
N SER GB 139 58.54 34.45 16.61
CA SER GB 139 57.10 34.49 16.75
C SER GB 139 56.45 33.96 15.47
N TYR GB 140 55.52 33.02 15.64
CA TYR GB 140 54.81 32.42 14.51
C TYR GB 140 53.33 32.72 14.64
N ARG GB 141 52.75 33.23 13.55
CA ARG GB 141 51.33 33.55 13.52
C ARG GB 141 50.50 32.28 13.63
N MET HB 1 93.95 17.31 8.63
CA MET HB 1 94.14 18.74 8.89
C MET HB 1 94.85 19.41 7.72
N GLY HB 2 94.10 20.23 6.98
CA GLY HB 2 94.54 20.74 5.70
C GLY HB 2 93.36 21.04 4.81
N ARG HB 3 93.55 21.86 3.79
CA ARG HB 3 92.45 22.18 2.87
C ARG HB 3 92.90 21.96 1.44
N VAL HB 4 91.92 22.04 0.55
CA VAL HB 4 92.17 22.11 -0.88
C VAL HB 4 92.70 23.51 -1.17
N ARG HB 5 93.95 23.57 -1.65
CA ARG HB 5 94.51 24.84 -2.09
C ARG HB 5 93.98 25.15 -3.49
N THR HB 6 93.28 26.26 -3.62
CA THR HB 6 92.50 26.54 -4.82
C THR HB 6 93.42 26.78 -6.00
N LYS HB 7 92.82 27.07 -7.16
CA LYS HB 7 93.63 27.23 -8.37
C LYS HB 7 94.62 28.37 -8.25
N THR HB 8 94.41 29.29 -7.31
CA THR HB 8 95.41 30.33 -7.08
C THR HB 8 96.71 29.72 -6.58
N VAL HB 9 96.64 28.88 -5.55
CA VAL HB 9 97.85 28.29 -4.99
C VAL HB 9 98.43 27.24 -5.94
N LYS HB 10 97.57 26.38 -6.49
CA LYS HB 10 98.07 25.29 -7.33
C LYS HB 10 98.76 25.82 -8.57
N LYS HB 11 98.22 26.88 -9.18
CA LYS HB 11 98.87 27.46 -10.35
C LYS HB 11 100.14 28.21 -9.94
N ALA HB 12 100.10 28.94 -8.84
CA ALA HB 12 101.27 29.70 -8.41
C ALA HB 12 102.41 28.78 -8.04
N ALA HB 13 102.12 27.68 -7.34
CA ALA HB 13 103.18 26.79 -6.89
C ALA HB 13 103.79 26.03 -8.07
N ARG HB 14 102.97 25.65 -9.04
CA ARG HB 14 103.46 24.83 -10.14
C ARG HB 14 104.44 25.60 -11.02
N VAL HB 15 104.26 26.92 -11.13
CA VAL HB 15 105.20 27.72 -11.91
C VAL HB 15 106.51 27.88 -11.16
N ILE HB 16 106.46 28.03 -9.83
CA ILE HB 16 107.68 28.21 -9.05
C ILE HB 16 108.59 27.01 -9.22
N ILE HB 17 108.05 25.81 -9.01
CA ILE HB 17 108.82 24.59 -9.14
C ILE HB 17 109.20 24.35 -10.60
N GLU HB 18 108.53 25.06 -11.52
CA GLU HB 18 108.85 24.95 -12.94
C GLU HB 18 109.91 25.96 -13.36
N LYS HB 19 110.20 26.95 -12.51
CA LYS HB 19 111.16 27.99 -12.86
C LYS HB 19 112.38 28.01 -11.96
N TYR HB 20 112.28 27.53 -10.73
CA TYR HB 20 113.38 27.54 -9.76
C TYR HB 20 113.57 26.17 -9.16
N TYR HB 21 113.41 25.12 -9.96
CA TYR HB 21 113.36 23.76 -9.43
C TYR HB 21 114.67 23.38 -8.74
N THR HB 22 115.78 24.03 -9.10
CA THR HB 22 117.08 23.69 -8.52
C THR HB 22 117.32 24.37 -7.19
N ARG HB 23 116.75 25.56 -6.97
CA ARG HB 23 116.97 26.33 -5.75
C ARG HB 23 116.06 25.91 -4.61
N LEU HB 24 115.20 24.92 -4.83
CA LEU HB 24 114.23 24.48 -3.85
C LEU HB 24 114.70 23.18 -3.19
N GLY HB 25 114.07 22.82 -2.09
CA GLY HB 25 114.45 21.62 -1.37
C GLY HB 25 113.28 20.82 -0.84
N ASN HB 26 113.51 20.14 0.28
CA ASN HB 26 112.50 19.27 0.88
C ASN HB 26 111.74 19.93 2.02
N ASP HB 27 112.36 20.88 2.72
CA ASP HB 27 111.86 21.38 3.99
C ASP HB 27 111.13 22.70 3.80
N PHE HB 28 109.99 22.83 4.48
CA PHE HB 28 109.15 24.01 4.28
C PHE HB 28 109.89 25.29 4.65
N HIS HB 29 110.57 25.30 5.80
CA HIS HB 29 111.21 26.53 6.28
C HIS HB 29 112.18 27.08 5.25
N THR HB 30 112.95 26.19 4.61
CA THR HB 30 113.82 26.64 3.54
C THR HB 30 113.02 27.27 2.41
N ASN HB 31 111.89 26.64 2.06
CA ASN HB 31 111.13 27.09 0.89
C ASN HB 31 110.38 28.38 1.16
N LYS HB 32 109.98 28.62 2.41
CA LYS HB 32 109.24 29.83 2.71
C LYS HB 32 110.06 31.07 2.37
N ARG HB 33 111.33 31.07 2.77
CA ARG HB 33 112.18 32.23 2.50
C ARG HB 33 112.46 32.37 1.01
N VAL HB 34 112.66 31.25 0.33
CA VAL HB 34 112.97 31.28 -1.10
C VAL HB 34 111.85 31.95 -1.88
N CYS HB 35 110.61 31.56 -1.58
CA CYS HB 35 109.47 32.04 -2.35
C CYS HB 35 109.35 33.56 -2.27
N GLU HB 36 109.58 34.13 -1.09
CA GLU HB 36 109.47 35.58 -0.93
C GLU HB 36 110.50 36.29 -1.80
N GLU HB 37 111.71 35.75 -1.89
CA GLU HB 37 112.75 36.40 -2.67
C GLU HB 37 112.40 36.44 -4.15
N ILE HB 38 111.88 35.33 -4.67
CA ILE HB 38 111.64 35.22 -6.11
C ILE HB 38 110.22 35.57 -6.53
N ALA HB 39 109.30 35.73 -5.60
CA ALA HB 39 107.94 36.10 -5.94
C ALA HB 39 107.46 37.21 -5.02
N ILE HB 40 106.70 38.13 -5.60
CA ILE HB 40 106.08 39.22 -4.84
C ILE HB 40 104.73 38.69 -4.40
N ILE HB 41 104.72 37.99 -3.28
CA ILE HB 41 103.50 37.39 -2.73
C ILE HB 41 102.79 38.46 -1.89
N PRO HB 42 101.58 38.85 -2.25
CA PRO HB 42 100.93 39.96 -1.53
C PRO HB 42 100.66 39.68 -0.07
N SER HB 43 100.39 38.44 0.31
CA SER HB 43 99.92 38.13 1.66
C SER HB 43 100.86 37.15 2.34
N LYS HB 44 101.05 37.33 3.65
CA LYS HB 44 101.88 36.41 4.42
C LYS HB 44 101.28 35.01 4.43
N LYS HB 45 99.96 34.91 4.61
CA LYS HB 45 99.33 33.60 4.73
C LYS HB 45 99.53 32.77 3.46
N LEU HB 46 99.19 33.32 2.30
CA LEU HB 46 99.22 32.54 1.07
C LEU HB 46 100.65 32.13 0.71
N ARG HB 47 101.64 32.94 1.07
CA ARG HB 47 103.02 32.54 0.87
C ARG HB 47 103.33 31.24 1.61
N ASN HB 48 102.73 31.07 2.78
CA ASN HB 48 102.92 29.83 3.52
C ASN HB 48 101.97 28.74 3.04
N LYS HB 49 101.02 29.09 2.18
CA LYS HB 49 100.20 28.06 1.55
C LYS HB 49 100.73 27.71 0.17
N ILE HB 50 101.41 28.66 -0.50
CA ILE HB 50 102.13 28.32 -1.72
C ILE HB 50 103.35 27.48 -1.40
N ALA HB 51 104.12 27.87 -0.38
CA ALA HB 51 105.28 27.09 0.01
C ALA HB 51 104.86 25.72 0.52
N GLY HB 52 103.63 25.60 1.00
CA GLY HB 52 103.13 24.30 1.41
C GLY HB 52 102.96 23.34 0.25
N TYR HB 53 102.41 23.83 -0.86
CA TYR HB 53 102.23 22.95 -2.01
C TYR HB 53 103.55 22.62 -2.68
N VAL HB 54 104.48 23.57 -2.68
CA VAL HB 54 105.77 23.35 -3.35
C VAL HB 54 106.52 22.20 -2.69
N THR HB 55 106.57 22.17 -1.36
CA THR HB 55 107.26 21.08 -0.68
C THR HB 55 106.48 19.78 -0.77
N HIS HB 56 105.14 19.88 -0.85
CA HIS HB 56 104.36 18.68 -1.10
C HIS HB 56 104.55 18.18 -2.53
N LEU HB 57 104.76 19.11 -3.47
CA LEU HB 57 104.91 18.74 -4.86
C LEU HB 57 106.29 18.17 -5.15
N MET HB 58 107.31 18.62 -4.42
CA MET HB 58 108.62 17.99 -4.56
C MET HB 58 108.63 16.56 -4.05
N LYS HB 59 107.90 16.30 -2.96
CA LYS HB 59 107.74 14.92 -2.51
C LYS HB 59 107.07 14.06 -3.57
N ARG HB 60 106.36 14.69 -4.51
CA ARG HB 60 105.73 13.96 -5.59
C ARG HB 60 106.74 13.62 -6.68
N ILE HB 61 107.57 14.59 -7.08
CA ILE HB 61 108.43 14.46 -8.25
C ILE HB 61 109.59 13.50 -8.02
N GLN HB 62 110.05 13.36 -6.77
CA GLN HB 62 111.08 12.37 -6.46
C GLN HB 62 110.54 10.95 -6.50
N ARG HB 63 109.23 10.78 -6.68
CA ARG HB 63 108.57 9.48 -6.63
C ARG HB 63 107.90 9.16 -7.95
N GLY HB 64 108.60 9.35 -9.07
CA GLY HB 64 108.05 9.11 -10.37
C GLY HB 64 107.50 10.38 -10.98
N PRO HB 65 108.11 10.85 -12.08
CA PRO HB 65 107.71 12.14 -12.65
C PRO HB 65 106.23 12.17 -12.98
N VAL HB 66 105.60 13.30 -12.66
CA VAL HB 66 104.17 13.44 -12.76
C VAL HB 66 103.82 14.34 -13.94
N ARG HB 67 102.52 14.57 -14.14
CA ARG HB 67 101.95 15.10 -15.37
C ARG HB 67 101.65 16.59 -15.30
N GLY HB 68 102.27 17.32 -14.38
CA GLY HB 68 101.91 18.72 -14.22
C GLY HB 68 102.89 19.73 -14.76
N ILE HB 69 104.18 19.52 -14.52
CA ILE HB 69 105.20 20.53 -14.78
C ILE HB 69 106.20 19.99 -15.80
N SER HB 70 107.00 20.91 -16.34
CA SER HB 70 108.03 20.57 -17.31
C SER HB 70 109.38 20.88 -16.71
N ILE HB 71 110.19 19.85 -16.47
CA ILE HB 71 111.50 19.99 -15.86
C ILE HB 71 112.57 19.60 -16.88
N LYS HB 72 113.47 20.55 -17.17
CA LYS HB 72 114.51 20.29 -18.17
C LYS HB 72 115.46 19.19 -17.71
N LEU HB 73 115.80 19.16 -16.42
CA LEU HB 73 116.68 18.11 -15.94
C LEU HB 73 115.97 16.76 -15.90
N GLN HB 74 114.64 16.78 -15.91
CA GLN HB 74 113.88 15.54 -16.05
C GLN HB 74 113.54 15.25 -17.50
N GLU HB 75 113.40 16.29 -18.32
CA GLU HB 75 113.09 16.09 -19.73
C GLU HB 75 114.27 15.47 -20.48
N GLU HB 76 115.49 15.96 -20.22
CA GLU HB 76 116.67 15.38 -20.85
C GLU HB 76 116.82 13.90 -20.50
N GLU HB 77 116.34 13.51 -19.32
CA GLU HB 77 116.29 12.09 -18.98
C GLU HB 77 115.38 11.35 -19.94
N ARG HB 78 114.23 11.95 -20.30
CA ARG HB 78 113.31 11.30 -21.23
C ARG HB 78 113.94 11.15 -22.61
N GLU HB 79 114.60 12.19 -23.10
CA GLU HB 79 115.13 12.14 -24.47
C GLU HB 79 116.23 11.11 -24.61
N ARG HB 80 117.00 10.86 -23.55
CA ARG HB 80 117.90 9.72 -23.58
C ARG HB 80 117.13 8.40 -23.55
N ARG HB 81 115.94 8.39 -22.97
CA ARG HB 81 115.13 7.19 -22.94
C ARG HB 81 114.27 7.05 -24.19
N ASP HB 82 114.15 8.11 -25.00
CA ASP HB 82 113.36 8.07 -26.21
C ASP HB 82 114.20 8.02 -27.48
N ASN HB 83 115.53 8.07 -27.37
CA ASN HB 83 116.41 8.03 -28.53
C ASN HB 83 117.36 6.85 -28.45
N TYR HB 84 117.06 5.88 -27.60
CA TYR HB 84 117.92 4.73 -27.42
C TYR HB 84 118.03 3.92 -28.71
N VAL HB 85 119.22 3.38 -28.97
CA VAL HB 85 119.52 2.70 -30.22
C VAL HB 85 120.38 1.48 -29.94
N PRO HB 86 119.81 0.27 -29.92
CA PRO HB 86 120.63 -0.94 -29.87
C PRO HB 86 120.91 -1.51 -31.25
N GLU HB 87 121.74 -2.55 -31.33
CA GLU HB 87 121.91 -3.27 -32.58
C GLU HB 87 120.60 -3.91 -32.99
N VAL HB 88 120.34 -3.92 -34.31
CA VAL HB 88 119.00 -4.19 -34.81
C VAL HB 88 118.48 -5.53 -34.31
N SER HB 89 117.26 -5.52 -33.79
CA SER HB 89 116.55 -6.73 -33.41
C SER HB 89 115.22 -6.84 -34.15
N ALA HB 90 114.87 -5.84 -34.96
CA ALA HB 90 113.69 -5.90 -35.79
C ALA HB 90 113.87 -6.77 -37.02
N LEU HB 91 115.10 -7.07 -37.38
CA LEU HB 91 115.38 -7.83 -38.59
C LEU HB 91 114.98 -9.29 -38.48
N ASP HB 92 114.82 -9.82 -37.26
CA ASP HB 92 114.46 -11.22 -37.10
C ASP HB 92 115.41 -12.15 -37.84
N GLN HB 93 116.59 -12.37 -37.26
CA GLN HB 93 117.59 -13.28 -37.82
C GLN HB 93 116.96 -14.64 -38.07
N GLU HB 94 117.71 -15.56 -38.66
CA GLU HB 94 117.18 -16.59 -39.56
C GLU HB 94 116.15 -17.52 -38.93
N ILE HB 95 115.75 -18.56 -39.67
CA ILE HB 95 114.37 -18.82 -40.04
C ILE HB 95 113.35 -18.32 -39.00
N ILE HB 96 112.39 -17.55 -39.50
CA ILE HB 96 111.34 -16.92 -38.72
C ILE HB 96 110.00 -17.42 -39.23
N GLU HB 97 109.07 -17.63 -38.31
CA GLU HB 97 107.81 -18.27 -38.64
C GLU HB 97 107.06 -17.49 -39.70
N VAL HB 98 106.52 -18.22 -40.67
CA VAL HB 98 105.48 -17.72 -41.55
C VAL HB 98 104.41 -18.79 -41.62
N ASP HB 99 103.17 -18.35 -41.57
CA ASP HB 99 102.06 -19.25 -41.61
C ASP HB 99 101.92 -19.84 -43.02
N PRO HB 100 101.34 -21.04 -43.15
CA PRO HB 100 101.43 -21.75 -44.43
C PRO HB 100 100.95 -20.95 -45.64
N ASP HB 101 99.90 -20.15 -45.49
CA ASP HB 101 99.41 -19.38 -46.64
C ASP HB 101 100.24 -18.13 -46.87
N THR HB 102 101.03 -17.70 -45.88
CA THR HB 102 101.85 -16.50 -46.05
C THR HB 102 102.89 -16.68 -47.15
N LYS HB 103 103.54 -17.84 -47.19
CA LYS HB 103 104.51 -18.11 -48.24
C LYS HB 103 103.83 -18.18 -49.60
N GLU HB 104 102.57 -18.62 -49.63
CA GLU HB 104 101.83 -18.66 -50.88
C GLU HB 104 101.59 -17.25 -51.41
N MET HB 105 101.35 -16.29 -50.51
CA MET HB 105 101.35 -14.89 -50.91
C MET HB 105 102.72 -14.49 -51.43
N LEU HB 106 103.78 -15.00 -50.79
CA LEU HB 106 105.14 -14.69 -51.22
C LEU HB 106 105.48 -15.37 -52.54
N LYS HB 107 105.11 -16.64 -52.70
CA LYS HB 107 105.35 -17.32 -53.97
C LYS HB 107 104.52 -16.72 -55.09
N LEU HB 108 103.39 -16.10 -54.75
CA LEU HB 108 102.69 -15.31 -55.77
C LEU HB 108 103.43 -13.99 -56.01
N LEU HB 109 104.10 -13.47 -54.99
CA LEU HB 109 105.03 -12.36 -55.19
C LEU HB 109 106.34 -12.80 -55.82
N ASP HB 110 106.56 -14.11 -55.95
CA ASP HB 110 107.78 -14.68 -56.50
C ASP HB 110 109.00 -14.30 -55.65
N PHE HB 111 108.94 -14.68 -54.37
CA PHE HB 111 110.07 -14.54 -53.46
C PHE HB 111 110.47 -15.92 -52.96
N GLY HB 112 111.77 -16.21 -53.01
CA GLY HB 112 112.30 -17.48 -52.57
C GLY HB 112 112.89 -17.40 -51.17
N SER HB 113 112.36 -16.50 -50.35
CA SER HB 113 112.86 -16.34 -49.00
C SER HB 113 112.66 -17.63 -48.20
N LEU HB 114 113.49 -17.82 -47.19
CA LEU HB 114 113.45 -19.03 -46.36
C LEU HB 114 112.72 -18.73 -45.05
N SER HB 115 111.83 -19.64 -44.67
CA SER HB 115 111.05 -19.50 -43.45
C SER HB 115 110.41 -20.84 -43.11
N ASN HB 116 109.53 -20.83 -42.12
CA ASN HB 116 109.00 -22.05 -41.53
C ASN HB 116 107.66 -22.46 -42.15
N LEU HB 117 107.38 -23.76 -42.08
CA LEU HB 117 106.08 -24.32 -42.38
C LEU HB 117 105.49 -25.01 -41.15
N GLN HB 118 104.27 -24.63 -40.81
CA GLN HB 118 103.44 -25.33 -39.86
C GLN HB 118 102.26 -25.94 -40.61
N VAL HB 119 101.35 -26.54 -39.86
CA VAL HB 119 100.03 -26.91 -40.36
C VAL HB 119 98.99 -26.46 -39.35
N THR HB 120 98.01 -25.69 -39.79
CA THR HB 120 97.00 -25.15 -38.89
C THR HB 120 95.58 -25.20 -39.45
N GLN HB 121 95.38 -25.72 -40.66
CA GLN HB 121 94.06 -25.64 -41.29
C GLN HB 121 92.95 -26.33 -40.51
N PRO HB 122 93.14 -27.51 -39.89
CA PRO HB 122 92.08 -28.04 -39.02
C PRO HB 122 91.68 -27.05 -37.94
N THR HB 123 90.45 -26.52 -38.01
CA THR HB 123 89.99 -25.53 -37.05
C THR HB 123 89.45 -26.21 -35.81
N VAL HB 124 89.90 -25.76 -34.63
CA VAL HB 124 89.58 -26.41 -33.37
C VAL HB 124 89.10 -25.43 -32.31
N GLY HB 125 89.08 -24.14 -32.58
CA GLY HB 125 88.64 -23.17 -31.59
C GLY HB 125 88.96 -21.74 -31.97
N MET HB 126 88.01 -20.84 -31.76
CA MET HB 126 88.09 -19.48 -32.26
C MET HB 126 87.12 -18.63 -31.43
N ASN HB 127 86.68 -17.49 -31.98
CA ASN HB 127 85.85 -16.52 -31.29
C ASN HB 127 84.66 -17.12 -30.56
N PHE HB 128 84.11 -16.37 -29.59
CA PHE HB 128 83.07 -16.86 -28.70
C PHE HB 128 81.76 -16.11 -28.95
N LYS HB 129 80.63 -16.82 -28.85
CA LYS HB 129 79.31 -16.23 -29.11
C LYS HB 129 78.52 -16.08 -27.82
N MET IB 1 74.14 28.96 -70.06
CA MET IB 1 75.54 29.43 -69.85
C MET IB 1 76.06 30.05 -71.16
N GLN IB 2 75.84 31.35 -71.35
CA GLN IB 2 76.30 32.08 -72.57
C GLN IB 2 75.72 33.49 -72.53
N SER IB 3 75.88 34.26 -73.61
CA SER IB 3 75.24 35.60 -73.67
C SER IB 3 74.55 35.76 -75.02
N ASN IB 4 74.06 36.97 -75.31
CA ASN IB 4 73.51 37.29 -76.66
C ASN IB 4 74.67 37.26 -77.66
N ALA IB 5 75.84 37.79 -77.26
CA ALA IB 5 77.03 37.79 -78.14
C ALA IB 5 77.81 36.48 -77.94
N GLY IB 6 77.32 35.61 -77.05
CA GLY IB 6 78.00 34.33 -76.77
C GLY IB 6 79.06 34.47 -75.70
N GLU IB 7 79.20 35.65 -75.11
CA GLU IB 7 80.17 35.87 -74.01
C GLU IB 7 79.72 35.08 -72.79
N PHE IB 8 80.67 34.53 -72.02
CA PHE IB 8 80.27 33.68 -70.87
C PHE IB 8 80.06 34.52 -69.61
N VAL IB 9 78.88 35.15 -69.52
CA VAL IB 9 78.49 35.94 -68.34
C VAL IB 9 78.26 34.95 -67.20
N ASP IB 10 79.32 34.68 -66.44
CA ASP IB 10 79.25 33.76 -65.32
C ASP IB 10 80.35 34.11 -64.36
N LEU IB 11 80.08 33.93 -63.06
CA LEU IB 11 81.08 34.25 -62.05
C LEU IB 11 82.31 33.37 -62.20
N TYR IB 12 82.11 32.08 -62.42
CA TYR IB 12 83.21 31.14 -62.59
C TYR IB 12 82.65 29.82 -63.11
N VAL IB 13 83.51 28.81 -63.18
CA VAL IB 13 83.13 27.45 -63.50
C VAL IB 13 83.52 26.56 -62.31
N PRO IB 14 82.56 26.12 -61.50
CA PRO IB 14 82.91 25.39 -60.28
C PRO IB 14 83.59 24.06 -60.59
N ARG IB 15 84.47 23.67 -59.69
CA ARG IB 15 85.18 22.41 -59.86
C ARG IB 15 84.22 21.23 -59.79
N LYS IB 16 84.57 20.15 -60.47
CA LYS IB 16 83.73 18.97 -60.54
C LYS IB 16 84.50 17.77 -60.01
N CYS IB 17 83.76 16.84 -59.40
CA CYS IB 17 84.38 15.67 -58.79
C CYS IB 17 85.10 14.83 -59.85
N SER IB 18 85.97 13.94 -59.38
CA SER IB 18 86.71 13.05 -60.25
C SER IB 18 86.24 11.61 -60.15
N ALA IB 19 85.13 11.37 -59.44
CA ALA IB 19 84.57 10.03 -59.35
C ALA IB 19 83.06 9.99 -59.57
N SER IB 20 82.38 11.14 -59.51
CA SER IB 20 80.95 11.20 -59.74
C SER IB 20 80.54 12.37 -60.62
N ASN IB 21 81.46 13.21 -61.05
CA ASN IB 21 81.18 14.37 -61.89
C ASN IB 21 80.19 15.33 -61.22
N ARG IB 22 79.97 15.14 -59.93
CA ARG IB 22 79.16 16.04 -59.13
C ARG IB 22 79.90 17.36 -58.97
N ILE IB 23 79.15 18.40 -58.60
CA ILE IB 23 79.70 19.75 -58.51
C ILE IB 23 80.00 20.08 -57.06
N ILE IB 24 81.27 20.31 -56.76
CA ILE IB 24 81.66 20.74 -55.42
C ILE IB 24 81.17 22.17 -55.23
N GLY IB 25 80.18 22.33 -54.36
CA GLY IB 25 79.54 23.62 -54.19
C GLY IB 25 80.46 24.65 -53.59
N ALA IB 26 80.06 25.91 -53.77
CA ALA IB 26 80.84 27.04 -53.30
C ALA IB 26 80.87 27.16 -51.79
N LYS IB 27 80.06 26.40 -51.07
CA LYS IB 27 80.13 26.38 -49.61
C LYS IB 27 80.10 24.94 -49.09
N ASP IB 28 80.73 24.03 -49.84
CA ASP IB 28 81.02 22.70 -49.32
C ASP IB 28 82.37 22.73 -48.64
N HIS IB 29 82.55 21.83 -47.67
CA HIS IB 29 83.78 21.88 -46.87
C HIS IB 29 84.45 20.53 -46.67
N ALA IB 30 83.78 19.42 -46.95
CA ALA IB 30 84.42 18.12 -46.88
C ALA IB 30 85.10 17.74 -48.19
N SER IB 31 85.03 18.59 -49.20
CA SER IB 31 85.51 18.28 -50.53
C SER IB 31 86.87 18.92 -50.76
N ILE IB 32 87.81 18.15 -51.30
CA ILE IB 32 89.22 18.52 -51.30
C ILE IB 32 89.83 18.40 -52.69
N PRO IB 33 90.74 19.31 -53.06
CA PRO IB 33 91.70 18.99 -54.12
C PRO IB 33 92.95 18.36 -53.53
N MET IB 34 93.44 17.32 -54.18
CA MET IB 34 94.59 16.58 -53.71
C MET IB 34 95.63 16.50 -54.82
N ASN IB 35 96.90 16.45 -54.42
CA ASN IB 35 98.00 16.43 -55.36
C ASN IB 35 98.92 15.25 -55.10
N VAL IB 36 99.25 14.51 -56.16
CA VAL IB 36 100.16 13.37 -56.10
C VAL IB 36 101.34 13.69 -57.01
N ALA IB 37 102.54 13.70 -56.45
CA ALA IB 37 103.72 14.07 -57.22
C ALA IB 37 104.04 12.99 -58.26
N GLU IB 38 105.08 13.27 -59.06
CA GLU IB 38 105.61 12.31 -60.01
C GLU IB 38 107.03 11.92 -59.64
N VAL IB 39 107.55 10.93 -60.35
CA VAL IB 39 108.98 10.62 -60.34
C VAL IB 39 109.41 10.39 -61.78
N ASP IB 40 110.70 10.63 -62.06
CA ASP IB 40 111.19 10.47 -63.41
C ASP IB 40 111.22 9.02 -63.87
N LYS IB 41 110.94 8.08 -62.96
CA LYS IB 41 110.88 6.64 -63.25
C LYS IB 41 112.23 6.10 -63.72
N VAL IB 42 113.31 6.84 -63.47
CA VAL IB 42 114.64 6.30 -63.60
C VAL IB 42 115.47 6.47 -62.34
N THR IB 43 115.18 7.45 -61.48
CA THR IB 43 115.84 7.60 -60.19
C THR IB 43 114.88 7.79 -59.03
N GLY IB 44 113.57 7.87 -59.27
CA GLY IB 44 112.59 8.02 -58.22
C GLY IB 44 112.46 9.41 -57.67
N ARG IB 45 113.32 10.34 -58.03
CA ARG IB 45 113.27 11.68 -57.46
C ARG IB 45 112.04 12.43 -57.94
N PHE IB 46 111.57 13.36 -57.09
CA PHE IB 46 110.38 14.14 -57.36
C PHE IB 46 110.53 14.92 -58.65
N ASN IB 47 109.75 14.56 -59.66
CA ASN IB 47 109.86 15.17 -60.98
C ASN IB 47 108.88 16.32 -61.16
N GLY IB 48 108.82 17.23 -60.21
CA GLY IB 48 108.16 18.50 -60.43
C GLY IB 48 106.66 18.45 -60.53
N GLN IB 49 106.14 17.80 -61.57
CA GLN IB 49 104.74 17.89 -61.95
C GLN IB 49 103.82 17.28 -60.89
N SER IB 50 102.52 17.45 -61.10
CA SER IB 50 101.52 17.08 -60.06
C SER IB 50 100.30 16.42 -60.71
N LYS IB 51 99.65 15.51 -59.97
CA LYS IB 51 98.41 14.90 -60.39
C LYS IB 51 97.32 15.45 -59.48
N THR IB 52 96.27 16.01 -60.08
CA THR IB 52 95.20 16.67 -59.34
C THR IB 52 94.00 15.75 -59.22
N TYR IB 53 93.30 15.85 -58.10
CA TYR IB 53 92.12 15.06 -57.83
C TYR IB 53 91.11 15.90 -57.07
N ALA IB 54 89.86 15.46 -57.07
CA ALA IB 54 88.81 16.07 -56.26
C ALA IB 54 87.84 15.01 -55.81
N ILE IB 55 87.22 15.23 -54.65
CA ILE IB 55 86.26 14.32 -54.06
C ILE IB 55 85.17 15.14 -53.41
N CYS IB 56 83.92 14.89 -53.79
CA CYS IB 56 82.81 15.63 -53.21
C CYS IB 56 82.58 15.19 -51.77
N GLY IB 57 82.06 16.12 -50.96
CA GLY IB 57 81.94 15.86 -49.54
C GLY IB 57 80.99 14.73 -49.21
N ALA IB 58 80.19 14.31 -50.19
CA ALA IB 58 79.31 13.17 -49.97
C ALA IB 58 80.09 11.85 -49.97
N ILE IB 59 81.08 11.73 -50.85
CA ILE IB 59 81.83 10.49 -50.95
C ILE IB 59 82.60 10.21 -49.67
N ARG IB 60 83.30 11.23 -49.15
CA ARG IB 60 84.12 10.99 -47.97
C ARG IB 60 83.27 10.56 -46.78
N ARG IB 61 82.02 11.03 -46.71
CA ARG IB 61 81.14 10.59 -45.63
C ARG IB 61 80.71 9.15 -45.82
N MET IB 62 80.60 8.69 -47.07
CA MET IB 62 80.25 7.31 -47.35
C MET IB 62 81.46 6.39 -47.25
N GLY IB 63 82.66 6.95 -47.14
CA GLY IB 63 83.86 6.14 -47.01
C GLY IB 63 84.48 5.67 -48.30
N GLU IB 64 83.99 6.16 -49.44
CA GLU IB 64 84.52 5.76 -50.74
C GLU IB 64 85.53 6.73 -51.30
N SER IB 65 86.22 7.49 -50.44
CA SER IB 65 87.22 8.43 -50.94
C SER IB 65 88.44 7.68 -51.49
N ASP IB 66 88.91 6.66 -50.76
CA ASP IB 66 90.12 5.96 -51.18
C ASP IB 66 89.85 5.06 -52.38
N ASP IB 67 88.71 4.37 -52.39
CA ASP IB 67 88.41 3.48 -53.50
C ASP IB 67 88.26 4.25 -54.80
N SER IB 68 88.09 5.57 -54.72
CA SER IB 68 87.99 6.37 -55.93
C SER IB 68 89.34 6.96 -56.31
N ILE IB 69 90.16 7.33 -55.32
CA ILE IB 69 91.55 7.71 -55.62
C ILE IB 69 92.27 6.53 -56.26
N LEU IB 70 92.04 5.32 -55.75
CA LEU IB 70 92.73 4.15 -56.27
C LEU IB 70 92.39 3.92 -57.74
N ARG IB 71 91.10 3.86 -58.07
CA ARG IB 71 90.71 3.57 -59.44
C ARG IB 71 91.22 4.66 -60.39
N LEU IB 72 91.28 5.91 -59.91
CA LEU IB 72 91.85 6.97 -60.73
C LEU IB 72 93.35 6.80 -60.88
N ALA IB 73 94.01 6.28 -59.84
CA ALA IB 73 95.46 6.12 -59.91
C ALA IB 73 95.85 4.94 -60.79
N LYS IB 74 95.06 3.87 -60.78
CA LYS IB 74 95.35 2.74 -61.66
C LYS IB 74 95.18 3.12 -63.11
N SER IB 75 94.16 3.94 -63.41
CA SER IB 75 93.92 4.33 -64.80
C SER IB 75 94.98 5.28 -65.31
N HIS IB 76 95.49 6.16 -64.45
CA HIS IB 76 96.42 7.20 -64.86
C HIS IB 76 97.88 6.78 -64.73
N GLY IB 77 98.16 5.50 -64.53
CA GLY IB 77 99.53 5.05 -64.51
C GLY IB 77 100.35 5.53 -63.34
N ILE IB 78 99.77 5.58 -62.14
CA ILE IB 78 100.56 5.80 -60.93
C ILE IB 78 100.82 4.49 -60.20
N VAL IB 79 99.78 3.69 -59.99
CA VAL IB 79 99.93 2.33 -59.49
C VAL IB 79 99.48 1.38 -60.60
N SER IB 80 100.36 0.45 -60.96
CA SER IB 80 100.07 -0.51 -62.02
C SER IB 80 100.20 -1.94 -61.55
N GLN IB 81 100.70 -2.16 -60.35
CA GLN IB 81 100.92 -3.50 -59.84
C GLN IB 81 99.60 -4.10 -59.35
N ASN IB 82 99.38 -5.35 -59.72
CA ASN IB 82 98.13 -6.06 -59.45
C ASN IB 82 98.31 -6.93 -58.22
N PHE IB 83 97.27 -7.70 -57.88
CA PHE IB 83 97.36 -8.66 -56.79
C PHE IB 83 98.28 -9.82 -57.11
N PRO JB 1 60.29 23.23 76.90
CA PRO JB 1 59.67 23.21 78.23
C PRO JB 1 58.16 23.08 78.16
N GLU JB 2 57.48 23.33 79.28
CA GLU JB 2 56.04 23.21 79.32
C GLU JB 2 55.38 24.24 78.41
N LYS JB 3 54.14 23.97 78.02
CA LYS JB 3 53.34 24.92 77.26
C LYS JB 3 52.73 25.92 78.23
N PHE JB 4 53.34 27.11 78.32
CA PHE JB 4 52.85 28.15 79.23
C PHE JB 4 51.93 29.13 78.51
N GLN JB 5 52.43 29.79 77.47
CA GLN JB 5 51.75 30.94 76.87
C GLN JB 5 51.72 30.83 75.36
N HIS JB 6 51.29 29.66 74.86
CA HIS JB 6 51.07 29.49 73.43
C HIS JB 6 49.70 30.03 73.05
N ILE JB 7 49.18 29.64 71.89
CA ILE JB 7 48.28 30.47 71.07
C ILE JB 7 47.29 31.26 71.91
N LEU JB 8 47.18 32.55 71.61
CA LEU JB 8 46.47 33.50 72.46
C LEU JB 8 45.78 34.52 71.56
N ARG JB 9 45.18 35.52 72.18
CA ARG JB 9 44.50 36.59 71.48
C ARG JB 9 44.99 37.95 71.98
N VAL JB 10 45.11 38.90 71.06
CA VAL JB 10 45.49 40.28 71.41
C VAL JB 10 44.98 41.20 70.32
N LEU JB 11 44.47 42.37 70.74
CA LEU JB 11 43.81 43.32 69.83
C LEU JB 11 42.74 42.64 69.00
N ASN JB 12 42.18 41.55 69.54
CA ASN JB 12 41.22 40.71 68.84
C ASN JB 12 41.84 40.08 67.59
N THR JB 13 43.16 39.89 67.61
CA THR JB 13 43.87 39.26 66.52
C THR JB 13 44.72 38.13 67.06
N ASN JB 14 44.50 36.93 66.53
CA ASN JB 14 45.23 35.74 66.98
C ASN JB 14 46.73 35.94 66.92
N ILE JB 15 47.46 35.14 67.69
CA ILE JB 15 48.92 35.13 67.67
C ILE JB 15 49.37 33.69 67.48
N ASP JB 16 50.25 33.48 66.51
CA ASP JB 16 50.75 32.13 66.23
C ASP JB 16 51.75 31.75 67.30
N GLY JB 17 51.27 31.08 68.35
CA GLY JB 17 52.11 30.79 69.50
C GLY JB 17 53.33 29.94 69.19
N ARG JB 18 53.29 29.17 68.11
CA ARG JB 18 54.41 28.29 67.81
C ARG JB 18 55.66 29.06 67.40
N ARG JB 19 55.50 30.08 66.56
CA ARG JB 19 56.63 30.69 65.89
C ARG JB 19 57.42 31.58 66.85
N LYS JB 20 58.40 32.30 66.29
CA LYS JB 20 59.12 33.31 67.05
C LYS JB 20 58.18 34.46 67.41
N ILE JB 21 58.52 35.16 68.49
CA ILE JB 21 57.68 36.27 68.93
C ILE JB 21 57.69 37.39 67.90
N ALA JB 22 58.82 37.60 67.23
CA ALA JB 22 58.96 38.77 66.37
C ALA JB 22 57.95 38.74 65.23
N PHE JB 23 57.90 37.62 64.50
CA PHE JB 23 56.96 37.52 63.39
C PHE JB 23 55.57 37.10 63.81
N ALA JB 24 55.41 36.56 65.03
CA ALA JB 24 54.07 36.31 65.55
C ALA JB 24 53.32 37.62 65.73
N ILE JB 25 54.00 38.65 66.20
CA ILE JB 25 53.41 39.98 66.31
C ILE JB 25 52.87 40.45 64.97
N THR JB 26 53.59 40.11 63.89
CA THR JB 26 53.20 40.55 62.55
C THR JB 26 51.90 39.93 62.07
N ALA JB 27 51.38 38.92 62.76
CA ALA JB 27 50.07 38.37 62.41
C ALA JB 27 48.97 39.41 62.54
N ILE JB 28 49.22 40.48 63.29
CA ILE JB 28 48.25 41.56 63.39
C ILE JB 28 48.33 42.42 62.13
N LYS JB 29 47.20 43.03 61.76
CA LYS JB 29 47.26 44.03 60.71
C LYS JB 29 48.03 45.24 61.19
N GLY JB 30 48.28 46.19 60.29
CA GLY JB 30 48.93 47.42 60.66
C GLY JB 30 50.33 47.28 61.20
N VAL JB 31 50.87 46.06 61.31
CA VAL JB 31 52.22 45.83 61.80
C VAL JB 31 52.95 44.93 60.81
N GLY JB 32 54.23 45.20 60.61
CA GLY JB 32 55.04 44.40 59.70
C GLY JB 32 56.29 43.85 60.35
N ARG JB 33 57.20 43.32 59.53
CA ARG JB 33 58.39 42.67 60.06
C ARG JB 33 59.28 43.67 60.81
N ARG JB 34 59.39 44.89 60.30
CA ARG JB 34 60.27 45.87 60.91
C ARG JB 34 59.64 46.48 62.16
N TYR JB 35 58.40 46.94 62.06
CA TYR JB 35 57.73 47.55 63.21
C TYR JB 35 57.69 46.57 64.38
N ALA JB 36 57.51 45.29 64.09
CA ALA JB 36 57.63 44.28 65.15
C ALA JB 36 59.05 44.25 65.70
N HIS JB 37 60.05 44.34 64.82
CA HIS JB 37 61.43 44.15 65.26
C HIS JB 37 61.93 45.30 66.10
N VAL JB 38 61.29 46.47 66.01
CA VAL JB 38 61.76 47.60 66.79
C VAL JB 38 61.11 47.63 68.17
N VAL JB 39 59.81 47.34 68.25
CA VAL JB 39 59.14 47.37 69.55
C VAL JB 39 59.69 46.29 70.46
N LEU JB 40 60.09 45.14 69.89
CA LEU JB 40 60.78 44.13 70.68
C LEU JB 40 62.05 44.69 71.30
N ARG JB 41 62.76 45.52 70.55
CA ARG JB 41 63.98 46.13 71.08
C ARG JB 41 63.67 47.09 72.22
N LYS JB 42 62.60 47.87 72.10
CA LYS JB 42 62.30 48.89 73.09
C LYS JB 42 61.63 48.32 74.34
N ALA JB 43 61.12 47.09 74.26
CA ALA JB 43 60.66 46.40 75.46
C ALA JB 43 61.79 45.64 76.15
N ASP JB 44 62.98 45.60 75.53
CA ASP JB 44 64.15 44.95 76.11
C ASP JB 44 63.92 43.46 76.31
N ILE JB 45 63.57 42.77 75.23
CA ILE JB 45 63.23 41.35 75.23
C ILE JB 45 64.16 40.63 74.27
N ASP JB 46 64.65 39.47 74.70
CA ASP JB 46 65.45 38.63 73.81
C ASP JB 46 64.59 38.08 72.69
N LEU JB 47 65.03 38.25 71.45
CA LEU JB 47 64.27 37.76 70.31
C LEU JB 47 64.25 36.23 70.26
N THR JB 48 65.17 35.58 70.96
CA THR JB 48 65.40 34.14 70.85
C THR JB 48 64.50 33.33 71.78
N LYS JB 49 63.35 33.87 72.18
CA LYS JB 49 62.36 33.13 72.95
C LYS JB 49 61.09 33.00 72.11
N ARG JB 50 60.58 31.79 72.00
CA ARG JB 50 59.35 31.55 71.26
C ARG JB 50 58.17 32.22 71.96
N ALA JB 51 57.00 32.16 71.35
CA ALA JB 51 55.82 32.79 71.93
C ALA JB 51 55.27 32.02 73.13
N GLY JB 52 55.55 30.74 73.24
CA GLY JB 52 55.11 29.98 74.40
C GLY JB 52 55.87 30.29 75.67
N GLU JB 53 56.96 31.03 75.52
CA GLU JB 53 57.71 31.61 76.63
C GLU JB 53 56.98 32.86 77.10
N LEU JB 54 57.73 33.84 77.63
CA LEU JB 54 57.33 34.85 78.59
C LEU JB 54 55.85 35.23 78.65
N THR JB 55 55.33 35.28 79.87
CA THR JB 55 53.91 35.43 80.15
C THR JB 55 53.47 36.86 79.88
N GLU JB 56 52.22 37.16 80.26
CA GLU JB 56 51.62 38.47 79.98
C GLU JB 56 52.39 39.63 80.58
N ASP JB 57 53.18 39.38 81.63
CA ASP JB 57 53.86 40.47 82.33
C ASP JB 57 54.76 41.26 81.38
N GLU JB 58 55.22 40.61 80.31
CA GLU JB 58 56.06 41.31 79.34
C GLU JB 58 55.24 41.82 78.15
N VAL JB 59 54.30 41.02 77.65
CA VAL JB 59 53.52 41.48 76.51
C VAL JB 59 52.66 42.68 76.91
N GLU JB 60 52.33 42.79 78.20
CA GLU JB 60 51.59 43.97 78.67
C GLU JB 60 52.35 45.25 78.37
N ARG JB 61 53.68 45.18 78.34
CA ARG JB 61 54.47 46.30 77.86
C ARG JB 61 54.21 46.55 76.38
N VAL JB 62 54.27 45.48 75.59
CA VAL JB 62 54.24 45.63 74.13
C VAL JB 62 52.91 46.20 73.66
N ILE JB 63 51.81 45.74 74.25
CA ILE JB 63 50.49 46.11 73.75
C ILE JB 63 50.29 47.62 73.86
N THR JB 64 50.75 48.21 74.95
CA THR JB 64 50.63 49.66 75.11
C THR JB 64 51.63 50.40 74.25
N ILE JB 65 52.88 49.90 74.19
CA ILE JB 65 53.89 50.54 73.36
C ILE JB 65 53.45 50.58 71.91
N MET JB 66 52.93 49.44 71.42
CA MET JB 66 52.48 49.36 70.04
C MET JB 66 51.34 50.32 69.77
N GLN JB 67 50.43 50.47 70.72
CA GLN JB 67 49.29 51.36 70.51
C GLN JB 67 49.74 52.81 70.38
N ASN JB 68 50.68 53.25 71.22
CA ASN JB 68 51.17 54.62 71.22
C ASN JB 68 52.68 54.65 70.93
N PRO JB 69 53.08 54.75 69.66
CA PRO JB 69 54.51 54.79 69.36
C PRO JB 69 55.27 56.01 69.84
N ARG JB 70 54.63 57.17 69.84
CA ARG JB 70 55.38 58.41 70.06
C ARG JB 70 55.97 58.47 71.47
N GLN JB 71 55.31 57.84 72.44
CA GLN JB 71 55.70 57.99 73.84
C GLN JB 71 57.06 57.39 74.16
N TYR JB 72 57.62 56.53 73.30
CA TYR JB 72 58.85 55.82 73.62
C TYR JB 72 59.97 56.13 72.63
N LYS JB 73 60.06 57.38 72.20
CA LYS JB 73 61.13 57.84 71.31
C LYS JB 73 61.22 56.96 70.06
N ILE JB 74 60.08 56.51 69.58
CA ILE JB 74 60.05 55.78 68.30
C ILE JB 74 60.14 56.79 67.16
N PRO JB 75 61.14 56.69 66.29
CA PRO JB 75 61.23 57.62 65.17
C PRO JB 75 59.92 57.64 64.39
N ASP JB 76 59.35 58.84 64.26
CA ASP JB 76 58.01 58.95 63.70
C ASP JB 76 57.96 58.51 62.24
N TRP JB 77 59.12 58.39 61.57
CA TRP JB 77 59.09 57.98 60.17
C TRP JB 77 58.73 56.52 59.97
N PHE JB 78 58.72 55.71 61.03
CA PHE JB 78 58.12 54.38 60.92
C PHE JB 78 56.60 54.45 60.76
N LEU JB 79 55.97 55.46 61.35
CA LEU JB 79 54.53 55.46 61.50
C LEU JB 79 53.83 55.58 60.14
N ASN JB 80 52.75 54.83 59.99
CA ASN JB 80 52.06 54.72 58.71
C ASN JB 80 50.90 55.70 58.57
N ARG JB 81 50.62 56.51 59.58
CA ARG JB 81 49.57 57.53 59.49
C ARG JB 81 50.17 58.79 60.10
N GLN JB 82 50.82 59.58 59.25
CA GLN JB 82 51.46 60.82 59.66
C GLN JB 82 50.85 61.96 58.86
N LYS JB 83 50.51 63.05 59.55
CA LYS JB 83 50.03 64.26 58.90
C LYS JB 83 48.79 64.00 58.07
N ASP JB 84 47.89 63.16 58.60
CA ASP JB 84 46.68 62.82 57.86
C ASP JB 84 45.75 64.02 57.76
N VAL JB 85 44.93 64.04 56.71
CA VAL JB 85 43.96 65.10 56.49
C VAL JB 85 42.83 64.99 57.52
N LYS JB 86 42.91 63.97 58.38
CA LYS JB 86 42.11 63.95 59.59
C LYS JB 86 42.81 64.81 60.63
N ASP JB 87 42.39 64.71 61.89
CA ASP JB 87 43.17 65.29 62.97
C ASP JB 87 44.58 64.72 62.94
N GLY JB 88 45.58 65.60 63.00
CA GLY JB 88 46.93 65.21 62.69
C GLY JB 88 47.57 64.30 63.72
N LYS JB 89 46.97 63.14 63.96
CA LYS JB 89 47.47 62.19 64.94
C LYS JB 89 48.55 61.32 64.31
N TYR JB 90 49.79 61.47 64.77
CA TYR JB 90 50.94 60.73 64.25
C TYR JB 90 51.08 59.45 65.07
N SER JB 91 50.41 58.39 64.64
CA SER JB 91 50.45 57.15 65.39
C SER JB 91 50.31 55.94 64.48
N GLN JB 92 51.06 54.89 64.80
CA GLN JB 92 50.82 53.58 64.22
C GLN JB 92 49.38 53.17 64.51
N VAL JB 93 48.78 52.44 63.58
CA VAL JB 93 47.41 52.00 63.78
C VAL JB 93 47.48 50.48 63.85
N LEU JB 94 46.33 49.81 64.00
CA LEU JB 94 46.26 48.43 64.46
C LEU JB 94 45.11 47.69 63.79
N ALA JB 95 44.55 46.68 64.45
CA ALA JB 95 43.50 45.86 63.88
C ALA JB 95 42.27 46.70 63.56
N ASN JB 96 41.19 46.05 63.15
CA ASN JB 96 40.21 46.57 62.19
C ASN JB 96 39.90 48.06 62.30
N GLY JB 97 40.15 48.69 63.45
CA GLY JB 97 40.13 50.14 63.51
C GLY JB 97 40.88 50.78 62.36
N LEU JB 98 41.96 50.15 61.89
CA LEU JB 98 42.72 50.70 60.76
C LEU JB 98 41.91 50.65 59.47
N ASP JB 99 41.33 49.49 59.16
CA ASP JB 99 40.55 49.38 57.94
C ASP JB 99 39.41 50.39 57.93
N ASN JB 100 38.93 50.79 59.10
CA ASN JB 100 38.00 51.90 59.18
C ASN JB 100 38.59 53.14 58.52
N LYS JB 101 39.85 53.46 58.84
CA LYS JB 101 40.50 54.60 58.20
C LYS JB 101 40.53 54.43 56.68
N LEU JB 102 40.84 53.21 56.22
CA LEU JB 102 40.88 52.97 54.78
C LEU JB 102 39.51 53.20 54.15
N ARG JB 103 38.46 52.73 54.82
CA ARG JB 103 37.10 53.03 54.36
C ARG JB 103 36.85 54.53 54.40
N GLU JB 104 37.34 55.21 55.44
CA GLU JB 104 37.12 56.64 55.59
C GLU JB 104 37.81 57.41 54.47
N ASP JB 105 39.11 57.18 54.28
CA ASP JB 105 39.86 57.97 53.31
C ASP JB 105 39.36 57.72 51.88
N LEU JB 106 39.07 56.47 51.54
CA LEU JB 106 38.42 56.21 50.26
C LEU JB 106 37.08 56.92 50.18
N GLU JB 107 36.31 56.89 51.27
CA GLU JB 107 35.05 57.61 51.30
C GLU JB 107 35.29 59.09 51.11
N ARG JB 108 36.36 59.62 51.71
CA ARG JB 108 36.70 61.03 51.54
C ARG JB 108 36.86 61.38 50.07
N LEU JB 109 37.53 60.52 49.30
CA LEU JB 109 37.60 60.71 47.86
C LEU JB 109 36.20 60.62 47.24
N LYS JB 110 35.41 59.65 47.70
CA LYS JB 110 34.07 59.42 47.17
C LYS JB 110 33.03 60.35 47.76
N LYS JB 111 33.32 61.02 48.87
CA LYS JB 111 32.41 62.05 49.37
C LYS JB 111 32.62 63.36 48.63
N ILE JB 112 33.84 63.63 48.18
CA ILE JB 112 34.15 64.86 47.47
C ILE JB 112 34.10 64.65 45.96
N ARG JB 113 34.04 63.39 45.51
CA ARG JB 113 34.04 63.02 44.09
C ARG JB 113 35.35 63.43 43.42
N ALA JB 114 36.44 62.84 43.89
CA ALA JB 114 37.76 63.06 43.33
C ALA JB 114 38.07 61.99 42.28
N HIS JB 115 39.26 62.09 41.67
CA HIS JB 115 39.64 61.18 40.60
C HIS JB 115 39.85 59.77 41.11
N ARG JB 116 40.68 59.60 42.16
CA ARG JB 116 41.00 58.26 42.62
C ARG JB 116 39.77 57.52 43.10
N GLY JB 117 38.93 58.17 43.91
CA GLY JB 117 37.72 57.52 44.35
C GLY JB 117 36.82 57.12 43.20
N LEU JB 118 36.76 57.97 42.17
CA LEU JB 118 35.90 57.68 41.04
C LEU JB 118 36.30 56.38 40.36
N ARG JB 119 37.59 56.04 40.42
CA ARG JB 119 38.01 54.73 39.91
C ARG JB 119 37.76 53.63 40.93
N HIS JB 120 37.99 53.87 42.22
CA HIS JB 120 37.64 52.87 43.24
C HIS JB 120 36.16 52.56 43.21
N PHE JB 121 35.33 53.54 42.84
CA PHE JB 121 33.90 53.30 42.74
C PHE JB 121 33.62 52.23 41.69
N TRP JB 122 34.54 52.04 40.75
CA TRP JB 122 34.46 50.96 39.77
C TRP JB 122 35.40 49.81 40.06
N GLY JB 123 36.45 50.04 40.85
CA GLY JB 123 37.35 48.96 41.22
C GLY JB 123 38.47 48.68 40.24
N LEU JB 124 38.65 49.52 39.23
CA LEU JB 124 39.75 49.34 38.29
C LEU JB 124 41.05 49.87 38.90
N ARG JB 125 42.10 49.94 38.09
CA ARG JB 125 43.40 50.41 38.55
C ARG JB 125 43.37 51.91 38.77
N VAL JB 126 43.90 52.35 39.92
CA VAL JB 126 43.85 53.76 40.29
C VAL JB 126 45.21 54.43 40.19
N ARG JB 127 46.31 53.67 40.27
CA ARG JB 127 47.64 54.24 40.21
C ARG JB 127 48.07 54.63 38.80
N GLY JB 128 47.14 54.62 37.84
CA GLY JB 128 47.49 54.97 36.47
C GLY JB 128 48.31 53.93 35.72
N GLN JB 129 48.00 52.65 35.91
CA GLN JB 129 48.54 51.60 35.07
C GLN JB 129 47.64 51.36 33.87
N HIS JB 130 47.89 50.29 33.14
CA HIS JB 130 47.12 49.92 31.97
C HIS JB 130 46.24 48.72 32.28
N THR JB 131 45.40 48.35 31.32
CA THR JB 131 44.67 47.11 31.41
C THR JB 131 44.59 46.43 30.03
N LYS JB 132 45.59 46.65 29.18
CA LYS JB 132 45.60 46.00 27.86
C LYS JB 132 45.64 44.49 28.00
N THR JB 133 46.61 43.98 28.76
CA THR JB 133 46.72 42.55 29.02
C THR JB 133 46.41 42.18 30.46
N THR JB 134 46.94 42.93 31.43
CA THR JB 134 46.67 42.62 32.82
C THR JB 134 45.27 43.08 33.20
N GLY JB 135 44.92 42.89 34.47
CA GLY JB 135 43.59 43.18 34.95
C GLY JB 135 42.70 41.96 35.07
N ARG JB 136 43.09 40.84 34.48
CA ARG JB 136 42.35 39.60 34.55
C ARG JB 136 43.12 38.61 35.41
N ARG JB 137 42.45 38.02 36.40
CA ARG JB 137 43.11 37.12 37.34
C ARG JB 137 43.36 35.72 36.76
N VAL KB 1 103.85 39.34 64.16
CA VAL KB 1 102.76 39.01 63.26
C VAL KB 1 102.23 40.29 62.65
N THR KB 2 101.30 40.15 61.70
CA THR KB 2 100.66 41.29 61.06
C THR KB 2 99.28 40.85 60.60
N VAL KB 3 98.40 41.83 60.40
CA VAL KB 3 97.03 41.58 59.97
C VAL KB 3 96.98 40.72 58.70
N LYS KB 4 98.01 40.79 57.88
CA LYS KB 4 98.07 40.10 56.59
C LYS KB 4 98.47 38.62 56.73
N ASP KB 5 98.35 38.06 57.94
CA ASP KB 5 98.62 36.63 58.12
C ASP KB 5 97.53 35.93 58.93
N VAL KB 6 96.36 36.54 59.12
CA VAL KB 6 95.34 36.00 60.00
C VAL KB 6 93.99 36.00 59.29
N ASN KB 7 93.05 35.22 59.83
CA ASN KB 7 91.71 35.12 59.26
C ASN KB 7 90.96 36.42 59.48
N GLN KB 8 90.47 37.01 58.39
CA GLN KB 8 89.79 38.29 58.50
C GLN KB 8 88.38 38.15 59.07
N GLN KB 9 87.66 37.09 58.71
CA GLN KB 9 86.27 36.96 59.12
C GLN KB 9 86.15 36.82 60.64
N GLU KB 10 87.11 36.15 61.27
CA GLU KB 10 87.15 36.08 62.72
C GLU KB 10 87.87 37.28 63.33
N PHE KB 11 88.74 37.95 62.55
CA PHE KB 11 89.42 39.13 63.04
C PHE KB 11 88.44 40.24 63.40
N VAL KB 12 87.45 40.48 62.54
CA VAL KB 12 86.49 41.53 62.82
C VAL KB 12 85.67 41.20 64.06
N ARG KB 13 85.40 39.91 64.29
CA ARG KB 13 84.77 39.51 65.54
C ARG KB 13 85.69 39.77 66.73
N ALA KB 14 86.99 39.54 66.54
CA ALA KB 14 87.94 39.79 67.62
C ALA KB 14 87.92 41.26 68.04
N LEU KB 15 87.96 42.17 67.06
CA LEU KB 15 87.94 43.58 67.40
C LEU KB 15 86.57 44.00 67.94
N ALA KB 16 85.52 43.24 67.59
CA ALA KB 16 84.21 43.51 68.16
C ALA KB 16 84.20 43.25 69.66
N ALA KB 17 85.19 42.50 70.16
CA ALA KB 17 85.38 42.39 71.60
C ALA KB 17 86.02 43.65 72.15
N PHE KB 18 86.97 44.21 71.41
CA PHE KB 18 87.75 45.33 71.93
C PHE KB 18 86.89 46.59 72.11
N LEU KB 19 86.02 46.89 71.14
CA LEU KB 19 85.23 48.11 71.27
C LEU KB 19 84.09 47.92 72.26
N LYS KB 20 83.78 46.67 72.62
CA LYS KB 20 82.92 46.43 73.76
C LYS KB 20 83.69 46.61 75.07
N LYS KB 21 84.99 46.34 75.06
CA LYS KB 21 85.80 46.53 76.26
C LYS KB 21 86.09 48.00 76.51
N SER KB 22 86.43 48.73 75.45
CA SER KB 22 86.53 50.18 75.59
C SER KB 22 85.18 50.79 75.91
N GLY KB 23 84.17 50.47 75.09
CA GLY KB 23 82.79 50.80 75.40
C GLY KB 23 82.52 52.25 75.68
N LYS KB 24 83.26 53.15 75.04
CA LYS KB 24 83.07 54.57 75.26
C LYS KB 24 83.14 55.40 73.99
N LEU KB 25 83.30 54.78 72.82
CA LEU KB 25 83.45 55.53 71.58
C LEU KB 25 82.25 56.43 71.39
N LYS KB 26 81.12 55.79 71.09
CA LYS KB 26 79.78 56.34 71.04
C LYS KB 26 78.89 55.21 70.57
N VAL KB 27 77.60 55.32 70.88
CA VAL KB 27 76.58 54.50 70.23
C VAL KB 27 75.44 55.45 69.87
N PRO KB 28 75.17 55.66 68.59
CA PRO KB 28 74.20 56.69 68.20
C PRO KB 28 72.81 56.39 68.73
N GLU KB 29 72.06 57.47 68.95
CA GLU KB 29 70.71 57.35 69.50
C GLU KB 29 69.79 56.57 68.58
N TRP KB 30 70.16 56.39 67.31
CA TRP KB 30 69.31 55.76 66.31
C TRP KB 30 69.68 54.32 65.99
N VAL KB 31 70.61 53.71 66.73
CA VAL KB 31 71.02 52.35 66.41
C VAL KB 31 69.85 51.38 66.46
N ASP KB 32 68.76 51.74 67.15
CA ASP KB 32 67.61 50.87 67.22
C ASP KB 32 66.96 50.68 65.86
N THR KB 33 66.82 51.75 65.10
CA THR KB 33 65.80 51.82 64.06
C THR KB 33 66.34 52.01 62.65
N VAL KB 34 67.65 52.19 62.47
CA VAL KB 34 68.17 52.36 61.12
C VAL KB 34 68.39 51.02 60.44
N LYS KB 35 68.65 51.05 59.14
CA LYS KB 35 68.64 49.88 58.28
C LYS KB 35 70.02 49.46 57.80
N LEU KB 36 71.03 50.33 57.94
CA LEU KB 36 72.43 50.09 57.57
C LEU KB 36 72.64 50.18 56.06
N ALA KB 37 71.55 50.32 55.31
CA ALA KB 37 71.62 50.53 53.86
C ALA KB 37 70.23 50.88 53.38
N LYS KB 38 70.12 51.27 52.11
CA LYS KB 38 68.83 51.60 51.55
C LYS KB 38 68.18 50.43 50.82
N HIS KB 39 68.85 49.28 50.74
CA HIS KB 39 68.34 48.17 49.97
C HIS KB 39 67.85 47.00 50.83
N LYS KB 40 68.31 46.90 52.07
CA LYS KB 40 67.89 45.83 52.96
C LYS KB 40 66.42 46.01 53.33
N GLU KB 41 65.81 44.92 53.78
CA GLU KB 41 64.41 44.95 54.19
C GLU KB 41 64.22 44.76 55.69
N LEU KB 42 65.30 44.60 56.44
CA LEU KB 42 65.18 44.28 57.87
C LEU KB 42 66.49 44.61 58.56
N ALA KB 43 66.40 45.34 59.66
CA ALA KB 43 67.58 45.76 60.41
C ALA KB 43 68.29 44.54 61.00
N PRO KB 44 69.59 44.65 61.31
CA PRO KB 44 70.35 43.48 61.74
C PRO KB 44 69.77 42.81 62.97
N TYR KB 45 69.89 41.49 63.00
CA TYR KB 45 69.42 40.73 64.15
C TYR KB 45 70.23 41.07 65.40
N ASP KB 46 71.54 41.23 65.24
CA ASP KB 46 72.38 41.62 66.36
C ASP KB 46 72.24 43.11 66.63
N GLU KB 47 71.84 43.46 67.84
CA GLU KB 47 71.64 44.87 68.19
C GLU KB 47 72.95 45.60 68.46
N ASN KB 48 74.02 44.87 68.76
CA ASN KB 48 75.31 45.45 69.11
C ASN KB 48 76.24 45.50 67.91
N TRP KB 49 75.68 45.78 66.75
CA TRP KB 49 76.41 45.73 65.48
C TRP KB 49 77.38 46.89 65.30
N PHE KB 50 77.27 47.96 66.09
CA PHE KB 50 78.18 49.08 65.92
C PHE KB 50 79.61 48.67 66.24
N TYR KB 51 79.79 47.76 67.21
CA TYR KB 51 81.11 47.19 67.43
C TYR KB 51 81.56 46.39 66.23
N THR KB 52 80.61 45.82 65.47
CA THR KB 52 80.95 45.06 64.28
C THR KB 52 81.25 45.98 63.11
N ARG KB 53 80.35 46.93 62.85
CA ARG KB 53 80.53 47.81 61.70
C ARG KB 53 81.81 48.62 61.83
N ALA KB 54 82.06 49.17 63.02
CA ALA KB 54 83.27 49.94 63.26
C ALA KB 54 84.50 49.05 63.29
N ALA KB 55 84.31 47.74 63.45
CA ALA KB 55 85.44 46.82 63.34
C ALA KB 55 85.85 46.66 61.88
N SER KB 56 84.87 46.69 60.98
CA SER KB 56 85.18 46.52 59.56
C SER KB 56 85.82 47.77 58.99
N THR KB 57 85.10 48.89 59.01
CA THR KB 57 85.56 50.09 58.32
C THR KB 57 86.92 50.55 58.84
N ALA KB 58 87.14 50.44 60.15
CA ALA KB 58 88.47 50.69 60.67
C ALA KB 58 89.48 49.69 60.13
N ARG KB 59 89.07 48.43 59.99
CA ARG KB 59 89.97 47.41 59.46
C ARG KB 59 90.26 47.66 57.98
N HIS KB 60 89.25 48.03 57.19
CA HIS KB 60 89.48 48.29 55.78
C HIS KB 60 90.41 49.47 55.58
N LEU KB 61 90.42 50.42 56.51
CA LEU KB 61 91.36 51.53 56.42
C LEU KB 61 92.80 51.03 56.51
N TYR KB 62 93.01 49.86 57.12
CA TYR KB 62 94.38 49.37 57.26
C TYR KB 62 94.91 48.87 55.92
N LEU KB 63 94.03 48.56 54.98
CA LEU KB 63 94.46 47.94 53.72
C LEU KB 63 94.25 48.83 52.50
N ARG KB 64 93.18 49.63 52.48
CA ARG KB 64 93.01 50.64 51.43
C ARG KB 64 92.65 51.97 52.09
N GLY KB 65 93.67 52.72 52.48
CA GLY KB 65 93.46 53.96 53.20
C GLY KB 65 93.01 55.08 52.28
N GLY KB 66 92.95 56.28 52.85
CA GLY KB 66 92.47 57.41 52.09
C GLY KB 66 91.00 57.33 51.74
N ALA KB 67 90.23 56.54 52.48
CA ALA KB 67 88.83 56.28 52.18
C ALA KB 67 87.94 57.18 53.01
N GLY KB 68 86.95 57.79 52.33
CA GLY KB 68 85.99 58.63 53.00
C GLY KB 68 84.65 57.94 53.14
N VAL KB 69 83.56 58.70 53.02
CA VAL KB 69 82.24 58.09 53.06
C VAL KB 69 82.04 57.15 51.88
N GLY KB 70 82.42 57.60 50.68
CA GLY KB 70 82.12 56.83 49.48
C GLY KB 70 82.76 55.45 49.49
N SER KB 71 84.08 55.39 49.72
CA SER KB 71 84.78 54.12 49.69
C SER KB 71 84.31 53.20 50.80
N MET KB 72 83.59 53.74 51.78
CA MET KB 72 82.96 52.90 52.78
C MET KB 72 81.54 52.55 52.41
N THR KB 73 80.86 53.41 51.64
CA THR KB 73 79.54 53.07 51.16
C THR KB 73 79.61 52.09 49.99
N LYS KB 74 80.64 52.21 49.16
CA LYS KB 74 80.77 51.32 48.01
C LYS KB 74 80.96 49.87 48.46
N ILE KB 75 81.76 49.64 49.50
CA ILE KB 75 81.94 48.29 50.00
C ILE KB 75 80.65 47.75 50.60
N TYR KB 76 79.84 48.62 51.20
CA TYR KB 76 78.58 48.18 51.81
C TYR KB 76 77.48 48.23 50.74
N GLY KB 77 77.37 47.15 49.98
CA GLY KB 77 76.40 47.10 48.92
C GLY KB 77 76.18 45.68 48.45
N GLY KB 78 75.02 45.48 47.84
CA GLY KB 78 74.65 44.17 47.32
C GLY KB 78 73.48 44.31 46.37
N ARG KB 79 72.79 43.20 46.17
CA ARG KB 79 71.56 43.25 45.39
C ARG KB 79 70.59 44.25 46.00
N GLN KB 80 69.96 45.06 45.16
CA GLN KB 80 68.85 45.90 45.57
C GLN KB 80 67.62 45.34 44.88
N ARG KB 81 67.01 44.35 45.52
CA ARG KB 81 65.98 43.56 44.87
C ARG KB 81 64.72 44.40 44.76
N ASN KB 82 64.53 45.05 43.61
CA ASN KB 82 63.30 45.77 43.33
C ASN KB 82 62.13 44.82 43.05
N GLY KB 83 62.32 43.53 43.27
CA GLY KB 83 61.24 42.59 43.11
C GLY KB 83 61.06 42.12 41.68
N VAL KB 84 60.01 42.60 41.02
CA VAL KB 84 59.74 42.15 39.66
C VAL KB 84 60.85 42.57 38.72
N MET KB 85 61.29 43.83 38.81
CA MET KB 85 62.39 44.29 37.99
C MET KB 85 63.70 43.63 38.42
N PRO KB 86 64.69 43.57 37.54
CA PRO KB 86 65.97 42.95 37.92
C PRO KB 86 66.65 43.72 39.03
N SER KB 87 67.46 43.02 39.81
CA SER KB 87 68.16 43.66 40.91
C SER KB 87 69.27 44.56 40.36
N HIS KB 88 69.98 45.22 41.26
CA HIS KB 88 71.02 46.17 40.89
C HIS KB 88 72.04 46.27 42.00
N PHE KB 89 72.88 47.29 41.93
CA PHE KB 89 73.80 47.66 42.99
C PHE KB 89 73.30 48.95 43.63
N SER KB 90 73.36 49.00 44.96
CA SER KB 90 72.92 50.19 45.69
C SER KB 90 73.84 50.37 46.88
N ARG KB 91 74.44 51.55 46.98
CA ARG KB 91 75.41 51.83 48.01
C ARG KB 91 74.73 51.86 49.38
N GLY KB 92 75.55 51.60 50.42
CA GLY KB 92 75.06 51.61 51.78
C GLY KB 92 74.78 53.02 52.27
N SER KB 93 74.34 53.08 53.53
CA SER KB 93 73.97 54.34 54.13
C SER KB 93 75.17 55.28 54.23
N LYS KB 94 74.89 56.58 54.08
CA LYS KB 94 75.93 57.60 54.21
C LYS KB 94 76.17 57.98 55.68
N SER KB 95 75.14 58.50 56.34
CA SER KB 95 75.33 59.06 57.68
C SER KB 95 75.79 57.99 58.66
N VAL KB 96 75.22 56.80 58.59
CA VAL KB 96 75.61 55.73 59.50
C VAL KB 96 77.10 55.42 59.35
N ALA KB 97 77.63 55.60 58.14
CA ALA KB 97 79.03 55.29 57.87
C ALA KB 97 79.96 56.33 58.47
N ARG KB 98 79.62 57.61 58.34
CA ARG KB 98 80.50 58.65 58.85
C ARG KB 98 80.52 58.68 60.36
N ARG KB 99 79.39 58.40 61.01
CA ARG KB 99 79.35 58.42 62.47
C ARG KB 99 80.36 57.45 63.07
N VAL KB 100 80.65 56.38 62.34
CA VAL KB 100 81.74 55.50 62.75
C VAL KB 100 83.05 56.27 62.75
N LEU KB 101 83.33 56.98 61.66
CA LEU KB 101 84.62 57.64 61.51
C LEU KB 101 84.80 58.74 62.55
N GLN KB 102 83.76 59.52 62.80
CA GLN KB 102 83.83 60.53 63.86
C GLN KB 102 84.05 59.87 65.22
N ALA KB 103 83.34 58.78 65.50
CA ALA KB 103 83.50 58.09 66.77
C ALA KB 103 84.93 57.57 66.93
N LEU KB 104 85.55 57.16 65.83
CA LEU KB 104 86.96 56.75 65.90
C LEU KB 104 87.86 57.95 66.16
N GLU KB 105 87.46 59.13 65.70
CA GLU KB 105 88.25 60.32 65.98
C GLU KB 105 88.35 60.57 67.47
N GLY KB 106 87.23 60.46 68.19
CA GLY KB 106 87.26 60.66 69.62
C GLY KB 106 88.18 59.68 70.33
N LEU KB 107 88.16 58.42 69.88
CA LEU KB 107 89.08 57.41 70.37
C LEU KB 107 90.48 57.58 69.79
N LYS KB 108 90.68 58.54 68.89
CA LYS KB 108 91.96 58.85 68.24
C LYS KB 108 92.45 57.70 67.36
N MET KB 109 91.56 56.76 67.06
CA MET KB 109 91.93 55.62 66.23
C MET KB 109 92.41 56.09 64.86
N VAL KB 110 91.53 56.71 64.08
CA VAL KB 110 91.82 57.12 62.71
C VAL KB 110 91.91 58.65 62.67
N GLU KB 111 92.42 59.15 61.55
CA GLU KB 111 92.55 60.59 61.34
C GLU KB 111 92.30 60.92 59.88
N LYS KB 112 92.06 62.21 59.60
CA LYS KB 112 91.95 62.67 58.20
C LYS KB 112 93.35 63.05 57.70
N ASP KB 113 93.95 62.21 56.86
CA ASP KB 113 95.34 62.45 56.39
C ASP KB 113 95.35 63.36 55.16
N GLN KB 114 96.54 63.55 54.56
CA GLN KB 114 96.67 64.43 53.38
C GLN KB 114 95.84 63.84 52.23
N ASP KB 115 95.31 64.69 51.35
CA ASP KB 115 94.40 64.23 50.26
C ASP KB 115 92.99 64.07 50.85
N TRP KB 116 92.80 64.50 52.10
CA TRP KB 116 91.47 64.46 52.76
C TRP KB 116 90.90 63.04 52.78
N GLY KB 117 91.76 62.05 53.00
CA GLY KB 117 91.31 60.64 53.10
C GLY KB 117 91.64 60.08 54.47
N ARG KB 118 90.65 59.44 55.11
CA ARG KB 118 90.86 58.87 56.46
C ARG KB 118 92.04 57.88 56.41
N LYS KB 119 93.00 58.03 57.32
CA LYS KB 119 94.08 57.07 57.47
C LYS KB 119 94.15 56.67 58.93
N LEU KB 120 95.25 56.04 59.32
CA LEU KB 120 95.38 55.50 60.65
C LEU KB 120 96.64 56.03 61.33
N THR KB 121 96.50 56.40 62.60
CA THR KB 121 97.58 57.00 63.37
C THR KB 121 98.62 55.94 63.72
N PRO KB 122 99.87 56.33 64.04
CA PRO KB 122 100.85 55.30 64.40
C PRO KB 122 100.58 54.67 65.75
N GLN KB 123 99.82 55.32 66.63
CA GLN KB 123 99.24 54.62 67.76
C GLN KB 123 98.00 53.84 67.36
N GLY KB 124 97.26 54.34 66.36
CA GLY KB 124 96.11 53.61 65.87
C GLY KB 124 96.47 52.25 65.30
N GLN KB 125 97.59 52.18 64.59
CA GLN KB 125 98.03 50.90 64.05
C GLN KB 125 98.41 49.93 65.15
N ARG KB 126 98.88 50.45 66.29
CA ARG KB 126 99.29 49.59 67.39
C ARG KB 126 98.13 48.72 67.86
N ASP KB 127 96.94 49.32 67.97
CA ASP KB 127 95.78 48.55 68.40
C ASP KB 127 95.46 47.45 67.40
N LEU KB 128 95.48 47.76 66.11
CA LEU KB 128 95.07 46.80 65.10
C LEU KB 128 96.03 45.62 65.03
N ASP KB 129 97.33 45.87 65.13
CA ASP KB 129 98.28 44.76 65.11
C ASP KB 129 98.35 44.04 66.44
N ARG KB 130 98.06 44.73 67.54
CA ARG KB 130 98.15 44.08 68.86
C ARG KB 130 97.16 42.93 68.97
N ILE KB 131 95.90 43.18 68.63
CA ILE KB 131 94.90 42.12 68.69
C ILE KB 131 95.25 41.00 67.72
N ALA KB 132 95.94 41.33 66.61
CA ALA KB 132 96.40 40.30 65.70
C ALA KB 132 97.36 39.34 66.39
N GLY KB 133 98.13 39.85 67.36
CA GLY KB 133 99.04 38.98 68.10
C GLY KB 133 98.31 38.00 68.99
N GLN KB 134 97.01 38.19 69.18
CA GLN KB 134 96.24 37.32 70.05
C GLN KB 134 95.51 36.24 69.26
N VAL KB 135 94.82 36.62 68.18
CA VAL KB 135 94.15 35.63 67.35
C VAL KB 135 95.18 34.69 66.72
N ALA KB 136 96.29 35.25 66.25
CA ALA KB 136 97.32 34.42 65.65
C ALA KB 136 97.91 33.44 66.67
N ALA KB 137 98.11 33.90 67.90
CA ALA KB 137 98.69 33.04 68.92
C ALA KB 137 97.75 31.94 69.37
N ALA KB 138 96.46 32.02 69.02
CA ALA KB 138 95.49 31.04 69.47
C ALA KB 138 94.79 30.32 68.31
N LYS KB 139 95.40 30.30 67.12
CA LYS KB 139 94.77 29.66 65.97
C LYS KB 139 95.82 29.41 64.90
N LYS KB 140 95.96 28.14 64.49
CA LYS KB 140 96.80 27.77 63.36
C LYS KB 140 95.95 26.95 62.38
N LYS KB 141 95.92 27.38 61.12
CA LYS KB 141 95.04 26.76 60.13
C LYS KB 141 95.39 25.30 59.86
N VAL LB 1 52.79 -7.44 -58.02
CA VAL LB 1 53.61 -7.94 -59.13
C VAL LB 1 54.16 -6.76 -59.93
N ARG LB 2 54.70 -7.02 -61.11
CA ARG LB 2 55.28 -5.98 -61.95
C ARG LB 2 54.28 -5.60 -63.05
N MET LB 3 53.96 -4.31 -63.14
CA MET LB 3 53.01 -3.82 -64.12
C MET LB 3 53.63 -2.95 -65.19
N ASN LB 4 54.28 -1.86 -64.80
CA ASN LB 4 54.84 -0.88 -65.73
C ASN LB 4 56.33 -1.15 -65.79
N VAL LB 5 56.74 -2.09 -66.66
CA VAL LB 5 58.12 -2.58 -66.61
C VAL LB 5 59.09 -1.49 -67.03
N LEU LB 6 58.59 -0.41 -67.64
CA LEU LB 6 59.44 0.75 -67.87
C LEU LB 6 59.70 1.48 -66.55
N ALA LB 7 58.68 1.56 -65.69
CA ALA LB 7 58.81 2.35 -64.47
C ALA LB 7 59.85 1.76 -63.53
N ASP LB 8 59.86 0.43 -63.39
CA ASP LB 8 60.78 -0.19 -62.44
C ASP LB 8 62.23 -0.01 -62.87
N ALA LB 9 62.50 -0.13 -64.17
CA ALA LB 9 63.87 0.03 -64.65
C ALA LB 9 64.39 1.43 -64.37
N LEU LB 10 63.58 2.46 -64.63
CA LEU LB 10 64.03 3.83 -64.42
C LEU LB 10 64.28 4.11 -62.95
N LYS LB 11 63.42 3.61 -62.07
CA LYS LB 11 63.66 3.78 -60.64
C LYS LB 11 64.89 3.00 -60.19
N SER LB 12 65.25 1.95 -60.93
CA SER LB 12 66.42 1.16 -60.56
C SER LB 12 67.71 1.93 -60.87
N ILE LB 13 67.72 2.69 -61.97
CA ILE LB 13 68.89 3.50 -62.25
C ILE LB 13 68.86 4.79 -61.44
N ASN LB 14 67.68 5.37 -61.25
CA ASN LB 14 67.60 6.62 -60.50
C ASN LB 14 68.10 6.43 -59.08
N ASN LB 15 67.71 5.32 -58.44
CA ASN LB 15 68.20 5.06 -57.09
C ASN LB 15 69.67 4.70 -57.10
N ALA LB 16 70.18 4.18 -58.21
CA ALA LB 16 71.59 3.82 -58.28
C ALA LB 16 72.46 5.01 -58.67
N GLU LB 17 71.89 5.96 -59.39
CA GLU LB 17 72.62 7.19 -59.69
C GLU LB 17 72.77 8.05 -58.44
N LYS LB 18 71.72 8.12 -57.62
CA LYS LB 18 71.76 8.94 -56.42
C LYS LB 18 72.91 8.53 -55.52
N ARG LB 19 73.14 7.23 -55.38
CA ARG LB 19 74.23 6.75 -54.53
C ARG LB 19 75.58 7.13 -55.10
N GLY LB 20 75.76 7.04 -56.41
CA GLY LB 20 77.01 7.37 -57.04
C GLY LB 20 77.72 6.23 -57.72
N LYS LB 21 77.04 5.12 -57.99
CA LYS LB 21 77.67 3.99 -58.66
C LYS LB 21 77.96 4.32 -60.13
N ARG LB 22 78.85 3.54 -60.73
CA ARG LB 22 79.20 3.71 -62.13
C ARG LB 22 78.36 2.83 -63.04
N GLN LB 23 78.03 1.62 -62.62
CA GLN LB 23 77.26 0.68 -63.41
C GLN LB 23 76.05 0.22 -62.63
N VAL LB 24 74.97 -0.09 -63.34
CA VAL LB 24 73.74 -0.58 -62.74
C VAL LB 24 73.07 -1.55 -63.69
N LEU LB 25 72.42 -2.57 -63.14
CA LEU LB 25 71.73 -3.59 -63.90
C LEU LB 25 70.24 -3.48 -63.65
N ILE LB 26 69.43 -3.68 -64.69
CA ILE LB 26 67.98 -3.67 -64.58
C ILE LB 26 67.46 -5.05 -64.95
N ARG LB 27 66.40 -5.50 -64.27
CA ARG LB 27 66.06 -6.90 -64.33
C ARG LB 27 65.34 -7.32 -65.62
N PRO LB 28 64.28 -6.64 -66.04
CA PRO LB 28 63.65 -7.00 -67.32
C PRO LB 28 64.19 -6.14 -68.44
N CYS LB 29 63.86 -6.54 -69.66
CA CYS LB 29 64.26 -5.81 -70.86
C CYS LB 29 63.13 -5.77 -71.86
N SER LB 30 63.18 -4.76 -72.72
CA SER LB 30 62.17 -4.61 -73.76
C SER LB 30 62.68 -3.63 -74.79
N LYS LB 31 62.17 -3.77 -76.01
CA LYS LB 31 62.35 -2.73 -77.01
C LYS LB 31 61.94 -1.38 -76.45
N VAL LB 32 60.85 -1.34 -75.68
CA VAL LB 32 60.39 -0.10 -75.09
C VAL LB 32 61.47 0.48 -74.17
N ILE LB 33 62.20 -0.40 -73.49
CA ILE LB 33 63.25 0.07 -72.58
C ILE LB 33 64.56 0.28 -73.34
N VAL LB 34 64.87 -0.59 -74.30
CA VAL LB 34 66.09 -0.40 -75.08
C VAL LB 34 65.98 0.84 -75.94
N ARG LB 35 64.86 1.02 -76.63
CA ARG LB 35 64.66 2.25 -77.41
C ARG LB 35 64.54 3.46 -76.51
N PHE LB 36 64.31 3.24 -75.21
CA PHE LB 36 64.32 4.34 -74.26
C PHE LB 36 65.73 4.81 -73.98
N LEU LB 37 66.57 3.92 -73.43
CA LEU LB 37 67.92 4.31 -73.04
C LEU LB 37 68.71 4.86 -74.22
N THR LB 38 68.42 4.38 -75.44
CA THR LB 38 69.11 4.91 -76.61
C THR LB 38 68.83 6.39 -76.79
N VAL LB 39 67.64 6.85 -76.40
CA VAL LB 39 67.34 8.28 -76.46
C VAL LB 39 68.27 9.05 -75.54
N MET LB 40 68.48 8.55 -74.33
CA MET LB 40 69.45 9.20 -73.44
C MET LB 40 70.85 9.16 -74.04
N MET LB 41 71.30 7.98 -74.47
CA MET LB 41 72.64 7.84 -75.00
C MET LB 41 72.86 8.69 -76.24
N LYS LB 42 71.80 8.98 -76.99
CA LYS LB 42 71.92 9.83 -78.15
C LYS LB 42 72.09 11.30 -77.77
N HIS LB 43 71.86 11.64 -76.49
CA HIS LB 43 72.12 12.98 -75.96
C HIS LB 43 73.35 13.03 -75.06
N GLY LB 44 73.97 11.90 -74.77
CA GLY LB 44 75.13 11.88 -73.90
C GLY LB 44 74.82 11.85 -72.43
N TYR LB 45 73.56 11.71 -72.04
CA TYR LB 45 73.21 11.66 -70.62
C TYR LB 45 73.76 10.45 -69.91
N ILE LB 46 74.05 9.36 -70.61
CA ILE LB 46 74.63 8.18 -69.99
C ILE LB 46 75.81 7.70 -70.81
N GLY LB 47 76.47 6.67 -70.30
CA GLY LB 47 77.64 6.10 -70.95
C GLY LB 47 77.25 5.16 -72.07
N GLU LB 48 77.84 3.97 -72.10
CA GLU LB 48 77.58 3.00 -73.15
C GLU LB 48 77.24 1.66 -72.50
N PHE LB 49 76.10 1.09 -72.89
CA PHE LB 49 75.52 -0.01 -72.12
C PHE LB 49 75.50 -1.29 -72.94
N GLU LB 50 75.26 -2.39 -72.22
CA GLU LB 50 75.23 -3.74 -72.80
C GLU LB 50 73.92 -4.40 -72.43
N ILE LB 51 73.50 -5.36 -73.25
CA ILE LB 51 72.18 -5.99 -73.12
C ILE LB 51 72.41 -7.50 -73.03
N ILE LB 52 72.48 -8.01 -71.81
CA ILE LB 52 72.65 -9.45 -71.62
C ILE LB 52 71.43 -10.16 -72.21
N ASP LB 53 71.67 -11.27 -72.88
CA ASP LB 53 70.60 -12.02 -73.51
C ASP LB 53 70.48 -13.42 -72.89
N ASP LB 54 69.25 -13.89 -72.81
CA ASP LB 54 68.92 -15.20 -72.27
C ASP LB 54 67.91 -15.85 -73.22
N HIS LB 55 67.30 -16.93 -72.78
CA HIS LB 55 66.01 -17.32 -73.37
C HIS LB 55 64.84 -16.75 -72.60
N ARG LB 56 65.04 -16.27 -71.37
CA ARG LB 56 63.91 -15.87 -70.54
C ARG LB 56 63.46 -14.45 -70.85
N ALA LB 57 64.28 -13.47 -70.47
CA ALA LB 57 63.94 -12.08 -70.76
C ALA LB 57 65.08 -11.24 -71.31
N GLY LB 58 66.29 -11.37 -70.81
CA GLY LB 58 67.29 -10.34 -71.00
C GLY LB 58 67.37 -9.39 -69.83
N LYS LB 59 68.59 -8.97 -69.49
CA LYS LB 59 68.84 -8.05 -68.39
C LYS LB 59 69.91 -7.04 -68.80
N ILE LB 60 69.51 -5.77 -68.91
CA ILE LB 60 70.40 -4.71 -69.34
C ILE LB 60 71.32 -4.32 -68.20
N VAL LB 61 72.59 -4.11 -68.53
CA VAL LB 61 73.55 -3.40 -67.69
C VAL LB 61 73.84 -2.07 -68.36
N VAL LB 62 73.89 -1.00 -67.56
CA VAL LB 62 74.13 0.34 -68.06
C VAL LB 62 75.39 0.87 -67.41
N ASN LB 63 76.23 1.52 -68.20
CA ASN LB 63 77.40 2.23 -67.67
C ASN LB 63 76.97 3.66 -67.40
N LEU LB 64 76.49 3.91 -66.18
CA LEU LB 64 76.02 5.24 -65.82
C LEU LB 64 77.14 6.26 -65.94
N THR LB 65 76.74 7.52 -66.03
CA THR LB 65 77.67 8.64 -66.07
C THR LB 65 77.08 9.75 -65.22
N GLY LB 66 77.95 10.55 -64.60
CA GLY LB 66 77.47 11.63 -63.76
C GLY LB 66 77.05 12.83 -64.58
N ARG LB 67 75.98 12.69 -65.35
CA ARG LB 67 75.43 13.80 -66.11
C ARG LB 67 73.94 14.00 -65.95
N LEU LB 68 73.17 12.94 -65.66
CA LEU LB 68 71.73 13.06 -65.52
C LEU LB 68 71.40 13.33 -64.06
N ASN LB 69 70.38 14.16 -63.84
CA ASN LB 69 69.99 14.54 -62.50
C ASN LB 69 68.85 13.67 -61.98
N LYS LB 70 67.79 13.51 -62.75
CA LYS LB 70 66.71 12.62 -62.39
C LYS LB 70 66.09 12.05 -63.65
N CYS LB 71 65.66 10.80 -63.57
CA CYS LB 71 65.12 10.03 -64.69
C CYS LB 71 63.76 9.48 -64.29
N GLY LB 72 62.71 10.28 -64.47
CA GLY LB 72 61.39 9.87 -64.01
C GLY LB 72 60.64 9.04 -65.02
N VAL LB 73 59.49 8.52 -64.58
CA VAL LB 73 58.52 7.86 -65.45
C VAL LB 73 57.16 8.48 -65.16
N ILE LB 74 56.34 8.58 -66.21
CA ILE LB 74 55.03 9.18 -66.09
C ILE LB 74 53.99 8.17 -66.56
N SER LB 75 53.10 7.78 -65.66
CA SER LB 75 52.06 6.80 -65.93
C SER LB 75 50.78 7.27 -65.28
N PRO LB 76 49.62 7.01 -65.91
CA PRO LB 76 49.36 6.21 -67.10
C PRO LB 76 49.85 6.86 -68.37
N ARG LB 77 50.00 6.10 -69.44
CA ARG LB 77 50.50 6.64 -70.70
C ARG LB 77 49.45 7.57 -71.29
N PHE LB 78 49.68 8.87 -71.15
CA PHE LB 78 48.70 9.87 -71.54
C PHE LB 78 48.73 10.12 -73.04
N ASP LB 79 48.10 11.21 -73.48
CA ASP LB 79 48.22 11.67 -74.84
C ASP LB 79 48.77 13.09 -74.86
N VAL LB 80 49.33 13.47 -76.00
CA VAL LB 80 49.91 14.80 -76.19
C VAL LB 80 49.45 15.29 -77.55
N GLN LB 81 48.43 16.13 -77.56
CA GLN LB 81 47.83 16.61 -78.80
C GLN LB 81 48.59 17.78 -79.41
N LEU LB 82 49.85 17.98 -79.02
CA LEU LB 82 50.75 18.94 -79.62
C LEU LB 82 50.30 20.38 -79.32
N LYS LB 83 49.13 20.51 -78.71
CA LYS LB 83 48.73 21.77 -78.10
C LYS LB 83 48.87 21.73 -76.58
N ASP LB 84 48.92 20.53 -76.00
CA ASP LB 84 49.22 20.33 -74.59
C ASP LB 84 50.71 20.12 -74.34
N LEU LB 85 51.51 19.98 -75.40
CA LEU LB 85 52.93 19.70 -75.21
C LEU LB 85 53.63 20.86 -74.52
N GLU LB 86 53.20 22.09 -74.79
CA GLU LB 86 53.85 23.23 -74.14
C GLU LB 86 53.42 23.34 -72.68
N LYS LB 87 52.23 22.85 -72.34
CA LYS LB 87 51.87 22.76 -70.93
C LYS LB 87 52.73 21.73 -70.22
N TRP LB 88 52.91 20.55 -70.82
CA TRP LB 88 53.64 19.48 -70.16
C TRP LB 88 55.08 19.88 -69.88
N GLN LB 89 55.78 20.41 -70.87
CA GLN LB 89 57.17 20.75 -70.65
C GLN LB 89 57.36 22.04 -69.88
N ASN LB 90 56.29 22.56 -69.25
CA ASN LB 90 56.42 23.67 -68.31
C ASN LB 90 55.98 23.31 -66.89
N ASN LB 91 55.20 22.24 -66.71
CA ASN LB 91 54.88 21.76 -65.38
C ASN LB 91 55.53 20.43 -65.06
N LEU LB 92 56.51 20.01 -65.86
CA LEU LB 92 57.16 18.72 -65.64
C LEU LB 92 58.67 18.77 -65.90
N LEU LB 93 59.21 19.95 -66.19
CA LEU LB 93 60.61 20.10 -66.57
C LEU LB 93 61.27 21.20 -65.76
N PRO LB 94 62.59 21.17 -65.63
CA PRO LB 94 63.26 22.26 -64.90
C PRO LB 94 63.25 23.58 -65.65
N SER LB 95 63.44 23.57 -66.96
CA SER LB 95 63.40 24.80 -67.74
C SER LB 95 63.29 24.45 -69.20
N ARG LB 96 63.02 25.48 -70.00
CA ARG LB 96 62.99 25.32 -71.45
C ARG LB 96 64.38 25.12 -72.03
N GLN LB 97 65.40 25.69 -71.41
CA GLN LB 97 66.74 25.66 -71.98
C GLN LB 97 67.31 24.26 -72.10
N PHE LB 98 66.94 23.34 -71.21
CA PHE LB 98 67.52 22.01 -71.24
C PHE LB 98 66.48 21.01 -70.74
N GLY LB 99 66.86 19.74 -70.75
CA GLY LB 99 65.95 18.70 -70.33
C GLY LB 99 64.95 18.38 -71.42
N PHE LB 100 64.68 17.09 -71.64
CA PHE LB 100 63.78 16.66 -72.70
C PHE LB 100 62.80 15.65 -72.14
N ILE LB 101 61.62 15.57 -72.75
CA ILE LB 101 60.62 14.58 -72.37
C ILE LB 101 60.39 13.67 -73.57
N VAL LB 102 60.35 12.37 -73.32
CA VAL LB 102 60.24 11.37 -74.37
C VAL LB 102 58.81 10.88 -74.44
N LEU LB 103 58.26 10.83 -75.66
CA LEU LB 103 56.87 10.42 -75.86
C LEU LB 103 56.81 9.51 -77.09
N THR LB 104 56.17 8.36 -76.93
CA THR LB 104 56.06 7.41 -78.02
C THR LB 104 55.20 8.01 -79.13
N THR LB 105 55.39 7.51 -80.35
CA THR LB 105 54.82 8.17 -81.50
C THR LB 105 54.75 7.19 -82.67
N SER LB 106 53.76 7.42 -83.55
CA SER LB 106 53.58 6.61 -84.75
C SER LB 106 54.84 6.47 -85.57
N ALA LB 107 55.86 7.28 -85.31
CA ALA LB 107 57.15 7.19 -85.99
C ALA LB 107 58.24 6.85 -85.01
N GLY LB 108 57.95 5.94 -84.08
CA GLY LB 108 58.93 5.46 -83.13
C GLY LB 108 58.96 6.29 -81.86
N ILE LB 109 59.79 5.85 -80.93
CA ILE LB 109 59.96 6.55 -79.65
C ILE LB 109 61.02 7.63 -79.84
N MET LB 110 60.72 8.84 -79.36
CA MET LB 110 61.57 9.99 -79.62
C MET LB 110 61.25 11.08 -78.62
N ASP LB 111 62.26 11.87 -78.29
CA ASP LB 111 62.06 12.96 -77.33
C ASP LB 111 61.31 14.11 -78.00
N HIS LB 112 60.71 14.97 -77.17
CA HIS LB 112 59.68 15.88 -77.65
C HIS LB 112 60.19 16.81 -78.75
N GLU LB 113 61.45 17.20 -78.71
CA GLU LB 113 61.96 18.08 -79.76
C GLU LB 113 61.89 17.42 -81.12
N GLU LB 114 62.08 16.11 -81.18
CA GLU LB 114 61.83 15.38 -82.42
C GLU LB 114 60.38 15.51 -82.83
N ALA LB 115 59.46 15.44 -81.87
CA ALA LB 115 58.03 15.48 -82.18
C ALA LB 115 57.66 16.78 -82.89
N ARG LB 116 58.23 17.89 -82.45
CA ARG LB 116 57.88 19.18 -83.04
C ARG LB 116 58.25 19.22 -84.52
N ARG LB 117 59.44 18.73 -84.86
CA ARG LB 117 59.88 18.76 -86.26
C ARG LB 117 59.03 17.83 -87.11
N LYS LB 118 58.88 16.58 -86.67
CA LYS LB 118 58.01 15.64 -87.37
C LYS LB 118 56.55 15.97 -87.19
N HIS LB 119 56.22 16.95 -86.34
CA HIS LB 119 54.95 17.64 -86.36
C HIS LB 119 53.81 16.72 -85.96
N THR LB 120 54.10 15.81 -85.03
CA THR LB 120 53.17 14.76 -84.62
C THR LB 120 53.07 14.70 -83.11
N GLY LB 121 52.31 13.72 -82.62
CA GLY LB 121 52.08 13.55 -81.20
C GLY LB 121 52.13 12.10 -80.75
N GLY LB 122 51.15 11.68 -79.97
CA GLY LB 122 51.09 10.32 -79.48
C GLY LB 122 51.25 10.26 -77.98
N LYS LB 123 51.26 9.03 -77.47
CA LYS LB 123 51.31 8.81 -76.04
C LYS LB 123 52.67 9.18 -75.48
N ILE LB 124 52.70 9.44 -74.18
CA ILE LB 124 53.89 9.92 -73.49
C ILE LB 124 54.45 8.81 -72.63
N LEU LB 125 55.78 8.83 -72.43
CA LEU LB 125 56.48 7.77 -71.72
C LEU LB 125 57.07 8.24 -70.40
N GLY LB 126 57.92 9.26 -70.44
CA GLY LB 126 58.60 9.69 -69.24
C GLY LB 126 59.39 10.96 -69.47
N PHE LB 127 60.47 11.16 -68.74
CA PHE LB 127 61.24 12.38 -68.89
C PHE LB 127 62.57 12.21 -68.17
N PHE LB 128 63.50 13.09 -68.51
CA PHE LB 128 64.79 13.18 -67.82
C PHE LB 128 65.30 14.60 -67.95
N PHE LB 129 66.23 14.96 -67.08
CA PHE LB 129 66.86 16.26 -67.14
C PHE LB 129 68.09 16.34 -66.25
N ASP MB 1 32.33 84.86 -99.60
CA ASP MB 1 32.67 84.82 -98.18
C ASP MB 1 33.71 83.74 -97.88
N THR MB 2 33.92 83.47 -96.60
CA THR MB 2 34.89 82.47 -96.16
C THR MB 2 34.21 81.15 -95.80
N VAL MB 3 33.05 80.88 -96.39
CA VAL MB 3 32.36 79.62 -96.15
C VAL MB 3 33.15 78.46 -96.76
N THR MB 4 33.57 78.63 -98.02
CA THR MB 4 34.51 77.70 -98.68
C THR MB 4 33.95 76.28 -98.71
N ILE MB 5 32.86 76.13 -99.48
CA ILE MB 5 32.24 74.82 -99.67
C ILE MB 5 33.16 73.90 -100.44
N ARG MB 6 33.21 72.63 -100.03
CA ARG MB 6 33.98 71.60 -100.71
C ARG MB 6 33.11 70.36 -100.89
N THR MB 7 33.35 69.65 -102.00
CA THR MB 7 32.52 68.51 -102.39
C THR MB 7 33.34 67.24 -102.41
N ARG MB 8 32.78 66.16 -101.86
CA ARG MB 8 33.40 64.85 -101.87
C ARG MB 8 32.34 63.81 -102.20
N LYS MB 9 32.78 62.65 -102.68
CA LYS MB 9 31.92 61.49 -102.88
C LYS MB 9 30.68 61.84 -103.69
N PHE MB 10 30.91 62.23 -104.93
CA PHE MB 10 29.85 62.71 -105.81
C PHE MB 10 29.35 61.59 -106.69
N MET MB 11 28.03 61.38 -106.71
CA MET MB 11 27.41 60.37 -107.55
C MET MB 11 26.15 60.92 -108.18
N THR MB 12 25.93 60.58 -109.45
CA THR MB 12 24.77 61.05 -110.21
C THR MB 12 23.74 59.94 -110.26
N ASN MB 13 22.70 60.07 -109.43
CA ASN MB 13 21.66 59.05 -109.31
C ASN MB 13 20.71 59.18 -110.49
N ARG MB 14 21.12 58.64 -111.63
CA ARG MB 14 20.28 58.73 -112.83
C ARG MB 14 18.98 57.96 -112.64
N LEU MB 15 19.02 56.82 -111.96
CA LEU MB 15 17.83 56.01 -111.71
C LEU MB 15 16.85 56.76 -110.82
N LEU MB 16 17.32 57.81 -110.15
CA LEU MB 16 16.45 58.74 -109.46
C LEU MB 16 16.45 60.13 -110.08
N GLN MB 17 17.37 60.42 -111.00
CA GLN MB 17 17.48 61.74 -111.63
C GLN MB 17 17.71 62.82 -110.58
N ARG MB 18 18.85 62.71 -109.91
CA ARG MB 18 19.28 63.68 -108.92
C ARG MB 18 20.79 63.62 -108.79
N LYS MB 19 21.34 64.39 -107.86
CA LYS MB 19 22.75 64.33 -107.53
C LYS MB 19 22.92 63.92 -106.08
N GLN MB 20 23.91 63.08 -105.84
CA GLN MB 20 24.28 62.63 -104.50
C GLN MB 20 25.69 63.07 -104.23
N MET MB 21 25.95 63.62 -103.04
CA MET MB 21 27.27 64.16 -102.77
C MET MB 21 27.44 64.37 -101.27
N VAL MB 22 28.66 64.77 -100.91
CA VAL MB 22 28.98 65.20 -99.55
C VAL MB 22 29.39 66.66 -99.62
N ILE MB 23 28.81 67.48 -98.77
CA ILE MB 23 29.21 68.87 -98.65
C ILE MB 23 30.16 69.00 -97.46
N ASP MB 24 31.33 69.58 -97.70
CA ASP MB 24 32.36 69.70 -96.70
C ASP MB 24 32.64 71.18 -96.46
N VAL MB 25 32.04 71.72 -95.42
CA VAL MB 25 32.19 73.13 -95.09
C VAL MB 25 33.55 73.32 -94.41
N LEU MB 26 34.17 74.48 -94.66
CA LEU MB 26 35.40 74.88 -94.00
C LEU MB 26 35.16 76.28 -93.46
N HIS MB 27 34.59 76.37 -92.27
CA HIS MB 27 34.36 77.68 -91.69
C HIS MB 27 35.49 78.03 -90.74
N PRO MB 28 36.12 79.20 -90.88
CA PRO MB 28 37.32 79.51 -90.10
C PRO MB 28 37.01 79.86 -88.66
N GLY MB 29 35.81 79.53 -88.23
CA GLY MB 29 35.33 79.83 -86.89
C GLY MB 29 34.17 80.79 -86.92
N LYS MB 30 32.97 80.21 -86.85
CA LYS MB 30 31.70 80.90 -86.94
C LYS MB 30 30.66 79.97 -86.33
N ALA MB 31 29.39 80.25 -86.60
CA ALA MB 31 28.32 79.45 -86.00
C ALA MB 31 27.81 78.35 -86.91
N THR MB 32 28.68 77.71 -87.69
CA THR MB 32 28.31 76.56 -88.51
C THR MB 32 27.19 76.92 -89.47
N VAL MB 33 27.56 77.71 -90.48
CA VAL MB 33 26.67 78.49 -91.34
C VAL MB 33 25.37 77.76 -91.63
N PRO MB 34 24.23 78.45 -91.55
CA PRO MB 34 22.94 77.75 -91.59
C PRO MB 34 22.69 77.06 -92.92
N LYS MB 35 21.57 76.33 -92.94
CA LYS MB 35 21.19 75.63 -94.17
C LYS MB 35 20.82 76.60 -95.28
N THR MB 36 20.41 77.82 -94.93
CA THR MB 36 20.01 78.78 -95.96
C THR MB 36 21.19 79.21 -96.81
N GLU MB 37 22.29 79.62 -96.18
CA GLU MB 37 23.43 80.12 -96.92
C GLU MB 37 24.10 79.03 -97.75
N ILE MB 38 24.27 77.85 -97.16
CA ILE MB 38 24.93 76.77 -97.87
C ILE MB 38 24.09 76.32 -99.07
N ARG MB 39 22.77 76.37 -98.93
CA ARG MB 39 21.90 76.19 -100.08
C ARG MB 39 22.08 77.31 -101.09
N GLU MB 40 22.32 78.52 -100.61
CA GLU MB 40 22.54 79.65 -101.51
C GLU MB 40 23.86 79.49 -102.27
N LYS MB 41 24.95 79.23 -101.55
CA LYS MB 41 26.26 79.18 -102.19
C LYS MB 41 26.39 77.99 -103.12
N LEU MB 42 25.86 76.83 -102.72
CA LEU MB 42 26.07 75.61 -103.49
C LEU MB 42 25.53 75.76 -104.90
N ALA MB 43 24.42 76.48 -105.07
CA ALA MB 43 23.84 76.67 -106.39
C ALA MB 43 24.79 77.41 -107.32
N LYS MB 44 25.47 78.44 -106.80
CA LYS MB 44 26.41 79.18 -107.64
C LYS MB 44 27.54 78.29 -108.14
N MET MB 45 27.88 77.26 -107.37
CA MET MB 45 28.90 76.32 -107.82
C MET MB 45 28.30 75.24 -108.72
N TYR MB 46 26.98 75.18 -108.82
CA TYR MB 46 26.30 74.15 -109.59
C TYR MB 46 25.38 74.72 -110.66
N LYS MB 47 25.22 76.05 -110.70
CA LYS MB 47 24.48 76.73 -111.76
C LYS MB 47 23.00 76.31 -111.78
N THR MB 48 22.32 76.52 -110.67
CA THR MB 48 20.90 76.21 -110.56
C THR MB 48 20.25 77.10 -109.52
N THR MB 49 19.00 76.79 -109.20
CA THR MB 49 18.17 77.54 -108.27
C THR MB 49 18.34 77.03 -106.84
N PRO MB 50 18.08 77.85 -105.83
CA PRO MB 50 18.02 77.35 -104.46
C PRO MB 50 16.71 76.68 -104.08
N ASP MB 51 15.82 76.46 -105.06
CA ASP MB 51 14.60 75.69 -104.82
C ASP MB 51 14.90 74.20 -104.82
N VAL MB 52 15.86 73.76 -105.64
CA VAL MB 52 16.10 72.36 -105.91
C VAL MB 52 17.13 71.75 -104.97
N ILE MB 53 17.97 72.58 -104.35
CA ILE MB 53 19.05 72.11 -103.48
C ILE MB 53 18.46 71.81 -102.10
N PHE MB 54 18.69 70.62 -101.60
CA PHE MB 54 18.27 70.27 -100.24
C PHE MB 54 19.41 69.57 -99.53
N VAL MB 55 19.72 70.02 -98.31
CA VAL MB 55 20.81 69.48 -97.52
C VAL MB 55 20.27 68.98 -96.19
N PHE MB 56 21.03 68.10 -95.56
CA PHE MB 56 20.58 67.48 -94.31
C PHE MB 56 21.79 66.96 -93.55
N GLY MB 57 21.78 67.18 -92.24
CA GLY MB 57 22.74 66.55 -91.35
C GLY MB 57 24.13 67.13 -91.31
N PHE MB 58 24.27 68.37 -90.84
CA PHE MB 58 25.57 68.97 -90.58
C PHE MB 58 26.00 68.65 -89.16
N ARG MB 59 27.07 67.87 -89.02
CA ARG MB 59 27.59 67.49 -87.71
C ARG MB 59 29.01 68.04 -87.59
N THR MB 60 29.15 69.20 -86.96
CA THR MB 60 30.44 69.86 -86.89
C THR MB 60 31.43 69.05 -86.07
N HIS MB 61 32.70 69.18 -86.42
CA HIS MB 61 33.77 68.48 -85.71
C HIS MB 61 34.21 69.28 -84.49
N PHE MB 62 35.17 68.74 -83.76
CA PHE MB 62 35.68 69.42 -82.59
C PHE MB 62 36.74 70.44 -82.99
N GLY MB 63 36.73 71.59 -82.33
CA GLY MB 63 37.75 72.59 -82.51
C GLY MB 63 37.39 73.75 -83.40
N GLY MB 64 36.14 73.86 -83.82
CA GLY MB 64 35.75 74.96 -84.67
C GLY MB 64 36.42 74.97 -86.04
N GLY MB 65 36.44 73.83 -86.72
CA GLY MB 65 37.05 73.76 -88.03
C GLY MB 65 36.14 73.13 -89.07
N LYS MB 66 36.66 72.14 -89.78
CA LYS MB 66 35.91 71.50 -90.85
C LYS MB 66 34.60 70.90 -90.34
N THR MB 67 33.52 71.18 -91.06
CA THR MB 67 32.19 70.73 -90.70
C THR MB 67 31.57 70.00 -91.88
N THR MB 68 30.98 68.83 -91.62
CA THR MB 68 30.53 67.93 -92.66
C THR MB 68 29.01 67.85 -92.68
N GLY MB 69 28.44 67.80 -93.88
CA GLY MB 69 27.01 67.62 -94.05
C GLY MB 69 26.70 67.04 -95.42
N PHE MB 70 25.49 66.52 -95.55
CA PHE MB 70 25.03 65.90 -96.79
C PHE MB 70 24.11 66.83 -97.55
N GLY MB 71 23.91 66.51 -98.82
CA GLY MB 71 22.99 67.25 -99.66
C GLY MB 71 22.73 66.49 -100.94
N MET MB 72 21.56 66.70 -101.52
CA MET MB 72 21.17 66.07 -102.77
C MET MB 72 20.62 67.13 -103.71
N ILE MB 73 20.94 67.01 -104.99
CA ILE MB 73 20.59 68.02 -105.98
C ILE MB 73 19.68 67.36 -107.01
N TYR MB 74 18.40 67.71 -106.98
CA TYR MB 74 17.42 67.15 -107.89
C TYR MB 74 17.50 67.85 -109.24
N ASP MB 75 16.49 67.62 -110.08
CA ASP MB 75 16.41 68.31 -111.35
C ASP MB 75 15.14 69.14 -111.49
N SER MB 76 14.01 68.63 -110.99
CA SER MB 76 12.74 69.32 -111.13
C SER MB 76 12.17 69.63 -109.76
N LEU MB 77 11.39 70.71 -109.69
CA LEU MB 77 10.62 70.98 -108.49
C LEU MB 77 9.60 69.87 -108.23
N ASP MB 78 9.05 69.30 -109.30
CA ASP MB 78 8.18 68.14 -109.14
C ASP MB 78 8.94 66.96 -108.55
N TYR MB 79 10.16 66.74 -109.03
CA TYR MB 79 10.91 65.55 -108.61
C TYR MB 79 11.23 65.57 -107.13
N ALA MB 80 11.50 66.75 -106.57
CA ALA MB 80 11.68 66.83 -105.12
C ALA MB 80 10.41 66.50 -104.37
N LYS MB 81 9.25 66.55 -105.03
CA LYS MB 81 7.99 66.23 -104.38
C LYS MB 81 7.70 64.75 -104.35
N LYS MB 82 8.55 63.92 -104.95
CA LYS MB 82 8.37 62.47 -104.86
C LYS MB 82 9.66 61.72 -104.56
N ASN MB 83 10.82 62.36 -104.63
CA ASN MB 83 12.09 61.72 -104.30
C ASN MB 83 12.66 62.19 -102.97
N GLU MB 84 12.19 63.31 -102.46
CA GLU MB 84 12.63 63.75 -101.15
C GLU MB 84 11.58 63.40 -100.10
N PRO MB 85 11.98 62.76 -99.01
CA PRO MB 85 11.02 62.45 -97.94
C PRO MB 85 10.46 63.72 -97.33
N LYS MB 86 9.29 63.57 -96.71
CA LYS MB 86 8.47 64.73 -96.37
C LYS MB 86 9.12 65.63 -95.34
N HIS MB 87 9.69 65.04 -94.28
CA HIS MB 87 10.23 65.86 -93.19
C HIS MB 87 11.41 66.70 -93.69
N ARG MB 88 12.16 66.19 -94.66
CA ARG MB 88 13.24 66.96 -95.25
C ARG MB 88 12.71 68.13 -96.07
N LEU MB 89 11.42 68.10 -96.40
CA LEU MB 89 10.84 69.09 -97.31
C LEU MB 89 10.32 70.30 -96.55
N ALA MB 90 9.45 70.07 -95.57
CA ALA MB 90 8.94 71.16 -94.73
C ALA MB 90 10.01 71.76 -93.84
N ARG MB 91 11.19 71.14 -93.78
CA ARG MB 91 12.29 71.67 -92.99
C ARG MB 91 12.54 73.13 -93.33
N HIS MB 92 12.43 73.47 -94.61
CA HIS MB 92 12.32 74.85 -95.07
C HIS MB 92 10.90 75.28 -95.32
N GLY MB 93 10.04 74.34 -95.70
CA GLY MB 93 8.61 74.59 -95.82
C GLY MB 93 8.12 74.76 -97.25
N LEU MB 94 7.61 73.68 -97.82
CA LEU MB 94 6.70 73.75 -98.96
C LEU MB 94 5.62 72.69 -98.86
N TYR MB 95 5.59 71.93 -97.77
CA TYR MB 95 4.59 70.88 -97.57
C TYR MB 95 4.42 70.64 -96.07
N GLU MB 96 3.36 71.19 -95.49
CA GLU MB 96 3.02 70.84 -94.12
C GLU MB 96 2.26 69.52 -94.11
N LYS MB 97 2.60 68.67 -93.13
CA LYS MB 97 2.19 67.29 -93.11
C LYS MB 97 0.70 67.17 -92.77
N LYS MB 98 0.27 65.93 -92.59
CA LYS MB 98 -1.05 65.64 -92.04
C LYS MB 98 -1.05 65.68 -90.52
N LYS MB 99 0.09 66.01 -89.91
CA LYS MB 99 0.27 65.80 -88.47
C LYS MB 99 -0.74 66.60 -87.67
N THR MB 100 -1.61 65.89 -86.95
CA THR MB 100 -2.47 66.46 -85.92
C THR MB 100 -2.13 65.93 -84.54
N SER MB 101 -2.07 64.61 -84.40
CA SER MB 101 -1.58 63.93 -83.21
C SER MB 101 -1.43 62.45 -83.57
N ARG MB 102 -1.14 61.64 -82.56
CA ARG MB 102 -1.28 60.20 -82.70
C ARG MB 102 -2.33 59.63 -81.77
N LYS MB 103 -2.26 59.94 -80.47
CA LYS MB 103 -3.25 59.41 -79.55
C LYS MB 103 -4.63 59.99 -79.84
N GLN MB 104 -4.70 61.25 -80.26
CA GLN MB 104 -5.98 61.83 -80.63
C GLN MB 104 -6.60 61.05 -81.79
N ARG MB 105 -5.79 60.68 -82.77
CA ARG MB 105 -6.27 59.81 -83.85
C ARG MB 105 -6.52 58.40 -83.32
N LYS MB 106 -5.59 57.88 -82.52
CA LYS MB 106 -5.68 56.48 -82.08
C LYS MB 106 -6.93 56.25 -81.23
N GLU MB 107 -7.26 57.21 -80.37
CA GLU MB 107 -8.49 57.09 -79.60
C GLU MB 107 -9.70 57.11 -80.52
N ARG MB 108 -9.63 57.87 -81.61
CA ARG MB 108 -10.80 58.06 -82.47
C ARG MB 108 -11.17 56.78 -83.19
N LYS MB 109 -10.19 56.10 -83.78
CA LYS MB 109 -10.51 54.89 -84.53
C LYS MB 109 -11.00 53.77 -83.62
N ASN MB 110 -10.57 53.77 -82.35
CA ASN MB 110 -11.05 52.74 -81.43
C ASN MB 110 -12.50 52.98 -81.03
N ARG MB 111 -12.85 54.22 -80.68
CA ARG MB 111 -14.24 54.53 -80.36
C ARG MB 111 -15.13 54.44 -81.58
N MET MB 112 -14.53 54.38 -82.78
CA MET MB 112 -15.30 54.10 -83.98
C MET MB 112 -15.77 52.65 -84.01
N LYS MB 113 -15.03 51.76 -83.36
CA LYS MB 113 -15.37 50.34 -83.39
C LYS MB 113 -16.69 50.07 -82.67
N LYS MB 114 -17.02 50.87 -81.67
CA LYS MB 114 -18.23 50.66 -80.89
C LYS MB 114 -19.49 51.03 -81.67
N VAL MB 115 -19.37 51.83 -82.73
CA VAL MB 115 -20.51 52.29 -83.51
C VAL MB 115 -20.38 51.94 -84.99
N ARG MB 116 -19.39 51.14 -85.37
CA ARG MB 116 -19.14 50.91 -86.79
C ARG MB 116 -20.28 50.13 -87.43
N GLY MB 117 -20.50 50.38 -88.71
CA GLY MB 117 -21.53 49.72 -89.48
C GLY MB 117 -22.41 50.69 -90.22
N THR MB 118 -22.72 51.82 -89.59
CA THR MB 118 -23.58 52.84 -90.17
C THR MB 118 -22.74 54.07 -90.50
N ALA MB 119 -22.87 54.57 -91.72
CA ALA MB 119 -22.13 55.76 -92.10
C ALA MB 119 -22.49 56.94 -91.21
N LYS MB 120 -23.78 57.12 -90.94
CA LYS MB 120 -24.20 58.21 -90.07
C LYS MB 120 -23.64 58.04 -88.66
N ALA MB 121 -23.66 56.82 -88.14
CA ALA MB 121 -23.15 56.57 -86.80
C ALA MB 121 -21.65 56.84 -86.73
N ASN MB 122 -20.92 56.57 -87.82
CA ASN MB 122 -19.47 56.71 -87.79
C ASN MB 122 -19.05 58.16 -88.03
N VAL MB 123 -19.38 58.69 -89.21
CA VAL MB 123 -18.89 60.01 -89.60
C VAL MB 123 -19.51 61.09 -88.73
N GLY MB 124 -20.79 60.95 -88.38
CA GLY MB 124 -21.45 61.98 -87.59
C GLY MB 124 -20.80 62.18 -86.23
N ALA MB 125 -20.47 61.09 -85.54
CA ALA MB 125 -19.85 61.17 -84.22
C ALA MB 125 -18.35 61.40 -84.38
N GLY MB 126 -17.94 62.66 -84.33
CA GLY MB 126 -16.53 63.00 -84.39
C GLY MB 126 -15.99 63.25 -85.78
N PRO NB 1 83.63 4.35 -56.02
CA PRO NB 1 82.28 4.50 -55.48
C PRO NB 1 81.53 3.19 -55.51
N LEU NB 2 82.20 2.13 -55.09
CA LEU NB 2 81.69 0.77 -55.27
C LEU NB 2 81.37 0.52 -56.73
N ALA NB 3 82.24 1.02 -57.61
CA ALA NB 3 82.12 0.85 -59.05
C ALA NB 3 82.83 -0.44 -59.43
N LYS NB 4 82.07 -1.52 -59.58
CA LYS NB 4 82.62 -2.81 -59.93
C LYS NB 4 81.80 -3.41 -61.06
N ASP NB 5 82.45 -4.25 -61.86
CA ASP NB 5 81.83 -4.77 -63.08
C ASP NB 5 80.80 -5.83 -62.74
N LEU NB 6 79.56 -5.59 -63.14
CA LEU NB 6 78.50 -6.58 -63.06
C LEU NB 6 78.45 -7.47 -64.29
N LEU NB 7 79.34 -7.22 -65.25
CA LEU NB 7 79.39 -7.98 -66.50
C LEU NB 7 80.43 -9.10 -66.45
N HIS NB 8 81.57 -8.86 -65.83
CA HIS NB 8 82.69 -9.80 -65.81
C HIS NB 8 83.09 -10.05 -64.36
N PRO NB 9 82.27 -10.77 -63.61
CA PRO NB 9 82.66 -11.14 -62.25
C PRO NB 9 83.37 -12.49 -62.21
N SER NB 10 84.08 -12.72 -61.12
CA SER NB 10 84.93 -13.89 -61.02
C SER NB 10 84.10 -15.17 -61.11
N PRO NB 11 84.64 -16.21 -61.71
CA PRO NB 11 83.95 -17.50 -61.72
C PRO NB 11 83.70 -18.08 -60.33
N GLU NB 12 84.14 -17.40 -59.28
CA GLU NB 12 83.92 -17.85 -57.91
C GLU NB 12 82.97 -16.97 -57.12
N GLU NB 13 82.69 -15.75 -57.60
CA GLU NB 13 81.58 -14.99 -57.02
C GLU NB 13 80.25 -15.54 -57.48
N GLU NB 14 80.21 -16.15 -58.68
CA GLU NB 14 78.97 -16.70 -59.21
C GLU NB 14 78.42 -17.84 -58.37
N LYS NB 15 79.26 -18.46 -57.55
CA LYS NB 15 78.78 -19.44 -56.58
C LYS NB 15 78.33 -18.79 -55.28
N ARG NB 16 78.58 -17.50 -55.11
CA ARG NB 16 78.10 -16.75 -53.95
C ARG NB 16 76.76 -16.08 -54.22
N LYS NB 17 75.95 -16.65 -55.11
CA LYS NB 17 74.63 -16.15 -55.41
C LYS NB 17 73.67 -17.32 -55.58
N HIS NB 18 72.38 -17.00 -55.54
CA HIS NB 18 71.34 -18.00 -55.69
C HIS NB 18 71.42 -18.65 -57.07
N LYS NB 19 70.63 -19.71 -57.24
CA LYS NB 19 70.55 -20.36 -58.54
C LYS NB 19 70.00 -19.41 -59.60
N LYS NB 20 69.27 -18.38 -59.18
CA LYS NB 20 68.59 -17.47 -60.08
C LYS NB 20 69.32 -16.14 -60.27
N LYS NB 21 70.10 -15.71 -59.27
CA LYS NB 21 70.66 -14.38 -59.25
C LYS NB 21 71.98 -14.27 -60.01
N ARG NB 22 72.42 -15.33 -60.67
CA ARG NB 22 73.69 -15.27 -61.39
C ARG NB 22 73.54 -14.41 -62.65
N LEU NB 23 74.62 -14.31 -63.40
CA LEU NB 23 74.62 -13.55 -64.64
C LEU NB 23 73.61 -14.14 -65.62
N VAL NB 24 73.88 -15.37 -66.07
CA VAL NB 24 72.93 -16.17 -66.84
C VAL NB 24 72.63 -17.41 -66.00
N GLN NB 25 71.38 -17.62 -65.67
CA GLN NB 25 71.02 -18.66 -64.73
C GLN NB 25 71.28 -20.05 -65.30
N SER NB 26 71.69 -20.97 -64.42
CA SER NB 26 71.98 -22.34 -64.79
C SER NB 26 71.77 -23.23 -63.58
N PRO NB 27 71.26 -24.44 -63.75
CA PRO NB 27 70.95 -25.28 -62.59
C PRO NB 27 72.19 -25.69 -61.82
N ASN NB 28 72.02 -25.87 -60.52
CA ASN NB 28 73.10 -26.27 -59.62
C ASN NB 28 73.35 -27.77 -59.63
N SER NB 29 72.54 -28.54 -60.33
CA SER NB 29 72.71 -29.98 -60.40
C SER NB 29 73.56 -30.36 -61.61
N TYR NB 30 73.87 -31.65 -61.70
CA TYR NB 30 74.72 -32.16 -62.75
C TYR NB 30 74.37 -33.61 -63.03
N PHE NB 31 74.16 -33.94 -64.30
CA PHE NB 31 73.82 -35.30 -64.67
C PHE NB 31 75.03 -36.21 -64.53
N MET NB 32 74.83 -37.36 -63.89
CA MET NB 32 75.92 -38.24 -63.50
C MET NB 32 75.62 -39.67 -63.94
N ASP NB 33 76.68 -40.41 -64.25
CA ASP NB 33 76.56 -41.82 -64.61
C ASP NB 33 76.83 -42.68 -63.39
N VAL NB 34 76.39 -43.94 -63.46
CA VAL NB 34 76.56 -44.90 -62.38
C VAL NB 34 76.78 -46.28 -63.00
N LYS NB 35 77.68 -47.06 -62.40
CA LYS NB 35 78.13 -48.30 -63.03
C LYS NB 35 77.33 -49.53 -62.63
N CYS NB 36 76.26 -49.37 -61.85
CA CYS NB 36 75.32 -50.46 -61.55
C CYS NB 36 76.03 -51.64 -60.88
N PRO NB 37 76.38 -51.50 -59.59
CA PRO NB 37 77.22 -52.49 -58.90
C PRO NB 37 76.95 -53.95 -59.21
N GLY NB 38 77.99 -54.65 -59.66
CA GLY NB 38 77.90 -56.05 -60.00
C GLY NB 38 77.71 -56.33 -61.47
N CYS NB 39 77.28 -55.34 -62.24
CA CYS NB 39 77.06 -55.50 -63.67
C CYS NB 39 77.64 -54.31 -64.41
N TYR NB 40 77.63 -54.39 -65.74
CA TYR NB 40 78.31 -53.42 -66.59
C TYR NB 40 77.34 -52.71 -67.54
N LYS NB 41 76.06 -52.70 -67.22
CA LYS NB 41 75.09 -51.86 -67.93
C LYS NB 41 75.03 -50.52 -67.20
N ILE NB 42 75.69 -49.52 -67.76
CA ILE NB 42 75.89 -48.24 -67.08
C ILE NB 42 74.75 -47.30 -67.46
N THR NB 43 74.01 -46.84 -66.46
CA THR NB 43 72.81 -46.05 -66.65
C THR NB 43 73.05 -44.61 -66.23
N THR NB 44 72.22 -43.71 -66.76
CA THR NB 44 72.22 -42.32 -66.36
C THR NB 44 71.38 -42.14 -65.10
N VAL NB 45 71.68 -41.10 -64.33
CA VAL NB 45 70.93 -40.80 -63.11
C VAL NB 45 71.15 -39.33 -62.76
N PHE NB 46 70.07 -38.65 -62.36
CA PHE NB 46 70.08 -37.22 -62.13
C PHE NB 46 70.45 -36.90 -60.68
N SER NB 47 71.36 -35.95 -60.50
CA SER NB 47 72.02 -35.77 -59.21
C SER NB 47 71.02 -35.46 -58.11
N HIS NB 48 70.06 -34.58 -58.38
CA HIS NB 48 69.08 -34.19 -57.37
C HIS NB 48 67.82 -35.03 -57.51
N ALA NB 49 68.01 -36.34 -57.40
CA ALA NB 49 66.92 -37.29 -57.57
C ALA NB 49 65.82 -37.05 -56.54
N GLN NB 50 64.58 -37.21 -56.98
CA GLN NB 50 63.44 -37.32 -56.08
C GLN NB 50 62.71 -38.64 -56.27
N THR NB 51 63.39 -39.66 -56.80
CA THR NB 51 62.83 -40.99 -56.93
C THR NB 51 63.96 -42.01 -56.83
N VAL NB 52 63.66 -43.15 -56.20
CA VAL NB 52 64.62 -44.25 -56.18
C VAL NB 52 64.79 -44.81 -57.59
N VAL NB 53 65.85 -45.57 -57.77
CA VAL NB 53 66.09 -46.33 -59.00
C VAL NB 53 66.51 -47.74 -58.61
N LEU NB 54 65.95 -48.73 -59.29
CA LEU NB 54 66.22 -50.13 -58.99
C LEU NB 54 66.89 -50.78 -60.19
N CYS NB 55 67.95 -51.53 -59.92
CA CYS NB 55 68.80 -52.10 -60.97
C CYS NB 55 68.52 -53.59 -61.12
N VAL NB 56 68.20 -54.01 -62.34
CA VAL NB 56 68.12 -55.44 -62.62
C VAL NB 56 69.49 -56.08 -62.46
N GLY NB 57 70.57 -55.31 -62.59
CA GLY NB 57 71.91 -55.82 -62.40
C GLY NB 57 72.29 -55.95 -60.94
N CYS NB 58 71.48 -55.35 -60.07
CA CYS NB 58 71.71 -55.40 -58.63
C CYS NB 58 70.59 -56.09 -57.87
N SER NB 59 69.34 -55.89 -58.29
CA SER NB 59 68.13 -56.24 -57.53
C SER NB 59 68.08 -55.55 -56.18
N THR NB 60 68.98 -54.60 -55.94
CA THR NB 60 69.00 -53.80 -54.72
C THR NB 60 68.96 -52.33 -55.11
N VAL NB 61 68.51 -51.50 -54.19
CA VAL NB 61 68.32 -50.08 -54.48
C VAL NB 61 69.66 -49.43 -54.79
N LEU NB 62 69.62 -48.42 -55.67
CA LEU NB 62 70.83 -47.75 -56.13
C LEU NB 62 70.99 -46.34 -55.57
N CYS NB 63 69.97 -45.50 -55.73
CA CYS NB 63 70.03 -44.10 -55.30
C CYS NB 63 68.88 -43.87 -54.33
N GLN NB 64 69.12 -43.09 -53.29
CA GLN NB 64 68.12 -42.88 -52.26
C GLN NB 64 67.84 -41.39 -52.11
N PRO NB 65 66.64 -40.91 -52.47
CA PRO NB 65 66.38 -39.46 -52.51
C PRO NB 65 66.08 -38.90 -51.13
N THR NB 66 67.01 -38.11 -50.60
CA THR NB 66 66.88 -37.58 -49.25
C THR NB 66 67.20 -36.10 -49.27
N GLY NB 67 66.22 -35.27 -48.93
CA GLY NB 67 66.40 -33.84 -48.94
C GLY NB 67 66.28 -33.26 -50.33
N GLY NB 68 67.38 -32.73 -50.84
CA GLY NB 68 67.37 -32.15 -52.17
C GLY NB 68 68.57 -32.58 -52.98
N LYS NB 69 69.16 -33.71 -52.61
CA LYS NB 69 70.26 -34.28 -53.37
C LYS NB 69 70.27 -35.78 -53.13
N ALA NB 70 70.73 -36.54 -54.12
CA ALA NB 70 70.68 -37.99 -54.00
C ALA NB 70 71.89 -38.50 -53.22
N ARG NB 71 71.73 -39.70 -52.66
CA ARG NB 71 72.80 -40.44 -52.03
C ARG NB 71 72.86 -41.83 -52.64
N LEU NB 72 74.03 -42.22 -53.15
CA LEU NB 72 74.18 -43.47 -53.86
C LEU NB 72 74.57 -44.59 -52.91
N THR NB 73 74.00 -45.78 -53.15
CA THR NB 73 74.19 -46.90 -52.24
C THR NB 73 75.64 -47.36 -52.22
N GLU NB 74 76.23 -47.56 -53.40
CA GLU NB 74 77.60 -48.01 -53.53
C GLU NB 74 78.32 -47.15 -54.57
N GLY NB 75 79.60 -46.89 -54.31
CA GLY NB 75 80.35 -46.03 -55.21
C GLY NB 75 80.48 -46.61 -56.60
N CYS NB 76 80.51 -45.72 -57.58
CA CYS NB 76 80.59 -46.11 -58.98
C CYS NB 76 81.28 -44.99 -59.75
N SER NB 77 81.54 -45.23 -61.04
CA SER NB 77 82.11 -44.21 -61.90
C SER NB 77 81.08 -43.09 -62.10
N PHE NB 78 81.51 -41.84 -61.92
CA PHE NB 78 80.60 -40.70 -61.94
C PHE NB 78 81.14 -39.63 -62.88
N ARG NB 79 80.82 -39.74 -64.16
CA ARG NB 79 81.05 -38.63 -65.07
C ARG NB 79 80.06 -37.51 -64.78
N ARG NB 80 80.39 -36.30 -65.24
CA ARG NB 80 79.62 -35.12 -64.87
C ARG NB 80 79.69 -34.06 -65.95
N LYS NB 81 78.57 -33.35 -66.13
CA LYS NB 81 78.51 -32.10 -66.90
C LYS NB 81 79.05 -32.27 -68.32
N GLN NB 82 78.74 -33.41 -68.92
CA GLN NB 82 78.97 -33.56 -70.35
C GLN NB 82 77.96 -32.76 -71.16
N HIS NB 83 76.93 -32.24 -70.50
CA HIS NB 83 75.99 -31.32 -71.13
C HIS NB 83 76.61 -29.94 -71.13
N ARG OB 1 47.26 20.08 51.86
CA ARG OB 1 48.22 19.03 52.19
C ARG OB 1 48.28 18.81 53.70
N ASP OB 2 49.05 17.82 54.13
CA ASP OB 2 49.02 17.34 55.50
C ASP OB 2 50.19 17.93 56.31
N LYS OB 3 49.89 18.25 57.56
CA LYS OB 3 50.88 18.81 58.48
C LYS OB 3 51.94 17.77 58.82
N LEU OB 4 53.06 18.24 59.36
CA LEU OB 4 54.08 17.37 59.93
C LEU OB 4 54.16 17.45 61.45
N ASN OB 5 53.51 18.44 62.08
CA ASN OB 5 53.46 18.57 63.53
C ASN OB 5 54.86 18.51 64.15
N ASN OB 6 55.78 19.25 63.57
CA ASN OB 6 57.10 19.44 64.16
C ASN OB 6 56.99 20.53 65.23
N LEU OB 7 57.03 20.13 66.50
CA LEU OB 7 56.66 21.03 67.57
C LEU OB 7 57.80 21.97 67.93
N VAL OB 8 57.50 22.93 68.80
CA VAL OB 8 58.39 24.04 69.11
C VAL OB 8 58.80 24.03 70.58
N LEU OB 9 58.86 22.85 71.18
CA LEU OB 9 59.10 22.74 72.62
C LEU OB 9 59.48 21.30 72.95
N PHE OB 10 59.81 21.07 74.23
CA PHE OB 10 60.07 19.75 74.78
C PHE OB 10 59.08 19.47 75.91
N ASP OB 11 59.10 18.22 76.41
CA ASP OB 11 58.13 17.83 77.42
C ASP OB 11 58.71 16.98 78.55
N LYS OB 12 60.03 16.88 78.66
CA LYS OB 12 60.75 16.10 79.68
C LYS OB 12 60.59 14.60 79.48
N ALA OB 13 59.75 14.17 78.53
CA ALA OB 13 59.62 12.78 78.13
C ALA OB 13 60.27 12.52 76.79
N THR OB 14 59.96 13.36 75.80
CA THR OB 14 60.66 13.31 74.52
C THR OB 14 62.14 13.68 74.67
N TYR OB 15 62.49 14.51 75.66
CA TYR OB 15 63.88 14.91 75.80
C TYR OB 15 64.75 13.74 76.21
N ASP OB 16 64.36 13.01 77.26
CA ASP OB 16 65.12 11.83 77.65
C ASP OB 16 64.90 10.69 76.67
N LYS OB 17 63.83 10.76 75.87
CA LYS OB 17 63.68 9.88 74.72
C LYS OB 17 64.87 10.05 73.77
N LEU OB 18 65.35 11.28 73.63
CA LEU OB 18 66.52 11.54 72.79
C LEU OB 18 67.81 11.09 73.45
N CYS OB 19 67.88 11.18 74.78
CA CYS OB 19 69.19 11.15 75.45
C CYS OB 19 69.85 9.79 75.44
N LYS OB 20 69.08 8.71 75.30
CA LYS OB 20 69.67 7.37 75.26
C LYS OB 20 70.06 6.97 73.84
N GLU OB 21 69.21 7.28 72.87
CA GLU OB 21 69.24 6.61 71.58
C GLU OB 21 70.35 7.11 70.68
N VAL OB 22 70.32 8.40 70.36
CA VAL OB 22 71.04 8.89 69.18
C VAL OB 22 72.55 8.73 69.25
N PRO OB 23 73.23 8.80 70.43
CA PRO OB 23 74.70 8.69 70.39
C PRO OB 23 75.21 7.36 69.88
N ASN OB 24 74.32 6.44 69.50
CA ASN OB 24 74.72 5.25 68.78
C ASN OB 24 74.47 5.37 67.27
N TYR OB 25 73.96 6.51 66.81
CA TYR OB 25 73.81 6.75 65.38
C TYR OB 25 75.17 7.01 64.74
N LYS OB 26 75.46 6.30 63.65
CA LYS OB 26 76.64 6.63 62.86
C LYS OB 26 76.44 7.94 62.11
N LEU OB 27 75.20 8.40 62.00
CA LEU OB 27 74.85 9.61 61.27
C LEU OB 27 74.01 10.50 62.17
N ILE OB 28 74.61 11.57 62.69
CA ILE OB 28 73.95 12.49 63.60
C ILE OB 28 73.96 13.85 62.94
N THR OB 29 72.85 14.19 62.28
CA THR OB 29 72.66 15.45 61.58
C THR OB 29 71.29 16.01 61.92
N PRO OB 30 71.09 17.32 61.82
CA PRO OB 30 69.77 17.89 62.11
C PRO OB 30 68.67 17.30 61.23
N ALA OB 31 69.02 16.81 60.04
CA ALA OB 31 68.00 16.25 59.16
C ALA OB 31 67.47 14.92 59.70
N VAL OB 32 68.37 14.02 60.09
CA VAL OB 32 67.94 12.69 60.50
C VAL OB 32 67.19 12.74 61.83
N VAL OB 33 67.48 13.73 62.67
CA VAL OB 33 66.75 13.87 63.93
C VAL OB 33 65.30 14.19 63.66
N SER OB 34 65.04 15.15 62.76
CA SER OB 34 63.68 15.56 62.49
C SER OB 34 62.94 14.56 61.62
N GLU OB 35 63.65 13.67 60.93
CA GLU OB 35 62.98 12.53 60.31
C GLU OB 35 62.53 11.53 61.37
N ARG OB 36 63.38 11.27 62.35
CA ARG OB 36 63.06 10.33 63.41
C ARG OB 36 61.94 10.86 64.30
N LEU OB 37 62.08 12.09 64.78
CA LEU OB 37 61.07 12.72 65.61
C LEU OB 37 60.08 13.51 64.76
N LYS OB 38 59.03 14.01 65.41
CA LYS OB 38 58.17 15.01 64.81
C LYS OB 38 58.55 16.39 65.37
N ILE OB 39 59.75 16.84 65.01
CA ILE OB 39 60.36 18.03 65.58
C ILE OB 39 60.94 18.88 64.46
N ARG OB 40 60.95 20.20 64.68
CA ARG OB 40 61.65 21.08 63.76
C ARG OB 40 63.16 20.97 63.97
N GLY OB 41 63.91 21.38 62.96
CA GLY OB 41 65.35 21.42 63.08
C GLY OB 41 65.82 22.42 64.12
N SER OB 42 65.11 23.54 64.25
CA SER OB 42 65.52 24.61 65.15
C SER OB 42 65.74 24.08 66.57
N LEU OB 43 64.75 23.33 67.08
CA LEU OB 43 64.96 22.65 68.35
C LEU OB 43 66.08 21.63 68.25
N ALA OB 44 66.07 20.83 67.19
CA ALA OB 44 67.03 19.73 67.08
C ALA OB 44 68.45 20.25 66.92
N ARG OB 45 68.64 21.26 66.08
CA ARG OB 45 69.94 21.91 66.00
C ARG OB 45 70.33 22.50 67.36
N ALA OB 46 69.34 23.04 68.09
CA ALA OB 46 69.61 23.47 69.46
C ALA OB 46 69.73 22.29 70.41
N ALA OB 47 68.88 21.27 70.24
CA ALA OB 47 68.98 20.09 71.08
C ALA OB 47 70.34 19.40 70.88
N LEU OB 48 70.78 19.27 69.63
CA LEU OB 48 72.14 18.81 69.40
C LEU OB 48 73.15 19.77 70.00
N GLN OB 49 72.87 21.08 69.94
CA GLN OB 49 73.70 22.04 70.63
C GLN OB 49 73.66 21.82 72.14
N GLU OB 50 72.47 21.55 72.69
CA GLU OB 50 72.38 21.15 74.09
C GLU OB 50 73.19 19.88 74.33
N LEU OB 51 72.98 18.85 73.50
CA LEU OB 51 73.63 17.57 73.74
C LEU OB 51 75.14 17.64 73.47
N LEU OB 52 75.53 18.44 72.49
CA LEU OB 52 76.96 18.62 72.21
C LEU OB 52 77.68 19.14 73.44
N SER OB 53 77.02 20.00 74.22
CA SER OB 53 77.64 20.57 75.39
C SER OB 53 77.97 19.51 76.44
N LYS OB 54 77.07 18.53 76.61
CA LYS OB 54 77.30 17.47 77.58
C LYS OB 54 78.54 16.65 77.23
N GLY OB 55 78.70 16.30 75.96
CA GLY OB 55 79.84 15.51 75.53
C GLY OB 55 79.47 14.13 75.02
N LEU OB 56 78.18 13.83 74.94
CA LEU OB 56 77.72 12.53 74.46
C LEU OB 56 77.85 12.36 72.96
N ILE OB 57 78.05 13.43 72.20
CA ILE OB 57 78.11 13.37 70.75
C ILE OB 57 79.27 14.24 70.28
N LYS OB 58 80.08 13.71 69.36
CA LYS OB 58 81.30 14.37 68.93
C LYS OB 58 81.14 15.00 67.55
N LEU OB 59 82.16 15.76 67.16
CA LEU OB 59 82.09 16.65 66.01
C LEU OB 59 82.98 16.16 64.87
N VAL OB 60 82.41 16.13 63.67
CA VAL OB 60 83.16 15.85 62.46
C VAL OB 60 83.31 17.09 61.58
N SER OB 61 82.25 17.88 61.42
CA SER OB 61 82.30 19.08 60.63
C SER OB 61 81.09 19.96 60.95
N LYS OB 62 81.36 21.20 61.33
CA LYS OB 62 80.30 22.20 61.58
C LYS OB 62 80.38 23.21 60.45
N HIS OB 63 79.38 23.20 59.58
CA HIS OB 63 79.39 23.98 58.35
C HIS OB 63 78.09 24.76 58.21
N ARG OB 64 78.11 25.80 57.36
CA ARG OB 64 76.97 26.73 57.30
C ARG OB 64 75.68 26.04 56.91
N ALA OB 65 75.70 25.18 55.89
CA ALA OB 65 74.49 24.55 55.41
C ALA OB 65 74.20 23.22 56.07
N GLN OB 66 75.20 22.60 56.71
CA GLN OB 66 74.99 21.31 57.34
C GLN OB 66 76.09 21.11 58.38
N VAL OB 67 75.79 20.29 59.38
CA VAL OB 67 76.75 19.90 60.39
C VAL OB 67 76.70 18.40 60.56
N ILE OB 68 77.84 17.79 60.91
CA ILE OB 68 77.96 16.35 61.00
C ILE OB 68 78.44 15.98 62.40
N TYR OB 69 77.75 15.03 63.02
CA TYR OB 69 78.17 14.45 64.28
C TYR OB 69 78.05 12.92 64.21
N THR OB 70 78.76 12.23 65.09
CA THR OB 70 78.82 10.78 65.08
C THR OB 70 78.67 10.22 66.50
N ARG OB 71 78.97 8.93 66.64
CA ARG OB 71 78.92 8.27 67.93
C ARG OB 71 80.07 8.73 68.82
N ASN OB 72 79.93 8.46 70.12
CA ASN OB 72 80.92 8.81 71.12
C ASN OB 72 81.90 7.68 71.40
N THR OB 73 82.13 6.81 70.40
CA THR OB 73 82.97 5.63 70.53
C THR OB 73 82.51 4.76 71.70
N LYS OB 74 81.24 4.34 71.61
CA LYS OB 74 80.69 3.43 72.62
C LYS OB 74 81.32 2.04 72.49
N GLY OB 75 81.50 1.57 71.27
CA GLY OB 75 82.07 0.25 71.03
C GLY OB 75 81.44 -0.47 69.87
N THR PB 1 53.76 9.33 -27.55
CA THR PB 1 55.15 9.16 -27.96
C THR PB 1 55.55 7.69 -27.90
N LYS PB 2 56.84 7.41 -27.69
CA LYS PB 2 57.32 6.03 -27.59
C LYS PB 2 58.52 6.03 -26.65
N LYS PB 3 58.28 5.70 -25.38
CA LYS PB 3 59.38 5.60 -24.44
C LYS PB 3 60.32 4.47 -24.80
N ARG PB 4 59.80 3.34 -25.26
CA ARG PB 4 60.61 2.16 -25.51
C ARG PB 4 60.25 1.55 -26.85
N ARG PB 5 61.24 1.21 -27.65
CA ARG PB 5 60.98 0.52 -28.91
C ARG PB 5 60.37 -0.85 -28.67
N ASN PB 6 60.60 -1.44 -27.49
CA ASN PB 6 60.03 -2.72 -27.12
C ASN PB 6 58.65 -2.61 -26.52
N ASN PB 7 58.14 -1.39 -26.32
CA ASN PB 7 56.92 -1.15 -25.57
C ASN PB 7 57.00 -1.70 -24.15
N GLY PB 8 58.21 -2.04 -23.70
CA GLY PB 8 58.39 -2.70 -22.43
C GLY PB 8 58.25 -4.19 -22.47
N ARG PB 9 57.69 -4.74 -23.55
CA ARG PB 9 57.48 -6.17 -23.70
C ARG PB 9 58.66 -6.81 -24.42
N ALA PB 10 58.78 -8.11 -24.24
CA ALA PB 10 59.71 -8.91 -25.03
C ALA PB 10 58.97 -9.79 -26.04
N LYS PB 11 57.89 -9.27 -26.61
CA LYS PB 11 57.07 -10.01 -27.56
C LYS PB 11 57.25 -9.42 -28.95
N LYS PB 12 57.80 -10.21 -29.86
CA LYS PB 12 57.94 -9.80 -31.25
C LYS PB 12 57.51 -10.96 -32.14
N GLY PB 13 56.49 -10.73 -32.95
CA GLY PB 13 56.05 -11.72 -33.91
C GLY PB 13 55.28 -12.88 -33.31
N ARG PB 14 54.17 -12.58 -32.65
CA ARG PB 14 53.25 -13.58 -32.11
C ARG PB 14 52.02 -12.83 -31.61
N GLY PB 15 51.11 -13.55 -30.98
CA GLY PB 15 49.87 -12.96 -30.52
C GLY PB 15 49.96 -12.50 -29.08
N HIS PB 16 49.40 -13.25 -28.14
CA HIS PB 16 49.57 -12.92 -26.73
C HIS PB 16 50.15 -14.11 -25.99
N VAL PB 17 51.04 -13.81 -25.05
CA VAL PB 17 51.71 -14.82 -24.26
C VAL PB 17 50.91 -15.07 -22.98
N GLN PB 18 51.10 -16.24 -22.40
CA GLN PB 18 50.36 -16.60 -21.21
C GLN PB 18 50.73 -15.66 -20.06
N PRO PB 19 49.75 -15.20 -19.29
CA PRO PB 19 50.05 -14.28 -18.19
C PRO PB 19 50.37 -14.97 -16.88
N ILE PB 20 51.41 -14.49 -16.22
CA ILE PB 20 51.92 -15.07 -14.98
C ILE PB 20 51.69 -14.09 -13.84
N ARG PB 21 51.04 -14.56 -12.76
CA ARG PB 21 50.67 -13.68 -11.62
C ARG PB 21 51.94 -13.16 -10.91
N CYS PB 22 51.88 -11.93 -10.38
CA CYS PB 22 53.05 -11.33 -9.69
C CYS PB 22 53.36 -12.09 -8.38
N THR PB 23 54.65 -12.23 -8.05
CA THR PB 23 55.05 -12.99 -6.83
C THR PB 23 55.34 -12.01 -5.67
N ASN PB 24 54.49 -10.99 -5.57
CA ASN PB 24 54.20 -10.26 -4.31
C ASN PB 24 52.69 -10.00 -4.18
N CYS PB 25 52.12 -9.12 -5.01
CA CYS PB 25 50.68 -8.75 -4.87
C CYS PB 25 49.73 -9.61 -5.72
N ALA PB 26 50.26 -10.47 -6.60
CA ALA PB 26 49.41 -11.28 -7.50
C ALA PB 26 48.60 -10.38 -8.45
N ARG PB 27 49.31 -9.55 -9.22
CA ARG PB 27 48.83 -8.84 -10.39
C ARG PB 27 49.16 -9.62 -11.65
N CYS PB 28 48.18 -9.73 -12.54
CA CYS PB 28 48.26 -10.64 -13.68
C CYS PB 28 48.98 -9.97 -14.83
N VAL PB 29 50.30 -10.10 -14.86
CA VAL PB 29 51.10 -9.59 -15.97
C VAL PB 29 51.47 -10.73 -16.92
N PRO PB 30 51.60 -10.48 -18.21
CA PRO PB 30 52.08 -11.52 -19.12
C PRO PB 30 53.54 -11.86 -18.85
N LYS PB 31 53.92 -13.08 -19.27
CA LYS PB 31 55.25 -13.59 -18.95
C LYS PB 31 56.36 -12.78 -19.61
N ASP PB 32 56.06 -11.98 -20.62
CA ASP PB 32 57.09 -11.16 -21.25
C ASP PB 32 57.38 -9.90 -20.46
N LYS PB 33 56.33 -9.13 -20.14
CA LYS PB 33 56.52 -7.83 -19.51
C LYS PB 33 57.09 -7.95 -18.11
N ALA PB 34 56.86 -9.07 -17.43
CA ALA PB 34 57.24 -9.19 -16.03
C ALA PB 34 58.76 -9.15 -15.87
N ILE PB 35 59.19 -8.68 -14.71
CA ILE PB 35 60.61 -8.61 -14.37
C ILE PB 35 60.97 -9.91 -13.65
N LYS PB 36 61.71 -10.78 -14.32
CA LYS PB 36 62.02 -12.09 -13.77
C LYS PB 36 63.35 -12.06 -13.02
N LYS PB 37 63.37 -12.72 -11.86
CA LYS PB 37 64.57 -12.86 -11.06
C LYS PB 37 64.69 -14.31 -10.63
N PHE PB 38 65.93 -14.78 -10.47
CA PHE PB 38 66.20 -16.16 -10.06
C PHE PB 38 67.24 -16.12 -8.95
N VAL PB 39 66.78 -16.14 -7.70
CA VAL PB 39 67.65 -15.98 -6.55
C VAL PB 39 68.01 -17.36 -6.00
N ILE PB 40 69.31 -17.65 -5.96
CA ILE PB 40 69.84 -18.82 -5.28
C ILE PB 40 70.40 -18.37 -3.94
N ARG PB 41 70.00 -19.05 -2.88
CA ARG PB 41 70.39 -18.65 -1.54
C ARG PB 41 70.58 -19.90 -0.69
N ASN PB 42 71.58 -19.88 0.18
CA ASN PB 42 71.71 -20.94 1.16
C ASN PB 42 70.55 -20.88 2.14
N ILE PB 43 70.06 -22.04 2.55
CA ILE PB 43 69.00 -22.09 3.54
C ILE PB 43 69.50 -21.59 4.88
N VAL PB 44 70.82 -21.61 5.08
CA VAL PB 44 71.47 -21.49 6.38
C VAL PB 44 72.29 -20.22 6.45
N GLU PB 45 71.77 -19.12 5.90
CA GLU PB 45 72.55 -17.96 5.48
C GLU PB 45 73.65 -17.54 6.45
N ALA PB 46 74.71 -16.94 5.90
CA ALA PB 46 76.03 -16.82 6.50
C ALA PB 46 76.05 -16.47 7.99
N ALA PB 47 75.02 -15.77 8.48
CA ALA PB 47 74.97 -15.42 9.88
C ALA PB 47 74.95 -16.64 10.81
N ALA PB 48 74.78 -17.85 10.28
CA ALA PB 48 74.72 -19.03 11.13
C ALA PB 48 75.46 -20.24 10.57
N VAL PB 49 76.18 -20.10 9.44
CA VAL PB 49 76.74 -21.29 8.79
C VAL PB 49 77.68 -22.03 9.72
N ARG PB 50 78.58 -21.31 10.38
CA ARG PB 50 79.53 -21.98 11.27
C ARG PB 50 78.82 -22.57 12.49
N ASP PB 51 77.77 -21.91 12.97
CA ASP PB 51 77.02 -22.46 14.10
C ASP PB 51 76.36 -23.77 13.72
N ILE PB 52 76.24 -24.06 12.43
CA ILE PB 52 75.71 -25.34 12.00
C ILE PB 52 76.83 -26.36 11.87
N SER PB 53 78.03 -25.90 11.49
CA SER PB 53 79.15 -26.82 11.36
C SER PB 53 79.49 -27.47 12.70
N GLU PB 54 79.37 -26.72 13.79
CA GLU PB 54 79.62 -27.28 15.12
C GLU PB 54 78.64 -28.40 15.44
N ALA PB 55 77.38 -28.23 15.06
CA ALA PB 55 76.32 -29.15 15.45
C ALA PB 55 75.95 -30.15 14.36
N SER PB 56 76.77 -30.27 13.32
CA SER PB 56 76.47 -31.21 12.24
C SER PB 56 76.94 -32.61 12.62
N VAL PB 57 76.06 -33.59 12.39
CA VAL PB 57 76.41 -34.98 12.65
C VAL PB 57 77.47 -35.45 11.66
N PHE PB 58 77.26 -35.17 10.37
CA PHE PB 58 78.12 -35.71 9.34
C PHE PB 58 79.44 -34.94 9.26
N ASP PB 59 80.46 -35.63 8.75
CA ASP PB 59 81.78 -35.03 8.63
C ASP PB 59 81.84 -34.04 7.47
N ALA PB 60 81.17 -34.35 6.36
CA ALA PB 60 81.21 -33.52 5.17
C ALA PB 60 79.77 -33.21 4.76
N TYR PB 61 79.37 -31.96 4.99
CA TYR PB 61 78.02 -31.52 4.66
C TYR PB 61 78.12 -30.16 3.99
N VAL PB 62 77.23 -29.92 3.01
CA VAL PB 62 77.39 -28.78 2.11
C VAL PB 62 76.24 -27.80 2.22
N LEU PB 63 75.18 -28.10 2.99
CA LEU PB 63 74.15 -27.13 3.29
C LEU PB 63 73.47 -26.67 1.99
N PRO PB 64 72.63 -27.52 1.40
CA PRO PB 64 72.20 -27.29 0.02
C PRO PB 64 71.48 -25.96 -0.17
N LYS PB 65 71.64 -25.41 -1.37
CA LYS PB 65 71.12 -24.08 -1.68
C LYS PB 65 69.60 -24.12 -1.78
N LEU PB 66 69.00 -22.97 -2.07
CA LEU PB 66 67.56 -22.85 -2.24
C LEU PB 66 67.30 -22.14 -3.56
N TYR PB 67 66.36 -22.66 -4.33
CA TYR PB 67 66.12 -22.21 -5.70
C TYR PB 67 64.67 -21.77 -5.83
N VAL PB 68 64.45 -20.47 -5.98
CA VAL PB 68 63.11 -19.95 -6.23
C VAL PB 68 63.17 -18.94 -7.38
N LYS PB 69 62.25 -19.10 -8.32
CA LYS PB 69 62.17 -18.25 -9.51
C LYS PB 69 61.06 -17.22 -9.27
N LEU PB 70 61.45 -15.97 -9.03
CA LEU PB 70 60.49 -14.92 -8.69
C LEU PB 70 60.11 -14.13 -9.93
N HIS PB 71 58.82 -13.88 -10.09
CA HIS PB 71 58.31 -12.97 -11.11
C HIS PB 71 57.69 -11.76 -10.43
N TYR PB 72 57.99 -10.57 -10.94
CA TYR PB 72 57.50 -9.33 -10.37
C TYR PB 72 56.66 -8.56 -11.38
N CYS PB 73 55.53 -8.04 -10.94
CA CYS PB 73 54.81 -7.05 -11.72
C CYS PB 73 55.59 -5.74 -11.70
N VAL PB 74 55.32 -4.89 -12.68
CA VAL PB 74 56.07 -3.64 -12.79
C VAL PB 74 55.87 -2.78 -11.55
N SER PB 75 54.64 -2.67 -11.08
CA SER PB 75 54.36 -1.85 -9.90
C SER PB 75 54.98 -2.47 -8.65
N CYS PB 76 54.84 -3.80 -8.49
CA CYS PB 76 55.40 -4.46 -7.33
C CYS PB 76 56.91 -4.49 -7.39
N ALA PB 77 57.49 -4.17 -8.56
CA ALA PB 77 58.93 -4.28 -8.73
C ALA PB 77 59.64 -3.00 -8.34
N ILE PB 78 59.20 -1.87 -8.91
CA ILE PB 78 59.85 -0.59 -8.63
C ILE PB 78 59.83 -0.32 -7.13
N HIS PB 79 58.69 -0.57 -6.48
CA HIS PB 79 58.54 -0.29 -5.06
C HIS PB 79 59.51 -1.12 -4.23
N SER PB 80 59.67 -2.40 -4.57
CA SER PB 80 60.64 -3.23 -3.87
C SER PB 80 62.07 -2.92 -4.27
N LYS PB 81 62.27 -2.02 -5.22
CA LYS PB 81 63.58 -1.48 -5.58
C LYS PB 81 64.47 -2.52 -6.24
N VAL PB 82 63.91 -3.34 -7.12
CA VAL PB 82 64.73 -4.18 -7.99
C VAL PB 82 65.32 -3.34 -9.12
N VAL PB 83 64.50 -2.46 -9.71
CA VAL PB 83 64.88 -1.66 -10.86
C VAL PB 83 64.57 -0.20 -10.56
N ARG PB 84 64.78 0.64 -11.56
CA ARG PB 84 64.62 2.08 -11.38
C ARG PB 84 64.56 2.76 -12.73
N ASN PB 85 64.09 4.00 -12.72
CA ASN PB 85 64.11 4.80 -13.93
C ASN PB 85 65.55 5.06 -14.35
N ARG PB 86 65.75 5.23 -15.66
CA ARG PB 86 67.08 5.45 -16.21
C ARG PB 86 67.02 6.50 -17.30
N SER PB 87 68.16 7.15 -17.52
CA SER PB 87 68.25 8.25 -18.47
C SER PB 87 68.00 7.77 -19.89
N ARG PB 88 67.45 8.66 -20.71
CA ARG PB 88 66.91 8.28 -22.01
C ARG PB 88 67.97 7.76 -22.97
N GLU PB 89 69.25 7.96 -22.68
CA GLU PB 89 70.30 7.31 -23.44
C GLU PB 89 70.81 6.05 -22.77
N ALA PB 90 70.99 6.07 -21.45
CA ALA PB 90 71.33 4.87 -20.72
C ALA PB 90 70.17 3.90 -20.64
N ARG PB 91 68.99 4.31 -21.05
CA ARG PB 91 67.86 3.39 -21.12
C ARG PB 91 68.08 2.30 -22.16
N LYS PB 92 68.86 2.60 -23.20
CA LYS PB 92 68.97 1.70 -24.34
C LYS PB 92 69.67 0.39 -23.96
N ASP PB 93 70.77 0.48 -23.23
CA ASP PB 93 71.60 -0.69 -23.00
C ASP PB 93 70.86 -1.76 -22.20
N ARG PB 94 71.02 -3.00 -22.61
CA ARG PB 94 70.28 -4.11 -22.01
C ARG PB 94 71.19 -5.14 -21.36
N THR PB 95 72.49 -4.91 -21.33
CA THR PB 95 73.40 -5.83 -20.67
C THR PB 95 73.15 -5.81 -19.15
N PRO PB 96 73.11 -6.97 -18.50
CA PRO PB 96 72.84 -6.99 -17.07
C PRO PB 96 73.89 -6.19 -16.32
N PRO PB 97 73.49 -5.57 -15.21
CA PRO PB 97 74.43 -4.71 -14.50
C PRO PB 97 75.56 -5.52 -13.90
N PRO PB 98 76.76 -4.95 -13.76
CA PRO PB 98 77.88 -5.67 -13.17
C PRO PB 98 77.80 -5.67 -11.65
N LYS QB 1 46.45 72.07 15.60
CA LYS QB 1 46.30 73.11 14.59
C LYS QB 1 44.85 73.55 14.48
N SER QB 2 44.62 74.72 13.91
CA SER QB 2 43.26 75.23 13.73
C SER QB 2 42.63 74.49 12.55
N TYR QB 3 41.67 73.62 12.84
CA TYR QB 3 40.99 72.82 11.82
C TYR QB 3 39.57 73.26 11.53
N THR QB 4 38.98 74.08 12.40
CA THR QB 4 37.55 74.30 12.37
C THR QB 4 37.17 75.55 11.59
N THR QB 5 35.99 75.49 10.98
CA THR QB 5 35.40 76.66 10.33
C THR QB 5 35.08 77.78 11.33
N PRO QB 6 34.42 77.53 12.48
CA PRO QB 6 34.04 78.67 13.34
C PRO QB 6 35.19 79.33 14.07
N LYS QB 7 35.59 80.51 13.58
CA LYS QB 7 36.36 81.47 14.36
C LYS QB 7 35.59 82.76 14.60
N LYS QB 8 34.57 83.03 13.79
CA LYS QB 8 33.59 84.11 13.89
C LYS QB 8 34.18 85.46 13.48
N ASN QB 9 35.50 85.55 13.40
CA ASN QB 9 36.20 86.69 12.82
C ASN QB 9 37.70 86.46 12.94
N LYS QB 10 38.45 87.10 12.06
CA LYS QB 10 39.85 87.42 12.31
C LYS QB 10 40.30 88.50 11.32
N HIS QB 11 40.58 89.68 11.82
CA HIS QB 11 40.93 90.81 10.96
C HIS QB 11 41.69 91.83 11.80
N LYS QB 12 42.11 92.92 11.17
CA LYS QB 12 42.94 93.93 11.79
C LYS QB 12 42.08 95.12 12.22
N ARG QB 13 42.44 95.70 13.36
CA ARG QB 13 41.81 96.96 13.77
C ARG QB 13 42.42 98.09 12.95
N LYS QB 14 41.95 98.25 11.71
CA LYS QB 14 42.55 99.18 10.77
C LYS QB 14 42.56 100.61 11.30
N LYS QB 15 43.70 101.27 11.16
CA LYS QB 15 43.92 102.63 11.67
C LYS QB 15 43.99 103.60 10.50
N VAL QB 16 43.46 104.81 10.70
CA VAL QB 16 43.41 105.85 9.67
C VAL QB 16 43.81 107.19 10.27
N LYS QB 17 44.63 107.94 9.52
CA LYS QB 17 44.71 109.39 9.68
C LYS QB 17 44.24 110.10 8.41
N LEU QB 18 43.59 109.35 7.52
CA LEU QB 18 42.95 109.92 6.34
C LEU QB 18 41.79 110.83 6.69
N ALA QB 19 41.20 110.67 7.88
CA ALA QB 19 40.03 111.44 8.27
C ALA QB 19 40.42 112.84 8.71
N VAL QB 20 39.42 113.72 8.75
CA VAL QB 20 39.59 115.07 9.27
C VAL QB 20 39.54 115.00 10.79
N LEU QB 21 40.69 115.20 11.43
CA LEU QB 21 40.76 115.18 12.88
C LEU QB 21 41.87 116.11 13.32
N LYS QB 22 41.53 117.13 14.10
CA LYS QB 22 42.49 118.13 14.53
C LYS QB 22 43.12 117.73 15.85
N TYR QB 23 44.43 117.92 15.94
CA TYR QB 23 45.19 117.60 17.13
C TYR QB 23 45.59 118.84 17.93
N TYR QB 24 45.81 119.96 17.26
CA TYR QB 24 45.90 121.28 17.88
C TYR QB 24 44.77 122.13 17.31
N LYS QB 25 44.78 123.43 17.64
CA LYS QB 25 43.70 124.31 17.25
C LYS QB 25 44.18 125.34 16.25
N VAL QB 26 43.22 125.91 15.51
CA VAL QB 26 43.50 126.89 14.45
C VAL QB 26 43.47 128.27 15.10
N ASP QB 27 44.63 128.70 15.58
CA ASP QB 27 44.79 130.03 16.15
C ASP QB 27 45.63 130.90 15.23
N GLU QB 28 45.92 132.10 15.73
CA GLU QB 28 46.76 133.05 15.01
C GLU QB 28 48.21 132.56 14.97
N ASN QB 29 49.01 133.21 14.13
CA ASN QB 29 50.41 132.83 14.01
C ASN QB 29 51.16 133.06 15.32
N GLY QB 30 52.02 132.11 15.67
CA GLY QB 30 52.82 132.18 16.87
C GLY QB 30 52.18 131.57 18.09
N LYS QB 31 50.90 131.22 18.03
CA LYS QB 31 50.19 130.62 19.14
C LYS QB 31 49.41 129.41 18.65
N ILE QB 32 49.70 128.25 19.24
CA ILE QB 32 49.05 127.00 18.88
C ILE QB 32 48.39 126.46 20.14
N SER QB 33 47.15 126.01 20.02
CA SER QB 33 46.37 125.54 21.15
C SER QB 33 46.12 124.04 21.03
N ARG QB 34 46.43 123.32 22.10
CA ARG QB 34 46.34 121.86 22.12
C ARG QB 34 44.95 121.45 22.57
N LEU QB 35 44.25 120.66 21.75
CA LEU QB 35 42.95 120.15 22.14
C LEU QB 35 43.10 119.08 23.23
N ARG QB 36 44.03 118.14 23.05
CA ARG QB 36 44.23 117.03 23.98
C ARG QB 36 45.69 116.98 24.40
N ARG QB 37 45.98 116.11 25.36
CA ARG QB 37 47.31 116.01 25.95
C ARG QB 37 48.29 115.42 24.95
N GLU QB 38 49.14 116.27 24.37
CA GLU QB 38 50.17 115.81 23.45
C GLU QB 38 51.49 116.50 23.78
N CYS QB 39 52.57 115.72 23.78
CA CYS QB 39 53.86 116.11 24.31
C CYS QB 39 54.80 116.50 23.18
N PRO QB 40 55.77 117.37 23.45
CA PRO QB 40 56.80 117.66 22.45
C PRO QB 40 57.69 116.46 22.15
N SER QB 41 57.87 115.57 23.12
CA SER QB 41 58.78 114.43 22.98
C SER QB 41 58.17 113.32 22.13
N VAL QB 48 54.53 112.48 21.01
CA VAL QB 48 53.60 113.50 20.57
C VAL QB 48 52.17 112.95 20.69
N PHE QB 49 52.06 111.68 21.06
CA PHE QB 49 50.75 111.03 21.15
C PHE QB 49 50.69 110.30 22.50
N MET QB 50 50.26 111.03 23.53
CA MET QB 50 50.13 110.51 24.88
C MET QB 50 48.72 110.76 25.43
N ALA QB 51 47.84 111.32 24.61
CA ALA QB 51 46.50 111.70 25.05
C ALA QB 51 45.74 110.49 25.59
N SER QB 52 44.71 110.78 26.39
CA SER QB 52 43.86 109.73 26.92
C SER QB 52 43.25 108.93 25.79
N HIS QB 53 43.28 107.60 25.92
CA HIS QB 53 42.61 106.74 24.96
C HIS QB 53 41.12 106.64 25.28
N PHE QB 54 40.81 106.03 26.40
CA PHE QB 54 39.54 106.20 27.09
C PHE QB 54 39.72 106.45 28.57
N ASP QB 55 40.68 105.78 29.21
CA ASP QB 55 41.09 106.13 30.57
C ASP QB 55 42.58 105.96 30.84
N ARG QB 56 43.40 105.60 29.86
CA ARG QB 56 44.82 105.38 30.08
C ARG QB 56 45.63 106.11 29.02
N HIS QB 57 46.92 106.30 29.33
CA HIS QB 57 47.88 106.92 28.43
C HIS QB 57 48.93 105.91 28.00
N TYR QB 58 49.29 105.94 26.73
CA TYR QB 58 50.33 105.08 26.19
C TYR QB 58 50.87 105.73 24.92
N CYS QB 59 52.13 105.47 24.62
CA CYS QB 59 52.82 106.15 23.52
C CYS QB 59 53.33 105.14 22.51
N GLY QB 60 53.82 105.66 21.40
CA GLY QB 60 54.40 104.83 20.36
C GLY QB 60 55.90 104.95 20.29
N LYS QB 61 56.43 106.15 20.55
CA LYS QB 61 57.87 106.34 20.59
C LYS QB 61 58.43 106.30 22.00
N CYS QB 62 57.59 106.34 23.04
CA CYS QB 62 58.10 106.39 24.40
C CYS QB 62 57.54 105.25 25.26
N CYS QB 63 56.26 104.94 25.08
CA CYS QB 63 55.62 103.81 25.77
C CYS QB 63 55.70 103.95 27.29
N LEU QB 64 55.36 105.14 27.80
CA LEU QB 64 55.27 105.36 29.24
C LEU QB 64 53.81 105.40 29.67
N THR QB 65 53.38 104.37 30.39
CA THR QB 65 51.98 104.20 30.76
C THR QB 65 51.67 105.06 31.99
N TYR QB 66 50.77 106.02 31.82
CA TYR QB 66 50.24 106.83 32.91
C TYR QB 66 48.92 106.21 33.33
N CYS QB 67 48.75 105.97 34.64
CA CYS QB 67 47.59 105.20 35.07
C CYS QB 67 46.90 105.77 36.30
N PHE QB 68 47.34 106.90 36.85
CA PHE QB 68 46.65 107.48 37.99
C PHE QB 68 46.57 109.01 37.93
N ASN QB 69 46.82 109.62 36.78
CA ASN QB 69 46.78 111.07 36.66
C ASN QB 69 45.79 111.52 35.58
N THR RB 1 139.80 -2.55 8.02
CA THR RB 1 139.76 -1.13 7.73
C THR RB 1 139.22 -0.35 8.93
N GLU RB 2 139.68 0.89 9.11
CA GLU RB 2 139.39 1.67 10.30
C GLU RB 2 138.04 2.34 10.14
N GLN RB 3 136.99 1.66 10.61
CA GLN RB 3 135.61 2.10 10.47
C GLN RB 3 135.10 2.72 11.76
N MET RB 4 134.17 3.66 11.64
CA MET RB 4 133.59 4.36 12.77
C MET RB 4 132.19 3.83 13.05
N THR RB 5 131.81 3.85 14.33
CA THR RB 5 130.47 3.44 14.76
C THR RB 5 129.98 4.36 15.87
N LEU RB 6 128.72 4.13 16.27
CA LEU RB 6 128.11 4.91 17.33
C LEU RB 6 128.68 4.54 18.68
N ARG RB 7 129.05 5.56 19.46
CA ARG RB 7 129.19 5.40 20.91
C ARG RB 7 127.93 5.82 21.65
N GLY RB 8 127.15 6.75 21.09
CA GLY RB 8 125.90 7.12 21.70
C GLY RB 8 125.29 8.33 21.01
N THR RB 9 124.17 8.78 21.59
CA THR RB 9 123.46 9.95 21.15
C THR RB 9 123.05 10.79 22.35
N LEU RB 10 122.50 11.96 22.08
CA LEU RB 10 122.04 12.87 23.12
C LEU RB 10 120.69 13.42 22.73
N LYS RB 11 119.64 13.00 23.43
CA LYS RB 11 118.30 13.53 23.20
C LYS RB 11 118.16 14.78 24.06
N GLY RB 12 118.78 15.85 23.58
CA GLY RB 12 118.80 17.10 24.32
C GLY RB 12 118.25 18.28 23.55
N HIS RB 13 117.34 18.03 22.61
CA HIS RB 13 116.78 19.11 21.82
C HIS RB 13 115.39 18.74 21.35
N ASN RB 14 114.46 19.68 21.50
CA ASN RB 14 113.08 19.51 21.04
C ASN RB 14 112.84 20.12 19.66
N GLY RB 15 113.85 20.12 18.81
CA GLY RB 15 113.72 20.54 17.43
C GLY RB 15 114.94 20.12 16.63
N TRP RB 16 115.10 20.62 15.41
CA TRP RB 16 116.28 20.29 14.63
C TRP RB 16 117.52 20.85 15.31
N VAL RB 17 118.69 20.52 14.74
CA VAL RB 17 119.97 21.05 15.18
C VAL RB 17 120.70 21.55 13.94
N THR RB 18 121.40 22.68 14.08
CA THR RB 18 121.98 23.37 12.93
C THR RB 18 123.48 23.56 12.96
N GLN RB 19 124.12 23.44 14.13
CA GLN RB 19 125.55 23.68 14.19
C GLN RB 19 126.12 23.07 15.45
N ILE RB 20 127.35 22.58 15.36
CA ILE RB 20 128.08 22.05 16.52
C ILE RB 20 129.39 22.80 16.61
N ALA RB 21 129.75 23.22 17.81
CA ALA RB 21 130.96 24.01 18.03
C ALA RB 21 131.87 23.26 19.00
N THR RB 22 133.16 23.56 18.94
CA THR RB 22 134.16 22.86 19.74
C THR RB 22 135.05 23.87 20.47
N THR RB 23 135.89 23.36 21.35
CA THR RB 23 136.78 24.14 22.19
C THR RB 23 138.12 23.43 22.31
N PRO RB 24 139.19 24.16 22.61
CA PRO RB 24 140.46 23.50 22.94
C PRO RB 24 140.64 23.21 24.42
N GLN RB 25 139.73 23.65 25.29
CA GLN RB 25 139.91 23.49 26.72
C GLN RB 25 139.24 22.22 27.26
N PHE RB 26 137.93 22.11 27.12
CA PHE RB 26 137.29 20.92 27.65
C PHE RB 26 137.26 19.82 26.60
N PRO RB 27 137.65 18.59 26.95
CA PRO RB 27 137.46 17.48 26.02
C PRO RB 27 136.02 17.02 25.91
N ASP RB 28 135.14 17.41 26.85
CA ASP RB 28 133.79 16.88 26.93
C ASP RB 28 132.70 17.94 26.82
N MET RB 29 133.07 19.21 26.56
CA MET RB 29 132.09 20.28 26.46
C MET RB 29 131.74 20.49 24.99
N ILE RB 30 130.45 20.39 24.67
CA ILE RB 30 129.97 20.56 23.32
C ILE RB 30 128.81 21.56 23.34
N LEU RB 31 128.86 22.54 22.44
CA LEU RB 31 127.87 23.59 22.35
C LEU RB 31 127.19 23.49 20.99
N SER RB 32 125.92 23.91 20.92
CA SER RB 32 125.13 23.60 19.74
C SER RB 32 124.00 24.60 19.54
N ALA RB 33 123.97 25.21 18.36
CA ALA RB 33 122.80 25.95 17.90
C ALA RB 33 121.77 24.98 17.30
N SER RB 34 120.53 25.45 17.14
CA SER RB 34 119.46 24.58 16.68
C SER RB 34 118.29 25.42 16.17
N ARG RB 35 117.40 24.76 15.42
CA ARG RB 35 116.17 25.38 14.96
C ARG RB 35 115.04 25.23 15.95
N ASP RB 36 115.32 24.83 17.19
CA ASP RB 36 114.32 24.77 18.25
C ASP RB 36 114.38 26.00 19.14
N LYS RB 37 114.71 27.15 18.58
CA LYS RB 37 114.73 28.45 19.24
C LYS RB 37 115.79 28.56 20.34
N THR RB 38 116.59 27.52 20.58
CA THR RB 38 117.41 27.45 21.78
C THR RB 38 118.88 27.24 21.42
N ILE RB 39 119.70 27.17 22.48
CA ILE RB 39 121.10 26.78 22.41
C ILE RB 39 121.39 25.89 23.61
N ILE RB 40 122.17 24.82 23.38
CA ILE RB 40 122.56 23.91 24.44
C ILE RB 40 124.07 23.76 24.47
N MET RB 41 124.65 23.83 25.67
CA MET RB 41 126.00 23.35 25.93
C MET RB 41 125.92 22.10 26.80
N TRP RB 42 126.19 20.95 26.20
CA TRP RB 42 126.16 19.70 26.96
C TRP RB 42 127.39 19.58 27.83
N LYS RB 43 127.34 18.59 28.72
CA LYS RB 43 128.50 18.05 29.43
C LYS RB 43 128.47 16.54 29.26
N LEU RB 44 129.54 16.00 28.71
CA LEU RB 44 129.64 14.57 28.46
C LEU RB 44 130.39 13.91 29.60
N THR RB 45 129.77 12.90 30.20
CA THR RB 45 130.46 12.05 31.16
C THR RB 45 131.34 11.01 30.49
N ARG RB 46 131.22 10.85 29.18
CA ARG RB 46 131.85 9.75 28.44
C ARG RB 46 131.56 8.41 29.12
N ASP RB 47 130.27 8.07 29.15
CA ASP RB 47 129.76 6.87 29.79
C ASP RB 47 129.14 5.95 28.76
N GLU RB 48 128.49 4.89 29.24
CA GLU RB 48 127.84 3.90 28.40
C GLU RB 48 126.36 4.20 28.20
N THR RB 49 125.60 4.32 29.29
CA THR RB 49 124.16 4.53 29.17
C THR RB 49 123.82 5.97 28.80
N ASN RB 50 124.44 6.94 29.50
CA ASN RB 50 124.09 8.36 29.35
C ASN RB 50 125.36 9.14 28.99
N TYR RB 51 125.62 9.27 27.69
CA TYR RB 51 126.89 9.82 27.25
C TYR RB 51 127.03 11.30 27.61
N GLY RB 52 125.92 12.00 27.85
CA GLY RB 52 126.00 13.40 28.22
C GLY RB 52 124.66 13.96 28.61
N ILE RB 53 124.69 15.15 29.18
CA ILE RB 53 123.49 15.83 29.66
C ILE RB 53 123.56 17.29 29.20
N PRO RB 54 122.43 17.90 28.82
CA PRO RB 54 122.46 19.35 28.52
C PRO RB 54 122.55 20.17 29.79
N GLN RB 55 123.71 20.79 30.05
CA GLN RB 55 123.90 21.48 31.31
C GLN RB 55 122.98 22.69 31.44
N ARG RB 56 122.99 23.57 30.45
CA ARG RB 56 122.20 24.79 30.48
C ARG RB 56 121.67 25.06 29.08
N ALA RB 57 120.56 25.79 29.03
CA ALA RB 57 119.88 26.10 27.77
C ALA RB 57 119.87 27.61 27.60
N LEU RB 58 120.48 28.08 26.52
CA LEU RB 58 120.49 29.50 26.22
C LEU RB 58 119.24 29.88 25.42
N ARG RB 59 118.46 30.81 25.96
CA ARG RB 59 117.21 31.25 25.35
C ARG RB 59 117.30 32.74 25.05
N GLY RB 60 116.59 33.18 24.02
CA GLY RB 60 116.53 34.60 23.72
C GLY RB 60 116.44 34.97 22.26
N HIS RB 61 116.69 34.03 21.36
CA HIS RB 61 116.54 34.30 19.93
C HIS RB 61 115.12 33.96 19.51
N SER RB 62 114.50 34.87 18.75
CA SER RB 62 113.08 34.76 18.41
C SER RB 62 112.83 33.91 17.17
N HIS RB 63 113.85 33.26 16.64
CA HIS RB 63 113.68 32.38 15.49
C HIS RB 63 114.71 31.26 15.59
N PHE RB 64 114.91 30.55 14.48
CA PHE RB 64 115.82 29.41 14.47
C PHE RB 64 117.25 29.89 14.59
N VAL RB 65 118.05 29.13 15.34
CA VAL RB 65 119.45 29.48 15.58
C VAL RB 65 120.30 28.64 14.64
N SER RB 66 120.65 29.21 13.50
CA SER RB 66 121.26 28.45 12.42
C SER RB 66 122.76 28.22 12.59
N ASP RB 67 123.42 28.92 13.50
CA ASP RB 67 124.87 28.76 13.63
C ASP RB 67 125.32 29.30 14.99
N VAL RB 68 126.53 28.91 15.38
CA VAL RB 68 127.14 29.35 16.63
C VAL RB 68 128.62 29.04 16.57
N VAL RB 69 129.42 29.88 17.23
CA VAL RB 69 130.88 29.71 17.26
C VAL RB 69 131.38 30.01 18.66
N ILE RB 70 132.32 29.19 19.14
CA ILE RB 70 132.93 29.39 20.45
C ILE RB 70 134.14 30.30 20.31
N SER RB 71 134.42 31.07 21.36
CA SER RB 71 135.62 31.89 21.38
C SER RB 71 136.86 31.00 21.49
N SER RB 72 138.03 31.63 21.33
CA SER RB 72 139.27 30.87 21.34
C SER RB 72 139.49 30.17 22.68
N ASP RB 73 139.41 30.93 23.78
CA ASP RB 73 139.49 30.31 25.09
C ASP RB 73 138.21 29.56 25.43
N GLY RB 74 137.08 30.05 24.93
CA GLY RB 74 135.80 29.45 25.24
C GLY RB 74 134.98 30.22 26.27
N GLN RB 75 134.93 31.55 26.15
CA GLN RB 75 134.28 32.38 27.15
C GLN RB 75 133.11 33.19 26.62
N PHE RB 76 133.20 33.74 25.41
CA PHE RB 76 132.15 34.58 24.86
C PHE RB 76 131.77 34.06 23.48
N ALA RB 77 130.77 33.19 23.42
CA ALA RB 77 130.40 32.50 22.19
C ALA RB 77 129.28 33.25 21.49
N LEU RB 78 129.48 33.52 20.20
CA LEU RB 78 128.48 34.22 19.40
C LEU RB 78 127.62 33.21 18.66
N SER RB 79 126.30 33.42 18.68
CA SER RB 79 125.34 32.50 18.10
C SER RB 79 124.62 33.18 16.95
N GLY RB 80 124.53 32.48 15.82
CA GLY RB 80 123.80 32.98 14.67
C GLY RB 80 122.41 32.42 14.58
N SER RB 81 121.41 33.27 14.37
CA SER RB 81 120.02 32.86 14.37
C SER RB 81 119.24 33.67 13.35
N TRP RB 82 118.09 33.13 12.95
CA TRP RB 82 117.21 33.79 11.99
C TRP RB 82 116.42 34.94 12.57
N ASP RB 83 116.74 35.41 13.78
CA ASP RB 83 116.18 36.68 14.22
C ASP RB 83 116.72 37.85 13.41
N GLY RB 84 117.79 37.63 12.64
CA GLY RB 84 118.46 38.70 11.92
C GLY RB 84 119.58 39.37 12.69
N THR RB 85 119.92 38.88 13.88
CA THR RB 85 120.89 39.54 14.72
C THR RB 85 121.76 38.49 15.41
N LEU RB 86 122.73 38.99 16.19
CA LEU RB 86 123.69 38.18 16.90
C LEU RB 86 123.80 38.67 18.34
N ARG RB 87 124.25 37.79 19.24
CA ARG RB 87 124.45 38.12 20.63
C ARG RB 87 125.65 37.39 21.19
N LEU RB 88 126.61 38.14 21.74
CA LEU RB 88 127.84 37.55 22.28
C LEU RB 88 127.54 36.96 23.66
N TRP RB 89 127.13 35.69 23.66
CA TRP RB 89 126.72 35.04 24.89
C TRP RB 89 127.88 34.94 25.87
N ASP RB 90 127.55 35.07 27.16
CA ASP RB 90 128.47 34.72 28.23
C ASP RB 90 128.19 33.28 28.60
N LEU RB 91 129.07 32.37 28.18
CA LEU RB 91 128.82 30.95 28.35
C LEU RB 91 128.82 30.55 29.83
N THR RB 92 129.85 30.96 30.56
CA THR RB 92 130.04 30.46 31.92
C THR RB 92 128.87 30.84 32.81
N THR RB 93 128.42 32.09 32.75
CA THR RB 93 127.30 32.55 33.55
C THR RB 93 125.95 32.37 32.85
N GLY RB 94 125.96 31.96 31.57
CA GLY RB 94 124.72 31.71 30.86
C GLY RB 94 123.86 32.95 30.64
N THR RB 95 124.48 34.07 30.30
CA THR RB 95 123.76 35.30 30.01
C THR RB 95 124.19 35.87 28.67
N THR RB 96 123.30 36.66 28.07
CA THR RB 96 123.60 37.40 26.86
C THR RB 96 124.21 38.75 27.25
N THR RB 97 125.38 39.04 26.70
CA THR RB 97 126.11 40.25 27.06
C THR RB 97 125.91 41.37 26.03
N ARG RB 98 126.30 41.12 24.78
CA ARG RB 98 126.30 42.16 23.76
C ARG RB 98 125.57 41.67 22.52
N ARG RB 99 124.58 42.43 22.08
CA ARG RB 99 123.81 42.10 20.89
C ARG RB 99 124.42 42.78 19.67
N PHE RB 100 124.26 42.14 18.51
CA PHE RB 100 124.82 42.62 17.25
C PHE RB 100 123.71 42.75 16.22
N VAL RB 101 123.48 43.97 15.74
CA VAL RB 101 122.45 44.24 14.74
C VAL RB 101 123.09 45.03 13.60
N GLY RB 102 123.28 44.37 12.46
CA GLY RB 102 123.82 45.04 11.29
C GLY RB 102 123.24 44.52 9.99
N HIS RB 103 122.21 43.70 10.10
CA HIS RB 103 121.68 42.97 8.96
C HIS RB 103 120.17 43.17 8.83
N THR RB 104 119.70 43.18 7.59
CA THR RB 104 118.29 43.39 7.28
C THR RB 104 117.53 42.08 7.10
N LYS RB 105 118.18 40.93 7.29
CA LYS RB 105 117.56 39.65 7.08
C LYS RB 105 118.26 38.61 7.95
N ASP RB 106 117.62 37.44 8.05
CA ASP RB 106 118.07 36.41 8.98
C ASP RB 106 119.51 35.97 8.69
N VAL RB 107 120.31 35.86 9.75
CA VAL RB 107 121.72 35.53 9.63
C VAL RB 107 121.88 34.01 9.59
N LEU RB 108 122.51 33.50 8.53
CA LEU RB 108 122.73 32.07 8.41
C LEU RB 108 123.91 31.61 9.26
N SER RB 109 125.10 32.10 8.95
CA SER RB 109 126.34 31.62 9.54
C SER RB 109 127.13 32.78 10.12
N VAL RB 110 127.99 32.45 11.06
CA VAL RB 110 128.82 33.43 11.76
C VAL RB 110 130.27 32.94 11.72
N ALA RB 111 131.19 33.89 11.57
CA ALA RB 111 132.62 33.60 11.54
C ALA RB 111 133.28 34.26 12.74
N PHE RB 112 133.99 33.46 13.54
CA PHE RB 112 134.70 33.95 14.71
C PHE RB 112 136.19 33.95 14.41
N SER RB 113 136.80 35.14 14.47
CA SER RB 113 138.18 35.27 14.06
C SER RB 113 139.12 34.69 15.11
N SER RB 114 140.32 34.33 14.65
CA SER RB 114 141.26 33.53 15.43
C SER RB 114 141.86 34.26 16.62
N ASP RB 115 141.65 35.58 16.73
CA ASP RB 115 142.15 36.34 17.87
C ASP RB 115 141.01 36.91 18.71
N ASN RB 116 139.80 36.36 18.59
CA ASN RB 116 138.61 36.75 19.37
C ASN RB 116 138.16 38.17 19.11
N ARG RB 117 138.82 38.89 18.20
CA ARG RB 117 138.65 40.34 18.08
C ARG RB 117 138.07 40.77 16.74
N GLN RB 118 137.60 39.84 15.91
CA GLN RB 118 136.92 40.18 14.67
C GLN RB 118 135.78 39.19 14.45
N ILE RB 119 134.70 39.67 13.83
CA ILE RB 119 133.51 38.86 13.58
C ILE RB 119 132.99 39.15 12.18
N VAL RB 120 132.63 38.09 11.46
CA VAL RB 120 131.98 38.17 10.15
C VAL RB 120 130.75 37.26 10.20
N SER RB 121 129.73 37.62 9.42
CA SER RB 121 128.49 36.85 9.41
C SER RB 121 127.74 37.08 8.10
N GLY RB 122 127.05 36.04 7.66
CA GLY RB 122 126.38 36.05 6.36
C GLY RB 122 124.90 35.76 6.49
N SER RB 123 124.11 36.38 5.62
CA SER RB 123 122.65 36.34 5.68
C SER RB 123 122.07 36.28 4.28
N ARG RB 124 120.74 36.42 4.20
CA ARG RB 124 120.03 36.53 2.93
C ARG RB 124 119.90 37.98 2.47
N ASP RB 125 120.83 38.83 2.89
CA ASP RB 125 120.83 40.25 2.56
C ASP RB 125 121.80 40.58 1.44
N LYS RB 126 122.25 39.57 0.69
CA LYS RB 126 123.20 39.70 -0.42
C LYS RB 126 124.34 40.64 -0.08
N THR RB 127 124.80 40.58 1.17
CA THR RB 127 125.96 41.36 1.59
C THR RB 127 126.54 40.72 2.84
N ILE RB 128 127.81 41.03 3.09
CA ILE RB 128 128.51 40.59 4.29
C ILE RB 128 129.27 41.80 4.84
N LYS RB 129 129.63 41.72 6.12
CA LYS RB 129 130.30 42.82 6.77
C LYS RB 129 131.32 42.27 7.76
N LEU RB 130 131.94 43.19 8.50
CA LEU RB 130 132.95 42.86 9.51
C LEU RB 130 132.62 43.59 10.80
N TRP RB 131 132.75 42.88 11.93
CA TRP RB 131 132.39 43.43 13.22
C TRP RB 131 133.43 43.04 14.27
N ASN RB 132 133.80 44.01 15.09
CA ASN RB 132 134.54 43.74 16.32
C ASN RB 132 133.57 43.76 17.49
N THR RB 133 134.11 43.51 18.69
CA THR RB 133 133.30 43.56 19.90
C THR RB 133 132.71 44.94 20.13
N LEU RB 134 133.31 45.98 19.53
CA LEU RB 134 132.80 47.35 19.68
C LEU RB 134 131.34 47.45 19.25
N GLY RB 135 130.91 46.66 18.28
CA GLY RB 135 129.60 46.84 17.69
C GLY RB 135 129.57 47.88 16.58
N VAL RB 136 130.73 48.36 16.15
CA VAL RB 136 130.85 49.30 15.04
C VAL RB 136 131.31 48.51 13.82
N CYS RB 137 130.44 48.43 12.81
CA CYS RB 137 130.73 47.70 11.58
C CYS RB 137 132.03 48.19 10.97
N LYS RB 138 133.03 47.32 10.90
CA LYS RB 138 134.35 47.75 10.45
C LYS RB 138 134.29 48.26 9.01
N TYR RB 139 134.01 47.37 8.05
CA TYR RB 139 133.70 47.74 6.68
C TYR RB 139 132.42 47.04 6.26
N THR RB 140 131.79 47.56 5.22
CA THR RB 140 130.60 46.95 4.62
C THR RB 140 131.03 46.33 3.29
N VAL RB 141 131.21 45.02 3.31
CA VAL RB 141 131.75 44.27 2.16
C VAL RB 141 130.62 44.10 1.15
N GLN RB 142 130.60 44.95 0.11
CA GLN RB 142 129.45 44.99 -0.78
C GLN RB 142 129.81 45.17 -2.25
N ASP RB 143 131.00 44.78 -2.69
CA ASP RB 143 131.31 44.76 -4.13
C ASP RB 143 131.07 43.36 -4.67
N GLU RB 144 130.24 43.27 -5.72
CA GLU RB 144 129.77 42.05 -6.37
C GLU RB 144 128.78 41.33 -5.47
N SER RB 145 128.70 41.75 -4.21
CA SER RB 145 127.58 41.55 -3.30
C SER RB 145 127.02 40.13 -3.27
N HIS RB 146 127.80 39.13 -3.69
CA HIS RB 146 127.34 37.74 -3.75
C HIS RB 146 125.90 37.67 -4.26
N SER RB 147 125.67 38.27 -5.43
CA SER RB 147 124.42 38.97 -5.74
C SER RB 147 123.14 38.18 -5.47
N GLU RB 148 123.27 36.90 -5.18
CA GLU RB 148 122.22 36.04 -4.66
C GLU RB 148 122.28 36.04 -3.13
N TRP RB 149 121.66 35.06 -2.50
CA TRP RB 149 121.84 34.89 -1.07
C TRP RB 149 123.30 34.59 -0.74
N VAL RB 150 123.74 35.08 0.42
CA VAL RB 150 124.97 34.59 1.01
C VAL RB 150 124.66 33.32 1.77
N SER RB 151 125.64 32.43 1.87
CA SER RB 151 125.40 31.14 2.49
C SER RB 151 126.20 30.89 3.76
N CYS RB 152 127.49 31.18 3.77
CA CYS RB 152 128.29 30.90 4.96
C CYS RB 152 129.69 31.50 4.79
N VAL RB 153 130.22 32.07 5.87
CA VAL RB 153 131.54 32.70 5.87
C VAL RB 153 132.38 32.09 6.98
N ARG RB 154 133.61 31.70 6.65
CA ARG RB 154 134.54 31.07 7.58
C ARG RB 154 135.85 31.85 7.60
N PHE RB 155 136.30 32.22 8.80
CA PHE RB 155 137.58 32.89 8.97
C PHE RB 155 138.66 31.82 9.11
N SER RB 156 139.53 31.73 8.11
CA SER RB 156 140.59 30.74 8.13
C SER RB 156 141.63 31.08 9.20
N PRO RB 157 142.29 30.07 9.76
CA PRO RB 157 143.35 30.35 10.75
C PRO RB 157 144.47 31.18 10.15
N ASN RB 158 145.01 32.09 10.94
CA ASN RB 158 146.05 32.99 10.49
C ASN RB 158 147.38 32.24 10.48
N SER RB 159 147.67 31.58 9.37
CA SER RB 159 148.98 31.01 9.14
C SER RB 159 149.90 31.97 8.41
N SER RB 160 149.52 32.38 7.20
CA SER RB 160 150.27 33.37 6.44
C SER RB 160 149.41 34.52 5.94
N ASN RB 161 148.15 34.27 5.57
CA ASN RB 161 147.30 35.33 5.07
C ASN RB 161 145.98 35.33 5.84
N PRO RB 162 145.65 36.42 6.51
CA PRO RB 162 144.33 36.52 7.14
C PRO RB 162 143.25 36.86 6.11
N ILE RB 163 142.36 35.90 5.83
CA ILE RB 163 141.31 36.09 4.84
C ILE RB 163 140.02 35.45 5.33
N ILE RB 164 138.91 35.90 4.75
CA ILE RB 164 137.60 35.32 4.98
C ILE RB 164 137.12 34.70 3.66
N VAL RB 165 136.65 33.47 3.73
CA VAL RB 165 136.09 32.79 2.57
C VAL RB 165 134.57 32.88 2.67
N SER RB 166 133.94 33.31 1.58
CA SER RB 166 132.51 33.51 1.56
C SER RB 166 131.91 32.74 0.39
N CYS RB 167 130.95 31.89 0.68
CA CYS RB 167 130.23 31.14 -0.33
C CYS RB 167 128.89 31.80 -0.58
N GLY RB 168 128.07 31.16 -1.41
CA GLY RB 168 126.79 31.73 -1.75
C GLY RB 168 125.96 30.73 -2.53
N TRP RB 169 124.90 31.24 -3.14
CA TRP RB 169 124.03 30.45 -3.99
C TRP RB 169 124.17 30.87 -5.45
N ASP RB 170 125.39 31.21 -5.86
CA ASP RB 170 125.74 31.48 -7.25
C ASP RB 170 126.99 30.74 -7.69
N LYS RB 171 127.22 29.54 -7.15
CA LYS RB 171 128.27 28.63 -7.63
C LYS RB 171 129.67 29.07 -7.20
N LEU RB 172 129.79 30.22 -6.56
CA LEU RB 172 131.10 30.81 -6.35
C LEU RB 172 131.73 30.38 -5.04
N VAL RB 173 133.07 30.47 -5.00
CA VAL RB 173 133.85 30.36 -3.79
C VAL RB 173 134.72 31.61 -3.73
N LYS RB 174 134.35 32.56 -2.89
CA LYS RB 174 134.99 33.87 -2.86
C LYS RB 174 136.02 33.93 -1.74
N VAL RB 175 137.06 34.73 -1.95
CA VAL RB 175 138.09 35.00 -0.96
C VAL RB 175 138.36 36.50 -0.95
N TRP RB 176 138.39 37.09 0.24
CA TRP RB 176 138.70 38.50 0.40
C TRP RB 176 139.96 38.65 1.25
N ASN RB 177 140.75 39.66 0.95
CA ASN RB 177 142.01 39.92 1.65
C ASN RB 177 141.84 41.16 2.52
N LEU RB 178 141.98 40.99 3.84
CA LEU RB 178 141.89 42.15 4.71
C LEU RB 178 143.09 43.07 4.58
N ALA RB 179 144.17 42.61 3.94
CA ALA RB 179 145.32 43.48 3.68
C ALA RB 179 144.97 44.62 2.74
N ASN RB 180 143.89 44.46 1.96
CA ASN RB 180 143.32 45.55 1.19
C ASN RB 180 141.81 45.66 1.33
N CYS RB 181 141.17 44.69 1.98
CA CYS RB 181 139.71 44.69 2.19
C CYS RB 181 138.96 44.67 0.86
N LYS RB 182 139.51 43.96 -0.12
CA LYS RB 182 138.91 43.79 -1.43
C LYS RB 182 138.94 42.32 -1.82
N LEU RB 183 138.55 42.04 -3.06
CA LEU RB 183 138.49 40.67 -3.54
C LEU RB 183 139.90 40.12 -3.75
N LYS RB 184 140.12 38.88 -3.31
CA LYS RB 184 141.30 38.16 -3.75
C LYS RB 184 141.06 37.51 -5.10
N THR RB 185 140.11 36.59 -5.16
CA THR RB 185 139.86 35.78 -6.33
C THR RB 185 138.38 35.42 -6.38
N ASN RB 186 137.93 35.01 -7.57
CA ASN RB 186 136.54 34.58 -7.77
C ASN RB 186 136.63 33.18 -8.39
N HIS RB 187 136.68 32.17 -7.52
CA HIS RB 187 136.79 30.78 -7.98
C HIS RB 187 135.45 30.36 -8.55
N ILE RB 188 135.30 30.50 -9.86
CA ILE RB 188 134.06 30.16 -10.55
C ILE RB 188 133.98 28.64 -10.60
N GLY RB 189 133.22 28.06 -9.68
CA GLY RB 189 133.36 26.63 -9.42
C GLY RB 189 132.12 25.77 -9.53
N HIS RB 190 131.72 25.20 -8.41
CA HIS RB 190 130.73 24.14 -8.38
C HIS RB 190 129.39 24.63 -8.93
N THR RB 191 128.87 23.92 -9.93
CA THR RB 191 127.60 24.32 -10.53
C THR RB 191 126.46 24.02 -9.56
N GLY RB 192 125.53 24.97 -9.43
CA GLY RB 192 124.46 24.90 -8.45
C GLY RB 192 124.74 25.78 -7.24
N TYR RB 193 123.78 25.80 -6.33
CA TYR RB 193 123.94 26.61 -5.13
C TYR RB 193 124.82 25.89 -4.12
N LEU RB 194 125.75 26.63 -3.53
CA LEU RB 194 126.70 26.11 -2.56
C LEU RB 194 126.12 26.25 -1.16
N ASN RB 195 126.15 25.16 -0.39
CA ASN RB 195 125.60 25.20 0.96
C ASN RB 195 126.57 25.85 1.94
N THR RB 196 127.77 25.27 2.09
CA THR RB 196 128.76 25.77 3.02
C THR RB 196 130.16 25.59 2.45
N VAL RB 197 131.14 26.10 3.19
CA VAL RB 197 132.56 25.87 2.94
C VAL RB 197 133.21 25.55 4.27
N THR RB 198 134.39 24.93 4.21
CA THR RB 198 135.11 24.54 5.41
C THR RB 198 136.60 24.77 5.21
N VAL RB 199 137.33 24.73 6.33
CA VAL RB 199 138.76 25.03 6.34
C VAL RB 199 139.50 23.88 7.03
N SER RB 200 140.69 23.58 6.51
CA SER RB 200 141.55 22.56 7.10
C SER RB 200 142.36 23.15 8.26
N PRO RB 201 142.88 22.30 9.15
CA PRO RB 201 143.69 22.82 10.26
C PRO RB 201 144.93 23.56 9.81
N ASP RB 202 145.52 23.19 8.68
CA ASP RB 202 146.71 23.87 8.19
C ASP RB 202 146.41 25.27 7.69
N GLY RB 203 145.15 25.64 7.52
CA GLY RB 203 144.83 26.97 7.02
C GLY RB 203 145.37 27.24 5.64
N SER RB 204 145.39 26.24 4.77
CA SER RB 204 145.77 26.41 3.38
C SER RB 204 144.79 25.68 2.48
N LEU RB 205 144.01 24.77 3.07
CA LEU RB 205 143.00 24.01 2.35
C LEU RB 205 141.62 24.51 2.75
N CYS RB 206 140.79 24.77 1.75
CA CYS RB 206 139.42 25.23 1.97
C CYS RB 206 138.53 24.69 0.86
N ALA RB 207 137.91 23.54 1.10
CA ALA RB 207 137.06 22.89 0.12
C ALA RB 207 135.61 23.27 0.34
N SER RB 208 134.77 22.93 -0.64
CA SER RB 208 133.35 23.28 -0.59
C SER RB 208 132.52 22.13 -1.15
N GLY RB 209 131.28 22.02 -0.68
CA GLY RB 209 130.34 21.08 -1.24
C GLY RB 209 128.92 21.60 -1.16
N GLY RB 210 128.23 21.67 -2.29
CA GLY RB 210 126.92 22.28 -2.32
C GLY RB 210 125.78 21.36 -2.74
N LYS RB 211 125.13 21.71 -3.84
CA LYS RB 211 123.98 20.95 -4.31
C LYS RB 211 124.40 19.76 -5.18
N ASP RB 212 125.32 19.99 -6.12
CA ASP RB 212 125.67 18.95 -7.08
C ASP RB 212 126.20 17.70 -6.39
N GLY RB 213 126.68 17.84 -5.16
CA GLY RB 213 127.25 16.71 -4.46
C GLY RB 213 128.69 16.44 -4.80
N GLN RB 214 129.34 17.34 -5.54
CA GLN RB 214 130.77 17.23 -5.84
C GLN RB 214 131.53 18.03 -4.81
N ALA RB 215 132.26 17.33 -3.95
CA ALA RB 215 133.10 17.95 -2.95
C ALA RB 215 134.46 18.21 -3.59
N MET RB 216 134.70 19.46 -3.98
CA MET RB 216 135.90 19.83 -4.70
C MET RB 216 136.87 20.51 -3.73
N LEU RB 217 138.11 20.02 -3.70
CA LEU RB 217 139.14 20.57 -2.81
C LEU RB 217 139.75 21.82 -3.42
N TRP RB 218 140.15 22.76 -2.56
CA TRP RB 218 140.71 24.02 -3.01
C TRP RB 218 141.84 24.46 -2.09
N ASP RB 219 142.41 25.64 -2.40
CA ASP RB 219 143.63 26.15 -1.78
C ASP RB 219 143.47 27.63 -1.47
N LEU RB 220 144.24 28.09 -0.48
CA LEU RB 220 144.34 29.50 -0.14
C LEU RB 220 145.52 30.21 -0.78
N ASN RB 221 146.55 29.47 -1.19
CA ASN RB 221 147.85 30.06 -1.48
C ASN RB 221 147.97 30.60 -2.91
N GLU RB 222 147.49 29.86 -3.91
CA GLU RB 222 147.67 30.27 -5.30
C GLU RB 222 146.39 30.26 -6.12
N GLY RB 223 145.24 29.96 -5.51
CA GLY RB 223 144.00 29.96 -6.25
C GLY RB 223 143.91 28.92 -7.33
N LYS RB 224 144.29 27.69 -7.01
CA LYS RB 224 144.24 26.57 -7.94
C LYS RB 224 143.38 25.45 -7.36
N HIS RB 225 142.51 24.92 -8.20
CA HIS RB 225 141.76 23.72 -7.85
C HIS RB 225 142.69 22.52 -7.71
N LEU RB 226 142.36 21.63 -6.78
CA LEU RB 226 143.25 20.52 -6.44
C LEU RB 226 142.78 19.18 -7.03
N TYR RB 227 141.58 18.73 -6.67
CA TYR RB 227 140.96 17.55 -7.26
C TYR RB 227 139.53 17.49 -6.76
N THR RB 228 138.72 16.68 -7.44
CA THR RB 228 137.28 16.64 -7.21
C THR RB 228 136.84 15.25 -6.73
N LEU RB 229 136.05 15.23 -5.67
CA LEU RB 229 135.48 14.02 -5.11
C LEU RB 229 133.98 14.01 -5.37
N ASP RB 230 133.42 12.82 -5.47
CA ASP RB 230 131.99 12.62 -5.73
C ASP RB 230 131.33 12.03 -4.49
N GLY RB 231 130.13 12.51 -4.18
CA GLY RB 231 129.43 12.04 -3.01
C GLY RB 231 128.28 11.10 -3.30
N GLY RB 232 127.72 11.19 -4.50
CA GLY RB 232 126.50 10.46 -4.82
C GLY RB 232 125.27 10.99 -4.13
N ASP RB 233 125.34 12.20 -3.58
CA ASP RB 233 124.30 12.80 -2.76
C ASP RB 233 124.76 14.22 -2.45
N ILE RB 234 123.89 15.00 -1.81
CA ILE RB 234 124.31 16.34 -1.41
C ILE RB 234 125.32 16.26 -0.28
N ILE RB 235 125.95 17.39 0.02
CA ILE RB 235 126.81 17.52 1.19
C ILE RB 235 126.35 18.76 1.95
N ASN RB 236 125.69 18.53 3.08
CA ASN RB 236 125.15 19.64 3.86
C ASN RB 236 126.22 20.38 4.64
N ALA RB 237 127.20 19.66 5.18
CA ALA RB 237 128.29 20.30 5.91
C ALA RB 237 129.54 19.44 5.79
N LEU RB 238 130.68 20.04 6.13
CA LEU RB 238 131.96 19.37 6.04
C LEU RB 238 132.76 19.71 7.29
N CYS RB 239 133.89 19.03 7.46
CA CYS RB 239 134.79 19.30 8.57
C CYS RB 239 136.14 18.63 8.35
N PHE RB 240 137.23 19.37 8.54
CA PHE RB 240 138.57 18.84 8.36
C PHE RB 240 139.17 18.46 9.71
N SER RB 241 139.65 17.24 9.82
CA SER RB 241 140.22 16.78 11.08
C SER RB 241 141.48 17.59 11.41
N PRO RB 242 141.63 18.04 12.67
CA PRO RB 242 142.78 18.87 13.01
C PRO RB 242 144.10 18.11 13.12
N ASN RB 243 144.09 16.78 13.24
CA ASN RB 243 145.35 16.06 13.44
C ASN RB 243 145.43 14.76 12.63
N ARG RB 244 144.70 14.64 11.53
CA ARG RB 244 144.78 13.45 10.69
C ARG RB 244 144.69 13.86 9.22
N TYR RB 245 144.86 12.86 8.36
CA TYR RB 245 144.70 13.01 6.92
C TYR RB 245 143.28 12.64 6.50
N TRP RB 246 142.30 13.27 7.14
CA TRP RB 246 140.90 12.90 6.98
C TRP RB 246 140.03 14.12 6.73
N LEU RB 247 139.20 14.04 5.70
CA LEU RB 247 138.18 15.04 5.40
C LEU RB 247 136.81 14.43 5.67
N CYS RB 248 136.05 15.08 6.55
CA CYS RB 248 134.75 14.58 6.98
C CYS RB 248 133.64 15.35 6.27
N ALA RB 249 132.56 14.64 5.93
CA ALA RB 249 131.47 15.22 5.15
C ALA RB 249 130.13 14.82 5.74
N ALA RB 250 129.30 15.83 6.02
CA ALA RB 250 127.90 15.61 6.35
C ALA RB 250 127.13 15.58 5.03
N THR RB 251 126.95 14.38 4.47
CA THR RB 251 126.34 14.22 3.16
C THR RB 251 124.82 14.16 3.24
N GLY RB 252 124.24 14.38 4.40
CA GLY RB 252 122.82 14.24 4.58
C GLY RB 252 122.47 12.91 5.20
N PRO RB 253 122.04 11.95 4.38
CA PRO RB 253 121.67 10.63 4.94
C PRO RB 253 122.83 9.96 5.66
N SER RB 254 123.92 9.71 4.97
CA SER RB 254 124.99 8.86 5.48
C SER RB 254 126.32 9.62 5.47
N ILE RB 255 127.02 9.59 6.60
CA ILE RB 255 128.29 10.29 6.74
C ILE RB 255 129.35 9.52 5.96
N LYS RB 256 130.12 10.24 5.14
CA LYS RB 256 131.11 9.64 4.24
C LYS RB 256 132.37 10.49 4.28
N ILE RB 257 133.51 9.84 4.46
CA ILE RB 257 134.78 10.51 4.73
C ILE RB 257 135.77 10.18 3.62
N TRP RB 258 136.40 11.21 3.07
CA TRP RB 258 137.42 11.04 2.05
C TRP RB 258 138.81 11.32 2.60
N ASP RB 259 139.81 10.95 1.79
CA ASP RB 259 141.21 10.99 2.19
C ASP RB 259 141.90 12.24 1.66
N LEU RB 260 142.93 12.69 2.40
CA LEU RB 260 143.81 13.75 1.93
C LEU RB 260 145.01 13.18 1.18
N GLU RB 261 145.69 12.19 1.76
CA GLU RB 261 146.77 11.50 1.06
C GLU RB 261 146.23 10.78 -0.17
N GLY RB 262 145.31 9.84 0.05
CA GLY RB 262 144.63 9.19 -1.05
C GLY RB 262 143.51 10.05 -1.60
N LYS RB 263 143.11 9.74 -2.83
CA LYS RB 263 142.09 10.52 -3.52
C LYS RB 263 140.74 9.81 -3.48
N ILE RB 264 140.62 8.78 -2.65
CA ILE RB 264 139.49 7.87 -2.64
C ILE RB 264 138.85 7.94 -1.25
N ILE RB 265 137.61 7.45 -1.16
CA ILE RB 265 136.88 7.46 0.10
C ILE RB 265 137.60 6.60 1.12
N VAL RB 266 137.84 7.16 2.30
CA VAL RB 266 138.37 6.37 3.41
C VAL RB 266 137.34 5.36 3.88
N ASP RB 267 136.20 5.85 4.37
CA ASP RB 267 135.15 4.99 4.89
C ASP RB 267 133.86 5.78 4.95
N GLU RB 268 132.74 5.06 5.05
CA GLU RB 268 131.42 5.64 5.12
C GLU RB 268 130.71 5.14 6.37
N LEU RB 269 129.73 5.91 6.82
CA LEU RB 269 128.91 5.53 7.97
C LEU RB 269 127.45 5.42 7.55
N LYS RB 270 126.81 4.32 7.93
CA LYS RB 270 125.41 4.07 7.60
C LYS RB 270 124.72 3.48 8.83
N GLN RB 271 124.03 4.33 9.59
CA GLN RB 271 123.29 3.87 10.77
C GLN RB 271 121.82 4.25 10.72
N GLU RB 272 121.26 4.49 9.54
CA GLU RB 272 119.93 5.05 9.40
C GLU RB 272 118.87 3.97 9.57
N VAL RB 273 117.64 4.33 9.23
CA VAL RB 273 116.52 3.40 9.15
C VAL RB 273 115.86 3.57 7.79
N ILE RB 274 115.68 2.44 7.08
CA ILE RB 274 115.05 2.43 5.77
C ILE RB 274 114.04 1.29 5.71
N SER RB 275 112.74 1.65 5.68
CA SER RB 275 111.69 0.66 5.49
C SER RB 275 110.53 1.19 4.64
N THR RB 276 110.71 2.30 3.93
CA THR RB 276 109.62 2.89 3.16
C THR RB 276 110.06 3.24 1.73
N SER RB 277 109.22 3.96 1.01
CA SER RB 277 109.64 4.56 -0.25
C SER RB 277 110.66 5.65 0.02
N SER RB 278 111.40 6.01 -1.03
CA SER RB 278 112.49 6.97 -0.92
C SER RB 278 111.93 8.39 -0.96
N LYS RB 279 111.63 8.93 0.22
CA LYS RB 279 111.31 10.35 0.38
C LYS RB 279 112.20 10.95 1.47
N ALA RB 280 113.49 10.65 1.39
CA ALA RB 280 114.47 11.15 2.34
C ALA RB 280 114.09 10.77 3.77
N GLU RB 281 113.59 9.55 3.93
CA GLU RB 281 113.31 9.02 5.26
C GLU RB 281 114.56 8.99 6.16
N PRO RB 282 115.75 8.61 5.69
CA PRO RB 282 116.93 8.73 6.54
C PRO RB 282 117.29 10.19 6.75
N PRO RB 283 117.52 10.59 7.99
CA PRO RB 283 117.66 12.02 8.31
C PRO RB 283 118.77 12.68 7.51
N GLN RB 284 118.54 13.95 7.15
CA GLN RB 284 119.45 14.71 6.33
C GLN RB 284 120.46 15.39 7.26
N CYS RB 285 121.50 14.67 7.66
CA CYS RB 285 122.47 15.20 8.61
C CYS RB 285 123.01 16.53 8.11
N THR RB 286 123.04 17.52 8.99
CA THR RB 286 123.33 18.89 8.58
C THR RB 286 124.43 19.57 9.39
N SER RB 287 125.16 18.85 10.23
CA SER RB 287 126.23 19.47 10.99
C SER RB 287 127.10 18.41 11.63
N LEU RB 288 128.35 18.77 11.90
CA LEU RB 288 129.28 17.90 12.61
C LEU RB 288 130.44 18.75 13.11
N ALA RB 289 131.18 18.21 14.08
CA ALA RB 289 132.33 18.90 14.62
C ALA RB 289 133.29 17.91 15.26
N TRP RB 290 134.57 18.18 15.12
CA TRP RB 290 135.62 17.28 15.59
C TRP RB 290 136.09 17.69 16.98
N SER RB 291 136.12 16.72 17.90
CA SER RB 291 136.48 17.00 19.27
C SER RB 291 137.93 17.44 19.39
N ALA RB 292 138.25 18.10 20.51
CA ALA RB 292 139.61 18.57 20.74
C ALA RB 292 140.58 17.41 20.82
N ASP RB 293 140.18 16.32 21.49
CA ASP RB 293 141.04 15.14 21.57
C ASP RB 293 141.34 14.55 20.19
N GLY RB 294 140.53 14.89 19.19
CA GLY RB 294 140.80 14.41 17.85
C GLY RB 294 140.56 12.94 17.63
N GLN RB 295 139.72 12.31 18.45
CA GLN RB 295 139.31 10.93 18.23
C GLN RB 295 137.80 10.74 18.18
N THR RB 296 137.02 11.65 18.74
CA THR RB 296 135.58 11.62 18.66
C THR RB 296 135.10 12.70 17.70
N LEU RB 297 134.12 12.36 16.87
CA LEU RB 297 133.57 13.29 15.88
C LEU RB 297 132.09 13.46 16.13
N PHE RB 298 131.69 14.65 16.59
CA PHE RB 298 130.30 14.94 16.86
C PHE RB 298 129.58 15.27 15.56
N ALA RB 299 128.26 15.10 15.57
CA ALA RB 299 127.45 15.38 14.40
C ALA RB 299 126.00 15.59 14.82
N GLY RB 300 125.46 16.77 14.56
CA GLY RB 300 124.09 17.08 14.90
C GLY RB 300 123.13 16.76 13.78
N TYR RB 301 122.25 15.80 14.01
CA TYR RB 301 121.34 15.31 13.00
C TYR RB 301 120.11 16.22 12.91
N THR RB 302 119.09 15.75 12.19
CA THR RB 302 117.84 16.47 12.05
C THR RB 302 116.66 15.78 12.72
N ASP RB 303 116.84 14.58 13.25
CA ASP RB 303 115.79 13.89 13.99
C ASP RB 303 115.75 14.30 15.45
N ASN RB 304 116.23 15.51 15.76
CA ASN RB 304 116.26 16.08 17.11
C ASN RB 304 117.34 15.42 17.97
N LEU RB 305 118.47 15.08 17.35
CA LEU RB 305 119.51 14.31 18.03
C LEU RB 305 120.90 14.75 17.58
N VAL RB 306 121.89 14.39 18.40
CA VAL RB 306 123.31 14.51 18.05
C VAL RB 306 123.98 13.19 18.40
N ARG RB 307 124.99 12.82 17.64
CA ARG RB 307 125.66 11.53 17.78
C ARG RB 307 127.17 11.71 17.94
N VAL RB 308 127.81 10.75 18.61
CA VAL RB 308 129.23 10.78 18.90
C VAL RB 308 129.92 9.61 18.20
N TRP RB 309 130.97 9.92 17.44
CA TRP RB 309 131.57 9.00 16.49
C TRP RB 309 132.98 8.63 16.95
N GLN RB 310 133.24 7.32 17.08
CA GLN RB 310 134.57 6.82 17.38
C GLN RB 310 134.92 5.68 16.44
N VAL RB 311 136.18 5.65 15.99
CA VAL RB 311 136.63 4.62 15.06
C VAL RB 311 136.61 3.26 15.74
N THR RB 312 136.43 2.20 14.95
CA THR RB 312 136.54 0.83 15.42
C THR RB 312 137.35 0.01 14.44
N ILE RB 313 138.16 -0.89 14.98
CA ILE RB 313 139.06 -1.71 14.18
C ILE RB 313 138.90 -3.19 14.56
N GLY SB 1 48.46 4.80 -53.21
CA GLY SB 1 47.58 5.66 -52.43
C GLY SB 1 46.62 6.48 -53.27
N LYS SB 2 46.41 6.05 -54.51
CA LYS SB 2 45.53 6.75 -55.43
C LYS SB 2 45.07 5.79 -56.51
N CYS SB 3 44.04 6.21 -57.25
CA CYS SB 3 43.56 5.43 -58.38
C CYS SB 3 44.44 5.65 -59.60
N ARG SB 4 44.49 6.89 -60.09
CA ARG SB 4 45.52 7.32 -61.04
C ARG SB 4 45.50 6.53 -62.34
N GLY SB 5 44.54 5.62 -62.52
CA GLY SB 5 44.45 4.84 -63.73
C GLY SB 5 44.09 5.70 -64.94
N LEU SB 6 43.75 5.02 -66.03
CA LEU SB 6 43.35 5.71 -67.25
C LEU SB 6 41.92 5.41 -67.68
N ARG SB 7 41.30 4.36 -67.15
CA ARG SB 7 39.87 4.13 -67.31
C ARG SB 7 39.14 4.29 -65.97
N THR SB 8 39.70 5.12 -65.08
CA THR SB 8 39.20 5.29 -63.73
C THR SB 8 38.51 6.63 -63.51
N ALA SB 9 38.20 7.37 -64.57
CA ALA SB 9 37.72 8.73 -64.40
C ALA SB 9 36.44 8.76 -63.57
N ARG SB 10 35.69 7.66 -63.54
CA ARG SB 10 34.47 7.67 -62.76
C ARG SB 10 34.74 7.56 -61.27
N LYS SB 11 35.73 6.75 -60.89
CA LYS SB 11 35.96 6.56 -59.46
C LYS SB 11 36.61 7.79 -58.83
N LEU SB 12 37.52 8.44 -59.54
CA LEU SB 12 38.03 9.72 -59.07
C LEU SB 12 36.91 10.75 -58.97
N ARG SB 13 35.80 10.50 -59.68
CA ARG SB 13 34.74 11.51 -59.75
C ARG SB 13 33.63 11.22 -58.76
N SER SB 14 33.27 9.94 -58.56
CA SER SB 14 32.26 9.62 -57.56
C SER SB 14 32.87 9.51 -56.18
N HIS SB 15 34.18 9.70 -56.07
CA HIS SB 15 34.80 9.89 -54.76
C HIS SB 15 34.72 11.35 -54.35
N ARG SB 16 35.09 12.26 -55.25
CA ARG SB 16 35.08 13.67 -54.91
C ARG SB 16 33.66 14.22 -54.84
N ARG SB 17 32.72 13.60 -55.55
CA ARG SB 17 31.32 13.98 -55.36
C ARG SB 17 30.80 13.49 -54.01
N ASP SB 18 31.58 12.69 -53.30
CA ASP SB 18 31.18 12.12 -52.02
C ASP SB 18 31.91 12.80 -50.86
N GLN SB 19 33.21 13.00 -50.99
CA GLN SB 19 34.01 13.63 -49.94
C GLN SB 19 33.90 15.15 -49.92
N LYS SB 20 33.18 15.76 -50.86
CA LYS SB 20 32.95 17.19 -50.74
C LYS SB 20 32.05 17.51 -49.58
N TRP SB 21 31.19 16.57 -49.19
CA TRP SB 21 30.20 16.83 -48.16
C TRP SB 21 30.82 17.06 -46.79
N HIS SB 22 32.08 16.72 -46.60
CA HIS SB 22 32.71 16.91 -45.30
C HIS SB 22 33.36 18.27 -45.16
N ASP SB 23 33.33 19.08 -46.20
CA ASP SB 23 33.82 20.46 -46.19
C ASP SB 23 32.70 21.36 -45.69
N LYS SB 24 32.64 21.56 -44.37
CA LYS SB 24 31.51 22.29 -43.78
C LYS SB 24 31.28 23.63 -44.44
N GLN SB 25 32.32 24.21 -45.04
CA GLN SB 25 32.16 25.42 -45.83
C GLN SB 25 31.36 25.14 -47.10
N TYR SB 26 31.17 23.85 -47.42
CA TYR SB 26 30.38 23.48 -48.60
C TYR SB 26 29.10 22.79 -48.20
N LYS SB 27 29.10 22.05 -47.09
CA LYS SB 27 27.86 21.40 -46.64
C LYS SB 27 26.81 22.43 -46.28
N LYS SB 28 27.21 23.49 -45.59
CA LYS SB 28 26.27 24.55 -45.27
C LYS SB 28 25.72 25.19 -46.54
N ALA SB 29 26.59 25.58 -47.46
CA ALA SB 29 26.17 26.36 -48.61
C ALA SB 29 25.45 25.54 -49.68
N HIS SB 30 25.27 24.24 -49.49
CA HIS SB 30 24.64 23.41 -50.52
C HIS SB 30 23.60 22.45 -49.96
N LEU SB 31 23.20 22.59 -48.71
CA LEU SB 31 22.17 21.75 -48.13
C LEU SB 31 21.01 22.61 -47.65
N GLY SB 32 19.79 22.20 -47.99
CA GLY SB 32 18.62 23.04 -47.77
C GLY SB 32 18.32 23.34 -46.32
N THR SB 33 18.88 22.57 -45.38
CA THR SB 33 18.58 22.79 -43.98
C THR SB 33 19.40 23.94 -43.40
N ALA SB 34 20.52 24.28 -44.05
CA ALA SB 34 21.35 25.36 -43.52
C ALA SB 34 20.69 26.71 -43.71
N LEU SB 35 20.15 26.96 -44.90
CA LEU SB 35 19.50 28.24 -45.16
C LEU SB 35 18.15 28.33 -44.48
N LYS SB 36 17.49 27.19 -44.26
CA LYS SB 36 16.14 27.19 -43.71
C LYS SB 36 16.11 27.80 -42.31
N ALA SB 37 17.10 27.47 -41.49
CA ALA SB 37 17.15 27.98 -40.12
C ALA SB 37 17.70 29.39 -40.03
N ASN SB 38 18.08 29.98 -41.15
CA ASN SB 38 18.49 31.38 -41.17
C ASN SB 38 17.26 32.26 -40.96
N PRO SB 39 17.25 33.15 -39.96
CA PRO SB 39 16.10 34.05 -39.80
C PRO SB 39 15.85 34.91 -41.02
N PHE SB 40 16.89 35.37 -41.69
CA PHE SB 40 16.71 35.94 -43.01
C PHE SB 40 16.44 34.83 -44.02
N GLY SB 41 15.69 35.17 -45.06
CA GLY SB 41 15.50 34.24 -46.15
C GLY SB 41 16.68 34.23 -47.08
N GLY SB 42 17.89 34.23 -46.52
CA GLY SB 42 19.09 34.36 -47.32
C GLY SB 42 19.35 35.77 -47.79
N ALA SB 43 18.58 36.74 -47.32
CA ALA SB 43 18.66 38.10 -47.82
C ALA SB 43 19.82 38.85 -47.15
N SER SB 44 20.17 39.98 -47.76
CA SER SB 44 21.19 40.85 -47.16
C SER SB 44 20.65 41.55 -45.92
N HIS SB 45 19.44 42.11 -46.02
CA HIS SB 45 18.80 42.87 -44.96
C HIS SB 45 17.40 42.31 -44.73
N ALA SB 46 16.73 42.81 -43.70
CA ALA SB 46 15.34 42.41 -43.46
C ALA SB 46 14.69 43.39 -42.50
N LYS SB 47 13.60 44.02 -42.93
CA LYS SB 47 12.89 44.95 -42.05
C LYS SB 47 12.07 44.21 -41.01
N GLY SB 48 11.64 44.95 -39.99
CA GLY SB 48 10.83 44.39 -38.95
C GLY SB 48 10.69 45.30 -37.75
N ILE SB 49 9.57 45.22 -37.04
CA ILE SB 49 9.29 46.18 -35.98
C ILE SB 49 10.08 45.83 -34.73
N VAL SB 50 10.08 46.77 -33.79
CA VAL SB 50 10.78 46.63 -32.52
C VAL SB 50 9.74 46.33 -31.44
N LEU SB 51 9.89 45.21 -30.75
CA LEU SB 51 8.92 44.84 -29.74
C LEU SB 51 9.41 44.97 -28.31
N GLU SB 52 10.65 45.37 -28.08
CA GLU SB 52 11.14 45.81 -26.78
C GLU SB 52 12.59 46.23 -26.97
N LYS SB 53 13.18 46.78 -25.91
CA LYS SB 53 14.56 47.26 -25.94
C LYS SB 53 15.28 46.69 -24.72
N VAL SB 54 16.30 45.86 -24.96
CA VAL SB 54 16.96 45.12 -23.89
C VAL SB 54 18.46 45.27 -24.03
N GLY SB 55 19.17 45.12 -22.93
CA GLY SB 55 20.61 45.17 -22.91
C GLY SB 55 21.18 43.81 -22.55
N VAL SB 56 22.39 43.55 -23.02
CA VAL SB 56 23.04 42.26 -22.85
C VAL SB 56 24.48 42.49 -22.43
N GLU SB 57 24.97 41.63 -21.54
CA GLU SB 57 26.28 41.79 -20.93
C GLU SB 57 27.38 41.42 -21.92
N ALA SB 58 28.60 41.37 -21.41
CA ALA SB 58 29.76 41.00 -22.20
C ALA SB 58 30.46 39.80 -21.58
N LYS SB 59 31.34 39.18 -22.36
CA LYS SB 59 32.00 37.96 -21.93
C LYS SB 59 32.96 38.26 -20.77
N GLN SB 60 33.65 37.20 -20.33
CA GLN SB 60 34.42 37.28 -19.09
C GLN SB 60 35.54 38.32 -19.12
N PRO SB 61 36.42 38.37 -20.12
CA PRO SB 61 37.63 39.20 -19.98
C PRO SB 61 37.35 40.68 -19.75
N ASN SB 62 36.29 41.22 -20.36
CA ASN SB 62 35.98 42.63 -20.24
C ASN SB 62 34.48 42.78 -20.04
N SER SB 63 34.10 43.63 -19.09
CA SER SB 63 32.71 43.76 -18.70
C SER SB 63 32.09 45.03 -19.26
N ALA SB 64 30.82 44.95 -19.61
CA ALA SB 64 30.03 46.07 -20.10
C ALA SB 64 28.61 45.54 -20.27
N ILE SB 65 27.71 46.42 -20.67
CA ILE SB 65 26.34 46.03 -21.01
C ILE SB 65 26.03 46.55 -22.40
N ARG SB 66 26.29 45.73 -23.41
CA ARG SB 66 25.95 46.08 -24.78
C ARG SB 66 24.45 46.27 -24.91
N LYS SB 67 24.06 47.34 -25.58
CA LYS SB 67 22.66 47.67 -25.77
C LYS SB 67 22.15 46.95 -27.01
N CYS SB 68 20.91 46.49 -26.97
CA CYS SB 68 20.38 45.74 -28.09
C CYS SB 68 18.89 46.05 -28.23
N VAL SB 69 18.28 45.39 -29.20
CA VAL SB 69 16.86 45.51 -29.50
C VAL SB 69 16.33 44.15 -29.88
N ARG SB 70 15.09 43.86 -29.50
CA ARG SB 70 14.43 42.60 -29.79
C ARG SB 70 13.54 42.78 -31.01
N VAL SB 71 14.16 42.83 -32.19
CA VAL SB 71 13.44 43.09 -33.44
C VAL SB 71 12.74 41.81 -33.88
N GLN SB 72 11.46 41.91 -34.21
CA GLN SB 72 10.75 40.85 -34.90
C GLN SB 72 10.62 41.19 -36.36
N LEU SB 73 11.02 40.26 -37.22
CA LEU SB 73 10.92 40.50 -38.66
C LEU SB 73 9.47 40.41 -39.11
N ILE SB 74 9.20 40.96 -40.29
CA ILE SB 74 7.89 40.79 -40.90
C ILE SB 74 7.92 39.75 -42.01
N LYS SB 75 9.08 39.47 -42.61
CA LYS SB 75 9.18 38.47 -43.64
C LYS SB 75 8.71 37.10 -43.13
N ASN SB 76 9.42 36.56 -42.13
CA ASN SB 76 9.07 35.27 -41.56
C ASN SB 76 8.32 35.37 -40.25
N GLY SB 77 8.22 36.56 -39.66
CA GLY SB 77 7.61 36.67 -38.35
C GLY SB 77 8.47 36.11 -37.23
N LYS SB 78 9.75 35.85 -37.48
CA LYS SB 78 10.61 35.34 -36.45
C LYS SB 78 10.92 36.42 -35.42
N LYS SB 79 11.71 36.06 -34.41
CA LYS SB 79 12.18 36.99 -33.40
C LYS SB 79 13.68 36.87 -33.29
N ILE SB 80 14.38 37.99 -33.38
CA ILE SB 80 15.84 38.02 -33.33
C ILE SB 80 16.27 39.18 -32.45
N THR SB 81 17.51 39.11 -31.99
CA THR SB 81 18.13 40.18 -31.22
C THR SB 81 19.02 40.97 -32.16
N ALA SB 82 18.96 42.30 -32.07
CA ALA SB 82 19.71 43.17 -32.96
C ALA SB 82 20.54 44.15 -32.15
N PHE SB 83 21.85 44.12 -32.33
CA PHE SB 83 22.71 45.10 -31.69
C PHE SB 83 22.45 46.47 -32.30
N VAL SB 84 22.65 47.51 -31.49
CA VAL SB 84 22.42 48.88 -31.96
C VAL SB 84 23.77 49.60 -32.01
N PRO SB 85 24.53 49.42 -33.07
CA PRO SB 85 25.92 49.87 -33.03
C PRO SB 85 26.03 51.38 -33.17
N ASN SB 86 26.26 52.06 -32.06
CA ASN SB 86 26.57 53.49 -32.06
C ASN SB 86 26.73 53.90 -30.61
N ASP SB 87 27.26 55.10 -30.40
CA ASP SB 87 27.50 55.61 -29.04
C ASP SB 87 26.23 56.27 -28.54
N GLY SB 88 25.51 55.58 -27.66
CA GLY SB 88 24.32 56.15 -27.06
C GLY SB 88 23.19 56.39 -28.03
N CYS SB 89 23.18 55.67 -29.15
CA CYS SB 89 22.05 55.74 -30.07
C CYS SB 89 21.04 54.64 -29.78
N LEU SB 90 20.66 54.57 -28.51
CA LEU SB 90 19.46 53.87 -28.11
C LEU SB 90 18.38 54.84 -27.69
N ASN SB 91 18.57 56.13 -27.96
CA ASN SB 91 17.56 57.13 -27.66
C ASN SB 91 16.58 57.33 -28.81
N PHE SB 92 16.93 56.94 -30.02
CA PHE SB 92 16.02 57.05 -31.15
C PHE SB 92 15.18 55.81 -31.36
N ILE SB 93 15.60 54.68 -30.82
CA ILE SB 93 14.83 53.45 -30.92
C ILE SB 93 13.63 53.53 -29.99
N GLU SB 94 12.48 53.12 -30.49
CA GLU SB 94 11.25 53.11 -29.70
C GLU SB 94 10.41 51.92 -30.15
N GLU SB 95 9.50 51.49 -29.28
CA GLU SB 95 8.67 50.35 -29.62
C GLU SB 95 7.82 50.65 -30.84
N ASN SB 96 7.59 49.61 -31.64
CA ASN SB 96 6.80 49.70 -32.88
C ASN SB 96 7.40 50.73 -33.83
N ASP SB 97 8.61 50.43 -34.29
CA ASP SB 97 9.37 51.38 -35.08
C ASP SB 97 9.79 50.90 -36.47
N GLU SB 98 9.79 49.59 -36.73
CA GLU SB 98 10.14 49.05 -38.05
C GLU SB 98 11.57 49.43 -38.45
N VAL SB 99 12.52 48.85 -37.73
CA VAL SB 99 13.94 49.09 -37.98
C VAL SB 99 14.45 48.10 -39.03
N LEU SB 100 15.52 48.50 -39.72
CA LEU SB 100 16.17 47.68 -40.73
C LEU SB 100 17.39 46.99 -40.12
N VAL SB 101 17.52 45.69 -40.35
CA VAL SB 101 18.53 44.87 -39.69
C VAL SB 101 19.43 44.26 -40.75
N ALA SB 102 20.71 44.16 -40.43
CA ALA SB 102 21.72 43.64 -41.34
C ALA SB 102 22.59 42.61 -40.62
N GLY SB 103 23.34 41.83 -41.40
CA GLY SB 103 24.26 40.89 -40.80
C GLY SB 103 25.33 41.62 -40.01
N PHE SB 104 25.86 40.94 -38.99
CA PHE SB 104 26.66 41.68 -38.03
C PHE SB 104 28.09 41.87 -38.49
N GLY SB 105 28.59 41.00 -39.38
CA GLY SB 105 29.90 41.19 -39.94
C GLY SB 105 30.81 39.98 -39.90
N ARG SB 106 30.24 38.82 -39.59
CA ARG SB 106 31.01 37.58 -39.50
C ARG SB 106 30.23 36.44 -40.14
N LYS SB 107 29.33 36.75 -41.07
CA LYS SB 107 28.66 35.75 -41.90
C LYS SB 107 27.89 34.73 -41.07
N GLY SB 108 27.21 35.18 -40.02
CA GLY SB 108 26.40 34.29 -39.24
C GLY SB 108 27.07 33.79 -37.98
N HIS SB 109 27.66 34.72 -37.23
CA HIS SB 109 28.35 34.38 -35.99
C HIS SB 109 28.35 35.62 -35.10
N ALA SB 110 28.61 35.42 -33.82
CA ALA SB 110 28.76 36.55 -32.92
C ALA SB 110 30.06 37.27 -33.23
N VAL SB 111 30.23 38.45 -32.64
CA VAL SB 111 31.46 39.22 -32.82
C VAL SB 111 31.84 39.84 -31.48
N GLY SB 112 32.98 39.42 -30.95
CA GLY SB 112 33.50 40.06 -29.75
C GLY SB 112 32.65 39.78 -28.53
N ASP SB 113 32.53 40.79 -27.68
CA ASP SB 113 31.92 40.62 -26.38
C ASP SB 113 30.44 40.28 -26.44
N ILE SB 114 29.77 40.58 -27.55
CA ILE SB 114 28.32 40.41 -27.60
C ILE SB 114 28.02 38.92 -27.61
N PRO SB 115 27.29 38.40 -26.64
CA PRO SB 115 26.95 36.97 -26.66
C PRO SB 115 25.68 36.67 -27.44
N GLY SB 116 25.82 35.90 -28.52
CA GLY SB 116 24.67 35.34 -29.19
C GLY SB 116 23.86 36.28 -30.04
N VAL SB 117 24.40 37.43 -30.42
CA VAL SB 117 23.71 38.38 -31.30
C VAL SB 117 24.49 38.52 -32.59
N ARG SB 118 23.81 38.32 -33.70
CA ARG SB 118 24.43 38.29 -35.01
C ARG SB 118 23.89 39.37 -35.93
N PHE SB 119 23.24 40.38 -35.39
CA PHE SB 119 22.48 41.33 -36.20
C PHE SB 119 22.63 42.73 -35.64
N LYS SB 120 22.87 43.69 -36.52
CA LYS SB 120 22.93 45.09 -36.14
C LYS SB 120 21.88 45.86 -36.92
N VAL SB 121 21.65 47.11 -36.50
CA VAL SB 121 20.58 47.93 -37.04
C VAL SB 121 21.18 49.07 -37.84
N VAL SB 122 20.75 49.22 -39.08
CA VAL SB 122 21.31 50.21 -39.99
C VAL SB 122 20.39 51.42 -40.13
N LYS SB 123 19.07 51.21 -40.12
CA LYS SB 123 18.10 52.30 -40.24
C LYS SB 123 17.08 52.19 -39.13
N VAL SB 124 16.35 53.28 -38.91
CA VAL SB 124 15.35 53.35 -37.85
C VAL SB 124 14.18 54.17 -38.38
N ALA SB 125 13.06 53.50 -38.69
CA ALA SB 125 11.88 54.17 -39.23
C ALA SB 125 12.22 54.95 -40.49
N ASN SB 126 13.04 54.33 -41.36
CA ASN SB 126 13.37 54.88 -42.67
C ASN SB 126 14.20 56.15 -42.59
N VAL SB 127 15.10 56.22 -41.61
CA VAL SB 127 16.17 57.20 -41.59
C VAL SB 127 17.45 56.49 -41.16
N SER SB 128 18.58 56.87 -41.76
CA SER SB 128 19.82 56.15 -41.53
C SER SB 128 20.33 56.36 -40.11
N LEU SB 129 20.79 55.27 -39.49
CA LEU SB 129 21.30 55.38 -38.11
C LEU SB 129 22.60 56.15 -38.06
N LEU SB 130 23.41 56.09 -39.11
CA LEU SB 130 24.57 56.98 -39.19
C LEU SB 130 24.11 58.42 -39.30
N ALA SB 131 23.07 58.68 -40.10
CA ALA SB 131 22.62 60.05 -40.29
C ALA SB 131 22.10 60.66 -39.00
N LEU SB 132 21.42 59.87 -38.17
CA LEU SB 132 20.92 60.40 -36.92
C LEU SB 132 22.07 60.79 -35.99
N TYR SB 133 23.12 59.98 -35.96
CA TYR SB 133 24.26 60.26 -35.10
C TYR SB 133 24.94 61.57 -35.49
N LYS SB 134 25.47 61.64 -36.71
CA LYS SB 134 26.16 62.84 -37.14
C LYS SB 134 25.24 64.03 -37.29
N GLY SB 135 23.92 63.81 -37.23
CA GLY SB 135 22.96 64.89 -37.17
C GLY SB 135 22.43 65.36 -38.50
N LYS SB 136 22.99 64.88 -39.61
CA LYS SB 136 22.57 65.36 -40.93
C LYS SB 136 21.07 65.28 -41.11
N LYS SB 137 20.46 64.18 -40.68
CA LYS SB 137 19.03 64.03 -40.69
C LYS SB 137 18.49 64.26 -39.28
N GLU SB 138 17.17 64.10 -39.13
CA GLU SB 138 16.53 64.24 -37.84
C GLU SB 138 15.23 63.46 -37.87
N ARG SB 139 14.99 62.67 -36.84
CA ARG SB 139 13.76 61.91 -36.74
C ARG SB 139 12.66 62.81 -36.20
N PRO SB 140 11.61 63.08 -36.98
CA PRO SB 140 10.54 63.94 -36.47
C PRO SB 140 9.88 63.34 -35.24
N ARG SB 141 9.54 64.19 -34.28
CA ARG SB 141 9.04 63.71 -33.00
C ARG SB 141 7.53 63.77 -32.92
N SER TB 1 103.92 -0.52 -58.09
CA SER TB 1 103.79 0.88 -58.46
C SER TB 1 105.13 1.46 -58.88
N GLY TB 2 105.49 1.26 -60.14
CA GLY TB 2 106.72 1.77 -60.69
C GLY TB 2 107.50 0.70 -61.41
N ALA TB 3 108.73 1.06 -61.83
CA ALA TB 3 109.57 0.16 -62.61
C ALA TB 3 111.03 0.24 -62.21
N LEU TB 4 111.33 0.53 -60.94
CA LEU TB 4 112.69 0.77 -60.51
C LEU TB 4 113.21 -0.39 -59.65
N ASP TB 5 114.54 -0.48 -59.57
CA ASP TB 5 115.16 -1.30 -58.53
C ASP TB 5 114.96 -0.70 -57.14
N VAL TB 6 114.77 0.62 -57.09
CA VAL TB 6 114.59 1.34 -55.83
C VAL TB 6 113.14 1.69 -55.55
N LEU TB 7 112.25 1.52 -56.53
CA LEU TB 7 110.83 1.78 -56.32
C LEU TB 7 110.00 0.52 -56.15
N GLN TB 8 110.27 -0.53 -56.91
CA GLN TB 8 109.52 -1.76 -56.78
C GLN TB 8 109.91 -2.49 -55.51
N MET TB 9 109.20 -3.59 -55.24
CA MET TB 9 109.28 -4.23 -53.94
C MET TB 9 110.60 -4.99 -53.84
N LYS TB 10 111.31 -4.79 -52.73
CA LYS TB 10 112.61 -5.41 -52.53
C LYS TB 10 112.56 -6.47 -51.45
N GLU TB 11 113.38 -7.51 -51.60
CA GLU TB 11 113.46 -8.57 -50.60
C GLU TB 11 113.84 -8.01 -49.23
N GLU TB 12 114.68 -6.97 -49.21
CA GLU TB 12 115.07 -6.39 -47.94
C GLU TB 12 113.87 -5.78 -47.22
N ASP TB 13 112.99 -5.12 -47.96
CA ASP TB 13 111.79 -4.57 -47.35
C ASP TB 13 110.83 -5.65 -46.91
N VAL TB 14 110.66 -6.71 -47.71
CA VAL TB 14 109.67 -7.73 -47.38
C VAL TB 14 110.06 -8.47 -46.12
N LEU TB 15 111.37 -8.66 -45.90
CA LEU TB 15 111.81 -9.28 -44.65
C LEU TB 15 111.50 -8.38 -43.47
N LYS TB 16 111.54 -7.07 -43.66
CA LYS TB 16 111.12 -6.16 -42.60
C LYS TB 16 109.65 -6.37 -42.26
N PHE TB 17 108.79 -6.47 -43.28
CA PHE TB 17 107.36 -6.56 -43.03
C PHE TB 17 107.00 -7.85 -42.30
N LEU TB 18 107.44 -8.99 -42.83
CA LEU TB 18 107.13 -10.26 -42.18
C LEU TB 18 107.74 -10.35 -40.79
N ALA TB 19 108.82 -9.60 -40.55
CA ALA TB 19 109.45 -9.62 -39.23
C ALA TB 19 108.51 -9.05 -38.18
N ALA TB 20 107.87 -7.93 -38.47
CA ALA TB 20 107.00 -7.27 -37.51
C ALA TB 20 105.53 -7.61 -37.70
N GLY TB 21 105.21 -8.63 -38.49
CA GLY TB 21 103.84 -9.11 -38.56
C GLY TB 21 102.84 -8.13 -39.13
N THR TB 22 103.24 -7.34 -40.12
CA THR TB 22 102.30 -6.43 -40.79
C THR TB 22 101.21 -7.19 -41.53
N HIS TB 23 101.46 -8.44 -41.89
CA HIS TB 23 100.52 -9.19 -42.73
C HIS TB 23 99.30 -9.68 -41.94
N LEU TB 24 99.45 -10.00 -40.66
CA LEU TB 24 98.33 -10.44 -39.85
C LEU TB 24 97.45 -9.24 -39.53
N GLY TB 25 96.19 -9.30 -39.93
CA GLY TB 25 95.28 -8.20 -39.64
C GLY TB 25 94.50 -8.39 -38.36
N GLY TB 26 93.19 -8.51 -38.48
CA GLY TB 26 92.31 -8.85 -37.38
C GLY TB 26 91.39 -9.97 -37.80
N THR TB 27 90.21 -10.00 -37.17
CA THR TB 27 89.22 -11.03 -37.47
C THR TB 27 88.02 -10.52 -38.25
N ASN TB 28 88.04 -9.27 -38.70
CA ASN TB 28 86.89 -8.66 -39.36
C ASN TB 28 87.33 -7.99 -40.65
N LEU TB 29 86.41 -7.93 -41.60
CA LEU TB 29 86.66 -7.26 -42.87
C LEU TB 29 85.57 -6.25 -43.11
N ASP TB 30 85.97 -4.99 -43.30
CA ASP TB 30 85.03 -3.91 -43.61
C ASP TB 30 84.89 -3.81 -45.11
N PHE TB 31 83.66 -3.61 -45.59
CA PHE TB 31 83.38 -3.77 -47.01
C PHE TB 31 84.21 -2.80 -47.86
N GLN TB 32 84.66 -1.69 -47.29
CA GLN TB 32 85.61 -0.84 -48.00
C GLN TB 32 87.02 -1.44 -48.04
N MET TB 33 87.29 -2.46 -47.22
CA MET TB 33 88.64 -2.96 -47.02
C MET TB 33 88.91 -4.28 -47.72
N GLU TB 34 87.93 -4.84 -48.42
CA GLU TB 34 88.10 -6.14 -49.05
C GLU TB 34 89.23 -6.15 -50.06
N GLN TB 35 89.49 -5.02 -50.71
CA GLN TB 35 90.46 -4.96 -51.79
C GLN TB 35 91.90 -5.02 -51.30
N TYR TB 36 92.12 -5.36 -50.03
CA TYR TB 36 93.49 -5.44 -49.52
C TYR TB 36 93.67 -6.64 -48.59
N ILE TB 37 92.85 -7.68 -48.72
CA ILE TB 37 92.91 -8.85 -47.85
C ILE TB 37 93.14 -10.06 -48.74
N TYR TB 38 94.23 -10.78 -48.51
CA TYR TB 38 94.56 -11.90 -49.37
C TYR TB 38 93.61 -13.05 -49.11
N LYS TB 39 93.71 -13.65 -47.92
CA LYS TB 39 92.92 -14.79 -47.51
C LYS TB 39 92.82 -14.77 -45.99
N ARG TB 40 92.03 -15.70 -45.46
CA ARG TB 40 91.90 -15.88 -44.01
C ARG TB 40 92.28 -17.31 -43.68
N LYS TB 41 93.31 -17.48 -42.87
CA LYS TB 41 93.70 -18.82 -42.47
C LYS TB 41 92.75 -19.32 -41.38
N SER TB 42 93.04 -20.47 -40.81
CA SER TB 42 92.04 -21.23 -40.07
C SER TB 42 91.95 -20.88 -38.60
N ASP TB 43 92.86 -20.06 -38.07
CA ASP TB 43 92.65 -19.54 -36.73
C ASP TB 43 91.75 -18.33 -36.72
N GLY TB 44 91.51 -17.72 -37.87
CA GLY TB 44 90.57 -16.63 -37.95
C GLY TB 44 91.19 -15.25 -37.88
N ILE TB 45 92.22 -15.00 -38.68
CA ILE TB 45 92.87 -13.70 -38.72
C ILE TB 45 93.31 -13.44 -40.15
N TYR TB 46 93.24 -12.17 -40.56
CA TYR TB 46 93.36 -11.81 -41.97
C TYR TB 46 94.80 -11.53 -42.37
N ILE TB 47 95.13 -11.88 -43.62
CA ILE TB 47 96.46 -11.71 -44.18
C ILE TB 47 96.40 -10.60 -45.21
N ILE TB 48 97.27 -9.61 -45.05
CA ILE TB 48 97.25 -8.43 -45.92
C ILE TB 48 98.23 -8.62 -47.06
N ASN TB 49 97.82 -8.20 -48.26
CA ASN TB 49 98.72 -8.25 -49.41
C ASN TB 49 99.82 -7.21 -49.21
N LEU TB 50 100.99 -7.67 -48.79
CA LEU TB 50 102.08 -6.74 -48.51
C LEU TB 50 102.49 -5.96 -49.75
N LYS TB 51 102.35 -6.55 -50.94
CA LYS TB 51 102.57 -5.77 -52.15
C LYS TB 51 101.56 -4.64 -52.26
N ARG TB 52 100.28 -4.96 -52.03
CA ARG TB 52 99.26 -3.91 -52.09
C ARG TB 52 99.53 -2.83 -51.05
N THR TB 53 100.05 -3.22 -49.89
CA THR TB 53 100.53 -2.23 -48.93
C THR TB 53 101.60 -1.36 -49.54
N TRP TB 54 102.48 -1.94 -50.35
CA TRP TB 54 103.57 -1.16 -50.91
C TRP TB 54 103.08 -0.08 -51.86
N GLU TB 55 102.17 -0.43 -52.76
CA GLU TB 55 101.61 0.58 -53.66
C GLU TB 55 101.03 1.74 -52.87
N LYS TB 56 100.16 1.43 -51.91
CA LYS TB 56 99.56 2.49 -51.10
C LYS TB 56 100.62 3.22 -50.30
N LEU TB 57 101.58 2.50 -49.73
CA LEU TB 57 102.66 3.15 -48.98
C LEU TB 57 103.57 3.93 -49.90
N LEU TB 58 103.61 3.59 -51.19
CA LEU TB 58 104.28 4.44 -52.15
C LEU TB 58 103.36 5.55 -52.64
N LEU TB 59 102.07 5.25 -52.81
CA LEU TB 59 101.12 6.29 -53.18
C LEU TB 59 101.05 7.36 -52.10
N ALA TB 60 100.92 6.94 -50.84
CA ALA TB 60 100.89 7.90 -49.74
C ALA TB 60 102.17 8.72 -49.70
N ALA TB 61 103.31 8.08 -50.00
CA ALA TB 61 104.56 8.84 -50.07
C ALA TB 61 104.48 9.90 -51.16
N ARG TB 62 103.93 9.57 -52.32
CA ARG TB 62 103.83 10.53 -53.40
C ARG TB 62 102.88 11.67 -53.05
N ALA TB 63 101.96 11.43 -52.12
CA ALA TB 63 101.07 12.49 -51.67
C ALA TB 63 101.82 13.48 -50.79
N ILE TB 64 102.63 12.98 -49.86
CA ILE TB 64 103.30 13.85 -48.89
C ILE TB 64 104.35 14.71 -49.59
N VAL TB 65 105.15 14.09 -50.47
CA VAL TB 65 106.25 14.82 -51.09
C VAL TB 65 105.75 15.97 -51.96
N ALA TB 66 104.53 15.89 -52.48
CA ALA TB 66 104.01 16.96 -53.31
C ALA TB 66 103.79 18.23 -52.52
N ILE TB 67 103.61 18.12 -51.20
CA ILE TB 67 103.42 19.30 -50.38
C ILE TB 67 104.68 20.15 -50.40
N GLU TB 68 104.54 21.42 -50.75
CA GLU TB 68 105.71 22.25 -51.00
C GLU TB 68 106.54 22.43 -49.75
N ASN TB 69 105.91 22.81 -48.63
CA ASN TB 69 106.62 23.11 -47.41
C ASN TB 69 106.46 21.98 -46.41
N PRO TB 70 107.54 21.50 -45.80
CA PRO TB 70 107.40 20.38 -44.85
C PRO TB 70 106.53 20.69 -43.66
N ALA TB 71 106.53 21.93 -43.19
CA ALA TB 71 105.74 22.29 -42.01
C ALA TB 71 104.23 22.22 -42.27
N ASP TB 72 103.80 22.26 -43.52
CA ASP TB 72 102.39 22.36 -43.86
C ASP TB 72 101.61 21.10 -43.57
N VAL TB 73 102.27 20.00 -43.23
CA VAL TB 73 101.62 18.72 -42.97
C VAL TB 73 101.67 18.44 -41.48
N SER TB 74 100.52 18.12 -40.90
CA SER TB 74 100.41 17.82 -39.47
C SER TB 74 100.21 16.32 -39.30
N VAL TB 75 101.17 15.67 -38.67
CA VAL TB 75 101.11 14.23 -38.41
C VAL TB 75 100.60 14.04 -36.99
N ILE TB 76 99.56 13.22 -36.84
CA ILE TB 76 98.76 13.17 -35.62
C ILE TB 76 98.66 11.73 -35.15
N SER TB 77 98.87 11.51 -33.86
CA SER TB 77 98.75 10.19 -33.25
C SER TB 77 98.15 10.34 -31.86
N SER TB 78 97.16 9.50 -31.53
CA SER TB 78 96.49 9.61 -30.24
C SER TB 78 96.46 8.30 -29.47
N ARG TB 79 97.21 7.29 -29.91
CA ARG TB 79 97.40 6.07 -29.14
C ARG TB 79 98.81 6.06 -28.57
N ASN TB 80 98.94 5.52 -27.35
CA ASN TB 80 100.23 5.49 -26.69
C ASN TB 80 101.23 4.59 -27.40
N THR TB 81 100.77 3.78 -28.35
CA THR TB 81 101.68 2.91 -29.06
C THR TB 81 102.59 3.69 -30.00
N GLY TB 82 102.02 4.59 -30.80
CA GLY TB 82 102.78 5.34 -31.78
C GLY TB 82 103.09 6.77 -31.43
N GLN TB 83 102.96 7.19 -30.17
CA GLN TB 83 103.21 8.59 -29.82
C GLN TB 83 104.66 8.97 -30.08
N ARG TB 84 105.60 8.11 -29.68
CA ARG TB 84 107.00 8.40 -29.93
C ARG TB 84 107.33 8.42 -31.41
N ALA TB 85 106.71 7.53 -32.19
CA ALA TB 85 107.04 7.41 -33.60
C ALA TB 85 106.79 8.72 -34.35
N VAL TB 86 105.59 9.28 -34.19
CA VAL TB 86 105.24 10.46 -34.98
C VAL TB 86 106.14 11.64 -34.63
N LEU TB 87 106.69 11.67 -33.41
CA LEU TB 87 107.71 12.67 -33.11
C LEU TB 87 108.94 12.46 -33.99
N LYS TB 88 109.32 11.20 -34.19
CA LYS TB 88 110.52 10.91 -34.97
C LYS TB 88 110.30 11.24 -36.45
N PHE TB 89 109.09 11.03 -36.95
CA PHE TB 89 108.80 11.32 -38.35
C PHE TB 89 109.01 12.80 -38.67
N ALA TB 90 108.50 13.68 -37.81
CA ALA TB 90 108.73 15.10 -38.02
C ALA TB 90 110.20 15.47 -37.87
N ALA TB 91 110.92 14.72 -37.02
CA ALA TB 91 112.34 15.00 -36.83
C ALA TB 91 113.13 14.76 -38.11
N ALA TB 92 112.83 13.67 -38.81
CA ALA TB 92 113.58 13.31 -40.00
C ALA TB 92 112.97 13.82 -41.30
N THR TB 93 111.82 14.50 -41.22
CA THR TB 93 111.19 15.08 -42.41
C THR TB 93 111.02 16.59 -42.30
N GLY TB 94 110.51 17.06 -41.15
CA GLY TB 94 110.23 18.48 -40.99
C GLY TB 94 108.75 18.76 -40.84
N ALA TB 95 108.02 17.79 -40.30
CA ALA TB 95 106.58 17.91 -40.11
C ALA TB 95 106.27 18.58 -38.77
N THR TB 96 104.98 18.86 -38.55
CA THR TB 96 104.51 19.40 -37.28
C THR TB 96 103.73 18.32 -36.56
N PRO TB 97 104.35 17.55 -35.68
CA PRO TB 97 103.69 16.37 -35.11
C PRO TB 97 102.70 16.75 -34.03
N ILE TB 98 101.76 15.83 -33.81
CA ILE TB 98 100.73 16.00 -32.79
C ILE TB 98 100.64 14.68 -32.03
N ALA TB 99 101.33 14.60 -30.90
CA ALA TB 99 101.20 13.49 -29.97
C ALA TB 99 100.34 13.92 -28.79
N GLY TB 100 99.77 12.95 -28.10
CA GLY TB 100 98.94 13.23 -26.96
C GLY TB 100 97.50 13.51 -27.37
N ARG TB 101 96.71 13.91 -26.37
CA ARG TB 101 95.28 14.12 -26.58
C ARG TB 101 95.04 15.23 -27.60
N PHE TB 102 94.16 14.96 -28.54
CA PHE TB 102 93.82 15.90 -29.60
C PHE TB 102 92.83 16.91 -29.05
N THR TB 103 93.31 18.13 -28.76
CA THR TB 103 92.47 19.22 -28.30
C THR TB 103 91.36 19.47 -29.32
N PRO TB 104 90.10 19.18 -29.00
CA PRO TB 104 89.05 19.32 -30.00
C PRO TB 104 88.91 20.75 -30.47
N GLY TB 105 89.13 20.96 -31.76
CA GLY TB 105 89.05 22.28 -32.34
C GLY TB 105 90.37 22.95 -32.59
N THR TB 106 91.42 22.20 -32.89
CA THR TB 106 92.68 22.83 -33.26
C THR TB 106 92.72 23.28 -34.70
N PHE TB 107 91.80 22.80 -35.54
CA PHE TB 107 91.68 23.27 -36.92
C PHE TB 107 90.55 24.27 -37.10
N THR TB 108 89.63 24.34 -36.14
CA THR TB 108 88.58 25.35 -36.07
C THR TB 108 88.88 26.22 -34.85
N ASN TB 109 87.94 27.09 -34.48
CA ASN TB 109 88.07 27.92 -33.28
C ASN TB 109 89.33 28.79 -33.36
N GLN TB 110 89.24 29.78 -34.25
CA GLN TB 110 90.34 30.73 -34.49
C GLN TB 110 91.13 31.06 -33.23
N ILE TB 111 90.43 31.38 -32.15
CA ILE TB 111 91.06 31.90 -30.93
C ILE TB 111 91.47 30.70 -30.08
N GLN TB 112 92.61 30.09 -30.43
CA GLN TB 112 92.85 28.71 -29.93
C GLN TB 112 94.16 28.65 -29.14
N THR TB 113 94.17 27.89 -28.04
CA THR TB 113 95.43 27.69 -27.28
C THR TB 113 96.39 26.99 -28.23
N ALA TB 114 95.91 25.99 -28.97
CA ALA TB 114 96.75 25.35 -30.02
C ALA TB 114 95.96 25.41 -31.32
N PHE TB 115 96.48 26.13 -32.33
CA PHE TB 115 95.75 26.26 -33.61
C PHE TB 115 96.68 25.99 -34.79
N ARG TB 116 96.23 25.16 -35.74
CA ARG TB 116 97.04 24.90 -36.96
C ARG TB 116 96.09 24.99 -38.17
N GLU TB 117 96.58 25.46 -39.31
CA GLU TB 117 95.90 25.11 -40.56
C GLU TB 117 96.85 24.32 -41.44
N PRO TB 118 96.83 23.00 -41.38
CA PRO TB 118 97.72 22.19 -42.22
C PRO TB 118 97.13 21.99 -43.61
N ARG TB 119 97.84 21.19 -44.41
CA ARG TB 119 97.34 20.79 -45.72
C ARG TB 119 97.29 19.28 -45.89
N LEU TB 120 97.61 18.50 -44.87
CA LEU TB 120 97.55 17.05 -44.96
C LEU TB 120 97.62 16.40 -43.59
N LEU TB 121 96.63 15.57 -43.26
CA LEU TB 121 96.67 14.81 -42.01
C LEU TB 121 97.30 13.46 -42.24
N VAL TB 122 98.01 12.98 -41.23
CA VAL TB 122 98.59 11.63 -41.25
C VAL TB 122 98.27 11.03 -39.88
N VAL TB 123 97.17 10.28 -39.81
CA VAL TB 123 96.67 9.77 -38.54
C VAL TB 123 97.05 8.31 -38.39
N THR TB 124 97.53 7.95 -37.21
CA THR TB 124 97.97 6.57 -37.00
C THR TB 124 96.82 5.58 -37.16
N ASP TB 125 95.73 5.81 -36.45
CA ASP TB 125 94.65 4.83 -36.41
C ASP TB 125 93.29 5.50 -36.57
N PRO TB 126 92.49 5.06 -37.54
CA PRO TB 126 91.20 5.73 -37.77
C PRO TB 126 90.19 5.57 -36.65
N ARG TB 127 90.37 4.59 -35.76
CA ARG TB 127 89.39 4.36 -34.71
C ARG TB 127 89.68 5.21 -33.49
N ALA TB 128 90.88 5.10 -32.93
CA ALA TB 128 91.19 5.73 -31.66
C ALA TB 128 91.83 7.10 -31.81
N ASP TB 129 92.42 7.41 -32.96
CA ASP TB 129 92.87 8.77 -33.26
C ASP TB 129 91.71 9.40 -34.01
N HIS TB 130 90.62 9.65 -33.27
CA HIS TB 130 89.32 9.90 -33.88
C HIS TB 130 89.17 11.32 -34.38
N GLN TB 131 89.28 12.30 -33.48
CA GLN TB 131 88.83 13.66 -33.78
C GLN TB 131 89.44 14.23 -35.06
N PRO TB 132 90.76 14.20 -35.28
CA PRO TB 132 91.28 14.82 -36.50
C PRO TB 132 90.66 14.29 -37.76
N LEU TB 133 90.16 13.05 -37.74
CA LEU TB 133 89.39 12.57 -38.88
C LEU TB 133 88.12 13.36 -39.08
N THR TB 134 87.56 13.91 -38.01
CA THR TB 134 86.31 14.67 -38.14
C THR TB 134 86.57 16.16 -38.29
N GLU TB 135 87.60 16.69 -37.65
CA GLU TB 135 87.98 18.08 -37.89
C GLU TB 135 88.62 18.29 -39.24
N ALA TB 136 88.88 17.22 -39.99
CA ALA TB 136 89.29 17.34 -41.38
C ALA TB 136 88.12 17.40 -42.32
N SER TB 137 86.96 17.84 -41.84
CA SER TB 137 85.81 18.13 -42.67
C SER TB 137 85.38 19.58 -42.64
N TYR TB 138 85.59 20.28 -41.53
CA TYR TB 138 85.21 21.69 -41.44
C TYR TB 138 86.17 22.60 -42.16
N VAL TB 139 87.40 22.14 -42.41
CA VAL TB 139 88.33 22.81 -43.31
C VAL TB 139 88.96 21.75 -44.21
N ASN TB 140 89.25 22.12 -45.45
CA ASN TB 140 89.57 21.16 -46.51
C ASN TB 140 90.90 20.51 -46.24
N LEU TB 141 90.89 19.29 -45.70
CA LEU TB 141 92.11 18.58 -45.32
C LEU TB 141 92.13 17.17 -45.89
N PRO TB 142 93.12 16.83 -46.71
CA PRO TB 142 93.32 15.43 -47.07
C PRO TB 142 93.88 14.61 -45.92
N THR TB 143 93.72 13.29 -46.03
CA THR TB 143 93.98 12.38 -44.92
C THR TB 143 94.81 11.19 -45.37
N ILE TB 144 95.67 10.71 -44.46
CA ILE TB 144 96.52 9.54 -44.66
C ILE TB 144 96.48 8.72 -43.39
N ALA TB 145 95.90 7.53 -43.44
CA ALA TB 145 95.72 6.70 -42.26
C ALA TB 145 96.28 5.31 -42.49
N LEU TB 146 96.94 4.75 -41.46
CA LEU TB 146 97.40 3.36 -41.48
C LEU TB 146 96.25 2.46 -41.07
N CYS TB 147 95.34 2.27 -42.02
CA CYS TB 147 94.07 1.62 -41.75
C CYS TB 147 94.26 0.12 -41.51
N ASN TB 148 93.69 -0.36 -40.41
CA ASN TB 148 93.70 -1.79 -40.13
C ASN TB 148 92.61 -2.48 -40.92
N THR TB 149 92.42 -3.78 -40.65
CA THR TB 149 91.35 -4.53 -41.29
C THR TB 149 90.01 -4.32 -40.59
N ASP TB 150 89.99 -3.59 -39.49
CA ASP TB 150 88.76 -3.29 -38.77
C ASP TB 150 88.43 -1.81 -38.69
N SER TB 151 89.38 -0.94 -39.04
CA SER TB 151 89.15 0.49 -38.90
C SER TB 151 88.24 1.00 -40.02
N PRO TB 152 87.35 1.93 -39.72
CA PRO TB 152 86.50 2.52 -40.76
C PRO TB 152 87.33 3.31 -41.74
N LEU TB 153 86.87 3.34 -42.99
CA LEU TB 153 87.52 4.09 -44.04
C LEU TB 153 86.75 5.34 -44.41
N ARG TB 154 86.16 5.99 -43.41
CA ARG TB 154 85.41 7.22 -43.63
C ARG TB 154 86.32 8.42 -43.45
N TYR TB 155 86.23 9.36 -44.38
CA TYR TB 155 87.01 10.60 -44.34
C TYR TB 155 88.50 10.33 -44.45
N VAL TB 156 88.88 9.30 -45.19
CA VAL TB 156 90.29 8.98 -45.40
C VAL TB 156 90.56 8.93 -46.90
N ASP TB 157 91.59 9.66 -47.35
CA ASP TB 157 91.92 9.67 -48.76
C ASP TB 157 92.75 8.47 -49.16
N ILE TB 158 93.75 8.13 -48.36
CA ILE TB 158 94.66 7.04 -48.66
C ILE TB 158 94.64 6.07 -47.49
N ALA TB 159 94.47 4.79 -47.80
CA ALA TB 159 94.39 3.74 -46.79
C ALA TB 159 95.56 2.79 -46.99
N ILE TB 160 96.47 2.78 -46.04
CA ILE TB 160 97.62 1.87 -46.08
C ILE TB 160 97.22 0.61 -45.33
N PRO TB 161 96.87 -0.46 -46.03
CA PRO TB 161 96.32 -1.63 -45.33
C PRO TB 161 97.40 -2.32 -44.52
N CYS TB 162 97.31 -2.22 -43.19
CA CYS TB 162 98.38 -2.76 -42.37
C CYS TB 162 97.85 -3.16 -41.02
N ASN TB 163 98.63 -3.99 -40.34
CA ASN TB 163 98.42 -4.23 -38.93
C ASN TB 163 98.90 -3.01 -38.17
N ASN TB 164 98.11 -2.54 -37.22
CA ASN TB 164 98.51 -1.40 -36.40
C ASN TB 164 98.24 -1.63 -34.91
N LYS TB 165 97.74 -2.79 -34.54
CA LYS TB 165 97.55 -3.10 -33.12
C LYS TB 165 98.89 -3.20 -32.41
N GLY TB 166 99.81 -4.00 -32.95
CA GLY TB 166 101.08 -4.24 -32.29
C GLY TB 166 101.97 -3.01 -32.32
N ALA TB 167 102.92 -2.98 -31.40
CA ALA TB 167 103.87 -1.88 -31.37
C ALA TB 167 104.86 -1.98 -32.52
N HIS TB 168 105.28 -3.19 -32.87
CA HIS TB 168 106.27 -3.36 -33.92
C HIS TB 168 105.74 -2.87 -35.26
N SER TB 169 104.49 -3.22 -35.58
CA SER TB 169 103.97 -2.92 -36.91
C SER TB 169 103.89 -1.42 -37.16
N VAL TB 170 103.40 -0.66 -36.18
CA VAL TB 170 103.27 0.78 -36.36
C VAL TB 170 104.64 1.44 -36.37
N GLY TB 171 105.53 1.02 -35.46
CA GLY TB 171 106.85 1.61 -35.43
C GLY TB 171 107.60 1.39 -36.72
N LEU TB 172 107.42 0.22 -37.34
CA LEU TB 172 108.06 -0.07 -38.61
C LEU TB 172 107.67 0.95 -39.67
N MET TB 173 106.37 1.15 -39.86
CA MET TB 173 105.90 1.85 -41.05
C MET TB 173 106.13 3.34 -40.94
N TRP TB 174 106.13 3.88 -39.72
CA TRP TB 174 106.54 5.27 -39.56
C TRP TB 174 107.99 5.44 -39.99
N TRP TB 175 108.86 4.49 -39.62
CA TRP TB 175 110.20 4.46 -40.21
C TRP TB 175 110.14 4.18 -41.70
N MET TB 176 109.28 3.24 -42.11
CA MET TB 176 109.16 2.89 -43.52
C MET TB 176 108.64 4.08 -44.32
N LEU TB 177 107.53 4.67 -43.89
CA LEU TB 177 106.93 5.77 -44.63
C LEU TB 177 107.89 6.96 -44.70
N ALA TB 178 108.58 7.25 -43.59
CA ALA TB 178 109.54 8.34 -43.58
C ALA TB 178 110.66 8.09 -44.58
N ARG TB 179 111.06 6.83 -44.74
CA ARG TB 179 112.14 6.53 -45.67
C ARG TB 179 111.74 6.85 -47.10
N GLU TB 180 110.49 6.58 -47.47
CA GLU TB 180 110.06 6.82 -48.84
C GLU TB 180 109.85 8.31 -49.10
N VAL TB 181 109.22 9.02 -48.17
CA VAL TB 181 108.98 10.44 -48.39
C VAL TB 181 110.28 11.21 -48.42
N LEU TB 182 111.30 10.74 -47.71
CA LEU TB 182 112.58 11.41 -47.75
C LEU TB 182 113.30 11.16 -49.08
N ARG TB 183 113.30 9.92 -49.55
CA ARG TB 183 114.15 9.54 -50.67
C ARG TB 183 113.81 10.31 -51.93
N MET TB 184 112.51 10.46 -52.21
CA MET TB 184 112.11 11.12 -53.46
C MET TB 184 112.56 12.57 -53.50
N ARG TB 185 112.94 13.12 -52.35
CA ARG TB 185 113.51 14.45 -52.28
C ARG TB 185 115.03 14.46 -52.29
N GLY TB 186 115.66 13.40 -51.78
CA GLY TB 186 117.11 13.27 -51.84
C GLY TB 186 117.81 13.26 -50.51
N THR TB 187 118.28 12.08 -50.08
CA THR TB 187 119.16 11.96 -48.93
C THR TB 187 120.41 11.15 -49.26
N ILE TB 188 120.24 10.11 -50.09
CA ILE TB 188 121.31 9.21 -50.50
C ILE TB 188 121.17 8.98 -52.00
N SER TB 189 122.02 8.09 -52.52
CA SER TB 189 121.90 7.68 -53.91
C SER TB 189 120.62 6.90 -54.19
N ARG TB 190 119.89 6.50 -53.15
CA ARG TB 190 118.81 5.52 -53.16
C ARG TB 190 119.34 4.10 -53.27
N GLU TB 191 120.65 3.92 -53.44
CA GLU TB 191 121.29 2.62 -53.56
C GLU TB 191 122.02 2.25 -52.27
N HIS TB 192 121.47 2.63 -51.14
CA HIS TB 192 122.09 2.40 -49.83
C HIS TB 192 121.00 2.12 -48.80
N PRO TB 193 121.36 1.43 -47.73
CA PRO TB 193 120.47 1.41 -46.56
C PRO TB 193 120.48 2.76 -45.88
N TRP TB 194 119.29 3.24 -45.51
CA TRP TB 194 119.21 4.49 -44.76
C TRP TB 194 119.68 4.24 -43.33
N GLU TB 195 120.55 5.11 -42.84
CA GLU TB 195 121.38 4.83 -41.67
C GLU TB 195 120.60 4.85 -40.35
N VAL TB 196 119.27 4.87 -40.34
CA VAL TB 196 118.49 4.82 -39.12
C VAL TB 196 117.61 3.59 -39.14
N MET TB 197 117.66 2.79 -38.08
CA MET TB 197 116.95 1.53 -38.02
C MET TB 197 115.50 1.76 -37.58
N PRO TB 198 114.61 0.79 -37.85
CA PRO TB 198 113.23 0.93 -37.39
C PRO TB 198 113.08 0.96 -35.87
N ASP TB 199 114.00 0.36 -35.11
CA ASP TB 199 113.84 0.33 -33.65
C ASP TB 199 113.74 1.74 -33.06
N LEU TB 200 114.30 2.74 -33.74
CA LEU TB 200 114.19 4.11 -33.25
C LEU TB 200 112.73 4.55 -33.20
N TYR TB 201 111.93 4.11 -34.19
CA TYR TB 201 110.51 4.42 -34.23
C TYR TB 201 109.66 3.43 -33.44
N PHE TB 202 110.25 2.37 -32.90
CA PHE TB 202 109.48 1.38 -32.15
C PHE TB 202 109.12 1.87 -30.75
N TYR TB 203 108.03 1.31 -30.24
CA TYR TB 203 107.59 1.62 -28.88
C TYR TB 203 108.39 0.82 -27.87
N ARG TB 204 108.73 1.45 -26.75
CA ARG TB 204 109.52 0.77 -25.73
C ARG TB 204 109.37 1.50 -24.40
N ASP TB 205 108.98 0.76 -23.37
CA ASP TB 205 109.04 1.26 -22.00
C ASP TB 205 110.47 1.19 -21.49
N PRO TB 206 110.81 1.96 -20.46
CA PRO TB 206 112.12 1.81 -19.83
C PRO TB 206 112.33 0.41 -19.26
N GLU TB 207 113.24 -0.35 -19.86
CA GLU TB 207 113.50 -1.72 -19.42
C GLU TB 207 114.99 -2.05 -19.41
N GLU TB 208 115.86 -1.07 -19.66
CA GLU TB 208 117.31 -1.28 -19.82
C GLU TB 208 117.59 -2.24 -20.97
N VAL UB 1 46.68 -34.82 32.64
CA VAL UB 1 47.71 -34.45 33.60
C VAL UB 1 48.79 -35.53 33.65
N VAL UB 2 48.74 -36.45 32.70
CA VAL UB 2 49.71 -37.52 32.57
C VAL UB 2 50.42 -37.36 31.23
N ASP UB 3 51.73 -37.17 31.28
CA ASP UB 3 52.51 -37.00 30.07
C ASP UB 3 52.40 -38.26 29.21
N PRO UB 4 51.99 -38.14 27.95
CA PRO UB 4 51.74 -39.35 27.14
C PRO UB 4 52.97 -40.19 26.88
N PHE UB 5 54.17 -39.62 26.95
CA PHE UB 5 55.39 -40.33 26.61
C PHE UB 5 55.95 -41.14 27.78
N SER UB 6 55.15 -41.40 28.80
CA SER UB 6 55.43 -42.46 29.75
C SER UB 6 54.72 -43.75 29.36
N LYS UB 7 53.98 -43.73 28.26
CA LYS UB 7 53.15 -44.84 27.80
C LYS UB 7 53.38 -45.03 26.31
N LYS UB 8 54.65 -45.01 25.90
CA LYS UB 8 55.03 -45.29 24.51
C LYS UB 8 56.34 -46.06 24.54
N ASP UB 9 56.29 -47.29 24.06
CA ASP UB 9 57.41 -48.21 24.15
C ASP UB 9 58.14 -48.24 22.82
N TRP UB 10 59.42 -47.94 22.84
CA TRP UB 10 60.19 -47.71 21.62
C TRP UB 10 60.46 -49.02 20.90
N TYR UB 11 60.61 -48.93 19.58
CA TYR UB 11 60.86 -50.08 18.73
C TYR UB 11 62.11 -49.84 17.91
N ASP UB 12 62.52 -50.89 17.21
CA ASP UB 12 63.61 -50.84 16.24
C ASP UB 12 63.05 -51.19 14.87
N VAL UB 13 63.67 -50.65 13.83
CA VAL UB 13 63.29 -50.94 12.46
C VAL UB 13 64.53 -51.34 11.66
N LYS UB 14 64.40 -52.41 10.89
CA LYS UB 14 65.53 -52.98 10.16
C LYS UB 14 65.28 -52.92 8.65
N ALA UB 15 66.25 -52.39 7.93
CA ALA UB 15 66.22 -52.41 6.48
C ALA UB 15 66.58 -53.82 5.99
N PRO UB 16 66.29 -54.13 4.73
CA PRO UB 16 66.63 -55.46 4.21
C PRO UB 16 68.12 -55.71 4.20
N ALA UB 17 68.49 -56.91 3.77
CA ALA UB 17 69.88 -57.34 3.74
C ALA UB 17 70.62 -56.86 2.50
N MET UB 18 69.96 -56.10 1.63
CA MET UB 18 70.56 -55.62 0.39
C MET UB 18 71.14 -54.22 0.52
N PHE UB 19 71.64 -53.88 1.71
CA PHE UB 19 72.25 -52.58 1.97
C PHE UB 19 73.49 -52.78 2.85
N ASN UB 20 74.34 -51.75 2.87
CA ASN UB 20 75.48 -51.76 3.77
C ASN UB 20 75.08 -51.45 5.20
N ILE UB 21 73.89 -50.91 5.41
CA ILE UB 21 73.35 -50.59 6.73
C ILE UB 21 71.97 -51.22 6.84
N ARG UB 22 71.68 -51.79 8.00
CA ARG UB 22 70.36 -52.34 8.29
C ARG UB 22 69.61 -51.58 9.37
N ASN UB 23 70.17 -50.49 9.88
CA ASN UB 23 69.54 -49.73 10.94
C ASN UB 23 69.02 -48.40 10.37
N ILE UB 24 67.69 -48.26 10.32
CA ILE UB 24 67.10 -46.97 10.04
C ILE UB 24 67.33 -46.03 11.21
N GLY UB 25 66.80 -46.40 12.38
CA GLY UB 25 66.82 -45.59 13.57
C GLY UB 25 65.89 -46.20 14.60
N LYS UB 26 65.06 -45.40 15.25
CA LYS UB 26 64.03 -45.96 16.12
C LYS UB 26 62.77 -45.12 16.01
N THR UB 27 61.63 -45.75 16.28
CA THR UB 27 60.33 -45.10 16.33
C THR UB 27 59.79 -45.19 17.75
N LEU UB 28 58.55 -44.76 17.93
CA LEU UB 28 57.86 -44.93 19.20
C LEU UB 28 56.36 -44.98 18.93
N VAL UB 29 55.65 -45.77 19.74
CA VAL UB 29 54.21 -45.91 19.57
C VAL UB 29 53.64 -46.31 20.93
N THR UB 30 52.39 -45.91 21.18
CA THR UB 30 51.76 -46.18 22.45
C THR UB 30 51.71 -47.68 22.69
N ARG UB 31 51.69 -48.05 23.98
CA ARG UB 31 51.71 -49.44 24.36
C ARG UB 31 50.31 -50.03 24.22
N THR UB 32 50.27 -51.30 23.83
CA THR UB 32 49.01 -51.93 23.45
C THR UB 32 48.04 -52.05 24.61
N GLN UB 33 46.74 -51.99 24.29
CA GLN UB 33 45.68 -52.25 25.24
C GLN UB 33 44.39 -52.49 24.46
N GLY UB 34 43.56 -53.37 24.98
CA GLY UB 34 42.23 -53.57 24.41
C GLY UB 34 42.27 -53.90 22.94
N THR UB 35 41.42 -53.22 22.16
CA THR UB 35 41.23 -53.49 20.75
C THR UB 35 41.97 -52.49 19.87
N LYS UB 36 43.08 -51.94 20.34
CA LYS UB 36 43.88 -51.00 19.57
C LYS UB 36 45.35 -51.37 19.63
N ILE UB 37 45.65 -52.65 19.35
CA ILE UB 37 47.00 -53.18 19.53
C ILE UB 37 47.98 -52.37 18.70
N ALA UB 38 49.08 -51.95 19.33
CA ALA UB 38 50.08 -51.13 18.64
C ALA UB 38 50.69 -51.87 17.47
N SER UB 39 51.02 -53.15 17.63
CA SER UB 39 51.65 -53.88 16.54
C SER UB 39 50.76 -53.95 15.31
N ASP UB 40 49.44 -53.83 15.49
CA ASP UB 40 48.56 -53.68 14.34
C ASP UB 40 48.38 -52.22 13.94
N GLY UB 41 48.75 -51.29 14.82
CA GLY UB 41 48.71 -49.90 14.44
C GLY UB 41 49.99 -49.42 13.79
N LEU UB 42 51.11 -50.08 14.10
CA LEU UB 42 52.40 -49.62 13.60
C LEU UB 42 52.60 -49.97 12.14
N LYS UB 43 52.11 -51.13 11.71
CA LYS UB 43 52.30 -51.57 10.33
C LYS UB 43 51.64 -50.58 9.36
N GLY UB 44 52.43 -50.07 8.43
CA GLY UB 44 51.93 -49.11 7.46
C GLY UB 44 52.45 -47.71 7.66
N ARG UB 45 53.70 -47.58 8.10
CA ARG UB 45 54.38 -46.30 8.20
C ARG UB 45 55.48 -46.22 7.14
N VAL UB 46 55.93 -45.01 6.86
CA VAL UB 46 56.96 -44.78 5.87
C VAL UB 46 58.00 -43.83 6.43
N PHE UB 47 59.23 -43.97 5.94
CA PHE UB 47 60.35 -43.15 6.37
C PHE UB 47 60.97 -42.47 5.15
N GLU UB 48 61.88 -41.54 5.41
CA GLU UB 48 62.52 -40.75 4.35
C GLU UB 48 64.02 -40.86 4.60
N VAL UB 49 64.64 -41.91 4.08
CA VAL UB 49 66.01 -42.27 4.43
C VAL UB 49 66.89 -42.16 3.20
N SER UB 50 68.04 -41.51 3.36
CA SER UB 50 68.96 -41.24 2.27
C SER UB 50 69.98 -42.35 2.14
N LEU UB 51 70.55 -42.48 0.94
CA LEU UB 51 71.63 -43.43 0.72
C LEU UB 51 72.89 -43.07 1.50
N ALA UB 52 73.04 -41.81 1.89
CA ALA UB 52 74.21 -41.43 2.67
C ALA UB 52 74.23 -42.11 4.02
N ASP UB 53 73.06 -42.41 4.58
CA ASP UB 53 72.96 -43.11 5.85
C ASP UB 53 72.32 -44.48 5.69
N LEU UB 54 72.34 -45.04 4.48
CA LEU UB 54 71.80 -46.36 4.22
C LEU UB 54 72.72 -47.23 3.38
N GLN UB 55 73.75 -46.64 2.75
CA GLN UB 55 74.70 -47.39 1.93
C GLN UB 55 76.13 -46.90 2.17
N ASN UB 56 76.43 -46.41 3.37
CA ASN UB 56 77.78 -45.99 3.74
C ASN UB 56 78.32 -44.95 2.75
N ASP UB 57 77.62 -43.82 2.75
CA ASP UB 57 78.03 -42.61 2.02
C ASP UB 57 78.23 -42.88 0.52
N GLU UB 58 77.14 -43.28 -0.13
CA GLU UB 58 77.22 -43.52 -1.57
C GLU UB 58 76.86 -42.26 -2.35
N VAL UB 59 75.61 -41.81 -2.23
CA VAL UB 59 75.14 -40.55 -2.81
C VAL UB 59 74.18 -39.92 -1.83
N ALA UB 60 74.28 -38.61 -1.66
CA ALA UB 60 73.54 -37.91 -0.62
C ALA UB 60 72.15 -37.48 -1.06
N PHE UB 61 71.75 -37.75 -2.31
CA PHE UB 61 70.54 -37.14 -2.82
C PHE UB 61 69.59 -38.14 -3.47
N ARG UB 62 69.49 -39.34 -2.91
CA ARG UB 62 68.48 -40.30 -3.35
C ARG UB 62 67.77 -40.85 -2.13
N LYS UB 63 66.45 -40.79 -2.13
CA LYS UB 63 65.64 -41.11 -0.96
C LYS UB 63 64.89 -42.42 -1.17
N PHE UB 64 64.48 -43.03 -0.05
CA PHE UB 64 63.69 -44.25 -0.06
C PHE UB 64 62.55 -44.11 0.94
N LYS UB 65 61.56 -44.99 0.81
CA LYS UB 65 60.39 -44.94 1.68
C LYS UB 65 60.39 -46.04 2.74
N LEU UB 66 60.57 -47.30 2.33
CA LEU UB 66 60.75 -48.42 3.25
C LEU UB 66 59.55 -48.56 4.20
N ILE UB 67 58.40 -48.90 3.62
CA ILE UB 67 57.20 -49.14 4.40
C ILE UB 67 57.40 -50.31 5.37
N THR UB 68 56.78 -50.20 6.55
CA THR UB 68 56.88 -51.24 7.57
C THR UB 68 55.83 -52.31 7.29
N GLU UB 69 56.26 -53.40 6.66
CA GLU UB 69 55.32 -54.42 6.22
C GLU UB 69 54.98 -55.43 7.30
N ASP UB 70 55.81 -55.55 8.34
CA ASP UB 70 55.48 -56.43 9.44
C ASP UB 70 56.36 -56.04 10.62
N VAL UB 71 55.83 -56.28 11.82
CA VAL UB 71 56.50 -55.97 13.08
C VAL UB 71 56.65 -57.27 13.88
N GLN UB 72 57.86 -57.55 14.33
CA GLN UB 72 58.13 -58.80 15.03
C GLN UB 72 59.31 -58.62 15.97
N GLY UB 73 59.22 -59.26 17.14
CA GLY UB 73 60.34 -59.35 18.06
C GLY UB 73 60.91 -58.01 18.46
N LYS UB 74 60.04 -57.04 18.72
CA LYS UB 74 60.37 -55.67 19.11
C LYS UB 74 61.02 -54.92 17.95
N ASN UB 75 61.34 -55.59 16.85
CA ASN UB 75 61.93 -54.97 15.68
C ASN UB 75 60.84 -54.67 14.66
N CYS UB 76 61.26 -54.24 13.48
CA CYS UB 76 60.35 -53.95 12.38
C CYS UB 76 61.00 -54.30 11.07
N LEU UB 77 60.21 -54.81 10.14
CA LEU UB 77 60.70 -55.31 8.86
C LEU UB 77 60.16 -54.44 7.74
N THR UB 78 61.03 -54.00 6.84
CA THR UB 78 60.64 -53.07 5.79
C THR UB 78 61.20 -53.51 4.44
N ASN UB 79 60.42 -53.25 3.39
CA ASN UB 79 60.86 -53.43 2.02
C ASN UB 79 60.70 -52.12 1.25
N PHE UB 80 61.26 -52.10 0.05
CA PHE UB 80 61.23 -50.91 -0.78
C PHE UB 80 59.80 -50.48 -1.06
N HIS UB 81 59.56 -49.16 -1.04
CA HIS UB 81 58.23 -48.64 -1.32
C HIS UB 81 58.21 -47.40 -2.21
N GLY UB 82 59.35 -46.85 -2.58
CA GLY UB 82 59.35 -45.67 -3.42
C GLY UB 82 60.67 -44.92 -3.30
N MET UB 83 60.95 -44.09 -4.30
CA MET UB 83 62.20 -43.35 -4.37
C MET UB 83 61.90 -41.93 -4.82
N ASP UB 84 62.76 -40.99 -4.42
CA ASP UB 84 62.64 -39.58 -4.80
C ASP UB 84 64.03 -39.06 -5.16
N LEU UB 85 64.13 -37.75 -5.38
CA LEU UB 85 65.40 -37.17 -5.83
C LEU UB 85 65.66 -35.82 -5.16
N THR UB 86 65.18 -35.63 -3.93
CA THR UB 86 65.69 -34.55 -3.08
C THR UB 86 65.57 -33.16 -3.69
N ARG UB 87 64.36 -32.62 -3.75
CA ARG UB 87 64.03 -31.40 -4.49
C ARG UB 87 65.11 -30.33 -4.52
N ASP UB 88 65.82 -30.12 -3.42
CA ASP UB 88 66.88 -29.12 -3.43
C ASP UB 88 68.07 -29.52 -4.29
N LYS UB 89 68.06 -30.73 -4.85
CA LYS UB 89 68.99 -31.14 -5.90
C LYS UB 89 68.37 -31.05 -7.28
N MET UB 90 67.10 -31.44 -7.41
CA MET UB 90 66.45 -31.45 -8.71
C MET UB 90 66.55 -30.10 -9.40
N CYS UB 91 66.37 -29.02 -8.64
CA CYS UB 91 66.43 -27.69 -9.21
C CYS UB 91 67.85 -27.28 -9.60
N SER UB 92 68.86 -28.06 -9.23
CA SER UB 92 70.22 -27.73 -9.64
C SER UB 92 70.47 -28.08 -11.11
N MET UB 93 69.93 -29.18 -11.59
CA MET UB 93 70.12 -29.54 -12.99
C MET UB 93 69.25 -28.67 -13.89
N VAL UB 94 68.01 -28.40 -13.49
CA VAL UB 94 67.10 -27.63 -14.32
C VAL UB 94 67.67 -26.22 -14.51
N LYS UB 95 68.06 -25.91 -15.73
CA LYS UB 95 68.74 -24.66 -16.03
C LYS UB 95 68.35 -24.23 -17.43
N LYS UB 96 68.54 -22.95 -17.71
CA LYS UB 96 68.13 -22.41 -18.99
C LYS UB 96 69.05 -22.91 -20.11
N TRP UB 97 68.62 -22.66 -21.35
CA TRP UB 97 69.38 -23.03 -22.55
C TRP UB 97 69.66 -24.53 -22.59
N GLN UB 98 68.59 -25.30 -22.63
CA GLN UB 98 68.62 -26.74 -22.80
C GLN UB 98 67.18 -27.18 -23.01
N THR UB 99 66.93 -28.48 -23.06
CA THR UB 99 65.56 -28.98 -23.10
C THR UB 99 65.47 -30.23 -22.23
N MET UB 100 64.95 -30.06 -21.02
CA MET UB 100 64.78 -31.18 -20.11
C MET UB 100 63.90 -32.23 -20.77
N ILE UB 101 64.34 -33.48 -20.72
CA ILE UB 101 63.60 -34.60 -21.28
C ILE UB 101 63.00 -35.39 -20.13
N GLU UB 102 61.69 -35.62 -20.19
CA GLU UB 102 60.99 -36.34 -19.13
C GLU UB 102 60.09 -37.40 -19.76
N ALA UB 103 59.90 -38.50 -19.04
CA ALA UB 103 59.06 -39.58 -19.52
C ALA UB 103 58.73 -40.49 -18.36
N HIS UB 104 57.60 -41.20 -18.49
CA HIS UB 104 57.16 -42.13 -17.46
C HIS UB 104 56.53 -43.33 -18.13
N VAL UB 105 56.60 -44.48 -17.46
CA VAL UB 105 56.07 -45.72 -18.00
C VAL UB 105 55.57 -46.58 -16.84
N ASP UB 106 54.46 -47.27 -17.06
CA ASP UB 106 53.92 -48.19 -16.07
C ASP UB 106 54.38 -49.60 -16.41
N VAL UB 107 55.22 -50.17 -15.56
CA VAL UB 107 55.82 -51.47 -15.81
C VAL UB 107 55.67 -52.35 -14.57
N LYS UB 108 55.26 -53.59 -14.77
CA LYS UB 108 55.07 -54.54 -13.68
C LYS UB 108 56.25 -55.48 -13.59
N THR UB 109 56.66 -55.81 -12.36
CA THR UB 109 57.86 -56.61 -12.14
C THR UB 109 57.58 -58.09 -12.40
N THR UB 110 58.54 -58.93 -12.01
CA THR UB 110 58.36 -60.37 -12.13
C THR UB 110 57.64 -60.95 -10.92
N ASP UB 111 57.70 -60.27 -9.78
CA ASP UB 111 57.02 -60.73 -8.58
C ASP UB 111 55.52 -60.46 -8.65
N GLY UB 112 55.14 -59.32 -9.22
CA GLY UB 112 53.73 -58.98 -9.35
C GLY UB 112 53.46 -57.53 -9.01
N TYR UB 113 54.52 -56.77 -8.77
CA TYR UB 113 54.41 -55.36 -8.44
C TYR UB 113 53.95 -54.57 -9.66
N LEU UB 114 53.34 -53.42 -9.42
CA LEU UB 114 53.03 -52.46 -10.48
C LEU UB 114 53.74 -51.16 -10.18
N LEU UB 115 55.00 -51.07 -10.62
CA LEU UB 115 55.84 -49.90 -10.42
C LEU UB 115 55.59 -48.90 -11.54
N ARG UB 116 55.64 -47.62 -11.20
CA ARG UB 116 55.62 -46.55 -12.17
C ARG UB 116 56.91 -45.76 -12.02
N LEU UB 117 57.75 -45.80 -13.05
CA LEU UB 117 59.05 -45.15 -13.02
C LEU UB 117 58.99 -43.85 -13.81
N PHE UB 118 59.66 -42.83 -13.31
CA PHE UB 118 59.84 -41.57 -14.03
C PHE UB 118 61.31 -41.43 -14.37
N CYS UB 119 61.59 -40.91 -15.56
CA CYS UB 119 62.96 -40.66 -15.99
C CYS UB 119 63.09 -39.22 -16.45
N VAL UB 120 64.25 -38.63 -16.20
CA VAL UB 120 64.50 -37.24 -16.55
C VAL UB 120 65.93 -37.09 -17.02
N GLY UB 121 66.11 -36.37 -18.12
CA GLY UB 121 67.42 -36.17 -18.70
C GLY UB 121 67.52 -34.79 -19.32
N PHE UB 122 68.77 -34.36 -19.52
CA PHE UB 122 69.03 -32.99 -19.93
C PHE UB 122 69.99 -33.00 -21.11
N THR UB 123 70.13 -31.84 -21.72
CA THR UB 123 71.04 -31.63 -22.84
C THR UB 123 72.41 -31.13 -22.38
N LYS UB 124 73.46 -31.66 -23.00
CA LYS UB 124 74.82 -31.27 -22.70
C LYS UB 124 75.40 -30.49 -23.86
N LYS UB 125 75.85 -29.26 -23.59
CA LYS UB 125 76.59 -28.52 -24.60
C LYS UB 125 77.98 -29.11 -24.74
N ARG UB 126 78.56 -28.95 -25.92
CA ARG UB 126 79.81 -29.64 -26.24
C ARG UB 126 81.01 -28.90 -25.63
N ASN UB 127 82.20 -29.46 -25.85
CA ASN UB 127 83.40 -28.87 -25.27
C ASN UB 127 83.77 -27.56 -25.96
N ASN UB 128 83.76 -27.56 -27.29
CA ASN UB 128 84.12 -26.38 -28.07
C ASN UB 128 82.93 -25.53 -28.47
N GLN UB 129 81.74 -25.88 -28.00
CA GLN UB 129 80.53 -25.18 -28.43
C GLN UB 129 80.60 -23.72 -28.03
N ILE UB 130 80.15 -22.85 -28.94
CA ILE UB 130 79.99 -21.43 -28.65
C ILE UB 130 78.57 -20.96 -28.89
N ARG UB 131 77.69 -21.82 -29.41
CA ARG UB 131 76.35 -21.39 -29.79
C ARG UB 131 75.48 -21.03 -28.59
N LYS UB 132 75.85 -21.47 -27.38
CA LYS UB 132 75.29 -20.97 -26.14
C LYS UB 132 73.85 -21.41 -25.92
N THR UB 133 73.23 -22.01 -26.93
CA THR UB 133 71.87 -22.55 -26.82
C THR UB 133 71.87 -23.92 -27.46
N SER UB 134 71.39 -24.92 -26.74
CA SER UB 134 71.49 -26.30 -27.19
C SER UB 134 70.14 -26.97 -27.19
N TYR UB 135 69.14 -26.29 -27.76
CA TYR UB 135 67.82 -26.89 -27.92
C TYR UB 135 67.91 -28.08 -28.89
N ALA UB 136 67.12 -29.11 -28.61
CA ALA UB 136 67.02 -30.27 -29.47
C ALA UB 136 65.68 -30.26 -30.19
N GLN UB 137 65.69 -30.60 -31.47
CA GLN UB 137 64.48 -30.56 -32.27
C GLN UB 137 63.49 -31.63 -31.81
N HIS UB 138 62.20 -31.35 -32.01
CA HIS UB 138 61.18 -32.15 -31.35
C HIS UB 138 61.14 -33.57 -31.86
N GLN UB 139 61.44 -33.80 -33.13
CA GLN UB 139 61.37 -35.17 -33.61
C GLN UB 139 62.52 -36.01 -33.06
N GLN UB 140 63.49 -35.37 -32.41
CA GLN UB 140 64.52 -36.14 -31.71
C GLN UB 140 64.10 -36.42 -30.27
N VAL UB 141 63.46 -35.45 -29.61
CA VAL UB 141 63.05 -35.69 -28.23
C VAL UB 141 61.90 -36.69 -28.20
N ARG UB 142 61.33 -37.01 -29.35
CA ARG UB 142 60.41 -38.14 -29.43
C ARG UB 142 61.18 -39.44 -29.69
N GLN UB 143 62.39 -39.32 -30.25
CA GLN UB 143 63.22 -40.50 -30.46
C GLN UB 143 64.05 -40.82 -29.23
N ILE UB 144 64.21 -39.85 -28.33
CA ILE UB 144 64.90 -40.09 -27.07
C ILE UB 144 63.94 -40.64 -26.03
N ARG UB 145 62.77 -40.01 -25.89
CA ARG UB 145 61.77 -40.49 -24.93
C ARG UB 145 61.42 -41.94 -25.17
N LYS UB 146 61.29 -42.35 -26.44
CA LYS UB 146 61.00 -43.75 -26.71
C LYS UB 146 62.13 -44.65 -26.22
N LYS UB 147 63.38 -44.21 -26.39
CA LYS UB 147 64.50 -45.00 -25.93
C LYS UB 147 64.47 -45.16 -24.42
N MET UB 148 64.21 -44.07 -23.70
CA MET UB 148 64.10 -44.17 -22.25
C MET UB 148 62.98 -45.12 -21.86
N MET UB 149 61.86 -45.07 -22.59
CA MET UB 149 60.73 -45.93 -22.28
C MET UB 149 61.06 -47.40 -22.52
N GLU UB 150 61.72 -47.70 -23.63
CA GLU UB 150 61.95 -49.11 -23.98
C GLU UB 150 63.02 -49.73 -23.09
N ILE UB 151 63.97 -48.94 -22.61
CA ILE UB 151 64.98 -49.46 -21.70
C ILE UB 151 64.38 -49.77 -20.34
N MET UB 152 63.57 -48.84 -19.81
CA MET UB 152 63.03 -49.04 -18.47
C MET UB 152 62.00 -50.16 -18.42
N THR UB 153 61.17 -50.30 -19.46
CA THR UB 153 60.25 -51.42 -19.48
C THR UB 153 60.99 -52.73 -19.69
N ARG UB 154 62.13 -52.69 -20.38
CA ARG UB 154 63.00 -53.85 -20.50
C ARG UB 154 63.56 -54.23 -19.13
N GLU UB 155 63.99 -53.24 -18.36
CA GLU UB 155 64.75 -53.49 -17.16
C GLU UB 155 63.91 -54.04 -16.02
N VAL UB 156 62.58 -54.01 -16.13
CA VAL UB 156 61.73 -54.41 -15.02
C VAL UB 156 60.96 -55.67 -15.40
N GLN UB 157 60.53 -55.77 -16.65
CA GLN UB 157 59.88 -57.00 -17.12
C GLN UB 157 60.82 -58.20 -17.00
N THR UB 158 62.13 -57.94 -16.92
CA THR UB 158 63.15 -58.89 -16.53
C THR UB 158 63.17 -59.04 -15.01
N ASN UB 159 64.34 -59.39 -14.48
CA ASN UB 159 64.56 -59.79 -13.09
C ASN UB 159 63.71 -59.02 -12.09
N ASP UB 160 63.29 -59.73 -11.05
CA ASP UB 160 62.31 -59.30 -10.06
C ASP UB 160 62.88 -58.31 -9.05
N LEU UB 161 62.16 -58.13 -7.94
CA LEU UB 161 62.40 -57.00 -7.05
C LEU UB 161 63.84 -56.93 -6.57
N LYS UB 162 64.40 -58.04 -6.11
CA LYS UB 162 65.65 -57.98 -5.36
C LYS UB 162 66.78 -57.38 -6.20
N GLU UB 163 66.72 -57.55 -7.53
CA GLU UB 163 67.78 -57.00 -8.34
C GLU UB 163 67.43 -55.65 -8.96
N VAL UB 164 66.15 -55.39 -9.26
CA VAL UB 164 65.81 -54.10 -9.85
C VAL UB 164 66.10 -52.97 -8.86
N VAL UB 165 65.80 -53.20 -7.58
CA VAL UB 165 66.18 -52.22 -6.58
C VAL UB 165 67.69 -52.13 -6.45
N ASN UB 166 68.37 -53.27 -6.58
CA ASN UB 166 69.81 -53.29 -6.36
C ASN UB 166 70.57 -52.59 -7.48
N LYS UB 167 69.89 -52.27 -8.57
CA LYS UB 167 70.49 -51.41 -9.59
C LYS UB 167 70.18 -49.94 -9.32
N LEU UB 168 69.04 -49.67 -8.69
CA LEU UB 168 68.70 -48.30 -8.32
C LEU UB 168 69.69 -47.73 -7.32
N ILE UB 169 70.32 -48.58 -6.51
CA ILE UB 169 71.22 -48.08 -5.48
C ILE UB 169 72.41 -47.33 -6.07
N PRO UB 170 73.16 -47.88 -7.03
CA PRO UB 170 74.18 -47.07 -7.70
C PRO UB 170 73.69 -46.39 -8.97
N ASP UB 171 72.41 -46.57 -9.31
CA ASP UB 171 71.83 -46.05 -10.55
C ASP UB 171 72.59 -46.55 -11.78
N SER UB 172 72.57 -47.87 -11.94
CA SER UB 172 73.03 -48.47 -13.19
C SER UB 172 71.96 -48.42 -14.27
N ILE UB 173 70.72 -48.05 -13.91
CA ILE UB 173 69.68 -47.88 -14.91
C ILE UB 173 69.94 -46.60 -15.71
N GLY UB 174 70.35 -45.53 -15.02
CA GLY UB 174 70.53 -44.26 -15.69
C GLY UB 174 71.63 -44.27 -16.73
N LYS UB 175 72.79 -44.85 -16.38
CA LYS UB 175 73.96 -44.76 -17.24
C LYS UB 175 73.72 -45.40 -18.59
N ASP UB 176 73.04 -46.55 -18.63
CA ASP UB 176 72.84 -47.25 -19.89
C ASP UB 176 72.12 -46.37 -20.90
N ILE UB 177 71.10 -45.63 -20.45
CA ILE UB 177 70.33 -44.79 -21.35
C ILE UB 177 71.19 -43.69 -21.94
N GLU UB 178 72.02 -43.06 -21.11
CA GLU UB 178 72.94 -42.03 -21.60
C GLU UB 178 73.90 -42.62 -22.63
N LYS UB 179 74.36 -43.84 -22.41
CA LYS UB 179 75.20 -44.50 -23.40
C LYS UB 179 74.40 -44.84 -24.66
N ALA UB 180 73.13 -45.19 -24.49
CA ALA UB 180 72.30 -45.56 -25.64
C ALA UB 180 71.86 -44.35 -26.43
N CYS UB 181 71.57 -43.23 -25.76
CA CYS UB 181 71.12 -42.01 -26.42
C CYS UB 181 72.28 -41.15 -26.91
N GLN UB 182 73.52 -41.57 -26.68
CA GLN UB 182 74.67 -40.77 -27.05
C GLN UB 182 74.78 -40.59 -28.56
N SER UB 183 74.19 -41.47 -29.35
CA SER UB 183 74.20 -41.29 -30.80
C SER UB 183 73.16 -40.29 -31.26
N ILE UB 184 72.00 -40.24 -30.60
CA ILE UB 184 70.94 -39.33 -30.99
C ILE UB 184 71.30 -37.89 -30.64
N TYR UB 185 71.54 -37.64 -29.35
CA TYR UB 185 71.90 -36.28 -28.98
C TYR UB 185 72.47 -36.36 -27.58
N PRO UB 186 73.55 -35.62 -27.27
CA PRO UB 186 74.36 -35.93 -26.08
C PRO UB 186 73.77 -35.55 -24.74
N LEU UB 187 72.96 -36.42 -24.14
CA LEU UB 187 72.49 -36.20 -22.77
C LEU UB 187 73.64 -36.33 -21.78
N HIS UB 188 73.56 -35.57 -20.69
CA HIS UB 188 74.61 -35.68 -19.68
C HIS UB 188 74.09 -35.98 -18.29
N ASP UB 189 72.99 -35.39 -17.87
CA ASP UB 189 72.43 -35.64 -16.54
C ASP UB 189 71.16 -36.46 -16.72
N VAL UB 190 71.29 -37.77 -16.58
CA VAL UB 190 70.18 -38.70 -16.75
C VAL UB 190 69.97 -39.44 -15.45
N PHE UB 191 68.71 -39.63 -15.06
CA PHE UB 191 68.39 -40.23 -13.77
C PHE UB 191 67.10 -41.01 -13.90
N VAL UB 192 66.73 -41.66 -12.79
CA VAL UB 192 65.37 -42.13 -12.60
C VAL UB 192 64.85 -41.47 -11.33
N ARG UB 193 64.24 -40.29 -11.49
CA ARG UB 193 64.01 -39.41 -10.35
C ARG UB 193 63.04 -40.03 -9.35
N LYS UB 194 61.99 -40.68 -9.84
CA LYS UB 194 60.93 -41.15 -8.97
C LYS UB 194 60.47 -42.53 -9.40
N VAL UB 195 60.50 -43.47 -8.47
CA VAL UB 195 59.88 -44.78 -8.65
C VAL UB 195 58.69 -44.83 -7.72
N LYS UB 196 57.51 -44.61 -8.27
CA LYS UB 196 56.28 -44.50 -7.47
C LYS UB 196 55.53 -45.80 -7.58
N MET UB 197 55.64 -46.64 -6.54
CA MET UB 197 54.90 -47.89 -6.48
C MET UB 197 53.41 -47.61 -6.36
N LEU UB 198 52.59 -48.48 -6.95
CA LEU UB 198 51.14 -48.32 -6.90
C LEU UB 198 50.44 -49.42 -6.10
N LYS UB 199 50.57 -50.68 -6.53
CA LYS UB 199 49.81 -51.78 -5.92
C LYS UB 199 50.76 -52.87 -5.49
N LYS UB 200 50.62 -53.30 -4.25
CA LYS UB 200 51.51 -54.27 -3.66
C LYS UB 200 51.14 -55.69 -4.10
N PRO UB 201 52.06 -56.64 -3.98
CA PRO UB 201 51.71 -58.04 -4.19
C PRO UB 201 50.96 -58.58 -2.97
N LYS UB 202 50.39 -59.78 -3.16
CA LYS UB 202 49.76 -60.45 -2.03
C LYS UB 202 50.80 -60.68 -0.95
N PHE UB 203 50.65 -59.98 0.18
CA PHE UB 203 51.64 -60.08 1.25
C PHE UB 203 51.70 -61.50 1.79
N GLU UB 204 52.92 -62.02 1.92
CA GLU UB 204 53.13 -63.38 2.37
C GLU UB 204 54.44 -63.40 3.14
N LEU UB 205 54.43 -63.94 4.36
CA LEU UB 205 55.58 -63.72 5.24
C LEU UB 205 56.84 -64.36 4.68
N GLY UB 206 56.76 -65.59 4.20
CA GLY UB 206 57.94 -66.23 3.64
C GLY UB 206 58.50 -65.44 2.47
N LYS UB 207 57.61 -64.84 1.68
CA LYS UB 207 58.02 -63.89 0.66
C LYS UB 207 58.82 -62.74 1.27
N LEU UB 208 58.32 -62.18 2.37
CA LEU UB 208 58.96 -61.01 2.96
C LEU UB 208 60.32 -61.35 3.55
N MET UB 209 60.42 -62.48 4.27
CA MET UB 209 61.72 -62.90 4.78
C MET UB 209 62.73 -63.03 3.64
N GLU UB 210 62.32 -63.68 2.55
CA GLU UB 210 63.16 -63.71 1.35
C GLU UB 210 63.39 -62.30 0.80
N LEU UB 211 62.36 -61.45 0.83
CA LEU UB 211 62.53 -60.04 0.50
C LEU UB 211 63.40 -59.30 1.51
N HIS UB 212 63.55 -59.85 2.72
CA HIS UB 212 64.25 -59.16 3.80
C HIS UB 212 65.69 -59.64 3.95
N GLY UB 213 65.90 -60.93 4.17
CA GLY UB 213 67.23 -61.46 4.35
C GLY UB 213 67.92 -60.96 5.61
N GLU VB 1 93.74 48.43 -36.53
CA GLU VB 1 92.87 47.93 -37.59
C GLU VB 1 92.75 46.41 -37.56
N TRP VB 2 93.40 45.72 -38.51
CA TRP VB 2 92.99 44.31 -38.78
C TRP VB 2 94.17 43.39 -39.06
N MET VB 3 94.81 42.86 -38.02
CA MET VB 3 95.88 41.84 -38.25
C MET VB 3 95.24 40.47 -38.09
N PRO VB 4 95.31 39.50 -39.11
CA PRO VB 4 94.49 38.30 -39.23
C PRO VB 4 95.04 37.14 -38.42
N VAL VB 5 94.15 36.19 -38.16
CA VAL VB 5 94.51 34.95 -37.47
C VAL VB 5 94.37 33.75 -38.41
N THR VB 6 94.23 33.98 -39.70
CA THR VB 6 94.03 32.93 -40.68
C THR VB 6 95.05 33.09 -41.80
N LYS VB 7 95.43 31.97 -42.42
CA LYS VB 7 96.30 32.06 -43.58
C LYS VB 7 95.62 32.84 -44.70
N LEU VB 8 94.35 32.59 -44.94
CA LEU VB 8 93.62 33.33 -45.95
C LEU VB 8 93.68 34.83 -45.67
N GLY VB 9 93.44 35.22 -44.42
CA GLY VB 9 93.57 36.62 -44.06
C GLY VB 9 94.99 37.13 -44.25
N ARG VB 10 95.98 36.27 -44.00
CA ARG VB 10 97.36 36.65 -44.28
C ARG VB 10 97.54 36.87 -45.78
N LEU VB 11 96.94 36.01 -46.59
CA LEU VB 11 97.15 36.06 -48.03
C LEU VB 11 96.30 37.11 -48.71
N MET VB 12 95.28 37.59 -47.99
CA MET VB 12 94.18 38.46 -48.50
C MET VB 12 94.52 39.93 -48.27
N LYS VB 13 95.01 40.24 -47.06
CA LYS VB 13 95.38 41.60 -46.68
C LYS VB 13 96.42 42.16 -47.63
N ASP VB 14 97.51 41.43 -47.83
CA ASP VB 14 98.36 41.64 -48.99
C ASP VB 14 97.53 41.30 -50.22
N VAL VB 15 97.48 42.20 -51.20
CA VAL VB 15 96.61 41.96 -52.33
C VAL VB 15 97.23 40.83 -53.14
N LYS VB 16 96.77 39.60 -52.91
CA LYS VB 16 97.29 38.45 -53.62
C LYS VB 16 96.22 37.47 -54.10
N ILE VB 17 95.01 37.54 -53.58
CA ILE VB 17 93.84 36.84 -54.14
C ILE VB 17 92.79 37.91 -54.40
N LYS VB 18 92.26 37.94 -55.62
CA LYS VB 18 91.56 39.13 -56.09
C LYS VB 18 90.07 39.11 -55.86
N SER VB 19 89.42 37.95 -55.88
CA SER VB 19 87.96 37.94 -55.90
C SER VB 19 87.43 36.72 -55.17
N LEU VB 20 86.15 36.79 -54.79
CA LEU VB 20 85.49 35.66 -54.16
C LEU VB 20 85.43 34.44 -55.06
N GLU VB 21 85.60 34.60 -56.37
CA GLU VB 21 85.70 33.44 -57.24
C GLU VB 21 86.77 32.49 -56.75
N GLU VB 22 88.02 32.95 -56.71
CA GLU VB 22 89.12 32.10 -56.26
C GLU VB 22 88.93 31.60 -54.85
N ILE VB 23 88.11 32.29 -54.04
CA ILE VB 23 87.77 31.78 -52.72
C ILE VB 23 86.65 30.75 -52.82
N TYR VB 24 85.81 30.86 -53.84
CA TYR VB 24 84.66 29.96 -53.92
C TYR VB 24 84.96 28.67 -54.67
N LEU VB 25 85.87 28.71 -55.65
CA LEU VB 25 86.21 27.49 -56.39
C LEU VB 25 86.62 26.37 -55.45
N PHE VB 26 87.55 26.65 -54.56
CA PHE VB 26 88.03 25.65 -53.62
C PHE VB 26 87.20 25.61 -52.36
N SER VB 27 86.13 26.40 -52.30
CA SER VB 27 85.19 26.37 -51.19
C SER VB 27 85.93 26.49 -49.86
N LEU VB 28 86.88 27.41 -49.81
CA LEU VB 28 87.59 27.67 -48.58
C LEU VB 28 86.66 28.26 -47.55
N PRO VB 29 86.81 27.91 -46.28
CA PRO VB 29 85.98 28.53 -45.23
C PRO VB 29 86.33 30.01 -45.08
N ILE VB 30 85.33 30.80 -44.73
CA ILE VB 30 85.52 32.21 -44.44
C ILE VB 30 85.50 32.34 -42.92
N LYS VB 31 86.67 32.43 -42.31
CA LYS VB 31 86.78 32.40 -40.87
C LYS VB 31 86.86 33.77 -40.24
N GLU VB 32 87.20 34.81 -40.99
CA GLU VB 32 87.11 36.18 -40.52
C GLU VB 32 86.14 36.94 -41.41
N SER VB 33 85.55 38.00 -40.87
CA SER VB 33 84.60 38.78 -41.64
C SER VB 33 85.24 39.92 -42.41
N GLU VB 34 86.46 40.32 -42.05
CA GLU VB 34 87.10 41.41 -42.77
C GLU VB 34 87.46 41.02 -44.20
N ILE VB 35 87.55 39.73 -44.49
CA ILE VB 35 87.90 39.30 -45.84
C ILE VB 35 86.91 39.83 -46.85
N ILE VB 36 85.61 39.64 -46.59
CA ILE VB 36 84.59 40.09 -47.52
C ILE VB 36 84.53 41.60 -47.60
N ASP VB 37 84.71 42.28 -46.47
CA ASP VB 37 84.57 43.74 -46.47
C ASP VB 37 85.70 44.38 -47.28
N PHE VB 38 86.83 43.67 -47.41
CA PHE VB 38 87.90 44.16 -48.28
C PHE VB 38 87.55 44.00 -49.75
N PHE VB 39 86.62 43.10 -50.08
CA PHE VB 39 86.27 42.85 -51.46
C PHE VB 39 84.97 43.53 -51.88
N LEU VB 40 84.12 43.84 -50.89
CA LEU VB 40 82.67 44.02 -51.16
C LEU VB 40 82.07 44.98 -50.12
N GLY VB 41 82.89 45.88 -49.57
CA GLY VB 41 82.38 46.86 -48.59
C GLY VB 41 81.32 47.75 -49.23
N ALA VB 42 81.55 48.17 -50.47
CA ALA VB 42 80.54 48.98 -51.19
C ALA VB 42 79.39 48.07 -51.64
N SER VB 43 78.16 48.60 -51.63
CA SER VB 43 76.95 47.85 -52.06
C SER VB 43 76.80 46.55 -51.24
N LEU VB 44 77.05 46.61 -49.94
CA LEU VB 44 76.85 45.42 -49.07
C LEU VB 44 75.65 45.71 -48.15
N LYS VB 45 74.61 46.34 -48.71
CA LYS VB 45 73.65 47.11 -47.96
C LYS VB 45 72.97 46.26 -46.89
N ASP VB 46 73.02 46.72 -45.65
CA ASP VB 46 72.43 46.02 -44.52
C ASP VB 46 70.92 46.17 -44.54
N GLU VB 47 70.25 45.26 -43.83
CA GLU VB 47 68.84 45.41 -43.51
C GLU VB 47 68.51 44.48 -42.34
N VAL VB 48 67.35 44.69 -41.73
CA VAL VB 48 66.96 43.93 -40.56
C VAL VB 48 65.63 43.25 -40.84
N LEU VB 49 65.66 41.94 -41.10
CA LEU VB 49 64.44 41.23 -41.47
C LEU VB 49 63.42 41.24 -40.33
N LYS VB 50 63.86 40.99 -39.11
CA LYS VB 50 62.99 41.03 -37.94
C LYS VB 50 63.83 41.01 -36.68
N ILE VB 51 63.20 41.41 -35.57
CA ILE VB 51 63.81 41.34 -34.24
C ILE VB 51 62.81 40.63 -33.34
N MET VB 52 62.99 39.32 -33.17
CA MET VB 52 62.06 38.48 -32.44
C MET VB 52 62.56 38.23 -31.03
N PRO VB 53 61.86 38.68 -30.01
CA PRO VB 53 62.31 38.42 -28.63
C PRO VB 53 61.87 37.08 -28.08
N VAL VB 54 62.82 36.23 -27.70
CA VAL VB 54 62.53 34.92 -27.15
C VAL VB 54 62.88 34.91 -25.67
N GLN VB 55 62.14 34.10 -24.91
CA GLN VB 55 62.17 34.17 -23.46
C GLN VB 55 62.33 32.78 -22.85
N LYS VB 56 63.30 32.64 -21.96
CA LYS VB 56 63.59 31.39 -21.28
C LYS VB 56 63.19 31.49 -19.81
N GLN VB 57 62.35 30.57 -19.36
CA GLN VB 57 61.88 30.58 -17.99
C GLN VB 57 63.02 30.33 -17.01
N THR VB 58 62.81 30.69 -15.75
CA THR VB 58 63.80 30.51 -14.70
C THR VB 58 63.08 30.67 -13.37
N ARG VB 59 63.70 30.16 -12.29
CA ARG VB 59 63.14 30.34 -10.93
C ARG VB 59 63.09 31.83 -10.63
N ALA VB 60 64.05 32.59 -11.17
CA ALA VB 60 64.06 34.07 -11.00
C ALA VB 60 63.23 34.69 -12.13
N GLY VB 61 63.32 36.01 -12.33
CA GLY VB 61 62.47 36.64 -13.35
C GLY VB 61 62.72 36.02 -14.72
N GLN VB 62 61.64 35.68 -15.45
CA GLN VB 62 61.79 34.98 -16.76
C GLN VB 62 62.73 35.79 -17.67
N ARG VB 63 63.78 35.14 -18.17
CA ARG VB 63 64.84 35.83 -18.89
C ARG VB 63 64.44 36.06 -20.33
N THR VB 64 65.05 37.06 -20.95
CA THR VB 64 64.70 37.48 -22.30
C THR VB 64 65.96 37.70 -23.12
N ARG VB 65 66.01 37.05 -24.29
CA ARG VB 65 67.08 37.25 -25.26
C ARG VB 65 66.45 37.58 -26.60
N PHE VB 66 66.99 38.59 -27.27
CA PHE VB 66 66.46 39.04 -28.55
C PHE VB 66 67.20 38.36 -29.70
N LYS VB 67 66.52 38.27 -30.84
CA LYS VB 67 67.06 37.62 -32.03
C LYS VB 67 67.07 38.63 -33.16
N ALA VB 68 68.11 38.60 -33.98
CA ALA VB 68 68.26 39.57 -35.07
C ALA VB 68 68.46 38.80 -36.37
N PHE VB 69 67.60 39.04 -37.35
CA PHE VB 69 67.77 38.48 -38.68
C PHE VB 69 68.26 39.56 -39.62
N VAL VB 70 69.43 39.35 -40.21
CA VAL VB 70 70.00 40.31 -41.14
C VAL VB 70 70.45 39.58 -42.39
N ALA VB 71 69.99 40.05 -43.54
CA ALA VB 71 70.48 39.57 -44.82
C ALA VB 71 71.42 40.62 -45.40
N ILE VB 72 72.32 40.20 -46.28
CA ILE VB 72 73.28 41.08 -46.92
C ILE VB 72 73.29 40.78 -48.41
N GLY VB 73 73.38 41.81 -49.24
CA GLY VB 73 73.37 41.55 -50.66
C GLY VB 73 73.91 42.72 -51.46
N ASP VB 74 73.99 42.51 -52.77
CA ASP VB 74 74.57 43.49 -53.67
C ASP VB 74 73.81 43.67 -54.97
N TYR VB 75 72.70 42.98 -55.18
CA TYR VB 75 71.94 43.03 -56.43
C TYR VB 75 72.81 42.70 -57.64
N ASN VB 76 73.92 42.00 -57.41
CA ASN VB 76 74.86 41.67 -58.48
C ASN VB 76 75.32 40.22 -58.43
N GLY VB 77 74.87 39.44 -57.45
CA GLY VB 77 75.26 38.04 -57.41
C GLY VB 77 75.78 37.46 -56.12
N HIS VB 78 75.48 38.07 -54.97
CA HIS VB 78 75.78 37.43 -53.69
C HIS VB 78 74.70 37.77 -52.68
N VAL VB 79 74.43 36.81 -51.79
CA VAL VB 79 73.40 36.96 -50.76
C VAL VB 79 73.90 36.30 -49.48
N GLY VB 80 73.58 36.91 -48.34
CA GLY VB 80 73.86 36.33 -47.05
C GLY VB 80 72.64 36.39 -46.17
N LEU VB 81 72.69 35.62 -45.09
CA LEU VB 81 71.59 35.60 -44.11
C LEU VB 81 72.15 35.13 -42.78
N GLY VB 82 72.21 36.05 -41.81
CA GLY VB 82 72.76 35.75 -40.50
C GLY VB 82 71.72 35.88 -39.41
N VAL VB 83 71.93 35.16 -38.31
CA VAL VB 83 71.07 35.22 -37.14
C VAL VB 83 71.96 35.34 -35.92
N LYS VB 84 71.36 35.80 -34.82
CA LYS VB 84 72.12 35.98 -33.59
C LYS VB 84 71.12 36.15 -32.44
N CYS VB 85 71.60 35.89 -31.24
CA CYS VB 85 70.83 36.12 -30.03
C CYS VB 85 71.74 36.71 -28.96
N SER VB 86 71.23 37.71 -28.24
CA SER VB 86 71.96 38.26 -27.11
C SER VB 86 71.01 39.07 -26.25
N LYS VB 87 71.51 39.50 -25.10
CA LYS VB 87 70.72 40.17 -24.09
C LYS VB 87 70.72 41.68 -24.24
N GLU VB 88 70.94 42.17 -25.46
CA GLU VB 88 70.91 43.60 -25.75
C GLU VB 88 70.77 43.76 -27.26
N VAL VB 89 69.73 44.47 -27.70
CA VAL VB 89 69.40 44.43 -29.13
C VAL VB 89 70.43 45.18 -29.95
N ALA VB 90 71.34 45.93 -29.31
CA ALA VB 90 72.39 46.61 -30.05
C ALA VB 90 73.46 45.63 -30.52
N THR VB 91 73.84 44.69 -29.67
CA THR VB 91 74.85 43.72 -30.08
C THR VB 91 74.26 42.62 -30.96
N ALA VB 92 72.99 42.24 -30.72
CA ALA VB 92 72.37 41.23 -31.58
C ALA VB 92 72.28 41.72 -33.01
N ILE VB 93 71.91 43.00 -33.19
CA ILE VB 93 71.80 43.54 -34.55
C ILE VB 93 73.18 43.79 -35.13
N ARG VB 94 74.18 44.05 -34.28
CA ARG VB 94 75.55 44.17 -34.77
C ARG VB 94 76.12 42.80 -35.11
N GLY VB 95 75.86 41.82 -34.24
CA GLY VB 95 76.41 40.49 -34.46
C GLY VB 95 75.76 39.78 -35.62
N ALA VB 96 74.50 40.08 -35.90
CA ALA VB 96 73.80 39.41 -36.99
C ALA VB 96 74.46 39.73 -38.33
N ILE VB 97 74.86 40.98 -38.53
CA ILE VB 97 75.48 41.37 -39.80
C ILE VB 97 76.75 40.57 -40.04
N ILE VB 98 77.61 40.47 -39.02
CA ILE VB 98 78.88 39.77 -39.19
C ILE VB 98 78.65 38.31 -39.54
N LEU VB 99 77.73 37.65 -38.83
CA LEU VB 99 77.40 36.28 -39.18
C LEU VB 99 76.68 36.22 -40.53
N ALA VB 100 76.09 37.33 -40.97
CA ALA VB 100 75.44 37.35 -42.28
C ALA VB 100 76.45 37.47 -43.39
N LYS VB 101 77.53 38.22 -43.16
CA LYS VB 101 78.56 38.36 -44.18
C LYS VB 101 79.30 37.05 -44.38
N LEU VB 102 79.52 36.29 -43.31
CA LEU VB 102 80.24 35.03 -43.43
C LEU VB 102 79.49 34.04 -44.33
N SER VB 103 78.18 33.99 -44.19
CA SER VB 103 77.37 33.01 -44.92
C SER VB 103 77.09 33.44 -46.35
N ILE VB 104 77.88 34.36 -46.90
CA ILE VB 104 77.59 34.87 -48.23
C ILE VB 104 77.91 33.80 -49.26
N VAL VB 105 76.96 33.55 -50.15
CA VAL VB 105 77.09 32.48 -51.14
C VAL VB 105 76.83 33.08 -52.52
N PRO VB 106 77.43 32.53 -53.57
CA PRO VB 106 77.21 33.06 -54.90
C PRO VB 106 75.93 32.49 -55.52
N VAL VB 107 75.30 33.32 -56.34
CA VAL VB 107 74.05 32.94 -57.01
C VAL VB 107 74.26 33.06 -58.51
N ARG VB 108 73.68 32.11 -59.24
CA ARG VB 108 73.78 32.06 -60.68
C ARG VB 108 72.46 32.53 -61.28
N ARG VB 109 72.53 33.50 -62.18
CA ARG VB 109 71.37 34.04 -62.84
C ARG VB 109 71.36 33.58 -64.29
N GLY VB 110 70.23 33.06 -64.74
CA GLY VB 110 70.12 32.55 -66.09
C GLY VB 110 69.02 33.22 -66.88
N TYR VB 111 68.79 32.78 -68.10
CA TYR VB 111 67.78 33.37 -68.96
C TYR VB 111 66.51 32.54 -68.91
N TRP VB 112 65.38 33.22 -69.14
CA TRP VB 112 64.09 32.56 -69.12
C TRP VB 112 64.00 31.46 -70.18
N GLY VB 113 64.75 31.56 -71.26
CA GLY VB 113 64.54 30.68 -72.39
C GLY VB 113 64.85 31.34 -73.72
N ASN VB 114 65.11 32.65 -73.69
CA ASN VB 114 65.71 33.35 -74.81
C ASN VB 114 67.02 33.95 -74.31
N LYS VB 115 68.07 33.82 -75.11
CA LYS VB 115 69.44 33.91 -74.63
C LYS VB 115 70.14 35.18 -75.13
N ILE VB 116 69.45 36.32 -75.09
CA ILE VB 116 70.06 37.59 -75.44
C ILE VB 116 69.96 38.53 -74.23
N GLY VB 117 71.07 39.19 -73.91
CA GLY VB 117 71.11 40.16 -72.85
C GLY VB 117 71.69 39.62 -71.55
N LYS VB 118 71.63 40.48 -70.53
CA LYS VB 118 72.14 40.13 -69.21
C LYS VB 118 71.25 39.09 -68.55
N PRO VB 119 71.82 38.20 -67.74
CA PRO VB 119 71.00 37.27 -66.97
C PRO VB 119 70.01 38.01 -66.08
N HIS VB 120 68.82 37.42 -65.94
CA HIS VB 120 67.73 38.09 -65.25
C HIS VB 120 66.89 37.19 -64.36
N THR VB 121 67.23 35.91 -64.20
CA THR VB 121 66.39 35.02 -63.40
C THR VB 121 67.18 33.78 -63.01
N VAL VB 122 66.55 32.96 -62.18
CA VAL VB 122 67.15 31.70 -61.73
C VAL VB 122 67.33 30.78 -62.92
N PRO VB 123 68.39 29.96 -62.96
CA PRO VB 123 68.61 29.12 -64.14
C PRO VB 123 67.49 28.12 -64.37
N CYS VB 124 67.02 27.46 -63.32
CA CYS VB 124 66.05 26.39 -63.43
C CYS VB 124 65.33 26.23 -62.10
N LYS VB 125 64.31 25.38 -62.09
CA LYS VB 125 63.42 25.33 -60.93
C LYS VB 125 64.15 24.79 -59.72
N VAL VB 126 64.60 25.68 -58.84
CA VAL VB 126 65.33 25.29 -57.65
C VAL VB 126 64.41 25.39 -56.45
N THR VB 127 64.77 24.70 -55.38
CA THR VB 127 63.96 24.70 -54.17
C THR VB 127 64.83 24.43 -52.97
N GLY VB 128 64.25 24.62 -51.79
CA GLY VB 128 64.91 24.26 -50.55
C GLY VB 128 63.90 24.22 -49.44
N ARG VB 129 64.29 23.65 -48.31
CA ARG VB 129 63.37 23.62 -47.18
C ARG VB 129 64.12 23.50 -45.87
N CYS VB 130 63.69 24.30 -44.88
CA CYS VB 130 64.09 24.12 -43.49
C CYS VB 130 62.86 24.36 -42.63
N GLY VB 131 62.52 23.40 -41.79
CA GLY VB 131 61.38 23.53 -40.90
C GLY VB 131 60.04 23.58 -41.60
N SER VB 132 59.90 22.80 -42.66
CA SER VB 132 58.70 22.57 -43.46
C SER VB 132 58.40 23.72 -44.41
N VAL VB 133 59.18 24.79 -44.41
CA VAL VB 133 58.96 25.88 -45.35
C VAL VB 133 59.66 25.50 -46.65
N LEU VB 134 58.91 25.49 -47.75
CA LEU VB 134 59.41 24.99 -49.03
C LEU VB 134 59.23 26.08 -50.07
N VAL VB 135 60.30 26.84 -50.32
CA VAL VB 135 60.27 27.95 -51.27
C VAL VB 135 60.80 27.46 -52.60
N ARG VB 136 59.93 27.44 -53.61
CA ARG VB 136 60.27 27.06 -54.97
C ARG VB 136 60.56 28.32 -55.77
N LEU VB 137 61.58 28.26 -56.61
CA LEU VB 137 61.90 29.36 -57.51
C LEU VB 137 61.70 28.88 -58.95
N ILE VB 138 60.87 29.58 -59.69
CA ILE VB 138 60.45 29.12 -61.01
C ILE VB 138 60.83 30.19 -62.03
N PRO VB 139 61.61 29.85 -63.05
CA PRO VB 139 62.11 30.88 -63.97
C PRO VB 139 61.00 31.68 -64.62
N ALA VB 140 61.27 32.97 -64.81
CA ALA VB 140 60.29 33.94 -65.28
C ALA VB 140 60.87 34.76 -66.42
N PRO VB 141 60.02 35.30 -67.29
CA PRO VB 141 60.53 36.10 -68.41
C PRO VB 141 61.01 37.46 -67.94
N ARG VB 142 61.81 38.10 -68.80
CA ARG VB 142 62.41 39.37 -68.45
C ARG VB 142 61.34 40.44 -68.23
N GLY VB 143 61.57 41.30 -67.26
CA GLY VB 143 60.71 42.45 -67.04
C GLY VB 143 59.36 42.14 -66.41
N THR VB 144 59.30 41.22 -65.44
CA THR VB 144 58.07 40.98 -64.70
C THR VB 144 58.14 41.44 -63.26
N GLY VB 145 59.33 41.64 -62.71
CA GLY VB 145 59.46 41.87 -61.29
C GLY VB 145 59.35 40.56 -60.54
N ILE VB 146 59.68 40.61 -59.26
CA ILE VB 146 59.63 39.44 -58.39
C ILE VB 146 58.20 39.30 -57.89
N VAL VB 147 57.75 38.07 -57.68
CA VAL VB 147 56.42 37.78 -57.18
C VAL VB 147 56.56 36.89 -55.96
N SER VB 148 56.38 37.45 -54.77
CA SER VB 148 56.43 36.69 -53.54
C SER VB 148 56.08 37.55 -52.33
N ALA VB 149 56.10 36.94 -51.14
CA ALA VB 149 55.86 37.68 -49.92
C ALA VB 149 56.98 38.68 -49.70
N PRO VB 150 56.74 39.71 -48.89
CA PRO VB 150 57.79 40.72 -48.70
C PRO VB 150 59.08 40.21 -48.09
N VAL VB 151 59.05 39.07 -47.40
CA VAL VB 151 60.26 38.57 -46.76
C VAL VB 151 61.23 38.03 -47.80
N PRO VB 152 60.86 37.06 -48.64
CA PRO VB 152 61.83 36.58 -49.63
C PRO VB 152 61.86 37.43 -50.88
N LYS VB 153 60.93 38.36 -51.05
CA LYS VB 153 61.07 39.34 -52.12
C LYS VB 153 62.33 40.15 -51.93
N LYS VB 154 62.84 40.18 -50.70
CA LYS VB 154 64.10 40.86 -50.44
C LYS VB 154 65.29 39.94 -50.71
N LEU VB 155 65.32 38.75 -50.10
CA LEU VB 155 66.45 37.84 -50.28
C LEU VB 155 66.76 37.64 -51.77
N LEU VB 156 65.71 37.41 -52.56
CA LEU VB 156 65.88 37.20 -54.02
C LEU VB 156 66.40 38.48 -54.67
N MET VB 157 65.89 39.64 -54.25
CA MET VB 157 66.29 40.92 -54.88
C MET VB 157 67.79 41.19 -54.64
N MET VB 158 68.27 40.93 -53.42
CA MET VB 158 69.70 41.24 -53.09
C MET VB 158 70.61 40.38 -53.97
N ALA VB 159 70.05 39.33 -54.58
CA ALA VB 159 70.83 38.51 -55.50
C ALA VB 159 70.92 39.12 -56.89
N GLY VB 160 70.13 40.14 -57.18
CA GLY VB 160 70.03 40.62 -58.53
C GLY VB 160 69.09 39.82 -59.40
N ILE VB 161 68.37 38.85 -58.81
CA ILE VB 161 67.40 38.06 -59.55
C ILE VB 161 66.20 38.95 -59.85
N ASP VB 162 66.08 39.41 -61.09
CA ASP VB 162 65.07 40.41 -61.41
C ASP VB 162 63.67 39.80 -61.47
N ASP VB 163 63.54 38.60 -62.03
CA ASP VB 163 62.24 38.06 -62.41
C ASP VB 163 62.17 36.58 -62.07
N CYS VB 164 61.61 36.24 -60.92
CA CYS VB 164 61.53 34.84 -60.51
C CYS VB 164 60.17 34.55 -59.90
N TYR VB 165 59.37 33.77 -60.62
CA TYR VB 165 58.17 33.18 -60.04
C TYR VB 165 58.53 32.39 -58.80
N THR VB 166 57.55 32.22 -57.91
CA THR VB 166 57.81 31.42 -56.72
C THR VB 166 56.52 30.81 -56.22
N SER VB 167 56.66 29.77 -55.39
CA SER VB 167 55.54 29.10 -54.77
C SER VB 167 55.99 28.53 -53.43
N ALA VB 168 55.21 28.79 -52.37
CA ALA VB 168 55.71 28.53 -51.00
C ALA VB 168 54.89 27.45 -50.30
N ARG VB 169 55.52 26.70 -49.38
CA ARG VB 169 54.81 25.65 -48.59
C ARG VB 169 54.05 26.31 -47.43
N GLY VB 170 53.17 25.55 -46.76
CA GLY VB 170 52.38 26.08 -45.63
C GLY VB 170 53.24 26.36 -44.40
N CYS VB 171 52.80 27.30 -43.55
CA CYS VB 171 53.52 27.66 -42.29
C CYS VB 171 54.76 28.53 -42.61
N THR VB 172 54.53 29.68 -43.25
CA THR VB 172 55.58 30.62 -43.58
C THR VB 172 55.66 31.77 -42.59
N ALA VB 173 54.86 31.75 -41.54
CA ALA VB 173 54.80 32.88 -40.63
C ALA VB 173 56.14 33.13 -39.95
N THR VB 174 56.92 32.08 -39.74
CA THR VB 174 58.15 32.17 -38.97
C THR VB 174 59.28 32.59 -39.90
N LEU VB 175 59.72 33.84 -39.78
CA LEU VB 175 60.78 34.36 -40.65
C LEU VB 175 62.07 33.59 -40.46
N GLY VB 176 62.25 32.94 -39.30
CA GLY VB 176 63.44 32.12 -39.12
C GLY VB 176 63.50 30.96 -40.08
N ASN VB 177 62.33 30.55 -40.59
CA ASN VB 177 62.29 29.41 -41.51
C ASN VB 177 62.07 29.88 -42.94
N PHE VB 178 61.18 30.85 -43.14
CA PHE VB 178 60.83 31.26 -44.49
C PHE VB 178 61.97 31.99 -45.17
N ALA VB 179 62.76 32.72 -44.40
CA ALA VB 179 63.95 33.36 -44.97
C ALA VB 179 65.06 32.35 -45.16
N LYS VB 180 65.22 31.41 -44.22
CA LYS VB 180 66.27 30.41 -44.37
C LYS VB 180 66.07 29.57 -45.61
N ALA VB 181 64.83 29.16 -45.89
CA ALA VB 181 64.57 28.34 -47.06
C ALA VB 181 64.87 29.10 -48.34
N THR VB 182 64.32 30.30 -48.48
CA THR VB 182 64.54 31.06 -49.70
C THR VB 182 66.01 31.42 -49.87
N PHE VB 183 66.78 31.44 -48.79
CA PHE VB 183 68.22 31.56 -48.94
C PHE VB 183 68.83 30.23 -49.37
N ASP VB 184 68.26 29.13 -48.90
CA ASP VB 184 68.81 27.82 -49.27
C ASP VB 184 68.63 27.55 -50.75
N ALA VB 185 67.52 28.01 -51.32
CA ALA VB 185 67.27 27.77 -52.74
C ALA VB 185 68.29 28.48 -53.62
N ILE VB 186 68.61 29.74 -53.29
CA ILE VB 186 69.49 30.51 -54.17
C ILE VB 186 70.93 30.02 -54.06
N SER VB 187 71.30 29.44 -52.92
CA SER VB 187 72.59 28.77 -52.86
C SER VB 187 72.64 27.57 -53.79
N LYS VB 188 71.48 26.98 -54.09
CA LYS VB 188 71.38 25.74 -54.85
C LYS VB 188 71.34 25.95 -56.36
N THR VB 189 71.84 27.08 -56.85
CA THR VB 189 71.95 27.24 -58.29
C THR VB 189 73.24 26.63 -58.81
N TYR VB 190 74.37 26.92 -58.17
CA TYR VB 190 75.60 26.19 -58.44
C TYR VB 190 75.59 24.82 -57.76
N SER VB 191 74.52 24.04 -57.99
CA SER VB 191 74.55 22.64 -57.61
C SER VB 191 73.82 21.77 -58.63
N TYR VB 192 73.58 22.27 -59.84
CA TYR VB 192 72.93 21.51 -60.90
C TYR VB 192 73.92 21.14 -61.98
N LEU VB 193 73.92 19.88 -62.37
CA LEU VB 193 74.64 19.46 -63.56
C LEU VB 193 73.84 19.89 -64.78
N THR VB 194 73.95 21.15 -65.17
CA THR VB 194 73.15 21.54 -66.32
C THR VB 194 73.87 21.13 -67.60
N PRO VB 195 73.12 20.86 -68.66
CA PRO VB 195 73.77 20.56 -69.95
C PRO VB 195 74.63 21.69 -70.45
N ASP VB 196 74.43 22.91 -69.95
CA ASP VB 196 75.36 23.99 -70.24
C ASP VB 196 76.75 23.66 -69.69
N LEU VB 197 76.80 23.00 -68.54
CA LEU VB 197 78.02 22.46 -67.96
C LEU VB 197 78.37 21.13 -68.63
N TRP VB 198 79.20 20.32 -67.95
CA TRP VB 198 79.81 19.07 -68.43
C TRP VB 198 81.09 19.29 -69.22
N LYS VB 199 81.62 20.49 -69.25
CA LYS VB 199 82.94 20.73 -69.82
C LYS VB 199 83.96 20.42 -68.74
N GLU VB 200 84.89 19.51 -69.05
CA GLU VB 200 85.82 19.03 -68.04
C GLU VB 200 86.58 20.19 -67.43
N THR VB 201 86.60 20.23 -66.09
CA THR VB 201 87.33 21.26 -65.37
C THR VB 201 88.78 20.83 -65.19
N VAL VB 202 89.65 21.82 -65.09
CA VAL VB 202 91.07 21.59 -64.86
C VAL VB 202 91.45 22.26 -63.54
N PHE VB 203 91.83 21.44 -62.56
CA PHE VB 203 92.14 21.97 -61.24
C PHE VB 203 93.38 22.85 -61.33
N THR VB 204 93.32 24.01 -60.68
CA THR VB 204 94.23 25.11 -60.97
C THR VB 204 94.93 25.58 -59.70
N LYS VB 205 95.49 24.64 -58.94
CA LYS VB 205 96.52 24.95 -57.94
C LYS VB 205 96.02 25.94 -56.89
N SER VB 206 95.14 25.42 -56.03
CA SER VB 206 94.55 26.14 -54.91
C SER VB 206 95.58 27.06 -54.24
N PRO VB 207 95.17 28.28 -53.89
CA PRO VB 207 96.13 29.33 -53.49
C PRO VB 207 97.22 28.90 -52.53
N TYR VB 208 96.96 27.88 -51.72
CA TYR VB 208 97.93 27.47 -50.70
C TYR VB 208 99.19 26.88 -51.34
N GLN VB 209 99.06 26.25 -52.50
CA GLN VB 209 100.24 25.76 -53.21
C GLN VB 209 101.02 26.90 -53.84
N GLU VB 210 100.38 27.64 -54.75
CA GLU VB 210 101.06 28.71 -55.47
C GLU VB 210 101.60 29.76 -54.52
N PHE VB 211 100.96 29.95 -53.37
CA PHE VB 211 101.34 31.03 -52.48
C PHE VB 211 101.78 30.49 -51.13
N THR VB 212 102.61 29.45 -51.15
CA THR VB 212 103.27 28.99 -49.93
C THR VB 212 104.71 29.50 -49.83
N ASP VB 213 105.28 29.98 -50.93
CA ASP VB 213 106.66 30.44 -50.89
C ASP VB 213 106.80 31.67 -50.03
N HIS VB 214 105.84 32.60 -50.11
CA HIS VB 214 105.80 33.67 -49.13
C HIS VB 214 105.15 33.24 -47.82
N LEU VB 215 104.20 32.30 -47.88
CA LEU VB 215 103.40 32.00 -46.71
C LEU VB 215 104.19 31.29 -45.62
N VAL VB 216 105.41 30.86 -45.91
CA VAL VB 216 106.38 30.50 -44.89
C VAL VB 216 107.28 31.72 -44.71
N LYS VB 217 106.84 32.64 -43.87
CA LYS VB 217 107.53 33.90 -43.64
C LYS VB 217 107.93 34.14 -42.19
N THR VB 218 107.25 33.52 -41.24
CA THR VB 218 107.59 33.64 -39.83
C THR VB 218 107.18 32.37 -39.11
N ARG WB 1 35.65 10.71 -17.30
CA ARG WB 1 36.52 9.79 -18.00
C ARG WB 1 35.85 9.38 -19.29
N ALA WB 2 36.61 8.89 -20.25
CA ALA WB 2 36.08 8.66 -21.59
C ALA WB 2 35.09 7.48 -21.60
N LYS WB 3 35.40 6.40 -20.89
CA LYS WB 3 34.53 5.24 -20.98
C LYS WB 3 33.30 5.37 -20.10
N TRP WB 4 33.45 5.80 -18.86
CA TRP WB 4 32.30 5.87 -17.97
C TRP WB 4 31.22 6.76 -18.56
N ARG WB 5 31.64 7.81 -19.26
CA ARG WB 5 30.72 8.61 -20.08
C ARG WB 5 29.97 7.75 -21.08
N LYS WB 6 30.64 6.77 -21.67
CA LYS WB 6 29.98 5.90 -22.64
C LYS WB 6 29.01 4.96 -21.96
N LYS WB 7 29.25 4.65 -20.69
CA LYS WB 7 28.31 3.82 -19.96
C LYS WB 7 27.05 4.60 -19.60
N ARG WB 8 27.21 5.85 -19.14
CA ARG WB 8 26.03 6.68 -18.86
C ARG WB 8 25.17 6.83 -20.11
N MET WB 9 25.80 7.16 -21.24
CA MET WB 9 25.02 7.39 -22.45
C MET WB 9 24.41 6.10 -22.98
N ARG WB 10 25.03 4.94 -22.69
CA ARG WB 10 24.39 3.68 -23.05
C ARG WB 10 23.25 3.35 -22.10
N ARG WB 11 23.45 3.61 -20.81
CA ARG WB 11 22.36 3.47 -19.85
C ARG WB 11 21.21 4.40 -20.19
N LEU WB 12 21.53 5.63 -20.58
CA LEU WB 12 20.51 6.64 -20.81
C LEU WB 12 19.62 6.27 -21.99
N LYS WB 13 20.18 5.60 -23.01
CA LYS WB 13 19.34 5.18 -24.12
C LYS WB 13 18.28 4.20 -23.66
N ARG WB 14 18.64 3.24 -22.82
CA ARG WB 14 17.68 2.24 -22.36
C ARG WB 14 16.51 2.90 -21.64
N LYS WB 15 16.75 4.05 -21.01
CA LYS WB 15 15.65 4.86 -20.51
C LYS WB 15 14.76 5.33 -21.64
N ARG WB 16 15.37 5.72 -22.76
CA ARG WB 16 14.59 6.30 -23.86
C ARG WB 16 13.80 5.24 -24.61
N ARG WB 17 14.39 4.07 -24.82
CA ARG WB 17 13.62 2.97 -25.40
C ARG WB 17 12.49 2.55 -24.47
N LYS WB 18 12.77 2.52 -23.17
CA LYS WB 18 11.76 2.03 -22.23
C LYS WB 18 10.57 2.96 -22.16
N MET WB 19 10.78 4.25 -22.34
CA MET WB 19 9.61 5.12 -22.34
C MET WB 19 9.02 5.31 -23.72
N ARG WB 20 9.25 4.37 -24.64
CA ARG WB 20 8.37 4.19 -25.79
C ARG WB 20 7.49 2.96 -25.66
N GLN WB 21 7.67 2.19 -24.59
CA GLN WB 21 6.73 1.12 -24.26
C GLN WB 21 5.46 1.74 -23.71
N ARG WB 22 5.58 2.99 -23.28
CA ARG WB 22 4.45 3.67 -22.66
C ARG WB 22 3.60 4.37 -23.71
N SER WB 23 3.89 4.15 -25.00
CA SER WB 23 3.18 4.80 -26.08
C SER WB 23 3.58 4.17 -27.41
N MET XB 1 83.98 76.66 20.74
CA MET XB 1 85.35 76.22 20.96
C MET XB 1 86.15 77.24 21.75
N ALA XB 2 86.07 77.16 23.08
CA ALA XB 2 86.79 78.10 23.94
C ALA XB 2 87.40 77.43 25.15
N VAL XB 3 87.34 76.11 25.26
CA VAL XB 3 87.96 75.42 26.40
C VAL XB 3 88.79 74.26 25.85
N GLN XB 4 89.08 74.28 24.55
CA GLN XB 4 89.89 73.26 23.90
C GLN XB 4 89.24 71.88 24.03
N ILE XB 5 88.14 71.74 23.28
CA ILE XB 5 87.19 70.63 23.35
C ILE XB 5 87.90 69.29 23.29
N SER XB 6 87.29 68.27 23.89
CA SER XB 6 87.90 66.95 24.01
C SER XB 6 88.29 66.39 22.65
N LYS XB 7 89.23 65.44 22.68
CA LYS XB 7 89.79 64.91 21.44
C LYS XB 7 88.74 64.15 20.64
N LYS XB 8 87.88 63.39 21.31
CA LYS XB 8 86.86 62.64 20.60
C LYS XB 8 85.96 63.56 19.79
N ARG XB 9 85.38 64.57 20.45
CA ARG XB 9 84.46 65.46 19.76
C ARG XB 9 85.16 66.27 18.68
N LYS XB 10 86.36 66.76 18.96
CA LYS XB 10 87.05 67.64 18.02
C LYS XB 10 87.42 66.89 16.74
N PHE XB 11 87.75 65.61 16.85
CA PHE XB 11 88.11 64.85 15.65
C PHE XB 11 86.87 64.48 14.86
N VAL XB 12 85.77 64.20 15.56
CA VAL XB 12 84.53 63.93 14.84
C VAL XB 12 83.94 65.22 14.30
N ALA XB 13 84.24 66.35 14.92
CA ALA XB 13 83.85 67.64 14.35
C ALA XB 13 84.71 68.01 13.15
N ASP XB 14 85.89 67.39 13.03
CA ASP XB 14 86.67 67.55 11.80
C ASP XB 14 85.92 66.96 10.61
N GLY XB 15 85.35 65.78 10.80
CA GLY XB 15 84.62 65.13 9.72
C GLY XB 15 83.36 65.88 9.32
N ILE XB 16 82.61 66.35 10.33
CA ILE XB 16 81.35 67.04 10.04
C ILE XB 16 81.58 68.26 9.17
N PHE XB 17 82.57 69.08 9.54
CA PHE XB 17 82.92 70.22 8.70
C PHE XB 17 83.40 69.76 7.33
N LYS XB 18 84.15 68.65 7.28
CA LYS XB 18 84.52 68.07 6.01
C LYS XB 18 83.35 67.33 5.38
N ALA XB 19 82.25 67.19 6.12
CA ALA XB 19 81.03 66.63 5.53
C ALA XB 19 80.11 67.74 5.06
N GLU XB 20 79.94 68.77 5.89
CA GLU XB 20 79.11 69.91 5.48
C GLU XB 20 79.66 70.56 4.23
N LEU XB 21 80.98 70.70 4.15
CA LEU XB 21 81.61 71.38 3.02
C LEU XB 21 81.32 70.65 1.71
N ASN XB 22 81.41 69.32 1.74
CA ASN XB 22 81.30 68.55 0.50
C ASN XB 22 79.87 68.54 -0.03
N GLU XB 23 78.89 68.30 0.84
CA GLU XB 23 77.50 68.25 0.40
C GLU XB 23 77.06 69.60 -0.14
N PHE XB 24 77.53 70.69 0.48
CA PHE XB 24 77.28 72.01 -0.06
C PHE XB 24 77.97 72.21 -1.40
N LEU XB 25 79.24 71.79 -1.49
CA LEU XB 25 80.03 72.08 -2.68
C LEU XB 25 79.45 71.43 -3.92
N THR XB 26 79.01 70.18 -3.82
CA THR XB 26 78.46 69.49 -4.97
C THR XB 26 77.19 70.17 -5.47
N ARG XB 27 76.56 71.02 -4.65
CA ARG XB 27 75.35 71.69 -5.06
C ARG XB 27 75.63 72.90 -5.94
N GLU XB 28 76.90 73.33 -6.00
CA GLU XB 28 77.30 74.44 -6.85
C GLU XB 28 78.16 73.97 -8.01
N LEU XB 29 79.09 73.07 -7.75
CA LEU XB 29 79.97 72.54 -8.77
C LEU XB 29 79.36 71.37 -9.53
N ALA XB 30 78.03 71.22 -9.46
CA ALA XB 30 77.38 70.08 -10.10
C ALA XB 30 77.55 70.10 -11.61
N GLU XB 31 77.40 71.26 -12.24
CA GLU XB 31 77.62 71.41 -13.67
C GLU XB 31 79.10 71.39 -14.03
N ASP XB 32 79.99 71.35 -13.03
CA ASP XB 32 81.42 71.25 -13.24
C ASP XB 32 81.89 69.85 -12.87
N GLY XB 33 83.14 69.56 -13.22
CA GLY XB 33 83.73 68.27 -12.91
C GLY XB 33 84.23 68.19 -11.48
N TYR XB 34 83.36 68.48 -10.53
CA TYR XB 34 83.71 68.34 -9.12
C TYR XB 34 84.01 66.88 -8.82
N SER XB 35 85.06 66.65 -8.02
CA SER XB 35 85.45 65.29 -7.66
C SER XB 35 85.54 65.05 -6.17
N GLY XB 36 85.75 66.06 -5.34
CA GLY XB 36 85.95 65.86 -3.93
C GLY XB 36 87.13 66.67 -3.41
N VAL XB 37 87.01 67.18 -2.20
CA VAL XB 37 87.94 68.18 -1.68
C VAL XB 37 88.65 67.64 -0.46
N GLU XB 38 89.80 68.22 -0.16
CA GLU XB 38 90.60 67.87 1.00
C GLU XB 38 91.04 69.14 1.71
N VAL XB 39 91.06 69.10 3.04
CA VAL XB 39 91.47 70.22 3.86
C VAL XB 39 92.55 69.77 4.82
N ARG XB 40 93.57 70.61 5.00
CA ARG XB 40 94.65 70.35 5.94
C ARG XB 40 94.90 71.59 6.77
N VAL XB 41 95.39 71.39 7.98
CA VAL XB 41 95.75 72.49 8.86
C VAL XB 41 97.21 72.86 8.64
N THR XB 42 97.46 73.67 7.62
CA THR XB 42 98.79 74.18 7.31
C THR XB 42 99.24 75.16 8.39
N PRO XB 43 100.56 75.29 8.62
CA PRO XB 43 101.03 76.10 9.75
C PRO XB 43 100.43 77.50 9.78
N THR XB 44 99.61 77.77 10.80
CA THR XB 44 98.99 79.07 10.98
C THR XB 44 98.24 79.50 9.72
N ARG XB 45 97.57 78.55 9.09
CA ARG XB 45 96.90 78.77 7.82
C ARG XB 45 95.69 77.84 7.73
N THR XB 46 95.09 77.79 6.54
CA THR XB 46 94.06 76.79 6.22
C THR XB 46 93.85 76.85 4.70
N GLU XB 47 93.97 75.70 4.04
CA GLU XB 47 93.83 75.62 2.58
C GLU XB 47 92.90 74.47 2.18
N ILE XB 48 91.93 74.78 1.33
CA ILE XB 48 90.93 73.82 0.86
C ILE XB 48 91.08 73.70 -0.65
N ILE XB 49 91.31 72.49 -1.13
CA ILE XB 49 91.63 72.26 -2.54
C ILE XB 49 90.38 71.73 -3.24
N ILE XB 50 89.99 72.40 -4.33
CA ILE XB 50 88.84 71.99 -5.13
C ILE XB 50 89.38 71.13 -6.27
N LEU XB 51 89.38 69.82 -6.08
CA LEU XB 51 89.86 68.90 -7.10
C LEU XB 51 88.81 68.82 -8.20
N ALA XB 52 89.04 69.53 -9.30
CA ALA XB 52 88.06 69.60 -10.38
C ALA XB 52 88.80 69.59 -11.72
N THR XB 53 88.05 69.25 -12.76
CA THR XB 53 88.53 69.27 -14.14
C THR XB 53 88.01 70.45 -14.94
N ARG XB 54 86.72 70.75 -14.83
CA ARG XB 54 86.15 71.96 -15.44
C ARG XB 54 86.50 73.17 -14.58
N THR XB 55 87.80 73.42 -14.48
CA THR XB 55 88.34 74.43 -13.58
C THR XB 55 88.03 75.86 -14.02
N GLN XB 56 87.71 76.09 -15.29
CA GLN XB 56 87.59 77.46 -15.78
C GLN XB 56 86.53 78.24 -15.01
N ASN XB 57 85.59 77.53 -14.39
CA ASN XB 57 84.63 78.21 -13.51
C ASN XB 57 85.29 78.63 -12.20
N VAL XB 58 86.09 77.72 -11.60
CA VAL XB 58 86.58 78.00 -10.25
C VAL XB 58 87.75 78.95 -10.26
N LEU XB 59 88.48 79.04 -11.37
CA LEU XB 59 89.63 79.94 -11.42
C LEU XB 59 89.20 81.39 -11.20
N GLY XB 60 88.10 81.79 -11.84
CA GLY XB 60 87.54 83.12 -11.63
C GLY XB 60 88.29 84.21 -12.37
N GLU XB 61 87.58 85.24 -12.79
CA GLU XB 61 88.21 86.37 -13.49
C GLU XB 61 89.17 87.05 -12.52
N LYS XB 62 90.46 86.84 -12.72
CA LYS XB 62 91.53 87.30 -11.83
C LYS XB 62 91.36 86.76 -10.42
N GLY XB 63 90.66 85.63 -10.27
CA GLY XB 63 90.47 85.00 -8.98
C GLY XB 63 89.28 85.49 -8.20
N ARG XB 64 88.10 85.49 -8.81
CA ARG XB 64 86.90 85.98 -8.16
C ARG XB 64 86.00 84.88 -7.62
N ARG XB 65 85.85 83.78 -8.35
CA ARG XB 65 85.11 82.65 -7.81
C ARG XB 65 85.77 82.08 -6.56
N ILE XB 66 87.11 82.10 -6.52
CA ILE XB 66 87.81 81.79 -5.28
C ILE XB 66 87.44 82.81 -4.22
N ARG XB 67 87.46 84.10 -4.59
CA ARG XB 67 87.07 85.15 -3.66
C ARG XB 67 85.61 85.00 -3.25
N GLU XB 68 84.80 84.43 -4.13
CA GLU XB 68 83.37 84.33 -3.86
C GLU XB 68 83.09 83.20 -2.88
N LEU XB 69 83.88 82.12 -2.94
CA LEU XB 69 83.60 80.92 -2.17
C LEU XB 69 84.39 80.86 -0.86
N THR XB 70 85.55 81.50 -0.80
CA THR XB 70 86.24 81.59 0.48
C THR XB 70 85.37 82.35 1.48
N ALA XB 71 84.80 83.47 1.06
CA ALA XB 71 84.02 84.29 1.98
C ALA XB 71 82.81 83.54 2.51
N VAL XB 72 82.11 82.81 1.64
CA VAL XB 72 80.89 82.13 2.05
C VAL XB 72 81.19 81.03 3.06
N VAL XB 73 82.45 80.64 3.17
CA VAL XB 73 82.82 79.66 4.19
C VAL XB 73 83.16 80.35 5.50
N GLN XB 74 83.93 81.45 5.44
CA GLN XB 74 84.31 82.14 6.67
C GLN XB 74 83.09 82.66 7.42
N LYS XB 75 82.10 83.17 6.68
CA LYS XB 75 80.90 83.69 7.32
C LYS XB 75 80.04 82.58 7.92
N ARG XB 76 80.30 81.33 7.54
CA ARG XB 76 79.49 80.20 7.96
C ARG XB 76 80.15 79.35 9.03
N PHE XB 77 81.41 78.98 8.85
CA PHE XB 77 82.07 78.05 9.75
C PHE XB 77 82.92 78.74 10.80
N GLY XB 78 82.74 80.05 10.98
CA GLY XB 78 83.40 80.75 12.06
C GLY XB 78 84.88 81.02 11.86
N PHE XB 79 85.42 80.76 10.68
CA PHE XB 79 86.84 80.97 10.46
C PHE XB 79 87.17 82.46 10.56
N PRO XB 80 88.27 82.84 11.19
CA PRO XB 80 88.71 84.26 11.16
C PRO XB 80 89.22 84.67 9.79
N GLU XB 81 89.00 85.94 9.47
CA GLU XB 81 89.48 86.49 8.20
C GLU XB 81 90.99 86.67 8.26
N GLY XB 82 91.68 86.17 7.23
CA GLY XB 82 93.12 86.32 7.14
C GLY XB 82 93.94 85.05 7.21
N SER XB 83 93.31 83.87 7.33
CA SER XB 83 94.04 82.60 7.33
C SER XB 83 93.39 81.51 6.50
N VAL XB 84 92.22 81.76 5.91
CA VAL XB 84 91.51 80.78 5.10
C VAL XB 84 91.57 81.25 3.65
N GLU XB 85 92.21 80.47 2.79
CA GLU XB 85 92.19 80.73 1.36
C GLU XB 85 92.16 79.39 0.62
N LEU XB 86 91.36 79.36 -0.44
CA LEU XB 86 91.14 78.15 -1.22
C LEU XB 86 92.05 78.15 -2.43
N TYR XB 87 92.65 77.00 -2.72
CA TYR XB 87 93.50 76.83 -3.89
C TYR XB 87 92.86 75.79 -4.81
N ALA XB 88 92.97 76.01 -6.12
CA ALA XB 88 92.41 75.10 -7.10
C ALA XB 88 93.50 74.21 -7.68
N GLU XB 89 93.09 73.03 -8.16
CA GLU XB 89 94.00 72.08 -8.79
C GLU XB 89 93.29 71.36 -9.92
N LYS XB 90 94.08 70.81 -10.83
CA LYS XB 90 93.56 70.09 -11.99
C LYS XB 90 93.89 68.61 -11.83
N VAL XB 91 92.86 67.76 -11.92
CA VAL XB 91 93.01 66.32 -11.83
C VAL XB 91 93.39 65.84 -13.23
N ALA XB 92 94.70 65.73 -13.50
CA ALA XB 92 95.19 65.57 -14.86
C ALA XB 92 94.62 64.34 -15.56
N THR XB 93 94.22 63.32 -14.82
CA THR XB 93 93.50 62.19 -15.37
C THR XB 93 92.09 62.18 -14.78
N ARG XB 94 91.09 62.27 -15.66
CA ARG XB 94 89.71 62.38 -15.21
C ARG XB 94 88.86 61.21 -15.66
N GLY XB 95 89.42 60.26 -16.39
CA GLY XB 95 88.66 59.10 -16.80
C GLY XB 95 88.59 58.00 -15.77
N LEU XB 96 88.86 58.30 -14.50
CA LEU XB 96 88.84 57.28 -13.47
C LEU XB 96 88.20 57.72 -12.16
N CYS XB 97 87.67 58.94 -12.08
CA CYS XB 97 86.96 59.40 -10.90
C CYS XB 97 85.47 59.22 -11.14
N ALA XB 98 84.82 58.41 -10.29
CA ALA XB 98 83.44 58.02 -10.54
C ALA XB 98 82.51 59.23 -10.53
N ILE XB 99 82.76 60.20 -9.67
CA ILE XB 99 81.86 61.36 -9.59
C ILE XB 99 81.85 62.13 -10.90
N ALA XB 100 83.02 62.32 -11.50
CA ALA XB 100 83.09 63.04 -12.78
C ALA XB 100 82.23 62.35 -13.83
N GLN XB 101 82.35 61.03 -13.94
CA GLN XB 101 81.51 60.29 -14.88
C GLN XB 101 80.04 60.42 -14.50
N ALA XB 102 79.71 60.29 -13.22
CA ALA XB 102 78.32 60.26 -12.79
C ALA XB 102 77.60 61.55 -13.16
N GLU XB 103 78.18 62.70 -12.79
CA GLU XB 103 77.57 63.98 -13.16
C GLU XB 103 77.54 64.15 -14.67
N SER XB 104 78.64 63.84 -15.36
CA SER XB 104 78.64 63.93 -16.81
C SER XB 104 77.58 63.01 -17.41
N LEU XB 105 77.24 61.94 -16.70
CA LEU XB 105 76.11 61.13 -17.12
C LEU XB 105 74.79 61.83 -16.79
N ARG XB 106 74.68 62.44 -15.61
CA ARG XB 106 73.52 63.28 -15.35
C ARG XB 106 73.48 64.47 -16.30
N TYR XB 107 74.66 64.99 -16.64
CA TYR XB 107 74.74 66.08 -17.61
C TYR XB 107 74.09 65.69 -18.92
N LYS XB 108 74.40 64.50 -19.42
CA LYS XB 108 74.03 64.14 -20.79
C LYS XB 108 72.61 63.59 -20.84
N LEU XB 109 72.14 63.00 -19.73
CA LEU XB 109 70.73 62.60 -19.65
C LEU XB 109 69.81 63.81 -19.76
N LEU XB 110 70.04 64.83 -18.93
CA LEU XB 110 69.19 66.01 -18.95
C LEU XB 110 69.36 66.80 -20.24
N GLY XB 111 70.48 66.62 -20.93
CA GLY XB 111 70.69 67.31 -22.20
C GLY XB 111 69.68 66.93 -23.26
N GLY XB 112 69.06 65.76 -23.14
CA GLY XB 112 67.99 65.37 -24.02
C GLY XB 112 68.28 64.33 -25.07
N LEU XB 113 69.02 63.29 -24.73
CA LEU XB 113 69.17 62.14 -25.63
C LEU XB 113 68.82 60.86 -24.90
N ALA XB 114 68.68 59.81 -25.70
CA ALA XB 114 68.29 58.51 -25.17
C ALA XB 114 69.32 57.99 -24.18
N VAL XB 115 68.85 57.20 -23.22
CA VAL XB 115 69.74 56.67 -22.19
C VAL XB 115 70.74 55.70 -22.80
N ARG XB 116 70.33 54.94 -23.81
CA ARG XB 116 71.18 53.88 -24.33
C ARG XB 116 72.35 54.44 -25.13
N ARG XB 117 72.13 55.52 -25.88
CA ARG XB 117 73.26 56.15 -26.56
C ARG XB 117 74.14 56.90 -25.56
N ALA XB 118 73.54 57.45 -24.51
CA ALA XB 118 74.31 58.23 -23.55
C ALA XB 118 75.20 57.36 -22.69
N CYS XB 119 74.66 56.25 -22.19
CA CYS XB 119 75.40 55.43 -21.24
C CYS XB 119 76.61 54.77 -21.88
N TYR XB 120 76.43 54.13 -23.04
CA TYR XB 120 77.56 53.50 -23.71
C TYR XB 120 78.68 54.50 -24.00
N GLY XB 121 78.33 55.76 -24.28
CA GLY XB 121 79.37 56.77 -24.47
C GLY XB 121 80.22 56.94 -23.23
N VAL XB 122 79.57 57.10 -22.08
CA VAL XB 122 80.30 57.08 -20.81
C VAL XB 122 80.98 55.74 -20.62
N LEU XB 123 80.30 54.67 -21.03
CA LEU XB 123 80.90 53.33 -20.95
C LEU XB 123 82.11 53.22 -21.86
N ARG XB 124 82.04 53.85 -23.04
CA ARG XB 124 83.21 53.86 -23.91
C ARG XB 124 84.32 54.73 -23.34
N PHE XB 125 83.99 55.96 -22.91
CA PHE XB 125 85.00 56.87 -22.40
C PHE XB 125 85.74 56.24 -21.23
N ILE XB 126 85.02 55.57 -20.33
CA ILE XB 126 85.67 54.93 -19.21
C ILE XB 126 86.50 53.73 -19.66
N MET XB 127 86.35 53.30 -20.90
CA MET XB 127 87.28 52.32 -21.48
C MET XB 127 88.36 52.98 -22.30
N GLU XB 128 88.02 54.03 -23.05
CA GLU XB 128 89.06 54.82 -23.70
C GLU XB 128 89.98 55.47 -22.69
N SER XB 129 89.55 55.59 -21.44
CA SER XB 129 90.46 56.00 -20.37
C SER XB 129 91.34 54.85 -19.91
N GLY XB 130 90.80 53.64 -19.88
CA GLY XB 130 91.58 52.48 -19.49
C GLY XB 130 91.38 52.10 -18.03
N ALA XB 131 90.66 51.01 -17.79
CA ALA XB 131 90.40 50.54 -16.44
C ALA XB 131 90.14 49.05 -16.47
N LYS XB 132 90.55 48.35 -15.41
CA LYS XB 132 90.34 46.92 -15.32
C LYS XB 132 88.86 46.54 -15.35
N GLY XB 133 87.96 47.51 -15.30
CA GLY XB 133 86.54 47.23 -15.32
C GLY XB 133 85.77 48.50 -15.02
N CYS XB 134 84.46 48.40 -15.21
CA CYS XB 134 83.56 49.53 -15.06
C CYS XB 134 82.13 49.05 -15.20
N GLU XB 135 81.20 49.81 -14.64
CA GLU XB 135 79.82 49.37 -14.57
C GLU XB 135 78.90 50.53 -14.25
N VAL XB 136 77.82 50.67 -15.03
CA VAL XB 136 76.85 51.76 -14.88
C VAL XB 136 75.47 51.13 -14.76
N VAL XB 137 74.72 51.54 -13.74
CA VAL XB 137 73.37 51.03 -13.51
C VAL XB 137 72.41 52.21 -13.49
N VAL XB 138 71.43 52.19 -14.39
CA VAL XB 138 70.43 53.24 -14.50
C VAL XB 138 69.08 52.62 -14.20
N SER XB 139 68.42 53.10 -13.13
CA SER XB 139 67.19 52.51 -12.67
C SER XB 139 66.11 53.58 -12.56
N GLY XB 140 64.87 53.18 -12.83
CA GLY XB 140 63.73 54.08 -12.77
C GLY XB 140 62.73 53.84 -13.88
N LYS XB 141 62.01 54.88 -14.27
CA LYS XB 141 61.07 54.81 -15.38
C LYS XB 141 61.81 55.09 -16.70
N LEU XB 142 62.68 54.14 -17.06
CA LEU XB 142 63.44 54.27 -18.30
C LEU XB 142 62.51 54.33 -19.50
N ARG XB 143 61.58 53.38 -19.60
CA ARG XB 143 60.58 53.38 -20.65
C ARG XB 143 59.22 53.07 -20.03
N GLY XB 144 58.17 53.62 -20.63
CA GLY XB 144 56.83 53.33 -20.16
C GLY XB 144 56.55 53.98 -18.81
N GLN XB 145 55.54 53.42 -18.14
CA GLN XB 145 55.12 53.89 -16.83
C GLN XB 145 55.36 52.83 -15.76
N ARG XB 146 56.52 52.20 -15.78
CA ARG XB 146 56.91 51.20 -14.80
C ARG XB 146 58.41 51.23 -14.62
N ALA XB 147 58.86 50.99 -13.39
CA ALA XB 147 60.28 51.06 -13.09
C ALA XB 147 60.99 49.79 -13.54
N LYS XB 148 62.02 49.96 -14.36
CA LYS XB 148 62.91 48.88 -14.78
C LYS XB 148 64.32 49.23 -14.33
N SER XB 149 65.27 48.37 -14.70
CA SER XB 149 66.67 48.62 -14.40
C SER XB 149 67.49 48.27 -15.63
N MET XB 150 68.72 48.77 -15.68
CA MET XB 150 69.59 48.47 -16.80
C MET XB 150 71.04 48.52 -16.34
N LYS XB 151 71.85 47.58 -16.84
CA LYS XB 151 73.15 47.31 -16.27
C LYS XB 151 74.18 47.16 -17.38
N PHE XB 152 75.29 47.90 -17.27
CA PHE XB 152 76.39 47.83 -18.23
C PHE XB 152 77.60 47.27 -17.51
N VAL XB 153 78.27 46.30 -18.13
CA VAL XB 153 79.42 45.66 -17.51
C VAL XB 153 80.54 45.53 -18.53
N ASP XB 154 81.77 45.46 -18.02
CA ASP XB 154 82.92 44.87 -18.69
C ASP XB 154 84.09 44.87 -17.71
N GLY XB 155 85.21 44.30 -18.13
CA GLY XB 155 86.40 44.24 -17.31
C GLY XB 155 86.23 43.45 -16.03
N LEU XB 156 87.31 43.27 -15.27
CA LEU XB 156 87.19 42.63 -13.98
C LEU XB 156 86.33 43.48 -13.07
N MET XB 157 85.51 42.82 -12.24
CA MET XB 157 84.66 43.57 -11.32
C MET XB 157 84.58 42.79 -10.00
N ILE XB 158 85.48 43.11 -9.07
CA ILE XB 158 85.38 42.55 -7.74
C ILE XB 158 84.14 43.12 -7.05
N HIS XB 159 83.56 42.33 -6.15
CA HIS XB 159 82.34 42.72 -5.47
C HIS XB 159 82.34 42.49 -3.97
N SER XB 160 83.27 41.71 -3.42
CA SER XB 160 83.28 41.43 -1.99
C SER XB 160 84.70 41.43 -1.48
N GLY XB 161 84.84 41.74 -0.20
CA GLY XB 161 86.12 41.67 0.48
C GLY XB 161 86.76 43.03 0.66
N ASP XB 162 87.94 43.01 1.27
CA ASP XB 162 88.67 44.24 1.52
C ASP XB 162 89.07 45.02 0.27
N PRO XB 163 89.54 44.40 -0.83
CA PRO XB 163 90.03 45.21 -1.95
C PRO XB 163 89.08 46.27 -2.45
N VAL XB 164 87.76 46.06 -2.31
CA VAL XB 164 86.81 47.07 -2.78
C VAL XB 164 86.94 48.36 -2.00
N ASN XB 165 87.68 48.36 -0.89
CA ASN XB 165 87.85 49.57 -0.10
C ASN XB 165 88.70 50.60 -0.83
N TYR XB 166 89.56 50.15 -1.74
CA TYR XB 166 90.51 51.07 -2.37
C TYR XB 166 90.66 50.93 -3.88
N TYR XB 167 90.26 49.82 -4.49
CA TYR XB 167 90.13 49.82 -5.94
C TYR XB 167 88.83 50.46 -6.40
N VAL XB 168 87.71 49.86 -6.04
CA VAL XB 168 86.42 50.19 -6.65
C VAL XB 168 85.95 51.55 -6.14
N ASP XB 169 85.58 52.43 -7.07
CA ASP XB 169 85.02 53.72 -6.75
C ASP XB 169 83.57 53.76 -7.20
N THR XB 170 82.66 54.09 -6.28
CA THR XB 170 81.24 54.13 -6.56
C THR XB 170 80.72 55.55 -6.35
N ALA XB 171 79.60 55.85 -7.00
CA ALA XB 171 78.98 57.16 -6.84
C ALA XB 171 77.51 57.06 -7.22
N VAL XB 172 76.70 57.90 -6.59
CA VAL XB 172 75.26 57.96 -6.82
C VAL XB 172 74.88 59.40 -7.10
N ARG XB 173 74.03 59.60 -8.10
CA ARG XB 173 73.44 60.90 -8.36
C ARG XB 173 72.01 60.70 -8.83
N HIS XB 174 71.10 61.52 -8.31
CA HIS XB 174 69.70 61.48 -8.70
C HIS XB 174 69.48 62.44 -9.86
N VAL XB 175 68.93 61.94 -10.95
CA VAL XB 175 68.63 62.76 -12.12
C VAL XB 175 67.15 63.11 -12.08
N LEU XB 176 66.85 64.35 -12.46
CA LEU XB 176 65.48 64.87 -12.40
C LEU XB 176 64.91 64.92 -13.81
N LEU XB 177 64.40 63.78 -14.28
CA LEU XB 177 63.74 63.75 -15.56
C LEU XB 177 62.34 64.33 -15.46
N ARG XB 178 61.70 64.51 -16.62
CA ARG XB 178 60.38 65.08 -16.67
C ARG XB 178 59.33 64.21 -16.00
N GLN XB 179 59.62 62.92 -15.80
CA GLN XB 179 58.66 62.00 -15.21
C GLN XB 179 59.03 61.55 -13.81
N GLY XB 180 59.95 62.23 -13.15
CA GLY XB 180 60.28 61.90 -11.79
C GLY XB 180 61.78 61.96 -11.59
N VAL XB 181 62.28 61.03 -10.80
CA VAL XB 181 63.69 60.94 -10.44
C VAL XB 181 64.21 59.57 -10.84
N LEU XB 182 65.44 59.54 -11.34
CA LEU XB 182 66.13 58.30 -11.65
C LEU XB 182 67.53 58.37 -11.05
N GLY XB 183 68.14 57.21 -10.87
CA GLY XB 183 69.42 57.12 -10.20
C GLY XB 183 70.52 56.63 -11.13
N ILE XB 184 71.76 56.94 -10.77
CA ILE XB 184 72.95 56.52 -11.50
C ILE XB 184 73.94 55.94 -10.52
N LYS XB 185 74.45 54.75 -10.81
CA LYS XB 185 75.53 54.14 -10.05
C LYS XB 185 76.68 53.81 -10.99
N VAL XB 186 77.86 54.33 -10.69
CA VAL XB 186 79.04 54.13 -11.52
C VAL XB 186 80.13 53.51 -10.67
N LYS XB 187 80.75 52.45 -11.20
CA LYS XB 187 81.80 51.74 -10.48
C LYS XB 187 82.96 51.50 -11.41
N ILE XB 188 84.18 51.73 -10.94
CA ILE XB 188 85.39 51.67 -11.77
C ILE XB 188 86.47 50.93 -11.01
N MET XB 189 87.09 49.95 -11.66
CA MET XB 189 88.20 49.21 -11.08
C MET XB 189 89.50 49.92 -11.42
N LEU XB 190 90.30 50.21 -10.41
CA LEU XB 190 91.46 51.03 -10.72
C LEU XB 190 92.70 50.16 -10.83
N PRO XB 191 93.53 50.33 -11.86
CA PRO XB 191 94.55 49.32 -12.16
C PRO XB 191 95.91 49.49 -11.49
N TRP XB 192 96.29 50.71 -11.09
CA TRP XB 192 97.70 51.01 -10.85
C TRP XB 192 98.40 49.99 -9.97
N ASP XB 193 99.38 49.30 -10.53
CA ASP XB 193 100.30 48.46 -9.78
C ASP XB 193 101.46 49.30 -9.26
N PRO XB 194 102.02 50.23 -10.02
CA PRO XB 194 102.91 51.23 -9.44
C PRO XB 194 102.09 52.38 -8.86
N SER XB 195 102.80 53.41 -8.40
CA SER XB 195 102.16 54.60 -7.84
C SER XB 195 101.65 55.47 -8.97
N GLY XB 196 100.34 55.38 -9.25
CA GLY XB 196 99.71 56.18 -10.29
C GLY XB 196 99.36 57.58 -9.78
N LYS XB 197 98.29 58.14 -10.36
CA LYS XB 197 97.84 59.45 -9.91
C LYS XB 197 97.21 59.37 -8.52
N ILE XB 198 96.31 58.41 -8.32
CA ILE XB 198 95.69 58.20 -7.02
C ILE XB 198 96.13 56.82 -6.53
N GLY XB 199 97.21 56.78 -5.76
CA GLY XB 199 97.81 55.53 -5.35
C GLY XB 199 96.91 54.67 -4.49
N PRO XB 200 96.59 53.47 -4.98
CA PRO XB 200 95.91 52.49 -4.14
C PRO XB 200 96.92 51.66 -3.34
N LYS XB 201 96.39 50.78 -2.50
CA LYS XB 201 97.25 49.76 -1.91
C LYS XB 201 97.54 48.75 -3.02
N LYS XB 202 98.47 49.11 -3.90
CA LYS XB 202 98.40 48.72 -5.31
C LYS XB 202 98.21 47.23 -5.56
N PRO XB 203 98.95 46.31 -4.91
CA PRO XB 203 98.85 44.90 -5.32
C PRO XB 203 97.46 44.33 -5.14
N LEU XB 204 97.26 43.14 -5.68
CA LEU XB 204 95.98 42.47 -5.64
C LEU XB 204 96.14 41.12 -4.98
N PRO XB 205 95.28 40.77 -4.02
CA PRO XB 205 95.49 39.52 -3.25
C PRO XB 205 95.60 38.27 -4.10
N ASP XB 206 94.86 38.20 -5.21
CA ASP XB 206 94.91 37.02 -6.08
C ASP XB 206 96.09 37.04 -7.04
N HIS XB 207 96.76 38.17 -7.23
CA HIS XB 207 97.84 38.27 -8.19
C HIS XB 207 99.13 37.78 -7.55
N VAL XB 208 99.62 36.63 -8.01
CA VAL XB 208 100.90 36.08 -7.58
C VAL XB 208 101.87 36.20 -8.75
N SER XB 209 102.91 37.00 -8.58
CA SER XB 209 103.83 37.34 -9.65
C SER XB 209 105.04 36.41 -9.64
N ILE XB 210 105.70 36.32 -10.79
CA ILE XB 210 106.89 35.48 -10.95
C ILE XB 210 107.90 36.24 -11.81
N VAL XB 211 109.18 36.07 -11.50
CA VAL XB 211 110.26 36.79 -12.15
C VAL XB 211 111.21 35.81 -12.83
N GLU XB 212 112.03 36.34 -13.72
CA GLU XB 212 112.95 35.52 -14.49
C GLU XB 212 113.98 34.86 -13.59
N PRO XB 213 114.31 33.59 -13.81
CA PRO XB 213 115.26 32.90 -12.92
C PRO XB 213 116.70 33.40 -13.07
N LYS XB 214 117.19 33.42 -14.31
CA LYS XB 214 118.58 33.74 -14.63
C LYS XB 214 119.56 32.88 -13.82
N ASP XB 215 119.46 31.57 -14.04
CA ASP XB 215 120.38 30.58 -13.49
C ASP XB 215 120.61 29.51 -14.53
N GLU XB 216 121.73 28.80 -14.37
CA GLU XB 216 122.19 27.81 -15.35
C GLU XB 216 122.29 28.43 -16.74
N ILE XB 217 122.69 29.71 -16.79
CA ILE XB 217 123.05 30.34 -18.06
C ILE XB 217 124.44 29.92 -18.52
N LEU XB 218 125.26 29.40 -17.62
CA LEU XB 218 126.56 28.84 -17.91
C LEU XB 218 126.67 27.46 -17.28
N PRO XB 219 127.27 26.50 -17.99
CA PRO XB 219 127.62 25.24 -17.34
C PRO XB 219 128.51 25.43 -16.14
N THR XB 220 129.33 26.48 -16.15
CA THR XB 220 130.25 26.79 -15.06
C THR XB 220 131.27 25.67 -14.86
N THR XB 221 131.97 25.36 -15.94
CA THR XB 221 133.10 24.45 -15.86
C THR XB 221 134.22 25.10 -15.06
N PRO XB 222 135.09 24.30 -14.41
CA PRO XB 222 136.06 24.89 -13.47
C PRO XB 222 137.03 25.84 -14.14
N ILE XB 223 136.94 27.12 -13.76
CA ILE XB 223 137.93 28.12 -14.14
C ILE XB 223 138.33 28.88 -12.88
N SER XB 224 139.61 29.25 -12.81
CA SER XB 224 140.13 29.99 -11.68
C SER XB 224 140.69 31.31 -12.20
N GLU XB 225 140.26 32.41 -11.62
CA GLU XB 225 140.76 33.72 -12.02
C GLU XB 225 140.83 34.62 -10.79
N GLN XB 226 141.99 35.25 -10.61
CA GLN XB 226 142.25 36.07 -9.43
C GLN XB 226 141.99 37.53 -9.78
N LYS XB 227 140.89 38.06 -9.27
CA LYS XB 227 140.48 39.44 -9.51
C LYS XB 227 141.60 40.43 -9.18
N ALA YB 1 6.78 29.58 -83.51
CA ALA YB 1 6.38 28.50 -82.62
C ALA YB 1 5.07 27.87 -83.08
N ARG YB 2 4.24 28.66 -83.73
CA ARG YB 2 2.93 28.20 -84.18
C ARG YB 2 2.80 28.19 -85.70
N GLY YB 3 3.76 28.75 -86.43
CA GLY YB 3 3.70 28.79 -87.87
C GLY YB 3 4.98 29.32 -88.47
N PRO YB 4 4.87 30.01 -89.60
CA PRO YB 4 6.07 30.54 -90.27
C PRO YB 4 6.69 31.67 -89.47
N LYS YB 5 7.91 32.03 -89.87
CA LYS YB 5 8.62 33.15 -89.28
C LYS YB 5 8.57 34.35 -90.22
N LYS YB 6 8.30 35.52 -89.66
CA LYS YB 6 8.22 36.72 -90.48
C LYS YB 6 8.92 37.91 -89.83
N HIS YB 7 10.04 37.66 -89.15
CA HIS YB 7 10.87 38.73 -88.61
C HIS YB 7 12.29 38.18 -88.47
N LEU YB 8 13.21 38.65 -89.31
CA LEU YB 8 14.61 38.31 -89.17
C LEU YB 8 15.33 39.46 -88.51
N LYS YB 9 15.98 39.18 -87.39
CA LYS YB 9 16.61 40.22 -86.57
C LYS YB 9 17.95 40.61 -87.17
N ARG YB 10 18.78 41.28 -86.38
CA ARG YB 10 20.06 41.78 -86.87
C ARG YB 10 21.03 40.63 -87.03
N VAL YB 11 22.33 40.90 -86.99
CA VAL YB 11 23.39 40.06 -87.56
C VAL YB 11 23.27 38.58 -87.25
N ALA YB 12 22.26 38.17 -86.47
CA ALA YB 12 21.74 36.81 -86.62
C ALA YB 12 21.50 36.47 -88.08
N ALA YB 13 21.21 37.48 -88.91
CA ALA YB 13 21.11 37.32 -90.35
C ALA YB 13 22.49 37.00 -90.93
N PRO YB 14 22.55 36.41 -92.13
CA PRO YB 14 23.82 35.93 -92.67
C PRO YB 14 24.90 37.00 -92.65
N LYS YB 15 26.14 36.55 -92.41
CA LYS YB 15 27.24 37.47 -92.22
C LYS YB 15 27.67 38.14 -93.53
N HIS YB 16 27.52 37.44 -94.66
CA HIS YB 16 28.01 38.00 -95.91
C HIS YB 16 27.15 39.16 -96.41
N TRP YB 17 25.99 39.42 -95.79
CA TRP YB 17 25.22 40.59 -96.19
C TRP YB 17 25.91 41.89 -95.84
N MET YB 18 26.94 41.84 -94.99
CA MET YB 18 27.73 43.02 -94.64
C MET YB 18 26.84 44.08 -93.98
N LEU YB 19 26.34 43.75 -92.80
CA LEU YB 19 25.41 44.60 -92.07
C LEU YB 19 26.07 45.22 -90.84
N ASP YB 20 25.31 46.08 -90.17
CA ASP YB 20 25.75 46.79 -88.99
C ASP YB 20 25.17 46.13 -87.73
N LYS YB 21 25.42 46.71 -86.57
CA LYS YB 21 24.80 46.29 -85.32
C LYS YB 21 23.88 47.33 -84.73
N LEU YB 22 24.05 48.61 -85.07
CA LEU YB 22 23.31 49.70 -84.46
C LEU YB 22 22.29 50.32 -85.40
N THR YB 23 22.02 49.64 -86.50
CA THR YB 23 20.80 49.94 -87.29
C THR YB 23 19.61 49.21 -86.65
N SER YB 24 19.20 49.65 -85.46
CA SER YB 24 18.01 49.07 -84.76
C SER YB 24 18.14 47.58 -84.48
N VAL YB 25 17.11 46.79 -84.79
CA VAL YB 25 17.11 45.35 -84.44
C VAL YB 25 16.96 44.46 -85.69
N PHE YB 26 16.09 44.79 -86.66
CA PHE YB 26 15.70 43.74 -87.59
C PHE YB 26 16.49 43.85 -88.87
N ALA YB 27 16.39 42.82 -89.69
CA ALA YB 27 17.00 42.78 -91.01
C ALA YB 27 15.96 42.31 -92.02
N PRO YB 28 16.07 42.74 -93.29
CA PRO YB 28 15.08 42.31 -94.27
C PRO YB 28 15.10 40.81 -94.43
N ARG YB 29 13.91 40.22 -94.45
CA ARG YB 29 13.79 38.77 -94.58
C ARG YB 29 13.43 38.45 -96.02
N PRO YB 30 14.34 37.88 -96.81
CA PRO YB 30 14.04 37.60 -98.22
C PRO YB 30 12.69 36.91 -98.41
N SER YB 31 12.09 37.15 -99.56
CA SER YB 31 10.72 36.79 -99.87
C SER YB 31 10.57 35.35 -100.30
N THR YB 32 11.50 34.48 -99.94
CA THR YB 32 11.45 33.06 -100.27
C THR YB 32 11.36 32.87 -101.78
N GLY YB 33 12.41 33.30 -102.46
CA GLY YB 33 12.45 33.27 -103.90
C GLY YB 33 13.14 32.04 -104.45
N PRO YB 34 14.04 32.25 -105.41
CA PRO YB 34 14.74 31.13 -106.05
C PRO YB 34 16.02 30.68 -105.37
N HIS YB 35 16.31 31.11 -104.14
CA HIS YB 35 17.49 30.66 -103.43
C HIS YB 35 17.20 30.61 -101.94
N LYS YB 36 17.98 29.82 -101.22
CA LYS YB 36 17.86 29.79 -99.78
C LYS YB 36 18.22 31.14 -99.18
N LEU YB 37 17.89 31.33 -97.90
CA LEU YB 37 18.33 32.54 -97.20
C LEU YB 37 19.85 32.64 -97.18
N ARG YB 38 20.52 31.56 -96.78
CA ARG YB 38 21.95 31.59 -96.51
C ARG YB 38 22.79 31.53 -97.78
N GLU YB 39 22.19 31.76 -98.94
CA GLU YB 39 22.94 31.90 -100.17
C GLU YB 39 22.57 33.17 -100.93
N CYS YB 40 21.48 33.81 -100.57
CA CYS YB 40 20.94 34.93 -101.34
C CYS YB 40 21.45 36.26 -100.81
N LEU YB 41 21.03 37.33 -101.49
CA LEU YB 41 21.36 38.70 -101.17
C LEU YB 41 20.12 39.53 -101.42
N PRO YB 42 19.48 40.08 -100.40
CA PRO YB 42 18.23 40.80 -100.61
C PRO YB 42 18.43 41.95 -101.59
N LEU YB 43 17.44 42.18 -102.43
CA LEU YB 43 17.58 43.24 -103.42
C LEU YB 43 17.60 44.60 -102.76
N ILE YB 44 17.06 44.71 -101.55
CA ILE YB 44 17.11 45.97 -100.82
C ILE YB 44 18.54 46.31 -100.41
N ILE YB 45 19.30 45.33 -99.96
CA ILE YB 45 20.64 45.63 -99.48
C ILE YB 45 21.57 45.86 -100.66
N PHE YB 46 21.12 45.49 -101.86
CA PHE YB 46 21.89 45.76 -103.06
C PHE YB 46 21.70 47.19 -103.53
N LEU YB 47 20.79 47.93 -102.90
CA LEU YB 47 20.49 49.29 -103.33
C LEU YB 47 20.77 50.34 -102.26
N ARG YB 48 20.96 49.94 -101.00
CA ARG YB 48 21.35 50.89 -99.96
C ARG YB 48 22.85 50.84 -99.67
N ASN YB 49 23.39 49.65 -99.48
CA ASN YB 49 24.76 49.50 -98.99
C ASN YB 49 25.76 49.06 -100.05
N LYS YB 50 25.46 48.01 -100.82
CA LYS YB 50 26.43 47.57 -101.82
C LYS YB 50 26.61 48.61 -102.91
N LEU YB 51 25.52 49.22 -103.36
CA LEU YB 51 25.58 50.26 -104.38
C LEU YB 51 25.69 51.66 -103.78
N LYS YB 52 24.95 51.92 -102.71
CA LYS YB 52 24.82 53.27 -102.15
C LYS YB 52 24.28 54.24 -103.19
N TYR YB 53 23.31 53.77 -103.98
CA TYR YB 53 22.54 54.70 -104.81
C TYR YB 53 21.50 55.44 -103.98
N ALA YB 54 20.92 54.77 -102.99
CA ALA YB 54 19.86 55.32 -102.17
C ALA YB 54 20.38 55.60 -100.76
N LEU YB 55 19.46 56.00 -99.90
CA LEU YB 55 19.76 56.20 -98.49
C LEU YB 55 19.00 55.28 -97.55
N THR YB 56 17.68 55.22 -97.68
CA THR YB 56 16.84 54.48 -96.75
C THR YB 56 16.04 53.45 -97.53
N GLY YB 57 15.15 52.76 -96.82
CA GLY YB 57 14.23 51.87 -97.50
C GLY YB 57 13.36 52.61 -98.48
N ASP YB 58 12.91 53.81 -98.11
CA ASP YB 58 11.99 54.56 -98.96
C ASP YB 58 12.58 54.84 -100.33
N GLU YB 59 13.78 55.40 -100.37
CA GLU YB 59 14.38 55.69 -101.67
C GLU YB 59 14.67 54.40 -102.43
N VAL YB 60 14.84 53.28 -101.72
CA VAL YB 60 14.84 51.98 -102.39
C VAL YB 60 13.42 51.57 -102.74
N LYS YB 61 12.46 51.87 -101.86
CA LYS YB 61 11.07 51.53 -102.12
C LYS YB 61 10.59 52.11 -103.44
N LYS YB 62 10.97 53.35 -103.73
CA LYS YB 62 10.47 54.01 -104.92
C LYS YB 62 11.23 53.61 -106.18
N ILE YB 63 12.49 53.17 -106.04
CA ILE YB 63 13.23 52.72 -107.22
C ILE YB 63 12.65 51.43 -107.76
N CYS YB 64 12.64 50.38 -106.94
CA CYS YB 64 12.17 49.08 -107.42
C CYS YB 64 10.75 49.16 -107.95
N MET YB 65 9.92 50.03 -107.36
CA MET YB 65 8.54 50.15 -107.82
C MET YB 65 8.41 50.97 -109.09
N GLN YB 66 9.35 51.88 -109.35
CA GLN YB 66 9.34 52.61 -110.62
C GLN YB 66 9.69 51.72 -111.80
N ARG YB 67 9.99 50.44 -111.55
CA ARG YB 67 10.21 49.45 -112.61
C ARG YB 67 11.44 49.80 -113.44
N PHE YB 68 12.54 50.08 -112.75
CA PHE YB 68 13.85 50.17 -113.38
C PHE YB 68 14.69 48.92 -113.14
N ILE YB 69 14.55 48.30 -111.97
CA ILE YB 69 15.27 47.07 -111.64
C ILE YB 69 14.85 45.97 -112.60
N LYS YB 70 15.84 45.27 -113.15
CA LYS YB 70 15.59 44.14 -114.03
C LYS YB 70 16.47 42.99 -113.57
N ILE YB 71 15.85 41.89 -113.16
CA ILE YB 71 16.58 40.69 -112.74
C ILE YB 71 16.14 39.55 -113.64
N ASP YB 72 17.12 38.87 -114.25
CA ASP YB 72 16.87 37.70 -115.08
C ASP YB 72 15.87 37.99 -116.20
N GLY YB 73 15.95 39.19 -116.77
CA GLY YB 73 15.19 39.52 -117.95
C GLY YB 73 13.81 40.10 -117.73
N LYS YB 74 13.09 39.66 -116.70
CA LYS YB 74 11.75 40.18 -116.43
C LYS YB 74 11.75 40.91 -115.10
N VAL YB 75 11.20 42.12 -115.11
CA VAL YB 75 11.34 43.02 -113.97
C VAL YB 75 10.69 42.43 -112.72
N ARG YB 76 11.16 42.91 -111.58
CA ARG YB 76 10.64 42.51 -110.28
C ARG YB 76 10.00 43.72 -109.61
N ALA YB 77 9.15 43.45 -108.62
CA ALA YB 77 8.44 44.54 -107.97
C ALA YB 77 8.38 44.38 -106.46
N ASP YB 78 9.20 43.52 -105.86
CA ASP YB 78 9.26 43.39 -104.42
C ASP YB 78 10.60 43.92 -103.92
N ILE YB 79 10.56 44.61 -102.78
CA ILE YB 79 11.78 45.23 -102.26
C ILE YB 79 12.85 44.18 -102.02
N THR YB 80 12.48 43.11 -101.32
CA THR YB 80 13.40 42.04 -100.94
C THR YB 80 13.13 40.84 -101.81
N TYR YB 81 13.72 40.83 -103.01
CA TYR YB 81 13.70 39.65 -103.85
C TYR YB 81 15.05 38.97 -103.76
N PRO YB 82 15.12 37.72 -103.30
CA PRO YB 82 16.42 37.08 -103.12
C PRO YB 82 17.19 37.02 -104.42
N ALA YB 83 18.47 37.34 -104.34
CA ALA YB 83 19.42 37.19 -105.42
C ALA YB 83 20.05 35.80 -105.32
N GLY YB 84 21.13 35.58 -106.05
CA GLY YB 84 21.87 34.35 -105.87
C GLY YB 84 23.01 34.24 -106.84
N PHE YB 85 23.67 33.09 -106.78
CA PHE YB 85 24.82 32.80 -107.63
C PHE YB 85 24.45 32.92 -109.10
N MET YB 86 25.34 33.55 -109.87
CA MET YB 86 25.21 33.65 -111.33
C MET YB 86 23.89 34.29 -111.75
N ASP YB 87 23.47 35.33 -111.05
CA ASP YB 87 22.28 36.09 -111.42
C ASP YB 87 22.71 37.39 -112.09
N VAL YB 88 22.06 37.73 -113.20
CA VAL YB 88 22.33 38.97 -113.91
C VAL YB 88 21.25 39.98 -113.56
N ILE YB 89 21.67 41.21 -113.34
CA ILE YB 89 20.78 42.30 -112.99
C ILE YB 89 21.20 43.54 -113.75
N SER YB 90 20.22 44.33 -114.19
CA SER YB 90 20.46 45.43 -115.10
C SER YB 90 19.79 46.71 -114.60
N ILE YB 91 20.42 47.83 -114.88
CA ILE YB 91 19.91 49.14 -114.50
C ILE YB 91 19.88 49.97 -115.78
N ASP YB 92 18.68 50.12 -116.36
CA ASP YB 92 18.58 50.70 -117.69
C ASP YB 92 18.67 52.23 -117.69
N LYS YB 93 18.31 52.88 -116.58
CA LYS YB 93 18.34 54.34 -116.55
C LYS YB 93 19.77 54.88 -116.55
N THR YB 94 20.63 54.31 -115.72
CA THR YB 94 22.04 54.70 -115.72
C THR YB 94 22.84 53.94 -116.76
N GLY YB 95 22.61 52.63 -116.90
CA GLY YB 95 23.18 51.87 -117.99
C GLY YB 95 24.18 50.81 -117.61
N GLU YB 96 24.14 50.31 -116.38
CA GLU YB 96 25.09 49.29 -115.94
C GLU YB 96 24.42 47.92 -115.82
N ASN YB 97 25.25 46.89 -115.72
CA ASN YB 97 24.76 45.52 -115.61
C ASN YB 97 25.70 44.72 -114.72
N PHE YB 98 25.15 44.05 -113.71
CA PHE YB 98 25.93 43.44 -112.64
C PHE YB 98 25.83 41.92 -112.73
N ARG YB 99 26.82 41.22 -112.16
CA ARG YB 99 26.91 39.77 -112.29
C ARG YB 99 26.74 39.02 -110.97
N LEU YB 100 27.23 39.57 -109.86
CA LEU YB 100 26.91 39.08 -108.52
C LEU YB 100 27.37 37.64 -108.32
N ILE YB 101 28.71 37.47 -108.32
CA ILE YB 101 29.36 36.22 -107.99
C ILE YB 101 30.20 36.41 -106.73
N TYR YB 102 30.59 35.29 -106.13
CA TYR YB 102 31.25 35.33 -104.83
C TYR YB 102 32.69 35.83 -104.94
N ASP YB 103 33.18 36.41 -103.85
CA ASP YB 103 34.53 36.91 -103.74
C ASP YB 103 35.45 35.81 -103.19
N THR YB 104 36.67 36.16 -102.82
CA THR YB 104 37.59 35.19 -102.23
C THR YB 104 37.38 35.02 -100.72
N LYS YB 105 36.58 35.88 -100.10
CA LYS YB 105 36.14 35.67 -98.73
C LYS YB 105 34.66 35.36 -98.63
N GLY YB 106 33.87 35.81 -99.60
CA GLY YB 106 32.45 35.61 -99.68
C GLY YB 106 31.73 36.86 -99.23
N ARG YB 107 31.45 37.74 -100.19
CA ARG YB 107 30.75 38.98 -99.92
C ARG YB 107 29.81 39.40 -101.04
N PHE YB 108 29.67 38.60 -102.09
CA PHE YB 108 28.90 38.97 -103.27
C PHE YB 108 29.40 40.30 -103.84
N ALA YB 109 30.65 40.30 -104.29
CA ALA YB 109 31.28 41.51 -104.76
C ALA YB 109 30.54 42.10 -105.94
N VAL YB 110 30.52 43.43 -106.00
CA VAL YB 110 29.94 44.13 -107.14
C VAL YB 110 30.83 43.89 -108.36
N HIS YB 111 30.22 43.45 -109.45
CA HIS YB 111 30.95 42.97 -110.62
C HIS YB 111 30.18 43.41 -111.87
N ARG YB 112 30.67 44.45 -112.52
CA ARG YB 112 30.03 44.99 -113.71
C ARG YB 112 30.45 44.18 -114.91
N ILE YB 113 29.48 43.79 -115.74
CA ILE YB 113 29.73 42.94 -116.89
C ILE YB 113 29.12 43.53 -118.14
N THR YB 114 29.64 43.08 -119.28
CA THR YB 114 29.26 43.56 -120.60
C THR YB 114 27.89 43.01 -121.00
N PRO YB 115 27.17 43.73 -121.88
CA PRO YB 115 25.85 43.24 -122.32
C PRO YB 115 25.89 41.89 -122.98
N GLU YB 116 27.02 41.48 -123.56
CA GLU YB 116 27.11 40.15 -124.15
C GLU YB 116 26.99 39.08 -123.07
N GLU YB 117 27.74 39.24 -121.97
CA GLU YB 117 27.60 38.33 -120.84
C GLU YB 117 26.30 38.57 -120.06
N ALA YB 118 25.61 39.68 -120.31
CA ALA YB 118 24.31 39.95 -119.71
C ALA YB 118 23.18 39.21 -120.41
N LYS YB 119 23.46 38.50 -121.50
CA LYS YB 119 22.44 37.71 -122.16
C LYS YB 119 22.20 36.40 -121.42
N TYR YB 120 23.26 35.61 -121.23
CA TYR YB 120 23.10 34.26 -120.71
C TYR YB 120 23.46 34.21 -119.22
N LYS YB 121 23.51 32.99 -118.69
CA LYS YB 121 23.96 32.73 -117.33
C LYS YB 121 24.38 31.27 -117.26
N LEU YB 122 24.92 30.89 -116.11
CA LEU YB 122 25.32 29.51 -115.86
C LEU YB 122 24.58 28.98 -114.65
N CYS YB 123 23.93 27.83 -114.80
CA CYS YB 123 23.11 27.26 -113.74
C CYS YB 123 23.42 25.79 -113.60
N LYS YB 124 23.63 25.35 -112.36
CA LYS YB 124 23.84 23.93 -112.08
C LYS YB 124 22.50 23.23 -112.00
N VAL YB 125 22.52 21.91 -112.20
CA VAL YB 125 21.32 21.09 -112.15
C VAL YB 125 21.23 20.42 -110.78
N ARG YB 126 20.07 19.85 -110.49
CA ARG YB 126 19.89 19.13 -109.24
C ARG YB 126 19.34 17.72 -109.42
N LYS YB 127 18.49 17.49 -110.42
CA LYS YB 127 18.06 16.13 -110.73
C LYS YB 127 17.45 16.09 -112.12
N ILE YB 128 17.91 15.14 -112.93
CA ILE YB 128 17.27 14.82 -114.20
C ILE YB 128 16.03 13.99 -113.88
N PHE YB 129 14.87 14.46 -114.35
CA PHE YB 129 13.61 14.15 -113.70
C PHE YB 129 12.55 13.77 -114.74
N VAL YB 130 12.87 12.77 -115.57
CA VAL YB 130 11.91 12.29 -116.56
C VAL YB 130 10.56 12.06 -115.91
N GLY YB 131 9.53 12.74 -116.42
CA GLY YB 131 8.24 12.75 -115.78
C GLY YB 131 7.15 12.15 -116.64
N THR YB 132 5.92 12.64 -116.49
CA THR YB 132 4.80 12.03 -117.19
C THR YB 132 4.97 12.18 -118.70
N LYS YB 133 4.29 11.29 -119.44
CA LYS YB 133 4.31 11.28 -120.90
C LYS YB 133 5.71 11.05 -121.46
N GLY YB 134 6.57 10.37 -120.71
CA GLY YB 134 7.93 10.15 -121.18
C GLY YB 134 8.72 11.42 -121.42
N ILE YB 135 8.38 12.50 -120.72
CA ILE YB 135 8.96 13.81 -120.98
C ILE YB 135 10.15 13.99 -120.04
N PRO YB 136 11.36 14.17 -120.55
CA PRO YB 136 12.50 14.44 -119.68
C PRO YB 136 12.44 15.84 -119.08
N HIS YB 137 12.74 15.92 -117.79
CA HIS YB 137 12.66 17.16 -117.04
C HIS YB 137 13.97 17.38 -116.28
N LEU YB 138 14.30 18.66 -116.08
CA LEU YB 138 15.43 19.06 -115.27
C LEU YB 138 14.96 19.96 -114.13
N VAL YB 139 15.88 20.27 -113.23
CA VAL YB 139 15.72 21.33 -112.25
C VAL YB 139 17.07 22.00 -112.09
N THR YB 140 17.08 23.29 -111.85
CA THR YB 140 18.33 24.02 -111.73
C THR YB 140 18.43 24.70 -110.37
N HIS YB 141 19.46 25.51 -110.18
CA HIS YB 141 19.68 26.16 -108.90
C HIS YB 141 18.55 27.10 -108.56
N ASP YB 142 18.06 27.86 -109.55
CA ASP YB 142 16.99 28.82 -109.34
C ASP YB 142 15.61 28.24 -109.66
N ALA YB 143 15.48 26.92 -109.58
CA ALA YB 143 14.18 26.24 -109.62
C ALA YB 143 13.52 26.36 -110.99
N ARG YB 144 14.32 26.31 -112.05
CA ARG YB 144 13.79 26.31 -113.40
C ARG YB 144 13.61 24.86 -113.81
N THR YB 145 12.36 24.40 -113.88
CA THR YB 145 12.05 23.06 -114.35
C THR YB 145 12.01 23.10 -115.87
N ILE YB 146 13.13 22.80 -116.51
CA ILE YB 146 13.21 22.81 -117.96
C ILE YB 146 12.79 21.44 -118.48
N ARG YB 147 11.79 21.43 -119.35
CA ARG YB 147 11.43 20.22 -120.05
C ARG YB 147 12.40 19.98 -121.19
N TYR YB 148 12.49 18.72 -121.60
CA TYR YB 148 13.00 18.38 -122.92
C TYR YB 148 14.48 18.78 -123.10
N PRO YB 149 15.38 18.41 -122.19
CA PRO YB 149 16.77 18.83 -122.33
C PRO YB 149 17.53 17.89 -123.25
N ASP YB 150 18.79 18.22 -123.49
CA ASP YB 150 19.68 17.25 -124.11
C ASP YB 150 19.83 16.05 -123.18
N PRO YB 151 19.59 14.83 -123.66
CA PRO YB 151 19.63 13.68 -122.75
C PRO YB 151 20.97 13.45 -122.08
N LEU YB 152 22.07 13.93 -122.66
CA LEU YB 152 23.37 13.75 -122.04
C LEU YB 152 23.47 14.43 -120.68
N ILE YB 153 22.61 15.42 -120.40
CA ILE YB 153 22.62 16.10 -119.11
C ILE YB 153 22.32 15.09 -118.03
N LYS YB 154 23.24 14.92 -117.09
CA LYS YB 154 23.07 13.90 -116.06
C LYS YB 154 23.01 14.47 -114.64
N MET YB 155 24.06 15.18 -114.24
CA MET YB 155 24.14 15.63 -112.82
C MET YB 155 25.32 16.60 -112.67
N ASN YB 156 25.17 17.56 -111.75
CA ASN YB 156 26.27 18.46 -111.39
C ASN YB 156 26.73 19.31 -112.56
N ASP YB 157 26.00 19.29 -113.67
CA ASP YB 157 26.46 19.95 -114.88
C ASP YB 157 26.19 21.45 -114.80
N THR YB 158 26.64 22.16 -115.81
CA THR YB 158 26.37 23.58 -115.98
C THR YB 158 25.66 23.77 -117.30
N ILE YB 159 24.60 24.57 -117.29
CA ILE YB 159 23.83 24.88 -118.48
C ILE YB 159 23.99 26.36 -118.76
N GLN YB 160 23.65 26.75 -119.98
CA GLN YB 160 23.70 28.15 -120.40
C GLN YB 160 22.36 28.46 -121.05
N ILE YB 161 21.61 29.38 -120.43
CA ILE YB 161 20.26 29.70 -120.86
C ILE YB 161 20.22 31.15 -121.32
N ASP YB 162 19.56 31.38 -122.45
CA ASP YB 162 19.60 32.68 -123.11
C ASP YB 162 18.94 33.78 -122.31
N LEU YB 163 18.10 33.44 -121.33
CA LEU YB 163 17.36 34.41 -120.52
C LEU YB 163 16.27 35.14 -121.31
N GLU YB 164 15.77 34.51 -122.36
CA GLU YB 164 14.49 34.88 -122.96
C GLU YB 164 13.52 33.71 -123.01
N THR YB 165 14.03 32.50 -123.21
CA THR YB 165 13.19 31.31 -123.28
C THR YB 165 13.86 30.11 -122.63
N GLY YB 166 14.83 30.36 -121.76
CA GLY YB 166 15.58 29.25 -121.17
C GLY YB 166 16.27 28.49 -122.28
N LYS YB 167 15.83 27.26 -122.51
CA LYS YB 167 16.21 26.50 -123.70
C LYS YB 167 17.73 26.36 -123.79
N ILE YB 168 18.26 25.55 -122.89
CA ILE YB 168 19.69 25.34 -122.70
C ILE YB 168 20.44 25.23 -124.01
N THR YB 169 21.50 26.03 -124.14
CA THR YB 169 22.46 25.91 -125.22
C THR YB 169 23.85 25.82 -124.62
N ASP YB 170 24.72 25.02 -125.23
CA ASP YB 170 26.13 24.95 -124.87
C ASP YB 170 26.31 24.53 -123.40
N PHE YB 171 25.90 23.30 -123.12
CA PHE YB 171 26.12 22.71 -121.82
C PHE YB 171 27.56 22.22 -121.68
N ILE YB 172 28.02 22.12 -120.44
CA ILE YB 172 29.30 21.49 -120.13
C ILE YB 172 29.08 20.44 -119.05
N LYS YB 173 29.57 19.23 -119.30
CA LYS YB 173 29.44 18.10 -118.40
C LYS YB 173 30.33 18.28 -117.17
N PHE YB 174 29.99 17.58 -116.10
CA PHE YB 174 30.88 17.47 -114.95
C PHE YB 174 31.94 16.43 -115.26
N ASP YB 175 33.21 16.83 -115.20
CA ASP YB 175 34.32 15.92 -115.43
C ASP YB 175 35.38 16.21 -114.38
N THR YB 176 36.51 15.50 -114.45
CA THR YB 176 37.57 15.61 -113.47
C THR YB 176 38.78 16.34 -114.05
N GLY YB 177 38.54 17.24 -115.00
CA GLY YB 177 39.61 18.02 -115.57
C GLY YB 177 39.19 19.44 -115.90
N ASN YB 178 38.14 19.93 -115.26
CA ASN YB 178 37.49 21.17 -115.66
C ASN YB 178 37.49 22.16 -114.51
N LEU YB 179 37.41 23.44 -114.84
CA LEU YB 179 37.29 24.47 -113.82
C LEU YB 179 36.00 24.31 -113.03
N CYS YB 180 36.02 24.80 -111.80
CA CYS YB 180 34.86 24.76 -110.93
C CYS YB 180 35.07 25.77 -109.82
N MET YB 181 34.00 26.45 -109.43
CA MET YB 181 34.06 27.42 -108.34
C MET YB 181 33.23 26.90 -107.18
N VAL YB 182 33.77 27.05 -105.98
CA VAL YB 182 33.12 26.54 -104.78
C VAL YB 182 32.12 27.58 -104.29
N THR YB 183 30.90 27.15 -104.03
CA THR YB 183 29.86 28.00 -103.48
C THR YB 183 29.41 27.45 -102.14
N GLY YB 184 29.37 28.30 -101.13
CA GLY YB 184 28.98 27.89 -99.79
C GLY YB 184 30.09 27.16 -99.05
N GLY YB 185 30.10 27.33 -97.75
CA GLY YB 185 31.11 26.72 -96.91
C GLY YB 185 32.26 27.65 -96.62
N ALA YB 186 33.18 27.15 -95.79
CA ALA YB 186 34.33 27.97 -95.39
C ALA YB 186 35.21 28.32 -96.59
N ASN YB 187 35.25 27.46 -97.60
CA ASN YB 187 36.08 27.66 -98.78
C ASN YB 187 35.43 28.60 -99.78
N LEU YB 188 34.48 29.42 -99.34
CA LEU YB 188 33.59 30.14 -100.22
C LEU YB 188 34.32 31.07 -101.19
N GLY YB 189 34.24 30.75 -102.47
CA GLY YB 189 34.71 31.65 -103.50
C GLY YB 189 36.10 31.43 -104.03
N ARG YB 190 36.61 30.20 -103.98
CA ARG YB 190 37.88 29.91 -104.62
C ARG YB 190 37.64 29.24 -105.96
N ILE YB 191 38.70 29.16 -106.76
CA ILE YB 191 38.61 28.65 -108.12
C ILE YB 191 39.78 27.72 -108.39
N GLY YB 192 39.50 26.59 -109.02
CA GLY YB 192 40.57 25.68 -109.39
C GLY YB 192 40.01 24.48 -110.12
N VAL YB 193 40.91 23.68 -110.69
CA VAL YB 193 40.50 22.50 -111.43
C VAL YB 193 40.23 21.36 -110.43
N ILE YB 194 39.36 20.44 -110.81
CA ILE YB 194 38.83 19.45 -109.88
C ILE YB 194 39.91 18.44 -109.49
N THR YB 195 40.36 17.66 -110.47
CA THR YB 195 41.50 16.75 -110.36
C THR YB 195 41.17 15.51 -109.54
N ASN YB 196 40.05 15.51 -108.82
CA ASN YB 196 39.59 14.32 -108.08
C ASN YB 196 38.16 14.42 -107.61
N ARG YB 197 37.47 13.29 -107.50
CA ARG YB 197 36.22 13.21 -106.77
C ARG YB 197 36.18 11.85 -106.11
N GLU YB 198 36.52 11.80 -104.82
CA GLU YB 198 36.59 10.56 -104.07
C GLU YB 198 35.22 10.24 -103.51
N ARG YB 199 34.62 9.15 -104.00
CA ARG YB 199 33.24 8.84 -103.67
C ARG YB 199 33.12 8.34 -102.24
N HIS YB 200 31.93 8.45 -101.69
CA HIS YB 200 31.57 7.88 -100.39
C HIS YB 200 30.10 7.47 -100.46
N PRO YB 201 29.81 6.19 -100.73
CA PRO YB 201 28.42 5.75 -100.84
C PRO YB 201 27.70 5.88 -99.50
N GLY YB 202 26.68 6.72 -99.46
CA GLY YB 202 25.92 6.95 -98.26
C GLY YB 202 26.28 8.20 -97.49
N SER YB 203 27.11 9.08 -98.05
CA SER YB 203 27.49 10.30 -97.36
C SER YB 203 27.92 11.33 -98.39
N PHE YB 204 28.49 12.43 -97.90
CA PHE YB 204 28.83 13.56 -98.75
C PHE YB 204 30.09 13.25 -99.55
N ASP YB 205 29.98 13.32 -100.87
CA ASP YB 205 31.07 12.92 -101.76
C ASP YB 205 32.09 14.05 -101.84
N VAL YB 206 33.25 13.85 -101.24
CA VAL YB 206 34.24 14.91 -101.06
C VAL YB 206 35.00 15.13 -102.36
N VAL YB 207 35.04 16.37 -102.82
CA VAL YB 207 35.67 16.72 -104.08
C VAL YB 207 36.88 17.60 -103.79
N HIS YB 208 38.06 17.11 -104.13
CA HIS YB 208 39.27 17.92 -104.04
C HIS YB 208 39.34 18.87 -105.23
N VAL YB 209 40.15 19.92 -105.06
CA VAL YB 209 40.34 20.92 -106.12
C VAL YB 209 41.76 21.44 -106.03
N LYS YB 210 42.42 21.56 -107.17
CA LYS YB 210 43.73 22.20 -107.28
C LYS YB 210 43.56 23.51 -108.01
N ASP YB 211 44.22 24.56 -107.52
CA ASP YB 211 44.13 25.87 -108.13
C ASP YB 211 45.27 26.09 -109.12
N ALA YB 212 45.05 27.02 -110.05
CA ALA YB 212 46.09 27.41 -111.00
C ALA YB 212 47.27 28.08 -110.30
N ASN YB 213 47.08 28.57 -109.09
CA ASN YB 213 48.16 29.16 -108.31
C ASN YB 213 49.02 28.09 -107.66
N GLY YB 214 48.67 26.82 -107.83
CA GLY YB 214 49.41 25.73 -107.24
C GLY YB 214 48.86 25.22 -105.92
N ASN YB 215 47.97 25.98 -105.28
CA ASN YB 215 47.40 25.56 -104.01
C ASN YB 215 46.30 24.52 -104.25
N SER YB 216 45.85 23.90 -103.16
CA SER YB 216 44.85 22.85 -103.24
C SER YB 216 43.92 22.95 -102.04
N PHE YB 217 42.72 22.41 -102.21
CA PHE YB 217 41.76 22.30 -101.12
C PHE YB 217 40.77 21.19 -101.47
N ALA YB 218 39.68 21.12 -100.71
CA ALA YB 218 38.66 20.12 -100.96
C ALA YB 218 37.34 20.60 -100.37
N THR YB 219 36.25 20.15 -100.97
CA THR YB 219 34.90 20.46 -100.48
C THR YB 219 34.04 19.24 -100.72
N ARG YB 220 32.73 19.38 -100.52
CA ARG YB 220 31.76 18.35 -100.82
C ARG YB 220 31.10 18.67 -102.16
N LEU YB 221 30.56 17.62 -102.80
CA LEU YB 221 30.09 17.77 -104.17
C LEU YB 221 29.07 18.88 -104.31
N SER YB 222 28.26 19.09 -103.27
CA SER YB 222 27.23 20.12 -103.36
C SER YB 222 27.83 21.50 -103.59
N ASN YB 223 28.94 21.81 -102.91
CA ASN YB 223 29.53 23.12 -103.02
C ASN YB 223 30.24 23.36 -104.36
N ILE YB 224 30.40 22.34 -105.19
CA ILE YB 224 31.07 22.51 -106.47
C ILE YB 224 30.10 23.11 -107.48
N PHE YB 225 30.62 24.02 -108.32
CA PHE YB 225 29.85 24.62 -109.40
C PHE YB 225 30.80 24.84 -110.58
N VAL YB 226 30.45 24.27 -111.72
CA VAL YB 226 31.35 24.27 -112.88
C VAL YB 226 31.12 25.53 -113.69
N ILE YB 227 32.20 26.24 -114.03
CA ILE YB 227 32.09 27.51 -114.72
C ILE YB 227 32.93 27.57 -116.00
N GLY YB 228 33.17 26.44 -116.63
CA GLY YB 228 33.88 26.47 -117.90
C GLY YB 228 34.55 25.16 -118.22
N LYS YB 229 35.21 25.15 -119.37
CA LYS YB 229 35.92 23.99 -119.87
C LYS YB 229 37.42 24.17 -119.74
N GLY YB 230 38.11 23.06 -119.44
CA GLY YB 230 39.56 23.10 -119.34
C GLY YB 230 40.01 24.06 -118.28
N ASN YB 231 40.93 24.97 -118.66
CA ASN YB 231 41.39 26.02 -117.78
C ASN YB 231 40.83 27.39 -118.20
N LYS YB 232 39.82 27.39 -119.07
CA LYS YB 232 39.21 28.62 -119.55
C LYS YB 232 37.88 28.85 -118.89
N PRO YB 233 37.72 29.89 -118.07
CA PRO YB 233 36.40 30.22 -117.55
C PRO YB 233 35.59 30.99 -118.58
N TRP YB 234 34.31 30.65 -118.69
CA TRP YB 234 33.41 31.41 -119.56
C TRP YB 234 33.26 32.86 -119.14
N ILE YB 235 33.52 33.18 -117.88
CA ILE YB 235 33.19 34.49 -117.33
C ILE YB 235 34.48 35.15 -116.90
N SER YB 236 34.52 36.48 -117.05
CA SER YB 236 35.62 37.24 -116.47
C SER YB 236 35.51 37.25 -114.95
N LEU YB 237 36.64 37.23 -114.28
CA LEU YB 237 36.60 37.21 -112.84
C LEU YB 237 37.08 38.54 -112.27
N PRO YB 238 36.64 38.90 -111.06
CA PRO YB 238 37.07 40.17 -110.47
C PRO YB 238 38.55 40.17 -110.14
N ARG YB 239 39.03 41.27 -109.58
CA ARG YB 239 40.43 41.35 -109.15
C ARG YB 239 40.73 40.23 -108.18
N GLY YB 240 41.89 39.59 -108.36
CA GLY YB 240 42.24 38.41 -107.63
C GLY YB 240 41.83 37.11 -108.28
N LYS YB 241 40.93 37.15 -109.26
CA LYS YB 241 40.48 35.98 -110.01
C LYS YB 241 39.93 34.88 -109.11
N GLY YB 242 39.44 35.23 -107.92
CA GLY YB 242 38.96 34.22 -107.00
C GLY YB 242 40.04 33.36 -106.38
N ILE YB 243 41.28 33.84 -106.37
CA ILE YB 243 42.42 33.09 -105.84
C ILE YB 243 42.70 33.58 -104.44
N ARG YB 244 42.54 32.71 -103.45
CA ARG YB 244 42.65 33.14 -102.07
C ARG YB 244 44.09 33.53 -101.74
N LEU YB 245 44.22 34.63 -101.00
CA LEU YB 245 45.50 35.11 -100.52
C LEU YB 245 45.50 35.08 -98.99
N THR YB 246 46.58 34.58 -98.41
CA THR YB 246 46.68 34.55 -96.96
C THR YB 246 46.68 35.97 -96.40
N ILE YB 247 46.22 36.12 -95.16
CA ILE YB 247 46.14 37.43 -94.54
C ILE YB 247 47.50 38.10 -94.47
N ALA YB 248 48.58 37.31 -94.41
CA ALA YB 248 49.91 37.88 -94.53
C ALA YB 248 50.13 38.47 -95.91
N GLU YB 249 49.82 37.71 -96.96
CA GLU YB 249 49.96 38.21 -98.32
C GLU YB 249 49.03 39.38 -98.60
N GLU YB 250 47.79 39.30 -98.11
CA GLU YB 250 46.86 40.41 -98.29
C GLU YB 250 47.35 41.65 -97.57
N ARG YB 251 48.11 41.46 -96.48
CA ARG YB 251 48.71 42.60 -95.79
C ARG YB 251 49.68 43.36 -96.68
N ASP YB 252 50.50 42.63 -97.44
CA ASP YB 252 51.49 43.29 -98.30
C ASP YB 252 50.81 44.21 -99.31
N LYS YB 253 49.73 43.72 -99.93
CA LYS YB 253 49.04 44.50 -100.95
C LYS YB 253 48.48 45.79 -100.37
N ARG YB 254 48.01 45.75 -99.12
CA ARG YB 254 47.46 46.95 -98.51
C ARG YB 254 48.52 48.02 -98.34
N LEU YB 255 49.73 47.63 -97.93
CA LEU YB 255 50.74 48.61 -97.57
C LEU YB 255 51.37 49.26 -98.80
N ALA YB 256 51.49 48.51 -99.90
CA ALA YB 256 52.17 49.02 -101.08
C ALA YB 256 51.39 50.18 -101.70
N ALA YB 257 50.10 50.00 -101.92
CA ALA YB 257 49.31 51.02 -102.62
C ALA YB 257 49.08 52.25 -101.74
N LYS YB 258 49.47 52.19 -100.46
CA LYS YB 258 49.20 53.29 -99.55
C LYS YB 258 49.83 54.58 -100.04
N GLN YB 259 49.08 55.68 -99.91
CA GLN YB 259 49.54 57.00 -100.31
C GLN YB 259 49.93 57.04 -101.79
N SER YB 260 49.30 56.18 -102.59
CA SER YB 260 49.55 56.14 -104.01
C SER YB 260 48.31 56.36 -104.87
N SER YB 261 47.13 56.44 -104.27
CA SER YB 261 45.93 56.87 -104.97
C SER YB 261 45.13 57.93 -104.21
N GLY YB 262 45.45 58.15 -102.93
CA GLY YB 262 44.76 59.14 -102.11
C GLY YB 262 45.26 59.07 -100.68
N THR ZB 1 103.42 12.31 39.25
CA THR ZB 1 103.27 11.11 40.06
C THR ZB 1 103.84 11.35 41.45
N PRO ZB 2 103.01 11.88 42.36
CA PRO ZB 2 103.50 12.32 43.66
C PRO ZB 2 103.93 11.19 44.58
N ASP ZB 3 104.29 11.55 45.82
CA ASP ZB 3 104.81 10.57 46.77
C ASP ZB 3 103.80 9.45 47.00
N ILE ZB 4 102.51 9.80 47.07
CA ILE ZB 4 101.45 8.80 47.12
C ILE ZB 4 100.12 9.48 46.78
N LYS ZB 5 99.21 8.69 46.21
CA LYS ZB 5 97.89 9.18 45.81
C LYS ZB 5 97.05 9.42 47.06
N LEU ZB 6 96.51 10.62 47.19
CA LEU ZB 6 95.77 10.97 48.39
C LEU ZB 6 94.88 12.17 48.08
N PHE ZB 7 93.69 12.16 48.67
CA PHE ZB 7 92.81 13.33 48.65
C PHE ZB 7 93.16 14.36 49.72
N GLY ZB 8 94.09 14.03 50.62
CA GLY ZB 8 94.26 14.74 51.85
C GLY ZB 8 93.23 14.41 52.91
N LYS ZB 9 92.07 13.90 52.49
CA LYS ZB 9 90.99 13.44 53.36
C LYS ZB 9 90.68 11.96 53.20
N TRP ZB 10 90.50 11.47 51.98
CA TRP ZB 10 90.47 10.06 51.66
C TRP ZB 10 91.73 9.72 50.86
N SER ZB 11 91.87 8.45 50.51
CA SER ZB 11 92.94 8.01 49.63
C SER ZB 11 92.34 7.25 48.46
N THR ZB 12 92.91 7.47 47.28
CA THR ZB 12 92.34 6.92 46.05
C THR ZB 12 92.60 5.42 45.90
N ASP ZB 13 93.77 4.95 46.31
CA ASP ZB 13 94.21 3.60 46.00
C ASP ZB 13 93.23 2.56 46.52
N ASP ZB 14 93.33 1.35 45.94
CA ASP ZB 14 92.49 0.21 46.30
C ASP ZB 14 91.01 0.54 46.11
N VAL ZB 15 90.67 1.00 44.92
CA VAL ZB 15 89.29 1.19 44.50
C VAL ZB 15 89.11 0.32 43.25
N GLN ZB 16 88.41 -0.80 43.39
CA GLN ZB 16 88.33 -1.80 42.36
C GLN ZB 16 87.04 -1.68 41.56
N ILE ZB 17 87.08 -2.17 40.33
CA ILE ZB 17 85.95 -2.13 39.42
C ILE ZB 17 85.44 -3.56 39.22
N ASN ZB 18 84.14 -3.76 39.43
CA ASN ZB 18 83.55 -5.09 39.38
C ASN ZB 18 83.16 -5.51 37.98
N ASP ZB 19 83.42 -4.69 36.98
CA ASP ZB 19 83.27 -5.08 35.59
C ASP ZB 19 84.60 -4.99 34.88
N ILE ZB 20 84.80 -5.87 33.89
CA ILE ZB 20 85.85 -5.63 32.93
C ILE ZB 20 85.39 -4.61 31.89
N SER ZB 21 84.11 -4.23 31.94
CA SER ZB 21 83.50 -3.37 30.94
C SER ZB 21 83.45 -1.90 31.32
N LEU ZB 22 83.99 -1.52 32.47
CA LEU ZB 22 83.87 -0.15 32.91
C LEU ZB 22 85.20 0.48 33.29
N GLN ZB 23 86.27 -0.29 33.35
CA GLN ZB 23 87.59 0.30 33.39
C GLN ZB 23 87.83 1.06 32.08
N ASP ZB 24 88.81 1.97 32.12
CA ASP ZB 24 89.17 2.83 30.99
C ASP ZB 24 88.07 3.89 30.83
N TYR ZB 25 86.99 3.76 31.59
CA TYR ZB 25 85.96 4.79 31.66
C TYR ZB 25 85.59 5.20 33.07
N ILE ZB 26 85.54 4.26 34.02
CA ILE ZB 26 85.46 4.64 35.43
C ILE ZB 26 86.88 4.97 35.87
N ALA ZB 27 87.25 6.25 35.76
CA ALA ZB 27 88.63 6.68 35.91
C ALA ZB 27 88.90 7.01 37.37
N VAL ZB 28 89.72 6.18 38.01
CA VAL ZB 28 90.15 6.46 39.38
C VAL ZB 28 91.66 6.57 39.50
N LYS ZB 29 92.44 5.93 38.64
CA LYS ZB 29 93.86 6.21 38.45
C LYS ZB 29 94.09 6.24 36.94
N GLU ZB 30 93.89 7.41 36.32
CA GLU ZB 30 94.12 7.54 34.88
C GLU ZB 30 95.61 7.40 34.61
N LYS ZB 31 96.38 8.35 35.11
CA LYS ZB 31 97.77 8.14 35.49
C LYS ZB 31 97.99 8.64 36.91
N TYR ZB 32 96.91 9.02 37.59
CA TYR ZB 32 96.96 9.77 38.83
C TYR ZB 32 95.55 9.87 39.38
N ALA ZB 33 95.41 10.58 40.50
CA ALA ZB 33 94.11 10.96 41.04
C ALA ZB 33 94.24 12.32 41.71
N LYS ZB 34 93.49 13.29 41.20
CA LYS ZB 34 93.67 14.68 41.60
C LYS ZB 34 93.32 14.88 43.07
N TYR ZB 35 94.09 15.75 43.73
CA TYR ZB 35 93.86 16.01 45.14
C TYR ZB 35 92.48 16.62 45.38
N LEU ZB 36 92.06 17.55 44.53
CA LEU ZB 36 90.80 18.24 44.73
C LEU ZB 36 90.02 18.15 43.43
N PRO ZB 37 88.75 17.74 43.46
CA PRO ZB 37 88.00 17.66 42.20
C PRO ZB 37 87.61 19.03 41.67
N HIS ZB 38 88.33 19.47 40.65
CA HIS ZB 38 87.96 20.69 39.94
C HIS ZB 38 88.78 20.72 38.67
N SER ZB 39 88.12 20.94 37.54
CA SER ZB 39 88.72 20.71 36.24
C SER ZB 39 89.87 21.68 35.97
N ALA ZB 40 90.53 21.46 34.84
CA ALA ZB 40 91.38 22.46 34.22
C ALA ZB 40 90.73 23.13 33.04
N GLY ZB 41 89.57 22.64 32.59
CA GLY ZB 41 88.84 23.22 31.49
C GLY ZB 41 89.23 22.72 30.12
N ARG ZB 42 90.13 21.74 30.02
CA ARG ZB 42 90.55 21.24 28.72
C ARG ZB 42 89.45 20.43 28.04
N TYR ZB 43 88.69 19.67 28.81
CA TYR ZB 43 87.95 18.52 28.32
C TYR ZB 43 86.81 18.94 27.40
N ALA ZB 44 86.08 17.93 26.92
CA ALA ZB 44 84.97 18.10 25.98
C ALA ZB 44 85.44 18.70 24.66
N ALA ZB 45 86.39 18.02 24.02
CA ALA ZB 45 86.91 18.40 22.71
C ALA ZB 45 86.65 17.34 21.65
N LYS ZB 46 86.99 16.09 21.94
CA LYS ZB 46 86.69 14.96 21.07
C LYS ZB 46 85.81 13.98 21.83
N ARG ZB 47 85.12 13.12 21.08
CA ARG ZB 47 84.05 12.32 21.67
C ARG ZB 47 84.54 11.44 22.82
N PHE ZB 48 85.82 11.11 22.89
CA PHE ZB 48 86.35 10.33 23.99
C PHE ZB 48 87.32 11.10 24.86
N ARG ZB 49 87.38 12.43 24.71
CA ARG ZB 49 88.04 13.25 25.73
C ARG ZB 49 87.22 13.26 27.01
N LYS ZB 50 85.96 12.85 26.94
CA LYS ZB 50 85.07 12.91 28.08
C LYS ZB 50 85.28 11.76 29.05
N ALA ZB 51 86.10 10.77 28.68
CA ALA ZB 51 86.38 9.64 29.54
C ALA ZB 51 87.77 9.71 30.15
N GLN ZB 52 88.29 10.91 30.39
CA GLN ZB 52 89.54 11.10 31.10
C GLN ZB 52 89.39 11.99 32.32
N CYS ZB 53 88.21 12.56 32.54
CA CYS ZB 53 87.95 13.23 33.79
C CYS ZB 53 87.74 12.21 34.90
N PRO ZB 54 88.09 12.55 36.13
CA PRO ZB 54 87.73 11.68 37.25
C PRO ZB 54 86.22 11.55 37.35
N ILE ZB 55 85.76 10.37 37.72
CA ILE ZB 55 84.31 10.14 37.83
C ILE ZB 55 83.72 11.10 38.86
N VAL ZB 56 84.48 11.39 39.92
CA VAL ZB 56 84.03 12.36 40.91
C VAL ZB 56 83.87 13.74 40.28
N GLU ZB 57 84.82 14.11 39.40
CA GLU ZB 57 84.74 15.41 38.75
C GLU ZB 57 83.49 15.54 37.90
N ARG ZB 58 83.19 14.53 37.10
CA ARG ZB 58 82.01 14.58 36.25
C ARG ZB 58 80.73 14.61 37.08
N LEU ZB 59 80.69 13.84 38.17
CA LEU ZB 59 79.55 13.91 39.06
C LEU ZB 59 79.44 15.28 39.71
N THR ZB 60 80.58 15.90 40.03
CA THR ZB 60 80.57 17.29 40.47
C THR ZB 60 79.95 18.19 39.41
N ASN ZB 61 80.23 17.90 38.14
CA ASN ZB 61 79.73 18.74 37.06
C ASN ZB 61 78.24 18.55 36.83
N SER ZB 62 77.69 17.40 37.22
CA SER ZB 62 76.29 17.15 36.93
C SER ZB 62 75.36 17.51 38.08
N MET ZB 63 75.87 18.08 39.18
CA MET ZB 63 75.00 18.51 40.26
C MET ZB 63 74.37 19.87 39.98
N MET ZB 64 74.86 20.59 38.98
CA MET ZB 64 74.32 21.89 38.61
C MET ZB 64 73.17 21.68 37.63
N MET ZB 65 71.95 22.02 38.03
CA MET ZB 65 70.84 21.78 37.13
C MET ZB 65 69.61 22.58 37.54
N HIS ZB 66 68.71 22.75 36.56
CA HIS ZB 66 67.36 23.28 36.74
C HIS ZB 66 67.35 24.73 37.21
N GLY ZB 67 67.95 25.59 36.39
CA GLY ZB 67 67.74 27.02 36.50
C GLY ZB 67 68.62 27.74 37.48
N ARG ZB 68 68.09 28.00 38.68
CA ARG ZB 68 68.76 28.86 39.65
C ARG ZB 68 70.15 28.35 40.01
N ASN ZB 69 70.37 27.04 39.95
CA ASN ZB 69 71.63 26.47 40.40
C ASN ZB 69 72.74 26.53 39.37
N ASN ZB 70 72.42 26.87 38.13
CA ASN ZB 70 73.32 26.60 37.02
C ASN ZB 70 74.56 27.47 37.07
N GLY ZB 71 75.71 26.86 36.79
CA GLY ZB 71 76.96 27.59 36.74
C GLY ZB 71 77.71 27.70 38.05
N LYS ZB 72 77.14 27.25 39.16
CA LYS ZB 72 77.78 27.36 40.48
C LYS ZB 72 78.49 26.05 40.77
N LYS ZB 73 79.80 25.99 40.49
CA LYS ZB 73 80.56 24.77 40.69
C LYS ZB 73 81.12 24.63 42.09
N LEU ZB 74 81.68 25.70 42.65
CA LEU ZB 74 82.25 25.61 44.00
C LEU ZB 74 81.21 25.23 45.04
N MET ZB 75 79.92 25.47 44.75
CA MET ZB 75 78.88 25.03 45.66
C MET ZB 75 78.73 23.52 45.61
N THR ZB 76 78.90 22.91 44.43
CA THR ZB 76 78.82 21.47 44.32
C THR ZB 76 80.03 20.80 44.96
N VAL ZB 77 81.23 21.34 44.71
CA VAL ZB 77 82.43 20.82 45.33
C VAL ZB 77 82.23 20.66 46.83
N ARG ZB 78 81.57 21.64 47.44
CA ARG ZB 78 81.23 21.56 48.85
C ARG ZB 78 80.31 20.37 49.13
N ILE ZB 79 79.31 20.16 48.28
CA ILE ZB 79 78.36 19.08 48.51
C ILE ZB 79 79.04 17.72 48.37
N VAL ZB 80 79.81 17.54 47.30
CA VAL ZB 80 80.37 16.23 47.01
C VAL ZB 80 81.32 15.79 48.11
N LYS ZB 81 82.21 16.68 48.54
CA LYS ZB 81 83.17 16.32 49.58
C LYS ZB 81 82.48 16.00 50.89
N HIS ZB 82 81.46 16.77 51.26
CA HIS ZB 82 80.67 16.43 52.43
C HIS ZB 82 79.90 15.12 52.22
N ALA ZB 83 79.34 14.94 51.03
CA ALA ZB 83 78.53 13.75 50.79
C ALA ZB 83 79.35 12.47 50.91
N PHE ZB 84 80.66 12.56 50.72
CA PHE ZB 84 81.50 11.37 50.89
C PHE ZB 84 81.81 11.11 52.36
N GLU ZB 85 81.87 12.15 53.18
CA GLU ZB 85 81.98 11.89 54.62
C GLU ZB 85 80.77 11.13 55.12
N ILE ZB 86 79.57 11.51 54.67
CA ILE ZB 86 78.35 10.88 55.15
C ILE ZB 86 78.32 9.41 54.78
N ILE ZB 87 78.68 9.08 53.55
CA ILE ZB 87 78.68 7.68 53.13
C ILE ZB 87 79.67 6.87 53.95
N HIS ZB 88 80.85 7.44 54.20
CA HIS ZB 88 81.86 6.73 54.99
C HIS ZB 88 81.40 6.51 56.42
N LEU ZB 89 80.40 7.24 56.87
CA LEU ZB 89 79.91 7.06 58.23
C LEU ZB 89 78.87 5.96 58.30
N LEU ZB 90 77.93 5.94 57.37
CA LEU ZB 90 76.87 4.93 57.42
C LEU ZB 90 77.43 3.52 57.20
N THR ZB 91 78.33 3.36 56.22
CA THR ZB 91 78.69 2.04 55.76
C THR ZB 91 80.18 1.71 55.88
N GLY ZB 92 81.06 2.70 56.01
CA GLY ZB 92 82.46 2.37 56.09
C GLY ZB 92 83.26 2.64 54.84
N GLU ZB 93 83.46 1.60 54.02
CA GLU ZB 93 84.45 1.59 52.95
C GLU ZB 93 84.45 2.88 52.14
N ASN ZB 94 85.65 3.24 51.64
CA ASN ZB 94 85.92 4.45 50.90
C ASN ZB 94 84.80 4.73 49.90
N PRO ZB 95 84.11 5.88 50.00
CA PRO ZB 95 82.92 6.11 49.17
C PRO ZB 95 83.16 5.95 47.68
N LEU ZB 96 84.40 6.07 47.22
CA LEU ZB 96 84.71 5.69 45.84
C LEU ZB 96 84.23 4.27 45.58
N GLN ZB 97 84.60 3.33 46.44
CA GLN ZB 97 84.08 1.97 46.33
C GLN ZB 97 82.57 1.94 46.42
N VAL ZB 98 81.98 2.84 47.21
CA VAL ZB 98 80.52 2.95 47.23
C VAL ZB 98 80.03 3.52 45.91
N LEU ZB 99 80.62 4.64 45.49
CA LEU ZB 99 80.20 5.28 44.24
C LEU ZB 99 80.45 4.38 43.04
N VAL ZB 100 81.63 3.75 42.99
CA VAL ZB 100 81.95 2.87 41.87
C VAL ZB 100 80.94 1.75 41.75
N ASN ZB 101 80.67 1.06 42.86
CA ASN ZB 101 79.66 0.01 42.83
C ASN ZB 101 78.24 0.58 42.76
N ALA ZB 102 78.11 1.91 42.88
CA ALA ZB 102 76.79 2.53 42.72
C ALA ZB 102 76.54 2.95 41.28
N ILE ZB 103 77.50 3.65 40.67
CA ILE ZB 103 77.33 4.10 39.29
C ILE ZB 103 77.28 2.91 38.32
N ILE ZB 104 77.88 1.78 38.69
CA ILE ZB 104 77.65 0.54 37.94
C ILE ZB 104 76.20 0.11 38.06
N ASN ZB 105 75.62 0.22 39.25
CA ASN ZB 105 74.34 -0.37 39.54
C ASN ZB 105 73.15 0.45 39.04
N SER ZB 106 73.39 1.55 38.33
CA SER ZB 106 72.29 2.39 37.87
C SER ZB 106 72.26 2.55 36.35
N GLY ZB 107 73.26 2.06 35.64
CA GLY ZB 107 73.26 2.13 34.21
C GLY ZB 107 72.68 0.88 33.58
N PRO ZB 108 71.65 1.05 32.75
CA PRO ZB 108 71.00 -0.10 32.12
C PRO ZB 108 71.94 -0.85 31.18
N ARG ZB 109 71.69 -2.15 31.06
CA ARG ZB 109 72.36 -3.00 30.10
C ARG ZB 109 71.79 -2.88 28.70
N GLU ZB 110 70.66 -2.20 28.55
CA GLU ZB 110 69.96 -2.17 27.27
C GLU ZB 110 69.13 -0.90 27.19
N ASP ZB 111 68.65 -0.62 25.98
CA ASP ZB 111 67.70 0.45 25.75
C ASP ZB 111 66.80 0.05 24.60
N SER ZB 112 65.67 0.75 24.47
CA SER ZB 112 64.70 0.54 23.40
C SER ZB 112 64.83 1.69 22.42
N THR ZB 113 65.49 1.45 21.29
CA THR ZB 113 65.72 2.50 20.32
C THR ZB 113 64.76 2.37 19.15
N ARG ZB 114 64.33 3.50 18.60
CA ARG ZB 114 63.48 3.49 17.42
C ARG ZB 114 64.27 2.97 16.23
N ILE ZB 115 63.62 2.13 15.41
CA ILE ZB 115 64.20 1.62 14.18
C ILE ZB 115 63.06 1.01 13.38
N GLY ZB 116 63.26 0.87 12.07
CA GLY ZB 116 62.26 0.18 11.27
C GLY ZB 116 62.20 -1.30 11.53
N ARG ZB 117 61.05 -1.79 12.01
CA ARG ZB 117 60.88 -3.22 12.25
C ARG ZB 117 59.64 -3.79 11.58
N ALA ZB 118 58.55 -3.03 11.57
CA ALA ZB 118 57.23 -3.52 11.14
C ALA ZB 118 56.56 -2.54 10.20
N GLY ZB 119 57.31 -2.07 9.20
CA GLY ZB 119 56.78 -1.09 8.26
C GLY ZB 119 56.94 0.32 8.78
N THR ZB 120 56.15 0.68 9.78
CA THR ZB 120 56.40 1.92 10.49
C THR ZB 120 57.65 1.77 11.35
N VAL ZB 121 58.19 2.92 11.76
CA VAL ZB 121 59.39 2.94 12.59
C VAL ZB 121 59.01 2.39 13.97
N ARG ZB 122 59.40 1.16 14.25
CA ARG ZB 122 59.10 0.49 15.49
C ARG ZB 122 60.21 0.76 16.50
N ARG ZB 123 60.17 0.02 17.61
CA ARG ZB 123 61.25 0.01 18.58
C ARG ZB 123 61.82 -1.40 18.69
N GLN ZB 124 63.10 -1.54 18.41
CA GLN ZB 124 63.81 -2.79 18.63
C GLN ZB 124 64.78 -2.60 19.79
N ALA ZB 125 64.71 -3.50 20.76
CA ALA ZB 125 65.66 -3.47 21.86
C ALA ZB 125 67.07 -3.52 21.30
N VAL ZB 126 67.95 -2.70 21.86
CA VAL ZB 126 69.31 -2.57 21.39
C VAL ZB 126 70.24 -2.66 22.59
N ASP ZB 127 71.54 -2.51 22.31
CA ASP ZB 127 72.59 -2.65 23.29
C ASP ZB 127 73.17 -1.26 23.55
N VAL ZB 128 73.80 -1.08 24.71
CA VAL ZB 128 74.34 0.22 25.11
C VAL ZB 128 75.84 0.08 25.33
N SER ZB 129 76.60 0.98 24.71
CA SER ZB 129 78.03 0.96 24.85
C SER ZB 129 78.42 1.42 26.25
N PRO ZB 130 79.66 1.12 26.68
CA PRO ZB 130 80.05 1.47 28.06
C PRO ZB 130 79.90 2.94 28.40
N LEU ZB 131 80.23 3.84 27.46
CA LEU ZB 131 80.14 5.26 27.78
C LEU ZB 131 78.70 5.68 28.02
N ARG ZB 132 77.76 5.16 27.24
CA ARG ZB 132 76.37 5.54 27.43
C ARG ZB 132 75.80 4.94 28.72
N ARG ZB 133 76.47 3.93 29.29
CA ARG ZB 133 75.95 3.34 30.52
C ARG ZB 133 76.46 4.07 31.74
N VAL ZB 134 77.70 4.57 31.70
CA VAL ZB 134 78.18 5.41 32.78
C VAL ZB 134 77.51 6.78 32.72
N ASN ZB 135 77.27 7.28 31.51
CA ASN ZB 135 76.68 8.61 31.36
C ASN ZB 135 75.22 8.63 31.78
N GLN ZB 136 74.49 7.56 31.52
CA GLN ZB 136 73.08 7.51 31.93
C GLN ZB 136 72.95 7.56 33.43
N ALA ZB 137 73.66 6.68 34.13
CA ALA ZB 137 73.52 6.57 35.58
C ALA ZB 137 73.92 7.87 36.26
N ILE ZB 138 75.02 8.48 35.83
CA ILE ZB 138 75.56 9.65 36.53
C ILE ZB 138 74.55 10.79 36.52
N TRP ZB 139 73.84 11.00 35.41
CA TRP ZB 139 72.80 12.02 35.44
C TRP ZB 139 71.49 11.43 35.97
N LEU ZB 140 71.37 10.11 36.02
CA LEU ZB 140 70.16 9.52 36.57
C LEU ZB 140 70.15 9.63 38.10
N LEU ZB 141 71.30 9.43 38.73
CA LEU ZB 141 71.36 9.52 40.18
C LEU ZB 141 71.18 10.95 40.67
N CYS ZB 142 71.73 11.92 39.93
CA CYS ZB 142 71.45 13.31 40.28
C CYS ZB 142 69.96 13.59 40.23
N THR ZB 143 69.26 13.01 39.26
CA THR ZB 143 67.83 13.23 39.15
C THR ZB 143 67.09 12.74 40.39
N GLY ZB 144 67.49 11.61 40.93
CA GLY ZB 144 66.93 11.17 42.19
C GLY ZB 144 67.24 12.13 43.32
N ALA ZB 145 68.50 12.58 43.40
CA ALA ZB 145 68.89 13.49 44.46
C ALA ZB 145 68.15 14.82 44.35
N ARG ZB 146 68.12 15.41 43.14
CA ARG ZB 146 67.43 16.68 42.96
C ARG ZB 146 65.95 16.56 43.25
N GLU ZB 147 65.33 15.47 42.80
CA GLU ZB 147 63.93 15.23 43.13
C GLU ZB 147 63.73 15.03 44.62
N ALA ZB 148 64.61 14.24 45.25
CA ALA ZB 148 64.41 13.90 46.66
C ALA ZB 148 64.49 15.13 47.55
N ALA ZB 149 65.54 15.92 47.41
CA ALA ZB 149 65.76 17.06 48.29
C ALA ZB 149 65.00 18.31 47.86
N PHE ZB 150 64.02 18.19 46.97
CA PHE ZB 150 63.33 19.38 46.50
C PHE ZB 150 62.38 19.93 47.53
N ARG ZB 151 61.81 19.08 48.39
CA ARG ZB 151 60.87 19.56 49.41
C ARG ZB 151 61.13 19.00 50.80
N ASN ZB 152 62.07 18.08 50.97
CA ASN ZB 152 62.38 17.58 52.29
C ASN ZB 152 63.19 18.62 53.08
N ILE ZB 153 63.22 18.41 54.39
CA ILE ZB 153 64.16 19.13 55.25
C ILE ZB 153 65.58 18.63 55.05
N LYS ZB 154 65.77 17.44 54.47
CA LYS ZB 154 67.08 16.82 54.45
C LYS ZB 154 68.11 17.68 53.74
N THR ZB 155 69.28 17.77 54.35
CA THR ZB 155 70.41 18.40 53.69
C THR ZB 155 70.80 17.62 52.45
N ILE ZB 156 71.40 18.30 51.49
CA ILE ZB 156 71.69 17.66 50.22
C ILE ZB 156 72.76 16.59 50.38
N ALA ZB 157 73.80 16.86 51.17
CA ALA ZB 157 74.82 15.87 51.40
C ALA ZB 157 74.24 14.64 52.07
N GLU ZB 158 73.06 14.77 52.68
CA GLU ZB 158 72.36 13.62 53.23
C GLU ZB 158 71.71 12.79 52.13
N CYS ZB 159 70.81 13.42 51.36
CA CYS ZB 159 70.02 12.68 50.38
C CYS ZB 159 70.88 12.07 49.28
N LEU ZB 160 71.86 12.82 48.79
CA LEU ZB 160 72.77 12.28 47.78
C LEU ZB 160 73.56 11.10 48.35
N ALA ZB 161 74.04 11.23 49.58
CA ALA ZB 161 74.71 10.12 50.23
C ALA ZB 161 73.75 8.96 50.47
N ASP ZB 162 72.55 9.27 50.96
CA ASP ZB 162 71.57 8.21 51.22
C ASP ZB 162 71.17 7.52 49.93
N GLU ZB 163 71.09 8.26 48.83
CA GLU ZB 163 70.67 7.67 47.57
C GLU ZB 163 71.77 6.78 46.99
N LEU ZB 164 73.01 7.27 46.98
CA LEU ZB 164 74.11 6.47 46.44
C LEU ZB 164 74.31 5.20 47.26
N ILE ZB 165 74.28 5.31 48.58
CA ILE ZB 165 74.62 4.17 49.42
C ILE ZB 165 73.60 3.06 49.24
N ASN ZB 166 72.38 3.40 48.81
CA ASN ZB 166 71.44 2.38 48.39
C ASN ZB 166 71.94 1.62 47.17
N ALA ZB 167 72.57 2.33 46.24
CA ALA ZB 167 72.86 1.74 44.94
C ALA ZB 167 73.94 0.68 45.03
N ALA ZB 168 74.98 0.92 45.82
CA ALA ZB 168 76.08 -0.05 45.93
C ALA ZB 168 75.57 -1.42 46.38
N LYS ZB 169 74.46 -1.44 47.10
CA LYS ZB 169 73.75 -2.67 47.44
C LYS ZB 169 72.35 -2.58 46.86
N GLY ZB 170 72.24 -2.15 45.61
CA GLY ZB 170 70.97 -1.82 45.00
C GLY ZB 170 69.91 -2.89 45.05
N SER ZB 171 68.75 -2.54 45.62
CA SER ZB 171 67.69 -3.50 45.91
C SER ZB 171 66.34 -2.93 45.51
N SER ZB 172 66.25 -2.33 44.32
CA SER ZB 172 65.04 -1.69 43.83
C SER ZB 172 64.58 -0.57 44.76
N ASN ZB 173 65.53 0.15 45.34
CA ASN ZB 173 65.22 1.20 46.31
C ASN ZB 173 65.64 2.59 45.86
N SER ZB 174 66.83 2.74 45.31
CA SER ZB 174 67.33 4.04 44.86
C SER ZB 174 66.69 4.38 43.52
N TYR ZB 175 66.25 5.63 43.39
CA TYR ZB 175 65.46 6.04 42.23
C TYR ZB 175 66.15 5.66 40.93
N ALA ZB 176 67.46 5.81 40.88
CA ALA ZB 176 68.20 5.42 39.68
C ALA ZB 176 68.04 3.93 39.41
N ILE ZB 177 68.16 3.11 40.45
CA ILE ZB 177 68.07 1.66 40.26
C ILE ZB 177 66.62 1.25 40.03
N LYS ZB 178 65.68 2.05 40.53
CA LYS ZB 178 64.28 1.82 40.21
C LYS ZB 178 64.04 2.00 38.71
N LYS ZB 179 64.69 3.00 38.12
CA LYS ZB 179 64.59 3.21 36.68
C LYS ZB 179 65.39 2.19 35.91
N LYS ZB 180 66.60 1.84 36.40
CA LYS ZB 180 67.51 1.01 35.62
C LYS ZB 180 66.84 -0.26 35.15
N ASP ZB 181 66.23 -1.00 36.08
CA ASP ZB 181 65.50 -2.20 35.67
C ASP ZB 181 64.32 -1.85 34.76
N GLU ZB 182 63.60 -0.76 35.06
CA GLU ZB 182 62.44 -0.42 34.25
C GLU ZB 182 62.83 -0.05 32.83
N LEU ZB 183 64.03 0.51 32.64
CA LEU ZB 183 64.53 0.67 31.28
C LEU ZB 183 64.75 -0.68 30.61
N GLU ZB 184 65.38 -1.62 31.32
CA GLU ZB 184 65.56 -2.95 30.75
C GLU ZB 184 64.24 -3.69 30.62
N ARG ZB 185 63.37 -3.58 31.63
CA ARG ZB 185 62.12 -4.34 31.62
C ARG ZB 185 61.29 -4.02 30.38
N VAL ZB 186 61.11 -2.73 30.09
CA VAL ZB 186 60.37 -2.35 28.89
C VAL ZB 186 61.15 -2.73 27.64
N ALA ZB 187 62.47 -2.65 27.71
CA ALA ZB 187 63.29 -3.01 26.55
C ALA ZB 187 63.10 -4.48 26.18
N LYS ZB 188 63.08 -5.36 27.16
CA LYS ZB 188 62.88 -6.78 26.87
C LYS ZB 188 61.43 -7.08 26.50
N SER ZB 189 60.51 -6.20 26.85
CA SER ZB 189 59.11 -6.40 26.52
C SER ZB 189 58.84 -6.25 25.03
N ASN ZB 190 59.66 -5.49 24.30
CA ASN ZB 190 59.49 -5.30 22.87
C ASN ZB 190 60.81 -5.53 22.15
N ARG ZB 191 60.76 -6.36 21.11
CA ARG ZB 191 61.95 -6.69 20.34
C ARG ZB 191 61.57 -6.90 18.88
N MET AC 1 -49.08 44.24 -76.46
CA MET AC 1 -47.68 44.41 -76.82
C MET AC 1 -47.53 45.17 -78.13
N LYS AC 2 -46.39 45.83 -78.31
CA LYS AC 2 -46.21 46.74 -79.43
C LYS AC 2 -46.01 45.96 -80.71
N LEU AC 3 -47.11 45.59 -81.36
CA LEU AC 3 -47.08 44.80 -82.59
C LEU AC 3 -46.43 45.61 -83.71
N ASN AC 4 -45.58 44.95 -84.49
CA ASN AC 4 -44.96 45.55 -85.67
C ASN AC 4 -45.57 44.89 -86.89
N ILE AC 5 -46.55 45.56 -87.48
CA ILE AC 5 -47.30 45.03 -88.62
C ILE AC 5 -46.89 45.80 -89.86
N SER AC 6 -46.46 45.07 -90.88
CA SER AC 6 -45.99 45.67 -92.12
C SER AC 6 -46.57 44.91 -93.30
N PHE AC 7 -46.72 45.60 -94.43
CA PHE AC 7 -47.51 45.12 -95.55
C PHE AC 7 -46.63 45.00 -96.79
N PRO AC 8 -46.29 43.80 -97.24
CA PRO AC 8 -45.43 43.68 -98.43
C PRO AC 8 -46.00 44.31 -99.69
N ALA AC 9 -47.31 44.26 -99.88
CA ALA AC 9 -47.89 44.80 -101.11
C ALA AC 9 -47.60 46.30 -101.25
N THR AC 10 -47.84 47.06 -100.20
CA THR AC 10 -47.46 48.48 -100.19
C THR AC 10 -46.02 48.69 -99.75
N GLY AC 11 -45.44 47.75 -99.02
CA GLY AC 11 -44.09 47.91 -98.53
C GLY AC 11 -43.99 48.82 -97.32
N CYS AC 12 -45.13 49.26 -96.79
CA CYS AC 12 -45.14 50.19 -95.68
C CYS AC 12 -45.18 49.43 -94.35
N GLN AC 13 -44.80 50.11 -93.29
CA GLN AC 13 -44.73 49.54 -91.96
C GLN AC 13 -45.39 50.48 -90.97
N LYS AC 14 -45.84 49.92 -89.84
CA LYS AC 14 -46.44 50.71 -88.79
C LYS AC 14 -46.25 49.99 -87.46
N LEU AC 15 -46.40 50.75 -86.37
CA LEU AC 15 -46.48 50.22 -85.03
C LEU AC 15 -47.91 50.30 -84.55
N ILE AC 16 -48.42 49.20 -84.00
CA ILE AC 16 -49.78 49.14 -83.48
C ILE AC 16 -49.71 48.68 -82.03
N GLU AC 17 -50.09 49.55 -81.11
CA GLU AC 17 -50.09 49.23 -79.69
C GLU AC 17 -51.49 48.77 -79.30
N VAL AC 18 -51.56 47.58 -78.70
CA VAL AC 18 -52.81 47.02 -78.22
C VAL AC 18 -52.62 46.64 -76.75
N ASP AC 19 -53.63 46.94 -75.93
CA ASP AC 19 -53.56 46.62 -74.51
C ASP AC 19 -54.82 45.92 -74.03
N ASP AC 20 -55.30 44.95 -74.79
CA ASP AC 20 -56.46 44.14 -74.42
C ASP AC 20 -56.17 42.69 -74.77
N GLU AC 21 -56.12 41.83 -73.75
CA GLU AC 21 -55.86 40.41 -73.95
C GLU AC 21 -56.88 39.75 -74.85
N ARG AC 22 -58.06 40.36 -74.99
CA ARG AC 22 -59.06 39.81 -75.91
C ARG AC 22 -58.53 39.76 -77.34
N LYS AC 23 -57.67 40.71 -77.70
CA LYS AC 23 -57.04 40.70 -79.01
C LYS AC 23 -55.92 39.67 -79.08
N LEU AC 24 -55.38 39.26 -77.93
CA LEU AC 24 -54.22 38.39 -77.90
C LEU AC 24 -54.56 36.93 -77.67
N ARG AC 25 -55.72 36.64 -77.06
CA ARG AC 25 -56.05 35.24 -76.75
C ARG AC 25 -56.06 34.38 -78.00
N THR AC 26 -56.33 34.98 -79.16
CA THR AC 26 -56.35 34.24 -80.41
C THR AC 26 -54.99 34.17 -81.08
N PHE AC 27 -53.95 34.77 -80.48
CA PHE AC 27 -52.59 34.68 -80.99
C PHE AC 27 -51.70 33.77 -80.16
N TYR AC 28 -52.25 33.06 -79.18
CA TYR AC 28 -51.42 32.31 -78.25
C TYR AC 28 -51.20 30.88 -78.71
N GLU AC 29 -50.07 30.31 -78.29
CA GLU AC 29 -49.68 28.94 -78.63
C GLU AC 29 -49.54 28.74 -80.14
N LYS AC 30 -49.15 29.80 -80.84
CA LYS AC 30 -48.91 29.76 -82.27
C LYS AC 30 -47.43 29.75 -82.54
N ARG AC 31 -46.99 28.84 -83.41
CA ARG AC 31 -45.60 28.82 -83.83
C ARG AC 31 -45.32 30.00 -84.74
N MET AC 32 -44.03 30.30 -84.91
CA MET AC 32 -43.67 31.30 -85.89
C MET AC 32 -43.92 30.78 -87.30
N ALA AC 33 -44.23 31.70 -88.21
CA ALA AC 33 -44.54 31.39 -89.61
C ALA AC 33 -45.82 30.56 -89.72
N THR AC 34 -46.80 30.88 -88.89
CA THR AC 34 -48.16 30.37 -89.04
C THR AC 34 -49.07 31.49 -89.52
N GLU AC 35 -50.09 31.11 -90.29
CA GLU AC 35 -50.98 32.08 -90.94
C GLU AC 35 -52.26 32.16 -90.10
N VAL AC 36 -52.37 33.22 -89.31
CA VAL AC 36 -53.51 33.42 -88.43
C VAL AC 36 -54.44 34.46 -89.04
N ALA AC 37 -55.74 34.17 -89.03
CA ALA AC 37 -56.74 35.09 -89.56
C ALA AC 37 -57.05 36.15 -88.52
N ALA AC 38 -56.39 37.31 -88.63
CA ALA AC 38 -56.59 38.39 -87.67
C ALA AC 38 -57.93 39.07 -87.98
N ASP AC 39 -58.96 38.70 -87.22
CA ASP AC 39 -60.29 39.27 -87.44
C ASP AC 39 -60.81 39.93 -86.17
N ALA AC 40 -60.53 39.33 -85.02
CA ALA AC 40 -60.96 39.88 -83.74
C ALA AC 40 -60.03 40.97 -83.22
N LEU AC 41 -58.99 41.31 -83.99
CA LEU AC 41 -58.05 42.35 -83.57
C LEU AC 41 -58.76 43.68 -83.42
N GLY AC 42 -59.84 43.89 -84.16
CA GLY AC 42 -60.60 45.11 -84.05
C GLY AC 42 -61.64 45.15 -85.16
N GLU AC 43 -62.52 46.15 -85.06
CA GLU AC 43 -63.54 46.33 -86.09
C GLU AC 43 -62.93 46.58 -87.47
N GLU AC 44 -61.76 47.23 -87.51
CA GLU AC 44 -61.08 47.53 -88.76
C GLU AC 44 -60.50 46.28 -89.41
N TRP AC 45 -59.91 45.38 -88.62
CA TRP AC 45 -59.25 44.19 -89.13
C TRP AC 45 -60.29 43.12 -89.41
N LYS AC 46 -61.00 43.28 -90.53
CA LYS AC 46 -62.00 42.31 -90.97
C LYS AC 46 -61.48 41.57 -92.19
N GLY AC 47 -61.57 40.24 -92.15
CA GLY AC 47 -61.15 39.42 -93.26
C GLY AC 47 -59.66 39.30 -93.45
N TYR AC 48 -58.87 39.83 -92.52
CA TYR AC 48 -57.42 39.81 -92.65
C TYR AC 48 -56.85 38.46 -92.25
N VAL AC 49 -55.67 38.15 -92.81
CA VAL AC 49 -54.82 37.07 -92.36
C VAL AC 49 -53.39 37.59 -92.36
N VAL AC 50 -52.65 37.26 -91.30
CA VAL AC 50 -51.26 37.67 -91.18
C VAL AC 50 -50.42 36.45 -90.79
N ARG AC 51 -49.13 36.52 -91.07
CA ARG AC 51 -48.20 35.47 -90.67
C ARG AC 51 -47.33 35.99 -89.55
N ILE AC 52 -47.30 35.24 -88.45
CA ILE AC 52 -46.79 35.74 -87.17
C ILE AC 52 -45.27 35.47 -87.14
N SER AC 53 -44.51 36.46 -87.58
CA SER AC 53 -43.05 36.28 -87.68
C SER AC 53 -42.41 36.09 -86.31
N GLY AC 54 -42.66 36.99 -85.38
CA GLY AC 54 -42.04 36.91 -84.06
C GLY AC 54 -41.08 38.06 -83.81
N GLY AC 55 -40.92 38.42 -82.53
CA GLY AC 55 -40.15 39.60 -82.18
C GLY AC 55 -39.27 39.48 -80.96
N ASN AC 56 -39.39 40.44 -80.03
CA ASN AC 56 -38.48 40.56 -78.90
C ASN AC 56 -39.21 40.26 -77.61
N ASP AC 57 -38.71 39.28 -76.86
CA ASP AC 57 -39.21 39.03 -75.53
C ASP AC 57 -38.69 40.13 -74.60
N LYS AC 58 -39.36 40.31 -73.47
CA LYS AC 58 -38.92 41.30 -72.49
C LYS AC 58 -37.50 41.01 -72.08
N GLN AC 59 -36.71 42.08 -71.88
CA GLN AC 59 -35.25 42.12 -71.82
C GLN AC 59 -34.65 42.13 -73.22
N GLY AC 60 -35.47 42.27 -74.27
CA GLY AC 60 -34.96 42.44 -75.61
C GLY AC 60 -34.39 41.20 -76.26
N PHE AC 61 -34.73 40.01 -75.80
CA PHE AC 61 -34.20 38.77 -76.36
C PHE AC 61 -35.02 38.35 -77.58
N PRO AC 62 -34.42 38.40 -78.77
CA PRO AC 62 -35.19 38.10 -79.98
C PRO AC 62 -35.65 36.66 -80.02
N MET AC 63 -36.80 36.45 -80.65
CA MET AC 63 -37.34 35.12 -80.85
C MET AC 63 -36.61 34.44 -82.00
N LYS AC 64 -36.07 33.26 -81.76
CA LYS AC 64 -35.38 32.51 -82.79
C LYS AC 64 -36.30 31.43 -83.31
N GLN AC 65 -36.57 31.46 -84.61
CA GLN AC 65 -37.30 30.37 -85.24
C GLN AC 65 -36.53 29.07 -85.09
N GLY AC 66 -37.22 28.02 -84.69
CA GLY AC 66 -36.60 26.72 -84.57
C GLY AC 66 -36.06 26.43 -83.19
N VAL AC 67 -36.82 26.79 -82.16
CA VAL AC 67 -36.51 26.43 -80.79
C VAL AC 67 -37.65 25.64 -80.14
N LEU AC 68 -38.89 26.05 -80.38
CA LEU AC 68 -40.08 25.32 -79.95
C LEU AC 68 -40.23 25.29 -78.42
N THR AC 69 -39.72 26.31 -77.76
CA THR AC 69 -39.80 26.38 -76.31
C THR AC 69 -40.70 27.54 -75.90
N HIS AC 70 -40.82 27.72 -74.59
CA HIS AC 70 -41.67 28.76 -74.03
C HIS AC 70 -40.86 29.84 -73.32
N GLY AC 71 -39.63 29.53 -72.90
CA GLY AC 71 -38.82 30.47 -72.16
C GLY AC 71 -37.56 30.81 -72.94
N ARG AC 72 -36.42 30.48 -72.36
CA ARG AC 72 -35.12 30.76 -72.96
C ARG AC 72 -34.19 29.56 -72.84
N VAL AC 73 -33.32 29.42 -73.83
CA VAL AC 73 -32.25 28.43 -73.82
C VAL AC 73 -30.99 29.06 -74.36
N ARG AC 74 -29.87 28.84 -73.69
CA ARG AC 74 -28.58 29.28 -74.19
C ARG AC 74 -28.20 28.39 -75.37
N LEU AC 75 -28.43 28.88 -76.57
CA LEU AC 75 -28.06 28.16 -77.77
C LEU AC 75 -26.60 28.40 -78.12
N LEU AC 76 -26.03 27.47 -78.88
CA LEU AC 76 -24.71 27.64 -79.45
C LEU AC 76 -24.89 28.02 -80.92
N LEU AC 77 -24.56 29.25 -81.25
CA LEU AC 77 -24.82 29.79 -82.58
C LEU AC 77 -23.55 29.83 -83.41
N SER AC 78 -23.72 29.69 -84.71
CA SER AC 78 -22.60 29.65 -85.64
C SER AC 78 -22.93 30.56 -86.81
N LYS AC 79 -21.92 30.78 -87.67
CA LYS AC 79 -22.14 31.61 -88.83
C LYS AC 79 -23.25 31.02 -89.68
N GLY AC 80 -24.21 31.86 -90.06
CA GLY AC 80 -25.30 31.45 -90.91
C GLY AC 80 -26.62 31.22 -90.20
N HIS AC 81 -26.65 31.18 -88.88
CA HIS AC 81 -27.93 31.08 -88.19
C HIS AC 81 -28.57 32.44 -88.00
N SER AC 82 -29.85 32.42 -87.64
CA SER AC 82 -30.54 33.62 -87.20
C SER AC 82 -30.14 33.96 -85.78
N CYS AC 83 -30.20 35.25 -85.46
CA CYS AC 83 -29.98 35.76 -84.10
C CYS AC 83 -28.51 35.70 -83.68
N TYR AC 84 -27.60 35.81 -84.65
CA TYR AC 84 -26.18 35.90 -84.34
C TYR AC 84 -25.47 36.47 -85.57
N ARG AC 85 -24.51 37.37 -85.33
CA ARG AC 85 -23.63 37.90 -86.36
C ARG AC 85 -22.19 37.70 -85.90
N PRO AC 86 -21.33 37.13 -86.75
CA PRO AC 86 -19.96 36.81 -86.30
C PRO AC 86 -19.05 38.03 -86.32
N ARG AC 87 -18.26 38.18 -85.26
CA ARG AC 87 -17.27 39.24 -85.17
C ARG AC 87 -15.91 38.82 -85.70
N ARG AC 88 -15.75 37.55 -86.06
CA ARG AC 88 -14.48 37.00 -86.48
C ARG AC 88 -14.76 35.70 -87.22
N THR AC 89 -14.05 35.48 -88.32
CA THR AC 89 -14.33 34.32 -89.15
C THR AC 89 -14.23 33.05 -88.32
N GLY AC 90 -15.24 32.19 -88.45
CA GLY AC 90 -15.29 31.00 -87.62
C GLY AC 90 -15.33 31.31 -86.14
N GLU AC 91 -16.43 31.88 -85.67
CA GLU AC 91 -16.60 32.18 -84.26
C GLU AC 91 -17.96 31.69 -83.81
N ARG AC 92 -17.99 30.61 -83.06
CA ARG AC 92 -19.21 30.17 -82.38
C ARG AC 92 -19.33 30.92 -81.07
N LYS AC 93 -20.51 31.42 -80.77
CA LYS AC 93 -20.77 32.13 -79.54
C LYS AC 93 -22.05 31.60 -78.92
N ARG AC 94 -22.14 31.69 -77.60
CA ARG AC 94 -23.29 31.19 -76.86
C ARG AC 94 -24.19 32.36 -76.48
N LYS AC 95 -25.44 32.33 -76.93
CA LYS AC 95 -26.39 33.40 -76.72
C LYS AC 95 -27.70 32.84 -76.20
N SER AC 96 -28.53 33.72 -75.65
CA SER AC 96 -29.86 33.34 -75.21
C SER AC 96 -30.89 33.85 -76.20
N VAL AC 97 -31.89 33.02 -76.50
CA VAL AC 97 -32.99 33.38 -77.36
C VAL AC 97 -34.29 32.83 -76.77
N ARG AC 98 -35.39 33.05 -77.47
CA ARG AC 98 -36.72 32.70 -76.98
C ARG AC 98 -37.42 31.80 -77.98
N GLY AC 99 -38.23 30.89 -77.46
CA GLY AC 99 -38.77 29.82 -78.26
C GLY AC 99 -39.79 30.27 -79.30
N CYS AC 100 -40.09 29.36 -80.21
CA CYS AC 100 -41.01 29.67 -81.30
C CYS AC 100 -42.44 29.87 -80.84
N ILE AC 101 -42.76 29.53 -79.61
CA ILE AC 101 -44.13 29.65 -79.12
C ILE AC 101 -44.39 31.10 -78.72
N VAL AC 102 -45.58 31.59 -79.04
CA VAL AC 102 -45.96 32.98 -78.80
C VAL AC 102 -46.92 33.03 -77.61
N ASP AC 103 -46.42 33.52 -76.47
CA ASP AC 103 -47.21 33.67 -75.25
C ASP AC 103 -47.08 35.08 -74.71
N ALA AC 104 -47.50 35.30 -73.47
CA ALA AC 104 -47.68 36.66 -72.95
C ALA AC 104 -46.43 37.26 -72.33
N ASN AC 105 -45.24 36.81 -72.71
CA ASN AC 105 -44.01 37.36 -72.17
C ASN AC 105 -43.30 38.33 -73.13
N LEU AC 106 -43.96 38.76 -74.20
CA LEU AC 106 -43.28 39.39 -75.32
C LEU AC 106 -43.59 40.88 -75.40
N SER AC 107 -42.54 41.68 -75.59
CA SER AC 107 -42.74 43.12 -75.71
C SER AC 107 -43.32 43.49 -77.06
N VAL AC 108 -42.92 42.80 -78.13
CA VAL AC 108 -43.48 43.02 -79.46
C VAL AC 108 -43.85 41.68 -80.06
N LEU AC 109 -44.76 41.72 -81.03
CA LEU AC 109 -45.07 40.58 -81.87
C LEU AC 109 -45.12 41.05 -83.32
N ASN AC 110 -44.57 40.23 -84.20
CA ASN AC 110 -44.36 40.63 -85.58
C ASN AC 110 -45.39 39.97 -86.47
N LEU AC 111 -46.02 40.76 -87.33
CA LEU AC 111 -47.00 40.28 -88.28
C LEU AC 111 -46.60 40.75 -89.66
N VAL AC 112 -46.71 39.87 -90.65
CA VAL AC 112 -46.63 40.25 -92.05
C VAL AC 112 -47.99 39.99 -92.67
N ILE AC 113 -48.56 41.01 -93.30
CA ILE AC 113 -49.91 40.90 -93.84
C ILE AC 113 -49.86 40.07 -95.12
N VAL AC 114 -50.47 38.90 -95.08
CA VAL AC 114 -50.43 37.96 -96.20
C VAL AC 114 -51.71 37.98 -97.01
N LYS AC 115 -52.87 37.88 -96.34
CA LYS AC 115 -54.16 37.80 -97.01
C LYS AC 115 -55.06 38.91 -96.49
N LYS AC 116 -55.32 39.90 -97.34
CA LYS AC 116 -56.11 41.06 -96.97
C LYS AC 116 -57.61 40.75 -97.01
N GLY AC 117 -58.38 41.58 -96.31
CA GLY AC 117 -59.82 41.45 -96.24
C GLY AC 117 -60.54 42.42 -97.14
N GLU AC 118 -61.60 43.03 -96.59
CA GLU AC 118 -62.41 43.99 -97.32
C GLU AC 118 -62.29 45.42 -96.81
N LYS AC 119 -61.36 45.69 -95.89
CA LYS AC 119 -61.27 47.00 -95.26
C LYS AC 119 -59.84 47.55 -95.35
N ASP AC 120 -59.70 48.82 -94.99
CA ASP AC 120 -58.49 49.59 -95.24
C ASP AC 120 -57.99 50.23 -93.95
N ILE AC 121 -56.71 50.59 -93.94
CA ILE AC 121 -56.05 51.15 -92.76
C ILE AC 121 -55.33 52.42 -93.19
N PRO AC 122 -55.43 53.51 -92.44
CA PRO AC 122 -54.67 54.72 -92.79
C PRO AC 122 -53.17 54.50 -92.63
N GLY AC 123 -52.41 55.14 -93.51
CA GLY AC 123 -50.96 55.06 -93.47
C GLY AC 123 -50.37 53.72 -93.82
N LEU AC 124 -51.16 52.68 -93.93
CA LEU AC 124 -50.63 51.34 -94.16
C LEU AC 124 -51.05 50.76 -95.50
N THR AC 125 -52.26 51.07 -95.98
CA THR AC 125 -52.68 50.63 -97.30
C THR AC 125 -53.10 51.79 -98.20
N ASP AC 126 -52.94 53.03 -97.74
CA ASP AC 126 -53.21 54.20 -98.55
C ASP AC 126 -51.94 54.95 -98.93
N THR AC 127 -50.77 54.35 -98.72
CA THR AC 127 -49.50 54.92 -99.14
C THR AC 127 -48.85 54.02 -100.18
N THR AC 128 -48.15 54.64 -101.12
CA THR AC 128 -47.40 53.92 -102.15
C THR AC 128 -45.92 54.19 -101.91
N VAL AC 129 -45.18 53.14 -101.57
CA VAL AC 129 -43.75 53.27 -101.30
C VAL AC 129 -42.99 52.63 -102.45
N PRO AC 130 -42.42 53.42 -103.37
CA PRO AC 130 -41.73 52.83 -104.52
C PRO AC 130 -40.48 52.07 -104.11
N ARG AC 131 -40.15 51.05 -104.91
CA ARG AC 131 -38.92 50.31 -104.71
C ARG AC 131 -37.72 51.21 -104.94
N ARG AC 132 -36.74 51.12 -104.03
CA ARG AC 132 -35.67 52.12 -104.01
C ARG AC 132 -34.86 52.11 -105.28
N LEU AC 133 -34.53 50.92 -105.80
CA LEU AC 133 -33.56 50.82 -106.88
C LEU AC 133 -34.11 50.07 -108.08
N GLY AC 134 -33.26 49.81 -109.06
CA GLY AC 134 -33.63 49.04 -110.22
C GLY AC 134 -32.74 47.83 -110.37
N PRO AC 135 -32.74 47.22 -111.55
CA PRO AC 135 -31.88 46.06 -111.79
C PRO AC 135 -30.46 46.47 -112.11
N LYS AC 136 -29.55 45.51 -111.97
CA LYS AC 136 -28.13 45.76 -112.19
C LYS AC 136 -27.45 44.78 -113.13
N ARG AC 137 -28.11 43.69 -113.52
CA ARG AC 137 -27.55 42.75 -114.46
C ARG AC 137 -28.49 42.60 -115.64
N ALA AC 138 -27.94 42.09 -116.75
CA ALA AC 138 -28.71 41.94 -117.98
C ALA AC 138 -29.83 40.92 -117.82
N SER AC 139 -29.58 39.84 -117.07
CA SER AC 139 -30.56 38.76 -116.96
C SER AC 139 -31.87 39.25 -116.34
N ARG AC 140 -31.79 39.99 -115.24
CA ARG AC 140 -33.01 40.42 -114.56
C ARG AC 140 -33.71 41.54 -115.32
N ILE AC 141 -32.95 42.51 -115.85
CA ILE AC 141 -33.57 43.60 -116.57
C ILE AC 141 -34.25 43.09 -117.85
N ARG AC 142 -33.65 42.08 -118.50
CA ARG AC 142 -34.32 41.47 -119.64
C ARG AC 142 -35.61 40.78 -119.22
N LYS AC 143 -35.64 40.22 -118.00
CA LYS AC 143 -36.88 39.66 -117.49
C LYS AC 143 -37.89 40.76 -117.19
N LEU AC 144 -37.41 41.93 -116.77
CA LEU AC 144 -38.31 42.98 -116.33
C LEU AC 144 -38.81 43.85 -117.49
N PHE AC 145 -38.35 43.61 -118.72
CA PHE AC 145 -38.81 44.37 -119.87
C PHE AC 145 -39.01 43.52 -121.11
N ASN AC 146 -38.92 42.19 -120.99
CA ASN AC 146 -39.31 41.26 -122.04
C ASN AC 146 -38.55 41.51 -123.34
N LEU AC 147 -37.25 41.29 -123.29
CA LEU AC 147 -36.40 41.37 -124.47
C LEU AC 147 -35.93 39.98 -124.89
N SER AC 148 -35.12 39.95 -125.95
CA SER AC 148 -34.45 38.75 -126.41
C SER AC 148 -32.96 39.03 -126.50
N LYS AC 149 -32.17 37.95 -126.64
CA LYS AC 149 -30.72 38.05 -126.53
C LYS AC 149 -30.16 39.10 -127.48
N GLU AC 150 -29.28 39.95 -126.96
CA GLU AC 150 -28.61 41.02 -127.69
C GLU AC 150 -29.62 41.84 -128.50
N ASP AC 151 -30.50 42.50 -127.76
CA ASP AC 151 -31.49 43.43 -128.30
C ASP AC 151 -31.48 44.73 -127.51
N ASP AC 152 -30.29 45.29 -127.32
CA ASP AC 152 -30.10 46.59 -126.66
C ASP AC 152 -30.60 46.55 -125.21
N VAL AC 153 -29.96 45.70 -124.43
CA VAL AC 153 -30.31 45.50 -123.02
C VAL AC 153 -30.00 46.75 -122.21
N ARG AC 154 -29.32 47.72 -122.82
CA ARG AC 154 -28.78 48.85 -122.09
C ARG AC 154 -29.80 49.96 -121.84
N GLN AC 155 -30.64 50.28 -122.82
CA GLN AC 155 -31.41 51.51 -122.76
C GLN AC 155 -32.62 51.43 -121.84
N TYR AC 156 -32.98 50.25 -121.35
CA TYR AC 156 -34.17 50.08 -120.52
C TYR AC 156 -33.92 50.35 -119.05
N VAL AC 157 -32.66 50.61 -118.65
CA VAL AC 157 -32.33 50.76 -117.24
C VAL AC 157 -33.03 51.99 -116.67
N VAL AC 158 -33.45 51.89 -115.40
CA VAL AC 158 -34.17 52.99 -114.77
C VAL AC 158 -33.20 53.85 -113.96
N ARG AC 159 -33.46 55.16 -113.94
CA ARG AC 159 -32.52 56.13 -113.40
C ARG AC 159 -33.13 56.83 -112.20
N LYS AC 160 -32.25 57.34 -111.32
CA LYS AC 160 -32.66 57.89 -110.03
C LYS AC 160 -32.39 59.40 -109.97
N PRO AC 161 -33.42 60.25 -110.04
CA PRO AC 161 -33.20 61.68 -109.85
C PRO AC 161 -32.68 61.98 -108.45
N LEU AC 162 -31.89 63.05 -108.33
CA LEU AC 162 -31.22 63.41 -107.08
C LEU AC 162 -31.53 64.86 -106.74
N ASN AC 163 -31.95 65.10 -105.49
CA ASN AC 163 -32.47 66.40 -105.08
C ASN AC 163 -31.88 66.88 -103.77
N LYS AC 164 -30.65 66.49 -103.46
CA LYS AC 164 -30.00 66.95 -102.23
C LYS AC 164 -28.54 67.28 -102.48
N GLU AC 165 -28.26 67.95 -103.60
CA GLU AC 165 -26.90 68.34 -103.96
C GLU AC 165 -26.73 69.84 -104.16
N GLY AC 166 -27.83 70.60 -104.22
CA GLY AC 166 -27.75 72.02 -104.50
C GLY AC 166 -27.57 72.37 -105.96
N LYS AC 167 -27.57 71.38 -106.84
CA LYS AC 167 -27.33 71.62 -108.26
C LYS AC 167 -28.42 70.94 -109.07
N LYS AC 168 -28.30 70.95 -110.39
CA LYS AC 168 -29.36 70.36 -111.21
C LYS AC 168 -29.48 68.87 -110.92
N PRO AC 169 -30.69 68.34 -110.79
CA PRO AC 169 -30.84 66.91 -110.50
C PRO AC 169 -30.25 66.02 -111.59
N ARG AC 170 -29.76 64.86 -111.18
CA ARG AC 170 -29.16 63.89 -112.09
C ARG AC 170 -29.95 62.60 -112.02
N THR AC 171 -30.32 62.06 -113.17
CA THR AC 171 -31.01 60.77 -113.26
C THR AC 171 -29.99 59.74 -113.75
N LYS AC 172 -29.23 59.18 -112.81
CA LYS AC 172 -28.20 58.23 -113.16
C LYS AC 172 -28.66 56.80 -112.95
N ALA AC 173 -28.02 55.89 -113.68
CA ALA AC 173 -28.32 54.46 -113.69
C ALA AC 173 -27.13 53.68 -113.15
N PRO AC 174 -27.38 52.56 -112.48
CA PRO AC 174 -26.27 51.78 -111.93
C PRO AC 174 -25.44 51.13 -113.03
N LYS AC 175 -24.17 50.89 -112.71
CA LYS AC 175 -23.30 50.13 -113.60
C LYS AC 175 -23.85 48.73 -113.78
N ILE AC 176 -23.85 48.25 -115.02
CA ILE AC 176 -24.49 46.98 -115.38
C ILE AC 176 -23.42 45.90 -115.42
N GLN AC 177 -23.70 44.77 -114.78
CA GLN AC 177 -22.84 43.59 -114.81
C GLN AC 177 -23.38 42.56 -115.78
N ARG AC 178 -22.54 41.56 -116.08
CA ARG AC 178 -22.88 40.47 -116.99
C ARG AC 178 -23.40 41.00 -118.32
N LEU AC 179 -22.75 42.03 -118.84
CA LEU AC 179 -23.12 42.63 -120.12
C LEU AC 179 -21.99 42.39 -121.11
N VAL AC 180 -22.33 42.00 -122.32
CA VAL AC 180 -21.33 41.68 -123.33
C VAL AC 180 -20.82 42.97 -123.97
N THR AC 181 -19.51 43.15 -123.94
CA THR AC 181 -18.85 44.37 -124.39
C THR AC 181 -17.70 44.00 -125.30
N PRO AC 182 -17.24 44.93 -126.13
CA PRO AC 182 -15.99 44.68 -126.89
C PRO AC 182 -14.80 44.34 -126.01
N ARG AC 183 -14.74 44.88 -124.80
CA ARG AC 183 -13.71 44.46 -123.86
C ARG AC 183 -13.83 42.97 -123.54
N VAL AC 184 -15.02 42.53 -123.14
CA VAL AC 184 -15.19 41.15 -122.72
C VAL AC 184 -14.92 40.19 -123.88
N LEU AC 185 -15.33 40.57 -125.09
CA LEU AC 185 -15.04 39.74 -126.25
C LEU AC 185 -13.55 39.55 -126.43
N GLN AC 186 -12.76 40.61 -126.20
CA GLN AC 186 -11.32 40.52 -126.45
C GLN AC 186 -10.67 39.45 -125.60
N HIS AC 187 -11.22 39.18 -124.42
CA HIS AC 187 -10.61 38.19 -123.54
C HIS AC 187 -10.77 36.77 -124.11
N LYS AC 188 -11.96 36.44 -124.58
CA LYS AC 188 -12.21 35.08 -125.04
C LYS AC 188 -11.33 34.71 -126.22
N ARG AC 189 -11.28 35.58 -127.23
CA ARG AC 189 -10.38 35.35 -128.35
C ARG AC 189 -8.92 35.30 -127.90
N ARG AC 190 -8.61 35.92 -126.77
CA ARG AC 190 -7.24 35.96 -126.28
C ARG AC 190 -6.84 34.66 -125.61
N ARG AC 191 -7.71 34.11 -124.75
CA ARG AC 191 -7.45 32.81 -124.16
C ARG AC 191 -7.33 31.74 -125.24
N ILE AC 192 -8.22 31.80 -126.24
CA ILE AC 192 -8.11 30.88 -127.37
C ILE AC 192 -6.83 31.14 -128.15
N ALA AC 193 -6.40 32.41 -128.20
CA ALA AC 193 -5.13 32.72 -128.84
C ALA AC 193 -3.97 32.05 -128.12
N LEU AC 194 -3.99 32.09 -126.79
CA LEU AC 194 -2.90 31.46 -126.04
C LEU AC 194 -2.97 29.94 -126.12
N LYS AC 195 -4.14 29.38 -126.40
CA LYS AC 195 -4.23 27.94 -126.65
C LYS AC 195 -3.44 27.57 -127.89
N LYS AC 196 -3.60 28.34 -128.97
CA LYS AC 196 -2.82 28.10 -130.19
C LYS AC 196 -1.34 28.26 -129.91
N GLN AC 197 -0.95 29.30 -129.17
CA GLN AC 197 0.45 29.48 -128.82
C GLN AC 197 0.95 28.32 -127.98
N ARG AC 198 0.13 27.85 -127.04
CA ARG AC 198 0.59 26.78 -126.16
C ARG AC 198 0.64 25.44 -126.88
N THR AC 199 -0.37 25.11 -127.67
CA THR AC 199 -0.33 23.84 -128.40
C THR AC 199 0.74 23.86 -129.47
N LYS AC 200 0.97 25.02 -130.09
CA LYS AC 200 2.03 25.12 -131.09
C LYS AC 200 3.39 24.84 -130.46
N LYS AC 201 3.62 25.41 -129.28
CA LYS AC 201 4.89 25.17 -128.60
C LYS AC 201 5.02 23.71 -128.20
N ASN AC 202 3.90 23.04 -127.97
CA ASN AC 202 3.94 21.60 -127.66
C ASN AC 202 4.50 20.83 -128.84
N LYS AC 203 4.12 21.21 -130.06
CA LYS AC 203 4.58 20.51 -131.25
C LYS AC 203 6.03 20.83 -131.56
N GLU AC 204 6.37 22.13 -131.58
CA GLU AC 204 7.67 22.56 -132.09
C GLU AC 204 8.81 22.05 -131.21
N GLU AC 205 8.64 22.13 -129.89
CA GLU AC 205 9.65 21.57 -128.99
C GLU AC 205 9.74 20.05 -129.13
N ALA AC 206 8.59 19.38 -129.30
CA ALA AC 206 8.61 17.92 -129.34
C ALA AC 206 9.43 17.40 -130.52
N ALA AC 207 9.20 17.96 -131.71
CA ALA AC 207 9.95 17.48 -132.88
C ALA AC 207 11.43 17.78 -132.75
N GLU AC 208 11.77 18.97 -132.26
CA GLU AC 208 13.17 19.36 -132.14
C GLU AC 208 13.95 18.39 -131.26
N TYR AC 209 13.33 17.97 -130.16
CA TYR AC 209 13.94 16.96 -129.31
C TYR AC 209 14.07 15.63 -130.03
N ALA AC 210 13.05 15.25 -130.81
CA ALA AC 210 13.13 13.99 -131.55
C ALA AC 210 14.31 13.99 -132.51
N LYS AC 211 14.56 15.12 -133.18
CA LYS AC 211 15.73 15.22 -134.05
C LYS AC 211 17.01 15.03 -133.25
N LEU AC 212 17.08 15.63 -132.06
CA LEU AC 212 18.22 15.41 -131.18
C LEU AC 212 18.33 13.94 -130.79
N LEU AC 213 17.20 13.30 -130.50
CA LEU AC 213 17.21 11.87 -130.19
C LEU AC 213 17.52 11.04 -131.43
N ALA AC 214 17.25 11.58 -132.62
CA ALA AC 214 17.41 10.79 -133.84
C ALA AC 214 18.85 10.37 -134.05
N LYS AC 215 19.78 11.34 -134.03
CA LYS AC 215 21.19 11.01 -134.16
C LYS AC 215 21.71 10.28 -132.93
N ARG AC 216 21.11 10.52 -131.77
CA ARG AC 216 21.51 9.82 -130.56
C ARG AC 216 21.11 8.36 -130.58
N MET AC 217 20.20 7.96 -131.48
CA MET AC 217 20.05 6.55 -131.80
C MET AC 217 21.12 6.09 -132.78
N LYS AC 218 21.58 6.99 -133.65
CA LYS AC 218 22.68 6.66 -134.55
C LYS AC 218 24.03 6.66 -133.84
N GLU AC 219 24.19 7.49 -132.80
CA GLU AC 219 25.39 7.44 -131.98
C GLU AC 219 25.45 6.21 -131.10
N ALA AC 220 24.40 5.38 -131.09
CA ALA AC 220 24.43 4.15 -130.32
C ALA AC 220 25.35 3.10 -130.94
N LYS AC 221 25.59 3.16 -132.25
CA LYS AC 221 26.46 2.19 -132.88
C LYS AC 221 27.89 2.26 -132.36
N GLU AC 222 28.31 3.44 -131.85
CA GLU AC 222 29.65 3.57 -131.32
C GLU AC 222 29.78 2.94 -129.95
N LYS AC 223 28.66 2.56 -129.35
CA LYS AC 223 28.70 1.62 -128.22
C LYS AC 223 28.96 0.21 -128.71
N ARG AC 224 28.52 -0.12 -129.93
CA ARG AC 224 28.66 -1.47 -130.44
C ARG AC 224 30.12 -1.80 -130.76
N GLN AC 225 30.81 -0.88 -131.44
CA GLN AC 225 32.19 -1.16 -131.84
C GLN AC 225 33.07 -1.45 -130.64
N GLU AC 226 32.81 -0.82 -129.50
CA GLU AC 226 33.51 -1.17 -128.27
C GLU AC 226 33.18 -2.60 -127.85
N GLN AC 227 31.90 -3.00 -127.96
CA GLN AC 227 31.53 -4.39 -127.71
C GLN AC 227 32.15 -5.30 -128.75
N ILE AC 228 32.28 -4.81 -130.00
CA ILE AC 228 33.01 -5.56 -131.02
C ILE AC 228 34.49 -5.63 -130.66
N ALA AC 229 35.03 -4.54 -130.12
CA ALA AC 229 36.45 -4.51 -129.76
C ALA AC 229 36.77 -5.55 -128.69
N LYS AC 230 35.92 -5.67 -127.68
CA LYS AC 230 36.17 -6.64 -126.61
C LYS AC 230 36.17 -8.06 -127.13
N ARG AC 231 35.22 -8.39 -128.02
CA ARG AC 231 35.14 -9.75 -128.55
C ARG AC 231 36.37 -10.12 -129.37
N ARG AC 232 36.83 -9.22 -130.24
CA ARG AC 232 37.97 -9.54 -131.09
C ARG AC 232 39.24 -9.73 -130.27
N ARG AC 233 39.48 -8.86 -129.28
CA ARG AC 233 40.71 -8.93 -128.52
C ARG AC 233 40.73 -10.12 -127.55
N LEU AC 234 39.57 -10.65 -127.18
CA LEU AC 234 39.53 -11.93 -126.49
C LEU AC 234 39.83 -13.09 -127.43
N SER AC 235 39.64 -12.89 -128.73
CA SER AC 235 39.90 -13.93 -129.71
C SER AC 235 41.35 -13.90 -130.20
N SER AC 236 41.98 -12.73 -130.22
CA SER AC 236 43.39 -12.61 -130.54
C SER AC 236 44.25 -12.47 -129.29
N LEU AC 237 43.67 -12.71 -128.11
CA LEU AC 237 44.41 -12.66 -126.87
C LEU AC 237 45.58 -13.63 -126.90
N GLY BC 1 -10.57 14.09 -78.99
CA GLY BC 1 -9.80 14.21 -77.76
C GLY BC 1 -8.63 13.27 -77.75
N ILE BC 2 -8.79 12.11 -78.40
CA ILE BC 2 -7.71 11.13 -78.47
C ILE BC 2 -6.54 11.71 -79.26
N SER BC 3 -5.33 11.35 -78.83
CA SER BC 3 -4.10 11.80 -79.48
C SER BC 3 -3.20 10.61 -79.73
N ARG BC 4 -2.44 10.67 -80.82
CA ARG BC 4 -1.47 9.63 -81.15
C ARG BC 4 -0.09 10.03 -80.64
N ASP BC 5 -0.04 10.30 -79.34
CA ASP BC 5 1.16 10.76 -78.68
C ASP BC 5 2.13 9.61 -78.44
N ASN BC 6 3.39 9.97 -78.26
CA ASN BC 6 4.35 9.06 -77.67
C ASN BC 6 4.78 9.51 -76.29
N TRP BC 7 4.19 10.59 -75.76
CA TRP BC 7 4.51 11.10 -74.44
C TRP BC 7 3.47 10.75 -73.39
N HIS BC 8 2.58 9.81 -73.67
CA HIS BC 8 1.65 9.36 -72.64
C HIS BC 8 1.91 7.93 -72.23
N LYS BC 9 3.10 7.40 -72.48
CA LYS BC 9 3.41 6.03 -72.10
C LYS BC 9 4.88 5.91 -71.72
N ARG BC 10 5.15 4.93 -70.88
CA ARG BC 10 6.44 4.81 -70.21
C ARG BC 10 7.56 4.62 -71.23
N ARG BC 11 8.79 4.83 -70.77
CA ARG BC 11 9.95 4.54 -71.60
C ARG BC 11 10.17 3.05 -71.67
N LYS BC 12 11.19 2.63 -72.41
CA LYS BC 12 11.60 1.23 -72.34
C LYS BC 12 12.18 0.91 -70.97
N THR BC 13 12.69 1.91 -70.28
CA THR BC 13 13.37 1.73 -69.01
C THR BC 13 12.41 1.81 -67.83
N GLY BC 14 11.12 1.52 -68.05
CA GLY BC 14 10.16 1.48 -66.97
C GLY BC 14 9.75 2.81 -66.41
N GLY BC 15 10.51 3.87 -66.65
CA GLY BC 15 10.22 5.15 -66.05
C GLY BC 15 9.00 5.81 -66.65
N LYS BC 16 8.56 6.88 -66.00
CA LYS BC 16 7.36 7.61 -66.40
C LYS BC 16 7.74 8.95 -67.00
N ARG BC 17 7.07 9.32 -68.10
CA ARG BC 17 7.37 10.54 -68.83
C ARG BC 17 6.40 11.63 -68.40
N LYS BC 18 6.89 12.57 -67.60
CA LYS BC 18 6.09 13.76 -67.33
C LYS BC 18 6.04 14.62 -68.58
N PRO BC 19 4.87 14.97 -69.08
CA PRO BC 19 4.79 15.76 -70.31
C PRO BC 19 5.21 17.19 -70.07
N TYR BC 20 5.64 17.84 -71.16
CA TYR BC 20 6.03 19.25 -71.10
C TYR BC 20 5.17 20.12 -71.99
N HIS BC 21 4.06 19.61 -72.52
CA HIS BC 21 3.11 20.43 -73.25
C HIS BC 21 1.74 19.79 -73.16
N LYS BC 22 0.71 20.60 -73.35
CA LYS BC 22 -0.63 20.05 -73.43
C LYS BC 22 -0.91 19.57 -74.85
N LYS BC 23 -1.99 18.81 -75.01
CA LYS BC 23 -2.27 18.10 -76.25
C LYS BC 23 -2.15 19.02 -77.45
N ARG BC 24 -1.67 18.48 -78.56
CA ARG BC 24 -1.28 19.28 -79.70
C ARG BC 24 -2.11 18.93 -80.93
N LYS BC 25 -2.40 19.95 -81.74
CA LYS BC 25 -3.23 19.75 -82.94
C LYS BC 25 -2.56 18.83 -83.94
N TYR BC 26 -1.27 18.99 -84.16
CA TYR BC 26 -0.57 18.28 -85.23
C TYR BC 26 -0.41 16.81 -84.96
N GLU BC 27 -1.09 16.29 -83.95
CA GLU BC 27 -1.06 14.88 -83.61
C GLU BC 27 -2.38 14.54 -82.92
N LEU BC 28 -3.27 13.88 -83.65
CA LEU BC 28 -4.68 13.80 -83.29
C LEU BC 28 -5.28 12.52 -83.85
N GLY BC 29 -6.39 12.11 -83.25
CA GLY BC 29 -7.12 10.95 -83.74
C GLY BC 29 -8.62 11.21 -83.70
N ARG BC 30 -9.34 10.45 -84.50
CA ARG BC 30 -10.79 10.53 -84.57
C ARG BC 30 -11.40 9.14 -84.43
N PRO BC 31 -12.63 9.05 -83.94
CA PRO BC 31 -13.27 7.74 -83.78
C PRO BC 31 -13.23 6.91 -85.06
N ALA BC 32 -13.27 5.59 -84.87
CA ALA BC 32 -13.17 4.66 -85.98
C ALA BC 32 -14.34 4.82 -86.94
N ALA BC 33 -14.04 4.76 -88.24
CA ALA BC 33 -15.07 4.78 -89.28
C ALA BC 33 -15.35 3.34 -89.68
N ASN BC 34 -15.87 2.58 -88.73
CA ASN BC 34 -16.10 1.15 -88.90
C ASN BC 34 -17.28 0.92 -89.84
N THR BC 35 -16.95 0.74 -91.12
CA THR BC 35 -17.94 0.73 -92.17
C THR BC 35 -18.58 -0.66 -92.32
N LYS BC 36 -19.91 -0.67 -92.43
CA LYS BC 36 -20.68 -1.89 -92.55
C LYS BC 36 -21.21 -2.03 -93.98
N ILE BC 37 -22.02 -3.05 -94.21
CA ILE BC 37 -22.63 -3.31 -95.51
C ILE BC 37 -24.01 -2.67 -95.55
N GLY BC 38 -24.29 -1.92 -96.60
CA GLY BC 38 -25.56 -1.26 -96.76
C GLY BC 38 -25.58 -0.33 -97.95
N PRO BC 39 -26.55 0.59 -97.99
CA PRO BC 39 -26.58 1.57 -99.07
C PRO BC 39 -25.36 2.46 -99.03
N ARG BC 40 -24.89 2.88 -100.20
CA ARG BC 40 -23.66 3.64 -100.26
C ARG BC 40 -23.80 4.95 -99.49
N ARG BC 41 -23.11 5.04 -98.36
CA ARG BC 41 -23.08 6.26 -97.56
C ARG BC 41 -21.64 6.54 -97.15
N ILE BC 42 -21.05 7.56 -97.76
CA ILE BC 42 -19.67 7.93 -97.52
C ILE BC 42 -19.67 9.39 -97.08
N HIS BC 43 -19.09 9.66 -95.93
CA HIS BC 43 -19.21 10.96 -95.29
C HIS BC 43 -17.82 11.59 -95.14
N THR BC 44 -17.78 12.91 -95.24
CA THR BC 44 -16.54 13.64 -95.51
C THR BC 44 -15.76 13.97 -94.25
N VAL BC 45 -14.44 14.08 -94.39
CA VAL BC 45 -13.54 14.54 -93.33
C VAL BC 45 -12.50 15.47 -93.93
N ARG BC 46 -12.22 16.58 -93.25
CA ARG BC 46 -11.10 17.43 -93.58
C ARG BC 46 -9.92 17.11 -92.67
N VAL BC 47 -8.71 17.13 -93.23
CA VAL BC 47 -7.51 16.74 -92.52
C VAL BC 47 -6.47 17.83 -92.64
N ARG BC 48 -5.29 17.56 -92.08
CA ARG BC 48 -4.23 18.55 -91.99
C ARG BC 48 -3.67 18.87 -93.37
N GLY BC 49 -3.57 20.16 -93.68
CA GLY BC 49 -3.02 20.58 -94.94
C GLY BC 49 -3.96 20.45 -96.12
N GLY BC 50 -5.26 20.57 -95.89
CA GLY BC 50 -6.18 20.30 -96.96
C GLY BC 50 -6.17 18.82 -97.31
N ASN BC 51 -6.34 18.52 -98.59
CA ASN BC 51 -6.43 17.15 -99.07
C ASN BC 51 -7.48 16.38 -98.29
N LYS BC 52 -8.70 16.87 -98.39
CA LYS BC 52 -9.83 16.36 -97.62
C LYS BC 52 -10.02 14.86 -97.85
N LYS BC 53 -10.23 14.14 -96.75
CA LYS BC 53 -10.43 12.70 -96.79
C LYS BC 53 -11.89 12.36 -97.05
N TYR BC 54 -12.12 11.16 -97.57
CA TYR BC 54 -13.45 10.61 -97.74
C TYR BC 54 -13.50 9.30 -96.99
N ARG BC 55 -14.34 9.25 -95.96
CA ARG BC 55 -14.46 8.06 -95.12
C ARG BC 55 -15.83 7.43 -95.33
N ALA BC 56 -15.86 6.11 -95.37
CA ALA BC 56 -17.07 5.36 -95.68
C ALA BC 56 -17.69 4.78 -94.43
N LEU BC 57 -19.01 4.79 -94.39
CA LEU BC 57 -19.75 4.18 -93.29
C LEU BC 57 -20.63 3.03 -93.72
N ARG BC 58 -21.11 3.03 -94.95
CA ARG BC 58 -21.92 1.92 -95.46
C ARG BC 58 -21.63 1.77 -96.94
N LEU BC 59 -21.06 0.63 -97.34
CA LEU BC 59 -20.66 0.40 -98.70
C LEU BC 59 -21.26 -0.91 -99.20
N ASP BC 60 -21.51 -0.98 -100.51
CA ASP BC 60 -21.97 -2.22 -101.10
C ASP BC 60 -21.27 -2.65 -102.38
N VAL BC 61 -20.72 -1.75 -103.19
CA VAL BC 61 -20.06 -2.12 -104.42
C VAL BC 61 -18.58 -1.79 -104.35
N GLY BC 62 -17.76 -2.69 -104.88
CA GLY BC 62 -16.32 -2.51 -104.85
C GLY BC 62 -15.68 -2.99 -106.13
N ASN BC 63 -14.45 -2.53 -106.38
CA ASN BC 63 -13.73 -2.81 -107.62
C ASN BC 63 -12.82 -4.03 -107.46
N PHE BC 64 -13.43 -5.16 -107.14
CA PHE BC 64 -12.68 -6.39 -106.89
C PHE BC 64 -12.11 -6.95 -108.18
N SER BC 65 -10.95 -7.59 -108.08
CA SER BC 65 -10.19 -8.03 -109.25
C SER BC 65 -10.02 -9.54 -109.24
N TRP BC 66 -9.88 -10.10 -110.44
CA TRP BC 66 -9.55 -11.50 -110.64
C TRP BC 66 -8.10 -11.57 -111.14
N GLY BC 67 -7.19 -11.99 -110.26
CA GLY BC 67 -5.78 -11.89 -110.54
C GLY BC 67 -5.26 -12.86 -111.58
N SER BC 68 -5.99 -13.94 -111.83
CA SER BC 68 -5.55 -14.95 -112.79
C SER BC 68 -6.04 -14.69 -114.20
N GLU BC 69 -6.77 -13.59 -114.43
CA GLU BC 69 -7.24 -13.24 -115.76
C GLU BC 69 -7.09 -11.77 -116.10
N CYS BC 70 -6.29 -11.02 -115.35
CA CYS BC 70 -6.00 -9.60 -115.60
C CYS BC 70 -7.26 -8.78 -115.89
N CYS BC 71 -8.39 -9.18 -115.30
CA CYS BC 71 -9.65 -8.46 -115.45
C CYS BC 71 -10.14 -8.07 -114.07
N THR BC 72 -10.80 -6.92 -113.98
CA THR BC 72 -11.40 -6.46 -112.74
C THR BC 72 -12.73 -5.77 -113.07
N ARG BC 73 -13.68 -5.85 -112.15
CA ARG BC 73 -15.00 -5.28 -112.36
C ARG BC 73 -15.53 -4.72 -111.05
N LYS BC 74 -16.53 -3.84 -111.18
CA LYS BC 74 -17.30 -3.42 -110.02
C LYS BC 74 -18.20 -4.57 -109.59
N THR BC 75 -18.37 -4.75 -108.28
CA THR BC 75 -19.07 -5.93 -107.81
C THR BC 75 -19.71 -5.68 -106.45
N ARG BC 76 -20.93 -6.20 -106.29
CA ARG BC 76 -21.77 -5.96 -105.13
C ARG BC 76 -21.45 -6.97 -104.03
N ILE BC 77 -20.76 -6.52 -102.98
CA ILE BC 77 -20.51 -7.35 -101.81
C ILE BC 77 -21.83 -7.84 -101.23
N ILE BC 78 -21.83 -9.06 -100.69
CA ILE BC 78 -23.00 -9.60 -100.04
C ILE BC 78 -22.71 -10.23 -98.67
N ASP BC 79 -21.46 -10.24 -98.22
CA ASP BC 79 -21.14 -10.91 -96.96
C ASP BC 79 -19.80 -10.44 -96.43
N VAL BC 80 -19.47 -10.93 -95.24
CA VAL BC 80 -18.14 -10.85 -94.65
C VAL BC 80 -17.94 -12.15 -93.89
N VAL BC 81 -16.78 -12.77 -94.05
CA VAL BC 81 -16.60 -14.12 -93.51
C VAL BC 81 -15.43 -14.26 -92.55
N TYR BC 82 -14.34 -13.51 -92.65
CA TYR BC 82 -13.17 -13.83 -91.84
C TYR BC 82 -12.26 -12.63 -91.74
N ASN BC 83 -11.90 -12.27 -90.51
CA ASN BC 83 -10.96 -11.19 -90.24
C ASN BC 83 -9.92 -11.71 -89.26
N ALA BC 84 -8.64 -11.56 -89.62
CA ALA BC 84 -7.56 -12.09 -88.80
C ALA BC 84 -7.26 -11.24 -87.58
N SER BC 85 -7.77 -10.01 -87.50
CA SER BC 85 -7.52 -9.17 -86.35
C SER BC 85 -8.45 -9.50 -85.19
N ASN BC 86 -9.75 -9.29 -85.40
CA ASN BC 86 -10.77 -9.50 -84.39
C ASN BC 86 -11.71 -10.61 -84.83
N ASN BC 87 -12.36 -11.22 -83.86
CA ASN BC 87 -13.49 -12.07 -84.18
C ASN BC 87 -14.77 -11.24 -84.23
N GLU BC 88 -14.92 -10.30 -83.30
CA GLU BC 88 -16.13 -9.48 -83.24
C GLU BC 88 -16.28 -8.58 -84.47
N LEU BC 89 -15.36 -8.66 -85.42
CA LEU BC 89 -15.49 -7.93 -86.68
C LEU BC 89 -15.97 -8.80 -87.82
N VAL BC 90 -16.43 -10.02 -87.55
CA VAL BC 90 -17.15 -10.80 -88.54
C VAL BC 90 -18.63 -10.89 -88.21
N ARG BC 91 -19.00 -10.92 -86.93
CA ARG BC 91 -20.41 -10.82 -86.57
C ARG BC 91 -20.99 -9.50 -87.03
N THR BC 92 -20.27 -8.41 -86.79
CA THR BC 92 -20.77 -7.07 -87.04
C THR BC 92 -20.91 -6.77 -88.52
N LYS BC 93 -20.43 -7.65 -89.39
CA LYS BC 93 -20.43 -7.43 -90.83
C LYS BC 93 -19.67 -6.16 -91.19
N THR BC 94 -18.60 -5.89 -90.44
CA THR BC 94 -17.79 -4.73 -90.70
C THR BC 94 -17.02 -4.89 -92.00
N LEU BC 95 -16.32 -3.84 -92.40
CA LEU BC 95 -15.48 -3.86 -93.58
C LEU BC 95 -14.20 -3.10 -93.27
N VAL BC 96 -13.06 -3.75 -93.43
CA VAL BC 96 -11.75 -3.17 -93.16
C VAL BC 96 -10.77 -3.82 -94.11
N LYS BC 97 -9.55 -3.29 -94.16
CA LYS BC 97 -8.55 -3.87 -95.04
C LYS BC 97 -8.23 -5.30 -94.60
N ASN BC 98 -8.02 -6.16 -95.60
CA ASN BC 98 -7.81 -7.60 -95.36
C ASN BC 98 -8.96 -8.19 -94.55
N CYS BC 99 -10.18 -7.99 -95.05
CA CYS BC 99 -11.37 -8.62 -94.51
C CYS BC 99 -12.06 -9.41 -95.61
N ILE BC 100 -12.10 -10.74 -95.43
CA ILE BC 100 -12.50 -11.65 -96.48
C ILE BC 100 -14.01 -11.57 -96.67
N VAL BC 101 -14.45 -11.13 -97.84
CA VAL BC 101 -15.86 -10.93 -98.12
C VAL BC 101 -16.30 -11.93 -99.19
N LEU BC 102 -17.59 -11.90 -99.51
CA LEU BC 102 -18.15 -12.68 -100.61
C LEU BC 102 -18.71 -11.73 -101.65
N ILE BC 103 -18.09 -11.70 -102.81
CA ILE BC 103 -18.48 -10.76 -103.86
C ILE BC 103 -19.41 -11.47 -104.84
N ASP BC 104 -20.21 -10.68 -105.55
CA ASP BC 104 -21.11 -11.23 -106.55
C ASP BC 104 -20.30 -11.71 -107.75
N SER BC 105 -20.52 -12.95 -108.16
CA SER BC 105 -19.81 -13.55 -109.27
C SER BC 105 -20.43 -13.26 -110.62
N THR BC 106 -21.50 -12.47 -110.66
CA THR BC 106 -22.20 -12.24 -111.92
C THR BC 106 -21.34 -11.57 -112.98
N PRO BC 107 -20.65 -10.45 -112.71
CA PRO BC 107 -19.84 -9.85 -113.79
C PRO BC 107 -18.72 -10.75 -114.27
N TYR BC 108 -18.10 -11.52 -113.38
CA TYR BC 108 -16.97 -12.35 -113.80
C TYR BC 108 -17.43 -13.54 -114.61
N ARG BC 109 -18.50 -14.22 -114.18
CA ARG BC 109 -19.03 -15.32 -114.98
C ARG BC 109 -19.48 -14.83 -116.35
N GLN BC 110 -20.24 -13.73 -116.38
CA GLN BC 110 -20.68 -13.15 -117.64
C GLN BC 110 -19.49 -12.87 -118.55
N TRP BC 111 -18.43 -12.28 -117.99
CA TRP BC 111 -17.23 -12.02 -118.77
C TRP BC 111 -16.59 -13.31 -119.26
N TYR BC 112 -16.51 -14.31 -118.39
CA TYR BC 112 -15.93 -15.59 -118.80
C TYR BC 112 -16.74 -16.21 -119.93
N GLU BC 113 -18.06 -16.18 -119.81
CA GLU BC 113 -18.92 -16.76 -120.84
C GLU BC 113 -18.87 -15.96 -122.14
N SER BC 114 -18.35 -14.74 -122.11
CA SER BC 114 -18.19 -13.94 -123.32
C SER BC 114 -16.78 -13.97 -123.86
N HIS BC 115 -15.79 -14.28 -123.03
CA HIS BC 115 -14.41 -14.31 -123.51
C HIS BC 115 -14.08 -15.64 -124.17
N TYR BC 116 -14.12 -16.73 -123.42
CA TYR BC 116 -13.78 -18.02 -123.97
C TYR BC 116 -14.97 -18.76 -124.55
N ALA BC 117 -16.20 -18.30 -124.28
CA ALA BC 117 -17.41 -18.98 -124.74
C ALA BC 117 -17.45 -20.43 -124.28
N LEU BC 118 -17.14 -20.64 -123.01
CA LEU BC 118 -17.35 -21.92 -122.34
C LEU BC 118 -18.30 -21.70 -121.19
N PRO BC 119 -19.42 -22.42 -121.13
CA PRO BC 119 -20.36 -22.25 -120.01
C PRO BC 119 -19.69 -22.45 -118.66
N LEU BC 120 -20.08 -21.64 -117.68
CA LEU BC 120 -19.61 -21.78 -116.31
C LEU BC 120 -20.74 -21.90 -115.30
N GLY BC 121 -21.99 -21.97 -115.75
CA GLY BC 121 -23.09 -22.24 -114.84
C GLY BC 121 -24.20 -23.03 -115.50
N ARG BC 122 -24.53 -24.19 -114.91
CA ARG BC 122 -25.60 -25.03 -115.44
C ARG BC 122 -26.09 -25.92 -114.31
N LYS BC 123 -27.30 -25.65 -113.82
CA LYS BC 123 -27.97 -26.55 -112.89
C LYS BC 123 -29.33 -26.98 -113.40
N LYS BC 124 -30.08 -26.07 -114.04
CA LYS BC 124 -31.37 -26.40 -114.63
C LYS BC 124 -31.37 -26.25 -116.15
N GLY BC 125 -30.23 -25.91 -116.74
CA GLY BC 125 -30.17 -25.63 -118.16
C GLY BC 125 -31.09 -24.49 -118.53
N ALA BC 126 -31.17 -23.50 -117.65
CA ALA BC 126 -32.21 -22.48 -117.72
C ALA BC 126 -32.07 -21.62 -118.97
N LYS BC 127 -30.85 -21.27 -119.34
CA LYS BC 127 -30.61 -20.19 -120.28
C LYS BC 127 -29.35 -20.52 -121.07
N LEU BC 128 -28.76 -19.50 -121.69
CA LEU BC 128 -27.34 -19.48 -122.06
C LEU BC 128 -27.06 -20.29 -123.31
N THR BC 129 -28.08 -20.63 -124.09
CA THR BC 129 -27.94 -21.32 -125.37
C THR BC 129 -27.58 -20.39 -126.53
N PRO BC 130 -28.28 -19.23 -126.72
CA PRO BC 130 -28.09 -18.48 -127.97
C PRO BC 130 -26.71 -17.85 -128.14
N GLU BC 131 -26.17 -17.25 -127.09
CA GLU BC 131 -24.95 -16.47 -127.25
C GLU BC 131 -23.73 -17.36 -127.49
N GLU BC 132 -23.61 -18.45 -126.73
CA GLU BC 132 -22.35 -19.19 -126.70
C GLU BC 132 -22.10 -19.94 -127.99
N GLU BC 133 -23.14 -20.57 -128.55
CA GLU BC 133 -22.97 -21.31 -129.81
C GLU BC 133 -22.55 -20.37 -130.93
N GLU BC 134 -23.13 -19.17 -130.97
CA GLU BC 134 -22.84 -18.20 -132.01
C GLU BC 134 -21.36 -17.82 -132.03
N ILE BC 135 -20.83 -17.42 -130.87
CA ILE BC 135 -19.58 -16.65 -130.85
C ILE BC 135 -18.39 -17.52 -131.24
N LEU BC 136 -18.32 -18.74 -130.72
CA LEU BC 136 -17.23 -19.65 -131.06
C LEU BC 136 -17.18 -19.93 -132.56
N ASN BC 137 -18.33 -19.94 -133.23
CA ASN BC 137 -18.42 -20.33 -134.62
C ASN BC 137 -18.02 -19.19 -135.54
N LYS BC 138 -18.07 -19.46 -136.84
CA LYS BC 138 -17.69 -18.50 -137.86
C LYS BC 138 -18.56 -17.24 -137.77
N LYS BC 139 -17.92 -16.08 -137.83
CA LYS BC 139 -18.68 -14.84 -138.00
C LYS BC 139 -18.06 -13.84 -138.96
N ARG BC 140 -16.79 -13.95 -139.32
CA ARG BC 140 -16.18 -13.05 -140.32
C ARG BC 140 -15.26 -13.82 -141.25
N SER BC 141 -15.75 -14.95 -141.79
CA SER BC 141 -15.03 -15.76 -142.76
C SER BC 141 -13.75 -16.36 -142.16
N LYS BC 142 -13.97 -17.20 -141.14
CA LYS BC 142 -13.04 -18.21 -140.65
C LYS BC 142 -11.88 -17.64 -139.83
N LYS BC 143 -11.77 -16.31 -139.75
CA LYS BC 143 -10.72 -15.73 -138.93
C LYS BC 143 -10.97 -15.97 -137.45
N ILE BC 144 -12.14 -15.57 -136.96
CA ILE BC 144 -12.41 -15.66 -135.52
C ILE BC 144 -12.54 -17.11 -135.08
N GLN BC 145 -13.12 -17.96 -135.92
CA GLN BC 145 -13.35 -19.34 -135.51
C GLN BC 145 -12.03 -20.03 -135.16
N LYS BC 146 -10.93 -19.54 -135.72
CA LYS BC 146 -9.62 -20.08 -135.37
C LYS BC 146 -9.22 -19.65 -133.96
N LYS BC 147 -9.37 -18.36 -133.64
CA LYS BC 147 -8.74 -17.82 -132.43
C LYS BC 147 -9.51 -18.22 -131.18
N TYR BC 148 -10.81 -18.48 -131.30
CA TYR BC 148 -11.55 -19.01 -130.15
C TYR BC 148 -11.18 -20.46 -129.89
N ASP BC 149 -10.87 -21.23 -130.93
CA ASP BC 149 -10.41 -22.59 -130.73
C ASP BC 149 -9.09 -22.63 -129.97
N GLU BC 150 -8.23 -21.63 -130.18
CA GLU BC 150 -7.03 -21.50 -129.36
C GLU BC 150 -7.40 -21.35 -127.89
N ARG BC 151 -8.55 -20.73 -127.63
CA ARG BC 151 -8.97 -20.49 -126.25
C ARG BC 151 -9.84 -21.62 -125.70
N LYS BC 152 -10.30 -22.54 -126.54
CA LYS BC 152 -11.05 -23.67 -126.03
C LYS BC 152 -10.19 -24.51 -125.09
N LYS BC 153 -8.95 -24.77 -125.48
CA LYS BC 153 -7.97 -25.33 -124.58
C LYS BC 153 -7.49 -24.27 -123.58
N ASN BC 154 -6.77 -24.74 -122.56
CA ASN BC 154 -6.12 -23.89 -121.57
C ASN BC 154 -7.08 -22.93 -120.87
N ALA BC 155 -8.38 -23.17 -120.96
CA ALA BC 155 -9.31 -22.43 -120.11
C ALA BC 155 -9.27 -23.06 -118.73
N LYS BC 156 -8.68 -22.35 -117.77
CA LYS BC 156 -8.41 -22.87 -116.45
C LYS BC 156 -9.30 -22.19 -115.41
N ILE BC 157 -9.94 -23.01 -114.59
CA ILE BC 157 -10.44 -22.58 -113.28
C ILE BC 157 -10.47 -23.83 -112.42
N SER BC 158 -9.89 -23.74 -111.24
CA SER BC 158 -9.81 -24.91 -110.37
C SER BC 158 -11.17 -25.20 -109.76
N SER BC 159 -11.36 -26.47 -109.37
CA SER BC 159 -12.56 -26.82 -108.62
C SER BC 159 -12.61 -26.05 -107.30
N LEU BC 160 -11.47 -25.51 -106.86
CA LEU BC 160 -11.46 -24.60 -105.73
C LEU BC 160 -12.16 -23.29 -106.09
N LEU BC 161 -12.11 -22.91 -107.36
CA LEU BC 161 -12.86 -21.73 -107.80
C LEU BC 161 -14.08 -22.11 -108.64
N GLU BC 162 -14.07 -23.29 -109.25
CA GLU BC 162 -15.20 -23.71 -110.08
C GLU BC 162 -16.48 -23.78 -109.25
N GLU BC 163 -16.39 -24.38 -108.06
CA GLU BC 163 -17.58 -24.56 -107.26
C GLU BC 163 -18.15 -23.23 -106.79
N GLN BC 164 -17.28 -22.25 -106.55
CA GLN BC 164 -17.75 -20.93 -106.11
C GLN BC 164 -18.56 -20.26 -107.21
N PHE BC 165 -18.12 -20.36 -108.47
CA PHE BC 165 -18.85 -19.78 -109.58
C PHE BC 165 -20.22 -20.43 -109.74
N GLN BC 166 -20.28 -21.75 -109.61
CA GLN BC 166 -21.57 -22.43 -109.58
C GLN BC 166 -22.44 -21.92 -108.45
N GLN BC 167 -21.82 -21.58 -107.30
CA GLN BC 167 -22.56 -21.14 -106.14
C GLN BC 167 -22.87 -19.65 -106.15
N GLY BC 168 -22.21 -18.88 -107.01
CA GLY BC 168 -22.52 -17.47 -107.17
C GLY BC 168 -21.75 -16.50 -106.30
N LYS BC 169 -20.99 -16.99 -105.33
CA LYS BC 169 -20.20 -16.14 -104.44
C LYS BC 169 -18.72 -16.45 -104.61
N LEU BC 170 -17.88 -15.43 -104.54
CA LEU BC 170 -16.45 -15.58 -104.66
C LEU BC 170 -15.77 -14.99 -103.44
N LEU BC 171 -15.02 -15.80 -102.72
CA LEU BC 171 -14.20 -15.29 -101.64
C LEU BC 171 -13.22 -14.27 -102.19
N ALA BC 172 -13.13 -13.11 -101.54
CA ALA BC 172 -12.32 -12.03 -102.08
C ALA BC 172 -11.85 -11.12 -100.95
N CYS BC 173 -10.54 -11.07 -100.74
CA CYS BC 173 -9.97 -10.17 -99.74
C CYS BC 173 -10.17 -8.73 -100.18
N ILE BC 174 -10.07 -7.82 -99.22
CA ILE BC 174 -10.07 -6.39 -99.49
C ILE BC 174 -8.64 -5.88 -99.32
N ALA BC 175 -8.16 -5.12 -100.31
CA ALA BC 175 -6.80 -4.59 -100.25
C ALA BC 175 -6.77 -3.07 -100.29
N SER BC 176 -7.93 -2.42 -100.27
CA SER BC 176 -8.02 -0.97 -100.24
C SER BC 176 -8.63 -0.55 -98.91
N ARG BC 177 -8.05 0.46 -98.29
CA ARG BC 177 -8.40 0.83 -96.92
C ARG BC 177 -9.69 1.61 -96.89
N PRO BC 178 -10.81 0.97 -96.54
CA PRO BC 178 -12.11 1.66 -96.64
C PRO BC 178 -12.21 2.87 -95.74
N GLY BC 179 -11.53 2.86 -94.59
CA GLY BC 179 -11.67 3.96 -93.67
C GLY BC 179 -11.17 5.29 -94.20
N GLN BC 180 -10.02 5.30 -94.87
CA GLN BC 180 -9.38 6.55 -95.28
C GLN BC 180 -9.68 6.97 -96.70
N CYS BC 181 -9.64 6.05 -97.67
CA CYS BC 181 -10.01 6.39 -99.04
C CYS BC 181 -11.50 6.29 -99.29
N GLY BC 182 -12.14 5.23 -98.82
CA GLY BC 182 -13.56 5.05 -98.98
C GLY BC 182 -13.94 3.93 -99.93
N ARG BC 183 -13.05 3.52 -100.81
CA ARG BC 183 -13.36 2.51 -101.80
C ARG BC 183 -13.05 1.12 -101.24
N ALA BC 184 -13.98 0.19 -101.41
CA ALA BC 184 -13.81 -1.18 -100.95
C ALA BC 184 -13.30 -2.02 -102.12
N ASP BC 185 -12.02 -1.88 -102.42
CA ASP BC 185 -11.43 -2.54 -103.57
C ASP BC 185 -10.38 -3.55 -103.11
N GLY BC 186 -10.35 -4.69 -103.78
CA GLY BC 186 -9.43 -5.74 -103.40
C GLY BC 186 -9.24 -6.71 -104.55
N TYR BC 187 -8.95 -7.96 -104.19
CA TYR BC 187 -8.73 -9.00 -105.18
C TYR BC 187 -9.54 -10.24 -104.82
N VAL BC 188 -9.83 -11.06 -105.83
CA VAL BC 188 -10.48 -12.34 -105.57
C VAL BC 188 -9.44 -13.31 -105.04
N LEU BC 189 -9.91 -14.33 -104.33
CA LEU BC 189 -9.03 -15.31 -103.70
C LEU BC 189 -8.94 -16.55 -104.58
N GLU BC 190 -7.72 -17.05 -104.79
CA GLU BC 190 -7.51 -18.23 -105.61
C GLU BC 190 -6.18 -18.86 -105.21
N GLY BC 191 -5.89 -20.00 -105.81
CA GLY BC 191 -4.65 -20.69 -105.55
C GLY BC 191 -4.58 -21.21 -104.13
N LYS BC 192 -3.34 -21.36 -103.66
CA LYS BC 192 -3.13 -21.97 -102.34
C LYS BC 192 -3.70 -21.11 -101.23
N GLU BC 193 -3.57 -19.79 -101.31
CA GLU BC 193 -4.08 -18.97 -100.21
C GLU BC 193 -5.60 -19.06 -100.11
N LEU BC 194 -6.27 -19.37 -101.22
CA LEU BC 194 -7.67 -19.75 -101.12
C LEU BC 194 -7.81 -21.04 -100.31
N GLU BC 195 -6.97 -22.03 -100.60
CA GLU BC 195 -7.03 -23.30 -99.90
C GLU BC 195 -6.83 -23.09 -98.40
N PHE BC 196 -5.82 -22.31 -98.02
CA PHE BC 196 -5.61 -22.05 -96.61
C PHE BC 196 -6.79 -21.31 -96.00
N TYR BC 197 -7.35 -20.35 -96.72
CA TYR BC 197 -8.46 -19.60 -96.17
C TYR BC 197 -9.74 -20.42 -96.12
N LEU BC 198 -9.88 -21.39 -97.04
CA LEU BC 198 -11.07 -22.23 -97.04
C LEU BC 198 -11.17 -23.08 -95.78
N ARG BC 199 -10.05 -23.67 -95.35
CA ARG BC 199 -10.09 -24.52 -94.17
C ARG BC 199 -10.42 -23.73 -92.91
N LYS BC 200 -9.93 -22.49 -92.80
CA LYS BC 200 -10.23 -21.70 -91.62
C LYS BC 200 -11.71 -21.42 -91.49
N ILE BC 201 -12.38 -21.16 -92.61
CA ILE BC 201 -13.83 -20.96 -92.58
C ILE BC 201 -14.55 -22.27 -92.24
N LYS BC 202 -14.03 -23.39 -92.74
CA LYS BC 202 -14.64 -24.68 -92.44
C LYS BC 202 -14.62 -24.97 -90.95
N ALA BC 203 -13.48 -24.77 -90.29
CA ALA BC 203 -13.31 -25.12 -88.89
C ALA BC 203 -12.92 -23.92 -88.03
N ARG BC 204 -13.59 -22.78 -88.22
CA ARG BC 204 -13.35 -21.65 -87.33
C ARG BC 204 -14.00 -21.87 -85.97
N LYS BC 205 -15.12 -22.58 -85.94
CA LYS BC 205 -16.00 -22.57 -84.77
C LYS BC 205 -15.31 -23.12 -83.52
N GLY BC 206 -14.28 -23.94 -83.69
CA GLY BC 206 -13.51 -24.43 -82.55
C GLY BC 206 -14.11 -25.63 -81.86
N PRO CC 1 14.76 43.89 -77.20
CA PRO CC 1 15.34 43.82 -78.54
C PRO CC 1 15.81 45.18 -79.04
N VAL CC 2 16.70 45.82 -78.28
CA VAL CC 2 17.14 47.16 -78.58
C VAL CC 2 18.48 47.08 -79.31
N ALA CC 3 18.90 48.20 -79.90
CA ALA CC 3 20.17 48.18 -80.63
C ALA CC 3 21.35 48.20 -79.68
N ARG CC 4 21.56 49.34 -78.99
CA ARG CC 4 22.26 49.44 -77.71
C ARG CC 4 23.42 48.48 -77.51
N SER CC 5 24.47 48.59 -78.34
CA SER CC 5 25.67 47.79 -78.13
C SER CC 5 26.26 48.00 -76.74
N TRP CC 6 26.25 46.94 -75.91
CA TRP CC 6 26.64 47.01 -74.51
C TRP CC 6 28.06 46.55 -74.26
N VAL CC 7 29.00 46.83 -75.16
CA VAL CC 7 30.37 46.35 -75.02
C VAL CC 7 31.21 47.42 -74.33
N CYS CC 8 31.63 47.14 -73.10
CA CYS CC 8 32.53 48.00 -72.36
C CYS CC 8 33.37 47.12 -71.43
N ARG CC 9 34.50 47.65 -70.98
CA ARG CC 9 35.36 46.89 -70.10
C ARG CC 9 36.35 47.82 -69.42
N LYS CC 10 36.77 47.42 -68.22
CA LYS CC 10 37.68 48.23 -67.42
C LYS CC 10 39.00 48.43 -68.16
N THR CC 11 39.76 49.43 -67.70
CA THR CC 11 41.12 49.64 -68.21
C THR CC 11 42.08 49.99 -67.09
N TYR CC 12 41.83 49.47 -65.88
CA TYR CC 12 42.80 49.58 -64.80
C TYR CC 12 42.67 48.36 -63.92
N VAL CC 13 43.72 48.06 -63.18
CA VAL CC 13 43.76 46.87 -62.33
C VAL CC 13 44.13 47.30 -60.91
N THR CC 14 43.32 46.90 -59.95
CA THR CC 14 43.58 47.25 -58.57
C THR CC 14 44.69 46.37 -58.00
N PRO CC 15 45.73 46.95 -57.40
CA PRO CC 15 46.81 46.12 -56.84
C PRO CC 15 46.28 45.19 -55.78
N ARG CC 16 46.85 43.98 -55.76
CA ARG CC 16 46.37 42.95 -54.83
C ARG CC 16 46.60 43.36 -53.38
N ARG CC 17 47.78 43.87 -53.06
CA ARG CC 17 48.08 44.30 -51.70
C ARG CC 17 47.82 45.79 -51.60
N PRO CC 18 46.93 46.25 -50.74
CA PRO CC 18 46.51 47.65 -50.78
C PRO CC 18 47.55 48.61 -50.27
N PHE CC 19 48.21 48.28 -49.15
CA PHE CC 19 49.23 49.13 -48.54
C PHE CC 19 50.54 48.37 -48.56
N GLU CC 20 51.56 48.93 -49.20
CA GLU CC 20 52.87 48.31 -49.17
C GLU CC 20 54.02 49.25 -48.84
N LYS CC 21 53.80 50.57 -48.81
CA LYS CC 21 54.80 51.53 -48.40
C LYS CC 21 55.95 51.56 -49.41
N SER CC 22 55.91 50.68 -50.39
CA SER CC 22 56.87 50.70 -51.48
C SER CC 22 56.18 50.81 -52.83
N ARG CC 23 54.99 50.22 -52.96
CA ARG CC 23 54.15 50.53 -54.11
C ARG CC 23 53.57 51.92 -54.01
N LEU CC 24 53.10 52.31 -52.81
CA LEU CC 24 52.59 53.65 -52.60
C LEU CC 24 53.69 54.68 -52.80
N ASP CC 25 54.87 54.42 -52.23
CA ASP CC 25 55.98 55.37 -52.33
C ASP CC 25 56.41 55.56 -53.77
N GLN CC 26 56.50 54.46 -54.52
CA GLN CC 26 57.03 54.55 -55.88
C GLN CC 26 56.03 55.16 -56.85
N GLU CC 27 54.76 54.78 -56.74
CA GLU CC 27 53.77 55.26 -57.70
C GLU CC 27 53.68 56.78 -57.66
N LEU CC 28 53.86 57.37 -56.49
CA LEU CC 28 53.93 58.84 -56.40
C LEU CC 28 55.11 59.37 -57.19
N LYS CC 29 56.24 58.67 -57.15
CA LYS CC 29 57.42 59.11 -57.88
C LYS CC 29 57.15 59.15 -59.38
N LEU CC 30 56.10 58.45 -59.83
CA LEU CC 30 55.68 58.56 -61.21
C LEU CC 30 54.74 59.75 -61.40
N ILE CC 31 53.68 59.82 -60.59
CA ILE CC 31 52.72 60.92 -60.70
C ILE CC 31 53.41 62.26 -60.50
N GLY CC 32 54.35 62.31 -59.57
CA GLY CC 32 55.05 63.56 -59.32
C GLY CC 32 55.90 64.00 -60.50
N GLU CC 33 56.65 63.08 -61.10
CA GLU CC 33 57.53 63.46 -62.18
C GLU CC 33 56.75 63.82 -63.43
N TYR CC 34 55.63 63.13 -63.69
CA TYR CC 34 54.96 63.20 -64.97
C TYR CC 34 53.61 63.92 -64.91
N GLY CC 35 53.28 64.53 -63.78
CA GLY CC 35 52.09 65.37 -63.69
C GLY CC 35 50.77 64.68 -63.98
N LEU CC 36 50.46 63.63 -63.23
CA LEU CC 36 49.21 62.91 -63.41
C LEU CC 36 48.21 63.44 -62.38
N ARG CC 37 47.05 62.78 -62.26
CA ARG CC 37 46.03 63.22 -61.32
C ARG CC 37 45.81 62.23 -60.19
N ASN CC 38 45.50 60.98 -60.49
CA ASN CC 38 45.26 59.97 -59.46
C ASN CC 38 45.88 58.66 -59.92
N LYS CC 39 45.86 57.67 -59.03
CA LYS CC 39 46.50 56.40 -59.30
C LYS CC 39 45.93 55.72 -60.54
N ARG CC 40 44.65 55.96 -60.85
CA ARG CC 40 44.08 55.44 -62.08
C ARG CC 40 44.91 55.85 -63.28
N GLU CC 41 45.43 57.08 -63.27
CA GLU CC 41 46.26 57.54 -64.38
C GLU CC 41 47.54 56.71 -64.50
N VAL CC 42 47.91 55.98 -63.44
CA VAL CC 42 49.07 55.10 -63.50
C VAL CC 42 48.66 53.66 -63.77
N TRP CC 43 47.71 53.13 -63.00
CA TRP CC 43 47.29 51.75 -63.20
C TRP CC 43 46.78 51.51 -64.61
N ARG CC 44 46.17 52.51 -65.23
CA ARG CC 44 45.74 52.37 -66.61
C ARG CC 44 46.92 52.04 -67.51
N VAL CC 45 48.06 52.67 -67.27
CA VAL CC 45 49.26 52.35 -68.04
C VAL CC 45 49.77 50.96 -67.68
N LYS CC 46 49.71 50.59 -66.40
CA LYS CC 46 50.09 49.24 -66.00
C LYS CC 46 49.23 48.20 -66.70
N PHE CC 47 47.97 48.52 -66.97
CA PHE CC 47 47.11 47.57 -67.63
C PHE CC 47 47.47 47.41 -69.10
N THR CC 48 47.69 48.52 -69.81
CA THR CC 48 48.07 48.42 -71.21
C THR CC 48 49.41 47.71 -71.36
N LEU CC 49 50.34 47.98 -70.44
CA LEU CC 49 51.61 47.29 -70.50
C LEU CC 49 51.48 45.83 -70.07
N ALA CC 50 50.51 45.53 -69.20
CA ALA CC 50 50.25 44.14 -68.85
C ALA CC 50 49.68 43.38 -70.03
N LYS CC 51 48.69 43.95 -70.71
CA LYS CC 51 48.09 43.29 -71.87
C LYS CC 51 49.10 43.10 -72.99
N ILE CC 52 49.93 44.12 -73.24
CA ILE CC 52 50.84 44.06 -74.37
C ILE CC 52 51.95 43.06 -74.11
N ARG CC 53 52.05 42.57 -72.87
CA ARG CC 53 52.99 41.49 -72.57
C ARG CC 53 52.28 40.17 -72.34
N LYS CC 54 51.01 40.20 -71.90
CA LYS CC 54 50.21 38.99 -71.90
C LYS CC 54 49.92 38.53 -73.33
N ALA CC 55 50.03 39.46 -74.29
CA ALA CC 55 49.90 39.08 -75.69
C ALA CC 55 51.25 38.72 -76.30
N ALA CC 56 52.28 39.46 -75.94
CA ALA CC 56 53.62 39.16 -76.43
C ALA CC 56 54.11 37.81 -75.92
N ARG CC 57 53.80 37.49 -74.66
CA ARG CC 57 54.26 36.22 -74.10
C ARG CC 57 53.70 35.04 -74.87
N GLU CC 58 52.42 35.09 -75.23
CA GLU CC 58 51.78 33.96 -75.91
C GLU CC 58 52.48 33.65 -77.22
N LEU CC 59 52.91 34.68 -77.96
CA LEU CC 59 53.63 34.44 -79.20
C LEU CC 59 54.97 33.76 -78.94
N LEU CC 60 55.68 34.20 -77.88
CA LEU CC 60 56.96 33.57 -77.54
C LEU CC 60 56.81 32.09 -77.21
N THR CC 61 55.65 31.69 -76.68
CA THR CC 61 55.41 30.26 -76.50
C THR CC 61 55.39 29.55 -77.84
N LEU CC 62 54.76 30.16 -78.84
CA LEU CC 62 54.74 29.57 -80.17
C LEU CC 62 56.13 29.61 -80.78
N ASP CC 63 56.52 28.51 -81.43
CA ASP CC 63 57.82 28.45 -82.08
C ASP CC 63 57.88 29.48 -83.20
N GLU CC 64 59.09 29.68 -83.71
CA GLU CC 64 59.31 30.66 -84.77
C GLU CC 64 58.73 30.11 -86.07
N LYS CC 65 59.00 30.83 -87.17
CA LYS CC 65 58.58 30.46 -88.53
C LYS CC 65 57.13 30.00 -88.55
N ASP CC 66 56.29 30.63 -87.74
CA ASP CC 66 54.94 30.10 -87.63
C ASP CC 66 53.92 31.05 -88.26
N PRO CC 67 52.87 30.50 -88.88
CA PRO CC 67 51.90 31.36 -89.58
C PRO CC 67 51.27 32.43 -88.71
N ARG CC 68 50.88 32.09 -87.48
CA ARG CC 68 50.15 33.05 -86.66
C ARG CC 68 51.10 33.95 -85.86
N ARG CC 69 52.24 33.42 -85.43
CA ARG CC 69 53.20 34.24 -84.71
C ARG CC 69 53.79 35.31 -85.62
N LEU CC 70 54.25 34.91 -86.81
CA LEU CC 70 55.01 35.83 -87.66
C LEU CC 70 54.16 37.02 -88.08
N PHE CC 71 52.88 36.79 -88.34
CA PHE CC 71 52.02 37.91 -88.72
C PHE CC 71 51.62 38.74 -87.51
N GLU CC 72 51.08 38.09 -86.48
CA GLU CC 72 50.61 38.84 -85.32
C GLU CC 72 51.75 39.58 -84.65
N GLY CC 73 52.90 38.94 -84.51
CA GLY CC 73 54.05 39.61 -83.92
C GLY CC 73 54.52 40.80 -84.73
N ASN CC 74 54.65 40.63 -86.05
CA ASN CC 74 55.01 41.77 -86.89
C ASN CC 74 53.96 42.86 -86.74
N ALA CC 75 52.69 42.47 -86.76
CA ALA CC 75 51.62 43.44 -86.50
C ALA CC 75 51.70 43.99 -85.09
N LEU CC 76 52.02 43.13 -84.11
CA LEU CC 76 52.24 43.61 -82.75
C LEU CC 76 53.40 44.59 -82.68
N LEU CC 77 54.50 44.29 -83.36
CA LEU CC 77 55.63 45.20 -83.36
C LEU CC 77 55.30 46.49 -84.12
N ARG CC 78 54.39 46.41 -85.09
CA ARG CC 78 54.09 47.57 -85.92
C ARG CC 78 53.51 48.71 -85.09
N ARG CC 79 52.62 48.39 -84.15
CA ARG CC 79 51.97 49.45 -83.38
C ARG CC 79 52.93 50.08 -82.37
N LEU CC 80 53.83 49.28 -81.80
CA LEU CC 80 54.74 49.81 -80.78
C LEU CC 80 55.72 50.81 -81.40
N VAL CC 81 56.30 50.47 -82.55
CA VAL CC 81 57.19 51.43 -83.21
C VAL CC 81 56.43 52.64 -83.67
N ARG CC 82 55.18 52.45 -84.11
CA ARG CC 82 54.37 53.56 -84.58
C ARG CC 82 53.99 54.51 -83.44
N ILE CC 83 53.91 54.00 -82.21
CA ILE CC 83 53.37 54.79 -81.12
C ILE CC 83 54.45 55.59 -80.42
N GLY CC 84 55.72 55.24 -80.63
CA GLY CC 84 56.83 56.02 -80.12
C GLY CC 84 57.53 55.49 -78.90
N VAL CC 85 57.57 54.17 -78.71
CA VAL CC 85 58.19 53.59 -77.51
C VAL CC 85 59.39 52.73 -77.82
N LEU CC 86 59.56 52.28 -79.06
CA LEU CC 86 60.65 51.40 -79.40
C LEU CC 86 61.35 51.89 -80.66
N ASP CC 87 62.66 51.72 -80.70
CA ASP CC 87 63.46 52.10 -81.86
C ASP CC 87 63.14 51.17 -83.03
N GLU CC 88 63.10 51.76 -84.23
CA GLU CC 88 63.04 50.93 -85.42
C GLU CC 88 64.30 50.07 -85.49
N GLY CC 89 64.14 48.84 -85.96
CA GLY CC 89 65.24 47.91 -85.97
C GLY CC 89 65.60 47.35 -84.61
N LYS CC 90 64.93 47.79 -83.56
CA LYS CC 90 64.98 47.16 -82.26
C LYS CC 90 63.73 46.30 -82.05
N MET CC 91 63.20 45.77 -83.15
CA MET CC 91 62.02 44.91 -83.12
C MET CC 91 62.45 43.49 -83.41
N LYS CC 92 62.28 42.62 -82.41
CA LYS CC 92 62.43 41.18 -82.61
C LYS CC 92 61.39 40.41 -81.81
N LEU CC 93 60.36 41.10 -81.30
CA LEU CC 93 59.36 40.51 -80.41
C LEU CC 93 60.01 39.88 -79.19
N ASP CC 94 61.12 40.43 -78.76
CA ASP CC 94 61.70 40.03 -77.49
C ASP CC 94 61.96 41.23 -76.61
N TYR CC 95 62.41 42.34 -77.19
CA TYR CC 95 62.59 43.55 -76.40
C TYR CC 95 61.28 44.09 -75.88
N ILE CC 96 60.14 43.63 -76.42
CA ILE CC 96 58.84 44.00 -75.84
C ILE CC 96 58.81 43.65 -74.37
N LEU CC 97 59.29 42.46 -74.02
CA LEU CC 97 59.36 42.09 -72.62
C LEU CC 97 60.30 43.00 -71.84
N GLY CC 98 61.19 43.70 -72.52
CA GLY CC 98 62.13 44.58 -71.84
C GLY CC 98 61.61 45.99 -71.65
N LEU CC 99 60.35 46.24 -71.98
CA LEU CC 99 59.77 47.55 -71.77
C LEU CC 99 59.39 47.75 -70.31
N LYS CC 100 59.37 49.00 -69.90
CA LYS CC 100 59.01 49.37 -68.53
C LYS CC 100 57.89 50.41 -68.59
N ILE CC 101 57.35 50.74 -67.42
CA ILE CC 101 56.11 51.51 -67.33
C ILE CC 101 56.30 52.88 -67.96
N GLU CC 102 57.40 53.55 -67.66
CA GLU CC 102 57.56 54.96 -68.00
C GLU CC 102 57.53 55.20 -69.50
N ASP CC 103 57.77 54.18 -70.32
CA ASP CC 103 57.87 54.41 -71.75
C ASP CC 103 56.53 54.80 -72.36
N PHE CC 104 55.43 54.23 -71.87
CA PHE CC 104 54.12 54.72 -72.28
C PHE CC 104 53.80 56.07 -71.64
N LEU CC 105 54.42 56.38 -70.50
CA LEU CC 105 54.15 57.64 -69.84
C LEU CC 105 54.84 58.81 -70.54
N GLU CC 106 56.04 58.57 -71.08
CA GLU CC 106 56.79 59.64 -71.71
C GLU CC 106 56.15 60.12 -73.01
N ARG CC 107 55.29 59.31 -73.63
CA ARG CC 107 54.73 59.64 -74.93
C ARG CC 107 53.39 60.34 -74.87
N ARG CC 108 52.84 60.60 -73.68
CA ARG CC 108 51.56 61.27 -73.61
C ARG CC 108 51.71 62.70 -74.11
N LEU CC 109 50.57 63.30 -74.49
CA LEU CC 109 50.60 64.68 -74.96
C LEU CC 109 51.05 65.62 -73.85
N GLN CC 110 50.61 65.36 -72.62
CA GLN CC 110 50.95 66.25 -71.50
C GLN CC 110 52.45 66.35 -71.32
N THR CC 111 53.15 65.21 -71.29
CA THR CC 111 54.60 65.26 -71.17
C THR CC 111 55.23 65.81 -72.43
N GLN CC 112 54.70 65.45 -73.59
CA GLN CC 112 55.33 65.86 -74.85
C GLN CC 112 55.28 67.36 -75.04
N VAL CC 113 54.21 68.01 -74.60
CA VAL CC 113 54.15 69.46 -74.69
C VAL CC 113 55.30 70.08 -73.90
N PHE CC 114 55.59 69.51 -72.72
CA PHE CC 114 56.67 70.04 -71.88
C PHE CC 114 58.04 69.92 -72.55
N LYS CC 115 58.32 68.78 -73.18
CA LYS CC 115 59.66 68.58 -73.73
C LYS CC 115 59.92 69.44 -74.95
N LEU CC 116 58.88 69.77 -75.71
CA LEU CC 116 59.02 70.65 -76.88
C LEU CC 116 58.73 72.10 -76.54
N GLY CC 117 59.37 72.65 -75.50
CA GLY CC 117 59.05 74.00 -75.10
C GLY CC 117 57.59 74.13 -74.69
N LEU CC 118 56.91 75.15 -75.24
CA LEU CC 118 55.46 75.28 -75.13
C LEU CC 118 54.96 75.40 -73.69
N ALA CC 119 55.86 75.42 -72.72
CA ALA CC 119 55.48 75.53 -71.33
C ALA CC 119 56.73 75.72 -70.49
N LYS CC 120 56.53 76.11 -69.25
CA LYS CC 120 57.63 76.27 -68.30
C LYS CC 120 57.75 75.12 -67.32
N SER CC 121 56.64 74.47 -66.98
CA SER CC 121 56.67 73.36 -66.04
C SER CC 121 55.74 72.28 -66.56
N ILE CC 122 56.05 71.03 -66.19
CA ILE CC 122 55.29 69.89 -66.70
C ILE CC 122 53.83 70.00 -66.29
N HIS CC 123 53.56 70.65 -65.16
CA HIS CC 123 52.18 70.88 -64.77
C HIS CC 123 51.53 71.93 -65.66
N HIS CC 124 52.29 72.95 -66.05
CA HIS CC 124 51.70 74.05 -66.81
C HIS CC 124 51.18 73.59 -68.16
N ALA CC 125 51.92 72.71 -68.82
CA ALA CC 125 51.46 72.17 -70.10
C ALA CC 125 50.10 71.51 -69.96
N ARG CC 126 49.88 70.82 -68.84
CA ARG CC 126 48.63 70.09 -68.63
C ARG CC 126 47.44 71.03 -68.57
N VAL CC 127 47.57 72.17 -67.89
CA VAL CC 127 46.44 73.09 -67.82
C VAL CC 127 46.15 73.68 -69.19
N LEU CC 128 47.21 73.92 -69.98
CA LEU CC 128 47.02 74.53 -71.29
C LEU CC 128 46.15 73.66 -72.18
N ILE CC 129 46.46 72.37 -72.30
CA ILE CC 129 45.69 71.51 -73.18
C ILE CC 129 44.24 71.45 -72.73
N ARG CC 130 43.99 71.54 -71.42
CA ARG CC 130 42.62 71.52 -70.95
C ARG CC 130 41.93 72.87 -71.13
N GLN CC 131 42.69 73.95 -71.29
CA GLN CC 131 42.08 75.20 -71.70
C GLN CC 131 41.89 75.30 -73.22
N ARG CC 132 42.15 74.22 -73.95
CA ARG CC 132 41.99 74.14 -75.39
C ARG CC 132 42.91 75.10 -76.14
N HIS CC 133 44.22 74.97 -75.91
CA HIS CC 133 45.21 75.79 -76.58
C HIS CC 133 46.07 75.05 -77.59
N ILE CC 134 46.26 73.75 -77.43
CA ILE CC 134 47.21 72.98 -78.21
C ILE CC 134 46.44 72.17 -79.25
N ARG CC 135 46.93 72.19 -80.48
CA ARG CC 135 46.30 71.46 -81.59
C ARG CC 135 47.29 70.44 -82.13
N VAL CC 136 46.82 69.21 -82.30
CA VAL CC 136 47.67 68.13 -82.82
C VAL CC 136 47.55 68.21 -84.34
N ARG CC 137 48.32 69.14 -84.91
CA ARG CC 137 48.61 69.33 -86.32
C ARG CC 137 47.41 69.82 -87.13
N LYS CC 138 46.19 69.60 -86.67
CA LYS CC 138 45.04 70.14 -87.37
C LYS CC 138 43.91 70.58 -86.43
N GLN CC 139 43.83 69.95 -85.26
CA GLN CC 139 42.65 70.09 -84.42
C GLN CC 139 43.03 70.31 -82.97
N VAL CC 140 42.37 71.28 -82.35
CA VAL CC 140 42.57 71.55 -80.94
C VAL CC 140 42.02 70.37 -80.14
N VAL CC 141 42.85 69.78 -79.29
CA VAL CC 141 42.45 68.64 -78.47
C VAL CC 141 42.65 69.01 -77.01
N ASN CC 142 41.71 68.63 -76.17
CA ASN CC 142 41.78 68.88 -74.74
C ASN CC 142 41.86 67.59 -73.94
N ILE CC 143 42.62 66.62 -74.43
CA ILE CC 143 42.70 65.31 -73.78
C ILE CC 143 44.15 65.04 -73.38
N PRO CC 144 44.54 65.36 -72.14
CA PRO CC 144 45.91 65.07 -71.70
C PRO CC 144 46.28 63.61 -71.67
N SER CC 145 45.37 62.70 -72.04
CA SER CC 145 45.71 61.29 -72.19
C SER CC 145 45.97 60.92 -73.64
N PHE CC 146 46.01 61.91 -74.53
CA PHE CC 146 46.32 61.63 -75.93
C PHE CC 146 47.71 61.00 -76.02
N ILE CC 147 47.80 59.89 -76.74
CA ILE CC 147 49.08 59.23 -76.99
C ILE CC 147 49.48 59.54 -78.42
N VAL CC 148 50.63 60.18 -78.59
CA VAL CC 148 51.00 60.83 -79.85
C VAL CC 148 51.81 59.88 -80.70
N ARG CC 149 51.45 59.76 -81.97
CA ARG CC 149 52.20 58.96 -82.91
C ARG CC 149 53.40 59.75 -83.43
N LEU CC 150 54.26 59.08 -84.20
CA LEU CC 150 55.48 59.71 -84.66
C LEU CC 150 55.19 60.88 -85.60
N ASP CC 151 54.19 60.74 -86.47
CA ASP CC 151 53.84 61.84 -87.36
C ASP CC 151 53.46 63.08 -86.57
N SER CC 152 52.71 62.91 -85.50
CA SER CC 152 52.28 64.03 -84.68
C SER CC 152 53.33 64.44 -83.65
N GLN CC 153 54.55 63.91 -83.73
CA GLN CC 153 55.57 64.30 -82.76
C GLN CC 153 56.07 65.71 -83.01
N LYS CC 154 56.27 66.08 -84.28
CA LYS CC 154 56.82 67.37 -84.63
C LYS CC 154 55.79 68.32 -85.21
N HIS CC 155 54.50 67.97 -85.11
CA HIS CC 155 53.43 68.80 -85.63
C HIS CC 155 52.64 69.48 -84.51
N ILE CC 156 53.21 69.58 -83.33
CA ILE CC 156 52.50 70.09 -82.16
C ILE CC 156 52.93 71.53 -81.93
N ASP CC 157 52.02 72.46 -82.20
CA ASP CC 157 52.19 73.88 -81.94
C ASP CC 157 50.89 74.42 -81.37
N PHE CC 158 50.89 75.70 -80.98
CA PHE CC 158 49.68 76.31 -80.48
C PHE CC 158 48.64 76.45 -81.59
N SER CC 159 47.41 76.78 -81.17
CA SER CC 159 46.28 76.83 -82.07
C SER CC 159 46.25 78.15 -82.83
N LEU CC 160 45.12 78.40 -83.50
CA LEU CC 160 44.90 79.62 -84.25
C LEU CC 160 43.86 80.52 -83.60
N ARG CC 161 43.00 79.97 -82.74
CA ARG CC 161 41.97 80.74 -82.05
C ARG CC 161 42.37 81.16 -80.64
N SER CC 162 43.38 80.52 -80.06
CA SER CC 162 43.69 80.73 -78.65
C SER CC 162 44.26 82.13 -78.41
N PRO CC 163 44.04 82.70 -77.22
CA PRO CC 163 44.70 83.97 -76.90
C PRO CC 163 46.22 83.88 -76.98
N TYR CC 164 46.80 82.76 -76.54
CA TYR CC 164 48.21 82.53 -76.78
C TYR CC 164 48.50 82.37 -78.26
N GLY CC 165 47.55 81.86 -79.03
CA GLY CC 165 47.69 81.74 -80.47
C GLY CC 165 47.35 83.04 -81.15
N GLY CC 166 47.28 82.98 -82.48
CA GLY CC 166 47.06 84.16 -83.30
C GLY CC 166 45.72 84.84 -83.13
N GLY CC 167 44.93 84.47 -82.13
CA GLY CC 167 43.60 84.99 -81.96
C GLY CC 167 43.52 86.17 -81.02
N ARG CC 168 42.28 86.60 -80.78
CA ARG CC 168 41.99 87.70 -79.89
C ARG CC 168 42.35 87.31 -78.46
N PRO CC 169 42.60 88.30 -77.60
CA PRO CC 169 42.81 88.00 -76.18
C PRO CC 169 41.59 87.30 -75.57
N GLY CC 170 41.82 86.72 -74.39
CA GLY CC 170 40.74 86.12 -73.64
C GLY CC 170 39.84 87.16 -73.02
N ARG CC 171 39.05 86.72 -72.04
CA ARG CC 171 38.16 87.66 -71.36
C ARG CC 171 38.91 88.50 -70.35
N VAL CC 172 39.95 87.94 -69.74
CA VAL CC 172 40.68 88.66 -68.69
C VAL CC 172 41.37 89.88 -69.27
N LYS CC 173 42.05 89.70 -70.41
CA LYS CC 173 42.78 90.82 -71.00
C LYS CC 173 41.83 91.83 -71.64
N ARG CC 174 40.75 91.35 -72.26
CA ARG CC 174 39.79 92.27 -72.85
C ARG CC 174 39.13 93.14 -71.79
N LYS CC 175 38.80 92.55 -70.64
CA LYS CC 175 38.13 93.29 -69.59
C LYS CC 175 39.07 94.25 -68.90
N ASN CC 176 40.34 93.86 -68.72
CA ASN CC 176 41.30 94.73 -68.06
C ASN CC 176 41.54 96.00 -68.86
N ALA CC 177 41.59 95.90 -70.18
CA ALA CC 177 41.76 97.10 -71.00
C ALA CC 177 40.61 98.07 -70.78
N LYS CC 178 39.38 97.55 -70.71
CA LYS CC 178 38.23 98.40 -70.43
C LYS CC 178 38.26 98.92 -69.00
N LYS CC 179 38.51 98.04 -68.03
CA LYS CC 179 38.58 98.46 -66.64
C LYS CC 179 39.77 99.40 -66.41
N GLY CC 180 40.90 99.11 -67.05
CA GLY CC 180 42.06 99.98 -66.91
C GLY CC 180 41.86 101.35 -67.52
N GLN CC 181 41.06 101.44 -68.58
CA GLN CC 181 40.83 102.72 -69.24
C GLN CC 181 40.24 103.74 -68.30
N GLY CC 182 39.28 103.32 -67.47
CA GLY CC 182 38.77 104.20 -66.43
C GLY CC 182 39.71 104.24 -65.25
N GLY CC 183 40.55 103.21 -65.14
CA GLY CC 183 41.50 103.17 -64.04
C GLY CC 183 42.55 104.26 -64.13
N ALA CC 184 43.11 104.46 -65.32
CA ALA CC 184 44.14 105.48 -65.54
C ALA CC 184 43.56 106.74 -66.18
N GLY CC 185 42.91 106.60 -67.33
CA GLY CC 185 42.32 107.73 -68.01
C GLY CC 185 41.94 107.43 -69.44
N GLY DC 1 74.03 130.80 -5.46
CA GLY DC 1 73.85 130.93 -6.89
C GLY DC 1 73.90 132.38 -7.35
N GLY DC 2 73.26 132.64 -8.50
CA GLY DC 2 73.20 133.98 -9.05
C GLY DC 2 71.77 134.46 -9.18
N VAL DC 3 71.32 134.61 -10.42
CA VAL DC 3 69.91 134.86 -10.73
C VAL DC 3 69.36 133.54 -11.25
N MET DC 4 69.96 132.44 -10.78
CA MET DC 4 69.55 131.09 -11.15
C MET DC 4 68.09 130.88 -10.80
N ASP DC 5 67.51 129.79 -11.30
CA ASP DC 5 66.08 129.56 -11.18
C ASP DC 5 65.66 129.54 -9.72
N VAL DC 6 64.52 130.19 -9.42
CA VAL DC 6 63.99 130.24 -8.07
C VAL DC 6 62.80 129.30 -7.87
N ASN DC 7 62.19 128.81 -8.94
CA ASN DC 7 61.23 127.72 -8.84
C ASN DC 7 61.89 126.36 -8.93
N THR DC 8 62.86 126.22 -9.83
CA THR DC 8 63.60 124.97 -9.97
C THR DC 8 64.55 124.74 -8.81
N ALA DC 9 65.03 125.81 -8.16
CA ALA DC 9 65.93 125.63 -7.02
C ALA DC 9 65.27 124.86 -5.89
N LEU DC 10 63.94 124.93 -5.78
CA LEU DC 10 63.25 124.10 -4.81
C LEU DC 10 63.26 122.63 -5.23
N GLN DC 11 63.25 122.37 -6.54
CA GLN DC 11 63.49 121.01 -6.99
C GLN DC 11 64.90 120.57 -6.61
N GLU DC 12 65.89 121.43 -6.83
CA GLU DC 12 67.28 121.07 -6.60
C GLU DC 12 67.52 120.69 -5.15
N VAL DC 13 66.98 121.48 -4.21
CA VAL DC 13 67.21 121.20 -2.79
C VAL DC 13 66.61 119.85 -2.42
N LEU DC 14 65.36 119.61 -2.80
CA LEU DC 14 64.68 118.37 -2.41
C LEU DC 14 65.16 117.16 -3.22
N LYS DC 15 65.34 117.32 -4.55
CA LYS DC 15 65.83 116.21 -5.36
C LYS DC 15 67.24 115.80 -4.97
N THR DC 16 68.11 116.77 -4.67
CA THR DC 16 69.40 116.43 -4.08
C THR DC 16 69.21 115.81 -2.70
N ALA DC 17 68.35 116.40 -1.88
CA ALA DC 17 68.04 115.80 -0.59
C ALA DC 17 67.30 114.48 -0.74
N LEU DC 18 66.71 114.20 -1.90
CA LEU DC 18 66.12 112.88 -2.13
C LEU DC 18 67.19 111.80 -2.03
N ILE DC 19 68.37 112.05 -2.59
CA ILE DC 19 69.50 111.16 -2.39
C ILE DC 19 69.90 111.14 -0.92
N HIS DC 20 69.81 112.29 -0.26
CA HIS DC 20 70.12 112.40 1.16
C HIS DC 20 68.92 112.11 2.05
N ASP DC 21 67.76 111.87 1.47
CA ASP DC 21 66.55 111.39 2.16
C ASP DC 21 66.27 112.15 3.45
N GLY DC 22 66.22 113.46 3.34
CA GLY DC 22 65.86 114.30 4.47
C GLY DC 22 64.42 114.77 4.37
N LEU DC 23 63.68 114.20 3.44
CA LEU DC 23 62.33 114.63 3.13
C LEU DC 23 61.36 113.95 4.10
N ALA DC 24 61.22 114.52 5.30
CA ALA DC 24 60.25 114.03 6.27
C ALA DC 24 58.85 114.37 5.75
N ARG DC 25 57.93 113.42 5.87
CA ARG DC 25 56.59 113.56 5.35
C ARG DC 25 55.55 113.39 6.45
N GLY DC 26 54.46 114.14 6.35
CA GLY DC 26 53.35 113.99 7.26
C GLY DC 26 53.41 114.95 8.44
N ILE DC 27 52.24 115.12 9.07
CA ILE DC 27 52.14 116.00 10.23
C ILE DC 27 52.86 115.40 11.43
N ARG DC 28 52.88 114.07 11.52
CA ARG DC 28 53.50 113.42 12.67
C ARG DC 28 54.97 113.79 12.78
N GLU DC 29 55.71 113.68 11.68
CA GLU DC 29 57.12 114.05 11.71
C GLU DC 29 57.30 115.55 11.58
N ALA DC 30 56.26 116.26 11.15
CA ALA DC 30 56.27 117.72 11.24
C ALA DC 30 56.22 118.17 12.70
N ALA DC 31 55.37 117.52 13.51
CA ALA DC 31 55.23 117.90 14.91
C ALA DC 31 56.53 117.69 15.67
N LYS DC 32 57.18 116.54 15.46
CA LYS DC 32 58.40 116.24 16.21
C LYS DC 32 59.57 117.10 15.76
N ALA DC 33 59.64 117.41 14.46
CA ALA DC 33 60.74 118.24 13.97
C ALA DC 33 60.69 119.63 14.58
N LEU DC 34 59.49 120.19 14.74
CA LEU DC 34 59.34 121.57 15.22
C LEU DC 34 59.13 121.67 16.72
N ASP DC 35 58.75 120.59 17.39
CA ASP DC 35 58.83 120.58 18.85
C ASP DC 35 60.26 120.76 19.30
N LYS DC 36 61.18 120.04 18.67
CA LYS DC 36 62.60 120.13 18.98
C LYS DC 36 63.28 121.06 17.98
N ARG DC 37 64.57 121.28 18.16
CA ARG DC 37 65.34 122.15 17.28
C ARG DC 37 66.13 121.34 16.25
N GLN DC 38 65.38 120.66 15.38
CA GLN DC 38 65.95 119.94 14.25
C GLN DC 38 65.52 120.53 12.91
N ALA DC 39 64.48 121.35 12.89
CA ALA DC 39 63.80 121.75 11.66
C ALA DC 39 64.46 122.98 11.07
N HIS DC 40 64.71 122.94 9.76
CA HIS DC 40 65.36 124.03 9.06
C HIS DC 40 64.64 124.48 7.80
N LEU DC 41 63.78 123.64 7.21
CA LEU DC 41 62.96 124.00 6.07
C LEU DC 41 61.57 123.41 6.22
N CYS DC 42 60.56 124.27 6.23
CA CYS DC 42 59.17 123.83 6.35
C CYS DC 42 58.38 124.52 5.24
N VAL DC 43 58.36 123.91 4.06
CA VAL DC 43 57.63 124.41 2.91
C VAL DC 43 56.29 123.69 2.86
N LEU DC 44 55.21 124.43 2.58
CA LEU DC 44 53.86 123.91 2.66
C LEU DC 44 53.04 124.36 1.45
N ALA DC 45 52.08 123.53 1.07
CA ALA DC 45 51.06 123.87 0.10
C ALA DC 45 49.76 124.17 0.82
N SER DC 46 49.36 125.45 0.84
CA SER DC 46 48.13 125.83 1.52
C SER DC 46 46.89 125.41 0.73
N ASN DC 47 47.04 125.24 -0.58
CA ASN DC 47 45.92 124.89 -1.46
C ASN DC 47 45.62 123.40 -1.33
N CYS DC 48 45.03 123.03 -0.20
CA CYS DC 48 44.63 121.66 0.07
C CYS DC 48 43.13 121.50 -0.17
N ASP DC 49 42.71 120.26 -0.43
CA ASP DC 49 41.29 119.96 -0.57
C ASP DC 49 40.54 120.26 0.72
N GLU DC 50 41.15 119.92 1.85
CA GLU DC 50 40.68 120.20 3.19
C GLU DC 50 41.66 121.20 3.79
N PRO DC 51 41.65 122.47 3.36
CA PRO DC 51 42.84 123.31 3.55
C PRO DC 51 43.00 123.84 4.97
N MET DC 52 42.78 122.98 5.95
CA MET DC 52 43.20 123.24 7.31
C MET DC 52 44.21 122.24 7.83
N TYR DC 53 44.46 121.15 7.11
CA TYR DC 53 45.55 120.24 7.45
C TYR DC 53 46.91 120.94 7.35
N VAL DC 54 46.95 122.08 6.67
CA VAL DC 54 48.10 122.98 6.69
C VAL DC 54 47.88 124.15 7.65
N LYS DC 55 46.62 124.50 7.95
CA LYS DC 55 46.37 125.55 8.93
C LYS DC 55 46.97 125.21 10.28
N LEU DC 56 47.14 123.90 10.55
CA LEU DC 56 47.84 123.50 11.76
C LEU DC 56 49.34 123.43 11.53
N VAL DC 57 49.78 123.29 10.28
CA VAL DC 57 51.20 123.43 9.96
C VAL DC 57 51.66 124.85 10.23
N GLU DC 58 50.85 125.84 9.83
CA GLU DC 58 51.21 127.24 10.03
C GLU DC 58 51.40 127.54 11.51
N ALA DC 59 50.58 126.94 12.37
CA ALA DC 59 50.62 127.25 13.79
C ALA DC 59 51.93 126.82 14.43
N LEU DC 60 52.33 125.57 14.22
CA LEU DC 60 53.57 125.08 14.82
C LEU DC 60 54.79 125.65 14.10
N CYS DC 61 54.72 125.77 12.77
CA CYS DC 61 55.82 126.40 12.03
C CYS DC 61 56.09 127.79 12.57
N ALA DC 62 55.02 128.57 12.82
CA ALA DC 62 55.20 129.90 13.39
C ALA DC 62 55.85 129.84 14.76
N GLU DC 63 55.49 128.85 15.58
CA GLU DC 63 56.18 128.64 16.84
C GLU DC 63 57.63 128.24 16.59
N HIS DC 64 58.51 128.67 17.51
CA HIS DC 64 59.93 128.34 17.46
C HIS DC 64 60.57 128.83 16.16
N GLN DC 65 60.64 130.15 16.03
CA GLN DC 65 61.48 130.79 15.01
C GLN DC 65 61.04 130.38 13.60
N ILE DC 66 59.88 130.89 13.22
CA ILE DC 66 59.14 130.47 12.04
C ILE DC 66 60.03 130.18 10.83
N ASN DC 67 59.78 129.04 10.19
CA ASN DC 67 60.52 128.57 9.02
C ASN DC 67 59.57 128.30 7.86
N LEU DC 68 58.38 128.89 7.90
CA LEU DC 68 57.33 128.59 6.94
C LEU DC 68 57.69 129.07 5.53
N ILE DC 69 57.43 128.21 4.55
CA ILE DC 69 57.50 128.55 3.14
C ILE DC 69 56.21 128.10 2.48
N LYS DC 70 55.64 128.93 1.62
CA LYS DC 70 54.39 128.62 0.94
C LYS DC 70 54.65 128.21 -0.50
N VAL DC 71 54.09 127.07 -0.90
CA VAL DC 71 54.17 126.55 -2.26
C VAL DC 71 52.76 126.14 -2.65
N ASP DC 72 52.57 125.82 -3.93
CA ASP DC 72 51.28 125.33 -4.40
C ASP DC 72 51.48 124.18 -5.38
N ASP DC 73 50.41 123.78 -6.07
CA ASP DC 73 50.46 122.73 -7.10
C ASP DC 73 50.94 121.39 -6.51
N ASN DC 74 50.04 120.81 -5.70
CA ASN DC 74 50.26 119.51 -5.08
C ASN DC 74 50.99 118.53 -5.99
N LYS DC 75 50.51 118.36 -7.22
CA LYS DC 75 51.18 117.47 -8.16
C LYS DC 75 52.62 117.92 -8.41
N LYS DC 76 52.82 119.21 -8.67
CA LYS DC 76 54.17 119.71 -8.86
C LYS DC 76 55.01 119.50 -7.61
N LEU DC 77 54.37 119.59 -6.43
CA LEU DC 77 55.09 119.35 -5.19
C LEU DC 77 55.61 117.91 -5.10
N GLY DC 78 54.76 116.94 -5.44
CA GLY DC 78 55.15 115.55 -5.31
C GLY DC 78 56.28 115.15 -6.25
N GLU DC 79 56.18 115.56 -7.51
CA GLU DC 79 57.25 115.29 -8.45
C GLU DC 79 58.54 115.99 -8.02
N TRP DC 80 58.44 117.02 -7.17
CA TRP DC 80 59.62 117.70 -6.68
C TRP DC 80 60.26 116.94 -5.52
N VAL DC 81 59.44 116.38 -4.63
CA VAL DC 81 59.95 115.75 -3.43
C VAL DC 81 60.69 114.45 -3.75
N GLY DC 82 60.06 113.58 -4.55
CA GLY DC 82 60.66 112.28 -4.81
C GLY DC 82 59.83 111.11 -4.32
N LEU DC 83 58.50 111.24 -4.37
CA LEU DC 83 57.60 110.20 -3.89
C LEU DC 83 56.64 109.69 -4.96
N CYS DC 84 56.70 110.24 -6.17
CA CYS DC 84 55.74 109.86 -7.20
C CYS DC 84 56.07 108.50 -7.78
N LYS DC 85 55.11 107.95 -8.54
CA LYS DC 85 55.26 106.60 -9.10
C LYS DC 85 54.71 106.52 -10.52
N ILE DC 86 54.84 107.59 -11.31
CA ILE DC 86 54.26 107.67 -12.64
C ILE DC 86 55.34 107.55 -13.71
N ASP DC 87 55.12 106.64 -14.66
CA ASP DC 87 55.86 106.56 -15.91
C ASP DC 87 54.90 105.98 -16.95
N ARG DC 88 55.45 105.56 -18.10
CA ARG DC 88 54.65 105.02 -19.20
C ARG DC 88 53.59 106.03 -19.64
N GLU DC 89 54.08 107.07 -20.32
CA GLU DC 89 53.41 108.35 -20.49
C GLU DC 89 51.98 108.27 -21.01
N GLY DC 90 51.53 107.08 -21.42
CA GLY DC 90 50.10 106.85 -21.46
C GLY DC 90 49.46 106.98 -20.10
N LYS DC 91 50.26 106.93 -19.04
CA LYS DC 91 49.89 107.13 -17.64
C LYS DC 91 48.83 106.16 -17.15
N PRO DC 92 49.05 104.84 -17.23
CA PRO DC 92 48.18 103.91 -16.50
C PRO DC 92 48.72 103.48 -15.15
N ARG DC 93 49.96 103.83 -14.82
CA ARG DC 93 50.61 103.39 -13.59
C ARG DC 93 50.21 104.32 -12.44
N LYS DC 94 50.91 104.18 -11.32
CA LYS DC 94 50.56 104.86 -10.09
C LYS DC 94 50.78 106.36 -10.23
N VAL DC 95 49.98 107.14 -9.50
CA VAL DC 95 50.05 108.60 -9.52
C VAL DC 95 49.88 109.11 -8.09
N VAL DC 96 50.64 110.16 -7.76
CA VAL DC 96 50.53 110.78 -6.44
C VAL DC 96 51.19 112.15 -6.44
N GLY DC 97 50.59 113.10 -5.72
CA GLY DC 97 51.17 114.41 -5.48
C GLY DC 97 51.49 114.57 -4.00
N CYS DC 98 51.74 115.79 -3.54
CA CYS DC 98 52.14 115.94 -2.15
C CYS DC 98 51.79 117.34 -1.65
N SER DC 99 51.47 117.40 -0.35
CA SER DC 99 51.15 118.67 0.31
C SER DC 99 51.76 118.83 1.69
N CYS DC 100 52.35 117.80 2.28
CA CYS DC 100 52.88 117.86 3.64
C CYS DC 100 54.32 117.41 3.63
N VAL DC 101 55.24 118.36 3.65
CA VAL DC 101 56.68 118.07 3.66
C VAL DC 101 57.36 118.92 4.71
N VAL DC 102 58.30 118.31 5.42
CA VAL DC 102 59.14 118.99 6.41
C VAL DC 102 60.58 118.55 6.16
N VAL DC 103 61.48 119.51 6.01
CA VAL DC 103 62.85 119.22 5.61
C VAL DC 103 63.77 119.68 6.74
N LYS DC 104 64.24 118.72 7.54
CA LYS DC 104 65.20 119.01 8.60
C LYS DC 104 66.56 119.40 8.06
N ASP DC 105 66.82 119.18 6.78
CA ASP DC 105 68.16 119.35 6.23
C ASP DC 105 68.54 120.83 6.19
N TYR DC 106 69.75 121.13 6.64
CA TYR DC 106 70.25 122.49 6.63
C TYR DC 106 70.82 122.84 5.26
N GLY DC 107 71.03 124.14 5.04
CA GLY DC 107 71.47 124.62 3.74
C GLY DC 107 72.80 124.08 3.29
N LYS DC 108 72.80 123.37 2.16
CA LYS DC 108 74.00 122.87 1.52
C LYS DC 108 74.37 123.77 0.34
N GLU DC 109 75.45 123.43 -0.35
CA GLU DC 109 76.15 124.41 -1.18
C GLU DC 109 76.52 123.75 -2.51
N SER DC 110 77.46 124.38 -3.22
CA SER DC 110 77.79 124.05 -4.61
C SER DC 110 76.62 124.35 -5.54
N GLN DC 111 76.25 125.63 -5.58
CA GLN DC 111 75.34 126.27 -6.54
C GLN DC 111 73.95 125.63 -6.59
N ALA DC 112 73.63 124.71 -5.67
CA ALA DC 112 72.36 124.03 -5.70
C ALA DC 112 71.38 124.53 -4.65
N LYS DC 113 71.78 124.51 -3.38
CA LYS DC 113 70.98 125.06 -2.30
C LYS DC 113 71.59 126.33 -1.72
N ASP DC 114 72.56 126.92 -2.42
CA ASP DC 114 73.14 128.20 -1.99
C ASP DC 114 72.36 129.38 -2.57
N VAL DC 115 71.63 129.16 -3.67
CA VAL DC 115 70.96 130.26 -4.35
C VAL DC 115 69.78 130.78 -3.53
N ILE DC 116 69.01 129.88 -2.92
CA ILE DC 116 67.88 130.34 -2.13
C ILE DC 116 68.30 130.75 -0.73
N GLU DC 117 69.26 130.02 -0.12
CA GLU DC 117 69.80 130.39 1.17
C GLU DC 117 70.52 131.74 1.13
N GLU DC 118 71.00 132.16 -0.04
CA GLU DC 118 71.69 133.44 -0.15
C GLU DC 118 70.77 134.60 0.22
N TYR DC 119 69.46 134.44 0.04
CA TYR DC 119 68.51 135.41 0.56
C TYR DC 119 67.54 134.81 1.58
N PHE DC 120 67.45 133.48 1.68
CA PHE DC 120 66.74 132.89 2.80
C PHE DC 120 67.46 133.11 4.12
N LYS DC 121 68.73 133.52 4.09
CA LYS DC 121 69.40 133.97 5.32
C LYS DC 121 68.79 135.26 5.82
N CYS DC 122 68.29 136.10 4.90
CA CYS DC 122 67.76 137.40 5.28
C CYS DC 122 66.54 137.29 6.19
N LYS DC 123 65.62 136.38 5.88
CA LYS DC 123 64.34 136.30 6.58
C LYS DC 123 64.38 135.35 7.78
N LYS DC 124 65.56 134.94 8.22
CA LYS DC 124 65.67 134.05 9.38
C LYS DC 124 66.70 134.57 10.38
N GLY EC 1 55.06 -13.23 -53.87
CA GLY EC 1 54.40 -13.95 -52.80
C GLY EC 1 53.40 -14.95 -53.32
N ARG EC 2 52.88 -15.80 -52.43
CA ARG EC 2 51.93 -16.82 -52.84
C ARG EC 2 50.58 -16.16 -53.13
N MET EC 3 49.57 -17.00 -53.35
CA MET EC 3 48.24 -16.52 -53.64
C MET EC 3 47.30 -16.56 -52.44
N HIS EC 4 47.54 -17.46 -51.47
CA HIS EC 4 46.68 -17.55 -50.30
C HIS EC 4 47.42 -17.58 -48.97
N ALA EC 5 48.66 -18.02 -48.92
CA ALA EC 5 49.41 -18.04 -47.69
C ALA EC 5 50.66 -17.20 -47.85
N PRO EC 6 50.87 -16.20 -47.00
CA PRO EC 6 51.85 -15.15 -47.29
C PRO EC 6 53.26 -15.69 -47.29
N GLY EC 7 54.15 -14.92 -47.93
CA GLY EC 7 55.55 -15.26 -47.98
C GLY EC 7 56.07 -15.35 -49.40
N LYS EC 8 57.02 -14.50 -49.76
CA LYS EC 8 57.56 -14.49 -51.12
C LYS EC 8 58.51 -15.66 -51.26
N GLY EC 9 57.93 -16.84 -51.42
CA GLY EC 9 58.73 -18.03 -51.61
C GLY EC 9 59.41 -18.04 -52.96
N LEU EC 10 60.53 -18.76 -53.04
CA LEU EC 10 61.27 -18.86 -54.29
C LEU EC 10 62.07 -20.16 -54.24
N SER EC 11 61.56 -21.19 -54.92
CA SER EC 11 62.27 -22.46 -55.01
C SER EC 11 62.15 -23.08 -56.39
N GLN EC 12 61.82 -22.27 -57.40
CA GLN EC 12 61.49 -22.81 -58.71
C GLN EC 12 62.72 -23.38 -59.39
N SER EC 13 62.47 -24.21 -60.40
CA SER EC 13 63.52 -24.81 -61.21
C SER EC 13 64.24 -23.73 -62.02
N ALA EC 14 65.26 -24.15 -62.76
CA ALA EC 14 66.04 -23.20 -63.57
C ALA EC 14 66.59 -23.93 -64.79
N LEU EC 15 65.97 -23.71 -65.93
CA LEU EC 15 66.41 -24.34 -67.17
C LEU EC 15 67.81 -23.86 -67.53
N PRO EC 16 68.58 -24.68 -68.23
CA PRO EC 16 69.88 -24.20 -68.74
C PRO EC 16 69.68 -23.28 -69.92
N TYR EC 17 70.74 -22.51 -70.23
CA TYR EC 17 70.69 -21.69 -71.42
C TYR EC 17 70.82 -22.54 -72.68
N ARG EC 18 71.56 -23.64 -72.61
CA ARG EC 18 71.85 -24.44 -73.79
C ARG EC 18 70.61 -25.21 -74.22
N ARG EC 19 70.23 -25.05 -75.49
CA ARG EC 19 69.00 -25.63 -76.02
C ARG EC 19 69.27 -26.85 -76.91
N SER EC 20 70.38 -27.56 -76.68
CA SER EC 20 70.78 -28.66 -77.53
C SER EC 20 70.52 -30.01 -76.87
N VAL EC 21 70.65 -31.05 -77.68
CA VAL EC 21 70.54 -32.43 -77.23
C VAL EC 21 71.62 -32.67 -76.19
N PRO EC 22 71.39 -33.53 -75.19
CA PRO EC 22 72.42 -33.77 -74.18
C PRO EC 22 73.77 -34.23 -74.73
N THR EC 23 73.75 -35.01 -75.83
CA THR EC 23 74.97 -35.53 -76.43
C THR EC 23 75.78 -36.36 -75.42
N TRP EC 24 75.07 -37.11 -74.59
CA TRP EC 24 75.69 -38.19 -73.84
C TRP EC 24 74.81 -39.42 -73.98
N LEU EC 25 73.52 -39.18 -74.26
CA LEU EC 25 72.54 -40.27 -74.43
C LEU EC 25 71.43 -39.72 -75.32
N LYS EC 26 71.44 -40.09 -76.60
CA LYS EC 26 70.43 -39.55 -77.50
C LYS EC 26 69.09 -40.23 -77.29
N LEU EC 27 69.00 -41.52 -77.60
CA LEU EC 27 67.76 -42.28 -77.48
C LEU EC 27 66.59 -41.46 -78.05
N THR EC 28 66.65 -41.29 -79.37
CA THR EC 28 65.95 -40.21 -80.05
C THR EC 28 64.44 -40.31 -79.91
N SER EC 29 63.76 -39.30 -80.45
CA SER EC 29 62.34 -39.07 -80.16
C SER EC 29 61.49 -40.27 -80.53
N ASP EC 30 61.92 -41.08 -81.50
CA ASP EC 30 61.19 -42.30 -81.81
C ASP EC 30 61.05 -43.18 -80.57
N ASP EC 31 62.14 -43.36 -79.83
CA ASP EC 31 62.04 -44.15 -78.60
C ASP EC 31 61.19 -43.44 -77.57
N VAL EC 32 61.48 -42.17 -77.29
CA VAL EC 32 60.83 -41.48 -76.18
C VAL EC 32 59.33 -41.36 -76.42
N LYS EC 33 58.94 -40.95 -77.63
CA LYS EC 33 57.51 -40.83 -77.93
C LYS EC 33 56.79 -42.15 -77.72
N GLU EC 34 57.40 -43.24 -78.20
CA GLU EC 34 56.83 -44.57 -77.97
C GLU EC 34 57.15 -45.08 -76.56
N GLN EC 35 58.01 -44.36 -75.83
CA GLN EC 35 58.29 -44.75 -74.45
C GLN EC 35 57.31 -44.10 -73.48
N ILE EC 36 57.02 -42.80 -73.69
CA ILE EC 36 56.11 -42.11 -72.78
C ILE EC 36 54.79 -42.84 -72.69
N TYR EC 37 54.33 -43.40 -73.81
CA TYR EC 37 53.06 -44.10 -73.82
C TYR EC 37 53.04 -45.21 -72.79
N LYS EC 38 54.15 -45.93 -72.62
CA LYS EC 38 54.19 -47.01 -71.64
C LYS EC 38 53.99 -46.46 -70.23
N LEU EC 39 54.61 -45.32 -69.92
CA LEU EC 39 54.39 -44.72 -68.61
C LEU EC 39 53.00 -44.12 -68.49
N ALA EC 40 52.55 -43.42 -69.54
CA ALA EC 40 51.21 -42.82 -69.48
C ALA EC 40 50.14 -43.90 -69.43
N LYS EC 41 50.32 -44.98 -70.18
CA LYS EC 41 49.36 -46.08 -70.11
C LYS EC 41 49.35 -46.70 -68.72
N LYS EC 42 50.53 -46.91 -68.14
CA LYS EC 42 50.60 -47.50 -66.81
C LYS EC 42 49.92 -46.63 -65.75
N GLY EC 43 49.71 -45.37 -66.06
CA GLY EC 43 48.94 -44.47 -65.22
C GLY EC 43 49.83 -43.56 -64.41
N LEU EC 44 50.04 -42.36 -64.93
CA LEU EC 44 50.85 -41.34 -64.29
C LEU EC 44 50.52 -40.02 -64.97
N THR EC 45 50.22 -39.01 -64.16
CA THR EC 45 49.89 -37.72 -64.71
C THR EC 45 51.08 -37.15 -65.48
N PRO EC 46 50.84 -36.25 -66.43
CA PRO EC 46 51.97 -35.65 -67.14
C PRO EC 46 52.95 -34.92 -66.24
N SER EC 47 52.56 -34.64 -65.01
CA SER EC 47 53.48 -34.04 -64.05
C SER EC 47 54.54 -35.05 -63.62
N GLN EC 48 54.14 -36.29 -63.36
CA GLN EC 48 55.07 -37.28 -62.83
C GLN EC 48 55.85 -37.98 -63.93
N ILE EC 49 55.35 -37.96 -65.16
CA ILE EC 49 56.01 -38.67 -66.25
C ILE EC 49 57.38 -38.08 -66.53
N GLY EC 50 57.49 -36.75 -66.37
CA GLY EC 50 58.78 -36.11 -66.57
C GLY EC 50 59.84 -36.60 -65.60
N VAL EC 51 59.44 -36.89 -64.36
CA VAL EC 51 60.39 -37.32 -63.34
C VAL EC 51 61.10 -38.60 -63.77
N ILE EC 52 60.33 -39.65 -64.05
CA ILE EC 52 60.92 -40.96 -64.28
C ILE EC 52 61.79 -40.94 -65.52
N LEU EC 53 61.39 -40.16 -66.53
CA LEU EC 53 62.27 -39.99 -67.68
C LEU EC 53 63.50 -39.18 -67.33
N ARG EC 54 63.37 -38.22 -66.41
CA ARG EC 54 64.52 -37.41 -66.04
C ARG EC 54 65.40 -38.13 -65.02
N ASP EC 55 64.78 -38.79 -64.04
CA ASP EC 55 65.53 -39.25 -62.89
C ASP EC 55 66.33 -40.51 -63.21
N SER EC 56 65.81 -41.39 -64.06
CA SER EC 56 66.46 -42.66 -64.37
C SER EC 56 66.85 -42.77 -65.84
N HIS EC 57 65.91 -42.53 -66.75
CA HIS EC 57 66.21 -42.64 -68.17
C HIS EC 57 67.27 -41.63 -68.58
N GLY EC 58 67.05 -40.37 -68.21
CA GLY EC 58 67.98 -39.29 -68.51
C GLY EC 58 67.55 -38.47 -69.70
N VAL EC 59 66.89 -37.34 -69.44
CA VAL EC 59 66.43 -36.42 -70.47
C VAL EC 59 66.60 -35.01 -69.94
N ALA EC 60 67.13 -34.12 -70.78
CA ALA EC 60 67.19 -32.73 -70.39
C ALA EC 60 65.76 -32.23 -70.18
N GLN EC 61 65.00 -32.20 -71.26
CA GLN EC 61 63.57 -31.92 -71.23
C GLN EC 61 62.93 -32.57 -72.45
N VAL EC 62 61.73 -33.10 -72.25
CA VAL EC 62 61.01 -33.71 -73.35
C VAL EC 62 60.77 -32.70 -74.46
N ARG EC 63 60.66 -31.42 -74.09
CA ARG EC 63 60.47 -30.37 -75.10
C ARG EC 63 61.73 -30.16 -75.94
N PHE EC 64 62.89 -30.58 -75.43
CA PHE EC 64 64.12 -30.45 -76.20
C PHE EC 64 64.31 -31.62 -77.16
N VAL EC 65 64.45 -32.84 -76.63
CA VAL EC 65 64.85 -33.97 -77.45
C VAL EC 65 63.74 -34.36 -78.41
N THR EC 66 62.52 -34.46 -77.92
CA THR EC 66 61.36 -34.74 -78.75
C THR EC 66 60.87 -33.44 -79.37
N GLY EC 67 59.67 -33.48 -79.94
CA GLY EC 67 59.12 -32.28 -80.55
C GLY EC 67 58.41 -31.38 -79.56
N ASN EC 68 57.46 -31.93 -78.81
CA ASN EC 68 56.58 -31.15 -77.98
C ASN EC 68 56.49 -31.71 -76.57
N LYS EC 69 56.02 -30.86 -75.65
CA LYS EC 69 55.96 -31.19 -74.24
C LYS EC 69 55.01 -32.37 -73.99
N ILE EC 70 54.97 -32.81 -72.74
CA ILE EC 70 54.41 -34.11 -72.41
C ILE EC 70 52.89 -34.12 -72.55
N LEU EC 71 52.25 -32.96 -72.58
CA LEU EC 71 50.82 -32.99 -72.84
C LEU EC 71 50.52 -33.00 -74.34
N ARG EC 72 51.24 -32.20 -75.13
CA ARG EC 72 50.98 -32.18 -76.56
C ARG EC 72 51.24 -33.54 -77.19
N ILE EC 73 52.19 -34.29 -76.65
CA ILE EC 73 52.36 -35.69 -77.05
C ILE EC 73 51.13 -36.50 -76.66
N LEU EC 74 50.72 -36.38 -75.40
CA LEU EC 74 49.59 -37.17 -74.91
C LEU EC 74 48.27 -36.67 -75.48
N LYS EC 75 48.25 -35.47 -76.03
CA LYS EC 75 47.03 -34.96 -76.64
C LYS EC 75 46.70 -35.73 -77.92
N SER EC 76 47.68 -35.87 -78.81
CA SER EC 76 47.42 -36.47 -80.11
C SER EC 76 47.03 -37.94 -79.99
N LYS EC 77 47.85 -38.71 -79.27
CA LYS EC 77 47.61 -40.15 -79.20
C LYS EC 77 46.23 -40.46 -78.64
N GLY EC 78 45.72 -39.61 -77.76
CA GLY EC 78 44.47 -39.87 -77.08
C GLY EC 78 44.64 -40.29 -75.64
N LEU EC 79 45.69 -39.84 -74.97
CA LEU EC 79 45.96 -40.17 -73.58
C LEU EC 79 45.92 -38.96 -72.67
N ALA EC 80 45.32 -37.87 -73.11
CA ALA EC 80 45.13 -36.71 -72.25
C ALA EC 80 44.16 -37.07 -71.13
N PRO EC 81 44.49 -36.77 -69.87
CA PRO EC 81 43.57 -37.02 -68.78
C PRO EC 81 42.17 -36.46 -69.03
N ASP EC 82 41.23 -36.95 -68.22
CA ASP EC 82 39.86 -36.45 -68.29
C ASP EC 82 39.80 -35.00 -67.83
N LEU EC 83 40.51 -34.68 -66.75
CA LEU EC 83 40.62 -33.35 -66.16
C LEU EC 83 42.08 -32.94 -66.12
N PRO EC 84 42.38 -31.66 -66.23
CA PRO EC 84 43.79 -31.21 -66.21
C PRO EC 84 44.46 -31.61 -64.89
N GLU EC 85 45.75 -31.90 -64.99
CA GLU EC 85 46.44 -32.57 -63.88
C GLU EC 85 46.45 -31.70 -62.62
N ASP EC 86 46.41 -30.38 -62.78
CA ASP EC 86 46.38 -29.52 -61.60
C ASP EC 86 44.99 -29.45 -61.01
N LEU EC 87 43.96 -29.47 -61.85
CA LEU EC 87 42.61 -29.44 -61.33
C LEU EC 87 42.28 -30.74 -60.59
N TYR EC 88 42.70 -31.87 -61.15
CA TYR EC 88 42.32 -33.15 -60.55
C TYR EC 88 42.80 -33.24 -59.11
N HIS EC 89 44.04 -32.84 -58.84
CA HIS EC 89 44.54 -32.91 -57.47
C HIS EC 89 43.85 -31.91 -56.57
N LEU EC 90 43.55 -30.70 -57.08
CA LEU EC 90 42.90 -29.70 -56.26
C LEU EC 90 41.54 -30.19 -55.75
N ILE EC 91 40.87 -31.02 -56.55
CA ILE EC 91 39.62 -31.62 -56.09
C ILE EC 91 39.91 -32.65 -55.00
N LYS EC 92 41.00 -33.42 -55.15
CA LYS EC 92 41.35 -34.40 -54.13
C LYS EC 92 41.48 -33.76 -52.76
N LYS EC 93 42.29 -32.70 -52.67
CA LYS EC 93 42.46 -31.99 -51.41
C LYS EC 93 41.15 -31.40 -50.94
N ALA EC 94 40.29 -31.00 -51.89
CA ALA EC 94 38.99 -30.45 -51.52
C ALA EC 94 38.06 -31.56 -51.07
N VAL EC 95 38.28 -32.78 -51.53
CA VAL EC 95 37.39 -33.87 -51.16
C VAL EC 95 37.84 -34.51 -49.84
N ALA EC 96 39.15 -34.74 -49.69
CA ALA EC 96 39.64 -35.35 -48.46
C ALA EC 96 39.37 -34.45 -47.27
N VAL EC 97 39.57 -33.14 -47.43
CA VAL EC 97 39.28 -32.20 -46.34
C VAL EC 97 37.81 -32.24 -45.97
N ARG EC 98 36.93 -32.24 -46.97
CA ARG EC 98 35.51 -32.33 -46.69
C ARG EC 98 35.17 -33.62 -45.97
N LYS EC 99 35.85 -34.72 -46.32
CA LYS EC 99 35.66 -35.96 -45.61
C LYS EC 99 36.06 -35.82 -44.14
N HIS EC 100 37.26 -35.30 -43.90
CA HIS EC 100 37.68 -35.03 -42.53
C HIS EC 100 36.79 -34.00 -41.86
N LEU EC 101 36.18 -33.10 -42.64
CA LEU EC 101 35.38 -32.03 -42.06
C LEU EC 101 34.04 -32.51 -41.55
N GLU EC 102 33.47 -33.55 -42.18
CA GLU EC 102 32.17 -34.05 -41.71
C GLU EC 102 32.32 -34.87 -40.45
N ARG EC 103 33.54 -35.25 -40.09
CA ARG EC 103 33.76 -35.99 -38.85
C ARG EC 103 34.15 -35.05 -37.70
N ASN EC 104 35.27 -34.35 -37.86
CA ASN EC 104 35.79 -33.47 -36.83
C ASN EC 104 35.22 -32.08 -37.06
N ARG EC 105 33.96 -31.90 -36.69
CA ARG EC 105 33.24 -30.69 -37.05
C ARG EC 105 33.93 -29.43 -36.53
N LYS EC 106 34.36 -29.43 -35.26
CA LYS EC 106 34.91 -28.23 -34.66
C LYS EC 106 36.34 -27.95 -35.09
N ASP EC 107 36.80 -28.62 -36.15
CA ASP EC 107 38.15 -28.43 -36.66
C ASP EC 107 38.15 -27.19 -37.54
N LYS EC 108 38.12 -26.02 -36.89
CA LYS EC 108 37.93 -24.77 -37.60
C LYS EC 108 38.99 -24.55 -38.68
N ASP EC 109 40.17 -25.14 -38.51
CA ASP EC 109 41.21 -24.97 -39.51
C ASP EC 109 40.80 -25.57 -40.85
N ALA EC 110 40.24 -26.78 -40.83
CA ALA EC 110 39.81 -27.38 -42.09
C ALA EC 110 38.67 -26.59 -42.71
N LYS EC 111 37.70 -26.17 -41.90
CA LYS EC 111 36.57 -25.42 -42.44
C LYS EC 111 37.04 -24.12 -43.07
N PHE EC 112 38.23 -23.64 -42.69
CA PHE EC 112 38.81 -22.50 -43.38
C PHE EC 112 39.55 -22.94 -44.64
N ARG EC 113 40.47 -23.89 -44.51
CA ARG EC 113 41.25 -24.31 -45.67
C ARG EC 113 40.36 -24.78 -46.81
N LEU EC 114 39.20 -25.33 -46.49
CA LEU EC 114 38.25 -25.73 -47.52
C LEU EC 114 37.74 -24.52 -48.29
N ILE EC 115 37.62 -23.38 -47.62
CA ILE EC 115 37.15 -22.17 -48.28
C ILE EC 115 38.18 -21.65 -49.27
N LEU EC 116 39.46 -21.72 -48.90
CA LEU EC 116 40.50 -21.35 -49.85
C LEU EC 116 40.50 -22.29 -51.05
N ILE EC 117 40.37 -23.59 -50.82
CA ILE EC 117 40.52 -24.56 -51.89
C ILE EC 117 39.35 -24.50 -52.87
N GLU EC 118 38.12 -24.36 -52.36
CA GLU EC 118 37.00 -24.15 -53.27
C GLU EC 118 37.14 -22.85 -54.04
N SER EC 119 37.88 -21.88 -53.49
CA SER EC 119 38.13 -20.65 -54.23
C SER EC 119 39.19 -20.87 -55.30
N ARG EC 120 40.18 -21.71 -55.02
CA ARG EC 120 41.17 -22.03 -56.04
C ARG EC 120 40.54 -22.78 -57.20
N ILE EC 121 39.70 -23.77 -56.91
CA ILE EC 121 39.08 -24.55 -57.98
C ILE EC 121 38.18 -23.65 -58.83
N HIS EC 122 37.30 -22.89 -58.19
CA HIS EC 122 36.39 -22.06 -58.95
C HIS EC 122 37.13 -20.99 -59.75
N ARG EC 123 38.37 -20.70 -59.37
CA ARG EC 123 39.19 -19.81 -60.19
C ARG EC 123 39.75 -20.54 -61.40
N LEU EC 124 40.05 -21.83 -61.24
CA LEU EC 124 40.55 -22.58 -62.39
C LEU EC 124 39.43 -22.92 -63.36
N ALA EC 125 38.22 -23.11 -62.86
CA ALA EC 125 37.10 -23.35 -63.77
C ALA EC 125 36.82 -22.11 -64.61
N ARG EC 126 36.86 -20.91 -64.01
CA ARG EC 126 36.59 -19.70 -64.76
C ARG EC 126 37.74 -19.33 -65.68
N TYR EC 127 38.86 -20.04 -65.62
CA TYR EC 127 39.93 -19.88 -66.60
C TYR EC 127 39.86 -20.94 -67.69
N TYR EC 128 39.69 -22.21 -67.30
CA TYR EC 128 39.59 -23.27 -68.29
C TYR EC 128 38.38 -23.07 -69.19
N LYS EC 129 37.26 -22.64 -68.64
CA LYS EC 129 36.05 -22.43 -69.43
C LYS EC 129 36.27 -21.46 -70.57
N THR EC 130 37.21 -20.52 -70.41
CA THR EC 130 37.49 -19.59 -71.49
C THR EC 130 38.33 -20.25 -72.58
N LYS EC 131 39.20 -21.18 -72.19
CA LYS EC 131 40.12 -21.81 -73.11
C LYS EC 131 39.56 -23.09 -73.72
N ARG EC 132 38.28 -23.38 -73.47
CA ARG EC 132 37.52 -24.47 -74.09
C ARG EC 132 38.05 -25.84 -73.72
N VAL EC 133 39.02 -25.94 -72.83
CA VAL EC 133 39.46 -27.24 -72.35
C VAL EC 133 38.34 -27.95 -71.61
N LEU EC 134 37.56 -27.21 -70.84
CA LEU EC 134 36.41 -27.75 -70.13
C LEU EC 134 35.12 -27.20 -70.72
N PRO EC 135 34.05 -27.99 -70.76
CA PRO EC 135 32.82 -27.51 -71.38
C PRO EC 135 32.21 -26.37 -70.58
N PRO EC 136 31.46 -25.49 -71.23
CA PRO EC 136 30.84 -24.38 -70.50
C PRO EC 136 29.88 -24.81 -69.41
N ASN EC 137 29.18 -25.93 -69.60
CA ASN EC 137 28.19 -26.40 -68.64
C ASN EC 137 28.80 -27.18 -67.49
N TRP EC 138 30.10 -27.03 -67.26
CA TRP EC 138 30.76 -27.67 -66.14
C TRP EC 138 30.51 -26.88 -64.86
N LYS EC 139 30.44 -27.59 -63.74
CA LYS EC 139 30.17 -26.96 -62.46
C LYS EC 139 30.65 -27.87 -61.34
N TYR EC 140 31.50 -27.34 -60.47
CA TYR EC 140 32.00 -28.08 -59.32
C TYR EC 140 30.94 -28.04 -58.23
N GLU EC 141 30.60 -29.20 -57.68
CA GLU EC 141 29.46 -29.31 -56.79
C GLU EC 141 29.82 -29.50 -55.32
N SER EC 142 30.94 -30.14 -55.03
CA SER EC 142 31.41 -30.57 -53.72
C SER EC 142 30.65 -31.80 -53.21
N SER EC 143 29.62 -32.26 -53.90
CA SER EC 143 28.96 -33.52 -53.58
C SER EC 143 29.13 -34.54 -54.69
N THR EC 144 28.83 -34.16 -55.93
CA THR EC 144 29.06 -34.98 -57.11
C THR EC 144 30.53 -35.03 -57.50
N ALA EC 145 31.40 -34.38 -56.73
CA ALA EC 145 32.80 -34.28 -57.10
C ALA EC 145 33.60 -35.52 -56.70
N SER EC 146 33.32 -36.09 -55.53
CA SER EC 146 34.10 -37.25 -55.09
C SER EC 146 33.87 -38.47 -55.97
N ALA EC 147 32.77 -38.51 -56.71
CA ALA EC 147 32.55 -39.62 -57.62
C ALA EC 147 33.44 -39.54 -58.84
N LEU EC 148 33.98 -38.36 -59.14
CA LEU EC 148 34.89 -38.19 -60.26
C LEU EC 148 36.30 -38.67 -59.93
N VAL EC 149 36.61 -38.89 -58.66
CA VAL EC 149 37.98 -39.05 -58.21
C VAL EC 149 38.05 -40.28 -57.29
N ALA EC 150 39.21 -40.91 -57.25
CA ALA EC 150 39.46 -42.01 -56.33
C ALA EC 150 40.12 -41.49 -55.06
N MET FC 1 59.09 90.70 12.34
CA MET FC 1 58.24 90.17 11.29
C MET FC 1 58.29 90.99 10.01
N LEU FC 2 57.55 92.10 9.99
CA LEU FC 2 57.35 92.88 8.79
C LEU FC 2 57.52 94.36 9.09
N MET FC 3 57.76 95.12 8.03
CA MET FC 3 57.78 96.57 8.04
C MET FC 3 58.83 97.23 8.93
N PRO FC 4 60.10 96.83 8.89
CA PRO FC 4 61.17 97.79 9.19
C PRO FC 4 61.72 98.40 7.91
N LYS FC 5 62.07 99.68 7.97
CA LYS FC 5 62.76 100.32 6.87
C LYS FC 5 64.07 100.90 7.36
N LYS FC 6 64.04 101.50 8.55
CA LYS FC 6 65.25 101.84 9.26
C LYS FC 6 65.95 100.64 9.85
N ASN FC 7 65.27 99.49 9.87
CA ASN FC 7 65.86 98.23 10.31
C ASN FC 7 65.69 97.12 9.28
N ARG FC 8 65.57 97.49 7.99
CA ARG FC 8 65.75 96.58 6.88
C ARG FC 8 67.01 96.86 6.08
N ILE FC 9 67.47 98.12 6.08
CA ILE FC 9 68.72 98.48 5.45
C ILE FC 9 69.89 97.72 6.07
N ALA FC 10 69.72 97.21 7.29
CA ALA FC 10 70.84 96.63 8.02
C ALA FC 10 71.46 95.45 7.28
N ILE FC 11 70.63 94.53 6.78
CA ILE FC 11 71.16 93.37 6.08
C ILE FC 11 71.76 93.76 4.74
N TYR FC 12 71.14 94.72 4.06
CA TYR FC 12 71.62 95.16 2.75
C TYR FC 12 73.09 95.55 2.79
N GLU FC 13 73.50 96.23 3.86
CA GLU FC 13 74.89 96.65 3.98
C GLU FC 13 75.83 95.45 4.03
N LEU FC 14 75.46 94.42 4.80
CA LEU FC 14 76.23 93.19 4.79
C LEU FC 14 76.21 92.53 3.41
N LEU FC 15 75.05 92.54 2.75
CA LEU FC 15 74.93 91.86 1.46
C LEU FC 15 75.87 92.47 0.43
N PHE FC 16 76.15 93.77 0.53
CA PHE FC 16 77.16 94.34 -0.34
C PHE FC 16 78.52 94.48 0.32
N LYS FC 17 78.59 94.42 1.65
CA LYS FC 17 79.89 94.39 2.30
C LYS FC 17 80.69 93.17 1.84
N GLU FC 18 79.99 92.06 1.61
CA GLU FC 18 80.58 90.88 1.01
C GLU FC 18 79.58 90.29 0.04
N GLY FC 19 80.05 89.81 -1.11
CA GLY FC 19 79.19 89.31 -2.16
C GLY FC 19 78.37 88.09 -1.80
N VAL FC 20 78.48 87.60 -0.57
CA VAL FC 20 77.71 86.47 -0.08
C VAL FC 20 77.09 86.85 1.25
N MET FC 21 76.10 86.08 1.70
CA MET FC 21 75.60 86.18 3.06
C MET FC 21 75.00 84.84 3.46
N VAL FC 22 75.71 84.10 4.28
CA VAL FC 22 75.23 82.82 4.76
C VAL FC 22 74.05 83.05 5.71
N ALA FC 23 73.35 81.96 6.02
CA ALA FC 23 72.26 82.05 6.98
C ALA FC 23 71.97 80.67 7.54
N LYS FC 24 70.86 80.57 8.26
CA LYS FC 24 70.28 79.31 8.69
C LYS FC 24 68.82 79.28 8.26
N LYS FC 25 68.14 78.20 8.62
CA LYS FC 25 66.71 78.13 8.37
C LYS FC 25 65.87 78.37 9.63
N ASP FC 26 66.45 78.18 10.81
CA ASP FC 26 65.71 78.43 12.04
C ASP FC 26 65.33 79.90 12.15
N VAL FC 27 64.05 80.12 12.47
CA VAL FC 27 63.49 81.47 12.50
C VAL FC 27 63.43 82.06 13.91
N HIS FC 28 63.76 81.27 14.93
CA HIS FC 28 63.53 81.68 16.30
C HIS FC 28 64.77 82.24 16.98
N MET FC 29 65.91 82.27 16.30
CA MET FC 29 67.13 82.73 16.93
C MET FC 29 67.38 84.20 16.56
N PRO FC 30 67.27 85.14 17.50
CA PRO FC 30 67.72 86.51 17.23
C PRO FC 30 69.23 86.67 17.29
N LYS FC 31 69.99 85.60 17.50
CA LYS FC 31 71.44 85.64 17.42
C LYS FC 31 71.82 85.47 15.96
N HIS FC 32 71.52 86.51 15.17
CA HIS FC 32 71.84 86.35 13.76
C HIS FC 32 73.35 86.44 13.54
N PRO FC 33 73.90 85.62 12.66
CA PRO FC 33 75.35 85.66 12.43
C PRO FC 33 75.77 86.95 11.73
N GLU FC 34 77.07 87.22 11.81
CA GLU FC 34 77.71 88.35 11.14
C GLU FC 34 77.14 89.69 11.61
N LEU FC 35 77.39 89.96 12.89
CA LEU FC 35 77.21 91.30 13.48
C LEU FC 35 75.76 91.77 13.34
N ALA FC 36 74.89 91.05 14.07
CA ALA FC 36 73.45 91.31 14.05
C ALA FC 36 73.05 92.45 14.98
N ASP FC 37 73.97 93.35 15.29
CA ASP FC 37 73.79 94.43 16.26
C ASP FC 37 72.57 95.29 15.99
N LYS FC 38 71.92 95.19 14.84
CA LYS FC 38 70.80 96.07 14.50
C LYS FC 38 69.44 95.44 14.80
N ASN FC 39 69.41 94.44 15.69
CA ASN FC 39 68.17 93.78 16.11
C ASN FC 39 67.42 93.17 14.92
N VAL FC 40 68.05 92.16 14.34
CA VAL FC 40 67.46 91.34 13.30
C VAL FC 40 67.21 89.95 13.88
N PRO FC 41 65.97 89.45 13.89
CA PRO FC 41 65.66 88.23 14.61
C PRO FC 41 65.88 86.96 13.82
N ASN FC 42 66.72 87.03 12.78
CA ASN FC 42 67.01 86.03 11.76
C ASN FC 42 65.92 86.00 10.71
N LEU FC 43 64.85 86.75 10.86
CA LEU FC 43 63.93 86.95 9.74
C LEU FC 43 64.42 88.12 8.91
N HIS FC 44 63.65 88.44 7.88
CA HIS FC 44 63.95 89.53 6.94
C HIS FC 44 65.15 89.14 6.08
N VAL FC 45 65.79 88.03 6.41
CA VAL FC 45 66.77 87.42 5.52
C VAL FC 45 66.22 86.18 4.84
N MET FC 46 65.08 85.66 5.30
CA MET FC 46 64.33 84.64 4.58
C MET FC 46 62.89 85.09 4.36
N LYS FC 47 62.62 86.38 4.54
CA LYS FC 47 61.34 86.97 4.16
C LYS FC 47 61.50 87.98 3.04
N ALA FC 48 62.39 88.96 3.17
CA ALA FC 48 62.66 89.92 2.11
C ALA FC 48 63.62 89.39 1.07
N MET FC 49 64.54 88.49 1.46
CA MET FC 49 65.47 87.94 0.51
C MET FC 49 64.80 87.07 -0.55
N GLN FC 50 63.71 86.38 -0.21
CA GLN FC 50 62.99 85.63 -1.25
C GLN FC 50 62.40 86.57 -2.29
N SER FC 51 62.23 87.85 -1.96
CA SER FC 51 61.95 88.85 -2.97
C SER FC 51 63.19 89.18 -3.79
N LEU FC 52 64.32 89.39 -3.11
CA LEU FC 52 65.55 89.73 -3.82
C LEU FC 52 65.97 88.62 -4.77
N LYS FC 53 65.86 87.36 -4.33
CA LYS FC 53 66.20 86.23 -5.19
C LYS FC 53 65.27 86.15 -6.39
N SER FC 54 63.96 86.25 -6.14
CA SER FC 54 62.97 86.04 -7.19
C SER FC 54 62.98 87.13 -8.24
N ARG FC 55 63.74 88.21 -8.04
CA ARG FC 55 63.90 89.21 -9.08
C ARG FC 55 65.06 88.93 -10.00
N GLY FC 56 66.09 88.24 -9.52
CA GLY FC 56 67.26 87.92 -10.32
C GLY FC 56 68.52 88.66 -9.98
N TYR FC 57 68.52 89.44 -8.90
CA TYR FC 57 69.70 90.20 -8.50
C TYR FC 57 70.59 89.42 -7.52
N VAL FC 58 70.03 88.46 -6.80
CA VAL FC 58 70.80 87.58 -5.93
C VAL FC 58 70.41 86.14 -6.24
N LYS FC 59 71.26 85.21 -5.81
CA LYS FC 59 71.08 83.80 -6.12
C LYS FC 59 71.11 82.97 -4.84
N GLU FC 60 70.29 81.92 -4.79
CA GLU FC 60 70.04 81.17 -3.57
C GLU FC 60 70.57 79.74 -3.66
N GLN FC 61 70.67 79.10 -2.50
CA GLN FC 61 71.17 77.74 -2.35
C GLN FC 61 70.80 77.25 -0.95
N PHE FC 62 70.84 75.93 -0.77
CA PHE FC 62 70.46 75.31 0.50
C PHE FC 62 71.40 74.14 0.76
N ALA FC 63 71.89 74.02 2.00
CA ALA FC 63 72.83 72.95 2.32
C ALA FC 63 72.75 72.64 3.82
N TRP FC 64 72.06 71.56 4.17
CA TRP FC 64 71.88 71.14 5.56
C TRP FC 64 71.28 72.24 6.42
N ARG FC 65 70.02 72.57 6.14
CA ARG FC 65 69.26 73.50 6.98
C ARG FC 65 69.86 74.90 6.95
N HIS FC 66 70.31 75.32 5.78
CA HIS FC 66 71.11 76.54 5.63
C HIS FC 66 70.78 77.20 4.29
N PHE FC 67 71.25 78.43 4.12
CA PHE FC 67 71.18 79.15 2.86
C PHE FC 67 72.52 79.80 2.58
N TYR FC 68 72.88 79.89 1.30
CA TYR FC 68 74.17 80.41 0.88
C TYR FC 68 74.00 81.48 -0.19
N TRP FC 69 73.14 82.45 0.12
CA TRP FC 69 72.71 83.46 -0.84
C TRP FC 69 73.88 84.22 -1.43
N TYR FC 70 73.89 84.33 -2.76
CA TYR FC 70 74.92 85.02 -3.51
C TYR FC 70 74.36 86.27 -4.17
N LEU FC 71 75.11 87.37 -4.08
CA LEU FC 71 74.79 88.59 -4.80
C LEU FC 71 75.31 88.48 -6.21
N THR FC 72 74.41 88.54 -7.20
CA THR FC 72 74.83 88.45 -8.58
C THR FC 72 75.58 89.71 -8.99
N ASN FC 73 76.44 89.56 -10.01
CA ASN FC 73 77.23 90.69 -10.48
C ASN FC 73 76.35 91.80 -11.02
N GLU FC 74 75.31 91.43 -11.79
CA GLU FC 74 74.44 92.45 -12.34
C GLU FC 74 73.38 92.91 -11.36
N GLY FC 75 73.31 92.32 -10.18
CA GLY FC 75 72.52 92.90 -9.11
C GLY FC 75 73.22 94.02 -8.37
N ILE FC 76 74.52 94.20 -8.63
CA ILE FC 76 75.27 95.29 -8.01
C ILE FC 76 74.69 96.64 -8.41
N GLN FC 77 74.39 96.81 -9.69
CA GLN FC 77 73.83 98.08 -10.15
C GLN FC 77 72.46 98.33 -9.52
N TYR FC 78 71.67 97.28 -9.36
CA TYR FC 78 70.39 97.43 -8.66
C TYR FC 78 70.61 97.79 -7.20
N LEU FC 79 71.47 97.06 -6.50
CA LEU FC 79 71.76 97.32 -5.10
C LEU FC 79 72.88 98.33 -4.90
N ARG FC 80 73.14 99.17 -5.91
CA ARG FC 80 73.91 100.39 -5.71
C ARG FC 80 73.02 101.62 -5.73
N ASP FC 81 71.84 101.51 -6.35
CA ASP FC 81 70.97 102.67 -6.49
C ASP FC 81 69.96 102.76 -5.34
N TYR FC 82 69.40 101.64 -4.90
CA TYR FC 82 68.55 101.70 -3.71
C TYR FC 82 69.35 102.09 -2.49
N LEU FC 83 70.57 101.59 -2.35
CA LEU FC 83 71.45 102.02 -1.29
C LEU FC 83 72.05 103.39 -1.56
N HIS FC 84 71.93 103.88 -2.80
CA HIS FC 84 72.44 105.19 -3.24
C HIS FC 84 73.81 105.49 -2.65
N LEU FC 85 74.65 104.47 -2.66
CA LEU FC 85 76.07 104.54 -2.35
C LEU FC 85 76.83 105.07 -3.57
N PRO FC 86 78.06 105.54 -3.40
CA PRO FC 86 78.77 106.12 -4.54
C PRO FC 86 78.93 105.10 -5.64
N PRO FC 87 79.14 105.54 -6.88
CA PRO FC 87 79.31 104.58 -7.98
C PRO FC 87 80.57 103.75 -7.81
N GLU FC 88 80.39 102.47 -7.47
CA GLU FC 88 81.51 101.64 -7.06
C GLU FC 88 81.23 100.20 -7.49
N ILE FC 89 82.30 99.43 -7.62
CA ILE FC 89 82.24 98.11 -8.24
C ILE FC 89 82.92 97.08 -7.34
N VAL FC 90 82.99 97.37 -6.04
CA VAL FC 90 83.77 96.53 -5.13
C VAL FC 90 82.91 96.05 -3.95
N PRO FC 91 82.04 95.06 -4.16
CA PRO FC 91 81.34 94.45 -3.02
C PRO FC 91 82.33 93.78 -2.09
N ALA FC 92 83.08 92.83 -2.65
CA ALA FC 92 84.20 92.21 -1.96
C ALA FC 92 85.38 91.95 -2.89
N THR FC 93 85.28 92.32 -4.17
CA THR FC 93 86.24 91.92 -5.18
C THR FC 93 87.30 93.00 -5.33
N LEU FC 94 88.46 92.78 -4.72
CA LEU FC 94 89.62 93.60 -5.03
C LEU FC 94 90.02 93.51 -6.49
N ARG FC 95 89.59 92.45 -7.18
CA ARG FC 95 89.94 92.20 -8.57
C ARG FC 95 91.45 92.23 -8.75
N ARG FC 96 92.13 91.45 -7.90
CA ARG FC 96 93.52 91.09 -8.04
C ARG FC 96 93.66 89.65 -7.56
N SER FC 97 94.69 88.97 -8.05
CA SER FC 97 94.99 87.65 -7.51
C SER FC 97 95.38 87.78 -6.05
N ARG FC 98 94.79 86.94 -5.21
CA ARG FC 98 94.97 87.04 -3.77
C ARG FC 98 95.89 85.94 -3.26
N GLN GC 1 52.28 88.37 18.48
CA GLN GC 1 53.71 88.46 18.70
C GLN GC 1 54.13 87.66 19.91
N GLN GC 2 53.54 88.01 21.06
CA GLN GC 2 53.96 87.44 22.34
C GLN GC 2 53.73 85.93 22.38
N LEU GC 3 52.71 85.44 21.68
CA LEU GC 3 52.36 84.02 21.69
C LEU GC 3 52.94 83.25 20.52
N TYR GC 4 53.75 83.90 19.68
CA TYR GC 4 54.37 83.22 18.55
C TYR GC 4 55.29 82.10 19.01
N TRP GC 5 56.05 82.36 20.09
CA TRP GC 5 56.97 81.38 20.65
C TRP GC 5 56.92 81.52 22.18
N SER GC 6 56.04 80.73 22.80
CA SER GC 6 55.83 80.78 24.24
C SER GC 6 56.40 79.56 24.96
N HIS GC 7 57.24 78.77 24.29
CA HIS GC 7 57.59 77.45 24.78
C HIS GC 7 59.02 77.46 25.32
N PRO GC 8 59.22 77.21 26.61
CA PRO GC 8 60.59 77.19 27.21
C PRO GC 8 61.35 75.91 26.90
N ARG GC 9 62.03 75.92 25.75
CA ARG GC 9 62.59 74.72 25.14
C ARG GC 9 64.08 74.54 25.40
N LYS GC 10 64.57 74.88 26.59
CA LYS GC 10 65.98 74.57 26.85
C LYS GC 10 66.22 73.08 27.16
N PHE GC 11 65.20 72.24 26.94
CA PHE GC 11 65.26 70.81 27.15
C PHE GC 11 64.16 70.14 26.32
N GLY GC 12 63.91 68.87 26.56
CA GLY GC 12 62.83 68.16 25.90
C GLY GC 12 63.15 67.77 24.49
N GLN GC 13 62.23 66.99 23.89
CA GLN GC 13 62.44 66.46 22.55
C GLN GC 13 62.23 67.50 21.45
N GLY GC 14 61.71 68.68 21.78
CA GLY GC 14 61.64 69.73 20.78
C GLY GC 14 62.93 70.49 20.59
N SER GC 15 63.86 70.37 21.53
CA SER GC 15 65.10 71.14 21.44
C SER GC 15 66.04 70.55 20.39
N ARG GC 16 66.16 69.23 20.35
CA ARG GC 16 67.18 68.55 19.55
C ARG GC 16 66.56 68.01 18.27
N SER GC 17 67.11 68.43 17.13
CA SER GC 17 66.69 67.94 15.83
C SER GC 17 67.93 67.64 14.99
N CYS GC 18 67.75 66.74 14.02
CA CYS GC 18 68.86 66.39 13.13
C CYS GC 18 69.36 67.63 12.41
N ARG GC 19 70.67 67.79 12.37
CA ARG GC 19 71.29 68.95 11.76
C ARG GC 19 71.34 68.86 10.25
N VAL GC 20 70.59 67.94 9.65
CA VAL GC 20 70.57 67.82 8.19
C VAL GC 20 69.14 67.89 7.67
N CYS GC 21 68.25 67.04 8.18
CA CYS GC 21 66.91 66.94 7.63
C CYS GC 21 65.85 67.67 8.46
N SER GC 22 66.26 68.40 9.50
CA SER GC 22 65.33 69.12 10.36
C SER GC 22 64.34 68.20 11.06
N ASN GC 23 64.64 66.90 11.10
CA ASN GC 23 63.74 65.93 11.70
C ASN GC 23 64.22 65.57 13.10
N ARG GC 24 63.42 64.77 13.81
CA ARG GC 24 63.54 64.68 15.26
C ARG GC 24 63.39 63.26 15.81
N HIS GC 25 63.55 62.23 14.99
CA HIS GC 25 63.34 60.86 15.43
C HIS GC 25 64.59 60.03 15.15
N GLY GC 26 65.03 59.26 16.15
CA GLY GC 26 66.16 58.36 15.97
C GLY GC 26 67.49 59.06 15.81
N LEU GC 27 67.97 59.70 16.87
CA LEU GC 27 69.09 60.62 16.77
C LEU GC 27 70.36 60.03 17.36
N ILE GC 28 71.47 60.33 16.70
CA ILE GC 28 72.80 60.16 17.29
C ILE GC 28 73.17 61.44 18.02
N ARG GC 29 73.48 61.32 19.31
CA ARG GC 29 73.99 62.44 20.09
C ARG GC 29 75.28 62.09 20.82
N LYS GC 30 75.98 61.03 20.39
CA LYS GC 30 77.11 60.52 21.16
C LYS GC 30 78.24 61.55 21.27
N TYR GC 31 78.56 62.22 20.17
CA TYR GC 31 79.70 63.12 20.12
C TYR GC 31 79.30 64.52 19.66
N GLY GC 32 78.06 64.91 19.95
CA GLY GC 32 77.54 66.17 19.44
C GLY GC 32 77.05 66.11 18.01
N LEU GC 33 76.93 64.91 17.45
CA LEU GC 33 76.52 64.79 16.06
C LEU GC 33 75.10 65.31 15.85
N ASN GC 34 74.18 64.98 16.75
CA ASN GC 34 72.80 65.45 16.72
C ASN GC 34 72.06 64.96 15.48
N MET GC 35 72.73 64.20 14.62
CA MET GC 35 72.16 63.71 13.37
C MET GC 35 71.14 62.62 13.65
N CYS GC 36 70.20 62.42 12.72
CA CYS GC 36 69.32 61.28 12.91
C CYS GC 36 70.05 60.02 12.49
N ARG GC 37 69.38 58.88 12.68
CA ARG GC 37 70.00 57.61 12.33
C ARG GC 37 70.38 57.55 10.86
N GLN GC 38 69.44 57.87 9.98
CA GLN GC 38 69.68 57.68 8.54
C GLN GC 38 70.77 58.60 8.03
N CYS GC 39 70.65 59.91 8.31
CA CYS GC 39 71.62 60.87 7.81
C CYS GC 39 73.03 60.55 8.31
N PHE GC 40 73.15 59.83 9.41
CA PHE GC 40 74.46 59.34 9.83
C PHE GC 40 74.92 58.17 8.96
N ARG GC 41 74.00 57.24 8.66
CA ARG GC 41 74.36 56.11 7.82
C ARG GC 41 74.82 56.57 6.45
N GLN GC 42 74.10 57.53 5.86
CA GLN GC 42 74.45 58.05 4.54
C GLN GC 42 75.79 58.77 4.56
N TYR GC 43 76.29 59.16 5.74
CA TYR GC 43 77.48 59.99 5.85
C TYR GC 43 78.58 59.36 6.69
N ALA GC 44 78.42 58.10 7.10
CA ALA GC 44 79.41 57.48 7.97
C ALA GC 44 80.77 57.38 7.29
N LYS GC 45 80.78 57.21 5.96
CA LYS GC 45 82.03 57.08 5.23
C LYS GC 45 82.91 58.32 5.39
N ASP GC 46 82.33 59.50 5.19
CA ASP GC 46 83.10 60.72 5.04
C ASP GC 46 83.50 61.33 6.38
N ILE GC 47 82.73 61.06 7.44
CA ILE GC 47 83.14 61.46 8.77
C ILE GC 47 84.39 60.71 9.19
N GLY GC 48 84.46 59.42 8.85
CA GLY GC 48 85.60 58.59 9.20
C GLY GC 48 85.19 57.27 9.80
N PHE GC 49 83.89 56.97 9.74
CA PHE GC 49 83.36 55.75 10.33
C PHE GC 49 83.43 54.62 9.33
N ILE GC 50 83.82 53.44 9.82
CA ILE GC 50 84.10 52.28 8.98
C ILE GC 50 83.17 51.16 9.37
N LYS GC 51 82.53 50.54 8.39
CA LYS GC 51 81.81 49.28 8.60
C LYS GC 51 82.86 48.17 8.62
N LEU GC 52 83.59 48.09 9.73
CA LEU GC 52 84.78 47.24 9.81
C LEU GC 52 84.53 45.93 10.54
N ASP GC 53 83.70 45.92 11.57
CA ASP GC 53 83.47 44.72 12.35
C ASP GC 53 82.10 44.12 12.11
#